data_3JAH
#
_entry.id   3JAH
#
_cell.length_a   1
_cell.length_b   1
_cell.length_c   1
_cell.angle_alpha   90
_cell.angle_beta   90
_cell.angle_gamma   90
#
_symmetry.space_group_name_H-M   'P 1'
#
loop_
_entity.id
_entity.type
_entity.pdbx_description
1 polymer uL2
2 polymer uL3
3 polymer uL4
4 polymer uL18
5 polymer eL6
6 polymer uL30
7 polymer eL8
8 polymer uL6
9 polymer uL16
10 polymer uL5
11 polymer eL13
12 polymer eL14
13 polymer eL15
14 polymer uL13
15 polymer uL22
16 polymer uL14
17 polymer eL19
18 polymer eL20
19 polymer eL21
20 polymer eL22
21 polymer uL14
22 polymer eL24
23 polymer uL23
24 polymer uL24
25 polymer eL27
26 polymer uL15
27 polymer eL29
28 polymer eL30
29 polymer eL31
30 polymer eL32
31 polymer eL33
32 polymer eL34
33 polymer uL29
34 polymer eL36
35 polymer eL37
36 polymer eL38
37 polymer eL39
38 polymer eL40
39 polymer eL41
40 polymer eL42
41 polymer eL43
42 polymer eL28
43 polymer uL10
44 polymer uL11
45 polymer peptide
46 polymer tRNA(Val)
47 polymer tRNA(Lys)
48 polymer '28S ribosomal RNA'
49 polymer '5S ribosomal RNA'
50 polymer '5.8S ribosomal RNA'
51 polymer '18S ribosomal RNA'
52 polymer uS2
53 polymer eS1
54 polymer uS5
55 polymer uS3
56 polymer eS4
57 polymer uS7
58 polymer eS6
59 polymer eS7
60 polymer eS8
61 polymer uS4
62 polymer eS10
63 polymer uS17
64 polymer eS12
65 polymer uS15
66 polymer uS11
67 polymer uS19
68 polymer uS9
69 polymer eS17
70 polymer uS13
71 polymer eS19
72 polymer uS10
73 polymer eS21
74 polymer uS8
75 polymer uS12
76 polymer eS24
77 polymer eS25
78 polymer eS26
79 polymer eS27
80 polymer eS28
81 polymer uS14
82 polymer eS30
83 polymer eS31
84 polymer RACK1
85 polymer mRNA
86 polymer eRF1
87 polymer ABCE1
88 non-polymer 'MAGNESIUM ION'
89 non-polymer 'ZINC ION'
90 non-polymer 'IRON/SULFUR CLUSTER'
91 non-polymer "ADENOSINE-5'-DIPHOSPHATE"
#
loop_
_entity_poly.entity_id
_entity_poly.type
_entity_poly.pdbx_seq_one_letter_code
_entity_poly.pdbx_strand_id
1 'polypeptide(L)'
;GRVIRGQRKGAGSVFRAHVKHRKGAARLRAVDFAERHGYIKGIVKDIIHDPGRGAPLAKVVFRDPYRFKKRTELFIAAEG
IHTGQFVYCGKKAQLNIGNVLPVGTMPEGTIVCCLEEKPGDRGKLARASGNYATVISHNPETKKTRVKLPSGSKKVISSA
NRAVVGVVAGGGRIDKPILKAGRAYHKYKAKRNCWPRVRGVAMNPVEHPFGGGNHQHIGKPSTIRRDAPAGRKVGLIAAR
RTGR
;
A
2 'polypeptide(L)'
;SHRKFSAPRHGSLGFLPRKRSSRHRGKVKSFPKDDPSKPVHLTAFLGYKAGMTHIVREVDRPGSKVNKKEVVEAVTIVET
PPMVVVGIVGYVETPRGLRTFKTVFAEHISDECKRRFYKNWHKSKKKAFTKYCKKWQDDAGKRQLDKDFSSMKKYCQVIR
VLAHTQMRLLPLRQKKAHLMEIQVNGGTVAEKLDWARERLEQQVPVSQVFGQDEMIDVIGVTKGKGYKGVTSRWHTKKLP
RKTHRGLRKVACIGAWHPARVAFSVARAGQKGYHHRTEINKKIYKIGQGYLIKDGKLIKNNASTDYDLSDKSINPLGGFV
HYGEVTNDFVMLKGCVVGTKKRVLTLRKSLLVQTKRRALEKIDLKFIDTTSKFGHGRFQTVEEKKAFMGPLKKD
;
B
3 'polypeptide(L)'
;ACARPLISVYSEKGESSGKNVTLPAVFKAPIRPDIVNFVHTNLRKNNRQPYAVSELAGHQTSAESWGTGRAVARIPRVRG
GGTHRSGQGAFGNMCRGGRMFAPTKTWRRWHRRVNTTQKRYAICSALAASALPALVMSKGHRIEEVPELPLVVEDKVEGY
KKTKEAVLLLKKLKAWNDIKKVYASQRMRAGKGKMRNRRRIQRRGPCVIYNEDNGIVKAFRNIPGITLLNVTKLNILKLA
PGGHVGRFCIWTESAFRKLDDLYGTWRKAASLKSNYNLPMHKMLNTDLSRILKSPEIQRALRAPRKKIHRRVLKKNPLKN
LRIMLKLNPYAKTMRRNTILRQARNHKLRVERAAAALAAKKS
;
C
4 'polypeptide(L)'
;FVKVVKNKAYFKRYQVKFRRRREGKTDYYARKRLVIQDKNKYNTPKYRMIVRVTNRDIICQIAYARIEGDMIVCAAYAHE
LPKYGVKVGLTNYAAAYCTGLLLARRLLNRFGMDKIYEGQVEVTGDEYNVESIDGQPGAFTCYLDAGLARTTTGNKVFGA
LKGAVDGGLSIPHSTKRFPGYDSESKEFNAEVHRKHIMGQNVADYMRYLMEEDEDAYKKQFSQYIKNNVTPDMMEEMYKK
AHAAIRENPVYEKKPKREVKKKRWNRPKMSLAQKKDRVAQKKASFLRAQERA
;
D
5 'polypeptide(L)'
;PHCSRNPVLVRGIGRYSRSAMYSRKALYKRKYAAPKSRIERKKKREKVLATVTKPVGGDKNGGTRVVKLRKMPRYYPTED
VPRKLLSHGRKPFSQHVRKLRASITPGTILIILTGRHRGKRVVFLKQLSSGLLLVTGPLSLNRVPLRRTHQKFVIATSTK
IDISGVKIPKHLTDAYFKKKQLRKPRHQEGEIFDTEKEKYEITEQRKVDQKAVDSQILPKIKAVPQLQGYLRSVFALTNG
VYPHKLVF
;
E
6 'polypeptide(L)'
;NFAELKIKRLRKKFAQKMLRKARRKLIYEKAKHYHKEYRQMYRTEIRMARMARKAGNFYVPAEPKLAFVIRIRGINGVSP
KVRKVLQLLRLRQIFNGTFVKLNKASINMLRIVEPYIAWGYPNLKSVNELIYKRGYGKINKKRIALTDNALIARSLGKYG
IICMEDLIHEIYTVGKRFKEANNFLWPFKLSSPRGGMKKKTTHFVEGEDAGNREDQINRLIRRMN
;
F
7 'polypeptide(L)'
;KVVNPLFEKRPKNFGIGQDIQPKRDLTRFVKWPRYIRLQRQRAILYKRLKVPPAINQFTQVLDRQTATQLLKLAHKYRPE
TKQEKKQRLLARAEKKAAGKGDVPTKRPPVLRAGVNTVTTLVENKKAQLVVIAHDVDPIELVVFLPALCRKMGVPYCILK
GKARLGRLVHRKTCTTVAFTQVNSEDKGALAKLVEAIRTNYNDRYDEIRRHWGGNVLGPKSVARIAKLEKAKAKELATKL
G
;
G
8 'polypeptide(L)'
;MKTILSNQTVDIPENVDISLKGRTVIVKGPRGTLRRDFNHINVELSLLGKKKKRLRVDKWWGNRKELATVRTICSHVQNM
IKGVTLGFRYKMRSVYAHFPINVVIQENGSLVEIRNFLGEKYIRRVRMRPGVACSVSQAQKDELVLEGNDIELVSNSAAL
IQQATTVKNKDIRKFLDGIYVSEKGTVQQA
;
H
9 'polypeptide(L)'
;GRRPARCYRYCKNKPYPKSRFCRGVPDAKIRIFDLGRKKAKVDEFPLCGHMVSDEYEQLSSEALEAARICANKYMVKSCG
KDGFHIRVRLHPFHVIRINKMLSCAGADRLQTGMRGAFGKPQGTVARVHIGQVIMSIRTKLQNKEHVVEALRRAKFKFPG
RQKIHISKKWGFTKFNADEFEDMVAEKRLIPDGCGVKYIPNRGPLDKWRALHS
;
I
10 'polypeptide(L)'
;ENPMRELRIRKLCLNICVGESGDRLTRAAKVLEQLTGQTPVFSKARYTVRSFGIRRNEKIAVHCTVRGAKAEEILEKGLK
VREYELRKNNFSDTGNFGFGIQEHIDLGIKYDPSIGIYGLDFYVVLGRPGFSIADKKRRTGCIGAKHRISKEEAMRWFQQ
KYDGIILPG
;
J
11 'polypeptide(L)'
;APSRNGMILKPHFHKDWQRRVATWFNQPARKIRRRKARQARARRIAPRPASGPLRPIVRCPTVRYHTKVRAGRGFSLEEL
RVAGIHKKVARTIGISVDPRRRNKSTESLQANVQRLKEYRSKLVLFPRKPSAPKKGDSSAEELKLATQLTGPVMPIRNVF
KKEKARVITEEEKNFKAFASLRMARANARLFGIRAKRAKEAAEQDVEKKK
;
L
12 'polypeptide(L)'
;VFRRFVEVGRVAYVSFGPHAGKLVAIVDVIDQNRALVDGPCTRVRRQAMPFKCMQLTDFILKFPHSARQKYVRKAWEKAD
INTKWAATRWAKKIEARERKAKMTDFDRYKVMKAKKMRNRIIKNEVKKLQRAALLKAS
;
M
13 'polypeptide(L)'
;GAYKYIQELWRKKQSDVMRFLLRVRCWQYRQLSALHRAPRPTRPDKARRLGYKAKQGYVIYRIRVRRGGRKRPVPKGATY
GKPVHHGVNQLKFARSLQSVAEERAGRHCGALRVLNSYWVGEDSTYKFFEVILIDPFHKAIRRNPDTQWITKPVHKHREM
RGLTSAGRKSRGLGKGHKFHHTIGGSRRAAWRRRNTLQLHRYR
;
N
14 'polypeptide(L)'
;QVLVLDGRGHLLGRLAAIVAKQVLLGRKVVVVRCEGINISGNFYRNKLKYLAFLRKRMNTNPSRGPYHFRAPSRIFWRTV
RGMLPHKTKRGQAALDRLKVFDGIPPPYDKKKRMVVPAALKVVRLKPTRKFAYLGRLAHEVGWKYQAVTATLEEKRKEKA
KIHYRKKKQLMRLRKQAEKNVEKKIDRFTEVLKTHGFLV
;
O
15 'polypeptide(L)'
;VRYSLDPENPTKSCKSRGSNLRVHFKNTRETAQAIKGMHIRKATKYLKDVTLQKQCVPFRRYNGGVGRCAQAKQWGWTQG
RWPKKSAEFLLHMLKNAESNAELKGLDVDSLVIEHIQVNKAPKMRRRTYRAHGRINPYMSSPCHIEMILTEKE
;
P
16 'polypeptide(L)'
;GVDIRHNKDRKVRRKEPKSQDIYLRLLVKLYRFLARRTNSTFNQVVLKRLFMSRTNRPPLSLSRMIRKMKLPGREGKTAV
VVGTITDDVRVQEVPKLKVCALRVSSRARSRILKAGGKILTFDQLALDSPKGCGTVLLSGPRKGREVYRHFGKAPGTPHS
HTKPYVRSKGRKFERARGRRASRGYKN
;
Q
17 'polypeptide(L)'
;SMLRLQKRLASSVLRCGKKKVWLDPNETNEIANANSRQQIRKLIKDGLIIRKPVTVHSRARCRKNTLARRKGRHMGIGKR
KGTANARMPEKVTWMRRMRILRRLLRRYRESKKIDRHMYHSLYLKVKGNVFKNKRILMEHIHKLKADKARKKLLADQAEA
RRSKTKEARKRREERLQAKK
;
R
18 'polypeptide(L)'
;KASGTLREYKVVGRCLPTPKCRTPPLYRMRIFAPNHVVAKSRFWYFVSQLKKMKKSSGEIVYCGQVFEKSPLRVKNFGIW
LRYDSRSGTHNMYREYRDLTTAGAVTQCYRDMGARHRARAHSIQIMKVEEIAASKCRRPAVKQFHDSKIKFPLPHRVLRR
QHKPRFTTKRPNTFF
;
S
19 'polypeptide(L)'
;TNTKGKRRGTRYMFSRPFRKHGVVPLATYMRIYKKGDIVDIKGMGTVQKGMPHKCYHGKTGRVYNVTQHAVGIVVNKQVK
GKILAKRINVRIEHIKHSKSRDSFLKRVKENDQKKKEAKEKGTWVQLKRQPAPPREAHFVRTNGKEPELLEPIPYEFMA
;
T
20 'polypeptide(L)'
;QVLKFTLDCTHPVEDGIMDAANFEQFLQERIKVNGKAGNLGGGVVTIERSKSKITVTSEVPFSKRYLKYLTKKYLKKNNL
RDWLRVVANSKESYELRYF
;
U
21 'polypeptide(L)'
;SGAKFRISLGLPVGAVINCADNTGAKNLYIISVKGIKGRLNRLPAAGVGDMVMATVKKGKPELRKKVHPAVVIRQRKSYR
RKDGVFLYFEDNAGVIVNNKGEMKGSAITGPVAKECADLWPRIASNAGSIA
;
V
22 'polypeptide(L)' MKVELCSFSGYKIYPGHGRRYARTDGKVFQFLNAKCESAFLSKRNPRQINWTVLYRRKHKKGQ W
23 'polypeptide(L)'
;KKIRTSPTFRRPKTLRLRRQPKYPRKSAPRRNKLDHYAIIKFPLTTESAMKKIEDNNTLVFIVDVKANKHQIKQAVKKLY
DIDVAKVNTLIRPDGEKKAYVRLAPDYDALDVANKIGII
;
X
24 'polypeptide(L)'
;MKFNPFVTSDRSKNRKRHFNAPSHIRRKIMSSPLSKELRQKYNVRSMPIRKDDEVQVVRGHYKGQQIGKVVQVYRKKYVI
YIERVQREKANGTTVHVGIHPSKVVITRLKLDKDRKKILERKAKSRQVGKEKGK
;
Y
25 'polypeptide(L)'
;GKFMKPGKVVLVLAGRYSGRKAVIVKNIDDGTSDRPYSHALVAGIDRYPRKVTAAMGKKKIAKRSKIKSFVKVYNYNHLM
PTRYSVDIPLDKTVVNKDVFRDPALKRKARREAKVKFEERYKTGKNKWFFQKLRF
;
Z
26 'polypeptide(L)'
;PSRLRKTRKLRGHVSHGHGRIGKHRKHPGGRGNAGGMHHHRINFDKYHPGYFGKVGMRHYHLKRNQSFCPTVNLDKLWTL
VSEQTRVNAAKNKTGAAPIIDVVRSGYYKVLGKGKLPKQPVIVKAKFFSRRAEEKIKGVGGACVLVA
;
a
27 'polypeptide(L)' AKSKNHTTHNQSRKWHRNGIKKPRSQRYESLKGVDPKFLRNMRFAKKHNKKGLKKMQANNAKAMAARAEAIKALV b
28 'polypeptide(L)'
;SINSRLQLVMKSGKYVLGYKQTLKMIRQGKAKLVILANNCPALRKSEIEYYAMLAKTGVHHYSGNNIELGTACGKYYRVC
TLAIIDPGDSDIIR
;
c
29 'polypeptide(L)'
;NEVVTREYTINIHKRIHGVGFKKRAPRALKEIRKFAMKEMGTPDVRIDTRLNKAVWAKGIRNVPYRIRVRLSRKRNEDED
SPNKLYTLVTYVPVTTFKNLQTVNVDE
;
d
30 'polypeptide(L)'
;AALRPLVKPKIVKKRTKKFIRHQSDRYVKIKRNWRKPRGIDNRVRRRFKGQILMPNIGYGSNKKTKHMLPSGFRKFLVHN
VKELEVLLMCNKSYCAEIAHNVSSKNRKAIVERAAQLAIRVTNPNARL
;
e
31 'polypeptide(L)'
;SGRLWCKAIFAGYKRGLRNQREHTALLKIEGVYARDETEFYLGKRCAYVYKAKNNTVTPGGKPNKTRVIWGKVTRAHGNS
GMVRAKFRSNLPAKAIGHRIRVMLYPSRI
;
f
32 'polypeptide(L)'
;VQRLTYRRRLSYNTASNKTRLSRTPGNRIVYLYTKKVGKAPKSACGVCPGRLRGVRAVRPKVLMRLSKTKKHVSRAYGGS
MCAKCVRDRIKRAFLIEEQKIVVKVLKAQAQSQK
;
g
33 'polypeptide(L)'
;AKIKARDLRGKKKEELLKQLDDLKVELSQLRVAKVTGGAASKLSKIRVVRKSIARVLTVINQTQKENLRKFYKGKKYKPL
DLRPKKTRAMRRRLNKHEESLKTKKQQRKERLYPLRKYAVKA
;
h
34 'polypeptide(L)'
;ALRYPMAVGLNKGHKVTKNVSKPRHSRRRGRLTKHTKFVRDMIREVCGFAPYERRAMELLKVSKDKRALKFIKKRVGTHI
RAKRKREELSSVLAAMRKAAAK
;
i
35 'polypeptide(L)'
;TKGTSSFGKRRNKTHTLCRRCGSKAYHLQKSTCGKCGYPAKRKRKYNWSAKAKRRNTTGTGRMRHLKIVYRRFRHGFREG
TTPKPK
;
j
36 'polypeptide(L)' PRKIEEIKDFLLTARRKDAKSVKIKKNKDNVKFKVRCSRYLYTLVITDKEKAEKLKQSLPPGLAVKELK k
37 'polypeptide(L)' SSHKTFRIKRFLAKKQKQNRPIPQWIRMKTGNKIRYNSKRRHWRRTKLGL l
38 'polypeptide(L)' IIEPSLRQLAQKYNCDKMICRKCYARLHPRAVNCRKKKCGHTNNLRPKKKVK m
39 'polypeptide(L)' RAKWRKKRMRRLKRKRRKMRQRS n
40 'polypeptide(L)'
;VNVPKTRRTFCKKCGKHQPHKVTQYKKGKDSLYAQGKRRYDRKQSGYGGQTKPIFRKKAKTTKKIVLRLECVEPNCRSKR
MLAIKRCKHFELGGDKKRKGQVIQ
;
o
41 'polypeptide(L)'
;AKRTKKVGIVGKYGTRYGASLRKMVKKIEISQHAKYTCSFCGKTKMKRRAVGIWHCGSCMKTVAGGAWTYNTTSAVTVKS
AIRRLKELKDQ
;
p
42 'polypeptide(L)'
;SAHLQWMVVRNCSSFLIKRNKQTYSTEPNNLKARNSFRYNGLIHRKTVGVEPAADGKGVVVVMKRRSGQRKPATSYVRTT
INKNARATLSSIRHMIRKNKYHPDLRMAAIRRASAILRSQKPVMV
;
r
43 'polypeptide(L)'
;DRATWKSNYFLKIIQLLDDYPKCFIVGADNVGSKQMQQIRMSLRGKAVVLMGKNTMMRKAIRGHLENNPALEKLLPHIRG
NVGFVFTKEDLTEIRDMLLANKVPAAARAGAIAPCEVTVPAQNTGLGPEKTSFFQALGITTKISRGTIEILSDVQLIKTG
DKVGASEATLLNMLNISPFSFGLIIQQVFDNGSIYNPE
;
s
44 'polypeptide(L)'
;MPPKFDPNEIKVVYLRCTGGEVGATSALAPKIGPLGLSPKKVGDDIAKATGDWKGLRITVKLTIQNRQAQIEVVPSASAL
IIKALKEPPRDRKKQKNIKHSGNITFDEIVNIARQMRHRSLARELSGTIKEILGTAQSVGCNVDGRHPHDIIDDINSGAV
ECP
;
t
45 'polypeptide(L)' GMWRFYTEDSPGLKV 1
46 'polyribonucleotide' GUCUCCGUAGUGUAGCGGUUAUCACGUUCGCCUAACACGCGAAAGGUCCUCGGUUCGAAACCGGGCGGAAACACCA 2
47 'polyribonucleotide' GCCCGGAUAGCUCAGCUGUAGAGCAUCAGACUUUUAAUCUGAGGGUCCAGGGUUCAAGUCCCUGUUCGGGCGCCA 3
48 'polyribonucleotide'
;CGCGACCUCAGAUCAGACGUGGCGACCCGCUGAAUUUAAGCAUAUUAGUCAGCGGAGGAGAAGAAACUAACCAGGAUUCC
CUCAGUAACGGCGAGUGAACAGGGAAGAGCCCAGCGCCGAAUCCCCGCCCCGCGGCGGGGCGCGGGACAUGUGGCGUACG
GAAGACCCGCUCCCCGGCGCCGCUCGUGGGGGGCCCAAGUCCUUCUGAUCGAGGCCCAGCCCGUGGACGGUGUGAGGCCG
GUAGCGGCCCCCGGCGCGCCGGGCCCGGGUCUUCCCGGAGUCGGGUUGCUUGGGAAUGCAGCCCAAAGCGGGUGGUAAAC
UCCAUCUAAGGCUAAAUACCGGCACGAGACCGAUAGUCAACAAGUACCGUAAGGGAAAGUUGAAAAGAACUUUGAAGAGA
GAGUUCAAGAGGGCGUGAAACCGUUAAGAGGUAAACGGGUGGGGUCCGCGCAGUCCGCCCGGAGGAUUCAACCCGGCGGC
GGGUCCGGCCGUGUCGGCGGCCCGGCGGAUCUUUCCCGCGCGGGGGACCGUCCCCCGACCGGCGACCGGCCGCCGCCGGG
CGCAUUUCCACCGCGGCGGUGCGCCGCGACCGGCUCCGGGACGGCUGGGAAGGCCCGGCGGGGAAGGUGGCUCGGCCGAG
UGUUACAGCCCCCCCGGCAGCAGCACUCGCCGAAUCCCGGGGCCGAGGGAGCGAGACCCGUCGCCGCGCUCUCCCCCCUC
CCGGCGCCGCCGGGGGGGGCCGGGCCACCCCUCCCACGGCGCGACCGCUCGGGGCGGACUGUCCCCAGUGCGCCCCGGGC
GGGUCGCGCCGUCGGGCCCGGGGGAGGGGCCACGCGCGCGUCCCCCGAAGAGGGGGACGGCGGAGCGAGCGCACGGGGUC
GGCGGCGACGUCGGCUACCCACCCGACCCGUCUUGAAACACGGACCAAGGAGUCUAACACGUGCGCGAGUCGGGGGCUCG
CACGAAAGCCGCCGUGGCGCAAUGAAGGUGAAGGCCGGCGCGCUCGCCGGCCGAGGUGGGAUCCCGAGGCCUCUCCAGUC
CGCCGAGGGCGCACCACCGGCCCGUCUCGCCCGCCGCGCCGGGGAGGUGGAGCACGAGCGCACGUGUUAGGACCCGAAAG
AUGGUGAACUAUGCCUGGGCAGGGCGAAGCCAGAGGAAACUCUGGUGGAGGUCCGUAGCGGUCCUGACGUGCAAAUCGGU
CGUCCGACCUGGGUAUAGGGGCGAAAGACUAAUCGAACCAUCUAGUAGCUGGUUCCCUCCGAAGUUUCCCUCAGGAUAGC
UGGCGCUCUCGCACACGCAGUUUUAUCCGGUAAAGCGAAUGAUUAGAGGUCUUGGGGCCGAAACGAUCUCAACCUAUUCU
CAAACUUUAAAUGGGUAAGAAGCCCGGCUCGCUGGCGUGAGCCGGGCGUGGAAUGGAGUGCCUAGUGGGCCACUUUUGGU
AAGCAGAACUGGCGCUGCGGGAUGAACCGAACGCCGGGUUAAGGCGCCCGAUGCCGACGCUCAUCAGACCCCAGAAAAGG
UGUUGGUUGAUAUAGACAGCAGGACGGUGGCCAUGGAAGUCGGAAUCCGCUAAGGAGUGUGUAACAACUCACCUGCCGAA
UCAACUAGCCCUGAAAAUGGAUGGCGCUGGAGCGUCGGGCCCAUACCCGGCCGUCGCCGGCAGUCGAGAGUGGACGGGAG
CGGCGGGGGCGGCGCGCGCGCGCGCCCGCCCCCGGAGCCCCGCGGACGCUACGCCGCGACGAGUAGGAGGGCCGCUGCGG
UGAGCCUUGAAGCCUAGGGCGCGGGCCCGGGUGGAGCCGCCGCAGGUGCAGAUCUUGGUGGUAGUAGCAAAUAUUCAAAC
GAGAACUUUGAAGGCCGAAGUGGAGAAGGGUUCCAUGUGAACAGCAGUUGAACAUGGGUCAGUCGGUCCUGAGAGAUGGG
CGAGCGCCGUUCCGAAGGGACGGGCGAUGGCCUCCGUUGCCCUCGGCCGAUCGAAAGGGAGUCGGGUUCAGAUCCCCGAA
UCCGGAGUGGCGGAGAUGGGCGCCGCGAGGCGUCCAGUGCGGUAACGCGACCGAUCCCGGAGAAGCCGGCGGGAGCCCCG
GGGAGAGUUCUCUUUUCUUUGUGAAGGGCAGGGCGCCCUGGAAUGGGUUCGCCCCGAGAGAGGGGCCCGUGCCUUGGAAA
GCGUCGCGGUUCCGGCGGCGUCCGGUGAGCUCUCGCUGGCCCUUGAAAAUCCGGGGGAGAGGGUGUAAAUCUCGCGCCGG
GCCGUACCCAUAUCCGCAGCAGGUCUCCAAGGUGAACAGCCUCUGGCAUGUUGGAACAAUGUAGGUAAGGGAAGUCGGCA
AGCCGGAUCCGUAACUUCGGGAUAAGGAUUGGCUCUAAGGGCUGGGUCGGUCGUCGGCCGGCGCCUAGCAGCCGACUUAG
AACUGGUGCGGACCAGGGGAAUCCGACUGUUUAAUUAAAACAAAGCAUCGCGAAGGCCCGCGGCGGGUGUUGACGCGAUG
UGAUUUCUGCCCAGUGCUCUGAAUGUCAAAGUGAAGAAAUUCAAUGAAGCGCGGGUAAACGGCGGGAGUAACUAUGACUC
UCUUAAGGUAGCCAAAUGCCUCGUCAUCUAAUUAGUGACGCGCAUGAAUGGAUGAACGAGAUUCCCACUGUCCCUACCUA
CUAUCCAGCGAAACCACAGCCAAGGGAACGGGCUUGGCGGAAUCAGCGGGGAAAGAAGACCCUGUUGAGCUUGACUCUAG
UCUGGCACGGUGAAGAGACAUGUUUUUUCACUGACCCGGUGAGGCGGGGGGGCGAGCCCCGAGGGGCUCUCGCUUCUGGC
GCCAAGCGCCCGGCCGCGCGCCGGCCGGGCGCGACCCGCUCCGGGGACAGUGCCAGGUGGGGAGUUUGACUGGGGCGGUA
CACCUGUCAAACGGUAACGCAGGUGUCCUAAGGCGAGCUCAGGGAGGACAGAAACCUCCCGUGGAGCAGAAGGGCAAAAG
CUCGCUUGAUCUUGAUUUUCAGUACGAAUACAGACCGUGAAAGCGGGGCCUCACGAUCCUUCUGACCUUUUGGGUUUUAA
GCAGGAGGUGUCAGAAAAGUUACCACAGGGAUAACUGGCUUGUGGCGGCCAAGCGUUCAUAGCGACGUCGCUUUUUGAUC
CUUCGAUGUCGGCUCUUCCUAUCAUUGUGAAGCAGAAUUCACCAAGCGUUGGAUUGUUCACCCACUAAUAGGGAACGUGA
GCUGGGUUUAGACCGUCGUGAGACAGGUUAGUUUUACCCUACUGAUGAUGUGUUGUUGCCAUGGUAAUCCUGCUCAGUAC
GAGAGGAACCGCAGGUUCAGACAUUUGGUGUAUGUGCUUGGCUGAGGAGCCAAUGGGGCGAAGCUACCAUCUGUGGGAUU
AUGACUGAACGCCUCUAAGUCAGAAUCCCGCCCAGGCGGAACGAUACGGCAGCGCCGCGGAGCCUCGGUUGGCCUCGGAU
AGCCGGUCCCCCGCGGGGUCCGGUGCGGAGUGCCCUUCGUCCUGGGAAACGGGGCGCGGCCGGAGAGGCGGCCGCCCCCU
CGCCCGUCACGCACGCCGUUCGUGGGGAACCUGGCGCUAAACCAUUCGUAGACGACCUGCUUCUGGGUCGGGGUUUCGUA
CGUAGCAGAGCAGCUCCCUCGCUGCGAUCUAUUGAAAGUCAGCCCUCGACACAAGGGUUUGU
;
5
49 'polyribonucleotide'
;GUCUACGGCCAUACCACCCUGAACGCGCCCGAUCUCGUCUGAUCUCGGAAGCUAAGCAGGGUCGGGCCUGGUUAGUACUU
GGAUGGGAGACCGCCUGGGAAUACCGGGUGCUGUAGGCUU
;
7
50 'polyribonucleotide'
;CGACUCUUAGCGGUGGAUCACUCGGCUCGUGCGUCGAUGAAGAACGCAGCUAGCUGCGAGAAUUAAUGUGAAUUGCAGGA
CACAUUGAUCAUCGACACUUCGAACGCACUUGCGGCCCCGGGUUCCUCCCGGGGCUACGCCUGUCUGAGCGUCGCU
;
8
51 'polyribonucleotide'
;UACCUGGUUGAUCCUGCCAGUAGCAUAUGCUUGUCUCAAAGAUUAAGCCAUGCAUGUCUAAGUACGCACGGCCGGUACAG
UGAAACUGCGAAUGGCUCAUUAAAUCAGUUAUGGUUCCUUUGGUCGCCACUUGGAUAACUGUGGUAAUUCUAGAGCUAAU
ACAUGCCGACGGGCGCUGACCCCCUUCGCGGGGGGGAUGCGUGCAUUUAUCAGUGGUGACUCUAGAUAACCUCGGGCCGA
UCGCACGCCCCCCGUGGCGGCGACGACCAUUCGAACGUCUGCCCUAUCAACUUUCGAUGGUAGUCGCCGUGCCUACCAUG
GUGACCACGGGUGACGGGGAAUCAGGGUUCGAUUCCGGAGAGGGAGCCUGAGAAACGGCUACCACAUCCAAGGAAGGCAG
CAGGCGCGCAAAUUACCCACUCCCGACCCGGGGAGGUAGUGACGAAAAAUAACAAUACAGGACUCUUUCGAGGCCCUGUA
AUUGGAAUGAGUCCACUUUAAAUCCUUUAACGAGGAUCCAUUGGAGGGCAAGUCUGGUGCCAGCAGCCGCGGUAAUUCCA
GCUCCAAUAGCGUAUAUUAAAGUUGCUGCAGUUAAAAAGCUCGUAGUUGGAUCUUGGGAGCGGGCGUCCCCGCCGCCUCU
CGGCCGGGGCCCGAAGCGUUUACUUUGAAAAAAUUAGAGUGUUCAAAGCAGGCCCGAGCCGCCUGGAUACCGCAGCUAGG
AAUAAUGGAAUAGGACCGCGGUUCUAUUUUGUUGGUUUUCGGAACUGAGGCCAUGAUUAAGAGGGACGGCCGGGGGCAUU
CGUAUUGCGCCGCUAGAGGUGAAAUUCUUGGACCGGCGCAAGACGGACCAGAGCGAAAGCAUUUGCCAAGAAUGUUUUCA
UUAAUCAAGAACGAAAGUCGGAGGUUCGAAGACGAUCAGAUACCGUCGUAGUUCCGACCAUAAACGAUGCCGACCGGCGA
UGCGGCGGCGUUAUUCCCAUGACCCGCCGGGCAGCUUCCGGGAAACCAAAGUCUUUGGGUUCCGGGGGGAGUAUGGUUGC
AAAGCUGAAACUUAAAGGAAUUGACGGAAGGGCACCACCAGGAGUGGAGCCUGCGGCUUAAUUUGACUCAACACGGGAAA
CCUCACCCGGCCCGGACACGGACAGGAUUGACAGAUUGAUAGCUCUUUCUCGAUUCCGUGGGUGGUGGUGCAUGGCCGUU
CUUAGUUGGUGGAGCGAUUUGUCUGGUUAAUUCCGAUAACGAACGAGACUCUGGCAUGCUAACUAGUUACGCGACCCCCG
AGCGGUCGGCGUCCCCCAACUUCUUAGAGGGACAAGUGGCGUUCAGCCACCCGAGAUUGAGCAAUAACAGGUCUGUGAUG
CCCUUAGAUGUCCGGGGCUGCACGCGCGCUACACUGACUGGCUCAGCGUGUGCCUACCCUACGCCGGCAGGCGCGGGUAA
CCCGUUGAACCCCAUUCGUGAUGGGGAUCGGGGAUUGCAAUUAUUCCCCAUGAACGAGGAAUUCCCAGUAAGUGCGGGUC
AUAAGCUUGCGUUGAUUAAGUCCCUGCCCUUUGUACACACCGCCCGUCGCUACUACCGAUUGGAUGGUUUAGUGAGGCCC
UCGGAUCGGCCCCGCCGGGGUGCCCUGGCGGAGCGCUGAGAAGACGGUCGAACUUGACUAUCUAGAGGAAGUAAAAGUCG
UAACAAGGUUUCCGUAGGUGAACCUGCGGAAGGAUCAUU
;
9
52 'polypeptide(L)'
;SGALDVLQMKEEDVLKFLAAGTHLGGTNLDFQMEQYIYKRKSDGIYIINLKRTWEKLLLAARAIVAIENPADVSVISSRN
TGQRAVLKFAAATGATPIAGRFTPGTFTNQIQAAFREPRLLVVTDPRADHQPLTEASYVNLPTIALCNTDSPLRYVDIAI
PCNNKGAHSVGLMWWMLAREVLRMRGTISREHPWEVMPDLYFYRDPEE
;
AA
53 'polypeptide(L)'
;VVDPFSKKDWYDVKAPAMFNIRNIGKTLVTRTQGTKIASDGLKGRVFEVSLADLQNDEVAFRKFKLITEDVQGKNCLTNF
HGMDLTRDKMCSMVKKWQTMIEAHVDVKTTDGYLLRLFCVGFTKKRNNQIRKTSYAQHQQVRQIRKKMMEIMTREVQTND
LKEVVNKLIPDSIGKDIEKACQSIYPLHDVFVRKVKMLKKPKFELGKLMELHG
;
BB
54 'polypeptide(L)'
;EWLPVTKLGRLVKDVKIKSLEEIYLFSLPIKESEIIDFFLGAALKDEVLKIMPVQKQTRAAQRTRFKAFVAIGDYNGHVG
LGVKCSKEVATAIRGAIILAKLSIVPVRRGYWGNKIGKPHTVPCKVTGRCGSVLVRLIPAPRGTGIVSAPVPKKLLLMAG
IDDCYTSAWGCTATLGNFAKATFDAISKTYSYLTPDLWKETVFTKSPYQEFTDHLVKT
;
CC
55 'polypeptide(L)'
;MAVQISKKRKFVADGIFKAELNEFLTRELAEDGYSGVEVRVTPTRTEIIILATRTQNVLGEKGRRIRELTAVVQKRFGFP
EGSVELYAEKVATRGLCAIAQAESLRYKLLGGLAVRRACYGVLRFIMESGAKGCEVVVSGKLRGQRAKSMKFVDGLMIHS
GDPVNYYVDTAVRHVLLRQGVLGIKVKIMLPWDPSGKIGPKKPLPDHVSIVEPKDEILPTTPISEQK
;
DD
56 'polypeptide(L)'
;ARGPKKHLKRVAAPKHWMLDKLTGVFAPRPSTGPHKLRECLPLIIFLRNKLKYALTGDEVKKICMQRFIKIDGKVRADIT
YPAGFMDVISIDKTGENFRLIYDTKGRFAVHRITPEEAKYKLCKVRKIFVGTKGIPHLVTHDARTIRYPDPLIKMNDTIQ
IDLETGKITDFIKFDTGNLCMVTGGANLGRIGVITNRERHPGSFDVVHVKDANGNSFATRLSNIFVIGKGNKPWISLPRG
KGIRLTIAEERDKRLAAKQSSG
;
EE
57 'polypeptide(L)'
;TPDIKLFGKWSTDDVQINDISLQDYIAVKEKYAKYLPHSAGRYAAKRFRKAQCPIVERLTNSMMMHGRNNGKKLMTVRIV
KHAFEIIHLLTGENPLQVLVNAIINSGPREDSTRIGRAGTVRRQAVDVSPLRRVNQAIWLLCTGAREAAFRNIKTIAECL
ADELINAAKGSSNSYAIKKKDELERVAKSNR
;
FF
58 'polypeptide(L)'
;MKLNISFPATGCQKLIEVDDERKLRTFYEKRMATEVAADALGEEWKGYVVRISGGNDKQGFPMKQGVLTHGRVRLLLSKG
HSCYRPRRTGERKRKSVRGCIVDANLSVLNLVIVKKGEKDIPGLTDTTVPRRLGPKRASRIRKLFNLSKEDDVRQYVVRK
PLNKEGKKPRTKAPKIQRLVTPRVLQHKRRRIALKKQRTKKNKEEAAEYAKLLAKRMKEAKEKRQEQIAKRRRLSSL
;
GG
59 'polypeptide(L)'
;SAKIVKPNGEKPDEFESGISQALLELEMNSDLKAQLRELNITAAKEIEVGGGRKAIIIFVPVPQLKSFQKIQVRLVRELE
KKFSGKHVVFIAQRRILPKPTRKSRTKNKQKRPRSRTLTAVHDAILEDLVFPSEIVGKRIRVKLDGSRLIKVHLDKAQQN
NVEHKVETFSGVYKKLTGKDVNFEFPEFQ
;
HH
60 'polypeptide(L)'
;GISRDNWHKRRKTGGKRKPYHKKRKYELGRPAANTKIGPRRIHTVRVRGGNKKYRALRLDVGNFSWGSECCTRKTRIIDV
VYNASNNELVRTKTLVKNCIVLIDSTPYRQWYESHYALPLGRKKGAKLTPEEEEILNKKRSKKIQKKYDERKKNAKISSL
LEEQFQQGKLLACIASRPGQCGRADGYVLEGKELEFYLRKIKARKG
;
II
61 'polypeptide(L)'
;PVARSWVCRKTYVTPRRPFEKSRLDQELKLIGEYGLRNKREVWRVKFTLAKIRKAARELLTLDEKDPRRLFEGNALLRRL
VRIGVLDEGKMKLDYILGLKIEDFLERRLQTQVFKLGLAKSIHHARVLIRQRHIRVRKQVVNIPSFIVRLDSQKHIDFSL
RSPYGGGRPGRVKRKNAKKGQGGAG
;
JJ
62 'polypeptide(L)'
;MLMPKKNRIAIYELLFKEGVMVAKKDVHMPKHPELADKNVPNLHVMKAMQSLKSRGYVKEQFAWRHFYWYLTNEGIQYLR
DYLHLPPEIVPATLRRSR
;
KK
63 'polypeptide(L)'
;ADIQTERAYQKQPTIFQNKKRVLLGETGKEKLPRYYKNIGLGFKTPKEAIEGTYIDKKCPFTGNVSIRGRILSGVVTKMK
MQRTIVIRRDYLHYIRKYNRFEKRHKNMSVHLSPCFRDVQIGDIVTVGECRPLSKTVRFNVLKVTKAAGTKK
;
LL
64 'polypeptide(L)'
;GGVMDVNTALQEVLKTALIHDGLARGIREAAKALDKRQAHLCVLASNCDEPMYVKLVEALCAEHQINLIKVDDNKKLGEW
VGLCKIDREGKPRKVVGCSCVVVKDYGKESQAKDVIEEYFKCKK
;
MM
65 'polypeptide(L)'
;GRMHAPGKGLSQSALPYRRSVPTWLKLTSDDVKEQIYKLAKKGLTPSQIGVILRDSHGVAQVRFVTGNKILRILKSKGLA
PDLPEDLYHLIKKAVAVRKHLERNRKDKDAKFRLILIESRIHRLARYYKTKRVLPPNWKYESSTASALVA
;
NN
66 'polypeptide(L)'
;SLGPQVAEGENVFGVCHIFASFNDTFVHVTDLSGKETICRVTGGMKVKADRDESSPYAAMLAAQDVAQRCKELGITALHI
KLRATGGNRTKTPGPGAQSALRALARSGMKIGRIEDVTPIPSDSTRRKGGRRGRRL
;
OO
67 'polypeptide(L)'
;VEQKKKRTFRKFTYRGVDLDQLLDMSYEQLMQLYSARQRRRLSRGLRRKQHSLLKRLRKAKKEAPPMEKPEVVKTHLRDM
IILPEMVGSMVGVYNGKTFNQVEIKPEMIGHYLGEFSITYKPVKHGR
;
PP
68 'polypeptide(L)'
;PLQSVQVFGRKKTATAVAHCKRGNGLIKVNGRPLEMIEPRTLQYKLLEPVLLLGKERFAGVDIRVRVKGGGHVAQIYAIR
QSISKALVAYYQKYVDEASKKEIKDILIQYDRTLLVADPRRCESKKFGGPGARARYQKSYR
;
QQ
69 'polypeptide(L)'
;MGRVRTKTVKKAARVIIEKYYTRLGNDFHTNKRVCEEIAIIPSKKLRNKIAGYVTHLMKRIQRGPVRGISIKLQEEERER
RDNYVPEVSALDQEIIEVDPDTKEMLKLLDFGSLSNLQVTQPTVGMNFK
;
RR
70 'polypeptide(L)'
;PEKFQHILRVLNTNIDGRRKIAFAITAIKGVGRRYAHVVLRKADIDLTKRAGELTEDEVERVITIMQNPRQYKIPDWFLN
RQKDVKDGKYSQVLANGLDNKLREDLERLKKIRAHRGLRHFWGLRVRGQHTKTTGRR
;
SS
71 'polypeptide(L)'
;VTVKDVNQQEFVRALAAFLKKSGKLKVPEWVDTVKLAKHKELAPYDENWFYTRAASTARHLYLRGGAGVGSMTKIYGGRQ
RNGVMPSHFSRGSKSVARRVLQALEGLKMVEKDQDGGRKLTPQGQRDLDRIAGQVAAAKKK
;
TT
72 'polypeptide(L)'
;AIHRIRITLTSRNVKSLEKVCADLIRGAKEKNLKVKGPVRMPTKTLRITTRKTPCGEGSKTWDRFQMRIHKRLIDLHSPS
EIVKQITSISIEPGVEVEVTIADA
;
UU
73 'polypeptide(L)'
;MQNDAGEFVDLYVPRKCSASNRIIGAKDHASIPMNVAEVDKVTGRFNGQFKTYAICGAIRRMGESDDSILRLAKAHGIVS
QNF
;
VV
74 'polypeptide(L)'
;VRMNVLADALKSINNAEKRGKRQVLIRPCSKVIVRFLTVMMKHGYIGEFEIIDDHRAGKIVVNLTGRLNKCGVISPRFDV
QLKDLEKWQNNLLPSRQFGFIVLTTSAGIMDHEEARRKHTGGKILGFFF
;
WW
75 'polypeptide(L)'
;GKCRGLRTARKLRSHRRDQKWHDKQYKKAHLGTALKANPFGGASHAKGIVLEKVGVEAKQPNSAIRKCVRVQLIKNGKKI
TAFVPNDGCLNFIEENDEVLVAGFGRKGHAVGDIPGVRFKVVKVANVSLLALYKGKKERPR
;
XX
76 'polypeptide(L)'
;DTVTIRTRKFMTNRLLQRKQMVIDVLHPGKATVPKTEIREKLAKMYKTTPDVIFVFGFRTHFGGGKTTGFGMIYDSLDYA
KKNEPKHRLARHGLYEKKKTSRKQRKERKNRMKKVRGTAKANVGAG
;
YY
77 'polypeptide(L)' RDKLNNLVLFDKATYDKLCKEVPNYKLITPAVVSERLKIRGSLARAALQELLSKGLIKLVSKHRAQVIYTRNTKG ZZ
78 'polypeptide(L)'
;TKKRRNNGRAKKGRGHVQPIRCTNCARCVPKDKAIKKFVIRNIVEAAAVRDISEASVFDAYVLPKLYVKLHYCVSCAIHS
KVVRNRSREARKDRTPPP
;
aa
79 'polypeptide(L)'
;PLAKDLLHPSPEEEKRKHKKKRLVQSPNSYFMDVKCPGCYKITTVFSHAQTVVLCVGCSTVLCQPTGGKARLTEGCSFRR
KQH
;
bb
80 'polypeptide(L)' PIKLARVTKVIGKTGSQGQCTQVRVEFMDDTSHSTIRNVKGPVREGDVLTLLESEREARRL cc
81 'polypeptide(L)' QQLYWSHPRKFGQGSRSCRVCSNRHGLIRKYGLNMCRQCFRQYAKDIGFIKLD dd
82 'polypeptide(L)' HGSLARVGKVRGQTLKVAKQEKKKKRTGRAKRRMQYNRRFVNVVPTFGKKKGPNANS ee
83 'polypeptide(L)' KSYTTPKKNKHKRKKVKLAVLKYYKVDENGKISRLRRECPSDECGAGFMASHFDRHYCGKCCLTYCFN ff
84 'polypeptide(L)'
;TEQMTLRGTLKGHNGWVTQIATTPQFPDMILSASRDKTIIMWKLTRDETNYGIPQRALRGHSHFVSDVVISSDGQFALSG
SWDGTLRLWDLTTGTTTRRFVGHTKDVLSVAFSSDNRQIVSGSRDKTIKLWNTLGVCKYTVQDESHSEWVSCVRFSPNSS
NPIIVSCGWDKLVKVWNLANCKLKTNHIGHTGYLNTVTVSPDGSLCASGGKDGQAMLWDLNEGKHLYTLDGGDIINALCF
SPNRYWLCAATGPSIKIWDLEGKIIVDELKQEVISTSSKAEPPQCTSLAWSADGQTLFAGYTDNLVRVWQVTI
;
gg
85 'polyribonucleotide' UCAAAGUUUAGG hh
86 'polypeptide(L)'
;SAADRNVEIWKIKKLIKSLEAARGNGTSMISLIIPPKDQISRVAKMLADEFGTASNIKSRVNRLSVLGAITSVQQRLKLY
NKVPPNGLVVYCGTIVTEEGKEKKVNIDFEPFKPINTSLYLCDNKFHTEALTALLSDDSKFGFIVIDGSGALFGTLQGNT
REVLHKFTVDLPKKHGRAAQSALRFARLRMEKRHNYVRKVAETAVQLFISGDKVNVAGLVLAGSADFKTELSQSDMFDQR
LQSKVLKLVDISYGGENGFNQAIELSTEVLSNVKFIQEKKLIGRYFDEISQDTGKYCFGVEDTLKALEMGAVEILIVYEN
LDIMRYVLHCQGTEEEKILYLTPEQEKDKSHFTDKETGQEHELIESMPLLEWFANNYKKFGATLEIVTDKSQEGSQFVKG
FGGIGGILRYRVDFQG
;
ii
87 'polypeptide(L)'
;KLTRIAIVNHDKCKPKKCRQECKKSCPVVRMGKLCIEVTPQSKIAWISETLCIGCGICIKKCPFGALSIVNLPSNLEKET
THRYCANAFKLHRLPIPRPGEVLGLVGTNGIGKSTALKILAGKQKPNLGKYDDPPDWQEILTYFRGSELQNYFTKILEDD
LKAIIKPQYVDQIPKAAKGTVGSILDRKDETKTQAIVCQQLDLTHLKERNVEDLSGGELQRFACAVVCIQKADIFMFDEP
SSYLDVKQRLKAAITIRSLINPDRYIIVVEHDLSVLDYLSDFICCLYGVPSAYGVVTMPFSVREGINIFLDGYVPTENLR
FRDASLVFKVAETANEEEVKKMCMYKYPGMKKKMGEFELAIVAGEFTDSEIMVMLGENGTGKTTFIRMLAGRLKPDEGGE
VPVLNVSYKPQKISPKSTGSVRQLLHEKIRDAYTHPQFVTDVMKPLQIENIIDQEVQTLSGGELQRVALALCLGKPADVY
LIDEPSAYLDSEQRLMAARVVKRFILHAKKTAFVVEHDFIMATYLADRVIVFDGVPSKNTVANSPQTLLAGMNKFLSQLE
ITFRRDPNNYRPRINKLNSIKDVEQKKSGNYFFL
;
jj
#
loop_
_chem_comp.id
_chem_comp.type
_chem_comp.name
_chem_comp.formula
A RNA linking ADENOSINE-5'-MONOPHOSPHATE 'C10 H14 N5 O7 P'
ADP non-polymer ADENOSINE-5'-DIPHOSPHATE 'C10 H15 N5 O10 P2'
C RNA linking CYTIDINE-5'-MONOPHOSPHATE 'C9 H14 N3 O8 P'
G RNA linking GUANOSINE-5'-MONOPHOSPHATE 'C10 H14 N5 O8 P'
MG non-polymer 'MAGNESIUM ION' 'Mg 2'
SF4 non-polymer 'IRON/SULFUR CLUSTER' 'Fe4 S4'
U RNA linking URIDINE-5'-MONOPHOSPHATE 'C9 H13 N2 O9 P'
ZN non-polymer 'ZINC ION' 'Zn 2'
#
# COMPACT_ATOMS: atom_id res chain seq x y z
N GLY A 1 9.40 26.56 -30.60
CA GLY A 1 10.64 26.03 -31.22
C GLY A 1 10.55 25.65 -32.68
N ARG A 2 10.37 24.36 -32.92
CA ARG A 2 10.43 23.81 -34.28
C ARG A 2 9.12 23.97 -35.05
N VAL A 3 9.24 23.88 -36.37
CA VAL A 3 8.13 23.68 -37.28
C VAL A 3 7.75 22.22 -37.17
N ILE A 4 6.49 21.92 -36.86
CA ILE A 4 6.13 20.54 -36.54
C ILE A 4 5.84 19.73 -37.79
N ARG A 5 6.14 18.42 -37.73
CA ARG A 5 5.69 17.49 -38.76
C ARG A 5 4.21 17.73 -38.88
N GLY A 6 3.75 18.05 -40.08
CA GLY A 6 2.39 18.51 -40.27
C GLY A 6 2.44 19.86 -40.93
N GLN A 7 3.07 20.83 -40.28
CA GLN A 7 3.40 22.07 -40.97
C GLN A 7 4.29 21.75 -42.16
N ARG A 8 5.15 20.72 -42.02
CA ARG A 8 6.14 20.40 -43.04
C ARG A 8 5.58 19.74 -44.28
N LYS A 9 4.44 19.06 -44.15
CA LYS A 9 3.83 18.37 -45.28
C LYS A 9 3.33 19.33 -46.37
N GLY A 10 3.01 20.56 -45.96
CA GLY A 10 2.61 21.60 -46.89
C GLY A 10 3.68 22.03 -47.87
N ALA A 11 4.95 22.01 -47.44
CA ALA A 11 6.03 22.36 -48.36
C ALA A 11 6.32 21.32 -49.45
N GLY A 12 5.61 20.20 -49.44
CA GLY A 12 5.83 19.14 -50.40
C GLY A 12 7.15 18.45 -50.09
N SER A 13 8.16 18.72 -50.93
CA SER A 13 9.48 18.13 -50.78
C SER A 13 9.41 16.60 -50.63
N VAL A 14 9.50 16.13 -49.39
CA VAL A 14 9.57 14.71 -49.09
C VAL A 14 8.15 14.14 -49.05
N PHE A 15 7.17 14.97 -48.71
CA PHE A 15 5.79 14.53 -48.49
C PHE A 15 4.92 14.65 -49.72
N ARG A 16 5.51 14.98 -50.88
CA ARG A 16 4.78 14.91 -52.13
C ARG A 16 4.37 13.47 -52.42
N ALA A 17 3.38 13.33 -53.28
CA ALA A 17 2.86 12.04 -53.69
C ALA A 17 3.81 11.28 -54.63
N HIS A 18 3.84 9.96 -54.47
CA HIS A 18 4.60 9.07 -55.34
C HIS A 18 3.73 8.70 -56.51
N VAL A 19 4.15 9.04 -57.71
CA VAL A 19 3.29 8.92 -58.88
C VAL A 19 4.00 8.45 -60.16
N LYS A 20 5.11 7.72 -60.04
CA LYS A 20 5.77 7.20 -61.23
C LYS A 20 4.88 6.20 -61.91
N HIS A 21 4.54 5.15 -61.17
CA HIS A 21 3.87 3.98 -61.74
C HIS A 21 2.36 4.11 -61.86
N ARG A 22 1.80 5.22 -61.37
CA ARG A 22 0.37 5.50 -61.52
C ARG A 22 0.00 5.60 -63.01
N LYS A 23 -1.10 4.95 -63.36
CA LYS A 23 -1.44 4.72 -64.76
C LYS A 23 -2.13 5.89 -65.42
N GLY A 24 -2.36 6.97 -64.68
CA GLY A 24 -3.09 8.11 -65.21
C GLY A 24 -4.18 8.50 -64.26
N ALA A 25 -4.81 9.62 -64.57
CA ALA A 25 -6.02 10.05 -63.88
C ALA A 25 -7.17 9.16 -64.32
N ALA A 26 -8.23 9.17 -63.52
CA ALA A 26 -9.33 8.23 -63.68
C ALA A 26 -10.62 8.96 -63.99
N ARG A 27 -10.60 9.69 -65.09
CA ARG A 27 -11.63 10.68 -65.35
C ARG A 27 -12.88 10.04 -65.93
N LEU A 28 -13.85 10.88 -66.29
CA LEU A 28 -14.90 10.53 -67.25
C LEU A 28 -14.56 11.13 -68.61
N ARG A 29 -15.33 10.70 -69.60
CA ARG A 29 -15.22 11.21 -70.96
C ARG A 29 -15.66 12.66 -70.93
N ALA A 30 -15.03 13.54 -71.72
CA ALA A 30 -15.47 14.95 -71.79
C ALA A 30 -16.74 15.08 -72.61
N VAL A 31 -17.61 16.02 -72.22
CA VAL A 31 -18.88 16.23 -72.92
C VAL A 31 -18.68 16.79 -74.32
N ASP A 32 -19.65 16.48 -75.17
CA ASP A 32 -19.64 16.87 -76.57
C ASP A 32 -21.02 16.56 -77.11
N PHE A 33 -21.26 17.00 -78.33
CA PHE A 33 -22.54 16.76 -79.02
C PHE A 33 -23.09 15.36 -78.85
N ALA A 34 -22.24 14.36 -79.07
CA ALA A 34 -22.65 12.96 -78.98
C ALA A 34 -23.11 12.57 -77.58
N GLU A 35 -22.29 12.87 -76.57
CA GLU A 35 -22.65 12.66 -75.18
C GLU A 35 -23.88 13.47 -74.81
N ARG A 36 -23.87 14.73 -75.22
CA ARG A 36 -24.90 15.68 -74.84
C ARG A 36 -26.26 15.29 -75.39
N HIS A 37 -26.31 14.80 -76.62
CA HIS A 37 -27.56 14.62 -77.36
C HIS A 37 -27.96 13.18 -77.59
N GLY A 38 -26.99 12.31 -77.83
CA GLY A 38 -27.25 10.89 -78.07
C GLY A 38 -26.54 10.02 -77.06
N TYR A 39 -25.74 9.10 -77.58
CA TYR A 39 -24.88 8.26 -76.76
C TYR A 39 -23.75 7.74 -77.62
N ILE A 40 -22.53 7.95 -77.16
CA ILE A 40 -21.37 7.39 -77.83
C ILE A 40 -21.08 6.02 -77.22
N LYS A 41 -20.73 5.06 -78.09
CA LYS A 41 -20.39 3.70 -77.67
C LYS A 41 -18.87 3.54 -77.67
N GLY A 42 -18.34 2.90 -76.63
CA GLY A 42 -16.92 2.53 -76.58
C GLY A 42 -16.78 1.14 -76.03
N ILE A 43 -15.59 0.55 -76.18
CA ILE A 43 -15.35 -0.78 -75.63
C ILE A 43 -14.25 -0.78 -74.58
N VAL A 44 -14.43 -1.66 -73.60
CA VAL A 44 -13.49 -1.82 -72.49
C VAL A 44 -12.38 -2.72 -72.98
N LYS A 45 -11.22 -2.11 -73.25
CA LYS A 45 -10.11 -2.84 -73.86
C LYS A 45 -9.39 -3.65 -72.80
N ASP A 46 -9.23 -3.07 -71.62
CA ASP A 46 -8.71 -3.81 -70.46
C ASP A 46 -9.10 -3.21 -69.12
N ILE A 47 -8.88 -3.99 -68.07
CA ILE A 47 -9.06 -3.57 -66.68
C ILE A 47 -7.71 -3.66 -66.00
N ILE A 48 -7.40 -2.65 -65.20
CA ILE A 48 -6.04 -2.27 -64.87
C ILE A 48 -5.92 -2.11 -63.36
N HIS A 49 -4.70 -2.18 -62.83
CA HIS A 49 -4.41 -1.81 -61.44
C HIS A 49 -3.63 -0.54 -61.46
N ASP A 50 -3.90 0.32 -60.48
CA ASP A 50 -3.35 1.66 -60.45
C ASP A 50 -2.77 1.84 -59.06
N PRO A 51 -1.43 1.89 -58.95
CA PRO A 51 -0.83 1.94 -57.63
C PRO A 51 -1.28 3.11 -56.78
N GLY A 52 -1.45 2.84 -55.50
CA GLY A 52 -1.99 3.80 -54.56
C GLY A 52 -3.50 4.01 -54.62
N ARG A 53 -4.20 3.08 -55.26
CA ARG A 53 -5.64 3.17 -55.50
C ARG A 53 -6.26 1.79 -55.32
N GLY A 54 -7.35 1.71 -54.56
CA GLY A 54 -8.05 0.44 -54.31
C GLY A 54 -9.01 0.03 -55.42
N ALA A 55 -9.57 1.02 -56.11
CA ALA A 55 -10.39 0.81 -57.29
C ALA A 55 -9.52 0.43 -58.47
N PRO A 56 -9.96 -0.56 -59.26
CA PRO A 56 -9.33 -0.82 -60.54
C PRO A 56 -9.94 0.05 -61.59
N LEU A 57 -9.16 0.32 -62.63
CA LEU A 57 -9.58 1.19 -63.71
C LEU A 57 -9.93 0.40 -64.96
N ALA A 58 -10.40 1.10 -65.99
CA ALA A 58 -10.78 0.47 -67.24
C ALA A 58 -10.40 1.35 -68.41
N LYS A 59 -9.42 0.88 -69.18
CA LYS A 59 -9.11 1.45 -70.48
C LYS A 59 -10.35 1.21 -71.30
N VAL A 60 -11.02 2.31 -71.63
CA VAL A 60 -12.17 2.27 -72.49
C VAL A 60 -11.91 3.15 -73.68
N VAL A 61 -12.01 2.55 -74.87
CA VAL A 61 -11.66 3.17 -76.11
C VAL A 61 -12.92 3.45 -76.90
N PHE A 62 -13.00 4.66 -77.42
CA PHE A 62 -14.10 5.11 -78.25
C PHE A 62 -13.53 5.44 -79.64
N ARG A 63 -14.35 6.06 -80.47
CA ARG A 63 -13.91 6.64 -81.74
C ARG A 63 -14.22 8.12 -81.66
N ASP A 64 -13.18 8.94 -81.85
CA ASP A 64 -13.33 10.39 -81.94
C ASP A 64 -14.28 10.65 -83.11
N PRO A 65 -15.34 11.46 -82.91
CA PRO A 65 -16.33 11.65 -83.96
C PRO A 65 -16.08 12.91 -84.82
N TYR A 66 -14.84 13.07 -85.27
CA TYR A 66 -14.40 14.27 -86.01
C TYR A 66 -13.13 13.98 -86.80
N ARG A 67 -12.18 13.33 -86.13
CA ARG A 67 -11.00 12.79 -86.75
C ARG A 67 -11.10 11.27 -86.69
N PHE A 68 -10.64 10.64 -87.77
CA PHE A 68 -10.45 9.20 -87.82
C PHE A 68 -9.32 8.89 -86.85
N LYS A 69 -9.69 8.44 -85.65
CA LYS A 69 -8.76 8.39 -84.53
C LYS A 69 -9.44 7.71 -83.37
N LYS A 70 -8.81 6.70 -82.79
CA LYS A 70 -9.41 5.97 -81.67
C LYS A 70 -8.92 6.53 -80.33
N ARG A 71 -9.68 7.48 -79.81
CA ARG A 71 -9.43 8.05 -78.48
C ARG A 71 -9.73 7.05 -77.39
N THR A 72 -9.06 7.18 -76.26
CA THR A 72 -9.24 6.26 -75.13
C THR A 72 -9.27 6.99 -73.80
N GLU A 73 -9.86 6.34 -72.81
CA GLU A 73 -10.09 6.94 -71.50
C GLU A 73 -9.67 6.00 -70.38
N LEU A 74 -9.64 6.53 -69.16
CA LEU A 74 -9.52 5.72 -67.94
C LEU A 74 -10.73 5.93 -67.04
N PHE A 75 -11.75 5.10 -67.21
CA PHE A 75 -12.83 5.05 -66.24
C PHE A 75 -12.37 4.25 -65.04
N ILE A 76 -12.87 4.64 -63.87
CA ILE A 76 -12.85 3.79 -62.68
C ILE A 76 -13.86 2.67 -62.95
N ALA A 77 -13.43 1.43 -62.72
CA ALA A 77 -14.26 0.28 -63.06
C ALA A 77 -15.48 0.15 -62.14
N ALA A 78 -16.68 0.25 -62.74
CA ALA A 78 -17.93 -0.16 -62.09
C ALA A 78 -17.87 -1.66 -61.88
N GLU A 79 -18.31 -2.14 -60.72
CA GLU A 79 -18.15 -3.56 -60.40
C GLU A 79 -19.08 -4.40 -61.27
N GLY A 80 -18.49 -5.39 -61.95
CA GLY A 80 -19.19 -6.18 -62.96
C GLY A 80 -18.89 -5.75 -64.39
N ILE A 81 -17.93 -4.85 -64.55
CA ILE A 81 -17.40 -4.49 -65.85
C ILE A 81 -16.47 -5.62 -66.23
N HIS A 82 -16.31 -5.83 -67.53
CA HIS A 82 -15.35 -6.80 -68.01
C HIS A 82 -14.93 -6.43 -69.40
N THR A 83 -13.90 -7.10 -69.89
CA THR A 83 -13.32 -6.76 -71.16
C THR A 83 -14.17 -7.34 -72.25
N GLY A 84 -14.05 -6.74 -73.44
CA GLY A 84 -14.93 -7.06 -74.55
C GLY A 84 -16.37 -6.73 -74.26
N GLN A 85 -16.59 -5.73 -73.42
CA GLN A 85 -17.91 -5.23 -73.14
C GLN A 85 -17.93 -3.88 -73.80
N PHE A 86 -19.11 -3.44 -74.19
CA PHE A 86 -19.31 -2.09 -74.69
C PHE A 86 -19.83 -1.22 -73.56
N VAL A 87 -19.47 0.05 -73.63
CA VAL A 87 -19.76 1.00 -72.56
C VAL A 87 -20.35 2.24 -73.20
N TYR A 88 -21.67 2.33 -73.14
CA TYR A 88 -22.38 3.38 -73.85
C TYR A 88 -22.43 4.56 -72.91
N CYS A 89 -22.40 5.77 -73.45
CA CYS A 89 -22.52 6.95 -72.61
C CYS A 89 -23.01 8.19 -73.33
N GLY A 90 -23.87 8.92 -72.61
CA GLY A 90 -24.55 10.09 -73.12
C GLY A 90 -25.92 10.24 -72.49
N LYS A 91 -26.70 11.17 -73.00
CA LYS A 91 -28.06 11.41 -72.50
C LYS A 91 -28.93 10.21 -72.77
N LYS A 92 -28.94 9.78 -74.04
CA LYS A 92 -29.75 8.64 -74.48
C LYS A 92 -29.05 7.30 -74.21
N ALA A 93 -28.30 7.21 -73.12
CA ALA A 93 -27.64 5.97 -72.75
C ALA A 93 -28.62 5.11 -71.98
N GLN A 94 -28.48 3.80 -72.18
CA GLN A 94 -29.37 2.80 -71.62
C GLN A 94 -28.98 2.60 -70.16
N LEU A 95 -29.96 2.47 -69.28
CA LEU A 95 -29.70 2.49 -67.83
C LEU A 95 -29.30 1.11 -67.34
N ASN A 96 -28.10 0.69 -67.75
CA ASN A 96 -27.47 -0.54 -67.25
C ASN A 96 -26.10 -0.16 -66.68
N ILE A 97 -25.39 -1.14 -66.13
CA ILE A 97 -24.17 -0.88 -65.37
C ILE A 97 -22.98 -0.56 -66.28
N GLY A 98 -22.08 0.30 -65.77
CA GLY A 98 -20.89 0.71 -66.51
C GLY A 98 -21.31 1.46 -67.74
N ASN A 99 -22.04 2.54 -67.50
CA ASN A 99 -22.78 3.24 -68.54
C ASN A 99 -22.99 4.62 -67.99
N VAL A 100 -22.22 5.58 -68.49
CA VAL A 100 -22.25 6.90 -67.88
C VAL A 100 -23.33 7.75 -68.50
N LEU A 101 -24.26 8.20 -67.66
CA LEU A 101 -25.36 9.06 -68.05
C LEU A 101 -25.69 10.08 -66.97
N PRO A 102 -26.23 11.25 -67.40
CA PRO A 102 -26.62 12.33 -66.49
C PRO A 102 -27.57 11.87 -65.41
N VAL A 103 -27.34 12.39 -64.21
CA VAL A 103 -28.15 12.11 -63.04
C VAL A 103 -29.63 12.45 -63.24
N GLY A 104 -29.91 13.49 -64.00
CA GLY A 104 -31.28 13.91 -64.32
C GLY A 104 -32.12 12.89 -65.07
N THR A 105 -31.47 12.14 -65.97
CA THR A 105 -32.12 11.07 -66.70
C THR A 105 -32.50 9.94 -65.76
N MET A 106 -31.50 9.41 -65.08
CA MET A 106 -31.67 8.17 -64.33
C MET A 106 -32.67 8.32 -63.20
N PRO A 107 -33.47 7.26 -62.96
CA PRO A 107 -34.58 7.37 -62.02
C PRO A 107 -34.12 7.47 -60.58
N GLU A 108 -35.08 7.65 -59.67
CA GLU A 108 -34.77 7.71 -58.25
C GLU A 108 -34.35 6.31 -57.77
N GLY A 109 -33.54 6.29 -56.72
CA GLY A 109 -32.99 5.04 -56.20
C GLY A 109 -31.88 4.44 -57.05
N THR A 110 -31.38 5.20 -58.02
CA THR A 110 -30.39 4.70 -58.95
C THR A 110 -29.01 4.91 -58.39
N ILE A 111 -28.28 3.82 -58.30
CA ILE A 111 -26.99 3.79 -57.66
C ILE A 111 -25.96 4.20 -58.70
N VAL A 112 -25.10 5.17 -58.37
CA VAL A 112 -24.03 5.59 -59.27
C VAL A 112 -22.70 5.81 -58.58
N CYS A 113 -21.67 5.99 -59.39
CA CYS A 113 -20.36 6.40 -58.90
C CYS A 113 -19.63 7.24 -59.96
N CYS A 114 -18.43 7.70 -59.59
CA CYS A 114 -17.65 8.61 -60.42
C CYS A 114 -18.51 9.77 -60.91
N LEU A 115 -19.29 10.30 -59.98
CA LEU A 115 -20.39 11.22 -60.27
C LEU A 115 -19.88 12.65 -60.28
N GLU A 116 -20.20 13.37 -61.36
CA GLU A 116 -19.70 14.73 -61.54
C GLU A 116 -20.29 15.69 -60.49
N GLU A 117 -19.42 16.34 -59.71
CA GLU A 117 -19.87 17.30 -58.68
C GLU A 117 -20.41 18.55 -59.35
N LYS A 118 -19.75 18.98 -60.43
CA LYS A 118 -20.21 20.10 -61.24
C LYS A 118 -20.13 19.74 -62.71
N PRO A 119 -21.15 20.11 -63.49
CA PRO A 119 -21.24 19.61 -64.87
C PRO A 119 -19.97 19.85 -65.67
N GLY A 120 -19.51 18.80 -66.35
CA GLY A 120 -18.26 18.83 -67.10
C GLY A 120 -16.96 18.65 -66.32
N ASP A 121 -17.03 18.38 -65.02
CA ASP A 121 -15.79 18.23 -64.22
C ASP A 121 -15.01 16.94 -64.48
N ARG A 122 -15.65 15.96 -65.11
CA ARG A 122 -15.08 14.63 -65.37
C ARG A 122 -14.88 13.77 -64.10
N GLY A 123 -15.92 13.67 -63.27
CA GLY A 123 -16.07 12.56 -62.32
C GLY A 123 -15.33 12.70 -61.00
N LYS A 124 -16.02 13.25 -59.99
CA LYS A 124 -15.38 13.71 -58.76
C LYS A 124 -15.85 13.06 -57.44
N LEU A 125 -17.15 12.78 -57.30
CA LEU A 125 -17.71 12.21 -56.07
C LEU A 125 -17.71 10.71 -56.22
N ALA A 126 -17.56 10.00 -55.09
CA ALA A 126 -17.80 8.55 -55.03
C ALA A 126 -17.01 7.75 -56.03
N ARG A 127 -15.72 7.63 -55.82
CA ARG A 127 -14.83 6.97 -56.79
C ARG A 127 -13.69 6.25 -56.09
N ALA A 128 -14.04 5.65 -54.94
CA ALA A 128 -13.06 5.20 -53.97
C ALA A 128 -12.74 3.73 -54.15
N SER A 129 -13.65 2.85 -53.75
CA SER A 129 -13.46 1.41 -53.98
C SER A 129 -14.76 0.63 -53.83
N GLY A 130 -15.39 0.71 -52.66
CA GLY A 130 -16.68 0.07 -52.43
C GLY A 130 -17.83 1.06 -52.38
N ASN A 131 -17.61 2.24 -52.95
CA ASN A 131 -18.44 3.40 -52.68
C ASN A 131 -19.32 3.76 -53.84
N TYR A 132 -20.38 4.48 -53.51
CA TYR A 132 -21.34 4.93 -54.50
C TYR A 132 -22.23 5.98 -53.90
N ALA A 133 -22.93 6.67 -54.78
CA ALA A 133 -23.95 7.63 -54.42
C ALA A 133 -25.28 7.09 -54.90
N THR A 134 -26.34 7.63 -54.33
CA THR A 134 -27.70 7.30 -54.76
C THR A 134 -28.42 8.59 -55.14
N VAL A 135 -29.04 8.56 -56.32
CA VAL A 135 -29.83 9.68 -56.80
C VAL A 135 -31.11 9.65 -56.00
N ILE A 136 -31.33 10.70 -55.21
CA ILE A 136 -32.51 10.81 -54.39
C ILE A 136 -33.66 11.26 -55.27
N SER A 137 -33.65 12.53 -55.65
CA SER A 137 -34.87 13.18 -56.11
C SER A 137 -34.58 14.34 -57.03
N HIS A 138 -35.46 14.55 -58.00
CA HIS A 138 -35.27 15.54 -59.02
C HIS A 138 -36.23 16.69 -58.89
N ASN A 139 -35.73 17.89 -59.16
CA ASN A 139 -36.55 19.07 -59.36
C ASN A 139 -36.45 19.43 -60.85
N PRO A 140 -37.48 19.05 -61.66
CA PRO A 140 -37.45 19.27 -63.11
C PRO A 140 -37.16 20.71 -63.54
N GLU A 141 -37.88 21.67 -62.96
CA GLU A 141 -37.48 23.09 -63.06
C GLU A 141 -36.40 23.35 -62.01
N THR A 142 -35.53 24.31 -62.31
CA THR A 142 -34.20 24.44 -61.68
C THR A 142 -33.18 23.42 -62.21
N LYS A 143 -33.64 22.38 -62.91
CA LYS A 143 -32.78 21.39 -63.54
C LYS A 143 -31.82 20.78 -62.52
N LYS A 144 -32.29 20.52 -61.31
CA LYS A 144 -31.43 20.07 -60.21
C LYS A 144 -31.87 18.75 -59.61
N THR A 145 -30.89 18.05 -59.06
CA THR A 145 -31.07 16.73 -58.48
C THR A 145 -30.41 16.68 -57.12
N ARG A 146 -31.04 15.92 -56.22
CA ARG A 146 -30.52 15.71 -54.89
C ARG A 146 -29.87 14.34 -54.87
N VAL A 147 -28.67 14.25 -54.30
CA VAL A 147 -27.91 13.00 -54.32
C VAL A 147 -27.38 12.69 -52.92
N LYS A 148 -27.50 11.43 -52.49
CA LYS A 148 -26.96 11.02 -51.20
C LYS A 148 -25.56 10.43 -51.34
N LEU A 149 -24.58 11.13 -50.77
CA LEU A 149 -23.18 10.74 -50.88
C LEU A 149 -22.85 9.64 -49.87
N PRO A 150 -21.72 8.94 -50.08
CA PRO A 150 -21.31 7.92 -49.13
C PRO A 150 -21.04 8.40 -47.70
N SER A 151 -20.66 9.67 -47.52
CA SER A 151 -20.47 10.25 -46.18
C SER A 151 -21.78 10.38 -45.43
N GLY A 152 -22.89 10.40 -46.15
CA GLY A 152 -24.21 10.50 -45.57
C GLY A 152 -24.91 11.74 -46.07
N SER A 153 -24.13 12.82 -46.21
CA SER A 153 -24.63 14.10 -46.69
C SER A 153 -25.46 14.00 -47.96
N LYS A 154 -26.43 14.91 -48.09
CA LYS A 154 -27.40 14.87 -49.17
C LYS A 154 -27.25 16.14 -49.99
N LYS A 155 -26.28 16.09 -50.88
CA LYS A 155 -25.86 17.23 -51.67
C LYS A 155 -26.79 17.46 -52.86
N VAL A 156 -26.99 18.73 -53.17
CA VAL A 156 -27.76 19.17 -54.35
C VAL A 156 -26.79 19.35 -55.52
N ILE A 157 -27.30 19.07 -56.71
CA ILE A 157 -26.48 18.84 -57.88
C ILE A 157 -27.27 19.22 -59.12
N SER A 158 -26.57 19.67 -60.15
CA SER A 158 -27.18 19.95 -61.45
C SER A 158 -27.58 18.64 -62.14
N SER A 159 -28.81 18.59 -62.63
CA SER A 159 -29.31 17.39 -63.28
C SER A 159 -28.52 17.02 -64.54
N ALA A 160 -27.85 18.00 -65.15
CA ALA A 160 -26.98 17.73 -66.28
C ALA A 160 -25.76 16.88 -65.97
N ASN A 161 -25.24 16.94 -64.74
CA ASN A 161 -23.92 16.37 -64.48
C ASN A 161 -23.95 14.83 -64.38
N ARG A 162 -22.94 14.17 -64.96
CA ARG A 162 -23.02 12.74 -65.24
C ARG A 162 -22.45 11.87 -64.14
N ALA A 163 -22.74 10.58 -64.27
CA ALA A 163 -22.27 9.56 -63.35
C ALA A 163 -22.30 8.22 -64.03
N VAL A 164 -21.44 7.31 -63.60
CA VAL A 164 -21.48 5.95 -64.10
C VAL A 164 -22.39 5.14 -63.21
N VAL A 165 -23.28 4.38 -63.83
CA VAL A 165 -24.22 3.55 -63.11
C VAL A 165 -23.44 2.43 -62.46
N GLY A 166 -23.86 2.04 -61.26
CA GLY A 166 -23.23 0.97 -60.51
C GLY A 166 -22.26 1.49 -59.48
N VAL A 167 -21.82 0.58 -58.62
CA VAL A 167 -20.85 0.90 -57.58
C VAL A 167 -19.43 0.72 -58.08
N VAL A 168 -18.47 1.19 -57.29
CA VAL A 168 -17.07 1.08 -57.64
C VAL A 168 -16.59 -0.33 -57.32
N ALA A 169 -15.63 -0.81 -58.12
CA ALA A 169 -15.11 -2.16 -57.97
C ALA A 169 -14.04 -2.24 -56.89
N GLY A 170 -13.86 -3.46 -56.37
CA GLY A 170 -12.86 -3.76 -55.35
C GLY A 170 -13.34 -3.46 -53.94
N GLY A 171 -14.63 -3.67 -53.70
CA GLY A 171 -15.24 -3.34 -52.43
C GLY A 171 -14.90 -4.33 -51.33
N GLY A 172 -14.93 -3.86 -50.10
CA GLY A 172 -14.62 -4.66 -48.92
C GLY A 172 -13.14 -4.89 -48.71
N ARG A 173 -12.32 -4.07 -49.35
CA ARG A 173 -10.88 -4.11 -49.19
C ARG A 173 -10.51 -4.07 -47.71
N ILE A 174 -11.07 -3.09 -47.00
CA ILE A 174 -10.80 -2.87 -45.58
C ILE A 174 -11.37 -3.87 -44.57
N ASP A 175 -11.95 -4.97 -45.04
CA ASP A 175 -12.35 -6.05 -44.14
C ASP A 175 -11.14 -6.89 -43.70
N LYS A 176 -10.14 -7.01 -44.58
CA LYS A 176 -8.95 -7.78 -44.26
C LYS A 176 -8.10 -7.01 -43.26
N PRO A 177 -7.70 -7.67 -42.16
CA PRO A 177 -6.67 -7.11 -41.31
C PRO A 177 -5.38 -6.97 -42.08
N ILE A 178 -4.57 -5.99 -41.70
CA ILE A 178 -3.25 -5.84 -42.31
C ILE A 178 -2.27 -6.84 -41.70
N LEU A 179 -2.34 -7.03 -40.39
CA LEU A 179 -1.35 -7.77 -39.60
C LEU A 179 0.03 -7.09 -39.63
N LYS A 180 0.86 -7.42 -40.61
CA LYS A 180 2.28 -7.07 -40.54
C LYS A 180 2.48 -5.57 -40.76
N ALA A 181 3.25 -4.93 -39.88
CA ALA A 181 3.77 -3.58 -40.14
C ALA A 181 4.28 -3.50 -41.58
N GLY A 182 5.02 -4.51 -41.99
CA GLY A 182 5.49 -4.61 -43.37
C GLY A 182 4.38 -4.39 -44.36
N ARG A 183 3.24 -5.02 -44.13
CA ARG A 183 2.09 -4.90 -45.01
C ARG A 183 1.58 -3.45 -45.06
N ALA A 184 1.71 -2.74 -43.94
CA ALA A 184 1.42 -1.31 -43.91
C ALA A 184 2.44 -0.52 -44.70
N TYR A 185 3.72 -0.77 -44.39
CA TYR A 185 4.80 -0.14 -45.13
C TYR A 185 4.57 -0.24 -46.65
N HIS A 186 4.27 -1.43 -47.13
CA HIS A 186 4.07 -1.66 -48.56
C HIS A 186 2.86 -0.97 -49.16
N LYS A 187 1.83 -0.72 -48.35
CA LYS A 187 0.69 0.05 -48.80
C LYS A 187 1.08 1.49 -49.12
N TYR A 188 1.63 2.18 -48.13
CA TYR A 188 1.88 3.62 -48.23
C TYR A 188 3.06 3.99 -49.11
N LYS A 189 3.95 3.04 -49.37
CA LYS A 189 5.10 3.28 -50.24
C LYS A 189 4.68 3.56 -51.66
N ALA A 190 3.62 2.88 -52.12
CA ALA A 190 3.03 3.21 -53.43
C ALA A 190 2.09 4.41 -53.39
N LYS A 191 2.15 5.22 -52.33
CA LYS A 191 1.31 6.39 -52.18
C LYS A 191 2.15 7.61 -51.83
N ARG A 192 2.50 7.75 -50.55
CA ARG A 192 3.24 8.92 -50.07
C ARG A 192 3.78 8.72 -48.69
N ASN A 193 4.75 9.55 -48.36
CA ASN A 193 5.46 9.46 -47.11
C ASN A 193 4.57 9.94 -45.97
N CYS A 194 3.75 9.03 -45.48
CA CYS A 194 2.82 9.31 -44.41
C CYS A 194 2.76 8.24 -43.35
N TRP A 195 3.56 7.17 -43.47
CA TRP A 195 3.38 6.04 -42.58
C TRP A 195 4.12 6.26 -41.24
N PRO A 196 5.03 5.36 -40.83
CA PRO A 196 5.10 5.11 -39.39
C PRO A 196 5.04 6.41 -38.62
N ARG A 197 3.93 6.60 -37.91
CA ARG A 197 3.51 7.91 -37.43
C ARG A 197 3.80 8.00 -35.94
N VAL A 198 4.48 9.07 -35.55
CA VAL A 198 4.96 9.21 -34.19
C VAL A 198 4.06 10.14 -33.38
N ARG A 199 3.68 9.69 -32.18
CA ARG A 199 2.64 10.40 -31.43
C ARG A 199 3.29 11.58 -30.78
N GLY A 200 2.66 12.75 -30.96
CA GLY A 200 3.11 14.01 -30.42
C GLY A 200 3.42 13.96 -28.95
N VAL A 201 2.73 13.10 -28.21
CA VAL A 201 3.08 12.78 -26.84
C VAL A 201 4.54 12.29 -26.69
N ALA A 202 5.01 11.49 -27.65
CA ALA A 202 6.41 11.02 -27.71
C ALA A 202 7.46 12.12 -27.85
N MET A 203 7.09 13.18 -28.54
CA MET A 203 8.06 14.16 -28.98
C MET A 203 8.45 15.07 -27.84
N ASN A 204 9.59 15.73 -28.01
CA ASN A 204 10.03 16.76 -27.09
C ASN A 204 9.12 17.97 -27.31
N PRO A 205 9.04 18.88 -26.34
CA PRO A 205 8.06 19.93 -26.48
C PRO A 205 8.45 21.05 -27.42
N VAL A 206 9.48 20.86 -28.24
CA VAL A 206 9.82 21.85 -29.26
C VAL A 206 9.21 21.50 -30.59
N GLU A 207 8.94 20.22 -30.82
CA GLU A 207 8.46 19.74 -32.11
C GLU A 207 6.98 19.40 -32.11
N HIS A 208 6.30 19.55 -30.98
CA HIS A 208 4.87 19.31 -30.92
C HIS A 208 4.30 19.94 -29.68
N PRO A 209 3.03 20.36 -29.72
CA PRO A 209 2.51 21.03 -28.53
C PRO A 209 2.19 20.11 -27.37
N PHE A 210 2.02 18.82 -27.63
CA PHE A 210 1.80 17.84 -26.58
C PHE A 210 3.09 17.35 -25.94
N GLY A 211 4.23 17.64 -26.58
CA GLY A 211 5.53 17.09 -26.17
C GLY A 211 5.99 17.45 -24.77
N GLY A 212 7.17 16.94 -24.39
CA GLY A 212 7.69 17.10 -23.04
C GLY A 212 6.83 16.47 -21.95
N GLY A 213 7.24 16.71 -20.70
CA GLY A 213 6.65 16.10 -19.50
C GLY A 213 7.54 14.98 -18.99
N ASN A 214 7.43 14.68 -17.70
CA ASN A 214 8.07 13.50 -17.11
C ASN A 214 7.23 12.25 -17.29
N HIS A 215 5.96 12.44 -17.68
CA HIS A 215 5.06 11.36 -18.07
C HIS A 215 4.46 11.69 -19.42
N GLN A 216 4.45 10.71 -20.33
CA GLN A 216 3.81 10.87 -21.64
C GLN A 216 2.32 11.21 -21.50
N HIS A 217 2.03 12.47 -21.20
CA HIS A 217 0.65 12.95 -21.13
C HIS A 217 0.48 14.12 -22.06
N ILE A 218 -0.76 14.52 -22.29
CA ILE A 218 -1.03 15.64 -23.19
C ILE A 218 -0.82 16.95 -22.44
N GLY A 219 -1.40 17.07 -21.26
CA GLY A 219 -1.16 18.24 -20.42
C GLY A 219 -2.18 19.36 -20.62
N LYS A 220 -2.57 19.59 -21.87
CA LYS A 220 -3.68 20.49 -22.18
C LYS A 220 -4.80 19.65 -22.82
N PRO A 221 -6.00 20.23 -22.96
CA PRO A 221 -7.06 19.56 -23.71
C PRO A 221 -6.70 19.31 -25.15
N SER A 222 -6.93 18.07 -25.60
CA SER A 222 -6.62 17.65 -26.95
C SER A 222 -7.64 18.09 -28.00
N THR A 223 -8.77 18.67 -27.57
CA THR A 223 -9.68 19.35 -28.50
C THR A 223 -9.18 20.76 -28.70
N ILE A 224 -9.54 21.39 -29.82
CA ILE A 224 -8.96 22.70 -30.13
C ILE A 224 -9.77 23.53 -31.13
N ARG A 225 -9.64 24.85 -31.03
CA ARG A 225 -10.30 25.79 -31.93
C ARG A 225 -9.92 25.43 -33.34
N ARG A 226 -10.72 25.85 -34.32
CA ARG A 226 -10.20 25.91 -35.70
C ARG A 226 -9.83 27.31 -36.16
N ASP A 227 -10.06 28.30 -35.31
CA ASP A 227 -9.41 29.60 -35.41
C ASP A 227 -8.09 29.44 -34.66
N ALA A 228 -7.23 28.55 -35.16
CA ALA A 228 -6.07 28.07 -34.43
C ALA A 228 -4.86 28.12 -35.33
N PRO A 229 -3.78 28.80 -34.90
CA PRO A 229 -2.65 28.97 -35.80
C PRO A 229 -1.92 27.64 -36.01
N ALA A 230 -1.49 27.41 -37.25
CA ALA A 230 -0.93 26.12 -37.68
C ALA A 230 0.40 25.86 -36.97
N GLY A 231 0.42 24.83 -36.13
CA GLY A 231 1.44 24.70 -35.10
C GLY A 231 0.87 24.35 -33.74
N ARG A 232 -0.37 24.80 -33.48
CA ARG A 232 -1.19 24.32 -32.37
C ARG A 232 -2.31 23.38 -32.79
N LYS A 233 -2.87 23.58 -33.98
CA LYS A 233 -4.07 22.86 -34.45
C LYS A 233 -3.71 21.40 -34.67
N VAL A 234 -3.94 20.63 -33.60
CA VAL A 234 -3.30 19.36 -33.35
C VAL A 234 -4.24 18.64 -32.41
N GLY A 235 -4.39 17.33 -32.56
CA GLY A 235 -5.37 16.59 -31.76
C GLY A 235 -6.70 16.53 -32.45
N LEU A 236 -7.73 17.09 -31.81
CA LEU A 236 -9.10 16.99 -32.29
C LEU A 236 -9.57 18.38 -32.66
N ILE A 237 -9.66 18.62 -33.97
CA ILE A 237 -9.88 19.95 -34.48
C ILE A 237 -11.36 20.24 -34.46
N ALA A 238 -11.74 21.35 -33.83
CA ALA A 238 -13.13 21.80 -33.81
C ALA A 238 -14.12 20.72 -33.38
N ALA A 239 -13.65 19.84 -32.48
CA ALA A 239 -14.36 18.63 -32.13
C ALA A 239 -15.68 18.92 -31.45
N ARG A 240 -16.78 18.69 -32.16
CA ARG A 240 -18.09 19.06 -31.67
C ARG A 240 -18.44 18.30 -30.40
N ARG A 241 -18.34 16.98 -30.47
CA ARG A 241 -18.37 16.11 -29.29
C ARG A 241 -17.11 15.32 -29.43
N THR A 242 -16.64 14.67 -28.38
CA THR A 242 -15.34 14.00 -28.46
C THR A 242 -15.32 12.49 -28.14
N GLY A 243 -16.10 12.02 -27.17
CA GLY A 243 -16.00 10.61 -26.73
C GLY A 243 -16.51 9.49 -27.63
N ARG A 244 -16.76 8.34 -27.01
CA ARG A 244 -17.28 7.12 -27.64
C ARG A 244 -18.71 7.31 -28.19
N SER B 1 40.18 4.84 8.80
CA SER B 1 39.48 3.85 9.65
C SER B 1 40.33 2.61 9.88
N HIS B 2 39.99 1.88 10.94
CA HIS B 2 40.58 0.58 11.20
C HIS B 2 40.32 -0.38 10.05
N ARG B 3 41.19 -1.37 9.91
CA ARG B 3 41.01 -2.47 9.00
C ARG B 3 39.88 -3.29 9.59
N LYS B 4 38.94 -3.74 8.76
CA LYS B 4 37.71 -4.37 9.28
C LYS B 4 38.00 -5.67 10.01
N PHE B 5 38.43 -6.67 9.26
CA PHE B 5 38.56 -8.01 9.76
C PHE B 5 40.02 -8.24 9.96
N SER B 6 40.41 -8.54 11.19
CA SER B 6 41.81 -8.70 11.51
C SER B 6 42.40 -9.93 10.85
N ALA B 7 43.71 -9.91 10.73
CA ALA B 7 44.47 -11.03 10.22
C ALA B 7 45.94 -10.78 10.51
N PRO B 8 46.68 -11.85 10.84
CA PRO B 8 48.10 -11.70 11.12
C PRO B 8 48.86 -11.36 9.85
N ARG B 9 49.96 -10.62 10.00
CA ARG B 9 50.62 -10.00 8.86
C ARG B 9 51.46 -11.04 8.13
N HIS B 10 51.69 -10.83 6.84
CA HIS B 10 52.43 -11.78 6.00
C HIS B 10 53.93 -11.62 6.13
N GLY B 11 54.63 -12.73 6.36
CA GLY B 11 56.09 -12.73 6.45
C GLY B 11 56.63 -12.12 7.74
N SER B 12 57.89 -12.44 8.07
CA SER B 12 58.51 -11.93 9.30
C SER B 12 59.47 -10.82 8.98
N LEU B 13 59.36 -9.74 9.75
CA LEU B 13 60.35 -8.69 9.75
C LEU B 13 61.69 -9.16 10.34
N GLY B 14 61.68 -10.20 11.17
CA GLY B 14 62.92 -10.73 11.74
C GLY B 14 63.85 -11.44 10.76
N PHE B 15 63.89 -10.96 9.52
CA PHE B 15 64.60 -11.62 8.44
C PHE B 15 64.90 -10.69 7.28
N LEU B 16 65.12 -9.41 7.53
CA LEU B 16 65.10 -8.52 6.39
C LEU B 16 65.97 -7.33 6.30
N PRO B 17 67.01 -7.50 5.54
CA PRO B 17 66.88 -6.96 4.22
C PRO B 17 66.82 -8.24 3.38
N ARG B 18 65.67 -8.52 2.77
CA ARG B 18 65.47 -9.74 1.98
C ARG B 18 66.24 -9.61 0.68
N LYS B 19 67.56 -9.66 0.84
CA LYS B 19 68.52 -9.35 -0.18
C LYS B 19 69.36 -10.57 -0.38
N ARG B 20 70.15 -10.52 -1.43
CA ARG B 20 70.98 -11.64 -1.80
C ARG B 20 72.16 -11.63 -0.83
N SER B 21 72.39 -12.76 -0.16
CA SER B 21 73.42 -12.84 0.88
C SER B 21 74.77 -12.51 0.31
N SER B 22 75.57 -11.78 1.07
CA SER B 22 76.94 -11.46 0.66
C SER B 22 77.73 -12.75 0.53
N ARG B 23 77.68 -13.55 1.58
CA ARG B 23 78.41 -14.81 1.62
C ARG B 23 77.70 -15.88 0.81
N HIS B 24 78.46 -16.90 0.42
CA HIS B 24 77.93 -18.14 -0.11
C HIS B 24 78.02 -19.22 0.97
N ARG B 25 79.19 -19.38 1.54
CA ARG B 25 79.40 -20.23 2.70
C ARG B 25 78.74 -19.59 3.90
N GLY B 26 77.75 -20.26 4.46
CA GLY B 26 77.02 -19.75 5.63
C GLY B 26 77.90 -19.59 6.87
N LYS B 27 77.92 -18.37 7.42
CA LYS B 27 78.69 -18.06 8.61
C LYS B 27 78.06 -18.66 9.86
N VAL B 28 78.90 -19.14 10.78
CA VAL B 28 78.44 -19.45 12.14
C VAL B 28 78.42 -18.14 12.93
N LYS B 29 77.22 -17.63 13.13
CA LYS B 29 77.02 -16.34 13.79
C LYS B 29 77.25 -16.37 15.29
N SER B 30 77.13 -17.55 15.89
CA SER B 30 77.56 -17.78 17.28
C SER B 30 77.95 -19.22 17.49
N PHE B 31 79.16 -19.43 18.01
CA PHE B 31 79.55 -20.74 18.51
C PHE B 31 79.00 -20.90 19.91
N PRO B 32 78.82 -22.15 20.37
CA PRO B 32 78.39 -22.38 21.75
C PRO B 32 79.35 -21.84 22.80
N LYS B 33 78.85 -21.65 24.02
CA LYS B 33 79.68 -21.17 25.12
C LYS B 33 80.60 -22.28 25.61
N ASP B 34 81.90 -22.08 25.43
CA ASP B 34 82.89 -23.01 25.97
C ASP B 34 82.87 -22.97 27.49
N ASP B 35 82.17 -23.92 28.10
CA ASP B 35 82.37 -24.13 29.50
C ASP B 35 83.84 -24.51 29.58
N PRO B 36 84.57 -23.90 30.58
CA PRO B 36 85.87 -24.51 30.80
C PRO B 36 85.69 -25.61 31.81
N SER B 37 85.69 -26.84 31.33
CA SER B 37 85.66 -28.01 32.21
C SER B 37 85.78 -29.30 31.42
N LYS B 38 84.78 -29.56 30.57
CA LYS B 38 84.78 -30.69 29.63
C LYS B 38 85.97 -30.55 28.68
N PRO B 39 86.40 -31.66 28.05
CA PRO B 39 87.66 -31.62 27.31
C PRO B 39 87.50 -30.85 26.00
N VAL B 40 88.62 -30.64 25.30
CA VAL B 40 88.60 -29.85 24.07
C VAL B 40 87.92 -30.56 22.91
N HIS B 41 87.35 -29.78 22.00
CA HIS B 41 86.69 -30.30 20.80
C HIS B 41 86.46 -29.21 19.78
N LEU B 42 86.11 -29.65 18.57
CA LEU B 42 85.62 -28.75 17.54
C LEU B 42 84.11 -28.65 17.63
N THR B 43 83.60 -27.47 17.31
CA THR B 43 82.18 -27.13 17.46
C THR B 43 81.42 -27.13 16.15
N ALA B 44 82.14 -27.19 15.04
CA ALA B 44 81.56 -27.01 13.72
C ALA B 44 82.23 -27.89 12.70
N PHE B 45 81.55 -28.06 11.58
CA PHE B 45 82.10 -28.78 10.45
C PHE B 45 81.53 -28.18 9.18
N LEU B 46 82.11 -28.56 8.04
CA LEU B 46 81.72 -28.02 6.76
C LEU B 46 81.47 -29.17 5.78
N GLY B 47 80.19 -29.42 5.49
CA GLY B 47 79.79 -30.50 4.58
C GLY B 47 79.27 -30.00 3.27
N TYR B 48 78.62 -30.90 2.52
CA TYR B 48 78.02 -30.56 1.24
C TYR B 48 76.72 -31.31 1.01
N LYS B 49 75.65 -30.58 0.65
CA LYS B 49 74.34 -31.18 0.41
C LYS B 49 74.34 -32.00 -0.88
N ALA B 50 74.50 -33.32 -0.75
CA ALA B 50 74.51 -34.23 -1.89
C ALA B 50 73.09 -34.61 -2.31
N GLY B 51 72.25 -35.02 -1.36
CA GLY B 51 70.85 -35.33 -1.68
C GLY B 51 70.00 -35.90 -0.55
N MET B 52 68.71 -36.01 -0.84
CA MET B 52 67.70 -36.49 0.11
C MET B 52 67.51 -38.02 0.03
N THR B 53 66.55 -38.56 0.78
CA THR B 53 65.97 -39.93 0.58
C THR B 53 65.08 -40.34 1.77
N HIS B 54 64.55 -41.57 1.75
CA HIS B 54 63.85 -42.13 2.93
C HIS B 54 64.78 -42.73 3.95
N ILE B 55 64.15 -43.03 5.07
CA ILE B 55 64.62 -43.99 6.02
C ILE B 55 63.35 -44.72 6.43
N VAL B 56 63.51 -45.77 7.20
CA VAL B 56 62.40 -46.39 7.90
C VAL B 56 62.92 -46.59 9.30
N ARG B 57 62.09 -46.36 10.31
CA ARG B 57 62.53 -46.70 11.65
C ARG B 57 61.41 -47.00 12.63
N GLU B 58 61.72 -47.90 13.56
CA GLU B 58 60.92 -48.07 14.77
C GLU B 58 61.10 -46.83 15.62
N VAL B 59 59.99 -46.30 16.11
CA VAL B 59 60.00 -45.09 16.93
C VAL B 59 59.72 -45.51 18.36
N ASP B 60 60.38 -44.83 19.30
CA ASP B 60 60.19 -45.11 20.71
C ASP B 60 59.94 -43.81 21.48
N ARG B 61 58.77 -43.21 21.24
CA ARG B 61 58.18 -42.22 22.15
C ARG B 61 56.90 -42.84 22.72
N PRO B 62 56.97 -43.39 23.95
CA PRO B 62 55.79 -43.96 24.60
C PRO B 62 54.74 -42.93 24.91
N GLY B 63 53.49 -43.26 24.58
CA GLY B 63 52.37 -42.34 24.70
C GLY B 63 51.78 -42.10 23.34
N SER B 64 52.66 -41.81 22.38
CA SER B 64 52.23 -41.56 21.00
C SER B 64 51.45 -42.73 20.45
N LYS B 65 50.66 -42.46 19.43
CA LYS B 65 49.97 -43.51 18.70
C LYS B 65 50.98 -44.32 17.88
N VAL B 66 52.09 -43.67 17.51
CA VAL B 66 53.14 -44.28 16.70
C VAL B 66 54.23 -44.99 17.51
N ASN B 67 53.97 -45.29 18.78
CA ASN B 67 54.94 -46.00 19.62
C ASN B 67 55.09 -47.46 19.17
N LYS B 68 56.34 -47.84 18.89
CA LYS B 68 56.69 -49.16 18.36
C LYS B 68 56.06 -49.44 17.00
N LYS B 69 55.94 -48.38 16.19
CA LYS B 69 55.39 -48.46 14.84
C LYS B 69 56.42 -47.92 13.87
N GLU B 70 56.72 -48.70 12.83
CA GLU B 70 57.72 -48.30 11.85
C GLU B 70 57.19 -47.15 11.02
N VAL B 71 57.77 -45.96 11.21
CA VAL B 71 57.48 -44.84 10.33
C VAL B 71 58.54 -44.73 9.25
N VAL B 72 58.23 -44.03 8.17
CA VAL B 72 59.26 -43.60 7.25
C VAL B 72 59.53 -42.14 7.57
N GLU B 73 60.58 -41.61 6.94
CA GLU B 73 61.17 -40.34 7.35
C GLU B 73 62.10 -39.88 6.25
N ALA B 74 62.04 -38.62 5.87
CA ALA B 74 62.99 -38.10 4.89
C ALA B 74 64.28 -37.74 5.61
N VAL B 75 65.35 -37.66 4.84
CA VAL B 75 66.69 -37.38 5.38
C VAL B 75 67.56 -36.69 4.35
N THR B 76 68.50 -35.83 4.79
CA THR B 76 69.52 -35.30 3.87
C THR B 76 70.83 -36.01 4.11
N ILE B 77 71.49 -36.34 3.02
CA ILE B 77 72.86 -36.81 3.02
C ILE B 77 73.70 -35.58 2.84
N VAL B 78 74.57 -35.30 3.81
CA VAL B 78 75.54 -34.23 3.70
C VAL B 78 76.91 -34.90 3.57
N GLU B 79 77.42 -34.99 2.34
CA GLU B 79 78.73 -35.61 2.13
C GLU B 79 79.76 -34.71 2.79
N THR B 80 80.55 -35.30 3.67
CA THR B 80 81.43 -34.57 4.59
C THR B 80 82.81 -35.23 4.63
N PRO B 81 83.62 -35.02 3.57
CA PRO B 81 84.98 -35.56 3.62
C PRO B 81 85.82 -34.74 4.59
N PRO B 82 86.77 -35.39 5.27
CA PRO B 82 87.47 -34.78 6.40
C PRO B 82 88.17 -33.45 6.06
N MET B 83 88.16 -32.53 7.01
CA MET B 83 88.80 -31.21 6.83
C MET B 83 90.24 -31.26 7.27
N VAL B 84 91.03 -30.30 6.80
CA VAL B 84 92.42 -30.22 7.19
C VAL B 84 92.66 -28.91 7.92
N VAL B 85 93.17 -29.04 9.14
CA VAL B 85 93.52 -27.88 9.95
C VAL B 85 94.80 -27.32 9.37
N VAL B 86 94.77 -26.04 9.04
CA VAL B 86 95.93 -25.34 8.47
C VAL B 86 96.23 -24.05 9.20
N GLY B 87 95.67 -23.89 10.39
CA GLY B 87 95.83 -22.66 11.11
C GLY B 87 95.08 -22.61 12.42
N ILE B 88 95.49 -21.67 13.23
CA ILE B 88 94.82 -21.29 14.45
C ILE B 88 94.80 -19.78 14.42
N VAL B 89 93.97 -19.17 15.24
CA VAL B 89 93.85 -17.72 15.24
C VAL B 89 93.25 -17.27 16.55
N GLY B 90 94.07 -16.57 17.33
CA GLY B 90 93.73 -16.15 18.66
C GLY B 90 92.91 -14.88 18.65
N TYR B 91 91.97 -14.81 19.60
CA TYR B 91 91.13 -13.65 19.80
C TYR B 91 91.31 -13.16 21.22
N VAL B 92 91.01 -11.89 21.45
CA VAL B 92 91.04 -11.31 22.78
C VAL B 92 89.79 -10.47 23.00
N GLU B 93 89.23 -10.52 24.21
CA GLU B 93 88.07 -9.73 24.56
C GLU B 93 88.49 -8.29 24.72
N THR B 94 87.61 -7.39 24.30
CA THR B 94 87.79 -5.95 24.51
C THR B 94 86.43 -5.41 24.88
N PRO B 95 86.36 -4.19 25.39
CA PRO B 95 85.05 -3.58 25.50
C PRO B 95 84.49 -3.22 24.12
N ARG B 96 85.34 -3.05 23.11
CA ARG B 96 84.84 -2.83 21.76
C ARG B 96 84.20 -4.09 21.19
N GLY B 97 84.73 -5.26 21.54
CA GLY B 97 84.22 -6.51 21.00
C GLY B 97 85.12 -7.70 21.26
N LEU B 98 85.70 -8.25 20.20
CA LEU B 98 86.43 -9.52 20.28
C LEU B 98 87.49 -9.53 19.17
N ARG B 99 88.56 -8.78 19.42
CA ARG B 99 89.57 -8.50 18.39
C ARG B 99 90.35 -9.76 18.04
N THR B 100 90.53 -10.04 16.74
CA THR B 100 91.51 -11.06 16.34
C THR B 100 92.91 -10.54 16.69
N PHE B 101 93.71 -11.44 17.25
CA PHE B 101 94.94 -11.08 17.97
C PHE B 101 96.21 -11.56 17.28
N LYS B 102 96.19 -12.80 16.80
CA LYS B 102 97.35 -13.44 16.20
C LYS B 102 96.93 -14.67 15.43
N THR B 103 97.33 -14.73 14.16
CA THR B 103 97.03 -15.87 13.29
C THR B 103 98.33 -16.59 12.98
N VAL B 104 98.44 -17.84 13.44
CA VAL B 104 99.56 -18.69 13.06
C VAL B 104 99.05 -19.70 12.07
N PHE B 105 99.65 -19.68 10.90
CA PHE B 105 99.34 -20.65 9.86
C PHE B 105 100.30 -21.81 9.95
N ALA B 106 99.86 -22.95 9.45
CA ALA B 106 100.68 -24.15 9.38
C ALA B 106 101.88 -23.95 8.43
N GLU B 107 102.75 -24.97 8.31
CA GLU B 107 103.82 -24.94 7.31
C GLU B 107 103.27 -25.19 5.92
N HIS B 108 102.93 -26.46 5.64
CA HIS B 108 102.55 -26.86 4.30
C HIS B 108 101.06 -26.57 4.16
N ILE B 109 100.68 -26.06 2.99
CA ILE B 109 99.29 -25.78 2.67
C ILE B 109 99.02 -26.28 1.25
N SER B 110 97.95 -27.07 1.10
CA SER B 110 97.55 -27.65 -0.18
C SER B 110 97.22 -26.62 -1.24
N ASP B 111 97.32 -27.03 -2.50
CA ASP B 111 96.79 -26.25 -3.60
C ASP B 111 95.27 -26.23 -3.60
N GLU B 112 94.63 -27.22 -2.97
CA GLU B 112 93.20 -27.14 -2.64
C GLU B 112 92.89 -25.85 -1.90
N CYS B 113 93.70 -25.56 -0.89
CA CYS B 113 93.51 -24.42 -0.02
C CYS B 113 94.03 -23.15 -0.70
N LYS B 114 95.26 -23.23 -1.20
CA LYS B 114 95.91 -22.09 -1.86
C LYS B 114 95.08 -21.50 -2.99
N ARG B 115 94.35 -22.36 -3.70
CA ARG B 115 93.35 -21.92 -4.68
C ARG B 115 92.57 -20.72 -4.13
N ARG B 116 91.99 -20.89 -2.94
CA ARG B 116 91.10 -19.88 -2.35
C ARG B 116 91.67 -18.49 -2.37
N PHE B 117 92.97 -18.37 -2.16
CA PHE B 117 93.60 -17.07 -1.97
C PHE B 117 93.82 -16.25 -3.25
N TYR B 118 93.59 -16.85 -4.44
CA TYR B 118 93.64 -16.14 -5.73
C TYR B 118 92.29 -16.14 -6.41
N LYS B 119 91.88 -14.99 -6.95
CA LYS B 119 90.71 -14.92 -7.84
C LYS B 119 90.93 -15.61 -9.20
N ASN B 120 92.18 -15.71 -9.65
CA ASN B 120 92.49 -16.42 -10.89
C ASN B 120 93.79 -17.18 -10.77
N TRP B 121 93.66 -18.49 -10.60
CA TRP B 121 94.77 -19.39 -10.32
C TRP B 121 95.55 -19.69 -11.57
N HIS B 122 94.83 -19.94 -12.66
CA HIS B 122 95.45 -20.11 -13.97
C HIS B 122 96.49 -19.03 -14.27
N LYS B 123 96.15 -17.80 -13.91
CA LYS B 123 96.95 -16.64 -14.23
C LYS B 123 98.02 -16.30 -13.17
N SER B 124 97.84 -16.77 -11.94
CA SER B 124 98.81 -16.53 -10.86
C SER B 124 100.05 -17.38 -11.03
N LYS B 125 101.10 -17.00 -10.30
CA LYS B 125 102.31 -17.81 -10.17
C LYS B 125 102.28 -18.62 -8.89
N LYS B 126 101.20 -18.49 -8.11
CA LYS B 126 100.91 -19.35 -6.98
C LYS B 126 101.98 -19.14 -5.89
N LYS B 127 102.16 -17.87 -5.55
CA LYS B 127 103.24 -17.40 -4.68
C LYS B 127 102.81 -17.11 -3.24
N ALA B 128 101.65 -17.61 -2.82
CA ALA B 128 101.11 -17.31 -1.48
C ALA B 128 101.81 -18.11 -0.41
N PHE B 129 101.86 -17.57 0.81
CA PHE B 129 102.54 -18.20 1.95
C PHE B 129 103.90 -18.79 1.57
N THR B 130 104.62 -18.10 0.70
CA THR B 130 105.88 -18.59 0.17
C THR B 130 106.99 -18.08 1.04
N LYS B 131 106.98 -16.78 1.31
CA LYS B 131 107.87 -16.19 2.28
C LYS B 131 107.44 -16.50 3.72
N TYR B 132 106.18 -16.93 3.90
CA TYR B 132 105.72 -17.37 5.21
C TYR B 132 106.45 -18.63 5.63
N CYS B 133 106.34 -19.68 4.82
CA CYS B 133 106.84 -21.02 5.18
C CYS B 133 108.35 -21.09 5.42
N LYS B 134 109.11 -20.09 4.96
CA LYS B 134 110.49 -19.88 5.38
C LYS B 134 110.67 -19.84 6.90
N LYS B 135 109.70 -19.26 7.61
CA LYS B 135 109.71 -19.20 9.08
C LYS B 135 109.84 -20.56 9.75
N TRP B 136 109.15 -21.56 9.22
CA TRP B 136 109.08 -22.87 9.86
C TRP B 136 110.36 -23.73 9.80
N GLN B 137 111.43 -23.24 9.16
CA GLN B 137 112.73 -23.92 9.20
C GLN B 137 113.92 -22.97 9.36
N ASP B 138 114.00 -22.37 10.54
CA ASP B 138 115.20 -21.69 11.03
C ASP B 138 115.07 -21.42 12.53
N ASP B 139 116.15 -20.95 13.15
CA ASP B 139 116.14 -20.59 14.57
C ASP B 139 115.26 -19.36 14.82
N ALA B 140 115.46 -18.33 14.01
CA ALA B 140 114.76 -17.05 14.16
C ALA B 140 113.24 -17.20 14.08
N GLY B 141 112.78 -17.84 13.00
CA GLY B 141 111.36 -18.00 12.75
C GLY B 141 110.67 -18.85 13.79
N LYS B 142 111.20 -20.06 13.99
CA LYS B 142 110.67 -21.00 14.97
C LYS B 142 110.55 -20.38 16.36
N ARG B 143 111.53 -19.55 16.71
CA ARG B 143 111.50 -18.81 17.98
C ARG B 143 110.38 -17.78 18.02
N GLN B 144 110.25 -17.00 16.94
CA GLN B 144 109.17 -16.01 16.83
C GLN B 144 107.80 -16.68 16.86
N LEU B 145 107.67 -17.77 16.12
CA LEU B 145 106.48 -18.65 16.18
C LEU B 145 106.12 -19.03 17.61
N ASP B 146 107.11 -19.50 18.37
CA ASP B 146 106.90 -19.91 19.77
C ASP B 146 106.47 -18.75 20.65
N LYS B 147 107.11 -17.60 20.46
CA LYS B 147 106.73 -16.36 21.16
C LYS B 147 105.32 -15.90 20.81
N ASP B 148 104.91 -16.08 19.55
CA ASP B 148 103.53 -15.81 19.13
C ASP B 148 102.55 -16.71 19.85
N PHE B 149 102.85 -18.01 19.86
CA PHE B 149 102.03 -18.97 20.61
C PHE B 149 102.01 -18.71 22.10
N SER B 150 103.15 -18.29 22.64
CA SER B 150 103.22 -17.92 24.04
C SER B 150 102.36 -16.71 24.33
N SER B 151 102.45 -15.69 23.47
CA SER B 151 101.63 -14.49 23.61
C SER B 151 100.15 -14.84 23.61
N MET B 152 99.74 -15.69 22.68
CA MET B 152 98.36 -16.19 22.63
C MET B 152 97.95 -16.91 23.90
N LYS B 153 98.89 -17.65 24.47
CA LYS B 153 98.69 -18.26 25.77
C LYS B 153 98.50 -17.21 26.86
N LYS B 154 99.30 -16.15 26.85
CA LYS B 154 99.14 -15.09 27.85
C LYS B 154 97.81 -14.36 27.74
N TYR B 155 97.45 -14.00 26.52
CA TYR B 155 96.50 -12.92 26.30
C TYR B 155 95.14 -13.41 25.83
N CYS B 156 95.16 -14.32 24.86
CA CYS B 156 93.93 -14.73 24.19
C CYS B 156 92.95 -15.45 25.09
N GLN B 157 91.71 -15.49 24.63
CA GLN B 157 90.59 -16.09 25.36
C GLN B 157 89.90 -17.11 24.47
N VAL B 158 89.45 -16.64 23.31
CA VAL B 158 88.81 -17.49 22.34
C VAL B 158 89.91 -17.93 21.39
N ILE B 159 89.86 -19.20 21.02
CA ILE B 159 90.76 -19.76 20.02
C ILE B 159 89.92 -20.47 18.98
N ARG B 160 90.12 -20.09 17.72
CA ARG B 160 89.52 -20.78 16.61
C ARG B 160 90.61 -21.39 15.78
N VAL B 161 90.36 -22.61 15.36
CA VAL B 161 91.21 -23.29 14.41
C VAL B 161 90.71 -22.80 13.07
N LEU B 162 91.60 -22.80 12.09
CA LEU B 162 91.22 -22.60 10.71
C LEU B 162 91.43 -23.95 10.08
N ALA B 163 90.37 -24.46 9.48
CA ALA B 163 90.47 -25.66 8.67
C ALA B 163 89.90 -25.35 7.30
N HIS B 164 90.00 -26.34 6.42
CA HIS B 164 89.44 -26.25 5.10
C HIS B 164 89.09 -27.59 4.55
N THR B 165 88.26 -27.57 3.52
CA THR B 165 87.72 -28.78 2.94
C THR B 165 88.75 -29.48 2.07
N GLN B 166 88.38 -30.70 1.69
CA GLN B 166 89.22 -31.54 0.86
C GLN B 166 88.46 -31.65 -0.47
N MET B 167 88.48 -30.54 -1.20
CA MET B 167 87.69 -30.38 -2.44
C MET B 167 88.06 -31.46 -3.47
N ARG B 168 89.32 -31.89 -3.41
CA ARG B 168 89.85 -33.07 -4.09
C ARG B 168 88.96 -34.32 -4.14
N LEU B 169 88.35 -34.65 -3.00
CA LEU B 169 87.64 -35.93 -2.82
C LEU B 169 86.17 -35.92 -3.20
N LEU B 170 85.70 -34.84 -3.82
CA LEU B 170 84.29 -34.65 -4.10
C LEU B 170 83.98 -34.81 -5.59
N PRO B 171 82.70 -35.02 -5.92
CA PRO B 171 82.25 -35.05 -7.31
C PRO B 171 81.96 -33.67 -7.88
N LEU B 172 82.09 -32.62 -7.06
CA LEU B 172 81.92 -31.24 -7.51
C LEU B 172 82.97 -30.81 -8.54
N ARG B 173 82.61 -29.78 -9.30
CA ARG B 173 83.51 -29.21 -10.29
C ARG B 173 84.66 -28.49 -9.63
N GLN B 174 84.37 -27.71 -8.59
CA GLN B 174 85.36 -26.79 -8.04
C GLN B 174 86.49 -27.50 -7.30
N LYS B 175 87.66 -26.89 -7.39
CA LYS B 175 88.88 -27.32 -6.69
C LYS B 175 89.22 -26.40 -5.52
N LYS B 176 88.68 -25.19 -5.54
CA LYS B 176 89.01 -24.14 -4.60
C LYS B 176 88.35 -24.45 -3.30
N ALA B 177 89.12 -24.96 -2.35
CA ALA B 177 88.58 -25.52 -1.12
C ALA B 177 88.17 -24.42 -0.14
N HIS B 178 87.00 -24.61 0.47
CA HIS B 178 86.46 -23.65 1.43
C HIS B 178 87.24 -23.72 2.73
N LEU B 179 87.80 -22.59 3.17
CA LEU B 179 88.33 -22.45 4.52
C LEU B 179 87.20 -22.03 5.41
N MET B 180 87.47 -22.03 6.71
CA MET B 180 86.50 -21.65 7.71
C MET B 180 87.19 -21.64 9.06
N GLU B 181 86.83 -20.66 9.90
CA GLU B 181 87.27 -20.66 11.28
C GLU B 181 86.31 -21.49 12.11
N ILE B 182 86.85 -22.41 12.90
CA ILE B 182 86.06 -23.27 13.79
C ILE B 182 86.58 -23.15 15.18
N GLN B 183 85.69 -23.04 16.15
CA GLN B 183 86.09 -22.70 17.51
C GLN B 183 86.34 -23.91 18.38
N VAL B 184 87.46 -23.85 19.10
CA VAL B 184 87.90 -24.92 19.97
C VAL B 184 87.33 -24.59 21.34
N ASN B 185 86.43 -25.44 21.81
CA ASN B 185 85.73 -25.21 23.06
C ASN B 185 86.10 -26.32 24.03
N GLY B 186 86.66 -25.95 25.17
CA GLY B 186 87.14 -26.95 26.12
C GLY B 186 87.81 -26.36 27.33
N GLY B 187 88.96 -26.94 27.72
CA GLY B 187 89.67 -26.56 28.93
C GLY B 187 90.36 -25.22 28.80
N THR B 188 91.41 -25.02 29.61
CA THR B 188 92.12 -23.75 29.62
C THR B 188 92.83 -23.48 28.29
N VAL B 189 93.02 -22.20 28.00
CA VAL B 189 93.49 -21.72 26.70
C VAL B 189 94.86 -22.32 26.31
N ALA B 190 95.74 -22.47 27.29
CA ALA B 190 97.04 -23.11 27.07
C ALA B 190 96.92 -24.58 26.64
N GLU B 191 96.01 -25.31 27.27
CA GLU B 191 95.65 -26.68 26.87
C GLU B 191 94.98 -26.66 25.50
N LYS B 192 94.01 -25.76 25.36
CA LYS B 192 93.22 -25.53 24.15
C LYS B 192 94.08 -25.27 22.90
N LEU B 193 95.13 -24.48 23.09
CA LEU B 193 96.03 -24.09 22.01
C LEU B 193 96.98 -25.22 21.64
N ASP B 194 97.52 -25.92 22.63
CA ASP B 194 98.42 -27.06 22.36
C ASP B 194 97.72 -28.26 21.73
N TRP B 195 96.40 -28.32 21.86
CA TRP B 195 95.61 -29.30 21.12
C TRP B 195 95.59 -28.95 19.64
N ALA B 196 95.26 -27.69 19.34
CA ALA B 196 95.21 -27.22 17.96
C ALA B 196 96.58 -27.14 17.28
N ARG B 197 97.63 -26.93 18.08
CA ARG B 197 99.01 -26.95 17.60
C ARG B 197 99.47 -28.37 17.23
N GLU B 198 98.92 -29.37 17.92
CA GLU B 198 99.13 -30.78 17.59
C GLU B 198 98.36 -31.21 16.34
N ARG B 199 97.14 -30.69 16.18
CA ARG B 199 96.29 -31.01 15.03
C ARG B 199 96.71 -30.35 13.71
N LEU B 200 97.75 -29.51 13.73
CA LEU B 200 98.06 -28.67 12.58
C LEU B 200 98.54 -29.51 11.38
N GLU B 201 98.03 -29.15 10.19
CA GLU B 201 98.22 -29.90 8.93
C GLU B 201 97.52 -31.26 8.86
N GLN B 202 96.74 -31.62 9.88
CA GLN B 202 96.23 -32.98 10.02
C GLN B 202 94.80 -33.07 9.51
N GLN B 203 94.37 -34.29 9.16
CA GLN B 203 92.97 -34.55 8.85
C GLN B 203 92.14 -34.40 10.10
N VAL B 204 90.87 -34.05 9.92
CA VAL B 204 89.87 -34.20 10.96
C VAL B 204 88.60 -34.72 10.29
N PRO B 205 88.17 -35.94 10.67
CA PRO B 205 86.90 -36.47 10.17
C PRO B 205 85.67 -36.05 11.00
N VAL B 206 84.50 -36.44 10.47
CA VAL B 206 83.20 -35.96 10.95
C VAL B 206 82.85 -36.52 12.32
N SER B 207 83.10 -37.82 12.48
CA SER B 207 82.86 -38.52 13.73
C SER B 207 83.60 -37.94 14.94
N GLN B 208 84.71 -37.22 14.69
CA GLN B 208 85.44 -36.54 15.77
C GLN B 208 84.68 -35.33 16.30
N VAL B 209 83.97 -34.64 15.42
CA VAL B 209 83.07 -33.54 15.81
C VAL B 209 81.76 -34.12 16.37
N PHE B 210 80.96 -34.73 15.50
CA PHE B 210 79.61 -35.16 15.86
C PHE B 210 79.48 -36.62 16.21
N GLY B 211 78.38 -36.92 16.90
CA GLY B 211 77.96 -38.28 17.23
C GLY B 211 76.53 -38.50 16.79
N GLN B 212 76.08 -39.76 16.92
CA GLN B 212 74.76 -40.15 16.42
C GLN B 212 73.70 -39.60 17.34
N ASP B 213 72.46 -39.57 16.84
CA ASP B 213 71.30 -39.00 17.54
C ASP B 213 71.67 -37.73 18.33
N GLU B 214 72.24 -36.77 17.59
CA GLU B 214 72.66 -35.49 18.14
C GLU B 214 71.98 -34.38 17.34
N MET B 215 71.35 -33.43 18.04
CA MET B 215 70.74 -32.27 17.39
C MET B 215 71.87 -31.32 16.99
N ILE B 216 71.89 -30.93 15.72
CA ILE B 216 72.87 -29.98 15.23
C ILE B 216 72.16 -28.94 14.40
N ASP B 217 72.81 -27.80 14.25
CA ASP B 217 72.24 -26.69 13.52
C ASP B 217 72.93 -26.60 12.16
N VAL B 218 72.12 -26.60 11.12
CA VAL B 218 72.60 -26.50 9.76
C VAL B 218 72.61 -25.04 9.42
N ILE B 219 73.70 -24.58 8.83
CA ILE B 219 73.84 -23.20 8.47
C ILE B 219 74.24 -23.14 7.01
N GLY B 220 73.46 -22.40 6.23
CA GLY B 220 73.74 -22.30 4.80
C GLY B 220 72.99 -21.21 4.11
N VAL B 221 73.17 -21.13 2.80
CA VAL B 221 72.46 -20.17 1.97
C VAL B 221 71.37 -20.86 1.22
N THR B 222 70.24 -20.18 1.14
CA THR B 222 69.01 -20.73 0.62
C THR B 222 69.08 -20.85 -0.89
N LYS B 223 68.33 -21.80 -1.43
CA LYS B 223 68.20 -21.99 -2.86
C LYS B 223 67.58 -20.71 -3.46
N GLY B 224 68.38 -20.00 -4.25
CA GLY B 224 68.00 -18.68 -4.78
C GLY B 224 66.99 -18.72 -5.91
N LYS B 225 66.11 -17.71 -5.95
CA LYS B 225 65.00 -17.67 -6.91
C LYS B 225 64.86 -16.33 -7.66
N GLY B 226 65.88 -15.48 -7.60
CA GLY B 226 65.95 -14.28 -8.45
C GLY B 226 65.00 -13.18 -8.02
N TYR B 227 64.64 -12.31 -8.96
CA TYR B 227 63.60 -11.33 -8.74
C TYR B 227 62.28 -12.10 -8.64
N LYS B 228 61.49 -11.79 -7.63
CA LYS B 228 60.17 -12.36 -7.47
C LYS B 228 59.20 -11.32 -7.01
N GLY B 229 57.96 -11.48 -7.46
CA GLY B 229 56.92 -10.56 -7.12
C GLY B 229 56.48 -10.78 -5.70
N VAL B 230 55.66 -9.83 -5.25
CA VAL B 230 55.24 -9.77 -3.88
C VAL B 230 54.41 -10.98 -3.50
N THR B 231 53.65 -11.53 -4.46
CA THR B 231 52.83 -12.68 -4.18
C THR B 231 53.69 -13.92 -3.91
N SER B 232 54.83 -14.03 -4.58
CA SER B 232 55.75 -15.13 -4.32
C SER B 232 56.59 -14.87 -3.07
N ARG B 233 57.16 -13.67 -3.01
CA ARG B 233 58.14 -13.29 -2.00
C ARG B 233 57.56 -13.01 -0.63
N TRP B 234 56.29 -12.62 -0.59
CA TRP B 234 55.61 -12.39 0.69
C TRP B 234 54.36 -13.22 0.93
N HIS B 235 53.91 -13.95 -0.09
CA HIS B 235 52.68 -14.73 -0.01
C HIS B 235 51.49 -13.85 0.32
N THR B 236 51.43 -12.71 -0.36
CA THR B 236 50.30 -11.82 -0.25
C THR B 236 49.17 -12.45 -1.02
N LYS B 237 47.94 -12.09 -0.67
CA LYS B 237 46.77 -12.48 -1.44
C LYS B 237 47.00 -12.09 -2.89
N LYS B 238 46.55 -12.93 -3.82
CA LYS B 238 46.32 -12.47 -5.17
C LYS B 238 45.08 -11.60 -5.10
N LEU B 239 45.02 -10.59 -5.95
CA LEU B 239 43.79 -9.86 -6.18
C LEU B 239 42.97 -10.66 -7.21
N PRO B 240 41.67 -10.33 -7.35
CA PRO B 240 40.82 -11.10 -8.24
C PRO B 240 41.09 -10.90 -9.73
N ARG B 241 40.30 -11.61 -10.52
CA ARG B 241 40.36 -11.60 -11.98
C ARG B 241 40.23 -10.23 -12.64
N LYS B 242 39.31 -9.42 -12.12
CA LYS B 242 38.94 -8.15 -12.76
C LYS B 242 39.93 -7.01 -12.58
N THR B 243 40.96 -7.18 -11.76
CA THR B 243 41.90 -6.11 -11.48
C THR B 243 42.60 -5.64 -12.76
N HIS B 244 42.51 -4.34 -13.03
CA HIS B 244 42.94 -3.73 -14.33
C HIS B 244 44.45 -3.60 -14.49
N ARG B 245 45.15 -3.13 -13.45
CA ARG B 245 46.60 -3.05 -13.49
C ARG B 245 47.18 -4.20 -12.70
N GLY B 246 46.86 -5.42 -13.11
CA GLY B 246 47.47 -6.62 -12.55
C GLY B 246 47.03 -6.97 -11.14
N LEU B 247 47.33 -8.20 -10.75
CA LEU B 247 46.73 -8.80 -9.58
C LEU B 247 47.63 -9.63 -8.66
N ARG B 248 48.93 -9.66 -8.95
CA ARG B 248 49.90 -10.29 -8.06
C ARG B 248 50.66 -9.18 -7.36
N LYS B 249 49.88 -8.38 -6.63
CA LYS B 249 50.34 -7.12 -6.10
C LYS B 249 49.72 -6.95 -4.74
N VAL B 250 50.16 -5.91 -4.04
CA VAL B 250 49.45 -5.44 -2.86
C VAL B 250 48.72 -4.20 -3.31
N ALA B 251 47.50 -4.02 -2.84
CA ALA B 251 46.65 -2.94 -3.33
C ALA B 251 47.01 -1.65 -2.66
N CYS B 252 46.83 -1.62 -1.34
CA CYS B 252 47.25 -0.47 -0.55
C CYS B 252 48.64 -0.72 0.00
N ILE B 253 49.62 -0.03 -0.56
CA ILE B 253 50.95 -0.06 0.00
C ILE B 253 50.79 0.43 1.42
N GLY B 254 50.37 1.69 1.55
CA GLY B 254 50.28 2.32 2.84
C GLY B 254 49.19 3.37 2.91
N ALA B 255 48.96 3.82 4.14
CA ALA B 255 48.07 4.94 4.39
C ALA B 255 48.66 6.17 3.73
N TRP B 256 47.80 7.17 3.54
CA TRP B 256 48.27 8.51 3.23
C TRP B 256 49.40 8.89 4.19
N HIS B 257 49.10 9.06 5.48
CA HIS B 257 49.77 10.13 6.20
C HIS B 257 51.02 9.93 7.04
N PRO B 258 51.42 8.70 7.32
CA PRO B 258 52.88 8.63 7.34
C PRO B 258 53.23 8.54 5.86
N ALA B 259 53.67 9.65 5.29
CA ALA B 259 53.62 9.87 3.83
C ALA B 259 54.87 9.38 3.16
N ARG B 260 55.10 8.11 3.35
CA ARG B 260 56.32 7.43 3.00
C ARG B 260 55.80 6.02 2.94
N VAL B 261 56.48 5.15 2.24
CA VAL B 261 56.08 3.76 2.32
C VAL B 261 57.02 3.13 3.32
N ALA B 262 56.43 2.37 4.24
CA ALA B 262 57.14 1.83 5.37
C ALA B 262 57.98 0.63 4.97
N PHE B 263 58.92 0.29 5.83
CA PHE B 263 59.76 -0.89 5.66
C PHE B 263 58.99 -2.19 5.87
N SER B 264 57.86 -2.11 6.57
CA SER B 264 57.02 -3.27 6.82
C SER B 264 56.07 -3.63 5.67
N VAL B 265 55.97 -2.80 4.64
CA VAL B 265 55.07 -3.05 3.50
C VAL B 265 55.75 -4.00 2.51
N ALA B 266 54.95 -4.85 1.89
CA ALA B 266 55.48 -5.90 1.04
C ALA B 266 55.80 -5.40 -0.34
N ARG B 267 57.04 -5.60 -0.78
CA ARG B 267 57.49 -5.21 -2.11
C ARG B 267 58.20 -6.37 -2.79
N ALA B 268 58.25 -6.32 -4.12
CA ALA B 268 58.92 -7.34 -4.91
C ALA B 268 60.41 -7.09 -4.91
N GLY B 269 61.17 -8.17 -4.80
CA GLY B 269 62.64 -8.12 -4.77
C GLY B 269 63.25 -9.50 -4.83
N GLN B 270 64.44 -9.63 -4.25
CA GLN B 270 65.18 -10.87 -4.33
C GLN B 270 64.52 -11.90 -3.46
N LYS B 271 64.15 -13.03 -4.05
CA LYS B 271 63.60 -14.17 -3.32
C LYS B 271 64.62 -15.27 -3.40
N GLY B 272 65.19 -15.60 -2.26
CA GLY B 272 66.12 -16.71 -2.12
C GLY B 272 67.56 -16.24 -2.03
N TYR B 273 68.46 -17.21 -1.90
CA TYR B 273 69.88 -16.95 -1.68
C TYR B 273 70.11 -16.07 -0.46
N HIS B 274 69.31 -16.35 0.57
CA HIS B 274 69.45 -15.73 1.87
C HIS B 274 70.24 -16.64 2.78
N HIS B 275 70.83 -16.05 3.81
CA HIS B 275 71.54 -16.80 4.82
C HIS B 275 70.56 -17.24 5.88
N ARG B 276 70.64 -18.50 6.29
CA ARG B 276 69.64 -19.09 7.20
C ARG B 276 70.23 -20.20 8.06
N THR B 277 69.88 -20.19 9.36
CA THR B 277 70.44 -21.11 10.35
C THR B 277 69.31 -21.91 10.98
N GLU B 278 68.95 -22.99 10.30
CA GLU B 278 67.94 -23.91 10.79
C GLU B 278 68.56 -24.76 11.90
N ILE B 279 67.84 -24.91 13.01
CA ILE B 279 68.38 -25.59 14.18
C ILE B 279 67.68 -26.92 14.41
N ASN B 280 68.22 -27.71 15.33
CA ASN B 280 67.65 -29.00 15.72
C ASN B 280 67.36 -29.97 14.56
N LYS B 281 68.43 -30.39 13.88
CA LYS B 281 68.33 -31.37 12.81
C LYS B 281 69.10 -32.60 13.27
N LYS B 282 68.36 -33.62 13.72
CA LYS B 282 68.96 -34.78 14.38
C LYS B 282 69.74 -35.69 13.44
N ILE B 283 70.96 -36.03 13.84
CA ILE B 283 71.77 -36.95 13.05
C ILE B 283 71.30 -38.37 13.28
N TYR B 284 70.67 -38.94 12.26
CA TYR B 284 70.26 -40.34 12.24
C TYR B 284 71.43 -41.26 11.97
N LYS B 285 72.29 -40.86 11.04
CA LYS B 285 73.38 -41.72 10.64
C LYS B 285 74.63 -40.96 10.23
N ILE B 286 75.71 -41.21 10.96
CA ILE B 286 77.04 -40.85 10.50
C ILE B 286 77.59 -42.07 9.78
N GLY B 287 77.80 -41.93 8.47
CA GLY B 287 78.09 -43.06 7.60
C GLY B 287 79.54 -43.12 7.19
N GLN B 288 80.13 -44.32 7.30
CA GLN B 288 81.53 -44.56 6.96
C GLN B 288 81.70 -44.64 5.45
N GLY B 289 82.71 -43.96 4.94
CA GLY B 289 82.95 -43.90 3.50
C GLY B 289 83.51 -45.18 2.93
N TYR B 290 83.66 -45.22 1.60
CA TYR B 290 84.25 -46.36 0.91
C TYR B 290 85.69 -46.51 1.41
N LEU B 291 86.13 -47.75 1.61
CA LEU B 291 87.52 -48.02 1.99
C LEU B 291 87.97 -49.40 1.52
N ILE B 292 89.28 -49.61 1.55
CA ILE B 292 89.90 -50.81 0.99
C ILE B 292 90.74 -51.51 2.05
N LYS B 293 90.42 -52.80 2.27
CA LYS B 293 91.31 -53.72 3.00
C LYS B 293 91.85 -54.80 2.04
N ASP B 294 90.98 -55.33 1.19
CA ASP B 294 91.38 -56.17 0.05
C ASP B 294 90.61 -55.73 -1.20
N GLY B 295 89.28 -55.81 -1.13
CA GLY B 295 88.38 -55.18 -2.10
C GLY B 295 87.70 -53.97 -1.47
N LYS B 296 86.79 -53.36 -2.21
CA LYS B 296 86.00 -52.22 -1.71
C LYS B 296 85.10 -52.60 -0.54
N LEU B 297 84.88 -51.63 0.35
CA LEU B 297 83.83 -51.73 1.36
C LEU B 297 82.80 -50.65 1.09
N ILE B 298 81.91 -50.98 0.14
CA ILE B 298 80.82 -50.12 -0.26
C ILE B 298 79.61 -50.33 0.67
N LYS B 299 79.51 -51.54 1.24
CA LYS B 299 78.44 -51.96 2.16
C LYS B 299 78.21 -51.01 3.31
N ASN B 300 79.30 -50.69 4.01
CA ASN B 300 79.28 -49.94 5.27
C ASN B 300 78.44 -48.65 5.31
N ASN B 301 78.08 -48.11 4.15
CA ASN B 301 77.14 -47.00 4.09
C ASN B 301 75.71 -47.50 4.38
N ALA B 302 74.92 -47.80 3.35
CA ALA B 302 73.46 -47.89 3.50
C ALA B 302 72.92 -49.25 3.99
N SER B 303 73.81 -50.19 4.35
CA SER B 303 73.40 -51.42 5.02
C SER B 303 73.04 -51.14 6.48
N THR B 304 71.94 -51.74 6.94
CA THR B 304 71.57 -51.76 8.35
C THR B 304 71.71 -53.17 8.88
N ASP B 305 71.84 -53.26 10.20
CA ASP B 305 71.77 -54.54 10.93
C ASP B 305 70.59 -55.44 10.49
N TYR B 306 69.45 -54.83 10.15
CA TYR B 306 68.25 -55.58 9.72
C TYR B 306 68.14 -55.80 8.21
N ASP B 307 68.77 -54.93 7.41
CA ASP B 307 68.75 -55.08 5.95
C ASP B 307 69.79 -56.11 5.48
N LEU B 308 71.03 -55.91 5.90
CA LEU B 308 72.21 -56.64 5.39
C LEU B 308 72.16 -56.97 3.91
N SER B 309 72.46 -55.95 3.11
CA SER B 309 72.71 -56.09 1.67
C SER B 309 74.14 -55.57 1.40
N ASP B 310 74.38 -54.99 0.22
CA ASP B 310 75.70 -54.43 -0.11
C ASP B 310 75.58 -53.03 -0.75
N LYS B 311 74.66 -52.24 -0.22
CA LYS B 311 74.37 -50.93 -0.81
C LYS B 311 75.39 -49.88 -0.35
N SER B 312 75.43 -48.75 -1.06
CA SER B 312 75.88 -47.46 -0.48
C SER B 312 74.68 -46.52 -0.47
N ILE B 313 74.79 -45.37 0.18
CA ILE B 313 73.67 -44.40 0.13
C ILE B 313 73.41 -43.89 -1.29
N ASN B 314 74.43 -43.93 -2.15
CA ASN B 314 74.23 -43.64 -3.56
C ASN B 314 73.07 -44.45 -4.12
N PRO B 315 72.05 -43.76 -4.69
CA PRO B 315 71.01 -44.48 -5.40
C PRO B 315 71.46 -44.89 -6.79
N LEU B 316 70.61 -45.66 -7.49
CA LEU B 316 70.89 -46.01 -8.86
C LEU B 316 70.96 -44.76 -9.71
N GLY B 317 71.99 -44.68 -10.52
CA GLY B 317 72.27 -43.49 -11.30
C GLY B 317 72.71 -42.30 -10.46
N GLY B 318 73.21 -42.56 -9.25
CA GLY B 318 73.73 -41.52 -8.38
C GLY B 318 72.69 -40.58 -7.81
N PHE B 319 73.12 -39.76 -6.86
CA PHE B 319 72.35 -38.60 -6.44
C PHE B 319 72.27 -37.64 -7.61
N VAL B 320 71.07 -37.15 -7.90
CA VAL B 320 70.84 -36.37 -9.10
C VAL B 320 71.41 -34.96 -8.96
N HIS B 321 72.00 -34.48 -10.05
CA HIS B 321 72.72 -33.22 -10.08
C HIS B 321 73.80 -33.18 -9.01
N TYR B 322 74.49 -34.29 -8.79
CA TYR B 322 75.55 -34.31 -7.78
C TYR B 322 76.72 -35.24 -8.09
N GLY B 323 76.55 -36.53 -7.82
CA GLY B 323 77.66 -37.47 -7.94
C GLY B 323 77.48 -38.76 -7.18
N GLU B 324 78.60 -39.39 -6.88
CA GLU B 324 78.65 -40.50 -5.94
C GLU B 324 79.15 -39.95 -4.62
N VAL B 325 78.47 -40.32 -3.53
CA VAL B 325 79.01 -40.10 -2.19
C VAL B 325 79.95 -41.26 -1.85
N THR B 326 81.21 -41.04 -2.15
CA THR B 326 82.29 -42.00 -1.96
C THR B 326 83.03 -41.75 -0.65
N ASN B 327 82.64 -40.71 0.06
CA ASN B 327 83.23 -40.36 1.35
C ASN B 327 82.23 -40.50 2.45
N ASP B 328 82.73 -40.41 3.67
CA ASP B 328 81.90 -40.31 4.87
C ASP B 328 80.90 -39.17 4.77
N PHE B 329 79.73 -39.38 5.38
CA PHE B 329 78.61 -38.46 5.26
C PHE B 329 77.85 -38.48 6.55
N VAL B 330 77.10 -37.42 6.83
CA VAL B 330 76.07 -37.46 7.86
C VAL B 330 74.71 -37.55 7.21
N MET B 331 73.75 -37.97 8.01
CA MET B 331 72.39 -38.18 7.55
C MET B 331 71.47 -37.55 8.57
N LEU B 332 71.07 -36.32 8.27
CA LEU B 332 70.16 -35.56 9.13
C LEU B 332 68.73 -35.95 8.85
N LYS B 333 67.85 -35.70 9.81
CA LYS B 333 66.41 -35.79 9.58
C LYS B 333 65.92 -34.55 8.85
N GLY B 334 65.12 -34.77 7.82
CA GLY B 334 64.37 -33.72 7.15
C GLY B 334 65.20 -32.96 6.14
N CYS B 335 64.57 -31.97 5.54
CA CYS B 335 65.24 -31.10 4.59
C CYS B 335 66.17 -30.14 5.32
N VAL B 336 67.10 -29.57 4.57
CA VAL B 336 67.95 -28.51 5.06
C VAL B 336 68.06 -27.45 3.98
N VAL B 337 68.62 -26.30 4.35
CA VAL B 337 68.73 -25.17 3.44
C VAL B 337 69.52 -25.50 2.18
N GLY B 338 69.23 -24.76 1.11
CA GLY B 338 70.11 -24.69 -0.04
C GLY B 338 69.87 -25.71 -1.12
N THR B 339 70.75 -25.68 -2.11
CA THR B 339 70.62 -26.52 -3.32
C THR B 339 71.42 -27.79 -3.13
N LYS B 340 71.37 -28.63 -4.16
CA LYS B 340 72.31 -29.72 -4.31
C LYS B 340 73.67 -29.09 -4.54
N LYS B 341 74.72 -29.77 -4.08
CA LYS B 341 76.12 -29.31 -4.18
C LYS B 341 76.51 -28.19 -3.23
N ARG B 342 75.59 -27.66 -2.43
CA ARG B 342 75.90 -26.45 -1.68
C ARG B 342 76.71 -26.78 -0.44
N VAL B 343 77.75 -25.98 -0.22
CA VAL B 343 78.56 -26.06 0.98
C VAL B 343 77.72 -25.62 2.17
N LEU B 344 77.89 -26.32 3.28
CA LEU B 344 76.93 -26.31 4.35
C LEU B 344 77.71 -26.40 5.64
N THR B 345 77.46 -25.46 6.54
CA THR B 345 78.13 -25.47 7.83
C THR B 345 77.22 -26.19 8.81
N LEU B 346 77.78 -27.21 9.47
CA LEU B 346 77.15 -27.82 10.63
C LEU B 346 77.73 -27.16 11.87
N ARG B 347 76.96 -27.19 12.95
CA ARG B 347 77.34 -26.56 14.19
C ARG B 347 76.66 -27.26 15.35
N LYS B 348 77.43 -27.55 16.39
CA LYS B 348 76.87 -28.15 17.61
C LYS B 348 75.94 -27.14 18.27
N SER B 349 74.94 -27.64 18.99
CA SER B 349 73.81 -26.80 19.38
C SER B 349 74.19 -25.76 20.41
N LEU B 350 73.44 -24.68 20.42
CA LEU B 350 73.66 -23.56 21.34
C LEU B 350 72.95 -23.77 22.67
N LEU B 351 72.33 -24.95 22.82
CA LEU B 351 71.14 -25.09 23.63
C LEU B 351 71.17 -26.41 24.38
N VAL B 352 70.82 -26.36 25.66
CA VAL B 352 70.80 -27.56 26.50
C VAL B 352 69.62 -28.43 26.09
N GLN B 353 69.93 -29.49 25.36
CA GLN B 353 68.92 -30.34 24.76
C GLN B 353 68.50 -31.39 25.77
N THR B 354 67.26 -31.32 26.22
CA THR B 354 66.71 -32.34 27.10
C THR B 354 65.19 -32.39 26.90
N LYS B 355 64.81 -32.80 25.69
CA LYS B 355 63.45 -33.12 25.34
C LYS B 355 63.44 -34.60 24.97
N ARG B 356 62.31 -35.25 25.23
CA ARG B 356 62.11 -36.67 24.86
C ARG B 356 62.54 -36.93 23.43
N ARG B 357 62.13 -36.04 22.54
CA ARG B 357 62.39 -36.14 21.11
C ARG B 357 63.87 -35.93 20.75
N ALA B 358 64.54 -35.06 21.50
CA ALA B 358 65.95 -34.73 21.25
C ALA B 358 66.97 -35.67 21.91
N LEU B 359 66.51 -36.60 22.74
CA LEU B 359 67.38 -37.65 23.30
C LEU B 359 67.03 -39.04 22.72
N GLU B 360 66.15 -39.07 21.73
CA GLU B 360 65.63 -40.32 21.18
C GLU B 360 66.72 -41.04 20.40
N LYS B 361 66.91 -42.32 20.68
CA LYS B 361 67.94 -43.12 20.01
C LYS B 361 67.38 -43.71 18.72
N ILE B 362 68.03 -43.42 17.61
CA ILE B 362 67.56 -43.84 16.29
C ILE B 362 68.28 -45.10 15.81
N ASP B 363 67.51 -46.18 15.70
CA ASP B 363 67.92 -47.39 15.01
C ASP B 363 67.21 -47.40 13.66
N LEU B 364 67.97 -47.24 12.58
CA LEU B 364 67.42 -47.27 11.24
C LEU B 364 67.11 -48.70 10.82
N LYS B 365 66.00 -48.87 10.12
CA LYS B 365 65.54 -50.18 9.68
C LYS B 365 65.87 -50.44 8.21
N PHE B 366 65.97 -49.38 7.41
CA PHE B 366 65.97 -49.50 5.95
C PHE B 366 66.21 -48.15 5.31
N ILE B 367 67.25 -48.07 4.49
CA ILE B 367 67.52 -46.88 3.69
C ILE B 367 67.02 -47.16 2.29
N ASP B 368 66.13 -46.31 1.80
CA ASP B 368 65.71 -46.40 0.41
C ASP B 368 66.87 -45.95 -0.44
N THR B 369 67.12 -46.73 -1.49
CA THR B 369 68.22 -46.52 -2.40
C THR B 369 67.76 -46.61 -3.83
N THR B 370 66.48 -46.35 -4.06
CA THR B 370 65.91 -46.46 -5.38
C THR B 370 66.26 -45.16 -6.10
N SER B 371 66.34 -45.21 -7.43
CA SER B 371 66.75 -44.03 -8.19
C SER B 371 65.86 -42.84 -7.89
N LYS B 372 66.46 -41.65 -7.93
CA LYS B 372 65.73 -40.40 -7.84
C LYS B 372 65.58 -39.74 -9.21
N PHE B 373 66.10 -40.39 -10.26
CA PHE B 373 66.13 -39.79 -11.59
C PHE B 373 64.97 -40.28 -12.44
N GLY B 374 63.77 -40.12 -11.90
CA GLY B 374 62.56 -40.79 -12.40
C GLY B 374 61.97 -41.57 -11.25
N HIS B 375 60.82 -42.18 -11.49
CA HIS B 375 60.22 -43.07 -10.51
C HIS B 375 61.01 -44.36 -10.46
N GLY B 376 61.86 -44.48 -9.44
CA GLY B 376 62.62 -45.70 -9.21
C GLY B 376 61.74 -46.79 -8.63
N ARG B 377 62.03 -48.03 -9.01
CA ARG B 377 61.40 -49.20 -8.37
C ARG B 377 62.36 -50.32 -7.94
N PHE B 378 63.66 -50.15 -8.13
CA PHE B 378 64.63 -51.17 -7.71
C PHE B 378 65.68 -50.59 -6.79
N GLN B 379 65.95 -51.31 -5.71
CA GLN B 379 66.84 -50.84 -4.66
C GLN B 379 68.29 -50.96 -5.03
N THR B 380 68.60 -51.95 -5.84
CA THR B 380 69.95 -52.20 -6.24
C THR B 380 69.95 -52.86 -7.61
N VAL B 381 71.10 -52.83 -8.27
CA VAL B 381 71.19 -53.27 -9.65
C VAL B 381 71.08 -54.78 -9.73
N GLU B 382 71.73 -55.47 -8.79
CA GLU B 382 71.58 -56.92 -8.65
C GLU B 382 70.13 -57.38 -8.51
N GLU B 383 69.31 -56.62 -7.79
CA GLU B 383 67.87 -56.91 -7.65
C GLU B 383 67.16 -56.73 -8.99
N LYS B 384 67.49 -55.65 -9.68
CA LYS B 384 66.97 -55.37 -11.00
C LYS B 384 67.33 -56.49 -11.98
N LYS B 385 68.59 -56.89 -11.99
CA LYS B 385 69.08 -57.96 -12.87
C LYS B 385 68.38 -59.29 -12.62
N ALA B 386 68.03 -59.53 -11.36
CA ALA B 386 67.23 -60.69 -10.99
C ALA B 386 65.81 -60.58 -11.53
N PHE B 387 65.16 -59.46 -11.24
CA PHE B 387 63.74 -59.26 -11.56
C PHE B 387 63.46 -59.31 -13.06
N MET B 388 64.29 -58.60 -13.82
CA MET B 388 64.11 -58.47 -15.26
C MET B 388 64.47 -59.77 -15.97
N GLY B 389 65.58 -60.38 -15.55
CA GLY B 389 66.16 -61.50 -16.26
C GLY B 389 67.17 -60.98 -17.27
N PRO B 390 67.33 -61.65 -18.42
CA PRO B 390 68.25 -61.19 -19.44
C PRO B 390 67.59 -60.18 -20.37
N LEU B 391 68.39 -59.25 -20.88
CA LEU B 391 67.93 -58.24 -21.81
C LEU B 391 68.64 -58.41 -23.16
N LYS B 392 68.13 -57.71 -24.17
CA LYS B 392 68.65 -57.80 -25.54
C LYS B 392 70.10 -57.33 -25.59
N LYS B 393 70.47 -56.40 -24.71
CA LYS B 393 71.87 -56.03 -24.52
C LYS B 393 72.65 -57.09 -23.70
N ASP B 394 72.96 -58.20 -24.38
CA ASP B 394 73.74 -59.32 -23.82
C ASP B 394 74.35 -60.16 -24.95
N ALA C 1 60.95 106.77 -24.69
CA ALA C 1 61.88 107.29 -25.75
C ALA C 1 63.33 107.33 -25.28
N CYS C 2 63.97 106.16 -25.30
CA CYS C 2 65.37 106.02 -24.88
C CYS C 2 66.32 106.54 -25.97
N ALA C 3 67.59 106.74 -25.59
CA ALA C 3 68.61 107.30 -26.48
C ALA C 3 69.03 106.30 -27.57
N ARG C 4 68.60 106.57 -28.80
CA ARG C 4 68.94 105.75 -29.96
C ARG C 4 70.14 106.37 -30.65
N PRO C 5 71.24 105.60 -30.82
CA PRO C 5 72.45 106.15 -31.43
C PRO C 5 72.40 106.20 -32.95
N LEU C 6 73.42 106.82 -33.54
CA LEU C 6 73.50 107.05 -34.98
C LEU C 6 74.39 106.02 -35.66
N ILE C 7 73.74 105.04 -36.28
CA ILE C 7 74.40 103.88 -36.88
C ILE C 7 74.92 104.25 -38.26
N SER C 8 76.13 103.81 -38.62
CA SER C 8 76.68 104.08 -39.94
C SER C 8 76.28 103.03 -41.00
N VAL C 9 76.18 103.50 -42.24
CA VAL C 9 75.79 102.70 -43.40
C VAL C 9 77.02 102.50 -44.28
N TYR C 10 77.62 101.32 -44.19
CA TYR C 10 78.83 100.99 -44.94
C TYR C 10 78.57 100.79 -46.44
N SER C 11 79.63 100.85 -47.24
CA SER C 11 79.55 100.67 -48.70
C SER C 11 79.80 99.21 -49.09
N GLU C 12 79.60 98.89 -50.37
CA GLU C 12 79.88 97.56 -50.92
C GLU C 12 81.32 97.09 -50.70
N LYS C 13 82.26 98.03 -50.67
CA LYS C 13 83.69 97.74 -50.49
C LYS C 13 84.12 97.96 -49.04
N GLY C 14 83.27 97.53 -48.09
CA GLY C 14 83.45 97.86 -46.68
C GLY C 14 83.34 99.37 -46.49
N GLU C 15 84.07 99.89 -45.51
CA GLU C 15 84.29 101.33 -45.33
C GLU C 15 83.03 102.16 -45.06
N SER C 16 83.14 103.12 -44.13
CA SER C 16 82.04 104.03 -43.82
C SER C 16 81.76 104.97 -44.99
N SER C 17 80.52 104.92 -45.47
CA SER C 17 80.00 105.98 -46.32
C SER C 17 79.49 107.10 -45.42
N GLY C 18 79.10 108.22 -46.03
CA GLY C 18 78.64 109.39 -45.29
C GLY C 18 77.34 109.20 -44.53
N LYS C 19 76.48 108.30 -45.00
CA LYS C 19 75.11 108.16 -44.50
C LYS C 19 75.09 107.47 -43.14
N ASN C 20 74.36 108.05 -42.19
CA ASN C 20 74.20 107.49 -40.84
C ASN C 20 72.73 107.43 -40.48
N VAL C 21 72.23 106.23 -40.18
CA VAL C 21 70.80 106.02 -39.89
C VAL C 21 70.60 105.94 -38.38
N THR C 22 69.73 106.81 -37.85
CA THR C 22 69.32 106.75 -36.45
C THR C 22 68.73 105.38 -36.14
N LEU C 23 69.39 104.64 -35.25
CA LEU C 23 68.95 103.30 -34.86
C LEU C 23 67.43 103.29 -34.65
N PRO C 24 66.70 102.44 -35.39
CA PRO C 24 65.26 102.31 -35.17
C PRO C 24 64.91 101.84 -33.75
N ALA C 25 63.75 102.26 -33.27
CA ALA C 25 63.32 101.97 -31.90
C ALA C 25 63.19 100.48 -31.58
N VAL C 26 62.90 99.69 -32.61
CA VAL C 26 62.71 98.25 -32.45
C VAL C 26 63.89 97.62 -31.71
N PHE C 27 65.08 98.09 -32.02
CA PHE C 27 66.31 97.56 -31.42
C PHE C 27 66.47 97.86 -29.94
N LYS C 28 65.71 98.83 -29.42
CA LYS C 28 65.68 99.11 -28.00
C LYS C 28 64.61 98.32 -27.27
N ALA C 29 63.69 97.70 -28.02
CA ALA C 29 62.57 96.98 -27.42
C ALA C 29 63.05 95.86 -26.49
N PRO C 30 62.22 95.45 -25.52
CA PRO C 30 62.69 94.51 -24.50
C PRO C 30 62.99 93.11 -25.05
N ILE C 31 64.17 92.57 -24.70
CA ILE C 31 64.56 91.22 -25.11
C ILE C 31 63.73 90.30 -24.26
N ARG C 32 63.27 89.19 -24.82
CA ARG C 32 62.36 88.32 -24.09
C ARG C 32 62.40 86.92 -24.65
N PRO C 33 63.36 86.12 -24.19
CA PRO C 33 63.45 84.73 -24.63
C PRO C 33 62.16 83.96 -24.35
N ASP C 34 61.57 84.18 -23.17
CA ASP C 34 60.34 83.49 -22.77
C ASP C 34 59.21 83.65 -23.78
N ILE C 35 59.18 84.80 -24.45
CA ILE C 35 58.25 84.98 -25.55
C ILE C 35 58.80 84.30 -26.79
N VAL C 36 60.03 84.63 -27.16
CA VAL C 36 60.61 84.16 -28.43
C VAL C 36 60.46 82.67 -28.52
N ASN C 37 60.94 81.98 -27.47
CA ASN C 37 60.79 80.55 -27.38
C ASN C 37 59.35 80.12 -27.58
N PHE C 38 58.46 80.58 -26.72
CA PHE C 38 57.04 80.20 -26.76
C PHE C 38 56.44 80.33 -28.14
N VAL C 39 56.72 81.44 -28.80
CA VAL C 39 56.22 81.66 -30.16
C VAL C 39 56.94 80.70 -31.12
N HIS C 40 58.24 80.50 -30.91
CA HIS C 40 59.01 79.57 -31.72
C HIS C 40 58.57 78.13 -31.56
N THR C 41 58.28 77.70 -30.33
CA THR C 41 57.75 76.35 -30.09
C THR C 41 56.44 76.11 -30.81
N ASN C 42 55.54 77.08 -30.73
CA ASN C 42 54.21 76.93 -31.29
C ASN C 42 54.16 77.19 -32.78
N LEU C 43 54.92 78.14 -33.30
CA LEU C 43 54.90 78.38 -34.73
C LEU C 43 55.50 77.22 -35.49
N ARG C 44 56.62 76.70 -34.99
CA ARG C 44 57.33 75.62 -35.69
C ARG C 44 56.46 74.39 -35.89
N LYS C 45 55.47 74.22 -35.03
CA LYS C 45 54.48 73.18 -35.22
C LYS C 45 53.58 73.33 -36.46
N ASN C 46 53.50 74.51 -37.07
CA ASN C 46 52.57 74.66 -38.20
C ASN C 46 53.08 74.19 -39.55
N ASN C 47 54.39 74.19 -39.74
CA ASN C 47 54.97 73.80 -41.04
C ASN C 47 54.99 72.29 -41.31
N ARG C 48 54.00 71.57 -40.76
CA ARG C 48 54.16 70.18 -40.41
C ARG C 48 53.07 69.31 -41.02
N GLN C 49 53.44 68.20 -41.66
CA GLN C 49 52.46 67.30 -42.29
C GLN C 49 51.96 66.29 -41.28
N PRO C 50 50.71 65.82 -41.45
CA PRO C 50 50.24 64.74 -40.60
C PRO C 50 50.88 63.41 -40.96
N TYR C 51 51.17 62.62 -39.94
CA TYR C 51 51.49 61.22 -40.11
C TYR C 51 50.47 60.45 -39.35
N ALA C 52 50.07 59.32 -39.91
CA ALA C 52 49.19 58.44 -39.22
C ALA C 52 49.33 57.06 -39.75
N VAL C 53 48.90 56.13 -38.93
CA VAL C 53 48.95 54.72 -39.23
C VAL C 53 47.60 54.37 -39.85
N SER C 54 47.60 53.41 -40.76
CA SER C 54 46.39 53.04 -41.48
C SER C 54 45.26 52.53 -40.57
N GLU C 55 44.02 52.79 -40.98
CA GLU C 55 42.81 52.34 -40.27
C GLU C 55 42.76 50.82 -40.11
N LEU C 56 42.97 50.15 -41.24
CA LEU C 56 42.83 48.71 -41.34
C LEU C 56 43.99 47.98 -40.71
N ALA C 57 45.06 48.73 -40.39
CA ALA C 57 46.26 48.17 -39.79
C ALA C 57 45.95 47.33 -38.58
N GLY C 58 46.09 46.02 -38.72
CA GLY C 58 45.91 45.09 -37.62
C GLY C 58 44.59 44.33 -37.61
N HIS C 59 43.55 44.95 -38.13
CA HIS C 59 42.22 44.36 -38.11
C HIS C 59 41.82 43.64 -39.39
N GLN C 60 42.67 43.60 -40.40
CA GLN C 60 42.30 42.91 -41.65
C GLN C 60 42.12 41.41 -41.48
N THR C 61 42.62 40.83 -40.39
CA THR C 61 42.31 39.43 -40.04
C THR C 61 40.87 39.27 -39.59
N SER C 62 40.41 38.03 -39.63
CA SER C 62 39.23 37.58 -38.92
C SER C 62 39.74 36.59 -37.90
N ALA C 63 39.67 36.96 -36.62
CA ALA C 63 40.21 36.14 -35.54
C ALA C 63 39.31 36.20 -34.31
N GLU C 64 38.94 35.01 -33.86
CA GLU C 64 38.04 34.80 -32.73
C GLU C 64 38.95 34.28 -31.62
N SER C 65 38.55 34.45 -30.36
CA SER C 65 39.27 33.78 -29.28
C SER C 65 38.77 32.35 -29.18
N TRP C 66 39.70 31.42 -29.08
CA TRP C 66 39.38 30.13 -28.52
C TRP C 66 39.19 30.60 -27.09
N GLY C 67 38.01 30.37 -26.54
CA GLY C 67 37.76 30.76 -25.17
C GLY C 67 38.63 29.96 -24.23
N THR C 68 38.39 30.11 -22.95
CA THR C 68 39.15 29.35 -21.96
C THR C 68 38.90 27.86 -22.12
N GLY C 69 39.70 27.07 -21.42
CA GLY C 69 39.52 25.63 -21.41
C GLY C 69 40.43 24.89 -22.36
N ARG C 70 41.19 25.60 -23.20
CA ARG C 70 42.06 24.95 -24.19
C ARG C 70 43.54 25.03 -23.80
N ALA C 71 43.82 25.22 -22.51
CA ALA C 71 45.03 25.90 -22.04
C ALA C 71 45.10 27.24 -22.79
N VAL C 72 46.17 27.56 -23.54
CA VAL C 72 46.29 28.85 -24.24
C VAL C 72 45.79 30.05 -23.42
N ALA C 73 45.34 31.15 -24.03
CA ALA C 73 45.36 32.42 -23.33
C ALA C 73 44.35 33.49 -23.74
N ARG C 74 43.19 33.10 -24.23
CA ARG C 74 42.07 34.05 -24.40
C ARG C 74 42.31 35.25 -25.34
N ILE C 75 43.31 35.15 -26.21
CA ILE C 75 43.58 36.21 -27.18
C ILE C 75 42.74 35.82 -28.35
N PRO C 76 42.37 36.78 -29.20
CA PRO C 76 41.81 36.33 -30.47
C PRO C 76 42.93 35.71 -31.26
N ARG C 77 42.67 34.54 -31.83
CA ARG C 77 43.67 33.79 -32.56
C ARG C 77 43.19 33.59 -33.98
N VAL C 78 44.08 33.74 -34.95
CA VAL C 78 43.75 33.52 -36.36
C VAL C 78 42.98 32.22 -36.56
N ARG C 79 41.94 32.31 -37.38
CA ARG C 79 40.93 31.30 -37.53
C ARG C 79 41.32 30.33 -38.64
N GLY C 80 41.40 29.04 -38.30
CA GLY C 80 41.58 27.99 -39.30
C GLY C 80 42.90 28.00 -40.06
N GLY C 81 43.00 27.10 -41.04
CA GLY C 81 44.14 27.06 -41.97
C GLY C 81 45.27 26.11 -41.61
N GLY C 82 46.11 25.86 -42.62
CA GLY C 82 47.30 25.07 -42.47
C GLY C 82 48.49 25.93 -42.82
N THR C 83 48.67 27.01 -42.07
CA THR C 83 49.85 27.87 -42.19
C THR C 83 50.50 28.03 -40.83
N HIS C 84 51.59 28.79 -40.80
CA HIS C 84 52.15 29.25 -39.55
C HIS C 84 51.18 30.21 -38.92
N ARG C 85 50.59 31.09 -39.72
CA ARG C 85 49.62 32.04 -39.17
C ARG C 85 48.28 31.39 -39.00
N SER C 86 48.14 30.59 -37.95
CA SER C 86 46.86 29.97 -37.65
C SER C 86 46.84 29.57 -36.18
N GLY C 87 45.89 30.14 -35.45
CA GLY C 87 45.87 30.01 -34.00
C GLY C 87 47.05 30.78 -33.45
N GLN C 88 47.07 32.08 -33.72
CA GLN C 88 48.24 32.89 -33.47
C GLN C 88 48.01 33.89 -32.36
N GLY C 89 47.31 34.95 -32.67
CA GLY C 89 47.37 36.14 -31.86
C GLY C 89 47.16 37.31 -32.77
N ALA C 90 45.91 37.74 -32.83
CA ALA C 90 45.50 38.86 -33.64
C ALA C 90 45.09 40.01 -32.76
N PHE C 91 45.10 41.20 -33.37
CA PHE C 91 44.47 42.41 -32.83
C PHE C 91 45.17 43.04 -31.63
N GLY C 92 45.47 42.24 -30.61
CA GLY C 92 46.09 42.77 -29.41
C GLY C 92 47.30 43.62 -29.73
N ASN C 93 47.39 44.76 -29.05
CA ASN C 93 48.57 45.62 -29.12
C ASN C 93 49.87 44.89 -28.80
N MET C 94 49.78 43.82 -28.01
CA MET C 94 50.94 42.99 -27.72
C MET C 94 51.30 41.95 -28.77
N CYS C 95 50.34 41.47 -29.55
CA CYS C 95 50.61 40.37 -30.49
C CYS C 95 51.45 40.79 -31.70
N ARG C 96 52.18 39.83 -32.26
CA ARG C 96 52.86 40.00 -33.56
C ARG C 96 51.78 39.93 -34.62
N GLY C 97 51.87 40.84 -35.58
CA GLY C 97 50.74 41.19 -36.39
C GLY C 97 50.16 42.29 -35.55
N GLY C 98 49.05 42.02 -34.87
CA GLY C 98 48.53 42.92 -33.85
C GLY C 98 48.19 44.31 -34.35
N ARG C 99 47.98 45.23 -33.40
CA ARG C 99 47.45 46.55 -33.72
C ARG C 99 47.86 47.54 -32.67
N MET C 100 48.65 48.53 -33.09
CA MET C 100 49.33 49.44 -32.16
C MET C 100 48.31 50.05 -31.23
N PHE C 101 48.68 50.20 -29.96
CA PHE C 101 47.75 50.78 -29.00
C PHE C 101 47.54 52.22 -29.38
N ALA C 102 46.26 52.57 -29.47
CA ALA C 102 45.82 53.89 -29.86
C ALA C 102 46.53 54.28 -31.14
N PRO C 103 46.18 53.61 -32.25
CA PRO C 103 46.76 53.96 -33.53
C PRO C 103 46.66 55.44 -33.76
N THR C 104 47.73 56.00 -34.33
CA THR C 104 47.85 57.43 -34.51
C THR C 104 46.84 57.87 -35.55
N LYS C 105 46.28 59.05 -35.34
CA LYS C 105 45.30 59.60 -36.27
C LYS C 105 45.82 60.83 -36.97
N THR C 106 45.17 61.15 -38.08
CA THR C 106 45.49 62.35 -38.83
C THR C 106 45.00 63.58 -38.11
N TRP C 107 43.89 63.47 -37.39
CA TRP C 107 43.27 64.63 -36.74
C TRP C 107 43.76 64.96 -35.34
N ARG C 108 44.93 64.45 -34.99
CA ARG C 108 45.77 65.07 -33.98
C ARG C 108 45.89 66.54 -34.28
N ARG C 109 45.82 67.36 -33.24
CA ARG C 109 45.87 68.81 -33.43
C ARG C 109 47.32 69.24 -33.74
N TRP C 110 47.65 69.23 -35.03
CA TRP C 110 49.01 69.45 -35.49
C TRP C 110 49.38 70.90 -35.36
N HIS C 111 48.51 71.75 -35.89
CA HIS C 111 48.79 73.18 -35.98
C HIS C 111 48.38 73.88 -34.71
N ARG C 112 49.04 75.01 -34.49
CA ARG C 112 49.06 75.68 -33.21
C ARG C 112 49.13 77.14 -33.53
N ARG C 113 48.20 77.88 -32.97
CA ARG C 113 47.94 79.21 -33.46
C ARG C 113 48.19 80.18 -32.34
N VAL C 114 48.86 81.29 -32.66
CA VAL C 114 49.41 82.18 -31.64
C VAL C 114 48.84 83.58 -31.81
N ASN C 115 48.60 84.25 -30.68
CA ASN C 115 48.09 85.62 -30.70
C ASN C 115 49.02 86.55 -31.44
N THR C 116 48.45 87.47 -32.21
CA THR C 116 49.24 88.24 -33.16
C THR C 116 50.21 89.21 -32.51
N THR C 117 49.79 89.93 -31.46
CA THR C 117 50.73 90.80 -30.76
C THR C 117 51.91 90.01 -30.22
N GLN C 118 51.62 88.89 -29.56
CA GLN C 118 52.68 88.00 -29.07
C GLN C 118 53.66 87.62 -30.18
N LYS C 119 53.15 87.27 -31.36
CA LYS C 119 54.06 86.94 -32.45
C LYS C 119 54.95 88.14 -32.72
N ARG C 120 54.35 89.33 -32.81
CA ARG C 120 55.12 90.57 -33.02
C ARG C 120 56.13 90.84 -31.90
N TYR C 121 55.70 90.64 -30.66
CA TYR C 121 56.57 90.84 -29.51
C TYR C 121 57.83 89.99 -29.70
N ALA C 122 57.68 88.72 -30.04
CA ALA C 122 58.84 87.85 -30.28
C ALA C 122 59.76 88.43 -31.35
N ILE C 123 59.16 88.88 -32.44
CA ILE C 123 59.93 89.38 -33.58
C ILE C 123 60.64 90.69 -33.27
N CYS C 124 60.05 91.50 -32.38
CA CYS C 124 60.73 92.67 -31.83
C CYS C 124 61.88 92.28 -30.92
N SER C 125 61.65 91.26 -30.10
CA SER C 125 62.65 90.75 -29.17
C SER C 125 63.88 90.22 -29.88
N ALA C 126 63.66 89.52 -30.98
CA ALA C 126 64.76 88.97 -31.77
C ALA C 126 65.58 90.10 -32.44
N LEU C 127 64.87 91.05 -33.05
CA LEU C 127 65.50 92.23 -33.65
C LEU C 127 66.36 92.95 -32.64
N ALA C 128 65.78 93.24 -31.48
CA ALA C 128 66.47 93.96 -30.40
C ALA C 128 67.76 93.30 -29.90
N ALA C 129 67.83 91.99 -30.04
CA ALA C 129 69.00 91.23 -29.65
C ALA C 129 69.80 90.79 -30.87
N SER C 130 69.48 91.31 -32.05
CA SER C 130 70.36 91.16 -33.21
C SER C 130 71.38 92.29 -33.18
N ALA C 131 71.03 93.37 -32.49
CA ALA C 131 72.01 94.23 -31.85
C ALA C 131 72.70 93.39 -30.76
N LEU C 132 73.43 94.01 -29.83
CA LEU C 132 74.03 93.30 -28.69
C LEU C 132 75.04 92.26 -29.16
N PRO C 133 76.32 92.64 -29.24
CA PRO C 133 77.30 91.70 -29.78
C PRO C 133 77.35 90.41 -28.98
N ALA C 134 77.21 90.53 -27.65
CA ALA C 134 77.22 89.40 -26.75
C ALA C 134 76.23 88.34 -27.14
N LEU C 135 74.98 88.75 -27.35
CA LEU C 135 73.93 87.81 -27.74
C LEU C 135 74.16 87.23 -29.13
N VAL C 136 74.78 88.00 -30.03
CA VAL C 136 75.14 87.49 -31.36
C VAL C 136 76.32 86.51 -31.27
N MET C 137 77.35 86.86 -30.51
CA MET C 137 78.52 86.00 -30.35
C MET C 137 78.16 84.71 -29.61
N SER C 138 77.41 84.84 -28.53
CA SER C 138 76.89 83.69 -27.80
C SER C 138 76.09 82.75 -28.68
N LYS C 139 75.33 83.29 -29.63
CA LYS C 139 74.59 82.45 -30.58
C LYS C 139 75.54 81.85 -31.63
N GLY C 140 76.82 82.13 -31.51
CA GLY C 140 77.88 81.36 -32.16
C GLY C 140 78.60 82.14 -33.25
N HIS C 141 77.89 83.11 -33.83
CA HIS C 141 78.31 83.81 -35.04
C HIS C 141 79.62 84.50 -34.80
N ARG C 142 80.62 84.15 -35.62
CA ARG C 142 81.92 84.77 -35.51
C ARG C 142 81.83 86.19 -36.08
N ILE C 143 81.51 87.13 -35.17
CA ILE C 143 81.24 88.53 -35.50
C ILE C 143 82.35 89.39 -34.88
N GLU C 144 83.56 88.83 -34.80
CA GLU C 144 84.68 89.46 -34.10
C GLU C 144 85.18 90.69 -34.84
N GLU C 145 85.36 90.54 -36.14
CA GLU C 145 85.99 91.56 -37.00
C GLU C 145 84.99 92.43 -37.78
N VAL C 146 83.70 92.29 -37.49
CA VAL C 146 82.68 93.08 -38.17
C VAL C 146 82.69 94.52 -37.65
N PRO C 147 82.46 95.49 -38.54
CA PRO C 147 82.66 96.90 -38.20
C PRO C 147 81.59 97.55 -37.32
N GLU C 148 80.32 97.21 -37.50
CA GLU C 148 79.25 97.75 -36.65
C GLU C 148 78.05 96.81 -36.66
N LEU C 149 77.49 96.58 -35.48
CA LEU C 149 76.74 95.36 -35.24
C LEU C 149 75.33 95.36 -35.83
N PRO C 150 74.55 96.45 -35.63
CA PRO C 150 73.42 96.53 -36.55
C PRO C 150 74.01 96.92 -37.91
N LEU C 151 74.46 95.90 -38.64
CA LEU C 151 75.28 96.07 -39.84
C LEU C 151 74.38 96.40 -41.01
N VAL C 152 74.47 97.64 -41.47
CA VAL C 152 73.65 98.14 -42.55
C VAL C 152 74.56 98.52 -43.71
N VAL C 153 74.08 98.36 -44.93
CA VAL C 153 74.91 98.49 -46.11
C VAL C 153 74.25 99.37 -47.17
N GLU C 154 75.07 99.91 -48.05
CA GLU C 154 74.65 100.50 -49.32
C GLU C 154 73.53 99.69 -50.00
N ASP C 155 72.78 100.33 -50.89
CA ASP C 155 71.68 99.65 -51.58
C ASP C 155 71.96 99.42 -53.08
N LYS C 156 73.24 99.21 -53.41
CA LYS C 156 73.61 98.61 -54.69
C LYS C 156 73.42 97.11 -54.54
N VAL C 157 73.57 96.63 -53.30
CA VAL C 157 73.44 95.22 -52.93
C VAL C 157 72.10 94.62 -53.37
N GLU C 158 71.11 95.47 -53.59
CA GLU C 158 69.94 95.08 -54.37
C GLU C 158 70.36 94.68 -55.78
N GLY C 159 71.36 95.38 -56.31
CA GLY C 159 71.76 95.20 -57.70
C GLY C 159 72.27 93.81 -58.04
N TYR C 160 73.04 93.19 -57.16
CA TYR C 160 73.96 92.15 -57.60
C TYR C 160 73.20 90.97 -58.21
N LYS C 161 73.70 90.46 -59.33
CA LYS C 161 73.11 89.29 -59.96
C LYS C 161 73.99 88.03 -59.98
N LYS C 162 75.12 88.07 -59.29
CA LYS C 162 76.08 86.96 -59.34
C LYS C 162 76.59 86.69 -57.94
N THR C 163 76.73 85.42 -57.57
CA THR C 163 77.29 85.06 -56.25
C THR C 163 78.62 85.76 -56.02
N LYS C 164 79.42 85.82 -57.08
CA LYS C 164 80.72 86.47 -57.06
C LYS C 164 80.68 87.77 -56.23
N GLU C 165 79.78 88.68 -56.61
CA GLU C 165 79.58 89.96 -55.94
C GLU C 165 79.20 89.79 -54.47
N ALA C 166 78.22 88.91 -54.25
CA ALA C 166 77.64 88.67 -52.92
C ALA C 166 78.66 88.15 -51.93
N VAL C 167 79.59 87.31 -52.40
CA VAL C 167 80.63 86.78 -51.56
C VAL C 167 81.69 87.83 -51.31
N LEU C 168 82.11 88.53 -52.36
CA LEU C 168 83.07 89.62 -52.21
C LEU C 168 82.59 90.61 -51.16
N LEU C 169 81.32 91.01 -51.25
CA LEU C 169 80.71 91.87 -50.23
C LEU C 169 80.96 91.31 -48.83
N LEU C 170 80.55 90.06 -48.62
CA LEU C 170 80.67 89.41 -47.32
C LEU C 170 82.11 89.34 -46.81
N LYS C 171 83.08 89.27 -47.72
CA LYS C 171 84.50 89.26 -47.32
C LYS C 171 85.05 90.63 -46.91
N LYS C 172 84.59 91.68 -47.58
CA LYS C 172 84.95 93.05 -47.17
C LYS C 172 84.36 93.40 -45.81
N LEU C 173 83.09 93.07 -45.62
CA LEU C 173 82.38 93.32 -44.36
C LEU C 173 82.87 92.42 -43.22
N LYS C 174 83.75 91.46 -43.54
CA LYS C 174 84.31 90.52 -42.57
C LYS C 174 83.27 89.54 -42.01
N ALA C 175 82.17 89.38 -42.74
CA ALA C 175 81.09 88.45 -42.38
C ALA C 175 81.32 87.06 -42.96
N TRP C 176 82.38 86.92 -43.77
CA TRP C 176 82.70 85.67 -44.42
C TRP C 176 83.05 84.54 -43.46
N ASN C 177 83.69 84.89 -42.34
CA ASN C 177 84.16 83.87 -41.40
C ASN C 177 83.01 83.14 -40.71
N ASP C 178 81.81 83.73 -40.73
CA ASP C 178 80.58 82.96 -40.44
C ASP C 178 80.27 81.94 -41.53
N ILE C 179 80.35 82.36 -42.80
CA ILE C 179 80.09 81.45 -43.92
C ILE C 179 81.13 80.32 -43.91
N LYS C 180 82.37 80.71 -43.72
CA LYS C 180 83.48 79.77 -43.53
C LYS C 180 83.15 78.70 -42.48
N LYS C 181 82.56 79.14 -41.37
CA LYS C 181 82.17 78.27 -40.26
C LYS C 181 80.96 77.42 -40.62
N VAL C 182 80.10 77.91 -41.51
CA VAL C 182 79.02 77.11 -42.08
C VAL C 182 79.60 75.93 -42.87
N TYR C 183 80.54 76.21 -43.77
CA TYR C 183 81.20 75.13 -44.51
C TYR C 183 81.76 74.10 -43.56
N ALA C 184 82.41 74.58 -42.50
CA ALA C 184 83.04 73.71 -41.51
C ALA C 184 82.05 72.80 -40.79
N SER C 185 80.83 73.28 -40.59
CA SER C 185 79.79 72.50 -39.91
C SER C 185 79.14 71.43 -40.79
N GLN C 186 79.19 71.57 -42.12
CA GLN C 186 78.53 70.61 -43.03
C GLN C 186 78.95 69.17 -42.76
N ARG C 187 78.03 68.38 -42.22
CA ARG C 187 78.30 66.98 -41.89
C ARG C 187 77.04 66.13 -41.96
N MET C 188 77.20 64.82 -41.85
CA MET C 188 76.09 63.90 -42.00
C MET C 188 75.26 63.86 -40.73
N ARG C 189 73.96 63.73 -40.90
CA ARG C 189 73.03 63.76 -39.78
C ARG C 189 73.13 62.46 -39.04
N ALA C 190 72.85 62.48 -37.75
CA ALA C 190 72.75 61.26 -36.97
C ALA C 190 71.39 60.61 -37.17
N GLY C 191 71.41 59.39 -37.69
CA GLY C 191 70.26 58.50 -37.63
C GLY C 191 69.13 58.73 -38.63
N LYS C 192 67.97 58.18 -38.29
CA LYS C 192 66.93 57.79 -39.25
C LYS C 192 66.47 58.85 -40.26
N GLY C 193 66.60 60.12 -39.90
CA GLY C 193 66.38 61.23 -40.83
C GLY C 193 67.34 61.26 -42.00
N LYS C 194 68.48 60.58 -41.87
CA LYS C 194 69.33 60.26 -43.02
C LYS C 194 68.61 59.55 -44.15
N MET C 195 67.82 58.53 -43.81
CA MET C 195 67.06 57.80 -44.83
C MET C 195 65.71 58.44 -45.20
N ARG C 196 65.49 59.69 -44.75
CA ARG C 196 64.27 60.44 -45.04
C ARG C 196 64.56 61.87 -45.47
N ASN C 197 65.57 62.04 -46.33
CA ASN C 197 65.83 63.32 -46.98
C ASN C 197 66.15 64.48 -46.05
N ARG C 198 66.80 64.18 -44.94
CA ARG C 198 67.37 65.19 -44.06
C ARG C 198 68.81 64.79 -43.80
N ARG C 199 69.47 64.30 -44.85
CA ARG C 199 70.72 63.57 -44.71
C ARG C 199 71.91 64.43 -44.27
N ARG C 200 71.98 65.65 -44.79
CA ARG C 200 73.07 66.57 -44.43
C ARG C 200 72.53 67.66 -43.51
N ILE C 201 73.41 68.20 -42.67
CA ILE C 201 73.05 69.29 -41.74
C ILE C 201 74.23 70.26 -41.56
N GLN C 202 73.95 71.48 -41.10
CA GLN C 202 75.00 72.53 -41.01
C GLN C 202 74.57 73.71 -40.13
N ARG C 203 75.36 74.79 -40.14
CA ARG C 203 75.00 76.05 -39.46
C ARG C 203 73.96 76.89 -40.15
N ARG C 204 73.35 77.76 -39.36
CA ARG C 204 72.65 78.94 -39.86
C ARG C 204 73.68 80.05 -40.01
N GLY C 205 73.53 80.84 -41.06
CA GLY C 205 74.50 81.88 -41.38
C GLY C 205 73.96 83.27 -41.12
N PRO C 206 74.65 84.29 -41.65
CA PRO C 206 74.14 85.65 -41.66
C PRO C 206 72.75 85.77 -42.28
N CYS C 207 71.83 86.38 -41.54
CA CYS C 207 70.57 86.86 -42.13
C CYS C 207 70.92 88.02 -43.06
N VAL C 208 70.10 88.24 -44.07
CA VAL C 208 70.25 89.44 -44.89
C VAL C 208 68.90 90.04 -45.16
N ILE C 209 68.58 91.11 -44.44
CA ILE C 209 67.30 91.75 -44.63
C ILE C 209 67.46 92.71 -45.80
N TYR C 210 66.61 92.53 -46.81
CA TYR C 210 66.51 93.44 -47.95
C TYR C 210 65.12 94.08 -47.96
N ASN C 211 65.00 95.20 -48.67
CA ASN C 211 63.72 95.90 -48.84
C ASN C 211 63.00 95.46 -50.12
N GLU C 212 63.77 95.26 -51.19
CA GLU C 212 63.25 94.80 -52.46
C GLU C 212 64.31 93.94 -53.17
N ASP C 213 63.90 92.82 -53.75
CA ASP C 213 64.80 92.02 -54.56
C ASP C 213 64.90 92.67 -55.93
N ASN C 214 66.02 93.32 -56.21
CA ASN C 214 66.30 93.85 -57.54
C ASN C 214 67.26 92.92 -58.30
N GLY C 215 67.42 91.70 -57.78
CA GLY C 215 68.47 90.78 -58.15
C GLY C 215 69.14 90.07 -56.98
N ILE C 216 69.04 90.64 -55.76
CA ILE C 216 69.83 90.16 -54.63
C ILE C 216 69.63 88.70 -54.29
N VAL C 217 68.38 88.23 -54.24
CA VAL C 217 68.10 86.92 -53.66
C VAL C 217 68.62 85.80 -54.55
N LYS C 218 68.82 86.09 -55.83
CA LYS C 218 69.61 85.24 -56.73
C LYS C 218 71.09 85.18 -56.36
N ALA C 219 71.65 86.35 -56.05
CA ALA C 219 73.06 86.47 -55.74
C ALA C 219 73.43 85.71 -54.50
N PHE C 220 72.77 86.00 -53.40
CA PHE C 220 72.96 85.25 -52.19
C PHE C 220 71.94 84.13 -52.32
N ARG C 221 72.41 82.93 -52.56
CA ARG C 221 71.52 81.81 -52.78
C ARG C 221 72.34 80.54 -52.57
N ASN C 222 73.37 80.37 -53.41
CA ASN C 222 74.28 79.25 -53.25
C ASN C 222 75.24 79.40 -52.07
N ILE C 223 75.37 80.59 -51.49
CA ILE C 223 76.27 80.80 -50.36
C ILE C 223 75.63 80.12 -49.15
N PRO C 224 76.17 78.96 -48.73
CA PRO C 224 75.48 78.16 -47.74
C PRO C 224 75.52 78.82 -46.37
N GLY C 225 74.37 78.88 -45.72
CA GLY C 225 74.21 79.59 -44.45
C GLY C 225 73.27 80.76 -44.56
N ILE C 226 73.27 81.46 -45.69
CA ILE C 226 72.53 82.72 -45.82
C ILE C 226 71.04 82.45 -45.99
N THR C 227 70.23 83.20 -45.23
CA THR C 227 68.81 83.33 -45.48
C THR C 227 68.50 84.80 -45.74
N LEU C 228 67.62 85.02 -46.71
CA LEU C 228 67.22 86.35 -47.11
C LEU C 228 65.80 86.59 -46.66
N LEU C 229 65.58 87.74 -46.03
CA LEU C 229 64.25 88.17 -45.69
C LEU C 229 63.92 89.49 -46.36
N ASN C 230 62.64 89.67 -46.65
CA ASN C 230 62.05 90.98 -46.83
C ASN C 230 61.92 91.62 -45.44
N VAL C 231 61.97 92.94 -45.38
CA VAL C 231 61.70 93.66 -44.10
C VAL C 231 60.23 93.61 -43.82
N THR C 232 59.45 93.85 -44.87
CA THR C 232 58.01 93.89 -44.79
C THR C 232 57.36 92.53 -44.53
N LYS C 233 58.14 91.43 -44.52
CA LYS C 233 57.61 90.10 -44.22
C LYS C 233 58.57 89.30 -43.34
N LEU C 234 58.88 89.83 -42.15
CA LEU C 234 59.83 89.18 -41.25
C LEU C 234 59.21 87.96 -40.57
N ASN C 235 60.09 87.10 -40.04
CA ASN C 235 59.72 85.77 -39.61
C ASN C 235 60.56 85.37 -38.41
N ILE C 236 59.90 84.94 -37.34
CA ILE C 236 60.62 84.64 -36.08
C ILE C 236 61.29 83.29 -36.20
N LEU C 237 60.77 82.42 -37.06
CA LEU C 237 61.41 81.14 -37.33
C LEU C 237 62.82 81.33 -37.88
N LYS C 238 63.07 82.45 -38.55
CA LYS C 238 64.37 82.76 -39.13
C LYS C 238 65.23 83.75 -38.33
N LEU C 239 64.59 84.71 -37.66
CA LEU C 239 65.32 85.69 -36.84
C LEU C 239 65.77 85.12 -35.50
N ALA C 240 65.10 84.06 -35.02
CA ALA C 240 65.45 83.42 -33.74
C ALA C 240 65.47 81.91 -33.88
N PRO C 241 66.38 81.37 -34.70
CA PRO C 241 66.36 79.93 -34.97
C PRO C 241 66.79 79.10 -33.76
N GLY C 242 66.04 78.03 -33.51
CA GLY C 242 66.15 77.25 -32.30
C GLY C 242 65.34 77.87 -31.17
N GLY C 243 64.55 78.89 -31.48
CA GLY C 243 63.95 79.75 -30.47
C GLY C 243 65.01 80.49 -29.67
N HIS C 244 66.17 80.69 -30.29
CA HIS C 244 67.32 81.26 -29.63
C HIS C 244 67.55 82.61 -30.25
N VAL C 245 67.84 83.59 -29.40
CA VAL C 245 67.42 84.96 -29.64
C VAL C 245 68.33 85.77 -30.57
N GLY C 246 69.65 85.62 -30.41
CA GLY C 246 70.63 86.34 -31.22
C GLY C 246 70.74 85.74 -32.61
N ARG C 247 71.38 86.48 -33.50
CA ARG C 247 71.57 86.07 -34.90
C ARG C 247 72.13 87.28 -35.62
N PHE C 248 73.26 87.07 -36.27
CA PHE C 248 73.91 88.09 -37.03
C PHE C 248 73.11 88.30 -38.30
N CYS C 249 72.69 89.54 -38.53
CA CYS C 249 71.99 89.92 -39.74
C CYS C 249 72.79 90.96 -40.48
N ILE C 250 72.32 91.29 -41.68
CA ILE C 250 72.96 92.26 -42.54
C ILE C 250 71.86 93.06 -43.23
N TRP C 251 71.77 94.34 -42.88
CA TRP C 251 70.67 95.18 -43.33
C TRP C 251 71.01 95.96 -44.60
N THR C 252 69.97 96.35 -45.32
CA THR C 252 70.08 97.24 -46.46
C THR C 252 69.43 98.52 -46.04
N GLU C 253 70.12 99.64 -46.27
CA GLU C 253 69.71 100.95 -45.75
C GLU C 253 68.22 101.24 -46.02
N SER C 254 67.75 100.88 -47.21
CA SER C 254 66.34 100.98 -47.58
C SER C 254 65.44 100.18 -46.62
N ALA C 255 65.87 98.95 -46.32
CA ALA C 255 65.19 98.09 -45.34
C ALA C 255 65.32 98.57 -43.90
N PHE C 256 66.52 99.02 -43.56
CA PHE C 256 66.84 99.45 -42.20
C PHE C 256 66.17 100.75 -41.82
N ARG C 257 65.88 101.58 -42.81
CA ARG C 257 64.98 102.71 -42.63
C ARG C 257 63.55 102.26 -42.36
N LYS C 258 63.08 101.31 -43.16
CA LYS C 258 61.69 100.84 -43.10
C LYS C 258 61.25 100.21 -41.76
N LEU C 259 62.21 99.75 -40.94
CA LEU C 259 61.87 99.12 -39.65
C LEU C 259 61.00 99.96 -38.74
N ASP C 260 61.29 101.26 -38.63
CA ASP C 260 60.53 102.13 -37.72
C ASP C 260 59.11 102.38 -38.26
N ASP C 261 58.98 102.46 -39.59
CA ASP C 261 57.66 102.49 -40.25
C ASP C 261 56.87 101.21 -40.06
N LEU C 262 57.54 100.07 -40.01
CA LEU C 262 56.86 98.79 -39.76
C LEU C 262 56.44 98.65 -38.31
N TYR C 263 57.38 98.87 -37.39
CA TYR C 263 57.16 98.57 -35.98
C TYR C 263 56.74 99.74 -35.11
N GLY C 264 56.89 100.96 -35.62
CA GLY C 264 56.54 102.17 -34.86
C GLY C 264 57.52 102.41 -33.73
N THR C 265 58.01 103.64 -33.61
CA THR C 265 58.81 104.03 -32.44
C THR C 265 57.92 104.10 -31.21
N TRP C 266 58.46 104.53 -30.07
CA TRP C 266 57.65 104.56 -28.85
C TRP C 266 56.60 105.65 -28.79
N ARG C 267 56.80 106.73 -29.53
CA ARG C 267 55.85 107.83 -29.54
C ARG C 267 55.21 108.03 -30.90
N LYS C 268 55.12 106.94 -31.66
CA LYS C 268 54.52 106.96 -32.97
C LYS C 268 53.99 105.57 -33.24
N ALA C 269 52.79 105.50 -33.80
CA ALA C 269 52.21 104.22 -34.19
C ALA C 269 53.08 103.49 -35.21
N ALA C 270 52.67 102.26 -35.51
CA ALA C 270 53.34 101.48 -36.53
C ALA C 270 53.30 102.22 -37.85
N SER C 271 52.11 102.66 -38.27
CA SER C 271 51.92 103.37 -39.55
C SER C 271 52.15 102.46 -40.76
N LEU C 272 51.66 101.23 -40.64
CA LEU C 272 51.99 100.10 -41.55
C LEU C 272 51.46 98.76 -41.01
N LYS C 273 51.36 98.66 -39.69
CA LYS C 273 50.63 97.59 -39.00
C LYS C 273 49.44 98.19 -38.25
N SER C 274 48.58 98.89 -39.00
CA SER C 274 47.35 99.50 -38.44
C SER C 274 47.48 99.96 -36.99
N ASN C 275 47.16 99.05 -36.06
CA ASN C 275 47.07 99.35 -34.64
C ASN C 275 48.14 98.55 -33.90
N TYR C 276 49.29 99.18 -33.69
CA TYR C 276 50.43 98.54 -33.05
C TYR C 276 51.43 99.58 -32.58
N ASN C 277 52.11 99.26 -31.49
CA ASN C 277 53.31 99.96 -31.08
C ASN C 277 54.27 98.95 -30.50
N LEU C 278 55.46 99.39 -30.10
CA LEU C 278 56.34 98.49 -29.40
C LEU C 278 55.71 98.10 -28.08
N PRO C 279 56.13 96.96 -27.53
CA PRO C 279 55.77 96.64 -26.16
C PRO C 279 56.54 97.54 -25.20
N MET C 280 55.84 98.07 -24.21
CA MET C 280 56.43 98.95 -23.21
C MET C 280 57.35 98.11 -22.32
N HIS C 281 58.31 98.76 -21.66
CA HIS C 281 59.23 98.06 -20.76
C HIS C 281 58.67 97.98 -19.35
N LYS C 282 58.96 96.88 -18.66
CA LYS C 282 58.51 96.67 -17.29
C LYS C 282 59.44 97.43 -16.36
N MET C 283 60.74 97.19 -16.49
CA MET C 283 61.76 97.96 -15.76
C MET C 283 62.71 98.65 -16.74
N LEU C 284 63.05 99.92 -16.47
CA LEU C 284 63.89 100.71 -17.38
C LEU C 284 65.40 100.60 -17.14
N ASN C 285 65.84 100.88 -15.91
CA ASN C 285 67.24 100.63 -15.51
C ASN C 285 67.50 99.14 -15.39
N THR C 286 68.10 98.56 -16.42
CA THR C 286 68.33 97.11 -16.44
C THR C 286 69.56 96.74 -15.60
N ASP C 287 70.62 97.54 -15.71
CA ASP C 287 71.84 97.34 -14.92
C ASP C 287 71.53 97.66 -13.48
N LEU C 288 71.28 96.62 -12.70
CA LEU C 288 71.01 96.75 -11.27
C LEU C 288 72.28 97.05 -10.48
N SER C 289 73.44 96.69 -11.02
CA SER C 289 74.71 97.10 -10.41
C SER C 289 74.84 98.62 -10.34
N ARG C 290 74.28 99.33 -11.32
CA ARG C 290 74.29 100.80 -11.32
C ARG C 290 73.29 101.33 -10.29
N ILE C 291 72.18 100.62 -10.12
CA ILE C 291 71.20 100.93 -9.09
C ILE C 291 71.82 100.67 -7.70
N LEU C 292 72.14 99.41 -7.41
CA LEU C 292 72.50 98.99 -6.05
C LEU C 292 73.68 99.69 -5.41
N LYS C 293 74.64 100.14 -6.20
CA LYS C 293 75.72 100.98 -5.65
C LYS C 293 75.54 102.42 -6.14
N SER C 294 74.29 102.90 -6.02
CA SER C 294 73.99 104.32 -6.15
C SER C 294 74.13 104.98 -4.78
N PRO C 295 74.23 106.31 -4.74
CA PRO C 295 74.14 107.03 -3.47
C PRO C 295 72.80 106.85 -2.77
N GLU C 296 71.73 107.02 -3.54
CA GLU C 296 70.35 107.10 -3.03
C GLU C 296 69.93 105.86 -2.23
N ILE C 297 70.39 104.70 -2.69
CA ILE C 297 69.98 103.41 -2.11
C ILE C 297 70.89 102.96 -0.99
N GLN C 298 72.20 102.95 -1.24
CA GLN C 298 73.14 102.53 -0.20
C GLN C 298 73.13 103.41 1.05
N ARG C 299 72.75 104.67 0.88
CA ARG C 299 72.38 105.55 2.00
C ARG C 299 71.40 104.84 2.94
N ALA C 300 70.39 104.21 2.35
CA ALA C 300 69.31 103.56 3.09
C ALA C 300 69.42 102.04 3.10
N LEU C 301 70.48 101.53 3.71
CA LEU C 301 70.60 100.09 4.01
C LEU C 301 71.34 99.93 5.33
N ARG C 302 70.89 99.00 6.17
CA ARG C 302 71.64 98.61 7.36
C ARG C 302 72.99 98.07 6.91
N ALA C 303 73.96 98.15 7.81
CA ALA C 303 75.31 97.66 7.51
C ALA C 303 75.34 96.13 7.50
N PRO C 304 76.05 95.54 6.54
CA PRO C 304 75.92 94.14 6.28
C PRO C 304 76.59 93.30 7.34
N ARG C 305 75.79 92.51 8.02
CA ARG C 305 76.26 91.60 9.03
C ARG C 305 76.89 90.44 8.27
N LYS C 306 78.20 90.25 8.46
CA LYS C 306 78.95 89.26 7.70
C LYS C 306 80.11 88.65 8.46
N LYS C 307 79.82 88.02 9.59
CA LYS C 307 80.87 87.45 10.43
C LYS C 307 81.08 85.95 10.27
N ILE C 308 79.99 85.21 10.05
CA ILE C 308 79.97 83.74 10.08
C ILE C 308 80.12 83.29 11.53
N HIS C 309 78.99 82.97 12.15
CA HIS C 309 78.96 82.37 13.48
C HIS C 309 78.78 80.87 13.30
N ARG C 310 79.88 80.14 13.29
CA ARG C 310 79.83 78.69 13.14
C ARG C 310 79.40 78.06 14.46
N ARG C 311 79.11 76.76 14.42
CA ARG C 311 78.51 76.09 15.56
C ARG C 311 79.59 75.93 16.63
N VAL C 312 79.32 76.52 17.79
CA VAL C 312 80.20 76.39 18.93
C VAL C 312 80.09 75.00 19.54
N LEU C 313 81.24 74.43 19.89
CA LEU C 313 81.31 73.19 20.64
C LEU C 313 80.93 73.46 22.09
N LYS C 314 80.05 72.65 22.65
CA LYS C 314 79.76 72.75 24.08
C LYS C 314 80.81 72.01 24.89
N LYS C 315 81.76 72.77 25.44
CA LYS C 315 82.64 72.24 26.47
C LYS C 315 81.83 72.17 27.75
N ASN C 316 81.94 71.04 28.45
CA ASN C 316 81.15 70.83 29.67
C ASN C 316 81.75 71.65 30.79
N PRO C 317 80.96 72.60 31.36
CA PRO C 317 81.48 73.47 32.41
C PRO C 317 82.07 72.70 33.60
N LEU C 318 81.39 71.62 33.99
CA LEU C 318 81.69 70.92 35.21
C LEU C 318 83.03 70.18 35.18
N LYS C 319 83.51 69.86 33.98
CA LYS C 319 84.87 69.37 33.79
C LYS C 319 85.82 70.52 33.45
N ASN C 320 85.39 71.41 32.55
CA ASN C 320 86.26 72.45 32.00
C ASN C 320 86.22 73.74 32.82
N LEU C 321 87.15 73.82 33.79
CA LEU C 321 87.18 74.90 34.81
C LEU C 321 86.90 76.27 34.22
N ARG C 322 87.61 76.60 33.15
CA ARG C 322 87.53 77.93 32.56
C ARG C 322 86.23 78.24 31.85
N ILE C 323 85.50 77.21 31.46
CA ILE C 323 84.16 77.36 30.91
C ILE C 323 83.17 77.67 32.01
N MET C 324 83.31 76.98 33.14
CA MET C 324 82.53 77.27 34.35
C MET C 324 82.69 78.73 34.75
N LEU C 325 83.95 79.18 34.78
CA LEU C 325 84.29 80.57 35.13
C LEU C 325 83.72 81.57 34.13
N LYS C 326 83.78 81.22 32.86
CA LYS C 326 83.18 82.03 31.81
C LYS C 326 81.69 82.24 32.06
N LEU C 327 80.99 81.15 32.35
CA LEU C 327 79.56 81.21 32.64
C LEU C 327 79.24 81.79 34.03
N ASN C 328 80.10 81.52 35.00
CA ASN C 328 79.91 81.98 36.38
C ASN C 328 81.26 82.13 37.07
N PRO C 329 81.74 83.37 37.19
CA PRO C 329 83.09 83.60 37.69
C PRO C 329 83.24 83.36 39.20
N TYR C 330 82.13 83.37 39.94
CA TYR C 330 82.16 83.11 41.38
C TYR C 330 82.60 81.68 41.74
N ALA C 331 82.56 80.79 40.76
CA ALA C 331 83.13 79.46 40.88
C ALA C 331 84.57 79.44 41.37
N LYS C 332 85.41 80.31 40.80
CA LYS C 332 86.84 80.41 41.16
C LYS C 332 87.01 80.41 42.69
N THR C 333 86.30 81.32 43.33
CA THR C 333 86.38 81.53 44.77
C THR C 333 85.84 80.34 45.53
N MET C 334 84.65 79.92 45.13
CA MET C 334 84.01 78.75 45.70
C MET C 334 84.92 77.53 45.68
N ARG C 335 85.72 77.38 44.62
CA ARG C 335 86.64 76.26 44.53
C ARG C 335 87.97 76.55 45.18
N ARG C 336 88.37 77.82 45.29
CA ARG C 336 89.56 78.19 46.08
C ARG C 336 89.32 77.86 47.53
N ASN C 337 88.21 78.37 48.06
CA ASN C 337 87.61 77.78 49.26
C ASN C 337 87.23 76.37 48.86
N THR C 338 87.17 75.46 49.81
CA THR C 338 86.99 74.02 49.53
C THR C 338 88.13 73.33 48.78
N ILE C 339 89.25 74.01 48.56
CA ILE C 339 90.52 73.28 48.59
C ILE C 339 91.12 73.60 49.93
N LEU C 340 91.26 74.90 50.20
CA LEU C 340 91.84 75.37 51.45
C LEU C 340 91.08 74.81 52.64
N ARG C 341 89.76 74.93 52.61
CA ARG C 341 88.91 74.46 53.72
C ARG C 341 89.18 73.00 54.04
N GLN C 342 89.32 72.20 53.00
CA GLN C 342 89.48 70.76 53.18
C GLN C 342 90.87 70.41 53.68
N ALA C 343 91.88 71.11 53.17
CA ALA C 343 93.25 71.00 53.65
C ALA C 343 93.32 71.39 55.12
N ARG C 344 92.78 72.55 55.44
CA ARG C 344 92.70 73.02 56.82
C ARG C 344 92.20 71.89 57.72
N ASN C 345 91.05 71.34 57.38
CA ASN C 345 90.42 70.32 58.21
C ASN C 345 91.19 69.02 58.23
N HIS C 346 91.84 68.69 57.11
CA HIS C 346 92.69 67.51 57.03
C HIS C 346 93.89 67.60 57.96
N LYS C 347 94.56 68.75 57.96
CA LYS C 347 95.58 69.06 58.96
C LYS C 347 95.08 68.87 60.38
N LEU C 348 93.89 69.41 60.66
CA LEU C 348 93.33 69.37 62.02
C LEU C 348 92.98 67.94 62.46
N ARG C 349 92.66 67.07 61.51
CA ARG C 349 92.47 65.65 61.81
C ARG C 349 93.76 64.94 62.18
N VAL C 350 94.85 65.26 61.48
CA VAL C 350 96.17 64.72 61.84
C VAL C 350 96.58 65.15 63.24
N GLU C 351 96.24 66.40 63.58
CA GLU C 351 96.58 66.97 64.88
C GLU C 351 95.80 66.30 66.01
N ARG C 352 94.53 65.99 65.77
CA ARG C 352 93.74 65.16 66.69
C ARG C 352 94.36 63.77 66.85
N ALA C 353 94.73 63.16 65.72
CA ALA C 353 95.32 61.82 65.71
C ALA C 353 96.66 61.74 66.43
N ALA C 354 97.45 62.81 66.33
CA ALA C 354 98.73 62.92 67.06
C ALA C 354 98.52 63.08 68.57
N ALA C 355 97.51 63.86 68.96
CA ALA C 355 97.13 64.02 70.37
C ALA C 355 96.56 62.73 70.98
N ALA C 356 95.82 61.96 70.18
CA ALA C 356 95.29 60.65 70.60
C ALA C 356 96.40 59.61 70.79
N LEU C 357 97.39 59.64 69.91
CA LEU C 357 98.59 58.80 70.04
C LEU C 357 99.43 59.18 71.26
N ALA C 358 99.56 60.48 71.51
CA ALA C 358 100.26 61.00 72.69
C ALA C 358 99.53 60.65 73.99
N ALA C 359 98.19 60.73 73.96
CA ALA C 359 97.36 60.30 75.09
C ALA C 359 97.43 58.79 75.33
N LYS C 360 97.55 58.01 74.25
CA LYS C 360 97.74 56.56 74.35
C LYS C 360 99.11 56.20 74.93
N LYS C 361 100.14 56.93 74.51
CA LYS C 361 101.50 56.76 75.05
C LYS C 361 101.60 57.13 76.54
N SER C 362 100.91 58.19 76.94
CA SER C 362 100.83 58.61 78.34
C SER C 362 100.09 57.59 79.21
N PHE D 1 -13.09 46.68 59.84
CA PHE D 1 -11.72 47.08 59.39
C PHE D 1 -11.56 47.04 57.87
N VAL D 2 -10.50 47.69 57.39
CA VAL D 2 -10.15 47.76 55.96
C VAL D 2 -8.66 47.99 55.80
N LYS D 3 -8.17 47.97 54.56
CA LYS D 3 -6.79 48.36 54.28
C LYS D 3 -6.65 49.83 54.63
N VAL D 4 -5.62 50.15 55.41
CA VAL D 4 -5.37 51.53 55.81
C VAL D 4 -4.95 52.28 54.56
N VAL D 5 -5.74 53.29 54.21
CA VAL D 5 -5.53 54.04 52.97
C VAL D 5 -4.33 54.96 53.14
N LYS D 6 -4.17 55.51 54.34
CA LYS D 6 -3.13 56.49 54.61
C LYS D 6 -2.01 55.89 55.48
N ASN D 7 -1.15 55.10 54.82
CA ASN D 7 0.01 54.43 55.44
C ASN D 7 1.19 55.37 55.61
N LYS D 8 2.29 54.84 56.18
CA LYS D 8 3.62 55.44 55.98
C LYS D 8 3.81 55.72 54.50
N ALA D 9 3.71 54.66 53.71
CA ALA D 9 3.86 54.72 52.25
C ALA D 9 3.12 55.90 51.66
N TYR D 10 1.82 55.98 51.93
CA TYR D 10 0.96 57.03 51.40
C TYR D 10 1.58 58.40 51.60
N PHE D 11 2.01 58.67 52.83
CA PHE D 11 2.63 59.95 53.17
C PHE D 11 4.02 60.14 52.58
N LYS D 12 4.77 59.05 52.42
CA LYS D 12 6.08 59.13 51.77
C LYS D 12 5.93 59.57 50.31
N ARG D 13 4.99 58.95 49.60
CA ARG D 13 4.77 59.25 48.19
C ARG D 13 3.99 60.55 47.99
N TYR D 14 3.32 61.06 49.03
CA TYR D 14 2.37 62.19 48.91
C TYR D 14 3.04 63.48 48.54
N GLN D 15 2.44 64.21 47.61
CA GLN D 15 2.92 65.55 47.27
C GLN D 15 1.83 66.54 47.66
N VAL D 16 2.19 67.53 48.46
CA VAL D 16 1.25 68.61 48.77
C VAL D 16 1.03 69.47 47.55
N LYS D 17 -0.10 70.15 47.54
CA LYS D 17 -0.32 71.20 46.58
C LYS D 17 0.18 72.46 47.22
N PHE D 18 0.47 73.46 46.39
CA PHE D 18 1.05 74.73 46.86
C PHE D 18 0.36 75.24 48.12
N ARG D 19 1.03 76.09 48.88
CA ARG D 19 0.41 76.64 50.09
C ARG D 19 -0.96 77.30 49.86
N ARG D 20 -1.06 78.26 48.94
CA ARG D 20 -2.35 79.00 48.76
C ARG D 20 -3.41 78.11 48.08
N ARG D 21 -2.99 77.13 47.28
CA ARG D 21 -3.92 76.11 46.76
C ARG D 21 -4.52 75.28 47.87
N ARG D 22 -3.72 74.99 48.90
CA ARG D 22 -4.23 74.30 50.09
C ARG D 22 -5.21 75.17 50.86
N GLU D 23 -4.87 76.44 51.02
CA GLU D 23 -5.69 77.41 51.76
C GLU D 23 -6.99 77.75 51.05
N GLY D 24 -7.07 77.46 49.75
CA GLY D 24 -8.29 77.65 48.99
C GLY D 24 -8.41 79.11 48.64
N LYS D 25 -7.46 79.59 47.85
CA LYS D 25 -7.30 81.01 47.58
C LYS D 25 -6.90 81.33 46.15
N THR D 26 -5.86 80.67 45.66
CA THR D 26 -5.19 81.06 44.43
C THR D 26 -5.37 80.02 43.32
N ASP D 27 -6.15 80.39 42.29
CA ASP D 27 -6.27 79.57 41.09
C ASP D 27 -5.04 79.79 40.23
N TYR D 28 -4.03 78.96 40.44
CA TYR D 28 -2.76 79.08 39.72
C TYR D 28 -2.84 78.85 38.19
N TYR D 29 -3.88 78.15 37.74
CA TYR D 29 -4.21 78.05 36.31
C TYR D 29 -4.48 79.42 35.75
N ALA D 30 -5.32 80.18 36.46
CA ALA D 30 -5.70 81.52 36.05
C ALA D 30 -4.60 82.51 36.35
N ARG D 31 -3.84 82.26 37.41
CA ARG D 31 -2.80 83.19 37.81
C ARG D 31 -1.74 83.35 36.72
N LYS D 32 -1.35 82.22 36.12
CA LYS D 32 -0.36 82.20 35.04
C LYS D 32 -0.81 83.03 33.83
N ARG D 33 -2.06 82.90 33.43
CA ARG D 33 -2.57 83.64 32.27
C ARG D 33 -2.66 85.14 32.58
N LEU D 34 -3.11 85.44 33.81
CA LEU D 34 -3.29 86.82 34.27
C LEU D 34 -2.04 87.65 34.30
N VAL D 35 -1.01 87.08 34.91
CA VAL D 35 -0.01 87.87 35.59
C VAL D 35 1.32 87.98 34.85
N ILE D 36 1.69 86.92 34.13
CA ILE D 36 2.98 86.90 33.44
C ILE D 36 2.94 87.79 32.21
N GLN D 37 4.07 88.43 31.95
CA GLN D 37 4.23 89.27 30.78
C GLN D 37 4.69 88.47 29.60
N ASP D 38 4.61 89.09 28.43
CA ASP D 38 5.32 88.61 27.27
C ASP D 38 6.78 88.98 27.49
N LYS D 39 7.68 88.03 27.28
CA LYS D 39 9.11 88.20 27.59
C LYS D 39 9.75 89.34 26.84
N ASN D 40 9.26 89.62 25.63
CA ASN D 40 9.73 90.76 24.87
C ASN D 40 9.18 92.08 25.37
N LYS D 41 8.27 92.07 26.34
CA LYS D 41 7.91 93.30 27.05
C LYS D 41 8.96 93.60 28.12
N TYR D 42 9.62 92.54 28.60
CA TYR D 42 10.67 92.64 29.62
C TYR D 42 10.05 93.18 30.89
N ASN D 43 10.72 94.12 31.54
CA ASN D 43 10.40 94.44 32.93
C ASN D 43 9.19 95.37 33.08
N THR D 44 8.57 95.77 31.96
CA THR D 44 7.33 96.55 32.05
C THR D 44 6.27 95.75 32.80
N PRO D 45 5.66 96.39 33.82
CA PRO D 45 4.64 95.76 34.64
C PRO D 45 3.48 95.16 33.89
N LYS D 46 2.79 94.26 34.58
CA LYS D 46 1.50 93.80 34.16
C LYS D 46 0.56 93.93 35.34
N TYR D 47 -0.21 95.01 35.33
CA TYR D 47 -1.09 95.32 36.44
C TYR D 47 -2.37 94.50 36.41
N ARG D 48 -2.94 94.26 37.59
CA ARG D 48 -4.27 93.69 37.71
C ARG D 48 -5.06 94.36 38.83
N MET D 49 -6.30 94.71 38.51
CA MET D 49 -7.25 95.22 39.48
C MET D 49 -7.88 94.04 40.21
N ILE D 50 -7.25 93.66 41.31
CA ILE D 50 -7.77 92.63 42.18
C ILE D 50 -8.94 93.18 42.96
N VAL D 51 -10.02 92.40 43.02
CA VAL D 51 -11.20 92.71 43.79
C VAL D 51 -11.64 91.45 44.49
N ARG D 52 -11.79 91.53 45.80
CA ARG D 52 -12.27 90.39 46.56
C ARG D 52 -13.33 90.91 47.52
N VAL D 53 -14.47 90.21 47.56
CA VAL D 53 -15.54 90.52 48.51
C VAL D 53 -15.49 89.56 49.68
N THR D 54 -15.19 90.12 50.83
CA THR D 54 -15.23 89.42 52.10
C THR D 54 -16.68 89.46 52.61
N ASN D 55 -16.99 88.66 53.63
CA ASN D 55 -18.35 88.65 54.22
C ASN D 55 -18.83 90.01 54.72
N ARG D 56 -17.90 90.84 55.22
CA ARG D 56 -18.23 92.17 55.71
C ARG D 56 -17.52 93.33 54.97
N ASP D 57 -16.83 93.02 53.89
CA ASP D 57 -15.90 93.98 53.28
C ASP D 57 -15.72 93.74 51.78
N ILE D 58 -15.23 94.79 51.11
CA ILE D 58 -14.83 94.74 49.71
C ILE D 58 -13.46 95.39 49.68
N ILE D 59 -12.48 94.66 49.18
CA ILE D 59 -11.15 95.22 48.97
C ILE D 59 -10.95 95.40 47.46
N CYS D 60 -10.29 96.51 47.11
CA CYS D 60 -9.90 96.81 45.73
C CYS D 60 -8.43 97.12 45.74
N GLN D 61 -7.62 96.30 45.07
CA GLN D 61 -6.18 96.55 44.97
C GLN D 61 -5.71 96.53 43.53
N ILE D 62 -4.76 97.41 43.22
CA ILE D 62 -4.03 97.36 41.97
C ILE D 62 -2.68 96.78 42.32
N ALA D 63 -2.26 95.79 41.56
CA ALA D 63 -0.99 95.14 41.79
C ALA D 63 -0.36 94.70 40.48
N TYR D 64 0.97 94.80 40.42
CA TYR D 64 1.76 94.04 39.45
C TYR D 64 2.45 92.90 40.17
N ALA D 65 3.09 92.01 39.41
CA ALA D 65 3.79 90.86 39.99
C ALA D 65 5.29 90.87 39.74
N ARG D 66 6.05 90.93 40.84
CA ARG D 66 7.49 90.68 40.82
C ARG D 66 7.74 89.33 41.48
N ILE D 67 8.98 88.87 41.37
CA ILE D 67 9.37 87.54 41.83
C ILE D 67 9.42 87.38 43.35
N GLU D 68 9.58 88.49 44.06
CA GLU D 68 9.59 88.48 45.52
C GLU D 68 8.21 88.25 46.10
N GLY D 69 7.19 88.71 45.39
CA GLY D 69 5.81 88.60 45.83
C GLY D 69 5.03 89.81 45.35
N ASP D 70 4.09 89.59 44.44
CA ASP D 70 3.40 90.67 43.72
C ASP D 70 3.16 91.93 44.53
N MET D 71 3.67 93.06 44.00
CA MET D 71 3.65 94.33 44.73
C MET D 71 2.38 95.09 44.45
N ILE D 72 1.88 95.78 45.48
CA ILE D 72 0.60 96.48 45.46
C ILE D 72 0.79 97.98 45.36
N VAL D 73 0.62 98.50 44.16
CA VAL D 73 0.75 99.95 43.92
C VAL D 73 -0.31 100.78 44.65
N CYS D 74 -1.54 100.29 44.71
CA CYS D 74 -2.61 101.02 45.40
C CYS D 74 -3.74 100.13 45.84
N ALA D 75 -4.46 100.61 46.85
CA ALA D 75 -5.57 99.88 47.41
C ALA D 75 -6.64 100.81 47.94
N ALA D 76 -7.86 100.29 48.01
CA ALA D 76 -8.98 100.94 48.68
C ALA D 76 -9.87 99.86 49.26
N TYR D 77 -10.39 100.11 50.45
CA TYR D 77 -11.24 99.16 51.16
C TYR D 77 -12.63 99.78 51.30
N ALA D 78 -13.63 98.92 51.47
CA ALA D 78 -14.99 99.39 51.69
C ALA D 78 -15.18 100.01 53.08
N HIS D 79 -14.36 99.59 54.04
CA HIS D 79 -14.44 100.16 55.39
C HIS D 79 -13.90 101.59 55.53
N GLU D 80 -13.28 102.11 54.47
CA GLU D 80 -12.86 103.51 54.45
C GLU D 80 -14.07 104.41 54.22
N LEU D 81 -15.06 103.87 53.50
CA LEU D 81 -16.17 104.66 52.95
C LEU D 81 -16.94 105.57 53.91
N PRO D 82 -17.09 105.17 55.19
CA PRO D 82 -17.60 106.09 56.20
C PRO D 82 -17.12 107.53 56.13
N LYS D 83 -15.83 107.75 55.89
CA LYS D 83 -15.29 109.10 55.63
C LYS D 83 -16.10 109.84 54.60
N TYR D 84 -16.34 109.16 53.47
CA TYR D 84 -16.89 109.78 52.27
C TYR D 84 -18.40 109.98 52.33
N GLY D 85 -19.11 109.08 53.03
CA GLY D 85 -20.57 109.16 53.13
C GLY D 85 -21.30 107.86 53.42
N VAL D 86 -20.75 106.72 52.99
CA VAL D 86 -21.46 105.44 53.09
C VAL D 86 -21.38 104.89 54.52
N LYS D 87 -22.53 104.89 55.20
CA LYS D 87 -22.65 104.45 56.59
C LYS D 87 -22.92 102.95 56.69
N VAL D 88 -23.65 102.42 55.72
CA VAL D 88 -24.13 101.04 55.76
C VAL D 88 -24.17 100.38 54.39
N GLY D 89 -24.32 99.06 54.40
CA GLY D 89 -24.33 98.26 53.17
C GLY D 89 -22.99 98.44 52.49
N LEU D 90 -21.95 97.93 53.12
CA LEU D 90 -20.59 98.07 52.64
C LEU D 90 -20.12 96.86 51.83
N THR D 91 -20.93 95.80 51.80
CA THR D 91 -20.69 94.70 50.90
C THR D 91 -21.64 94.73 49.71
N ASN D 92 -22.45 95.79 49.58
CA ASN D 92 -23.46 95.86 48.53
C ASN D 92 -22.88 96.40 47.23
N TYR D 93 -23.58 96.15 46.13
CA TYR D 93 -23.08 96.49 44.79
C TYR D 93 -22.69 97.95 44.65
N ALA D 94 -23.52 98.83 45.22
CA ALA D 94 -23.21 100.27 45.30
C ALA D 94 -21.90 100.54 46.02
N ALA D 95 -21.69 99.86 47.14
CA ALA D 95 -20.45 100.00 47.89
C ALA D 95 -19.28 99.52 47.05
N ALA D 96 -19.47 98.39 46.36
CA ALA D 96 -18.45 97.86 45.43
C ALA D 96 -18.06 98.90 44.40
N TYR D 97 -19.05 99.61 43.88
CA TYR D 97 -18.82 100.72 42.95
C TYR D 97 -17.96 101.83 43.57
N CYS D 98 -18.36 102.28 44.76
CA CYS D 98 -17.57 103.30 45.47
C CYS D 98 -16.15 102.85 45.67
N THR D 99 -16.00 101.61 46.13
CA THR D 99 -14.69 101.05 46.46
C THR D 99 -13.79 100.95 45.23
N GLY D 100 -14.35 100.53 44.10
CA GLY D 100 -13.62 100.50 42.84
C GLY D 100 -13.26 101.90 42.41
N LEU D 101 -14.29 102.72 42.22
CA LEU D 101 -14.10 104.13 41.92
C LEU D 101 -12.96 104.75 42.75
N LEU D 102 -13.03 104.58 44.06
CA LEU D 102 -12.05 105.14 44.98
C LEU D 102 -10.63 104.67 44.66
N LEU D 103 -10.49 103.40 44.31
CA LEU D 103 -9.20 102.84 43.90
C LEU D 103 -8.62 103.54 42.68
N ALA D 104 -9.47 103.83 41.70
CA ALA D 104 -9.05 104.53 40.50
C ALA D 104 -8.55 105.92 40.83
N ARG D 105 -9.33 106.65 41.63
CA ARG D 105 -9.00 108.02 41.99
C ARG D 105 -7.74 108.10 42.81
N ARG D 106 -7.65 107.23 43.82
CA ARG D 106 -6.45 107.15 44.62
C ARG D 106 -5.23 106.76 43.80
N LEU D 107 -5.40 105.80 42.89
CA LEU D 107 -4.32 105.44 41.97
C LEU D 107 -3.92 106.64 41.15
N LEU D 108 -4.89 107.24 40.47
CA LEU D 108 -4.61 108.37 39.59
C LEU D 108 -3.92 109.51 40.31
N ASN D 109 -4.29 109.76 41.57
CA ASN D 109 -3.68 110.86 42.34
C ASN D 109 -2.17 110.68 42.57
N ARG D 110 -1.72 109.42 42.63
CA ARG D 110 -0.29 109.13 42.75
C ARG D 110 0.44 109.58 41.50
N PHE D 111 -0.08 109.20 40.34
CA PHE D 111 0.60 109.48 39.08
C PHE D 111 0.40 110.89 38.54
N GLY D 112 -0.43 111.70 39.20
CA GLY D 112 -0.73 113.06 38.75
C GLY D 112 -1.70 113.12 37.59
N MET D 113 -2.39 112.01 37.32
CA MET D 113 -3.44 111.96 36.29
C MET D 113 -4.80 112.05 36.97
N ASP D 114 -4.92 112.98 37.91
CA ASP D 114 -6.18 113.26 38.58
C ASP D 114 -6.95 114.28 37.73
N LYS D 115 -6.23 115.23 37.14
CA LYS D 115 -6.83 116.30 36.34
C LYS D 115 -7.09 115.84 34.91
N ILE D 116 -6.14 115.11 34.34
CA ILE D 116 -6.37 114.36 33.10
C ILE D 116 -7.07 113.07 33.52
N TYR D 117 -8.00 112.59 32.71
CA TYR D 117 -8.84 111.44 33.05
C TYR D 117 -9.66 111.67 34.32
N GLU D 118 -10.64 112.56 34.19
CA GLU D 118 -11.72 112.68 35.16
C GLU D 118 -12.58 111.42 35.05
N GLY D 119 -12.69 110.90 33.84
CA GLY D 119 -13.49 109.73 33.56
C GLY D 119 -14.95 110.12 33.46
N GLN D 120 -15.82 109.13 33.60
CA GLN D 120 -17.27 109.36 33.57
C GLN D 120 -17.67 109.98 34.91
N VAL D 121 -18.47 111.05 34.86
CA VAL D 121 -18.90 111.77 36.08
C VAL D 121 -20.38 111.53 36.43
N GLU D 122 -21.27 111.68 35.45
CA GLU D 122 -22.72 111.65 35.72
C GLU D 122 -23.31 110.27 36.04
N VAL D 123 -22.58 109.20 35.72
CA VAL D 123 -23.02 107.81 35.96
C VAL D 123 -24.27 107.49 35.16
N THR D 124 -24.04 107.22 33.88
CA THR D 124 -25.07 106.70 33.00
C THR D 124 -25.27 105.23 33.31
N GLY D 125 -24.18 104.47 33.24
CA GLY D 125 -24.19 103.02 33.40
C GLY D 125 -23.83 102.25 32.14
N ASP D 126 -23.88 102.92 30.98
CA ASP D 126 -23.65 102.26 29.69
C ASP D 126 -22.18 101.88 29.51
N GLU D 127 -21.84 101.33 28.35
CA GLU D 127 -20.45 101.04 28.00
C GLU D 127 -19.65 102.34 28.04
N TYR D 128 -18.78 102.48 29.04
CA TYR D 128 -17.79 103.55 29.04
C TYR D 128 -16.37 102.97 29.10
N ASN D 129 -15.44 103.67 28.46
CA ASN D 129 -14.04 103.32 28.49
C ASN D 129 -13.19 104.54 28.14
N VAL D 130 -11.94 104.53 28.59
CA VAL D 130 -11.10 105.72 28.59
C VAL D 130 -10.25 105.74 27.33
N GLU D 131 -10.34 106.83 26.58
CA GLU D 131 -9.43 107.05 25.47
C GLU D 131 -8.27 107.89 25.97
N SER D 132 -7.04 107.39 25.79
CA SER D 132 -5.86 108.13 26.21
C SER D 132 -5.71 109.38 25.36
N ILE D 133 -5.39 110.49 26.00
CA ILE D 133 -5.29 111.78 25.33
C ILE D 133 -3.90 111.93 24.74
N ASP D 134 -3.83 112.40 23.49
CA ASP D 134 -2.56 112.58 22.80
C ASP D 134 -1.91 113.87 23.29
N GLY D 135 -0.57 113.88 23.34
CA GLY D 135 0.18 114.98 23.94
C GLY D 135 0.01 115.07 25.46
N GLN D 136 -0.28 113.94 26.09
CA GLN D 136 -0.52 113.83 27.53
C GLN D 136 -0.11 112.42 27.96
N PRO D 137 0.09 112.19 29.28
CA PRO D 137 0.43 110.83 29.71
C PRO D 137 -0.77 109.92 29.54
N GLY D 138 -0.50 108.71 29.02
CA GLY D 138 -1.55 107.78 28.65
C GLY D 138 -2.38 107.27 29.80
N ALA D 139 -3.48 106.61 29.47
CA ALA D 139 -4.40 106.10 30.47
C ALA D 139 -3.82 104.85 31.12
N PHE D 140 -3.93 104.76 32.43
CA PHE D 140 -3.53 103.56 33.17
C PHE D 140 -4.42 102.40 32.76
N THR D 141 -3.82 101.23 32.56
CA THR D 141 -4.57 100.04 32.14
C THR D 141 -4.17 98.80 32.94
N CYS D 142 -5.13 98.26 33.66
CA CYS D 142 -4.99 96.98 34.35
C CYS D 142 -6.10 96.07 33.89
N TYR D 143 -6.10 94.86 34.41
CA TYR D 143 -7.07 93.84 34.10
C TYR D 143 -7.69 93.29 35.38
N LEU D 144 -8.96 92.94 35.30
CA LEU D 144 -9.72 92.49 36.46
C LEU D 144 -9.36 91.06 36.89
N ASP D 145 -8.83 90.91 38.10
CA ASP D 145 -8.57 89.60 38.72
C ASP D 145 -9.78 89.27 39.57
N ALA D 146 -10.71 88.49 39.01
CA ALA D 146 -11.94 88.11 39.70
C ALA D 146 -11.70 87.14 40.86
N GLY D 147 -10.63 86.35 40.77
CA GLY D 147 -10.33 85.32 41.76
C GLY D 147 -11.21 84.10 41.54
N LEU D 148 -11.72 83.55 42.63
CA LEU D 148 -12.55 82.34 42.59
C LEU D 148 -14.05 82.65 42.46
N ALA D 149 -14.40 83.93 42.32
CA ALA D 149 -15.79 84.35 42.25
C ALA D 149 -16.44 83.86 40.97
N ARG D 150 -17.62 83.24 41.10
CA ARG D 150 -18.36 82.79 39.95
C ARG D 150 -18.80 84.03 39.17
N THR D 151 -18.11 84.27 38.05
CA THR D 151 -18.34 85.45 37.23
C THR D 151 -19.62 85.29 36.43
N THR D 152 -20.70 85.80 37.00
CA THR D 152 -22.04 85.75 36.43
C THR D 152 -22.45 87.17 36.11
N THR D 153 -23.68 87.34 35.62
CA THR D 153 -24.27 88.67 35.49
C THR D 153 -24.61 89.22 36.87
N GLY D 154 -24.30 90.50 37.08
CA GLY D 154 -24.54 91.18 38.33
C GLY D 154 -23.60 90.92 39.50
N ASN D 155 -22.49 90.19 39.27
CA ASN D 155 -21.53 89.94 40.34
C ASN D 155 -20.90 91.24 40.80
N LYS D 156 -20.70 91.36 42.12
CA LYS D 156 -20.23 92.62 42.73
C LYS D 156 -18.85 93.04 42.29
N VAL D 157 -18.00 92.07 41.95
CA VAL D 157 -16.68 92.36 41.36
C VAL D 157 -16.84 93.35 40.20
N PHE D 158 -17.77 93.07 39.30
CA PHE D 158 -18.05 93.92 38.14
C PHE D 158 -18.67 95.25 38.53
N GLY D 159 -19.26 95.32 39.72
CA GLY D 159 -19.59 96.59 40.36
C GLY D 159 -18.37 97.45 40.63
N ALA D 160 -17.33 96.83 41.18
CA ALA D 160 -16.05 97.51 41.40
C ALA D 160 -15.39 97.89 40.08
N LEU D 161 -15.33 96.91 39.17
CA LEU D 161 -14.76 97.14 37.86
C LEU D 161 -15.40 98.32 37.16
N LYS D 162 -16.73 98.40 37.20
CA LYS D 162 -17.43 99.55 36.65
C LYS D 162 -16.94 100.85 37.30
N GLY D 163 -16.81 100.84 38.61
CA GLY D 163 -16.35 102.00 39.36
C GLY D 163 -14.99 102.50 38.92
N ALA D 164 -14.02 101.60 38.86
CA ALA D 164 -12.66 101.97 38.45
C ALA D 164 -12.59 102.42 36.99
N VAL D 165 -13.51 101.93 36.17
CA VAL D 165 -13.66 102.38 34.79
C VAL D 165 -14.16 103.82 34.72
N ASP D 166 -15.17 104.13 35.52
CA ASP D 166 -15.67 105.51 35.63
C ASP D 166 -14.68 106.41 36.35
N GLY D 167 -13.88 105.84 37.24
CA GLY D 167 -12.79 106.55 37.88
C GLY D 167 -11.61 106.95 37.00
N GLY D 168 -11.48 106.31 35.82
CA GLY D 168 -10.47 106.68 34.82
C GLY D 168 -9.31 105.72 34.62
N LEU D 169 -9.51 104.45 34.96
CA LEU D 169 -8.60 103.39 34.57
C LEU D 169 -9.18 102.71 33.35
N SER D 170 -8.35 102.56 32.32
CA SER D 170 -8.75 101.80 31.14
C SER D 170 -8.60 100.32 31.47
N ILE D 171 -9.69 99.71 31.93
CA ILE D 171 -9.74 98.27 32.12
C ILE D 171 -10.71 97.71 31.10
N PRO D 172 -10.26 96.79 30.22
CA PRO D 172 -11.16 96.25 29.21
C PRO D 172 -12.19 95.33 29.83
N HIS D 173 -13.36 95.34 29.21
CA HIS D 173 -14.51 94.60 29.70
C HIS D 173 -15.59 94.64 28.66
N SER D 174 -16.53 93.72 28.78
CA SER D 174 -17.79 93.78 28.08
C SER D 174 -18.87 94.20 29.08
N THR D 175 -20.07 94.44 28.58
CA THR D 175 -21.23 94.71 29.43
C THR D 175 -22.17 93.49 29.53
N LYS D 176 -21.66 92.32 29.13
CA LYS D 176 -22.46 91.11 29.09
C LYS D 176 -22.76 90.59 30.50
N ARG D 177 -22.01 91.04 31.51
CA ARG D 177 -22.34 90.70 32.90
C ARG D 177 -22.34 91.87 33.90
N PHE D 178 -22.68 93.08 33.42
CA PHE D 178 -23.23 94.09 34.33
C PHE D 178 -24.66 93.70 34.63
N PRO D 179 -25.15 94.02 35.86
CA PRO D 179 -26.55 93.76 36.17
C PRO D 179 -27.43 94.69 35.35
N GLY D 180 -28.22 94.09 34.46
CA GLY D 180 -29.00 94.83 33.46
C GLY D 180 -29.13 94.01 32.19
N TYR D 181 -28.00 93.54 31.70
CA TYR D 181 -27.92 92.70 30.50
C TYR D 181 -28.89 91.52 30.59
N ASP D 182 -29.65 91.29 29.52
CA ASP D 182 -30.65 90.22 29.49
C ASP D 182 -30.13 88.99 28.77
N SER D 183 -30.29 87.84 29.41
CA SER D 183 -29.88 86.55 28.85
C SER D 183 -30.76 86.10 27.68
N GLU D 184 -32.07 86.36 27.78
CA GLU D 184 -33.04 85.88 26.79
C GLU D 184 -33.50 87.00 25.85
N SER D 185 -32.54 87.79 25.37
CA SER D 185 -32.78 88.97 24.52
C SER D 185 -31.46 89.58 24.04
N LYS D 186 -30.49 89.67 24.94
CA LYS D 186 -29.10 90.06 24.64
C LYS D 186 -28.94 91.55 24.33
N GLU D 187 -29.60 92.40 25.12
CA GLU D 187 -29.31 93.83 25.14
C GLU D 187 -29.14 94.28 26.58
N PHE D 188 -28.50 95.45 26.72
CA PHE D 188 -28.15 96.01 28.00
C PHE D 188 -28.99 97.25 28.26
N ASN D 189 -29.60 97.31 29.44
CA ASN D 189 -30.42 98.48 29.80
C ASN D 189 -29.54 99.69 30.07
N ALA D 190 -28.72 99.58 31.11
CA ALA D 190 -27.92 100.70 31.65
C ALA D 190 -28.74 101.78 32.37
N GLU D 191 -30.01 101.48 32.66
CA GLU D 191 -30.76 102.18 33.70
C GLU D 191 -30.99 101.27 34.88
N VAL D 192 -31.24 99.99 34.61
CA VAL D 192 -31.14 98.94 35.63
C VAL D 192 -29.77 98.97 36.29
N HIS D 193 -28.74 99.13 35.48
CA HIS D 193 -27.38 99.19 35.99
C HIS D 193 -27.16 100.38 36.90
N ARG D 194 -27.63 101.55 36.47
CA ARG D 194 -27.60 102.76 37.28
C ARG D 194 -28.28 102.56 38.63
N LYS D 195 -29.47 101.95 38.61
CA LYS D 195 -30.24 101.68 39.83
C LYS D 195 -29.40 100.89 40.81
N HIS D 196 -28.85 99.78 40.33
CA HIS D 196 -27.94 98.97 41.12
C HIS D 196 -26.74 99.74 41.67
N ILE D 197 -26.17 100.60 40.83
CA ILE D 197 -25.02 101.42 41.25
C ILE D 197 -25.43 102.39 42.36
N MET D 198 -26.66 102.88 42.31
CA MET D 198 -27.17 103.85 43.28
C MET D 198 -27.85 103.23 44.50
N GLY D 199 -27.93 101.90 44.53
CA GLY D 199 -28.61 101.18 45.61
C GLY D 199 -30.14 101.21 45.64
N GLN D 200 -30.77 101.34 44.47
CA GLN D 200 -32.22 101.35 44.39
C GLN D 200 -32.83 99.96 44.48
N ASN D 201 -32.07 98.94 44.07
CA ASN D 201 -32.47 97.56 44.34
C ASN D 201 -32.64 97.29 45.84
N VAL D 202 -31.79 97.93 46.65
CA VAL D 202 -31.82 97.78 48.10
C VAL D 202 -32.95 98.59 48.71
N ALA D 203 -33.11 99.82 48.22
CA ALA D 203 -34.16 100.72 48.72
C ALA D 203 -35.56 100.15 48.52
N ASP D 204 -35.81 99.57 47.34
CA ASP D 204 -37.11 98.97 47.03
C ASP D 204 -37.42 97.77 47.94
N TYR D 205 -36.42 96.92 48.19
CA TYR D 205 -36.57 95.81 49.14
C TYR D 205 -36.91 96.34 50.52
N MET D 206 -36.27 97.45 50.87
CA MET D 206 -36.56 98.15 52.12
C MET D 206 -38.02 98.60 52.15
N ARG D 207 -38.47 99.23 51.06
CA ARG D 207 -39.87 99.66 50.91
C ARG D 207 -40.87 98.49 50.85
N TYR D 208 -40.45 97.37 50.26
CA TYR D 208 -41.31 96.18 50.17
C TYR D 208 -41.52 95.52 51.54
N LEU D 209 -40.46 95.45 52.34
CA LEU D 209 -40.55 94.84 53.67
C LEU D 209 -41.40 95.67 54.63
N MET D 210 -41.19 96.97 54.62
CA MET D 210 -41.91 97.86 55.53
C MET D 210 -43.40 97.81 55.28
N GLU D 211 -43.78 97.75 54.01
CA GLU D 211 -45.18 97.57 53.59
C GLU D 211 -45.78 96.27 54.12
N GLU D 212 -45.07 95.16 53.92
CA GLU D 212 -45.58 93.83 54.27
C GLU D 212 -45.59 93.58 55.78
N ASP D 213 -44.40 93.51 56.39
CA ASP D 213 -44.27 93.27 57.84
C ASP D 213 -43.14 94.10 58.47
N GLU D 214 -43.49 94.86 59.49
CA GLU D 214 -42.57 95.75 60.20
C GLU D 214 -41.40 94.99 60.83
N ASP D 215 -41.68 93.86 61.48
CA ASP D 215 -40.67 93.11 62.23
C ASP D 215 -39.52 92.57 61.36
N ALA D 216 -39.85 92.09 60.16
CA ALA D 216 -38.84 91.58 59.23
C ALA D 216 -37.91 92.68 58.73
N TYR D 217 -38.50 93.81 58.34
CA TYR D 217 -37.73 95.02 58.01
C TYR D 217 -36.81 95.43 59.15
N LYS D 218 -37.38 95.47 60.35
CA LYS D 218 -36.64 95.82 61.57
C LYS D 218 -35.48 94.85 61.83
N LYS D 219 -35.69 93.57 61.53
CA LYS D 219 -34.65 92.55 61.62
C LYS D 219 -33.63 92.67 60.49
N GLN D 220 -34.12 92.80 59.25
CA GLN D 220 -33.25 92.78 58.07
C GLN D 220 -32.31 93.98 57.97
N PHE D 221 -32.78 95.16 58.38
CA PHE D 221 -32.07 96.41 58.16
C PHE D 221 -31.78 97.16 59.46
N SER D 222 -31.24 96.44 60.43
CA SER D 222 -31.10 96.98 61.78
C SER D 222 -30.11 98.13 61.86
N GLN D 223 -28.95 97.96 61.24
CA GLN D 223 -27.96 99.03 61.16
C GLN D 223 -28.33 100.11 60.15
N TYR D 224 -29.23 99.79 59.23
CA TYR D 224 -29.84 100.80 58.34
C TYR D 224 -30.83 101.70 59.07
N ILE D 225 -31.55 101.14 60.06
CA ILE D 225 -32.53 101.86 60.87
C ILE D 225 -31.83 102.71 61.93
N LYS D 226 -30.85 102.10 62.60
CA LYS D 226 -29.85 102.87 63.33
C LYS D 226 -29.01 103.58 62.26
N ASN D 227 -28.38 104.69 62.61
CA ASN D 227 -27.75 105.60 61.61
C ASN D 227 -28.74 106.34 60.70
N ASN D 228 -30.03 105.99 60.78
CA ASN D 228 -31.11 106.64 60.02
C ASN D 228 -30.85 106.78 58.53
N VAL D 229 -30.70 105.63 57.88
CA VAL D 229 -30.62 105.54 56.43
C VAL D 229 -31.95 105.01 55.93
N THR D 230 -32.68 105.86 55.21
CA THR D 230 -34.03 105.58 54.74
C THR D 230 -33.99 105.29 53.23
N PRO D 231 -35.10 104.76 52.67
CA PRO D 231 -35.12 104.46 51.23
C PRO D 231 -34.96 105.69 50.34
N ASP D 232 -35.64 106.76 50.71
CA ASP D 232 -35.63 108.01 49.93
C ASP D 232 -34.31 108.80 50.09
N MET D 233 -33.56 108.52 51.15
CA MET D 233 -32.25 109.13 51.40
C MET D 233 -31.12 108.45 50.62
N MET D 234 -31.38 107.27 50.07
CA MET D 234 -30.32 106.37 49.60
C MET D 234 -29.55 106.91 48.40
N GLU D 235 -30.26 107.36 47.36
CA GLU D 235 -29.62 107.75 46.09
C GLU D 235 -28.71 108.95 46.27
N GLU D 236 -29.22 109.97 46.95
CA GLU D 236 -28.42 111.14 47.33
C GLU D 236 -27.11 110.76 48.02
N MET D 237 -27.21 109.88 49.00
CA MET D 237 -26.07 109.43 49.82
C MET D 237 -24.90 108.96 48.97
N TYR D 238 -25.19 108.06 48.03
CA TYR D 238 -24.14 107.50 47.18
C TYR D 238 -23.57 108.55 46.21
N LYS D 239 -24.39 109.49 45.74
CA LYS D 239 -23.91 110.57 44.87
C LYS D 239 -22.99 111.56 45.59
N LYS D 240 -23.30 111.86 46.86
CA LYS D 240 -22.43 112.68 47.72
C LYS D 240 -21.08 112.00 47.86
N ALA D 241 -21.13 110.72 48.22
CA ALA D 241 -19.94 109.89 48.40
C ALA D 241 -19.07 109.88 47.15
N HIS D 242 -19.71 109.70 45.98
CA HIS D 242 -19.00 109.75 44.70
C HIS D 242 -18.26 111.06 44.50
N ALA D 243 -18.92 112.17 44.82
CA ALA D 243 -18.30 113.48 44.68
C ALA D 243 -17.10 113.61 45.62
N ALA D 244 -17.30 113.24 46.89
CA ALA D 244 -16.28 113.38 47.94
C ALA D 244 -15.03 112.53 47.67
N ILE D 245 -15.24 111.32 47.12
CA ILE D 245 -14.17 110.47 46.61
C ILE D 245 -13.44 111.21 45.49
N ARG D 246 -14.22 111.71 44.54
CA ARG D 246 -13.70 112.38 43.35
C ARG D 246 -12.88 113.63 43.68
N GLU D 247 -13.20 114.30 44.80
CA GLU D 247 -12.50 115.53 45.22
C GLU D 247 -11.26 115.28 46.10
N ASN D 248 -11.27 114.23 46.93
CA ASN D 248 -10.11 113.86 47.76
C ASN D 248 -10.03 112.34 47.98
N PRO D 249 -9.17 111.65 47.21
CA PRO D 249 -9.03 110.20 47.35
C PRO D 249 -7.85 109.72 48.22
N VAL D 250 -7.02 110.65 48.70
CA VAL D 250 -5.75 110.29 49.34
C VAL D 250 -5.91 109.64 50.73
N TYR D 251 -5.22 108.51 50.94
CA TYR D 251 -5.25 107.79 52.22
C TYR D 251 -4.13 108.27 53.12
N GLU D 252 -4.46 108.53 54.39
CA GLU D 252 -3.49 109.07 55.36
C GLU D 252 -3.10 108.13 56.52
N LYS D 253 -3.71 106.95 56.60
CA LYS D 253 -3.44 105.97 57.68
C LYS D 253 -3.79 106.55 59.06
N LYS D 254 -3.30 105.91 60.12
CA LYS D 254 -3.35 106.46 61.48
C LYS D 254 -1.98 106.25 62.14
N PRO D 255 -1.49 107.26 62.90
CA PRO D 255 -0.15 107.18 63.49
C PRO D 255 -0.12 106.22 64.69
N LYS D 256 0.09 104.95 64.40
CA LYS D 256 -0.03 103.88 65.38
C LYS D 256 1.23 103.76 66.24
N ARG D 257 1.05 103.84 67.56
CA ARG D 257 2.13 103.72 68.54
C ARG D 257 1.56 103.40 69.94
N GLU D 258 2.42 103.38 70.96
CA GLU D 258 2.03 103.09 72.35
C GLU D 258 1.59 101.63 72.49
N VAL D 259 2.52 100.73 72.17
CA VAL D 259 2.27 99.29 72.18
C VAL D 259 3.01 98.68 73.37
N LYS D 260 2.30 97.85 74.13
CA LYS D 260 2.85 97.23 75.34
C LYS D 260 3.87 96.12 75.03
N LYS D 261 3.70 95.47 73.87
CA LYS D 261 4.56 94.37 73.41
C LYS D 261 4.46 93.18 74.34
N LYS D 262 3.29 92.52 74.31
CA LYS D 262 3.02 91.35 75.12
C LYS D 262 2.55 90.18 74.25
N ARG D 263 2.91 88.97 74.67
CA ARG D 263 2.61 87.75 73.94
C ARG D 263 1.21 87.24 74.28
N TRP D 264 0.28 87.43 73.34
CA TRP D 264 -1.04 86.77 73.40
C TRP D 264 -0.94 85.29 73.09
N ASN D 265 0.08 84.94 72.31
CA ASN D 265 0.25 83.61 71.79
C ASN D 265 0.86 82.69 72.85
N ARG D 266 1.25 81.48 72.44
CA ARG D 266 1.92 80.54 73.31
C ARG D 266 3.19 80.09 72.59
N PRO D 267 4.37 80.34 73.18
CA PRO D 267 5.61 80.07 72.44
C PRO D 267 5.94 78.59 72.36
N LYS D 268 6.96 78.28 71.57
CA LYS D 268 7.30 76.91 71.25
C LYS D 268 8.08 76.28 72.40
N MET D 269 7.68 75.08 72.78
CA MET D 269 8.22 74.39 73.96
C MET D 269 9.59 73.83 73.60
N SER D 270 10.59 74.17 74.41
CA SER D 270 11.99 73.86 74.09
C SER D 270 12.27 72.37 74.18
N LEU D 271 13.29 71.92 73.45
CA LEU D 271 13.69 70.51 73.42
C LEU D 271 13.71 69.93 74.80
N ALA D 272 14.45 70.60 75.67
CA ALA D 272 14.74 70.11 77.00
C ALA D 272 13.50 69.96 77.89
N GLN D 273 12.53 70.87 77.72
CA GLN D 273 11.24 70.74 78.39
C GLN D 273 10.51 69.50 77.90
N LYS D 274 10.46 69.35 76.58
CA LYS D 274 9.83 68.18 75.95
C LYS D 274 10.50 66.88 76.38
N LYS D 275 11.83 66.94 76.53
CA LYS D 275 12.63 65.79 76.92
C LYS D 275 12.31 65.36 78.35
N ASP D 276 12.23 66.32 79.25
CA ASP D 276 11.83 66.05 80.63
C ASP D 276 10.39 65.56 80.73
N ARG D 277 9.49 66.22 80.00
CA ARG D 277 8.08 65.92 80.07
C ARG D 277 7.79 64.43 79.89
N VAL D 278 8.46 63.77 78.94
CA VAL D 278 8.29 62.31 78.78
C VAL D 278 8.92 61.62 79.98
N ALA D 279 10.07 62.12 80.43
CA ALA D 279 10.75 61.60 81.63
C ALA D 279 9.82 61.53 82.84
N GLN D 280 8.99 62.57 83.01
CA GLN D 280 8.05 62.63 84.13
C GLN D 280 6.87 61.69 83.93
N LYS D 281 6.40 61.59 82.69
CA LYS D 281 5.35 60.63 82.33
C LYS D 281 5.80 59.19 82.51
N LYS D 282 7.09 58.94 82.30
CA LYS D 282 7.67 57.60 82.46
C LYS D 282 7.71 57.25 83.94
N ALA D 283 8.23 58.18 84.74
CA ALA D 283 8.27 58.00 86.20
C ALA D 283 6.88 57.84 86.77
N SER D 284 6.01 58.80 86.47
CA SER D 284 4.64 58.82 86.98
C SER D 284 3.87 57.55 86.67
N PHE D 285 4.11 56.94 85.51
CA PHE D 285 3.49 55.66 85.17
C PHE D 285 4.03 54.60 86.12
N LEU D 286 5.35 54.54 86.29
CA LEU D 286 5.98 53.55 87.14
C LEU D 286 5.53 53.65 88.59
N ARG D 287 5.62 54.83 89.17
CA ARG D 287 5.19 55.03 90.57
C ARG D 287 3.69 54.74 90.76
N ALA D 288 2.89 54.99 89.72
CA ALA D 288 1.44 54.74 89.77
C ALA D 288 1.12 53.26 89.79
N GLN D 289 1.74 52.49 88.89
CA GLN D 289 1.47 51.05 88.80
C GLN D 289 2.02 50.24 89.98
N GLU D 290 3.03 50.76 90.67
CA GLU D 290 3.58 50.12 91.88
C GLU D 290 2.75 50.46 93.11
N ARG D 291 1.49 50.04 93.09
CA ARG D 291 0.52 50.31 94.17
C ARG D 291 -0.62 49.29 94.09
N ALA D 292 -1.35 49.33 92.97
CA ALA D 292 -2.45 48.39 92.71
C ALA D 292 -1.91 47.09 92.13
N PRO E 1 112.27 91.02 37.17
CA PRO E 1 111.61 89.82 36.65
C PRO E 1 111.32 88.80 37.75
N HIS E 2 110.53 89.23 38.74
CA HIS E 2 110.19 88.40 39.91
C HIS E 2 109.40 87.16 39.47
N CYS E 3 109.48 86.10 40.27
CA CYS E 3 108.68 84.89 40.08
C CYS E 3 107.19 85.13 40.44
N SER E 4 106.42 84.05 40.45
CA SER E 4 104.97 84.13 40.59
C SER E 4 104.47 84.45 42.00
N ARG E 5 104.03 85.68 42.24
CA ARG E 5 103.72 86.09 43.63
C ARG E 5 102.59 85.32 44.33
N ASN E 6 101.67 84.68 43.58
CA ASN E 6 100.87 83.59 44.17
C ASN E 6 101.27 82.22 43.66
N PRO E 7 101.37 81.24 44.57
CA PRO E 7 101.69 79.89 44.18
C PRO E 7 100.49 79.21 43.59
N VAL E 8 100.70 77.99 43.13
CA VAL E 8 99.63 77.19 42.58
C VAL E 8 98.97 76.43 43.71
N LEU E 9 97.65 76.43 43.68
CA LEU E 9 96.84 75.64 44.59
C LEU E 9 96.42 74.37 43.86
N VAL E 10 95.82 74.57 42.69
CA VAL E 10 95.45 73.52 41.77
C VAL E 10 95.79 74.08 40.40
N ARG E 11 96.06 73.21 39.43
CA ARG E 11 96.16 73.67 38.06
C ARG E 11 95.00 74.61 37.79
N GLY E 12 95.30 75.88 37.55
CA GLY E 12 94.27 76.87 37.22
C GLY E 12 93.64 77.61 38.37
N ILE E 13 94.03 77.28 39.60
CA ILE E 13 93.59 77.99 40.79
C ILE E 13 94.79 78.43 41.59
N GLY E 14 95.02 79.74 41.61
CA GLY E 14 96.04 80.33 42.48
C GLY E 14 95.58 80.30 43.93
N ARG E 15 96.55 80.22 44.83
CA ARG E 15 96.28 80.14 46.27
C ARG E 15 95.57 81.38 46.79
N TYR E 16 95.90 82.55 46.26
CA TYR E 16 95.50 83.79 46.92
C TYR E 16 94.14 84.33 46.48
N SER E 17 94.08 85.38 45.67
CA SER E 17 92.79 85.94 45.29
C SER E 17 93.04 86.98 44.21
N ARG E 18 92.08 87.89 44.05
CA ARG E 18 92.33 89.15 43.36
C ARG E 18 92.84 90.16 44.40
N SER E 19 92.17 90.18 45.55
CA SER E 19 92.37 91.18 46.59
C SER E 19 93.66 91.06 47.37
N ALA E 20 94.04 89.83 47.72
CA ALA E 20 95.34 89.58 48.33
C ALA E 20 96.46 89.91 47.37
N MET E 21 96.22 89.63 46.09
CA MET E 21 97.22 89.88 45.06
C MET E 21 97.47 91.37 44.82
N TYR E 22 96.40 92.16 44.87
CA TYR E 22 96.50 93.62 44.80
C TYR E 22 97.41 94.15 45.89
N SER E 23 97.25 93.62 47.10
CA SER E 23 98.09 94.00 48.23
C SER E 23 99.50 93.45 48.13
N ARG E 24 99.64 92.18 47.75
CA ARG E 24 100.96 91.56 47.53
C ARG E 24 101.75 92.24 46.40
N LYS E 25 101.17 92.28 45.21
CA LYS E 25 101.79 93.00 44.07
C LYS E 25 101.92 94.50 44.34
N ALA E 26 101.07 95.02 45.22
CA ALA E 26 101.10 96.42 45.66
C ALA E 26 100.77 97.35 44.50
N LEU E 27 99.49 97.32 44.12
CA LEU E 27 98.96 98.19 43.06
C LEU E 27 98.75 99.61 43.60
N TYR E 28 98.47 99.72 44.89
CA TYR E 28 98.71 100.95 45.63
C TYR E 28 100.21 101.26 45.55
N LYS E 29 100.55 102.53 45.30
CA LYS E 29 101.94 103.01 45.14
C LYS E 29 102.60 102.69 43.79
N ARG E 30 102.04 101.76 43.01
CA ARG E 30 102.55 101.45 41.68
C ARG E 30 101.50 101.91 40.65
N LYS E 31 101.15 103.20 40.74
CA LYS E 31 100.13 103.82 39.92
C LYS E 31 100.81 104.69 38.87
N TYR E 32 100.59 104.39 37.60
CA TYR E 32 101.39 104.95 36.50
C TYR E 32 100.69 106.11 35.78
N ALA E 33 100.79 107.30 36.37
CA ALA E 33 100.18 108.51 35.82
C ALA E 33 100.87 108.94 34.52
N ALA E 34 100.38 108.44 33.39
CA ALA E 34 100.88 108.78 32.07
C ALA E 34 99.73 109.25 31.18
N PRO E 35 99.72 110.54 30.88
CA PRO E 35 98.67 111.14 30.06
C PRO E 35 98.91 110.85 28.58
N VAL E 48 104.04 105.97 3.23
CA VAL E 48 105.36 105.93 2.63
C VAL E 48 105.53 107.16 1.73
N LEU E 49 104.68 107.27 0.71
CA LEU E 49 104.65 108.41 -0.23
C LEU E 49 106.02 108.70 -0.89
N ALA E 50 106.91 109.37 -0.16
CA ALA E 50 108.23 109.76 -0.65
C ALA E 50 109.34 109.03 0.11
N THR E 51 109.30 109.15 1.45
CA THR E 51 110.25 108.46 2.32
C THR E 51 110.06 106.94 2.26
N VAL E 52 110.96 106.28 1.55
CA VAL E 52 110.88 104.82 1.32
C VAL E 52 111.09 104.04 2.63
N THR E 53 110.36 102.94 2.79
CA THR E 53 110.34 102.21 4.06
C THR E 53 111.57 101.30 4.20
N LYS E 54 111.60 100.16 3.50
CA LYS E 54 112.68 99.16 3.63
C LYS E 54 113.15 98.58 2.28
N PRO E 55 114.02 99.33 1.55
CA PRO E 55 114.86 98.90 0.44
C PRO E 55 116.38 99.26 0.64
N VAL E 56 117.04 99.85 -0.38
CA VAL E 56 118.29 100.65 -0.27
C VAL E 56 119.60 99.88 -0.57
N GLY E 57 120.45 100.49 -1.39
CA GLY E 57 121.78 99.95 -1.77
C GLY E 57 122.71 101.03 -2.31
N GLY E 58 123.62 100.65 -3.22
CA GLY E 58 124.64 101.57 -3.81
C GLY E 58 124.53 101.72 -5.32
N ASP E 59 125.69 101.65 -6.01
CA ASP E 59 125.83 101.44 -7.49
C ASP E 59 126.34 102.68 -8.26
N LYS E 60 126.92 102.44 -9.43
CA LYS E 60 127.65 103.44 -10.24
C LYS E 60 126.77 104.46 -11.05
N ASN E 61 126.65 104.30 -12.37
CA ASN E 61 126.31 105.43 -13.26
C ASN E 61 124.81 105.62 -13.47
N GLY E 62 124.38 106.88 -13.44
CA GLY E 62 122.99 107.28 -13.26
C GLY E 62 122.79 107.75 -11.83
N GLY E 63 123.32 106.99 -10.87
CA GLY E 63 123.26 107.33 -9.44
C GLY E 63 123.21 106.07 -8.60
N THR E 64 122.55 106.14 -7.45
CA THR E 64 122.31 104.96 -6.61
C THR E 64 120.96 104.31 -6.96
N ARG E 65 120.87 103.00 -6.73
CA ARG E 65 119.67 102.21 -7.05
C ARG E 65 118.93 101.79 -5.78
N VAL E 66 117.61 101.91 -5.83
CA VAL E 66 116.72 101.48 -4.75
C VAL E 66 116.30 100.04 -5.03
N VAL E 67 116.85 99.09 -4.29
CA VAL E 67 116.47 97.68 -4.44
C VAL E 67 115.11 97.45 -3.77
N LYS E 68 114.72 96.19 -3.60
CA LYS E 68 113.52 95.86 -2.83
C LYS E 68 113.71 94.51 -2.16
N LEU E 69 114.03 94.52 -0.87
CA LEU E 69 114.16 93.28 -0.10
C LEU E 69 112.79 92.62 -0.09
N ARG E 70 112.77 91.30 -0.27
CA ARG E 70 111.53 90.53 -0.32
C ARG E 70 110.64 91.03 -1.48
N LYS E 71 111.02 90.63 -2.69
CA LYS E 71 110.42 91.14 -3.93
C LYS E 71 109.25 90.24 -4.32
N MET E 72 108.18 90.87 -4.81
CA MET E 72 106.91 90.16 -5.07
C MET E 72 107.10 89.09 -6.15
N PRO E 73 106.29 88.03 -6.09
CA PRO E 73 106.72 86.77 -6.67
C PRO E 73 106.62 86.66 -8.19
N ARG E 74 107.31 85.66 -8.72
CA ARG E 74 107.41 85.41 -10.16
C ARG E 74 106.54 84.26 -10.64
N TYR E 75 105.73 83.71 -9.75
CA TYR E 75 104.71 82.75 -10.12
C TYR E 75 103.64 82.70 -9.06
N TYR E 76 102.38 82.74 -9.51
CA TYR E 76 101.26 82.39 -8.66
C TYR E 76 100.68 81.08 -9.17
N PRO E 77 100.31 80.18 -8.25
CA PRO E 77 99.62 78.97 -8.65
C PRO E 77 98.14 79.25 -8.87
N THR E 78 97.50 78.38 -9.63
CA THR E 78 96.14 78.60 -10.12
C THR E 78 95.08 78.55 -9.03
N GLU E 79 95.32 77.71 -8.05
CA GLU E 79 94.52 77.75 -6.84
C GLU E 79 95.37 77.26 -5.69
N ASP E 80 95.10 77.78 -4.51
CA ASP E 80 95.87 77.44 -3.31
C ASP E 80 94.97 77.48 -2.08
N VAL E 81 95.37 76.72 -1.06
CA VAL E 81 94.53 76.51 0.12
C VAL E 81 94.50 77.76 1.02
N PRO E 82 93.42 77.92 1.83
CA PRO E 82 93.16 79.19 2.46
C PRO E 82 93.19 79.18 4.00
N ARG E 83 94.39 79.30 4.57
CA ARG E 83 94.59 79.51 6.03
C ARG E 83 93.95 78.42 6.91
N LYS E 84 93.93 78.62 8.22
CA LYS E 84 93.21 77.74 9.14
C LYS E 84 92.40 78.57 10.16
N LEU E 85 92.50 78.29 11.46
CA LEU E 85 91.59 78.88 12.46
C LEU E 85 92.20 79.01 13.90
N LEU E 86 93.52 79.25 13.97
CA LEU E 86 94.25 79.56 15.22
C LEU E 86 94.44 78.45 16.27
N SER E 87 93.35 77.93 16.85
CA SER E 87 93.38 76.65 17.57
C SER E 87 94.29 76.51 18.80
N HIS E 88 94.46 77.60 19.54
CA HIS E 88 94.35 77.54 20.99
C HIS E 88 95.48 76.79 21.76
N GLY E 89 95.57 75.46 21.71
CA GLY E 89 96.44 74.74 22.67
C GLY E 89 97.15 73.51 22.16
N ARG E 90 97.86 73.66 21.05
CA ARG E 90 98.30 72.51 20.27
C ARG E 90 99.81 72.60 20.11
N LYS E 91 100.51 72.31 21.19
CA LYS E 91 101.97 72.51 21.26
C LYS E 91 102.74 71.50 20.44
N PRO E 92 103.92 71.90 19.89
CA PRO E 92 104.80 70.90 19.28
C PRO E 92 105.52 70.06 20.35
N PHE E 93 105.71 68.78 20.03
CA PHE E 93 106.37 67.79 20.89
C PHE E 93 107.44 68.29 21.85
N SER E 94 108.30 69.20 21.39
CA SER E 94 109.37 69.75 22.23
C SER E 94 108.84 70.48 23.46
N GLN E 95 107.79 71.27 23.26
CA GLN E 95 107.19 72.04 24.35
C GLN E 95 106.25 71.22 25.25
N HIS E 96 106.13 69.91 25.01
CA HIS E 96 105.24 69.07 25.78
C HIS E 96 105.77 68.86 27.18
N VAL E 97 104.87 68.49 28.08
CA VAL E 97 105.25 68.06 29.43
C VAL E 97 105.46 66.54 29.43
N ARG E 98 106.45 66.09 30.20
CA ARG E 98 106.88 64.69 30.20
C ARG E 98 106.49 63.99 31.50
N LYS E 99 105.93 62.79 31.36
CA LYS E 99 105.45 61.99 32.48
C LYS E 99 106.48 60.91 32.76
N LEU E 100 106.25 60.14 33.82
CA LEU E 100 107.09 59.00 34.16
C LEU E 100 106.36 58.19 35.20
N ARG E 101 106.19 56.89 34.96
CA ARG E 101 105.56 56.04 35.95
C ARG E 101 106.37 56.11 37.24
N ALA E 102 105.67 56.34 38.36
CA ALA E 102 106.31 56.47 39.67
C ALA E 102 107.16 55.26 40.02
N SER E 103 106.70 54.09 39.58
CA SER E 103 107.48 52.85 39.63
C SER E 103 108.92 53.02 39.13
N ILE E 104 109.08 53.64 37.96
CA ILE E 104 110.41 53.85 37.39
C ILE E 104 111.14 55.02 38.08
N THR E 105 112.06 54.69 38.96
CA THR E 105 112.94 55.64 39.65
C THR E 105 114.37 55.33 39.24
N PRO E 106 115.32 56.29 39.44
CA PRO E 106 116.69 56.03 38.97
C PRO E 106 117.37 54.87 39.69
N GLY E 107 118.12 54.07 38.93
CA GLY E 107 118.74 52.86 39.45
C GLY E 107 117.77 51.74 39.74
N THR E 108 116.58 51.80 39.13
CA THR E 108 115.63 50.71 39.22
C THR E 108 115.95 49.74 38.11
N ILE E 109 115.19 48.65 38.06
CA ILE E 109 115.39 47.60 37.09
C ILE E 109 114.15 47.48 36.23
N LEU E 110 114.39 47.28 34.94
CA LEU E 110 113.34 47.17 33.95
C LEU E 110 113.38 45.80 33.29
N ILE E 111 112.29 45.44 32.62
CA ILE E 111 112.27 44.33 31.67
C ILE E 111 111.87 44.94 30.34
N ILE E 112 112.81 45.02 29.40
CA ILE E 112 112.56 45.67 28.12
C ILE E 112 111.78 44.68 27.25
N LEU E 113 110.58 45.10 26.83
CA LEU E 113 109.53 44.20 26.30
C LEU E 113 109.47 44.00 24.80
N THR E 114 110.05 44.92 24.02
CA THR E 114 109.70 45.03 22.61
C THR E 114 110.84 44.70 21.62
N GLY E 115 112.01 45.34 21.76
CA GLY E 115 112.98 45.43 20.65
C GLY E 115 113.73 44.16 20.28
N ARG E 116 115.01 44.30 19.95
CA ARG E 116 115.90 43.15 19.83
C ARG E 116 116.37 42.71 21.22
N HIS E 117 116.53 43.70 22.10
CA HIS E 117 116.88 43.44 23.50
C HIS E 117 115.59 43.17 24.25
N ARG E 118 115.02 42.00 23.97
CA ARG E 118 113.63 41.71 24.22
C ARG E 118 113.58 40.72 25.35
N GLY E 119 112.87 41.07 26.42
CA GLY E 119 112.88 40.28 27.64
C GLY E 119 114.14 40.46 28.49
N LYS E 120 115.23 40.95 27.89
CA LYS E 120 116.47 41.27 28.60
C LYS E 120 116.19 42.20 29.79
N ARG E 121 116.94 42.01 30.87
CA ARG E 121 116.81 42.87 32.05
C ARG E 121 117.88 43.94 32.06
N VAL E 122 117.57 45.04 32.74
CA VAL E 122 118.27 46.29 32.50
C VAL E 122 118.23 47.18 33.73
N VAL E 123 119.16 48.12 33.80
CA VAL E 123 119.12 49.21 34.78
C VAL E 123 118.71 50.52 34.10
N PHE E 124 117.84 51.26 34.78
CA PHE E 124 117.36 52.56 34.31
C PHE E 124 118.26 53.66 34.88
N LEU E 125 118.69 54.56 33.99
CA LEU E 125 119.66 55.60 34.33
C LEU E 125 119.03 57.00 34.46
N LYS E 126 118.25 57.40 33.46
CA LYS E 126 117.57 58.70 33.49
C LYS E 126 116.49 58.82 32.43
N GLN E 127 115.59 59.77 32.63
CA GLN E 127 114.62 60.20 31.62
C GLN E 127 115.29 61.31 30.83
N LEU E 128 115.43 61.15 29.51
CA LEU E 128 116.07 62.18 28.68
C LEU E 128 115.10 63.33 28.46
N SER E 129 115.54 64.36 27.72
CA SER E 129 114.69 65.51 27.37
C SER E 129 113.40 65.07 26.68
N SER E 130 113.56 64.29 25.61
CA SER E 130 112.46 63.67 24.86
C SER E 130 111.29 63.18 25.70
N GLY E 131 111.62 62.49 26.78
CA GLY E 131 110.63 61.73 27.56
C GLY E 131 110.93 60.25 27.48
N LEU E 132 111.82 59.87 26.57
CA LEU E 132 112.40 58.54 26.57
C LEU E 132 113.21 58.29 27.83
N LEU E 133 113.34 57.01 28.15
CA LEU E 133 114.27 56.54 29.14
C LEU E 133 115.63 56.40 28.51
N LEU E 134 116.66 56.71 29.30
CA LEU E 134 118.00 56.21 29.06
C LEU E 134 118.16 54.95 29.89
N VAL E 135 118.93 54.02 29.35
CA VAL E 135 118.99 52.69 29.89
C VAL E 135 120.35 52.07 29.66
N THR E 136 120.71 51.14 30.55
CA THR E 136 121.90 50.33 30.40
C THR E 136 121.67 49.05 31.18
N GLY E 137 121.74 47.92 30.49
CA GLY E 137 121.86 46.62 31.12
C GLY E 137 123.32 46.30 30.96
N PRO E 138 124.18 46.84 31.84
CA PRO E 138 125.62 47.00 31.62
C PRO E 138 126.17 46.07 30.56
N LEU E 139 126.31 46.60 29.34
CA LEU E 139 126.88 45.92 28.18
C LEU E 139 127.65 44.64 28.50
N SER E 140 128.55 44.77 29.47
CA SER E 140 129.29 43.65 30.09
C SER E 140 128.43 42.43 30.45
N LEU E 141 127.40 42.64 31.26
CA LEU E 141 126.54 41.56 31.73
C LEU E 141 125.66 40.99 30.64
N ASN E 142 124.87 41.89 30.07
CA ASN E 142 123.65 41.56 29.38
C ASN E 142 123.82 41.51 27.89
N ARG E 143 124.66 42.42 27.39
CA ARG E 143 124.77 42.78 25.99
C ARG E 143 123.66 43.77 25.63
N VAL E 144 123.57 44.83 26.44
CA VAL E 144 122.66 45.94 26.26
C VAL E 144 123.38 47.26 26.59
N PRO E 145 123.73 48.04 25.57
CA PRO E 145 124.52 49.25 25.79
C PRO E 145 123.74 50.42 26.39
N LEU E 146 124.36 51.59 26.42
CA LEU E 146 123.65 52.85 26.68
C LEU E 146 122.66 53.03 25.58
N ARG E 147 121.39 53.17 25.95
CA ARG E 147 120.30 52.98 25.01
C ARG E 147 119.03 53.64 25.48
N ARG E 148 118.29 54.20 24.52
CA ARG E 148 116.99 54.78 24.82
C ARG E 148 115.91 53.72 24.84
N THR E 149 114.89 53.93 25.67
CA THR E 149 113.66 53.14 25.61
C THR E 149 112.49 53.98 26.00
N HIS E 150 111.30 53.43 25.80
CA HIS E 150 110.07 54.07 26.17
C HIS E 150 109.53 53.44 27.45
N GLN E 151 109.12 54.30 28.39
CA GLN E 151 108.28 53.88 29.52
C GLN E 151 107.29 52.79 29.16
N LYS E 152 106.54 53.05 28.09
CA LYS E 152 105.39 52.25 27.72
C LYS E 152 105.71 50.80 27.29
N PHE E 153 106.94 50.54 26.86
CA PHE E 153 107.36 49.20 26.44
C PHE E 153 108.44 48.64 27.36
N VAL E 154 108.17 48.73 28.66
CA VAL E 154 109.13 48.40 29.71
C VAL E 154 108.37 48.11 30.99
N ILE E 155 108.74 47.04 31.69
CA ILE E 155 108.11 46.71 32.96
C ILE E 155 109.02 47.08 34.11
N ALA E 156 108.55 48.01 34.94
CA ALA E 156 109.32 48.55 36.05
C ALA E 156 109.33 47.58 37.23
N THR E 157 110.32 46.70 37.23
CA THR E 157 110.48 45.71 38.28
C THR E 157 110.68 46.39 39.64
N SER E 158 110.19 45.76 40.70
CA SER E 158 110.37 46.26 42.06
C SER E 158 111.71 45.74 42.59
N THR E 159 112.78 46.21 41.97
CA THR E 159 114.14 45.82 42.35
C THR E 159 115.04 46.99 41.99
N LYS E 160 115.72 47.54 43.00
CA LYS E 160 116.54 48.72 42.81
C LYS E 160 117.96 48.50 43.25
N ILE E 161 118.87 49.11 42.51
CA ILE E 161 120.27 49.27 42.89
C ILE E 161 120.32 50.72 43.38
N ASP E 162 121.23 51.02 44.30
CA ASP E 162 121.41 52.40 44.75
C ASP E 162 122.41 53.09 43.82
N ILE E 163 121.89 53.89 42.89
CA ILE E 163 122.69 54.53 41.84
C ILE E 163 122.93 56.02 42.08
N SER E 164 122.51 56.53 43.25
CA SER E 164 122.50 57.96 43.57
C SER E 164 123.70 58.74 43.01
N GLY E 165 124.89 58.47 43.55
CA GLY E 165 126.10 59.21 43.20
C GLY E 165 126.95 58.63 42.09
N VAL E 166 126.36 58.47 40.90
CA VAL E 166 127.13 58.19 39.68
C VAL E 166 126.92 59.35 38.70
N LYS E 167 128.03 59.95 38.28
CA LYS E 167 127.99 61.09 37.37
C LYS E 167 127.87 60.58 35.94
N ILE E 168 126.63 60.41 35.50
CA ILE E 168 126.33 60.16 34.08
C ILE E 168 126.82 61.39 33.28
N PRO E 169 127.49 61.16 32.13
CA PRO E 169 127.95 62.28 31.31
C PRO E 169 126.83 63.25 30.91
N LYS E 170 127.10 64.55 31.09
CA LYS E 170 126.15 65.59 30.70
C LYS E 170 125.95 65.59 29.19
N HIS E 171 127.01 65.30 28.45
CA HIS E 171 127.01 65.35 27.00
C HIS E 171 126.13 64.27 26.35
N LEU E 172 125.85 63.17 27.07
CA LEU E 172 124.95 62.16 26.54
C LEU E 172 123.48 62.52 26.74
N THR E 173 122.83 62.84 25.62
CA THR E 173 121.45 63.29 25.60
C THR E 173 120.74 62.72 24.39
N ASP E 174 119.43 62.88 24.40
CA ASP E 174 118.56 62.61 23.26
C ASP E 174 119.24 62.83 21.90
N ALA E 175 119.83 64.02 21.76
CA ALA E 175 120.51 64.44 20.53
C ALA E 175 121.62 63.50 20.08
N TYR E 176 122.37 62.95 21.03
CA TYR E 176 123.44 62.00 20.71
C TYR E 176 122.87 60.63 20.38
N PHE E 177 121.93 60.13 21.19
CA PHE E 177 121.31 58.83 20.91
C PHE E 177 120.27 58.94 19.81
N LYS E 178 120.71 59.21 18.59
CA LYS E 178 119.81 59.59 17.51
C LYS E 178 120.42 59.09 16.20
N LYS E 179 119.61 58.47 15.34
CA LYS E 179 120.13 57.84 14.13
C LYS E 179 120.62 58.88 13.13
N LYS E 180 121.50 58.46 12.21
CA LYS E 180 122.43 59.39 11.55
C LYS E 180 122.31 59.55 10.03
N GLN E 181 122.37 58.43 9.30
CA GLN E 181 122.80 58.45 7.88
C GLN E 181 121.77 58.90 6.83
N LEU E 182 122.25 58.99 5.58
CA LEU E 182 121.48 59.12 4.33
C LEU E 182 121.10 60.56 3.91
N ARG E 183 121.63 60.99 2.77
CA ARG E 183 121.25 62.25 2.10
C ARG E 183 120.55 61.93 0.76
N LYS E 184 120.27 62.96 -0.05
CA LYS E 184 119.26 62.86 -1.12
C LYS E 184 119.73 62.24 -2.46
N PRO E 185 120.58 62.95 -3.24
CA PRO E 185 120.67 62.63 -4.67
C PRO E 185 121.62 61.47 -5.03
N ARG E 186 122.93 61.73 -5.24
CA ARG E 186 123.91 60.71 -5.66
C ARG E 186 123.56 60.09 -7.05
N HIS E 187 124.14 58.92 -7.36
CA HIS E 187 123.86 58.21 -8.63
C HIS E 187 122.42 57.69 -8.70
N GLN E 188 121.90 57.19 -7.58
CA GLN E 188 120.50 56.78 -7.41
C GLN E 188 120.09 55.57 -8.27
N GLU E 189 119.80 55.79 -9.55
CA GLU E 189 119.14 54.79 -10.38
C GLU E 189 120.12 53.75 -10.93
N GLY E 190 119.76 52.47 -10.79
CA GLY E 190 120.61 51.34 -11.20
C GLY E 190 120.49 50.20 -10.21
N GLU E 191 121.63 49.74 -9.70
CA GLU E 191 121.68 48.71 -8.65
C GLU E 191 122.68 49.11 -7.55
N ILE E 192 122.59 50.37 -7.12
CA ILE E 192 123.54 50.97 -6.17
C ILE E 192 122.86 52.09 -5.36
N PHE E 193 123.63 52.80 -4.53
CA PHE E 193 123.21 53.95 -3.71
C PHE E 193 122.51 53.55 -2.40
N ASP E 194 123.29 53.50 -1.33
CA ASP E 194 122.79 53.42 0.06
C ASP E 194 121.91 52.21 0.44
N THR E 195 121.77 51.23 -0.46
CA THR E 195 121.41 49.87 -0.08
C THR E 195 122.65 49.24 0.58
N GLU E 196 123.82 49.65 0.10
CA GLU E 196 125.09 49.41 0.79
C GLU E 196 125.27 50.42 1.94
N LYS E 197 126.44 51.06 2.09
CA LYS E 197 126.85 51.75 3.33
C LYS E 197 127.00 50.71 4.45
N GLU E 198 125.94 49.92 4.66
CA GLU E 198 125.98 48.57 5.23
C GLU E 198 125.79 48.56 6.74
N LYS E 199 126.79 49.09 7.45
CA LYS E 199 126.89 48.90 8.89
C LYS E 199 126.85 50.22 9.63
N TYR E 200 126.05 50.25 10.70
CA TYR E 200 126.22 51.24 11.75
C TYR E 200 127.50 50.83 12.48
N GLU E 201 128.53 51.67 12.39
CA GLU E 201 129.77 51.47 13.14
C GLU E 201 129.62 52.10 14.52
N ILE E 202 130.18 51.41 15.52
CA ILE E 202 129.93 51.75 16.92
C ILE E 202 130.54 53.10 17.31
N THR E 203 131.71 53.44 16.75
CA THR E 203 132.47 54.65 17.09
C THR E 203 133.16 54.51 18.43
N GLU E 204 134.13 55.38 18.69
CA GLU E 204 134.97 55.29 19.88
C GLU E 204 134.43 56.10 21.07
N GLN E 205 133.88 57.28 20.79
CA GLN E 205 133.20 58.09 21.82
C GLN E 205 132.13 57.27 22.52
N ARG E 206 131.30 56.59 21.73
CA ARG E 206 130.26 55.70 22.23
C ARG E 206 130.83 54.62 23.16
N LYS E 207 131.92 53.98 22.73
CA LYS E 207 132.59 52.95 23.54
C LYS E 207 133.20 53.53 24.81
N VAL E 208 133.71 54.76 24.73
CA VAL E 208 134.27 55.45 25.90
C VAL E 208 133.18 55.81 26.91
N ASP E 209 132.06 56.32 26.41
CA ASP E 209 130.90 56.65 27.27
C ASP E 209 130.45 55.44 28.09
N GLN E 210 130.23 54.33 27.40
CA GLN E 210 129.83 53.06 28.01
C GLN E 210 130.79 52.65 29.12
N LYS E 211 132.07 52.54 28.77
CA LYS E 211 133.15 52.21 29.72
C LYS E 211 133.09 53.02 31.01
N ALA E 212 132.87 54.33 30.87
CA ALA E 212 132.83 55.25 32.01
C ALA E 212 131.64 54.97 32.92
N VAL E 213 130.47 54.86 32.30
CA VAL E 213 129.22 54.69 33.04
C VAL E 213 129.18 53.33 33.72
N ASP E 214 129.50 52.29 32.98
CA ASP E 214 129.36 50.92 33.48
C ASP E 214 130.17 50.71 34.75
N SER E 215 131.40 51.23 34.79
CA SER E 215 132.28 51.08 35.94
C SER E 215 131.67 51.63 37.22
N GLN E 216 131.01 52.77 37.14
CA GLN E 216 130.30 53.29 38.30
C GLN E 216 129.13 52.43 38.73
N ILE E 217 128.31 51.98 37.78
CA ILE E 217 127.25 51.03 38.07
C ILE E 217 127.79 49.68 38.52
N LEU E 218 128.79 49.19 37.80
CA LEU E 218 129.05 47.76 37.78
C LEU E 218 129.44 47.31 39.18
N PRO E 219 130.27 48.19 39.87
CA PRO E 219 130.52 47.80 41.27
C PRO E 219 129.23 47.79 42.07
N LYS E 220 128.36 48.78 41.85
CA LYS E 220 127.17 48.94 42.65
C LYS E 220 126.23 47.75 42.51
N ILE E 221 126.07 47.25 41.28
CA ILE E 221 125.20 46.11 41.07
C ILE E 221 125.72 44.89 41.81
N LYS E 222 127.03 44.69 41.75
CA LYS E 222 127.60 43.45 42.27
C LYS E 222 127.36 43.33 43.76
N ALA E 223 127.48 44.45 44.45
CA ALA E 223 127.23 44.49 45.90
C ALA E 223 125.97 43.72 46.31
N VAL E 224 124.96 43.74 45.45
CA VAL E 224 123.73 42.98 45.70
C VAL E 224 123.94 41.53 45.25
N PRO E 225 123.84 40.56 46.18
CA PRO E 225 124.12 39.16 45.82
C PRO E 225 123.12 38.55 44.82
N GLN E 226 123.68 37.92 43.79
CA GLN E 226 122.97 37.32 42.63
C GLN E 226 122.48 38.30 41.58
N LEU E 227 122.59 39.61 41.86
CA LEU E 227 121.95 40.59 41.02
C LEU E 227 122.53 40.57 39.61
N GLN E 228 123.84 40.45 39.50
CA GLN E 228 124.49 40.30 38.20
C GLN E 228 123.89 39.13 37.41
N GLY E 229 123.73 37.98 38.06
CA GLY E 229 123.14 36.79 37.45
C GLY E 229 121.70 36.97 37.03
N TYR E 230 120.96 37.73 37.82
CA TYR E 230 119.60 38.14 37.47
C TYR E 230 119.63 39.01 36.23
N LEU E 231 120.57 39.94 36.19
CA LEU E 231 120.70 40.86 35.07
C LEU E 231 121.28 40.22 33.82
N ARG E 232 121.91 39.07 33.96
CA ARG E 232 122.24 38.25 32.80
C ARG E 232 121.00 37.62 32.20
N SER E 233 120.09 37.13 33.05
CA SER E 233 118.95 36.33 32.60
C SER E 233 117.90 37.08 31.77
N VAL E 234 117.06 36.30 31.09
CA VAL E 234 115.98 36.81 30.24
C VAL E 234 114.64 36.39 30.80
N PHE E 235 113.71 37.33 30.75
CA PHE E 235 112.36 37.12 31.26
C PHE E 235 111.50 36.48 30.18
N ALA E 236 110.63 35.57 30.62
CA ALA E 236 109.68 34.92 29.73
C ALA E 236 108.60 34.22 30.54
N LEU E 237 107.41 34.18 29.98
CA LEU E 237 106.25 33.60 30.63
C LEU E 237 106.25 32.11 30.38
N THR E 238 106.29 31.33 31.46
CA THR E 238 106.20 29.89 31.36
C THR E 238 104.75 29.44 31.59
N ASN E 239 104.52 28.13 31.65
CA ASN E 239 103.18 27.60 31.95
C ASN E 239 102.75 27.86 33.39
N GLY E 240 101.48 28.22 33.54
CA GLY E 240 100.86 28.38 34.85
C GLY E 240 101.10 29.71 35.54
N VAL E 241 101.87 30.58 34.90
CA VAL E 241 102.26 31.86 35.49
C VAL E 241 101.69 32.95 34.61
N TYR E 242 100.86 33.79 35.23
CA TYR E 242 100.09 34.77 34.50
C TYR E 242 100.50 36.15 34.97
N PRO E 243 100.85 37.04 34.02
CA PRO E 243 101.24 38.43 34.31
C PRO E 243 100.40 39.11 35.39
N HIS E 244 99.08 38.99 35.27
CA HIS E 244 98.16 39.63 36.21
C HIS E 244 98.24 39.11 37.64
N LYS E 245 98.68 37.86 37.81
CA LYS E 245 98.82 37.24 39.12
C LYS E 245 100.13 37.64 39.79
N LEU E 246 101.24 37.50 39.04
CA LEU E 246 102.57 37.77 39.60
C LEU E 246 102.82 39.27 39.70
N VAL E 247 103.87 39.63 40.44
CA VAL E 247 104.26 41.03 40.61
C VAL E 247 105.68 41.27 40.09
N PHE E 248 105.88 42.47 39.55
CA PHE E 248 107.22 43.01 39.27
C PHE E 248 107.18 44.53 39.35
N ASN F 1 90.37 115.27 10.56
CA ASN F 1 89.56 114.04 10.29
C ASN F 1 90.05 112.81 11.05
N PHE F 2 91.29 112.41 10.79
CA PHE F 2 91.76 111.06 11.06
C PHE F 2 92.00 110.77 12.55
N ALA F 3 92.88 111.55 13.18
CA ALA F 3 93.26 111.33 14.58
C ALA F 3 92.15 111.63 15.59
N GLU F 4 91.21 112.49 15.19
CA GLU F 4 89.99 112.75 15.98
C GLU F 4 89.11 111.50 16.03
N LEU F 5 88.84 110.93 14.86
CA LEU F 5 88.01 109.73 14.73
C LEU F 5 88.63 108.55 15.46
N LYS F 6 89.91 108.28 15.18
CA LYS F 6 90.65 107.18 15.80
C LYS F 6 90.45 107.15 17.31
N ILE F 7 90.69 108.29 17.96
CA ILE F 7 90.54 108.43 19.40
C ILE F 7 89.08 108.22 19.84
N LYS F 8 88.13 108.71 19.05
CA LYS F 8 86.70 108.47 19.32
C LYS F 8 86.39 106.97 19.27
N ARG F 9 86.91 106.28 18.26
CA ARG F 9 86.77 104.82 18.17
C ARG F 9 87.47 104.08 19.31
N LEU F 10 88.65 104.54 19.71
CA LEU F 10 89.33 103.99 20.89
C LEU F 10 88.54 104.25 22.17
N ARG F 11 87.94 105.43 22.27
CA ARG F 11 87.10 105.77 23.41
C ARG F 11 85.93 104.80 23.48
N LYS F 12 85.23 104.66 22.36
CA LYS F 12 84.12 103.71 22.26
C LYS F 12 84.56 102.34 22.76
N LYS F 13 85.63 101.83 22.15
CA LYS F 13 86.21 100.54 22.52
C LYS F 13 86.33 100.39 24.02
N PHE F 14 86.91 101.40 24.66
CA PHE F 14 87.11 101.35 26.10
C PHE F 14 85.79 101.31 26.87
N ALA F 15 84.82 102.14 26.48
CA ALA F 15 83.53 102.22 27.18
C ALA F 15 82.78 100.89 27.18
N GLN F 16 83.02 100.09 26.15
CA GLN F 16 82.52 98.71 26.08
C GLN F 16 83.22 97.81 27.07
N LYS F 17 84.56 97.83 27.03
CA LYS F 17 85.40 97.05 27.92
C LYS F 17 85.10 97.35 29.39
N MET F 18 84.90 98.62 29.72
CA MET F 18 84.43 99.01 31.06
C MET F 18 83.10 98.35 31.41
N LEU F 19 82.14 98.44 30.50
CA LEU F 19 80.79 97.90 30.75
C LEU F 19 80.86 96.40 30.92
N ARG F 20 81.59 95.73 30.03
CA ARG F 20 81.80 94.30 30.15
C ARG F 20 82.29 93.97 31.56
N LYS F 21 83.35 94.65 32.00
CA LYS F 21 83.87 94.49 33.37
C LYS F 21 82.79 94.67 34.44
N ALA F 22 81.96 95.70 34.27
CA ALA F 22 80.91 95.99 35.24
C ALA F 22 79.93 94.85 35.35
N ARG F 23 79.37 94.43 34.22
CA ARG F 23 78.36 93.36 34.18
C ARG F 23 78.91 92.04 34.67
N ARG F 24 80.19 91.81 34.41
CA ARG F 24 80.89 90.67 34.96
C ARG F 24 80.84 90.73 36.49
N LYS F 25 81.20 91.89 37.05
CA LYS F 25 81.23 92.07 38.50
C LYS F 25 79.87 91.91 39.17
N LEU F 26 78.84 92.42 38.51
CA LEU F 26 77.46 92.15 38.93
C LEU F 26 77.17 90.66 39.00
N ILE F 27 77.53 89.94 37.93
CA ILE F 27 77.31 88.49 37.87
C ILE F 27 77.99 87.82 39.05
N TYR F 28 79.24 88.21 39.28
CA TYR F 28 80.04 87.65 40.35
C TYR F 28 79.42 87.88 41.72
N GLU F 29 78.90 89.07 41.96
CA GLU F 29 78.24 89.34 43.24
C GLU F 29 76.87 88.69 43.36
N LYS F 30 76.13 88.62 42.26
CA LYS F 30 74.85 87.92 42.23
C LYS F 30 74.97 86.46 42.63
N ALA F 31 76.03 85.81 42.17
CA ALA F 31 76.30 84.43 42.56
C ALA F 31 76.56 84.38 44.05
N LYS F 32 77.51 85.19 44.49
CA LYS F 32 77.92 85.23 45.90
C LYS F 32 76.74 85.38 46.83
N HIS F 33 75.77 86.17 46.41
CA HIS F 33 74.55 86.33 47.18
C HIS F 33 73.74 85.05 47.18
N TYR F 34 73.55 84.47 46.00
CA TYR F 34 72.79 83.23 45.87
C TYR F 34 73.43 82.05 46.61
N HIS F 35 74.75 82.09 46.76
CA HIS F 35 75.46 81.13 47.60
C HIS F 35 75.03 81.25 49.05
N LYS F 36 74.96 82.49 49.51
CA LYS F 36 74.51 82.81 50.85
C LYS F 36 73.02 82.54 51.02
N GLU F 37 72.22 82.80 49.98
CA GLU F 37 70.78 82.53 50.03
C GLU F 37 70.46 81.04 50.19
N TYR F 38 71.16 80.17 49.45
CA TYR F 38 70.89 78.73 49.53
C TYR F 38 71.38 78.13 50.83
N ARG F 39 72.50 78.64 51.32
CA ARG F 39 73.03 78.29 52.65
C ARG F 39 71.97 78.59 53.69
N GLN F 40 71.50 79.84 53.69
CA GLN F 40 70.51 80.31 54.65
C GLN F 40 69.23 79.48 54.58
N MET F 41 68.82 79.07 53.37
CA MET F 41 67.61 78.25 53.19
C MET F 41 67.76 76.87 53.82
N TYR F 42 68.94 76.30 53.66
CA TYR F 42 69.21 74.93 54.09
C TYR F 42 69.23 74.82 55.60
N ARG F 43 70.04 75.67 56.21
CA ARG F 43 70.18 75.73 57.65
C ARG F 43 68.86 76.03 58.34
N THR F 44 68.17 77.06 57.86
CA THR F 44 66.92 77.51 58.46
C THR F 44 65.72 76.57 58.24
N GLU F 45 65.92 75.45 57.53
CA GLU F 45 64.98 74.35 57.61
C GLU F 45 65.33 73.42 58.75
N ILE F 46 66.63 73.18 58.97
CA ILE F 46 67.08 72.32 60.06
C ILE F 46 66.80 73.03 61.39
N ARG F 47 67.28 74.26 61.50
CA ARG F 47 66.94 75.17 62.60
C ARG F 47 65.52 74.94 63.11
N MET F 48 64.57 74.94 62.17
CA MET F 48 63.16 74.81 62.52
C MET F 48 62.86 73.49 63.18
N ALA F 49 63.24 72.38 62.54
CA ALA F 49 62.89 71.06 63.04
C ALA F 49 63.50 70.86 64.41
N ARG F 50 64.81 71.07 64.55
CA ARG F 50 65.46 71.00 65.86
C ARG F 50 64.62 71.72 66.93
N MET F 51 64.08 72.89 66.57
CA MET F 51 63.30 73.70 67.51
C MET F 51 61.92 73.11 67.79
N ALA F 52 61.31 72.48 66.80
CA ALA F 52 60.11 71.69 67.05
C ALA F 52 60.45 70.53 67.96
N ARG F 53 61.56 69.85 67.66
CA ARG F 53 61.97 68.66 68.39
C ARG F 53 62.34 68.95 69.83
N LYS F 54 62.79 70.17 70.10
CA LYS F 54 63.10 70.59 71.46
C LYS F 54 61.81 70.56 72.29
N ALA F 55 60.75 71.15 71.75
CA ALA F 55 59.42 70.95 72.30
C ALA F 55 58.92 69.58 71.85
N GLY F 56 57.87 69.08 72.49
CA GLY F 56 57.17 67.89 72.01
C GLY F 56 56.24 68.35 70.91
N ASN F 57 56.82 68.55 69.73
CA ASN F 57 56.16 69.26 68.64
C ASN F 57 56.63 68.64 67.33
N PHE F 58 56.14 69.16 66.22
CA PHE F 58 56.60 68.72 64.90
C PHE F 58 56.76 69.92 63.98
N TYR F 59 57.76 69.87 63.11
CA TYR F 59 57.90 70.85 62.05
C TYR F 59 57.62 70.18 60.72
N VAL F 60 56.42 70.38 60.21
CA VAL F 60 56.06 69.88 58.89
C VAL F 60 56.54 70.94 57.90
N PRO F 61 57.65 70.65 57.18
CA PRO F 61 58.18 71.65 56.26
C PRO F 61 57.27 71.83 55.07
N ALA F 62 57.55 72.86 54.27
CA ALA F 62 56.69 73.19 53.15
C ALA F 62 56.62 72.04 52.17
N GLU F 63 55.46 71.86 51.56
CA GLU F 63 55.36 70.94 50.44
C GLU F 63 56.13 71.55 49.28
N PRO F 64 56.71 70.70 48.43
CA PRO F 64 57.67 71.24 47.48
C PRO F 64 57.01 72.10 46.42
N LYS F 65 57.76 73.08 45.93
CA LYS F 65 57.28 73.97 44.89
C LYS F 65 57.48 73.30 43.55
N LEU F 66 58.67 72.74 43.33
CA LEU F 66 59.16 72.43 42.00
C LEU F 66 59.59 70.98 41.91
N ALA F 67 59.34 70.37 40.75
CA ALA F 67 59.66 68.97 40.50
C ALA F 67 60.16 68.72 39.08
N PHE F 68 61.14 67.83 38.96
CA PHE F 68 61.65 67.41 37.67
C PHE F 68 60.83 66.21 37.22
N VAL F 69 60.49 66.14 35.93
CA VAL F 69 59.60 65.10 35.41
C VAL F 69 60.17 64.42 34.18
N ILE F 70 60.58 63.16 34.34
CA ILE F 70 61.21 62.42 33.27
C ILE F 70 60.22 61.46 32.64
N ARG F 71 60.14 61.50 31.32
CA ARG F 71 59.32 60.58 30.56
C ARG F 71 60.06 59.25 30.47
N ILE F 72 59.48 58.22 31.06
CA ILE F 72 60.15 56.92 31.18
C ILE F 72 59.49 55.79 30.41
N ARG F 73 58.55 56.11 29.52
CA ARG F 73 58.19 55.14 28.49
C ARG F 73 57.84 55.75 27.17
N GLY F 74 57.93 54.93 26.15
CA GLY F 74 58.07 55.37 24.78
C GLY F 74 56.82 55.97 24.17
N ILE F 75 56.80 55.99 22.85
CA ILE F 75 55.87 56.82 22.12
C ILE F 75 54.98 55.99 21.20
N ASN F 76 54.70 54.76 21.62
CA ASN F 76 53.82 53.86 20.87
C ASN F 76 52.64 53.51 21.74
N GLY F 77 51.45 53.45 21.14
CA GLY F 77 50.25 52.95 21.80
C GLY F 77 49.90 53.70 23.07
N VAL F 78 49.84 55.02 22.97
CA VAL F 78 49.65 55.87 24.12
C VAL F 78 48.34 56.65 23.96
N SER F 79 47.49 56.49 24.97
CA SER F 79 46.17 57.12 25.04
C SER F 79 46.18 58.61 24.71
N PRO F 80 45.10 59.12 24.10
CA PRO F 80 45.09 60.51 23.65
C PRO F 80 45.11 61.57 24.76
N LYS F 81 44.52 61.28 25.93
CA LYS F 81 44.55 62.25 27.03
C LYS F 81 45.93 62.36 27.66
N VAL F 82 46.56 61.21 27.87
CA VAL F 82 47.96 61.16 28.30
C VAL F 82 48.82 61.90 27.31
N ARG F 83 48.76 61.45 26.06
CA ARG F 83 49.60 61.98 24.99
C ARG F 83 49.56 63.50 24.93
N LYS F 84 48.37 64.08 25.10
CA LYS F 84 48.24 65.53 25.06
C LYS F 84 48.99 66.18 26.22
N VAL F 85 48.77 65.69 27.44
CA VAL F 85 49.48 66.21 28.61
C VAL F 85 50.98 66.03 28.47
N LEU F 86 51.42 64.88 28.00
CA LEU F 86 52.84 64.68 27.76
C LEU F 86 53.43 65.69 26.79
N GLN F 87 52.64 66.15 25.82
CA GLN F 87 53.07 67.27 24.98
C GLN F 87 52.60 68.64 25.47
N LEU F 88 52.05 68.70 26.68
CA LEU F 88 51.96 69.95 27.46
C LEU F 88 53.03 70.08 28.52
N LEU F 89 53.75 68.98 28.80
CA LEU F 89 54.96 69.07 29.61
C LEU F 89 56.22 69.13 28.74
N ARG F 90 56.04 69.12 27.41
CA ARG F 90 57.15 69.09 26.46
C ARG F 90 57.97 67.79 26.58
N LEU F 91 57.29 66.69 26.93
CA LEU F 91 57.95 65.41 27.15
C LEU F 91 57.65 64.49 25.99
N ARG F 92 58.18 64.84 24.84
CA ARG F 92 57.82 64.14 23.63
C ARG F 92 58.59 62.84 23.45
N GLN F 93 59.91 62.92 23.25
CA GLN F 93 60.79 61.74 23.30
C GLN F 93 60.83 61.07 24.67
N ILE F 94 61.22 59.80 24.68
CA ILE F 94 61.52 59.08 25.93
C ILE F 94 62.84 59.56 26.54
N PHE F 95 62.84 59.66 27.87
CA PHE F 95 63.93 60.23 28.67
C PHE F 95 64.17 61.74 28.47
N ASN F 96 63.14 62.46 28.03
CA ASN F 96 63.14 63.91 28.16
C ASN F 96 62.59 64.27 29.51
N GLY F 97 63.06 65.38 30.04
CA GLY F 97 62.66 65.85 31.35
C GLY F 97 62.44 67.34 31.35
N THR F 98 61.62 67.79 32.29
CA THR F 98 61.37 69.21 32.50
C THR F 98 61.17 69.49 33.96
N PHE F 99 61.57 70.68 34.38
CA PHE F 99 61.12 71.22 35.64
C PHE F 99 59.66 71.60 35.48
N VAL F 100 58.95 71.59 36.60
CA VAL F 100 57.51 71.75 36.63
C VAL F 100 57.15 72.31 38.00
N LYS F 101 56.56 73.50 38.04
CA LYS F 101 56.13 74.04 39.32
C LYS F 101 54.84 73.35 39.70
N LEU F 102 54.70 73.04 40.97
CA LEU F 102 53.59 72.26 41.48
C LEU F 102 52.49 73.18 41.93
N ASN F 103 51.27 72.72 41.69
CA ASN F 103 50.05 73.30 42.25
C ASN F 103 48.91 72.43 41.78
N LYS F 104 47.77 72.57 42.46
CA LYS F 104 46.58 71.77 42.19
C LYS F 104 46.35 71.43 40.72
N ALA F 105 46.52 72.43 39.85
CA ALA F 105 46.41 72.24 38.40
C ALA F 105 47.52 71.32 37.90
N SER F 106 48.76 71.73 38.14
CA SER F 106 49.94 71.05 37.62
C SER F 106 50.08 69.61 38.12
N ILE F 107 49.90 69.41 39.42
CA ILE F 107 50.02 68.11 40.05
C ILE F 107 49.06 67.10 39.47
N ASN F 108 47.82 67.56 39.22
CA ASN F 108 46.80 66.70 38.63
C ASN F 108 47.12 66.34 37.18
N MET F 109 47.69 67.27 36.42
CA MET F 109 48.22 66.89 35.11
C MET F 109 49.29 65.80 35.19
N LEU F 110 50.15 65.85 36.20
CA LEU F 110 51.06 64.74 36.44
C LEU F 110 50.32 63.47 36.86
N ARG F 111 49.23 63.60 37.62
CA ARG F 111 48.40 62.44 37.97
C ARG F 111 47.82 61.74 36.74
N ILE F 112 47.43 62.50 35.73
CA ILE F 112 46.87 61.90 34.51
C ILE F 112 47.95 61.20 33.66
N VAL F 113 49.24 61.55 33.82
CA VAL F 113 50.32 60.85 33.10
C VAL F 113 51.27 59.97 33.96
N GLU F 114 50.76 59.43 35.07
CA GLU F 114 51.61 58.73 36.07
C GLU F 114 52.46 57.54 35.61
N PRO F 115 51.85 56.58 34.88
CA PRO F 115 52.61 55.42 34.44
C PRO F 115 53.44 55.70 33.19
N TYR F 116 53.47 56.97 32.76
CA TYR F 116 54.34 57.40 31.69
C TYR F 116 55.53 58.23 32.16
N ILE F 117 55.59 58.59 33.43
CA ILE F 117 56.69 59.40 33.94
C ILE F 117 57.22 58.96 35.28
N ALA F 118 58.48 59.31 35.50
CA ALA F 118 59.12 59.26 36.79
C ALA F 118 59.35 60.70 37.11
N TRP F 119 59.09 61.09 38.35
CA TRP F 119 59.27 62.47 38.73
C TRP F 119 59.40 62.67 40.23
N GLY F 120 59.80 63.87 40.60
CA GLY F 120 59.90 64.26 42.00
C GLY F 120 60.71 65.51 42.21
N TYR F 121 61.19 65.68 43.44
CA TYR F 121 61.65 66.98 43.93
C TYR F 121 63.16 67.07 43.85
N PRO F 122 63.66 67.87 42.90
CA PRO F 122 65.07 67.85 42.64
C PRO F 122 65.86 68.57 43.71
N ASN F 123 67.11 68.16 43.82
CA ASN F 123 68.08 68.72 44.76
C ASN F 123 68.53 70.06 44.24
N LEU F 124 69.38 70.77 44.98
CA LEU F 124 70.05 71.93 44.40
C LEU F 124 71.01 71.46 43.33
N LYS F 125 71.90 70.54 43.72
CA LYS F 125 72.89 69.97 42.81
C LYS F 125 72.31 69.47 41.50
N SER F 126 71.12 68.89 41.54
CA SER F 126 70.42 68.39 40.37
C SER F 126 70.11 69.51 39.39
N VAL F 127 69.62 70.62 39.91
CA VAL F 127 69.34 71.81 39.10
C VAL F 127 70.61 72.38 38.48
N ASN F 128 71.72 72.32 39.20
CA ASN F 128 72.99 72.75 38.63
C ASN F 128 73.45 71.81 37.54
N GLU F 129 73.56 70.53 37.88
CA GLU F 129 74.07 69.52 36.95
C GLU F 129 73.26 69.44 35.66
N LEU F 130 71.94 69.53 35.76
CA LEU F 130 71.10 69.59 34.58
C LEU F 130 71.33 70.84 33.76
N ILE F 131 71.39 72.00 34.42
CA ILE F 131 71.61 73.26 33.71
C ILE F 131 73.00 73.35 33.11
N TYR F 132 74.06 73.02 33.85
CA TYR F 132 75.40 73.18 33.29
C TYR F 132 75.75 72.14 32.25
N LYS F 133 75.41 70.88 32.50
CA LYS F 133 75.81 69.83 31.57
C LYS F 133 74.89 69.75 30.36
N ARG F 134 73.61 70.08 30.54
CA ARG F 134 72.63 69.93 29.48
C ARG F 134 71.68 71.12 29.45
N GLY F 135 72.24 72.32 29.52
CA GLY F 135 71.44 73.54 29.50
C GLY F 135 71.42 74.13 28.12
N TYR F 136 70.27 74.04 27.46
CA TYR F 136 70.10 74.51 26.10
C TYR F 136 68.96 75.52 26.00
N GLY F 137 69.28 76.69 25.47
CA GLY F 137 68.28 77.75 25.28
C GLY F 137 67.35 77.47 24.13
N LYS F 138 66.20 78.12 24.15
CA LYS F 138 65.32 78.20 23.00
C LYS F 138 65.46 79.64 22.51
N ILE F 139 66.16 79.80 21.40
CA ILE F 139 66.63 81.10 20.94
C ILE F 139 66.30 81.22 19.45
N ASN F 140 65.20 81.92 19.16
CA ASN F 140 64.63 81.96 17.84
C ASN F 140 64.24 80.52 17.40
N LYS F 141 63.67 79.78 18.34
CA LYS F 141 63.21 78.41 18.10
C LYS F 141 64.30 77.42 17.67
N LYS F 142 65.56 77.79 17.87
CA LYS F 142 66.67 76.90 17.59
C LYS F 142 67.26 76.52 18.93
N ARG F 143 67.12 75.24 19.28
CA ARG F 143 67.84 74.67 20.40
C ARG F 143 69.30 75.04 20.25
N ILE F 144 69.79 75.85 21.21
CA ILE F 144 71.17 76.35 21.22
C ILE F 144 71.73 76.20 22.64
N ALA F 145 72.95 75.68 22.73
CA ALA F 145 73.60 75.40 24.02
C ALA F 145 74.05 76.68 24.71
N LEU F 146 73.78 76.77 26.00
CA LEU F 146 74.05 77.97 26.78
C LEU F 146 75.55 78.02 27.03
N THR F 147 76.26 78.51 26.02
CA THR F 147 77.72 78.61 26.05
C THR F 147 78.15 79.88 26.74
N ASP F 148 77.33 80.93 26.63
CA ASP F 148 77.58 82.16 27.36
C ASP F 148 76.29 82.82 27.85
N ASN F 149 76.46 83.72 28.81
CA ASN F 149 75.38 84.51 29.38
C ASN F 149 74.79 85.54 28.42
N ALA F 150 75.59 85.98 27.45
CA ALA F 150 75.09 86.77 26.32
C ALA F 150 73.85 86.16 25.67
N LEU F 151 73.72 84.82 25.72
CA LEU F 151 72.52 84.12 25.24
C LEU F 151 71.36 84.25 26.21
N ILE F 152 71.61 83.92 27.47
CA ILE F 152 70.58 83.98 28.51
C ILE F 152 70.09 85.41 28.66
N ALA F 153 71.03 86.34 28.79
CA ALA F 153 70.71 87.74 28.94
C ALA F 153 69.84 88.22 27.80
N ARG F 154 70.34 88.03 26.57
CA ARG F 154 69.62 88.47 25.37
C ARG F 154 68.13 88.13 25.41
N SER F 155 67.81 86.96 25.98
CA SER F 155 66.43 86.43 26.02
C SER F 155 65.68 86.73 27.33
N LEU F 156 66.33 86.48 28.46
CA LEU F 156 65.71 86.57 29.79
C LEU F 156 66.11 87.81 30.58
N GLY F 157 66.99 88.64 30.03
CA GLY F 157 67.48 89.84 30.70
C GLY F 157 66.43 90.90 30.98
N LYS F 158 65.32 90.84 30.24
CA LYS F 158 64.14 91.68 30.52
C LYS F 158 63.41 91.28 31.80
N TYR F 159 63.88 90.24 32.50
CA TYR F 159 63.33 89.80 33.77
C TYR F 159 64.28 89.97 34.95
N GLY F 160 65.47 90.51 34.72
CA GLY F 160 66.52 90.51 35.73
C GLY F 160 67.38 89.26 35.73
N ILE F 161 67.19 88.36 34.75
CA ILE F 161 67.94 87.12 34.67
C ILE F 161 69.02 87.30 33.60
N ILE F 162 70.27 87.39 34.05
CA ILE F 162 71.38 87.82 33.20
C ILE F 162 72.56 86.86 33.13
N CYS F 163 72.36 85.64 33.65
CA CYS F 163 73.44 84.66 33.70
C CYS F 163 72.91 83.31 34.10
N MET F 164 73.72 82.29 33.84
CA MET F 164 73.40 80.92 34.22
C MET F 164 72.97 80.83 35.68
N GLU F 165 73.70 81.54 36.54
CA GLU F 165 73.45 81.51 37.97
C GLU F 165 72.06 82.04 38.31
N ASP F 166 71.70 83.18 37.72
CA ASP F 166 70.36 83.75 37.87
C ASP F 166 69.28 82.78 37.46
N LEU F 167 69.53 82.09 36.35
CA LEU F 167 68.62 81.11 35.81
C LEU F 167 68.37 80.03 36.86
N ILE F 168 69.46 79.46 37.38
CA ILE F 168 69.39 78.41 38.41
C ILE F 168 68.61 78.81 39.66
N HIS F 169 68.72 80.08 40.02
CA HIS F 169 67.99 80.64 41.14
C HIS F 169 66.51 80.83 40.85
N GLU F 170 66.19 81.15 39.60
CA GLU F 170 64.79 81.28 39.16
C GLU F 170 64.08 79.94 39.09
N ILE F 171 64.79 78.92 38.61
CA ILE F 171 64.26 77.57 38.51
C ILE F 171 64.07 76.92 39.88
N TYR F 172 65.03 77.13 40.77
CA TYR F 172 65.10 76.40 42.03
C TYR F 172 64.20 76.96 43.11
N THR F 173 64.08 78.30 43.13
CA THR F 173 63.18 78.99 44.05
C THR F 173 61.78 79.20 43.46
N VAL F 174 61.63 78.93 42.17
CA VAL F 174 60.37 79.06 41.46
C VAL F 174 59.91 80.51 41.63
N GLY F 175 60.66 81.41 41.03
CA GLY F 175 60.43 82.84 41.23
C GLY F 175 59.18 83.33 40.54
N LYS F 176 59.02 84.64 40.48
CA LYS F 176 57.99 85.24 39.65
C LYS F 176 58.16 84.72 38.23
N ARG F 177 59.38 84.88 37.73
CA ARG F 177 59.70 84.71 36.32
C ARG F 177 60.07 83.27 35.98
N PHE F 178 59.40 82.31 36.60
CA PHE F 178 59.77 80.91 36.42
C PHE F 178 59.32 80.44 35.07
N LYS F 179 58.04 80.66 34.80
CA LYS F 179 57.44 80.28 33.52
C LYS F 179 58.33 80.66 32.34
N GLU F 180 58.90 81.84 32.41
CA GLU F 180 59.68 82.37 31.30
C GLU F 180 61.11 81.85 31.28
N ALA F 181 61.67 81.55 32.44
CA ALA F 181 63.00 80.93 32.50
C ALA F 181 62.92 79.45 32.19
N ASN F 182 61.87 78.80 32.68
CA ASN F 182 61.67 77.38 32.43
C ASN F 182 61.34 77.07 30.98
N ASN F 183 60.45 77.85 30.37
CA ASN F 183 60.19 77.71 28.95
C ASN F 183 61.41 78.01 28.07
N PHE F 184 62.25 78.97 28.47
CA PHE F 184 63.51 79.27 27.76
C PHE F 184 64.40 78.06 27.64
N LEU F 185 64.46 77.28 28.71
CA LEU F 185 65.21 76.03 28.69
C LEU F 185 64.52 75.06 27.76
N TRP F 186 65.28 74.54 26.81
CA TRP F 186 64.82 73.47 25.95
C TRP F 186 64.77 72.19 26.80
N PRO F 187 63.75 71.33 26.60
CA PRO F 187 63.59 70.14 27.46
C PRO F 187 64.81 69.23 27.46
N PHE F 188 65.16 68.72 28.63
CA PHE F 188 66.47 68.09 28.85
C PHE F 188 66.55 66.70 28.26
N LYS F 189 67.36 66.56 27.21
CA LYS F 189 67.58 65.27 26.58
C LYS F 189 68.64 64.57 27.43
N LEU F 190 68.19 63.65 28.27
CA LEU F 190 69.07 62.88 29.14
C LEU F 190 69.29 61.53 28.49
N SER F 191 70.41 60.87 28.81
CA SER F 191 70.69 59.54 28.28
C SER F 191 69.82 58.48 28.97
N SER F 192 70.07 57.22 28.65
CA SER F 192 69.45 56.11 29.37
C SER F 192 69.97 56.05 30.81
N PRO F 193 69.22 55.39 31.71
CA PRO F 193 69.62 55.28 33.11
C PRO F 193 70.72 54.26 33.30
N ARG F 194 71.92 54.72 33.62
CA ARG F 194 73.02 53.83 33.86
C ARG F 194 72.74 52.99 35.10
N GLY F 195 73.23 51.75 35.08
CA GLY F 195 72.82 50.73 36.02
C GLY F 195 71.41 50.19 35.80
N GLY F 196 70.73 50.64 34.74
CA GLY F 196 69.35 50.27 34.50
C GLY F 196 68.34 50.87 35.48
N MET F 197 67.09 50.46 35.27
CA MET F 197 65.92 50.83 36.07
C MET F 197 65.55 49.61 36.91
N LYS F 198 64.41 49.69 37.60
CA LYS F 198 63.88 48.54 38.33
C LYS F 198 62.85 47.86 37.45
N LYS F 199 61.80 48.61 37.11
CA LYS F 199 60.77 48.15 36.21
C LYS F 199 60.08 49.36 35.65
N LYS F 200 59.99 49.41 34.34
CA LYS F 200 59.47 50.57 33.64
C LYS F 200 57.99 50.69 33.94
N THR F 201 57.31 49.56 33.88
CA THR F 201 55.88 49.56 33.77
C THR F 201 55.12 49.72 35.08
N THR F 202 55.80 49.54 36.21
CA THR F 202 55.15 49.60 37.51
C THR F 202 55.59 50.80 38.32
N HIS F 203 54.76 51.18 39.28
CA HIS F 203 54.97 52.39 40.06
C HIS F 203 56.13 52.20 41.02
N PHE F 204 56.69 53.33 41.46
CA PHE F 204 57.81 53.33 42.40
C PHE F 204 57.48 52.58 43.67
N VAL F 205 56.51 53.10 44.41
CA VAL F 205 55.90 52.43 45.56
C VAL F 205 55.88 50.90 45.43
N GLU F 206 55.41 50.39 44.28
CA GLU F 206 55.31 48.95 44.07
C GLU F 206 56.50 48.33 43.32
N GLY F 207 57.71 48.89 43.51
CA GLY F 207 58.94 48.34 42.95
C GLY F 207 59.48 48.98 41.66
N GLU F 208 58.58 49.45 40.80
CA GLU F 208 58.95 50.02 39.51
C GLU F 208 59.55 51.40 39.60
N ASP F 209 59.52 52.12 38.48
CA ASP F 209 60.17 53.43 38.38
C ASP F 209 59.20 54.60 38.22
N ALA F 210 58.02 54.33 37.69
CA ALA F 210 57.04 55.37 37.45
C ALA F 210 56.54 56.04 38.71
N GLY F 211 55.96 57.21 38.50
CA GLY F 211 55.27 57.94 39.55
C GLY F 211 56.18 58.79 40.38
N ASN F 212 55.59 59.40 41.40
CA ASN F 212 56.33 60.26 42.32
C ASN F 212 57.23 59.44 43.23
N ARG F 213 58.54 59.71 43.17
CA ARG F 213 59.52 59.16 44.11
C ARG F 213 60.21 60.26 44.94
N GLU F 214 59.61 61.46 44.92
CA GLU F 214 59.97 62.59 45.77
C GLU F 214 61.48 62.88 45.96
N ASP F 215 62.11 62.40 47.03
CA ASP F 215 63.55 62.63 47.23
C ASP F 215 64.40 61.88 46.20
N GLN F 216 63.95 60.68 45.87
CA GLN F 216 64.78 59.71 45.15
C GLN F 216 64.92 60.00 43.65
N ILE F 217 64.24 61.03 43.15
CA ILE F 217 64.41 61.51 41.77
C ILE F 217 65.84 62.00 41.50
N ASN F 218 66.54 62.39 42.56
CA ASN F 218 67.91 62.85 42.46
C ASN F 218 68.91 61.75 42.13
N ARG F 219 68.75 60.56 42.71
CA ARG F 219 69.58 59.40 42.32
C ARG F 219 69.45 59.12 40.83
N LEU F 220 68.20 59.05 40.36
CA LEU F 220 67.90 58.80 38.95
C LEU F 220 68.52 59.86 38.08
N ILE F 221 68.43 61.12 38.52
CA ILE F 221 69.05 62.21 37.79
C ILE F 221 70.53 61.95 37.56
N ARG F 222 71.26 61.59 38.61
CA ARG F 222 72.71 61.40 38.48
C ARG F 222 73.10 60.28 37.53
N ARG F 223 72.35 59.18 37.58
CA ARG F 223 72.64 58.03 36.72
C ARG F 223 72.19 58.27 35.26
N MET F 224 71.40 59.32 34.99
CA MET F 224 71.00 59.68 33.61
C MET F 224 71.70 60.92 33.06
N ASN F 225 71.79 61.97 33.87
CA ASN F 225 72.55 63.17 33.48
C ASN F 225 74.03 62.82 33.33
N LYS G 1 -26.13 3.66 -124.63
CA LYS G 1 -26.35 4.46 -123.38
C LYS G 1 -25.07 5.15 -122.91
N VAL G 2 -25.25 6.24 -122.15
CA VAL G 2 -24.15 6.98 -121.53
C VAL G 2 -24.38 7.01 -120.01
N VAL G 3 -24.59 5.82 -119.45
CA VAL G 3 -24.85 5.64 -118.01
C VAL G 3 -24.22 4.34 -117.52
N ASN G 4 -23.05 4.41 -116.91
CA ASN G 4 -22.45 3.19 -116.39
C ASN G 4 -23.35 2.56 -115.34
N PRO G 5 -23.45 1.18 -115.37
CA PRO G 5 -24.07 0.61 -114.16
C PRO G 5 -23.24 0.90 -112.92
N LEU G 6 -21.92 0.82 -113.03
CA LEU G 6 -21.10 0.60 -111.85
C LEU G 6 -21.31 1.75 -110.89
N PHE G 7 -21.38 2.96 -111.44
CA PHE G 7 -21.48 4.16 -110.62
C PHE G 7 -22.68 4.03 -109.70
N GLU G 8 -22.46 4.38 -108.44
CA GLU G 8 -23.36 4.08 -107.33
C GLU G 8 -23.79 5.41 -106.73
N LYS G 9 -24.14 5.44 -105.44
CA LYS G 9 -24.34 6.68 -104.69
C LYS G 9 -23.35 6.74 -103.54
N ARG G 10 -23.41 5.78 -102.62
CA ARG G 10 -22.54 5.73 -101.44
C ARG G 10 -22.75 6.94 -100.51
N PRO G 11 -23.99 7.16 -100.04
CA PRO G 11 -24.26 8.34 -99.23
C PRO G 11 -23.88 8.11 -97.75
N LYS G 12 -23.26 9.12 -97.13
CA LYS G 12 -22.78 9.01 -95.75
C LYS G 12 -23.79 9.55 -94.75
N ASN G 13 -24.21 8.69 -93.82
CA ASN G 13 -25.04 9.11 -92.69
C ASN G 13 -24.18 9.87 -91.68
N PHE G 14 -24.38 11.19 -91.60
CA PHE G 14 -23.72 12.00 -90.59
C PHE G 14 -24.55 12.05 -89.31
N GLY G 15 -24.64 10.91 -88.65
CA GLY G 15 -25.49 10.78 -87.49
C GLY G 15 -24.83 11.19 -86.19
N ILE G 16 -25.13 10.43 -85.14
CA ILE G 16 -24.28 10.35 -83.95
C ILE G 16 -23.78 8.91 -83.88
N GLY G 17 -22.47 8.75 -83.69
CA GLY G 17 -21.82 7.46 -83.71
C GLY G 17 -21.74 6.80 -85.08
N GLN G 18 -22.16 7.49 -86.12
CA GLN G 18 -22.24 6.95 -87.46
C GLN G 18 -21.03 7.50 -88.20
N ASP G 19 -21.10 7.65 -89.52
CA ASP G 19 -19.98 8.18 -90.28
C ASP G 19 -19.53 9.54 -89.71
N ILE G 20 -18.38 9.51 -89.06
CA ILE G 20 -17.52 10.67 -88.77
C ILE G 20 -17.83 11.96 -89.55
N GLN G 21 -17.97 13.04 -88.79
CA GLN G 21 -18.69 14.24 -89.22
C GLN G 21 -17.95 15.02 -90.30
N PRO G 22 -18.69 15.77 -91.14
CA PRO G 22 -18.07 16.52 -92.23
C PRO G 22 -17.37 17.77 -91.71
N LYS G 23 -16.35 18.24 -92.42
CA LYS G 23 -15.56 19.39 -91.98
C LYS G 23 -16.37 20.69 -92.15
N ARG G 24 -17.29 20.91 -91.23
CA ARG G 24 -18.16 22.07 -91.30
C ARG G 24 -17.45 23.30 -90.72
N ASP G 25 -17.98 24.47 -91.05
CA ASP G 25 -17.45 25.75 -90.61
C ASP G 25 -17.57 25.85 -89.08
N LEU G 26 -16.52 26.38 -88.46
CA LEU G 26 -16.45 26.55 -87.01
C LEU G 26 -16.15 27.98 -86.56
N THR G 27 -16.40 28.94 -87.44
CA THR G 27 -16.11 30.35 -87.18
C THR G 27 -16.62 30.82 -85.84
N ARG G 28 -17.77 30.30 -85.42
CA ARG G 28 -18.35 30.70 -84.13
C ARG G 28 -17.54 30.15 -82.96
N PHE G 29 -17.15 28.88 -83.03
CA PHE G 29 -16.50 28.19 -81.90
C PHE G 29 -14.96 28.11 -82.01
N VAL G 30 -14.37 28.99 -82.80
CA VAL G 30 -12.92 29.09 -82.85
C VAL G 30 -12.45 29.76 -81.58
N LYS G 31 -11.26 29.37 -81.11
CA LYS G 31 -10.60 30.08 -80.02
C LYS G 31 -9.76 31.19 -80.60
N TRP G 32 -10.15 32.42 -80.31
CA TRP G 32 -9.50 33.57 -80.92
C TRP G 32 -8.34 34.10 -80.08
N PRO G 33 -7.32 34.68 -80.73
CA PRO G 33 -6.21 35.31 -80.05
C PRO G 33 -6.71 36.48 -79.25
N ARG G 34 -6.05 36.73 -78.14
CA ARG G 34 -6.58 37.63 -77.13
C ARG G 34 -6.80 39.06 -77.61
N TYR G 35 -6.17 39.46 -78.73
CA TYR G 35 -6.45 40.78 -79.31
C TYR G 35 -7.82 40.82 -79.98
N ILE G 36 -8.11 39.80 -80.76
CA ILE G 36 -9.36 39.72 -81.48
C ILE G 36 -10.50 39.62 -80.50
N ARG G 37 -10.39 38.64 -79.62
CA ARG G 37 -11.40 38.38 -78.62
C ARG G 37 -11.74 39.65 -77.87
N LEU G 38 -10.75 40.47 -77.56
CA LEU G 38 -10.96 41.71 -76.83
C LEU G 38 -11.73 42.75 -77.66
N GLN G 39 -11.28 43.03 -78.87
CA GLN G 39 -11.95 44.04 -79.70
C GLN G 39 -13.40 43.70 -79.97
N ARG G 40 -13.70 42.42 -80.03
CA ARG G 40 -15.08 41.95 -80.17
C ARG G 40 -15.89 42.17 -78.90
N GLN G 41 -15.32 41.84 -77.74
CA GLN G 41 -16.06 42.00 -76.51
C GLN G 41 -15.87 43.36 -75.85
N ARG G 42 -15.19 44.28 -76.53
CA ARG G 42 -15.31 45.68 -76.20
C ARG G 42 -16.63 46.18 -76.76
N ALA G 43 -16.86 45.89 -78.05
CA ALA G 43 -18.09 46.32 -78.75
C ALA G 43 -19.35 45.90 -78.03
N ILE G 44 -19.34 44.67 -77.53
CA ILE G 44 -20.41 44.14 -76.71
C ILE G 44 -20.66 44.98 -75.46
N LEU G 45 -19.61 45.31 -74.71
CA LEU G 45 -19.76 46.14 -73.52
C LEU G 45 -20.50 47.43 -73.83
N TYR G 46 -20.11 48.08 -74.93
CA TYR G 46 -20.77 49.29 -75.38
C TYR G 46 -22.27 49.11 -75.62
N LYS G 47 -22.67 47.92 -76.08
CA LYS G 47 -24.09 47.58 -76.24
C LYS G 47 -24.76 47.18 -74.93
N ARG G 48 -24.01 46.53 -74.05
CA ARG G 48 -24.57 45.97 -72.83
C ARG G 48 -24.70 46.97 -71.68
N LEU G 49 -23.71 47.84 -71.54
CA LEU G 49 -23.70 48.87 -70.50
C LEU G 49 -24.62 50.04 -70.84
N LYS G 50 -24.84 50.89 -69.85
CA LYS G 50 -25.67 52.08 -69.97
C LYS G 50 -24.81 53.24 -70.50
N VAL G 51 -24.78 53.43 -71.83
CA VAL G 51 -23.92 54.48 -72.41
C VAL G 51 -24.57 55.85 -72.25
N PRO G 52 -23.83 56.83 -71.68
CA PRO G 52 -24.33 58.19 -71.56
C PRO G 52 -24.27 58.98 -72.88
N PRO G 53 -25.10 60.04 -72.97
CA PRO G 53 -25.57 60.64 -74.22
C PRO G 53 -24.57 61.46 -75.02
N ALA G 54 -23.51 61.89 -74.36
CA ALA G 54 -22.47 62.69 -75.01
C ALA G 54 -21.62 61.78 -75.88
N ILE G 55 -21.56 60.52 -75.49
CA ILE G 55 -20.92 59.47 -76.27
C ILE G 55 -21.94 58.82 -77.19
N ASN G 56 -23.19 58.66 -76.73
CA ASN G 56 -24.24 57.99 -77.52
C ASN G 56 -24.61 58.74 -78.81
N GLN G 57 -24.68 60.06 -78.73
CA GLN G 57 -24.92 60.92 -79.89
C GLN G 57 -24.05 60.62 -81.14
N PHE G 58 -22.86 60.07 -80.95
CA PHE G 58 -21.99 59.71 -82.06
C PHE G 58 -22.43 58.43 -82.78
N THR G 59 -23.37 57.69 -82.20
CA THR G 59 -24.05 56.61 -82.91
C THR G 59 -24.90 57.18 -84.04
N GLN G 60 -25.63 58.26 -83.71
CA GLN G 60 -26.43 59.00 -84.68
C GLN G 60 -25.52 59.70 -85.68
N VAL G 61 -25.19 58.99 -86.74
CA VAL G 61 -24.38 59.51 -87.83
C VAL G 61 -25.26 59.87 -89.01
N LEU G 62 -24.64 60.47 -90.01
CA LEU G 62 -25.31 60.99 -91.17
C LEU G 62 -25.74 59.86 -92.10
N ASP G 63 -26.73 60.14 -92.95
CA ASP G 63 -27.30 59.12 -93.87
C ASP G 63 -26.61 59.13 -95.24
N ARG G 64 -26.59 57.96 -95.87
CA ARG G 64 -25.72 57.69 -97.02
C ARG G 64 -25.76 58.76 -98.11
N GLN G 65 -26.96 59.12 -98.52
CA GLN G 65 -27.15 60.07 -99.62
C GLN G 65 -26.59 61.46 -99.25
N THR G 66 -26.80 61.86 -97.99
CA THR G 66 -26.27 63.13 -97.49
C THR G 66 -24.75 63.14 -97.39
N ALA G 67 -24.17 62.01 -96.97
CA ALA G 67 -22.71 61.89 -96.92
C ALA G 67 -22.07 62.02 -98.29
N THR G 68 -22.68 61.42 -99.30
CA THR G 68 -22.18 61.48 -100.66
C THR G 68 -22.30 62.89 -101.27
N GLN G 69 -23.30 63.66 -100.83
CA GLN G 69 -23.38 65.09 -101.18
C GLN G 69 -22.24 65.87 -100.56
N LEU G 70 -22.01 65.63 -99.27
CA LEU G 70 -20.99 66.33 -98.49
C LEU G 70 -19.60 66.10 -99.07
N LEU G 71 -19.26 64.84 -99.32
CA LEU G 71 -17.95 64.47 -99.83
C LEU G 71 -17.71 65.02 -101.25
N LYS G 72 -18.78 65.12 -102.03
CA LYS G 72 -18.75 65.79 -103.33
C LYS G 72 -18.46 67.29 -103.17
N LEU G 73 -19.12 67.91 -102.20
CA LEU G 73 -18.90 69.33 -101.91
C LEU G 73 -17.48 69.60 -101.40
N ALA G 74 -16.95 68.69 -100.58
CA ALA G 74 -15.58 68.82 -100.06
C ALA G 74 -14.53 68.60 -101.13
N HIS G 75 -14.84 67.76 -102.12
CA HIS G 75 -13.90 67.50 -103.22
C HIS G 75 -13.42 68.79 -103.90
N LYS G 76 -14.28 69.81 -103.92
CA LYS G 76 -13.89 71.14 -104.35
C LYS G 76 -12.85 71.78 -103.42
N TYR G 77 -13.06 71.66 -102.11
CA TYR G 77 -12.25 72.36 -101.10
C TYR G 77 -11.27 71.46 -100.31
N ARG G 78 -10.74 70.44 -100.97
CA ARG G 78 -9.61 69.69 -100.41
C ARG G 78 -8.41 70.62 -100.41
N PRO G 79 -7.57 70.53 -99.36
CA PRO G 79 -6.38 71.39 -99.32
C PRO G 79 -5.32 70.98 -100.35
N GLU G 80 -4.45 71.93 -100.65
CA GLU G 80 -3.37 71.74 -101.61
C GLU G 80 -2.39 70.65 -101.15
N THR G 81 -2.11 69.72 -102.05
CA THR G 81 -1.18 68.62 -101.80
C THR G 81 0.25 69.13 -101.90
N LYS G 82 1.23 68.26 -101.62
CA LYS G 82 2.62 68.52 -101.99
C LYS G 82 2.71 68.45 -103.53
N GLN G 83 3.82 68.96 -104.07
CA GLN G 83 4.00 69.23 -105.51
C GLN G 83 3.24 70.50 -105.90
N GLU G 84 1.92 70.49 -105.70
CA GLU G 84 1.08 71.70 -105.80
C GLU G 84 1.63 72.89 -105.01
N LYS G 85 2.15 72.60 -103.81
CA LYS G 85 2.76 73.62 -102.95
C LYS G 85 4.04 74.20 -103.58
N LYS G 86 4.88 73.33 -104.13
CA LYS G 86 6.10 73.73 -104.85
C LYS G 86 5.80 74.56 -106.09
N GLN G 87 4.84 74.10 -106.89
CA GLN G 87 4.41 74.80 -108.10
C GLN G 87 3.83 76.19 -107.84
N ARG G 88 3.14 76.37 -106.70
CA ARG G 88 2.61 77.68 -106.32
C ARG G 88 3.73 78.66 -105.96
N LEU G 89 4.74 78.16 -105.25
CA LEU G 89 5.93 78.96 -104.90
C LEU G 89 6.82 79.23 -106.12
N LEU G 90 7.07 78.19 -106.91
CA LEU G 90 7.96 78.26 -108.09
C LEU G 90 7.46 79.26 -109.14
N ALA G 91 6.15 79.24 -109.39
CA ALA G 91 5.52 80.19 -110.33
C ALA G 91 5.63 81.65 -109.86
N ARG G 92 5.60 81.85 -108.54
CA ARG G 92 5.72 83.18 -107.94
C ARG G 92 7.15 83.73 -108.03
N ALA G 93 8.13 82.88 -107.77
CA ALA G 93 9.56 83.25 -107.85
C ALA G 93 9.99 83.65 -109.26
N GLU G 94 9.47 82.94 -110.27
CA GLU G 94 9.71 83.29 -111.68
C GLU G 94 9.06 84.61 -112.06
N LYS G 95 7.84 84.85 -111.58
CA LYS G 95 7.07 86.04 -111.95
C LYS G 95 7.53 87.35 -111.28
N LYS G 96 8.38 87.25 -110.25
CA LYS G 96 8.85 88.44 -109.52
C LYS G 96 9.77 89.31 -110.38
N ALA G 97 10.77 88.69 -111.01
CA ALA G 97 11.71 89.37 -111.91
C ALA G 97 11.60 88.78 -113.31
N ALA G 98 10.52 89.15 -114.01
CA ALA G 98 10.25 88.68 -115.37
C ALA G 98 9.19 89.53 -116.07
N GLY G 99 7.99 89.57 -115.49
CA GLY G 99 6.87 90.35 -116.04
C GLY G 99 5.90 90.79 -114.96
N LYS G 100 6.39 91.63 -114.05
CA LYS G 100 5.62 92.25 -112.96
C LYS G 100 5.19 91.24 -111.87
N GLY G 101 5.68 91.45 -110.65
CA GLY G 101 5.35 90.62 -109.49
C GLY G 101 4.56 91.40 -108.45
N ASP G 102 3.27 91.09 -108.32
CA ASP G 102 2.39 91.76 -107.36
C ASP G 102 2.66 91.30 -105.92
N VAL G 103 2.73 89.97 -105.75
CA VAL G 103 3.06 89.24 -104.49
C VAL G 103 1.84 88.43 -103.95
N PRO G 104 0.80 89.11 -103.42
CA PRO G 104 -0.24 88.37 -102.71
C PRO G 104 -1.29 87.66 -103.58
N THR G 105 -1.40 88.04 -104.86
CA THR G 105 -2.49 87.60 -105.77
C THR G 105 -3.86 87.54 -105.05
N LYS G 106 -4.57 86.41 -105.11
CA LYS G 106 -5.77 86.21 -104.28
C LYS G 106 -5.95 84.72 -103.96
N ARG G 107 -5.84 84.37 -102.69
CA ARG G 107 -5.87 82.96 -102.25
C ARG G 107 -7.30 82.40 -102.19
N PRO G 108 -7.52 81.17 -102.73
CA PRO G 108 -8.84 80.55 -102.64
C PRO G 108 -9.19 80.03 -101.23
N PRO G 109 -10.46 79.61 -101.03
CA PRO G 109 -10.90 79.05 -99.76
C PRO G 109 -10.74 77.53 -99.74
N VAL G 110 -10.55 76.99 -98.55
CA VAL G 110 -10.26 75.56 -98.36
C VAL G 110 -10.79 75.06 -97.01
N LEU G 111 -10.75 73.75 -96.86
CA LEU G 111 -11.16 73.09 -95.62
C LEU G 111 -10.23 73.39 -94.45
N ARG G 112 -10.80 73.25 -93.25
CA ARG G 112 -10.08 73.38 -92.01
C ARG G 112 -10.20 72.04 -91.29
N ALA G 113 -9.07 71.54 -90.81
CA ALA G 113 -8.93 70.12 -90.51
C ALA G 113 -9.09 69.75 -89.03
N GLY G 114 -8.02 69.89 -88.22
CA GLY G 114 -7.97 69.27 -86.90
C GLY G 114 -8.78 69.97 -85.81
N VAL G 115 -9.24 69.21 -84.81
CA VAL G 115 -10.12 69.75 -83.75
C VAL G 115 -9.76 71.14 -83.28
N ASN G 116 -8.47 71.40 -83.08
CA ASN G 116 -8.00 72.67 -82.54
C ASN G 116 -8.17 73.82 -83.51
N THR G 117 -7.91 73.57 -84.80
CA THR G 117 -8.22 74.56 -85.84
C THR G 117 -9.71 74.83 -85.96
N VAL G 118 -10.52 73.80 -85.79
CA VAL G 118 -11.96 73.94 -85.81
C VAL G 118 -12.52 74.64 -84.56
N THR G 119 -12.12 74.20 -83.37
CA THR G 119 -12.71 74.74 -82.13
C THR G 119 -12.46 76.21 -81.92
N THR G 120 -11.32 76.71 -82.40
CA THR G 120 -11.11 78.15 -82.45
C THR G 120 -12.09 78.80 -83.39
N LEU G 121 -12.34 78.17 -84.55
CA LEU G 121 -13.32 78.73 -85.49
C LEU G 121 -14.77 78.21 -85.36
N VAL G 122 -15.09 77.68 -84.19
CA VAL G 122 -16.47 77.64 -83.71
C VAL G 122 -16.61 78.62 -82.53
N GLU G 123 -15.59 78.74 -81.68
CA GLU G 123 -15.50 79.88 -80.74
C GLU G 123 -15.66 81.22 -81.45
N ASN G 124 -15.03 81.34 -82.61
CA ASN G 124 -15.01 82.59 -83.38
C ASN G 124 -16.17 82.72 -84.40
N LYS G 125 -17.04 81.70 -84.49
CA LYS G 125 -18.13 81.62 -85.48
C LYS G 125 -17.66 81.83 -86.94
N LYS G 126 -16.48 81.32 -87.26
CA LYS G 126 -15.96 81.43 -88.63
C LYS G 126 -16.57 80.31 -89.49
N ALA G 127 -16.89 79.17 -88.88
CA ALA G 127 -17.44 78.03 -89.61
C ALA G 127 -18.89 78.23 -90.02
N GLN G 128 -19.24 77.67 -91.18
CA GLN G 128 -20.63 77.57 -91.66
C GLN G 128 -21.18 76.17 -91.41
N LEU G 129 -20.36 75.15 -91.71
CA LEU G 129 -20.63 73.75 -91.39
C LEU G 129 -19.42 73.15 -90.66
N VAL G 130 -19.67 72.22 -89.75
CA VAL G 130 -18.63 71.40 -89.15
C VAL G 130 -18.97 69.91 -89.31
N VAL G 131 -18.07 69.15 -89.93
CA VAL G 131 -18.19 67.70 -89.96
C VAL G 131 -17.28 67.13 -88.89
N ILE G 132 -17.81 66.16 -88.15
CA ILE G 132 -17.08 65.45 -87.11
C ILE G 132 -17.08 63.98 -87.49
N ALA G 133 -16.02 63.26 -87.12
CA ALA G 133 -15.98 61.81 -87.32
C ALA G 133 -16.60 61.10 -86.11
N HIS G 134 -17.22 59.96 -86.35
CA HIS G 134 -17.90 59.24 -85.28
C HIS G 134 -16.98 58.30 -84.50
N ASP G 135 -15.81 57.99 -85.03
CA ASP G 135 -14.95 56.94 -84.47
C ASP G 135 -13.56 57.46 -84.07
N VAL G 136 -13.55 58.61 -83.41
CA VAL G 136 -12.33 59.12 -82.78
C VAL G 136 -11.98 58.22 -81.59
N ASP G 137 -10.69 57.93 -81.41
CA ASP G 137 -10.24 56.75 -80.65
C ASP G 137 -10.26 56.96 -79.12
N PRO G 138 -9.65 58.04 -78.61
CA PRO G 138 -10.13 58.56 -77.33
C PRO G 138 -11.23 59.56 -77.59
N ILE G 139 -12.44 59.27 -77.12
CA ILE G 139 -13.62 60.08 -77.44
C ILE G 139 -13.42 61.54 -77.05
N GLU G 140 -12.82 61.77 -75.88
CA GLU G 140 -12.69 63.09 -75.24
C GLU G 140 -12.18 64.24 -76.14
N LEU G 141 -11.41 63.91 -77.18
CA LEU G 141 -11.00 64.88 -78.20
C LEU G 141 -12.18 65.56 -78.85
N VAL G 142 -13.24 64.77 -79.11
CA VAL G 142 -14.45 65.26 -79.74
C VAL G 142 -15.65 64.73 -78.96
N VAL G 143 -16.12 65.52 -78.00
CA VAL G 143 -17.25 65.17 -77.15
C VAL G 143 -18.07 66.44 -76.94
N PHE G 144 -17.40 67.42 -76.35
CA PHE G 144 -17.86 68.80 -76.29
C PHE G 144 -18.20 69.43 -77.65
N LEU G 145 -17.53 69.03 -78.74
CA LEU G 145 -17.64 69.77 -80.01
C LEU G 145 -19.08 70.00 -80.47
N PRO G 146 -19.93 68.96 -80.44
CA PRO G 146 -21.33 69.15 -80.82
C PRO G 146 -22.13 70.06 -79.89
N ALA G 147 -21.84 70.02 -78.59
CA ALA G 147 -22.46 70.97 -77.65
C ALA G 147 -21.96 72.40 -77.88
N LEU G 148 -20.66 72.52 -78.11
CA LEU G 148 -20.04 73.79 -78.44
C LEU G 148 -20.61 74.33 -79.75
N CYS G 149 -20.71 73.47 -80.75
CA CYS G 149 -21.34 73.79 -82.05
C CYS G 149 -22.76 74.31 -81.93
N ARG G 150 -23.56 73.65 -81.10
CA ARG G 150 -24.96 74.03 -80.94
C ARG G 150 -25.09 75.32 -80.13
N LYS G 151 -24.18 75.55 -79.19
CA LYS G 151 -24.09 76.83 -78.48
C LYS G 151 -23.81 78.00 -79.42
N MET G 152 -22.82 77.82 -80.28
CA MET G 152 -22.42 78.84 -81.24
C MET G 152 -23.26 78.84 -82.51
N GLY G 153 -24.20 77.90 -82.62
CA GLY G 153 -25.18 77.91 -83.70
C GLY G 153 -24.59 77.52 -85.04
N VAL G 154 -23.57 76.67 -85.01
CA VAL G 154 -22.90 76.21 -86.21
C VAL G 154 -23.49 74.85 -86.56
N PRO G 155 -24.12 74.72 -87.75
CA PRO G 155 -24.56 73.41 -88.23
C PRO G 155 -23.43 72.41 -88.18
N TYR G 156 -23.67 71.26 -87.57
CA TYR G 156 -22.66 70.22 -87.50
C TYR G 156 -23.25 68.88 -87.85
N CYS G 157 -22.45 68.03 -88.47
CA CYS G 157 -22.85 66.65 -88.69
C CYS G 157 -21.73 65.71 -88.28
N ILE G 158 -22.11 64.47 -88.05
CA ILE G 158 -21.21 63.41 -87.67
C ILE G 158 -21.19 62.46 -88.85
N LEU G 159 -20.04 62.35 -89.50
CA LEU G 159 -19.89 61.44 -90.62
C LEU G 159 -19.18 60.16 -90.18
N LYS G 160 -19.47 59.08 -90.89
CA LYS G 160 -18.78 57.82 -90.68
C LYS G 160 -17.37 58.00 -91.21
N GLY G 161 -16.39 57.40 -90.53
CA GLY G 161 -15.03 57.35 -91.03
C GLY G 161 -14.21 58.58 -90.75
N LYS G 162 -13.48 58.57 -89.64
CA LYS G 162 -12.38 59.49 -89.44
C LYS G 162 -11.35 59.28 -90.56
N ALA G 163 -11.25 58.05 -91.07
CA ALA G 163 -10.39 57.76 -92.23
C ALA G 163 -10.87 58.43 -93.52
N ARG G 164 -12.15 58.26 -93.85
CA ARG G 164 -12.71 58.82 -95.09
C ARG G 164 -12.92 60.32 -95.00
N LEU G 165 -13.06 60.82 -93.77
CA LEU G 165 -13.03 62.25 -93.51
C LEU G 165 -11.61 62.75 -93.67
N GLY G 166 -10.66 61.97 -93.19
CA GLY G 166 -9.24 62.26 -93.32
C GLY G 166 -8.64 62.02 -94.70
N ARG G 167 -9.38 61.36 -95.59
CA ARG G 167 -8.96 61.20 -96.99
C ARG G 167 -9.40 62.38 -97.87
N LEU G 168 -10.10 63.36 -97.30
CA LEU G 168 -10.41 64.62 -97.99
C LEU G 168 -9.15 65.43 -97.98
N VAL G 169 -8.61 65.62 -96.77
CA VAL G 169 -7.21 65.97 -96.60
C VAL G 169 -6.44 64.70 -96.93
N HIS G 170 -5.11 64.75 -96.94
CA HIS G 170 -4.34 63.61 -97.44
C HIS G 170 -3.48 62.99 -96.35
N ARG G 171 -4.14 62.73 -95.22
CA ARG G 171 -3.54 62.14 -94.03
C ARG G 171 -4.42 60.99 -93.58
N LYS G 172 -3.87 60.12 -92.77
CA LYS G 172 -4.51 58.85 -92.47
C LYS G 172 -5.95 59.02 -91.98
N THR G 173 -6.11 59.71 -90.87
CA THR G 173 -7.42 60.03 -90.32
C THR G 173 -7.54 61.53 -90.18
N CYS G 174 -8.75 61.98 -89.89
CA CYS G 174 -8.96 63.30 -89.37
C CYS G 174 -10.17 63.27 -88.46
N THR G 175 -10.09 63.98 -87.34
CA THR G 175 -11.19 64.00 -86.38
C THR G 175 -12.36 64.83 -86.88
N THR G 176 -12.02 66.03 -87.35
CA THR G 176 -13.00 67.03 -87.72
C THR G 176 -12.76 67.55 -89.12
N VAL G 177 -13.69 68.39 -89.56
CA VAL G 177 -13.53 69.15 -90.77
C VAL G 177 -14.46 70.34 -90.69
N ALA G 178 -14.10 71.41 -91.36
CA ALA G 178 -14.93 72.61 -91.35
C ALA G 178 -14.74 73.46 -92.59
N PHE G 179 -15.81 74.14 -92.96
CA PHE G 179 -15.84 75.06 -94.08
C PHE G 179 -16.00 76.43 -93.46
N THR G 180 -15.07 77.34 -93.73
CA THR G 180 -15.19 78.73 -93.33
C THR G 180 -15.95 79.48 -94.42
N GLN G 181 -15.50 79.30 -95.65
CA GLN G 181 -16.12 79.90 -96.83
C GLN G 181 -16.26 78.88 -97.94
N VAL G 182 -16.99 79.28 -98.98
CA VAL G 182 -17.20 78.47 -100.18
C VAL G 182 -17.37 79.41 -101.38
N ASN G 183 -16.89 78.98 -102.54
CA ASN G 183 -17.02 79.76 -103.78
C ASN G 183 -18.47 79.99 -104.18
N SER G 184 -18.75 81.16 -104.75
CA SER G 184 -20.11 81.58 -105.11
C SER G 184 -20.89 80.59 -105.97
N GLU G 185 -20.18 79.94 -106.90
CA GLU G 185 -20.76 78.85 -107.69
C GLU G 185 -21.30 77.71 -106.82
N ASP G 186 -20.52 77.28 -105.82
CA ASP G 186 -20.88 76.15 -104.96
C ASP G 186 -21.63 76.57 -103.68
N LYS G 187 -21.95 77.86 -103.58
CA LYS G 187 -22.49 78.47 -102.36
C LYS G 187 -23.87 77.92 -101.99
N GLY G 188 -24.74 77.83 -102.98
CA GLY G 188 -26.10 77.32 -102.78
C GLY G 188 -26.17 75.84 -102.40
N ALA G 189 -25.15 75.07 -102.77
CA ALA G 189 -25.09 73.65 -102.44
C ALA G 189 -24.82 73.43 -100.97
N LEU G 190 -23.85 74.18 -100.44
CA LEU G 190 -23.49 74.18 -99.02
C LEU G 190 -24.68 74.56 -98.15
N ALA G 191 -25.38 75.62 -98.54
CA ALA G 191 -26.58 76.08 -97.86
C ALA G 191 -27.76 75.10 -97.93
N LYS G 192 -27.82 74.29 -98.99
CA LYS G 192 -28.77 73.18 -99.07
C LYS G 192 -28.45 72.05 -98.09
N LEU G 193 -27.17 71.69 -98.04
CA LEU G 193 -26.68 70.70 -97.06
C LEU G 193 -26.88 71.18 -95.64
N VAL G 194 -26.42 72.40 -95.37
CA VAL G 194 -26.46 73.00 -94.04
C VAL G 194 -27.84 72.89 -93.41
N GLU G 195 -28.86 73.31 -94.14
CA GLU G 195 -30.22 73.36 -93.59
C GLU G 195 -30.75 71.95 -93.31
N ALA G 196 -30.47 71.01 -94.24
CA ALA G 196 -30.80 69.60 -94.04
C ALA G 196 -30.09 69.00 -92.82
N ILE G 197 -28.83 69.36 -92.66
CA ILE G 197 -28.01 68.91 -91.52
C ILE G 197 -28.59 69.41 -90.20
N ARG G 198 -28.72 70.72 -90.05
CA ARG G 198 -29.16 71.32 -88.77
C ARG G 198 -30.55 70.86 -88.29
N THR G 199 -31.42 70.48 -89.22
CA THR G 199 -32.71 69.86 -88.90
C THR G 199 -32.55 68.56 -88.10
N ASN G 200 -31.59 67.75 -88.55
CA ASN G 200 -31.31 66.43 -87.96
C ASN G 200 -30.41 66.46 -86.71
N TYR G 201 -29.66 67.53 -86.49
CA TYR G 201 -28.68 67.60 -85.40
C TYR G 201 -28.87 68.75 -84.41
N ASN G 202 -28.68 69.98 -84.90
CA ASN G 202 -28.65 71.14 -84.00
C ASN G 202 -30.03 71.53 -83.48
N ASP G 203 -31.05 71.30 -84.31
CA ASP G 203 -32.42 71.68 -83.98
C ASP G 203 -33.23 70.58 -83.28
N ARG G 204 -32.53 69.58 -82.74
CA ARG G 204 -33.13 68.61 -81.81
C ARG G 204 -32.15 68.20 -80.71
N TYR G 205 -31.25 69.11 -80.34
CA TYR G 205 -30.16 68.79 -79.43
C TYR G 205 -30.63 68.41 -78.02
N ASP G 206 -31.81 68.88 -77.63
CA ASP G 206 -32.40 68.48 -76.35
C ASP G 206 -32.74 67.00 -76.30
N GLU G 207 -33.29 66.48 -77.40
CA GLU G 207 -33.59 65.04 -77.51
C GLU G 207 -32.33 64.20 -77.52
N ILE G 208 -31.28 64.72 -78.16
CA ILE G 208 -29.96 64.08 -78.17
C ILE G 208 -29.39 64.01 -76.76
N ARG G 209 -29.39 65.13 -76.05
CA ARG G 209 -28.93 65.19 -74.66
C ARG G 209 -29.54 64.13 -73.75
N ARG G 210 -30.86 63.98 -73.82
CA ARG G 210 -31.55 63.01 -72.96
C ARG G 210 -31.33 61.56 -73.39
N HIS G 211 -31.07 61.34 -74.67
CA HIS G 211 -31.12 60.00 -75.26
C HIS G 211 -29.91 59.13 -74.88
N TRP G 212 -30.03 58.46 -73.74
CA TRP G 212 -29.15 57.36 -73.36
C TRP G 212 -29.39 56.20 -74.32
N GLY G 213 -28.39 55.35 -74.50
CA GLY G 213 -28.56 54.19 -75.36
C GLY G 213 -27.41 53.22 -75.40
N GLY G 214 -27.28 52.47 -74.31
CA GLY G 214 -26.73 51.14 -74.36
C GLY G 214 -27.83 50.26 -73.82
N ASN G 215 -27.53 49.47 -72.78
CA ASN G 215 -28.55 48.78 -71.98
C ASN G 215 -29.41 47.76 -72.75
N VAL G 216 -28.83 47.17 -73.78
CA VAL G 216 -29.46 46.10 -74.53
C VAL G 216 -28.95 44.83 -73.85
N LEU G 217 -29.56 43.68 -74.15
CA LEU G 217 -29.03 42.39 -73.69
C LEU G 217 -28.46 41.56 -74.83
N GLY G 218 -27.85 40.43 -74.47
CA GLY G 218 -27.48 39.42 -75.44
C GLY G 218 -28.74 38.83 -76.02
N PRO G 219 -28.82 38.69 -77.37
CA PRO G 219 -30.02 38.08 -77.92
C PRO G 219 -30.36 36.75 -77.28
N LYS G 220 -29.32 35.96 -76.94
CA LYS G 220 -29.51 34.68 -76.30
C LYS G 220 -30.27 34.77 -74.98
N SER G 221 -30.06 35.86 -74.23
CA SER G 221 -30.84 36.16 -73.03
C SER G 221 -32.20 36.77 -73.35
N VAL G 222 -32.23 37.69 -74.32
CA VAL G 222 -33.47 38.36 -74.75
C VAL G 222 -34.49 37.31 -75.13
N ALA G 223 -34.08 36.38 -75.98
CA ALA G 223 -34.91 35.27 -76.41
C ALA G 223 -35.40 34.44 -75.23
N ARG G 224 -34.54 34.21 -74.23
CA ARG G 224 -34.94 33.48 -73.03
C ARG G 224 -36.00 34.24 -72.23
N ILE G 225 -35.86 35.55 -72.15
CA ILE G 225 -36.87 36.38 -71.49
C ILE G 225 -38.20 36.33 -72.26
N ALA G 226 -38.16 36.49 -73.58
CA ALA G 226 -39.38 36.50 -74.40
C ALA G 226 -40.15 35.19 -74.31
N LYS G 227 -39.41 34.09 -74.21
CA LYS G 227 -40.00 32.76 -74.07
C LYS G 227 -40.76 32.64 -72.74
N LEU G 228 -40.12 33.10 -71.66
CA LEU G 228 -40.79 33.19 -70.35
C LEU G 228 -42.01 34.11 -70.38
N GLU G 229 -41.91 35.22 -71.10
CA GLU G 229 -43.03 36.15 -71.27
C GLU G 229 -44.18 35.52 -72.06
N LYS G 230 -43.85 34.71 -73.06
CA LYS G 230 -44.86 33.91 -73.79
C LYS G 230 -45.51 32.84 -72.90
N ALA G 231 -44.74 32.27 -71.97
CA ALA G 231 -45.27 31.35 -70.96
C ALA G 231 -46.20 32.07 -69.98
N LYS G 232 -45.78 33.24 -69.51
CA LYS G 232 -46.63 34.10 -68.66
C LYS G 232 -47.85 34.64 -69.40
N ALA G 233 -47.69 34.92 -70.69
CA ALA G 233 -48.80 35.38 -71.54
C ALA G 233 -49.84 34.28 -71.72
N LYS G 234 -49.39 33.09 -72.13
CA LYS G 234 -50.28 31.94 -72.33
C LYS G 234 -50.86 31.40 -71.02
N GLU G 235 -50.21 31.69 -69.89
CA GLU G 235 -50.77 31.42 -68.56
C GLU G 235 -52.04 32.24 -68.28
N LEU G 236 -52.05 33.51 -68.70
CA LEU G 236 -53.20 34.41 -68.49
C LEU G 236 -53.51 35.26 -69.73
N ALA G 237 -54.04 34.60 -70.75
CA ALA G 237 -54.58 35.28 -71.95
C ALA G 237 -55.56 34.37 -72.71
N THR G 238 -55.09 33.19 -73.10
CA THR G 238 -55.95 32.16 -73.70
C THR G 238 -56.96 31.54 -72.72
N LYS G 239 -56.68 31.63 -71.42
CA LYS G 239 -57.56 31.09 -70.38
C LYS G 239 -58.83 31.93 -70.26
N LEU G 240 -58.65 33.24 -70.05
CA LEU G 240 -59.77 34.17 -69.87
C LEU G 240 -60.33 34.62 -71.22
N GLY G 241 -59.48 35.27 -72.02
CA GLY G 241 -59.87 35.81 -73.31
C GLY G 241 -60.00 34.75 -74.39
N MET H 1 60.82 20.77 60.83
CA MET H 1 62.08 21.54 60.59
C MET H 1 63.33 20.76 61.03
N LYS H 2 64.49 21.35 60.81
CA LYS H 2 65.76 20.72 61.13
C LYS H 2 65.98 20.68 62.64
N THR H 3 65.90 19.48 63.22
CA THR H 3 66.14 19.29 64.65
C THR H 3 67.63 19.33 64.94
N ILE H 4 68.02 20.26 65.81
CA ILE H 4 69.43 20.55 66.08
C ILE H 4 70.29 19.34 66.39
N LEU H 5 69.70 18.35 67.06
CA LEU H 5 70.35 17.07 67.31
C LEU H 5 69.34 16.03 67.79
N SER H 6 69.55 14.78 67.36
CA SER H 6 68.87 13.65 67.97
C SER H 6 69.88 12.55 68.15
N ASN H 7 69.57 11.63 69.06
CA ASN H 7 70.43 10.49 69.30
C ASN H 7 69.69 9.33 69.93
N GLN H 8 70.44 8.26 70.18
CA GLN H 8 69.97 7.15 70.99
C GLN H 8 71.17 6.36 71.46
N THR H 9 70.92 5.41 72.36
CA THR H 9 71.96 4.49 72.81
C THR H 9 71.49 3.06 72.67
N VAL H 10 72.48 2.18 72.47
CA VAL H 10 72.28 0.75 72.31
C VAL H 10 73.24 0.08 73.28
N ASP H 11 72.72 -0.35 74.41
CA ASP H 11 73.55 -0.93 75.47
C ASP H 11 73.91 -2.35 75.12
N ILE H 12 75.16 -2.55 74.70
CA ILE H 12 75.63 -3.87 74.32
C ILE H 12 75.88 -4.65 75.62
N PRO H 13 75.64 -5.96 75.62
CA PRO H 13 75.86 -6.78 76.80
C PRO H 13 77.29 -7.29 76.86
N GLU H 14 77.76 -7.59 78.07
CA GLU H 14 79.19 -7.86 78.32
C GLU H 14 79.73 -9.13 77.64
N ASN H 15 78.84 -10.04 77.27
CA ASN H 15 79.20 -11.21 76.47
C ASN H 15 79.65 -10.82 75.06
N VAL H 16 78.87 -9.98 74.40
CA VAL H 16 79.12 -9.54 73.02
C VAL H 16 80.20 -8.45 72.97
N ASP H 17 80.94 -8.42 71.85
CA ASP H 17 81.86 -7.32 71.54
C ASP H 17 81.48 -6.77 70.18
N ILE H 18 81.10 -5.50 70.13
CA ILE H 18 80.81 -4.86 68.85
C ILE H 18 81.98 -3.97 68.47
N SER H 19 82.13 -3.77 67.17
CA SER H 19 83.21 -2.98 66.60
C SER H 19 82.67 -2.33 65.35
N LEU H 20 83.10 -1.09 65.09
CA LEU H 20 82.61 -0.36 63.92
C LEU H 20 83.74 0.27 63.13
N LYS H 21 84.00 -0.33 61.97
CA LYS H 21 84.82 0.25 60.93
C LYS H 21 84.00 1.36 60.27
N GLY H 22 84.09 2.56 60.84
CA GLY H 22 83.39 3.74 60.32
C GLY H 22 81.90 3.75 60.62
N ARG H 23 81.14 3.17 59.70
CA ARG H 23 79.68 3.11 59.77
C ARG H 23 79.21 1.71 59.39
N THR H 24 80.05 0.73 59.70
CA THR H 24 79.86 -0.64 59.28
C THR H 24 80.05 -1.48 60.54
N VAL H 25 78.97 -1.58 61.31
CA VAL H 25 79.02 -2.33 62.57
C VAL H 25 79.31 -3.79 62.27
N ILE H 26 80.17 -4.37 63.09
CA ILE H 26 80.42 -5.81 63.06
C ILE H 26 80.28 -6.25 64.51
N VAL H 27 79.39 -7.22 64.73
CA VAL H 27 79.00 -7.65 66.05
C VAL H 27 79.33 -9.13 66.13
N LYS H 28 80.18 -9.50 67.09
CA LYS H 28 80.59 -10.90 67.26
C LYS H 28 80.40 -11.38 68.70
N GLY H 29 80.05 -12.65 68.84
CA GLY H 29 79.86 -13.24 70.16
C GLY H 29 79.60 -14.73 70.06
N PRO H 30 78.87 -15.30 71.06
CA PRO H 30 78.75 -16.74 71.21
C PRO H 30 78.61 -17.52 69.91
N ARG H 31 77.65 -17.12 69.08
CA ARG H 31 77.24 -17.92 67.93
C ARG H 31 78.04 -17.60 66.68
N GLY H 32 78.36 -16.33 66.48
CA GLY H 32 79.20 -15.92 65.36
C GLY H 32 79.20 -14.42 65.14
N THR H 33 79.80 -14.01 64.04
CA THR H 33 79.84 -12.60 63.66
C THR H 33 78.57 -12.25 62.91
N LEU H 34 78.26 -10.96 62.89
CA LEU H 34 77.23 -10.41 62.02
C LEU H 34 77.64 -8.99 61.64
N ARG H 35 78.15 -8.83 60.43
CA ARG H 35 78.48 -7.51 59.93
C ARG H 35 77.20 -6.90 59.38
N ARG H 36 77.13 -5.58 59.40
CA ARG H 36 76.12 -4.86 58.64
C ARG H 36 76.63 -3.47 58.34
N ASP H 37 76.43 -3.04 57.09
CA ASP H 37 76.83 -1.72 56.63
C ASP H 37 75.66 -0.76 56.75
N PHE H 38 75.96 0.48 57.14
CA PHE H 38 74.98 1.55 57.15
C PHE H 38 75.42 2.77 56.33
N ASN H 39 76.39 2.58 55.43
CA ASN H 39 76.72 3.63 54.48
C ASN H 39 75.55 3.69 53.52
N HIS H 40 74.69 4.69 53.76
CA HIS H 40 73.32 4.87 53.22
C HIS H 40 72.34 5.36 54.30
N ILE H 41 72.75 5.39 55.57
CA ILE H 41 71.90 5.88 56.65
C ILE H 41 72.30 7.26 57.17
N ASN H 42 73.58 7.63 57.06
CA ASN H 42 74.09 8.97 57.36
C ASN H 42 73.96 9.37 58.84
N VAL H 43 74.81 8.79 59.69
CA VAL H 43 74.78 9.04 61.12
C VAL H 43 76.18 8.95 61.75
N GLU H 44 76.28 9.36 63.01
CA GLU H 44 77.53 9.28 63.77
C GLU H 44 77.47 8.11 64.73
N LEU H 45 77.98 6.96 64.29
CA LEU H 45 78.02 5.79 65.16
C LEU H 45 79.23 5.86 66.08
N SER H 46 79.09 6.67 67.13
CA SER H 46 80.05 6.70 68.20
C SER H 46 79.94 5.40 68.99
N LEU H 47 81.04 5.04 69.64
CA LEU H 47 81.06 3.88 70.50
C LEU H 47 81.84 4.29 71.74
N LEU H 48 81.16 4.29 72.88
CA LEU H 48 81.72 4.88 74.10
C LEU H 48 81.55 3.96 75.31
N GLY H 49 82.39 4.21 76.32
CA GLY H 49 82.43 3.42 77.54
C GLY H 49 83.67 2.54 77.58
N LYS H 50 84.30 2.46 78.75
CA LYS H 50 85.32 1.45 79.02
C LYS H 50 84.57 0.16 79.35
N LYS H 51 85.14 -0.97 78.90
CA LYS H 51 84.42 -2.23 78.67
C LYS H 51 83.54 -2.19 77.40
N LYS H 52 83.67 -1.11 76.61
CA LYS H 52 82.85 -0.85 75.41
C LYS H 52 81.37 -1.23 75.61
N LYS H 53 80.72 -0.53 76.52
CA LYS H 53 79.40 -0.92 77.04
C LYS H 53 78.21 -0.44 76.22
N ARG H 54 78.33 0.70 75.53
CA ARG H 54 77.19 1.26 74.79
C ARG H 54 77.55 1.87 73.44
N LEU H 55 76.65 1.67 72.49
CA LEU H 55 76.76 2.20 71.14
C LEU H 55 75.81 3.37 71.04
N ARG H 56 76.35 4.53 70.70
CA ARG H 56 75.57 5.75 70.60
C ARG H 56 75.41 6.12 69.13
N VAL H 57 74.25 6.64 68.76
CA VAL H 57 74.01 7.06 67.37
C VAL H 57 73.37 8.45 67.33
N ASP H 58 74.22 9.46 67.17
CA ASP H 58 73.77 10.83 66.91
C ASP H 58 73.18 10.96 65.49
N LYS H 59 72.55 12.10 65.24
CA LYS H 59 72.04 12.44 63.92
C LYS H 59 71.74 13.94 63.93
N TRP H 60 72.64 14.72 63.35
CA TRP H 60 72.60 16.17 63.50
C TRP H 60 71.78 16.84 62.43
N TRP H 61 71.05 17.88 62.82
CA TRP H 61 70.27 18.69 61.90
C TRP H 61 69.27 17.88 61.06
N GLY H 62 68.66 16.87 61.67
CA GLY H 62 67.74 16.00 60.96
C GLY H 62 66.37 16.62 60.74
N ASN H 63 65.80 16.37 59.57
CA ASN H 63 64.37 16.59 59.32
C ASN H 63 63.62 15.28 59.60
N ARG H 64 62.29 15.34 59.61
CA ARG H 64 61.45 14.25 60.10
C ARG H 64 61.78 12.86 59.52
N LYS H 65 61.93 12.79 58.20
CA LYS H 65 62.30 11.52 57.53
C LYS H 65 63.78 11.12 57.67
N GLU H 66 64.65 12.06 58.03
CA GLU H 66 66.05 11.76 58.39
C GLU H 66 66.18 11.29 59.84
N LEU H 67 65.34 11.81 60.71
CA LEU H 67 65.31 11.41 62.12
C LEU H 67 64.59 10.08 62.33
N ALA H 68 63.83 9.65 61.33
CA ALA H 68 63.20 8.33 61.34
C ALA H 68 64.21 7.19 61.25
N THR H 69 65.38 7.42 60.65
CA THR H 69 66.42 6.39 60.57
C THR H 69 67.10 6.11 61.90
N VAL H 70 67.15 7.09 62.79
CA VAL H 70 68.01 7.00 63.97
C VAL H 70 67.68 5.74 64.76
N ARG H 71 66.41 5.58 65.05
CA ARG H 71 65.95 4.45 65.82
C ARG H 71 66.06 3.13 65.07
N THR H 72 65.80 3.14 63.76
CA THR H 72 65.87 1.91 62.96
C THR H 72 67.30 1.37 62.84
N ILE H 73 68.32 2.23 62.89
CA ILE H 73 69.71 1.77 62.97
C ILE H 73 69.94 1.15 64.32
N CYS H 74 69.57 1.90 65.35
CA CYS H 74 69.69 1.43 66.73
C CYS H 74 69.05 0.06 66.91
N SER H 75 67.83 -0.10 66.38
CA SER H 75 67.10 -1.36 66.47
C SER H 75 67.76 -2.49 65.69
N HIS H 76 68.23 -2.22 64.48
CA HIS H 76 68.95 -3.22 63.70
C HIS H 76 70.19 -3.74 64.41
N VAL H 77 70.86 -2.88 65.17
CA VAL H 77 72.00 -3.33 65.96
C VAL H 77 71.51 -4.18 67.13
N GLN H 78 70.38 -3.82 67.74
CA GLN H 78 69.78 -4.66 68.79
C GLN H 78 69.51 -6.09 68.31
N ASN H 79 68.85 -6.24 67.16
CA ASN H 79 68.63 -7.57 66.56
C ASN H 79 69.94 -8.29 66.27
N MET H 80 70.90 -7.54 65.74
CA MET H 80 72.23 -8.09 65.44
C MET H 80 72.86 -8.69 66.69
N ILE H 81 72.78 -7.95 67.80
CA ILE H 81 73.24 -8.42 69.09
C ILE H 81 72.45 -9.66 69.53
N LYS H 82 71.14 -9.63 69.42
CA LYS H 82 70.33 -10.80 69.77
C LYS H 82 70.75 -12.03 68.98
N GLY H 83 70.95 -11.84 67.68
CA GLY H 83 71.34 -12.92 66.79
C GLY H 83 72.63 -13.57 67.21
N VAL H 84 73.63 -12.73 67.49
CA VAL H 84 74.91 -13.17 68.00
C VAL H 84 74.77 -13.97 69.29
N THR H 85 73.96 -13.48 70.23
CA THR H 85 73.87 -14.10 71.55
C THR H 85 72.98 -15.31 71.53
N LEU H 86 71.70 -15.08 71.27
CA LEU H 86 70.68 -16.12 71.38
C LEU H 86 70.49 -16.83 70.06
N GLY H 87 70.37 -16.04 68.99
CA GLY H 87 70.08 -16.59 67.68
C GLY H 87 68.59 -16.83 67.54
N PHE H 88 68.09 -16.58 66.34
CA PHE H 88 66.65 -16.55 66.10
C PHE H 88 66.15 -17.92 65.75
N ARG H 89 64.92 -18.21 66.15
CA ARG H 89 64.27 -19.48 65.85
C ARG H 89 62.81 -19.25 65.45
N TYR H 90 62.58 -19.14 64.15
CA TYR H 90 61.25 -19.08 63.59
C TYR H 90 60.67 -20.48 63.43
N LYS H 91 59.46 -20.67 63.94
CA LYS H 91 58.76 -21.93 63.87
C LYS H 91 57.53 -21.75 63.02
N MET H 92 57.31 -22.68 62.09
CA MET H 92 56.19 -22.57 61.17
C MET H 92 55.42 -23.86 60.99
N ARG H 93 54.14 -23.80 61.33
CA ARG H 93 53.26 -24.96 61.33
C ARG H 93 52.54 -25.11 60.01
N SER H 94 52.55 -26.33 59.48
CA SER H 94 51.81 -26.69 58.28
C SER H 94 50.34 -26.88 58.62
N VAL H 95 49.48 -26.50 57.69
CA VAL H 95 48.03 -26.52 57.88
C VAL H 95 47.42 -27.09 56.63
N TYR H 96 46.40 -27.92 56.81
CA TYR H 96 45.70 -28.54 55.70
C TYR H 96 44.40 -29.17 56.16
N ALA H 97 43.46 -29.30 55.23
CA ALA H 97 42.20 -30.01 55.46
C ALA H 97 42.15 -31.38 54.76
N HIS H 98 43.26 -31.77 54.13
CA HIS H 98 43.33 -33.03 53.40
C HIS H 98 44.80 -33.43 53.17
N PHE H 99 45.46 -32.74 52.24
CA PHE H 99 46.72 -33.20 51.69
C PHE H 99 47.87 -32.72 52.58
N PRO H 100 48.54 -33.67 53.29
CA PRO H 100 49.30 -33.29 54.45
C PRO H 100 50.69 -32.84 53.99
N ILE H 101 50.87 -31.53 53.90
CA ILE H 101 51.98 -30.96 53.15
C ILE H 101 53.30 -31.65 53.54
N ASN H 102 53.78 -32.54 52.66
CA ASN H 102 54.94 -33.36 52.95
C ASN H 102 56.24 -32.57 52.77
N VAL H 103 56.89 -32.25 53.89
CA VAL H 103 58.14 -31.49 53.90
C VAL H 103 59.31 -32.41 54.16
N VAL H 104 60.47 -32.06 53.58
CA VAL H 104 61.70 -32.80 53.80
C VAL H 104 62.92 -31.93 53.46
N ILE H 105 63.71 -31.59 54.48
CA ILE H 105 65.00 -30.90 54.25
C ILE H 105 66.01 -31.82 53.56
N GLN H 106 67.01 -31.22 52.91
CA GLN H 106 67.86 -31.96 51.97
C GLN H 106 69.36 -31.86 52.26
N GLU H 107 70.04 -30.80 51.81
CA GLU H 107 71.52 -30.79 51.86
C GLU H 107 72.03 -30.72 53.29
N ASN H 108 71.55 -29.70 54.00
CA ASN H 108 71.68 -29.63 55.45
C ASN H 108 70.41 -28.96 55.97
N GLY H 109 70.34 -27.65 55.78
CA GLY H 109 69.09 -26.89 55.92
C GLY H 109 68.65 -26.34 54.57
N SER H 110 69.60 -25.71 53.86
CA SER H 110 69.47 -25.30 52.48
C SER H 110 68.12 -25.56 51.82
N LEU H 111 67.90 -26.79 51.39
CA LEU H 111 66.77 -27.13 50.52
C LEU H 111 65.55 -27.50 51.36
N VAL H 112 64.37 -27.19 50.85
CA VAL H 112 63.10 -27.65 51.42
C VAL H 112 62.15 -28.08 50.30
N GLU H 113 62.05 -29.39 50.06
CA GLU H 113 61.04 -29.94 49.16
C GLU H 113 59.72 -29.90 49.91
N ILE H 114 58.64 -29.54 49.23
CA ILE H 114 57.33 -29.39 49.86
C ILE H 114 56.29 -30.12 49.01
N ARG H 115 56.24 -31.44 49.17
CA ARG H 115 55.45 -32.29 48.28
C ARG H 115 54.01 -32.43 48.75
N ASN H 116 53.14 -32.81 47.81
CA ASN H 116 51.73 -33.11 48.05
C ASN H 116 50.90 -31.96 48.65
N PHE H 117 51.29 -30.74 48.32
CA PHE H 117 50.52 -29.56 48.72
C PHE H 117 49.24 -29.56 47.90
N LEU H 118 48.09 -29.63 48.56
CA LEU H 118 46.79 -29.59 47.88
C LEU H 118 46.60 -30.69 46.81
N GLY H 119 47.37 -31.78 46.94
CA GLY H 119 47.35 -32.86 45.93
C GLY H 119 47.96 -32.49 44.60
N GLU H 120 49.02 -31.68 44.64
CA GLU H 120 49.67 -31.23 43.43
C GLU H 120 50.88 -32.12 43.16
N LYS H 121 51.04 -32.53 41.89
CA LYS H 121 52.24 -33.26 41.46
C LYS H 121 53.53 -32.43 41.51
N TYR H 122 53.42 -31.10 41.48
CA TYR H 122 54.60 -30.24 41.52
C TYR H 122 55.21 -30.25 42.92
N ILE H 123 56.48 -30.63 42.98
CA ILE H 123 57.28 -30.61 44.21
C ILE H 123 58.03 -29.27 44.31
N ARG H 124 57.67 -28.45 45.31
CA ARG H 124 58.34 -27.17 45.50
C ARG H 124 59.68 -27.34 46.18
N ARG H 125 60.76 -26.98 45.50
CA ARG H 125 62.08 -26.90 46.12
C ARG H 125 62.34 -25.47 46.53
N VAL H 126 62.70 -25.28 47.80
CA VAL H 126 62.95 -23.96 48.38
C VAL H 126 64.31 -23.92 49.05
N ARG H 127 65.23 -23.12 48.52
CA ARG H 127 66.52 -22.88 49.16
C ARG H 127 66.36 -21.91 50.32
N MET H 128 67.37 -21.90 51.19
CA MET H 128 67.44 -21.00 52.33
C MET H 128 68.54 -20.00 52.11
N ARG H 129 68.39 -18.84 52.73
CA ARG H 129 69.40 -17.81 52.62
C ARG H 129 70.64 -18.26 53.38
N PRO H 130 71.83 -17.98 52.82
CA PRO H 130 73.09 -18.42 53.45
C PRO H 130 73.19 -18.07 54.93
N GLY H 131 73.31 -19.10 55.76
CA GLY H 131 73.30 -18.94 57.21
C GLY H 131 72.13 -19.67 57.83
N VAL H 132 70.96 -19.53 57.22
CA VAL H 132 69.74 -20.10 57.79
C VAL H 132 69.75 -21.59 57.53
N ALA H 133 69.21 -22.35 58.49
CA ALA H 133 69.17 -23.79 58.40
C ALA H 133 67.82 -24.30 58.86
N CYS H 134 67.01 -24.76 57.91
CA CYS H 134 65.76 -25.43 58.22
C CYS H 134 66.03 -26.80 58.83
N SER H 135 65.06 -27.28 59.61
CA SER H 135 65.10 -28.60 60.21
C SER H 135 63.69 -29.01 60.63
N VAL H 136 63.31 -30.23 60.29
CA VAL H 136 61.97 -30.74 60.63
C VAL H 136 61.97 -31.13 62.10
N SER H 137 61.08 -30.50 62.86
CA SER H 137 61.10 -30.64 64.31
C SER H 137 60.48 -31.95 64.79
N GLN H 138 60.78 -32.27 66.05
CA GLN H 138 60.09 -33.31 66.81
C GLN H 138 59.35 -32.63 67.96
N ALA H 139 58.54 -33.41 68.69
CA ALA H 139 57.63 -32.90 69.73
C ALA H 139 56.44 -32.08 69.17
N GLN H 140 56.32 -32.01 67.85
CA GLN H 140 55.21 -31.34 67.16
C GLN H 140 55.16 -31.90 65.74
N LYS H 141 53.96 -32.25 65.28
CA LYS H 141 53.82 -33.12 64.12
C LYS H 141 54.06 -32.44 62.78
N ASP H 142 53.28 -31.39 62.51
CA ASP H 142 53.35 -30.63 61.26
C ASP H 142 53.88 -29.22 61.55
N GLU H 143 55.20 -29.08 61.50
CA GLU H 143 55.88 -27.94 62.09
C GLU H 143 57.37 -27.94 61.72
N LEU H 144 57.86 -26.80 61.21
CA LEU H 144 59.27 -26.62 60.85
C LEU H 144 59.96 -25.72 61.85
N VAL H 145 61.29 -25.74 61.81
CA VAL H 145 62.10 -24.87 62.63
C VAL H 145 63.22 -24.30 61.77
N LEU H 146 63.17 -22.98 61.57
CA LEU H 146 64.23 -22.24 60.92
C LEU H 146 65.03 -21.54 62.01
N GLU H 147 66.33 -21.84 62.07
CA GLU H 147 67.24 -21.21 63.01
C GLU H 147 68.32 -20.47 62.25
N GLY H 148 68.90 -19.47 62.90
CA GLY H 148 69.92 -18.63 62.29
C GLY H 148 70.15 -17.35 63.07
N ASN H 149 71.26 -16.69 62.76
CA ASN H 149 71.71 -15.52 63.51
C ASN H 149 71.15 -14.22 62.93
N ASP H 150 71.29 -14.06 61.61
CA ASP H 150 70.82 -12.88 60.90
C ASP H 150 69.31 -12.99 60.69
N ILE H 151 68.54 -12.31 61.55
CA ILE H 151 67.06 -12.30 61.49
C ILE H 151 66.49 -12.04 60.09
N GLU H 152 67.05 -11.05 59.40
CA GLU H 152 66.62 -10.70 58.05
C GLU H 152 66.60 -11.93 57.16
N LEU H 153 67.70 -12.67 57.19
CA LEU H 153 67.84 -13.87 56.37
C LEU H 153 66.89 -14.96 56.80
N VAL H 154 66.66 -15.10 58.10
CA VAL H 154 65.73 -16.11 58.61
C VAL H 154 64.31 -15.85 58.13
N SER H 155 63.80 -14.68 58.47
CA SER H 155 62.41 -14.32 58.17
C SER H 155 62.10 -14.30 56.67
N ASN H 156 63.10 -13.95 55.86
CA ASN H 156 63.00 -14.05 54.42
C ASN H 156 62.84 -15.50 53.97
N SER H 157 63.66 -16.37 54.55
CA SER H 157 63.60 -17.80 54.24
C SER H 157 62.29 -18.43 54.74
N ALA H 158 61.75 -17.91 55.84
CA ALA H 158 60.41 -18.32 56.29
C ALA H 158 59.37 -17.96 55.24
N ALA H 159 59.36 -16.70 54.83
CA ALA H 159 58.47 -16.21 53.77
C ALA H 159 58.59 -17.04 52.50
N LEU H 160 59.82 -17.32 52.11
CA LEU H 160 60.09 -18.14 50.93
C LEU H 160 59.27 -19.42 50.88
N ILE H 161 59.13 -20.11 52.01
CA ILE H 161 58.33 -21.33 52.05
C ILE H 161 56.86 -21.03 52.30
N GLN H 162 56.56 -19.84 52.85
CA GLN H 162 55.18 -19.44 53.09
C GLN H 162 54.45 -19.10 51.79
N GLN H 163 55.13 -18.32 50.95
CA GLN H 163 54.60 -17.98 49.63
C GLN H 163 54.72 -19.11 48.63
N ALA H 164 55.71 -19.99 48.82
CA ALA H 164 55.80 -21.19 48.00
C ALA H 164 54.45 -21.89 48.03
N THR H 165 54.02 -22.19 49.25
CA THR H 165 52.76 -22.87 49.48
C THR H 165 51.59 -21.88 49.44
N THR H 166 51.22 -21.48 48.23
CA THR H 166 50.10 -20.55 48.00
C THR H 166 49.11 -21.16 47.06
N VAL H 167 47.86 -20.74 47.22
CA VAL H 167 46.72 -21.31 46.52
C VAL H 167 46.31 -20.32 45.45
N LYS H 168 46.19 -20.80 44.21
CA LYS H 168 45.85 -19.95 43.07
C LYS H 168 44.45 -20.30 42.61
N ASN H 169 43.69 -19.30 42.18
CA ASN H 169 42.36 -19.51 41.57
C ASN H 169 41.40 -20.34 42.42
N LYS H 170 41.38 -20.03 43.72
CA LYS H 170 40.46 -20.65 44.68
C LYS H 170 40.07 -19.62 45.72
N ASP H 171 39.02 -19.94 46.48
CA ASP H 171 38.59 -19.11 47.59
C ASP H 171 39.54 -19.32 48.77
N ILE H 172 40.52 -18.44 48.94
CA ILE H 172 41.51 -18.58 50.03
C ILE H 172 40.91 -18.51 51.44
N ARG H 173 39.73 -17.92 51.58
CA ARG H 173 39.00 -18.01 52.83
C ARG H 173 38.59 -19.46 53.12
N LYS H 174 38.19 -20.19 52.08
CA LYS H 174 37.87 -21.61 52.18
C LYS H 174 39.14 -22.42 52.33
N PHE H 175 40.05 -22.25 51.38
CA PHE H 175 41.25 -23.07 51.30
C PHE H 175 42.36 -22.41 52.13
N LEU H 176 42.42 -22.81 53.39
CA LEU H 176 43.45 -22.36 54.32
C LEU H 176 44.48 -23.47 54.41
N ASP H 177 45.47 -23.39 53.53
CA ASP H 177 46.55 -24.37 53.53
C ASP H 177 47.87 -23.68 53.31
N GLY H 178 48.92 -24.34 53.79
CA GLY H 178 50.28 -23.87 53.63
C GLY H 178 51.02 -23.87 54.95
N ILE H 179 52.29 -23.55 54.85
CA ILE H 179 53.21 -23.60 55.96
C ILE H 179 53.37 -22.17 56.46
N TYR H 180 52.66 -21.81 57.52
CA TYR H 180 52.67 -20.43 58.03
C TYR H 180 53.53 -20.26 59.27
N VAL H 181 54.17 -19.11 59.40
CA VAL H 181 54.97 -18.80 60.57
C VAL H 181 54.09 -18.66 61.79
N SER H 182 54.33 -19.51 62.78
CA SER H 182 53.54 -19.59 63.99
C SER H 182 54.15 -18.86 65.18
N GLU H 183 55.48 -18.68 65.18
CA GLU H 183 56.20 -18.25 66.37
C GLU H 183 57.63 -17.80 66.05
N LYS H 184 57.99 -16.61 66.52
CA LYS H 184 59.28 -15.97 66.23
C LYS H 184 60.10 -15.84 67.52
N GLY H 185 60.71 -16.96 67.93
CA GLY H 185 61.48 -17.03 69.18
C GLY H 185 62.98 -17.12 68.99
N THR H 186 63.67 -17.57 70.05
CA THR H 186 65.13 -17.68 70.06
C THR H 186 65.61 -19.11 70.24
N VAL H 187 66.86 -19.35 69.85
CA VAL H 187 67.48 -20.65 69.94
C VAL H 187 67.77 -21.00 71.41
N GLN H 188 68.04 -19.98 72.23
CA GLN H 188 68.27 -20.16 73.66
C GLN H 188 67.90 -18.87 74.40
N GLN H 189 67.22 -19.01 75.54
CA GLN H 189 66.48 -17.91 76.15
C GLN H 189 67.25 -17.14 77.24
N ALA H 190 67.87 -17.88 78.16
CA ALA H 190 68.62 -17.30 79.30
C ALA H 190 67.71 -16.46 80.21
N GLY I 1 17.77 14.54 29.71
CA GLY I 1 16.68 15.56 29.61
C GLY I 1 17.21 16.99 29.52
N ARG I 2 17.51 17.57 30.67
CA ARG I 2 18.05 18.94 30.74
C ARG I 2 19.56 18.94 30.59
N ARG I 3 20.09 20.13 30.34
CA ARG I 3 21.52 20.31 30.15
C ARG I 3 22.32 20.00 31.40
N PRO I 4 23.62 19.73 31.23
CA PRO I 4 24.51 19.66 32.39
C PRO I 4 24.58 20.99 33.11
N ALA I 5 24.80 20.93 34.43
CA ALA I 5 24.98 22.12 35.25
C ALA I 5 26.21 22.93 34.85
N ARG I 6 27.22 22.24 34.31
CA ARG I 6 28.36 22.89 33.67
C ARG I 6 27.96 24.16 32.95
N CYS I 7 26.94 24.05 32.11
CA CYS I 7 26.69 25.03 31.07
C CYS I 7 25.96 26.30 31.49
N TYR I 8 25.55 26.41 32.74
CA TYR I 8 24.74 27.55 33.20
C TYR I 8 25.32 28.18 34.48
N ARG I 9 26.62 28.01 34.67
CA ARG I 9 27.23 28.20 35.98
C ARG I 9 27.55 29.64 36.28
N TYR I 10 28.34 30.26 35.40
CA TYR I 10 28.81 31.62 35.64
C TYR I 10 27.73 32.64 35.36
N CYS I 11 27.72 33.69 36.16
CA CYS I 11 26.70 34.73 36.11
C CYS I 11 26.93 35.62 34.89
N LYS I 12 26.60 35.09 33.72
CA LYS I 12 27.02 35.71 32.47
C LYS I 12 26.02 36.73 31.96
N ASN I 13 24.75 36.35 31.86
CA ASN I 13 23.72 37.22 31.31
C ASN I 13 23.17 38.17 32.35
N LYS I 14 22.41 39.17 31.90
CA LYS I 14 21.63 40.01 32.81
C LYS I 14 20.51 39.19 33.43
N PRO I 15 20.08 39.59 34.63
CA PRO I 15 19.03 38.83 35.27
C PRO I 15 17.69 38.95 34.56
N TYR I 16 17.10 37.80 34.28
CA TYR I 16 15.98 37.65 33.35
C TYR I 16 14.84 37.01 34.14
N PRO I 17 14.13 37.81 34.96
CA PRO I 17 13.10 37.27 35.82
C PRO I 17 11.84 36.87 35.07
N LYS I 18 11.09 35.94 35.64
CA LYS I 18 9.78 35.60 35.14
C LYS I 18 8.89 36.83 35.29
N SER I 19 8.39 37.34 34.17
CA SER I 19 7.71 38.64 34.12
C SER I 19 6.74 38.71 32.93
N ARG I 20 6.16 39.89 32.70
CA ARG I 20 5.42 40.17 31.45
C ARG I 20 6.13 39.59 30.24
N PHE I 21 7.44 39.84 30.18
CA PHE I 21 8.22 39.63 28.96
C PHE I 21 8.68 38.19 28.87
N CYS I 22 9.33 37.72 29.93
CA CYS I 22 9.79 36.36 30.00
C CYS I 22 8.67 35.55 30.62
N ARG I 23 7.95 34.82 29.77
CA ARG I 23 6.84 33.99 30.23
C ARG I 23 6.86 32.63 29.54
N GLY I 24 6.01 31.73 30.02
CA GLY I 24 6.09 30.32 29.65
C GLY I 24 7.26 29.66 30.37
N VAL I 25 7.62 30.22 31.51
CA VAL I 25 8.76 29.79 32.29
C VAL I 25 8.28 28.56 33.06
N PRO I 26 9.08 27.47 33.06
CA PRO I 26 8.66 26.32 33.84
C PRO I 26 8.93 26.59 35.31
N ASP I 27 8.12 25.99 36.18
CA ASP I 27 8.20 26.26 37.61
C ASP I 27 9.51 25.70 38.16
N ALA I 28 10.05 26.40 39.16
CA ALA I 28 11.29 25.99 39.82
C ALA I 28 11.12 24.64 40.51
N LYS I 29 12.21 23.88 40.55
CA LYS I 29 12.22 22.58 41.21
C LYS I 29 11.99 22.79 42.69
N ILE I 30 12.84 23.63 43.30
CA ILE I 30 12.69 23.99 44.71
C ILE I 30 11.47 24.87 44.91
N ARG I 31 10.74 24.61 45.98
CA ARG I 31 9.48 25.30 46.30
C ARG I 31 9.42 25.67 47.78
N ILE I 32 9.61 24.67 48.65
CA ILE I 32 9.54 24.85 50.10
C ILE I 32 10.90 25.33 50.60
N PHE I 33 11.04 26.64 50.82
CA PHE I 33 12.34 27.21 51.23
C PHE I 33 12.69 27.08 52.71
N ASP I 34 11.82 26.47 53.51
CA ASP I 34 12.16 26.20 54.91
C ASP I 34 11.32 25.08 55.51
N LEU I 35 11.94 24.37 56.45
CA LEU I 35 11.37 23.14 57.00
C LEU I 35 12.04 22.79 58.33
N GLY I 36 11.49 21.79 59.00
CA GLY I 36 11.84 21.51 60.39
C GLY I 36 10.83 22.23 61.25
N ARG I 37 11.18 22.50 62.51
CA ARG I 37 10.28 23.21 63.40
C ARG I 37 10.37 24.71 63.14
N LYS I 38 9.66 25.16 62.10
CA LYS I 38 9.58 26.58 61.75
C LYS I 38 8.61 27.37 62.63
N LYS I 39 7.75 26.67 63.37
CA LYS I 39 6.79 27.31 64.26
C LYS I 39 7.37 27.45 65.67
N ALA I 40 8.69 27.66 65.76
CA ALA I 40 9.43 27.65 67.03
C ALA I 40 9.72 29.07 67.46
N LYS I 41 9.98 29.23 68.74
CA LYS I 41 10.19 30.54 69.34
C LYS I 41 11.67 30.85 69.32
N VAL I 42 12.03 32.12 69.05
CA VAL I 42 13.42 32.61 69.12
C VAL I 42 14.28 31.98 70.20
N ASP I 43 13.72 31.88 71.40
CA ASP I 43 14.45 31.43 72.57
C ASP I 43 14.92 29.98 72.43
N GLU I 44 14.05 29.12 71.90
CA GLU I 44 14.30 27.68 71.87
C GLU I 44 15.09 27.18 70.66
N PHE I 45 15.84 28.07 69.99
CA PHE I 45 16.80 27.72 68.93
C PHE I 45 17.72 28.93 68.70
N PRO I 46 18.90 28.94 69.35
CA PRO I 46 19.93 29.90 68.99
C PRO I 46 21.24 29.22 68.61
N LEU I 47 21.47 29.07 67.31
CA LEU I 47 22.73 28.50 66.83
C LEU I 47 23.17 29.12 65.51
N CYS I 48 22.26 29.15 64.54
CA CYS I 48 22.46 29.87 63.26
C CYS I 48 23.66 29.48 62.38
N GLY I 49 23.79 28.19 62.08
CA GLY I 49 24.83 27.71 61.15
C GLY I 49 24.51 28.10 59.71
N HIS I 50 25.47 28.70 59.01
CA HIS I 50 25.30 29.09 57.60
C HIS I 50 26.24 28.38 56.68
N MET I 51 25.75 28.14 55.46
CA MET I 51 26.59 27.79 54.35
C MET I 51 26.70 29.06 53.53
N VAL I 52 27.90 29.64 53.51
CA VAL I 52 28.16 30.86 52.75
C VAL I 52 28.80 30.46 51.44
N SER I 53 28.48 31.18 50.36
CA SER I 53 29.14 30.99 49.07
C SER I 53 30.41 31.83 48.96
N ASP I 54 31.38 31.28 48.23
CA ASP I 54 32.66 31.95 47.95
C ASP I 54 32.94 32.03 46.43
N GLU I 55 31.88 31.94 45.63
CA GLU I 55 31.96 32.13 44.18
C GLU I 55 30.78 32.94 43.70
N TYR I 56 31.06 33.91 42.84
CA TYR I 56 29.99 34.63 42.17
C TYR I 56 29.46 33.74 41.04
N GLU I 57 28.60 32.81 41.43
CA GLU I 57 28.11 31.77 40.52
C GLU I 57 26.60 31.63 40.61
N GLN I 58 26.04 30.88 39.66
CA GLN I 58 24.61 30.60 39.65
C GLN I 58 24.34 29.20 40.17
N LEU I 59 23.41 29.05 41.11
CA LEU I 59 22.97 27.75 41.62
C LEU I 59 21.64 27.39 41.04
N SER I 60 21.51 26.14 40.61
CA SER I 60 20.29 25.65 40.02
C SER I 60 19.27 25.37 41.09
N SER I 61 18.01 25.70 40.78
CA SER I 61 16.87 25.27 41.59
C SER I 61 16.95 23.79 41.95
N GLU I 62 17.32 22.98 40.96
CA GLU I 62 17.52 21.54 41.13
C GLU I 62 18.50 21.22 42.26
N ALA I 63 19.65 21.90 42.25
CA ALA I 63 20.72 21.66 43.24
C ALA I 63 20.38 22.19 44.62
N LEU I 64 19.66 23.30 44.68
CA LEU I 64 19.17 23.82 45.95
C LEU I 64 18.32 22.75 46.62
N GLU I 65 17.24 22.34 45.94
CA GLU I 65 16.29 21.37 46.49
C GLU I 65 17.03 20.16 47.01
N ALA I 66 17.81 19.54 46.15
CA ALA I 66 18.64 18.39 46.51
C ALA I 66 19.47 18.62 47.77
N ALA I 67 20.10 19.80 47.86
CA ALA I 67 20.88 20.18 49.04
C ALA I 67 20.00 20.32 50.27
N ARG I 68 18.82 20.89 50.09
CA ARG I 68 17.86 21.05 51.17
C ARG I 68 17.41 19.70 51.73
N ILE I 69 17.03 18.77 50.87
CA ILE I 69 16.66 17.42 51.33
C ILE I 69 17.82 16.81 52.09
N CYS I 70 18.99 16.82 51.45
CA CYS I 70 20.22 16.25 52.02
C CYS I 70 20.47 16.71 53.45
N ALA I 71 20.36 18.01 53.68
CA ALA I 71 20.61 18.59 55.00
C ALA I 71 19.55 18.22 56.02
N ASN I 72 18.30 18.31 55.59
CA ASN I 72 17.15 18.02 56.44
C ASN I 72 17.11 16.55 56.84
N LYS I 73 17.35 15.66 55.88
CA LYS I 73 17.43 14.22 56.13
C LYS I 73 18.44 13.94 57.25
N TYR I 74 19.63 14.53 57.14
CA TYR I 74 20.67 14.30 58.14
C TYR I 74 20.30 14.90 59.48
N MET I 75 19.73 16.10 59.45
CA MET I 75 19.28 16.77 60.67
C MET I 75 18.22 15.96 61.40
N VAL I 76 17.28 15.41 60.65
CA VAL I 76 16.27 14.52 61.21
C VAL I 76 16.94 13.28 61.82
N LYS I 77 17.64 12.50 61.00
CA LYS I 77 18.34 11.28 61.46
C LYS I 77 19.25 11.53 62.65
N SER I 78 19.99 12.63 62.60
CA SER I 78 20.94 12.98 63.65
C SER I 78 20.22 13.33 64.94
N CYS I 79 19.69 14.55 65.03
CA CYS I 79 19.14 15.04 66.29
C CYS I 79 17.68 14.62 66.44
N GLY I 80 16.80 15.17 65.61
CA GLY I 80 15.39 14.81 65.69
C GLY I 80 14.46 15.56 64.78
N LYS I 81 13.31 14.94 64.50
CA LYS I 81 12.27 15.46 63.60
C LYS I 81 11.88 16.92 63.85
N ASP I 82 11.94 17.35 65.10
CA ASP I 82 11.51 18.70 65.50
C ASP I 82 12.60 19.45 66.29
N GLY I 83 13.86 19.16 65.98
CA GLY I 83 15.00 19.72 66.73
C GLY I 83 15.81 20.78 65.99
N PHE I 84 15.27 21.32 64.90
CA PHE I 84 15.99 22.31 64.10
C PHE I 84 15.01 23.12 63.25
N HIS I 85 15.54 24.16 62.62
CA HIS I 85 14.83 24.88 61.57
C HIS I 85 15.86 25.25 60.53
N ILE I 86 15.59 24.91 59.28
CA ILE I 86 16.48 25.23 58.17
C ILE I 86 15.81 26.21 57.24
N ARG I 87 16.57 27.22 56.83
CA ARG I 87 16.10 28.23 55.92
C ARG I 87 17.00 28.22 54.69
N VAL I 88 16.40 28.08 53.52
CA VAL I 88 17.07 28.30 52.25
C VAL I 88 16.89 29.78 51.93
N ARG I 89 17.98 30.46 51.59
CA ARG I 89 17.95 31.91 51.42
C ARG I 89 18.41 32.35 50.03
N LEU I 90 18.01 31.55 49.04
CA LEU I 90 18.26 31.83 47.64
C LEU I 90 17.12 31.23 46.87
N HIS I 91 16.30 32.09 46.26
CA HIS I 91 15.19 31.59 45.46
C HIS I 91 15.59 31.72 44.02
N PRO I 92 15.31 30.68 43.22
CA PRO I 92 15.58 30.79 41.81
C PRO I 92 14.59 31.73 41.10
N PHE I 93 15.03 32.98 40.89
CA PHE I 93 14.26 34.00 40.15
C PHE I 93 14.71 34.17 38.72
N HIS I 94 16.02 34.08 38.50
CA HIS I 94 16.62 34.24 37.18
C HIS I 94 16.20 33.10 36.28
N VAL I 95 15.69 33.43 35.10
CA VAL I 95 15.27 32.44 34.15
C VAL I 95 16.40 32.21 33.19
N ILE I 96 16.63 30.95 32.91
CA ILE I 96 17.76 30.51 32.16
C ILE I 96 17.18 30.06 30.82
N ARG I 97 17.96 30.17 29.74
CA ARG I 97 17.41 29.95 28.40
C ARG I 97 18.01 28.73 27.71
N ILE I 98 17.49 28.39 26.54
CA ILE I 98 17.93 27.18 25.82
C ILE I 98 17.55 27.25 24.34
N ASN I 99 18.53 27.51 23.49
CA ASN I 99 18.35 27.38 22.05
C ASN I 99 18.58 25.91 21.74
N LYS I 100 17.57 25.28 21.14
CA LYS I 100 17.59 23.83 20.91
C LYS I 100 17.72 23.48 19.43
N MET I 101 18.44 22.40 19.17
CA MET I 101 18.73 21.95 17.82
C MET I 101 18.22 20.53 17.57
N LEU I 102 17.02 20.47 16.99
CA LEU I 102 16.44 19.28 16.32
C LEU I 102 17.06 17.92 16.68
N THR I 112 18.27 25.17 10.48
CA THR I 112 18.20 26.64 10.45
C THR I 112 19.54 27.27 10.82
N GLY I 113 20.20 26.69 11.83
CA GLY I 113 21.48 27.18 12.31
C GLY I 113 21.31 28.32 13.29
N MET I 114 22.36 29.11 13.42
CA MET I 114 22.44 30.18 14.41
C MET I 114 21.59 31.41 14.05
N ARG I 115 20.77 31.33 12.99
CA ARG I 115 19.89 32.44 12.64
C ARG I 115 18.74 32.46 13.64
N GLY I 116 18.33 33.67 14.03
CA GLY I 116 17.22 33.86 14.98
C GLY I 116 17.32 33.03 16.25
N ALA I 117 18.53 32.88 16.77
CA ALA I 117 18.76 32.08 17.95
C ALA I 117 18.45 32.93 19.15
N PHE I 118 17.38 32.56 19.86
CA PHE I 118 17.11 33.13 21.17
C PHE I 118 16.30 32.13 21.94
N GLY I 119 16.70 31.92 23.18
CA GLY I 119 16.28 30.77 23.92
C GLY I 119 14.84 30.79 24.34
N LYS I 120 14.31 29.60 24.59
CA LYS I 120 13.08 29.43 25.29
C LYS I 120 13.55 29.32 26.74
N PRO I 121 12.63 29.48 27.71
CA PRO I 121 13.04 29.31 29.10
C PRO I 121 13.24 27.85 29.47
N GLN I 122 14.50 27.45 29.71
CA GLN I 122 14.81 26.08 30.14
C GLN I 122 14.35 25.85 31.56
N GLY I 123 14.80 26.73 32.44
CA GLY I 123 14.69 26.55 33.87
C GLY I 123 15.03 27.83 34.60
N THR I 124 14.94 27.77 35.93
CA THR I 124 15.28 28.90 36.77
C THR I 124 16.58 28.65 37.51
N VAL I 125 17.09 29.68 38.17
CA VAL I 125 18.39 29.62 38.79
C VAL I 125 18.55 30.72 39.82
N ALA I 126 19.35 30.46 40.85
CA ALA I 126 19.75 31.50 41.80
C ALA I 126 21.11 32.02 41.39
N ARG I 127 21.29 33.33 41.48
CA ARG I 127 22.61 33.95 41.37
C ARG I 127 23.07 34.23 42.78
N VAL I 128 24.30 33.85 43.09
CA VAL I 128 24.80 33.94 44.45
C VAL I 128 26.10 34.68 44.45
N HIS I 129 26.18 35.73 45.25
CA HIS I 129 27.39 36.54 45.34
C HIS I 129 28.41 35.92 46.25
N ILE I 130 29.63 36.43 46.16
CA ILE I 130 30.69 36.02 47.04
C ILE I 130 30.38 36.58 48.43
N GLY I 131 30.35 35.67 49.42
CA GLY I 131 30.00 36.00 50.81
C GLY I 131 28.52 35.91 51.16
N GLN I 132 27.70 35.51 50.20
CA GLN I 132 26.26 35.42 50.42
C GLN I 132 25.92 34.07 51.01
N VAL I 133 24.97 34.06 51.93
CA VAL I 133 24.49 32.81 52.53
C VAL I 133 23.59 32.06 51.57
N ILE I 134 23.80 30.74 51.49
CA ILE I 134 22.91 29.86 50.75
C ILE I 134 21.82 29.32 51.69
N MET I 135 22.18 28.36 52.53
CA MET I 135 21.26 27.77 53.50
C MET I 135 21.64 28.29 54.86
N SER I 136 20.73 28.17 55.81
CA SER I 136 21.03 28.49 57.21
C SER I 136 20.18 27.66 58.15
N ILE I 137 20.77 27.27 59.28
CA ILE I 137 20.14 26.33 60.21
C ILE I 137 20.22 26.88 61.62
N ARG I 138 19.11 26.81 62.35
CA ARG I 138 19.12 27.08 63.79
C ARG I 138 18.63 25.85 64.53
N THR I 139 19.31 25.57 65.64
CA THR I 139 18.94 24.54 66.58
C THR I 139 19.53 24.95 67.95
N LYS I 140 20.08 24.01 68.70
CA LYS I 140 20.46 24.26 70.10
C LYS I 140 21.96 24.37 70.21
N LEU I 141 22.45 24.75 71.39
CA LEU I 141 23.89 24.73 71.68
C LEU I 141 24.43 23.30 71.92
N GLN I 142 23.51 22.36 72.19
CA GLN I 142 23.79 20.91 72.13
C GLN I 142 24.31 20.45 70.79
N ASN I 143 23.73 21.01 69.73
CA ASN I 143 23.59 20.37 68.43
C ASN I 143 24.53 20.90 67.32
N LYS I 144 25.54 21.69 67.70
CA LYS I 144 26.40 22.40 66.73
C LYS I 144 26.98 21.47 65.66
N GLU I 145 27.54 20.35 66.10
CA GLU I 145 28.24 19.42 65.21
C GLU I 145 27.33 18.76 64.18
N HIS I 146 26.09 18.50 64.58
CA HIS I 146 25.10 17.88 63.69
C HIS I 146 24.70 18.81 62.55
N VAL I 147 24.67 20.11 62.82
CA VAL I 147 24.38 21.10 61.78
C VAL I 147 25.54 21.16 60.80
N VAL I 148 26.75 21.29 61.34
CA VAL I 148 27.96 21.46 60.54
C VAL I 148 28.02 20.38 59.47
N GLU I 149 28.00 19.12 59.90
CA GLU I 149 28.01 18.02 58.95
C GLU I 149 26.83 18.08 57.97
N ALA I 150 25.64 18.47 58.43
CA ALA I 150 24.47 18.64 57.55
C ALA I 150 24.77 19.59 56.41
N LEU I 151 25.35 20.74 56.75
CA LEU I 151 25.75 21.72 55.74
C LEU I 151 26.91 21.19 54.90
N ARG I 152 27.84 20.50 55.56
CA ARG I 152 28.96 19.78 54.91
C ARG I 152 28.48 18.84 53.82
N ARG I 153 27.51 18.00 54.16
CA ARG I 153 26.90 17.10 53.19
C ARG I 153 26.18 17.87 52.10
N ALA I 154 25.49 18.94 52.50
CA ALA I 154 24.78 19.81 51.57
C ALA I 154 25.70 20.53 50.56
N LYS I 155 26.95 20.79 50.94
CA LYS I 155 27.94 21.37 50.01
C LYS I 155 28.13 20.56 48.73
N PHE I 156 28.10 19.24 48.87
CA PHE I 156 28.38 18.34 47.75
C PHE I 156 27.34 18.39 46.63
N LYS I 157 26.14 18.86 46.93
CA LYS I 157 25.12 19.08 45.91
C LYS I 157 25.33 20.38 45.11
N PHE I 158 26.08 21.34 45.66
CA PHE I 158 26.38 22.57 44.95
C PHE I 158 27.71 22.54 44.21
N PRO I 159 27.77 23.20 43.03
CA PRO I 159 29.04 23.46 42.38
C PRO I 159 29.74 24.64 43.03
N GLY I 160 30.99 24.85 42.64
CA GLY I 160 31.80 25.89 43.24
C GLY I 160 32.24 25.54 44.64
N ARG I 161 32.46 26.56 45.45
CA ARG I 161 32.99 26.37 46.80
C ARG I 161 32.27 27.23 47.84
N GLN I 162 31.88 26.58 48.93
CA GLN I 162 31.11 27.22 49.98
C GLN I 162 31.61 26.86 51.37
N LYS I 163 32.01 27.87 52.14
CA LYS I 163 32.38 27.71 53.54
C LYS I 163 31.14 27.43 54.38
N ILE I 164 31.35 26.71 55.47
CA ILE I 164 30.34 26.55 56.52
C ILE I 164 30.78 27.33 57.73
N HIS I 165 29.85 28.09 58.27
CA HIS I 165 30.16 29.14 59.19
C HIS I 165 29.06 29.23 60.22
N ILE I 166 29.45 29.45 61.48
CA ILE I 166 28.48 29.61 62.56
C ILE I 166 28.53 31.06 62.97
N SER I 167 27.39 31.73 62.86
CA SER I 167 27.33 33.17 63.03
C SER I 167 27.31 33.54 64.50
N LYS I 168 27.59 34.82 64.74
CA LYS I 168 27.59 35.40 66.07
C LYS I 168 26.24 36.03 66.39
N LYS I 169 25.19 35.64 65.66
CA LYS I 169 23.84 36.09 65.93
C LYS I 169 23.12 35.09 66.80
N TRP I 170 22.03 35.56 67.40
CA TRP I 170 21.05 34.70 68.03
C TRP I 170 20.09 34.22 66.94
N GLY I 171 19.99 32.90 66.76
CA GLY I 171 19.02 32.30 65.84
C GLY I 171 19.05 32.89 64.44
N PHE I 172 17.87 33.08 63.85
CA PHE I 172 17.74 33.81 62.60
C PHE I 172 17.38 35.27 62.85
N THR I 173 17.92 35.87 63.91
CA THR I 173 17.72 37.28 64.21
C THR I 173 18.93 38.04 63.70
N LYS I 174 18.78 39.35 63.53
CA LYS I 174 19.90 40.22 63.14
C LYS I 174 20.77 40.66 64.33
N PHE I 175 20.50 40.13 65.52
CA PHE I 175 21.12 40.63 66.75
C PHE I 175 22.17 39.69 67.30
N ASN I 176 23.24 40.30 67.81
CA ASN I 176 24.41 39.57 68.28
C ASN I 176 24.04 38.82 69.54
N ALA I 177 24.29 37.51 69.54
CA ALA I 177 23.82 36.62 70.63
C ALA I 177 24.39 36.95 72.01
N ASP I 178 25.51 37.65 72.07
CA ASP I 178 26.06 38.14 73.34
C ASP I 178 25.10 39.08 74.07
N GLU I 179 24.37 39.90 73.30
CA GLU I 179 23.52 40.95 73.82
C GLU I 179 22.03 40.64 73.74
N PHE I 180 21.67 39.49 73.16
CA PHE I 180 20.27 39.17 72.88
C PHE I 180 19.46 39.06 74.17
N GLU I 181 19.97 38.29 75.13
CA GLU I 181 19.23 38.05 76.38
C GLU I 181 19.03 39.32 77.21
N ASP I 182 20.04 40.17 77.30
CA ASP I 182 19.89 41.42 78.03
C ASP I 182 18.83 42.29 77.37
N MET I 183 18.84 42.31 76.05
CA MET I 183 17.98 43.20 75.30
C MET I 183 16.53 42.87 75.59
N VAL I 184 16.23 41.58 75.71
CA VAL I 184 14.92 41.14 76.16
C VAL I 184 14.63 41.64 77.57
N ALA I 185 15.63 41.59 78.43
CA ALA I 185 15.50 42.12 79.80
C ALA I 185 15.23 43.61 79.78
N GLU I 186 15.91 44.32 78.89
CA GLU I 186 15.59 45.71 78.60
C GLU I 186 14.19 45.87 78.03
N LYS I 187 13.77 44.92 77.22
CA LYS I 187 12.79 45.18 76.17
C LYS I 187 13.24 46.25 75.18
N ARG I 188 14.50 46.15 74.77
CA ARG I 188 14.84 46.40 73.37
C ARG I 188 14.16 45.41 72.43
N LEU I 189 14.08 44.14 72.83
CA LEU I 189 13.66 43.06 71.93
C LEU I 189 12.50 42.26 72.52
N ILE I 190 11.59 41.82 71.65
CA ILE I 190 10.36 41.14 72.06
C ILE I 190 10.04 39.98 71.09
N PRO I 191 10.00 38.74 71.59
CA PRO I 191 9.66 37.56 70.77
C PRO I 191 8.41 37.67 69.90
N ASP I 192 8.50 37.12 68.69
CA ASP I 192 7.53 37.36 67.63
C ASP I 192 7.57 36.21 66.59
N GLY I 193 7.21 35.01 67.04
CA GLY I 193 7.31 33.81 66.20
C GLY I 193 8.76 33.36 66.10
N CYS I 194 9.19 33.05 64.88
CA CYS I 194 10.61 32.72 64.62
C CYS I 194 11.55 33.89 64.91
N GLY I 195 11.04 35.11 64.74
CA GLY I 195 11.82 36.32 64.92
C GLY I 195 11.64 37.02 66.25
N VAL I 196 11.84 38.33 66.24
CA VAL I 196 11.92 39.11 67.46
C VAL I 196 11.77 40.58 67.11
N LYS I 197 10.74 41.24 67.65
CA LYS I 197 10.50 42.65 67.33
C LYS I 197 11.31 43.60 68.20
N TYR I 198 12.24 44.29 67.55
CA TYR I 198 13.03 45.33 68.19
C TYR I 198 12.18 46.58 68.36
N ILE I 199 11.97 46.95 69.62
CA ILE I 199 11.27 48.18 69.96
C ILE I 199 12.31 49.25 70.29
N PRO I 200 12.14 50.46 69.75
CA PRO I 200 13.05 51.55 70.04
C PRO I 200 12.43 52.51 71.05
N ASN I 201 13.05 53.66 71.26
CA ASN I 201 12.41 54.72 72.04
C ASN I 201 11.14 55.30 71.44
N ARG I 202 11.16 55.50 70.12
CA ARG I 202 10.57 56.70 69.50
C ARG I 202 9.06 56.85 69.63
N GLY I 203 8.32 55.76 69.47
CA GLY I 203 6.90 55.82 69.13
C GLY I 203 6.03 56.27 70.28
N PRO I 204 4.87 56.84 69.99
CA PRO I 204 4.08 57.47 71.05
C PRO I 204 4.24 56.69 72.34
N LEU I 205 4.03 57.37 73.46
CA LEU I 205 4.27 56.79 74.78
C LEU I 205 3.24 55.71 75.18
N ASP I 206 2.10 55.67 74.48
CA ASP I 206 1.06 54.67 74.73
C ASP I 206 1.53 53.25 74.39
N LYS I 207 2.41 53.14 73.40
CA LYS I 207 3.09 51.88 73.09
C LYS I 207 3.99 51.45 74.25
N TRP I 208 4.74 52.41 74.79
CA TRP I 208 5.61 52.20 75.95
C TRP I 208 4.84 51.79 77.22
N ARG I 209 3.59 52.23 77.33
CA ARG I 209 2.72 51.85 78.45
C ARG I 209 2.10 50.45 78.34
N ALA I 210 2.17 49.83 77.16
CA ALA I 210 1.74 48.42 77.00
C ALA I 210 2.80 47.51 77.60
N LEU I 211 4.06 47.80 77.30
CA LEU I 211 5.18 47.22 78.02
C LEU I 211 5.29 47.91 79.38
N HIS I 212 6.17 47.40 80.24
CA HIS I 212 6.32 47.92 81.61
C HIS I 212 4.99 47.89 82.38
N SER I 213 4.16 46.89 82.09
CA SER I 213 2.81 46.79 82.65
C SER I 213 2.21 45.40 82.42
N GLU J 1 -25.15 73.33 77.98
CA GLU J 1 -25.08 74.77 77.57
C GLU J 1 -24.21 74.96 76.31
N ASN J 2 -24.58 74.25 75.24
CA ASN J 2 -23.88 74.29 73.96
C ASN J 2 -24.47 75.34 73.01
N PRO J 3 -23.62 76.06 72.24
CA PRO J 3 -24.14 77.20 71.47
C PRO J 3 -24.76 76.78 70.15
N MET J 4 -23.93 76.27 69.23
CA MET J 4 -24.36 75.79 67.91
C MET J 4 -23.65 74.48 67.64
N ARG J 5 -23.93 73.50 68.50
CA ARG J 5 -23.66 72.11 68.18
C ARG J 5 -25.02 71.42 67.98
N GLU J 6 -26.00 72.20 67.51
CA GLU J 6 -27.38 71.77 67.42
C GLU J 6 -27.58 70.92 66.19
N LEU J 7 -27.36 69.63 66.38
CA LEU J 7 -27.65 68.61 65.38
C LEU J 7 -28.98 68.85 64.66
N ARG J 8 -28.91 69.31 63.40
CA ARG J 8 -30.12 69.54 62.58
C ARG J 8 -30.15 68.65 61.35
N ILE J 9 -31.28 68.65 60.66
CA ILE J 9 -31.41 67.96 59.38
C ILE J 9 -30.86 68.85 58.28
N ARG J 10 -29.76 68.43 57.67
CA ARG J 10 -29.16 69.17 56.55
C ARG J 10 -29.99 68.98 55.27
N LYS J 11 -30.33 67.73 54.96
CA LYS J 11 -31.25 67.45 53.85
C LYS J 11 -31.92 66.09 53.96
N LEU J 12 -33.08 65.96 53.32
CA LEU J 12 -33.79 64.69 53.21
C LEU J 12 -33.81 64.24 51.75
N CYS J 13 -33.41 63.00 51.54
CA CYS J 13 -33.29 62.43 50.21
C CYS J 13 -34.36 61.36 50.02
N LEU J 14 -34.96 61.36 48.83
CA LEU J 14 -36.07 60.48 48.49
C LEU J 14 -35.82 59.86 47.14
N ASN J 15 -35.72 58.53 47.04
CA ASN J 15 -35.57 57.92 45.72
C ASN J 15 -36.37 56.64 45.44
N ILE J 16 -37.03 56.69 44.28
CA ILE J 16 -37.84 55.61 43.76
C ILE J 16 -37.07 55.02 42.59
N CYS J 17 -36.46 53.87 42.82
CA CYS J 17 -35.78 53.13 41.77
C CYS J 17 -36.72 52.08 41.21
N VAL J 18 -37.42 52.43 40.13
CA VAL J 18 -38.30 51.47 39.46
C VAL J 18 -37.51 50.48 38.61
N GLY J 19 -36.42 50.95 38.01
CA GLY J 19 -35.54 50.10 37.23
C GLY J 19 -36.24 49.60 35.98
N GLU J 20 -36.82 50.54 35.25
CA GLU J 20 -37.68 50.24 34.09
C GLU J 20 -37.41 51.20 32.96
N SER J 21 -37.61 52.50 33.24
CA SER J 21 -37.57 53.58 32.26
C SER J 21 -38.90 53.72 31.56
N GLY J 22 -39.03 54.77 30.76
CA GLY J 22 -40.23 55.02 29.99
C GLY J 22 -41.36 55.55 30.86
N ASP J 23 -42.40 54.74 31.04
CA ASP J 23 -43.67 55.20 31.62
C ASP J 23 -43.72 55.03 33.13
N ARG J 24 -43.35 53.84 33.61
CA ARG J 24 -43.26 53.55 35.06
C ARG J 24 -42.49 54.62 35.84
N LEU J 25 -41.40 55.09 35.24
CA LEU J 25 -40.56 56.13 35.86
C LEU J 25 -41.24 57.49 35.82
N THR J 26 -41.86 57.82 34.68
CA THR J 26 -42.63 59.09 34.54
C THR J 26 -43.81 59.13 35.50
N ARG J 27 -44.35 57.94 35.79
CA ARG J 27 -45.43 57.77 36.74
C ARG J 27 -44.94 58.02 38.16
N ALA J 28 -43.80 57.41 38.50
CA ALA J 28 -43.22 57.55 39.85
C ALA J 28 -42.70 58.94 40.15
N ALA J 29 -42.25 59.65 39.10
CA ALA J 29 -41.85 61.04 39.25
C ALA J 29 -42.99 61.95 39.72
N LYS J 30 -44.22 61.62 39.35
CA LYS J 30 -45.40 62.35 39.83
C LYS J 30 -45.62 62.17 41.34
N VAL J 31 -45.30 60.98 41.86
CA VAL J 31 -45.48 60.67 43.27
C VAL J 31 -44.60 61.54 44.18
N LEU J 32 -43.31 61.60 43.88
CA LEU J 32 -42.39 62.49 44.60
C LEU J 32 -42.81 63.95 44.46
N GLU J 33 -43.28 64.33 43.27
CA GLU J 33 -43.70 65.72 42.98
C GLU J 33 -44.94 66.13 43.79
N GLN J 34 -45.85 65.18 43.99
CA GLN J 34 -47.00 65.35 44.91
C GLN J 34 -46.57 65.41 46.38
N LEU J 35 -45.57 64.60 46.73
CA LEU J 35 -45.07 64.49 48.11
C LEU J 35 -44.23 65.70 48.55
N THR J 36 -43.19 66.00 47.77
CA THR J 36 -42.21 67.04 48.12
C THR J 36 -42.62 68.45 47.74
N GLY J 37 -43.43 68.59 46.70
CA GLY J 37 -43.76 69.90 46.16
C GLY J 37 -42.59 70.50 45.40
N GLN J 38 -42.01 69.71 44.51
CA GLN J 38 -40.96 70.16 43.59
C GLN J 38 -40.69 69.04 42.58
N THR J 39 -40.30 69.43 41.37
CA THR J 39 -39.96 68.44 40.34
C THR J 39 -38.75 67.64 40.78
N PRO J 40 -38.73 66.32 40.51
CA PRO J 40 -37.60 65.51 40.92
C PRO J 40 -36.51 65.50 39.82
N VAL J 41 -35.59 64.53 39.89
CA VAL J 41 -34.59 64.30 38.84
C VAL J 41 -34.57 62.83 38.49
N PHE J 42 -34.52 62.52 37.20
CA PHE J 42 -34.30 61.15 36.77
C PHE J 42 -32.80 60.89 36.77
N SER J 43 -32.39 59.82 37.42
CA SER J 43 -31.02 59.33 37.33
C SER J 43 -30.99 58.23 36.29
N LYS J 44 -29.86 58.10 35.59
CA LYS J 44 -29.68 57.03 34.60
C LYS J 44 -28.74 55.97 35.14
N ALA J 45 -28.74 54.81 34.47
CA ALA J 45 -27.92 53.68 34.91
C ALA J 45 -26.46 53.91 34.60
N ARG J 46 -25.58 53.34 35.42
CA ARG J 46 -24.14 53.43 35.17
C ARG J 46 -23.78 52.56 33.98
N TYR J 47 -24.25 51.32 34.00
CA TYR J 47 -23.91 50.34 32.98
C TYR J 47 -24.99 49.27 32.86
N THR J 48 -24.97 48.61 31.70
CA THR J 48 -25.94 47.58 31.36
C THR J 48 -25.77 46.39 32.31
N VAL J 49 -26.90 45.82 32.72
CA VAL J 49 -26.94 44.61 33.54
C VAL J 49 -28.06 43.72 33.00
N ARG J 50 -27.67 42.66 32.30
CA ARG J 50 -28.64 41.78 31.64
C ARG J 50 -29.53 41.04 32.64
N SER J 51 -29.02 40.85 33.87
CA SER J 51 -29.79 40.25 34.96
C SER J 51 -31.01 41.08 35.37
N PHE J 52 -30.77 42.35 35.69
CA PHE J 52 -31.83 43.25 36.18
C PHE J 52 -32.70 43.78 35.05
N GLY J 53 -32.20 43.73 33.81
CA GLY J 53 -32.92 44.29 32.67
C GLY J 53 -32.80 45.80 32.66
N ILE J 54 -31.55 46.27 32.60
CA ILE J 54 -31.23 47.69 32.51
C ILE J 54 -30.08 47.87 31.53
N ARG J 55 -29.99 49.09 30.99
CA ARG J 55 -28.96 49.42 30.02
C ARG J 55 -28.25 50.70 30.44
N ARG J 56 -27.01 50.83 29.99
CA ARG J 56 -26.18 52.00 30.28
C ARG J 56 -26.88 53.25 29.80
N ASN J 57 -26.92 54.27 30.64
CA ASN J 57 -27.61 55.55 30.37
C ASN J 57 -29.14 55.47 30.12
N GLU J 58 -29.75 54.36 30.54
CA GLU J 58 -31.20 54.21 30.56
C GLU J 58 -31.68 54.75 31.90
N LYS J 59 -32.80 55.46 31.91
CA LYS J 59 -33.30 56.07 33.16
C LYS J 59 -33.89 55.01 34.08
N ILE J 60 -33.21 54.75 35.20
CA ILE J 60 -33.61 53.70 36.13
C ILE J 60 -34.52 54.28 37.19
N ALA J 61 -34.03 55.32 37.86
CA ALA J 61 -34.62 55.83 39.08
C ALA J 61 -35.01 57.28 38.96
N VAL J 62 -35.88 57.70 39.88
CA VAL J 62 -36.17 59.11 40.10
C VAL J 62 -35.84 59.43 41.53
N HIS J 63 -35.38 60.65 41.78
CA HIS J 63 -35.05 61.07 43.12
C HIS J 63 -35.10 62.57 43.29
N CYS J 64 -34.90 63.01 44.53
CA CYS J 64 -34.99 64.42 44.88
C CYS J 64 -34.42 64.67 46.27
N THR J 65 -33.91 65.89 46.48
CA THR J 65 -33.36 66.32 47.77
C THR J 65 -34.19 67.46 48.31
N VAL J 66 -34.83 67.23 49.45
CA VAL J 66 -35.67 68.23 50.10
C VAL J 66 -34.84 68.85 51.19
N ARG J 67 -34.98 70.16 51.36
CA ARG J 67 -34.27 70.88 52.40
C ARG J 67 -35.21 71.73 53.23
N GLY J 68 -34.80 71.99 54.47
CA GLY J 68 -35.50 72.89 55.36
C GLY J 68 -36.74 72.30 56.04
N ALA J 69 -37.76 73.15 56.20
CA ALA J 69 -38.99 72.80 56.88
C ALA J 69 -39.76 71.68 56.18
N LYS J 70 -39.79 71.75 54.85
CA LYS J 70 -40.47 70.73 54.05
C LYS J 70 -39.84 69.34 54.23
N ALA J 71 -38.52 69.30 54.40
CA ALA J 71 -37.80 68.06 54.70
C ALA J 71 -38.09 67.54 56.10
N GLU J 72 -38.26 68.45 57.05
CA GLU J 72 -38.69 68.11 58.42
C GLU J 72 -40.09 67.49 58.40
N GLU J 73 -40.99 68.14 57.66
CA GLU J 73 -42.38 67.71 57.54
C GLU J 73 -42.51 66.34 56.89
N ILE J 74 -41.80 66.13 55.78
CA ILE J 74 -41.84 64.87 55.04
C ILE J 74 -41.17 63.75 55.85
N LEU J 75 -40.11 64.09 56.58
CA LEU J 75 -39.47 63.13 57.48
C LEU J 75 -40.44 62.66 58.56
N GLU J 76 -41.19 63.61 59.12
CA GLU J 76 -42.21 63.30 60.13
C GLU J 76 -43.22 62.26 59.61
N LYS J 77 -43.86 62.56 58.48
CA LYS J 77 -44.76 61.62 57.80
C LYS J 77 -44.16 60.23 57.62
N GLY J 78 -42.91 60.18 57.17
CA GLY J 78 -42.20 58.93 56.92
C GLY J 78 -41.94 58.09 58.16
N LEU J 79 -41.76 58.76 59.30
CA LEU J 79 -41.61 58.08 60.58
C LEU J 79 -42.97 57.62 61.15
N LYS J 80 -44.02 58.37 60.86
CA LYS J 80 -45.37 57.99 61.29
C LYS J 80 -45.82 56.68 60.66
N VAL J 81 -45.50 56.47 59.38
CA VAL J 81 -45.81 55.22 58.68
C VAL J 81 -44.93 54.07 59.18
N ARG J 82 -43.69 54.40 59.55
CA ARG J 82 -42.79 53.44 60.21
C ARG J 82 -43.05 53.27 61.72
N GLU J 83 -43.90 54.10 62.30
CA GLU J 83 -44.32 54.06 63.72
C GLU J 83 -43.22 54.43 64.74
N TYR J 84 -42.30 55.31 64.33
CA TYR J 84 -41.20 55.79 65.20
C TYR J 84 -40.40 54.64 65.82
N GLU J 85 -40.03 53.69 64.99
CA GLU J 85 -39.06 52.67 65.33
C GLU J 85 -37.98 52.72 64.26
N LEU J 86 -36.74 52.56 64.69
CA LEU J 86 -35.63 52.25 63.79
C LEU J 86 -34.80 51.17 64.46
N ARG J 87 -33.72 50.78 63.81
CA ARG J 87 -32.79 49.83 64.40
C ARG J 87 -31.43 50.50 64.58
N LYS J 88 -30.50 49.76 65.17
CA LYS J 88 -29.11 50.22 65.28
C LYS J 88 -28.47 50.28 63.89
N ASN J 89 -28.70 49.25 63.06
CA ASN J 89 -28.14 49.22 61.69
C ASN J 89 -28.71 50.25 60.72
N ASN J 90 -29.90 50.79 61.01
CA ASN J 90 -30.47 51.89 60.20
C ASN J 90 -29.69 53.21 60.25
N PHE J 91 -28.83 53.36 61.25
CA PHE J 91 -27.95 54.52 61.34
C PHE J 91 -26.59 54.18 60.72
N SER J 92 -26.03 55.14 59.98
CA SER J 92 -24.69 55.01 59.40
C SER J 92 -23.67 55.58 60.36
N ASP J 93 -22.44 55.05 60.29
CA ASP J 93 -21.34 55.47 61.17
C ASP J 93 -21.08 56.97 61.11
N THR J 94 -21.39 57.57 59.97
CA THR J 94 -21.31 59.00 59.76
C THR J 94 -22.35 59.87 60.50
N GLY J 95 -23.36 59.24 61.12
CA GLY J 95 -24.41 59.95 61.82
C GLY J 95 -25.56 60.40 60.94
N ASN J 96 -25.95 59.54 59.99
CA ASN J 96 -27.13 59.72 59.16
C ASN J 96 -27.97 58.50 59.37
N PHE J 97 -29.27 58.61 59.12
CA PHE J 97 -30.15 57.46 59.17
C PHE J 97 -31.11 57.47 58.01
N GLY J 98 -31.77 56.34 57.84
CA GLY J 98 -32.69 56.14 56.73
C GLY J 98 -33.55 54.92 56.95
N PHE J 99 -34.59 54.83 56.14
CA PHE J 99 -35.61 53.82 56.31
C PHE J 99 -36.51 53.80 55.10
N GLY J 100 -37.09 52.65 54.83
CA GLY J 100 -38.02 52.50 53.72
C GLY J 100 -39.43 52.80 54.16
N ILE J 101 -40.28 53.09 53.18
CA ILE J 101 -41.71 52.86 53.30
C ILE J 101 -42.13 51.98 52.13
N GLN J 102 -43.06 51.08 52.39
CA GLN J 102 -43.41 50.04 51.42
C GLN J 102 -44.45 50.54 50.42
N GLU J 103 -45.14 51.63 50.76
CA GLU J 103 -46.18 52.20 49.90
C GLU J 103 -46.56 53.65 50.27
N HIS J 104 -46.29 54.56 49.34
CA HIS J 104 -46.44 56.02 49.52
C HIS J 104 -47.82 56.52 49.97
N ILE J 105 -48.88 55.79 49.61
CA ILE J 105 -50.24 56.13 50.05
C ILE J 105 -50.40 56.10 51.57
N ASP J 106 -49.52 55.36 52.26
CA ASP J 106 -49.44 55.37 53.72
C ASP J 106 -49.10 56.73 54.30
N LEU J 107 -48.26 57.49 53.61
CA LEU J 107 -47.86 58.83 54.06
C LEU J 107 -49.09 59.74 54.07
N GLY J 108 -49.80 59.77 52.95
CA GLY J 108 -51.07 60.50 52.82
C GLY J 108 -51.31 60.98 51.40
N ILE J 109 -51.43 60.03 50.47
CA ILE J 109 -51.62 60.30 49.04
C ILE J 109 -52.72 59.35 48.54
N LYS J 110 -53.44 59.77 47.49
CA LYS J 110 -54.51 58.96 46.90
C LYS J 110 -53.98 58.01 45.81
N TYR J 111 -54.38 56.74 45.88
CA TYR J 111 -54.01 55.72 44.88
C TYR J 111 -54.71 56.03 43.56
N ASP J 112 -54.18 55.47 42.49
CA ASP J 112 -54.84 55.43 41.19
C ASP J 112 -54.42 54.13 40.51
N PRO J 113 -55.36 53.41 39.83
CA PRO J 113 -54.98 52.20 39.10
C PRO J 113 -53.82 52.40 38.10
N SER J 114 -53.72 53.61 37.54
CA SER J 114 -52.56 54.00 36.75
C SER J 114 -51.37 54.28 37.69
N ILE J 115 -51.41 55.44 38.35
CA ILE J 115 -50.33 55.90 39.25
C ILE J 115 -50.37 55.07 40.53
N GLY J 116 -49.71 53.91 40.48
CA GLY J 116 -50.00 52.79 41.37
C GLY J 116 -49.58 52.95 42.82
N ILE J 117 -48.66 52.09 43.24
CA ILE J 117 -48.14 52.08 44.60
C ILE J 117 -46.61 51.98 44.53
N TYR J 118 -45.96 53.13 44.47
CA TYR J 118 -44.50 53.20 44.56
C TYR J 118 -43.98 53.29 45.98
N GLY J 119 -43.44 52.18 46.47
CA GLY J 119 -42.64 52.18 47.69
C GLY J 119 -41.42 53.05 47.47
N LEU J 120 -40.94 53.70 48.54
CA LEU J 120 -39.83 54.62 48.42
C LEU J 120 -38.91 54.61 49.63
N ASP J 121 -37.88 55.46 49.56
CA ASP J 121 -36.66 55.31 50.33
C ASP J 121 -36.28 56.67 50.95
N PHE J 122 -36.52 56.82 52.26
CA PHE J 122 -36.09 58.03 52.97
C PHE J 122 -34.64 57.83 53.38
N TYR J 123 -33.87 58.91 53.35
CA TYR J 123 -32.56 58.94 53.97
C TYR J 123 -32.24 60.37 54.38
N VAL J 124 -31.81 60.53 55.62
CA VAL J 124 -31.72 61.83 56.27
C VAL J 124 -30.26 62.20 56.45
N VAL J 125 -29.81 63.24 55.75
CA VAL J 125 -28.52 63.83 56.04
C VAL J 125 -28.67 64.74 57.24
N LEU J 126 -28.30 64.25 58.42
CA LEU J 126 -28.15 65.11 59.59
C LEU J 126 -26.90 65.94 59.42
N GLY J 127 -26.86 67.05 60.14
CA GLY J 127 -25.71 67.96 60.11
C GLY J 127 -25.72 68.89 61.31
N ARG J 128 -24.89 69.91 61.23
CA ARG J 128 -24.74 70.86 62.32
C ARG J 128 -24.62 72.24 61.69
N PRO J 129 -24.55 73.29 62.51
CA PRO J 129 -24.14 74.58 61.98
C PRO J 129 -22.67 74.57 61.62
N GLY J 130 -22.35 75.06 60.43
CA GLY J 130 -20.98 75.08 59.94
C GLY J 130 -20.46 73.76 59.41
N PHE J 131 -21.29 73.10 58.63
CA PHE J 131 -20.87 71.96 57.81
C PHE J 131 -20.58 72.39 56.38
N SER J 132 -21.12 73.54 55.97
CA SER J 132 -20.98 74.04 54.61
C SER J 132 -19.53 74.23 54.14
N ILE J 133 -18.63 74.47 55.10
CA ILE J 133 -17.18 74.56 54.86
C ILE J 133 -16.71 73.60 53.77
N ALA J 134 -17.10 72.34 53.92
CA ALA J 134 -16.69 71.27 53.01
C ALA J 134 -17.02 71.53 51.54
N ASP J 135 -18.19 72.13 51.31
CA ASP J 135 -18.77 72.22 49.95
C ASP J 135 -18.82 73.62 49.34
N LYS J 136 -18.31 74.63 50.04
CA LYS J 136 -18.15 75.96 49.42
C LYS J 136 -16.99 75.97 48.43
N LYS J 137 -16.82 77.09 47.71
CA LYS J 137 -15.82 77.15 46.64
C LYS J 137 -14.43 77.52 47.16
N ARG J 138 -14.30 78.71 47.74
CA ARG J 138 -12.98 79.25 48.03
C ARG J 138 -12.28 78.56 49.22
N ARG J 139 -12.41 79.06 50.44
CA ARG J 139 -11.49 78.69 51.50
C ARG J 139 -12.01 77.47 52.26
N THR J 140 -12.01 76.33 51.60
CA THR J 140 -12.73 75.14 52.09
C THR J 140 -12.01 74.49 53.26
N GLY J 141 -12.63 73.48 53.84
CA GLY J 141 -12.01 72.70 54.92
C GLY J 141 -12.69 71.37 55.22
N CYS J 142 -12.27 70.77 56.34
CA CYS J 142 -12.88 69.57 56.88
C CYS J 142 -13.48 69.92 58.23
N ILE J 143 -14.66 69.38 58.52
CA ILE J 143 -15.36 69.73 59.77
C ILE J 143 -14.69 69.08 60.97
N GLY J 144 -13.63 69.73 61.45
CA GLY J 144 -12.93 69.37 62.68
C GLY J 144 -12.93 67.89 63.05
N ALA J 145 -13.48 67.59 64.21
CA ALA J 145 -13.63 66.20 64.66
C ALA J 145 -14.65 66.15 65.78
N LYS J 146 -14.40 66.90 66.85
CA LYS J 146 -15.41 67.11 67.89
C LYS J 146 -16.45 68.10 67.36
N HIS J 147 -17.24 67.61 66.41
CA HIS J 147 -18.14 68.42 65.58
C HIS J 147 -18.82 67.53 64.56
N ARG J 148 -18.05 66.60 64.00
CA ARG J 148 -18.61 65.44 63.33
C ARG J 148 -19.66 64.75 64.21
N ILE J 149 -20.77 64.38 63.59
CA ILE J 149 -21.85 63.67 64.29
C ILE J 149 -21.51 62.19 64.34
N SER J 150 -21.49 61.61 65.53
CA SER J 150 -21.30 60.16 65.67
C SER J 150 -22.62 59.43 65.42
N LYS J 151 -22.51 58.13 65.19
CA LYS J 151 -23.68 57.25 65.13
C LYS J 151 -24.49 57.37 66.41
N GLU J 152 -23.80 57.25 67.54
CA GLU J 152 -24.42 57.39 68.86
C GLU J 152 -25.14 58.72 69.02
N GLU J 153 -24.50 59.80 68.60
CA GLU J 153 -25.06 61.13 68.75
C GLU J 153 -26.31 61.34 67.91
N ALA J 154 -26.34 60.73 66.73
CA ALA J 154 -27.50 60.82 65.83
C ALA J 154 -28.68 59.98 66.32
N MET J 155 -28.38 58.82 66.90
CA MET J 155 -29.41 58.00 67.55
C MET J 155 -30.09 58.76 68.69
N ARG J 156 -29.30 59.41 69.53
CA ARG J 156 -29.87 60.12 70.69
C ARG J 156 -30.69 61.36 70.30
N TRP J 157 -30.31 62.00 69.18
CA TRP J 157 -31.13 63.06 68.57
C TRP J 157 -32.50 62.54 68.15
N PHE J 158 -32.52 61.38 67.49
CA PHE J 158 -33.76 60.71 67.12
C PHE J 158 -34.56 60.28 68.35
N GLN J 159 -33.84 59.76 69.34
CA GLN J 159 -34.44 59.31 70.61
C GLN J 159 -35.07 60.46 71.42
N GLN J 160 -34.56 61.68 71.23
CA GLN J 160 -35.10 62.87 71.87
C GLN J 160 -36.17 63.54 71.01
N LYS J 161 -35.80 63.88 69.77
CA LYS J 161 -36.62 64.76 68.91
C LYS J 161 -37.95 64.13 68.52
N TYR J 162 -37.88 62.98 67.85
CA TYR J 162 -39.07 62.27 67.36
C TYR J 162 -39.51 61.15 68.31
N ASP J 163 -38.91 61.09 69.51
CA ASP J 163 -39.35 60.22 70.61
C ASP J 163 -39.26 58.73 70.25
N GLY J 164 -38.26 58.40 69.43
CA GLY J 164 -38.14 57.06 68.85
C GLY J 164 -37.53 56.05 69.80
N ILE J 165 -37.64 54.78 69.42
CA ILE J 165 -37.22 53.67 70.28
C ILE J 165 -35.82 53.15 69.97
N ILE J 166 -35.50 52.99 68.67
CA ILE J 166 -34.27 52.33 68.23
C ILE J 166 -34.17 50.93 68.83
N LEU J 167 -34.97 50.01 68.30
CA LEU J 167 -35.02 48.63 68.81
C LEU J 167 -33.75 47.85 68.44
N PRO J 168 -33.34 46.89 69.30
CA PRO J 168 -32.08 46.17 69.09
C PRO J 168 -32.21 45.05 68.06
N GLY J 169 -31.13 44.30 67.87
CA GLY J 169 -31.08 43.21 66.89
C GLY J 169 -30.69 43.78 65.54
N ALA K 1 30.51 58.55 -14.07
CA ALA K 1 29.90 59.11 -12.81
C ALA K 1 30.44 60.51 -12.51
N PRO K 2 29.54 61.43 -12.12
CA PRO K 2 29.97 62.79 -11.84
C PRO K 2 30.62 62.90 -10.46
N SER K 3 31.62 63.77 -10.33
CA SER K 3 32.31 63.97 -9.06
C SER K 3 32.36 65.45 -8.73
N ARG K 4 31.56 65.85 -7.75
CA ARG K 4 31.60 67.17 -7.13
C ARG K 4 31.80 68.37 -8.07
N ASN K 5 30.69 68.78 -8.66
CA ASN K 5 30.56 70.09 -9.29
C ASN K 5 31.17 70.19 -10.67
N GLY K 6 30.37 70.61 -11.63
CA GLY K 6 30.76 70.62 -13.04
C GLY K 6 29.52 70.65 -13.91
N MET K 7 29.67 71.00 -15.18
CA MET K 7 28.52 71.13 -16.06
C MET K 7 28.09 69.73 -16.44
N ILE K 8 26.81 69.44 -16.22
CA ILE K 8 26.27 68.13 -16.50
C ILE K 8 26.06 68.06 -18.01
N LEU K 9 27.12 67.68 -18.70
CA LEU K 9 27.32 68.08 -20.08
C LEU K 9 27.12 66.92 -21.04
N LYS K 10 26.58 67.25 -22.22
CA LYS K 10 26.14 66.26 -23.18
C LYS K 10 27.03 66.46 -24.39
N PRO K 11 27.97 65.54 -24.61
CA PRO K 11 28.72 65.51 -25.86
C PRO K 11 28.00 64.64 -26.87
N HIS K 12 28.17 64.96 -28.14
CA HIS K 12 27.49 64.24 -29.21
C HIS K 12 28.50 63.37 -29.94
N PHE K 13 29.06 62.41 -29.22
CA PHE K 13 29.94 61.41 -29.81
C PHE K 13 29.44 60.03 -29.46
N HIS K 14 28.21 59.75 -29.87
CA HIS K 14 27.62 58.43 -29.73
C HIS K 14 27.40 57.74 -31.06
N LYS K 15 27.28 58.50 -32.15
CA LYS K 15 27.26 57.91 -33.48
C LYS K 15 28.69 57.54 -33.89
N ASP K 16 28.88 56.91 -35.05
CA ASP K 16 30.25 56.60 -35.50
C ASP K 16 30.86 57.82 -36.20
N TRP K 17 31.27 58.80 -35.39
CA TRP K 17 31.71 60.10 -35.88
C TRP K 17 33.09 60.10 -36.53
N GLN K 18 33.94 59.16 -36.13
CA GLN K 18 35.31 59.09 -36.65
C GLN K 18 35.29 58.59 -38.09
N ARG K 19 34.18 57.96 -38.48
CA ARG K 19 33.91 57.63 -39.87
C ARG K 19 33.64 58.86 -40.73
N ARG K 20 33.20 59.96 -40.11
CA ARG K 20 32.87 61.21 -40.80
C ARG K 20 33.64 62.44 -40.30
N VAL K 21 34.84 62.26 -39.74
CA VAL K 21 35.69 63.40 -39.42
C VAL K 21 36.18 64.00 -40.72
N ALA K 22 36.11 65.33 -40.80
CA ALA K 22 36.51 66.06 -41.99
C ALA K 22 37.68 66.99 -41.66
N THR K 23 38.87 66.57 -42.05
CA THR K 23 40.09 67.32 -41.80
C THR K 23 40.18 68.51 -42.73
N TRP K 24 41.10 69.43 -42.41
CA TRP K 24 41.28 70.64 -43.20
C TRP K 24 42.68 70.80 -43.74
N PHE K 25 43.35 69.70 -44.07
CA PHE K 25 44.72 69.79 -44.61
C PHE K 25 44.73 70.32 -46.04
N ASN K 26 43.60 70.19 -46.72
CA ASN K 26 43.37 70.94 -47.95
C ASN K 26 43.75 72.39 -47.80
N GLN K 27 43.23 73.04 -46.77
CA GLN K 27 42.80 74.45 -46.90
C GLN K 27 43.80 75.39 -47.56
N PRO K 28 45.09 75.30 -47.21
CA PRO K 28 46.07 76.10 -47.94
C PRO K 28 46.08 75.82 -49.43
N ALA K 29 46.17 74.54 -49.80
CA ALA K 29 46.08 74.11 -51.20
C ALA K 29 44.81 74.61 -51.85
N ARG K 30 43.72 74.57 -51.11
CA ARG K 30 42.47 75.11 -51.58
C ARG K 30 42.60 76.59 -51.85
N LYS K 31 42.97 77.34 -50.82
CA LYS K 31 43.06 78.80 -50.87
C LYS K 31 43.84 79.32 -52.07
N ILE K 32 44.89 78.60 -52.43
CA ILE K 32 45.69 78.89 -53.61
C ILE K 32 44.88 78.65 -54.85
N ARG K 33 44.29 77.46 -54.94
CA ARG K 33 43.54 77.04 -56.12
C ARG K 33 42.48 78.04 -56.49
N ARG K 34 41.69 78.45 -55.50
CA ARG K 34 40.74 79.55 -55.68
C ARG K 34 41.45 80.76 -56.23
N ARG K 35 42.55 81.14 -55.58
CA ARG K 35 43.29 82.34 -55.96
C ARG K 35 43.83 82.30 -57.40
N LYS K 36 44.40 81.16 -57.81
CA LYS K 36 44.81 81.02 -59.20
C LYS K 36 43.57 81.22 -60.04
N ALA K 37 42.57 80.37 -59.81
CA ALA K 37 41.35 80.40 -60.61
C ALA K 37 40.75 81.79 -60.70
N ARG K 38 40.89 82.54 -59.62
CA ARG K 38 40.46 83.92 -59.59
C ARG K 38 41.25 84.79 -60.57
N GLN K 39 42.56 84.69 -60.51
CA GLN K 39 43.45 85.47 -61.38
C GLN K 39 43.27 85.11 -62.85
N ALA K 40 42.97 83.84 -63.11
CA ALA K 40 42.65 83.41 -64.46
C ALA K 40 41.39 84.08 -64.97
N ARG K 41 40.35 84.11 -64.14
CA ARG K 41 39.09 84.68 -64.57
C ARG K 41 39.21 86.17 -64.86
N ALA K 42 39.95 86.89 -64.02
CA ALA K 42 40.28 88.27 -64.34
C ALA K 42 40.83 88.34 -65.74
N ARG K 43 41.95 87.67 -65.96
CA ARG K 43 42.68 87.72 -67.23
C ARG K 43 41.78 87.40 -68.44
N ARG K 44 40.82 86.50 -68.26
CA ARG K 44 39.85 86.18 -69.33
C ARG K 44 38.92 87.35 -69.64
N ILE K 45 38.35 87.97 -68.61
CA ILE K 45 37.46 89.12 -68.78
C ILE K 45 38.29 90.41 -68.72
N ALA K 46 38.87 90.75 -69.86
CA ALA K 46 40.16 91.46 -69.87
C ALA K 46 40.21 92.87 -69.26
N PRO K 47 39.40 93.83 -69.78
CA PRO K 47 39.27 95.12 -69.12
C PRO K 47 38.04 95.21 -68.19
N ARG K 48 37.27 94.13 -68.12
CA ARG K 48 36.05 94.11 -67.31
C ARG K 48 36.48 93.99 -65.85
N PRO K 49 35.72 94.59 -64.92
CA PRO K 49 36.05 94.44 -63.50
C PRO K 49 36.18 93.00 -63.06
N ALA K 50 37.18 92.72 -62.23
CA ALA K 50 37.39 91.37 -61.72
C ALA K 50 36.22 90.96 -60.83
N SER K 51 35.82 91.91 -59.97
CA SER K 51 34.60 91.83 -59.15
C SER K 51 33.52 90.91 -59.71
N GLY K 52 32.92 91.35 -60.81
CA GLY K 52 31.71 90.76 -61.34
C GLY K 52 30.90 91.84 -62.02
N PRO K 53 29.57 91.80 -61.87
CA PRO K 53 28.75 92.93 -62.25
C PRO K 53 28.60 93.87 -61.08
N LEU K 54 28.03 95.03 -61.36
CA LEU K 54 27.64 95.98 -60.33
C LEU K 54 26.39 95.46 -59.70
N ARG K 55 26.24 95.71 -58.41
CA ARG K 55 25.13 95.19 -57.66
C ARG K 55 24.47 96.29 -56.86
N PRO K 56 23.18 96.12 -56.57
CA PRO K 56 22.48 97.20 -55.89
C PRO K 56 22.92 97.37 -54.46
N ILE K 57 22.56 98.51 -53.90
CA ILE K 57 22.52 98.74 -52.46
C ILE K 57 21.19 98.21 -51.95
N VAL K 58 21.18 97.71 -50.71
CA VAL K 58 20.02 97.06 -50.14
C VAL K 58 20.13 97.00 -48.61
N ARG K 59 19.03 97.26 -47.91
CA ARG K 59 19.00 97.11 -46.45
C ARG K 59 18.74 95.68 -46.09
N CYS K 60 19.32 95.26 -44.96
CA CYS K 60 19.04 93.95 -44.40
C CYS K 60 17.62 93.90 -43.83
N PRO K 61 17.11 92.68 -43.58
CA PRO K 61 15.90 92.49 -42.83
C PRO K 61 16.15 92.46 -41.33
N THR K 62 15.04 92.36 -40.61
CA THR K 62 14.98 92.26 -39.15
C THR K 62 15.56 93.46 -38.41
N VAL K 63 14.74 94.02 -37.54
CA VAL K 63 15.14 94.79 -36.38
C VAL K 63 16.64 94.76 -36.01
N ARG K 64 17.28 93.60 -36.00
CA ARG K 64 18.72 93.52 -35.73
C ARG K 64 19.61 94.27 -36.75
N TYR K 65 19.50 93.92 -38.02
CA TYR K 65 20.48 94.35 -39.03
C TYR K 65 20.04 95.59 -39.78
N HIS K 66 18.78 95.66 -40.20
CA HIS K 66 17.99 96.89 -40.15
C HIS K 66 18.66 98.23 -40.49
N THR K 67 19.68 98.56 -39.70
CA THR K 67 20.43 99.81 -39.77
C THR K 67 21.55 99.73 -40.81
N LYS K 68 22.07 98.52 -41.01
CA LYS K 68 23.18 98.28 -41.92
C LYS K 68 22.65 98.19 -43.33
N VAL K 69 23.58 98.16 -44.27
CA VAL K 69 23.26 98.09 -45.69
C VAL K 69 24.32 97.24 -46.37
N ARG K 70 23.88 96.36 -47.28
CA ARG K 70 24.80 95.47 -48.01
C ARG K 70 24.71 95.76 -49.49
N ALA K 71 25.46 94.96 -50.25
CA ALA K 71 25.13 94.70 -51.65
C ALA K 71 24.04 93.65 -51.73
N GLY K 72 23.08 93.91 -52.60
CA GLY K 72 22.00 92.98 -52.89
C GLY K 72 22.40 92.08 -54.03
N ARG K 73 21.42 91.32 -54.51
CA ARG K 73 21.66 90.29 -55.51
C ARG K 73 21.67 90.90 -56.91
N GLY K 74 20.70 91.78 -57.16
CA GLY K 74 20.61 92.48 -58.44
C GLY K 74 19.59 93.61 -58.40
N PHE K 75 19.75 94.57 -59.31
CA PHE K 75 18.87 95.74 -59.40
C PHE K 75 17.49 95.32 -59.86
N SER K 76 16.46 95.87 -59.23
CA SER K 76 15.07 95.62 -59.64
C SER K 76 14.74 96.19 -61.04
N LEU K 77 13.58 95.79 -61.56
CA LEU K 77 13.15 96.22 -62.88
C LEU K 77 12.74 97.69 -62.90
N GLU K 78 12.00 98.13 -61.88
CA GLU K 78 11.66 99.54 -61.74
C GLU K 78 12.88 100.44 -61.77
N GLU K 79 13.95 99.98 -61.13
CA GLU K 79 15.18 100.76 -61.00
C GLU K 79 15.85 100.85 -62.36
N LEU K 80 15.80 99.76 -63.12
CA LEU K 80 16.27 99.76 -64.51
C LEU K 80 15.37 100.58 -65.43
N ARG K 81 14.06 100.49 -65.21
CA ARG K 81 13.06 101.22 -65.99
C ARG K 81 13.23 102.74 -65.84
N VAL K 82 13.45 103.19 -64.61
CA VAL K 82 13.61 104.60 -64.29
C VAL K 82 14.95 105.15 -64.75
N ALA K 83 16.02 104.39 -64.53
CA ALA K 83 17.34 104.72 -65.08
C ALA K 83 17.33 104.73 -66.61
N GLY K 84 16.51 103.86 -67.20
CA GLY K 84 16.36 103.80 -68.64
C GLY K 84 17.42 102.92 -69.25
N ILE K 85 17.48 101.69 -68.74
CA ILE K 85 18.36 100.66 -69.26
C ILE K 85 17.45 99.49 -69.56
N HIS K 86 17.49 98.99 -70.80
CA HIS K 86 16.67 97.85 -71.17
C HIS K 86 17.18 96.60 -70.44
N LYS K 87 16.30 95.94 -69.68
CA LYS K 87 16.69 94.85 -68.77
C LYS K 87 17.56 93.78 -69.42
N LYS K 88 17.19 93.36 -70.64
CA LYS K 88 17.97 92.38 -71.39
C LYS K 88 19.38 92.88 -71.73
N VAL K 89 19.54 94.18 -71.92
CA VAL K 89 20.84 94.79 -72.18
C VAL K 89 21.67 94.93 -70.91
N ALA K 90 21.04 95.34 -69.82
CA ALA K 90 21.75 95.58 -68.55
C ALA K 90 22.68 94.44 -68.14
N ARG K 91 22.28 93.20 -68.43
CA ARG K 91 23.15 92.04 -68.21
C ARG K 91 24.43 92.11 -69.05
N THR K 92 24.31 92.64 -70.27
CA THR K 92 25.44 92.75 -71.22
C THR K 92 26.46 93.86 -70.93
N ILE K 93 26.16 94.75 -69.98
CA ILE K 93 27.05 95.86 -69.59
C ILE K 93 27.57 95.70 -68.15
N GLY K 94 27.33 94.54 -67.55
CA GLY K 94 27.75 94.26 -66.19
C GLY K 94 26.91 94.92 -65.12
N ILE K 95 25.59 94.85 -65.27
CA ILE K 95 24.67 95.30 -64.23
C ILE K 95 23.87 94.10 -63.80
N SER K 96 24.03 93.71 -62.53
CA SER K 96 23.22 92.64 -61.96
C SER K 96 21.77 93.05 -61.97
N VAL K 97 20.92 92.12 -62.35
CA VAL K 97 19.50 92.33 -62.36
C VAL K 97 18.93 91.11 -61.71
N ASP K 98 18.17 91.29 -60.65
CA ASP K 98 17.25 90.25 -60.25
C ASP K 98 15.91 90.81 -60.67
N PRO K 99 14.92 89.94 -60.91
CA PRO K 99 13.60 90.47 -61.16
C PRO K 99 12.60 90.11 -60.07
N ARG K 100 13.02 89.40 -59.03
CA ARG K 100 12.11 89.01 -57.96
C ARG K 100 11.99 90.07 -56.85
N ARG K 101 12.83 91.11 -56.90
CA ARG K 101 12.77 92.18 -55.92
C ARG K 101 11.56 93.06 -56.17
N ARG K 102 10.72 93.16 -55.14
CA ARG K 102 9.71 94.20 -55.03
C ARG K 102 10.44 95.55 -54.94
N ASN K 103 9.70 96.60 -54.65
CA ASN K 103 10.31 97.87 -54.31
C ASN K 103 9.31 98.69 -53.49
N LYS K 104 9.47 98.67 -52.18
CA LYS K 104 8.41 99.15 -51.28
C LYS K 104 8.45 100.66 -51.10
N SER K 105 9.62 101.17 -50.75
CA SER K 105 9.82 102.58 -50.46
C SER K 105 10.62 103.26 -51.55
N THR K 106 10.34 104.55 -51.75
CA THR K 106 10.94 105.33 -52.82
C THR K 106 12.33 105.87 -52.46
N GLU K 107 12.71 105.74 -51.19
CA GLU K 107 14.04 106.12 -50.74
C GLU K 107 15.08 105.10 -51.20
N SER K 108 14.74 103.82 -51.11
CA SER K 108 15.60 102.75 -51.62
C SER K 108 15.67 102.68 -53.14
N LEU K 109 14.64 103.21 -53.82
CA LEU K 109 14.55 103.15 -55.28
C LEU K 109 15.42 104.20 -55.93
N GLN K 110 15.22 105.46 -55.54
CA GLN K 110 15.97 106.57 -56.11
C GLN K 110 17.47 106.45 -55.85
N ALA K 111 17.84 105.89 -54.70
CA ALA K 111 19.24 105.58 -54.40
C ALA K 111 19.81 104.62 -55.45
N ASN K 112 19.07 103.56 -55.73
CA ASN K 112 19.49 102.51 -56.67
C ASN K 112 19.40 102.91 -58.13
N VAL K 113 18.54 103.88 -58.46
CA VAL K 113 18.61 104.52 -59.77
C VAL K 113 19.90 105.33 -59.84
N GLN K 114 20.13 106.17 -58.83
CA GLN K 114 21.37 106.95 -58.75
C GLN K 114 22.61 106.12 -58.94
N ARG K 115 22.65 104.94 -58.32
CA ARG K 115 23.74 103.99 -58.55
C ARG K 115 23.99 103.68 -60.02
N LEU K 116 22.94 103.26 -60.72
CA LEU K 116 23.04 102.89 -62.12
C LEU K 116 23.44 104.07 -62.98
N LYS K 117 22.88 105.25 -62.69
CA LYS K 117 23.24 106.47 -63.42
C LYS K 117 24.73 106.71 -63.31
N GLU K 118 25.23 106.69 -62.07
CA GLU K 118 26.65 106.87 -61.79
C GLU K 118 27.51 105.85 -62.50
N TYR K 119 27.08 104.58 -62.46
CA TYR K 119 27.74 103.51 -63.19
C TYR K 119 27.88 103.86 -64.66
N ARG K 120 26.76 104.23 -65.28
CA ARG K 120 26.74 104.54 -66.70
C ARG K 120 27.64 105.72 -67.07
N SER K 121 27.82 106.65 -66.15
CA SER K 121 28.76 107.75 -66.34
C SER K 121 30.18 107.23 -66.45
N LYS K 122 30.61 106.47 -65.45
CA LYS K 122 32.00 106.00 -65.33
C LYS K 122 32.24 104.60 -65.90
N LEU K 123 31.54 104.30 -67.00
CA LEU K 123 31.68 103.03 -67.71
C LEU K 123 32.26 103.33 -69.06
N VAL K 124 33.07 102.40 -69.56
CA VAL K 124 33.79 102.57 -70.79
C VAL K 124 33.41 101.42 -71.69
N LEU K 125 32.33 101.62 -72.45
CA LEU K 125 31.83 100.61 -73.35
C LEU K 125 32.71 100.62 -74.59
N PHE K 126 33.38 99.50 -74.86
CA PHE K 126 34.19 99.36 -76.06
C PHE K 126 33.24 99.06 -77.22
N PRO K 127 33.57 99.53 -78.43
CA PRO K 127 32.77 99.19 -79.60
C PRO K 127 33.01 97.75 -80.04
N ARG K 128 32.05 97.19 -80.78
CA ARG K 128 32.07 95.77 -81.16
C ARG K 128 33.25 95.45 -82.08
N LYS K 129 33.34 96.21 -83.18
CA LYS K 129 34.52 96.18 -84.04
C LYS K 129 35.46 97.30 -83.62
N PRO K 130 36.76 97.19 -83.96
CA PRO K 130 37.69 98.33 -83.85
C PRO K 130 37.25 99.59 -84.62
N SER K 131 36.48 99.40 -85.69
CA SER K 131 35.75 100.50 -86.34
C SER K 131 34.60 100.93 -85.43
N ALA K 132 34.54 102.22 -85.10
CA ALA K 132 33.71 102.74 -84.00
C ALA K 132 32.34 103.30 -84.44
N PRO K 133 31.23 102.65 -84.03
CA PRO K 133 29.87 103.19 -84.25
C PRO K 133 29.39 104.00 -83.04
N LYS K 134 28.07 104.20 -82.91
CA LYS K 134 27.47 104.91 -81.75
C LYS K 134 27.66 104.16 -80.43
N LYS K 135 27.35 104.84 -79.33
CA LYS K 135 27.46 104.32 -77.95
C LYS K 135 28.91 104.12 -77.50
N GLY K 136 29.64 103.25 -78.19
CA GLY K 136 31.07 103.03 -77.96
C GLY K 136 31.85 104.31 -77.75
N ASP K 137 32.66 104.32 -76.70
CA ASP K 137 33.35 105.54 -76.24
C ASP K 137 34.54 105.88 -77.16
N SER K 138 35.16 107.04 -76.90
CA SER K 138 36.31 107.51 -77.67
C SER K 138 37.55 106.66 -77.42
N SER K 139 38.45 106.64 -78.39
CA SER K 139 39.73 105.94 -78.28
C SER K 139 40.66 106.54 -77.22
N ALA K 140 40.41 107.80 -76.84
CA ALA K 140 41.06 108.41 -75.68
C ALA K 140 40.71 107.62 -74.43
N GLU K 141 39.42 107.59 -74.07
CA GLU K 141 38.92 106.80 -72.93
C GLU K 141 38.80 105.34 -73.34
N GLU K 142 39.96 104.69 -73.42
CA GLU K 142 40.11 103.36 -74.02
C GLU K 142 41.60 103.00 -74.00
N LEU K 143 42.40 103.92 -74.56
CA LEU K 143 43.85 103.82 -74.52
C LEU K 143 44.34 104.19 -73.11
N LYS K 144 43.79 105.28 -72.56
CA LYS K 144 44.12 105.69 -71.20
C LYS K 144 43.68 104.67 -70.14
N LEU K 145 42.66 103.87 -70.48
CA LEU K 145 42.33 102.70 -69.68
C LEU K 145 41.62 101.61 -70.48
N ALA K 146 42.30 100.48 -70.60
CA ALA K 146 41.66 99.18 -70.76
C ALA K 146 41.90 98.47 -69.44
N THR K 147 41.71 99.21 -68.33
CA THR K 147 42.19 98.80 -67.02
C THR K 147 41.07 98.08 -66.28
N GLN K 148 41.44 97.02 -65.58
CA GLN K 148 40.50 96.37 -64.68
C GLN K 148 40.35 97.18 -63.41
N LEU K 149 39.20 96.99 -62.78
CA LEU K 149 38.92 97.57 -61.50
C LEU K 149 39.12 96.48 -60.46
N THR K 150 40.09 96.69 -59.58
CA THR K 150 40.33 95.78 -58.47
C THR K 150 39.23 95.99 -57.43
N GLY K 151 38.85 94.91 -56.75
CA GLY K 151 37.86 94.98 -55.68
C GLY K 151 36.44 95.16 -56.18
N PRO K 152 35.46 95.23 -55.27
CA PRO K 152 34.06 95.37 -55.65
C PRO K 152 33.81 96.71 -56.33
N VAL K 153 33.01 96.67 -57.39
CA VAL K 153 32.81 97.83 -58.25
C VAL K 153 31.88 98.82 -57.56
N MET K 154 32.36 100.06 -57.38
CA MET K 154 31.65 101.12 -56.64
C MET K 154 31.15 100.59 -55.31
N PRO K 155 32.06 100.40 -54.34
CA PRO K 155 31.70 99.71 -53.11
C PRO K 155 30.75 100.49 -52.22
N ILE K 156 29.90 99.76 -51.54
CA ILE K 156 28.92 100.34 -50.64
C ILE K 156 29.61 100.53 -49.31
N ARG K 157 29.46 101.72 -48.75
CA ARG K 157 30.02 102.04 -47.45
C ARG K 157 28.87 102.56 -46.60
N ASN K 158 28.54 101.82 -45.54
CA ASN K 158 27.44 102.21 -44.67
C ASN K 158 27.89 103.42 -43.88
N VAL K 159 27.15 104.51 -44.05
CA VAL K 159 27.59 105.85 -43.71
C VAL K 159 26.58 106.56 -42.82
N PHE K 160 27.07 107.51 -42.02
CA PHE K 160 26.25 108.21 -41.04
C PHE K 160 26.23 109.71 -41.30
N LYS K 161 25.09 110.33 -40.99
CA LYS K 161 24.91 111.79 -41.14
C LYS K 161 25.11 112.45 -39.78
N LYS K 162 26.10 113.33 -39.70
CA LYS K 162 26.49 113.96 -38.45
C LYS K 162 25.44 114.98 -38.04
N GLU K 163 24.92 114.85 -36.81
CA GLU K 163 23.95 115.80 -36.26
C GLU K 163 24.70 116.84 -35.45
N LYS K 164 24.56 118.12 -35.84
CA LYS K 164 25.17 119.23 -35.10
C LYS K 164 24.47 119.49 -33.78
N ALA K 165 25.17 120.16 -32.87
CA ALA K 165 24.66 120.43 -31.52
C ALA K 165 23.52 121.43 -31.53
N ARG K 166 22.35 121.00 -31.05
CA ARG K 166 21.12 121.80 -31.06
C ARG K 166 21.11 122.76 -29.86
N VAL K 167 19.94 123.15 -29.36
CA VAL K 167 19.85 123.93 -28.11
C VAL K 167 18.87 123.34 -27.08
N ILE K 168 18.12 122.29 -27.46
CA ILE K 168 17.12 121.67 -26.59
C ILE K 168 16.00 122.65 -26.26
N THR K 169 15.02 122.72 -27.14
CA THR K 169 13.84 123.56 -26.91
C THR K 169 13.02 123.04 -25.73
N GLU K 170 12.34 123.94 -25.03
CA GLU K 170 11.42 123.57 -23.96
C GLU K 170 10.21 122.89 -24.60
N GLU K 171 10.39 121.59 -24.88
CA GLU K 171 9.41 120.73 -25.55
C GLU K 171 10.04 119.36 -25.72
N GLU K 172 11.27 119.33 -26.23
CA GLU K 172 12.15 118.17 -26.12
C GLU K 172 12.33 117.84 -24.64
N LYS K 173 12.77 118.85 -23.89
CA LYS K 173 12.93 118.75 -22.44
C LYS K 173 11.62 118.34 -21.75
N ASN K 174 10.50 118.85 -22.26
CA ASN K 174 9.16 118.52 -21.75
C ASN K 174 8.75 117.04 -21.90
N PHE K 175 9.09 116.46 -23.06
CA PHE K 175 8.83 115.03 -23.39
C PHE K 175 9.05 114.06 -22.22
N LYS K 176 8.18 113.06 -22.09
CA LYS K 176 8.34 111.98 -21.10
C LYS K 176 8.44 110.63 -21.83
N ALA K 177 9.64 110.31 -22.28
CA ALA K 177 9.88 109.20 -23.22
C ALA K 177 9.40 107.87 -22.70
N PHE K 178 9.93 107.49 -21.55
CA PHE K 178 9.62 106.21 -20.91
C PHE K 178 8.13 106.01 -20.73
N ALA K 179 7.46 107.03 -20.22
CA ALA K 179 6.00 107.03 -20.15
C ALA K 179 5.40 106.84 -21.53
N SER K 180 5.81 107.67 -22.49
CA SER K 180 5.28 107.57 -23.86
C SER K 180 5.34 106.13 -24.40
N LEU K 181 6.49 105.50 -24.22
CA LEU K 181 6.67 104.10 -24.62
C LEU K 181 5.71 103.16 -23.91
N ARG K 182 5.51 103.36 -22.61
CA ARG K 182 4.58 102.52 -21.85
C ARG K 182 3.15 102.69 -22.37
N MET K 183 2.77 103.94 -22.65
CA MET K 183 1.47 104.26 -23.23
C MET K 183 1.28 103.60 -24.59
N ALA K 184 2.26 103.83 -25.46
CA ALA K 184 2.27 103.28 -26.81
C ALA K 184 2.21 101.76 -26.85
N ARG K 185 2.78 101.12 -25.83
CA ARG K 185 2.69 99.67 -25.66
C ARG K 185 1.25 99.26 -25.36
N ALA K 186 0.68 99.90 -24.35
CA ALA K 186 -0.64 99.53 -23.86
C ALA K 186 -1.74 99.77 -24.87
N ASN K 187 -1.57 100.78 -25.73
CA ASN K 187 -2.59 101.09 -26.74
C ASN K 187 -2.60 100.10 -27.90
N ALA K 188 -1.44 99.57 -28.26
CA ALA K 188 -1.37 98.43 -29.15
C ALA K 188 -2.01 97.21 -28.50
N ARG K 189 -1.66 96.96 -27.24
CA ARG K 189 -2.25 95.87 -26.45
C ARG K 189 -3.77 95.99 -26.46
N LEU K 190 -4.28 97.17 -26.13
CA LEU K 190 -5.70 97.33 -25.87
C LEU K 190 -6.55 97.86 -27.01
N PHE K 191 -5.93 98.29 -28.10
CA PHE K 191 -6.65 98.73 -29.29
C PHE K 191 -7.88 97.86 -29.56
N GLY K 192 -7.63 96.57 -29.72
CA GLY K 192 -8.62 95.61 -30.20
C GLY K 192 -9.84 95.42 -29.33
N ILE K 193 -9.66 95.44 -28.02
CA ILE K 193 -10.78 95.20 -27.11
C ILE K 193 -11.58 96.47 -27.04
N ARG K 194 -10.88 97.58 -26.79
CA ARG K 194 -11.50 98.90 -26.80
C ARG K 194 -12.48 99.04 -27.95
N ALA K 195 -12.05 98.63 -29.15
CA ALA K 195 -12.91 98.70 -30.34
C ALA K 195 -14.14 97.78 -30.24
N LYS K 196 -13.96 96.61 -29.64
CA LYS K 196 -15.07 95.68 -29.39
C LYS K 196 -16.08 96.22 -28.36
N ARG K 197 -15.60 96.82 -27.28
CA ARG K 197 -16.50 97.47 -26.30
C ARG K 197 -17.25 98.66 -26.88
N ALA K 198 -16.56 99.46 -27.70
CA ALA K 198 -17.20 100.59 -28.41
C ALA K 198 -18.26 100.09 -29.39
N LYS K 199 -17.95 99.01 -30.10
CA LYS K 199 -18.90 98.33 -30.97
C LYS K 199 -20.10 97.79 -30.19
N GLU K 200 -19.84 97.27 -28.99
CA GLU K 200 -20.90 96.88 -28.06
C GLU K 200 -21.76 98.08 -27.66
N ALA K 201 -21.12 99.16 -27.24
CA ALA K 201 -21.82 100.37 -26.78
C ALA K 201 -22.66 101.01 -27.88
N ALA K 202 -22.14 101.02 -29.10
CA ALA K 202 -22.88 101.49 -30.27
C ALA K 202 -24.14 100.67 -30.54
N GLU K 203 -24.02 99.35 -30.39
CA GLU K 203 -25.16 98.44 -30.52
C GLU K 203 -26.21 98.67 -29.44
N GLN K 204 -25.77 98.96 -28.21
CA GLN K 204 -26.67 99.30 -27.10
C GLN K 204 -27.42 100.61 -27.30
N ASP K 205 -26.75 101.60 -27.91
CA ASP K 205 -27.39 102.88 -28.26
C ASP K 205 -28.46 102.72 -29.35
N VAL K 206 -28.16 101.89 -30.35
CA VAL K 206 -29.11 101.57 -31.42
C VAL K 206 -30.25 100.68 -30.90
N GLU K 207 -29.93 99.72 -30.03
CA GLU K 207 -30.93 98.85 -29.39
C GLU K 207 -31.90 99.62 -28.49
N LYS K 208 -31.44 100.71 -27.90
CA LYS K 208 -32.30 101.59 -27.08
C LYS K 208 -33.42 102.26 -27.90
N LYS K 209 -33.15 102.57 -29.16
CA LYS K 209 -34.12 103.21 -30.05
C LYS K 209 -35.26 102.25 -30.42
N LYS K 210 -34.91 101.05 -30.87
CA LYS K 210 -35.90 100.04 -31.25
C LYS K 210 -36.54 99.40 -30.02
N VAL L 1 81.78 11.76 62.68
CA VAL L 1 82.61 11.48 63.90
C VAL L 1 83.36 12.76 64.26
N PHE L 2 82.62 13.70 64.86
CA PHE L 2 82.98 15.11 64.81
C PHE L 2 83.86 15.56 65.95
N ARG L 3 84.84 16.42 65.61
CA ARG L 3 85.81 16.92 66.56
C ARG L 3 85.68 18.42 66.83
N ARG L 4 85.38 19.22 65.80
CA ARG L 4 85.13 20.67 65.95
C ARG L 4 83.62 20.97 66.03
N PHE L 5 83.25 21.86 66.94
CA PHE L 5 81.83 22.16 67.22
C PHE L 5 81.49 23.64 67.32
N VAL L 6 80.35 24.02 66.75
CA VAL L 6 79.76 25.34 67.03
C VAL L 6 79.36 25.28 68.50
N GLU L 7 80.33 25.63 69.32
CA GLU L 7 80.16 25.72 70.76
C GLU L 7 80.21 27.21 70.99
N VAL L 8 79.62 27.67 72.08
CA VAL L 8 79.93 29.01 72.53
C VAL L 8 81.40 29.00 72.90
N GLY L 9 82.07 30.10 72.59
CA GLY L 9 83.48 30.24 72.88
C GLY L 9 84.42 29.61 71.87
N ARG L 10 83.89 29.01 70.79
CA ARG L 10 84.77 28.50 69.75
C ARG L 10 85.32 29.64 68.91
N VAL L 11 86.63 29.58 68.71
CA VAL L 11 87.35 30.44 67.81
C VAL L 11 87.22 29.84 66.42
N ALA L 12 86.90 30.71 65.46
CA ALA L 12 86.75 30.35 64.05
C ALA L 12 87.55 31.30 63.19
N TYR L 13 88.22 30.72 62.20
CA TYR L 13 88.91 31.48 61.16
C TYR L 13 87.89 31.78 60.06
N VAL L 14 87.76 33.04 59.70
CA VAL L 14 86.83 33.42 58.64
C VAL L 14 87.55 33.21 57.32
N SER L 15 87.01 32.30 56.51
CA SER L 15 87.59 31.96 55.20
C SER L 15 87.50 33.09 54.19
N PHE L 16 86.37 33.80 54.21
CA PHE L 16 86.14 34.87 53.26
C PHE L 16 85.08 35.82 53.76
N GLY L 17 85.00 36.96 53.08
CA GLY L 17 84.05 38.01 53.39
C GLY L 17 84.78 39.32 53.57
N PRO L 18 84.12 40.29 54.21
CA PRO L 18 84.80 41.54 54.56
C PRO L 18 85.94 41.28 55.56
N HIS L 19 85.70 40.38 56.50
CA HIS L 19 86.67 40.07 57.55
C HIS L 19 87.44 38.79 57.26
N ALA L 20 87.87 38.64 56.01
CA ALA L 20 88.55 37.43 55.57
C ALA L 20 89.96 37.40 56.14
N GLY L 21 90.35 36.25 56.66
CA GLY L 21 91.64 36.09 57.29
C GLY L 21 91.71 36.76 58.65
N LYS L 22 90.73 36.45 59.48
CA LYS L 22 90.65 36.99 60.84
C LYS L 22 90.01 35.98 61.76
N LEU L 23 90.53 35.87 62.99
CA LEU L 23 89.92 34.99 63.99
C LEU L 23 88.82 35.72 64.69
N VAL L 24 87.94 34.94 65.30
CA VAL L 24 86.62 35.42 65.70
C VAL L 24 86.02 34.35 66.62
N ALA L 25 85.54 34.75 67.79
CA ALA L 25 84.89 33.84 68.73
C ALA L 25 83.37 33.84 68.54
N ILE L 26 82.77 32.64 68.66
CA ILE L 26 81.32 32.47 68.57
C ILE L 26 80.69 32.81 69.90
N VAL L 27 80.07 33.99 69.99
CA VAL L 27 79.48 34.44 71.23
C VAL L 27 78.18 33.70 71.45
N ASP L 28 77.25 33.85 70.51
CA ASP L 28 75.97 33.12 70.56
C ASP L 28 75.51 32.67 69.18
N VAL L 29 74.77 31.56 69.15
CA VAL L 29 74.15 31.06 67.92
C VAL L 29 72.73 31.59 67.78
N ILE L 30 72.47 32.29 66.68
CA ILE L 30 71.17 32.93 66.45
C ILE L 30 70.16 31.98 65.84
N ASP L 31 70.65 31.06 65.01
CA ASP L 31 69.81 30.38 64.03
C ASP L 31 70.47 29.07 63.58
N GLN L 32 69.75 28.30 62.79
CA GLN L 32 70.28 27.17 62.01
C GLN L 32 71.62 27.51 61.32
N ASN L 33 71.73 28.73 60.81
CA ASN L 33 72.79 29.10 59.87
C ASN L 33 73.37 30.51 60.07
N ARG L 34 73.40 30.98 61.32
CA ARG L 34 73.90 32.34 61.62
C ARG L 34 74.38 32.44 63.07
N ALA L 35 75.60 32.94 63.26
CA ALA L 35 76.21 33.03 64.57
C ALA L 35 76.53 34.46 64.91
N LEU L 36 76.20 34.85 66.14
CA LEU L 36 76.53 36.16 66.65
C LEU L 36 77.96 36.07 67.17
N VAL L 37 78.81 36.93 66.61
CA VAL L 37 80.25 36.71 66.57
C VAL L 37 81.03 37.95 66.99
N ASP L 38 82.25 37.73 67.51
CA ASP L 38 83.11 38.83 67.94
C ASP L 38 84.58 38.45 67.82
N GLY L 39 85.39 39.45 67.45
CA GLY L 39 86.85 39.29 67.36
C GLY L 39 87.53 40.55 67.85
N PRO L 40 87.42 40.83 69.18
CA PRO L 40 87.88 42.08 69.79
C PRO L 40 89.36 42.38 69.55
N CYS L 41 90.20 41.38 69.79
CA CYS L 41 91.64 41.50 69.58
C CYS L 41 92.01 41.46 68.11
N THR L 42 91.20 40.76 67.31
CA THR L 42 91.48 40.56 65.88
C THR L 42 90.79 41.56 64.94
N ARG L 43 90.38 42.71 65.48
CA ARG L 43 89.75 43.79 64.72
C ARG L 43 88.44 43.48 63.98
N VAL L 44 87.53 42.79 64.66
CA VAL L 44 86.26 42.35 64.08
C VAL L 44 85.14 42.72 65.02
N ARG L 45 84.27 43.60 64.56
CA ARG L 45 83.24 44.19 65.39
C ARG L 45 82.20 43.14 65.73
N ARG L 46 81.56 43.28 66.89
CA ARG L 46 80.51 42.36 67.26
C ARG L 46 79.41 42.37 66.22
N GLN L 47 79.25 41.26 65.49
CA GLN L 47 78.17 41.15 64.53
C GLN L 47 77.76 39.72 64.25
N ALA L 48 76.51 39.57 63.84
CA ALA L 48 76.01 38.29 63.33
C ALA L 48 76.81 37.95 62.11
N MET L 49 77.01 36.66 61.89
CA MET L 49 77.83 36.18 60.79
C MET L 49 77.39 34.78 60.45
N PRO L 50 77.21 34.50 59.15
CA PRO L 50 76.75 33.18 58.77
C PRO L 50 77.85 32.14 58.92
N PHE L 51 77.46 30.89 59.13
CA PHE L 51 78.42 29.80 59.27
C PHE L 51 79.10 29.48 57.96
N LYS L 52 78.35 29.58 56.85
CA LYS L 52 78.90 29.31 55.53
C LYS L 52 80.29 29.90 55.30
N CYS L 53 80.53 31.12 55.81
CA CYS L 53 81.80 31.80 55.62
C CYS L 53 82.89 31.49 56.65
N MET L 54 82.51 31.10 57.86
CA MET L 54 83.48 30.82 58.92
C MET L 54 83.85 29.34 58.94
N GLN L 55 85.15 29.04 59.01
CA GLN L 55 85.62 27.67 59.24
C GLN L 55 86.35 27.61 60.56
N LEU L 56 86.04 26.58 61.34
CA LEU L 56 86.30 26.69 62.78
C LEU L 56 87.52 25.92 63.28
N THR L 57 88.23 26.55 64.19
CA THR L 57 89.56 26.16 64.60
C THR L 57 89.47 25.04 65.64
N ASP L 58 90.56 24.80 66.36
CA ASP L 58 90.60 23.84 67.46
C ASP L 58 90.88 24.58 68.77
N PHE L 59 90.21 25.72 68.95
CA PHE L 59 90.39 26.60 70.09
C PHE L 59 89.04 27.02 70.67
N ILE L 60 88.66 26.46 71.81
CA ILE L 60 87.42 26.88 72.50
C ILE L 60 87.76 27.66 73.77
N LEU L 61 87.85 28.98 73.64
CA LEU L 61 88.07 29.85 74.79
C LEU L 61 86.76 30.03 75.55
N LYS L 62 86.85 30.01 76.88
CA LYS L 62 85.68 29.85 77.74
C LYS L 62 85.18 31.17 78.31
N PHE L 63 84.03 31.63 77.82
CA PHE L 63 83.30 32.77 78.38
C PHE L 63 81.80 32.40 78.39
N PRO L 64 80.92 33.28 78.92
CA PRO L 64 79.50 32.97 78.95
C PRO L 64 78.72 33.53 77.77
N HIS L 65 77.67 32.82 77.38
CA HIS L 65 77.09 32.89 76.02
C HIS L 65 76.72 34.27 75.47
N SER L 66 76.45 35.23 76.33
CA SER L 66 76.27 36.60 75.86
C SER L 66 76.82 37.57 76.89
N ALA L 67 78.14 37.48 77.02
CA ALA L 67 78.92 38.47 77.75
C ALA L 67 78.99 39.72 76.90
N ARG L 68 79.57 40.77 77.49
CA ARG L 68 79.61 42.07 76.85
C ARG L 68 81.01 42.40 76.37
N GLN L 69 81.53 41.59 75.45
CA GLN L 69 82.71 41.96 74.62
C GLN L 69 84.02 42.16 75.43
N LYS L 70 83.98 43.01 76.46
CA LYS L 70 85.05 43.12 77.47
C LYS L 70 85.53 41.76 77.95
N TYR L 71 84.60 40.89 78.33
CA TYR L 71 84.95 39.60 78.93
C TYR L 71 85.58 38.64 77.92
N VAL L 72 85.06 38.58 76.70
CA VAL L 72 85.72 37.79 75.65
C VAL L 72 87.11 38.35 75.34
N ARG L 73 87.26 39.67 75.36
CA ARG L 73 88.58 40.29 75.22
C ARG L 73 89.57 39.77 76.28
N LYS L 74 89.10 39.57 77.51
CA LYS L 74 89.94 38.98 78.55
C LYS L 74 90.23 37.51 78.28
N ALA L 75 89.19 36.74 77.99
CA ALA L 75 89.36 35.29 77.72
C ALA L 75 90.21 34.99 76.48
N TRP L 76 90.26 35.94 75.55
CA TRP L 76 91.14 35.87 74.40
C TRP L 76 92.58 36.13 74.85
N GLU L 77 92.79 37.22 75.58
CA GLU L 77 94.13 37.63 76.02
C GLU L 77 94.70 36.78 77.16
N LYS L 78 93.83 36.11 77.92
CA LYS L 78 94.27 35.16 78.94
C LYS L 78 94.88 33.93 78.28
N ALA L 79 94.11 33.33 77.38
CA ALA L 79 94.56 32.18 76.59
C ALA L 79 95.69 32.51 75.62
N ASP L 80 95.79 33.78 75.21
CA ASP L 80 96.84 34.26 74.30
C ASP L 80 96.66 33.62 72.93
N ILE L 81 95.44 33.73 72.44
CA ILE L 81 94.99 33.04 71.23
C ILE L 81 95.78 33.49 69.99
N ASN L 82 96.16 34.76 69.95
CA ASN L 82 96.96 35.28 68.86
C ASN L 82 98.31 34.58 68.75
N THR L 83 98.93 34.32 69.90
CA THR L 83 100.21 33.59 69.94
C THR L 83 100.04 32.15 69.51
N LYS L 84 99.01 31.51 70.07
CA LYS L 84 98.73 30.10 69.78
C LYS L 84 98.34 29.86 68.33
N TRP L 85 97.54 30.77 67.77
CA TRP L 85 97.13 30.67 66.38
C TRP L 85 98.32 30.73 65.44
N ALA L 86 99.18 31.73 65.64
CA ALA L 86 100.37 31.90 64.81
C ALA L 86 101.37 30.74 64.92
N ALA L 87 101.32 30.02 66.05
CA ALA L 87 102.08 28.78 66.25
C ALA L 87 101.56 27.58 65.45
N THR L 88 100.29 27.61 65.06
CA THR L 88 99.64 26.48 64.39
C THR L 88 100.21 26.26 63.02
N ARG L 89 100.18 25.00 62.58
CA ARG L 89 100.62 24.61 61.24
C ARG L 89 99.78 25.31 60.17
N TRP L 90 98.47 25.34 60.40
CA TRP L 90 97.51 26.06 59.56
C TRP L 90 97.96 27.50 59.30
N ALA L 91 98.13 28.27 60.36
CA ALA L 91 98.52 29.68 60.22
C ALA L 91 99.88 29.87 59.55
N LYS L 92 100.79 28.92 59.77
CA LYS L 92 102.08 28.92 59.08
C LYS L 92 101.90 28.76 57.57
N LYS L 93 101.10 27.79 57.15
CA LYS L 93 100.83 27.60 55.71
C LYS L 93 99.87 28.61 55.10
N ILE L 94 99.26 29.44 55.94
CA ILE L 94 98.67 30.70 55.48
C ILE L 94 99.77 31.72 55.26
N GLU L 95 100.61 31.93 56.27
CA GLU L 95 101.77 32.82 56.16
C GLU L 95 102.61 32.49 54.95
N ALA L 96 102.87 31.19 54.73
CA ALA L 96 103.62 30.75 53.56
C ALA L 96 102.98 31.23 52.29
N ARG L 97 101.70 30.90 52.14
CA ARG L 97 100.96 31.17 50.92
C ARG L 97 100.94 32.64 50.57
N GLU L 98 100.91 33.49 51.59
CA GLU L 98 101.00 34.94 51.40
C GLU L 98 102.37 35.36 50.89
N ARG L 99 103.43 34.78 51.47
CA ARG L 99 104.82 35.08 51.08
C ARG L 99 105.16 34.62 49.66
N LYS L 100 104.48 33.58 49.19
CA LYS L 100 104.59 33.15 47.80
C LYS L 100 103.92 34.15 46.84
N ALA L 101 102.84 34.78 47.29
CA ALA L 101 102.16 35.86 46.54
C ALA L 101 102.94 37.17 46.50
N LYS L 102 103.55 37.54 47.63
CA LYS L 102 104.44 38.73 47.72
C LYS L 102 105.72 38.68 46.89
N MET L 103 106.05 37.51 46.33
CA MET L 103 107.36 37.26 45.71
C MET L 103 107.62 38.17 44.52
N THR L 104 108.75 38.88 44.56
CA THR L 104 109.17 39.79 43.48
C THR L 104 109.94 39.00 42.41
N ASP L 105 110.22 39.63 41.27
CA ASP L 105 110.85 38.95 40.14
C ASP L 105 112.27 38.47 40.36
N PHE L 106 113.08 39.32 41.00
CA PHE L 106 114.42 38.92 41.43
C PHE L 106 114.36 37.83 42.50
N ASP L 107 113.37 37.93 43.39
CA ASP L 107 113.16 36.98 44.48
C ASP L 107 112.74 35.61 43.93
N ARG L 108 111.92 35.67 42.88
CA ARG L 108 111.50 34.48 42.13
C ARG L 108 112.71 33.80 41.48
N TYR L 109 113.62 34.59 40.93
CA TYR L 109 114.84 34.07 40.30
C TYR L 109 115.81 33.41 41.28
N LYS L 110 116.07 34.09 42.39
CA LYS L 110 116.88 33.53 43.47
C LYS L 110 116.38 32.15 43.85
N VAL L 111 115.08 32.06 44.10
CA VAL L 111 114.41 30.82 44.48
C VAL L 111 114.68 29.72 43.48
N MET L 112 114.39 30.00 42.22
CA MET L 112 114.63 29.04 41.14
C MET L 112 116.06 28.50 41.22
N LYS L 113 117.01 29.42 41.35
CA LYS L 113 118.43 29.05 41.45
C LYS L 113 118.71 28.19 42.69
N ALA L 114 118.07 28.54 43.80
CA ALA L 114 118.20 27.78 45.05
C ALA L 114 117.58 26.39 44.99
N LYS L 115 116.40 26.27 44.40
CA LYS L 115 115.78 24.97 44.08
C LYS L 115 116.50 24.12 43.04
N LYS L 116 116.91 24.76 41.95
CA LYS L 116 117.67 24.08 40.89
C LYS L 116 118.79 23.22 41.49
N MET L 117 119.53 23.82 42.42
CA MET L 117 120.60 23.17 43.15
C MET L 117 120.07 22.20 44.19
N ARG L 118 119.21 22.68 45.07
CA ARG L 118 118.69 21.90 46.18
C ARG L 118 117.99 20.61 45.74
N ASN L 119 117.31 20.61 44.61
CA ASN L 119 116.73 19.37 44.06
C ASN L 119 117.77 18.46 43.40
N ARG L 120 118.85 19.03 42.86
CA ARG L 120 119.98 18.23 42.34
C ARG L 120 120.67 17.44 43.43
N ILE L 121 120.95 18.08 44.56
CA ILE L 121 121.62 17.43 45.69
C ILE L 121 120.82 16.23 46.19
N ILE L 122 119.55 16.47 46.45
CA ILE L 122 118.67 15.43 46.93
C ILE L 122 118.59 14.29 45.92
N LYS L 123 118.39 14.63 44.65
CA LYS L 123 118.24 13.63 43.58
C LYS L 123 119.36 12.60 43.60
N ASN L 124 120.60 13.09 43.75
CA ASN L 124 121.76 12.21 43.89
C ASN L 124 121.67 11.35 45.15
N GLU L 125 121.36 11.99 46.27
CA GLU L 125 121.27 11.28 47.55
C GLU L 125 120.17 10.21 47.54
N VAL L 126 119.09 10.45 46.80
CA VAL L 126 118.08 9.42 46.58
C VAL L 126 118.64 8.26 45.76
N LYS L 127 119.39 8.58 44.70
CA LYS L 127 120.00 7.58 43.83
C LYS L 127 121.01 6.70 44.59
N LYS L 128 121.84 7.34 45.40
CA LYS L 128 122.72 6.64 46.36
C LYS L 128 121.96 5.70 47.29
N LEU L 129 120.85 6.19 47.85
CA LEU L 129 120.00 5.38 48.73
C LEU L 129 119.39 4.19 48.00
N GLN L 130 118.97 4.39 46.75
CA GLN L 130 118.48 3.26 45.94
C GLN L 130 119.58 2.23 45.71
N ARG L 131 120.79 2.66 45.37
CA ARG L 131 121.88 1.72 45.14
C ARG L 131 122.18 0.94 46.41
N ALA L 132 122.17 1.64 47.54
CA ALA L 132 122.40 0.96 48.83
C ALA L 132 121.29 -0.06 49.14
N ALA L 133 120.05 0.31 48.86
CA ALA L 133 118.90 -0.59 49.03
C ALA L 133 118.96 -1.80 48.11
N LEU L 134 119.45 -1.60 46.88
CA LEU L 134 119.70 -2.68 45.93
C LEU L 134 120.84 -3.61 46.39
N LEU L 135 121.88 -3.01 46.97
CA LEU L 135 123.00 -3.78 47.54
C LEU L 135 122.57 -4.65 48.72
N LYS L 136 121.69 -4.11 49.57
CA LYS L 136 121.07 -4.88 50.65
C LYS L 136 120.22 -6.04 50.13
N ALA L 137 119.44 -5.79 49.08
CA ALA L 137 118.61 -6.81 48.44
C ALA L 137 119.42 -7.94 47.80
N SER L 138 120.61 -7.59 47.27
CA SER L 138 121.51 -8.58 46.66
C SER L 138 122.15 -9.48 47.70
N GLY M 1 -9.19 76.59 -77.80
CA GLY M 1 -8.61 75.38 -78.45
C GLY M 1 -9.08 74.12 -77.73
N ALA M 2 -9.17 73.02 -78.48
CA ALA M 2 -9.76 71.78 -77.98
C ALA M 2 -9.10 71.25 -76.71
N TYR M 3 -7.78 71.45 -76.58
CA TYR M 3 -7.04 70.92 -75.44
C TYR M 3 -7.55 71.42 -74.11
N LYS M 4 -7.90 72.71 -74.03
CA LYS M 4 -8.48 73.27 -72.81
C LYS M 4 -9.81 72.62 -72.46
N TYR M 5 -10.63 72.34 -73.46
CA TYR M 5 -11.87 71.61 -73.24
C TYR M 5 -11.54 70.25 -72.67
N ILE M 6 -10.77 69.47 -73.42
CA ILE M 6 -10.39 68.13 -73.00
C ILE M 6 -9.93 68.17 -71.54
N GLN M 7 -8.97 69.04 -71.26
CA GLN M 7 -8.46 69.26 -69.89
C GLN M 7 -9.57 69.42 -68.85
N GLU M 8 -10.53 70.31 -69.10
CA GLU M 8 -11.61 70.56 -68.14
C GLU M 8 -12.56 69.39 -67.99
N LEU M 9 -12.82 68.68 -69.09
CA LEU M 9 -13.62 67.47 -69.06
C LEU M 9 -12.97 66.44 -68.15
N TRP M 10 -11.70 66.15 -68.40
CA TRP M 10 -10.95 65.20 -67.58
C TRP M 10 -10.89 65.54 -66.11
N ARG M 11 -11.09 66.79 -65.75
CA ARG M 11 -11.23 67.14 -64.36
C ARG M 11 -12.57 66.72 -63.82
N LYS M 12 -13.62 66.75 -64.65
CA LYS M 12 -14.89 66.16 -64.25
C LYS M 12 -14.76 64.63 -64.38
N LYS M 13 -14.10 64.02 -63.40
CA LYS M 13 -13.86 62.57 -63.36
C LYS M 13 -15.00 61.82 -62.68
N GLN M 14 -15.68 62.48 -61.76
CA GLN M 14 -16.89 61.96 -61.15
C GLN M 14 -18.12 62.11 -62.08
N SER M 15 -17.98 62.86 -63.18
CA SER M 15 -19.05 63.04 -64.16
C SER M 15 -19.54 61.72 -64.76
N ASP M 16 -20.72 61.76 -65.38
CA ASP M 16 -21.30 60.56 -66.02
C ASP M 16 -20.51 60.09 -67.22
N VAL M 17 -19.90 61.02 -67.94
CA VAL M 17 -19.22 60.71 -69.18
C VAL M 17 -17.89 60.04 -68.86
N MET M 18 -17.06 60.75 -68.10
CA MET M 18 -15.71 60.30 -67.82
C MET M 18 -15.71 59.06 -66.95
N ARG M 19 -16.69 58.92 -66.06
CA ARG M 19 -16.81 57.69 -65.28
C ARG M 19 -17.14 56.49 -66.17
N PHE M 20 -18.06 56.67 -67.11
CA PHE M 20 -18.34 55.62 -68.09
C PHE M 20 -17.06 55.18 -68.80
N LEU M 21 -16.34 56.14 -69.36
CA LEU M 21 -15.13 55.88 -70.13
C LEU M 21 -14.05 55.22 -69.32
N LEU M 22 -13.83 55.73 -68.11
CA LEU M 22 -12.80 55.19 -67.23
C LEU M 22 -13.07 53.72 -66.89
N ARG M 23 -14.32 53.41 -66.59
CA ARG M 23 -14.73 52.02 -66.37
C ARG M 23 -14.42 51.13 -67.58
N VAL M 24 -14.76 51.60 -68.77
CA VAL M 24 -14.52 50.84 -70.01
C VAL M 24 -13.04 50.72 -70.36
N ARG M 25 -12.29 51.81 -70.22
CA ARG M 25 -10.83 51.76 -70.36
C ARG M 25 -10.23 50.75 -69.39
N CYS M 26 -10.52 50.94 -68.12
CA CYS M 26 -9.91 50.14 -67.07
C CYS M 26 -10.23 48.66 -67.26
N TRP M 27 -11.45 48.35 -67.72
CA TRP M 27 -11.78 46.96 -68.08
C TRP M 27 -10.83 46.48 -69.15
N GLN M 28 -10.71 47.27 -70.20
CA GLN M 28 -9.91 46.92 -71.38
C GLN M 28 -8.46 46.68 -71.01
N TYR M 29 -7.89 47.58 -70.22
CA TYR M 29 -6.49 47.51 -69.82
C TYR M 29 -6.19 46.29 -69.00
N ARG M 30 -7.10 46.00 -68.05
CA ARG M 30 -7.04 44.80 -67.22
C ARG M 30 -6.97 43.51 -68.05
N GLN M 31 -7.58 43.53 -69.22
CA GLN M 31 -7.58 42.39 -70.15
C GLN M 31 -6.35 42.32 -71.07
N LEU M 32 -5.24 42.97 -70.70
CA LEU M 32 -3.98 42.93 -71.46
C LEU M 32 -2.84 42.59 -70.51
N SER M 33 -1.61 42.57 -71.04
CA SER M 33 -0.41 42.34 -70.24
C SER M 33 -0.10 43.53 -69.30
N ALA M 34 0.85 43.33 -68.41
CA ALA M 34 1.24 44.35 -67.43
C ALA M 34 2.06 45.47 -68.03
N LEU M 35 2.65 45.22 -69.20
CA LEU M 35 3.41 46.23 -69.91
C LEU M 35 3.25 46.03 -71.40
N HIS M 36 2.65 47.04 -72.04
CA HIS M 36 2.43 47.04 -73.48
C HIS M 36 2.64 48.47 -73.94
N ARG M 37 3.11 48.60 -75.18
CA ARG M 37 3.36 49.89 -75.75
C ARG M 37 2.07 50.36 -76.44
N ALA M 38 1.45 51.37 -75.83
CA ALA M 38 0.33 52.07 -76.46
C ALA M 38 0.81 52.67 -77.77
N PRO M 39 0.00 52.56 -78.83
CA PRO M 39 0.38 53.15 -80.11
C PRO M 39 0.32 54.70 -80.10
N ARG M 40 -0.57 55.27 -79.30
CA ARG M 40 -0.69 56.72 -79.13
C ARG M 40 -1.12 57.06 -77.71
N PRO M 41 -0.90 58.31 -77.28
CA PRO M 41 -1.18 58.63 -75.87
C PRO M 41 -2.66 58.80 -75.54
N THR M 42 -3.15 57.86 -74.72
CA THR M 42 -4.51 57.86 -74.18
C THR M 42 -4.97 59.26 -73.80
N ARG M 43 -4.11 59.95 -73.07
CA ARG M 43 -4.30 61.35 -72.76
C ARG M 43 -3.32 62.14 -73.63
N PRO M 44 -3.80 62.70 -74.75
CA PRO M 44 -2.91 63.55 -75.55
C PRO M 44 -2.54 64.80 -74.78
N ASP M 45 -3.56 65.54 -74.33
CA ASP M 45 -3.41 66.75 -73.54
C ASP M 45 -2.30 66.64 -72.48
N LYS M 46 -2.53 65.80 -71.46
CA LYS M 46 -1.58 65.61 -70.35
C LYS M 46 -0.16 65.41 -70.85
N ALA M 47 -0.03 64.54 -71.85
CA ALA M 47 1.29 64.18 -72.38
C ALA M 47 2.03 65.43 -72.84
N ARG M 48 1.32 66.37 -73.44
CA ARG M 48 1.91 67.62 -73.94
C ARG M 48 2.41 68.51 -72.79
N ARG M 49 1.60 68.65 -71.74
CA ARG M 49 2.02 69.38 -70.53
C ARG M 49 3.17 68.72 -69.81
N LEU M 50 3.31 67.41 -69.96
CA LEU M 50 4.46 66.72 -69.40
C LEU M 50 5.64 66.66 -70.36
N GLY M 51 5.44 66.96 -71.65
CA GLY M 51 6.56 67.19 -72.55
C GLY M 51 6.71 66.23 -73.72
N TYR M 52 5.77 65.31 -73.85
CA TYR M 52 5.57 64.58 -75.09
C TYR M 52 5.36 65.54 -76.26
N LYS M 53 5.76 65.10 -77.44
CA LYS M 53 5.60 65.86 -78.68
C LYS M 53 5.38 64.85 -79.78
N ALA M 54 4.40 65.09 -80.64
CA ALA M 54 3.88 64.03 -81.51
C ALA M 54 4.76 63.79 -82.74
N LYS M 55 6.04 63.58 -82.51
CA LYS M 55 7.02 63.38 -83.58
C LYS M 55 7.67 62.03 -83.34
N GLN M 56 8.51 61.62 -84.28
CA GLN M 56 9.19 60.33 -84.20
C GLN M 56 10.12 60.24 -83.00
N GLY M 57 10.25 59.02 -82.48
CA GLY M 57 11.14 58.74 -81.35
C GLY M 57 10.62 59.15 -79.98
N TYR M 58 9.34 59.51 -79.89
CA TYR M 58 8.62 59.55 -78.64
C TYR M 58 7.68 58.36 -78.60
N VAL M 59 7.67 57.70 -77.46
CA VAL M 59 7.11 56.39 -77.29
C VAL M 59 6.23 56.47 -76.05
N ILE M 60 5.32 55.53 -75.85
CA ILE M 60 4.50 55.54 -74.64
C ILE M 60 4.03 54.17 -74.24
N TYR M 61 4.60 53.68 -73.16
CA TYR M 61 4.23 52.40 -72.60
C TYR M 61 3.18 52.62 -71.54
N ARG M 62 2.11 51.83 -71.61
CA ARG M 62 1.08 51.79 -70.58
C ARG M 62 1.41 50.62 -69.66
N ILE M 63 1.61 50.92 -68.38
CA ILE M 63 2.13 49.93 -67.44
C ILE M 63 1.23 49.80 -66.23
N ARG M 64 0.94 48.55 -65.87
CA ARG M 64 0.05 48.25 -64.76
C ARG M 64 0.89 48.11 -63.53
N VAL M 65 0.31 48.46 -62.40
CA VAL M 65 1.00 48.37 -61.13
C VAL M 65 0.00 47.89 -60.11
N ARG M 66 0.42 46.95 -59.28
CA ARG M 66 -0.47 46.42 -58.28
C ARG M 66 -0.55 47.43 -57.14
N ARG M 67 -1.72 47.48 -56.57
CA ARG M 67 -2.15 48.59 -55.76
C ARG M 67 -1.91 48.28 -54.27
N GLY M 68 -2.24 49.23 -53.40
CA GLY M 68 -2.13 49.03 -51.95
C GLY M 68 -0.71 49.18 -51.45
N GLY M 69 -0.52 48.89 -50.16
CA GLY M 69 0.78 49.09 -49.47
C GLY M 69 1.83 48.02 -49.68
N ARG M 70 2.72 47.86 -48.69
CA ARG M 70 3.90 46.99 -48.78
C ARG M 70 4.10 46.17 -47.51
N LYS M 71 3.74 44.89 -47.54
CA LYS M 71 3.97 44.02 -46.39
C LYS M 71 5.43 43.62 -46.34
N ARG M 72 5.93 43.50 -45.12
CA ARG M 72 7.35 43.31 -44.88
C ARG M 72 7.76 41.89 -45.21
N PRO M 73 8.65 41.73 -46.21
CA PRO M 73 9.03 40.40 -46.65
C PRO M 73 9.95 39.73 -45.65
N VAL M 74 9.31 39.06 -44.69
CA VAL M 74 10.00 38.23 -43.73
C VAL M 74 9.16 36.98 -43.50
N PRO M 75 9.82 35.83 -43.31
CA PRO M 75 9.10 34.57 -43.25
C PRO M 75 8.17 34.51 -42.04
N LYS M 76 6.95 34.04 -42.25
CA LYS M 76 5.89 34.16 -41.24
C LYS M 76 5.79 35.64 -40.81
N GLY M 77 5.91 35.94 -39.52
CA GLY M 77 6.17 37.30 -39.08
C GLY M 77 7.68 37.37 -38.91
N ALA M 78 8.13 37.10 -37.69
CA ALA M 78 9.55 36.85 -37.41
C ALA M 78 10.49 37.96 -37.89
N THR M 79 10.05 39.20 -37.73
CA THR M 79 10.93 40.34 -37.83
C THR M 79 11.61 40.36 -36.47
N TYR M 80 12.59 39.47 -36.27
CA TYR M 80 13.21 39.31 -34.95
C TYR M 80 13.86 40.63 -34.65
N GLY M 81 13.59 41.16 -33.47
CA GLY M 81 14.13 42.44 -33.08
C GLY M 81 13.31 43.08 -32.02
N LYS M 82 13.61 44.34 -31.78
CA LYS M 82 12.91 45.09 -30.79
C LYS M 82 11.49 45.36 -31.29
N PRO M 83 10.49 45.31 -30.39
CA PRO M 83 9.12 45.40 -30.84
C PRO M 83 8.64 46.74 -31.36
N VAL M 84 9.55 47.68 -31.54
CA VAL M 84 9.31 48.79 -32.45
C VAL M 84 9.09 48.27 -33.87
N HIS M 85 10.00 47.41 -34.29
CA HIS M 85 10.07 46.97 -35.68
C HIS M 85 9.23 45.73 -35.98
N HIS M 86 8.42 45.29 -35.02
CA HIS M 86 7.56 44.15 -35.21
C HIS M 86 6.54 44.27 -36.34
N GLY M 87 6.29 45.49 -36.81
CA GLY M 87 5.32 45.69 -37.88
C GLY M 87 5.63 44.96 -39.17
N VAL M 88 4.58 44.38 -39.76
CA VAL M 88 4.65 43.78 -41.09
C VAL M 88 3.48 44.17 -42.00
N ASN M 89 2.29 44.34 -41.45
CA ASN M 89 1.14 44.59 -42.29
C ASN M 89 0.96 46.05 -42.67
N GLN M 90 0.56 46.92 -41.73
CA GLN M 90 0.18 48.31 -42.09
C GLN M 90 1.35 49.25 -42.39
N LEU M 91 2.28 48.89 -43.27
CA LEU M 91 3.40 49.80 -43.57
C LEU M 91 3.63 49.96 -45.06
N LYS M 92 4.23 51.10 -45.40
CA LYS M 92 4.02 51.74 -46.68
C LYS M 92 5.27 52.25 -47.34
N PHE M 93 5.39 51.95 -48.63
CA PHE M 93 6.61 52.20 -49.38
C PHE M 93 6.86 53.69 -49.50
N ALA M 94 8.12 54.07 -49.70
CA ALA M 94 8.50 55.48 -49.78
C ALA M 94 8.10 56.10 -51.11
N ARG M 95 8.50 55.44 -52.19
CA ARG M 95 8.14 55.90 -53.53
C ARG M 95 6.66 55.66 -53.79
N SER M 96 6.12 56.34 -54.79
CA SER M 96 4.72 56.16 -55.23
C SER M 96 4.56 54.97 -56.16
N LEU M 97 3.30 54.63 -56.44
CA LEU M 97 3.00 53.60 -57.42
C LEU M 97 3.35 54.07 -58.82
N GLN M 98 3.09 55.34 -59.08
CA GLN M 98 3.42 55.97 -60.35
C GLN M 98 4.92 55.93 -60.64
N SER M 99 5.73 56.11 -59.60
CA SER M 99 7.18 56.00 -59.75
C SER M 99 7.55 54.57 -60.06
N VAL M 100 7.01 53.63 -59.29
CA VAL M 100 7.19 52.22 -59.57
C VAL M 100 6.82 51.91 -61.02
N ALA M 101 5.72 52.49 -61.48
CA ALA M 101 5.32 52.34 -62.86
C ALA M 101 6.41 52.77 -63.83
N GLU M 102 6.94 53.98 -63.64
CA GLU M 102 8.01 54.50 -64.49
C GLU M 102 9.27 53.63 -64.46
N GLU M 103 9.69 53.31 -63.24
CA GLU M 103 10.85 52.48 -62.97
C GLU M 103 10.82 51.18 -63.75
N ARG M 104 9.64 50.56 -63.79
CA ARG M 104 9.42 49.34 -64.58
C ARG M 104 9.44 49.54 -66.09
N ALA M 105 8.83 50.62 -66.55
CA ALA M 105 8.96 51.02 -67.95
C ALA M 105 10.42 51.27 -68.31
N GLY M 106 11.15 51.90 -67.39
CA GLY M 106 12.57 52.18 -67.59
C GLY M 106 13.40 50.93 -67.65
N ARG M 107 13.20 50.05 -66.68
CA ARG M 107 13.86 48.74 -66.61
C ARG M 107 13.80 48.02 -67.95
N HIS M 108 12.58 47.92 -68.49
CA HIS M 108 12.25 47.11 -69.66
C HIS M 108 12.90 47.61 -70.93
N CYS M 109 12.81 48.92 -71.16
CA CYS M 109 13.31 49.55 -72.36
C CYS M 109 14.56 50.35 -71.96
N GLY M 110 15.66 49.61 -71.81
CA GLY M 110 16.94 50.18 -71.35
C GLY M 110 17.48 51.33 -72.20
N ALA M 111 17.40 51.17 -73.52
CA ALA M 111 17.81 52.24 -74.44
C ALA M 111 16.96 53.48 -74.23
N LEU M 112 15.66 53.28 -74.00
CA LEU M 112 14.73 54.39 -73.88
C LEU M 112 14.93 55.10 -72.58
N ARG M 113 14.67 56.40 -72.62
CA ARG M 113 14.98 57.29 -71.54
C ARG M 113 13.72 57.96 -71.00
N VAL M 114 13.32 57.54 -69.82
CA VAL M 114 12.02 57.90 -69.24
C VAL M 114 11.97 59.39 -69.10
N LEU M 115 10.91 60.00 -69.62
CA LEU M 115 10.73 61.42 -69.49
C LEU M 115 9.76 61.67 -68.38
N ASN M 116 8.55 61.13 -68.49
CA ASN M 116 7.48 61.49 -67.55
C ASN M 116 6.25 60.61 -67.71
N SER M 117 5.46 60.51 -66.65
CA SER M 117 4.27 59.67 -66.69
C SER M 117 3.01 60.37 -66.21
N TYR M 118 1.88 59.77 -66.59
CA TYR M 118 0.56 60.21 -66.17
C TYR M 118 -0.34 58.98 -65.95
N TRP M 119 -1.49 59.25 -65.34
CA TRP M 119 -2.45 58.26 -64.84
C TRP M 119 -3.53 58.02 -65.88
N VAL M 120 -4.01 56.78 -66.00
CA VAL M 120 -5.17 56.53 -66.89
C VAL M 120 -6.34 55.78 -66.25
N GLY M 121 -6.27 55.50 -64.95
CA GLY M 121 -7.36 54.81 -64.27
C GLY M 121 -6.90 53.97 -63.10
N GLU M 122 -7.88 53.44 -62.35
CA GLU M 122 -7.59 52.58 -61.21
C GLU M 122 -8.75 51.64 -60.82
N ASP M 123 -8.43 50.36 -60.77
CA ASP M 123 -9.28 49.31 -60.21
C ASP M 123 -8.92 49.22 -58.72
N SER M 124 -9.64 48.39 -57.97
CA SER M 124 -9.23 48.01 -56.61
C SER M 124 -7.85 47.37 -56.56
N THR M 125 -7.57 46.50 -57.52
CA THR M 125 -6.37 45.68 -57.51
C THR M 125 -5.19 46.37 -58.18
N TYR M 126 -5.46 47.11 -59.26
CA TYR M 126 -4.40 47.70 -60.07
C TYR M 126 -4.50 49.21 -60.18
N LYS M 127 -3.39 49.83 -60.56
CA LYS M 127 -3.41 51.16 -61.14
C LYS M 127 -2.84 51.06 -62.52
N PHE M 128 -3.09 52.10 -63.30
CA PHE M 128 -2.62 52.14 -64.67
C PHE M 128 -1.94 53.45 -64.88
N PHE M 129 -0.95 53.42 -65.75
CA PHE M 129 -0.09 54.55 -66.01
C PHE M 129 0.38 54.51 -67.44
N GLU M 130 1.01 55.60 -67.84
CA GLU M 130 1.40 55.80 -69.22
C GLU M 130 2.69 56.58 -69.20
N VAL M 131 3.79 55.87 -69.41
CA VAL M 131 5.11 56.47 -69.27
C VAL M 131 5.63 56.90 -70.63
N ILE M 132 5.90 58.19 -70.76
CA ILE M 132 6.43 58.75 -71.98
C ILE M 132 7.91 58.45 -71.98
N LEU M 133 8.36 57.82 -73.05
CA LEU M 133 9.75 57.45 -73.21
C LEU M 133 10.30 58.13 -74.45
N ILE M 134 11.63 58.15 -74.57
CA ILE M 134 12.30 58.83 -75.67
C ILE M 134 13.55 58.05 -76.07
N ASP M 135 13.75 57.84 -77.37
CA ASP M 135 15.04 57.37 -77.92
C ASP M 135 16.03 58.51 -77.84
N PRO M 136 17.15 58.31 -77.14
CA PRO M 136 18.17 59.37 -77.14
C PRO M 136 19.04 59.44 -78.39
N PHE M 137 18.88 58.50 -79.31
CA PHE M 137 19.81 58.29 -80.42
C PHE M 137 19.05 58.25 -81.75
N HIS M 138 17.82 58.78 -81.76
CA HIS M 138 17.05 58.94 -82.99
C HIS M 138 17.31 60.37 -83.42
N LYS M 139 17.67 60.55 -84.69
CA LYS M 139 18.24 61.83 -85.15
C LYS M 139 17.31 63.00 -84.88
N ALA M 140 16.03 62.79 -85.16
CA ALA M 140 14.97 63.76 -84.84
C ALA M 140 14.96 64.26 -83.39
N ILE M 141 15.41 63.44 -82.44
CA ILE M 141 15.62 63.91 -81.07
C ILE M 141 17.01 64.52 -80.94
N ARG M 142 18.03 63.80 -81.40
CA ARG M 142 19.41 64.27 -81.36
C ARG M 142 19.58 65.66 -81.95
N ARG M 143 18.96 65.90 -83.10
CA ARG M 143 19.20 67.15 -83.85
C ARG M 143 18.31 68.30 -83.37
N ASN M 144 17.08 68.01 -82.94
CA ASN M 144 16.27 68.99 -82.22
C ASN M 144 17.05 69.47 -80.98
N PRO M 145 17.43 70.76 -80.94
CA PRO M 145 18.23 71.20 -79.81
C PRO M 145 17.48 71.15 -78.48
N ASP M 146 16.19 71.46 -78.49
CA ASP M 146 15.42 71.56 -77.25
C ASP M 146 15.22 70.26 -76.48
N THR M 147 15.37 69.12 -77.15
CA THR M 147 15.33 67.81 -76.50
C THR M 147 16.71 67.25 -76.23
N GLN M 148 17.73 67.71 -76.96
CA GLN M 148 19.00 66.99 -76.96
C GLN M 148 19.72 66.97 -75.60
N TRP M 149 19.15 67.62 -74.60
CA TRP M 149 19.56 67.40 -73.22
C TRP M 149 19.34 65.98 -72.71
N ILE M 150 18.37 65.23 -73.27
CA ILE M 150 18.10 63.88 -72.74
C ILE M 150 19.14 62.90 -73.28
N THR M 151 19.75 63.25 -74.43
CA THR M 151 20.78 62.43 -75.04
C THR M 151 22.10 62.46 -74.29
N LYS M 152 22.24 63.36 -73.32
CA LYS M 152 23.42 63.43 -72.48
C LYS M 152 23.34 62.31 -71.45
N PRO M 153 24.50 61.72 -71.09
CA PRO M 153 24.55 60.47 -70.34
C PRO M 153 24.43 60.63 -68.83
N VAL M 154 24.19 61.85 -68.36
CA VAL M 154 23.81 62.10 -66.98
C VAL M 154 22.34 61.72 -66.79
N HIS M 155 21.58 61.83 -67.87
CA HIS M 155 20.15 61.55 -67.86
C HIS M 155 19.81 60.09 -68.16
N LYS M 156 20.82 59.23 -68.29
CA LYS M 156 20.58 57.80 -68.16
C LYS M 156 19.79 57.49 -66.90
N HIS M 157 18.70 56.72 -67.06
CA HIS M 157 17.96 56.13 -65.94
C HIS M 157 17.45 57.12 -64.90
N ARG M 158 16.86 58.22 -65.37
CA ARG M 158 16.27 59.22 -64.50
C ARG M 158 15.42 58.59 -63.39
N GLU M 159 14.45 57.78 -63.84
CA GLU M 159 13.50 57.08 -62.97
C GLU M 159 14.13 56.23 -61.86
N MET M 160 15.29 55.65 -62.15
CA MET M 160 16.00 54.79 -61.21
C MET M 160 16.66 55.58 -60.09
N ARG M 161 17.09 56.80 -60.41
CA ARG M 161 17.81 57.71 -59.49
C ARG M 161 16.88 58.63 -58.70
N GLY M 162 15.59 58.61 -58.97
CA GLY M 162 14.64 59.53 -58.34
C GLY M 162 14.72 60.91 -58.96
N LEU M 163 14.43 60.98 -60.25
CA LEU M 163 14.57 62.23 -61.01
C LEU M 163 13.42 62.64 -61.93
N THR M 164 12.53 61.72 -62.30
CA THR M 164 11.27 62.12 -62.94
C THR M 164 10.45 62.94 -61.97
N SER M 165 9.41 63.60 -62.46
CA SER M 165 8.51 64.37 -61.59
C SER M 165 7.93 63.52 -60.48
N ALA M 166 7.56 62.29 -60.80
CA ALA M 166 6.93 61.39 -59.84
C ALA M 166 7.90 61.03 -58.72
N GLY M 167 9.01 60.40 -59.07
CA GLY M 167 10.01 59.95 -58.11
C GLY M 167 10.80 61.06 -57.42
N ARG M 168 10.66 62.29 -57.93
CA ARG M 168 11.12 63.46 -57.21
C ARG M 168 10.35 63.65 -55.92
N LYS M 169 9.05 63.36 -55.94
CA LYS M 169 8.18 63.74 -54.84
C LYS M 169 8.50 63.03 -53.54
N SER M 170 8.93 61.77 -53.61
CA SER M 170 9.35 61.02 -52.44
C SER M 170 10.57 61.58 -51.73
N ARG M 171 11.41 62.29 -52.48
CA ARG M 171 12.71 62.75 -51.97
C ARG M 171 12.54 63.82 -50.91
N GLY M 172 11.43 64.54 -50.99
CA GLY M 172 11.02 65.46 -49.96
C GLY M 172 11.85 66.71 -50.01
N LEU M 173 11.87 67.31 -51.20
CA LEU M 173 12.60 68.55 -51.39
C LEU M 173 11.72 69.61 -52.04
N GLY M 174 11.65 70.75 -51.37
CA GLY M 174 11.03 71.95 -51.89
C GLY M 174 11.63 73.10 -51.10
N LYS M 175 11.49 74.32 -51.59
CA LYS M 175 12.00 75.48 -50.85
C LYS M 175 11.12 75.74 -49.64
N GLY M 176 11.72 76.27 -48.57
CA GLY M 176 10.98 76.77 -47.43
C GLY M 176 10.95 75.91 -46.18
N HIS M 177 10.31 76.44 -45.13
CA HIS M 177 10.38 75.85 -43.79
C HIS M 177 9.88 74.42 -43.73
N LYS M 178 8.99 74.07 -44.63
CA LYS M 178 8.42 72.74 -44.60
C LYS M 178 9.38 71.67 -45.15
N PHE M 179 10.71 71.86 -45.06
CA PHE M 179 11.62 70.86 -45.60
C PHE M 179 12.88 70.71 -44.77
N HIS M 180 13.91 71.54 -44.97
CA HIS M 180 15.11 71.49 -44.15
C HIS M 180 15.91 70.17 -44.19
N HIS M 181 15.31 69.03 -43.86
CA HIS M 181 15.87 67.79 -44.38
C HIS M 181 15.81 67.98 -45.89
N THR M 182 16.91 67.66 -46.58
CA THR M 182 17.13 68.02 -48.00
C THR M 182 17.46 69.50 -48.19
N ILE M 183 18.33 70.03 -47.33
CA ILE M 183 18.77 71.43 -47.46
C ILE M 183 20.21 71.50 -47.93
N GLY M 184 20.73 70.37 -48.41
CA GLY M 184 21.90 70.33 -49.29
C GLY M 184 21.33 69.92 -50.62
N GLY M 185 21.91 68.90 -51.24
CA GLY M 185 21.28 68.29 -52.40
C GLY M 185 19.98 67.59 -52.02
N SER M 186 20.08 66.70 -51.05
CA SER M 186 19.08 65.70 -50.79
C SER M 186 19.09 65.31 -49.33
N ARG M 187 18.16 64.44 -48.96
CA ARG M 187 17.96 63.98 -47.58
C ARG M 187 19.27 63.48 -46.99
N ARG M 188 19.92 62.59 -47.74
CA ARG M 188 21.17 61.95 -47.34
C ARG M 188 22.28 62.96 -47.15
N ALA M 189 22.36 63.92 -48.05
CA ALA M 189 23.44 64.89 -48.05
C ALA M 189 23.40 65.86 -46.88
N ALA M 190 22.21 66.21 -46.43
CA ALA M 190 22.09 67.13 -45.31
C ALA M 190 22.56 66.43 -44.04
N TRP M 191 22.06 65.22 -43.81
CA TRP M 191 22.53 64.37 -42.72
C TRP M 191 24.05 64.30 -42.71
N ARG M 192 24.62 64.13 -43.90
CA ARG M 192 26.06 64.00 -44.09
C ARG M 192 26.75 65.27 -43.61
N ARG M 193 26.27 66.41 -44.10
CA ARG M 193 26.78 67.70 -43.66
C ARG M 193 26.65 67.88 -42.17
N ARG M 194 25.48 67.54 -41.61
CA ARG M 194 25.19 67.76 -40.19
C ARG M 194 25.92 66.82 -39.27
N ASN M 195 26.37 65.68 -39.77
CA ASN M 195 27.12 64.74 -38.97
C ASN M 195 28.53 64.55 -39.50
N THR M 196 29.18 65.68 -39.79
CA THR M 196 30.60 65.70 -40.05
C THR M 196 31.21 66.53 -38.95
N LEU M 197 32.08 65.90 -38.16
CA LEU M 197 33.05 66.69 -37.41
C LEU M 197 33.90 67.36 -38.47
N GLN M 198 33.62 68.63 -38.69
CA GLN M 198 34.59 69.48 -39.32
C GLN M 198 35.65 69.67 -38.23
N LEU M 199 36.87 69.22 -38.52
CA LEU M 199 38.01 69.39 -37.60
C LEU M 199 39.07 70.29 -38.23
N HIS M 200 39.05 71.55 -37.82
CA HIS M 200 39.86 72.58 -38.45
C HIS M 200 41.31 72.47 -38.06
N ARG M 201 42.16 73.19 -38.81
CA ARG M 201 43.59 73.10 -38.60
C ARG M 201 43.99 73.67 -37.27
N TYR M 202 43.53 74.89 -37.01
CA TYR M 202 43.97 75.62 -35.84
C TYR M 202 43.05 75.42 -34.64
N ARG M 203 41.76 75.22 -34.90
CA ARG M 203 40.77 74.96 -33.84
C ARG M 203 40.64 76.19 -32.92
N GLN N 1 98.77 19.72 27.16
CA GLN N 1 97.77 20.42 26.26
C GLN N 1 96.37 19.78 26.13
N VAL N 2 96.09 18.70 26.88
CA VAL N 2 94.84 17.94 26.76
C VAL N 2 94.26 17.63 28.14
N LEU N 3 92.98 17.97 28.32
CA LEU N 3 92.21 17.49 29.46
C LEU N 3 92.02 15.98 29.36
N VAL N 4 92.29 15.27 30.46
CA VAL N 4 91.72 13.94 30.65
C VAL N 4 90.91 14.00 31.95
N LEU N 5 89.63 13.68 31.84
CA LEU N 5 88.70 13.80 32.95
C LEU N 5 88.17 12.42 33.29
N ASP N 6 88.39 11.97 34.52
CA ASP N 6 87.78 10.73 35.01
C ASP N 6 86.29 10.97 35.28
N GLY N 7 85.46 10.52 34.36
CA GLY N 7 84.01 10.62 34.45
C GLY N 7 83.34 9.99 35.65
N ARG N 8 84.05 9.12 36.40
CA ARG N 8 83.54 8.60 37.67
C ARG N 8 83.19 9.72 38.63
N GLY N 9 82.13 9.52 39.40
CA GLY N 9 81.72 10.48 40.42
C GLY N 9 81.15 11.80 39.93
N HIS N 10 80.96 11.93 38.63
CA HIS N 10 80.44 13.16 38.07
C HIS N 10 78.96 13.00 37.76
N LEU N 11 78.35 14.06 37.26
CA LEU N 11 76.94 14.04 36.88
C LEU N 11 76.80 14.28 35.38
N LEU N 12 75.95 13.47 34.76
CA LEU N 12 76.01 13.23 33.32
C LEU N 12 75.96 14.50 32.52
N GLY N 13 74.89 15.27 32.73
CA GLY N 13 74.69 16.53 32.03
C GLY N 13 75.54 17.63 32.59
N ARG N 14 75.80 17.56 33.89
CA ARG N 14 76.60 18.57 34.57
C ARG N 14 78.03 18.60 34.07
N LEU N 15 78.56 17.42 33.81
CA LEU N 15 79.90 17.27 33.23
C LEU N 15 79.89 17.66 31.76
N ALA N 16 78.86 17.20 31.07
CA ALA N 16 78.72 17.43 29.65
C ALA N 16 78.65 18.90 29.31
N ALA N 17 77.93 19.66 30.14
CA ALA N 17 77.88 21.12 30.03
C ALA N 17 79.26 21.75 30.01
N ILE N 18 80.04 21.41 31.04
CA ILE N 18 81.40 21.94 31.19
C ILE N 18 82.30 21.47 30.06
N VAL N 19 82.19 20.19 29.69
CA VAL N 19 82.98 19.68 28.59
C VAL N 19 82.69 20.41 27.28
N ALA N 20 81.42 20.71 27.01
CA ALA N 20 81.05 21.37 25.75
C ALA N 20 81.79 22.68 25.55
N LYS N 21 81.76 23.53 26.56
CA LYS N 21 82.39 24.84 26.45
C LYS N 21 83.90 24.71 26.28
N GLN N 22 84.52 23.76 26.98
CA GLN N 22 85.95 23.49 26.80
C GLN N 22 86.22 23.14 25.36
N VAL N 23 85.42 22.21 24.86
CA VAL N 23 85.55 21.73 23.50
C VAL N 23 85.34 22.83 22.44
N LEU N 24 84.41 23.75 22.71
CA LEU N 24 84.16 24.89 21.81
C LEU N 24 85.27 25.92 21.80
N LEU N 25 86.01 26.02 22.89
CA LEU N 25 87.18 26.91 22.96
C LEU N 25 88.46 26.23 22.48
N GLY N 26 88.33 25.23 21.60
CA GLY N 26 89.47 24.52 21.05
C GLY N 26 90.21 23.57 21.98
N ARG N 27 89.78 23.43 23.24
CA ARG N 27 90.42 22.49 24.15
C ARG N 27 90.08 21.08 23.69
N LYS N 28 91.13 20.29 23.47
CA LYS N 28 90.95 18.87 23.25
C LYS N 28 90.73 18.23 24.61
N VAL N 29 89.67 17.45 24.71
CA VAL N 29 89.32 16.80 25.95
C VAL N 29 89.21 15.31 25.73
N VAL N 30 89.53 14.57 26.78
CA VAL N 30 89.25 13.15 26.83
C VAL N 30 88.47 12.90 28.10
N VAL N 31 87.45 12.06 27.99
CA VAL N 31 86.60 11.73 29.10
C VAL N 31 86.68 10.22 29.24
N VAL N 32 87.05 9.77 30.43
CA VAL N 32 87.43 8.39 30.66
C VAL N 32 86.65 7.83 31.84
N ARG N 33 86.44 6.52 31.83
CA ARG N 33 85.62 5.82 32.81
C ARG N 33 84.21 6.37 32.83
N CYS N 34 83.61 6.37 31.64
CA CYS N 34 82.26 6.92 31.43
C CYS N 34 81.17 6.07 32.05
N GLU N 35 81.37 4.76 32.18
CA GLU N 35 80.40 3.92 32.86
C GLU N 35 80.20 4.39 34.30
N GLY N 36 81.25 4.94 34.90
CA GLY N 36 81.19 5.49 36.25
C GLY N 36 80.48 6.82 36.40
N ILE N 37 80.15 7.49 35.30
CA ILE N 37 79.31 8.68 35.37
C ILE N 37 78.03 8.26 36.05
N ASN N 38 77.50 9.14 36.88
CA ASN N 38 76.25 8.86 37.58
C ASN N 38 75.28 10.00 37.48
N ILE N 39 74.02 9.64 37.30
CA ILE N 39 72.95 10.53 36.91
C ILE N 39 72.04 10.67 38.11
N SER N 40 71.75 11.91 38.51
CA SER N 40 70.80 12.15 39.59
C SER N 40 69.47 11.46 39.31
N GLY N 41 68.68 11.31 40.37
CA GLY N 41 67.36 10.70 40.25
C GLY N 41 67.45 9.20 40.35
N ASN N 42 66.54 8.59 41.10
CA ASN N 42 66.58 7.15 41.41
C ASN N 42 66.69 6.32 40.15
N PHE N 43 67.20 5.10 40.28
CA PHE N 43 67.54 4.32 39.11
C PHE N 43 66.36 4.18 38.15
N TYR N 44 65.27 3.63 38.66
CA TYR N 44 64.13 3.26 37.82
C TYR N 44 63.68 4.42 36.93
N ARG N 45 63.40 5.56 37.57
CA ARG N 45 63.28 6.87 36.94
C ARG N 45 64.02 7.06 35.62
N ASN N 46 65.33 6.81 35.65
CA ASN N 46 66.22 7.05 34.51
C ASN N 46 66.15 5.95 33.47
N LYS N 47 65.87 4.72 33.92
CA LYS N 47 65.72 3.62 33.00
C LYS N 47 64.56 3.88 32.04
N LEU N 48 63.40 4.20 32.61
CA LEU N 48 62.21 4.60 31.85
C LEU N 48 62.51 5.73 30.90
N LYS N 49 63.23 6.72 31.42
CA LYS N 49 63.61 7.89 30.65
C LYS N 49 64.43 7.48 29.45
N TYR N 50 65.35 6.52 29.61
CA TYR N 50 66.08 5.97 28.47
C TYR N 50 65.14 5.15 27.58
N LEU N 51 64.42 4.22 28.18
CA LEU N 51 63.50 3.37 27.43
C LEU N 51 62.54 4.16 26.56
N ALA N 52 62.15 5.33 27.02
CA ALA N 52 61.37 6.23 26.20
C ALA N 52 62.14 6.63 24.96
N PHE N 53 63.38 7.07 25.17
CA PHE N 53 64.26 7.46 24.06
C PHE N 53 64.42 6.35 23.03
N LEU N 54 64.50 5.11 23.49
CA LEU N 54 64.46 3.95 22.60
C LEU N 54 63.20 3.87 21.74
N ARG N 55 62.05 4.17 22.33
CA ARG N 55 60.78 4.13 21.58
C ARG N 55 60.76 5.08 20.38
N LYS N 56 61.32 6.27 20.56
CA LYS N 56 61.53 7.23 19.46
C LYS N 56 62.27 6.61 18.26
N ARG N 57 61.53 6.29 17.21
CA ARG N 57 62.12 5.79 15.95
C ARG N 57 61.26 6.19 14.73
N MET N 58 61.94 6.37 13.60
CA MET N 58 61.27 6.80 12.39
C MET N 58 60.42 5.66 11.83
N ASN N 59 59.13 5.71 12.16
CA ASN N 59 58.18 4.63 11.87
C ASN N 59 58.39 3.91 10.55
N THR N 60 58.48 4.66 9.46
CA THR N 60 58.58 4.05 8.14
C THR N 60 59.90 3.34 7.85
N ASN N 61 60.99 3.73 8.51
CA ASN N 61 62.29 3.07 8.33
C ASN N 61 63.23 3.36 9.51
N PRO N 62 63.15 2.53 10.55
CA PRO N 62 63.97 2.68 11.77
C PRO N 62 65.46 2.84 11.50
N SER N 63 65.94 2.18 10.45
CA SER N 63 67.33 2.27 9.99
C SER N 63 67.87 3.69 9.84
N ARG N 64 67.00 4.62 9.45
CA ARG N 64 67.35 6.05 9.48
C ARG N 64 67.37 6.61 10.90
N GLY N 65 66.32 6.28 11.65
CA GLY N 65 65.89 7.00 12.85
C GLY N 65 66.81 7.02 14.03
N PRO N 66 66.52 7.90 15.02
CA PRO N 66 67.49 8.29 16.05
C PRO N 66 68.26 7.10 16.65
N TYR N 67 69.57 7.08 16.41
CA TYR N 67 70.38 5.94 16.75
C TYR N 67 70.66 5.97 18.24
N HIS N 68 70.09 5.01 18.95
CA HIS N 68 70.19 4.93 20.40
C HIS N 68 71.42 4.14 20.78
N PHE N 69 72.48 4.86 21.15
CA PHE N 69 73.75 4.20 21.52
C PHE N 69 73.70 3.70 22.94
N ARG N 70 74.26 2.52 23.16
CA ARG N 70 74.11 1.83 24.43
C ARG N 70 75.28 2.08 25.34
N ALA N 71 76.48 1.91 24.81
CA ALA N 71 77.70 2.12 25.56
C ALA N 71 77.68 3.46 26.30
N PRO N 72 78.07 3.47 27.58
CA PRO N 72 78.11 4.70 28.38
C PRO N 72 78.94 5.83 27.77
N SER N 73 80.02 5.47 27.09
CA SER N 73 80.85 6.43 26.39
C SER N 73 80.05 7.15 25.33
N ARG N 74 79.37 6.37 24.49
CA ARG N 74 78.55 6.93 23.43
C ARG N 74 77.36 7.69 23.97
N ILE N 75 76.78 7.22 25.08
CA ILE N 75 75.72 7.97 25.74
C ILE N 75 76.22 9.35 26.13
N PHE N 76 77.31 9.37 26.88
CA PHE N 76 77.90 10.64 27.31
C PHE N 76 78.27 11.53 26.13
N TRP N 77 78.76 10.91 25.06
CA TRP N 77 79.03 11.64 23.84
C TRP N 77 77.74 12.26 23.31
N ARG N 78 76.67 11.47 23.26
CA ARG N 78 75.34 11.96 22.84
C ARG N 78 74.90 13.20 23.60
N THR N 79 75.05 13.19 24.92
CA THR N 79 74.61 14.34 25.73
C THR N 79 75.51 15.57 25.55
N VAL N 80 76.79 15.37 25.28
CA VAL N 80 77.67 16.48 24.95
C VAL N 80 77.38 17.00 23.54
N ARG N 81 77.03 16.08 22.65
CA ARG N 81 76.59 16.44 21.31
C ARG N 81 75.34 17.32 21.37
N GLY N 82 74.49 17.11 22.38
CA GLY N 82 73.32 17.97 22.58
C GLY N 82 73.54 19.38 23.13
N MET N 83 74.78 19.77 23.36
CA MET N 83 75.09 21.09 23.86
C MET N 83 76.06 21.83 22.97
N LEU N 84 76.23 21.38 21.74
CA LEU N 84 77.08 22.04 20.77
C LEU N 84 76.20 22.34 19.59
N PRO N 85 76.65 23.24 18.70
CA PRO N 85 75.89 23.52 17.50
C PRO N 85 76.26 22.53 16.40
N HIS N 86 76.09 21.24 16.69
CA HIS N 86 76.74 20.16 15.95
C HIS N 86 76.33 20.00 14.47
N LYS N 87 75.33 20.75 14.02
CA LYS N 87 75.04 20.80 12.60
C LYS N 87 76.00 21.72 11.84
N THR N 88 76.62 22.69 12.54
CA THR N 88 77.62 23.58 11.92
C THR N 88 78.93 22.86 11.66
N LYS N 89 79.79 23.49 10.87
CA LYS N 89 81.17 23.06 10.72
C LYS N 89 81.91 23.19 12.04
N ARG N 90 81.75 24.33 12.71
CA ARG N 90 82.45 24.59 13.97
C ARG N 90 81.98 23.64 15.07
N GLY N 91 80.69 23.31 15.07
CA GLY N 91 80.14 22.33 16.00
C GLY N 91 80.73 20.95 15.77
N GLN N 92 80.78 20.52 14.52
CA GLN N 92 81.34 19.22 14.17
C GLN N 92 82.81 19.16 14.49
N ALA N 93 83.52 20.24 14.22
CA ALA N 93 84.93 20.39 14.62
C ALA N 93 85.12 20.25 16.12
N ALA N 94 84.22 20.87 16.87
CA ALA N 94 84.25 20.81 18.33
C ALA N 94 84.18 19.37 18.87
N LEU N 95 83.20 18.60 18.41
CA LEU N 95 83.10 17.19 18.83
C LEU N 95 84.33 16.37 18.50
N ASP N 96 84.96 16.68 17.36
CA ASP N 96 86.16 15.95 16.94
C ASP N 96 87.33 16.08 17.93
N ARG N 97 87.29 17.11 18.76
CA ARG N 97 88.23 17.26 19.88
C ARG N 97 87.92 16.29 21.02
N LEU N 98 86.64 16.14 21.36
CA LEU N 98 86.20 15.25 22.44
C LEU N 98 86.41 13.76 22.13
N LYS N 99 86.85 13.00 23.13
CA LYS N 99 87.26 11.61 22.94
C LYS N 99 86.85 10.78 24.17
N VAL N 100 85.84 9.94 24.01
CA VAL N 100 85.18 9.33 25.18
C VAL N 100 85.45 7.84 25.24
N PHE N 101 85.54 7.30 26.46
CA PHE N 101 85.88 5.89 26.65
C PHE N 101 85.08 5.25 27.77
N ASP N 102 84.56 4.05 27.48
CA ASP N 102 84.06 3.15 28.51
C ASP N 102 85.32 2.59 29.11
N GLY N 103 85.48 2.82 30.40
CA GLY N 103 86.67 2.42 31.10
C GLY N 103 87.80 3.35 30.69
N ILE N 104 89.00 2.98 31.09
CA ILE N 104 90.17 3.80 30.85
C ILE N 104 91.30 3.02 30.16
N PRO N 105 91.38 3.13 28.82
CA PRO N 105 92.34 2.43 27.94
C PRO N 105 93.79 3.02 27.93
N PRO N 106 94.69 2.42 27.11
CA PRO N 106 96.14 2.55 27.28
C PRO N 106 96.90 3.88 27.17
N PRO N 107 96.43 4.84 26.37
CA PRO N 107 97.15 6.13 26.47
C PRO N 107 96.99 6.77 27.86
N TYR N 108 95.75 6.72 28.37
CA TYR N 108 95.33 7.51 29.54
C TYR N 108 95.36 6.70 30.83
N ASP N 109 95.52 5.39 30.74
CA ASP N 109 95.71 4.57 31.93
C ASP N 109 97.06 4.81 32.63
N LYS N 110 97.96 5.58 32.02
CA LYS N 110 99.17 6.08 32.68
C LYS N 110 99.30 7.58 32.46
N LYS N 111 98.20 8.29 32.72
CA LYS N 111 98.15 9.75 32.74
C LYS N 111 97.38 10.13 33.99
N LYS N 112 97.77 11.22 34.63
CA LYS N 112 96.97 11.78 35.70
C LYS N 112 95.79 12.47 35.07
N ARG N 113 94.63 12.24 35.66
CA ARG N 113 93.37 12.68 35.07
C ARG N 113 92.55 13.46 36.08
N MET N 114 91.96 14.54 35.58
CA MET N 114 91.40 15.56 36.43
C MET N 114 90.00 15.17 36.85
N VAL N 115 89.43 16.02 37.69
CA VAL N 115 88.09 15.86 38.19
C VAL N 115 87.45 17.26 38.24
N VAL N 116 86.39 17.41 37.46
CA VAL N 116 85.54 18.60 37.51
C VAL N 116 84.70 18.61 38.81
N PRO N 117 85.11 19.40 39.82
CA PRO N 117 84.38 19.32 41.09
C PRO N 117 83.03 20.04 41.06
N ALA N 118 82.75 20.75 39.97
CA ALA N 118 81.48 21.42 39.78
C ALA N 118 80.44 20.50 39.13
N ALA N 119 80.85 19.29 38.73
CA ALA N 119 79.95 18.30 38.17
C ALA N 119 79.88 17.05 39.05
N LEU N 120 80.49 17.14 40.24
CA LEU N 120 80.78 15.97 41.08
C LEU N 120 79.55 15.65 41.91
N LYS N 121 79.30 14.38 42.16
CA LYS N 121 78.08 13.98 42.84
C LYS N 121 78.10 14.35 44.31
N VAL N 122 79.23 14.08 44.97
CA VAL N 122 79.39 14.38 46.40
C VAL N 122 79.11 15.85 46.77
N VAL N 123 79.27 16.72 45.79
CA VAL N 123 79.04 18.14 45.96
C VAL N 123 77.65 18.55 45.50
N ARG N 124 77.28 18.20 44.29
CA ARG N 124 76.10 18.77 43.67
C ARG N 124 74.78 18.19 44.14
N LEU N 125 74.80 17.00 44.73
CA LEU N 125 73.58 16.35 45.24
C LEU N 125 73.53 16.37 46.75
N LYS N 126 72.31 16.42 47.29
CA LYS N 126 72.10 16.12 48.69
C LYS N 126 72.44 14.64 48.88
N PRO N 127 72.96 14.27 50.06
CA PRO N 127 73.39 12.90 50.33
C PRO N 127 72.22 11.92 50.45
N THR N 128 71.03 12.43 50.79
CA THR N 128 69.83 11.64 50.93
C THR N 128 69.09 11.45 49.60
N ARG N 129 69.52 12.15 48.56
CA ARG N 129 68.99 11.95 47.22
C ARG N 129 69.55 10.70 46.60
N LYS N 130 68.81 10.23 45.59
CA LYS N 130 69.12 8.99 44.92
C LYS N 130 69.60 9.29 43.53
N PHE N 131 70.33 8.34 42.98
CA PHE N 131 70.97 8.52 41.70
C PHE N 131 71.18 7.17 41.06
N ALA N 132 71.70 7.18 39.85
CA ALA N 132 71.91 5.96 39.09
C ALA N 132 73.30 5.97 38.54
N TYR N 133 73.93 4.80 38.50
CA TYR N 133 75.16 4.63 37.75
C TYR N 133 74.78 4.43 36.30
N LEU N 134 75.39 5.21 35.42
CA LEU N 134 75.15 5.11 33.99
C LEU N 134 75.58 3.75 33.41
N GLY N 135 76.50 3.05 34.08
CA GLY N 135 76.81 1.64 33.76
C GLY N 135 75.58 0.73 33.81
N ARG N 136 75.11 0.41 35.02
CA ARG N 136 73.83 -0.27 35.25
C ARG N 136 72.77 0.09 34.25
N LEU N 137 72.62 1.40 34.06
CA LEU N 137 71.65 1.89 33.12
C LEU N 137 71.99 1.37 31.73
N ALA N 138 73.24 1.55 31.33
CA ALA N 138 73.69 1.10 30.01
C ALA N 138 73.51 -0.39 29.85
N HIS N 139 73.93 -1.13 30.88
CA HIS N 139 73.79 -2.59 30.90
C HIS N 139 72.38 -3.07 30.59
N GLU N 140 71.41 -2.54 31.33
CA GLU N 140 70.03 -2.99 31.20
C GLU N 140 69.32 -2.58 29.92
N VAL N 141 69.83 -1.54 29.26
CA VAL N 141 69.25 -1.07 28.00
C VAL N 141 69.90 -1.75 26.78
N GLY N 142 70.92 -2.57 27.04
CA GLY N 142 71.50 -3.47 26.05
C GLY N 142 73.00 -3.41 25.86
N TRP N 143 73.72 -2.63 26.67
CA TRP N 143 75.17 -2.57 26.54
C TRP N 143 75.73 -3.96 26.75
N LYS N 144 76.56 -4.39 25.80
CA LYS N 144 77.06 -5.75 25.80
C LYS N 144 78.20 -5.94 26.80
N TYR N 145 79.08 -4.95 26.89
CA TYR N 145 80.39 -5.13 27.51
C TYR N 145 80.52 -4.47 28.88
N GLN N 146 79.64 -4.81 29.82
CA GLN N 146 79.87 -4.39 31.20
C GLN N 146 81.00 -5.22 31.80
N ALA N 147 80.77 -6.53 31.85
CA ALA N 147 81.68 -7.49 32.50
C ALA N 147 83.09 -7.44 31.96
N VAL N 148 83.21 -7.32 30.64
CA VAL N 148 84.51 -7.15 30.02
C VAL N 148 85.16 -5.90 30.56
N THR N 149 84.41 -4.79 30.57
CA THR N 149 84.94 -3.53 31.07
C THR N 149 85.32 -3.60 32.55
N ALA N 150 84.61 -4.40 33.33
CA ALA N 150 84.97 -4.67 34.72
C ALA N 150 86.24 -5.51 34.83
N THR N 151 86.34 -6.60 34.07
CA THR N 151 87.50 -7.49 34.12
C THR N 151 88.81 -6.82 33.67
N LEU N 152 88.71 -5.90 32.70
CA LEU N 152 89.86 -5.11 32.29
C LEU N 152 90.26 -4.04 33.30
N GLU N 153 89.28 -3.52 34.05
CA GLU N 153 89.59 -2.50 35.05
C GLU N 153 90.14 -3.05 36.35
N GLU N 154 89.79 -4.28 36.70
CA GLU N 154 90.45 -4.95 37.82
C GLU N 154 91.93 -5.15 37.54
N LYS N 155 92.27 -5.51 36.31
CA LYS N 155 93.67 -5.57 35.91
C LYS N 155 94.35 -4.22 36.12
N ARG N 156 93.71 -3.17 35.62
CA ARG N 156 94.29 -1.84 35.66
C ARG N 156 94.55 -1.36 37.08
N LYS N 157 93.57 -1.56 37.96
CA LYS N 157 93.71 -1.17 39.35
C LYS N 157 94.82 -1.94 40.08
N GLU N 158 94.96 -3.23 39.74
CA GLU N 158 96.08 -4.04 40.25
C GLU N 158 97.41 -3.55 39.69
N LYS N 159 97.45 -3.30 38.39
CA LYS N 159 98.63 -2.74 37.74
C LYS N 159 99.04 -1.40 38.36
N ALA N 160 98.04 -0.56 38.70
CA ALA N 160 98.27 0.78 39.24
C ALA N 160 98.74 0.77 40.69
N LYS N 161 98.12 -0.10 41.49
CA LYS N 161 98.50 -0.30 42.90
C LYS N 161 100.01 -0.53 43.04
N ILE N 162 100.56 -1.28 42.10
CA ILE N 162 102.01 -1.52 42.02
C ILE N 162 102.76 -0.21 41.79
N HIS N 163 102.34 0.55 40.78
CA HIS N 163 102.97 1.83 40.47
C HIS N 163 102.98 2.75 41.68
N TYR N 164 101.86 2.81 42.39
CA TYR N 164 101.74 3.66 43.57
C TYR N 164 102.68 3.24 44.68
N ARG N 165 102.83 1.93 44.85
CA ARG N 165 103.72 1.40 45.86
C ARG N 165 105.17 1.78 45.60
N LYS N 166 105.58 1.74 44.34
CA LYS N 166 106.91 2.19 43.95
C LYS N 166 107.03 3.70 44.10
N LYS N 167 105.97 4.43 43.72
CA LYS N 167 105.94 5.89 43.89
C LYS N 167 106.14 6.24 45.35
N LYS N 168 105.29 5.67 46.21
CA LYS N 168 105.44 5.82 47.67
C LYS N 168 106.87 5.54 48.11
N GLN N 169 107.44 4.45 47.60
CA GLN N 169 108.80 4.05 47.97
C GLN N 169 109.84 5.13 47.64
N LEU N 170 109.71 5.80 46.50
CA LEU N 170 110.59 6.93 46.16
C LEU N 170 110.38 8.10 47.09
N MET N 171 109.10 8.44 47.32
CA MET N 171 108.72 9.58 48.17
C MET N 171 109.37 9.42 49.54
N ARG N 172 109.22 8.22 50.08
CA ARG N 172 109.81 7.84 51.36
C ARG N 172 111.34 8.00 51.39
N LEU N 173 112.02 7.45 50.37
CA LEU N 173 113.47 7.63 50.25
C LEU N 173 113.84 9.10 50.13
N ARG N 174 113.06 9.85 49.37
CA ARG N 174 113.28 11.29 49.23
C ARG N 174 113.11 12.03 50.57
N LYS N 175 112.13 11.61 51.37
CA LYS N 175 112.00 12.17 52.73
C LYS N 175 113.22 11.82 53.58
N GLN N 176 113.72 10.60 53.44
CA GLN N 176 114.96 10.16 54.11
C GLN N 176 116.18 10.92 53.60
N ALA N 177 116.24 11.10 52.28
CA ALA N 177 117.38 11.74 51.62
C ALA N 177 117.62 13.15 52.13
N GLU N 178 116.55 13.94 52.21
CA GLU N 178 116.63 15.30 52.74
C GLU N 178 117.22 15.33 54.14
N LYS N 179 116.71 14.46 55.00
CA LYS N 179 117.22 14.30 56.38
C LYS N 179 118.70 13.88 56.44
N ASN N 180 119.11 13.01 55.51
CA ASN N 180 120.54 12.65 55.32
C ASN N 180 121.45 13.83 54.95
N VAL N 181 120.88 14.82 54.27
CA VAL N 181 121.61 15.87 53.57
C VAL N 181 121.39 17.28 54.18
N GLU N 182 120.53 17.40 55.19
CA GLU N 182 120.02 18.72 55.63
C GLU N 182 121.00 19.68 56.34
N LYS N 183 122.31 19.42 56.29
CA LYS N 183 123.32 20.46 56.59
C LYS N 183 124.04 20.96 55.34
N LYS N 184 123.94 20.24 54.23
CA LYS N 184 124.49 20.70 52.94
C LYS N 184 123.41 21.06 51.93
N ILE N 185 122.17 21.22 52.40
CA ILE N 185 121.13 21.94 51.67
C ILE N 185 120.45 22.97 52.59
N ASP N 186 121.14 23.39 53.64
CA ASP N 186 120.51 24.15 54.72
C ASP N 186 120.31 25.61 54.31
N ARG N 187 121.30 26.19 53.64
CA ARG N 187 121.19 27.59 53.16
C ARG N 187 120.69 27.68 51.70
N PHE N 188 120.12 26.58 51.19
CA PHE N 188 119.13 26.62 50.12
C PHE N 188 117.74 26.51 50.73
N THR N 189 117.54 25.46 51.51
CA THR N 189 116.27 25.18 52.20
C THR N 189 115.78 26.36 53.04
N GLU N 190 116.68 27.15 53.59
CA GLU N 190 116.29 28.39 54.26
C GLU N 190 115.65 29.38 53.27
N VAL N 191 116.26 29.57 52.11
CA VAL N 191 115.77 30.59 51.15
C VAL N 191 114.46 30.20 50.48
N LEU N 192 114.22 28.89 50.34
CA LEU N 192 112.93 28.43 49.84
C LEU N 192 111.81 28.53 50.88
N LYS N 193 112.11 28.94 52.12
CA LYS N 193 111.05 29.27 53.09
C LYS N 193 111.06 30.71 53.64
N THR N 194 111.87 31.58 53.06
CA THR N 194 111.70 33.03 53.24
C THR N 194 110.63 33.55 52.28
N HIS N 195 110.67 33.04 51.04
CA HIS N 195 109.69 33.39 50.01
C HIS N 195 108.51 32.41 50.00
N GLY N 196 108.46 31.51 50.99
CA GLY N 196 107.21 30.93 51.45
C GLY N 196 106.76 29.63 50.81
N PHE N 197 107.69 28.69 50.63
CA PHE N 197 107.32 27.28 50.45
C PHE N 197 107.80 26.57 51.70
N LEU N 198 107.70 25.23 51.71
CA LEU N 198 108.32 24.39 52.75
C LEU N 198 107.77 24.64 54.16
N VAL N 199 106.52 25.06 54.24
CA VAL N 199 105.90 25.48 55.49
C VAL N 199 104.42 25.13 55.43
N VAL O 1 89.86 26.70 -40.76
CA VAL O 1 89.02 27.40 -39.73
C VAL O 1 89.69 27.44 -38.36
N ARG O 2 89.13 28.25 -37.47
CA ARG O 2 89.54 28.31 -36.07
C ARG O 2 89.04 27.08 -35.34
N TYR O 3 89.97 26.31 -34.78
CA TYR O 3 89.60 25.29 -33.80
C TYR O 3 89.63 25.94 -32.44
N SER O 4 88.73 25.51 -31.56
CA SER O 4 88.86 25.79 -30.15
C SER O 4 90.15 25.15 -29.67
N LEU O 5 90.90 25.87 -28.84
CA LEU O 5 92.13 25.35 -28.26
C LEU O 5 93.17 25.03 -29.34
N ASP O 6 93.89 26.06 -29.77
CA ASP O 6 94.96 25.91 -30.76
C ASP O 6 96.18 25.24 -30.12
N PRO O 7 96.98 24.51 -30.91
CA PRO O 7 98.03 23.69 -30.33
C PRO O 7 99.22 24.47 -29.77
N GLU O 8 100.04 23.79 -28.98
CA GLU O 8 101.21 24.40 -28.31
C GLU O 8 102.34 24.64 -29.29
N ASN O 9 102.66 23.61 -30.07
CA ASN O 9 103.73 23.64 -31.07
C ASN O 9 103.18 23.16 -32.41
N PRO O 10 102.57 24.08 -33.18
CA PRO O 10 101.91 23.77 -34.47
C PRO O 10 102.77 22.98 -35.46
N THR O 11 104.08 23.19 -35.42
CA THR O 11 105.07 22.42 -36.18
C THR O 11 104.74 20.94 -36.26
N LYS O 12 104.43 20.36 -35.11
CA LYS O 12 104.34 18.92 -34.95
C LYS O 12 103.03 18.55 -34.27
N SER O 13 101.94 18.99 -34.90
CA SER O 13 100.58 18.78 -34.40
C SER O 13 99.55 18.81 -35.51
N CYS O 14 99.25 17.65 -36.08
CA CYS O 14 98.25 17.55 -37.15
C CYS O 14 96.85 17.76 -36.62
N LYS O 15 95.96 18.09 -37.54
CA LYS O 15 94.62 18.58 -37.24
C LYS O 15 93.58 17.77 -37.97
N SER O 16 92.35 17.87 -37.48
CA SER O 16 91.20 17.37 -38.21
C SER O 16 89.89 17.90 -37.64
N ARG O 17 88.88 17.91 -38.50
CA ARG O 17 87.51 18.12 -38.12
C ARG O 17 86.62 17.46 -39.13
N GLY O 18 85.38 17.21 -38.73
CA GLY O 18 84.38 16.68 -39.63
C GLY O 18 83.08 17.27 -39.17
N SER O 19 82.52 18.13 -40.01
CA SER O 19 81.41 18.97 -39.61
C SER O 19 80.09 18.37 -40.05
N ASN O 20 79.16 18.29 -39.11
CA ASN O 20 77.75 18.11 -39.39
C ASN O 20 77.52 16.66 -39.79
N LEU O 21 77.83 15.79 -38.84
CA LEU O 21 77.84 14.34 -39.01
C LEU O 21 76.61 13.77 -38.35
N ARG O 22 75.90 12.90 -39.04
CA ARG O 22 74.77 12.19 -38.43
C ARG O 22 75.32 11.09 -37.53
N VAL O 23 75.64 11.48 -36.30
CA VAL O 23 76.05 10.61 -35.23
C VAL O 23 75.49 11.22 -33.98
N HIS O 24 74.84 10.42 -33.16
CA HIS O 24 74.30 10.88 -31.88
C HIS O 24 75.34 11.62 -31.05
N PHE O 25 75.17 12.94 -30.99
CA PHE O 25 75.98 13.82 -30.19
C PHE O 25 76.41 13.23 -28.86
N LYS O 26 75.44 12.72 -28.10
CA LYS O 26 75.69 12.17 -26.76
C LYS O 26 76.58 10.93 -26.75
N ASN O 27 76.33 10.01 -27.68
CA ASN O 27 77.19 8.83 -27.84
C ASN O 27 78.57 9.18 -28.35
N THR O 28 78.59 10.12 -29.29
CA THR O 28 79.83 10.62 -29.87
C THR O 28 80.68 11.36 -28.84
N ARG O 29 80.01 12.04 -27.91
CA ARG O 29 80.70 12.74 -26.84
C ARG O 29 81.39 11.78 -25.90
N GLU O 30 80.68 10.75 -25.46
CA GLU O 30 81.22 9.82 -24.48
C GLU O 30 82.40 9.05 -25.06
N THR O 31 82.30 8.64 -26.32
CA THR O 31 83.40 7.91 -26.95
C THR O 31 84.58 8.82 -27.28
N ALA O 32 84.34 10.12 -27.42
CA ALA O 32 85.41 11.08 -27.60
C ALA O 32 86.12 11.38 -26.29
N GLN O 33 85.41 11.35 -25.16
CA GLN O 33 86.07 11.44 -23.87
C GLN O 33 86.98 10.25 -23.63
N ALA O 34 86.46 9.06 -23.96
CA ALA O 34 87.18 7.80 -23.79
C ALA O 34 88.53 7.80 -24.49
N ILE O 35 88.48 8.20 -25.76
CA ILE O 35 89.64 8.16 -26.64
C ILE O 35 90.69 9.17 -26.23
N LYS O 36 90.26 10.27 -25.61
CA LYS O 36 91.10 11.44 -25.40
C LYS O 36 92.32 11.14 -24.55
N GLY O 37 93.45 11.68 -24.99
CA GLY O 37 94.74 11.44 -24.35
C GLY O 37 95.49 10.20 -24.80
N MET O 38 94.86 9.32 -25.57
CA MET O 38 95.50 8.06 -25.99
C MET O 38 96.55 8.30 -27.05
N HIS O 39 97.45 7.34 -27.18
CA HIS O 39 98.33 7.27 -28.32
C HIS O 39 97.51 6.73 -29.49
N ILE O 40 97.62 7.36 -30.65
CA ILE O 40 96.71 7.10 -31.78
C ILE O 40 96.52 5.62 -32.11
N ARG O 41 97.58 4.82 -31.96
CA ARG O 41 97.50 3.38 -32.24
C ARG O 41 96.68 2.62 -31.19
N LYS O 42 96.73 3.07 -29.94
CA LYS O 42 95.86 2.53 -28.89
C LYS O 42 94.40 2.88 -29.19
N ALA O 43 94.16 4.17 -29.39
CA ALA O 43 92.84 4.70 -29.78
C ALA O 43 92.13 3.88 -30.85
N THR O 44 92.84 3.61 -31.94
CA THR O 44 92.30 2.81 -33.03
C THR O 44 91.92 1.42 -32.57
N LYS O 45 92.84 0.79 -31.83
CA LYS O 45 92.56 -0.52 -31.26
C LYS O 45 91.30 -0.44 -30.40
N TYR O 46 91.28 0.53 -29.49
CA TYR O 46 90.19 0.72 -28.54
C TYR O 46 88.84 0.87 -29.21
N LEU O 47 88.81 1.56 -30.35
CA LEU O 47 87.55 1.74 -31.07
C LEU O 47 87.10 0.50 -31.82
N LYS O 48 88.05 -0.27 -32.37
CA LYS O 48 87.71 -1.56 -32.98
C LYS O 48 87.25 -2.61 -31.94
N ASP O 49 87.73 -2.51 -30.70
CA ASP O 49 87.22 -3.35 -29.60
C ASP O 49 85.79 -2.97 -29.25
N VAL O 50 85.53 -1.66 -29.19
CA VAL O 50 84.19 -1.13 -28.97
C VAL O 50 83.24 -1.53 -30.10
N THR O 51 83.77 -1.56 -31.33
CA THR O 51 82.99 -2.00 -32.47
C THR O 51 82.53 -3.46 -32.32
N LEU O 52 83.39 -4.33 -31.81
CA LEU O 52 83.07 -5.76 -31.61
C LEU O 52 82.70 -6.15 -30.18
N GLN O 53 82.61 -5.17 -29.29
CA GLN O 53 82.28 -5.41 -27.88
C GLN O 53 83.30 -6.23 -27.09
N LYS O 54 84.56 -5.87 -27.22
CA LYS O 54 85.61 -6.36 -26.35
C LYS O 54 86.00 -5.33 -25.29
N GLN O 55 85.59 -4.07 -25.51
CA GLN O 55 85.75 -2.98 -24.54
C GLN O 55 84.58 -2.04 -24.68
N CYS O 56 84.25 -1.32 -23.62
CA CYS O 56 83.13 -0.39 -23.66
C CYS O 56 83.59 1.05 -23.55
N VAL O 57 82.64 1.93 -23.83
CA VAL O 57 82.77 3.35 -23.62
C VAL O 57 81.89 3.63 -22.43
N PRO O 58 82.47 4.07 -21.32
CA PRO O 58 81.64 4.43 -20.18
C PRO O 58 80.87 5.72 -20.43
N PHE O 59 79.56 5.63 -20.22
CA PHE O 59 78.65 6.75 -20.41
C PHE O 59 78.51 7.41 -19.06
N ARG O 60 79.24 8.49 -18.86
CA ARG O 60 79.32 9.13 -17.56
C ARG O 60 78.34 10.27 -17.40
N ARG O 61 78.44 11.27 -18.28
CA ARG O 61 77.54 12.41 -18.21
C ARG O 61 76.13 12.02 -18.62
N TYR O 62 76.02 11.49 -19.83
CA TYR O 62 74.76 11.14 -20.43
C TYR O 62 74.48 9.66 -20.19
N ASN O 63 74.08 9.36 -18.97
CA ASN O 63 74.03 8.00 -18.47
C ASN O 63 72.65 7.59 -17.95
N GLY O 64 71.63 8.34 -18.36
CA GLY O 64 70.28 8.14 -17.86
C GLY O 64 69.61 6.97 -18.55
N GLY O 65 69.53 5.86 -17.83
CA GLY O 65 68.95 4.61 -18.35
C GLY O 65 69.94 3.69 -19.04
N VAL O 66 71.19 4.15 -19.20
CA VAL O 66 72.20 3.36 -19.88
C VAL O 66 72.59 2.25 -18.96
N GLY O 67 72.75 1.06 -19.53
CA GLY O 67 72.91 -0.14 -18.74
C GLY O 67 74.27 -0.32 -18.08
N ARG O 68 74.31 -1.15 -17.04
CA ARG O 68 75.55 -1.61 -16.45
C ARG O 68 76.25 -2.61 -17.38
N CYS O 69 77.56 -2.75 -17.20
CA CYS O 69 78.33 -3.77 -17.93
C CYS O 69 79.68 -3.98 -17.28
N ALA O 70 80.10 -5.23 -17.20
CA ALA O 70 81.36 -5.58 -16.55
C ALA O 70 82.55 -4.88 -17.20
N GLN O 71 82.44 -4.58 -18.49
CA GLN O 71 83.53 -3.95 -19.24
C GLN O 71 83.89 -2.55 -18.77
N ALA O 72 82.92 -1.88 -18.14
CA ALA O 72 83.11 -0.54 -17.57
C ALA O 72 84.03 -0.48 -16.36
N LYS O 73 84.17 -1.60 -15.65
CA LYS O 73 85.04 -1.67 -14.47
C LYS O 73 86.48 -1.30 -14.78
N GLN O 74 86.92 -1.57 -16.02
CA GLN O 74 88.21 -1.08 -16.50
C GLN O 74 88.33 0.45 -16.34
N TRP O 75 87.23 1.16 -16.60
CA TRP O 75 87.21 2.62 -16.57
C TRP O 75 86.95 3.23 -15.20
N GLY O 76 86.55 2.42 -14.23
CA GLY O 76 86.08 2.93 -12.95
C GLY O 76 84.76 3.62 -13.20
N TRP O 77 83.74 2.81 -13.43
CA TRP O 77 82.40 3.28 -13.76
C TRP O 77 81.48 2.07 -13.86
N THR O 78 80.18 2.27 -13.69
CA THR O 78 79.21 1.17 -13.74
C THR O 78 78.51 1.10 -15.08
N GLN O 79 78.11 2.25 -15.60
CA GLN O 79 77.53 2.34 -16.95
C GLN O 79 78.55 2.09 -18.04
N GLY O 80 78.04 1.78 -19.23
CA GLY O 80 78.90 1.54 -20.37
C GLY O 80 78.22 0.83 -21.53
N ARG O 81 78.56 1.27 -22.73
CA ARG O 81 77.94 0.81 -23.95
C ARG O 81 78.95 0.67 -25.07
N TRP O 82 78.46 0.19 -26.21
CA TRP O 82 79.31 -0.12 -27.33
C TRP O 82 78.91 0.65 -28.56
N PRO O 83 78.86 1.99 -28.47
CA PRO O 83 78.31 2.80 -29.56
C PRO O 83 79.12 2.67 -30.85
N LYS O 84 78.53 2.03 -31.85
CA LYS O 84 79.26 1.54 -33.02
C LYS O 84 79.43 2.63 -34.06
N LYS O 85 78.32 3.26 -34.45
CA LYS O 85 78.33 4.45 -35.31
C LYS O 85 79.30 5.53 -34.86
N SER O 86 79.39 5.75 -33.55
CA SER O 86 80.32 6.75 -33.02
C SER O 86 81.76 6.29 -33.21
N ALA O 87 82.04 5.01 -32.95
CA ALA O 87 83.37 4.49 -33.19
C ALA O 87 83.72 4.47 -34.68
N GLU O 88 82.77 4.17 -35.55
CA GLU O 88 83.01 4.23 -37.00
C GLU O 88 83.23 5.65 -37.52
N PHE O 89 82.72 6.65 -36.79
CA PHE O 89 82.85 8.06 -37.19
C PHE O 89 84.01 8.79 -36.59
N LEU O 90 84.56 8.30 -35.49
CA LEU O 90 85.87 8.74 -35.06
C LEU O 90 86.87 7.59 -35.07
N LEU O 91 86.75 6.76 -36.10
CA LEU O 91 87.86 6.00 -36.66
C LEU O 91 88.17 6.54 -38.05
N HIS O 92 87.18 7.09 -38.74
CA HIS O 92 87.43 7.86 -39.96
C HIS O 92 88.21 9.12 -39.67
N MET O 93 87.83 9.83 -38.61
CA MET O 93 88.49 11.10 -38.29
C MET O 93 89.94 10.90 -37.91
N LEU O 94 90.20 9.91 -37.06
CA LEU O 94 91.56 9.48 -36.75
C LEU O 94 92.36 9.17 -38.00
N LYS O 95 91.74 8.45 -38.92
CA LYS O 95 92.37 8.12 -40.21
C LYS O 95 92.84 9.38 -40.92
N ASN O 96 92.00 10.42 -40.91
CA ASN O 96 92.31 11.68 -41.59
C ASN O 96 93.45 12.47 -40.94
N ALA O 97 93.42 12.55 -39.62
CA ALA O 97 94.48 13.24 -38.89
C ALA O 97 95.81 12.50 -39.04
N GLU O 98 95.75 11.17 -39.00
CA GLU O 98 96.90 10.33 -39.33
C GLU O 98 97.38 10.60 -40.75
N SER O 99 96.44 10.73 -41.68
CA SER O 99 96.74 11.14 -43.05
C SER O 99 97.57 12.42 -43.09
N ASN O 100 97.10 13.42 -42.38
CA ASN O 100 97.72 14.73 -42.43
C ASN O 100 99.06 14.78 -41.73
N ALA O 101 99.26 14.00 -40.67
CA ALA O 101 100.58 13.87 -40.06
C ALA O 101 101.57 13.33 -41.08
N GLU O 102 101.18 12.24 -41.75
CA GLU O 102 101.97 11.61 -42.80
C GLU O 102 102.32 12.59 -43.92
N LEU O 103 101.35 13.43 -44.27
CA LEU O 103 101.54 14.49 -45.25
C LEU O 103 102.48 15.58 -44.73
N LYS O 104 102.25 16.00 -43.49
CA LYS O 104 103.07 17.03 -42.85
C LYS O 104 104.50 16.55 -42.62
N GLY O 105 104.65 15.25 -42.37
CA GLY O 105 105.94 14.64 -42.08
C GLY O 105 106.20 14.58 -40.59
N LEU O 106 105.25 13.98 -39.86
CA LEU O 106 105.42 13.63 -38.46
C LEU O 106 105.51 12.13 -38.32
N ASP O 107 106.11 11.67 -37.22
CA ASP O 107 106.09 10.26 -36.89
C ASP O 107 104.68 9.92 -36.44
N VAL O 108 104.03 9.04 -37.20
CA VAL O 108 102.61 8.78 -37.04
C VAL O 108 102.33 8.04 -35.74
N ASP O 109 103.15 7.02 -35.44
CA ASP O 109 103.06 6.30 -34.16
C ASP O 109 103.95 6.94 -33.07
N SER O 110 104.00 8.26 -33.06
CA SER O 110 104.28 9.05 -31.86
C SER O 110 103.09 9.97 -31.48
N LEU O 111 102.02 9.93 -32.29
CA LEU O 111 100.93 10.90 -32.16
C LEU O 111 100.01 10.59 -31.00
N VAL O 112 99.86 11.56 -30.10
CA VAL O 112 98.86 11.51 -29.03
C VAL O 112 97.67 12.36 -29.45
N ILE O 113 96.47 11.84 -29.22
CA ILE O 113 95.23 12.61 -29.38
C ILE O 113 95.08 13.61 -28.23
N GLU O 114 95.66 14.79 -28.46
CA GLU O 114 95.79 15.84 -27.46
C GLU O 114 94.49 16.57 -27.17
N HIS O 115 93.67 16.73 -28.19
CA HIS O 115 92.43 17.48 -28.06
C HIS O 115 91.39 16.90 -29.00
N ILE O 116 90.21 16.65 -28.45
CA ILE O 116 89.07 16.18 -29.23
C ILE O 116 87.80 16.71 -28.58
N GLN O 117 86.82 17.06 -29.41
CA GLN O 117 85.70 17.84 -28.94
C GLN O 117 84.47 17.66 -29.83
N VAL O 118 83.40 17.20 -29.22
CA VAL O 118 82.14 17.00 -29.93
C VAL O 118 81.20 18.15 -29.59
N ASN O 119 80.87 18.93 -30.62
CA ASN O 119 79.84 19.95 -30.54
C ASN O 119 78.53 19.43 -31.11
N LYS O 120 77.41 20.02 -30.69
CA LYS O 120 76.13 19.77 -31.35
C LYS O 120 76.09 20.56 -32.63
N ALA O 121 75.50 19.96 -33.65
CA ALA O 121 75.31 20.57 -34.96
C ALA O 121 73.85 20.92 -35.07
N PRO O 122 73.49 21.83 -35.98
CA PRO O 122 72.08 22.17 -36.11
C PRO O 122 71.25 20.94 -36.34
N LYS O 123 70.06 20.90 -35.75
CA LYS O 123 69.25 19.70 -35.79
C LYS O 123 68.52 19.54 -37.11
N MET O 124 68.30 18.29 -37.48
CA MET O 124 67.38 17.96 -38.55
C MET O 124 66.00 17.88 -37.91
N ARG O 125 64.97 17.72 -38.72
CA ARG O 125 63.65 17.36 -38.21
C ARG O 125 62.84 16.60 -39.23
N ARG O 126 62.35 15.43 -38.80
CA ARG O 126 61.24 14.78 -39.47
C ARG O 126 60.22 14.45 -38.40
N ARG O 127 58.99 14.12 -38.82
CA ARG O 127 57.85 14.08 -37.91
C ARG O 127 57.47 12.67 -37.49
N THR O 128 56.76 12.58 -36.37
CA THR O 128 56.14 11.34 -35.94
C THR O 128 54.67 11.56 -35.61
N TYR O 129 53.85 10.70 -36.18
CA TYR O 129 52.42 10.79 -36.10
C TYR O 129 52.00 10.13 -34.81
N ARG O 130 51.18 10.84 -34.03
CA ARG O 130 50.81 10.38 -32.68
C ARG O 130 49.31 10.34 -32.42
N ALA O 131 48.99 9.69 -31.32
CA ALA O 131 47.61 9.42 -30.94
C ALA O 131 46.78 10.69 -30.85
N HIS O 132 45.51 10.55 -31.23
CA HIS O 132 44.54 11.64 -31.31
C HIS O 132 44.96 12.72 -32.27
N GLY O 133 45.55 12.29 -33.39
CA GLY O 133 45.98 13.20 -34.43
C GLY O 133 46.81 14.33 -33.88
N ARG O 134 47.90 13.98 -33.21
CA ARG O 134 48.90 14.93 -32.81
C ARG O 134 50.15 14.60 -33.60
N ILE O 135 50.93 15.63 -33.93
CA ILE O 135 52.14 15.43 -34.72
C ILE O 135 53.32 16.01 -33.98
N ASN O 136 54.17 15.12 -33.48
CA ASN O 136 55.35 15.50 -32.72
C ASN O 136 56.62 15.42 -33.53
N PRO O 137 57.66 16.15 -33.09
CA PRO O 137 58.93 16.12 -33.80
C PRO O 137 59.68 14.81 -33.61
N TYR O 138 60.59 14.52 -34.53
CA TYR O 138 61.37 13.30 -34.50
C TYR O 138 62.72 13.64 -35.10
N MET O 139 63.53 14.30 -34.29
CA MET O 139 64.67 15.07 -34.77
C MET O 139 66.00 14.44 -34.46
N SER O 140 66.87 14.37 -35.47
CA SER O 140 68.25 13.99 -35.26
C SER O 140 68.98 15.09 -34.52
N SER O 141 69.98 14.68 -33.74
CA SER O 141 70.83 15.59 -32.97
C SER O 141 72.27 15.35 -33.38
N PRO O 142 72.59 15.72 -34.63
CA PRO O 142 73.92 15.47 -35.17
C PRO O 142 74.99 16.35 -34.53
N CYS O 143 76.24 16.06 -34.84
CA CYS O 143 77.38 16.62 -34.11
C CYS O 143 78.51 17.06 -35.02
N HIS O 144 79.17 18.16 -34.66
CA HIS O 144 80.45 18.49 -35.29
C HIS O 144 81.52 17.86 -34.42
N ILE O 145 82.42 17.10 -35.03
CA ILE O 145 83.62 16.63 -34.32
C ILE O 145 84.81 17.39 -34.85
N GLU O 146 85.81 17.55 -33.99
CA GLU O 146 87.10 18.08 -34.38
C GLU O 146 88.16 17.66 -33.38
N MET O 147 89.38 17.49 -33.87
CA MET O 147 90.49 17.02 -33.03
C MET O 147 91.87 17.39 -33.55
N ILE O 148 92.83 17.25 -32.63
CA ILE O 148 94.21 17.64 -32.83
C ILE O 148 95.14 16.56 -32.24
N LEU O 149 96.01 16.00 -33.06
CA LEU O 149 97.05 15.09 -32.56
C LEU O 149 98.38 15.83 -32.42
N THR O 150 99.35 15.19 -31.74
CA THR O 150 100.66 15.80 -31.44
C THR O 150 101.76 14.75 -31.26
N GLU O 151 102.97 15.04 -31.76
CA GLU O 151 104.14 14.15 -31.57
C GLU O 151 104.59 14.13 -30.11
N LYS O 152 104.28 13.04 -29.39
CA LYS O 152 104.71 12.84 -28.01
C LYS O 152 105.14 11.39 -27.78
N GLU O 153 106.45 11.16 -27.73
CA GLU O 153 107.02 9.84 -27.40
C GLU O 153 108.44 9.99 -26.84
N GLY P 1 62.35 57.66 19.36
CA GLY P 1 61.08 58.05 18.68
C GLY P 1 60.46 59.27 19.30
N VAL P 2 60.00 60.19 18.45
CA VAL P 2 59.47 61.46 18.90
C VAL P 2 58.07 61.62 18.35
N ASP P 3 57.18 62.25 19.12
CA ASP P 3 55.85 62.58 18.59
C ASP P 3 55.76 64.02 18.17
N ILE P 4 55.82 64.20 16.86
CA ILE P 4 55.38 65.41 16.20
C ILE P 4 54.66 64.87 14.98
N ARG P 5 53.66 65.62 14.50
CA ARG P 5 53.15 65.38 13.16
C ARG P 5 54.01 66.17 12.19
N HIS P 6 54.45 65.49 11.14
CA HIS P 6 55.27 66.10 10.11
C HIS P 6 54.37 66.60 8.99
N ASN P 7 53.14 66.91 9.35
CA ASN P 7 52.05 66.98 8.41
C ASN P 7 52.05 68.35 7.77
N LYS P 8 52.23 69.37 8.60
CA LYS P 8 52.26 70.75 8.16
C LYS P 8 53.60 71.40 8.55
N ASP P 9 54.67 70.63 8.39
CA ASP P 9 56.03 71.10 8.65
C ASP P 9 56.56 71.94 7.50
N ARG P 10 56.20 71.59 6.27
CA ARG P 10 56.60 72.32 5.07
C ARG P 10 55.60 73.42 4.76
N LYS P 11 56.05 74.67 4.86
CA LYS P 11 55.22 75.81 4.49
C LYS P 11 55.19 75.94 2.97
N VAL P 12 54.04 76.31 2.42
CA VAL P 12 53.81 76.19 0.98
C VAL P 12 53.90 77.47 0.18
N ARG P 13 53.97 78.62 0.86
CA ARG P 13 54.37 79.90 0.23
C ARG P 13 55.40 79.82 -0.88
N ARG P 14 55.28 80.73 -1.84
CA ARG P 14 56.27 80.89 -2.88
C ARG P 14 57.54 81.54 -2.36
N LYS P 15 58.62 81.32 -3.10
CA LYS P 15 59.93 81.86 -2.78
C LYS P 15 60.41 82.80 -3.87
N GLU P 16 60.37 82.33 -5.11
CA GLU P 16 60.68 83.13 -6.30
C GLU P 16 59.41 83.24 -7.12
N PRO P 17 59.43 84.06 -8.19
CA PRO P 17 58.29 83.98 -9.09
C PRO P 17 58.38 82.74 -9.95
N LYS P 18 57.25 82.18 -10.34
CA LYS P 18 57.23 80.97 -11.16
C LYS P 18 57.51 81.30 -12.62
N SER P 19 57.27 82.55 -12.99
CA SER P 19 57.64 83.05 -14.31
C SER P 19 59.15 83.02 -14.54
N GLN P 20 59.53 82.87 -15.81
CA GLN P 20 60.93 82.86 -16.21
C GLN P 20 61.38 84.17 -16.83
N ASP P 21 60.46 85.13 -17.02
CA ASP P 21 60.81 86.38 -17.70
C ASP P 21 61.89 87.17 -16.95
N ILE P 22 62.74 87.79 -17.73
CA ILE P 22 64.03 88.27 -17.25
C ILE P 22 63.95 89.64 -16.60
N TYR P 23 63.01 90.47 -17.04
CA TYR P 23 62.86 91.81 -16.47
C TYR P 23 62.24 91.78 -15.10
N LEU P 24 61.19 90.98 -14.94
CA LEU P 24 60.65 90.76 -13.62
C LEU P 24 61.73 90.17 -12.71
N ARG P 25 62.46 89.17 -13.18
CA ARG P 25 63.48 88.55 -12.34
C ARG P 25 64.56 89.54 -11.89
N LEU P 26 64.87 90.54 -12.71
CA LEU P 26 65.78 91.61 -12.26
C LEU P 26 65.16 92.43 -11.14
N LEU P 27 63.89 92.81 -11.28
CA LEU P 27 63.17 93.49 -10.18
C LEU P 27 63.25 92.69 -8.89
N VAL P 28 63.07 91.38 -9.01
CA VAL P 28 63.18 90.49 -7.87
C VAL P 28 64.57 90.54 -7.24
N LYS P 29 65.62 90.53 -8.07
CA LYS P 29 66.99 90.65 -7.56
C LYS P 29 67.20 91.95 -6.79
N LEU P 30 66.63 93.03 -7.33
CA LEU P 30 66.70 94.34 -6.70
C LEU P 30 65.92 94.34 -5.39
N TYR P 31 64.66 93.93 -5.43
CA TYR P 31 63.84 93.96 -4.20
C TYR P 31 64.15 92.90 -3.15
N ARG P 32 64.76 91.78 -3.53
CA ARG P 32 65.34 90.86 -2.55
C ARG P 32 66.37 91.59 -1.72
N PHE P 33 67.28 92.26 -2.42
CA PHE P 33 68.35 92.98 -1.77
C PHE P 33 67.82 94.05 -0.82
N LEU P 34 66.94 94.90 -1.35
CA LEU P 34 66.34 95.95 -0.55
C LEU P 34 65.56 95.37 0.60
N ALA P 35 64.70 94.40 0.30
CA ALA P 35 63.97 93.71 1.37
C ALA P 35 64.91 93.37 2.50
N ARG P 36 66.04 92.73 2.20
CA ARG P 36 66.88 92.19 3.27
C ARG P 36 67.69 93.27 3.98
N ARG P 37 68.13 94.28 3.24
CA ARG P 37 69.05 95.26 3.78
C ARG P 37 68.40 96.52 4.32
N THR P 38 67.19 96.83 3.87
CA THR P 38 66.44 97.93 4.45
C THR P 38 65.61 97.38 5.59
N ASN P 39 65.16 98.27 6.46
CA ASN P 39 64.18 97.92 7.48
C ASN P 39 62.75 97.99 6.96
N SER P 40 62.55 98.68 5.84
CA SER P 40 61.24 98.87 5.27
C SER P 40 60.55 97.56 5.01
N THR P 41 59.34 97.44 5.54
CA THR P 41 58.48 96.30 5.30
C THR P 41 57.72 96.49 3.98
N PHE P 42 57.67 97.73 3.49
CA PHE P 42 57.18 98.01 2.13
C PHE P 42 57.88 97.15 1.10
N ASN P 43 59.21 97.11 1.20
CA ASN P 43 60.03 96.29 0.31
C ASN P 43 59.69 94.82 0.43
N GLN P 44 59.49 94.36 1.65
CA GLN P 44 59.07 92.99 1.86
C GLN P 44 57.72 92.70 1.23
N VAL P 45 56.74 93.55 1.44
CA VAL P 45 55.42 93.35 0.84
C VAL P 45 55.49 93.33 -0.68
N VAL P 46 56.12 94.35 -1.25
CA VAL P 46 56.39 94.42 -2.68
C VAL P 46 57.11 93.15 -3.16
N LEU P 47 58.15 92.73 -2.46
CA LEU P 47 58.91 91.54 -2.85
C LEU P 47 58.02 90.33 -2.91
N LYS P 48 57.25 90.13 -1.83
CA LYS P 48 56.25 89.06 -1.75
C LYS P 48 55.32 89.03 -2.97
N ARG P 49 54.84 90.20 -3.37
CA ARG P 49 53.90 90.32 -4.48
C ARG P 49 54.50 90.06 -5.85
N LEU P 50 55.79 90.29 -6.01
CA LEU P 50 56.44 89.98 -7.28
C LEU P 50 56.45 88.50 -7.59
N PHE P 51 56.40 87.65 -6.56
CA PHE P 51 56.35 86.20 -6.75
C PHE P 51 54.95 85.65 -7.08
N MET P 52 53.91 86.46 -6.93
CA MET P 52 52.54 85.97 -7.03
C MET P 52 52.07 85.78 -8.48
N SER P 53 50.98 85.02 -8.61
CA SER P 53 50.37 84.70 -9.90
C SER P 53 49.56 85.86 -10.44
N ARG P 54 49.36 85.83 -11.76
CA ARG P 54 48.44 86.74 -12.44
C ARG P 54 47.13 86.88 -11.65
N THR P 55 46.45 85.76 -11.42
CA THR P 55 45.23 85.75 -10.64
C THR P 55 45.43 86.58 -9.39
N ASN P 56 46.51 86.26 -8.69
CA ASN P 56 46.77 86.80 -7.37
C ASN P 56 47.20 88.25 -7.31
N ARG P 57 47.58 88.84 -8.45
CA ARG P 57 47.79 90.29 -8.53
C ARG P 57 46.84 90.88 -9.57
N PRO P 58 45.57 91.10 -9.18
CA PRO P 58 44.56 91.62 -10.07
C PRO P 58 44.74 93.07 -10.49
N PRO P 59 44.17 93.44 -11.64
CA PRO P 59 44.32 94.78 -12.19
C PRO P 59 43.61 95.81 -11.35
N LEU P 60 44.23 96.97 -11.25
CA LEU P 60 43.73 98.05 -10.46
C LEU P 60 43.22 99.10 -11.42
N SER P 61 41.91 99.35 -11.39
CA SER P 61 41.32 100.28 -12.34
C SER P 61 41.69 101.71 -11.97
N LEU P 62 41.66 102.58 -12.97
CA LEU P 62 42.05 103.98 -12.76
C LEU P 62 41.14 104.62 -11.74
N SER P 63 39.84 104.34 -11.84
CA SER P 63 38.86 104.91 -10.92
C SER P 63 39.10 104.45 -9.50
N ARG P 64 39.52 103.20 -9.33
CA ARG P 64 39.82 102.69 -7.99
C ARG P 64 41.06 103.36 -7.44
N MET P 65 42.04 103.60 -8.31
CA MET P 65 43.25 104.33 -7.93
C MET P 65 42.98 105.80 -7.63
N ILE P 66 42.03 106.40 -8.34
CA ILE P 66 41.62 107.77 -8.05
C ILE P 66 41.09 107.80 -6.64
N ARG P 67 40.01 107.07 -6.41
CA ARG P 67 39.25 107.24 -5.16
C ARG P 67 40.06 106.91 -3.91
N LYS P 68 40.93 105.92 -4.01
CA LYS P 68 41.87 105.58 -2.94
C LYS P 68 42.88 106.69 -2.63
N MET P 69 43.22 107.51 -3.61
CA MET P 69 44.06 108.69 -3.37
C MET P 69 43.25 109.96 -3.06
N LYS P 70 41.97 109.96 -3.45
CA LYS P 70 41.04 111.02 -3.01
C LYS P 70 40.86 111.05 -1.50
N LEU P 71 41.00 109.89 -0.86
CA LEU P 71 40.92 109.78 0.60
C LEU P 71 41.78 110.82 1.32
N PRO P 72 41.27 111.32 2.46
CA PRO P 72 41.83 112.51 3.10
C PRO P 72 43.21 112.31 3.71
N GLY P 73 44.20 113.00 3.15
CA GLY P 73 45.53 113.07 3.77
C GLY P 73 46.64 112.47 2.94
N ARG P 74 46.33 111.48 2.10
CA ARG P 74 47.37 110.83 1.29
C ARG P 74 47.57 111.59 -0.03
N GLU P 75 47.97 112.84 0.14
CA GLU P 75 47.97 113.87 -0.89
C GLU P 75 49.42 114.28 -1.11
N GLY P 76 49.86 114.30 -2.37
CA GLY P 76 51.28 114.48 -2.67
C GLY P 76 52.01 113.24 -2.22
N LYS P 77 51.64 112.11 -2.84
CA LYS P 77 52.15 110.78 -2.49
C LYS P 77 52.44 110.04 -3.80
N THR P 78 52.82 108.76 -3.70
CA THR P 78 52.79 107.87 -4.88
C THR P 78 52.03 106.58 -4.60
N ALA P 79 51.10 106.27 -5.49
CA ALA P 79 50.37 105.02 -5.47
C ALA P 79 51.25 103.95 -6.10
N VAL P 80 51.22 102.76 -5.52
CA VAL P 80 51.99 101.62 -6.00
C VAL P 80 51.06 100.42 -6.15
N VAL P 81 51.34 99.63 -7.16
CA VAL P 81 50.49 98.54 -7.60
C VAL P 81 51.41 97.54 -8.27
N VAL P 82 51.58 96.36 -7.68
CA VAL P 82 52.41 95.35 -8.34
C VAL P 82 51.71 94.80 -9.59
N GLY P 83 50.38 94.92 -9.69
CA GLY P 83 49.64 94.53 -10.89
C GLY P 83 49.72 95.55 -12.03
N THR P 84 48.63 95.65 -12.79
CA THR P 84 48.51 96.65 -13.87
C THR P 84 47.46 97.70 -13.54
N ILE P 85 47.68 98.86 -14.12
CA ILE P 85 46.77 99.98 -14.02
C ILE P 85 45.94 99.93 -15.29
N THR P 86 44.63 99.83 -15.15
CA THR P 86 43.75 99.90 -16.32
C THR P 86 42.94 101.18 -16.33
N ASP P 87 42.34 101.43 -17.48
CA ASP P 87 41.49 102.58 -17.65
C ASP P 87 40.16 102.35 -16.97
N ASP P 88 39.47 103.45 -16.70
CA ASP P 88 38.05 103.44 -16.49
C ASP P 88 37.47 104.41 -17.45
N VAL P 89 36.63 103.90 -18.35
CA VAL P 89 35.91 104.75 -19.28
C VAL P 89 34.79 105.48 -18.55
N ARG P 90 34.31 104.87 -17.46
CA ARG P 90 33.31 105.47 -16.59
C ARG P 90 33.93 106.29 -15.43
N VAL P 91 35.10 106.90 -15.70
CA VAL P 91 35.53 108.10 -14.99
C VAL P 91 36.09 109.06 -16.02
N GLN P 92 35.93 110.36 -15.78
CA GLN P 92 36.27 111.37 -16.77
C GLN P 92 37.47 112.21 -16.32
N GLU P 93 37.29 112.99 -15.27
CA GLU P 93 38.35 113.87 -14.78
C GLU P 93 39.36 113.07 -13.96
N VAL P 94 40.61 113.06 -14.43
CA VAL P 94 41.70 112.29 -13.81
C VAL P 94 42.70 113.28 -13.21
N PRO P 95 42.78 113.37 -11.87
CA PRO P 95 43.80 114.17 -11.21
C PRO P 95 45.21 113.76 -11.58
N LYS P 96 46.18 114.65 -11.32
CA LYS P 96 47.56 114.36 -11.65
C LYS P 96 48.15 113.50 -10.54
N LEU P 97 48.56 112.28 -10.93
CA LEU P 97 48.92 111.24 -9.98
C LEU P 97 50.40 110.95 -10.05
N LYS P 98 50.87 110.22 -9.06
CA LYS P 98 52.13 109.54 -9.14
C LYS P 98 51.80 108.06 -8.93
N VAL P 99 52.43 107.22 -9.73
CA VAL P 99 52.04 105.84 -9.91
C VAL P 99 53.29 104.98 -10.05
N CYS P 100 53.28 103.79 -9.43
CA CYS P 100 54.17 102.68 -9.82
C CYS P 100 53.35 101.51 -10.27
N ALA P 101 53.81 100.85 -11.32
CA ALA P 101 53.17 99.64 -11.78
C ALA P 101 54.11 98.78 -12.63
N LEU P 102 53.89 97.47 -12.56
CA LEU P 102 54.56 96.56 -13.46
C LEU P 102 54.04 96.80 -14.86
N ARG P 103 52.73 97.07 -15.00
CA ARG P 103 52.18 97.47 -16.29
C ARG P 103 51.17 98.60 -16.15
N VAL P 104 51.05 99.41 -17.21
CA VAL P 104 49.91 100.33 -17.33
C VAL P 104 49.41 100.26 -18.76
N SER P 105 48.11 100.02 -18.95
CA SER P 105 47.57 99.87 -20.30
C SER P 105 47.64 101.21 -21.06
N SER P 106 47.78 101.12 -22.38
CA SER P 106 48.04 102.29 -23.25
C SER P 106 47.08 103.47 -23.08
N ARG P 107 45.80 103.16 -22.88
CA ARG P 107 44.81 104.20 -22.56
C ARG P 107 45.13 104.83 -21.23
N ALA P 108 45.18 104.00 -20.20
CA ALA P 108 45.46 104.42 -18.83
C ALA P 108 46.75 105.23 -18.75
N ARG P 109 47.72 104.87 -19.58
CA ARG P 109 48.95 105.61 -19.69
C ARG P 109 48.69 107.02 -20.23
N SER P 110 47.95 107.12 -21.33
CA SER P 110 47.66 108.42 -21.92
C SER P 110 46.95 109.33 -20.93
N ARG P 111 45.77 108.91 -20.48
CA ARG P 111 44.97 109.66 -19.50
C ARG P 111 45.78 110.20 -18.34
N ILE P 112 46.67 109.39 -17.76
CA ILE P 112 47.45 109.82 -16.61
C ILE P 112 48.44 110.89 -17.03
N LEU P 113 49.18 110.63 -18.09
CA LEU P 113 50.21 111.56 -18.53
C LEU P 113 49.63 112.88 -19.02
N LYS P 114 48.49 112.82 -19.71
CA LYS P 114 47.77 114.04 -20.12
C LYS P 114 47.41 114.91 -18.92
N ALA P 115 47.09 114.29 -17.79
CA ALA P 115 46.77 115.01 -16.57
C ALA P 115 47.95 115.75 -15.92
N GLY P 116 49.18 115.45 -16.37
CA GLY P 116 50.39 115.88 -15.70
C GLY P 116 50.87 114.83 -14.71
N GLY P 117 50.41 113.60 -14.89
CA GLY P 117 50.81 112.51 -14.02
C GLY P 117 52.18 112.00 -14.40
N LYS P 118 52.86 111.44 -13.41
CA LYS P 118 54.13 110.76 -13.60
C LYS P 118 53.88 109.27 -13.45
N ILE P 119 54.48 108.49 -14.34
CA ILE P 119 54.43 107.03 -14.26
C ILE P 119 55.84 106.56 -13.93
N LEU P 120 55.95 105.60 -13.01
CA LEU P 120 57.23 105.04 -12.63
C LEU P 120 57.28 103.53 -12.83
N THR P 121 58.47 103.02 -13.16
CA THR P 121 58.77 101.60 -13.06
C THR P 121 59.28 101.31 -11.65
N PHE P 122 59.43 100.02 -11.33
CA PHE P 122 59.79 99.62 -9.97
C PHE P 122 61.26 99.79 -9.63
N ASP P 123 62.13 99.64 -10.62
CA ASP P 123 63.52 100.07 -10.50
C ASP P 123 63.60 101.58 -10.19
N GLN P 124 62.74 102.37 -10.83
CA GLN P 124 62.68 103.81 -10.61
C GLN P 124 62.17 104.18 -9.22
N LEU P 125 61.19 103.42 -8.73
CA LEU P 125 60.63 103.64 -7.38
C LEU P 125 61.69 103.44 -6.31
N ALA P 126 62.55 102.45 -6.50
CA ALA P 126 63.59 102.12 -5.53
C ALA P 126 64.57 103.27 -5.35
N LEU P 127 65.06 103.81 -6.47
CA LEU P 127 65.96 104.97 -6.43
C LEU P 127 65.25 106.17 -5.83
N ASP P 128 64.00 106.36 -6.22
CA ASP P 128 63.15 107.43 -5.69
C ASP P 128 62.86 107.28 -4.18
N SER P 129 62.70 106.05 -3.71
CA SER P 129 62.38 105.78 -2.31
C SER P 129 62.67 104.32 -1.96
N PRO P 130 63.90 104.02 -1.52
CA PRO P 130 64.30 102.64 -1.27
C PRO P 130 63.65 102.00 -0.03
N LYS P 131 63.15 102.82 0.89
CA LYS P 131 62.44 102.32 2.05
C LYS P 131 60.93 102.53 1.97
N GLY P 132 60.43 102.77 0.76
CA GLY P 132 59.00 102.86 0.50
C GLY P 132 58.33 104.04 1.17
N CYS P 133 59.10 105.10 1.43
CA CYS P 133 58.62 106.22 2.22
C CYS P 133 57.73 107.13 1.38
N GLY P 134 56.51 107.35 1.86
CA GLY P 134 55.55 108.24 1.21
C GLY P 134 54.89 107.54 0.03
N THR P 135 54.40 106.34 0.28
CA THR P 135 53.79 105.51 -0.73
C THR P 135 52.42 105.10 -0.27
N VAL P 136 51.55 104.83 -1.23
CA VAL P 136 50.26 104.23 -0.99
C VAL P 136 50.32 102.90 -1.71
N LEU P 137 50.37 101.82 -0.95
CA LEU P 137 50.40 100.49 -1.54
C LEU P 137 48.98 99.98 -1.67
N LEU P 138 48.50 99.93 -2.90
CA LEU P 138 47.14 99.49 -3.17
C LEU P 138 47.14 98.07 -3.67
N SER P 139 45.93 97.55 -3.90
CA SER P 139 45.78 96.29 -4.59
C SER P 139 44.46 96.28 -5.31
N GLY P 140 44.42 95.53 -6.40
CA GLY P 140 43.18 95.25 -7.09
C GLY P 140 42.33 94.30 -6.26
N PRO P 141 41.01 94.28 -6.53
CA PRO P 141 40.11 93.40 -5.81
C PRO P 141 40.40 91.95 -6.15
N ARG P 142 40.93 91.24 -5.16
CA ARG P 142 41.32 89.85 -5.34
C ARG P 142 40.14 88.98 -5.79
N LYS P 143 39.00 89.19 -5.15
CA LYS P 143 37.80 88.42 -5.41
C LYS P 143 36.93 89.12 -6.47
N GLY P 144 37.54 89.45 -7.59
CA GLY P 144 36.84 89.99 -8.76
C GLY P 144 36.44 88.88 -9.71
N ARG P 145 37.39 87.98 -9.96
CA ARG P 145 37.24 86.87 -10.90
C ARG P 145 35.88 86.19 -10.80
N GLU P 146 35.25 85.93 -11.95
CA GLU P 146 33.92 85.32 -11.95
C GLU P 146 33.98 83.93 -11.31
N VAL P 147 35.14 83.30 -11.42
CA VAL P 147 35.52 82.11 -10.65
C VAL P 147 34.87 81.99 -9.29
N TYR P 148 35.05 83.02 -8.46
CA TYR P 148 34.60 83.00 -7.06
C TYR P 148 33.10 82.85 -6.87
N ARG P 149 32.30 83.25 -7.86
CA ARG P 149 30.87 83.06 -7.80
C ARG P 149 30.42 81.61 -7.82
N HIS P 150 31.29 80.69 -8.22
CA HIS P 150 31.00 79.27 -8.08
C HIS P 150 31.49 78.69 -6.77
N PHE P 151 32.38 79.42 -6.08
CA PHE P 151 32.91 78.95 -4.81
C PHE P 151 31.96 79.20 -3.65
N GLY P 152 32.01 78.29 -2.69
CA GLY P 152 31.25 78.38 -1.44
C GLY P 152 30.33 77.20 -1.21
N LYS P 153 29.41 77.39 -0.27
CA LYS P 153 28.35 76.43 0.01
C LYS P 153 27.62 76.15 -1.29
N ALA P 154 27.49 74.88 -1.64
CA ALA P 154 27.07 74.50 -2.99
C ALA P 154 25.68 75.00 -3.32
N PRO P 155 25.37 75.11 -4.62
CA PRO P 155 23.99 75.42 -4.98
C PRO P 155 23.09 74.25 -4.65
N GLY P 156 21.86 74.54 -4.27
CA GLY P 156 20.97 73.51 -3.75
C GLY P 156 21.41 73.07 -2.36
N THR P 157 21.76 74.07 -1.56
CA THR P 157 22.14 73.89 -0.17
C THR P 157 21.62 75.13 0.52
N PRO P 158 20.58 74.99 1.36
CA PRO P 158 19.75 76.14 1.73
C PRO P 158 20.56 77.37 2.20
N HIS P 159 20.19 78.54 1.68
CA HIS P 159 20.87 79.83 1.92
C HIS P 159 22.25 79.94 1.25
N SER P 160 22.46 79.23 0.14
CA SER P 160 23.62 79.47 -0.68
C SER P 160 23.18 80.29 -1.87
N HIS P 161 24.08 81.13 -2.35
CA HIS P 161 23.79 81.99 -3.49
C HIS P 161 24.96 81.86 -4.41
N THR P 162 25.18 80.61 -4.81
CA THR P 162 26.41 80.19 -5.43
C THR P 162 26.11 79.76 -6.85
N LYS P 163 26.67 80.48 -7.82
CA LYS P 163 26.39 80.24 -9.22
C LYS P 163 26.74 78.78 -9.55
N PRO P 164 25.78 78.03 -10.12
CA PRO P 164 26.12 76.70 -10.60
C PRO P 164 26.78 76.76 -11.97
N TYR P 165 27.68 75.83 -12.23
CA TYR P 165 28.27 75.67 -13.55
C TYR P 165 27.21 75.07 -14.45
N VAL P 166 26.74 75.86 -15.40
CA VAL P 166 25.63 75.47 -16.26
C VAL P 166 26.03 75.76 -17.70
N ARG P 167 25.63 74.88 -18.62
CA ARG P 167 26.02 75.00 -20.02
C ARG P 167 25.56 76.32 -20.62
N SER P 168 24.33 76.72 -20.30
CA SER P 168 23.75 77.94 -20.85
C SER P 168 22.56 78.34 -20.01
N LYS P 169 22.44 79.61 -19.62
CA LYS P 169 21.24 80.05 -18.91
C LYS P 169 20.07 80.18 -19.88
N GLY P 170 18.86 80.16 -19.31
CA GLY P 170 17.63 80.08 -20.06
C GLY P 170 16.54 79.33 -19.32
N ARG P 171 15.30 79.59 -19.71
CA ARG P 171 14.09 78.95 -19.17
C ARG P 171 14.28 77.51 -18.72
N LYS P 172 14.96 76.72 -19.54
CA LYS P 172 15.03 75.28 -19.34
C LYS P 172 16.47 74.80 -19.18
N PHE P 173 17.23 75.52 -18.38
CA PHE P 173 18.54 75.06 -17.96
C PHE P 173 18.63 75.28 -16.46
N GLU P 174 18.45 74.18 -15.74
CA GLU P 174 18.09 74.16 -14.33
C GLU P 174 16.72 74.85 -14.11
N ARG P 175 16.56 75.61 -13.03
CA ARG P 175 15.26 76.19 -12.61
C ARG P 175 13.98 75.32 -12.68
N ALA P 176 14.11 74.03 -12.33
CA ALA P 176 12.96 73.14 -12.07
C ALA P 176 13.01 72.49 -10.68
N ARG P 177 13.22 71.18 -10.57
CA ARG P 177 13.03 70.45 -9.30
C ARG P 177 14.13 70.71 -8.29
N GLY P 178 13.87 71.66 -7.40
CA GLY P 178 14.90 72.13 -6.49
C GLY P 178 15.18 73.62 -6.57
N ARG P 179 14.38 74.36 -7.33
CA ARG P 179 14.36 75.82 -7.21
C ARG P 179 12.95 76.39 -7.06
N ARG P 180 12.01 75.89 -7.86
CA ARG P 180 10.61 76.23 -7.69
C ARG P 180 10.11 75.49 -6.47
N ALA P 181 9.11 76.05 -5.79
CA ALA P 181 8.39 75.32 -4.76
C ALA P 181 7.46 74.33 -5.43
N SER P 182 6.87 74.74 -6.55
CA SER P 182 5.98 73.91 -7.36
C SER P 182 6.55 72.57 -7.80
N ARG P 183 7.87 72.50 -7.93
CA ARG P 183 8.53 71.30 -8.41
C ARG P 183 9.43 70.69 -7.34
N GLY P 184 8.83 69.81 -6.55
CA GLY P 184 9.53 69.14 -5.47
C GLY P 184 9.71 70.01 -4.25
N TYR P 185 10.67 70.93 -4.32
CA TYR P 185 11.18 71.62 -3.13
C TYR P 185 12.05 72.80 -3.53
N LYS P 186 12.46 73.63 -2.57
CA LYS P 186 13.47 74.65 -2.87
C LYS P 186 14.39 75.02 -1.70
N ASN P 187 15.60 75.46 -2.04
CA ASN P 187 16.69 75.72 -1.09
C ASN P 187 17.10 77.21 -1.07
N SER Q 1 73.09 -9.68 -60.50
CA SER Q 1 73.18 -8.26 -60.05
C SER Q 1 71.80 -7.70 -59.70
N MET Q 2 70.90 -7.72 -60.68
CA MET Q 2 69.53 -7.26 -60.52
C MET Q 2 68.73 -7.73 -61.74
N LEU Q 3 67.78 -8.63 -61.50
CA LEU Q 3 67.07 -9.31 -62.57
C LEU Q 3 65.60 -9.41 -62.28
N ARG Q 4 65.01 -8.37 -61.68
CA ARG Q 4 63.56 -8.40 -61.43
C ARG Q 4 62.80 -8.11 -62.73
N LEU Q 5 63.39 -7.31 -63.60
CA LEU Q 5 62.86 -7.05 -64.93
C LEU Q 5 62.89 -8.30 -65.82
N GLN Q 6 64.03 -9.00 -65.81
CA GLN Q 6 64.19 -10.17 -66.63
C GLN Q 6 63.28 -11.29 -66.18
N LYS Q 7 62.99 -11.36 -64.89
CA LYS Q 7 62.04 -12.34 -64.41
C LYS Q 7 60.62 -11.97 -64.85
N ARG Q 8 60.27 -10.68 -64.82
CA ARG Q 8 58.93 -10.24 -65.27
C ARG Q 8 58.71 -10.57 -66.75
N LEU Q 9 59.59 -10.07 -67.62
CA LEU Q 9 59.50 -10.35 -69.06
C LEU Q 9 59.46 -11.85 -69.34
N ALA Q 10 60.36 -12.60 -68.71
CA ALA Q 10 60.43 -14.06 -68.84
C ALA Q 10 59.09 -14.72 -68.53
N SER Q 11 58.54 -14.35 -67.37
CA SER Q 11 57.22 -14.81 -66.95
C SER Q 11 56.14 -14.53 -67.99
N SER Q 12 56.13 -13.30 -68.51
CA SER Q 12 55.13 -12.88 -69.49
C SER Q 12 55.30 -13.59 -70.83
N VAL Q 13 56.53 -13.95 -71.17
CA VAL Q 13 56.80 -14.66 -72.42
C VAL Q 13 56.35 -16.10 -72.26
N LEU Q 14 56.82 -16.74 -71.19
CA LEU Q 14 56.43 -18.12 -70.86
C LEU Q 14 54.92 -18.29 -70.61
N ARG Q 15 54.27 -17.22 -70.14
CA ARG Q 15 52.86 -17.25 -69.73
C ARG Q 15 52.69 -18.16 -68.51
N CYS Q 16 53.63 -18.01 -67.59
CA CYS Q 16 53.59 -18.69 -66.29
C CYS Q 16 53.62 -17.60 -65.22
N GLY Q 17 53.85 -17.99 -63.97
CA GLY Q 17 53.72 -17.07 -62.84
C GLY Q 17 54.84 -16.09 -62.63
N LYS Q 18 56.06 -16.59 -62.68
CA LYS Q 18 57.30 -15.98 -62.15
C LYS Q 18 57.69 -16.68 -60.85
N LYS Q 19 56.77 -17.43 -60.27
CA LYS Q 19 57.18 -18.60 -59.52
C LYS Q 19 57.92 -19.52 -60.48
N LYS Q 20 57.28 -19.79 -61.61
CA LYS Q 20 57.75 -20.78 -62.56
C LYS Q 20 58.92 -20.33 -63.43
N VAL Q 21 59.23 -19.05 -63.46
CA VAL Q 21 60.45 -18.60 -64.12
C VAL Q 21 61.67 -19.03 -63.32
N TRP Q 22 62.61 -19.66 -63.98
CA TRP Q 22 63.88 -20.03 -63.40
C TRP Q 22 64.99 -19.36 -64.21
N LEU Q 23 65.76 -18.48 -63.59
CA LEU Q 23 66.92 -17.85 -64.23
C LEU Q 23 68.17 -18.57 -63.78
N ASP Q 24 69.04 -18.99 -64.70
CA ASP Q 24 70.28 -19.69 -64.30
C ASP Q 24 71.21 -18.78 -63.52
N PRO Q 25 71.49 -19.13 -62.24
CA PRO Q 25 72.30 -18.25 -61.38
C PRO Q 25 73.78 -18.20 -61.73
N ASN Q 26 74.29 -19.21 -62.43
CA ASN Q 26 75.66 -19.19 -62.91
C ASN Q 26 75.81 -18.19 -64.06
N GLU Q 27 74.92 -18.29 -65.05
CA GLU Q 27 74.89 -17.38 -66.18
C GLU Q 27 73.89 -16.24 -65.89
N THR Q 28 74.34 -15.34 -65.02
CA THR Q 28 73.57 -14.19 -64.54
C THR Q 28 73.77 -12.97 -65.43
N ASN Q 29 75.04 -12.66 -65.71
CA ASN Q 29 75.44 -11.46 -66.48
C ASN Q 29 74.86 -11.43 -67.89
N GLU Q 30 74.76 -12.60 -68.51
CA GLU Q 30 74.14 -12.76 -69.82
C GLU Q 30 72.67 -12.38 -69.76
N ILE Q 31 72.01 -12.83 -68.70
CA ILE Q 31 70.63 -12.46 -68.41
C ILE Q 31 70.54 -10.96 -68.09
N ALA Q 32 71.50 -10.42 -67.35
CA ALA Q 32 71.48 -9.01 -66.99
C ALA Q 32 71.39 -8.07 -68.19
N ASN Q 33 72.08 -8.38 -69.28
CA ASN Q 33 71.99 -7.58 -70.51
C ASN Q 33 70.96 -8.12 -71.53
N ALA Q 34 69.84 -8.61 -71.01
CA ALA Q 34 68.71 -9.09 -71.80
C ALA Q 34 67.65 -8.03 -72.02
N ASN Q 35 67.62 -6.99 -71.19
CA ASN Q 35 66.60 -5.91 -71.23
C ASN Q 35 65.28 -6.12 -72.03
N SER Q 36 65.35 -6.32 -73.35
CA SER Q 36 64.15 -6.54 -74.14
C SER Q 36 63.66 -7.97 -74.02
N ARG Q 37 62.40 -8.17 -74.40
CA ARG Q 37 61.90 -9.51 -74.70
C ARG Q 37 62.24 -9.73 -76.15
N GLN Q 38 62.36 -11.00 -76.52
CA GLN Q 38 63.05 -11.47 -77.74
C GLN Q 38 64.57 -11.60 -77.56
N GLN Q 39 65.17 -10.75 -76.73
CA GLN Q 39 66.45 -11.09 -76.12
C GLN Q 39 66.20 -12.23 -75.13
N ILE Q 40 65.09 -12.11 -74.41
CA ILE Q 40 64.68 -13.10 -73.42
C ILE Q 40 64.20 -14.38 -74.08
N ARG Q 41 63.49 -14.25 -75.20
CA ARG Q 41 63.02 -15.41 -75.94
C ARG Q 41 64.20 -16.22 -76.43
N LYS Q 42 65.27 -15.54 -76.84
CA LYS Q 42 66.55 -16.17 -77.16
C LYS Q 42 67.08 -16.96 -75.97
N LEU Q 43 67.16 -16.33 -74.80
CA LEU Q 43 67.64 -17.01 -73.60
C LEU Q 43 66.73 -18.15 -73.14
N ILE Q 44 65.44 -18.05 -73.47
CA ILE Q 44 64.50 -19.17 -73.28
C ILE Q 44 64.93 -20.36 -74.12
N LYS Q 45 65.24 -20.12 -75.40
CA LYS Q 45 65.65 -21.19 -76.31
C LYS Q 45 67.04 -21.76 -75.95
N ASP Q 46 67.94 -20.91 -75.48
CA ASP Q 46 69.27 -21.35 -75.06
C ASP Q 46 69.30 -22.12 -73.74
N GLY Q 47 68.22 -22.02 -72.96
CA GLY Q 47 68.07 -22.80 -71.71
C GLY Q 47 68.70 -22.17 -70.49
N LEU Q 48 68.82 -20.84 -70.51
CA LEU Q 48 69.32 -20.08 -69.37
C LEU Q 48 68.15 -19.65 -68.52
N ILE Q 49 67.04 -19.24 -69.16
CA ILE Q 49 65.78 -19.07 -68.43
C ILE Q 49 64.79 -20.17 -68.89
N ILE Q 50 64.08 -20.73 -67.91
CA ILE Q 50 63.31 -21.96 -68.08
C ILE Q 50 62.05 -21.91 -67.22
N ARG Q 51 60.95 -22.46 -67.74
CA ARG Q 51 59.76 -22.65 -66.96
C ARG Q 51 59.93 -23.88 -66.09
N LYS Q 52 59.78 -23.69 -64.78
CA LYS Q 52 59.74 -24.80 -63.84
C LYS Q 52 58.45 -25.60 -64.02
N PRO Q 53 58.47 -26.87 -63.57
CA PRO Q 53 57.27 -27.68 -63.62
C PRO Q 53 56.33 -27.32 -62.47
N VAL Q 54 55.07 -27.75 -62.59
CA VAL Q 54 54.06 -27.45 -61.58
C VAL Q 54 54.40 -28.24 -60.32
N THR Q 55 54.13 -27.63 -59.17
CA THR Q 55 54.28 -28.30 -57.89
C THR Q 55 53.23 -29.41 -57.82
N VAL Q 56 53.66 -30.66 -57.63
CA VAL Q 56 52.75 -31.80 -57.77
C VAL Q 56 51.74 -31.90 -56.63
N HIS Q 57 50.46 -31.93 -56.99
CA HIS Q 57 49.38 -32.12 -56.03
C HIS Q 57 48.61 -33.38 -56.41
N SER Q 58 49.16 -34.51 -55.99
CA SER Q 58 48.59 -35.83 -56.22
C SER Q 58 47.15 -35.97 -55.74
N ARG Q 59 46.34 -36.56 -56.61
CA ARG Q 59 44.93 -36.83 -56.40
C ARG Q 59 44.78 -38.28 -55.97
N ALA Q 60 45.91 -38.99 -55.86
CA ALA Q 60 45.94 -40.45 -55.81
C ALA Q 60 45.44 -41.00 -54.50
N ARG Q 61 45.87 -40.36 -53.42
CA ARG Q 61 45.47 -40.72 -52.07
C ARG Q 61 43.96 -40.60 -51.89
N CYS Q 62 43.39 -39.55 -52.48
CA CYS Q 62 41.95 -39.36 -52.48
C CYS Q 62 41.30 -40.48 -53.27
N ARG Q 63 41.73 -40.65 -54.52
CA ARG Q 63 41.16 -41.70 -55.38
C ARG Q 63 41.08 -43.04 -54.69
N LYS Q 64 42.15 -43.41 -53.98
CA LYS Q 64 42.17 -44.64 -53.18
C LYS Q 64 41.03 -44.61 -52.16
N ASN Q 65 40.95 -43.52 -51.39
CA ASN Q 65 39.89 -43.40 -50.39
C ASN Q 65 38.48 -43.36 -50.99
N THR Q 66 38.30 -42.73 -52.14
CA THR Q 66 36.99 -42.78 -52.80
C THR Q 66 36.61 -44.22 -53.14
N LEU Q 67 37.58 -45.02 -53.54
CA LEU Q 67 37.34 -46.44 -53.76
C LEU Q 67 36.92 -47.16 -52.49
N ALA Q 68 37.45 -46.74 -51.35
CA ALA Q 68 36.94 -47.23 -50.05
C ALA Q 68 35.49 -46.81 -49.85
N ARG Q 69 35.19 -45.54 -50.10
CA ARG Q 69 33.82 -45.04 -49.97
C ARG Q 69 32.84 -45.77 -50.89
N ARG Q 70 33.32 -46.29 -52.03
CA ARG Q 70 32.48 -47.11 -52.90
C ARG Q 70 32.10 -48.42 -52.24
N LYS Q 71 33.11 -49.11 -51.71
CA LYS Q 71 32.91 -50.38 -50.98
C LYS Q 71 31.97 -50.30 -49.78
N GLY Q 72 31.79 -49.09 -49.25
CA GLY Q 72 30.87 -48.83 -48.16
C GLY Q 72 31.78 -48.77 -46.98
N ARG Q 73 32.35 -47.60 -46.76
CA ARG Q 73 33.45 -47.45 -45.83
C ARG Q 73 33.70 -45.98 -45.54
N HIS Q 74 34.04 -45.68 -44.29
CA HIS Q 74 34.16 -44.30 -43.80
C HIS Q 74 32.83 -43.58 -43.98
N MET Q 75 31.75 -44.33 -43.82
CA MET Q 75 30.40 -43.89 -44.17
C MET Q 75 29.37 -44.23 -43.09
N GLY Q 76 29.84 -44.68 -41.92
CA GLY Q 76 28.96 -45.06 -40.84
C GLY Q 76 28.56 -43.83 -40.04
N ILE Q 77 27.65 -44.04 -39.09
CA ILE Q 77 27.04 -42.97 -38.31
C ILE Q 77 28.05 -41.88 -37.92
N GLY Q 78 29.18 -42.30 -37.36
CA GLY Q 78 30.20 -41.37 -36.89
C GLY Q 78 31.08 -40.70 -37.92
N LYS Q 79 30.72 -40.77 -39.20
CA LYS Q 79 31.35 -39.94 -40.21
C LYS Q 79 30.30 -39.28 -41.09
N ARG Q 80 29.22 -38.85 -40.44
CA ARG Q 80 28.20 -38.06 -41.05
C ARG Q 80 27.99 -36.83 -40.21
N LYS Q 81 28.02 -35.67 -40.86
CA LYS Q 81 27.75 -34.41 -40.20
C LYS Q 81 26.41 -33.83 -40.62
N GLY Q 82 26.04 -34.04 -41.87
CA GLY Q 82 24.79 -33.55 -42.38
C GLY Q 82 23.63 -34.45 -42.02
N THR Q 83 22.44 -33.85 -42.02
CA THR Q 83 21.20 -34.58 -41.92
C THR Q 83 21.06 -35.49 -43.10
N ALA Q 84 20.26 -36.53 -42.94
CA ALA Q 84 20.00 -37.47 -44.00
C ALA Q 84 19.46 -36.79 -45.27
N ASN Q 85 18.47 -35.91 -45.08
CA ASN Q 85 17.87 -35.15 -46.17
C ASN Q 85 18.90 -34.26 -46.91
N ALA Q 86 19.85 -33.67 -46.17
CA ALA Q 86 20.95 -32.94 -46.81
C ALA Q 86 21.83 -33.86 -47.64
N ARG Q 87 22.13 -35.03 -47.09
CA ARG Q 87 23.00 -35.99 -47.76
C ARG Q 87 22.34 -36.60 -49.00
N MET Q 88 21.09 -37.04 -48.88
CA MET Q 88 20.30 -37.37 -50.07
C MET Q 88 18.89 -36.81 -49.92
N PRO Q 89 18.58 -35.74 -50.68
CA PRO Q 89 17.30 -35.08 -50.50
C PRO Q 89 16.10 -35.92 -50.86
N GLU Q 90 15.13 -35.94 -49.94
CA GLU Q 90 13.98 -36.82 -50.02
C GLU Q 90 13.21 -36.53 -51.30
N LYS Q 91 13.11 -35.25 -51.64
CA LYS Q 91 12.45 -34.85 -52.88
C LYS Q 91 13.12 -35.46 -54.09
N VAL Q 92 14.45 -35.42 -54.13
CA VAL Q 92 15.15 -36.01 -55.26
C VAL Q 92 14.94 -37.49 -55.29
N THR Q 93 15.04 -38.13 -54.14
CA THR Q 93 14.76 -39.54 -54.04
C THR Q 93 13.37 -39.89 -54.55
N TRP Q 94 12.37 -39.09 -54.16
CA TRP Q 94 11.03 -39.20 -54.74
C TRP Q 94 11.02 -39.01 -56.26
N MET Q 95 11.56 -37.88 -56.74
CA MET Q 95 11.61 -37.61 -58.18
C MET Q 95 12.14 -38.78 -58.98
N ARG Q 96 13.23 -39.40 -58.51
CA ARG Q 96 13.78 -40.58 -59.19
C ARG Q 96 12.69 -41.64 -59.32
N ARG Q 97 12.06 -41.96 -58.20
CA ARG Q 97 11.10 -43.05 -58.15
C ARG Q 97 9.94 -42.86 -59.11
N MET Q 98 9.25 -41.73 -59.03
CA MET Q 98 8.17 -41.42 -59.98
C MET Q 98 8.66 -41.51 -61.41
N ARG Q 99 9.80 -40.90 -61.69
CA ARG Q 99 10.34 -40.95 -63.04
C ARG Q 99 10.73 -42.35 -63.49
N ILE Q 100 10.98 -43.26 -62.53
CA ILE Q 100 11.15 -44.69 -62.84
C ILE Q 100 9.83 -45.39 -63.09
N LEU Q 101 8.98 -45.41 -62.06
CA LEU Q 101 7.76 -46.20 -62.07
C LEU Q 101 6.83 -45.75 -63.18
N ARG Q 102 6.69 -44.44 -63.33
CA ARG Q 102 5.92 -43.90 -64.44
C ARG Q 102 6.47 -44.36 -65.78
N ARG Q 103 7.80 -44.34 -65.92
CA ARG Q 103 8.47 -44.80 -67.14
C ARG Q 103 8.23 -46.29 -67.37
N LEU Q 104 8.25 -47.08 -66.29
CA LEU Q 104 7.89 -48.49 -66.36
C LEU Q 104 6.44 -48.68 -66.82
N LEU Q 105 5.53 -47.91 -66.25
CA LEU Q 105 4.10 -48.00 -66.60
C LEU Q 105 3.79 -47.66 -68.04
N ARG Q 106 4.36 -46.57 -68.56
CA ARG Q 106 4.04 -46.18 -69.93
C ARG Q 106 4.81 -47.03 -70.95
N ARG Q 107 5.91 -47.66 -70.54
CA ARG Q 107 6.51 -48.69 -71.40
C ARG Q 107 5.63 -49.94 -71.46
N TYR Q 108 5.01 -50.31 -70.35
CA TYR Q 108 4.10 -51.45 -70.32
C TYR Q 108 2.90 -51.22 -71.21
N ARG Q 109 2.32 -50.03 -71.08
CA ARG Q 109 1.15 -49.67 -71.86
C ARG Q 109 1.43 -49.64 -73.36
N GLU Q 110 2.59 -49.10 -73.72
CA GLU Q 110 2.96 -48.95 -75.13
C GLU Q 110 3.59 -50.22 -75.74
N SER Q 111 3.49 -51.34 -75.02
CA SER Q 111 3.74 -52.69 -75.55
C SER Q 111 2.47 -53.55 -75.54
N LYS Q 112 1.32 -52.95 -75.21
CA LYS Q 112 0.05 -53.66 -75.01
C LYS Q 112 0.07 -54.69 -73.86
N LYS Q 113 1.01 -54.52 -72.92
CA LYS Q 113 1.05 -55.38 -71.73
C LYS Q 113 -0.19 -55.06 -70.92
N ILE Q 114 -0.33 -53.79 -70.55
CA ILE Q 114 -1.48 -53.31 -69.76
C ILE Q 114 -2.34 -52.36 -70.57
N ASP Q 115 -3.63 -52.38 -70.29
CA ASP Q 115 -4.59 -51.55 -71.00
C ASP Q 115 -4.62 -50.14 -70.44
N ARG Q 116 -5.36 -49.26 -71.10
CA ARG Q 116 -5.53 -47.87 -70.66
C ARG Q 116 -5.92 -47.79 -69.19
N HIS Q 117 -6.92 -48.59 -68.82
CA HIS Q 117 -7.62 -48.39 -67.56
C HIS Q 117 -6.79 -48.87 -66.37
N MET Q 118 -6.10 -49.99 -66.57
CA MET Q 118 -5.09 -50.50 -65.64
C MET Q 118 -3.99 -49.46 -65.40
N TYR Q 119 -3.43 -48.99 -66.51
CA TYR Q 119 -2.38 -47.99 -66.51
C TYR Q 119 -2.76 -46.81 -65.64
N HIS Q 120 -3.98 -46.34 -65.82
CA HIS Q 120 -4.43 -45.15 -65.11
C HIS Q 120 -4.59 -45.36 -63.61
N SER Q 121 -5.01 -46.55 -63.19
CA SER Q 121 -5.15 -46.85 -61.77
C SER Q 121 -3.76 -46.96 -61.13
N LEU Q 122 -2.88 -47.74 -61.74
CA LEU Q 122 -1.49 -47.83 -61.28
C LEU Q 122 -0.81 -46.49 -61.25
N TYR Q 123 -1.11 -45.63 -62.23
CA TYR Q 123 -0.52 -44.30 -62.26
C TYR Q 123 -0.85 -43.58 -60.95
N LEU Q 124 -2.10 -43.64 -60.54
CA LEU Q 124 -2.55 -42.94 -59.33
C LEU Q 124 -2.17 -43.62 -58.03
N LYS Q 125 -1.96 -44.93 -58.07
CA LYS Q 125 -1.44 -45.66 -56.92
C LYS Q 125 0.08 -45.50 -56.81
N VAL Q 126 0.75 -45.36 -57.95
CA VAL Q 126 2.15 -45.01 -57.94
C VAL Q 126 2.28 -43.67 -57.22
N LYS Q 127 1.58 -42.67 -57.74
CA LYS Q 127 1.59 -41.31 -57.18
C LYS Q 127 1.22 -41.20 -55.70
N GLY Q 128 0.41 -42.13 -55.19
CA GLY Q 128 0.12 -42.20 -53.76
C GLY Q 128 0.96 -43.22 -53.02
N ASN Q 129 2.25 -43.28 -53.36
CA ASN Q 129 3.19 -44.34 -52.93
C ASN Q 129 2.60 -45.64 -52.41
N VAL Q 130 2.15 -46.47 -53.34
CA VAL Q 130 1.76 -47.85 -53.06
C VAL Q 130 2.90 -48.82 -53.42
N PHE Q 131 3.76 -48.41 -54.35
CA PHE Q 131 4.87 -49.22 -54.82
C PHE Q 131 6.18 -48.56 -54.43
N LYS Q 132 6.85 -49.16 -53.45
CA LYS Q 132 8.07 -48.61 -52.89
C LYS Q 132 9.31 -48.75 -53.78
N ASN Q 133 9.20 -49.51 -54.87
CA ASN Q 133 10.27 -49.59 -55.89
C ASN Q 133 9.73 -50.14 -57.23
N LYS Q 134 10.61 -50.54 -58.15
CA LYS Q 134 10.18 -51.05 -59.47
C LYS Q 134 9.72 -52.48 -59.40
N ARG Q 135 10.57 -53.33 -58.84
CA ARG Q 135 10.33 -54.77 -58.75
C ARG Q 135 8.95 -55.08 -58.17
N ILE Q 136 8.64 -54.45 -57.05
CA ILE Q 136 7.35 -54.67 -56.38
C ILE Q 136 6.16 -54.22 -57.22
N LEU Q 137 6.35 -53.21 -58.08
CA LEU Q 137 5.31 -52.77 -59.03
C LEU Q 137 5.08 -53.83 -60.08
N MET Q 138 6.15 -54.33 -60.70
CA MET Q 138 5.99 -55.37 -61.72
C MET Q 138 5.22 -56.54 -61.13
N GLU Q 139 5.71 -57.06 -60.01
CA GLU Q 139 5.07 -58.19 -59.34
C GLU Q 139 3.59 -57.96 -59.09
N HIS Q 140 3.23 -56.74 -58.70
CA HIS Q 140 1.82 -56.38 -58.55
C HIS Q 140 1.12 -56.31 -59.90
N ILE Q 141 1.78 -55.81 -60.94
CA ILE Q 141 1.19 -55.86 -62.28
C ILE Q 141 0.95 -57.29 -62.73
N HIS Q 142 1.86 -58.22 -62.43
CA HIS Q 142 1.69 -59.61 -62.88
C HIS Q 142 0.51 -60.27 -62.17
N LYS Q 143 0.36 -60.01 -60.87
CA LYS Q 143 -0.78 -60.56 -60.13
C LYS Q 143 -2.09 -60.08 -60.71
N LEU Q 144 -2.16 -58.79 -61.07
CA LEU Q 144 -3.37 -58.26 -61.68
C LEU Q 144 -3.67 -58.94 -63.01
N LYS Q 145 -2.66 -59.00 -63.87
CA LYS Q 145 -2.79 -59.68 -65.18
C LYS Q 145 -3.23 -61.13 -65.07
N ALA Q 146 -2.86 -61.80 -63.99
CA ALA Q 146 -3.35 -63.14 -63.73
C ALA Q 146 -4.83 -63.13 -63.32
N ASP Q 147 -5.24 -62.18 -62.49
CA ASP Q 147 -6.64 -62.09 -62.01
C ASP Q 147 -7.61 -61.62 -63.09
N LYS Q 148 -7.15 -60.81 -64.03
CA LYS Q 148 -7.94 -60.49 -65.23
C LYS Q 148 -8.10 -61.71 -66.13
N ALA Q 149 -7.02 -62.48 -66.29
CA ALA Q 149 -7.09 -63.72 -67.04
C ALA Q 149 -8.05 -64.72 -66.41
N ARG Q 150 -8.00 -64.85 -65.08
CA ARG Q 150 -8.91 -65.76 -64.37
C ARG Q 150 -10.37 -65.36 -64.52
N LYS Q 151 -10.65 -64.06 -64.40
CA LYS Q 151 -12.03 -63.56 -64.42
C LYS Q 151 -12.60 -63.35 -65.83
N LYS Q 152 -11.75 -63.02 -66.81
CA LYS Q 152 -12.18 -62.94 -68.22
C LYS Q 152 -12.48 -64.33 -68.77
N LEU Q 153 -11.62 -65.30 -68.45
CA LEU Q 153 -11.84 -66.71 -68.79
C LEU Q 153 -13.23 -67.17 -68.36
N LEU Q 154 -13.55 -66.95 -67.10
CA LEU Q 154 -14.87 -67.28 -66.53
C LEU Q 154 -16.02 -66.61 -67.26
N ALA Q 155 -15.83 -65.35 -67.63
CA ALA Q 155 -16.86 -64.59 -68.36
C ALA Q 155 -17.11 -65.13 -69.77
N ASP Q 156 -16.03 -65.51 -70.47
CA ASP Q 156 -16.14 -66.07 -71.82
C ASP Q 156 -16.85 -67.42 -71.83
N GLN Q 157 -16.58 -68.23 -70.81
CA GLN Q 157 -17.26 -69.53 -70.65
C GLN Q 157 -18.77 -69.38 -70.48
N ALA Q 158 -19.16 -68.47 -69.59
CA ALA Q 158 -20.57 -68.16 -69.37
C ALA Q 158 -21.22 -67.58 -70.63
N GLU Q 159 -20.49 -66.71 -71.33
CA GLU Q 159 -20.98 -66.10 -72.57
C GLU Q 159 -21.06 -67.11 -73.73
N ALA Q 160 -20.22 -68.15 -73.68
CA ALA Q 160 -20.33 -69.29 -74.59
C ALA Q 160 -21.55 -70.15 -74.24
N ARG Q 161 -21.71 -70.44 -72.95
CA ARG Q 161 -22.89 -71.15 -72.44
C ARG Q 161 -24.19 -70.40 -72.73
N ARG Q 162 -24.18 -69.08 -72.55
CA ARG Q 162 -25.35 -68.25 -72.77
C ARG Q 162 -25.78 -68.17 -74.25
N SER Q 163 -24.80 -68.15 -75.15
CA SER Q 163 -25.09 -68.20 -76.58
C SER Q 163 -25.67 -69.56 -76.98
N LYS Q 164 -25.05 -70.64 -76.49
CA LYS Q 164 -25.51 -72.01 -76.78
C LYS Q 164 -26.96 -72.22 -76.37
N THR Q 165 -27.27 -71.90 -75.12
CA THR Q 165 -28.63 -72.06 -74.58
C THR Q 165 -29.64 -71.13 -75.25
N LYS Q 166 -29.21 -69.92 -75.60
CA LYS Q 166 -30.07 -68.97 -76.32
C LYS Q 166 -30.37 -69.44 -77.74
N GLU Q 167 -29.33 -69.83 -78.48
CA GLU Q 167 -29.48 -70.29 -79.86
C GLU Q 167 -30.26 -71.60 -79.99
N ALA Q 168 -30.10 -72.51 -79.03
CA ALA Q 168 -30.88 -73.75 -78.97
C ALA Q 168 -32.36 -73.52 -78.68
N ARG Q 169 -32.66 -72.46 -77.95
CA ARG Q 169 -34.04 -72.06 -77.67
C ARG Q 169 -34.67 -71.38 -78.90
N LYS Q 170 -33.92 -70.47 -79.53
CA LYS Q 170 -34.37 -69.78 -80.74
C LYS Q 170 -34.66 -70.75 -81.89
N ARG Q 171 -33.73 -71.68 -82.10
CA ARG Q 171 -33.91 -72.70 -83.14
C ARG Q 171 -35.10 -73.60 -82.84
N ARG Q 172 -35.28 -73.96 -81.58
CA ARG Q 172 -36.47 -74.74 -81.18
C ARG Q 172 -37.78 -74.00 -81.50
N GLU Q 173 -37.80 -72.69 -81.23
CA GLU Q 173 -38.97 -71.85 -81.54
C GLU Q 173 -39.26 -71.76 -83.05
N GLU Q 174 -38.21 -71.80 -83.87
CA GLU Q 174 -38.35 -71.82 -85.33
C GLU Q 174 -38.92 -73.14 -85.84
N ARG Q 175 -38.52 -74.25 -85.21
CA ARG Q 175 -39.07 -75.59 -85.52
C ARG Q 175 -40.56 -75.68 -85.19
N LEU Q 176 -40.98 -75.03 -84.11
CA LEU Q 176 -42.39 -75.02 -83.68
C LEU Q 176 -43.24 -74.17 -84.64
N GLN Q 177 -42.72 -73.01 -85.05
CA GLN Q 177 -43.39 -72.15 -86.04
C GLN Q 177 -43.54 -72.81 -87.42
N ALA Q 178 -42.56 -73.62 -87.81
CA ALA Q 178 -42.61 -74.38 -89.06
C ALA Q 178 -43.68 -75.48 -89.02
N LYS Q 179 -43.77 -76.17 -87.88
CA LYS Q 179 -44.79 -77.22 -87.67
C LYS Q 179 -46.23 -76.68 -87.66
N LYS Q 180 -46.44 -75.50 -87.09
CA LYS Q 180 -47.77 -74.90 -86.89
C LYS Q 180 -48.70 -75.80 -86.08
N LYS R 1 53.66 47.06 47.36
CA LYS R 1 54.93 46.75 48.10
C LYS R 1 55.78 45.66 47.45
N ALA R 2 57.09 45.89 47.47
CA ALA R 2 58.08 44.86 47.20
C ALA R 2 59.00 44.85 48.44
N SER R 3 60.32 44.66 48.26
CA SER R 3 61.22 44.50 49.41
C SER R 3 62.71 44.73 49.07
N GLY R 4 63.55 44.41 50.05
CA GLY R 4 65.00 44.25 49.88
C GLY R 4 65.52 43.71 51.20
N THR R 5 65.74 44.62 52.12
CA THR R 5 65.65 44.36 53.56
C THR R 5 64.98 45.59 54.16
N LEU R 6 63.95 45.39 54.98
CA LEU R 6 63.09 46.50 55.37
C LEU R 6 63.74 47.33 56.46
N ARG R 7 63.17 48.50 56.72
CA ARG R 7 63.47 49.31 57.88
C ARG R 7 62.17 49.70 58.55
N GLU R 8 62.04 49.41 59.84
CA GLU R 8 61.08 50.09 60.69
C GLU R 8 61.05 51.56 60.36
N TYR R 9 59.85 52.11 60.17
CA TYR R 9 59.67 53.55 60.09
C TYR R 9 58.57 53.94 61.05
N LYS R 10 58.74 55.10 61.69
CA LYS R 10 57.67 55.74 62.42
C LYS R 10 57.08 56.74 61.48
N VAL R 11 55.76 56.71 61.37
CA VAL R 11 55.04 57.67 60.53
C VAL R 11 53.85 58.12 61.32
N VAL R 12 53.83 59.40 61.68
CA VAL R 12 52.66 60.00 62.31
C VAL R 12 52.04 61.01 61.35
N GLY R 13 50.71 61.02 61.31
CA GLY R 13 49.97 61.86 60.39
C GLY R 13 48.61 62.20 60.93
N ARG R 14 47.97 63.19 60.31
CA ARG R 14 46.69 63.70 60.77
C ARG R 14 45.83 64.08 59.61
N CYS R 15 44.52 63.94 59.78
CA CYS R 15 43.58 64.46 58.82
C CYS R 15 43.66 65.97 58.99
N LEU R 16 43.92 66.70 57.91
CA LEU R 16 44.36 68.09 58.06
C LEU R 16 43.20 68.94 58.58
N PRO R 17 43.52 69.97 59.39
CA PRO R 17 42.50 70.68 60.14
C PRO R 17 41.51 71.47 59.28
N THR R 18 40.39 71.80 59.90
CA THR R 18 39.29 72.50 59.24
C THR R 18 38.79 73.63 60.14
N PRO R 19 37.76 74.37 59.70
CA PRO R 19 36.96 75.19 60.62
C PRO R 19 36.33 74.38 61.76
N LYS R 20 35.66 73.27 61.41
CA LYS R 20 34.91 72.46 62.39
C LYS R 20 35.80 71.65 63.36
N CYS R 21 36.86 71.04 62.84
CA CYS R 21 37.85 70.33 63.66
C CYS R 21 39.19 71.07 63.57
N ARG R 22 39.47 71.91 64.56
CA ARG R 22 40.61 72.83 64.49
C ARG R 22 41.97 72.18 64.77
N THR R 23 42.03 71.32 65.79
CA THR R 23 43.28 70.62 66.15
C THR R 23 43.01 69.11 66.16
N PRO R 24 43.09 68.48 64.99
CA PRO R 24 42.75 67.06 64.85
C PRO R 24 43.80 66.14 65.47
N PRO R 25 43.39 64.91 65.81
CA PRO R 25 44.25 63.99 66.54
C PRO R 25 45.30 63.34 65.65
N LEU R 26 46.49 63.12 66.20
CA LEU R 26 47.58 62.50 65.47
C LEU R 26 47.50 60.98 65.59
N TYR R 27 47.83 60.31 64.50
CA TYR R 27 47.84 58.87 64.42
C TYR R 27 49.22 58.42 64.01
N ARG R 28 49.80 57.50 64.78
CA ARG R 28 51.16 57.01 64.58
C ARG R 28 51.07 55.53 64.21
N MET R 29 52.06 55.04 63.48
CA MET R 29 52.12 53.63 63.08
C MET R 29 53.54 53.10 63.07
N ARG R 30 53.67 51.79 62.89
CA ARG R 30 54.96 51.13 62.67
C ARG R 30 54.94 50.53 61.28
N ILE R 31 55.59 51.20 60.33
CA ILE R 31 55.48 50.86 58.90
C ILE R 31 56.79 50.37 58.34
N PHE R 32 56.89 49.07 58.09
CA PHE R 32 58.13 48.48 57.64
C PHE R 32 58.15 48.61 56.14
N ALA R 33 59.26 49.10 55.60
CA ALA R 33 59.37 49.32 54.18
C ALA R 33 60.81 49.57 53.79
N PRO R 34 61.12 49.39 52.50
CA PRO R 34 62.47 49.62 52.03
C PRO R 34 62.91 51.07 52.05
N ASN R 35 61.95 51.98 51.91
CA ASN R 35 62.27 53.41 51.94
C ASN R 35 61.09 54.24 52.38
N HIS R 36 61.40 55.42 52.91
CA HIS R 36 60.38 56.37 53.31
C HIS R 36 59.30 56.60 52.24
N VAL R 37 59.67 56.59 50.96
CA VAL R 37 58.72 56.91 49.90
C VAL R 37 57.56 55.96 50.02
N VAL R 38 57.85 54.65 50.04
CA VAL R 38 56.78 53.67 50.09
C VAL R 38 56.26 53.52 51.52
N ALA R 39 57.09 53.90 52.50
CA ALA R 39 56.64 53.96 53.89
C ALA R 39 55.39 54.81 54.01
N LYS R 40 55.48 56.06 53.57
CA LYS R 40 54.37 57.00 53.62
C LYS R 40 53.16 56.48 52.89
N SER R 41 53.39 55.88 51.73
CA SER R 41 52.28 55.25 51.01
C SER R 41 51.67 54.20 51.89
N ARG R 42 52.52 53.32 52.44
CA ARG R 42 52.03 52.24 53.30
C ARG R 42 51.31 52.78 54.51
N PHE R 43 51.80 53.88 55.06
CA PHE R 43 51.10 54.54 56.14
C PHE R 43 49.67 54.87 55.72
N TRP R 44 49.53 55.50 54.55
CA TRP R 44 48.20 55.91 54.08
C TRP R 44 47.24 54.75 53.85
N TYR R 45 47.77 53.64 53.33
CA TYR R 45 46.97 52.43 53.12
C TYR R 45 46.33 51.93 54.40
N PHE R 46 47.13 51.84 55.46
CA PHE R 46 46.64 51.34 56.74
C PHE R 46 45.64 52.25 57.43
N VAL R 47 45.87 53.54 57.29
CA VAL R 47 45.00 54.53 57.89
C VAL R 47 43.67 54.60 57.15
N SER R 48 43.72 54.59 55.83
CA SER R 48 42.51 54.57 55.02
C SER R 48 41.55 53.49 55.48
N GLN R 49 42.06 52.27 55.66
CA GLN R 49 41.24 51.15 56.15
C GLN R 49 40.58 51.48 57.49
N LEU R 50 41.36 52.01 58.43
CA LEU R 50 40.89 52.17 59.80
C LEU R 50 40.03 53.40 59.98
N LYS R 51 40.55 54.54 59.54
CA LYS R 51 39.95 55.85 59.77
C LYS R 51 39.51 56.44 58.44
N LYS R 52 38.41 57.17 58.43
CA LYS R 52 38.03 57.95 57.25
C LYS R 52 39.08 59.01 57.02
N MET R 53 40.08 58.69 56.21
CA MET R 53 41.23 59.56 56.07
C MET R 53 42.10 59.15 54.90
N LYS R 54 42.28 60.07 53.97
CA LYS R 54 43.00 59.82 52.74
C LYS R 54 44.18 60.76 52.64
N LYS R 55 45.07 60.47 51.69
CA LYS R 55 46.28 61.26 51.46
C LYS R 55 45.96 62.70 51.07
N SER R 56 44.88 62.89 50.35
CA SER R 56 44.37 64.22 50.03
C SER R 56 43.88 64.94 51.28
N SER R 57 43.10 64.21 52.08
CA SER R 57 42.48 64.76 53.29
C SER R 57 43.43 64.99 54.46
N GLY R 58 44.67 64.51 54.37
CA GLY R 58 45.60 64.56 55.49
C GLY R 58 46.98 65.09 55.13
N GLU R 59 47.81 65.17 56.16
CA GLU R 59 49.21 65.47 55.99
C GLU R 59 50.01 64.56 56.91
N ILE R 60 51.05 63.94 56.36
CA ILE R 60 52.01 63.22 57.18
C ILE R 60 52.88 64.27 57.84
N VAL R 61 53.03 64.12 59.14
CA VAL R 61 53.68 65.08 59.98
C VAL R 61 55.15 64.70 60.10
N TYR R 62 55.38 63.49 60.63
CA TYR R 62 56.72 63.00 60.89
C TYR R 62 56.83 61.55 60.45
N CYS R 63 57.48 61.33 59.32
CA CYS R 63 58.00 60.03 58.95
C CYS R 63 59.45 60.01 59.41
N GLY R 64 59.88 58.89 59.98
CA GLY R 64 61.24 58.76 60.47
C GLY R 64 61.63 57.31 60.72
N GLN R 65 62.81 56.93 60.24
CA GLN R 65 63.37 55.61 60.48
C GLN R 65 63.53 55.38 61.97
N VAL R 66 63.34 54.13 62.41
CA VAL R 66 63.49 53.77 63.82
C VAL R 66 64.52 52.66 63.94
N PHE R 67 65.50 52.91 64.81
CA PHE R 67 66.69 52.09 64.90
C PHE R 67 66.46 51.09 65.98
N GLU R 68 66.96 49.88 65.76
CA GLU R 68 66.91 48.86 66.78
C GLU R 68 67.79 49.34 67.92
N LYS R 69 67.21 49.36 69.12
CA LYS R 69 67.91 49.89 70.28
C LYS R 69 68.88 48.90 70.91
N SER R 70 68.74 47.62 70.57
CA SER R 70 69.69 46.59 70.97
C SER R 70 70.10 45.73 69.76
N PRO R 71 70.84 46.32 68.81
CA PRO R 71 71.28 45.57 67.63
C PRO R 71 72.06 44.32 67.97
N LEU R 72 73.03 44.44 68.86
CA LEU R 72 73.97 43.35 69.11
C LEU R 72 73.51 42.37 70.19
N ARG R 73 72.26 42.51 70.64
CA ARG R 73 71.55 41.44 71.33
C ARG R 73 70.88 40.53 70.30
N VAL R 74 70.93 39.22 70.56
CA VAL R 74 70.09 38.27 69.84
C VAL R 74 68.73 38.22 70.55
N LYS R 75 67.66 38.34 69.78
CA LYS R 75 66.31 38.35 70.33
C LYS R 75 65.44 37.32 69.65
N ASN R 76 64.25 37.15 70.23
CA ASN R 76 63.20 36.33 69.67
C ASN R 76 62.04 37.27 69.44
N PHE R 77 61.51 37.28 68.24
CA PHE R 77 60.40 38.17 67.91
C PHE R 77 59.15 37.39 67.58
N GLY R 78 58.08 37.69 68.31
CA GLY R 78 56.73 37.32 67.92
C GLY R 78 56.20 38.33 66.92
N ILE R 79 55.56 37.82 65.87
CA ILE R 79 55.03 38.65 64.82
C ILE R 79 53.67 38.07 64.48
N TRP R 80 52.67 38.95 64.47
CA TRP R 80 51.29 38.60 64.13
C TRP R 80 51.04 39.13 62.73
N LEU R 81 50.29 38.37 61.95
CA LEU R 81 50.18 38.59 60.52
C LEU R 81 48.74 38.76 60.17
N ARG R 82 48.51 39.00 58.89
CA ARG R 82 47.19 38.88 58.31
C ARG R 82 47.41 38.74 56.82
N TYR R 83 47.51 37.49 56.37
CA TYR R 83 47.76 37.24 54.95
C TYR R 83 46.50 36.92 54.18
N ASP R 84 46.67 36.88 52.87
CA ASP R 84 45.65 36.47 51.95
C ASP R 84 46.13 35.16 51.34
N SER R 85 45.28 34.13 51.35
CA SER R 85 45.54 32.88 50.64
C SER R 85 45.07 33.06 49.21
N ARG R 86 45.24 32.01 48.40
CA ARG R 86 44.49 31.92 47.16
C ARG R 86 43.03 31.95 47.55
N SER R 87 42.69 31.10 48.52
CA SER R 87 41.39 31.10 49.18
C SER R 87 41.23 32.32 50.12
N GLY R 88 40.59 32.15 51.28
CA GLY R 88 40.32 33.26 52.20
C GLY R 88 41.53 33.90 52.87
N THR R 89 41.28 35.01 53.56
CA THR R 89 42.29 35.75 54.30
C THR R 89 42.40 35.19 55.72
N HIS R 90 43.61 35.23 56.27
CA HIS R 90 43.96 34.44 57.46
C HIS R 90 44.63 35.28 58.53
N ASN R 91 44.85 34.68 59.69
CA ASN R 91 45.74 35.23 60.71
C ASN R 91 46.81 34.20 61.05
N MET R 92 47.99 34.69 61.44
CA MET R 92 49.04 33.83 61.96
C MET R 92 49.72 34.51 63.14
N TYR R 93 50.53 33.73 63.84
CA TYR R 93 51.53 34.25 64.75
C TYR R 93 52.79 33.52 64.38
N ARG R 94 53.70 34.23 63.71
CA ARG R 94 55.01 33.65 63.38
C ARG R 94 55.95 34.03 64.50
N GLU R 95 57.07 33.34 64.53
CA GLU R 95 58.14 33.65 65.43
C GLU R 95 59.43 33.52 64.70
N TYR R 96 60.28 34.52 64.86
CA TYR R 96 61.60 34.48 64.29
C TYR R 96 62.59 34.78 65.38
N ARG R 97 63.86 34.55 65.07
CA ARG R 97 64.93 34.81 66.00
C ARG R 97 65.97 35.61 65.26
N ASP R 98 66.21 36.84 65.71
CA ASP R 98 66.99 37.79 64.95
C ASP R 98 67.61 38.84 65.85
N LEU R 99 68.50 39.64 65.26
CA LEU R 99 69.13 40.78 65.92
C LEU R 99 68.31 42.07 65.89
N THR R 100 67.22 42.11 65.10
CA THR R 100 66.44 43.34 64.89
C THR R 100 64.98 43.06 64.54
N THR R 101 64.12 44.06 64.73
CA THR R 101 62.73 43.99 64.27
C THR R 101 62.67 43.94 62.75
N ALA R 102 63.36 44.88 62.12
CA ALA R 102 63.42 44.98 60.67
C ALA R 102 63.84 43.65 60.09
N GLY R 103 64.95 43.14 60.60
CA GLY R 103 65.48 41.83 60.22
C GLY R 103 64.46 40.74 60.42
N ALA R 104 63.77 40.79 61.56
CA ALA R 104 62.74 39.81 61.86
C ALA R 104 61.51 39.93 60.97
N VAL R 105 61.12 41.13 60.56
CA VAL R 105 60.00 41.28 59.63
C VAL R 105 60.43 40.88 58.22
N THR R 106 61.63 41.31 57.81
CA THR R 106 62.21 40.87 56.53
C THR R 106 62.19 39.36 56.41
N GLN R 107 62.75 38.70 57.43
CA GLN R 107 62.73 37.24 57.60
C GLN R 107 61.33 36.65 57.41
N CYS R 108 60.33 37.31 57.99
CA CYS R 108 58.93 36.90 57.83
C CYS R 108 58.50 36.93 56.38
N TYR R 109 58.66 38.09 55.75
CA TYR R 109 58.28 38.25 54.35
C TYR R 109 58.87 37.17 53.43
N ARG R 110 60.08 36.70 53.73
CA ARG R 110 60.71 35.63 52.95
C ARG R 110 60.08 34.30 53.24
N ASP R 111 59.82 34.03 54.52
CA ASP R 111 59.19 32.79 54.95
C ASP R 111 57.83 32.65 54.29
N MET R 112 57.01 33.68 54.43
CA MET R 112 55.66 33.65 53.89
C MET R 112 55.62 33.38 52.40
N GLY R 113 56.53 34.01 51.66
CA GLY R 113 56.73 33.69 50.26
C GLY R 113 57.07 32.23 50.06
N ALA R 114 57.97 31.71 50.88
CA ALA R 114 58.39 30.31 50.78
C ALA R 114 57.26 29.37 51.13
N ARG R 115 56.75 29.51 52.35
CA ARG R 115 55.84 28.53 52.91
C ARG R 115 54.42 28.63 52.43
N HIS R 116 54.01 29.81 51.97
CA HIS R 116 52.63 30.00 51.58
C HIS R 116 52.47 30.68 50.22
N ARG R 117 53.54 30.73 49.43
CA ARG R 117 53.57 31.53 48.21
C ARG R 117 52.71 32.78 48.35
N ALA R 118 53.00 33.54 49.40
CA ALA R 118 52.29 34.77 49.70
C ALA R 118 53.19 35.91 49.30
N ARG R 119 52.66 36.82 48.49
CA ARG R 119 53.46 37.94 48.00
C ARG R 119 53.20 39.15 48.88
N ALA R 120 54.22 39.97 49.04
CA ALA R 120 54.20 41.17 49.89
C ALA R 120 52.83 41.81 50.00
N HIS R 121 52.28 42.21 48.86
CA HIS R 121 51.06 43.02 48.82
C HIS R 121 49.87 42.37 49.50
N SER R 122 49.91 41.04 49.67
CA SER R 122 48.88 40.30 50.40
C SER R 122 48.98 40.36 51.93
N ILE R 123 50.19 40.54 52.45
CA ILE R 123 50.48 40.43 53.88
C ILE R 123 50.29 41.76 54.63
N GLN R 124 49.66 41.69 55.80
CA GLN R 124 49.53 42.81 56.74
C GLN R 124 50.24 42.41 58.00
N ILE R 125 51.27 43.16 58.39
CA ILE R 125 51.88 42.95 59.71
C ILE R 125 51.13 43.85 60.67
N MET R 126 50.69 43.28 61.78
CA MET R 126 49.90 44.02 62.75
C MET R 126 50.84 44.40 63.86
N LYS R 127 51.25 43.44 64.68
CA LYS R 127 52.19 43.72 65.77
C LYS R 127 53.47 42.91 65.61
N VAL R 128 54.59 43.54 65.95
CA VAL R 128 55.87 42.86 66.08
C VAL R 128 56.34 43.17 67.50
N GLU R 129 56.48 42.12 68.31
CA GLU R 129 56.84 42.28 69.71
C GLU R 129 57.99 41.33 70.04
N GLU R 130 59.08 41.88 70.58
CA GLU R 130 60.15 41.03 71.12
C GLU R 130 59.65 40.34 72.38
N ILE R 131 60.22 39.19 72.67
CA ILE R 131 59.61 38.20 73.54
C ILE R 131 60.71 37.51 74.33
N ALA R 132 60.33 36.94 75.47
CA ALA R 132 61.27 36.24 76.35
C ALA R 132 61.69 34.89 75.78
N ALA R 133 62.53 34.15 76.50
CA ALA R 133 62.82 32.75 76.17
C ALA R 133 61.54 31.95 76.20
N SER R 134 60.78 32.13 77.29
CA SER R 134 59.41 31.65 77.40
C SER R 134 58.49 32.62 76.66
N LYS R 135 57.23 32.24 76.51
CA LYS R 135 56.29 32.89 75.60
C LYS R 135 56.72 32.71 74.13
N CYS R 136 57.50 31.66 73.88
CA CYS R 136 57.89 31.27 72.54
C CYS R 136 57.19 29.94 72.30
N ARG R 137 56.26 29.96 71.35
CA ARG R 137 55.37 28.84 71.09
C ARG R 137 55.88 27.91 70.01
N ARG R 138 56.85 28.37 69.22
CA ARG R 138 57.35 27.61 68.09
C ARG R 138 58.63 26.87 68.47
N PRO R 139 58.67 25.54 68.26
CA PRO R 139 59.85 24.74 68.63
C PRO R 139 61.08 24.99 67.76
N ALA R 140 60.88 25.49 66.55
CA ALA R 140 61.99 25.88 65.67
C ALA R 140 62.83 27.00 66.29
N VAL R 141 62.18 27.86 67.06
CA VAL R 141 62.86 28.86 67.87
C VAL R 141 63.41 28.23 69.15
N LYS R 142 62.55 27.50 69.85
CA LYS R 142 62.86 26.99 71.20
C LYS R 142 64.12 26.14 71.31
N GLN R 143 64.51 25.46 70.24
CA GLN R 143 65.70 24.61 70.29
C GLN R 143 67.01 25.39 70.50
N PHE R 144 67.03 26.67 70.11
CA PHE R 144 68.22 27.51 70.30
C PHE R 144 68.30 28.14 71.69
N HIS R 145 67.21 28.09 72.46
CA HIS R 145 67.25 28.50 73.86
C HIS R 145 67.92 27.44 74.73
N ASP R 146 69.22 27.61 74.94
CA ASP R 146 70.03 26.62 75.67
C ASP R 146 71.42 27.21 75.90
N SER R 147 71.99 26.93 77.07
CA SER R 147 73.22 27.58 77.49
C SER R 147 74.42 26.99 76.76
N LYS R 148 74.59 25.68 76.92
CA LYS R 148 75.72 24.97 76.32
C LYS R 148 75.27 24.36 75.01
N ILE R 149 74.99 25.22 74.03
CA ILE R 149 74.60 24.77 72.70
C ILE R 149 75.82 24.28 71.98
N LYS R 150 75.62 23.21 71.22
CA LYS R 150 76.71 22.44 70.70
C LYS R 150 76.19 21.68 69.49
N PHE R 151 76.70 22.03 68.31
CA PHE R 151 76.46 21.25 67.12
C PHE R 151 77.63 21.37 66.15
N PRO R 152 77.83 20.34 65.32
CA PRO R 152 78.77 20.41 64.22
C PRO R 152 78.14 20.86 62.90
N LEU R 153 78.99 20.97 61.89
CA LEU R 153 78.65 21.51 60.58
C LEU R 153 78.89 20.40 59.54
N PRO R 154 78.18 19.27 59.69
CA PRO R 154 78.66 17.95 59.25
C PRO R 154 79.18 17.79 57.81
N HIS R 155 78.29 17.90 56.82
CA HIS R 155 78.60 17.62 55.41
C HIS R 155 78.79 18.98 54.77
N ARG R 156 79.99 19.51 54.97
CA ARG R 156 80.29 20.89 54.66
C ARG R 156 80.60 21.01 53.17
N VAL R 157 79.53 21.09 52.37
CA VAL R 157 79.65 21.12 50.92
C VAL R 157 80.39 22.36 50.45
N LEU R 158 81.27 22.17 49.47
CA LEU R 158 82.12 23.25 49.04
C LEU R 158 81.41 24.22 48.13
N ARG R 159 81.85 25.45 48.25
CA ARG R 159 81.72 26.45 47.24
C ARG R 159 83.15 26.75 46.81
N ARG R 160 83.31 27.67 45.87
CA ARG R 160 84.55 27.75 45.07
C ARG R 160 84.66 26.47 44.26
N GLN R 161 83.64 26.23 43.44
CA GLN R 161 83.64 25.10 42.53
C GLN R 161 84.28 25.48 41.21
N HIS R 162 84.61 26.77 41.03
CA HIS R 162 85.26 27.22 39.81
C HIS R 162 86.54 28.02 40.00
N LYS R 163 86.95 28.23 41.25
CA LYS R 163 88.37 28.14 41.54
C LYS R 163 88.59 26.65 41.51
N PRO R 164 89.78 26.23 41.06
CA PRO R 164 89.98 25.14 40.13
C PRO R 164 88.70 24.62 39.49
N ARG R 165 88.41 25.05 38.27
CA ARG R 165 87.32 24.41 37.53
C ARG R 165 87.69 22.95 37.30
N PHE R 166 88.96 22.73 36.97
CA PHE R 166 89.50 21.39 36.83
C PHE R 166 90.61 21.23 37.84
N THR R 167 90.66 20.06 38.46
CA THR R 167 91.77 19.75 39.32
C THR R 167 91.92 18.26 39.52
N THR R 168 93.12 17.91 39.93
CA THR R 168 93.49 16.55 40.22
C THR R 168 92.78 16.06 41.47
N LYS R 169 92.82 16.85 42.53
CA LYS R 169 92.24 16.44 43.80
C LYS R 169 90.73 16.35 43.73
N ARG R 170 90.19 15.18 44.11
CA ARG R 170 88.80 15.10 44.53
C ARG R 170 88.72 15.84 45.85
N PRO R 171 87.61 16.58 46.09
CA PRO R 171 87.55 17.58 47.14
C PRO R 171 87.50 16.93 48.52
N ASN R 172 87.19 17.72 49.55
CA ASN R 172 86.92 17.19 50.89
C ASN R 172 85.77 17.92 51.53
N THR R 173 84.95 17.18 52.29
CA THR R 173 83.82 17.77 52.99
C THR R 173 83.75 17.36 54.46
N PHE R 174 84.84 16.84 55.00
CA PHE R 174 84.94 16.58 56.42
C PHE R 174 85.87 17.58 57.07
N PHE R 175 85.40 18.17 58.16
CA PHE R 175 86.15 19.20 58.88
C PHE R 175 85.88 19.09 60.38
N THR S 1 18.58 48.40 14.36
CA THR S 1 18.58 49.87 14.10
C THR S 1 17.45 50.57 14.86
N ASN S 2 17.81 51.65 15.55
CA ASN S 2 16.91 52.33 16.50
C ASN S 2 16.01 53.31 15.80
N THR S 3 14.90 53.64 16.46
CA THR S 3 13.91 54.54 15.88
C THR S 3 14.38 55.97 15.96
N LYS S 4 14.13 56.72 14.91
CA LYS S 4 14.56 58.10 14.85
C LYS S 4 13.63 59.08 15.59
N GLY S 5 12.58 58.58 16.24
CA GLY S 5 11.60 59.45 16.91
C GLY S 5 12.17 60.52 17.83
N LYS S 6 11.55 61.69 17.79
CA LYS S 6 12.01 62.88 18.51
C LYS S 6 12.23 62.64 20.00
N ARG S 7 11.33 61.91 20.62
CA ARG S 7 11.36 61.76 22.07
C ARG S 7 11.92 60.43 22.56
N ARG S 8 12.55 59.69 21.66
CA ARG S 8 13.06 58.37 22.02
C ARG S 8 14.12 58.54 23.10
N GLY S 9 13.98 57.76 24.18
CA GLY S 9 14.94 57.75 25.28
C GLY S 9 14.85 58.87 26.30
N THR S 10 13.75 59.61 26.31
CA THR S 10 13.56 60.68 27.30
C THR S 10 12.56 60.30 28.39
N ARG S 11 12.47 58.99 28.64
CA ARG S 11 11.66 58.44 29.73
C ARG S 11 12.02 59.09 31.06
N TYR S 12 13.31 59.22 31.30
CA TYR S 12 13.83 59.84 32.51
C TYR S 12 14.12 61.32 32.34
N MET S 13 14.62 61.73 31.18
CA MET S 13 15.03 63.13 31.02
C MET S 13 13.85 64.07 31.22
N PHE S 14 12.82 63.91 30.40
CA PHE S 14 11.62 64.72 30.56
C PHE S 14 10.70 63.98 31.49
N SER S 15 10.93 64.18 32.77
CA SER S 15 10.08 63.61 33.78
C SER S 15 10.30 64.40 35.04
N ARG S 16 9.26 65.05 35.53
CA ARG S 16 9.39 65.89 36.70
C ARG S 16 9.90 65.01 37.83
N PRO S 17 10.80 65.56 38.67
CA PRO S 17 11.40 64.77 39.74
C PRO S 17 10.40 64.31 40.80
N PHE S 18 10.89 63.57 41.78
CA PHE S 18 10.02 62.95 42.75
C PHE S 18 9.38 63.97 43.67
N ARG S 19 8.04 63.99 43.66
CA ARG S 19 7.23 64.98 44.38
C ARG S 19 7.52 66.43 43.94
N LYS S 20 7.68 66.61 42.63
CA LYS S 20 7.72 67.94 42.04
C LYS S 20 6.92 67.96 40.75
N HIS S 21 5.84 67.17 40.69
CA HIS S 21 4.91 67.22 39.57
C HIS S 21 3.99 68.42 39.73
N GLY S 22 3.10 68.59 38.76
CA GLY S 22 2.05 69.59 38.84
C GLY S 22 2.52 70.97 38.44
N VAL S 23 1.86 71.98 39.00
CA VAL S 23 1.88 73.33 38.47
C VAL S 23 3.30 73.82 38.37
N VAL S 24 3.61 74.43 37.23
CA VAL S 24 4.94 74.97 36.99
C VAL S 24 4.96 76.26 37.78
N PRO S 25 5.67 76.28 38.92
CA PRO S 25 5.56 77.44 39.82
C PRO S 25 6.16 78.70 39.20
N LEU S 26 5.57 79.84 39.52
CA LEU S 26 5.50 80.95 38.57
C LEU S 26 6.72 81.81 38.32
N ALA S 27 7.68 81.82 39.25
CA ALA S 27 8.95 82.55 39.04
C ALA S 27 9.51 82.22 37.67
N THR S 28 9.72 80.92 37.44
CA THR S 28 10.05 80.32 36.14
C THR S 28 9.63 81.13 34.93
N TYR S 29 8.35 81.48 34.86
CA TYR S 29 7.80 82.20 33.72
C TYR S 29 8.22 83.64 33.79
N MET S 30 8.04 84.24 34.96
CA MET S 30 8.22 85.68 35.15
C MET S 30 9.65 86.04 35.54
N ARG S 31 10.63 85.60 34.75
CA ARG S 31 11.97 86.16 34.86
C ARG S 31 12.60 86.38 33.51
N ILE S 32 13.30 87.50 33.42
CA ILE S 32 13.52 88.14 32.14
C ILE S 32 14.86 87.76 31.54
N TYR S 33 14.80 87.38 30.28
CA TYR S 33 15.98 87.12 29.50
C TYR S 33 16.05 88.24 28.49
N LYS S 34 17.25 88.79 28.35
CA LYS S 34 17.56 89.82 27.37
C LYS S 34 18.24 89.12 26.18
N LYS S 35 18.84 89.90 25.29
CA LYS S 35 19.82 89.34 24.34
C LYS S 35 21.08 88.99 25.09
N GLY S 36 21.83 88.02 24.56
CA GLY S 36 23.14 87.65 25.08
C GLY S 36 23.18 87.24 26.55
N ASP S 37 22.11 86.62 27.03
CA ASP S 37 22.09 86.02 28.35
C ASP S 37 22.53 84.58 28.21
N ILE S 38 23.39 84.15 29.11
CA ILE S 38 23.88 82.79 29.10
C ILE S 38 22.84 81.96 29.84
N VAL S 39 22.43 80.90 29.19
CA VAL S 39 21.21 80.22 29.53
C VAL S 39 21.41 78.74 29.31
N ASP S 40 21.08 77.94 30.33
CA ASP S 40 21.20 76.49 30.25
C ASP S 40 19.83 75.85 30.06
N ILE S 41 19.78 74.99 29.06
CA ILE S 41 18.56 74.37 28.61
C ILE S 41 18.34 73.09 29.39
N LYS S 42 17.09 72.87 29.78
CA LYS S 42 16.73 71.70 30.54
C LYS S 42 15.25 71.42 30.33
N GLY S 43 14.95 70.68 29.26
CA GLY S 43 13.62 70.18 28.96
C GLY S 43 12.83 69.69 30.16
N MET S 44 11.50 69.79 30.04
CA MET S 44 10.57 69.56 31.15
C MET S 44 9.32 68.93 30.57
N GLY S 45 8.74 67.99 31.30
CA GLY S 45 7.66 67.16 30.79
C GLY S 45 6.30 67.83 30.80
N THR S 46 6.04 68.65 31.82
CA THR S 46 4.75 69.31 31.97
C THR S 46 4.39 70.19 30.80
N VAL S 47 5.34 71.01 30.39
CA VAL S 47 5.19 71.87 29.24
C VAL S 47 5.75 71.13 28.04
N GLN S 48 4.88 70.84 27.06
CA GLN S 48 5.30 70.18 25.83
C GLN S 48 5.36 71.12 24.61
N LYS S 49 4.73 72.29 24.72
CA LYS S 49 4.93 73.34 23.72
C LYS S 49 6.30 74.00 23.90
N GLY S 50 7.07 74.05 22.81
CA GLY S 50 8.37 74.69 22.79
C GLY S 50 9.49 73.88 23.43
N MET S 51 9.27 72.57 23.60
CA MET S 51 10.29 71.71 24.20
C MET S 51 11.53 71.72 23.32
N PRO S 52 12.71 71.77 23.94
CA PRO S 52 13.91 71.48 23.18
C PRO S 52 14.06 69.98 22.88
N HIS S 53 14.91 69.68 21.90
CA HIS S 53 15.24 68.30 21.55
C HIS S 53 16.21 67.75 22.58
N LYS S 54 16.14 66.44 22.79
CA LYS S 54 16.95 65.75 23.77
C LYS S 54 18.46 65.98 23.70
N CYS S 55 18.94 66.40 22.53
CA CYS S 55 20.36 66.73 22.34
C CYS S 55 20.80 68.01 23.04
N TYR S 56 19.89 68.97 23.20
CA TYR S 56 20.22 70.27 23.80
C TYR S 56 19.95 70.38 25.31
N HIS S 57 19.32 69.36 25.88
CA HIS S 57 19.18 69.24 27.32
C HIS S 57 20.55 69.14 27.93
N GLY S 58 20.77 69.85 29.03
CA GLY S 58 22.11 69.96 29.64
C GLY S 58 22.95 71.09 29.05
N LYS S 59 22.95 71.19 27.73
CA LYS S 59 23.69 72.23 27.00
C LYS S 59 23.31 73.67 27.37
N THR S 60 24.35 74.49 27.46
CA THR S 60 24.25 75.91 27.74
C THR S 60 24.55 76.65 26.46
N GLY S 61 23.92 77.81 26.32
CA GLY S 61 24.15 78.68 25.17
C GLY S 61 23.62 80.07 25.41
N ARG S 62 23.80 80.95 24.42
CA ARG S 62 23.40 82.33 24.59
C ARG S 62 22.06 82.61 23.91
N VAL S 63 21.32 83.55 24.47
CA VAL S 63 20.07 84.00 23.91
C VAL S 63 20.37 84.95 22.79
N TYR S 64 19.70 84.78 21.66
CA TYR S 64 19.82 85.71 20.53
C TYR S 64 18.54 86.49 20.20
N ASN S 65 17.40 85.84 20.38
CA ASN S 65 16.09 86.40 20.08
C ASN S 65 15.26 86.28 21.31
N VAL S 66 14.28 87.16 21.49
CA VAL S 66 13.29 86.95 22.55
C VAL S 66 11.92 87.28 21.99
N THR S 67 11.06 86.26 21.92
CA THR S 67 9.70 86.44 21.43
C THR S 67 8.78 86.63 22.64
N GLN S 68 7.46 86.51 22.43
CA GLN S 68 6.47 86.67 23.50
C GLN S 68 6.65 85.69 24.64
N HIS S 69 6.61 84.40 24.36
CA HIS S 69 6.84 83.42 25.41
C HIS S 69 7.75 82.30 24.97
N ALA S 70 8.92 82.71 24.50
CA ALA S 70 9.99 81.81 24.19
C ALA S 70 11.28 82.59 24.02
N VAL S 71 12.39 81.89 23.88
CA VAL S 71 13.67 82.53 23.68
C VAL S 71 14.52 81.75 22.70
N GLY S 72 14.83 82.39 21.58
CA GLY S 72 15.81 81.88 20.65
C GLY S 72 17.17 81.83 21.34
N ILE S 73 17.89 80.74 21.14
CA ILE S 73 19.09 80.46 21.94
C ILE S 73 20.12 79.66 21.16
N VAL S 74 21.22 80.33 20.80
CA VAL S 74 22.32 79.70 20.07
C VAL S 74 23.02 78.76 21.03
N VAL S 75 23.18 77.52 20.60
CA VAL S 75 23.89 76.50 21.36
C VAL S 75 24.77 75.72 20.42
N ASN S 76 25.89 75.23 20.93
CA ASN S 76 26.82 74.47 20.13
C ASN S 76 26.60 72.99 20.34
N LYS S 77 26.35 72.31 19.22
CA LYS S 77 26.06 70.89 19.16
C LYS S 77 27.12 70.28 18.28
N GLN S 78 27.78 69.25 18.81
CA GLN S 78 28.82 68.58 18.08
C GLN S 78 28.17 67.56 17.17
N VAL S 79 28.78 67.35 16.01
CA VAL S 79 28.33 66.36 15.05
C VAL S 79 29.56 65.68 14.48
N LYS S 80 29.80 64.44 14.93
CA LYS S 80 30.99 63.67 14.56
C LYS S 80 32.24 64.54 14.61
N GLY S 81 32.56 65.24 13.52
CA GLY S 81 33.80 65.99 13.42
C GLY S 81 33.69 67.49 13.56
N LYS S 82 32.47 68.01 13.51
CA LYS S 82 32.27 69.46 13.42
C LYS S 82 31.27 69.93 14.45
N ILE S 83 31.64 71.01 15.13
CA ILE S 83 30.79 71.67 16.10
C ILE S 83 29.97 72.71 15.34
N LEU S 84 28.65 72.60 15.44
CA LEU S 84 27.74 73.49 14.76
C LEU S 84 27.04 74.36 15.79
N ALA S 85 27.35 75.65 15.75
CA ALA S 85 26.61 76.64 16.50
C ALA S 85 25.27 76.82 15.80
N LYS S 86 24.19 76.50 16.50
CA LYS S 86 22.88 76.52 15.89
C LYS S 86 21.81 77.03 16.84
N ARG S 87 20.73 77.54 16.26
CA ARG S 87 19.80 78.43 16.95
C ARG S 87 18.42 77.80 17.05
N ILE S 88 17.95 77.68 18.30
CA ILE S 88 16.79 76.88 18.65
C ILE S 88 15.83 77.75 19.46
N ASN S 89 14.54 77.46 19.36
CA ASN S 89 13.51 78.35 19.90
C ASN S 89 12.77 77.71 21.05
N VAL S 90 13.36 77.81 22.23
CA VAL S 90 12.88 77.10 23.38
C VAL S 90 11.86 77.97 24.09
N ARG S 91 10.80 77.34 24.57
CA ARG S 91 9.85 78.04 25.43
C ARG S 91 10.43 78.15 26.83
N ILE S 92 10.20 79.30 27.45
CA ILE S 92 10.87 79.73 28.70
C ILE S 92 10.99 78.61 29.73
N GLU S 93 9.91 77.85 29.87
CA GLU S 93 9.79 76.83 30.92
C GLU S 93 10.94 75.83 30.95
N HIS S 94 11.66 75.70 29.83
CA HIS S 94 12.76 74.76 29.70
C HIS S 94 14.14 75.40 29.83
N ILE S 95 14.23 76.50 30.58
CA ILE S 95 15.40 77.36 30.53
C ILE S 95 15.60 78.12 31.86
N LYS S 96 16.85 78.17 32.31
CA LYS S 96 17.26 78.93 33.50
C LYS S 96 18.37 79.85 33.09
N HIS S 97 18.61 80.89 33.89
CA HIS S 97 19.87 81.61 33.78
C HIS S 97 21.00 80.71 34.25
N SER S 98 22.07 80.61 33.46
CA SER S 98 23.24 79.88 33.86
C SER S 98 24.07 80.79 34.76
N LYS S 99 24.29 80.37 36.01
CA LYS S 99 25.11 81.13 36.95
C LYS S 99 26.59 81.17 36.58
N SER S 100 27.05 80.21 35.78
CA SER S 100 28.44 80.12 35.31
C SER S 100 29.15 81.45 35.04
N ARG S 101 28.40 82.39 34.45
CA ARG S 101 28.91 83.71 34.11
C ARG S 101 28.95 84.70 35.29
N ASP S 102 28.04 84.55 36.25
CA ASP S 102 27.89 85.53 37.34
C ASP S 102 29.07 85.59 38.31
N SER S 103 29.60 84.42 38.65
CA SER S 103 30.84 84.32 39.44
C SER S 103 32.01 85.06 38.76
N PHE S 104 32.01 85.09 37.44
CA PHE S 104 32.97 85.89 36.67
C PHE S 104 32.72 87.37 36.85
N LEU S 105 31.47 87.79 36.67
CA LEU S 105 31.11 89.20 36.81
C LEU S 105 31.38 89.71 38.23
N LYS S 106 31.09 88.88 39.23
CA LYS S 106 31.45 89.18 40.62
C LYS S 106 32.94 89.48 40.78
N ARG S 107 33.77 88.65 40.14
CA ARG S 107 35.21 88.81 40.20
C ARG S 107 35.69 90.07 39.51
N VAL S 108 35.10 90.40 38.35
CA VAL S 108 35.49 91.63 37.63
C VAL S 108 35.04 92.86 38.41
N LYS S 109 33.86 92.81 39.00
CA LYS S 109 33.41 93.89 39.88
C LYS S 109 34.39 94.08 41.04
N GLU S 110 34.75 92.98 41.70
CA GLU S 110 35.74 92.98 42.79
C GLU S 110 37.10 93.53 42.34
N ASN S 111 37.49 93.23 41.10
CA ASN S 111 38.71 93.78 40.51
C ASN S 111 38.62 95.29 40.31
N ASP S 112 37.48 95.77 39.83
CA ASP S 112 37.27 97.22 39.62
C ASP S 112 37.28 98.00 40.92
N GLN S 113 36.75 97.41 41.99
CA GLN S 113 36.91 97.93 43.35
C GLN S 113 38.39 97.99 43.74
N LYS S 114 39.09 96.88 43.55
CA LYS S 114 40.50 96.75 43.94
C LYS S 114 41.49 97.41 42.95
N LYS S 115 40.99 97.90 41.82
CA LYS S 115 41.80 98.71 40.90
C LYS S 115 41.66 100.21 41.19
N LYS S 116 40.43 100.67 41.44
CA LYS S 116 40.20 102.08 41.82
C LYS S 116 40.94 102.41 43.10
N GLU S 117 40.63 101.67 44.16
CA GLU S 117 41.45 101.70 45.38
C GLU S 117 42.75 100.95 45.06
N ALA S 118 43.79 101.22 45.83
CA ALA S 118 45.14 100.72 45.54
C ALA S 118 45.80 101.36 44.29
N LYS S 119 45.24 102.48 43.82
CA LYS S 119 45.85 103.30 42.77
C LYS S 119 46.42 104.56 43.41
N GLU S 120 45.58 105.26 44.18
CA GLU S 120 46.01 106.36 45.05
C GLU S 120 46.98 105.91 46.17
N LYS S 121 46.84 104.66 46.62
CA LYS S 121 47.76 104.11 47.63
C LYS S 121 49.14 103.87 47.03
N GLY S 122 49.16 103.17 45.88
CA GLY S 122 50.40 102.84 45.18
C GLY S 122 50.73 101.35 45.20
N THR S 123 50.27 100.64 46.23
CA THR S 123 50.52 99.21 46.38
C THR S 123 49.67 98.42 45.38
N TRP S 124 50.30 97.83 44.37
CA TRP S 124 49.59 97.02 43.38
C TRP S 124 49.21 95.65 43.97
N VAL S 125 48.00 95.19 43.65
CA VAL S 125 47.39 94.02 44.27
C VAL S 125 47.19 92.91 43.23
N GLN S 126 47.20 91.67 43.68
CA GLN S 126 47.04 90.50 42.81
C GLN S 126 45.60 90.38 42.29
N LEU S 127 45.44 90.65 41.00
CA LEU S 127 44.15 90.65 40.32
C LEU S 127 43.89 89.30 39.66
N LYS S 128 44.91 88.76 39.01
CA LYS S 128 44.91 87.37 38.54
C LYS S 128 44.60 86.39 39.68
N ARG S 129 43.97 85.28 39.34
CA ARG S 129 43.82 84.17 40.28
C ARG S 129 45.12 83.38 40.34
N GLN S 130 45.21 82.44 41.27
CA GLN S 130 46.35 81.53 41.28
C GLN S 130 45.92 80.16 41.83
N PRO S 131 46.42 79.06 41.21
CA PRO S 131 45.99 77.75 41.67
C PRO S 131 46.51 77.46 43.07
N ALA S 132 45.83 76.53 43.75
CA ALA S 132 46.14 76.22 45.14
C ALA S 132 47.60 75.80 45.30
N PRO S 133 48.42 76.67 45.91
CA PRO S 133 49.84 76.38 46.01
C PRO S 133 50.12 75.33 47.07
N PRO S 134 51.34 74.75 47.07
CA PRO S 134 51.65 73.74 48.08
C PRO S 134 51.57 74.33 49.47
N ARG S 135 51.18 73.51 50.44
CA ARG S 135 50.54 74.00 51.67
C ARG S 135 51.41 74.65 52.77
N GLU S 136 52.57 75.21 52.41
CA GLU S 136 53.41 76.01 53.32
C GLU S 136 54.01 75.22 54.48
N ALA S 137 55.05 75.81 55.09
CA ALA S 137 55.70 75.22 56.25
C ALA S 137 54.98 75.66 57.52
N HIS S 138 54.85 74.74 58.46
CA HIS S 138 54.11 74.99 59.71
C HIS S 138 54.44 73.95 60.78
N PHE S 139 54.26 74.33 62.05
CA PHE S 139 54.46 73.44 63.20
C PHE S 139 53.16 72.77 63.59
N VAL S 140 53.27 71.56 64.13
CA VAL S 140 52.15 70.85 64.70
C VAL S 140 52.54 70.50 66.12
N ARG S 141 51.83 71.09 67.09
CA ARG S 141 52.10 70.81 68.51
C ARG S 141 51.31 69.59 68.95
N THR S 142 52.02 68.49 69.17
CA THR S 142 51.45 67.34 69.89
C THR S 142 51.36 67.76 71.36
N ASN S 143 50.33 68.55 71.65
CA ASN S 143 50.23 69.25 72.95
C ASN S 143 50.03 68.29 74.13
N GLY S 144 51.12 67.98 74.80
CA GLY S 144 51.10 67.08 75.95
C GLY S 144 50.99 65.64 75.52
N LYS S 145 49.76 65.23 75.21
CA LYS S 145 49.46 63.86 74.79
C LYS S 145 50.27 63.44 73.56
N GLU S 146 50.80 62.22 73.60
CA GLU S 146 51.61 61.67 72.50
C GLU S 146 50.70 61.21 71.35
N PRO S 147 51.31 60.78 70.22
CA PRO S 147 50.52 60.18 69.15
C PRO S 147 49.80 58.86 69.51
N GLU S 148 48.70 58.60 68.80
CA GLU S 148 47.84 57.44 69.00
C GLU S 148 48.24 56.32 68.05
N LEU S 149 48.63 55.16 68.59
CA LEU S 149 49.10 54.05 67.74
C LEU S 149 47.93 53.34 67.06
N LEU S 150 48.11 53.02 65.77
CA LEU S 150 47.11 52.30 64.99
C LEU S 150 47.63 50.98 64.45
N GLU S 151 47.35 49.90 65.18
CA GLU S 151 47.58 48.55 64.68
C GLU S 151 46.48 48.26 63.68
N PRO S 152 46.81 47.63 62.54
CA PRO S 152 45.76 47.08 61.68
C PRO S 152 45.05 45.93 62.37
N ILE S 153 43.76 45.80 62.14
CA ILE S 153 42.93 44.86 62.91
C ILE S 153 42.93 43.47 62.29
N PRO S 154 42.93 42.42 63.15
CA PRO S 154 42.95 41.06 62.65
C PRO S 154 41.66 40.71 61.94
N TYR S 155 41.81 40.07 60.78
CA TYR S 155 40.67 39.61 59.99
C TYR S 155 39.77 38.66 60.77
N GLU S 156 38.47 38.76 60.50
CA GLU S 156 37.51 37.72 60.84
C GLU S 156 36.38 37.73 59.83
N PHE S 157 35.73 36.57 59.68
CA PHE S 157 34.71 36.38 58.66
C PHE S 157 33.33 36.60 59.30
N MET S 158 32.61 37.61 58.79
CA MET S 158 31.37 38.07 59.44
C MET S 158 30.12 37.33 58.99
N ALA S 159 29.96 37.15 57.68
CA ALA S 159 28.72 36.61 57.11
C ALA S 159 28.57 35.10 57.35
N GLN T 1 44.40 -57.34 -84.40
CA GLN T 1 45.46 -56.28 -84.29
C GLN T 1 46.83 -56.85 -83.93
N VAL T 2 47.87 -56.05 -84.20
CA VAL T 2 49.27 -56.38 -83.88
C VAL T 2 49.98 -55.12 -83.39
N LEU T 3 50.16 -54.99 -82.08
CA LEU T 3 50.80 -53.81 -81.49
C LEU T 3 52.30 -54.05 -81.36
N LYS T 4 53.07 -53.35 -82.20
CA LYS T 4 54.50 -53.59 -82.36
C LYS T 4 55.30 -52.35 -81.94
N PHE T 5 55.88 -52.39 -80.74
CA PHE T 5 56.63 -51.26 -80.19
C PHE T 5 58.11 -51.57 -80.08
N THR T 6 58.93 -50.79 -80.76
CA THR T 6 60.37 -50.92 -80.63
C THR T 6 60.83 -50.16 -79.40
N LEU T 7 62.10 -50.33 -79.05
CA LEU T 7 62.67 -49.69 -77.86
C LEU T 7 64.20 -49.62 -78.06
N ASP T 8 64.61 -49.05 -79.18
CA ASP T 8 66.00 -49.17 -79.61
C ASP T 8 66.99 -48.41 -78.71
N CYS T 9 68.07 -49.09 -78.35
CA CYS T 9 69.12 -48.54 -77.51
C CYS T 9 70.43 -48.72 -78.25
N THR T 10 70.61 -47.88 -79.26
CA THR T 10 71.74 -47.99 -80.19
C THR T 10 73.05 -47.59 -79.52
N HIS T 11 73.21 -46.31 -79.21
CA HIS T 11 74.48 -45.77 -78.71
C HIS T 11 74.65 -45.61 -77.18
N PRO T 12 73.81 -46.28 -76.36
CA PRO T 12 74.29 -46.71 -75.04
C PRO T 12 75.00 -48.08 -75.06
N VAL T 13 74.56 -48.97 -75.95
CA VAL T 13 75.17 -50.30 -76.11
C VAL T 13 76.51 -50.21 -76.84
N GLU T 14 76.59 -49.36 -77.86
CA GLU T 14 77.83 -49.19 -78.62
C GLU T 14 78.95 -48.55 -77.79
N ASP T 15 78.58 -47.70 -76.83
CA ASP T 15 79.52 -47.19 -75.83
C ASP T 15 79.77 -48.20 -74.70
N GLY T 16 78.91 -49.20 -74.59
CA GLY T 16 79.10 -50.34 -73.71
C GLY T 16 78.66 -50.07 -72.29
N ILE T 17 77.64 -49.22 -72.15
CA ILE T 17 77.20 -48.74 -70.85
C ILE T 17 76.20 -49.74 -70.22
N MET T 18 75.35 -50.34 -71.06
CA MET T 18 74.41 -51.38 -70.66
C MET T 18 74.47 -52.55 -71.65
N ASP T 19 73.81 -53.65 -71.29
CA ASP T 19 73.75 -54.86 -72.14
C ASP T 19 72.29 -55.18 -72.49
N ALA T 20 72.02 -55.32 -73.78
CA ALA T 20 70.65 -55.47 -74.28
C ALA T 20 70.01 -56.81 -73.93
N ALA T 21 70.84 -57.84 -73.77
CA ALA T 21 70.37 -59.18 -73.37
C ALA T 21 69.80 -59.17 -71.95
N ASN T 22 70.49 -58.49 -71.03
CA ASN T 22 70.02 -58.34 -69.65
C ASN T 22 68.74 -57.49 -69.56
N PHE T 23 68.64 -56.49 -70.43
CA PHE T 23 67.46 -55.63 -70.52
C PHE T 23 66.23 -56.39 -71.05
N GLU T 24 66.46 -57.22 -72.07
CA GLU T 24 65.44 -58.17 -72.57
C GLU T 24 64.94 -59.10 -71.46
N GLN T 25 65.88 -59.69 -70.74
CA GLN T 25 65.59 -60.60 -69.61
C GLN T 25 64.76 -59.93 -68.52
N PHE T 26 65.14 -58.71 -68.17
CA PHE T 26 64.38 -57.86 -67.23
C PHE T 26 62.96 -57.57 -67.73
N LEU T 27 62.83 -57.29 -69.03
CA LEU T 27 61.53 -57.03 -69.66
C LEU T 27 60.64 -58.28 -69.74
N GLN T 28 61.24 -59.43 -70.03
CA GLN T 28 60.50 -60.71 -69.98
C GLN T 28 60.03 -61.04 -68.56
N GLU T 29 60.79 -60.62 -67.56
CA GLU T 29 60.43 -60.79 -66.16
C GLU T 29 59.21 -59.94 -65.82
N ARG T 30 59.38 -58.62 -66.01
CA ARG T 30 58.41 -57.64 -65.49
C ARG T 30 57.13 -57.58 -66.31
N ILE T 31 57.24 -57.09 -67.55
CA ILE T 31 56.07 -56.67 -68.35
C ILE T 31 54.82 -57.45 -67.96
N LYS T 32 54.00 -56.79 -67.16
CA LYS T 32 52.80 -57.38 -66.57
C LYS T 32 51.71 -57.45 -67.62
N VAL T 33 50.86 -58.46 -67.52
CA VAL T 33 49.67 -58.57 -68.36
C VAL T 33 48.49 -58.97 -67.48
N ASN T 34 47.45 -58.14 -67.46
CA ASN T 34 46.25 -58.40 -66.68
C ASN T 34 46.54 -58.58 -65.18
N GLY T 35 47.57 -57.91 -64.68
CA GLY T 35 48.01 -58.04 -63.30
C GLY T 35 48.70 -59.36 -62.96
N LYS T 36 49.52 -59.85 -63.88
CA LYS T 36 50.39 -61.01 -63.63
C LYS T 36 51.75 -60.73 -64.24
N ALA T 37 52.79 -60.78 -63.42
CA ALA T 37 54.12 -60.30 -63.80
C ALA T 37 54.86 -61.28 -64.71
N GLY T 38 54.99 -62.51 -64.23
CA GLY T 38 55.75 -63.54 -64.94
C GLY T 38 54.99 -64.21 -66.08
N ASN T 39 55.77 -64.81 -67.00
CA ASN T 39 55.25 -65.62 -68.11
C ASN T 39 54.51 -64.85 -69.22
N LEU T 40 54.64 -63.53 -69.25
CA LEU T 40 54.02 -62.68 -70.28
C LEU T 40 52.51 -62.91 -70.46
N GLY T 41 51.83 -63.28 -69.37
CA GLY T 41 50.41 -63.68 -69.42
C GLY T 41 50.12 -64.83 -70.37
N GLY T 42 51.06 -65.77 -70.46
CA GLY T 42 51.04 -66.81 -71.49
C GLY T 42 51.70 -66.33 -72.76
N GLY T 43 51.38 -66.97 -73.88
CA GLY T 43 51.90 -66.57 -75.20
C GLY T 43 51.10 -65.42 -75.78
N VAL T 44 51.25 -64.24 -75.17
CA VAL T 44 50.47 -63.05 -75.55
C VAL T 44 51.42 -62.02 -76.16
N VAL T 45 52.24 -61.38 -75.33
CA VAL T 45 53.25 -60.45 -75.84
C VAL T 45 54.51 -61.23 -76.16
N THR T 46 55.34 -60.67 -77.04
CA THR T 46 56.58 -61.33 -77.48
C THR T 46 57.69 -60.31 -77.59
N ILE T 47 58.84 -60.64 -76.98
CA ILE T 47 59.98 -59.73 -76.90
C ILE T 47 61.07 -60.22 -77.85
N GLU T 48 61.63 -59.31 -78.65
CA GLU T 48 62.67 -59.64 -79.62
C GLU T 48 64.00 -58.97 -79.30
N ARG T 49 65.06 -59.50 -79.90
CA ARG T 49 66.44 -59.09 -79.66
C ARG T 49 67.13 -58.94 -81.02
N SER T 50 67.76 -57.80 -81.26
CA SER T 50 68.49 -57.53 -82.50
C SER T 50 69.73 -56.67 -82.21
N LYS T 51 70.59 -57.20 -81.34
CA LYS T 51 71.78 -56.51 -80.81
C LYS T 51 71.44 -55.26 -79.99
N SER T 52 71.02 -54.18 -80.65
CA SER T 52 70.64 -52.94 -79.98
C SER T 52 69.12 -52.82 -79.82
N LYS T 53 68.40 -53.02 -80.91
CA LYS T 53 66.95 -52.83 -80.94
C LYS T 53 66.21 -53.91 -80.17
N ILE T 54 65.34 -53.52 -79.24
CA ILE T 54 64.32 -54.42 -78.68
C ILE T 54 63.01 -54.10 -79.39
N THR T 55 62.23 -55.15 -79.63
CA THR T 55 60.86 -55.02 -80.12
C THR T 55 59.93 -55.82 -79.20
N VAL T 56 58.83 -55.19 -78.80
CA VAL T 56 57.75 -55.86 -78.09
C VAL T 56 56.56 -55.95 -79.03
N THR T 57 55.98 -57.14 -79.16
CA THR T 57 54.90 -57.40 -80.10
C THR T 57 53.71 -58.07 -79.41
N SER T 58 52.66 -57.28 -79.17
CA SER T 58 51.46 -57.75 -78.46
C SER T 58 50.32 -58.07 -79.42
N GLU T 59 49.41 -58.92 -78.94
CA GLU T 59 48.14 -59.18 -79.62
C GLU T 59 47.01 -58.46 -78.89
N VAL T 60 46.99 -58.58 -77.57
CA VAL T 60 46.02 -57.85 -76.73
C VAL T 60 46.36 -56.35 -76.67
N PRO T 61 45.40 -55.53 -76.17
CA PRO T 61 45.70 -54.12 -75.87
C PRO T 61 46.85 -53.96 -74.89
N PHE T 62 47.76 -53.04 -75.23
CA PHE T 62 49.05 -52.92 -74.59
C PHE T 62 49.53 -51.48 -74.78
N SER T 63 49.77 -50.77 -73.68
CA SER T 63 50.22 -49.38 -73.77
C SER T 63 51.68 -49.30 -74.18
N LYS T 64 51.98 -48.22 -74.88
CA LYS T 64 53.30 -47.97 -75.43
C LYS T 64 54.18 -47.52 -74.29
N ARG T 65 53.71 -46.51 -73.56
CA ARG T 65 54.50 -45.87 -72.52
C ARG T 65 54.68 -46.68 -71.24
N TYR T 66 54.09 -47.87 -71.18
CA TYR T 66 54.47 -48.86 -70.17
C TYR T 66 55.92 -49.33 -70.42
N LEU T 67 56.34 -49.38 -71.68
CA LEU T 67 57.75 -49.65 -72.01
C LEU T 67 58.68 -48.53 -71.57
N LYS T 68 58.21 -47.29 -71.60
CA LYS T 68 58.98 -46.15 -71.08
C LYS T 68 59.19 -46.23 -69.57
N TYR T 69 58.13 -46.63 -68.88
CA TYR T 69 58.17 -46.84 -67.44
C TYR T 69 59.21 -47.87 -67.07
N LEU T 70 59.10 -49.04 -67.68
CA LEU T 70 59.98 -50.15 -67.37
C LEU T 70 61.41 -49.89 -67.80
N THR T 71 61.63 -49.18 -68.92
CA THR T 71 63.00 -48.77 -69.25
C THR T 71 63.52 -47.81 -68.17
N LYS T 72 62.67 -46.87 -67.76
CA LYS T 72 63.06 -45.90 -66.72
C LYS T 72 63.37 -46.59 -65.39
N LYS T 73 62.63 -47.64 -65.08
CA LYS T 73 62.84 -48.47 -63.90
C LYS T 73 64.14 -49.28 -64.00
N TYR T 74 64.39 -49.83 -65.19
CA TYR T 74 65.61 -50.58 -65.47
C TYR T 74 66.83 -49.69 -65.44
N LEU T 75 66.70 -48.49 -66.02
CA LEU T 75 67.78 -47.52 -66.03
C LEU T 75 68.12 -47.01 -64.63
N LYS T 76 67.11 -46.92 -63.75
CA LYS T 76 67.34 -46.55 -62.35
C LYS T 76 68.09 -47.64 -61.61
N LYS T 77 67.72 -48.90 -61.85
CA LYS T 77 68.37 -50.04 -61.20
C LYS T 77 69.86 -50.09 -61.54
N ASN T 78 70.18 -49.84 -62.80
CA ASN T 78 71.58 -49.81 -63.28
C ASN T 78 72.31 -48.47 -63.06
N ASN T 79 71.66 -47.53 -62.38
CA ASN T 79 72.20 -46.19 -62.09
C ASN T 79 72.58 -45.40 -63.35
N LEU T 80 71.74 -45.52 -64.38
CA LEU T 80 71.96 -44.86 -65.65
C LEU T 80 71.11 -43.61 -65.81
N ARG T 81 69.98 -43.53 -65.09
CA ARG T 81 69.16 -42.31 -65.12
C ARG T 81 69.92 -41.16 -64.46
N ASP T 82 70.69 -40.48 -65.31
CA ASP T 82 71.65 -39.45 -64.95
C ASP T 82 72.30 -38.98 -66.24
N TRP T 83 72.86 -39.94 -66.99
CA TRP T 83 73.27 -39.72 -68.39
C TRP T 83 72.71 -40.81 -69.29
N LEU T 84 71.40 -40.97 -69.24
CA LEU T 84 70.63 -41.69 -70.25
C LEU T 84 69.19 -41.21 -70.16
N ARG T 85 68.57 -40.98 -71.32
CA ARG T 85 67.27 -40.33 -71.40
C ARG T 85 66.41 -41.03 -72.43
N VAL T 86 65.20 -41.44 -72.03
CA VAL T 86 64.30 -42.11 -72.95
C VAL T 86 63.47 -41.06 -73.66
N VAL T 87 63.31 -41.24 -74.96
CA VAL T 87 62.56 -40.31 -75.79
C VAL T 87 61.81 -41.11 -76.84
N ALA T 88 60.68 -40.57 -77.29
CA ALA T 88 60.00 -41.10 -78.46
C ALA T 88 60.69 -40.57 -79.70
N ASN T 89 61.44 -41.46 -80.35
CA ASN T 89 62.07 -41.16 -81.62
C ASN T 89 60.98 -40.93 -82.67
N SER T 90 60.09 -41.92 -82.79
CA SER T 90 58.93 -41.85 -83.64
C SER T 90 57.80 -42.57 -82.91
N LYS T 91 56.64 -42.68 -83.55
CA LYS T 91 55.57 -43.52 -82.99
C LYS T 91 55.95 -45.00 -83.14
N GLU T 92 55.42 -45.82 -82.25
CA GLU T 92 55.78 -47.23 -82.11
C GLU T 92 57.24 -47.44 -81.68
N SER T 93 57.85 -46.42 -81.06
CA SER T 93 59.29 -46.40 -80.78
C SER T 93 59.68 -45.52 -79.61
N TYR T 94 60.68 -45.98 -78.85
CA TYR T 94 61.42 -45.14 -77.92
C TYR T 94 62.89 -45.23 -78.30
N GLU T 95 63.74 -44.51 -77.58
CA GLU T 95 65.12 -44.30 -78.01
C GLU T 95 65.97 -43.76 -76.88
N LEU T 96 66.93 -44.55 -76.42
CA LEU T 96 67.81 -44.13 -75.32
C LEU T 96 68.90 -43.25 -75.92
N ARG T 97 69.12 -42.09 -75.30
CA ARG T 97 70.05 -41.07 -75.79
C ARG T 97 70.75 -40.42 -74.59
N TYR T 98 71.86 -39.74 -74.85
CA TYR T 98 72.55 -38.97 -73.82
C TYR T 98 71.97 -37.56 -73.75
N PHE T 99 72.54 -36.72 -72.88
CA PHE T 99 72.13 -35.31 -72.74
C PHE T 99 73.08 -34.39 -73.50
N SER U 1 44.39 -41.50 24.41
CA SER U 1 45.77 -41.15 24.88
C SER U 1 46.64 -40.59 23.74
N GLY U 2 46.93 -41.43 22.75
CA GLY U 2 47.74 -41.04 21.60
C GLY U 2 46.92 -40.20 20.64
N ALA U 3 47.45 -39.03 20.27
CA ALA U 3 46.69 -38.02 19.55
C ALA U 3 46.85 -38.11 18.03
N LYS U 4 46.04 -37.34 17.31
CA LYS U 4 45.61 -37.67 15.94
C LYS U 4 46.64 -37.59 14.80
N PHE U 5 47.54 -36.60 14.83
CA PHE U 5 48.37 -36.20 13.67
C PHE U 5 47.53 -35.63 12.54
N ARG U 6 48.00 -34.55 11.92
CA ARG U 6 47.22 -33.91 10.85
C ARG U 6 47.25 -34.73 9.57
N ILE U 7 46.16 -34.64 8.81
CA ILE U 7 46.04 -35.35 7.53
C ILE U 7 45.35 -34.47 6.50
N SER U 8 45.82 -34.56 5.25
CA SER U 8 45.38 -33.69 4.17
C SER U 8 43.86 -33.69 4.04
N LEU U 9 43.26 -32.57 4.36
CA LEU U 9 41.85 -32.48 4.69
C LEU U 9 41.10 -31.85 3.53
N GLY U 10 40.43 -32.71 2.76
CA GLY U 10 39.81 -32.32 1.50
C GLY U 10 38.30 -32.28 1.56
N LEU U 11 37.77 -31.68 2.61
CA LEU U 11 36.36 -31.34 2.66
C LEU U 11 36.23 -29.96 3.29
N PRO U 12 36.28 -28.92 2.44
CA PRO U 12 35.92 -27.59 2.87
C PRO U 12 34.44 -27.47 3.13
N VAL U 13 34.07 -26.40 3.81
CA VAL U 13 32.68 -26.13 4.09
C VAL U 13 31.98 -25.83 2.77
N GLY U 14 30.96 -26.63 2.47
CA GLY U 14 30.34 -26.63 1.15
C GLY U 14 30.28 -28.01 0.50
N ALA U 15 30.86 -29.03 1.12
CA ALA U 15 30.87 -30.38 0.56
C ALA U 15 29.57 -31.06 0.88
N VAL U 16 29.19 -32.02 0.04
CA VAL U 16 28.07 -32.91 0.35
C VAL U 16 28.52 -34.35 0.29
N ILE U 17 29.28 -34.72 1.32
CA ILE U 17 29.71 -36.09 1.50
C ILE U 17 28.49 -36.97 1.71
N ASN U 18 28.50 -38.19 1.16
CA ASN U 18 27.34 -39.05 1.28
C ASN U 18 27.32 -39.76 2.63
N CYS U 19 26.18 -39.60 3.33
CA CYS U 19 25.90 -40.32 4.57
C CYS U 19 25.96 -41.83 4.36
N ALA U 20 26.89 -42.48 5.06
CA ALA U 20 27.12 -43.90 4.91
C ALA U 20 26.61 -44.70 6.11
N ASP U 21 25.58 -44.20 6.79
CA ASP U 21 24.86 -45.01 7.78
C ASP U 21 23.39 -45.13 7.42
N ASN U 22 22.72 -46.03 8.13
CA ASN U 22 21.37 -46.46 7.77
C ASN U 22 20.22 -45.52 8.16
N THR U 23 20.53 -44.32 8.67
CA THR U 23 19.51 -43.33 9.03
C THR U 23 18.36 -43.25 8.02
N GLY U 24 18.70 -42.95 6.77
CA GLY U 24 17.72 -42.56 5.77
C GLY U 24 18.13 -41.28 5.04
N ALA U 25 19.09 -40.56 5.61
CA ALA U 25 19.82 -39.53 4.88
C ALA U 25 20.65 -40.17 3.78
N LYS U 26 20.83 -39.41 2.70
CA LYS U 26 21.70 -39.80 1.60
C LYS U 26 22.96 -38.93 1.57
N ASN U 27 22.77 -37.61 1.71
CA ASN U 27 23.84 -36.64 1.71
C ASN U 27 24.07 -35.99 3.07
N LEU U 28 25.18 -35.25 3.17
CA LEU U 28 25.52 -34.52 4.39
C LEU U 28 26.23 -33.22 4.02
N TYR U 29 25.45 -32.18 3.83
CA TYR U 29 26.01 -30.87 3.52
C TYR U 29 26.80 -30.29 4.68
N ILE U 30 28.14 -30.42 4.63
CA ILE U 30 28.99 -29.89 5.71
C ILE U 30 28.86 -28.37 5.74
N ILE U 31 28.18 -27.85 6.76
CA ILE U 31 28.08 -26.41 6.95
C ILE U 31 29.18 -25.85 7.83
N SER U 32 29.89 -26.71 8.56
CA SER U 32 31.01 -26.28 9.42
C SER U 32 31.78 -27.44 10.03
N VAL U 33 33.05 -27.18 10.32
CA VAL U 33 33.95 -28.17 10.87
C VAL U 33 34.28 -27.80 12.30
N LYS U 34 34.17 -28.77 13.19
CA LYS U 34 34.25 -28.53 14.61
C LYS U 34 35.69 -28.46 15.03
N GLY U 35 36.02 -27.43 15.81
CA GLY U 35 37.35 -27.24 16.36
C GLY U 35 38.26 -26.59 15.34
N ILE U 36 37.79 -25.48 14.76
CA ILE U 36 38.56 -24.71 13.81
C ILE U 36 38.53 -23.25 14.22
N LYS U 37 39.71 -22.71 14.54
CA LYS U 37 39.82 -21.29 14.85
C LYS U 37 39.82 -20.53 13.55
N GLY U 38 40.76 -20.87 12.68
CA GLY U 38 40.75 -20.38 11.31
C GLY U 38 41.24 -18.96 11.14
N ARG U 39 41.47 -18.63 9.88
CA ARG U 39 42.07 -17.37 9.47
C ARG U 39 41.15 -16.71 8.43
N LEU U 40 41.34 -15.41 8.26
CA LEU U 40 40.67 -14.61 7.24
C LEU U 40 40.62 -15.31 5.88
N ASN U 41 39.43 -15.30 5.28
CA ASN U 41 39.14 -15.86 3.95
C ASN U 41 39.19 -17.38 3.82
N ARG U 42 39.64 -18.08 4.86
CA ARG U 42 39.94 -19.51 4.76
C ARG U 42 38.77 -20.40 5.13
N LEU U 43 38.48 -21.37 4.26
CA LEU U 43 37.37 -22.29 4.48
C LEU U 43 37.78 -23.33 5.54
N PRO U 44 36.90 -23.58 6.54
CA PRO U 44 37.10 -24.67 7.52
C PRO U 44 37.04 -26.03 6.84
N ALA U 45 38.03 -26.88 7.06
CA ALA U 45 38.14 -28.13 6.29
C ALA U 45 38.30 -29.36 7.15
N ALA U 46 37.50 -30.38 6.83
CA ALA U 46 37.44 -31.60 7.60
C ALA U 46 37.94 -32.77 6.79
N GLY U 47 39.05 -33.34 7.21
CA GLY U 47 39.51 -34.61 6.64
C GLY U 47 38.72 -35.74 7.24
N VAL U 48 39.28 -36.93 7.16
CA VAL U 48 38.73 -38.09 7.84
C VAL U 48 38.96 -38.02 9.33
N GLY U 49 38.04 -38.61 10.08
CA GLY U 49 38.11 -38.59 11.54
C GLY U 49 37.68 -37.28 12.17
N ASP U 50 37.31 -36.30 11.34
CA ASP U 50 36.98 -34.98 11.83
C ASP U 50 35.50 -34.96 12.16
N MET U 51 35.16 -34.32 13.27
CA MET U 51 33.78 -33.93 13.56
C MET U 51 33.37 -32.83 12.62
N VAL U 52 32.06 -32.66 12.47
CA VAL U 52 31.53 -31.78 11.46
C VAL U 52 30.04 -31.53 11.72
N MET U 53 29.59 -30.31 11.49
CA MET U 53 28.17 -30.04 11.44
C MET U 53 27.73 -30.27 10.02
N ALA U 54 26.51 -30.77 9.87
CA ALA U 54 26.07 -31.31 8.61
C ALA U 54 24.59 -31.22 8.48
N THR U 55 24.17 -30.41 7.53
CA THR U 55 22.79 -30.42 7.09
C THR U 55 22.65 -31.61 6.14
N VAL U 56 21.47 -32.23 6.18
CA VAL U 56 21.10 -33.26 5.22
C VAL U 56 20.36 -32.55 4.09
N LYS U 57 20.80 -32.80 2.87
CA LYS U 57 20.21 -32.17 1.69
C LYS U 57 19.17 -33.08 1.01
N LYS U 58 19.38 -34.39 1.05
CA LYS U 58 18.37 -35.34 0.57
C LYS U 58 18.31 -36.57 1.44
N GLY U 59 17.10 -37.10 1.60
CA GLY U 59 16.84 -38.23 2.51
C GLY U 59 15.46 -38.12 3.12
N LYS U 60 15.29 -38.66 4.33
CA LYS U 60 14.02 -38.62 5.02
C LYS U 60 13.68 -37.21 5.48
N PRO U 61 12.39 -36.83 5.49
CA PRO U 61 12.01 -35.48 5.93
C PRO U 61 12.04 -35.23 7.45
N GLU U 62 12.24 -36.27 8.25
CA GLU U 62 12.58 -36.10 9.68
C GLU U 62 13.89 -35.33 9.82
N LEU U 63 14.89 -35.77 9.07
CA LEU U 63 16.25 -35.27 9.17
C LEU U 63 16.42 -33.96 8.41
N ARG U 64 15.79 -33.85 7.25
CA ARG U 64 15.92 -32.66 6.42
C ARG U 64 15.50 -31.40 7.17
N LYS U 65 16.09 -30.28 6.77
CA LYS U 65 15.81 -28.96 7.34
C LYS U 65 16.18 -28.83 8.82
N LYS U 66 17.35 -29.38 9.17
CA LYS U 66 17.99 -29.11 10.46
C LYS U 66 19.44 -29.54 10.44
N VAL U 67 20.18 -29.15 11.48
CA VAL U 67 21.60 -29.41 11.61
C VAL U 67 21.84 -30.60 12.51
N HIS U 68 22.78 -31.45 12.13
CA HIS U 68 23.26 -32.53 12.97
C HIS U 68 24.77 -32.52 13.01
N PRO U 69 25.37 -33.05 14.10
CA PRO U 69 26.77 -33.36 14.05
C PRO U 69 26.99 -34.53 13.14
N ALA U 70 28.20 -34.69 12.67
CA ALA U 70 28.55 -35.84 11.85
C ALA U 70 30.05 -36.07 11.86
N VAL U 71 30.44 -37.23 11.36
CA VAL U 71 31.83 -37.63 11.33
C VAL U 71 32.16 -38.04 9.92
N VAL U 72 33.35 -37.66 9.46
CA VAL U 72 33.85 -38.06 8.16
C VAL U 72 34.62 -39.36 8.33
N ILE U 73 34.31 -40.29 7.44
CA ILE U 73 34.62 -41.70 7.61
C ILE U 73 35.55 -42.21 6.51
N ARG U 74 35.26 -41.82 5.28
CA ARG U 74 36.19 -41.92 4.16
C ARG U 74 36.36 -40.54 3.59
N GLN U 75 37.39 -40.39 2.78
CA GLN U 75 37.53 -39.18 1.99
C GLN U 75 38.41 -39.40 0.80
N ARG U 76 38.06 -38.75 -0.31
CA ARG U 76 38.68 -39.00 -1.59
C ARG U 76 40.05 -38.33 -1.69
N LYS U 77 40.27 -37.28 -0.89
CA LYS U 77 41.56 -36.60 -0.84
C LYS U 77 42.54 -37.48 -0.12
N SER U 78 43.67 -37.73 -0.79
CA SER U 78 44.64 -38.69 -0.30
C SER U 78 45.47 -38.11 0.82
N TYR U 79 45.31 -38.67 2.00
CA TYR U 79 46.16 -38.29 3.12
C TYR U 79 47.35 -39.21 3.19
N ARG U 80 48.33 -38.81 4.02
CA ARG U 80 49.54 -39.59 4.26
C ARG U 80 49.50 -40.11 5.68
N ARG U 81 49.69 -41.42 5.84
CA ARG U 81 49.82 -42.06 7.14
C ARG U 81 51.26 -41.93 7.63
N LYS U 82 51.47 -42.06 8.93
CA LYS U 82 52.81 -41.93 9.53
C LYS U 82 53.81 -42.98 9.03
N ASP U 83 53.31 -44.14 8.61
CA ASP U 83 54.14 -45.16 7.97
C ASP U 83 54.46 -44.90 6.49
N GLY U 84 54.17 -43.70 5.99
CA GLY U 84 54.59 -43.28 4.66
C GLY U 84 53.80 -43.92 3.53
N VAL U 85 52.57 -44.33 3.81
CA VAL U 85 51.66 -44.78 2.77
C VAL U 85 50.56 -43.75 2.61
N PHE U 86 50.40 -43.26 1.40
CA PHE U 86 49.28 -42.41 1.09
C PHE U 86 48.11 -43.33 0.83
N LEU U 87 46.91 -42.77 1.00
CA LEU U 87 45.71 -43.55 1.03
C LEU U 87 44.58 -42.67 0.64
N TYR U 88 43.72 -43.16 -0.23
CA TYR U 88 42.51 -42.44 -0.60
C TYR U 88 41.42 -43.45 -0.79
N PHE U 89 40.20 -42.98 -0.99
CA PHE U 89 39.07 -43.79 -0.66
C PHE U 89 37.94 -44.00 -1.66
N GLU U 90 38.03 -43.42 -2.85
CA GLU U 90 36.97 -43.57 -3.86
C GLU U 90 35.74 -42.70 -3.61
N ASP U 91 35.29 -42.57 -2.36
CA ASP U 91 34.23 -41.61 -2.05
C ASP U 91 34.41 -40.89 -0.73
N ASN U 92 33.94 -39.65 -0.68
CA ASN U 92 33.81 -38.92 0.56
C ASN U 92 32.56 -39.43 1.22
N ALA U 93 32.56 -39.53 2.53
CA ALA U 93 31.48 -40.19 3.22
C ALA U 93 31.52 -39.91 4.70
N GLY U 94 30.36 -39.89 5.33
CA GLY U 94 30.28 -39.66 6.76
C GLY U 94 29.11 -40.35 7.44
N VAL U 95 28.92 -40.04 8.72
CA VAL U 95 27.82 -40.57 9.53
C VAL U 95 27.23 -39.50 10.44
N ILE U 96 25.91 -39.45 10.53
CA ILE U 96 25.23 -38.55 11.46
C ILE U 96 25.44 -39.13 12.86
N VAL U 97 25.70 -38.24 13.80
CA VAL U 97 26.25 -38.59 15.11
C VAL U 97 25.73 -37.59 16.13
N ASN U 98 25.74 -37.95 17.42
CA ASN U 98 25.44 -36.99 18.49
C ASN U 98 26.69 -36.40 19.13
N ASN U 99 26.51 -35.25 19.76
CA ASN U 99 27.58 -34.54 20.49
C ASN U 99 28.64 -35.41 21.18
N LYS U 100 28.20 -36.46 21.88
CA LYS U 100 29.11 -37.33 22.63
C LYS U 100 29.69 -38.51 21.83
N GLY U 101 29.61 -38.45 20.48
CA GLY U 101 30.27 -39.43 19.61
C GLY U 101 29.49 -40.69 19.25
N GLU U 102 28.32 -40.89 19.84
CA GLU U 102 27.46 -42.02 19.47
C GLU U 102 26.82 -41.78 18.11
N MET U 103 26.60 -42.86 17.38
CA MET U 103 25.84 -42.82 16.15
C MET U 103 24.37 -42.69 16.50
N LYS U 104 23.61 -42.06 15.62
CA LYS U 104 22.16 -42.07 15.69
C LYS U 104 21.59 -43.13 14.74
N GLY U 105 22.38 -43.53 13.75
CA GLY U 105 22.09 -44.70 12.94
C GLY U 105 22.39 -45.99 13.70
N SER U 106 22.94 -46.98 12.98
CA SER U 106 23.24 -48.30 13.56
C SER U 106 24.28 -49.16 12.83
N ALA U 107 24.42 -48.97 11.51
CA ALA U 107 25.32 -49.79 10.71
C ALA U 107 25.95 -48.94 9.61
N ILE U 108 27.25 -49.11 9.42
CA ILE U 108 28.00 -48.30 8.46
C ILE U 108 28.28 -49.07 7.17
N THR U 109 27.62 -48.66 6.09
CA THR U 109 27.95 -49.17 4.77
C THR U 109 29.34 -48.68 4.36
N GLY U 110 30.12 -49.56 3.75
CA GLY U 110 31.47 -49.23 3.32
C GLY U 110 32.49 -49.27 4.43
N PRO U 111 33.78 -49.05 4.08
CA PRO U 111 34.87 -49.06 5.04
C PRO U 111 35.06 -47.72 5.70
N VAL U 112 35.57 -47.74 6.93
CA VAL U 112 35.88 -46.53 7.67
C VAL U 112 37.38 -46.45 7.67
N ALA U 113 37.93 -45.25 7.60
CA ALA U 113 39.37 -45.06 7.71
C ALA U 113 39.76 -45.24 9.17
N LYS U 114 40.88 -45.92 9.42
CA LYS U 114 41.30 -46.21 10.80
C LYS U 114 41.69 -44.95 11.59
N GLU U 115 41.96 -43.84 10.90
CA GLU U 115 42.16 -42.53 11.55
C GLU U 115 40.86 -42.11 12.26
N CYS U 116 39.74 -42.40 11.61
CA CYS U 116 38.42 -42.20 12.17
C CYS U 116 38.02 -43.28 13.18
N ALA U 117 38.41 -44.53 12.92
CA ALA U 117 38.04 -45.65 13.80
C ALA U 117 38.66 -45.54 15.19
N ASP U 118 39.98 -45.38 15.24
CA ASP U 118 40.68 -45.26 16.54
C ASP U 118 40.17 -44.07 17.37
N LEU U 119 39.85 -42.97 16.68
CA LEU U 119 39.39 -41.73 17.32
C LEU U 119 37.90 -41.70 17.70
N TRP U 120 37.10 -42.52 17.02
CA TRP U 120 35.66 -42.65 17.29
C TRP U 120 35.31 -44.12 17.50
N PRO U 121 35.13 -44.55 18.77
CA PRO U 121 34.98 -45.98 19.05
C PRO U 121 33.62 -46.58 18.67
N ARG U 122 32.55 -45.78 18.80
CA ARG U 122 31.19 -46.27 18.55
C ARG U 122 30.94 -46.36 17.06
N ILE U 123 31.49 -45.42 16.30
CA ILE U 123 31.62 -45.58 14.85
C ILE U 123 32.40 -46.86 14.55
N ALA U 124 33.55 -47.03 15.17
CA ALA U 124 34.40 -48.21 14.92
C ALA U 124 33.68 -49.52 15.17
N SER U 125 32.87 -49.57 16.23
CA SER U 125 32.10 -50.75 16.56
C SER U 125 31.09 -51.13 15.47
N ASN U 126 30.47 -50.12 14.86
CA ASN U 126 29.50 -50.34 13.78
C ASN U 126 30.12 -50.42 12.38
N ALA U 127 31.41 -50.11 12.27
CA ALA U 127 32.15 -50.26 11.02
C ALA U 127 32.50 -51.72 10.76
N GLY U 128 32.10 -52.22 9.58
CA GLY U 128 32.44 -53.58 9.15
C GLY U 128 33.90 -53.71 8.78
N SER U 129 34.33 -52.92 7.79
CA SER U 129 35.72 -52.89 7.33
C SER U 129 36.42 -51.62 7.81
N ILE U 130 37.73 -51.74 8.06
CA ILE U 130 38.56 -50.59 8.45
C ILE U 130 39.78 -50.49 7.54
N ALA U 131 40.03 -49.27 7.06
CA ALA U 131 41.10 -48.94 6.10
C ALA U 131 40.93 -49.59 4.73
N MET V 1 58.57 -53.96 7.80
CA MET V 1 58.22 -53.21 6.56
C MET V 1 57.77 -54.18 5.47
N LYS V 2 56.49 -54.56 5.54
CA LYS V 2 55.92 -55.54 4.61
C LYS V 2 55.78 -54.95 3.22
N VAL V 3 56.78 -55.23 2.36
CA VAL V 3 56.70 -54.87 0.95
C VAL V 3 55.46 -55.50 0.31
N GLU V 4 54.69 -54.67 -0.38
CA GLU V 4 53.42 -55.07 -1.00
C GLU V 4 53.63 -55.16 -2.49
N LEU V 5 52.64 -55.69 -3.20
CA LEU V 5 52.70 -55.83 -4.65
C LEU V 5 51.64 -54.97 -5.33
N CYS V 6 52.04 -54.33 -6.43
CA CYS V 6 51.17 -53.44 -7.17
C CYS V 6 50.03 -54.22 -7.83
N SER V 7 48.80 -53.83 -7.48
CA SER V 7 47.60 -54.52 -7.94
C SER V 7 47.35 -54.45 -9.45
N PHE V 8 48.16 -53.68 -10.17
CA PHE V 8 48.10 -53.63 -11.62
C PHE V 8 49.28 -54.33 -12.28
N SER V 9 50.48 -53.82 -11.97
CA SER V 9 51.68 -54.19 -12.69
C SER V 9 52.26 -55.49 -12.18
N GLY V 10 52.44 -55.58 -10.87
CA GLY V 10 53.03 -56.76 -10.24
C GLY V 10 54.32 -56.48 -9.51
N TYR V 11 54.93 -55.32 -9.76
CA TYR V 11 56.17 -54.95 -9.09
C TYR V 11 55.95 -54.78 -7.59
N LYS V 12 57.03 -54.96 -6.83
CA LYS V 12 57.02 -54.71 -5.39
C LYS V 12 56.97 -53.21 -5.14
N ILE V 13 56.45 -52.82 -3.98
CA ILE V 13 56.31 -51.42 -3.61
C ILE V 13 56.99 -51.18 -2.28
N TYR V 14 58.16 -50.55 -2.34
CA TYR V 14 58.94 -50.30 -1.13
C TYR V 14 58.31 -49.22 -0.28
N PRO V 15 58.35 -49.38 1.06
CA PRO V 15 57.67 -48.58 2.07
C PRO V 15 57.30 -47.16 1.69
N GLY V 16 58.27 -46.43 1.15
CA GLY V 16 58.06 -45.05 0.81
C GLY V 16 57.02 -44.81 -0.27
N HIS V 17 57.12 -45.56 -1.36
CA HIS V 17 56.54 -45.10 -2.63
C HIS V 17 55.14 -45.57 -2.86
N GLY V 18 54.51 -44.95 -3.85
CA GLY V 18 53.19 -45.35 -4.30
C GLY V 18 52.07 -44.98 -3.34
N ARG V 19 50.89 -45.50 -3.66
CA ARG V 19 49.62 -44.98 -3.16
C ARG V 19 48.63 -46.10 -2.93
N ARG V 20 47.74 -45.93 -1.94
CA ARG V 20 46.82 -46.99 -1.52
C ARG V 20 45.34 -46.62 -1.69
N TYR V 21 44.61 -47.45 -2.43
CA TYR V 21 43.26 -47.15 -2.83
C TYR V 21 42.32 -48.04 -2.08
N ALA V 22 41.21 -47.48 -1.61
CA ALA V 22 40.26 -48.23 -0.78
C ALA V 22 38.86 -48.08 -1.35
N ARG V 23 38.48 -49.01 -2.22
CA ARG V 23 37.19 -48.96 -2.89
C ARG V 23 36.05 -49.32 -1.93
N THR V 24 34.87 -48.76 -2.20
CA THR V 24 33.72 -48.87 -1.28
C THR V 24 33.10 -50.25 -1.18
N ASP V 25 33.36 -51.10 -2.17
CA ASP V 25 33.08 -52.53 -2.04
C ASP V 25 33.74 -53.09 -0.77
N GLY V 26 34.88 -52.51 -0.40
CA GLY V 26 35.60 -52.86 0.79
C GLY V 26 36.75 -53.77 0.45
N LYS V 27 37.51 -53.40 -0.58
CA LYS V 27 38.78 -54.06 -0.90
C LYS V 27 39.73 -52.99 -1.42
N VAL V 28 41.01 -53.27 -1.25
CA VAL V 28 42.04 -52.26 -1.33
C VAL V 28 43.02 -52.65 -2.42
N PHE V 29 43.63 -51.64 -3.05
CA PHE V 29 44.67 -51.86 -4.04
C PHE V 29 45.85 -50.97 -3.77
N GLN V 30 47.02 -51.49 -4.12
CA GLN V 30 48.26 -50.77 -4.00
C GLN V 30 48.75 -50.48 -5.40
N PHE V 31 49.22 -49.28 -5.61
CA PHE V 31 49.79 -48.92 -6.89
C PHE V 31 51.19 -48.40 -6.69
N LEU V 32 52.10 -49.01 -7.43
CA LEU V 32 53.50 -48.62 -7.50
C LEU V 32 53.65 -47.14 -7.79
N ASN V 33 52.95 -46.70 -8.83
CA ASN V 33 52.96 -45.31 -9.26
C ASN V 33 51.60 -44.94 -9.89
N ALA V 34 51.49 -43.71 -10.40
CA ALA V 34 50.26 -43.23 -11.05
C ALA V 34 49.94 -43.92 -12.37
N LYS V 35 51.00 -44.20 -13.12
CA LYS V 35 50.92 -44.94 -14.39
C LYS V 35 50.12 -46.23 -14.27
N CYS V 36 50.39 -47.00 -13.22
CA CYS V 36 49.61 -48.19 -12.90
C CYS V 36 48.17 -47.79 -12.57
N GLU V 37 48.05 -46.91 -11.59
CA GLU V 37 46.76 -46.47 -11.05
C GLU V 37 45.81 -45.91 -12.11
N SER V 38 46.36 -45.23 -13.11
CA SER V 38 45.55 -44.65 -14.19
C SER V 38 44.96 -45.73 -15.09
N ALA V 39 45.78 -46.71 -15.43
CA ALA V 39 45.35 -47.88 -16.19
C ALA V 39 44.32 -48.71 -15.43
N PHE V 40 44.48 -48.78 -14.11
CA PHE V 40 43.52 -49.43 -13.23
C PHE V 40 42.17 -48.73 -13.24
N LEU V 41 42.20 -47.41 -13.12
CA LEU V 41 40.98 -46.61 -13.03
C LEU V 41 40.26 -46.49 -14.39
N SER V 42 41.03 -46.52 -15.49
CA SER V 42 40.50 -46.62 -16.85
C SER V 42 40.17 -48.06 -17.27
N LYS V 43 40.36 -49.00 -16.35
CA LYS V 43 39.82 -50.35 -16.43
C LYS V 43 40.64 -51.25 -17.36
N ARG V 44 41.91 -50.91 -17.56
CA ARG V 44 42.78 -51.69 -18.46
C ARG V 44 43.14 -53.01 -17.82
N ASN V 45 42.87 -54.08 -18.57
CA ASN V 45 43.07 -55.43 -18.09
C ASN V 45 44.57 -55.70 -18.16
N PRO V 46 45.25 -55.72 -17.01
CA PRO V 46 46.71 -55.70 -16.99
C PRO V 46 47.38 -56.86 -17.74
N ARG V 47 46.65 -57.95 -17.93
CA ARG V 47 47.13 -59.07 -18.75
C ARG V 47 47.27 -58.71 -20.23
N GLN V 48 46.53 -57.69 -20.69
CA GLN V 48 46.69 -57.17 -22.06
C GLN V 48 47.89 -56.22 -22.23
N ILE V 49 48.44 -55.70 -21.13
CA ILE V 49 49.45 -54.65 -21.17
C ILE V 49 50.87 -55.20 -20.94
N ASN V 50 51.72 -55.03 -21.95
CA ASN V 50 52.97 -55.81 -22.07
C ASN V 50 53.84 -55.77 -20.85
N TRP V 51 54.13 -54.56 -20.41
CA TRP V 51 55.13 -54.34 -19.36
C TRP V 51 54.75 -54.88 -17.98
N THR V 52 53.48 -55.19 -17.75
CA THR V 52 53.10 -55.81 -16.47
C THR V 52 53.61 -57.24 -16.32
N VAL V 53 53.61 -57.71 -15.09
CA VAL V 53 53.96 -59.07 -14.75
C VAL V 53 52.89 -60.00 -15.27
N LEU V 54 51.62 -59.63 -15.07
CA LEU V 54 50.50 -60.47 -15.49
C LEU V 54 50.50 -60.80 -16.97
N TYR V 55 50.91 -59.85 -17.80
CA TYR V 55 51.06 -60.10 -19.23
C TYR V 55 52.16 -61.13 -19.45
N ARG V 56 53.33 -60.85 -18.93
CA ARG V 56 54.50 -61.69 -19.20
C ARG V 56 54.32 -63.11 -18.70
N ARG V 57 53.64 -63.29 -17.55
CA ARG V 57 53.21 -64.62 -17.12
C ARG V 57 52.33 -65.25 -18.20
N LYS V 58 51.31 -64.52 -18.62
CA LYS V 58 50.38 -65.00 -19.65
C LYS V 58 51.07 -65.42 -20.95
N HIS V 59 52.05 -64.63 -21.39
CA HIS V 59 52.76 -64.89 -22.65
C HIS V 59 54.05 -65.71 -22.47
N LYS V 60 54.29 -66.22 -21.26
CA LYS V 60 55.36 -67.18 -20.99
C LYS V 60 56.76 -66.61 -21.30
N LYS V 61 56.96 -65.35 -20.94
CA LYS V 61 58.21 -64.64 -21.25
C LYS V 61 59.24 -64.83 -20.16
N GLY V 62 60.50 -64.85 -20.57
CA GLY V 62 61.57 -65.43 -19.77
C GLY V 62 61.41 -66.95 -19.75
N GLN V 63 62.27 -67.62 -18.99
CA GLN V 63 62.18 -69.07 -18.76
C GLN V 63 62.27 -69.89 -20.05
N LYS W 1 -15.67 34.79 -97.72
CA LYS W 1 -16.20 33.39 -97.83
C LYS W 1 -15.04 32.38 -97.88
N LYS W 2 -14.23 32.38 -96.82
CA LYS W 2 -13.27 31.31 -96.55
C LYS W 2 -13.50 30.84 -95.11
N ILE W 3 -14.08 29.66 -94.99
CA ILE W 3 -14.56 29.13 -93.71
C ILE W 3 -13.46 28.55 -92.83
N ARG W 4 -13.61 28.72 -91.52
CA ARG W 4 -12.72 28.08 -90.55
C ARG W 4 -13.15 26.65 -90.33
N THR W 5 -12.37 25.73 -90.88
CA THR W 5 -12.61 24.30 -90.70
C THR W 5 -12.28 23.86 -89.27
N SER W 6 -11.16 24.37 -88.73
CA SER W 6 -10.65 23.95 -87.41
C SER W 6 -10.84 25.05 -86.36
N PRO W 7 -11.11 24.65 -85.10
CA PRO W 7 -11.36 25.60 -84.02
C PRO W 7 -10.11 26.31 -83.47
N THR W 8 -8.92 25.89 -83.89
CA THR W 8 -7.71 26.63 -83.58
C THR W 8 -7.63 27.87 -84.46
N PHE W 9 -6.82 28.85 -84.03
CA PHE W 9 -6.36 29.90 -84.92
C PHE W 9 -4.86 30.09 -84.78
N ARG W 10 -4.14 29.25 -85.53
CA ARG W 10 -2.69 29.30 -85.60
C ARG W 10 -2.20 30.52 -86.39
N ARG W 11 -1.03 31.03 -86.00
CA ARG W 11 -0.44 32.25 -86.55
C ARG W 11 -0.11 32.08 -88.02
N PRO W 12 -0.48 33.06 -88.84
CA PRO W 12 -0.32 32.93 -90.29
C PRO W 12 1.14 33.01 -90.75
N LYS W 13 1.45 32.26 -91.80
CA LYS W 13 2.82 32.11 -92.29
C LYS W 13 3.18 33.30 -93.18
N THR W 14 3.75 34.32 -92.57
CA THR W 14 4.10 35.56 -93.28
C THR W 14 5.34 35.38 -94.12
N LEU W 15 5.52 36.25 -95.11
CA LEU W 15 6.79 36.32 -95.84
C LEU W 15 7.88 36.71 -94.86
N ARG W 16 9.04 36.07 -94.98
CA ARG W 16 10.24 36.58 -94.33
C ARG W 16 11.49 36.50 -95.22
N LEU W 17 12.24 37.60 -95.21
CA LEU W 17 13.32 37.89 -96.17
C LEU W 17 14.70 37.51 -95.67
N ARG W 18 15.61 37.33 -96.61
CA ARG W 18 17.03 37.16 -96.31
C ARG W 18 17.64 38.49 -95.92
N ARG W 19 18.78 38.43 -95.24
CA ARG W 19 19.57 39.62 -94.93
C ARG W 19 20.15 40.23 -96.20
N GLN W 20 20.06 41.56 -96.31
CA GLN W 20 20.63 42.29 -97.43
C GLN W 20 21.44 43.45 -96.86
N PRO W 21 22.55 43.13 -96.17
CA PRO W 21 23.23 44.11 -95.35
C PRO W 21 23.78 45.27 -96.15
N LYS W 22 23.31 46.46 -95.80
CA LYS W 22 23.81 47.72 -96.31
C LYS W 22 25.34 47.87 -96.23
N TYR W 23 25.98 47.09 -95.35
CA TYR W 23 27.43 46.96 -95.33
C TYR W 23 27.89 45.71 -94.58
N PRO W 24 29.09 45.19 -94.89
CA PRO W 24 29.61 44.06 -94.14
C PRO W 24 30.23 44.50 -92.81
N ARG W 25 29.88 43.81 -91.73
CA ARG W 25 30.30 44.18 -90.38
C ARG W 25 31.80 44.10 -90.21
N LYS W 26 32.36 42.96 -90.60
CA LYS W 26 33.81 42.76 -90.54
C LYS W 26 34.40 43.00 -91.92
N SER W 27 35.53 43.71 -91.95
CA SER W 27 36.07 44.30 -93.18
C SER W 27 36.36 43.27 -94.25
N ALA W 28 37.11 42.25 -93.85
CA ALA W 28 37.52 41.16 -94.73
C ALA W 28 37.73 39.92 -93.87
N PRO W 29 37.61 38.72 -94.47
CA PRO W 29 37.50 37.52 -93.67
C PRO W 29 38.76 37.17 -92.92
N ARG W 30 38.58 36.54 -91.77
CA ARG W 30 39.69 36.09 -90.92
C ARG W 30 40.49 35.03 -91.68
N ARG W 31 41.79 35.27 -91.83
CA ARG W 31 42.68 34.29 -92.44
C ARG W 31 42.75 33.05 -91.59
N ASN W 32 42.84 31.90 -92.24
CA ASN W 32 42.90 30.62 -91.55
C ASN W 32 44.23 30.52 -90.82
N LYS W 33 44.17 30.27 -89.51
CA LYS W 33 45.38 30.16 -88.70
C LYS W 33 45.59 28.73 -88.23
N LEU W 34 45.36 27.81 -89.16
CA LEU W 34 45.55 26.39 -88.93
C LEU W 34 45.79 25.78 -90.31
N ASP W 35 46.91 26.21 -90.89
CA ASP W 35 47.30 25.83 -92.23
C ASP W 35 48.09 24.54 -92.22
N HIS W 36 48.40 24.06 -93.43
CA HIS W 36 49.23 22.87 -93.66
C HIS W 36 50.45 22.84 -92.75
N TYR W 37 51.01 24.03 -92.52
CA TYR W 37 52.14 24.16 -91.63
C TYR W 37 51.71 24.08 -90.17
N ALA W 38 50.92 25.06 -89.72
CA ALA W 38 50.56 25.19 -88.29
C ALA W 38 49.86 23.98 -87.68
N ILE W 39 49.33 23.12 -88.52
CA ILE W 39 48.79 21.84 -88.09
C ILE W 39 49.85 20.77 -87.73
N ILE W 40 50.97 20.72 -88.45
CA ILE W 40 52.04 19.75 -88.15
C ILE W 40 53.20 20.50 -87.54
N LYS W 41 53.37 20.34 -86.24
CA LYS W 41 54.42 21.03 -85.51
C LYS W 41 55.78 20.44 -85.84
N PHE W 42 55.95 19.15 -85.56
CA PHE W 42 57.19 18.45 -85.88
C PHE W 42 57.02 16.94 -85.79
N PRO W 43 58.00 16.19 -86.35
CA PRO W 43 58.04 14.75 -86.17
C PRO W 43 58.71 14.35 -84.86
N LEU W 44 58.16 13.33 -84.21
CA LEU W 44 58.88 12.60 -83.18
C LEU W 44 60.02 11.83 -83.82
N THR W 45 61.09 11.63 -83.07
CA THR W 45 62.21 10.80 -83.50
C THR W 45 62.57 9.81 -82.42
N THR W 46 61.59 9.50 -81.58
CA THR W 46 61.78 8.69 -80.40
C THR W 46 61.98 7.24 -80.81
N GLU W 47 62.64 6.45 -79.96
CA GLU W 47 62.91 5.04 -80.26
C GLU W 47 61.65 4.31 -80.69
N SER W 48 60.59 4.45 -79.89
CA SER W 48 59.28 3.92 -80.26
C SER W 48 58.74 4.49 -81.58
N ALA W 49 58.99 5.78 -81.82
CA ALA W 49 58.58 6.44 -83.06
C ALA W 49 59.34 5.97 -84.31
N MET W 50 60.61 5.62 -84.14
CA MET W 50 61.40 5.10 -85.25
C MET W 50 61.07 3.65 -85.53
N LYS W 51 60.74 2.90 -84.49
CA LYS W 51 60.31 1.50 -84.62
C LYS W 51 58.98 1.40 -85.34
N LYS W 52 58.10 2.37 -85.09
CA LYS W 52 56.84 2.50 -85.81
C LYS W 52 57.09 2.77 -87.29
N ILE W 53 58.03 3.67 -87.58
CA ILE W 53 58.38 4.03 -88.96
C ILE W 53 58.98 2.86 -89.71
N GLU W 54 59.90 2.15 -89.08
CA GLU W 54 60.67 1.12 -89.78
C GLU W 54 59.85 -0.13 -90.07
N ASP W 55 58.90 -0.45 -89.19
CA ASP W 55 58.17 -1.73 -89.21
C ASP W 55 56.73 -1.62 -89.71
N ASN W 56 56.02 -0.55 -89.34
CA ASN W 56 54.59 -0.38 -89.65
C ASN W 56 54.25 0.52 -90.85
N ASN W 57 55.25 1.13 -91.49
CA ASN W 57 55.02 2.04 -92.63
C ASN W 57 54.29 3.33 -92.19
N THR W 58 54.67 3.90 -91.04
CA THR W 58 54.05 5.13 -90.53
C THR W 58 55.06 6.26 -90.32
N LEU W 59 54.55 7.45 -90.02
CA LEU W 59 55.36 8.59 -89.56
C LEU W 59 54.65 9.18 -88.38
N VAL W 60 55.39 9.46 -87.31
CA VAL W 60 54.77 9.85 -86.05
C VAL W 60 55.09 11.28 -85.74
N PHE W 61 54.03 12.10 -85.74
CA PHE W 61 54.12 13.55 -85.60
C PHE W 61 53.54 14.04 -84.31
N ILE W 62 53.87 15.28 -84.01
CA ILE W 62 53.12 16.08 -83.08
C ILE W 62 52.35 17.07 -83.93
N VAL W 63 51.10 17.30 -83.52
CA VAL W 63 50.10 17.97 -84.33
C VAL W 63 49.40 19.01 -83.47
N ASP W 64 48.78 20.03 -84.08
CA ASP W 64 48.01 21.01 -83.32
C ASP W 64 46.72 20.40 -82.82
N VAL W 65 46.44 20.63 -81.54
CA VAL W 65 45.35 19.96 -80.81
C VAL W 65 43.95 20.16 -81.43
N LYS W 66 43.75 21.27 -82.13
CA LYS W 66 42.48 21.56 -82.77
C LYS W 66 42.18 20.69 -84.03
N ALA W 67 43.16 19.93 -84.51
CA ALA W 67 43.07 19.29 -85.81
C ALA W 67 42.21 18.02 -85.82
N ASN W 68 41.52 17.82 -86.92
CA ASN W 68 40.80 16.57 -87.20
C ASN W 68 41.81 15.67 -87.87
N LYS W 69 41.50 14.39 -87.93
CA LYS W 69 42.27 13.46 -88.72
C LYS W 69 42.20 13.88 -90.18
N HIS W 70 41.03 14.33 -90.61
CA HIS W 70 40.84 14.82 -91.98
C HIS W 70 41.82 15.92 -92.34
N GLN W 71 42.02 16.86 -91.41
CA GLN W 71 42.93 17.96 -91.63
C GLN W 71 44.36 17.46 -91.68
N ILE W 72 44.74 16.62 -90.72
CA ILE W 72 46.09 16.05 -90.67
C ILE W 72 46.43 15.32 -91.96
N LYS W 73 45.54 14.41 -92.35
CA LYS W 73 45.66 13.70 -93.62
C LYS W 73 45.94 14.67 -94.75
N GLN W 74 45.10 15.70 -94.87
CA GLN W 74 45.27 16.75 -95.89
C GLN W 74 46.56 17.53 -95.77
N ALA W 75 47.00 17.79 -94.54
CA ALA W 75 48.28 18.47 -94.34
C ALA W 75 49.45 17.58 -94.73
N VAL W 76 49.47 16.35 -94.23
CA VAL W 76 50.55 15.41 -94.52
C VAL W 76 50.71 15.21 -96.03
N LYS W 77 49.58 15.13 -96.72
CA LYS W 77 49.55 15.00 -98.18
C LYS W 77 50.10 16.24 -98.89
N LYS W 78 49.75 17.41 -98.36
CA LYS W 78 50.14 18.67 -98.95
C LYS W 78 51.62 18.97 -98.74
N LEU W 79 52.09 18.86 -97.51
CA LEU W 79 53.48 19.18 -97.18
C LEU W 79 54.47 18.26 -97.85
N TYR W 80 54.29 16.96 -97.66
CA TYR W 80 55.26 15.98 -98.11
C TYR W 80 54.92 15.30 -99.44
N ASP W 81 53.96 15.87 -100.18
CA ASP W 81 53.58 15.40 -101.53
C ASP W 81 53.20 13.93 -101.55
N ILE W 82 52.78 13.44 -100.38
CA ILE W 82 52.76 12.02 -100.08
C ILE W 82 51.32 11.54 -100.31
N ASP W 83 50.94 10.41 -99.73
CA ASP W 83 49.53 10.01 -99.65
C ASP W 83 49.34 9.00 -98.53
N VAL W 84 48.24 9.17 -97.82
CA VAL W 84 48.03 8.53 -96.54
C VAL W 84 47.05 7.37 -96.68
N ALA W 85 47.28 6.33 -95.88
CA ALA W 85 46.32 5.26 -95.69
C ALA W 85 45.33 5.68 -94.61
N LYS W 86 45.85 5.99 -93.43
CA LYS W 86 45.02 6.42 -92.31
C LYS W 86 45.81 7.18 -91.24
N VAL W 87 45.09 8.04 -90.53
CA VAL W 87 45.64 8.83 -89.44
C VAL W 87 45.00 8.28 -88.18
N ASN W 88 45.71 8.39 -87.07
CA ASN W 88 45.34 7.66 -85.87
C ASN W 88 45.74 8.41 -84.60
N THR W 89 45.07 9.52 -84.34
CA THR W 89 45.50 10.47 -83.31
C THR W 89 45.20 10.06 -81.88
N LEU W 90 45.99 10.63 -80.97
CA LEU W 90 45.75 10.59 -79.53
C LEU W 90 46.21 11.92 -78.95
N ILE W 91 46.04 12.11 -77.64
CA ILE W 91 46.51 13.31 -76.96
C ILE W 91 47.48 12.94 -75.83
N ARG W 92 48.69 13.49 -75.90
CA ARG W 92 49.72 13.24 -74.89
C ARG W 92 49.38 13.96 -73.57
N PRO W 93 49.73 13.35 -72.43
CA PRO W 93 49.49 13.94 -71.11
C PRO W 93 50.61 14.95 -70.81
N ASP W 94 50.47 16.12 -71.39
CA ASP W 94 51.57 17.03 -71.73
C ASP W 94 50.94 18.12 -72.55
N GLY W 95 50.08 17.68 -73.49
CA GLY W 95 49.10 18.53 -74.16
C GLY W 95 49.13 18.45 -75.66
N GLU W 96 50.14 17.77 -76.21
CA GLU W 96 50.45 17.84 -77.63
C GLU W 96 49.88 16.63 -78.30
N LYS W 97 48.77 16.83 -79.01
CA LYS W 97 48.17 15.80 -79.86
C LYS W 97 49.22 15.13 -80.75
N LYS W 98 49.47 13.86 -80.49
CA LYS W 98 50.35 13.05 -81.30
C LYS W 98 49.52 12.47 -82.41
N ALA W 99 50.17 12.14 -83.52
CA ALA W 99 49.49 11.52 -84.65
C ALA W 99 50.35 10.44 -85.31
N TYR W 100 49.85 9.21 -85.30
CA TYR W 100 50.43 8.12 -86.05
C TYR W 100 49.72 8.13 -87.41
N VAL W 101 50.49 8.10 -88.49
CA VAL W 101 49.98 8.29 -89.83
C VAL W 101 50.51 7.17 -90.72
N ARG W 102 49.62 6.24 -91.07
CA ARG W 102 49.97 5.11 -91.91
C ARG W 102 49.97 5.60 -93.34
N LEU W 103 51.11 5.46 -94.00
CA LEU W 103 51.22 5.80 -95.43
C LEU W 103 50.80 4.61 -96.27
N ALA W 104 50.26 4.90 -97.45
CA ALA W 104 49.77 3.88 -98.36
C ALA W 104 50.95 3.06 -98.90
N PRO W 105 50.70 1.77 -99.24
CA PRO W 105 51.78 0.80 -99.45
C PRO W 105 52.66 0.99 -100.70
N ASP W 106 52.25 1.87 -101.63
CA ASP W 106 53.14 2.34 -102.70
C ASP W 106 54.35 3.12 -102.16
N TYR W 107 54.18 3.73 -100.98
CA TYR W 107 55.21 4.53 -100.34
C TYR W 107 55.88 3.82 -99.18
N ASP W 108 57.20 4.03 -99.08
CA ASP W 108 58.00 3.57 -97.94
C ASP W 108 58.16 4.72 -96.95
N ALA W 109 58.01 4.41 -95.67
CA ALA W 109 58.08 5.40 -94.61
C ALA W 109 59.50 5.83 -94.31
N LEU W 110 60.44 4.89 -94.36
CA LEU W 110 61.85 5.19 -94.12
C LEU W 110 62.44 6.11 -95.19
N ASP W 111 61.92 6.02 -96.42
CA ASP W 111 62.36 6.85 -97.53
C ASP W 111 61.95 8.31 -97.32
N VAL W 112 60.66 8.52 -97.06
CA VAL W 112 60.18 9.85 -96.66
C VAL W 112 60.83 10.34 -95.37
N ALA W 113 61.01 9.44 -94.40
CA ALA W 113 61.69 9.80 -93.16
C ALA W 113 63.05 10.43 -93.43
N ASN W 114 63.82 9.83 -94.34
CA ASN W 114 65.10 10.39 -94.77
C ASN W 114 64.97 11.73 -95.50
N LYS W 115 63.89 11.88 -96.26
CA LYS W 115 63.61 13.14 -96.96
C LYS W 115 63.37 14.30 -96.00
N ILE W 116 62.49 14.08 -95.01
CA ILE W 116 62.12 15.13 -94.05
C ILE W 116 63.20 15.47 -93.01
N GLY W 117 64.20 14.60 -92.86
CA GLY W 117 65.35 14.84 -91.99
C GLY W 117 65.58 13.75 -90.95
N ILE W 118 64.48 13.24 -90.40
CA ILE W 118 64.53 12.30 -89.25
C ILE W 118 65.04 10.91 -89.64
N ILE W 119 65.76 10.27 -88.73
CA ILE W 119 66.14 8.86 -88.84
C ILE W 119 66.92 8.41 -87.59
N MET X 1 69.80 74.73 -54.61
CA MET X 1 68.57 73.89 -54.43
C MET X 1 67.99 73.53 -55.77
N LYS X 2 66.97 72.68 -55.76
CA LYS X 2 66.17 72.44 -56.94
C LYS X 2 64.77 72.94 -56.63
N PHE X 3 64.22 73.66 -57.60
CA PHE X 3 63.00 74.43 -57.41
C PHE X 3 61.87 73.90 -58.28
N ASN X 4 62.22 73.35 -59.45
CA ASN X 4 61.31 72.56 -60.26
C ASN X 4 60.54 71.59 -59.38
N PRO X 5 59.20 71.74 -59.31
CA PRO X 5 58.41 70.93 -58.41
C PRO X 5 57.95 69.60 -59.03
N PHE X 6 58.63 69.13 -60.07
CA PHE X 6 58.37 67.83 -60.63
C PHE X 6 59.60 66.93 -60.63
N VAL X 7 60.69 67.38 -60.00
CA VAL X 7 61.83 66.50 -59.77
C VAL X 7 61.78 66.16 -58.29
N THR X 8 62.73 65.35 -57.82
CA THR X 8 62.40 64.38 -56.81
C THR X 8 63.20 64.44 -55.53
N SER X 9 64.53 64.51 -55.64
CA SER X 9 65.37 64.74 -54.46
C SER X 9 64.99 63.81 -53.28
N ASP X 10 64.71 62.56 -53.60
CA ASP X 10 64.13 61.61 -52.65
C ASP X 10 64.90 60.31 -52.80
N ARG X 11 65.89 60.09 -51.93
CA ARG X 11 66.77 58.91 -52.00
C ARG X 11 66.15 57.71 -52.68
N SER X 12 65.09 57.18 -52.08
CA SER X 12 64.39 56.01 -52.60
C SER X 12 63.96 56.15 -54.05
N LYS X 13 63.45 57.33 -54.40
CA LYS X 13 62.99 57.59 -55.74
C LYS X 13 64.15 57.67 -56.71
N ASN X 14 65.24 58.34 -56.33
CA ASN X 14 66.40 58.46 -57.22
C ASN X 14 67.12 57.14 -57.42
N ARG X 15 67.34 56.41 -56.33
CA ARG X 15 67.95 55.09 -56.44
C ARG X 15 67.08 54.14 -57.25
N LYS X 16 65.78 54.10 -57.01
CA LYS X 16 64.91 53.20 -57.80
C LYS X 16 64.99 53.57 -59.28
N ARG X 17 64.95 54.87 -59.55
CA ARG X 17 65.10 55.40 -60.90
C ARG X 17 66.40 54.91 -61.52
N HIS X 18 67.47 54.95 -60.73
CA HIS X 18 68.79 54.54 -61.18
C HIS X 18 68.90 53.07 -61.51
N PHE X 19 68.63 52.23 -60.51
CA PHE X 19 68.89 50.80 -60.66
C PHE X 19 67.95 50.12 -61.63
N ASN X 20 66.74 50.63 -61.74
CA ASN X 20 65.80 50.10 -62.69
C ASN X 20 65.77 50.98 -63.93
N ALA X 21 66.94 51.45 -64.37
CA ALA X 21 67.00 52.33 -65.54
C ALA X 21 67.08 51.48 -66.81
N PRO X 22 66.41 51.94 -67.89
CA PRO X 22 66.37 51.28 -69.19
C PRO X 22 67.58 51.61 -70.08
N SER X 23 68.01 50.63 -70.86
CA SER X 23 69.30 50.65 -71.57
C SER X 23 69.71 52.03 -72.09
N HIS X 24 68.84 52.61 -72.92
CA HIS X 24 69.13 53.89 -73.56
C HIS X 24 69.38 55.01 -72.55
N ILE X 25 68.74 54.92 -71.38
CA ILE X 25 68.96 55.86 -70.30
C ILE X 25 70.26 55.59 -69.59
N ARG X 26 70.58 54.31 -69.43
CA ARG X 26 71.88 53.93 -68.86
C ARG X 26 73.05 54.44 -69.69
N ARG X 27 72.89 54.46 -71.01
CA ARG X 27 73.93 55.01 -71.88
C ARG X 27 74.41 56.36 -71.37
N LYS X 28 73.45 57.21 -71.04
CA LYS X 28 73.72 58.57 -70.56
C LYS X 28 74.40 58.53 -69.20
N ILE X 29 73.92 57.66 -68.32
CA ILE X 29 74.47 57.52 -66.96
C ILE X 29 75.91 57.07 -67.01
N MET X 30 76.19 56.12 -67.89
CA MET X 30 77.54 55.57 -68.06
C MET X 30 78.50 56.48 -68.83
N SER X 31 78.33 57.80 -68.74
CA SER X 31 79.19 58.71 -69.49
C SER X 31 80.51 58.86 -68.76
N SER X 32 81.47 59.43 -69.47
CA SER X 32 82.83 59.55 -68.96
C SER X 32 83.53 60.74 -69.57
N PRO X 33 84.44 61.35 -68.80
CA PRO X 33 85.09 62.56 -69.27
C PRO X 33 86.07 62.35 -70.41
N LEU X 34 86.25 63.41 -71.18
CA LEU X 34 87.25 63.47 -72.23
C LEU X 34 88.54 63.85 -71.54
N SER X 35 89.66 63.59 -72.21
CA SER X 35 90.96 64.06 -71.73
C SER X 35 91.03 65.56 -71.94
N LYS X 36 91.74 66.27 -71.07
CA LYS X 36 91.91 67.72 -71.22
C LYS X 36 92.25 68.11 -72.66
N GLU X 37 93.08 67.28 -73.30
CA GLU X 37 93.43 67.41 -74.72
C GLU X 37 92.19 67.53 -75.62
N LEU X 38 91.26 66.60 -75.50
CA LEU X 38 90.01 66.60 -76.29
C LEU X 38 89.05 67.66 -75.82
N ARG X 39 89.02 67.88 -74.51
CA ARG X 39 88.21 68.92 -73.88
C ARG X 39 88.49 70.30 -74.53
N GLN X 40 89.75 70.55 -74.84
CA GLN X 40 90.19 71.73 -75.59
C GLN X 40 89.67 71.73 -77.02
N LYS X 41 89.79 70.58 -77.69
CA LYS X 41 89.51 70.45 -79.12
C LYS X 41 88.02 70.51 -79.50
N TYR X 42 87.20 69.71 -78.81
CA TYR X 42 85.78 69.57 -79.17
C TYR X 42 84.84 70.52 -78.46
N ASN X 43 85.27 71.13 -77.35
CA ASN X 43 84.43 72.02 -76.55
C ASN X 43 83.33 71.23 -75.83
N VAL X 44 83.73 70.09 -75.26
CA VAL X 44 82.82 69.14 -74.65
C VAL X 44 83.47 68.57 -73.40
N ARG X 45 82.73 68.54 -72.30
CA ARG X 45 83.25 68.00 -71.04
C ARG X 45 83.44 66.49 -71.13
N SER X 46 82.38 65.81 -71.56
CA SER X 46 82.29 64.37 -71.45
C SER X 46 81.33 63.77 -72.47
N MET X 47 81.44 62.46 -72.63
CA MET X 47 80.75 61.72 -73.66
C MET X 47 80.31 60.35 -73.14
N PRO X 48 79.15 59.86 -73.59
CA PRO X 48 78.71 58.47 -73.37
C PRO X 48 79.70 57.48 -73.93
N ILE X 49 80.25 56.66 -73.04
CA ILE X 49 81.32 55.73 -73.42
C ILE X 49 80.77 54.59 -74.26
N ARG X 50 81.63 53.95 -75.04
CA ARG X 50 81.20 53.07 -76.09
C ARG X 50 82.17 51.92 -76.33
N LYS X 51 81.70 50.88 -77.05
CA LYS X 51 82.40 49.61 -77.22
C LYS X 51 83.92 49.64 -77.44
N ASP X 52 84.43 50.59 -78.22
CA ASP X 52 85.85 50.57 -78.60
C ASP X 52 86.51 51.95 -78.66
N ASP X 53 86.28 52.72 -77.59
CA ASP X 53 87.06 53.91 -77.30
C ASP X 53 88.40 53.51 -76.69
N GLU X 54 89.35 54.43 -76.73
CA GLU X 54 90.61 54.30 -75.99
C GLU X 54 90.54 55.18 -74.77
N VAL X 55 91.11 54.68 -73.69
CA VAL X 55 90.67 55.03 -72.35
C VAL X 55 91.80 54.84 -71.35
N GLN X 56 91.87 55.71 -70.35
CA GLN X 56 92.67 55.47 -69.15
C GLN X 56 91.75 55.25 -67.97
N VAL X 57 92.19 54.38 -67.06
CA VAL X 57 91.55 54.21 -65.77
C VAL X 57 92.24 55.21 -64.88
N VAL X 58 91.47 56.00 -64.15
CA VAL X 58 92.04 57.09 -63.36
C VAL X 58 92.20 56.69 -61.90
N ARG X 59 91.23 55.97 -61.34
CA ARG X 59 91.28 55.60 -59.92
C ARG X 59 91.11 54.10 -59.69
N GLY X 60 91.60 53.68 -58.51
CA GLY X 60 91.49 52.31 -58.04
C GLY X 60 92.84 51.63 -57.97
N HIS X 61 92.82 50.34 -58.22
CA HIS X 61 94.01 49.50 -58.30
C HIS X 61 94.65 49.64 -59.67
N TYR X 62 93.81 49.64 -60.70
CA TYR X 62 94.23 49.68 -62.09
C TYR X 62 94.52 51.08 -62.59
N LYS X 63 94.22 52.09 -61.78
CA LYS X 63 94.76 53.43 -61.90
C LYS X 63 96.15 53.38 -62.54
N GLY X 64 96.29 53.97 -63.71
CA GLY X 64 97.55 53.97 -64.42
C GLY X 64 97.51 54.78 -65.70
N GLN X 65 98.68 55.14 -66.20
CA GLN X 65 98.81 56.04 -67.35
C GLN X 65 98.81 55.29 -68.71
N GLN X 66 98.44 54.01 -68.70
CA GLN X 66 98.33 53.22 -69.92
C GLN X 66 97.00 53.55 -70.58
N ILE X 67 96.93 53.37 -71.89
CA ILE X 67 95.74 53.72 -72.68
C ILE X 67 95.17 52.46 -73.33
N GLY X 68 94.26 51.81 -72.59
CA GLY X 68 93.62 50.58 -73.03
C GLY X 68 92.34 50.84 -73.81
N LYS X 69 92.14 50.03 -74.84
CA LYS X 69 90.94 50.11 -75.67
C LYS X 69 89.79 49.43 -74.93
N VAL X 70 88.60 50.02 -75.02
CA VAL X 70 87.40 49.46 -74.36
C VAL X 70 87.02 48.14 -75.04
N VAL X 71 86.54 47.21 -74.24
CA VAL X 71 86.31 45.83 -74.67
C VAL X 71 84.83 45.53 -74.78
N GLN X 72 84.07 45.78 -73.71
CA GLN X 72 82.60 45.87 -73.79
C GLN X 72 81.97 46.70 -72.69
N VAL X 73 80.69 47.01 -72.89
CA VAL X 73 79.93 47.88 -72.03
C VAL X 73 78.78 47.05 -71.47
N TYR X 74 78.83 46.76 -70.17
CA TYR X 74 77.85 45.90 -69.54
C TYR X 74 76.87 46.82 -68.81
N ARG X 75 75.93 47.35 -69.57
CA ARG X 75 75.01 48.35 -69.03
C ARG X 75 74.13 47.82 -67.90
N LYS X 76 73.87 46.51 -67.90
CA LYS X 76 73.20 45.88 -66.76
C LYS X 76 74.01 46.03 -65.47
N LYS X 77 75.31 45.76 -65.56
CA LYS X 77 76.22 45.83 -64.41
C LYS X 77 76.81 47.22 -64.17
N TYR X 78 76.35 48.25 -64.90
CA TYR X 78 76.94 49.60 -64.82
C TYR X 78 78.47 49.52 -64.83
N VAL X 79 79.02 49.08 -65.95
CA VAL X 79 80.45 48.83 -66.01
C VAL X 79 80.94 48.63 -67.44
N ILE X 80 82.23 48.88 -67.62
CA ILE X 80 82.89 48.66 -68.88
C ILE X 80 84.12 47.82 -68.63
N TYR X 81 84.44 46.96 -69.59
CA TYR X 81 85.63 46.14 -69.53
C TYR X 81 86.62 46.75 -70.48
N ILE X 82 87.89 46.70 -70.08
CA ILE X 82 88.97 47.42 -70.77
C ILE X 82 90.10 46.44 -71.04
N GLU X 83 90.80 46.64 -72.17
CA GLU X 83 91.82 45.72 -72.71
C GLU X 83 92.64 44.91 -71.68
N ARG X 84 93.58 45.55 -70.99
CA ARG X 84 94.50 44.86 -70.07
C ARG X 84 94.10 45.00 -68.61
N VAL X 85 92.97 45.66 -68.34
CA VAL X 85 92.36 45.68 -67.02
C VAL X 85 91.70 44.32 -66.79
N GLN X 86 92.48 43.39 -66.23
CA GLN X 86 92.00 42.03 -65.98
C GLN X 86 92.78 41.35 -64.87
N ARG X 87 92.22 40.23 -64.39
CA ARG X 87 92.78 39.51 -63.26
C ARG X 87 92.69 38.00 -63.46
N GLU X 88 93.77 37.32 -63.11
CA GLU X 88 93.86 35.88 -63.23
C GLU X 88 93.00 35.23 -62.15
N LYS X 89 92.06 34.37 -62.57
CA LYS X 89 91.21 33.62 -61.64
C LYS X 89 92.03 32.46 -61.06
N ALA X 90 91.43 31.67 -60.16
CA ALA X 90 92.10 30.53 -59.52
C ALA X 90 92.83 29.64 -60.50
N ASN X 91 92.13 29.29 -61.59
CA ASN X 91 92.63 28.36 -62.59
C ASN X 91 93.24 29.05 -63.82
N GLY X 92 93.95 30.15 -63.60
CA GLY X 92 94.72 30.80 -64.67
C GLY X 92 93.95 31.68 -65.65
N THR X 93 92.66 31.40 -65.84
CA THR X 93 91.87 32.11 -66.83
C THR X 93 91.76 33.58 -66.50
N THR X 94 92.09 34.44 -67.46
CA THR X 94 91.92 35.88 -67.28
C THR X 94 90.45 36.23 -67.29
N VAL X 95 90.11 37.25 -66.50
CA VAL X 95 88.74 37.70 -66.35
C VAL X 95 88.76 39.22 -66.43
N HIS X 96 87.94 39.77 -67.33
CA HIS X 96 87.90 41.21 -67.51
C HIS X 96 87.25 41.86 -66.32
N VAL X 97 88.05 42.61 -65.57
CA VAL X 97 87.59 43.29 -64.37
C VAL X 97 86.82 44.53 -64.78
N GLY X 98 85.67 44.72 -64.15
CA GLY X 98 84.86 45.88 -64.40
C GLY X 98 85.44 47.15 -63.80
N ILE X 99 85.36 48.21 -64.58
CA ILE X 99 85.64 49.57 -64.15
C ILE X 99 84.39 50.38 -64.44
N HIS X 100 84.00 51.23 -63.50
CA HIS X 100 82.87 52.13 -63.73
C HIS X 100 83.31 53.25 -64.68
N PRO X 101 82.47 53.58 -65.69
CA PRO X 101 82.87 54.54 -66.73
C PRO X 101 83.38 55.87 -66.22
N SER X 102 82.72 56.41 -65.21
CA SER X 102 83.10 57.70 -64.63
C SER X 102 84.47 57.74 -63.97
N LYS X 103 85.09 56.59 -63.69
CA LYS X 103 86.44 56.56 -63.12
C LYS X 103 87.46 56.17 -64.17
N VAL X 104 87.34 56.82 -65.31
CA VAL X 104 88.06 56.48 -66.51
C VAL X 104 88.11 57.76 -67.30
N VAL X 105 89.09 57.92 -68.20
CA VAL X 105 89.09 59.07 -69.09
C VAL X 105 89.36 58.67 -70.54
N ILE X 106 88.48 59.16 -71.41
CA ILE X 106 88.55 58.90 -72.84
C ILE X 106 89.65 59.77 -73.43
N THR X 107 90.70 59.12 -73.93
CA THR X 107 91.77 59.78 -74.67
C THR X 107 91.46 59.79 -76.16
N ARG X 108 90.98 58.66 -76.69
CA ARG X 108 90.59 58.59 -78.10
C ARG X 108 89.17 58.04 -78.25
N LEU X 109 88.33 58.83 -78.92
CA LEU X 109 86.95 58.46 -79.23
C LEU X 109 86.90 57.57 -80.45
N LYS X 110 85.84 56.76 -80.53
CA LYS X 110 85.49 56.07 -81.77
C LYS X 110 84.45 56.92 -82.49
N LEU X 111 84.91 57.67 -83.48
CA LEU X 111 84.05 58.61 -84.20
C LEU X 111 83.31 57.93 -85.36
N ASP X 112 82.00 57.82 -85.20
CA ASP X 112 81.08 57.52 -86.30
C ASP X 112 80.36 58.83 -86.67
N LYS X 113 79.44 58.77 -87.62
CA LYS X 113 78.62 59.92 -88.00
C LYS X 113 77.82 60.47 -86.82
N ASP X 114 77.18 59.57 -86.08
CA ASP X 114 76.26 59.96 -85.01
C ASP X 114 77.00 60.55 -83.83
N ARG X 115 78.09 59.91 -83.44
CA ARG X 115 79.00 60.49 -82.46
C ARG X 115 79.49 61.86 -82.91
N LYS X 116 79.77 62.03 -84.21
CA LYS X 116 80.15 63.34 -84.73
C LYS X 116 79.04 64.37 -84.56
N LYS X 117 77.80 64.00 -84.88
CA LYS X 117 76.69 64.95 -84.72
C LYS X 117 76.38 65.26 -83.25
N ILE X 118 76.55 64.29 -82.36
CA ILE X 118 76.40 64.52 -80.91
C ILE X 118 77.36 65.60 -80.42
N LEU X 119 78.65 65.42 -80.73
CA LEU X 119 79.65 66.38 -80.32
C LEU X 119 79.39 67.78 -80.86
N GLU X 120 78.84 67.85 -82.07
CA GLU X 120 78.46 69.13 -82.67
C GLU X 120 77.29 69.80 -81.93
N ARG X 121 76.40 68.99 -81.36
CA ARG X 121 75.24 69.50 -80.61
C ARG X 121 75.61 70.00 -79.23
N LYS X 122 76.52 69.29 -78.56
CA LYS X 122 76.96 69.66 -77.21
C LYS X 122 77.86 70.88 -77.20
N ALA X 123 78.77 70.94 -78.14
CA ALA X 123 79.65 72.10 -78.30
C ALA X 123 78.84 73.36 -78.60
N LYS X 124 77.81 73.24 -79.45
CA LYS X 124 76.98 74.39 -79.81
C LYS X 124 76.20 74.94 -78.63
N SER X 125 75.64 74.05 -77.81
CA SER X 125 74.90 74.49 -76.62
C SER X 125 75.81 75.18 -75.59
N ARG X 126 77.00 74.63 -75.41
CA ARG X 126 78.03 75.22 -74.54
C ARG X 126 78.36 76.66 -74.93
N GLN X 127 78.48 76.91 -76.23
CA GLN X 127 78.87 78.24 -76.75
C GLN X 127 77.69 79.21 -76.75
N VAL X 128 76.46 78.69 -76.85
CA VAL X 128 75.25 79.50 -76.65
C VAL X 128 75.19 80.06 -75.23
N GLY X 129 75.48 79.22 -74.24
CA GLY X 129 75.49 79.62 -72.84
C GLY X 129 76.57 80.63 -72.49
N LYS X 130 77.75 80.47 -73.09
CA LYS X 130 78.83 81.44 -72.95
C LYS X 130 78.47 82.79 -73.58
N GLU X 131 77.77 82.76 -74.72
CA GLU X 131 77.23 83.97 -75.36
C GLU X 131 76.13 84.63 -74.53
N LYS X 132 75.29 83.82 -73.88
CA LYS X 132 74.24 84.32 -73.00
C LYS X 132 74.82 84.92 -71.72
N GLY X 133 75.82 84.26 -71.16
CA GLY X 133 76.54 84.77 -69.98
C GLY X 133 77.29 86.07 -70.23
N LYS X 134 77.90 86.17 -71.42
CA LYS X 134 78.59 87.40 -71.84
C LYS X 134 77.60 88.51 -72.16
N GLY Y 1 -31.06 -28.97 -95.56
CA GLY Y 1 -30.21 -30.00 -96.22
C GLY Y 1 -28.86 -29.46 -96.68
N LYS Y 2 -28.23 -30.18 -97.61
CA LYS Y 2 -26.90 -29.84 -98.12
C LYS Y 2 -26.98 -28.53 -98.90
N PHE Y 3 -26.00 -27.64 -98.70
CA PHE Y 3 -26.07 -26.27 -99.25
C PHE Y 3 -24.76 -25.72 -99.81
N MET Y 4 -23.78 -26.59 -100.05
CA MET Y 4 -22.45 -26.16 -100.40
C MET Y 4 -22.27 -26.42 -101.89
N LYS Y 5 -23.02 -25.67 -102.70
CA LYS Y 5 -23.24 -26.00 -104.11
C LYS Y 5 -22.57 -25.04 -105.10
N PRO Y 6 -22.42 -25.45 -106.37
CA PRO Y 6 -21.53 -24.71 -107.28
C PRO Y 6 -21.96 -23.32 -107.77
N GLY Y 7 -23.00 -22.72 -107.18
CA GLY Y 7 -23.27 -21.30 -107.33
C GLY Y 7 -22.81 -20.46 -106.15
N LYS Y 8 -22.58 -21.10 -105.00
CA LYS Y 8 -22.33 -20.39 -103.74
C LYS Y 8 -21.25 -19.34 -103.84
N VAL Y 9 -21.49 -18.20 -103.21
CA VAL Y 9 -20.43 -17.28 -102.84
C VAL Y 9 -19.97 -17.73 -101.46
N VAL Y 10 -18.68 -17.55 -101.21
CA VAL Y 10 -18.04 -18.06 -100.01
C VAL Y 10 -16.96 -17.06 -99.60
N LEU Y 11 -16.76 -16.88 -98.32
CA LEU Y 11 -15.62 -16.10 -97.83
C LEU Y 11 -14.51 -17.06 -97.45
N VAL Y 12 -13.40 -16.99 -98.18
CA VAL Y 12 -12.19 -17.70 -97.79
C VAL Y 12 -11.73 -17.18 -96.44
N LEU Y 13 -11.41 -18.11 -95.57
CA LEU Y 13 -11.24 -17.88 -94.15
C LEU Y 13 -9.86 -18.21 -93.64
N ALA Y 14 -8.95 -18.60 -94.52
CA ALA Y 14 -7.63 -19.10 -94.12
C ALA Y 14 -6.59 -19.01 -95.22
N GLY Y 15 -5.34 -18.94 -94.77
CA GLY Y 15 -4.21 -18.87 -95.65
C GLY Y 15 -4.12 -17.53 -96.34
N ARG Y 16 -3.36 -17.52 -97.42
CA ARG Y 16 -3.05 -16.33 -98.19
C ARG Y 16 -4.30 -15.49 -98.33
N TYR Y 17 -5.29 -16.04 -98.99
CA TYR Y 17 -6.43 -15.24 -99.46
C TYR Y 17 -7.54 -15.16 -98.40
N SER Y 18 -7.19 -15.07 -97.12
CA SER Y 18 -8.20 -14.88 -96.09
C SER Y 18 -8.87 -13.55 -96.33
N GLY Y 19 -10.19 -13.54 -96.27
CA GLY Y 19 -10.99 -12.33 -96.45
C GLY Y 19 -11.37 -12.03 -97.88
N ARG Y 20 -11.11 -12.97 -98.80
CA ARG Y 20 -11.52 -12.82 -100.19
C ARG Y 20 -12.78 -13.62 -100.43
N LYS Y 21 -13.59 -13.11 -101.35
CA LYS Y 21 -14.85 -13.75 -101.72
C LYS Y 21 -14.61 -14.65 -102.93
N ALA Y 22 -15.16 -15.86 -102.89
CA ALA Y 22 -14.87 -16.88 -103.88
C ALA Y 22 -16.10 -17.67 -104.24
N VAL Y 23 -16.19 -18.08 -105.51
CA VAL Y 23 -17.34 -18.83 -106.01
C VAL Y 23 -16.96 -20.29 -106.09
N ILE Y 24 -17.74 -21.13 -105.42
CA ILE Y 24 -17.54 -22.56 -105.49
C ILE Y 24 -17.84 -22.99 -106.90
N VAL Y 25 -16.88 -23.68 -107.51
CA VAL Y 25 -17.07 -24.31 -108.80
C VAL Y 25 -17.34 -25.80 -108.64
N LYS Y 26 -16.70 -26.43 -107.65
CA LYS Y 26 -16.82 -27.85 -107.42
C LYS Y 26 -16.87 -28.13 -105.93
N ASN Y 27 -17.82 -28.96 -105.51
CA ASN Y 27 -17.95 -29.37 -104.13
C ASN Y 27 -17.85 -30.89 -104.03
N ILE Y 28 -16.98 -31.34 -103.13
CA ILE Y 28 -16.59 -32.74 -103.04
C ILE Y 28 -17.27 -33.44 -101.84
N ASP Y 29 -17.55 -32.68 -100.78
CA ASP Y 29 -18.52 -33.07 -99.73
C ASP Y 29 -18.46 -34.53 -99.26
N ASP Y 30 -17.24 -35.08 -99.20
CA ASP Y 30 -17.01 -36.46 -98.82
C ASP Y 30 -15.54 -36.67 -98.54
N GLY Y 31 -14.73 -36.54 -99.59
CA GLY Y 31 -13.30 -36.84 -99.56
C GLY Y 31 -12.84 -37.45 -100.86
N THR Y 32 -11.73 -38.16 -100.81
CA THR Y 32 -11.14 -38.79 -101.99
C THR Y 32 -10.21 -39.93 -101.58
N SER Y 33 -9.13 -39.58 -100.88
CA SER Y 33 -7.96 -40.44 -100.59
C SER Y 33 -6.76 -39.51 -100.58
N ASP Y 34 -6.62 -38.78 -101.69
CA ASP Y 34 -5.58 -37.76 -101.84
C ASP Y 34 -5.86 -36.56 -100.94
N ARG Y 35 -7.14 -36.33 -100.65
CA ARG Y 35 -7.60 -35.15 -99.95
C ARG Y 35 -8.79 -35.51 -99.05
N PRO Y 36 -8.60 -36.49 -98.15
CA PRO Y 36 -9.65 -37.30 -97.53
C PRO Y 36 -10.71 -36.53 -96.74
N TYR Y 37 -10.36 -35.36 -96.25
CA TYR Y 37 -11.35 -34.42 -95.71
C TYR Y 37 -12.33 -33.99 -96.79
N SER Y 38 -13.48 -33.48 -96.37
CA SER Y 38 -14.42 -32.86 -97.29
C SER Y 38 -13.86 -31.50 -97.71
N HIS Y 39 -13.89 -31.23 -99.02
CA HIS Y 39 -13.28 -30.03 -99.59
C HIS Y 39 -14.07 -29.51 -100.78
N ALA Y 40 -13.61 -28.39 -101.33
CA ALA Y 40 -14.30 -27.76 -102.43
C ALA Y 40 -13.35 -26.88 -103.24
N LEU Y 41 -13.40 -27.06 -104.56
CA LEU Y 41 -12.70 -26.19 -105.47
C LEU Y 41 -13.49 -24.90 -105.54
N VAL Y 42 -12.80 -23.78 -105.41
CA VAL Y 42 -13.39 -22.46 -105.62
C VAL Y 42 -12.56 -21.66 -106.59
N ALA Y 43 -13.15 -20.58 -107.07
CA ALA Y 43 -12.43 -19.57 -107.79
C ALA Y 43 -12.86 -18.26 -107.21
N GLY Y 44 -11.88 -17.46 -106.82
CA GLY Y 44 -12.15 -16.17 -106.23
C GLY Y 44 -11.30 -15.06 -106.82
N ILE Y 45 -11.15 -14.01 -106.02
CA ILE Y 45 -10.51 -12.80 -106.48
C ILE Y 45 -9.46 -12.34 -105.48
N ASP Y 46 -8.20 -12.47 -105.89
CA ASP Y 46 -7.06 -12.01 -105.09
C ASP Y 46 -7.16 -10.52 -104.87
N ARG Y 47 -7.48 -9.79 -105.94
CA ARG Y 47 -7.54 -8.34 -105.94
C ARG Y 47 -8.84 -7.89 -106.57
N TYR Y 48 -9.49 -6.93 -105.93
CA TYR Y 48 -10.82 -6.49 -106.31
C TYR Y 48 -10.70 -5.28 -107.24
N PRO Y 49 -11.76 -5.00 -108.01
CA PRO Y 49 -11.72 -3.78 -108.79
C PRO Y 49 -11.83 -2.59 -107.85
N ARG Y 50 -11.11 -1.52 -108.16
CA ARG Y 50 -11.15 -0.32 -107.33
C ARG Y 50 -12.48 0.39 -107.48
N LYS Y 51 -12.68 1.42 -106.67
CA LYS Y 51 -13.78 2.35 -106.87
C LYS Y 51 -13.60 3.01 -108.25
N VAL Y 52 -14.66 3.60 -108.76
CA VAL Y 52 -14.71 4.03 -110.15
C VAL Y 52 -15.22 5.47 -110.33
N THR Y 53 -16.20 5.90 -109.53
CA THR Y 53 -16.52 7.33 -109.30
C THR Y 53 -16.83 8.23 -110.52
N ALA Y 54 -17.21 7.65 -111.65
CA ALA Y 54 -17.71 8.40 -112.81
C ALA Y 54 -16.76 9.47 -113.35
N ALA Y 55 -16.66 10.60 -112.63
CA ALA Y 55 -15.80 11.71 -113.05
C ALA Y 55 -14.35 11.27 -112.98
N MET Y 56 -13.99 10.40 -113.92
CA MET Y 56 -12.83 9.53 -113.80
C MET Y 56 -12.08 9.45 -115.13
N GLY Y 57 -12.74 8.89 -116.13
CA GLY Y 57 -12.13 8.69 -117.44
C GLY Y 57 -12.72 7.52 -118.18
N LYS Y 58 -11.98 7.04 -119.17
CA LYS Y 58 -12.28 5.80 -119.86
C LYS Y 58 -11.11 4.85 -119.72
N LYS Y 59 -9.92 5.33 -120.10
CA LYS Y 59 -8.66 4.62 -119.84
C LYS Y 59 -8.47 4.36 -118.35
N LYS Y 60 -8.77 5.37 -117.52
CA LYS Y 60 -8.60 5.25 -116.07
C LYS Y 60 -9.56 4.22 -115.48
N ILE Y 61 -10.85 4.35 -115.79
CA ILE Y 61 -11.84 3.35 -115.35
C ILE Y 61 -11.45 1.97 -115.85
N ALA Y 62 -11.12 1.86 -117.13
CA ALA Y 62 -10.68 0.59 -117.69
C ALA Y 62 -9.55 -0.04 -116.87
N LYS Y 63 -8.57 0.78 -116.49
CA LYS Y 63 -7.46 0.32 -115.65
C LYS Y 63 -7.98 -0.12 -114.28
N ARG Y 64 -8.86 0.68 -113.71
CA ARG Y 64 -9.44 0.40 -112.39
C ARG Y 64 -10.26 -0.88 -112.39
N SER Y 65 -11.08 -1.05 -113.42
CA SER Y 65 -12.00 -2.18 -113.53
C SER Y 65 -11.27 -3.41 -114.04
N LYS Y 66 -10.47 -4.00 -113.16
CA LYS Y 66 -9.72 -5.22 -113.44
C LYS Y 66 -9.87 -6.12 -112.24
N ILE Y 67 -9.52 -7.39 -112.41
CA ILE Y 67 -9.46 -8.33 -111.30
C ILE Y 67 -8.22 -9.17 -111.43
N LYS Y 68 -7.49 -9.35 -110.32
CA LYS Y 68 -6.58 -10.46 -110.19
C LYS Y 68 -7.39 -11.59 -109.57
N SER Y 69 -7.52 -12.69 -110.31
CA SER Y 69 -8.31 -13.85 -109.90
C SER Y 69 -7.44 -14.87 -109.17
N PHE Y 70 -8.08 -15.88 -108.59
CA PHE Y 70 -7.36 -17.03 -108.04
C PHE Y 70 -8.25 -18.28 -107.96
N VAL Y 71 -7.61 -19.43 -108.04
CA VAL Y 71 -8.28 -20.72 -108.03
C VAL Y 71 -7.59 -21.61 -107.00
N LYS Y 72 -8.39 -22.39 -106.27
CA LYS Y 72 -7.93 -23.06 -105.06
C LYS Y 72 -8.82 -24.23 -104.64
N VAL Y 73 -8.19 -25.26 -104.08
CA VAL Y 73 -8.89 -26.29 -103.33
C VAL Y 73 -8.86 -25.83 -101.88
N TYR Y 74 -9.85 -26.22 -101.09
CA TYR Y 74 -10.02 -25.70 -99.74
C TYR Y 74 -10.75 -26.69 -98.85
N ASN Y 75 -10.23 -26.93 -97.65
CA ASN Y 75 -11.05 -27.54 -96.59
C ASN Y 75 -12.30 -26.71 -96.47
N TYR Y 76 -13.45 -27.36 -96.35
CA TYR Y 76 -14.68 -26.63 -96.10
C TYR Y 76 -14.59 -25.72 -94.88
N ASN Y 77 -13.92 -26.20 -93.85
CA ASN Y 77 -13.76 -25.43 -92.63
C ASN Y 77 -12.71 -24.32 -92.71
N HIS Y 78 -12.22 -24.00 -93.91
CA HIS Y 78 -11.57 -22.71 -94.18
C HIS Y 78 -12.34 -21.87 -95.21
N LEU Y 79 -13.65 -22.10 -95.25
CA LEU Y 79 -14.57 -21.35 -96.08
C LEU Y 79 -15.78 -21.01 -95.24
N MET Y 80 -16.16 -19.73 -95.25
CA MET Y 80 -17.38 -19.28 -94.61
C MET Y 80 -18.44 -19.09 -95.70
N PRO Y 81 -19.45 -19.99 -95.77
CA PRO Y 81 -20.49 -19.94 -96.79
C PRO Y 81 -21.55 -18.91 -96.47
N THR Y 82 -22.26 -18.50 -97.51
CA THR Y 82 -23.13 -17.35 -97.41
C THR Y 82 -24.24 -17.35 -98.43
N ARG Y 83 -25.41 -16.91 -97.97
CA ARG Y 83 -26.54 -16.49 -98.78
C ARG Y 83 -26.33 -16.44 -100.27
N TYR Y 84 -25.38 -15.58 -100.67
CA TYR Y 84 -25.29 -15.07 -102.03
C TYR Y 84 -24.86 -16.14 -103.03
N SER Y 85 -25.34 -15.99 -104.27
CA SER Y 85 -25.01 -16.89 -105.36
C SER Y 85 -24.62 -16.10 -106.60
N VAL Y 86 -23.63 -16.62 -107.32
CA VAL Y 86 -23.15 -16.02 -108.55
C VAL Y 86 -23.27 -17.04 -109.66
N ASP Y 87 -24.19 -16.79 -110.59
CA ASP Y 87 -24.41 -17.66 -111.74
C ASP Y 87 -23.50 -17.23 -112.89
N ILE Y 88 -22.21 -17.46 -112.67
CA ILE Y 88 -21.16 -17.20 -113.65
C ILE Y 88 -20.79 -18.56 -114.27
N PRO Y 89 -20.48 -18.59 -115.57
CA PRO Y 89 -20.31 -19.90 -116.22
C PRO Y 89 -19.11 -20.74 -115.74
N LEU Y 90 -17.88 -20.23 -115.93
CA LEU Y 90 -16.64 -20.93 -115.57
C LEU Y 90 -16.54 -22.33 -116.17
N ASP Y 91 -16.02 -22.43 -117.40
CA ASP Y 91 -15.93 -23.73 -118.11
C ASP Y 91 -15.16 -24.80 -117.34
N LYS Y 92 -15.76 -25.99 -117.25
CA LYS Y 92 -15.26 -27.05 -116.37
C LYS Y 92 -14.03 -27.75 -116.96
N THR Y 93 -13.86 -27.64 -118.27
CA THR Y 93 -12.65 -28.13 -118.95
C THR Y 93 -11.39 -27.47 -118.40
N VAL Y 94 -11.47 -26.17 -118.11
CA VAL Y 94 -10.31 -25.38 -117.70
C VAL Y 94 -10.16 -25.38 -116.19
N VAL Y 95 -11.20 -24.96 -115.48
CA VAL Y 95 -11.16 -24.85 -114.02
C VAL Y 95 -11.59 -26.19 -113.39
N ASN Y 96 -10.68 -27.15 -113.42
CA ASN Y 96 -10.86 -28.47 -112.82
C ASN Y 96 -9.75 -28.74 -111.80
N LYS Y 97 -9.81 -29.88 -111.14
CA LYS Y 97 -8.82 -30.24 -110.12
C LYS Y 97 -7.48 -30.72 -110.70
N ASP Y 98 -7.49 -31.19 -111.95
CA ASP Y 98 -6.24 -31.53 -112.69
C ASP Y 98 -5.22 -30.39 -112.77
N VAL Y 99 -5.73 -29.15 -112.84
CA VAL Y 99 -4.93 -27.91 -112.79
C VAL Y 99 -3.80 -27.89 -111.75
N PHE Y 100 -4.05 -28.46 -110.56
CA PHE Y 100 -3.15 -28.28 -109.43
C PHE Y 100 -1.86 -29.14 -109.47
N ARG Y 101 -1.69 -29.94 -110.54
CA ARG Y 101 -0.43 -30.63 -110.82
C ARG Y 101 0.47 -29.87 -111.81
N ASP Y 102 -0.13 -29.09 -112.72
CA ASP Y 102 0.61 -28.34 -113.76
C ASP Y 102 0.48 -26.82 -113.55
N PRO Y 103 1.60 -26.07 -113.69
CA PRO Y 103 1.51 -24.62 -113.54
C PRO Y 103 0.85 -23.89 -114.71
N ALA Y 104 1.07 -24.36 -115.94
CA ALA Y 104 0.51 -23.71 -117.14
C ALA Y 104 -1.02 -23.85 -117.25
N LEU Y 105 -1.54 -25.00 -116.84
CA LEU Y 105 -2.99 -25.22 -116.74
C LEU Y 105 -3.63 -24.23 -115.78
N LYS Y 106 -3.03 -24.07 -114.62
CA LYS Y 106 -3.52 -23.16 -113.60
C LYS Y 106 -3.53 -21.73 -114.13
N ARG Y 107 -2.42 -21.38 -114.78
CA ARG Y 107 -2.25 -20.07 -115.43
C ARG Y 107 -3.33 -19.78 -116.44
N LYS Y 108 -3.78 -20.82 -117.13
CA LYS Y 108 -4.92 -20.76 -118.06
C LYS Y 108 -6.21 -20.52 -117.27
N ALA Y 109 -6.43 -21.40 -116.28
CA ALA Y 109 -7.64 -21.40 -115.45
C ALA Y 109 -7.83 -20.10 -114.70
N ARG Y 110 -6.76 -19.64 -114.07
CA ARG Y 110 -6.77 -18.36 -113.37
C ARG Y 110 -7.17 -17.23 -114.33
N ARG Y 111 -6.64 -17.24 -115.56
CA ARG Y 111 -6.97 -16.22 -116.58
C ARG Y 111 -8.43 -16.30 -116.96
N GLU Y 112 -8.93 -17.52 -117.14
CA GLU Y 112 -10.35 -17.77 -117.44
C GLU Y 112 -11.29 -17.14 -116.40
N ALA Y 113 -10.94 -17.22 -115.12
CA ALA Y 113 -11.78 -16.65 -114.07
C ALA Y 113 -11.72 -15.12 -114.05
N LYS Y 114 -10.53 -14.56 -114.19
CA LYS Y 114 -10.35 -13.10 -114.38
C LYS Y 114 -11.30 -12.55 -115.45
N VAL Y 115 -11.30 -13.21 -116.62
CA VAL Y 115 -12.15 -12.83 -117.75
C VAL Y 115 -13.61 -12.74 -117.36
N LYS Y 116 -14.11 -13.84 -116.80
CA LYS Y 116 -15.54 -13.98 -116.55
C LYS Y 116 -15.97 -13.06 -115.40
N PHE Y 117 -15.10 -12.90 -114.40
CA PHE Y 117 -15.35 -11.94 -113.33
C PHE Y 117 -15.37 -10.50 -113.85
N GLU Y 118 -14.37 -10.14 -114.65
CA GLU Y 118 -14.30 -8.79 -115.25
C GLU Y 118 -15.55 -8.48 -116.07
N GLU Y 119 -15.93 -9.41 -116.95
CA GLU Y 119 -17.06 -9.20 -117.86
C GLU Y 119 -18.40 -9.06 -117.12
N ARG Y 120 -18.51 -9.68 -115.94
CA ARG Y 120 -19.71 -9.57 -115.12
C ARG Y 120 -19.58 -8.55 -113.98
N TYR Y 121 -18.38 -8.05 -113.71
CA TYR Y 121 -18.20 -6.93 -112.78
C TYR Y 121 -18.75 -5.68 -113.45
N LYS Y 122 -18.31 -5.44 -114.68
CA LYS Y 122 -19.04 -4.56 -115.60
C LYS Y 122 -20.39 -5.23 -115.79
N THR Y 123 -21.46 -4.44 -115.92
CA THR Y 123 -22.88 -4.88 -115.80
C THR Y 123 -23.50 -4.55 -114.45
N GLY Y 124 -22.68 -4.40 -113.41
CA GLY Y 124 -23.18 -4.08 -112.07
C GLY Y 124 -24.20 -5.09 -111.56
N LYS Y 125 -23.92 -6.37 -111.77
CA LYS Y 125 -24.71 -7.48 -111.24
C LYS Y 125 -23.79 -8.31 -110.35
N ASN Y 126 -24.35 -8.86 -109.29
CA ASN Y 126 -23.57 -9.50 -108.23
C ASN Y 126 -22.50 -8.54 -107.73
N LYS Y 127 -22.87 -7.27 -107.50
CA LYS Y 127 -21.87 -6.24 -107.15
C LYS Y 127 -21.39 -6.32 -105.70
N TRP Y 128 -22.09 -7.09 -104.86
CA TRP Y 128 -21.58 -7.47 -103.54
C TRP Y 128 -20.34 -8.35 -103.68
N PHE Y 129 -20.40 -9.28 -104.62
CA PHE Y 129 -19.30 -10.20 -104.87
C PHE Y 129 -17.99 -9.48 -105.19
N PHE Y 130 -18.06 -8.28 -105.74
CA PHE Y 130 -16.87 -7.51 -106.11
C PHE Y 130 -16.52 -6.36 -105.15
N GLN Y 131 -17.09 -6.34 -103.95
CA GLN Y 131 -16.65 -5.39 -102.91
C GLN Y 131 -15.79 -6.16 -101.94
N LYS Y 132 -14.64 -5.57 -101.57
CA LYS Y 132 -13.77 -6.20 -100.56
C LYS Y 132 -14.47 -6.16 -99.20
N LEU Y 133 -14.41 -7.28 -98.48
CA LEU Y 133 -14.94 -7.34 -97.12
C LEU Y 133 -14.06 -6.47 -96.26
N ARG Y 134 -14.69 -5.54 -95.55
CA ARG Y 134 -13.97 -4.57 -94.71
C ARG Y 134 -13.95 -5.05 -93.27
N PHE Y 135 -12.93 -5.84 -92.99
CA PHE Y 135 -12.73 -6.46 -91.69
C PHE Y 135 -11.32 -6.13 -91.19
N PRO Z 1 52.91 67.66 -24.72
CA PRO Z 1 54.16 67.23 -24.08
C PRO Z 1 53.95 66.07 -23.10
N SER Z 2 54.00 64.87 -23.66
CA SER Z 2 54.02 63.63 -22.89
C SER Z 2 55.11 63.63 -21.83
N ARG Z 3 56.29 64.07 -22.24
CA ARG Z 3 57.43 64.33 -21.35
C ARG Z 3 57.05 64.81 -19.96
N LEU Z 4 56.12 65.76 -19.92
CA LEU Z 4 55.68 66.41 -18.67
C LEU Z 4 54.57 65.66 -17.94
N ARG Z 5 53.72 64.96 -18.67
CA ARG Z 5 52.56 64.25 -18.11
C ARG Z 5 52.87 63.19 -17.04
N LYS Z 6 51.81 62.66 -16.43
CA LYS Z 6 51.89 61.85 -15.21
C LYS Z 6 52.23 60.39 -15.44
N THR Z 7 51.87 59.84 -16.60
CA THR Z 7 52.12 58.43 -16.89
C THR Z 7 53.61 58.08 -16.99
N ARG Z 8 54.44 59.09 -17.25
CA ARG Z 8 55.88 58.88 -17.28
C ARG Z 8 56.37 58.58 -15.87
N LYS Z 9 55.90 59.35 -14.89
CA LYS Z 9 56.22 59.09 -13.50
C LYS Z 9 55.57 57.85 -12.83
N LEU Z 10 54.54 57.27 -13.46
CA LEU Z 10 53.86 56.07 -12.94
C LEU Z 10 54.50 54.77 -13.41
N ARG Z 11 55.17 54.80 -14.55
CA ARG Z 11 56.01 53.70 -14.99
C ARG Z 11 56.71 53.00 -13.81
N GLY Z 12 56.60 51.67 -13.75
CA GLY Z 12 57.20 50.91 -12.66
C GLY Z 12 56.21 50.46 -11.62
N HIS Z 13 55.21 51.29 -11.36
CA HIS Z 13 54.27 51.05 -10.28
C HIS Z 13 53.10 50.33 -10.86
N VAL Z 14 52.51 49.44 -10.09
CA VAL Z 14 51.70 48.38 -10.65
C VAL Z 14 50.37 48.92 -11.16
N SER Z 15 49.73 49.69 -10.28
CA SER Z 15 48.33 49.97 -10.40
C SER Z 15 48.08 51.16 -11.31
N HIS Z 16 49.15 51.92 -11.58
CA HIS Z 16 49.10 53.11 -12.42
C HIS Z 16 48.21 54.18 -11.79
N GLY Z 17 48.31 54.31 -10.47
CA GLY Z 17 47.62 55.36 -9.75
C GLY Z 17 46.14 55.16 -9.60
N HIS Z 18 45.64 53.96 -9.89
CA HIS Z 18 44.23 53.68 -9.77
C HIS Z 18 43.90 52.75 -8.62
N GLY Z 19 44.92 52.42 -7.85
CA GLY Z 19 44.71 51.59 -6.69
C GLY Z 19 44.55 50.14 -7.05
N ARG Z 20 44.74 49.31 -6.04
CA ARG Z 20 44.71 47.88 -6.23
C ARG Z 20 43.61 47.16 -5.47
N ILE Z 21 42.89 47.84 -4.57
CA ILE Z 21 41.73 47.22 -3.96
C ILE Z 21 40.71 47.26 -5.06
N GLY Z 22 40.18 48.46 -5.28
CA GLY Z 22 39.39 48.75 -6.45
C GLY Z 22 40.37 49.15 -7.53
N LYS Z 23 39.93 48.95 -8.76
CA LYS Z 23 40.82 48.92 -9.90
C LYS Z 23 40.48 50.07 -10.86
N HIS Z 24 40.91 50.02 -12.12
CA HIS Z 24 40.29 50.89 -13.11
C HIS Z 24 39.48 50.05 -14.05
N ARG Z 25 38.26 49.78 -13.63
CA ARG Z 25 37.29 49.08 -14.45
C ARG Z 25 36.64 50.09 -15.41
N LYS Z 26 35.79 49.59 -16.30
CA LYS Z 26 35.35 50.36 -17.47
C LYS Z 26 34.39 51.50 -17.16
N HIS Z 27 33.19 51.16 -16.66
CA HIS Z 27 32.17 52.16 -16.38
C HIS Z 27 31.41 51.75 -15.11
N PRO Z 28 32.05 51.93 -13.96
CA PRO Z 28 31.38 51.55 -12.72
C PRO Z 28 30.15 52.33 -12.29
N GLY Z 29 29.98 53.55 -12.76
CA GLY Z 29 28.79 54.32 -12.41
C GLY Z 29 27.62 54.08 -13.32
N GLY Z 30 27.94 53.72 -14.56
CA GLY Z 30 27.04 53.82 -15.69
C GLY Z 30 27.64 54.88 -16.58
N ARG Z 31 27.30 54.85 -17.85
CA ARG Z 31 27.84 55.85 -18.77
C ARG Z 31 27.15 57.20 -18.67
N GLY Z 32 27.98 58.22 -18.42
CA GLY Z 32 27.58 59.61 -18.49
C GLY Z 32 26.66 60.02 -17.37
N ASN Z 33 25.54 60.63 -17.75
CA ASN Z 33 24.63 61.26 -16.79
C ASN Z 33 23.57 60.30 -16.28
N ALA Z 34 23.80 59.01 -16.56
CA ALA Z 34 23.15 57.88 -15.89
C ALA Z 34 22.99 58.07 -14.39
N GLY Z 35 21.83 57.67 -13.88
CA GLY Z 35 21.53 57.73 -12.47
C GLY Z 35 21.23 59.09 -11.88
N GLY Z 36 20.93 60.07 -12.73
CA GLY Z 36 20.53 61.39 -12.26
C GLY Z 36 19.47 61.34 -11.18
N MET Z 37 18.52 60.41 -11.30
CA MET Z 37 17.50 60.17 -10.29
C MET Z 37 17.92 59.15 -9.24
N HIS Z 38 18.60 58.09 -9.66
CA HIS Z 38 18.88 56.96 -8.78
C HIS Z 38 20.34 56.72 -8.78
N HIS Z 39 20.96 56.75 -7.61
CA HIS Z 39 22.34 56.30 -7.47
C HIS Z 39 23.42 57.31 -7.88
N HIS Z 40 23.04 58.42 -8.52
CA HIS Z 40 23.89 59.60 -8.60
C HIS Z 40 23.14 60.85 -8.12
N ARG Z 41 22.00 60.65 -7.47
CA ARG Z 41 21.06 61.74 -7.20
C ARG Z 41 21.63 62.87 -6.39
N ILE Z 42 22.43 62.53 -5.40
CA ILE Z 42 22.92 63.50 -4.45
C ILE Z 42 23.80 64.54 -5.14
N ASN Z 43 24.67 64.10 -6.03
CA ASN Z 43 25.50 65.03 -6.79
C ASN Z 43 24.64 65.95 -7.63
N PHE Z 44 23.61 65.39 -8.24
CA PHE Z 44 22.74 66.19 -9.10
C PHE Z 44 21.98 67.24 -8.33
N ASP Z 45 21.48 66.87 -7.16
CA ASP Z 45 20.67 67.80 -6.39
C ASP Z 45 21.44 68.50 -5.27
N LYS Z 46 22.77 68.44 -5.31
CA LYS Z 46 23.58 69.41 -4.57
C LYS Z 46 24.63 70.15 -5.40
N TYR Z 47 24.63 69.96 -6.71
CA TYR Z 47 25.38 70.86 -7.60
C TYR Z 47 24.59 71.30 -8.83
N HIS Z 48 23.36 70.82 -9.00
CA HIS Z 48 22.53 71.19 -10.14
C HIS Z 48 21.11 71.26 -9.67
N PRO Z 49 20.85 72.15 -8.70
CA PRO Z 49 19.49 72.26 -8.23
C PRO Z 49 18.61 72.69 -9.36
N GLY Z 50 17.64 71.84 -9.68
CA GLY Z 50 16.66 72.15 -10.68
C GLY Z 50 16.90 71.54 -12.05
N TYR Z 51 17.75 70.52 -12.15
CA TYR Z 51 17.92 69.81 -13.41
C TYR Z 51 16.57 69.29 -13.86
N PHE Z 52 15.97 68.43 -13.03
CA PHE Z 52 14.79 67.67 -13.48
C PHE Z 52 13.52 68.46 -13.37
N GLY Z 53 12.71 68.36 -14.42
CA GLY Z 53 11.38 68.97 -14.44
C GLY Z 53 11.23 69.96 -15.56
N LYS Z 54 10.00 70.12 -16.03
CA LYS Z 54 9.65 71.17 -16.97
C LYS Z 54 9.41 72.47 -16.23
N VAL Z 55 9.22 73.54 -16.99
CA VAL Z 55 8.88 74.86 -16.44
C VAL Z 55 8.66 75.86 -17.58
N GLY Z 56 7.70 76.77 -17.38
CA GLY Z 56 7.46 77.84 -18.33
C GLY Z 56 6.87 77.39 -19.65
N MET Z 57 6.71 78.34 -20.56
CA MET Z 57 6.02 78.13 -21.83
C MET Z 57 6.95 77.72 -22.95
N ARG Z 58 6.47 76.81 -23.79
CA ARG Z 58 7.15 76.49 -25.03
C ARG Z 58 7.04 77.68 -26.01
N HIS Z 59 7.92 77.71 -27.01
CA HIS Z 59 7.95 78.79 -27.99
C HIS Z 59 8.57 78.18 -29.25
N TYR Z 60 7.75 77.92 -30.27
CA TYR Z 60 8.11 76.96 -31.31
C TYR Z 60 9.15 77.39 -32.31
N HIS Z 61 8.91 78.51 -32.96
CA HIS Z 61 9.81 78.93 -34.01
C HIS Z 61 10.45 80.17 -33.46
N LEU Z 62 11.33 79.98 -32.49
CA LEU Z 62 12.06 81.09 -31.93
C LEU Z 62 13.05 81.59 -32.97
N LYS Z 63 13.06 82.91 -33.14
CA LYS Z 63 14.05 83.61 -33.95
C LYS Z 63 14.59 84.74 -33.13
N ARG Z 64 15.87 84.68 -32.82
CA ARG Z 64 16.49 85.55 -31.82
C ARG Z 64 16.56 87.03 -32.22
N ASN Z 65 16.64 87.31 -33.52
CA ASN Z 65 16.83 88.67 -33.99
C ASN Z 65 15.63 89.58 -33.71
N GLN Z 66 14.44 89.01 -33.58
CA GLN Z 66 13.24 89.77 -33.17
C GLN Z 66 13.41 90.43 -31.80
N SER Z 67 14.02 89.69 -30.87
CA SER Z 67 14.22 90.16 -29.51
C SER Z 67 15.58 90.86 -29.31
N PHE Z 68 16.21 91.29 -30.40
CA PHE Z 68 17.51 91.94 -30.33
C PHE Z 68 17.35 93.33 -29.75
N CYS Z 69 18.07 93.59 -28.65
CA CYS Z 69 17.96 94.87 -27.94
C CYS Z 69 19.16 95.04 -27.01
N PRO Z 70 20.34 95.33 -27.59
CA PRO Z 70 21.57 95.51 -26.82
C PRO Z 70 21.56 96.81 -26.04
N THR Z 71 21.90 96.75 -24.76
CA THR Z 71 21.73 97.90 -23.88
C THR Z 71 23.04 98.60 -23.64
N VAL Z 72 22.93 99.83 -23.15
CA VAL Z 72 24.07 100.62 -22.73
C VAL Z 72 23.65 101.46 -21.54
N ASN Z 73 24.59 101.64 -20.61
CA ASN Z 73 24.33 102.41 -19.40
C ASN Z 73 24.84 103.81 -19.54
N LEU Z 74 24.19 104.72 -18.83
CA LEU Z 74 24.59 106.12 -18.79
C LEU Z 74 26.04 106.21 -18.35
N ASP Z 75 26.37 105.39 -17.35
CA ASP Z 75 27.75 105.07 -16.94
C ASP Z 75 28.79 105.47 -17.98
N LYS Z 76 28.65 104.91 -19.18
CA LYS Z 76 29.58 105.15 -20.27
C LYS Z 76 28.84 105.44 -21.56
N LEU Z 77 28.14 106.56 -21.56
CA LEU Z 77 27.42 107.04 -22.73
C LEU Z 77 28.31 107.95 -23.54
N TRP Z 78 28.99 108.85 -22.84
CA TRP Z 78 29.97 109.72 -23.45
C TRP Z 78 31.09 108.97 -24.18
N THR Z 79 31.31 107.70 -23.82
CA THR Z 79 32.28 106.84 -24.52
C THR Z 79 31.96 106.65 -25.98
N LEU Z 80 30.67 106.74 -26.33
CA LEU Z 80 30.24 106.52 -27.70
C LEU Z 80 30.83 107.58 -28.63
N VAL Z 81 31.01 108.80 -28.14
CA VAL Z 81 31.43 109.94 -28.96
C VAL Z 81 32.88 110.30 -28.66
N SER Z 82 33.52 110.99 -29.63
CA SER Z 82 34.87 111.54 -29.46
C SER Z 82 34.93 112.53 -28.31
N GLU Z 83 35.93 112.37 -27.44
CA GLU Z 83 36.18 113.30 -26.32
C GLU Z 83 35.94 114.78 -26.65
N GLN Z 84 36.28 115.21 -27.87
CA GLN Z 84 36.14 116.61 -28.25
C GLN Z 84 34.71 117.07 -28.57
N THR Z 85 33.72 116.18 -28.48
CA THR Z 85 32.33 116.61 -28.35
C THR Z 85 32.02 116.93 -26.90
N ARG Z 86 32.49 116.07 -25.99
CA ARG Z 86 32.33 116.31 -24.55
C ARG Z 86 33.20 117.48 -24.05
N VAL Z 87 34.20 117.88 -24.84
CA VAL Z 87 35.06 119.02 -24.51
C VAL Z 87 34.53 120.31 -25.12
N ASN Z 88 34.18 120.28 -26.41
CA ASN Z 88 33.54 121.43 -27.07
C ASN Z 88 32.08 121.49 -26.64
N ALA Z 89 31.92 121.82 -25.35
CA ALA Z 89 30.72 121.54 -24.54
C ALA Z 89 31.32 121.43 -23.15
N ALA Z 90 30.80 122.22 -22.21
CA ALA Z 90 31.58 122.68 -21.04
C ALA Z 90 32.61 123.69 -21.55
N LYS Z 91 32.09 124.52 -22.46
CA LYS Z 91 32.85 125.46 -23.29
C LYS Z 91 31.73 126.05 -24.17
N ASN Z 92 32.06 126.57 -25.35
CA ASN Z 92 31.06 126.95 -26.37
C ASN Z 92 30.17 128.16 -25.97
N LYS Z 93 29.50 128.05 -24.83
CA LYS Z 93 28.76 129.16 -24.20
C LYS Z 93 27.43 129.47 -24.90
N THR Z 94 27.01 128.58 -25.82
CA THR Z 94 25.71 128.67 -26.47
C THR Z 94 24.67 127.87 -25.68
N GLY Z 95 25.14 126.96 -24.82
CA GLY Z 95 24.27 125.98 -24.17
C GLY Z 95 23.75 124.98 -25.19
N ALA Z 96 24.67 124.49 -26.03
CA ALA Z 96 24.29 123.74 -27.22
C ALA Z 96 23.80 122.33 -26.90
N ALA Z 97 24.66 121.53 -26.31
CA ALA Z 97 24.40 120.09 -26.05
C ALA Z 97 24.54 119.29 -27.34
N PRO Z 98 25.54 118.39 -27.38
CA PRO Z 98 25.77 117.61 -28.59
C PRO Z 98 24.88 116.38 -28.60
N ILE Z 99 24.57 115.90 -29.80
CA ILE Z 99 23.73 114.71 -29.93
C ILE Z 99 24.57 113.47 -29.72
N ILE Z 100 23.93 112.44 -29.15
CA ILE Z 100 24.48 111.10 -29.03
C ILE Z 100 23.47 110.12 -29.62
N ASP Z 101 23.68 109.72 -30.86
CA ASP Z 101 22.89 108.66 -31.46
C ASP Z 101 23.47 107.35 -30.96
N VAL Z 102 22.75 106.73 -30.04
CA VAL Z 102 23.16 105.48 -29.42
C VAL Z 102 22.96 104.30 -30.38
N VAL Z 103 21.91 104.38 -31.21
CA VAL Z 103 21.58 103.32 -32.17
C VAL Z 103 22.65 103.19 -33.26
N ARG Z 104 23.32 104.29 -33.57
CA ARG Z 104 24.48 104.27 -34.47
C ARG Z 104 25.60 103.40 -33.91
N SER Z 105 25.89 103.56 -32.63
CA SER Z 105 26.95 102.80 -31.97
C SER Z 105 26.59 101.34 -31.67
N GLY Z 106 25.33 100.96 -31.85
CA GLY Z 106 24.92 99.55 -31.79
C GLY Z 106 24.17 99.11 -30.53
N TYR Z 107 23.62 100.07 -29.80
CA TYR Z 107 22.79 99.80 -28.65
C TYR Z 107 21.42 100.37 -28.92
N TYR Z 108 20.40 99.59 -28.60
CA TYR Z 108 19.04 100.01 -28.84
C TYR Z 108 18.51 100.64 -27.57
N LYS Z 109 18.60 99.93 -26.45
CA LYS Z 109 18.08 100.46 -25.21
C LYS Z 109 19.14 101.29 -24.49
N VAL Z 110 18.68 102.28 -23.74
CA VAL Z 110 19.51 103.06 -22.83
C VAL Z 110 18.94 102.87 -21.42
N LEU Z 111 19.66 102.09 -20.61
CA LEU Z 111 19.31 101.88 -19.21
C LEU Z 111 20.14 102.84 -18.40
N GLY Z 112 19.90 102.89 -17.10
CA GLY Z 112 20.30 104.03 -16.28
C GLY Z 112 21.34 103.89 -15.19
N LYS Z 113 22.22 102.89 -15.26
CA LYS Z 113 23.29 102.74 -14.25
C LYS Z 113 24.24 103.91 -14.35
N GLY Z 114 24.59 104.48 -13.20
CA GLY Z 114 25.71 105.40 -13.14
C GLY Z 114 25.41 106.88 -13.14
N LYS Z 115 26.42 107.63 -12.71
CA LYS Z 115 26.40 109.08 -12.65
C LYS Z 115 26.75 109.64 -14.02
N LEU Z 116 25.92 110.56 -14.48
CA LEU Z 116 26.09 111.25 -15.76
C LEU Z 116 26.65 112.64 -15.44
N PRO Z 117 27.74 113.06 -16.11
CA PRO Z 117 28.39 114.32 -15.73
C PRO Z 117 27.54 115.54 -16.11
N LYS Z 118 27.58 116.59 -15.27
CA LYS Z 118 26.68 117.74 -15.41
C LYS Z 118 26.99 118.51 -16.67
N GLN Z 119 26.36 118.10 -17.76
CA GLN Z 119 26.77 118.47 -19.10
C GLN Z 119 25.68 117.95 -20.05
N PRO Z 120 24.77 118.85 -20.50
CA PRO Z 120 23.62 118.53 -21.34
C PRO Z 120 23.86 117.59 -22.52
N VAL Z 121 22.85 116.78 -22.83
CA VAL Z 121 22.88 115.91 -23.99
C VAL Z 121 21.53 115.75 -24.64
N ILE Z 122 21.59 115.29 -25.88
CA ILE Z 122 20.44 114.82 -26.59
C ILE Z 122 20.76 113.38 -26.95
N VAL Z 123 20.12 112.45 -26.26
CA VAL Z 123 20.32 111.03 -26.48
C VAL Z 123 19.20 110.51 -27.38
N LYS Z 124 19.56 110.10 -28.60
CA LYS Z 124 18.63 109.44 -29.51
C LYS Z 124 18.73 107.95 -29.26
N ALA Z 125 17.60 107.31 -28.97
CA ALA Z 125 17.59 105.87 -28.79
C ALA Z 125 16.21 105.25 -28.96
N LYS Z 126 16.24 103.96 -29.27
CA LYS Z 126 15.06 103.18 -29.59
C LYS Z 126 14.20 103.02 -28.33
N PHE Z 127 14.86 102.71 -27.21
CA PHE Z 127 14.21 102.56 -25.90
C PHE Z 127 15.01 103.17 -24.77
N PHE Z 128 14.30 103.59 -23.73
CA PHE Z 128 14.91 104.15 -22.53
C PHE Z 128 14.36 103.48 -21.29
N SER Z 129 15.17 103.49 -20.23
CA SER Z 129 14.65 103.19 -18.89
C SER Z 129 13.92 104.40 -18.36
N ARG Z 130 13.23 104.20 -17.24
CA ARG Z 130 12.65 105.30 -16.50
C ARG Z 130 13.74 106.12 -15.83
N ARG Z 131 14.67 105.44 -15.17
CA ARG Z 131 15.74 106.11 -14.44
C ARG Z 131 16.70 106.80 -15.41
N ALA Z 132 17.00 106.13 -16.52
CA ALA Z 132 17.88 106.66 -17.55
C ALA Z 132 17.33 107.95 -18.13
N GLU Z 133 16.02 107.97 -18.33
CA GLU Z 133 15.33 109.20 -18.69
C GLU Z 133 15.56 110.25 -17.63
N GLU Z 134 15.18 109.93 -16.40
CA GLU Z 134 15.25 110.90 -15.30
C GLU Z 134 16.63 111.53 -15.14
N LYS Z 135 17.66 110.70 -15.13
CA LYS Z 135 19.05 111.16 -14.97
C LYS Z 135 19.40 112.14 -16.08
N ILE Z 136 19.07 111.75 -17.31
CA ILE Z 136 19.29 112.58 -18.50
C ILE Z 136 18.64 113.96 -18.38
N LYS Z 137 17.42 114.01 -17.87
CA LYS Z 137 16.72 115.27 -17.67
C LYS Z 137 17.43 116.11 -16.61
N GLY Z 138 17.83 115.46 -15.51
CA GLY Z 138 18.54 116.11 -14.42
C GLY Z 138 19.87 116.75 -14.79
N VAL Z 139 20.55 116.16 -15.77
CA VAL Z 139 21.74 116.78 -16.38
C VAL Z 139 21.37 118.06 -17.16
N GLY Z 140 20.15 118.10 -17.68
CA GLY Z 140 19.65 119.24 -18.44
C GLY Z 140 19.68 118.89 -19.91
N GLY Z 141 19.07 117.76 -20.23
CA GLY Z 141 19.08 117.20 -21.58
C GLY Z 141 17.71 116.71 -21.97
N ALA Z 142 17.68 115.97 -23.06
CA ALA Z 142 16.44 115.58 -23.70
C ALA Z 142 16.59 114.19 -24.31
N CYS Z 143 15.76 113.24 -23.86
CA CYS Z 143 15.72 111.93 -24.48
C CYS Z 143 14.92 112.06 -25.77
N VAL Z 144 15.28 111.23 -26.76
CA VAL Z 144 14.67 111.31 -28.08
C VAL Z 144 14.41 109.90 -28.64
N LEU Z 145 13.15 109.57 -28.84
CA LEU Z 145 12.78 108.29 -29.43
C LEU Z 145 13.04 108.23 -30.92
N VAL Z 146 13.55 107.10 -31.37
CA VAL Z 146 13.80 106.83 -32.79
C VAL Z 146 13.27 105.44 -33.15
N ALA Z 147 12.86 105.27 -34.40
CA ALA Z 147 12.29 104.01 -34.87
C ALA Z 147 13.37 102.97 -35.16
N ALA AA 1 26.86 35.87 2.42
CA ALA AA 1 27.95 36.88 2.54
C ALA AA 1 27.48 38.12 3.30
N LYS AA 2 27.40 37.99 4.63
CA LYS AA 2 27.01 39.07 5.50
C LYS AA 2 28.22 39.92 5.84
N SER AA 3 27.96 41.20 6.07
CA SER AA 3 29.01 42.20 6.32
C SER AA 3 29.17 42.47 7.81
N LYS AA 4 30.01 43.45 8.10
CA LYS AA 4 29.88 44.25 9.31
C LYS AA 4 28.75 45.25 9.06
N ASN AA 5 27.94 45.50 10.09
CA ASN AA 5 26.69 46.23 9.94
C ASN AA 5 26.80 47.72 10.20
N HIS AA 6 27.61 48.08 11.19
CA HIS AA 6 27.84 49.49 11.52
C HIS AA 6 28.95 49.64 12.50
N THR AA 7 29.71 50.73 12.41
CA THR AA 7 30.62 51.09 13.50
C THR AA 7 31.06 52.53 13.55
N THR AA 8 31.81 52.83 14.61
CA THR AA 8 32.30 54.14 14.93
C THR AA 8 33.76 54.00 15.37
N HIS AA 9 34.48 53.05 14.79
CA HIS AA 9 35.72 52.60 15.43
C HIS AA 9 36.88 53.57 15.29
N ASN AA 10 37.16 53.95 14.05
CA ASN AA 10 38.29 54.80 13.75
C ASN AA 10 37.89 56.26 13.64
N GLN AA 11 36.67 56.59 14.05
CA GLN AA 11 36.08 57.87 13.69
C GLN AA 11 36.57 59.02 14.54
N SER AA 12 36.71 58.81 15.85
CA SER AA 12 37.22 59.88 16.72
C SER AA 12 38.59 60.35 16.28
N ARG AA 13 39.47 59.38 16.03
CA ARG AA 13 40.77 59.62 15.42
C ARG AA 13 40.65 60.45 14.15
N LYS AA 14 39.86 59.97 13.20
CA LYS AA 14 39.63 60.68 11.96
C LYS AA 14 39.21 62.13 12.18
N TRP AA 15 38.32 62.36 13.15
CA TRP AA 15 37.83 63.72 13.40
C TRP AA 15 38.94 64.63 13.90
N HIS AA 16 39.76 64.09 14.80
CA HIS AA 16 40.79 64.87 15.48
C HIS AA 16 42.08 65.05 14.70
N ARG AA 17 42.20 64.43 13.52
CA ARG AA 17 43.34 64.76 12.66
C ARG AA 17 43.32 66.24 12.41
N ASN AA 18 42.19 66.72 11.91
CA ASN AA 18 42.00 68.13 11.64
C ASN AA 18 41.12 68.81 12.70
N GLY AA 19 41.43 68.54 13.97
CA GLY AA 19 41.01 69.39 15.09
C GLY AA 19 39.78 69.02 15.89
N ILE AA 20 38.62 69.17 15.25
CA ILE AA 20 37.34 69.49 15.91
C ILE AA 20 37.43 70.95 16.33
N LYS AA 21 37.31 71.81 15.33
CA LYS AA 21 37.44 73.25 15.51
C LYS AA 21 36.14 73.79 16.06
N LYS AA 22 36.24 74.71 17.02
CA LYS AA 22 35.08 75.43 17.54
C LYS AA 22 34.55 76.39 16.47
N PRO AA 23 33.23 76.68 16.50
CA PRO AA 23 32.61 77.40 15.39
C PRO AA 23 33.00 78.87 15.42
N ARG AA 24 33.64 79.35 14.34
CA ARG AA 24 34.38 80.61 14.37
C ARG AA 24 33.54 81.82 14.76
N SER AA 25 33.73 82.26 16.00
CA SER AA 25 32.96 83.35 16.57
C SER AA 25 33.47 84.68 16.04
N GLN AA 26 32.55 85.46 15.50
CA GLN AA 26 32.80 86.83 15.10
C GLN AA 26 32.12 87.72 16.14
N ARG AA 27 32.48 89.00 16.14
CA ARG AA 27 31.59 90.04 16.68
C ARG AA 27 30.70 90.43 15.51
N TYR AA 28 29.53 90.99 15.81
CA TYR AA 28 28.58 91.42 14.80
C TYR AA 28 28.08 90.23 14.00
N GLU AA 29 27.23 89.43 14.64
CA GLU AA 29 26.51 88.34 13.97
C GLU AA 29 25.26 88.91 13.32
N SER AA 30 24.67 88.14 12.41
CA SER AA 30 23.53 88.63 11.63
C SER AA 30 22.28 88.67 12.46
N LEU AA 31 21.31 89.45 11.96
CA LEU AA 31 19.98 89.51 12.53
C LEU AA 31 19.02 88.65 11.70
N LYS AA 32 19.52 87.54 11.16
CA LYS AA 32 18.68 86.58 10.48
C LYS AA 32 17.92 85.79 11.54
N GLY AA 33 16.60 85.70 11.38
CA GLY AA 33 15.76 84.93 12.28
C GLY AA 33 15.37 85.60 13.58
N VAL AA 34 15.38 86.94 13.58
CA VAL AA 34 15.00 87.73 14.74
C VAL AA 34 13.57 88.14 14.53
N ASP AA 35 12.81 88.21 15.61
CA ASP AA 35 11.36 88.49 15.55
C ASP AA 35 11.04 89.69 14.65
N PRO AA 36 10.39 89.44 13.50
CA PRO AA 36 10.15 90.47 12.49
C PRO AA 36 9.75 91.85 13.02
N LYS AA 37 8.83 91.90 13.97
CA LYS AA 37 8.31 93.17 14.45
C LYS AA 37 9.39 94.04 15.08
N PHE AA 38 10.31 93.39 15.79
CA PHE AA 38 11.54 94.01 16.25
C PHE AA 38 12.26 94.64 15.05
N LEU AA 39 12.63 93.80 14.10
CA LEU AA 39 13.54 94.20 13.03
C LEU AA 39 13.05 95.36 12.22
N ARG AA 40 11.75 95.41 11.97
CA ARG AA 40 11.13 96.60 11.40
C ARG AA 40 11.53 97.81 12.24
N ASN AA 41 11.22 97.76 13.52
CA ASN AA 41 11.42 98.93 14.38
C ASN AA 41 12.86 99.35 14.59
N MET AA 42 13.80 98.41 14.68
CA MET AA 42 15.21 98.81 14.72
C MET AA 42 15.67 99.34 13.36
N ARG AA 43 15.08 98.86 12.27
CA ARG AA 43 15.33 99.40 10.93
C ARG AA 43 14.87 100.83 10.82
N PHE AA 44 13.69 101.11 11.34
CA PHE AA 44 13.16 102.47 11.33
C PHE AA 44 13.95 103.38 12.22
N ALA AA 45 14.31 102.89 13.39
CA ALA AA 45 15.18 103.65 14.28
C ALA AA 45 16.49 104.00 13.58
N LYS AA 46 17.07 103.04 12.87
CA LYS AA 46 18.29 103.28 12.12
C LYS AA 46 18.09 104.30 11.00
N LYS AA 47 16.92 104.24 10.36
CA LYS AA 47 16.54 105.18 9.28
C LYS AA 47 16.68 106.64 9.70
N HIS AA 48 16.22 106.95 10.91
CA HIS AA 48 16.12 108.33 11.37
C HIS AA 48 17.19 108.77 12.36
N ASN AA 49 18.30 108.05 12.44
CA ASN AA 49 19.44 108.49 13.26
C ASN AA 49 20.07 109.80 12.77
N LYS AA 50 20.09 109.98 11.45
CA LYS AA 50 20.55 111.23 10.83
C LYS AA 50 19.64 112.42 11.17
N LYS AA 51 18.35 112.15 11.38
CA LYS AA 51 17.49 113.12 12.06
C LYS AA 51 17.95 113.11 13.51
N GLY AA 52 18.13 114.30 14.09
CA GLY AA 52 18.73 114.40 15.42
C GLY AA 52 20.24 114.20 15.41
N LEU AA 53 20.89 114.79 14.41
CA LEU AA 53 22.34 114.78 14.28
C LEU AA 53 22.91 116.08 14.83
N LYS AA 54 22.39 117.19 14.33
CA LYS AA 54 22.85 118.54 14.71
C LYS AA 54 22.78 118.78 16.20
N LYS AA 55 21.75 118.21 16.84
CA LYS AA 55 21.61 118.24 18.30
C LYS AA 55 22.72 117.45 18.97
N MET AA 56 22.96 116.25 18.44
CA MET AA 56 23.94 115.31 19.01
C MET AA 56 25.37 115.85 18.94
N GLN AA 57 25.74 116.38 17.78
CA GLN AA 57 27.08 116.97 17.56
C GLN AA 57 27.37 118.10 18.54
N ALA AA 58 26.39 118.99 18.72
CA ALA AA 58 26.50 120.10 19.66
C ALA AA 58 26.70 119.61 21.09
N ASN AA 59 25.91 118.61 21.47
CA ASN AA 59 26.01 117.99 22.80
C ASN AA 59 27.41 117.44 23.10
N ASN AA 60 28.04 116.82 22.11
CA ASN AA 60 29.42 116.33 22.26
C ASN AA 60 30.46 117.45 22.34
N ALA AA 61 30.24 118.53 21.59
CA ALA AA 61 31.10 119.72 21.66
C ALA AA 61 31.01 120.39 23.03
N LYS AA 62 29.79 120.48 23.57
CA LYS AA 62 29.55 120.95 24.95
C LYS AA 62 30.20 120.03 25.99
N ALA AA 63 30.17 118.72 25.73
CA ALA AA 63 30.86 117.74 26.57
C ALA AA 63 32.38 117.90 26.48
N MET AA 64 32.89 118.00 25.26
CA MET AA 64 34.34 118.20 25.02
C MET AA 64 34.88 119.48 25.66
N ALA AA 65 34.09 120.55 25.61
CA ALA AA 65 34.43 121.81 26.28
C ALA AA 65 34.43 121.66 27.80
N ALA AA 66 33.46 120.92 28.34
CA ALA AA 66 33.40 120.61 29.77
C ALA AA 66 34.56 119.72 30.24
N ARG AA 67 35.01 118.82 29.37
CA ARG AA 67 36.20 118.00 29.63
C ARG AA 67 37.46 118.85 29.64
N ALA AA 68 37.58 119.76 28.67
CA ALA AA 68 38.71 120.68 28.56
C ALA AA 68 38.79 121.68 29.72
N GLU AA 69 37.63 122.10 30.23
CA GLU AA 69 37.57 122.94 31.44
C GLU AA 69 37.96 122.16 32.71
N ALA AA 70 37.55 120.89 32.77
CA ALA AA 70 37.88 120.02 33.89
C ALA AA 70 39.37 119.68 33.95
N ILE AA 71 39.98 119.42 32.80
CA ILE AA 71 41.42 119.10 32.71
C ILE AA 71 42.30 120.34 32.98
N LYS AA 72 41.79 121.52 32.64
CA LYS AA 72 42.48 122.79 32.94
C LYS AA 72 42.44 123.11 34.44
N ALA AA 73 41.29 122.83 35.07
CA ALA AA 73 41.13 122.98 36.53
C ALA AA 73 42.00 122.01 37.32
N LEU AA 74 42.19 120.80 36.78
CA LEU AA 74 43.08 119.79 37.38
C LEU AA 74 44.53 120.23 37.30
N VAL AA 75 44.95 120.65 36.10
CA VAL AA 75 46.31 121.16 35.86
C VAL AA 75 46.39 122.61 36.34
N SER BA 1 -40.71 -29.43 -70.74
CA SER BA 1 -39.25 -29.14 -70.56
C SER BA 1 -38.37 -29.89 -71.57
N ILE BA 2 -37.20 -29.30 -71.84
CA ILE BA 2 -36.28 -29.79 -72.87
C ILE BA 2 -35.33 -30.86 -72.34
N ASN BA 3 -35.01 -30.78 -71.05
CA ASN BA 3 -34.08 -31.73 -70.42
C ASN BA 3 -34.60 -33.17 -70.51
N SER BA 4 -35.90 -33.31 -70.33
CA SER BA 4 -36.59 -34.61 -70.41
C SER BA 4 -36.53 -35.22 -71.81
N ARG BA 5 -36.82 -34.40 -72.82
CA ARG BA 5 -36.87 -34.86 -74.20
C ARG BA 5 -35.46 -35.18 -74.71
N LEU BA 6 -34.47 -34.40 -74.28
CA LEU BA 6 -33.07 -34.67 -74.58
C LEU BA 6 -32.62 -36.02 -74.05
N GLN BA 7 -32.92 -36.27 -72.77
CA GLN BA 7 -32.58 -37.53 -72.09
C GLN BA 7 -32.84 -38.75 -72.96
N LEU BA 8 -34.03 -38.77 -73.53
CA LEU BA 8 -34.46 -39.79 -74.45
C LEU BA 8 -33.63 -39.81 -75.74
N VAL BA 9 -33.37 -38.62 -76.30
CA VAL BA 9 -32.54 -38.49 -77.51
C VAL BA 9 -31.14 -39.04 -77.30
N MET BA 10 -30.52 -38.65 -76.20
CA MET BA 10 -29.18 -39.13 -75.86
C MET BA 10 -29.15 -40.63 -75.68
N LYS BA 11 -30.20 -41.18 -75.08
CA LYS BA 11 -30.31 -42.62 -74.87
C LYS BA 11 -30.43 -43.35 -76.21
N SER BA 12 -31.45 -42.99 -76.97
CA SER BA 12 -31.89 -43.75 -78.14
C SER BA 12 -31.46 -43.16 -79.49
N GLY BA 13 -31.58 -41.84 -79.62
CA GLY BA 13 -31.24 -41.15 -80.86
C GLY BA 13 -29.76 -41.02 -81.17
N LYS BA 14 -29.46 -40.57 -82.39
CA LYS BA 14 -28.11 -40.23 -82.82
C LYS BA 14 -27.93 -38.73 -82.66
N TYR BA 15 -26.74 -38.31 -82.28
CA TYR BA 15 -26.45 -36.92 -81.95
C TYR BA 15 -24.95 -36.67 -81.98
N VAL BA 16 -24.59 -35.41 -81.79
CA VAL BA 16 -23.21 -34.99 -81.82
C VAL BA 16 -23.03 -33.77 -80.91
N LEU BA 17 -21.96 -33.78 -80.10
CA LEU BA 17 -21.70 -32.71 -79.12
C LEU BA 17 -20.48 -31.91 -79.54
N GLY BA 18 -20.61 -30.60 -79.54
CA GLY BA 18 -19.49 -29.70 -79.78
C GLY BA 18 -19.50 -29.01 -81.14
N TYR BA 19 -18.81 -27.87 -81.20
CA TYR BA 19 -18.90 -26.93 -82.31
C TYR BA 19 -18.20 -27.40 -83.56
N LYS BA 20 -17.00 -27.93 -83.41
CA LYS BA 20 -16.23 -28.46 -84.54
C LYS BA 20 -16.99 -29.59 -85.28
N GLN BA 21 -17.80 -30.35 -84.54
CA GLN BA 21 -18.46 -31.55 -85.02
C GLN BA 21 -19.87 -31.28 -85.54
N THR BA 22 -20.61 -30.45 -84.81
CA THR BA 22 -21.97 -30.03 -85.19
C THR BA 22 -22.02 -29.13 -86.44
N LEU BA 23 -21.00 -28.31 -86.63
CA LEU BA 23 -20.90 -27.49 -87.82
C LEU BA 23 -20.63 -28.37 -89.03
N LYS BA 24 -19.89 -29.46 -88.81
CA LYS BA 24 -19.71 -30.50 -89.83
C LYS BA 24 -20.99 -31.30 -90.09
N MET BA 25 -21.78 -31.54 -89.04
CA MET BA 25 -23.10 -32.19 -89.19
C MET BA 25 -24.12 -31.35 -89.95
N ILE BA 26 -24.17 -30.05 -89.64
CA ILE BA 26 -25.04 -29.13 -90.39
C ILE BA 26 -24.56 -29.03 -91.82
N ARG BA 27 -23.26 -28.80 -91.99
CA ARG BA 27 -22.69 -28.67 -93.32
C ARG BA 27 -22.96 -29.89 -94.21
N GLN BA 28 -23.08 -31.08 -93.62
CA GLN BA 28 -23.51 -32.28 -94.36
C GLN BA 28 -25.00 -32.26 -94.67
N GLY BA 29 -25.77 -31.57 -93.85
CA GLY BA 29 -27.22 -31.49 -93.99
C GLY BA 29 -27.96 -32.62 -93.30
N LYS BA 30 -27.27 -33.28 -92.35
CA LYS BA 30 -27.85 -34.37 -91.56
C LYS BA 30 -28.53 -33.85 -90.31
N ALA BA 31 -27.91 -32.85 -89.67
CA ALA BA 31 -28.41 -32.26 -88.43
C ALA BA 31 -29.80 -31.67 -88.56
N LYS BA 32 -30.70 -32.16 -87.71
CA LYS BA 32 -32.10 -31.75 -87.69
C LYS BA 32 -32.40 -30.67 -86.64
N LEU BA 33 -31.48 -30.49 -85.69
CA LEU BA 33 -31.64 -29.49 -84.65
C LEU BA 33 -30.28 -29.11 -84.09
N VAL BA 34 -30.17 -27.91 -83.53
CA VAL BA 34 -28.95 -27.41 -82.91
C VAL BA 34 -29.25 -26.72 -81.58
N ILE BA 35 -28.76 -27.31 -80.49
CA ILE BA 35 -28.91 -26.72 -79.17
C ILE BA 35 -27.69 -25.87 -78.83
N LEU BA 36 -27.94 -24.67 -78.32
CA LEU BA 36 -26.90 -23.77 -77.89
C LEU BA 36 -27.09 -23.45 -76.43
N ALA BA 37 -26.02 -23.61 -75.67
CA ALA BA 37 -25.97 -23.09 -74.31
C ALA BA 37 -26.05 -21.58 -74.37
N ASN BA 38 -26.42 -20.98 -73.25
CA ASN BA 38 -26.60 -19.54 -73.19
C ASN BA 38 -25.27 -18.80 -73.10
N ASN BA 39 -24.27 -19.42 -72.49
CA ASN BA 39 -22.97 -18.76 -72.30
C ASN BA 39 -22.07 -18.80 -73.52
N CYS BA 40 -22.47 -19.58 -74.53
CA CYS BA 40 -21.72 -19.70 -75.78
C CYS BA 40 -21.17 -18.36 -76.26
N PRO BA 41 -19.97 -18.36 -76.86
CA PRO BA 41 -19.46 -17.08 -77.37
C PRO BA 41 -20.37 -16.49 -78.45
N ALA BA 42 -20.53 -15.17 -78.42
CA ALA BA 42 -21.50 -14.47 -79.25
C ALA BA 42 -21.21 -14.59 -80.74
N LEU BA 43 -19.94 -14.58 -81.11
CA LEU BA 43 -19.54 -14.79 -82.48
C LEU BA 43 -19.94 -16.20 -82.91
N ARG BA 44 -19.57 -17.19 -82.09
CA ARG BA 44 -19.89 -18.60 -82.36
C ARG BA 44 -21.36 -18.82 -82.63
N LYS BA 45 -22.20 -18.31 -81.73
CA LYS BA 45 -23.64 -18.47 -81.84
C LYS BA 45 -24.14 -17.96 -83.19
N SER BA 46 -23.85 -16.69 -83.47
CA SER BA 46 -24.29 -16.03 -84.71
C SER BA 46 -23.82 -16.75 -85.98
N GLU BA 47 -22.61 -17.30 -85.92
CA GLU BA 47 -22.08 -18.15 -86.99
C GLU BA 47 -22.96 -19.38 -87.14
N ILE BA 48 -23.18 -20.11 -86.07
CA ILE BA 48 -24.04 -21.28 -86.10
C ILE BA 48 -25.45 -20.94 -86.56
N GLU BA 49 -26.00 -19.86 -86.01
CA GLU BA 49 -27.33 -19.39 -86.37
C GLU BA 49 -27.49 -19.16 -87.88
N TYR BA 50 -26.42 -18.70 -88.51
CA TYR BA 50 -26.39 -18.47 -89.96
C TYR BA 50 -26.29 -19.78 -90.72
N TYR BA 51 -25.48 -20.71 -90.22
CA TYR BA 51 -25.35 -22.05 -90.82
C TYR BA 51 -26.65 -22.84 -90.84
N ALA BA 52 -27.45 -22.69 -89.79
CA ALA BA 52 -28.77 -23.31 -89.75
C ALA BA 52 -29.71 -22.66 -90.77
N MET BA 53 -29.69 -21.33 -90.82
CA MET BA 53 -30.47 -20.55 -91.81
C MET BA 53 -30.20 -20.96 -93.25
N LEU BA 54 -28.93 -21.24 -93.55
CA LEU BA 54 -28.56 -21.72 -94.89
C LEU BA 54 -28.99 -23.16 -95.13
N ALA BA 55 -28.94 -23.98 -94.08
CA ALA BA 55 -29.34 -25.38 -94.16
C ALA BA 55 -30.78 -25.67 -93.69
N LYS BA 56 -31.58 -24.63 -93.48
CA LYS BA 56 -32.98 -24.78 -93.09
C LYS BA 56 -33.13 -25.78 -91.94
N THR BA 57 -32.52 -25.44 -90.81
CA THR BA 57 -32.40 -26.32 -89.65
C THR BA 57 -32.85 -25.58 -88.40
N GLY BA 58 -33.46 -26.30 -87.47
CA GLY BA 58 -33.89 -25.72 -86.20
C GLY BA 58 -32.73 -25.32 -85.32
N VAL BA 59 -32.91 -24.21 -84.60
CA VAL BA 59 -31.93 -23.74 -83.62
C VAL BA 59 -32.67 -23.45 -82.32
N HIS BA 60 -32.40 -24.26 -81.30
CA HIS BA 60 -33.01 -24.09 -80.01
C HIS BA 60 -32.01 -23.54 -79.01
N HIS BA 61 -32.22 -22.31 -78.55
CA HIS BA 61 -31.41 -21.77 -77.47
C HIS BA 61 -31.81 -22.43 -76.16
N TYR BA 62 -30.86 -23.16 -75.57
CA TYR BA 62 -31.06 -23.83 -74.30
C TYR BA 62 -31.20 -22.81 -73.20
N SER BA 63 -31.95 -23.16 -72.17
CA SER BA 63 -32.21 -22.26 -71.04
C SER BA 63 -30.95 -22.06 -70.19
N GLY BA 64 -30.12 -23.09 -70.13
CA GLY BA 64 -28.90 -23.10 -69.31
C GLY BA 64 -27.55 -22.86 -69.97
N ASN BA 65 -26.60 -22.62 -69.08
CA ASN BA 65 -25.18 -22.41 -69.40
C ASN BA 65 -24.54 -23.74 -69.76
N ASN BA 66 -23.45 -23.69 -70.53
CA ASN BA 66 -22.85 -24.89 -71.12
C ASN BA 66 -22.55 -26.04 -70.18
N ILE BA 67 -22.37 -25.74 -68.89
CA ILE BA 67 -22.20 -26.78 -67.89
C ILE BA 67 -23.52 -27.51 -67.68
N GLU BA 68 -24.61 -26.73 -67.61
CA GLU BA 68 -25.95 -27.28 -67.45
C GLU BA 68 -26.37 -28.14 -68.62
N LEU BA 69 -26.00 -27.72 -69.83
CA LEU BA 69 -26.38 -28.48 -71.02
C LEU BA 69 -25.67 -29.81 -71.09
N GLY BA 70 -24.38 -29.81 -70.74
CA GLY BA 70 -23.60 -31.02 -70.71
C GLY BA 70 -24.04 -31.95 -69.63
N THR BA 71 -24.32 -31.38 -68.46
CA THR BA 71 -25.01 -32.13 -67.43
C THR BA 71 -26.28 -32.68 -68.07
N ALA BA 72 -27.06 -31.84 -68.74
CA ALA BA 72 -28.30 -32.23 -69.46
C ALA BA 72 -28.15 -33.16 -70.69
N CYS BA 73 -26.93 -33.45 -71.11
CA CYS BA 73 -26.68 -34.52 -72.09
C CYS BA 73 -26.27 -35.83 -71.43
N GLY BA 74 -26.01 -35.78 -70.13
CA GLY BA 74 -25.65 -36.96 -69.35
C GLY BA 74 -24.17 -37.24 -69.48
N LYS BA 75 -23.40 -36.16 -69.53
CA LYS BA 75 -21.95 -36.23 -69.63
C LYS BA 75 -21.42 -35.40 -68.47
N TYR BA 76 -20.29 -35.83 -67.94
CA TYR BA 76 -19.65 -35.10 -66.86
C TYR BA 76 -18.86 -33.91 -67.38
N TYR BA 77 -18.62 -33.87 -68.68
CA TYR BA 77 -18.05 -32.71 -69.32
C TYR BA 77 -19.14 -31.72 -69.71
N ARG BA 78 -18.74 -30.59 -70.26
CA ARG BA 78 -19.63 -29.48 -70.51
C ARG BA 78 -19.70 -29.22 -72.00
N VAL BA 79 -20.92 -29.08 -72.52
CA VAL BA 79 -21.12 -28.88 -73.95
C VAL BA 79 -21.91 -27.61 -74.17
N CYS BA 80 -21.38 -26.77 -75.05
CA CYS BA 80 -21.96 -25.50 -75.42
C CYS BA 80 -22.86 -25.64 -76.64
N THR BA 81 -22.38 -26.35 -77.66
CA THR BA 81 -23.20 -26.61 -78.87
C THR BA 81 -23.45 -28.10 -79.05
N LEU BA 82 -24.69 -28.48 -79.39
CA LEU BA 82 -25.03 -29.88 -79.61
C LEU BA 82 -26.06 -30.02 -80.73
N ALA BA 83 -25.76 -30.87 -81.72
CA ALA BA 83 -26.68 -31.17 -82.83
C ALA BA 83 -27.37 -32.50 -82.58
N ILE BA 84 -28.64 -32.56 -82.98
CA ILE BA 84 -29.44 -33.77 -82.89
C ILE BA 84 -29.69 -34.28 -84.30
N ILE BA 85 -28.99 -35.36 -84.67
CA ILE BA 85 -29.03 -35.88 -86.03
C ILE BA 85 -30.34 -36.62 -86.25
N ASP BA 86 -30.56 -37.67 -85.45
CA ASP BA 86 -31.77 -38.47 -85.53
C ASP BA 86 -32.26 -38.67 -84.10
N PRO BA 87 -33.46 -38.15 -83.79
CA PRO BA 87 -34.00 -38.51 -82.50
C PRO BA 87 -34.49 -39.95 -82.53
N GLY BA 88 -34.39 -40.63 -81.38
CA GLY BA 88 -34.66 -42.05 -81.29
C GLY BA 88 -36.14 -42.32 -81.40
N ASP BA 89 -36.86 -41.92 -80.35
CA ASP BA 89 -38.31 -41.97 -80.34
C ASP BA 89 -38.91 -40.76 -79.61
N SER BA 90 -38.12 -39.70 -79.46
CA SER BA 90 -38.51 -38.52 -78.72
C SER BA 90 -39.26 -37.55 -79.64
N ASP BA 91 -39.88 -36.56 -79.02
CA ASP BA 91 -40.49 -35.44 -79.74
C ASP BA 91 -39.73 -34.15 -79.39
N ILE BA 92 -38.40 -34.25 -79.35
CA ILE BA 92 -37.54 -33.08 -79.22
C ILE BA 92 -37.77 -32.19 -80.45
N ILE BA 93 -37.80 -32.82 -81.63
CA ILE BA 93 -38.24 -32.17 -82.85
C ILE BA 93 -39.76 -32.36 -82.87
N ARG BA 94 -40.48 -31.29 -83.17
CA ARG BA 94 -41.91 -31.22 -82.89
C ARG BA 94 -42.71 -31.92 -83.97
N ASN CA 1 99.33 -30.06 -42.01
CA ASN CA 1 99.28 -29.50 -40.61
C ASN CA 1 98.00 -28.72 -40.30
N GLU CA 2 97.53 -27.93 -41.27
CA GLU CA 2 96.39 -27.03 -41.06
C GLU CA 2 95.52 -26.80 -42.31
N VAL CA 3 95.31 -27.86 -43.08
CA VAL CA 3 94.28 -27.91 -44.13
C VAL CA 3 93.52 -29.21 -43.94
N VAL CA 4 93.22 -29.49 -42.67
CA VAL CA 4 92.77 -30.80 -42.23
C VAL CA 4 91.26 -30.90 -42.38
N THR CA 5 90.79 -32.11 -42.62
CA THR CA 5 89.38 -32.41 -42.75
C THR CA 5 89.04 -33.55 -41.81
N ARG CA 6 87.88 -33.46 -41.13
CA ARG CA 6 87.49 -34.50 -40.17
C ARG CA 6 85.99 -34.48 -39.84
N GLU CA 7 85.42 -35.68 -39.67
CA GLU CA 7 84.00 -35.84 -39.42
C GLU CA 7 83.71 -35.58 -37.95
N TYR CA 8 82.52 -35.09 -37.66
CA TYR CA 8 82.02 -34.96 -36.30
C TYR CA 8 80.55 -35.30 -36.33
N THR CA 9 80.02 -35.79 -35.22
CA THR CA 9 78.57 -35.96 -35.09
C THR CA 9 78.08 -34.93 -34.09
N ILE CA 10 77.71 -33.76 -34.60
CA ILE CA 10 77.21 -32.67 -33.76
C ILE CA 10 75.84 -33.09 -33.26
N ASN CA 11 75.75 -33.36 -31.94
CA ASN CA 11 74.45 -33.53 -31.30
C ASN CA 11 73.88 -32.15 -31.06
N ILE CA 12 72.83 -31.89 -31.81
CA ILE CA 12 72.12 -30.62 -31.83
C ILE CA 12 71.14 -30.60 -30.70
N HIS CA 13 70.47 -31.72 -30.50
CA HIS CA 13 69.45 -31.88 -29.47
C HIS CA 13 69.78 -31.26 -28.11
N LYS CA 14 71.04 -31.32 -27.71
CA LYS CA 14 71.51 -30.77 -26.45
C LYS CA 14 72.10 -29.36 -26.55
N ARG CA 15 72.20 -28.85 -27.77
CA ARG CA 15 72.54 -27.46 -28.04
C ARG CA 15 71.26 -26.65 -28.18
N ILE CA 16 70.43 -27.11 -29.09
CA ILE CA 16 69.16 -26.50 -29.40
C ILE CA 16 68.08 -26.72 -28.32
N HIS CA 17 68.44 -27.34 -27.19
CA HIS CA 17 67.49 -27.63 -26.13
C HIS CA 17 66.93 -26.36 -25.50
N GLY CA 18 65.64 -26.40 -25.18
CA GLY CA 18 65.00 -25.31 -24.47
C GLY CA 18 64.77 -24.06 -25.30
N VAL CA 19 64.78 -24.17 -26.63
CA VAL CA 19 64.52 -22.99 -27.46
C VAL CA 19 63.14 -23.06 -28.10
N GLY CA 20 62.68 -21.90 -28.52
CA GLY CA 20 61.33 -21.76 -29.00
C GLY CA 20 61.13 -22.40 -30.35
N PHE CA 21 59.96 -22.99 -30.51
CA PHE CA 21 59.55 -23.70 -31.72
C PHE CA 21 59.97 -23.01 -33.01
N LYS CA 22 59.66 -21.71 -33.11
CA LYS CA 22 59.98 -20.96 -34.32
C LYS CA 22 61.44 -20.54 -34.46
N LYS CA 23 62.23 -20.69 -33.40
CA LYS CA 23 63.66 -20.40 -33.43
C LYS CA 23 64.53 -21.63 -33.20
N ARG CA 24 64.15 -22.77 -33.79
CA ARG CA 24 64.92 -24.01 -33.62
C ARG CA 24 65.87 -24.28 -34.80
N ALA CA 25 65.33 -24.58 -35.97
CA ALA CA 25 66.16 -24.81 -37.14
C ALA CA 25 67.15 -23.68 -37.43
N PRO CA 26 66.79 -22.44 -37.07
CA PRO CA 26 67.80 -21.38 -37.10
C PRO CA 26 68.89 -21.52 -36.03
N ARG CA 27 68.48 -21.69 -34.78
CA ARG CA 27 69.41 -21.90 -33.66
C ARG CA 27 70.37 -23.06 -33.95
N ALA CA 28 69.83 -24.14 -34.52
CA ALA CA 28 70.64 -25.27 -34.94
C ALA CA 28 71.79 -24.87 -35.85
N LEU CA 29 71.53 -23.97 -36.80
CA LEU CA 29 72.60 -23.49 -37.69
C LEU CA 29 73.52 -22.47 -37.07
N LYS CA 30 73.06 -21.76 -36.04
CA LYS CA 30 73.97 -20.98 -35.22
C LYS CA 30 74.89 -21.91 -34.45
N GLU CA 31 74.32 -22.95 -33.84
CA GLU CA 31 75.11 -23.88 -33.03
C GLU CA 31 76.04 -24.79 -33.83
N ILE CA 32 75.74 -25.04 -35.09
CA ILE CA 32 76.70 -25.70 -35.99
C ILE CA 32 77.88 -24.79 -36.19
N ARG CA 33 77.62 -23.52 -36.47
CA ARG CA 33 78.67 -22.59 -36.85
C ARG CA 33 79.58 -22.28 -35.68
N LYS CA 34 78.99 -22.06 -34.50
CA LYS CA 34 79.76 -22.03 -33.24
C LYS CA 34 80.66 -23.25 -33.09
N PHE CA 35 80.10 -24.43 -33.33
CA PHE CA 35 80.84 -25.68 -33.21
C PHE CA 35 82.02 -25.73 -34.16
N ALA CA 36 81.82 -25.23 -35.37
CA ALA CA 36 82.88 -25.19 -36.36
C ALA CA 36 84.04 -24.31 -35.88
N MET CA 37 83.72 -23.13 -35.35
CA MET CA 37 84.75 -22.20 -34.88
C MET CA 37 85.55 -22.79 -33.71
N LYS CA 38 84.89 -23.61 -32.90
CA LYS CA 38 85.54 -24.24 -31.76
C LYS CA 38 86.53 -25.31 -32.19
N GLU CA 39 86.11 -26.14 -33.15
CA GLU CA 39 86.96 -27.24 -33.65
C GLU CA 39 88.09 -26.72 -34.52
N MET CA 40 87.76 -25.83 -35.45
CA MET CA 40 88.73 -25.21 -36.34
C MET CA 40 88.78 -23.75 -35.99
N GLY CA 41 89.97 -23.25 -35.63
CA GLY CA 41 90.12 -21.85 -35.22
C GLY CA 41 89.90 -20.87 -36.35
N THR CA 42 88.66 -20.75 -36.79
CA THR CA 42 88.28 -19.95 -37.95
C THR CA 42 86.94 -19.30 -37.66
N PRO CA 43 86.84 -17.97 -37.86
CA PRO CA 43 85.54 -17.32 -37.78
C PRO CA 43 84.78 -17.35 -39.12
N ASP CA 44 85.49 -17.39 -40.25
CA ASP CA 44 84.84 -17.53 -41.56
C ASP CA 44 84.46 -18.99 -41.77
N VAL CA 45 83.34 -19.39 -41.17
CA VAL CA 45 82.79 -20.72 -41.34
C VAL CA 45 81.79 -20.63 -42.47
N ARG CA 46 81.81 -21.62 -43.35
CA ARG CA 46 81.10 -21.54 -44.63
C ARG CA 46 80.25 -22.79 -44.78
N ILE CA 47 79.22 -22.85 -43.94
CA ILE CA 47 78.28 -23.98 -43.89
C ILE CA 47 77.58 -24.24 -45.23
N ASP CA 48 77.69 -25.46 -45.75
CA ASP CA 48 77.23 -25.81 -47.10
C ASP CA 48 75.71 -25.87 -47.18
N THR CA 49 75.18 -25.58 -48.38
CA THR CA 49 73.74 -25.59 -48.64
C THR CA 49 73.05 -26.89 -48.31
N ARG CA 50 73.60 -28.01 -48.79
CA ARG CA 50 72.98 -29.31 -48.54
C ARG CA 50 72.86 -29.61 -47.04
N LEU CA 51 73.78 -29.06 -46.24
CA LEU CA 51 73.67 -29.21 -44.78
C LEU CA 51 72.49 -28.44 -44.23
N ASN CA 52 72.39 -27.19 -44.64
CA ASN CA 52 71.24 -26.35 -44.32
C ASN CA 52 69.97 -27.14 -44.60
N LYS CA 53 69.87 -27.68 -45.82
CA LYS CA 53 68.73 -28.49 -46.22
C LYS CA 53 68.51 -29.70 -45.30
N ALA CA 54 69.59 -30.36 -44.92
CA ALA CA 54 69.51 -31.45 -43.95
C ALA CA 54 68.86 -30.99 -42.66
N VAL CA 55 69.33 -29.86 -42.14
CA VAL CA 55 68.83 -29.36 -40.86
C VAL CA 55 67.36 -29.03 -40.98
N TRP CA 56 67.01 -28.15 -41.89
CA TRP CA 56 65.60 -27.77 -42.07
C TRP CA 56 64.63 -28.87 -42.57
N ALA CA 57 65.16 -30.06 -42.89
CA ALA CA 57 64.39 -31.12 -43.55
C ALA CA 57 63.05 -31.50 -42.92
N LYS CA 58 63.00 -31.52 -41.58
CA LYS CA 58 61.74 -31.76 -40.87
C LYS CA 58 61.21 -30.46 -40.29
N GLY CA 59 61.31 -29.38 -41.07
CA GLY CA 59 60.71 -28.11 -40.71
C GLY CA 59 61.44 -27.38 -39.62
N ILE CA 60 60.84 -26.28 -39.19
CA ILE CA 60 61.48 -25.34 -38.28
C ILE CA 60 61.43 -25.80 -36.82
N ARG CA 61 60.41 -26.55 -36.44
CA ARG CA 61 60.23 -27.02 -35.04
C ARG CA 61 61.17 -28.16 -34.68
N ASN CA 62 61.11 -29.19 -35.50
CA ASN CA 62 61.69 -30.47 -35.16
C ASN CA 62 62.94 -30.60 -36.02
N VAL CA 63 64.06 -30.21 -35.45
CA VAL CA 63 65.35 -30.35 -36.11
C VAL CA 63 65.72 -31.83 -35.95
N PRO CA 64 66.64 -32.35 -36.78
CA PRO CA 64 67.21 -33.65 -36.45
C PRO CA 64 68.08 -33.59 -35.20
N TYR CA 65 68.12 -34.69 -34.46
CA TYR CA 65 68.79 -34.71 -33.16
C TYR CA 65 70.30 -34.69 -33.30
N ARG CA 66 70.85 -35.65 -34.04
CA ARG CA 66 72.27 -35.67 -34.34
C ARG CA 66 72.46 -35.38 -35.81
N ILE CA 67 73.62 -34.86 -36.16
CA ILE CA 67 73.94 -34.62 -37.55
C ILE CA 67 75.43 -34.88 -37.79
N ARG CA 68 75.71 -35.83 -38.69
CA ARG CA 68 77.08 -36.20 -38.98
C ARG CA 68 77.55 -35.20 -40.00
N VAL CA 69 78.70 -34.63 -39.73
CA VAL CA 69 79.17 -33.46 -40.44
C VAL CA 69 80.61 -33.70 -40.86
N ARG CA 70 81.00 -33.16 -42.01
CA ARG CA 70 82.40 -33.03 -42.35
C ARG CA 70 82.77 -31.57 -42.15
N LEU CA 71 84.03 -31.35 -41.78
CA LEU CA 71 84.52 -30.04 -41.39
C LEU CA 71 85.89 -29.91 -42.05
N SER CA 72 85.93 -29.33 -43.24
CA SER CA 72 87.17 -29.17 -44.00
C SER CA 72 87.72 -27.76 -43.79
N ARG CA 73 88.96 -27.67 -43.33
CA ARG CA 73 89.64 -26.38 -43.21
C ARG CA 73 90.37 -26.09 -44.52
N LYS CA 74 90.41 -24.82 -44.91
CA LYS CA 74 90.82 -24.42 -46.27
C LYS CA 74 91.80 -23.24 -46.32
N ARG CA 75 92.17 -22.87 -47.55
CA ARG CA 75 93.19 -21.88 -47.84
C ARG CA 75 92.64 -20.48 -48.15
N ASN CA 76 91.39 -20.40 -48.62
CA ASN CA 76 90.77 -19.14 -49.08
C ASN CA 76 91.50 -18.55 -50.29
N GLU CA 77 91.76 -19.42 -51.26
CA GLU CA 77 92.40 -19.12 -52.57
C GLU CA 77 93.08 -17.73 -52.74
N ASP CA 78 92.40 -16.75 -53.32
CA ASP CA 78 93.02 -15.50 -53.79
C ASP CA 78 92.66 -14.27 -52.94
N GLU CA 79 91.89 -14.47 -51.87
CA GLU CA 79 91.40 -13.35 -51.07
C GLU CA 79 92.49 -12.78 -50.17
N ASP CA 80 92.57 -11.45 -50.11
CA ASP CA 80 93.46 -10.73 -49.20
C ASP CA 80 92.63 -10.25 -48.01
N SER CA 81 92.09 -11.22 -47.29
CA SER CA 81 91.20 -11.00 -46.15
C SER CA 81 91.99 -11.17 -44.86
N PRO CA 82 91.50 -10.61 -43.73
CA PRO CA 82 92.09 -10.91 -42.41
C PRO CA 82 92.13 -12.39 -42.04
N ASN CA 83 91.15 -13.15 -42.52
CA ASN CA 83 91.11 -14.59 -42.33
C ASN CA 83 91.86 -15.32 -43.44
N LYS CA 84 92.94 -16.01 -43.09
CA LYS CA 84 93.71 -16.81 -44.04
C LYS CA 84 92.90 -18.04 -44.44
N LEU CA 85 92.49 -18.81 -43.43
CA LEU CA 85 91.81 -20.09 -43.62
C LEU CA 85 90.33 -19.96 -43.38
N TYR CA 86 89.53 -20.66 -44.19
CA TYR CA 86 88.13 -20.86 -43.87
C TYR CA 86 87.85 -22.31 -43.52
N THR CA 87 86.63 -22.54 -43.04
CA THR CA 87 86.15 -23.86 -42.67
C THR CA 87 84.84 -24.12 -43.39
N LEU CA 88 84.78 -25.21 -44.13
CA LEU CA 88 83.58 -25.55 -44.86
C LEU CA 88 82.92 -26.77 -44.24
N VAL CA 89 81.73 -26.57 -43.68
CA VAL CA 89 80.98 -27.66 -43.09
C VAL CA 89 80.27 -28.35 -44.24
N THR CA 90 80.12 -29.67 -44.16
CA THR CA 90 79.40 -30.45 -45.18
C THR CA 90 78.51 -31.48 -44.52
N TYR CA 91 77.58 -32.00 -45.31
CA TYR CA 91 76.66 -33.01 -44.84
C TYR CA 91 77.17 -34.42 -45.11
N VAL CA 92 77.13 -35.25 -44.07
CA VAL CA 92 77.49 -36.65 -44.14
C VAL CA 92 76.23 -37.44 -43.77
N PRO CA 93 75.53 -38.01 -44.78
CA PRO CA 93 74.32 -38.76 -44.48
C PRO CA 93 74.64 -40.15 -43.90
N VAL CA 94 73.83 -40.57 -42.93
CA VAL CA 94 74.10 -41.77 -42.13
C VAL CA 94 72.79 -42.52 -41.80
N THR CA 95 72.88 -43.85 -41.72
CA THR CA 95 71.78 -44.67 -41.23
C THR CA 95 71.65 -44.51 -39.73
N THR CA 96 72.71 -44.87 -39.01
CA THR CA 96 72.72 -44.87 -37.54
C THR CA 96 73.91 -44.12 -36.99
N PHE CA 97 73.67 -43.37 -35.92
CA PHE CA 97 74.75 -42.72 -35.19
C PHE CA 97 75.32 -43.60 -34.09
N LYS CA 98 74.85 -44.84 -33.94
CA LYS CA 98 75.39 -45.75 -32.93
C LYS CA 98 76.89 -45.98 -33.11
N ASN CA 99 77.65 -45.63 -32.08
CA ASN CA 99 79.12 -45.66 -32.04
C ASN CA 99 79.85 -45.12 -33.29
N LEU CA 100 79.48 -43.90 -33.68
CA LEU CA 100 80.24 -43.09 -34.64
C LEU CA 100 81.16 -42.16 -33.85
N GLN CA 101 82.42 -42.09 -34.24
CA GLN CA 101 83.42 -41.29 -33.53
C GLN CA 101 83.78 -40.09 -34.37
N THR CA 102 84.69 -39.25 -33.87
CA THR CA 102 85.30 -38.22 -34.69
C THR CA 102 86.42 -38.88 -35.50
N VAL CA 103 86.11 -39.21 -36.74
CA VAL CA 103 87.09 -39.76 -37.65
C VAL CA 103 87.79 -38.61 -38.36
N ASN CA 104 89.11 -38.66 -38.37
CA ASN CA 104 89.93 -37.76 -39.17
C ASN CA 104 90.15 -38.44 -40.52
N VAL CA 105 89.42 -37.99 -41.54
CA VAL CA 105 89.63 -38.50 -42.89
C VAL CA 105 90.97 -38.01 -43.45
N ASP CA 106 91.94 -38.93 -43.47
CA ASP CA 106 93.30 -38.61 -43.91
C ASP CA 106 93.33 -38.31 -45.41
N GLU CA 107 93.87 -37.15 -45.76
CA GLU CA 107 93.86 -36.63 -47.13
C GLU CA 107 95.10 -37.10 -47.89
N ALA DA 1 106.53 60.77 -10.14
CA ALA DA 1 106.32 62.26 -10.13
C ALA DA 1 105.16 62.67 -11.06
N ALA DA 2 103.95 62.32 -10.63
CA ALA DA 2 102.72 62.67 -11.34
C ALA DA 2 102.13 63.96 -10.76
N LEU DA 3 101.16 64.53 -11.46
CA LEU DA 3 100.54 65.80 -11.05
C LEU DA 3 99.71 65.62 -9.78
N ARG DA 4 100.21 66.18 -8.69
CA ARG DA 4 99.51 66.16 -7.41
C ARG DA 4 98.30 67.09 -7.47
N PRO DA 5 97.15 66.68 -6.89
CA PRO DA 5 96.06 67.63 -6.75
C PRO DA 5 96.29 68.57 -5.57
N LEU DA 6 95.60 69.72 -5.61
CA LEU DA 6 95.75 70.81 -4.63
C LEU DA 6 95.58 70.35 -3.21
N VAL DA 7 94.54 69.56 -2.99
CA VAL DA 7 94.22 69.03 -1.69
C VAL DA 7 93.81 67.58 -1.90
N LYS DA 8 94.42 66.70 -1.11
CA LYS DA 8 94.26 65.26 -1.25
C LYS DA 8 93.77 64.73 0.09
N PRO DA 9 92.49 64.96 0.40
CA PRO DA 9 91.93 64.53 1.67
C PRO DA 9 91.60 63.05 1.63
N LYS DA 10 91.18 62.54 2.80
CA LYS DA 10 90.71 61.17 2.89
C LYS DA 10 89.28 61.15 2.39
N ILE DA 11 89.07 60.53 1.23
CA ILE DA 11 87.73 60.14 0.80
C ILE DA 11 87.31 59.03 1.73
N VAL DA 12 86.04 59.05 2.12
CA VAL DA 12 85.52 58.03 3.03
C VAL DA 12 84.12 57.63 2.61
N LYS DA 13 84.00 56.38 2.18
CA LYS DA 13 82.80 55.92 1.52
C LYS DA 13 81.92 55.14 2.50
N LYS DA 14 80.62 55.38 2.42
CA LYS DA 14 79.66 54.76 3.31
C LYS DA 14 79.36 53.33 2.92
N ARG DA 15 79.32 53.08 1.62
CA ARG DA 15 79.04 51.76 1.13
C ARG DA 15 79.79 51.56 -0.15
N THR DA 16 80.41 50.40 -0.28
CA THR DA 16 81.27 50.11 -1.40
C THR DA 16 80.64 49.16 -2.40
N LYS DA 17 79.96 48.13 -1.92
CA LYS DA 17 79.30 47.18 -2.82
C LYS DA 17 78.18 47.86 -3.60
N LYS DA 18 77.91 47.34 -4.78
CA LYS DA 18 76.76 47.80 -5.56
C LYS DA 18 75.52 47.32 -4.84
N PHE DA 19 74.49 48.17 -4.76
CA PHE DA 19 73.15 47.71 -4.46
C PHE DA 19 72.75 46.94 -5.71
N ILE DA 20 72.28 45.71 -5.51
CA ILE DA 20 71.80 44.92 -6.63
C ILE DA 20 70.34 44.68 -6.45
N ARG DA 21 69.74 44.28 -7.54
CA ARG DA 21 68.31 44.19 -7.66
C ARG DA 21 67.84 42.85 -7.17
N HIS DA 22 66.72 42.86 -6.48
CA HIS DA 22 66.16 41.65 -5.88
C HIS DA 22 65.84 40.57 -6.89
N GLN DA 23 66.42 39.39 -6.64
CA GLN DA 23 66.27 38.22 -7.50
C GLN DA 23 66.98 38.38 -8.85
N SER DA 24 68.00 39.24 -8.92
CA SER DA 24 68.83 39.34 -10.10
C SER DA 24 69.82 38.18 -10.16
N ASP DA 25 70.16 37.68 -8.98
CA ASP DA 25 70.90 36.43 -8.81
C ASP DA 25 70.22 35.19 -9.40
N ARG DA 26 68.92 35.06 -9.16
CA ARG DA 26 68.18 33.83 -9.51
C ARG DA 26 67.90 33.74 -11.00
N TYR DA 27 67.77 34.89 -11.65
CA TYR DA 27 67.29 34.96 -13.02
C TYR DA 27 68.25 35.72 -13.92
N VAL DA 28 68.41 35.21 -15.14
CA VAL DA 28 69.24 35.85 -16.14
C VAL DA 28 68.44 36.99 -16.75
N LYS DA 29 67.11 36.89 -16.77
CA LYS DA 29 66.25 37.97 -17.27
C LYS DA 29 66.28 39.22 -16.43
N ILE DA 30 66.42 39.08 -15.11
CA ILE DA 30 66.60 40.25 -14.25
C ILE DA 30 68.07 40.67 -14.30
N LYS DA 31 68.28 41.98 -14.46
CA LYS DA 31 69.63 42.56 -14.44
C LYS DA 31 69.94 43.15 -13.07
N ARG DA 32 71.23 43.16 -12.73
CA ARG DA 32 71.72 43.78 -11.49
C ARG DA 32 71.18 45.17 -11.21
N ASN DA 33 70.98 45.95 -12.27
CA ASN DA 33 70.50 47.35 -12.17
C ASN DA 33 69.41 47.52 -11.14
N TRP DA 34 69.64 48.40 -10.16
CA TRP DA 34 68.73 48.53 -9.04
C TRP DA 34 67.34 48.87 -9.51
N ARG DA 35 66.37 48.29 -8.85
CA ARG DA 35 64.99 48.64 -9.03
C ARG DA 35 64.41 48.57 -7.65
N LYS DA 36 63.59 49.53 -7.29
CA LYS DA 36 62.90 49.44 -6.01
C LYS DA 36 61.81 48.42 -6.20
N PRO DA 37 61.61 47.54 -5.20
CA PRO DA 37 60.51 46.61 -5.33
C PRO DA 37 59.21 47.29 -4.98
N ARG DA 38 58.14 46.92 -5.66
CA ARG DA 38 56.83 47.47 -5.34
C ARG DA 38 55.82 46.37 -4.98
N GLY DA 39 56.34 45.18 -4.67
CA GLY DA 39 55.50 44.03 -4.36
C GLY DA 39 54.87 44.13 -2.99
N ILE DA 40 53.66 43.60 -2.89
CA ILE DA 40 52.79 43.85 -1.73
C ILE DA 40 53.33 43.19 -0.49
N ASP DA 41 53.82 41.97 -0.66
CA ASP DA 41 54.67 41.31 0.29
C ASP DA 41 55.99 41.48 -0.44
N ASN DA 42 57.03 41.90 0.24
CA ASN DA 42 58.38 41.80 -0.32
C ASN DA 42 59.43 42.00 0.74
N ARG DA 43 59.92 40.87 1.26
CA ARG DA 43 61.07 40.80 2.16
C ARG DA 43 61.94 42.04 2.14
N VAL DA 44 62.35 42.41 0.93
CA VAL DA 44 63.25 43.53 0.71
C VAL DA 44 62.56 44.85 0.97
N ARG DA 45 61.44 45.10 0.28
CA ARG DA 45 60.83 46.44 0.25
C ARG DA 45 60.27 46.80 1.62
N ARG DA 46 60.00 45.79 2.45
CA ARG DA 46 59.64 46.04 3.84
C ARG DA 46 60.76 45.72 4.84
N ARG DA 47 61.99 45.86 4.38
CA ARG DA 47 63.15 45.98 5.24
C ARG DA 47 63.35 44.86 6.28
N PHE DA 48 63.13 43.60 5.92
CA PHE DA 48 63.41 42.52 6.86
C PHE DA 48 64.89 42.38 7.17
N LYS DA 49 65.18 41.63 8.23
CA LYS DA 49 66.52 41.29 8.66
C LYS DA 49 67.09 40.20 7.76
N GLY DA 50 68.30 40.41 7.26
CA GLY DA 50 68.99 39.44 6.40
C GLY DA 50 68.82 39.57 4.89
N GLN DA 51 68.27 40.67 4.42
CA GLN DA 51 67.93 40.83 3.00
C GLN DA 51 68.83 41.81 2.28
N ILE DA 52 68.63 41.92 0.97
CA ILE DA 52 69.39 42.88 0.17
C ILE DA 52 68.94 44.27 0.55
N LEU DA 53 69.89 45.19 0.51
CA LEU DA 53 69.67 46.52 1.04
C LEU DA 53 69.04 47.40 -0.01
N MET DA 54 68.33 48.40 0.47
CA MET DA 54 67.70 49.36 -0.39
C MET DA 54 68.51 50.63 -0.28
N PRO DA 55 68.85 51.23 -1.42
CA PRO DA 55 69.53 52.53 -1.43
C PRO DA 55 68.66 53.68 -0.92
N ASN DA 56 69.21 54.46 0.00
CA ASN DA 56 68.65 55.73 0.41
C ASN DA 56 69.61 56.86 0.18
N ILE DA 57 69.10 58.06 0.32
CA ILE DA 57 69.93 59.25 0.38
C ILE DA 57 70.82 59.25 1.63
N GLY DA 58 70.48 58.46 2.64
CA GLY DA 58 71.39 58.13 3.73
C GLY DA 58 72.81 57.74 3.35
N TYR DA 59 72.96 56.89 2.33
CA TYR DA 59 74.30 56.45 1.91
C TYR DA 59 75.14 57.53 1.22
N GLY DA 60 74.57 58.73 1.06
CA GLY DA 60 75.17 59.76 0.24
C GLY DA 60 76.59 60.14 0.58
N SER DA 61 77.31 60.54 -0.45
CA SER DA 61 78.70 60.90 -0.32
C SER DA 61 78.82 62.26 0.35
N ASN DA 62 79.95 62.47 1.00
CA ASN DA 62 80.32 63.77 1.55
C ASN DA 62 80.60 64.73 0.41
N LYS DA 63 80.06 65.93 0.52
CA LYS DA 63 80.11 66.89 -0.58
C LYS DA 63 81.52 67.33 -0.98
N LYS DA 64 82.45 67.33 -0.04
CA LYS DA 64 83.83 67.71 -0.35
C LYS DA 64 84.46 66.73 -1.34
N THR DA 65 84.22 65.44 -1.12
CA THR DA 65 84.86 64.37 -1.87
C THR DA 65 83.90 63.58 -2.79
N LYS DA 66 82.71 64.13 -3.06
CA LYS DA 66 81.80 63.54 -4.03
C LYS DA 66 82.37 63.75 -5.42
N HIS DA 67 82.37 62.68 -6.22
CA HIS DA 67 82.97 62.63 -7.56
C HIS DA 67 84.49 62.72 -7.58
N MET DA 68 85.11 62.65 -6.42
CA MET DA 68 86.54 62.72 -6.29
C MET DA 68 87.08 61.34 -6.65
N LEU DA 69 87.96 61.29 -7.64
CA LEU DA 69 88.65 60.07 -8.02
C LEU DA 69 89.61 59.69 -6.87
N PRO DA 70 90.12 58.44 -6.87
CA PRO DA 70 91.10 58.07 -5.84
C PRO DA 70 92.31 59.01 -5.80
N SER DA 71 92.81 59.35 -6.99
CA SER DA 71 93.92 60.29 -7.18
C SER DA 71 93.70 61.67 -6.56
N GLY DA 72 92.44 62.08 -6.40
CA GLY DA 72 92.07 63.33 -5.75
C GLY DA 72 91.35 64.29 -6.69
N PHE DA 73 91.48 64.04 -7.99
CA PHE DA 73 90.84 64.89 -8.99
C PHE DA 73 89.39 64.52 -9.19
N ARG DA 74 88.69 65.34 -9.96
CA ARG DA 74 87.44 64.96 -10.58
C ARG DA 74 87.78 64.83 -12.04
N LYS DA 75 87.13 63.88 -12.72
CA LYS DA 75 87.20 63.79 -14.18
C LYS DA 75 86.64 65.05 -14.85
N PHE DA 76 87.06 65.29 -16.08
CA PHE DA 76 86.30 66.13 -17.01
C PHE DA 76 86.60 65.59 -18.38
N LEU DA 77 85.56 65.11 -19.06
CA LEU DA 77 85.74 64.38 -20.29
C LEU DA 77 86.02 65.35 -21.45
N VAL DA 78 87.31 65.52 -21.73
CA VAL DA 78 87.80 66.28 -22.86
C VAL DA 78 87.51 65.52 -24.16
N HIS DA 79 87.12 66.27 -25.19
CA HIS DA 79 86.72 65.73 -26.49
C HIS DA 79 87.69 66.08 -27.64
N ASN DA 80 88.28 67.28 -27.60
CA ASN DA 80 89.40 67.66 -28.48
C ASN DA 80 90.36 68.60 -27.74
N VAL DA 81 91.36 69.17 -28.42
CA VAL DA 81 92.35 70.03 -27.74
C VAL DA 81 91.75 71.32 -27.20
N LYS DA 82 91.07 72.07 -28.05
CA LYS DA 82 90.39 73.31 -27.66
C LYS DA 82 89.60 73.17 -26.35
N GLU DA 83 88.95 72.03 -26.19
CA GLU DA 83 88.15 71.73 -25.00
C GLU DA 83 88.99 71.59 -23.72
N LEU DA 84 90.26 71.19 -23.85
CA LEU DA 84 91.20 71.13 -22.71
C LEU DA 84 91.45 72.48 -22.05
N GLU DA 85 91.75 73.48 -22.87
CA GLU DA 85 92.25 74.77 -22.38
C GLU DA 85 91.34 75.41 -21.33
N VAL DA 86 90.09 74.97 -21.26
CA VAL DA 86 89.22 75.18 -20.11
C VAL DA 86 89.92 74.92 -18.79
N LEU DA 87 90.42 73.70 -18.64
CA LEU DA 87 90.99 73.21 -17.38
C LEU DA 87 92.25 73.93 -16.93
N LEU DA 88 92.94 74.59 -17.86
CA LEU DA 88 94.09 75.46 -17.57
C LEU DA 88 94.16 76.08 -16.18
N MET DA 89 93.07 76.71 -15.75
CA MET DA 89 93.00 77.40 -14.47
C MET DA 89 92.47 76.56 -13.30
N CYS DA 90 92.13 75.30 -13.55
CA CYS DA 90 91.79 74.34 -12.50
C CYS DA 90 92.98 73.45 -12.22
N ASN DA 91 93.40 72.70 -13.24
CA ASN DA 91 94.43 71.65 -13.18
C ASN DA 91 94.75 70.98 -11.84
N LYS DA 92 94.94 71.75 -10.78
CA LYS DA 92 95.10 71.22 -9.43
C LYS DA 92 93.85 70.55 -8.81
N SER DA 93 92.68 70.73 -9.43
CA SER DA 93 91.46 70.12 -8.93
C SER DA 93 90.71 69.24 -9.92
N TYR DA 94 90.88 69.46 -11.22
CA TYR DA 94 90.26 68.63 -12.24
C TYR DA 94 91.31 68.09 -13.17
N CYS DA 95 91.08 66.88 -13.64
CA CYS DA 95 91.94 66.22 -14.61
C CYS DA 95 91.15 66.09 -15.89
N ALA DA 96 91.83 65.58 -16.92
CA ALA DA 96 91.21 65.39 -18.21
C ALA DA 96 91.14 63.91 -18.54
N GLU DA 97 89.92 63.42 -18.77
CA GLU DA 97 89.72 62.17 -19.47
C GLU DA 97 89.62 62.50 -20.94
N ILE DA 98 90.18 61.64 -21.77
CA ILE DA 98 90.01 61.75 -23.22
C ILE DA 98 88.95 60.72 -23.59
N ALA DA 99 88.16 61.01 -24.63
CA ALA DA 99 87.02 60.16 -24.99
C ALA DA 99 87.43 58.87 -25.73
N HIS DA 100 86.59 57.84 -25.63
CA HIS DA 100 86.83 56.55 -26.31
C HIS DA 100 86.89 56.79 -27.79
N ASN DA 101 85.90 57.50 -28.32
CA ASN DA 101 85.77 57.69 -29.76
C ASN DA 101 86.84 58.57 -30.47
N VAL DA 102 87.78 59.16 -29.72
CA VAL DA 102 88.81 60.06 -30.28
C VAL DA 102 89.93 59.26 -30.93
N SER DA 103 90.41 59.72 -32.09
CA SER DA 103 91.38 58.93 -32.87
C SER DA 103 92.79 58.93 -32.29
N SER DA 104 93.52 57.85 -32.54
CA SER DA 104 94.86 57.65 -31.96
C SER DA 104 95.93 58.65 -32.44
N LYS DA 105 95.64 59.43 -33.50
CA LYS DA 105 96.52 60.53 -33.90
C LYS DA 105 96.32 61.74 -32.99
N ASN DA 106 95.07 62.14 -32.79
CA ASN DA 106 94.76 63.38 -32.07
C ASN DA 106 94.53 63.15 -30.58
N ARG DA 107 94.43 61.89 -30.18
CA ARG DA 107 94.63 61.49 -28.78
C ARG DA 107 96.00 61.97 -28.36
N LYS DA 108 96.98 61.76 -29.23
CA LYS DA 108 98.37 62.16 -28.98
C LYS DA 108 98.52 63.68 -28.86
N ALA DA 109 97.90 64.38 -29.81
CA ALA DA 109 97.88 65.85 -29.83
C ALA DA 109 97.32 66.50 -28.57
N ILE DA 110 96.27 65.90 -28.01
CA ILE DA 110 95.73 66.33 -26.73
C ILE DA 110 96.77 66.10 -25.64
N VAL DA 111 97.24 64.87 -25.52
CA VAL DA 111 98.08 64.50 -24.38
C VAL DA 111 99.27 65.45 -24.19
N GLU DA 112 100.00 65.77 -25.26
CA GLU DA 112 101.19 66.65 -25.13
C GLU DA 112 100.82 68.08 -24.75
N ARG DA 113 99.67 68.55 -25.22
CA ARG DA 113 99.17 69.87 -24.87
C ARG DA 113 98.82 69.94 -23.39
N ALA DA 114 98.19 68.89 -22.86
CA ALA DA 114 97.86 68.83 -21.44
C ALA DA 114 99.11 68.80 -20.61
N ALA DA 115 100.16 68.20 -21.17
CA ALA DA 115 101.47 68.15 -20.53
C ALA DA 115 102.17 69.51 -20.46
N GLN DA 116 101.95 70.38 -21.45
CA GLN DA 116 102.39 71.77 -21.35
C GLN DA 116 101.67 72.46 -20.19
N LEU DA 117 100.35 72.40 -20.22
CA LEU DA 117 99.51 73.12 -19.25
C LEU DA 117 99.46 72.46 -17.87
N ALA DA 118 100.13 71.33 -17.70
CA ALA DA 118 100.16 70.56 -16.45
C ALA DA 118 98.80 70.04 -15.98
N ILE DA 119 97.90 69.80 -16.92
CA ILE DA 119 96.62 69.17 -16.61
C ILE DA 119 96.88 67.67 -16.65
N ARG DA 120 96.53 66.97 -15.57
CA ARG DA 120 96.72 65.51 -15.49
C ARG DA 120 95.70 64.79 -16.38
N VAL DA 121 96.17 63.80 -17.12
CA VAL DA 121 95.29 63.04 -18.00
C VAL DA 121 95.02 61.69 -17.36
N THR DA 122 93.77 61.23 -17.44
CA THR DA 122 93.34 60.00 -16.77
C THR DA 122 93.33 58.76 -17.65
N ASN DA 123 93.62 58.90 -18.95
CA ASN DA 123 93.85 57.74 -19.81
C ASN DA 123 94.86 57.99 -20.93
N PRO DA 124 96.06 58.45 -20.57
CA PRO DA 124 97.00 58.85 -21.59
C PRO DA 124 97.71 57.65 -22.22
N ASN DA 125 98.53 56.95 -21.43
CA ASN DA 125 99.19 55.74 -21.87
C ASN DA 125 98.15 54.69 -22.25
N ALA DA 126 97.71 54.72 -23.51
CA ALA DA 126 96.62 53.86 -23.95
C ALA DA 126 96.59 53.51 -25.43
N ARG DA 127 96.18 54.42 -26.31
CA ARG DA 127 95.79 54.02 -27.67
C ARG DA 127 96.97 53.52 -28.49
N LEU DA 128 98.02 54.35 -28.62
CA LEU DA 128 99.31 53.92 -29.17
C LEU DA 128 99.20 53.26 -30.56
N SER EA 1 114.25 34.92 25.08
CA SER EA 1 114.45 33.50 24.64
C SER EA 1 113.24 32.58 24.90
N GLY EA 2 112.18 33.11 25.53
CA GLY EA 2 110.91 32.42 25.65
C GLY EA 2 109.74 33.28 25.18
N ARG EA 3 108.59 33.08 25.82
CA ARG EA 3 107.32 33.64 25.39
C ARG EA 3 107.05 34.94 26.14
N LEU EA 4 106.88 36.03 25.40
CA LEU EA 4 106.56 37.34 25.98
C LEU EA 4 105.13 37.77 25.67
N TRP EA 5 104.22 36.80 25.68
CA TRP EA 5 102.81 37.11 25.50
C TRP EA 5 101.92 36.08 26.19
N CYS EA 6 100.88 36.61 26.82
CA CYS EA 6 99.95 35.80 27.56
C CYS EA 6 98.96 35.24 26.55
N LYS EA 7 98.62 33.97 26.74
CA LYS EA 7 97.76 33.24 25.83
C LYS EA 7 96.32 33.69 25.96
N ALA EA 8 95.59 33.65 24.86
CA ALA EA 8 94.17 33.89 24.90
C ALA EA 8 93.48 33.26 23.72
N ILE EA 9 92.23 32.87 23.93
CA ILE EA 9 91.42 32.24 22.91
C ILE EA 9 90.43 33.26 22.43
N PHE EA 10 90.19 33.22 21.13
CA PHE EA 10 89.18 34.02 20.51
C PHE EA 10 87.85 33.36 20.73
N ALA EA 11 87.06 33.91 21.63
CA ALA EA 11 85.78 33.31 22.00
C ALA EA 11 84.81 33.35 20.84
N GLY EA 12 84.81 34.49 20.15
CA GLY EA 12 83.85 34.80 19.11
C GLY EA 12 83.51 36.27 19.17
N TYR EA 13 82.63 36.71 18.28
CA TYR EA 13 82.35 38.13 18.21
C TYR EA 13 81.42 38.57 19.34
N LYS EA 14 81.52 39.83 19.73
CA LYS EA 14 80.47 40.49 20.48
C LYS EA 14 79.22 40.32 19.67
N ARG EA 15 78.18 39.84 20.33
CA ARG EA 15 76.95 39.49 19.65
C ARG EA 15 75.84 39.47 20.64
N GLY EA 16 74.66 39.87 20.20
CA GLY EA 16 73.43 39.45 20.85
C GLY EA 16 73.21 38.02 20.41
N LEU EA 17 72.20 37.38 20.97
CA LEU EA 17 71.83 36.04 20.54
C LEU EA 17 71.83 35.90 19.02
N ARG EA 18 71.09 36.78 18.35
CA ARG EA 18 70.77 36.64 16.92
C ARG EA 18 71.26 37.80 16.04
N ASN EA 19 72.17 38.63 16.56
CA ASN EA 19 72.86 39.66 15.76
C ASN EA 19 74.29 39.76 16.22
N GLN EA 20 75.20 39.15 15.46
CA GLN EA 20 76.60 39.20 15.81
C GLN EA 20 77.18 40.49 15.25
N ARG EA 21 77.93 41.19 16.09
CA ARG EA 21 78.50 42.49 15.77
C ARG EA 21 79.98 42.28 15.56
N GLU EA 22 80.33 42.03 14.31
CA GLU EA 22 81.60 41.40 13.94
C GLU EA 22 82.81 42.23 14.27
N HIS EA 23 82.62 43.55 14.33
CA HIS EA 23 83.69 44.51 14.62
C HIS EA 23 84.30 44.49 16.04
N THR EA 24 83.80 43.61 16.91
CA THR EA 24 84.30 43.50 18.28
C THR EA 24 84.51 42.04 18.68
N ALA EA 25 85.77 41.61 18.76
CA ALA EA 25 86.09 40.26 19.25
C ALA EA 25 85.86 40.15 20.74
N LEU EA 26 85.62 38.92 21.20
CA LEU EA 26 85.67 38.59 22.63
C LEU EA 26 86.79 37.61 22.90
N LEU EA 27 87.50 37.84 23.99
CA LEU EA 27 88.77 37.22 24.23
C LEU EA 27 88.82 36.60 25.62
N LYS EA 28 88.93 35.27 25.64
CA LYS EA 28 89.05 34.52 26.87
C LYS EA 28 90.52 34.39 27.24
N ILE EA 29 90.99 35.30 28.08
CA ILE EA 29 92.41 35.38 28.37
C ILE EA 29 92.69 34.28 29.37
N GLU EA 30 93.75 33.51 29.11
CA GLU EA 30 94.01 32.30 29.88
C GLU EA 30 94.46 32.65 31.29
N GLY EA 31 93.76 32.05 32.25
CA GLY EA 31 94.06 32.20 33.65
C GLY EA 31 93.32 33.30 34.38
N VAL EA 32 92.44 34.02 33.68
CA VAL EA 32 91.72 35.17 34.27
C VAL EA 32 90.22 34.94 34.08
N TYR EA 33 89.47 34.96 35.19
CA TYR EA 33 88.04 34.64 35.16
C TYR EA 33 87.20 35.49 36.13
N ALA EA 34 87.52 36.78 36.22
CA ALA EA 34 86.80 37.70 37.09
C ALA EA 34 86.93 39.14 36.59
N ARG EA 35 85.82 39.88 36.51
CA ARG EA 35 85.86 41.29 36.04
C ARG EA 35 86.54 42.14 37.12
N ASP EA 36 87.81 41.82 37.32
CA ASP EA 36 88.55 42.02 38.57
C ASP EA 36 90.01 41.70 38.31
N GLU EA 37 90.22 40.50 37.80
CA GLU EA 37 91.53 40.02 37.39
C GLU EA 37 91.99 40.66 36.07
N THR EA 38 91.19 41.57 35.50
CA THR EA 38 91.28 41.95 34.09
C THR EA 38 91.60 43.42 33.86
N GLU EA 39 91.94 44.16 34.91
CA GLU EA 39 92.40 45.55 34.77
C GLU EA 39 93.85 45.59 34.34
N PHE EA 40 94.56 44.47 34.52
CA PHE EA 40 95.88 44.29 33.93
C PHE EA 40 95.80 44.45 32.42
N TYR EA 41 94.86 43.73 31.81
CA TYR EA 41 94.87 43.55 30.38
C TYR EA 41 94.22 44.66 29.58
N LEU EA 42 93.59 45.62 30.24
CA LEU EA 42 92.96 46.72 29.50
C LEU EA 42 93.96 47.61 28.78
N GLY EA 43 93.81 47.65 27.45
CA GLY EA 43 94.61 48.49 26.58
C GLY EA 43 95.91 47.84 26.15
N LYS EA 44 95.96 46.52 26.14
CA LYS EA 44 97.15 45.81 25.72
C LYS EA 44 97.04 45.45 24.24
N ARG EA 45 98.19 45.34 23.59
CA ARG EA 45 98.25 45.10 22.14
C ARG EA 45 98.01 43.62 22.01
N CYS EA 46 97.32 43.22 20.94
CA CYS EA 46 97.05 41.79 20.74
C CYS EA 46 97.03 41.39 19.28
N ALA EA 47 97.52 40.19 19.02
CA ALA EA 47 97.81 39.73 17.67
C ALA EA 47 97.10 38.42 17.37
N TYR EA 48 96.29 38.45 16.32
CA TYR EA 48 95.87 37.24 15.63
C TYR EA 48 96.98 36.95 14.64
N VAL EA 49 97.68 35.83 14.83
CA VAL EA 49 98.91 35.56 14.11
C VAL EA 49 98.81 34.25 13.37
N TYR EA 50 98.88 34.34 12.05
CA TYR EA 50 98.46 33.27 11.18
C TYR EA 50 99.30 33.28 9.95
N LYS EA 51 99.43 32.14 9.29
CA LYS EA 51 100.26 32.06 8.10
C LYS EA 51 99.48 31.62 6.89
N ALA EA 52 99.99 32.03 5.73
CA ALA EA 52 99.26 31.93 4.48
C ALA EA 52 100.18 31.64 3.32
N LYS EA 53 99.59 31.10 2.26
CA LYS EA 53 100.32 30.60 1.12
C LYS EA 53 101.42 31.53 0.63
N ASN EA 54 101.04 32.70 0.12
CA ASN EA 54 102.01 33.61 -0.48
C ASN EA 54 102.86 34.26 0.57
N ASN EA 55 104.06 34.66 0.16
CA ASN EA 55 105.00 35.31 1.05
C ASN EA 55 104.64 36.77 1.28
N THR EA 56 105.17 37.31 2.37
CA THR EA 56 104.89 38.68 2.77
C THR EA 56 106.21 39.36 3.06
N VAL EA 57 106.16 40.60 3.53
CA VAL EA 57 107.35 41.23 4.10
C VAL EA 57 107.38 40.87 5.59
N THR EA 58 108.33 41.45 6.31
CA THR EA 58 108.41 41.29 7.75
C THR EA 58 109.30 42.38 8.35
N PRO EA 59 108.75 43.21 9.25
CA PRO EA 59 109.55 44.22 9.93
C PRO EA 59 110.82 43.66 10.55
N GLY EA 60 111.96 44.22 10.15
CA GLY EA 60 113.26 43.76 10.63
C GLY EA 60 113.46 42.27 10.39
N GLY EA 61 113.18 41.83 9.17
CA GLY EA 61 113.27 40.42 8.83
C GLY EA 61 113.09 40.16 7.35
N LYS EA 62 113.53 38.98 6.92
CA LYS EA 62 113.31 38.57 5.54
C LYS EA 62 111.85 38.15 5.36
N PRO EA 63 111.33 38.21 4.12
CA PRO EA 63 110.00 37.75 3.73
C PRO EA 63 109.55 36.39 4.26
N ASN EA 64 108.33 36.37 4.81
CA ASN EA 64 107.78 35.25 5.56
C ASN EA 64 106.43 34.82 5.02
N LYS EA 65 105.91 33.72 5.54
CA LYS EA 65 104.54 33.27 5.26
C LYS EA 65 103.54 33.64 6.38
N THR EA 66 104.03 34.03 7.55
CA THR EA 66 103.16 34.48 8.64
C THR EA 66 102.71 35.94 8.47
N ARG EA 67 101.46 36.18 8.89
CA ARG EA 67 100.79 37.47 8.81
C ARG EA 67 100.10 37.73 10.13
N VAL EA 68 99.89 39.00 10.49
CA VAL EA 68 99.04 39.26 11.66
C VAL EA 68 98.08 40.42 11.50
N ILE EA 69 97.03 40.34 12.31
CA ILE EA 69 96.01 41.34 12.42
C ILE EA 69 96.16 41.87 13.82
N TRP EA 70 96.52 43.13 13.95
CA TRP EA 70 96.74 43.73 15.25
C TRP EA 70 95.45 44.26 15.82
N GLY EA 71 95.38 44.25 17.15
CA GLY EA 71 94.25 44.80 17.86
C GLY EA 71 94.61 45.18 19.27
N LYS EA 72 93.57 45.44 20.05
CA LYS EA 72 93.71 46.09 21.33
C LYS EA 72 92.54 45.68 22.23
N VAL EA 73 92.87 45.12 23.39
CA VAL EA 73 91.87 44.81 24.41
C VAL EA 73 91.34 46.12 24.96
N THR EA 74 90.03 46.31 24.88
CA THR EA 74 89.40 47.59 25.22
C THR EA 74 88.84 47.57 26.63
N ARG EA 75 88.00 46.58 26.91
CA ARG EA 75 87.28 46.53 28.18
C ARG EA 75 86.85 45.14 28.56
N ALA EA 76 86.46 45.00 29.81
CA ALA EA 76 86.15 43.70 30.36
C ALA EA 76 84.71 43.34 30.04
N HIS EA 77 84.51 42.10 29.61
CA HIS EA 77 83.23 41.63 29.12
C HIS EA 77 82.63 40.60 30.05
N GLY EA 78 81.74 41.04 30.91
CA GLY EA 78 80.93 40.15 31.74
C GLY EA 78 81.66 39.32 32.80
N ASN EA 79 81.55 39.76 34.05
CA ASN EA 79 81.85 38.98 35.25
C ASN EA 79 82.98 37.96 35.23
N SER EA 80 82.84 36.92 34.41
CA SER EA 80 83.78 35.81 34.39
C SER EA 80 85.04 36.06 33.54
N GLY EA 81 85.54 37.29 33.54
CA GLY EA 81 86.89 37.57 33.02
C GLY EA 81 87.12 37.30 31.55
N MET EA 82 86.07 37.37 30.76
CA MET EA 82 86.20 37.49 29.32
C MET EA 82 86.58 38.95 29.11
N VAL EA 83 87.12 39.26 27.94
CA VAL EA 83 87.54 40.63 27.65
C VAL EA 83 87.15 40.97 26.22
N ARG EA 84 86.78 42.22 25.98
CA ARG EA 84 86.52 42.70 24.61
C ARG EA 84 87.81 43.16 23.98
N ALA EA 85 87.94 42.85 22.71
CA ALA EA 85 89.01 43.37 21.88
C ALA EA 85 88.43 44.10 20.70
N LYS EA 86 89.28 44.81 19.98
CA LYS EA 86 88.90 45.44 18.74
C LYS EA 86 90.15 45.48 17.87
N PHE EA 87 90.02 44.98 16.65
CA PHE EA 87 91.16 44.72 15.80
C PHE EA 87 91.17 45.61 14.57
N ARG EA 88 92.37 45.90 14.07
CA ARG EA 88 92.54 46.86 12.99
C ARG EA 88 91.82 46.45 11.71
N SER EA 89 91.60 45.15 11.56
CA SER EA 89 90.54 44.59 10.73
C SER EA 89 89.74 43.66 11.63
N ASN EA 90 88.53 43.29 11.24
CA ASN EA 90 87.75 42.29 12.00
C ASN EA 90 88.40 40.92 11.88
N LEU EA 91 88.25 40.10 12.90
CA LEU EA 91 88.86 38.77 12.86
C LEU EA 91 88.05 37.84 11.92
N PRO EA 92 88.73 36.88 11.27
CA PRO EA 92 88.21 36.03 10.20
C PRO EA 92 87.01 35.10 10.41
N ALA EA 93 86.80 34.63 11.63
CA ALA EA 93 85.81 33.54 11.96
C ALA EA 93 86.41 32.15 11.77
N LYS EA 94 87.17 31.97 10.70
CA LYS EA 94 88.18 30.91 10.64
C LYS EA 94 88.92 30.84 11.98
N ALA EA 95 89.17 32.02 12.55
CA ALA EA 95 89.88 32.20 13.81
C ALA EA 95 89.23 31.66 15.08
N ILE EA 96 87.94 31.32 15.05
CA ILE EA 96 87.24 30.97 16.28
C ILE EA 96 87.89 29.77 16.96
N GLY EA 97 88.06 29.87 18.28
CA GLY EA 97 88.65 28.81 19.07
C GLY EA 97 90.14 28.62 18.82
N HIS EA 98 90.82 29.67 18.34
CA HIS EA 98 92.27 29.64 18.13
C HIS EA 98 92.96 30.66 18.99
N ARG EA 99 94.29 30.55 19.02
CA ARG EA 99 95.15 31.46 19.77
C ARG EA 99 95.08 32.88 19.23
N ILE EA 100 94.99 33.86 20.13
CA ILE EA 100 95.49 35.21 19.83
C ILE EA 100 96.33 35.65 21.04
N ARG EA 101 97.42 36.35 20.73
CA ARG EA 101 98.45 36.63 21.70
C ARG EA 101 98.12 37.97 22.29
N VAL EA 102 97.97 38.04 23.61
CA VAL EA 102 97.80 39.33 24.28
C VAL EA 102 99.18 39.67 24.83
N MET EA 103 99.72 40.80 24.36
CA MET EA 103 101.10 41.16 24.63
C MET EA 103 101.13 41.77 26.05
N LEU EA 104 102.28 42.28 26.45
CA LEU EA 104 102.37 43.04 27.70
C LEU EA 104 102.54 44.53 27.46
N TYR EA 105 102.70 44.94 26.20
CA TYR EA 105 103.57 46.07 25.92
C TYR EA 105 103.01 47.46 25.66
N PRO EA 106 101.77 47.71 26.05
CA PRO EA 106 101.41 49.10 26.36
C PRO EA 106 101.36 49.32 27.88
N SER EA 107 102.37 48.80 28.57
CA SER EA 107 102.32 48.57 30.01
C SER EA 107 102.08 49.81 30.84
N ARG EA 108 101.39 49.62 31.95
CA ARG EA 108 101.15 50.64 32.96
C ARG EA 108 101.74 50.19 34.30
N ILE EA 109 102.70 49.27 34.23
CA ILE EA 109 103.18 48.51 35.38
C ILE EA 109 104.57 49.02 35.77
N VAL FA 1 42.33 -23.71 -62.22
CA VAL FA 1 41.31 -23.31 -63.24
C VAL FA 1 41.50 -21.88 -63.71
N GLN FA 2 41.35 -21.69 -65.01
CA GLN FA 2 41.40 -20.36 -65.62
C GLN FA 2 40.21 -19.54 -65.16
N ARG FA 3 40.45 -18.62 -64.24
CA ARG FA 3 39.48 -17.56 -63.94
C ARG FA 3 39.63 -16.51 -65.01
N LEU FA 4 38.71 -15.54 -65.04
CA LEU FA 4 38.71 -14.54 -66.11
C LEU FA 4 38.12 -13.21 -65.69
N THR FA 5 38.32 -12.22 -66.55
CA THR FA 5 37.91 -10.85 -66.29
C THR FA 5 36.97 -10.40 -67.37
N TYR FA 6 36.16 -9.39 -67.04
CA TYR FA 6 35.41 -8.66 -68.04
C TYR FA 6 36.37 -7.95 -69.00
N ARG FA 7 35.88 -7.74 -70.21
CA ARG FA 7 36.67 -7.20 -71.30
C ARG FA 7 36.44 -5.71 -71.54
N ARG FA 8 35.49 -5.14 -70.82
CA ARG FA 8 35.10 -3.76 -70.97
C ARG FA 8 35.20 -3.10 -69.60
N ARG FA 9 35.23 -1.77 -69.58
CA ARG FA 9 35.29 -1.03 -68.30
C ARG FA 9 34.01 -1.08 -67.45
N LEU FA 10 32.97 -1.79 -67.92
CA LEU FA 10 31.77 -1.96 -67.10
C LEU FA 10 32.01 -3.13 -66.17
N SER FA 11 32.14 -2.81 -64.90
CA SER FA 11 32.48 -3.76 -63.87
C SER FA 11 31.26 -4.52 -63.40
N TYR FA 12 30.15 -3.82 -63.32
CA TYR FA 12 28.92 -4.32 -62.69
C TYR FA 12 28.19 -5.29 -63.60
N ASN FA 13 27.62 -6.33 -63.00
CA ASN FA 13 26.86 -7.34 -63.74
C ASN FA 13 25.42 -6.86 -63.94
N THR FA 14 25.09 -6.48 -65.15
CA THR FA 14 23.89 -5.70 -65.43
C THR FA 14 23.19 -6.31 -66.62
N ALA FA 15 22.07 -5.71 -67.02
CA ALA FA 15 21.39 -6.09 -68.28
C ALA FA 15 22.29 -5.87 -69.49
N SER FA 16 23.07 -4.80 -69.42
CA SER FA 16 23.99 -4.45 -70.49
C SER FA 16 25.23 -5.33 -70.54
N ASN FA 17 25.70 -5.86 -69.41
CA ASN FA 17 27.03 -6.49 -69.31
C ASN FA 17 27.01 -8.02 -69.29
N LYS FA 18 26.08 -8.62 -70.01
CA LYS FA 18 25.92 -10.07 -70.00
C LYS FA 18 26.86 -10.76 -70.97
N THR FA 19 27.28 -11.96 -70.61
CA THR FA 19 28.45 -12.59 -71.19
C THR FA 19 28.16 -14.02 -71.60
N ARG FA 20 29.19 -14.66 -72.14
CA ARG FA 20 29.27 -16.11 -72.16
C ARG FA 20 30.72 -16.57 -72.31
N LEU FA 21 31.00 -17.80 -71.88
CA LEU FA 21 32.32 -18.36 -71.99
C LEU FA 21 32.52 -18.92 -73.38
N SER FA 22 33.71 -18.72 -73.93
CA SER FA 22 34.09 -19.31 -75.23
C SER FA 22 35.55 -19.72 -75.25
N ARG FA 23 35.83 -20.90 -75.79
CA ARG FA 23 37.20 -21.33 -76.01
C ARG FA 23 37.62 -20.84 -77.37
N THR FA 24 38.76 -20.16 -77.42
CA THR FA 24 39.27 -19.63 -78.67
C THR FA 24 40.14 -20.69 -79.34
N PRO FA 25 40.60 -20.42 -80.56
CA PRO FA 25 41.68 -21.20 -81.15
C PRO FA 25 43.01 -21.10 -80.42
N GLY FA 26 43.24 -20.00 -79.71
CA GLY FA 26 44.40 -19.90 -78.85
C GLY FA 26 44.36 -20.77 -77.61
N ASN FA 27 43.22 -21.41 -77.34
CA ASN FA 27 43.07 -22.31 -76.21
C ASN FA 27 43.15 -21.50 -74.92
N ARG FA 28 42.29 -20.48 -74.84
CA ARG FA 28 42.07 -19.75 -73.60
C ARG FA 28 40.60 -19.39 -73.52
N ILE FA 29 39.98 -19.69 -72.38
CA ILE FA 29 38.60 -19.34 -72.17
C ILE FA 29 38.54 -17.83 -72.05
N VAL FA 30 37.63 -17.23 -72.80
CA VAL FA 30 37.50 -15.81 -72.91
C VAL FA 30 36.03 -15.46 -72.84
N TYR FA 31 35.72 -14.33 -72.23
CA TYR FA 31 34.37 -13.84 -72.25
C TYR FA 31 34.06 -13.24 -73.62
N LEU FA 32 32.91 -13.62 -74.15
CA LEU FA 32 32.27 -12.89 -75.23
C LEU FA 32 31.04 -12.26 -74.66
N TYR FA 33 30.81 -10.99 -74.98
CA TYR FA 33 29.59 -10.32 -74.57
C TYR FA 33 28.43 -10.66 -75.48
N THR FA 34 27.28 -10.89 -74.86
CA THR FA 34 26.12 -11.46 -75.54
C THR FA 34 25.04 -10.43 -75.85
N LYS FA 35 24.34 -10.68 -76.96
CA LYS FA 35 23.28 -9.80 -77.46
C LYS FA 35 21.98 -10.16 -76.74
N LYS FA 36 21.17 -9.14 -76.41
CA LYS FA 36 19.90 -9.35 -75.69
C LYS FA 36 18.93 -10.21 -76.49
N VAL FA 37 18.02 -10.88 -75.78
CA VAL FA 37 17.09 -11.81 -76.39
C VAL FA 37 15.88 -11.07 -76.96
N GLY FA 38 15.71 -11.16 -78.27
CA GLY FA 38 14.59 -10.54 -78.96
C GLY FA 38 13.32 -11.33 -78.77
N LYS FA 39 12.20 -10.62 -78.86
CA LYS FA 39 10.88 -11.21 -78.71
C LYS FA 39 10.12 -11.13 -80.03
N ALA FA 40 9.32 -12.17 -80.29
CA ALA FA 40 8.38 -12.14 -81.40
C ALA FA 40 7.29 -11.15 -81.02
N PRO FA 41 6.65 -10.53 -82.03
CA PRO FA 41 5.62 -9.57 -81.71
C PRO FA 41 4.37 -10.27 -81.21
N LYS FA 42 3.68 -9.66 -80.25
CA LYS FA 42 2.40 -10.18 -79.76
C LYS FA 42 1.29 -9.66 -80.68
N SER FA 43 0.12 -10.28 -80.62
CA SER FA 43 -0.99 -9.96 -81.54
C SER FA 43 -1.67 -8.61 -81.32
N ALA FA 44 -2.18 -8.06 -82.41
CA ALA FA 44 -2.98 -6.83 -82.38
C ALA FA 44 -4.36 -7.04 -81.76
N CYS FA 45 -4.82 -8.29 -81.74
CA CYS FA 45 -6.06 -8.63 -81.02
C CYS FA 45 -5.98 -8.23 -79.54
N GLY FA 46 -4.91 -8.67 -78.88
CA GLY FA 46 -4.66 -8.34 -77.47
C GLY FA 46 -5.24 -9.29 -76.43
N VAL FA 47 -5.97 -10.31 -76.87
CA VAL FA 47 -6.45 -11.36 -75.97
C VAL FA 47 -5.54 -12.60 -76.06
N CYS FA 48 -5.16 -13.00 -77.28
CA CYS FA 48 -4.29 -14.16 -77.47
C CYS FA 48 -2.93 -13.88 -76.83
N PRO FA 49 -2.60 -14.59 -75.74
CA PRO FA 49 -1.37 -14.31 -75.02
C PRO FA 49 -0.11 -14.75 -75.77
N GLY FA 50 -0.25 -15.78 -76.62
CA GLY FA 50 0.87 -16.33 -77.38
C GLY FA 50 1.38 -15.40 -78.46
N ARG FA 51 2.71 -15.36 -78.62
CA ARG FA 51 3.35 -14.48 -79.59
C ARG FA 51 3.25 -15.08 -80.99
N LEU FA 52 3.52 -14.24 -81.98
CA LEU FA 52 3.27 -14.59 -83.39
C LEU FA 52 4.28 -15.56 -84.01
N ARG FA 53 3.78 -16.38 -84.94
CA ARG FA 53 4.60 -17.32 -85.70
C ARG FA 53 5.21 -16.68 -86.92
N GLY FA 54 6.22 -17.35 -87.48
CA GLY FA 54 6.84 -16.96 -88.74
C GLY FA 54 7.46 -15.59 -88.77
N VAL FA 55 7.92 -15.12 -87.61
CA VAL FA 55 8.61 -13.84 -87.49
C VAL FA 55 9.90 -14.06 -86.69
N ARG FA 56 11.00 -13.50 -87.18
CA ARG FA 56 12.28 -13.61 -86.48
C ARG FA 56 12.27 -12.72 -85.25
N ALA FA 57 12.07 -13.35 -84.10
CA ALA FA 57 12.15 -12.67 -82.81
C ALA FA 57 13.58 -12.19 -82.58
N VAL FA 58 13.77 -10.89 -82.79
CA VAL FA 58 15.08 -10.26 -82.75
C VAL FA 58 14.93 -8.83 -82.25
N ARG FA 59 16.01 -8.28 -81.70
CA ARG FA 59 15.99 -6.95 -81.08
C ARG FA 59 15.58 -5.88 -82.11
N PRO FA 60 14.58 -5.03 -81.77
CA PRO FA 60 13.79 -4.34 -82.81
C PRO FA 60 14.58 -3.50 -83.80
N LYS FA 61 15.71 -2.95 -83.36
CA LYS FA 61 16.54 -2.12 -84.22
C LYS FA 61 17.28 -2.95 -85.28
N VAL FA 62 17.33 -4.26 -85.11
CA VAL FA 62 17.74 -5.18 -86.17
C VAL FA 62 16.77 -5.20 -87.34
N LEU FA 63 15.46 -5.29 -87.07
CA LEU FA 63 14.46 -5.45 -88.14
C LEU FA 63 14.79 -4.69 -89.42
N MET FA 64 15.20 -3.43 -89.25
CA MET FA 64 15.96 -2.67 -90.24
C MET FA 64 16.72 -3.55 -91.26
N ARG FA 65 17.65 -4.37 -90.77
CA ARG FA 65 18.50 -5.24 -91.61
C ARG FA 65 17.67 -6.27 -92.33
N LEU FA 66 16.85 -6.98 -91.57
CA LEU FA 66 16.08 -8.13 -92.08
C LEU FA 66 15.27 -7.91 -93.35
N SER FA 67 15.12 -8.99 -94.11
CA SER FA 67 14.23 -9.00 -95.26
C SER FA 67 12.77 -9.00 -94.84
N LYS FA 68 11.93 -8.50 -95.73
CA LYS FA 68 10.50 -8.36 -95.50
C LYS FA 68 9.86 -9.68 -95.09
N THR FA 69 10.26 -10.75 -95.75
CA THR FA 69 9.66 -12.06 -95.52
C THR FA 69 9.86 -12.57 -94.09
N LYS FA 70 11.05 -12.34 -93.53
CA LYS FA 70 11.31 -12.66 -92.11
C LYS FA 70 10.38 -11.90 -91.17
N LYS FA 71 10.18 -10.64 -91.46
CA LYS FA 71 9.43 -9.75 -90.60
C LYS FA 71 7.91 -9.93 -90.58
N HIS FA 72 7.35 -10.76 -91.47
CA HIS FA 72 5.88 -10.88 -91.54
C HIS FA 72 5.40 -12.27 -91.98
N VAL FA 73 4.17 -12.36 -92.46
CA VAL FA 73 3.66 -13.60 -93.03
C VAL FA 73 2.62 -13.28 -94.08
N SER FA 74 2.53 -14.14 -95.09
CA SER FA 74 1.60 -13.97 -96.20
C SER FA 74 0.17 -14.27 -95.78
N ARG FA 75 -0.49 -13.22 -95.29
CA ARG FA 75 -1.90 -13.23 -94.98
C ARG FA 75 -2.38 -11.80 -94.84
N ALA FA 76 -3.68 -11.59 -94.84
CA ALA FA 76 -4.21 -10.28 -94.45
C ALA FA 76 -3.97 -10.15 -92.96
N TYR FA 77 -3.50 -8.99 -92.52
CA TYR FA 77 -3.02 -8.80 -91.15
C TYR FA 77 -1.81 -9.68 -90.80
N GLY FA 78 -0.86 -9.74 -91.73
CA GLY FA 78 0.28 -10.66 -91.65
C GLY FA 78 1.43 -10.21 -90.77
N GLY FA 79 1.65 -10.94 -89.67
CA GLY FA 79 2.72 -10.60 -88.73
C GLY FA 79 2.36 -9.44 -87.84
N SER FA 80 1.11 -8.98 -87.92
CA SER FA 80 0.55 -8.02 -86.98
C SER FA 80 -0.42 -8.72 -86.04
N MET FA 81 -1.12 -9.75 -86.53
CA MET FA 81 -2.25 -10.34 -85.85
C MET FA 81 -2.29 -11.85 -86.09
N CYS FA 82 -2.62 -12.61 -85.06
CA CYS FA 82 -2.70 -14.08 -85.19
C CYS FA 82 -3.85 -14.47 -86.09
N ALA FA 83 -3.69 -15.60 -86.78
CA ALA FA 83 -4.70 -16.11 -87.69
C ALA FA 83 -6.07 -16.22 -87.03
N LYS FA 84 -6.19 -17.01 -85.95
CA LYS FA 84 -7.47 -17.18 -85.26
C LYS FA 84 -8.28 -15.88 -85.18
N CYS FA 85 -7.62 -14.81 -84.75
CA CYS FA 85 -8.30 -13.51 -84.59
C CYS FA 85 -8.65 -12.83 -85.91
N VAL FA 86 -7.95 -13.18 -86.99
CA VAL FA 86 -8.34 -12.78 -88.33
C VAL FA 86 -9.59 -13.52 -88.81
N ARG FA 87 -9.58 -14.85 -88.74
CA ARG FA 87 -10.74 -15.62 -89.23
C ARG FA 87 -11.97 -15.50 -88.35
N ASP FA 88 -11.82 -14.98 -87.13
CA ASP FA 88 -12.95 -14.56 -86.34
C ASP FA 88 -13.37 -13.13 -86.70
N ARG FA 89 -12.41 -12.21 -86.81
CA ARG FA 89 -12.69 -10.87 -87.38
C ARG FA 89 -13.43 -10.96 -88.70
N ILE FA 90 -12.93 -11.80 -89.61
CA ILE FA 90 -13.56 -11.97 -90.92
C ILE FA 90 -15.02 -12.33 -90.78
N LYS FA 91 -15.29 -13.49 -90.17
CA LYS FA 91 -16.66 -13.96 -90.14
C LYS FA 91 -17.54 -13.08 -89.25
N ARG FA 92 -16.98 -12.56 -88.15
CA ARG FA 92 -17.67 -11.53 -87.37
C ARG FA 92 -18.09 -10.37 -88.30
N ALA FA 93 -17.11 -9.70 -88.90
CA ALA FA 93 -17.37 -8.54 -89.77
C ALA FA 93 -18.36 -8.83 -90.88
N PHE FA 94 -18.37 -10.06 -91.36
CA PHE FA 94 -19.38 -10.51 -92.33
C PHE FA 94 -20.76 -10.68 -91.69
N LEU FA 95 -20.83 -11.49 -90.64
CA LEU FA 95 -22.11 -11.82 -90.00
C LEU FA 95 -22.82 -10.59 -89.45
N ILE FA 96 -22.04 -9.67 -88.90
CA ILE FA 96 -22.54 -8.37 -88.43
C ILE FA 96 -23.23 -7.63 -89.58
N GLU FA 97 -22.51 -7.48 -90.68
CA GLU FA 97 -23.05 -6.80 -91.87
C GLU FA 97 -24.28 -7.47 -92.47
N GLU FA 98 -24.42 -8.79 -92.33
CA GLU FA 98 -25.63 -9.49 -92.76
C GLU FA 98 -26.84 -9.14 -91.90
N GLN FA 99 -26.62 -8.98 -90.59
CA GLN FA 99 -27.69 -8.58 -89.66
C GLN FA 99 -28.08 -7.12 -89.83
N LYS FA 100 -27.10 -6.24 -90.01
CA LYS FA 100 -27.35 -4.84 -90.36
C LYS FA 100 -28.25 -4.71 -91.59
N ILE FA 101 -28.02 -5.59 -92.56
CA ILE FA 101 -28.86 -5.68 -93.76
C ILE FA 101 -30.26 -6.19 -93.40
N VAL FA 102 -30.35 -7.21 -92.54
CA VAL FA 102 -31.64 -7.72 -92.07
C VAL FA 102 -32.46 -6.68 -91.31
N VAL FA 103 -31.82 -5.90 -90.45
CA VAL FA 103 -32.49 -4.79 -89.75
C VAL FA 103 -32.92 -3.69 -90.73
N LYS FA 104 -32.08 -3.42 -91.74
CA LYS FA 104 -32.43 -2.47 -92.81
C LYS FA 104 -33.70 -2.94 -93.54
N VAL FA 105 -33.78 -4.24 -93.82
CA VAL FA 105 -34.95 -4.85 -94.47
C VAL FA 105 -36.20 -4.76 -93.59
N LEU FA 106 -36.06 -5.07 -92.31
CA LEU FA 106 -37.17 -4.94 -91.36
C LEU FA 106 -37.61 -3.48 -91.14
N LYS FA 107 -36.67 -2.54 -91.27
CA LYS FA 107 -37.00 -1.12 -91.20
C LYS FA 107 -37.80 -0.71 -92.44
N ALA FA 108 -37.32 -1.09 -93.62
CA ALA FA 108 -37.98 -0.76 -94.90
C ALA FA 108 -39.39 -1.35 -95.04
N GLN FA 109 -39.58 -2.57 -94.52
CA GLN FA 109 -40.92 -3.19 -94.47
C GLN FA 109 -41.86 -2.43 -93.54
N ALA FA 110 -41.34 -1.97 -92.40
CA ALA FA 110 -42.12 -1.18 -91.44
C ALA FA 110 -42.52 0.20 -91.99
N GLN FA 111 -41.66 0.80 -92.83
CA GLN FA 111 -42.00 2.07 -93.50
C GLN FA 111 -43.11 1.85 -94.52
N SER FA 112 -42.99 0.79 -95.32
CA SER FA 112 -44.00 0.42 -96.32
C SER FA 112 -45.34 0.02 -95.70
N GLN FA 113 -45.28 -0.60 -94.51
CA GLN FA 113 -46.48 -0.96 -93.76
C GLN FA 113 -47.20 0.29 -93.24
N LYS FA 114 -46.44 1.20 -92.65
CA LYS FA 114 -46.99 2.43 -92.07
C LYS FA 114 -47.11 3.50 -93.17
N ALA GA 1 70.54 38.19 -95.99
CA ALA GA 1 69.72 37.34 -95.07
C ALA GA 1 68.49 38.08 -94.51
N LYS GA 2 68.68 39.34 -94.12
CA LYS GA 2 67.64 40.09 -93.39
C LYS GA 2 66.43 40.48 -94.26
N ILE GA 3 65.24 40.12 -93.77
CA ILE GA 3 63.97 40.58 -94.34
C ILE GA 3 63.52 41.81 -93.54
N LYS GA 4 63.41 42.93 -94.24
CA LYS GA 4 63.03 44.20 -93.65
C LYS GA 4 61.61 44.52 -94.05
N ALA GA 5 60.96 45.42 -93.31
CA ALA GA 5 59.67 45.95 -93.72
C ALA GA 5 59.87 46.85 -94.92
N ARG GA 6 60.79 47.81 -94.77
CA ARG GA 6 61.31 48.64 -95.86
C ARG GA 6 60.86 48.23 -97.27
N ASP GA 7 61.40 47.11 -97.73
CA ASP GA 7 61.26 46.68 -99.12
C ASP GA 7 59.90 46.06 -99.42
N LEU GA 8 59.40 45.25 -98.49
CA LEU GA 8 58.16 44.51 -98.67
C LEU GA 8 56.97 45.40 -99.01
N ARG GA 9 56.94 46.60 -98.45
CA ARG GA 9 55.88 47.57 -98.71
C ARG GA 9 55.45 47.69 -100.17
N GLY GA 10 56.44 47.85 -101.05
CA GLY GA 10 56.19 48.01 -102.48
C GLY GA 10 55.80 46.75 -103.22
N LYS GA 11 56.23 45.59 -102.72
CA LYS GA 11 56.10 44.32 -103.45
C LYS GA 11 54.65 43.91 -103.74
N LYS GA 12 54.51 43.09 -104.77
CA LYS GA 12 53.22 42.62 -105.25
C LYS GA 12 52.66 41.58 -104.28
N LYS GA 13 51.35 41.41 -104.31
CA LYS GA 13 50.65 40.58 -103.32
C LYS GA 13 51.05 39.11 -103.43
N GLU GA 14 51.01 38.56 -104.64
CA GLU GA 14 51.46 37.18 -104.88
C GLU GA 14 52.92 36.96 -104.48
N GLU GA 15 53.76 37.97 -104.67
CA GLU GA 15 55.18 37.91 -104.32
C GLU GA 15 55.37 37.82 -102.81
N LEU GA 16 54.56 38.56 -102.06
CA LEU GA 16 54.59 38.50 -100.59
C LEU GA 16 54.21 37.14 -100.04
N LEU GA 17 53.25 36.48 -100.67
CA LEU GA 17 52.80 35.17 -100.23
C LEU GA 17 53.87 34.10 -100.41
N LYS GA 18 54.45 34.05 -101.59
CA LYS GA 18 55.55 33.11 -101.86
C LYS GA 18 56.65 33.23 -100.82
N GLN GA 19 56.99 34.48 -100.47
CA GLN GA 19 58.00 34.73 -99.46
C GLN GA 19 57.62 34.17 -98.10
N LEU GA 20 56.37 34.37 -97.70
CA LEU GA 20 55.86 33.83 -96.43
C LEU GA 20 55.94 32.31 -96.43
N ASP GA 21 55.42 31.70 -97.48
CA ASP GA 21 55.50 30.24 -97.68
C ASP GA 21 56.93 29.74 -97.54
N ASP GA 22 57.86 30.41 -98.20
CA ASP GA 22 59.25 29.98 -98.21
C ASP GA 22 59.88 30.09 -96.82
N LEU GA 23 59.45 31.08 -96.03
CA LEU GA 23 59.83 31.15 -94.62
C LEU GA 23 59.15 30.07 -93.78
N LYS GA 24 57.87 29.83 -94.05
CA LYS GA 24 57.14 28.78 -93.32
C LYS GA 24 57.78 27.40 -93.52
N VAL GA 25 58.27 27.16 -94.74
CA VAL GA 25 59.07 25.97 -95.06
C VAL GA 25 60.36 25.94 -94.25
N GLU GA 26 61.11 27.04 -94.28
CA GLU GA 26 62.37 27.17 -93.56
C GLU GA 26 62.19 27.01 -92.06
N LEU GA 27 61.08 27.49 -91.52
CA LEU GA 27 60.76 27.31 -90.10
C LEU GA 27 60.55 25.83 -89.76
N SER GA 28 59.84 25.13 -90.65
CA SER GA 28 59.56 23.72 -90.46
C SER GA 28 60.85 22.94 -90.25
N GLN GA 29 61.78 23.08 -91.20
CA GLN GA 29 63.05 22.34 -91.16
C GLN GA 29 63.89 22.58 -89.92
N LEU GA 30 63.81 23.78 -89.36
CA LEU GA 30 64.56 24.11 -88.15
C LEU GA 30 63.89 23.44 -86.96
N ARG GA 31 62.56 23.44 -86.96
CA ARG GA 31 61.80 22.77 -85.92
C ARG GA 31 62.10 21.28 -85.95
N VAL GA 32 62.18 20.71 -87.15
CA VAL GA 32 62.61 19.32 -87.33
C VAL GA 32 64.01 19.14 -86.76
N ALA GA 33 64.91 20.05 -87.13
CA ALA GA 33 66.31 20.00 -86.67
C ALA GA 33 66.46 20.22 -85.17
N LYS GA 34 65.57 20.97 -84.54
CA LYS GA 34 65.63 21.13 -83.07
C LYS GA 34 65.39 19.80 -82.35
N VAL GA 35 64.54 18.96 -82.94
CA VAL GA 35 64.24 17.65 -82.37
C VAL GA 35 65.46 16.74 -82.46
N THR GA 36 66.07 16.72 -83.65
CA THR GA 36 67.21 15.84 -83.95
C THR GA 36 68.57 16.49 -83.64
N GLY GA 37 68.67 17.21 -82.52
CA GLY GA 37 69.86 17.98 -82.19
C GLY GA 37 70.03 19.19 -83.08
N GLY GA 38 70.38 18.93 -84.35
CA GLY GA 38 70.58 19.97 -85.34
C GLY GA 38 71.91 20.64 -85.08
N ALA GA 39 71.86 21.85 -84.53
CA ALA GA 39 73.04 22.62 -84.17
C ALA GA 39 72.60 24.01 -83.71
N ALA GA 40 73.29 24.55 -82.71
CA ALA GA 40 73.03 25.92 -82.24
C ALA GA 40 72.91 26.91 -83.40
N SER GA 41 73.78 26.74 -84.40
CA SER GA 41 73.76 27.52 -85.63
C SER GA 41 72.40 27.48 -86.35
N LYS GA 42 71.75 26.33 -86.36
CA LYS GA 42 70.38 26.22 -86.85
C LYS GA 42 69.39 26.81 -85.86
N LEU GA 43 69.54 26.50 -84.58
CA LEU GA 43 68.55 26.92 -83.59
C LEU GA 43 68.54 28.41 -83.30
N SER GA 44 69.47 29.18 -83.89
CA SER GA 44 69.29 30.63 -83.95
C SER GA 44 68.16 30.91 -84.89
N LYS GA 45 68.33 30.49 -86.15
CA LYS GA 45 67.45 30.86 -87.27
C LYS GA 45 65.98 30.83 -86.90
N ILE GA 46 65.60 29.79 -86.17
CA ILE GA 46 64.22 29.57 -85.75
C ILE GA 46 63.57 30.83 -85.17
N ARG GA 47 64.31 31.62 -84.39
CA ARG GA 47 63.80 32.88 -83.84
C ARG GA 47 63.73 33.94 -84.94
N VAL GA 48 64.80 34.00 -85.72
CA VAL GA 48 64.89 34.93 -86.85
C VAL GA 48 63.79 34.72 -87.88
N VAL GA 49 63.60 33.47 -88.28
CA VAL GA 49 62.60 33.12 -89.28
C VAL GA 49 61.21 33.48 -88.76
N ARG GA 50 60.94 33.17 -87.50
CA ARG GA 50 59.66 33.54 -86.86
C ARG GA 50 59.31 35.02 -86.99
N LYS GA 51 60.28 35.87 -86.69
CA LYS GA 51 60.09 37.32 -86.74
C LYS GA 51 60.03 37.86 -88.15
N SER GA 52 60.83 37.30 -89.05
CA SER GA 52 60.70 37.63 -90.46
C SER GA 52 59.33 37.19 -91.00
N ILE GA 53 58.85 36.01 -90.61
CA ILE GA 53 57.48 35.57 -90.94
C ILE GA 53 56.47 36.61 -90.51
N ALA GA 54 56.58 37.07 -89.26
CA ALA GA 54 55.67 38.10 -88.74
C ALA GA 54 55.79 39.39 -89.54
N ARG GA 55 57.02 39.83 -89.78
CA ARG GA 55 57.28 40.99 -90.64
C ARG GA 55 56.58 40.95 -91.99
N VAL GA 56 56.48 39.76 -92.56
CA VAL GA 56 55.78 39.53 -93.82
C VAL GA 56 54.27 39.65 -93.64
N LEU GA 57 53.75 38.82 -92.75
CA LEU GA 57 52.31 38.82 -92.45
C LEU GA 57 51.79 40.19 -92.06
N THR GA 58 52.60 40.93 -91.32
CA THR GA 58 52.23 42.25 -90.88
C THR GA 58 52.06 43.18 -92.08
N VAL GA 59 53.08 43.24 -92.94
CA VAL GA 59 53.01 44.04 -94.18
C VAL GA 59 51.75 43.75 -94.98
N ILE GA 60 51.39 42.47 -95.09
CA ILE GA 60 50.22 42.06 -95.86
C ILE GA 60 48.96 42.66 -95.24
N ASN GA 61 48.78 42.51 -93.93
CA ASN GA 61 47.57 43.00 -93.28
C ASN GA 61 47.46 44.51 -93.34
N GLN GA 62 48.59 45.19 -93.21
CA GLN GA 62 48.65 46.66 -93.34
C GLN GA 62 48.21 47.05 -94.75
N THR GA 63 48.64 46.30 -95.77
CA THR GA 63 48.29 46.61 -97.16
C THR GA 63 46.83 46.35 -97.46
N GLN GA 64 46.34 45.20 -96.97
CA GLN GA 64 44.94 44.84 -97.15
C GLN GA 64 44.02 45.85 -96.45
N LYS GA 65 44.39 46.31 -95.26
CA LYS GA 65 43.54 47.23 -94.50
C LYS GA 65 43.62 48.67 -94.97
N GLU GA 66 44.77 49.08 -95.52
CA GLU GA 66 44.91 50.42 -96.13
C GLU GA 66 44.04 50.54 -97.37
N ASN GA 67 44.19 49.59 -98.28
CA ASN GA 67 43.30 49.46 -99.45
C ASN GA 67 41.82 49.46 -99.08
N LEU GA 68 41.47 48.73 -98.02
CA LEU GA 68 40.08 48.64 -97.58
C LEU GA 68 39.51 49.97 -97.14
N ARG GA 69 40.24 50.71 -96.32
CA ARG GA 69 39.72 52.00 -95.89
C ARG GA 69 39.84 53.11 -96.93
N LYS GA 70 40.61 52.89 -97.99
CA LYS GA 70 40.50 53.74 -99.20
C LYS GA 70 39.14 53.51 -99.84
N PHE GA 71 38.77 52.24 -99.98
CA PHE GA 71 37.54 51.81 -100.65
C PHE GA 71 36.27 52.35 -99.99
N TYR GA 72 36.27 52.50 -98.67
CA TYR GA 72 35.12 53.04 -97.93
C TYR GA 72 35.19 54.52 -97.60
N LYS GA 73 36.37 55.15 -97.68
CA LYS GA 73 36.50 56.58 -97.38
C LYS GA 73 35.66 57.38 -98.37
N GLY GA 74 34.47 57.78 -97.90
CA GLY GA 74 33.43 58.38 -98.74
C GLY GA 74 32.06 57.80 -98.44
N LYS GA 75 31.99 56.47 -98.39
CA LYS GA 75 30.75 55.76 -98.07
C LYS GA 75 30.35 56.01 -96.62
N LYS GA 76 29.03 56.04 -96.39
CA LYS GA 76 28.47 56.43 -95.10
C LYS GA 76 28.51 55.27 -94.11
N TYR GA 77 27.99 54.14 -94.55
CA TYR GA 77 28.04 52.91 -93.77
C TYR GA 77 29.33 52.21 -94.10
N LYS GA 78 30.16 51.96 -93.09
CA LYS GA 78 31.40 51.22 -93.29
C LYS GA 78 31.64 50.22 -92.18
N PRO GA 79 32.40 49.15 -92.47
CA PRO GA 79 32.68 48.10 -91.49
C PRO GA 79 33.15 48.62 -90.13
N LEU GA 80 32.74 47.94 -89.07
CA LEU GA 80 33.08 48.31 -87.68
C LEU GA 80 34.58 48.37 -87.44
N ASP GA 81 35.32 47.47 -88.08
CA ASP GA 81 36.79 47.49 -88.09
C ASP GA 81 37.36 48.84 -88.54
N LEU GA 82 36.78 49.38 -89.60
CA LEU GA 82 37.27 50.60 -90.26
C LEU GA 82 36.69 51.86 -89.62
N ARG GA 83 35.63 51.71 -88.82
CA ARG GA 83 35.09 52.81 -88.02
C ARG GA 83 36.05 53.13 -86.89
N PRO GA 84 36.04 54.39 -86.42
CA PRO GA 84 37.03 54.83 -85.46
C PRO GA 84 36.62 54.52 -84.02
N LYS GA 85 37.39 53.63 -83.40
CA LYS GA 85 37.18 53.21 -82.02
C LYS GA 85 37.89 54.22 -81.17
N LYS GA 86 37.16 54.89 -80.28
CA LYS GA 86 37.80 55.77 -79.30
C LYS GA 86 37.53 55.16 -77.93
N THR GA 87 36.28 55.18 -77.50
CA THR GA 87 35.86 54.66 -76.20
C THR GA 87 34.36 54.63 -76.20
N ARG GA 88 33.79 53.47 -75.91
CA ARG GA 88 32.36 53.24 -75.90
C ARG GA 88 31.53 54.50 -75.75
N ALA GA 89 31.76 55.23 -74.68
CA ALA GA 89 31.00 56.43 -74.38
C ALA GA 89 31.23 57.53 -75.41
N MET GA 90 32.50 57.69 -75.76
CA MET GA 90 32.96 58.69 -76.73
C MET GA 90 32.39 58.49 -78.14
N ARG GA 91 31.93 57.28 -78.45
CA ARG GA 91 31.20 56.98 -79.71
C ARG GA 91 29.70 57.20 -79.58
N ARG GA 92 29.26 57.73 -78.45
CA ARG GA 92 27.90 58.17 -78.25
C ARG GA 92 27.81 59.63 -77.85
N ARG GA 93 28.92 60.38 -77.92
CA ARG GA 93 28.85 61.82 -77.75
C ARG GA 93 27.94 62.38 -78.83
N LEU GA 94 27.52 63.61 -78.63
CA LEU GA 94 26.83 64.32 -79.68
C LEU GA 94 27.81 64.70 -80.81
N ASN GA 95 27.24 64.82 -81.99
CA ASN GA 95 27.91 64.61 -83.27
C ASN GA 95 29.09 65.51 -83.68
N LYS GA 96 29.32 66.60 -82.94
CA LYS GA 96 30.29 67.69 -83.30
C LYS GA 96 29.62 68.82 -84.08
N HIS GA 97 28.66 68.49 -84.94
CA HIS GA 97 27.75 69.50 -85.48
C HIS GA 97 26.45 69.58 -84.68
N GLU GA 98 26.01 68.46 -84.11
CA GLU GA 98 24.73 68.42 -83.41
C GLU GA 98 24.75 69.19 -82.07
N GLU GA 99 25.89 69.23 -81.39
CA GLU GA 99 25.99 69.92 -80.09
C GLU GA 99 26.25 71.43 -80.16
N SER GA 100 26.43 71.99 -81.35
CA SER GA 100 26.44 73.45 -81.53
C SER GA 100 25.27 73.90 -82.43
N LEU GA 101 24.12 73.24 -82.27
CA LEU GA 101 22.87 73.67 -82.86
C LEU GA 101 22.15 74.57 -81.87
N LYS GA 102 22.09 75.85 -82.20
CA LYS GA 102 21.40 76.84 -81.39
C LYS GA 102 19.94 76.77 -81.82
N THR GA 103 19.02 76.94 -80.87
CA THR GA 103 17.62 77.18 -81.22
C THR GA 103 17.52 78.58 -81.78
N LYS GA 104 16.66 78.77 -82.78
CA LYS GA 104 16.46 80.09 -83.40
C LYS GA 104 16.20 81.19 -82.36
N LYS GA 105 15.48 80.82 -81.30
CA LYS GA 105 15.25 81.70 -80.16
C LYS GA 105 16.57 82.11 -79.49
N GLN GA 106 17.45 81.14 -79.28
CA GLN GA 106 18.79 81.39 -78.71
C GLN GA 106 19.67 82.20 -79.67
N GLN GA 107 19.55 81.97 -80.97
CA GLN GA 107 20.34 82.72 -81.96
C GLN GA 107 19.95 84.18 -81.95
N ARG GA 108 18.66 84.44 -82.06
CA ARG GA 108 18.08 85.78 -81.95
C ARG GA 108 18.57 86.51 -80.70
N LYS GA 109 18.64 85.79 -79.58
CA LYS GA 109 19.18 86.35 -78.34
C LYS GA 109 20.62 86.84 -78.49
N GLU GA 110 21.46 86.02 -79.12
CA GLU GA 110 22.85 86.36 -79.32
C GLU GA 110 23.02 87.53 -80.30
N ARG GA 111 22.08 87.68 -81.23
CA ARG GA 111 22.08 88.79 -82.18
C ARG GA 111 21.73 90.11 -81.53
N LEU GA 112 20.65 90.12 -80.75
CA LEU GA 112 20.15 91.36 -80.15
C LEU GA 112 20.97 91.82 -78.97
N TYR GA 113 21.36 90.89 -78.11
CA TYR GA 113 21.92 91.19 -76.81
C TYR GA 113 23.26 90.50 -76.65
N PRO GA 114 24.26 90.94 -77.43
CA PRO GA 114 25.59 90.38 -77.26
C PRO GA 114 26.28 90.95 -76.04
N LEU GA 115 26.98 90.10 -75.30
CA LEU GA 115 27.88 90.55 -74.25
C LEU GA 115 28.86 91.54 -74.83
N ARG GA 116 29.03 92.67 -74.16
CA ARG GA 116 29.92 93.71 -74.61
C ARG GA 116 31.19 93.79 -73.78
N LYS GA 117 32.31 94.02 -74.45
CA LYS GA 117 33.54 94.39 -73.76
C LYS GA 117 33.34 95.79 -73.19
N TYR GA 118 33.50 95.90 -71.88
CA TYR GA 118 33.42 97.18 -71.15
C TYR GA 118 34.43 97.25 -70.01
N ALA GA 119 34.76 98.45 -69.57
CA ALA GA 119 35.58 98.67 -68.38
C ALA GA 119 34.89 99.73 -67.53
N VAL GA 120 35.40 99.98 -66.32
CA VAL GA 120 34.85 101.07 -65.49
C VAL GA 120 35.91 102.00 -64.90
N LYS GA 121 35.41 103.12 -64.37
CA LYS GA 121 36.19 104.23 -63.80
C LYS GA 121 36.87 105.11 -64.87
N ALA GA 122 36.05 105.69 -65.74
CA ALA GA 122 36.45 106.81 -66.62
C ALA GA 122 35.24 107.38 -67.37
N ALA HA 1 1.97 117.31 -29.64
CA ALA HA 1 3.09 117.87 -28.82
C ALA HA 1 4.30 116.95 -28.83
N LEU HA 2 5.15 117.12 -29.85
CA LEU HA 2 6.31 116.25 -30.11
C LEU HA 2 5.89 114.79 -30.36
N ARG HA 3 5.92 114.39 -31.63
CA ARG HA 3 5.53 113.05 -32.04
C ARG HA 3 6.74 112.35 -32.62
N TYR HA 4 7.64 111.90 -31.74
CA TYR HA 4 8.80 111.13 -32.18
C TYR HA 4 8.32 109.80 -32.73
N PRO HA 5 8.99 109.30 -33.80
CA PRO HA 5 8.65 107.98 -34.28
C PRO HA 5 9.23 106.94 -33.32
N MET HA 6 8.42 105.94 -33.04
CA MET HA 6 8.77 104.92 -32.05
C MET HA 6 8.97 103.58 -32.71
N ALA HA 7 9.71 102.73 -32.03
CA ALA HA 7 9.97 101.38 -32.49
C ALA HA 7 8.94 100.39 -31.96
N VAL HA 8 7.87 100.89 -31.33
CA VAL HA 8 6.94 100.01 -30.67
C VAL HA 8 5.60 100.72 -30.40
N GLY HA 9 4.50 100.17 -30.94
CA GLY HA 9 3.14 100.68 -30.70
C GLY HA 9 2.39 101.17 -31.93
N LEU HA 10 1.48 100.34 -32.43
CA LEU HA 10 0.46 100.70 -33.43
C LEU HA 10 0.99 101.35 -34.73
N ASN HA 11 1.21 102.66 -34.69
CA ASN HA 11 1.78 103.39 -35.83
C ASN HA 11 3.29 103.52 -35.59
N LYS HA 12 3.94 102.35 -35.57
CA LYS HA 12 5.33 102.21 -35.18
C LYS HA 12 6.22 102.19 -36.41
N GLY HA 13 7.52 101.98 -36.18
CA GLY HA 13 8.47 101.77 -37.26
C GLY HA 13 8.95 103.04 -37.91
N HIS HA 14 9.92 102.86 -38.81
CA HIS HA 14 10.60 103.96 -39.48
C HIS HA 14 9.67 104.57 -40.51
N LYS HA 15 9.52 105.90 -40.46
CA LYS HA 15 8.60 106.58 -41.33
C LYS HA 15 9.26 106.83 -42.67
N VAL HA 16 8.75 106.17 -43.70
CA VAL HA 16 9.30 106.22 -45.06
C VAL HA 16 8.15 106.39 -46.05
N THR HA 17 8.41 107.10 -47.15
CA THR HA 17 7.38 107.29 -48.18
C THR HA 17 7.28 106.05 -49.06
N LYS HA 18 6.05 105.71 -49.41
CA LYS HA 18 5.73 104.48 -50.09
C LYS HA 18 5.52 104.78 -51.57
N ASN HA 19 6.22 104.05 -52.44
CA ASN HA 19 5.84 104.03 -53.85
C ASN HA 19 4.71 103.02 -54.06
N VAL HA 20 3.92 103.29 -55.09
CA VAL HA 20 2.70 102.54 -55.36
C VAL HA 20 2.84 101.95 -56.75
N SER HA 21 3.68 100.92 -56.83
CA SER HA 21 4.07 100.32 -58.10
C SER HA 21 2.95 99.50 -58.72
N LYS HA 22 3.14 99.17 -60.00
CA LYS HA 22 2.30 98.22 -60.71
C LYS HA 22 2.41 96.87 -60.02
N PRO HA 23 1.27 96.22 -59.69
CA PRO HA 23 1.33 94.92 -59.02
C PRO HA 23 1.79 93.85 -59.99
N ARG HA 24 2.71 93.01 -59.54
CA ARG HA 24 3.31 91.95 -60.37
C ARG HA 24 2.26 91.14 -61.12
N HIS HA 25 2.63 90.68 -62.31
CA HIS HA 25 1.70 89.92 -63.14
C HIS HA 25 1.40 88.53 -62.57
N SER HA 26 2.38 87.98 -61.84
CA SER HA 26 2.20 86.75 -61.06
C SER HA 26 0.98 86.76 -60.13
N ARG HA 27 0.65 87.93 -59.59
CA ARG HA 27 -0.42 88.04 -58.60
C ARG HA 27 -1.82 87.85 -59.15
N ARG HA 28 -2.00 87.92 -60.48
CA ARG HA 28 -3.35 87.81 -61.06
C ARG HA 28 -3.78 86.39 -61.42
N ARG HA 29 -3.13 85.38 -60.85
CA ARG HA 29 -3.40 84.01 -61.27
C ARG HA 29 -4.64 83.50 -60.59
N GLY HA 30 -5.40 82.74 -61.35
CA GLY HA 30 -6.70 82.26 -60.93
C GLY HA 30 -7.83 83.22 -61.22
N ARG HA 31 -7.54 84.37 -61.82
CA ARG HA 31 -8.61 85.30 -62.15
C ARG HA 31 -9.36 84.73 -63.34
N LEU HA 32 -10.67 84.60 -63.17
CA LEU HA 32 -11.52 83.91 -64.12
C LEU HA 32 -11.67 84.77 -65.38
N THR HA 33 -11.30 84.16 -66.51
CA THR HA 33 -11.27 84.84 -67.80
C THR HA 33 -12.58 84.55 -68.53
N LYS HA 34 -12.99 85.49 -69.37
CA LYS HA 34 -14.23 85.37 -70.15
C LYS HA 34 -14.27 84.07 -70.94
N HIS HA 35 -13.19 83.79 -71.68
CA HIS HA 35 -13.10 82.59 -72.50
C HIS HA 35 -12.97 81.31 -71.66
N THR HA 36 -12.26 81.38 -70.53
CA THR HA 36 -12.15 80.20 -69.65
C THR HA 36 -13.48 79.88 -68.97
N LYS HA 37 -14.21 80.92 -68.58
CA LYS HA 37 -15.56 80.77 -68.01
C LYS HA 37 -16.48 80.04 -68.95
N PHE HA 38 -16.49 80.50 -70.20
CA PHE HA 38 -17.26 79.85 -71.25
C PHE HA 38 -16.90 78.38 -71.39
N VAL HA 39 -15.61 78.05 -71.38
CA VAL HA 39 -15.16 76.66 -71.47
C VAL HA 39 -15.64 75.86 -70.26
N ARG HA 40 -15.54 76.47 -69.10
CA ARG HA 40 -15.87 75.81 -67.85
C ARG HA 40 -17.32 75.38 -67.79
N ASP HA 41 -18.23 76.32 -68.05
CA ASP HA 41 -19.68 76.03 -68.07
C ASP HA 41 -20.17 75.32 -69.33
N MET HA 42 -19.42 75.40 -70.42
CA MET HA 42 -19.69 74.59 -71.62
C MET HA 42 -19.56 73.11 -71.30
N ILE HA 43 -18.65 72.80 -70.37
CA ILE HA 43 -18.37 71.42 -69.97
C ILE HA 43 -19.30 70.96 -68.84
N ARG HA 44 -19.78 71.88 -68.01
CA ARG HA 44 -20.78 71.54 -66.98
C ARG HA 44 -22.16 71.18 -67.54
N GLU HA 45 -22.41 71.43 -68.81
CA GLU HA 45 -23.60 70.92 -69.50
C GLU HA 45 -23.34 69.67 -70.35
N VAL HA 46 -22.07 69.35 -70.63
CA VAL HA 46 -21.68 68.06 -71.20
C VAL HA 46 -21.62 67.04 -70.07
N CYS HA 47 -20.69 67.26 -69.17
CA CYS HA 47 -20.33 66.30 -68.13
C CYS HA 47 -21.35 66.25 -67.00
N GLY HA 48 -21.92 67.41 -66.69
CA GLY HA 48 -22.88 67.49 -65.62
C GLY HA 48 -22.20 67.37 -64.27
N PHE HA 49 -22.98 66.95 -63.28
CA PHE HA 49 -22.62 67.08 -61.88
C PHE HA 49 -22.15 65.75 -61.32
N ALA HA 50 -21.44 65.83 -60.20
CA ALA HA 50 -20.96 64.66 -59.49
C ALA HA 50 -22.06 64.11 -58.60
N PRO HA 51 -21.85 62.91 -58.03
CA PRO HA 51 -22.84 62.35 -57.12
C PRO HA 51 -23.04 63.10 -55.80
N TYR HA 52 -21.95 63.48 -55.14
CA TYR HA 52 -22.07 64.19 -53.86
C TYR HA 52 -22.68 65.57 -54.04
N GLU HA 53 -22.32 66.22 -55.16
CA GLU HA 53 -22.91 67.50 -55.54
C GLU HA 53 -24.41 67.35 -55.63
N ARG HA 54 -24.84 66.37 -56.42
CA ARG HA 54 -26.27 66.10 -56.61
C ARG HA 54 -27.00 65.86 -55.30
N ARG HA 55 -26.38 65.12 -54.39
CA ARG HA 55 -26.99 64.83 -53.11
C ARG HA 55 -27.15 66.11 -52.29
N ALA HA 56 -26.15 66.98 -52.37
CA ALA HA 56 -26.20 68.27 -51.68
C ALA HA 56 -27.28 69.20 -52.25
N MET HA 57 -27.48 69.19 -53.56
CA MET HA 57 -28.56 69.96 -54.20
C MET HA 57 -29.92 69.55 -53.62
N GLU HA 58 -30.11 68.24 -53.46
CA GLU HA 58 -31.34 67.69 -52.88
C GLU HA 58 -31.54 68.12 -51.43
N LEU HA 59 -30.46 68.23 -50.67
CA LEU HA 59 -30.55 68.80 -49.32
C LEU HA 59 -30.91 70.28 -49.37
N LEU HA 60 -30.23 71.02 -50.23
CA LEU HA 60 -30.47 72.46 -50.32
C LEU HA 60 -31.92 72.78 -50.73
N LYS HA 61 -32.46 72.00 -51.67
CA LYS HA 61 -33.87 72.08 -52.06
C LYS HA 61 -34.81 72.03 -50.86
N VAL HA 62 -34.52 71.09 -49.97
CA VAL HA 62 -35.33 70.87 -48.77
C VAL HA 62 -35.21 72.02 -47.75
N SER HA 63 -34.24 72.93 -47.96
CA SER HA 63 -33.94 74.04 -47.04
C SER HA 63 -33.42 73.49 -45.70
N LYS HA 64 -32.51 72.53 -45.81
CA LYS HA 64 -31.88 71.88 -44.69
C LYS HA 64 -30.39 72.19 -44.83
N ASP HA 65 -30.11 73.47 -45.01
CA ASP HA 65 -28.83 73.94 -45.57
C ASP HA 65 -27.60 73.83 -44.66
N LYS HA 66 -27.80 73.63 -43.36
CA LYS HA 66 -26.68 73.33 -42.46
C LYS HA 66 -26.22 71.89 -42.69
N ARG HA 67 -27.18 70.97 -42.70
CA ARG HA 67 -26.89 69.57 -43.01
C ARG HA 67 -26.22 69.43 -44.39
N ALA HA 68 -26.59 70.29 -45.33
CA ALA HA 68 -25.90 70.35 -46.63
C ALA HA 68 -24.43 70.67 -46.48
N LEU HA 69 -24.12 71.66 -45.65
CA LEU HA 69 -22.74 72.09 -45.45
C LEU HA 69 -21.95 71.04 -44.68
N LYS HA 70 -22.54 70.54 -43.61
CA LYS HA 70 -21.95 69.42 -42.83
C LYS HA 70 -21.56 68.25 -43.70
N PHE HA 71 -22.40 67.96 -44.69
CA PHE HA 71 -22.13 66.94 -45.68
C PHE HA 71 -20.98 67.36 -46.59
N ILE HA 72 -21.02 68.57 -47.13
CA ILE HA 72 -19.98 68.99 -48.08
C ILE HA 72 -18.60 69.09 -47.42
N LYS HA 73 -18.54 69.53 -46.18
CA LYS HA 73 -17.25 69.61 -45.45
C LYS HA 73 -16.59 68.24 -45.30
N LYS HA 74 -17.38 67.26 -44.89
CA LYS HA 74 -16.92 65.87 -44.75
C LYS HA 74 -16.48 65.30 -46.09
N ARG HA 75 -17.10 65.77 -47.16
CA ARG HA 75 -16.84 65.31 -48.50
C ARG HA 75 -15.64 66.00 -49.18
N VAL HA 76 -15.63 67.32 -49.12
CA VAL HA 76 -14.59 68.11 -49.78
C VAL HA 76 -13.35 68.20 -48.90
N GLY HA 77 -13.55 68.63 -47.65
CA GLY HA 77 -12.47 68.64 -46.66
C GLY HA 77 -12.50 69.81 -45.71
N THR HA 78 -12.24 71.01 -46.23
CA THR HA 78 -12.22 72.21 -45.41
C THR HA 78 -13.61 72.80 -45.31
N HIS HA 79 -13.72 73.78 -44.41
CA HIS HA 79 -14.93 74.55 -44.27
C HIS HA 79 -15.06 75.52 -45.43
N ILE HA 80 -13.98 76.23 -45.73
CA ILE HA 80 -14.00 77.32 -46.70
C ILE HA 80 -14.29 76.81 -48.12
N ARG HA 81 -13.75 75.65 -48.47
CA ARG HA 81 -14.10 75.01 -49.72
C ARG HA 81 -15.52 74.51 -49.74
N ALA HA 82 -15.97 73.99 -48.59
CA ALA HA 82 -17.34 73.50 -48.49
C ALA HA 82 -18.36 74.63 -48.61
N LYS HA 83 -18.03 75.78 -48.04
CA LYS HA 83 -18.93 76.94 -48.06
C LYS HA 83 -19.04 77.51 -49.46
N ARG HA 84 -17.88 77.72 -50.09
CA ARG HA 84 -17.79 78.15 -51.50
C ARG HA 84 -18.51 77.20 -52.47
N LYS HA 85 -18.52 75.89 -52.18
CA LYS HA 85 -19.25 74.90 -53.01
C LYS HA 85 -20.76 75.04 -52.81
N ARG HA 86 -21.17 75.14 -51.55
CA ARG HA 86 -22.59 75.33 -51.19
C ARG HA 86 -23.24 76.57 -51.83
N GLU HA 87 -22.47 77.65 -52.00
CA GLU HA 87 -22.96 78.85 -52.70
C GLU HA 87 -23.14 78.61 -54.18
N GLU HA 88 -22.17 77.93 -54.79
CA GLU HA 88 -22.27 77.55 -56.19
C GLU HA 88 -23.52 76.68 -56.40
N LEU HA 89 -23.68 75.66 -55.57
CA LEU HA 89 -24.83 74.77 -55.66
C LEU HA 89 -26.16 75.52 -55.49
N SER HA 90 -26.20 76.46 -54.53
CA SER HA 90 -27.39 77.31 -54.34
C SER HA 90 -27.63 78.26 -55.52
N SER HA 91 -26.57 78.75 -56.15
CA SER HA 91 -26.70 79.54 -57.38
C SER HA 91 -27.26 78.72 -58.54
N VAL HA 92 -26.72 77.51 -58.72
CA VAL HA 92 -27.20 76.57 -59.76
C VAL HA 92 -28.66 76.28 -59.58
N LEU HA 93 -29.02 75.96 -58.34
CA LEU HA 93 -30.37 75.62 -57.99
C LEU HA 93 -31.33 76.78 -58.26
N ALA HA 94 -30.87 78.00 -58.01
CA ALA HA 94 -31.64 79.22 -58.28
C ALA HA 94 -31.87 79.47 -59.78
N ALA HA 95 -30.82 79.30 -60.58
CA ALA HA 95 -30.91 79.49 -62.04
C ALA HA 95 -31.73 78.42 -62.75
N MET HA 96 -31.84 77.24 -62.14
CA MET HA 96 -32.83 76.23 -62.55
C MET HA 96 -34.24 76.71 -62.25
N ARG HA 97 -34.42 77.20 -61.02
CA ARG HA 97 -35.71 77.71 -60.54
C ARG HA 97 -36.21 78.91 -61.35
N LYS HA 98 -35.30 79.80 -61.73
CA LYS HA 98 -35.63 80.91 -62.64
C LYS HA 98 -35.96 80.40 -64.03
N ALA HA 99 -35.20 79.41 -64.51
CA ALA HA 99 -35.41 78.82 -65.84
C ALA HA 99 -36.75 78.08 -65.95
N ALA HA 100 -37.15 77.38 -64.88
CA ALA HA 100 -38.44 76.69 -64.84
C ALA HA 100 -39.61 77.67 -64.90
N ALA HA 101 -39.52 78.76 -64.14
CA ALA HA 101 -40.55 79.80 -64.12
C ALA HA 101 -40.47 80.67 -65.38
N LYS HA 102 -41.26 80.31 -66.39
CA LYS HA 102 -41.34 81.07 -67.64
C LYS HA 102 -42.67 80.80 -68.35
N THR IA 1 32.36 6.44 -35.19
CA THR IA 1 32.14 6.40 -36.66
C THR IA 1 32.04 7.78 -37.28
N LYS IA 2 31.40 8.72 -36.59
CA LYS IA 2 31.25 10.09 -37.09
C LYS IA 2 32.53 10.68 -37.73
N GLY IA 3 33.70 10.34 -37.18
CA GLY IA 3 34.97 10.83 -37.70
C GLY IA 3 35.66 9.91 -38.70
N THR IA 4 36.85 9.44 -38.31
CA THR IA 4 37.87 8.86 -39.22
C THR IA 4 37.36 7.81 -40.19
N SER IA 5 36.52 6.90 -39.73
CA SER IA 5 35.95 5.86 -40.59
C SER IA 5 35.02 6.46 -41.66
N SER IA 6 34.32 7.52 -41.30
CA SER IA 6 33.42 8.20 -42.21
C SER IA 6 34.13 9.08 -43.23
N PHE IA 7 35.34 9.55 -42.92
CA PHE IA 7 36.19 10.19 -43.94
C PHE IA 7 36.53 9.23 -45.06
N GLY IA 8 36.50 7.94 -44.75
CA GLY IA 8 36.61 6.88 -45.71
C GLY IA 8 35.77 6.92 -46.96
N LYS IA 9 34.53 7.36 -46.83
CA LYS IA 9 33.59 7.32 -47.96
C LYS IA 9 33.28 8.69 -48.57
N ARG IA 10 34.33 9.52 -48.67
CA ARG IA 10 34.30 10.76 -49.44
C ARG IA 10 34.78 10.42 -50.84
N ARG IA 11 33.95 9.66 -51.55
CA ARG IA 11 34.28 9.10 -52.87
C ARG IA 11 33.94 10.05 -54.02
N ASN IA 12 33.06 11.03 -53.79
CA ASN IA 12 32.52 11.84 -54.88
C ASN IA 12 32.30 13.32 -54.54
N LYS IA 13 32.23 14.16 -55.57
CA LYS IA 13 32.51 15.61 -55.47
C LYS IA 13 31.29 16.49 -55.65
N THR IA 14 31.29 17.64 -54.98
CA THR IA 14 30.21 18.65 -55.07
C THR IA 14 30.48 19.67 -56.14
N HIS IA 15 31.66 20.24 -56.07
CA HIS IA 15 32.03 21.35 -56.90
C HIS IA 15 33.04 20.94 -57.93
N THR IA 16 33.08 21.70 -59.02
CA THR IA 16 34.14 21.55 -60.01
C THR IA 16 34.58 22.93 -60.43
N LEU IA 17 35.40 22.96 -61.47
CA LEU IA 17 35.89 24.20 -62.00
C LEU IA 17 34.79 24.99 -62.68
N CYS IA 18 34.51 26.15 -62.11
CA CYS IA 18 33.62 27.13 -62.72
C CYS IA 18 34.31 27.73 -63.94
N ARG IA 19 33.52 28.06 -64.94
CA ARG IA 19 34.06 28.43 -66.25
C ARG IA 19 34.03 29.93 -66.51
N ARG IA 20 33.47 30.68 -65.56
CA ARG IA 20 33.59 32.14 -65.56
C ARG IA 20 34.73 32.53 -64.64
N CYS IA 21 34.61 32.21 -63.36
CA CYS IA 21 35.58 32.69 -62.38
C CYS IA 21 36.81 31.82 -62.31
N GLY IA 22 36.70 30.56 -62.74
CA GLY IA 22 37.83 29.65 -62.72
C GLY IA 22 37.96 28.85 -61.45
N SER IA 23 37.28 29.28 -60.37
CA SER IA 23 37.39 28.60 -59.09
C SER IA 23 36.78 27.22 -59.14
N LYS IA 24 37.28 26.35 -58.28
CA LYS IA 24 36.70 25.03 -58.05
C LYS IA 24 35.54 25.26 -57.09
N ALA IA 25 34.47 25.91 -57.56
CA ALA IA 25 33.28 26.15 -56.73
C ALA IA 25 31.97 26.10 -57.48
N TYR IA 26 31.97 25.48 -58.64
CA TYR IA 26 30.78 25.33 -59.40
C TYR IA 26 30.09 24.10 -58.86
N HIS IA 27 28.99 24.30 -58.16
CA HIS IA 27 28.25 23.21 -57.52
C HIS IA 27 27.48 22.48 -58.61
N LEU IA 28 27.70 21.18 -58.73
CA LEU IA 28 27.22 20.46 -59.91
C LEU IA 28 25.71 20.27 -59.88
N GLN IA 29 25.17 19.93 -58.71
CA GLN IA 29 23.73 19.72 -58.58
C GLN IA 29 22.99 21.05 -58.74
N LYS IA 30 23.35 22.05 -57.93
CA LYS IA 30 22.77 23.40 -58.08
C LYS IA 30 23.02 24.03 -59.46
N SER IA 31 24.12 23.62 -60.13
CA SER IA 31 24.52 24.18 -61.42
C SER IA 31 24.68 25.69 -61.33
N THR IA 32 25.20 26.14 -60.19
CA THR IA 32 25.64 27.51 -60.02
C THR IA 32 27.01 27.45 -59.39
N CYS IA 33 27.67 28.60 -59.33
CA CYS IA 33 28.95 28.68 -58.67
C CYS IA 33 28.75 28.85 -57.16
N GLY IA 34 28.83 30.08 -56.65
CA GLY IA 34 29.07 30.32 -55.24
C GLY IA 34 30.49 30.78 -55.13
N LYS IA 35 30.75 31.92 -55.75
CA LYS IA 35 32.05 32.56 -55.91
C LYS IA 35 31.83 33.70 -56.88
N CYS IA 36 31.30 33.38 -58.07
CA CYS IA 36 30.77 34.40 -58.99
C CYS IA 36 29.30 34.23 -59.36
N GLY IA 37 28.67 33.17 -58.84
CA GLY IA 37 27.30 32.79 -59.19
C GLY IA 37 27.06 32.40 -60.64
N TYR IA 38 28.10 31.90 -61.31
CA TYR IA 38 28.20 31.84 -62.76
C TYR IA 38 26.96 32.07 -63.60
N PRO IA 39 26.01 31.12 -63.61
CA PRO IA 39 24.87 31.34 -64.51
C PRO IA 39 24.30 32.75 -64.38
N ALA IA 40 24.27 33.26 -63.14
CA ALA IA 40 23.90 34.66 -62.85
C ALA IA 40 24.59 35.70 -63.73
N LYS IA 41 23.81 36.53 -64.41
CA LYS IA 41 24.38 37.47 -65.36
C LYS IA 41 25.45 38.33 -64.72
N ARG IA 42 25.12 38.90 -63.55
CA ARG IA 42 26.07 39.73 -62.82
C ARG IA 42 26.97 38.90 -61.90
N LYS IA 43 28.17 39.43 -61.67
CA LYS IA 43 29.15 38.82 -60.77
C LYS IA 43 28.64 38.94 -59.37
N ARG IA 44 29.04 37.96 -58.56
CA ARG IA 44 28.77 37.95 -57.13
C ARG IA 44 29.87 38.69 -56.43
N LYS IA 45 29.52 39.79 -55.79
CA LYS IA 45 30.41 40.34 -54.79
C LYS IA 45 29.59 40.87 -53.64
N TYR IA 46 30.19 40.78 -52.46
CA TYR IA 46 29.56 41.21 -51.25
C TYR IA 46 30.49 42.13 -50.50
N ASN IA 47 29.86 43.06 -49.81
CA ASN IA 47 30.54 44.19 -49.21
C ASN IA 47 31.13 43.82 -47.87
N TRP IA 48 30.71 42.67 -47.33
CA TRP IA 48 31.22 42.18 -46.05
C TRP IA 48 32.64 41.62 -46.18
N SER IA 49 32.91 40.88 -47.25
CA SER IA 49 34.28 40.38 -47.50
C SER IA 49 35.04 41.37 -48.33
N ALA IA 50 35.64 42.35 -47.65
CA ALA IA 50 36.53 43.31 -48.28
C ALA IA 50 37.84 42.67 -48.74
N LYS IA 51 38.29 41.65 -48.01
CA LYS IA 51 39.41 40.83 -48.42
C LYS IA 51 39.07 40.07 -49.69
N ALA IA 52 37.90 39.46 -49.73
CA ALA IA 52 37.47 38.78 -50.96
C ALA IA 52 37.30 39.74 -52.12
N LYS IA 53 36.75 40.91 -51.85
CA LYS IA 53 36.57 41.93 -52.87
C LYS IA 53 37.89 42.21 -53.55
N ARG IA 54 38.94 42.40 -52.76
CA ARG IA 54 40.27 42.74 -53.30
C ARG IA 54 40.95 41.61 -54.10
N ARG IA 55 40.55 40.36 -53.86
CA ARG IA 55 41.24 39.24 -54.48
C ARG IA 55 41.01 39.11 -55.97
N ASN IA 56 39.92 39.68 -56.48
CA ASN IA 56 39.74 39.80 -57.94
C ASN IA 56 38.96 41.05 -58.31
N THR IA 57 39.54 42.18 -57.92
CA THR IA 57 39.18 43.49 -58.42
C THR IA 57 39.71 43.59 -59.84
N THR IA 58 39.63 44.77 -60.44
CA THR IA 58 40.23 44.97 -61.75
C THR IA 58 41.72 44.74 -61.65
N GLY IA 59 42.47 45.67 -61.10
CA GLY IA 59 43.94 45.59 -61.12
C GLY IA 59 44.50 44.18 -61.26
N THR IA 60 44.07 43.32 -60.34
CA THR IA 60 44.43 41.91 -60.23
C THR IA 60 44.91 41.17 -61.49
N GLY IA 61 44.10 41.14 -62.53
CA GLY IA 61 44.40 40.36 -63.74
C GLY IA 61 45.32 41.06 -64.74
N ARG IA 62 45.17 40.69 -66.01
CA ARG IA 62 46.01 41.24 -67.09
C ARG IA 62 45.69 42.71 -67.37
N MET IA 63 44.40 43.03 -67.39
CA MET IA 63 43.91 44.34 -67.82
C MET IA 63 44.42 44.62 -69.22
N ARG IA 64 44.38 43.60 -70.06
CA ARG IA 64 44.95 43.70 -71.39
C ARG IA 64 44.29 44.74 -72.29
N HIS IA 65 42.99 44.97 -72.17
CA HIS IA 65 42.39 46.11 -72.87
C HIS IA 65 42.63 47.39 -72.10
N LEU IA 66 42.26 47.33 -70.83
CA LEU IA 66 42.24 48.48 -69.96
C LEU IA 66 43.60 49.16 -69.74
N LYS IA 67 44.69 48.40 -69.85
CA LYS IA 67 46.05 48.95 -69.67
C LYS IA 67 46.52 49.76 -70.86
N ILE IA 68 46.08 49.39 -72.06
CA ILE IA 68 46.39 50.20 -73.25
C ILE IA 68 45.41 51.35 -73.45
N VAL IA 69 44.23 51.28 -72.85
CA VAL IA 69 43.31 52.43 -72.84
C VAL IA 69 43.94 53.55 -72.05
N TYR IA 70 44.51 53.24 -70.90
CA TYR IA 70 45.11 54.26 -70.08
C TYR IA 70 46.19 54.99 -70.86
N ARG IA 71 47.00 54.25 -71.61
CA ARG IA 71 48.04 54.82 -72.47
C ARG IA 71 47.43 55.67 -73.57
N ARG IA 72 46.40 55.13 -74.19
CA ARG IA 72 45.75 55.79 -75.32
C ARG IA 72 45.28 57.17 -74.91
N PHE IA 73 44.53 57.20 -73.81
CA PHE IA 73 44.03 58.44 -73.19
C PHE IA 73 45.12 59.47 -72.94
N ARG IA 74 46.17 59.02 -72.26
CA ARG IA 74 47.30 59.86 -71.85
C ARG IA 74 47.68 60.81 -72.95
N HIS IA 75 48.01 60.22 -74.10
CA HIS IA 75 48.58 60.94 -75.21
C HIS IA 75 47.46 61.58 -76.07
N GLY IA 76 46.21 61.15 -75.88
CA GLY IA 76 45.03 61.93 -76.31
C GLY IA 76 43.93 61.28 -77.15
N PHE IA 77 43.82 59.95 -77.12
CA PHE IA 77 42.90 59.17 -77.96
C PHE IA 77 43.00 59.51 -79.46
N ARG IA 78 44.23 59.68 -79.96
CA ARG IA 78 44.42 59.90 -81.39
C ARG IA 78 44.19 58.58 -82.11
N GLU IA 79 43.58 58.66 -83.29
CA GLU IA 79 43.26 57.49 -84.09
C GLU IA 79 43.68 57.73 -85.52
N GLY IA 80 43.99 56.64 -86.21
CA GLY IA 80 44.25 56.66 -87.65
C GLY IA 80 45.15 57.78 -88.10
N THR IA 81 46.37 57.74 -87.60
CA THR IA 81 47.41 58.64 -88.05
C THR IA 81 48.75 57.95 -87.78
N THR IA 82 49.85 58.50 -88.25
CA THR IA 82 51.18 58.05 -87.88
C THR IA 82 52.01 59.24 -87.45
N PRO IA 83 53.19 58.98 -86.88
CA PRO IA 83 54.18 60.05 -86.77
C PRO IA 83 54.77 60.39 -88.14
N LYS IA 84 55.25 61.63 -88.28
CA LYS IA 84 55.88 62.11 -89.50
C LYS IA 84 57.00 61.14 -89.89
N PRO IA 85 56.93 60.56 -91.10
CA PRO IA 85 57.90 59.53 -91.46
C PRO IA 85 59.29 60.07 -91.86
N LYS IA 86 60.21 59.14 -92.11
CA LYS IA 86 61.59 59.46 -92.48
C LYS IA 86 61.73 59.49 -94.00
N PRO JA 1 33.05 -16.03 -94.22
CA PRO JA 1 33.46 -16.76 -95.43
C PRO JA 1 32.32 -17.56 -96.02
N ARG JA 2 32.56 -18.14 -97.19
CA ARG JA 2 31.54 -18.87 -97.93
C ARG JA 2 32.12 -20.09 -98.61
N LYS JA 3 31.52 -21.25 -98.36
CA LYS JA 3 31.88 -22.44 -99.10
C LYS JA 3 31.08 -22.49 -100.40
N ILE JA 4 31.70 -23.10 -101.41
CA ILE JA 4 31.11 -23.24 -102.75
C ILE JA 4 31.11 -24.73 -103.11
N GLU JA 5 30.10 -25.14 -103.89
CA GLU JA 5 29.89 -26.56 -104.24
C GLU JA 5 30.09 -26.93 -105.72
N GLU JA 6 30.19 -25.95 -106.61
CA GLU JA 6 30.34 -26.20 -108.05
C GLU JA 6 31.64 -25.59 -108.54
N ILE JA 7 32.48 -26.42 -109.17
CA ILE JA 7 33.75 -25.96 -109.74
C ILE JA 7 33.57 -24.77 -110.71
N LYS JA 8 32.46 -24.75 -111.43
CA LYS JA 8 32.09 -23.63 -112.31
C LYS JA 8 31.87 -22.33 -111.53
N ASP JA 9 31.15 -22.45 -110.41
CA ASP JA 9 30.77 -21.31 -109.57
C ASP JA 9 31.99 -20.56 -109.01
N PHE JA 10 32.96 -21.32 -108.49
CA PHE JA 10 34.25 -20.79 -108.05
C PHE JA 10 35.04 -20.16 -109.19
N LEU JA 11 35.00 -20.77 -110.37
CA LEU JA 11 35.60 -20.19 -111.58
C LEU JA 11 34.97 -18.84 -111.95
N LEU JA 12 33.65 -18.73 -111.81
CA LEU JA 12 32.94 -17.45 -112.04
C LEU JA 12 33.28 -16.39 -111.02
N THR JA 13 33.35 -16.79 -109.76
CA THR JA 13 33.74 -15.90 -108.65
C THR JA 13 35.20 -15.41 -108.81
N ALA JA 14 36.08 -16.32 -109.24
CA ALA JA 14 37.48 -15.98 -109.53
C ALA JA 14 37.65 -14.99 -110.70
N ARG JA 15 36.70 -15.03 -111.64
CA ARG JA 15 36.74 -14.19 -112.84
C ARG JA 15 36.22 -12.76 -112.64
N ARG JA 16 35.79 -12.39 -111.42
CA ARG JA 16 35.30 -11.03 -111.17
C ARG JA 16 36.42 -10.00 -111.18
N LYS JA 17 36.01 -8.73 -111.25
CA LYS JA 17 36.93 -7.59 -111.21
C LYS JA 17 37.49 -7.39 -109.79
N ASP JA 18 36.62 -7.55 -108.79
CA ASP JA 18 36.99 -7.33 -107.38
C ASP JA 18 38.01 -8.32 -106.81
N ALA JA 19 38.05 -9.52 -107.39
CA ALA JA 19 38.86 -10.62 -106.86
C ALA JA 19 40.36 -10.34 -106.94
N LYS JA 20 41.13 -11.19 -106.26
CA LYS JA 20 42.58 -11.11 -106.24
C LYS JA 20 43.12 -12.49 -105.87
N SER JA 21 44.08 -12.59 -104.95
CA SER JA 21 44.65 -13.88 -104.49
C SER JA 21 43.70 -15.08 -104.57
N VAL JA 22 44.15 -16.13 -105.24
CA VAL JA 22 43.41 -17.39 -105.28
C VAL JA 22 44.33 -18.49 -104.76
N LYS JA 23 44.71 -18.33 -103.50
CA LYS JA 23 45.56 -19.31 -102.80
C LYS JA 23 44.92 -20.70 -102.70
N ILE JA 24 45.79 -21.71 -102.62
CA ILE JA 24 45.41 -23.11 -102.81
C ILE JA 24 46.02 -23.99 -101.72
N LYS JA 25 45.20 -24.48 -100.80
CA LYS JA 25 45.69 -25.26 -99.67
C LYS JA 25 45.54 -26.76 -99.89
N LYS JA 26 46.65 -27.40 -100.26
CA LYS JA 26 46.73 -28.86 -100.29
C LYS JA 26 46.82 -29.39 -98.87
N ASN JA 27 45.67 -29.76 -98.32
CA ASN JA 27 45.58 -30.32 -96.96
C ASN JA 27 46.00 -31.78 -96.83
N LYS JA 28 46.19 -32.46 -97.97
CA LYS JA 28 46.04 -33.91 -98.08
C LYS JA 28 44.55 -34.22 -97.94
N ASP JA 29 44.04 -35.10 -98.80
CA ASP JA 29 42.64 -35.56 -98.80
C ASP JA 29 41.56 -34.47 -98.99
N ASN JA 30 41.92 -33.31 -99.56
CA ASN JA 30 41.02 -32.15 -99.57
C ASN JA 30 41.27 -31.13 -100.69
N VAL JA 31 42.47 -30.56 -100.71
CA VAL JA 31 42.84 -29.48 -101.64
C VAL JA 31 41.77 -28.39 -101.80
N LYS JA 32 41.80 -27.42 -100.89
CA LYS JA 32 40.91 -26.26 -100.97
C LYS JA 32 41.34 -25.30 -102.06
N PHE JA 33 40.48 -24.32 -102.34
CA PHE JA 33 40.78 -23.23 -103.25
C PHE JA 33 40.18 -21.95 -102.71
N LYS JA 34 40.97 -21.19 -101.96
CA LYS JA 34 40.48 -19.97 -101.33
C LYS JA 34 40.71 -18.76 -102.21
N VAL JA 35 39.62 -18.14 -102.66
CA VAL JA 35 39.69 -16.95 -103.51
C VAL JA 35 39.05 -15.79 -102.77
N ARG JA 36 39.89 -14.82 -102.40
CA ARG JA 36 39.46 -13.60 -101.74
C ARG JA 36 38.70 -12.71 -102.69
N CYS JA 37 37.71 -12.01 -102.15
CA CYS JA 37 37.01 -10.95 -102.86
C CYS JA 37 36.92 -9.74 -101.95
N SER JA 38 36.28 -8.67 -102.43
CA SER JA 38 35.94 -7.51 -101.63
C SER JA 38 35.33 -7.86 -100.27
N ARG JA 39 34.20 -8.54 -100.32
CA ARG JA 39 33.41 -8.82 -99.13
C ARG JA 39 33.84 -10.12 -98.49
N TYR JA 40 33.81 -11.21 -99.26
CA TYR JA 40 33.93 -12.56 -98.74
C TYR JA 40 35.17 -13.29 -99.20
N LEU JA 41 35.57 -14.30 -98.42
CA LEU JA 41 36.62 -15.23 -98.79
C LEU JA 41 35.96 -16.51 -99.20
N TYR JA 42 35.84 -16.70 -100.50
CA TYR JA 42 35.20 -17.89 -101.02
C TYR JA 42 36.19 -19.01 -100.96
N THR JA 43 35.74 -20.18 -100.52
CA THR JA 43 36.54 -21.41 -100.58
C THR JA 43 35.74 -22.48 -101.30
N LEU JA 44 36.47 -23.45 -101.83
CA LEU JA 44 35.88 -24.56 -102.56
C LEU JA 44 36.68 -25.80 -102.26
N VAL JA 45 36.02 -26.84 -101.76
CA VAL JA 45 36.68 -28.08 -101.39
C VAL JA 45 36.61 -29.03 -102.60
N ILE JA 46 37.77 -29.45 -103.09
CA ILE JA 46 37.89 -30.34 -104.25
C ILE JA 46 38.62 -31.60 -103.82
N THR JA 47 37.85 -32.61 -103.41
CA THR JA 47 38.38 -33.86 -102.85
C THR JA 47 39.44 -34.58 -103.71
N ASP JA 48 39.28 -34.57 -105.03
CA ASP JA 48 40.24 -35.22 -105.94
C ASP JA 48 41.50 -34.37 -106.13
N LYS JA 49 42.63 -35.03 -106.31
CA LYS JA 49 43.93 -34.36 -106.48
C LYS JA 49 44.22 -34.00 -107.93
N GLU JA 50 43.89 -34.90 -108.85
CA GLU JA 50 44.09 -34.69 -110.29
C GLU JA 50 43.15 -33.61 -110.83
N LYS JA 51 41.94 -33.57 -110.28
CA LYS JA 51 40.92 -32.56 -110.62
C LYS JA 51 41.33 -31.18 -110.10
N ALA JA 52 41.97 -31.16 -108.93
CA ALA JA 52 42.57 -29.94 -108.39
C ALA JA 52 43.76 -29.50 -109.24
N GLU JA 53 44.58 -30.44 -109.68
CA GLU JA 53 45.72 -30.16 -110.57
C GLU JA 53 45.25 -29.63 -111.93
N LYS JA 54 44.12 -30.14 -112.42
CA LYS JA 54 43.49 -29.65 -113.64
C LYS JA 54 42.97 -28.22 -113.49
N LEU JA 55 42.26 -27.96 -112.39
CA LEU JA 55 41.69 -26.64 -112.12
C LEU JA 55 42.79 -25.58 -112.00
N LYS JA 56 43.87 -25.91 -111.28
CA LYS JA 56 45.08 -25.08 -111.17
C LYS JA 56 45.41 -24.31 -112.47
N GLN JA 57 45.31 -25.00 -113.61
CA GLN JA 57 45.54 -24.40 -114.93
C GLN JA 57 44.44 -23.46 -115.41
N SER JA 58 43.20 -23.73 -114.98
CA SER JA 58 42.00 -23.02 -115.48
C SER JA 58 41.69 -21.63 -114.88
N LEU JA 59 42.54 -21.12 -113.99
CA LEU JA 59 42.39 -19.73 -113.50
C LEU JA 59 42.98 -18.78 -114.55
N PRO JA 60 42.35 -17.60 -114.75
CA PRO JA 60 42.49 -16.95 -116.05
C PRO JA 60 43.74 -16.07 -116.34
N PRO JA 61 43.71 -14.74 -116.02
CA PRO JA 61 44.56 -13.82 -116.77
C PRO JA 61 45.99 -13.62 -116.24
N GLY JA 62 46.31 -14.21 -115.09
CA GLY JA 62 47.46 -13.79 -114.29
C GLY JA 62 46.97 -13.23 -112.97
N LEU JA 63 46.27 -14.07 -112.21
CA LEU JA 63 45.89 -13.77 -110.84
C LEU JA 63 47.03 -14.28 -109.96
N ALA JA 64 46.96 -14.04 -108.65
CA ALA JA 64 48.09 -14.35 -107.77
C ALA JA 64 48.40 -15.86 -107.72
N VAL JA 65 47.35 -16.67 -107.58
CA VAL JA 65 47.48 -18.13 -107.44
C VAL JA 65 48.58 -18.48 -106.42
N LYS JA 66 48.57 -17.77 -105.30
CA LYS JA 66 49.62 -17.85 -104.30
C LYS JA 66 49.47 -19.16 -103.53
N GLU JA 67 50.08 -20.23 -104.05
CA GLU JA 67 49.93 -21.55 -103.43
C GLU JA 67 50.57 -21.52 -102.04
N LEU JA 68 49.92 -22.21 -101.11
CA LEU JA 68 50.16 -22.05 -99.68
C LEU JA 68 51.06 -23.14 -99.12
N LYS JA 69 52.17 -22.72 -98.50
CA LYS JA 69 53.00 -23.62 -97.69
C LYS JA 69 53.88 -22.80 -96.74
N SER KA 1 41.61 9.23 -63.18
CA SER KA 1 40.42 8.33 -63.09
C SER KA 1 40.34 7.29 -64.22
N SER KA 2 40.87 7.64 -65.39
CA SER KA 2 40.73 6.83 -66.62
C SER KA 2 39.41 7.08 -67.35
N HIS KA 3 38.55 7.93 -66.79
CA HIS KA 3 37.46 8.54 -67.52
C HIS KA 3 37.58 10.02 -67.27
N LYS KA 4 38.35 10.70 -68.10
CA LYS KA 4 38.54 12.12 -67.95
C LYS KA 4 37.72 12.84 -68.99
N THR KA 5 37.37 14.06 -68.64
CA THR KA 5 36.91 15.04 -69.61
C THR KA 5 38.15 15.58 -70.28
N PHE KA 6 37.95 16.40 -71.30
CA PHE KA 6 39.07 17.05 -71.96
C PHE KA 6 39.50 18.26 -71.14
N ARG KA 7 38.54 19.03 -70.63
CA ARG KA 7 38.81 20.13 -69.70
C ARG KA 7 39.81 19.74 -68.62
N ILE KA 8 39.51 18.65 -67.92
CA ILE KA 8 40.33 18.15 -66.83
C ILE KA 8 41.67 17.67 -67.32
N LYS KA 9 41.69 16.91 -68.40
CA LYS KA 9 42.96 16.41 -68.92
C LYS KA 9 43.96 17.52 -69.20
N ARG KA 10 43.51 18.59 -69.84
CA ARG KA 10 44.35 19.73 -70.17
C ARG KA 10 44.89 20.43 -68.91
N PHE KA 11 44.01 20.61 -67.94
CA PHE KA 11 44.37 21.12 -66.61
C PHE KA 11 45.51 20.32 -66.00
N LEU KA 12 45.38 18.99 -66.00
CA LEU KA 12 46.42 18.11 -65.47
C LEU KA 12 47.73 18.30 -66.22
N ALA KA 13 47.65 18.40 -67.54
CA ALA KA 13 48.84 18.55 -68.38
C ALA KA 13 49.69 19.74 -67.98
N LYS KA 14 49.05 20.90 -67.85
CA LYS KA 14 49.75 22.10 -67.40
C LYS KA 14 50.37 21.88 -66.03
N LYS KA 15 49.59 21.33 -65.10
CA LYS KA 15 50.12 21.01 -63.76
C LYS KA 15 51.34 20.12 -63.84
N GLN KA 16 51.31 19.16 -64.76
CA GLN KA 16 52.43 18.24 -64.98
C GLN KA 16 53.68 18.95 -65.55
N LYS KA 17 53.46 19.94 -66.42
CA LYS KA 17 54.54 20.78 -66.95
C LYS KA 17 55.14 21.74 -65.91
N GLN KA 18 54.33 22.24 -64.98
CA GLN KA 18 54.81 23.19 -63.96
C GLN KA 18 55.77 22.59 -62.97
N ASN KA 19 55.70 21.28 -62.78
CA ASN KA 19 56.46 20.60 -61.72
C ASN KA 19 57.96 20.63 -61.88
N ARG KA 20 58.48 20.67 -63.10
CA ARG KA 20 59.93 20.55 -63.33
C ARG KA 20 60.78 21.52 -62.48
N PRO KA 21 61.99 21.09 -62.09
CA PRO KA 21 62.86 21.94 -61.29
C PRO KA 21 63.59 22.95 -62.13
N ILE KA 22 64.02 24.04 -61.49
CA ILE KA 22 64.73 25.15 -62.11
C ILE KA 22 65.85 24.70 -63.07
N PRO KA 23 66.03 25.45 -64.18
CA PRO KA 23 67.23 25.24 -65.01
C PRO KA 23 68.43 25.90 -64.38
N GLN KA 24 69.52 25.16 -64.21
CA GLN KA 24 70.67 25.62 -63.42
C GLN KA 24 71.38 26.87 -63.95
N TRP KA 25 71.30 27.10 -65.26
CA TRP KA 25 71.77 28.37 -65.84
C TRP KA 25 71.06 29.62 -65.31
N ILE KA 26 69.84 29.45 -64.79
CA ILE KA 26 69.12 30.54 -64.11
C ILE KA 26 69.87 31.04 -62.89
N ARG KA 27 70.50 30.13 -62.16
CA ARG KA 27 71.26 30.50 -60.96
C ARG KA 27 72.40 31.47 -61.31
N MET KA 28 73.00 31.32 -62.48
CA MET KA 28 74.11 32.17 -62.91
C MET KA 28 73.74 33.54 -63.49
N LYS KA 29 72.44 33.82 -63.66
CA LYS KA 29 71.99 35.16 -64.11
C LYS KA 29 72.44 36.26 -63.16
N THR KA 30 72.37 37.50 -63.64
CA THR KA 30 72.91 38.63 -62.91
C THR KA 30 72.29 38.83 -61.53
N GLY KA 31 71.03 39.26 -61.49
CA GLY KA 31 70.37 39.60 -60.21
C GLY KA 31 69.51 38.47 -59.69
N ASN KA 32 70.12 37.32 -59.42
CA ASN KA 32 69.35 36.11 -59.10
C ASN KA 32 69.22 35.83 -57.61
N LYS KA 33 67.96 35.74 -57.17
CA LYS KA 33 67.62 35.42 -55.81
C LYS KA 33 67.05 34.00 -55.70
N ILE KA 34 66.92 33.30 -56.84
CA ILE KA 34 66.21 32.03 -56.87
C ILE KA 34 67.21 30.88 -56.77
N ARG KA 35 67.02 30.01 -55.78
CA ARG KA 35 67.87 28.81 -55.61
C ARG KA 35 67.16 27.49 -55.93
N TYR KA 36 65.85 27.42 -55.69
CA TYR KA 36 65.09 26.21 -56.01
C TYR KA 36 63.61 26.55 -56.24
N ASN KA 37 62.93 25.68 -56.98
CA ASN KA 37 61.62 26.01 -57.54
C ASN KA 37 60.53 26.31 -56.52
N SER KA 38 60.56 25.69 -55.35
CA SER KA 38 59.62 26.02 -54.25
C SER KA 38 58.11 25.98 -54.58
N LYS KA 39 57.73 25.54 -55.78
CA LYS KA 39 56.34 25.35 -56.15
C LYS KA 39 56.21 23.92 -56.71
N ARG KA 40 56.96 23.00 -56.13
CA ARG KA 40 57.02 21.63 -56.59
C ARG KA 40 56.04 20.79 -55.83
N ARG KA 41 55.25 20.04 -56.57
CA ARG KA 41 54.10 19.37 -56.03
C ARG KA 41 54.26 17.89 -56.21
N HIS KA 42 54.36 17.18 -55.09
CA HIS KA 42 54.42 15.74 -55.12
C HIS KA 42 53.04 15.13 -54.91
N TRP KA 43 52.60 14.36 -55.91
CA TRP KA 43 51.29 13.68 -55.90
C TRP KA 43 50.88 13.01 -54.58
N ARG KA 44 51.83 12.39 -53.88
CA ARG KA 44 51.51 11.65 -52.65
C ARG KA 44 51.12 12.58 -51.50
N ARG KA 45 51.69 13.79 -51.47
CA ARG KA 45 51.33 14.83 -50.48
C ARG KA 45 51.07 16.19 -51.12
N THR KA 46 49.81 16.64 -51.02
CA THR KA 46 49.25 17.85 -51.66
C THR KA 46 48.58 17.49 -52.98
N LYS KA 47 47.29 17.78 -53.06
CA LYS KA 47 46.39 17.08 -53.96
C LYS KA 47 45.58 17.96 -54.92
N LEU KA 48 46.28 18.82 -55.67
CA LEU KA 48 45.69 19.54 -56.83
C LEU KA 48 44.53 20.48 -56.51
N GLY KA 49 44.22 21.34 -57.48
CA GLY KA 49 43.05 22.22 -57.44
C GLY KA 49 41.79 21.46 -57.76
N LEU KA 50 41.53 20.43 -56.95
CA LEU KA 50 40.53 19.41 -57.22
C LEU KA 50 40.40 18.54 -55.96
N ILE LA 1 38.68 -32.51 60.56
CA ILE LA 1 38.88 -31.60 59.38
C ILE LA 1 40.17 -30.76 59.50
N ILE LA 2 40.26 -29.92 60.52
CA ILE LA 2 41.36 -28.97 60.66
C ILE LA 2 41.38 -28.43 62.10
N GLU LA 3 42.55 -28.41 62.71
CA GLU LA 3 42.70 -28.09 64.13
C GLU LA 3 42.45 -26.57 64.33
N PRO LA 4 41.55 -26.19 65.26
CA PRO LA 4 41.08 -24.80 65.39
C PRO LA 4 42.15 -23.73 65.54
N SER LA 5 43.11 -23.94 66.44
CA SER LA 5 44.21 -22.97 66.62
C SER LA 5 45.07 -22.88 65.36
N LEU LA 6 45.23 -24.02 64.69
CA LEU LA 6 45.92 -24.07 63.39
C LEU LA 6 45.18 -23.30 62.31
N ARG LA 7 43.86 -23.39 62.34
CA ARG LA 7 42.99 -22.65 61.42
C ARG LA 7 43.12 -21.15 61.58
N GLN LA 8 43.00 -20.70 62.83
CA GLN LA 8 43.01 -19.27 63.14
C GLN LA 8 44.37 -18.63 62.80
N LEU LA 9 45.42 -19.43 62.93
CA LEU LA 9 46.76 -19.06 62.46
C LEU LA 9 46.79 -18.77 60.95
N ALA LA 10 46.15 -19.62 60.15
CA ALA LA 10 46.08 -19.43 58.69
C ALA LA 10 45.08 -18.37 58.26
N GLN LA 11 44.05 -18.14 59.09
CA GLN LA 11 43.16 -17.00 58.91
C GLN LA 11 43.97 -15.71 59.03
N LYS LA 12 44.65 -15.55 60.17
CA LYS LA 12 45.53 -14.40 60.43
C LYS LA 12 46.29 -13.95 59.19
N TYR LA 13 46.84 -14.91 58.46
CA TYR LA 13 47.56 -14.61 57.24
C TYR LA 13 46.69 -14.34 56.02
N ASN LA 14 45.53 -15.00 55.91
CA ASN LA 14 44.69 -14.88 54.71
C ASN LA 14 43.44 -13.99 54.81
N CYS LA 15 42.84 -13.89 56.00
CA CYS LA 15 41.48 -13.35 56.17
C CYS LA 15 41.29 -12.23 57.21
N ASP LA 16 42.29 -11.97 58.06
CA ASP LA 16 42.20 -10.95 59.08
C ASP LA 16 42.90 -9.70 58.54
N LYS LA 17 42.22 -9.06 57.59
CA LYS LA 17 42.82 -8.03 56.76
C LYS LA 17 41.81 -6.91 56.48
N MET LA 18 42.33 -5.70 56.22
CA MET LA 18 41.54 -4.61 55.63
C MET LA 18 41.73 -4.57 54.14
N ILE LA 19 40.74 -4.00 53.47
CA ILE LA 19 40.73 -3.90 52.02
C ILE LA 19 40.40 -2.48 51.59
N CYS LA 20 41.13 -1.97 50.62
CA CYS LA 20 40.91 -0.62 50.13
C CYS LA 20 39.70 -0.56 49.21
N ARG LA 21 38.89 0.48 49.41
CA ARG LA 21 37.61 0.65 48.72
C ARG LA 21 37.81 1.18 47.29
N LYS LA 22 38.98 1.79 47.06
CA LYS LA 22 39.33 2.34 45.76
C LYS LA 22 40.00 1.22 44.94
N CYS LA 23 41.10 0.68 45.46
CA CYS LA 23 42.03 -0.15 44.67
C CYS LA 23 42.06 -1.65 45.00
N TYR LA 24 41.20 -2.09 45.91
CA TYR LA 24 41.16 -3.48 46.37
C TYR LA 24 42.44 -4.01 47.00
N ALA LA 25 43.36 -3.14 47.40
CA ALA LA 25 44.57 -3.61 48.03
C ALA LA 25 44.22 -4.34 49.32
N ARG LA 26 44.92 -5.44 49.55
CA ARG LA 26 44.74 -6.25 50.74
C ARG LA 26 45.70 -5.68 51.77
N LEU LA 27 45.17 -5.29 52.92
CA LEU LA 27 45.92 -4.54 53.93
C LEU LA 27 45.82 -5.18 55.29
N HIS LA 28 46.82 -4.96 56.13
CA HIS LA 28 46.74 -5.34 57.54
C HIS LA 28 45.53 -4.73 58.25
N PRO LA 29 44.91 -5.47 59.18
CA PRO LA 29 43.61 -5.10 59.74
C PRO LA 29 43.61 -3.84 60.62
N ARG LA 30 44.77 -3.47 61.15
CA ARG LA 30 44.92 -2.21 61.90
C ARG LA 30 44.82 -0.98 60.98
N ALA LA 31 45.14 -1.16 59.70
CA ALA LA 31 45.12 -0.07 58.69
C ALA LA 31 44.00 0.95 58.84
N VAL LA 32 44.39 2.21 58.81
CA VAL LA 32 43.45 3.31 58.58
C VAL LA 32 43.53 3.82 57.14
N ASN LA 33 44.74 3.90 56.60
CA ASN LA 33 44.96 4.29 55.20
C ASN LA 33 45.51 3.16 54.37
N CYS LA 34 45.33 3.29 53.06
CA CYS LA 34 45.82 2.31 52.12
C CYS LA 34 47.33 2.43 51.96
N ARG LA 35 47.90 1.42 51.34
CA ARG LA 35 49.31 1.40 50.97
C ARG LA 35 49.49 2.23 49.71
N LYS LA 36 48.54 2.07 48.81
CA LYS LA 36 48.77 2.22 47.39
C LYS LA 36 48.77 3.65 46.94
N LYS LA 37 49.90 4.07 46.38
CA LYS LA 37 50.02 5.36 45.75
C LYS LA 37 49.03 5.53 44.58
N LYS LA 38 48.62 4.42 43.96
CA LYS LA 38 47.64 4.46 42.87
C LYS LA 38 46.29 5.04 43.29
N CYS LA 39 45.87 4.81 44.53
CA CYS LA 39 44.61 5.34 45.04
C CYS LA 39 44.81 6.42 46.09
N GLY LA 40 46.05 6.88 46.25
CA GLY LA 40 46.36 8.01 47.12
C GLY LA 40 46.03 7.78 48.58
N HIS LA 41 46.44 6.61 49.09
CA HIS LA 41 46.28 6.27 50.50
C HIS LA 41 44.84 6.51 50.98
N THR LA 42 43.90 6.06 50.14
CA THR LA 42 42.49 6.41 50.17
C THR LA 42 41.85 6.67 51.53
N ASN LA 43 42.04 5.73 52.44
CA ASN LA 43 41.36 5.68 53.75
C ASN LA 43 39.90 5.17 53.71
N ASN LA 44 39.21 5.28 52.58
CA ASN LA 44 38.03 4.45 52.37
C ASN LA 44 38.50 3.02 52.34
N LEU LA 45 38.36 2.33 53.48
CA LEU LA 45 38.68 0.91 53.56
C LEU LA 45 37.47 0.16 54.07
N ARG LA 46 37.47 -1.14 53.82
CA ARG LA 46 36.49 -2.03 54.40
C ARG LA 46 37.18 -3.32 54.83
N PRO LA 47 36.55 -4.08 55.72
CA PRO LA 47 37.11 -5.38 56.06
C PRO LA 47 36.91 -6.39 54.94
N LYS LA 48 37.80 -7.38 54.87
CA LYS LA 48 37.62 -8.51 53.98
C LYS LA 48 36.46 -9.35 54.48
N LYS LA 49 35.50 -9.65 53.59
CA LYS LA 49 34.27 -10.34 53.96
C LYS LA 49 34.57 -11.75 54.45
N LYS LA 50 33.98 -12.14 55.58
CA LYS LA 50 34.26 -13.45 56.16
C LYS LA 50 33.46 -14.52 55.42
N VAL LA 51 34.04 -15.71 55.31
CA VAL LA 51 33.33 -16.86 54.76
C VAL LA 51 32.26 -17.32 55.76
N LYS LA 52 31.02 -17.46 55.28
CA LYS LA 52 29.88 -17.85 56.12
C LYS LA 52 29.87 -19.36 56.34
N ARG MA 1 -34.76 -18.69 -3.64
CA ARG MA 1 -35.43 -19.07 -4.93
C ARG MA 1 -34.48 -19.90 -5.80
N ALA MA 2 -35.01 -20.93 -6.45
CA ALA MA 2 -34.20 -21.85 -7.25
C ALA MA 2 -33.40 -21.15 -8.33
N LYS MA 3 -34.11 -20.44 -9.20
CA LYS MA 3 -33.48 -19.68 -10.27
C LYS MA 3 -32.32 -18.82 -9.78
N TRP MA 4 -32.51 -18.11 -8.68
CA TRP MA 4 -31.45 -17.25 -8.16
C TRP MA 4 -30.31 -18.03 -7.52
N ARG MA 5 -30.62 -19.18 -6.94
CA ARG MA 5 -29.60 -20.07 -6.41
C ARG MA 5 -28.71 -20.65 -7.52
N LYS MA 6 -29.27 -20.76 -8.72
CA LYS MA 6 -28.50 -21.14 -9.89
C LYS MA 6 -27.55 -20.03 -10.30
N LYS MA 7 -28.05 -18.79 -10.32
CA LYS MA 7 -27.23 -17.60 -10.58
C LYS MA 7 -26.10 -17.45 -9.57
N ARG MA 8 -26.48 -17.55 -8.30
CA ARG MA 8 -25.50 -17.63 -7.21
C ARG MA 8 -24.43 -18.64 -7.57
N MET MA 9 -24.84 -19.88 -7.85
CA MET MA 9 -23.90 -20.97 -8.10
C MET MA 9 -23.04 -20.75 -9.35
N ARG MA 10 -23.63 -20.16 -10.37
CA ARG MA 10 -22.88 -19.88 -11.61
C ARG MA 10 -21.91 -18.73 -11.45
N ARG MA 11 -22.20 -17.79 -10.56
CA ARG MA 11 -21.25 -16.72 -10.23
C ARG MA 11 -20.09 -17.22 -9.37
N LEU MA 12 -20.42 -18.07 -8.42
CA LEU MA 12 -19.43 -18.64 -7.52
C LEU MA 12 -18.51 -19.59 -8.29
N LYS MA 13 -19.07 -20.44 -9.16
CA LYS MA 13 -18.25 -21.24 -10.10
C LYS MA 13 -17.30 -20.36 -10.90
N ARG MA 14 -17.82 -19.24 -11.40
CA ARG MA 14 -17.04 -18.25 -12.12
C ARG MA 14 -15.86 -17.73 -11.29
N LYS MA 15 -16.10 -17.52 -10.00
CA LYS MA 15 -15.02 -17.11 -9.08
C LYS MA 15 -13.99 -18.22 -8.86
N ARG MA 16 -14.46 -19.46 -8.85
CA ARG MA 16 -13.58 -20.62 -8.71
C ARG MA 16 -12.73 -20.85 -9.95
N ARG MA 17 -13.32 -20.72 -11.13
CA ARG MA 17 -12.55 -20.76 -12.38
C ARG MA 17 -11.43 -19.74 -12.31
N LYS MA 18 -11.76 -18.54 -11.82
CA LYS MA 18 -10.83 -17.41 -11.78
C LYS MA 18 -9.70 -17.57 -10.77
N MET MA 19 -9.98 -18.18 -9.63
CA MET MA 19 -8.96 -18.48 -8.62
C MET MA 19 -7.96 -19.49 -9.11
N ARG MA 20 -8.44 -20.50 -9.82
CA ARG MA 20 -7.60 -21.61 -10.18
C ARG MA 20 -6.69 -21.26 -11.36
N GLN MA 21 -7.15 -20.36 -12.22
CA GLN MA 21 -6.34 -19.87 -13.35
C GLN MA 21 -5.15 -19.01 -12.90
N ARG MA 22 -5.07 -18.66 -11.61
CA ARG MA 22 -3.85 -18.09 -11.01
C ARG MA 22 -2.73 -19.13 -10.80
N SER MA 23 -3.01 -20.41 -11.05
CA SER MA 23 -2.00 -21.47 -11.01
C SER MA 23 -2.18 -22.47 -12.16
N VAL NA 1 -15.04 59.29 8.82
CA VAL NA 1 -15.28 60.64 9.41
C VAL NA 1 -16.61 61.23 8.97
N ASN NA 2 -16.97 62.33 9.62
CA ASN NA 2 -18.15 63.10 9.31
C ASN NA 2 -17.73 64.54 9.28
N VAL NA 3 -18.26 65.30 8.32
CA VAL NA 3 -18.13 66.76 8.34
C VAL NA 3 -19.48 67.38 7.97
N PRO NA 4 -19.76 68.59 8.48
CA PRO NA 4 -21.03 69.22 8.17
C PRO NA 4 -20.96 69.93 6.82
N LYS NA 5 -22.12 70.16 6.23
CA LYS NA 5 -22.21 70.71 4.87
C LYS NA 5 -22.00 72.22 4.77
N THR NA 6 -22.07 72.91 5.91
CA THR NA 6 -21.78 74.34 5.96
C THR NA 6 -20.55 74.60 6.81
N ARG NA 7 -19.83 75.65 6.42
CA ARG NA 7 -18.55 75.96 7.00
C ARG NA 7 -18.34 77.44 6.87
N ARG NA 8 -18.23 78.14 8.00
CA ARG NA 8 -17.87 79.55 7.99
C ARG NA 8 -16.37 79.66 8.14
N THR NA 9 -15.68 79.66 7.00
CA THR NA 9 -14.22 79.71 6.95
C THR NA 9 -13.82 80.92 6.09
N PHE NA 10 -12.53 81.06 5.83
CA PHE NA 10 -12.04 82.21 5.08
C PHE NA 10 -12.51 82.17 3.64
N CYS NA 11 -12.77 83.34 3.07
CA CYS NA 11 -13.02 83.49 1.64
C CYS NA 11 -12.01 84.49 1.08
N LYS NA 12 -11.05 83.98 0.30
CA LYS NA 12 -10.03 84.81 -0.34
C LYS NA 12 -10.63 85.99 -1.13
N LYS NA 13 -11.63 85.71 -1.96
CA LYS NA 13 -12.15 86.72 -2.88
C LYS NA 13 -12.70 87.90 -2.11
N CYS NA 14 -13.56 87.60 -1.14
CA CYS NA 14 -14.15 88.63 -0.29
C CYS NA 14 -13.15 89.25 0.69
N GLY NA 15 -12.19 88.45 1.17
CA GLY NA 15 -11.21 88.90 2.15
C GLY NA 15 -11.57 88.62 3.60
N LYS NA 16 -12.84 88.31 3.84
CA LYS NA 16 -13.34 88.02 5.18
C LYS NA 16 -13.36 86.52 5.40
N HIS NA 17 -13.85 86.15 6.57
CA HIS NA 17 -14.49 84.87 6.78
C HIS NA 17 -15.89 84.95 6.22
N GLN NA 18 -16.38 83.82 5.70
CA GLN NA 18 -17.72 83.75 5.13
C GLN NA 18 -18.20 82.31 5.07
N PRO NA 19 -19.53 82.11 5.07
CA PRO NA 19 -20.04 80.76 4.98
C PRO NA 19 -19.78 80.16 3.61
N HIS NA 20 -19.44 78.88 3.60
CA HIS NA 20 -19.21 78.15 2.37
C HIS NA 20 -19.98 76.85 2.42
N LYS NA 21 -20.54 76.49 1.29
CA LYS NA 21 -21.14 75.19 1.10
C LYS NA 21 -19.97 74.23 0.87
N VAL NA 22 -20.11 72.99 1.34
CA VAL NA 22 -19.04 71.98 1.23
C VAL NA 22 -19.53 70.80 0.41
N THR NA 23 -18.62 70.20 -0.35
CA THR NA 23 -18.93 69.02 -1.17
C THR NA 23 -17.64 68.29 -1.53
N GLN NA 24 -17.68 66.96 -1.54
CA GLN NA 24 -16.44 66.21 -1.81
C GLN NA 24 -16.14 66.13 -3.31
N TYR NA 25 -14.86 66.38 -3.62
CA TYR NA 25 -14.40 66.71 -4.97
C TYR NA 25 -14.11 65.47 -5.79
N LYS NA 26 -14.25 65.61 -7.10
CA LYS NA 26 -14.06 64.50 -8.03
C LYS NA 26 -13.13 64.90 -9.17
N LYS NA 27 -12.36 63.91 -9.63
CA LYS NA 27 -11.61 64.04 -10.88
C LYS NA 27 -12.59 64.23 -12.02
N GLY NA 28 -12.31 65.19 -12.90
CA GLY NA 28 -13.10 65.38 -14.12
C GLY NA 28 -12.77 64.34 -15.18
N LYS NA 29 -13.54 64.35 -16.27
CA LYS NA 29 -13.20 63.57 -17.47
C LYS NA 29 -11.93 64.15 -18.10
N ASP NA 30 -11.18 63.30 -18.77
CA ASP NA 30 -9.79 63.60 -19.09
C ASP NA 30 -9.58 64.17 -20.50
N SER NA 31 -9.93 65.45 -20.64
CA SER NA 31 -9.69 66.32 -21.82
C SER NA 31 -9.59 65.72 -23.23
N LEU NA 32 -8.60 64.86 -23.45
CA LEU NA 32 -8.32 64.24 -24.76
C LEU NA 32 -7.44 65.14 -25.63
N TYR NA 33 -7.63 66.46 -25.57
CA TYR NA 33 -6.75 67.40 -26.26
C TYR NA 33 -5.86 68.19 -25.32
N ALA NA 34 -5.47 67.56 -24.22
CA ALA NA 34 -4.38 68.10 -23.40
C ALA NA 34 -3.09 67.69 -24.05
N GLN NA 35 -2.06 68.51 -23.89
CA GLN NA 35 -0.77 68.21 -24.51
C GLN NA 35 -0.33 66.84 -24.09
N GLY NA 36 -0.49 66.52 -22.81
CA GLY NA 36 -0.16 65.20 -22.33
C GLY NA 36 -0.82 64.11 -23.14
N LYS NA 37 -2.15 64.17 -23.23
CA LYS NA 37 -2.91 63.13 -23.93
C LYS NA 37 -2.66 63.12 -25.42
N ARG NA 38 -2.47 64.30 -25.99
CA ARG NA 38 -2.04 64.42 -27.37
C ARG NA 38 -0.67 63.82 -27.60
N ARG NA 39 0.22 64.00 -26.63
CA ARG NA 39 1.57 63.46 -26.72
C ARG NA 39 1.53 61.94 -26.63
N TYR NA 40 0.86 61.41 -25.60
CA TYR NA 40 0.76 59.97 -25.44
C TYR NA 40 0.07 59.34 -26.60
N ASP NA 41 -0.92 60.02 -27.17
CA ASP NA 41 -1.60 59.48 -28.34
C ASP NA 41 -0.61 59.21 -29.45
N ARG NA 42 0.15 60.22 -29.86
CA ARG NA 42 1.02 60.06 -31.02
C ARG NA 42 2.29 59.27 -30.73
N LYS NA 43 2.62 59.07 -29.46
CA LYS NA 43 3.70 58.14 -29.09
C LYS NA 43 3.17 56.72 -29.18
N GLN NA 44 2.11 56.47 -28.41
CA GLN NA 44 1.51 55.15 -28.27
C GLN NA 44 1.00 54.57 -29.60
N SER NA 45 0.83 55.42 -30.62
CA SER NA 45 0.50 54.96 -31.97
C SER NA 45 1.64 54.22 -32.67
N GLY NA 46 1.30 53.64 -33.81
CA GLY NA 46 2.22 52.83 -34.60
C GLY NA 46 2.41 51.46 -33.98
N TYR NA 47 3.57 50.88 -34.24
CA TYR NA 47 4.06 49.73 -33.49
C TYR NA 47 4.95 50.25 -32.34
N GLY NA 48 5.59 49.34 -31.63
CA GLY NA 48 6.37 49.66 -30.43
C GLY NA 48 5.75 49.10 -29.18
N GLY NA 49 4.48 48.69 -29.27
CA GLY NA 49 3.74 48.24 -28.10
C GLY NA 49 3.46 49.42 -27.20
N GLN NA 50 3.38 49.17 -25.90
CA GLN NA 50 3.17 50.25 -24.96
C GLN NA 50 4.47 50.93 -24.62
N THR NA 51 4.39 52.25 -24.50
CA THR NA 51 5.53 53.11 -24.54
C THR NA 51 5.88 53.76 -23.20
N LYS NA 52 4.87 54.15 -22.43
CA LYS NA 52 5.08 54.66 -21.09
C LYS NA 52 4.63 53.59 -20.09
N PRO NA 53 5.06 53.68 -18.82
CA PRO NA 53 4.78 52.62 -17.84
C PRO NA 53 3.33 52.54 -17.39
N ILE NA 54 2.97 51.41 -16.79
CA ILE NA 54 1.61 51.17 -16.30
C ILE NA 54 1.70 50.68 -14.87
N PHE NA 55 1.03 51.38 -13.97
CA PHE NA 55 1.17 51.16 -12.55
C PHE NA 55 0.34 49.96 -12.15
N ARG NA 56 0.99 48.91 -11.65
CA ARG NA 56 0.31 47.68 -11.28
C ARG NA 56 0.81 47.18 -9.92
N LYS NA 57 0.76 48.05 -8.91
CA LYS NA 57 1.36 47.73 -7.60
C LYS NA 57 0.79 48.60 -6.47
N LYS NA 58 -0.56 48.63 -6.39
CA LYS NA 58 -1.30 49.49 -5.45
C LYS NA 58 -1.06 49.15 -3.99
N ALA NA 59 -0.59 50.14 -3.25
CA ALA NA 59 -0.17 49.97 -1.86
C ALA NA 59 -1.24 50.45 -0.91
N LYS NA 60 -1.70 51.69 -1.09
CA LYS NA 60 -2.74 52.23 -0.20
C LYS NA 60 -4.15 51.82 -0.60
N THR NA 61 -5.04 51.98 0.37
CA THR NA 61 -6.43 51.59 0.26
C THR NA 61 -7.34 52.74 0.73
N THR NA 62 -6.93 53.97 0.42
CA THR NA 62 -7.73 55.17 0.72
C THR NA 62 -7.11 56.43 0.14
N LYS NA 63 -7.97 57.39 -0.21
CA LYS NA 63 -7.57 58.67 -0.76
C LYS NA 63 -7.61 59.73 0.34
N LYS NA 64 -6.76 60.75 0.23
CA LYS NA 64 -6.93 61.97 1.03
C LYS NA 64 -8.22 62.60 0.54
N ILE NA 65 -9.22 62.72 1.43
CA ILE NA 65 -10.48 63.32 1.01
C ILE NA 65 -10.31 64.83 0.89
N VAL NA 66 -10.95 65.37 -0.14
CA VAL NA 66 -10.91 66.79 -0.45
C VAL NA 66 -12.33 67.27 -0.41
N LEU NA 67 -12.50 68.47 0.09
CA LEU NA 67 -13.77 69.14 0.09
C LEU NA 67 -13.65 70.26 -0.91
N ARG NA 68 -14.77 70.65 -1.48
CA ARG NA 68 -14.84 71.74 -2.44
C ARG NA 68 -15.67 72.87 -1.83
N LEU NA 69 -14.97 73.78 -1.16
CA LEU NA 69 -15.62 74.85 -0.41
C LEU NA 69 -16.01 75.98 -1.33
N GLU NA 70 -17.32 76.19 -1.49
CA GLU NA 70 -17.86 77.21 -2.39
C GLU NA 70 -18.48 78.32 -1.59
N CYS NA 71 -18.16 79.57 -1.94
CA CYS NA 71 -18.58 80.73 -1.14
C CYS NA 71 -20.06 80.99 -1.31
N VAL NA 72 -20.72 81.28 -0.19
CA VAL NA 72 -22.18 81.42 -0.17
C VAL NA 72 -22.61 82.79 -0.68
N GLU NA 73 -21.92 83.86 -0.27
CA GLU NA 73 -22.27 85.20 -0.73
C GLU NA 73 -22.22 85.22 -2.26
N PRO NA 74 -23.35 85.57 -2.91
CA PRO NA 74 -23.32 85.73 -4.36
C PRO NA 74 -22.56 86.99 -4.74
N ASN NA 75 -22.29 87.14 -6.03
CA ASN NA 75 -21.28 88.10 -6.52
C ASN NA 75 -19.87 87.68 -6.07
N CYS NA 76 -19.65 86.37 -5.96
CA CYS NA 76 -18.36 85.80 -5.55
C CYS NA 76 -18.33 84.32 -5.90
N ARG NA 77 -19.11 83.53 -5.16
CA ARG NA 77 -19.34 82.10 -5.43
C ARG NA 77 -18.05 81.27 -5.52
N SER NA 78 -16.96 81.79 -4.96
CA SER NA 78 -15.63 81.29 -5.24
C SER NA 78 -15.42 79.91 -4.64
N LYS NA 79 -15.06 78.96 -5.49
CA LYS NA 79 -14.81 77.59 -5.08
C LYS NA 79 -13.37 77.49 -4.59
N ARG NA 80 -13.08 76.43 -3.84
CA ARG NA 80 -11.78 76.29 -3.17
C ARG NA 80 -11.56 74.83 -2.72
N MET NA 81 -10.37 74.30 -2.97
CA MET NA 81 -10.03 72.94 -2.53
C MET NA 81 -9.48 72.95 -1.13
N LEU NA 82 -9.91 71.96 -0.35
CA LEU NA 82 -9.59 71.90 1.05
C LEU NA 82 -9.44 70.43 1.43
N ALA NA 83 -8.19 69.99 1.61
CA ALA NA 83 -7.91 68.59 1.91
C ALA NA 83 -8.00 68.29 3.40
N ILE NA 84 -8.18 67.01 3.69
CA ILE NA 84 -8.34 66.50 5.06
C ILE NA 84 -7.52 65.21 5.09
N LYS NA 85 -7.16 64.76 6.30
CA LYS NA 85 -6.45 63.49 6.46
C LYS NA 85 -7.21 62.28 5.92
N ARG NA 86 -6.45 61.30 5.41
CA ARG NA 86 -7.00 60.06 4.80
C ARG NA 86 -7.97 59.35 5.73
N CYS NA 87 -9.08 58.84 5.18
CA CYS NA 87 -9.99 58.02 5.99
C CYS NA 87 -10.88 57.10 5.15
N LYS NA 88 -10.95 55.83 5.53
CA LYS NA 88 -11.74 54.86 4.78
C LYS NA 88 -13.21 54.83 5.22
N HIS NA 89 -13.68 55.96 5.74
CA HIS NA 89 -15.09 56.25 5.83
C HIS NA 89 -15.21 57.77 5.79
N PHE NA 90 -16.16 58.28 5.02
CA PHE NA 90 -16.42 59.71 4.95
C PHE NA 90 -17.88 59.98 4.67
N GLU NA 91 -18.40 61.08 5.20
CA GLU NA 91 -19.78 61.50 4.93
C GLU NA 91 -19.99 62.98 5.24
N LEU NA 92 -21.07 63.54 4.72
CA LEU NA 92 -21.43 64.95 4.99
C LEU NA 92 -22.80 65.10 5.64
N GLY NA 93 -22.81 65.68 6.84
CA GLY NA 93 -24.04 65.91 7.59
C GLY NA 93 -24.68 64.63 8.09
N GLY NA 94 -23.86 63.72 8.61
CA GLY NA 94 -24.33 62.40 9.08
C GLY NA 94 -24.59 62.34 10.58
N ASP NA 95 -25.61 63.08 11.04
CA ASP NA 95 -25.98 63.19 12.46
C ASP NA 95 -24.91 63.82 13.35
N LYS NA 96 -25.30 64.13 14.59
CA LYS NA 96 -24.39 64.76 15.55
C LYS NA 96 -24.00 63.83 16.73
N LYS NA 97 -24.03 62.52 16.48
CA LYS NA 97 -23.59 61.46 17.42
C LYS NA 97 -24.29 61.36 18.81
N ARG NA 98 -24.51 62.48 19.48
CA ARG NA 98 -25.30 62.58 20.73
C ARG NA 98 -24.62 61.95 21.95
N LYS NA 99 -24.12 62.80 22.85
CA LYS NA 99 -23.56 62.34 24.13
C LYS NA 99 -24.67 61.90 25.08
N GLY NA 100 -24.36 60.89 25.89
CA GLY NA 100 -25.21 60.49 27.02
C GLY NA 100 -26.56 59.88 26.65
N GLN NA 101 -26.52 58.86 25.79
CA GLN NA 101 -27.73 58.22 25.27
C GLN NA 101 -27.64 56.70 25.33
N VAL NA 102 -28.79 56.07 25.11
CA VAL NA 102 -28.91 54.62 25.18
C VAL NA 102 -28.53 54.03 23.83
N ILE NA 103 -27.64 53.04 23.87
CA ILE NA 103 -27.29 52.25 22.69
C ILE NA 103 -28.10 50.97 22.81
N GLN NA 104 -28.57 50.44 21.68
CA GLN NA 104 -29.51 49.32 21.66
C GLN NA 104 -29.26 48.35 20.51
N ALA OA 1 -9.14 -32.10 -41.67
CA ALA OA 1 -8.20 -31.77 -40.56
C ALA OA 1 -7.04 -32.79 -40.49
N LYS OA 2 -6.37 -32.98 -41.62
CA LYS OA 2 -5.25 -33.93 -41.74
C LYS OA 2 -4.03 -33.45 -41.00
N ARG OA 3 -3.61 -32.23 -41.33
CA ARG OA 3 -2.39 -31.65 -40.77
C ARG OA 3 -2.68 -30.71 -39.61
N THR OA 4 -3.68 -29.84 -39.77
CA THR OA 4 -4.10 -28.94 -38.69
C THR OA 4 -5.57 -29.11 -38.31
N LYS OA 5 -5.86 -28.99 -37.02
CA LYS OA 5 -7.22 -29.00 -36.51
C LYS OA 5 -7.99 -27.79 -37.01
N LYS OA 6 -7.45 -26.60 -36.71
CA LYS OA 6 -8.17 -25.35 -36.93
C LYS OA 6 -7.30 -24.13 -37.19
N VAL OA 7 -6.42 -24.23 -38.18
CA VAL OA 7 -5.79 -23.03 -38.76
C VAL OA 7 -5.81 -23.02 -40.28
N GLY OA 8 -5.50 -24.15 -40.91
CA GLY OA 8 -5.54 -24.23 -42.37
C GLY OA 8 -4.70 -23.15 -43.02
N ILE OA 9 -5.27 -22.47 -44.03
CA ILE OA 9 -4.59 -21.40 -44.77
C ILE OA 9 -3.76 -20.48 -43.86
N VAL OA 10 -4.30 -20.13 -42.68
CA VAL OA 10 -3.61 -19.20 -41.77
C VAL OA 10 -2.63 -19.87 -40.79
N GLY OA 11 -2.27 -21.11 -41.05
CA GLY OA 11 -1.16 -21.76 -40.35
C GLY OA 11 0.18 -21.19 -40.77
N LYS OA 12 0.24 -20.59 -41.95
CA LYS OA 12 1.46 -19.89 -42.40
C LYS OA 12 1.95 -18.89 -41.35
N TYR OA 13 1.02 -18.13 -40.81
CA TYR OA 13 1.33 -17.04 -39.90
C TYR OA 13 1.90 -17.48 -38.54
N GLY OA 14 1.81 -18.77 -38.24
CA GLY OA 14 2.41 -19.32 -37.02
C GLY OA 14 1.62 -18.85 -35.83
N THR OA 15 2.32 -18.55 -34.74
CA THR OA 15 1.67 -17.96 -33.58
C THR OA 15 1.19 -16.51 -33.77
N ARG OA 16 1.84 -15.77 -34.67
CA ARG OA 16 1.72 -14.30 -34.70
C ARG OA 16 0.31 -13.73 -34.88
N TYR OA 17 0.17 -12.48 -34.45
CA TYR OA 17 -0.94 -11.58 -34.83
C TYR OA 17 -2.21 -11.77 -34.01
N GLY OA 18 -2.28 -12.83 -33.21
CA GLY OA 18 -3.45 -13.05 -32.38
C GLY OA 18 -4.48 -13.94 -33.03
N ALA OA 19 -5.26 -14.60 -32.19
CA ALA OA 19 -6.18 -15.62 -32.63
C ALA OA 19 -7.33 -15.06 -33.46
N SER OA 20 -7.88 -13.95 -33.00
CA SER OA 20 -9.02 -13.31 -33.65
C SER OA 20 -8.67 -12.81 -35.02
N LEU OA 21 -7.55 -12.12 -35.14
CA LEU OA 21 -7.11 -11.63 -36.44
C LEU OA 21 -6.91 -12.77 -37.41
N ARG OA 22 -6.20 -13.81 -36.97
CA ARG OA 22 -5.95 -14.98 -37.82
C ARG OA 22 -7.21 -15.74 -38.23
N LYS OA 23 -8.19 -15.80 -37.33
CA LYS OA 23 -9.52 -16.33 -37.67
C LYS OA 23 -10.18 -15.42 -38.69
N MET OA 24 -10.06 -14.11 -38.49
CA MET OA 24 -10.65 -13.12 -39.38
C MET OA 24 -10.04 -13.15 -40.79
N VAL OA 25 -8.74 -13.39 -40.84
CA VAL OA 25 -8.03 -13.51 -42.11
C VAL OA 25 -8.41 -14.79 -42.84
N LYS OA 26 -8.64 -15.89 -42.11
CA LYS OA 26 -8.94 -17.18 -42.76
C LYS OA 26 -10.09 -17.14 -43.75
N LYS OA 27 -11.11 -16.35 -43.46
CA LYS OA 27 -12.24 -16.23 -44.38
C LYS OA 27 -11.78 -15.66 -45.72
N ILE OA 28 -11.21 -14.45 -45.67
CA ILE OA 28 -10.73 -13.75 -46.87
C ILE OA 28 -9.65 -14.61 -47.52
N GLU OA 29 -8.62 -14.90 -46.74
CA GLU OA 29 -7.44 -15.63 -47.23
C GLU OA 29 -7.78 -16.85 -48.06
N ILE OA 30 -8.87 -17.52 -47.70
CA ILE OA 30 -9.45 -18.56 -48.53
C ILE OA 30 -10.07 -17.99 -49.80
N SER OA 31 -11.11 -17.18 -49.65
CA SER OA 31 -11.86 -16.69 -50.81
C SER OA 31 -10.98 -16.05 -51.87
N GLN OA 32 -10.00 -15.26 -51.44
CA GLN OA 32 -9.17 -14.52 -52.38
C GLN OA 32 -8.29 -15.42 -53.23
N HIS OA 33 -7.88 -16.56 -52.66
CA HIS OA 33 -7.08 -17.53 -53.39
C HIS OA 33 -7.91 -18.60 -54.10
N ALA OA 34 -9.23 -18.56 -53.92
CA ALA OA 34 -10.14 -19.50 -54.57
C ALA OA 34 -10.09 -19.34 -56.07
N LYS OA 35 -10.26 -20.44 -56.80
CA LYS OA 35 -10.45 -20.40 -58.23
C LYS OA 35 -11.95 -20.55 -58.46
N TYR OA 36 -12.54 -19.52 -59.06
CA TYR OA 36 -13.98 -19.48 -59.30
C TYR OA 36 -14.28 -19.97 -60.71
N THR OA 37 -15.55 -19.96 -61.09
CA THR OA 37 -15.98 -20.37 -62.43
C THR OA 37 -16.26 -19.19 -63.36
N CYS OA 38 -15.52 -19.16 -64.46
CA CYS OA 38 -15.66 -18.15 -65.52
C CYS OA 38 -17.02 -18.27 -66.21
N SER OA 39 -17.99 -17.47 -65.76
CA SER OA 39 -19.32 -17.40 -66.40
C SER OA 39 -19.22 -16.77 -67.79
N PHE OA 40 -18.52 -17.45 -68.68
CA PHE OA 40 -18.14 -16.91 -69.97
C PHE OA 40 -17.71 -18.08 -70.85
N CYS OA 41 -16.86 -18.94 -70.29
CA CYS OA 41 -16.63 -20.28 -70.81
C CYS OA 41 -17.24 -21.38 -69.93
N GLY OA 42 -17.14 -21.21 -68.62
CA GLY OA 42 -17.61 -22.19 -67.66
C GLY OA 42 -16.51 -23.08 -67.10
N LYS OA 43 -15.24 -22.70 -67.34
CA LYS OA 43 -14.12 -23.40 -66.71
C LYS OA 43 -13.92 -22.80 -65.34
N THR OA 44 -13.25 -23.54 -64.47
CA THR OA 44 -13.00 -23.07 -63.11
C THR OA 44 -11.63 -22.40 -63.06
N LYS OA 45 -11.56 -21.21 -63.63
CA LYS OA 45 -10.32 -20.50 -63.81
C LYS OA 45 -10.34 -19.02 -63.43
N MET OA 46 -11.46 -18.48 -62.96
CA MET OA 46 -11.49 -17.09 -62.47
C MET OA 46 -10.64 -16.97 -61.22
N LYS OA 47 -9.54 -16.24 -61.36
CA LYS OA 47 -8.53 -16.16 -60.34
C LYS OA 47 -8.18 -14.70 -60.16
N ARG OA 48 -8.19 -14.24 -58.92
CA ARG OA 48 -7.90 -12.84 -58.64
C ARG OA 48 -6.49 -12.56 -59.11
N ARG OA 49 -6.34 -11.47 -59.86
CA ARG OA 49 -5.04 -11.05 -60.40
C ARG OA 49 -4.42 -10.02 -59.45
N ALA OA 50 -5.19 -8.98 -59.17
CA ALA OA 50 -4.88 -8.01 -58.16
C ALA OA 50 -6.22 -7.55 -57.59
N VAL OA 51 -6.20 -6.70 -56.58
CA VAL OA 51 -7.43 -6.34 -55.88
C VAL OA 51 -8.47 -5.86 -56.86
N GLY OA 52 -9.68 -6.40 -56.75
CA GLY OA 52 -10.78 -5.90 -57.55
C GLY OA 52 -10.74 -6.30 -59.01
N ILE OA 53 -9.78 -7.14 -59.40
CA ILE OA 53 -9.61 -7.55 -60.80
C ILE OA 53 -9.28 -9.04 -60.87
N TRP OA 54 -10.19 -9.77 -61.51
CA TRP OA 54 -10.19 -11.21 -61.61
C TRP OA 54 -10.10 -11.58 -63.07
N HIS OA 55 -9.28 -12.57 -63.37
CA HIS OA 55 -8.96 -12.89 -64.72
C HIS OA 55 -9.26 -14.37 -64.96
N CYS OA 56 -9.97 -14.68 -66.03
CA CYS OA 56 -10.08 -16.06 -66.46
C CYS OA 56 -8.84 -16.30 -67.31
N GLY OA 57 -8.15 -17.40 -67.02
CA GLY OA 57 -6.98 -17.81 -67.80
C GLY OA 57 -7.31 -18.35 -69.18
N SER OA 58 -8.46 -18.97 -69.33
CA SER OA 58 -8.88 -19.55 -70.58
C SER OA 58 -9.60 -18.50 -71.39
N CYS OA 59 -10.68 -17.99 -70.80
CA CYS OA 59 -11.55 -16.97 -71.40
C CYS OA 59 -10.76 -15.71 -71.78
N MET OA 60 -9.69 -15.43 -71.02
CA MET OA 60 -8.93 -14.18 -71.11
C MET OA 60 -9.79 -12.94 -70.84
N LYS OA 61 -10.82 -13.15 -70.01
CA LYS OA 61 -11.81 -12.13 -69.67
C LYS OA 61 -11.41 -11.57 -68.34
N THR OA 62 -10.79 -10.39 -68.32
CA THR OA 62 -10.49 -9.74 -67.04
C THR OA 62 -11.78 -9.09 -66.60
N VAL OA 63 -12.05 -9.15 -65.30
CA VAL OA 63 -13.36 -8.79 -64.76
C VAL OA 63 -13.26 -8.04 -63.44
N ALA OA 64 -13.71 -6.79 -63.47
CA ALA OA 64 -13.69 -5.95 -62.29
C ALA OA 64 -14.72 -6.49 -61.33
N GLY OA 65 -14.23 -7.06 -60.23
CA GLY OA 65 -15.06 -7.61 -59.17
C GLY OA 65 -14.65 -7.04 -57.85
N GLY OA 66 -14.89 -7.82 -56.79
CA GLY OA 66 -14.60 -7.42 -55.42
C GLY OA 66 -13.14 -7.55 -55.08
N ALA OA 67 -12.81 -7.10 -53.88
CA ALA OA 67 -11.44 -7.12 -53.39
C ALA OA 67 -10.97 -8.52 -53.03
N TRP OA 68 -11.87 -9.32 -52.45
CA TRP OA 68 -11.55 -10.68 -52.04
C TRP OA 68 -12.52 -11.73 -52.59
N THR OA 69 -13.46 -11.30 -53.41
CA THR OA 69 -14.43 -12.20 -54.03
C THR OA 69 -14.76 -11.70 -55.42
N TYR OA 70 -14.91 -12.63 -56.35
CA TYR OA 70 -15.34 -12.30 -57.70
C TYR OA 70 -16.61 -11.44 -57.71
N ASN OA 71 -17.50 -11.63 -56.74
CA ASN OA 71 -18.68 -10.78 -56.53
C ASN OA 71 -18.78 -10.31 -55.10
N THR OA 72 -18.97 -9.01 -54.88
CA THR OA 72 -19.47 -8.55 -53.58
C THR OA 72 -20.97 -8.75 -53.57
N THR OA 73 -21.55 -8.78 -52.38
CA THR OA 73 -22.99 -8.83 -52.25
C THR OA 73 -23.58 -7.51 -52.74
N SER OA 74 -23.01 -6.42 -52.22
CA SER OA 74 -23.36 -5.05 -52.64
C SER OA 74 -23.50 -4.89 -54.15
N ALA OA 75 -22.49 -5.31 -54.89
CA ALA OA 75 -22.53 -5.29 -56.35
C ALA OA 75 -23.75 -6.05 -56.88
N VAL OA 76 -23.99 -7.23 -56.33
CA VAL OA 76 -25.09 -8.08 -56.78
C VAL OA 76 -26.44 -7.42 -56.54
N THR OA 77 -26.62 -6.89 -55.35
CA THR OA 77 -27.88 -6.23 -55.01
C THR OA 77 -28.10 -4.97 -55.86
N VAL OA 78 -27.01 -4.26 -56.14
CA VAL OA 78 -27.04 -3.08 -57.00
C VAL OA 78 -27.40 -3.47 -58.42
N LYS OA 79 -26.86 -4.60 -58.88
CA LYS OA 79 -27.17 -5.05 -60.23
C LYS OA 79 -28.66 -5.26 -60.45
N SER OA 80 -29.29 -5.99 -59.55
CA SER OA 80 -30.70 -6.33 -59.67
C SER OA 80 -31.61 -5.09 -59.62
N ALA OA 81 -31.32 -4.18 -58.69
CA ALA OA 81 -32.06 -2.91 -58.59
C ALA OA 81 -32.03 -2.12 -59.90
N ILE OA 82 -30.84 -1.98 -60.48
CA ILE OA 82 -30.66 -1.25 -61.74
C ILE OA 82 -31.45 -1.93 -62.84
N ARG OA 83 -31.43 -3.27 -62.87
CA ARG OA 83 -32.21 -4.02 -63.84
C ARG OA 83 -33.71 -3.78 -63.68
N ARG OA 84 -34.17 -3.74 -62.43
CA ARG OA 84 -35.58 -3.49 -62.12
C ARG OA 84 -36.03 -2.10 -62.60
N LEU OA 85 -35.22 -1.09 -62.29
CA LEU OA 85 -35.52 0.32 -62.62
C LEU OA 85 -35.49 0.58 -64.11
N LYS OA 86 -34.47 0.03 -64.77
CA LYS OA 86 -34.37 -0.01 -66.24
C LYS OA 86 -35.68 -0.44 -66.88
N GLU OA 87 -36.25 -1.52 -66.37
CA GLU OA 87 -37.52 -2.06 -66.87
C GLU OA 87 -38.70 -1.16 -66.51
N LEU OA 88 -38.66 -0.60 -65.30
CA LEU OA 88 -39.67 0.39 -64.86
C LEU OA 88 -39.69 1.67 -65.72
N LYS OA 89 -38.53 2.12 -66.17
CA LYS OA 89 -38.43 3.35 -66.98
C LYS OA 89 -38.96 3.13 -68.40
N ASP OA 90 -38.39 2.15 -69.10
CA ASP OA 90 -38.65 1.94 -70.53
C ASP OA 90 -40.02 1.28 -70.80
N GLN OA 91 -40.36 0.27 -70.00
CA GLN OA 91 -41.60 -0.54 -70.15
C GLN OA 91 -41.60 -1.32 -71.47
N SER PA 1 71.74 95.96 -21.02
CA SER PA 1 72.70 96.05 -19.86
C SER PA 1 73.68 94.89 -19.87
N ALA PA 2 74.42 94.78 -18.77
CA ALA PA 2 75.19 93.57 -18.49
C ALA PA 2 74.27 92.49 -17.96
N HIS PA 3 73.54 92.83 -16.91
CA HIS PA 3 72.66 91.87 -16.26
C HIS PA 3 71.56 91.34 -17.13
N LEU PA 4 70.93 92.21 -17.92
CA LEU PA 4 69.86 91.75 -18.80
C LEU PA 4 70.36 90.67 -19.73
N GLN PA 5 71.46 90.93 -20.42
CA GLN PA 5 71.95 89.98 -21.40
C GLN PA 5 72.57 88.73 -20.77
N TRP PA 6 73.00 88.83 -19.52
CA TRP PA 6 73.34 87.64 -18.73
C TRP PA 6 72.10 86.76 -18.48
N MET PA 7 70.95 87.38 -18.26
CA MET PA 7 69.69 86.64 -18.13
C MET PA 7 69.35 85.88 -19.40
N VAL PA 8 69.59 86.52 -20.54
CA VAL PA 8 69.34 85.90 -21.84
C VAL PA 8 70.27 84.68 -22.04
N VAL PA 9 71.51 84.82 -21.59
CA VAL PA 9 72.62 83.95 -21.97
C VAL PA 9 72.95 82.81 -20.97
N ARG PA 10 72.82 83.08 -19.67
CA ARG PA 10 73.34 82.22 -18.58
C ARG PA 10 73.38 80.71 -18.80
N ASN PA 11 72.34 80.16 -19.44
CA ASN PA 11 72.22 78.71 -19.64
C ASN PA 11 72.27 78.25 -21.09
N CYS PA 12 72.21 79.18 -22.05
CA CYS PA 12 72.01 78.86 -23.46
C CYS PA 12 73.21 79.07 -24.40
N SER PA 13 74.22 79.84 -23.98
CA SER PA 13 75.26 80.29 -24.93
C SER PA 13 75.99 79.14 -25.57
N SER PA 14 76.38 79.33 -26.83
CA SER PA 14 77.20 78.34 -27.54
C SER PA 14 78.54 78.11 -26.84
N PHE PA 15 79.06 79.16 -26.21
CA PHE PA 15 80.33 79.08 -25.51
C PHE PA 15 80.33 78.20 -24.26
N LEU PA 16 79.16 78.03 -23.64
CA LEU PA 16 79.04 77.22 -22.42
C LEU PA 16 79.22 75.75 -22.74
N ILE PA 17 79.58 75.00 -21.70
CA ILE PA 17 79.84 73.58 -21.80
C ILE PA 17 79.64 73.00 -20.42
N LYS PA 18 78.54 72.26 -20.25
CA LYS PA 18 78.26 71.57 -18.99
C LYS PA 18 79.03 70.24 -18.99
N ARG PA 19 78.36 69.11 -18.76
CA ARG PA 19 78.99 67.78 -18.78
C ARG PA 19 79.86 67.50 -17.56
N ASN PA 20 79.77 66.26 -17.09
CA ASN PA 20 80.64 65.72 -16.06
C ASN PA 20 80.59 66.50 -14.75
N LYS PA 21 79.37 66.95 -14.41
CA LYS PA 21 79.09 67.71 -13.18
C LYS PA 21 79.73 69.08 -13.05
N GLN PA 22 80.70 69.44 -13.90
CA GLN PA 22 81.18 70.80 -13.92
C GLN PA 22 80.38 71.57 -14.96
N THR PA 23 80.70 72.85 -15.05
CA THR PA 23 80.29 73.70 -16.15
C THR PA 23 81.50 74.52 -16.49
N TYR PA 24 81.53 75.05 -17.71
CA TYR PA 24 82.63 75.90 -18.13
C TYR PA 24 82.12 76.92 -19.12
N SER PA 25 83.02 77.70 -19.69
CA SER PA 25 82.64 78.65 -20.73
C SER PA 25 83.85 78.95 -21.59
N THR PA 26 83.63 79.00 -22.90
CA THR PA 26 84.72 79.13 -23.86
C THR PA 26 84.78 80.51 -24.54
N GLU PA 27 83.99 81.47 -24.05
CA GLU PA 27 83.95 82.80 -24.69
C GLU PA 27 85.24 83.54 -24.42
N PRO PA 28 85.67 84.37 -25.39
CA PRO PA 28 86.99 84.93 -25.31
C PRO PA 28 87.02 86.09 -24.34
N ASN PA 29 88.16 86.27 -23.68
CA ASN PA 29 88.33 87.26 -22.64
C ASN PA 29 87.50 86.88 -21.40
N ASN PA 30 87.46 85.58 -21.13
CA ASN PA 30 87.04 85.04 -19.85
C ASN PA 30 88.23 84.31 -19.27
N LEU PA 31 88.92 85.01 -18.39
CA LEU PA 31 89.94 84.38 -17.56
C LEU PA 31 89.21 83.61 -16.48
N LYS PA 32 89.60 82.34 -16.30
CA LYS PA 32 88.99 81.40 -15.34
C LYS PA 32 87.91 80.49 -15.96
N ALA PA 33 87.56 80.71 -17.23
CA ALA PA 33 86.67 79.83 -18.01
C ALA PA 33 85.35 79.50 -17.34
N ARG PA 34 84.91 80.40 -16.46
CA ARG PA 34 83.75 80.17 -15.63
C ARG PA 34 82.53 80.65 -16.37
N ASN PA 35 81.40 79.98 -16.17
CA ASN PA 35 80.13 80.51 -16.60
C ASN PA 35 79.57 81.31 -15.46
N SER PA 36 80.21 82.45 -15.24
CA SER PA 36 79.89 83.32 -14.15
C SER PA 36 79.37 84.60 -14.76
N PHE PA 37 78.76 85.41 -13.92
CA PHE PA 37 78.51 86.79 -14.28
C PHE PA 37 79.85 87.50 -14.31
N ARG PA 38 80.52 87.59 -13.15
CA ARG PA 38 81.83 88.24 -13.05
C ARG PA 38 82.71 87.94 -14.25
N TYR PA 39 83.02 86.67 -14.43
CA TYR PA 39 84.02 86.25 -15.39
C TYR PA 39 83.39 85.90 -16.72
N ASN PA 40 82.93 86.94 -17.43
CA ASN PA 40 82.32 86.76 -18.74
C ASN PA 40 82.77 87.89 -19.67
N GLY PA 41 83.42 87.54 -20.77
CA GLY PA 41 84.01 88.52 -21.67
C GLY PA 41 83.01 89.38 -22.45
N LEU PA 42 81.93 88.74 -22.88
CA LEU PA 42 81.01 89.35 -23.83
C LEU PA 42 80.06 90.37 -23.19
N ILE PA 43 79.78 90.20 -21.91
CA ILE PA 43 78.68 90.89 -21.26
C ILE PA 43 79.06 92.29 -20.79
N HIS PA 44 80.28 92.41 -20.26
CA HIS PA 44 80.67 93.60 -19.48
C HIS PA 44 81.23 94.74 -20.30
N ARG PA 45 80.92 95.95 -19.84
CA ARG PA 45 81.34 97.17 -20.52
C ARG PA 45 82.86 97.25 -20.51
N LYS PA 46 83.47 96.85 -19.40
CA LYS PA 46 84.92 96.74 -19.31
C LYS PA 46 85.33 95.29 -19.06
N THR PA 47 86.32 94.82 -19.81
CA THR PA 47 86.64 93.39 -19.89
C THR PA 47 88.15 93.18 -19.83
N VAL PA 48 88.57 92.08 -19.21
CA VAL PA 48 89.98 91.67 -19.28
C VAL PA 48 90.09 90.29 -19.92
N GLY PA 49 91.19 90.05 -20.63
CA GLY PA 49 91.45 88.75 -21.26
C GLY PA 49 92.93 88.54 -21.47
N VAL PA 50 93.48 87.48 -20.86
CA VAL PA 50 94.92 87.22 -20.93
C VAL PA 50 95.17 85.93 -21.70
N GLU PA 51 95.47 86.07 -23.00
CA GLU PA 51 95.73 84.93 -23.87
C GLU PA 51 97.24 84.79 -23.98
N PRO PA 52 97.72 83.64 -24.47
CA PRO PA 52 99.14 83.56 -24.81
C PRO PA 52 99.42 84.26 -26.13
N ALA PA 53 100.68 84.58 -26.37
CA ALA PA 53 101.10 85.17 -27.63
C ALA PA 53 101.19 84.09 -28.69
N ALA PA 54 100.83 84.45 -29.93
CA ALA PA 54 100.90 83.53 -31.07
C ALA PA 54 102.33 83.10 -31.40
N ASP PA 55 103.30 83.97 -31.09
CA ASP PA 55 104.73 83.65 -31.16
C ASP PA 55 105.05 82.34 -30.47
N GLY PA 56 104.45 82.14 -29.30
CA GLY PA 56 104.77 81.02 -28.42
C GLY PA 56 105.55 81.50 -27.21
N LYS PA 57 106.25 82.63 -27.37
CA LYS PA 57 106.86 83.35 -26.26
C LYS PA 57 105.93 84.46 -25.84
N GLY PA 58 105.63 84.52 -24.55
CA GLY PA 58 104.91 85.65 -23.98
C GLY PA 58 103.40 85.56 -23.92
N VAL PA 59 102.83 86.69 -23.51
CA VAL PA 59 101.44 86.80 -23.09
C VAL PA 59 100.83 88.02 -23.76
N VAL PA 60 99.54 87.96 -24.08
CA VAL PA 60 98.82 89.16 -24.52
C VAL PA 60 97.71 89.47 -23.52
N VAL PA 61 97.66 90.73 -23.10
CA VAL PA 61 96.52 91.24 -22.37
C VAL PA 61 95.56 91.82 -23.40
N VAL PA 62 94.26 91.72 -23.11
CA VAL PA 62 93.21 92.17 -24.02
C VAL PA 62 92.17 92.96 -23.24
N MET PA 63 92.37 94.27 -23.22
CA MET PA 63 91.41 95.26 -22.73
C MET PA 63 90.24 95.45 -23.68
N LYS PA 64 89.15 95.99 -23.15
CA LYS PA 64 88.03 96.46 -23.99
C LYS PA 64 87.80 97.94 -23.73
N ARG PA 65 87.54 98.70 -24.78
CA ARG PA 65 87.63 100.16 -24.73
C ARG PA 65 86.60 100.84 -23.81
N ARG PA 66 85.33 100.77 -24.20
CA ARG PA 66 84.21 101.59 -23.68
C ARG PA 66 83.83 102.66 -24.70
N SER PA 67 84.84 103.17 -25.41
CA SER PA 67 84.65 104.07 -26.55
C SER PA 67 83.41 103.71 -27.37
N GLY PA 68 83.36 102.47 -27.85
CA GLY PA 68 82.26 102.04 -28.70
C GLY PA 68 82.19 100.55 -28.90
N GLN PA 69 81.45 99.89 -28.02
CA GLN PA 69 80.95 98.53 -28.27
C GLN PA 69 79.58 98.67 -28.90
N ARG PA 70 79.31 97.83 -29.88
CA ARG PA 70 78.44 98.08 -31.05
C ARG PA 70 79.33 97.88 -32.26
N LYS PA 71 80.59 98.30 -32.13
CA LYS PA 71 81.58 98.17 -33.18
C LYS PA 71 82.69 97.24 -32.71
N PRO PA 72 82.41 95.92 -32.69
CA PRO PA 72 83.38 94.94 -32.18
C PRO PA 72 84.76 94.97 -32.84
N ALA PA 73 84.79 95.34 -34.12
CA ALA PA 73 86.05 95.52 -34.86
C ALA PA 73 87.07 96.37 -34.12
N THR PA 74 86.57 97.41 -33.45
CA THR PA 74 87.40 98.40 -32.80
C THR PA 74 87.43 98.25 -31.27
N SER PA 75 86.71 97.27 -30.74
CA SER PA 75 86.32 97.28 -29.33
C SER PA 75 87.42 96.78 -28.41
N TYR PA 76 88.02 95.66 -28.76
CA TYR PA 76 89.09 95.10 -27.97
C TYR PA 76 90.39 95.71 -28.43
N VAL PA 77 91.36 95.78 -27.52
CA VAL PA 77 92.67 96.36 -27.81
C VAL PA 77 93.76 95.51 -27.14
N ARG PA 78 94.55 94.84 -27.98
CA ARG PA 78 95.46 93.79 -27.54
C ARG PA 78 96.81 94.38 -27.28
N THR PA 79 97.60 93.69 -26.46
CA THR PA 79 98.92 94.18 -26.09
C THR PA 79 99.81 93.05 -25.56
N THR PA 80 100.80 92.71 -26.37
CA THR PA 80 101.77 91.68 -26.05
C THR PA 80 102.67 92.14 -24.90
N ILE PA 81 102.94 91.23 -23.95
CA ILE PA 81 103.97 91.42 -22.94
C ILE PA 81 104.82 90.16 -22.89
N ASN PA 82 106.09 90.31 -23.27
CA ASN PA 82 106.97 89.19 -23.54
C ASN PA 82 108.21 89.26 -22.64
N LYS PA 83 107.99 89.64 -21.37
CA LYS PA 83 109.05 90.07 -20.46
C LYS PA 83 109.37 89.02 -19.39
N ASN PA 84 110.39 89.31 -18.58
CA ASN PA 84 110.88 88.40 -17.54
C ASN PA 84 109.88 88.05 -16.43
N ALA PA 85 108.95 87.17 -16.76
CA ALA PA 85 107.94 86.60 -15.83
C ALA PA 85 107.43 87.53 -14.73
N ARG PA 86 108.28 87.79 -13.74
CA ARG PA 86 108.00 88.69 -12.62
C ARG PA 86 107.56 90.08 -13.09
N ALA PA 87 108.21 90.57 -14.14
CA ALA PA 87 107.84 91.84 -14.77
C ALA PA 87 106.46 91.76 -15.42
N THR PA 88 106.27 90.71 -16.22
CA THR PA 88 105.03 90.50 -16.93
C THR PA 88 103.84 90.66 -16.01
N LEU PA 89 103.86 89.95 -14.89
CA LEU PA 89 102.81 90.04 -13.89
C LEU PA 89 102.55 91.48 -13.45
N SER PA 90 103.63 92.19 -13.11
CA SER PA 90 103.52 93.55 -12.61
C SER PA 90 102.89 94.48 -13.64
N SER PA 91 103.28 94.35 -14.91
CA SER PA 91 102.67 95.16 -15.97
C SER PA 91 101.16 94.93 -16.06
N ILE PA 92 100.75 93.66 -15.99
CA ILE PA 92 99.35 93.29 -15.93
C ILE PA 92 98.70 93.88 -14.68
N ARG PA 93 99.38 93.75 -13.55
CA ARG PA 93 98.89 94.28 -12.27
C ARG PA 93 98.51 95.75 -12.38
N HIS PA 94 99.45 96.54 -12.89
CA HIS PA 94 99.27 97.98 -13.05
C HIS PA 94 98.18 98.30 -14.04
N MET PA 95 98.22 97.63 -15.19
CA MET PA 95 97.14 97.75 -16.18
C MET PA 95 95.77 97.67 -15.51
N ILE PA 96 95.64 96.72 -14.61
CA ILE PA 96 94.36 96.45 -13.96
C ILE PA 96 94.13 97.38 -12.79
N ARG PA 97 95.08 97.44 -11.86
CA ARG PA 97 94.89 98.13 -10.58
C ARG PA 97 94.97 99.66 -10.67
N LYS PA 98 96.00 100.15 -11.35
CA LYS PA 98 96.28 101.58 -11.39
C LYS PA 98 95.47 102.33 -12.45
N ASN PA 99 94.83 101.59 -13.36
CA ASN PA 99 93.82 102.16 -14.26
C ASN PA 99 92.39 102.07 -13.70
N LYS PA 100 92.25 101.43 -12.55
CA LYS PA 100 90.95 101.25 -11.91
C LYS PA 100 90.01 100.52 -12.85
N TYR PA 101 90.55 99.56 -13.60
CA TYR PA 101 89.77 98.90 -14.63
C TYR PA 101 89.51 97.45 -14.26
N HIS PA 102 88.25 97.08 -14.13
CA HIS PA 102 87.90 95.72 -13.70
C HIS PA 102 88.63 95.28 -12.45
N PRO PA 103 88.54 96.14 -11.37
CA PRO PA 103 89.44 95.81 -10.25
C PRO PA 103 89.12 94.43 -9.69
N ASP PA 104 87.90 93.98 -9.90
CA ASP PA 104 87.46 92.71 -9.33
C ASP PA 104 88.35 91.61 -9.86
N LEU PA 105 88.73 91.71 -11.13
CA LEU PA 105 89.35 90.59 -11.83
C LEU PA 105 90.66 90.18 -11.20
N ARG PA 106 91.45 91.16 -10.76
CA ARG PA 106 92.81 91.31 -11.24
C ARG PA 106 93.65 90.08 -10.91
N MET PA 107 93.50 89.55 -9.70
CA MET PA 107 94.33 88.46 -9.25
C MET PA 107 94.19 87.20 -10.10
N ALA PA 108 92.98 86.97 -10.57
CA ALA PA 108 92.71 85.97 -11.57
C ALA PA 108 93.51 86.22 -12.86
N ALA PA 109 93.64 87.50 -13.24
CA ALA PA 109 94.40 87.87 -14.45
C ALA PA 109 95.88 87.61 -14.31
N ILE PA 110 96.38 87.76 -13.09
CA ILE PA 110 97.76 87.48 -12.78
C ILE PA 110 98.01 85.98 -12.82
N ARG PA 111 97.20 85.20 -12.12
CA ARG PA 111 97.32 83.74 -12.14
C ARG PA 111 97.24 83.13 -13.54
N ARG PA 112 96.44 83.75 -14.42
CA ARG PA 112 96.31 83.27 -15.79
C ARG PA 112 97.61 83.45 -16.52
N ALA PA 113 98.08 84.69 -16.54
CA ALA PA 113 99.38 85.04 -17.11
C ALA PA 113 100.46 84.13 -16.57
N SER PA 114 100.45 83.94 -15.25
CA SER PA 114 101.40 83.04 -14.60
C SER PA 114 101.36 81.63 -15.20
N ALA PA 115 100.16 81.06 -15.27
CA ALA PA 115 99.95 79.74 -15.87
C ALA PA 115 100.34 79.66 -17.34
N ILE PA 116 100.15 80.76 -18.06
CA ILE PA 116 100.55 80.83 -19.46
C ILE PA 116 102.07 80.80 -19.56
N LEU PA 117 102.73 81.57 -18.71
CA LEU PA 117 104.20 81.59 -18.66
C LEU PA 117 104.79 80.25 -18.15
N ARG PA 118 104.03 79.54 -17.33
CA ARG PA 118 104.33 78.14 -17.01
C ARG PA 118 104.28 77.29 -18.27
N SER PA 119 103.20 77.43 -19.05
CA SER PA 119 102.99 76.64 -20.27
C SER PA 119 104.19 76.67 -21.21
N GLN PA 120 104.76 77.86 -21.41
CA GLN PA 120 105.76 78.06 -22.46
C GLN PA 120 107.19 78.10 -21.90
N LYS PA 121 107.71 76.91 -21.64
CA LYS PA 121 109.11 76.71 -21.30
C LYS PA 121 109.48 75.24 -21.54
N PRO PA 122 110.79 74.89 -21.53
CA PRO PA 122 111.21 73.49 -21.56
C PRO PA 122 110.42 72.62 -20.57
N VAL PA 123 109.84 71.53 -21.07
CA VAL PA 123 108.77 70.84 -20.35
C VAL PA 123 109.22 70.01 -19.14
N MET PA 124 110.04 68.99 -19.34
CA MET PA 124 110.26 67.94 -18.31
C MET PA 124 111.39 66.99 -18.73
N VAL PA 125 111.60 65.93 -17.95
CA VAL PA 125 112.56 64.86 -18.28
C VAL PA 125 112.14 64.12 -19.56
N ASP QA 1 31.88 17.45 83.88
CA ASP QA 1 32.13 16.03 84.27
C ASP QA 1 33.62 15.78 84.49
N ARG QA 2 33.92 14.89 85.44
CA ARG QA 2 35.29 14.48 85.79
C ARG QA 2 36.17 15.56 86.46
N ALA QA 3 35.55 16.66 86.89
CA ALA QA 3 36.13 17.59 87.87
C ALA QA 3 35.26 17.58 89.13
N THR QA 4 33.96 17.76 88.94
CA THR QA 4 32.95 17.60 90.00
C THR QA 4 32.84 16.16 90.50
N TRP QA 5 32.94 15.19 89.59
CA TRP QA 5 32.95 13.77 89.96
C TRP QA 5 34.20 13.41 90.76
N LYS QA 6 35.37 13.86 90.29
CA LYS QA 6 36.64 13.66 91.01
C LYS QA 6 36.60 14.23 92.44
N SER QA 7 36.01 15.41 92.59
CA SER QA 7 35.81 16.02 93.91
C SER QA 7 34.80 15.22 94.74
N ASN QA 8 33.74 14.72 94.10
CA ASN QA 8 32.75 13.86 94.75
C ASN QA 8 33.36 12.52 95.20
N TYR QA 9 34.30 11.98 94.42
CA TYR QA 9 35.02 10.76 94.81
C TYR QA 9 35.94 10.98 96.01
N PHE QA 10 36.57 12.14 96.10
CA PHE QA 10 37.36 12.46 97.29
C PHE QA 10 36.48 12.53 98.52
N LEU QA 11 35.29 13.12 98.37
CA LEU QA 11 34.32 13.18 99.46
C LEU QA 11 33.79 11.80 99.91
N LYS QA 12 33.68 10.86 98.96
CA LYS QA 12 33.25 9.48 99.28
C LYS QA 12 34.28 8.75 100.15
N ILE QA 13 35.55 8.78 99.73
CA ILE QA 13 36.62 8.07 100.45
C ILE QA 13 36.95 8.68 101.83
N ILE QA 14 36.93 10.01 101.93
CA ILE QA 14 37.16 10.69 103.22
C ILE QA 14 36.04 10.41 104.25
N GLN QA 15 34.79 10.40 103.79
CA GLN QA 15 33.64 10.12 104.65
C GLN QA 15 33.66 8.69 105.17
N LEU QA 16 34.02 7.75 104.29
CA LEU QA 16 34.20 6.34 104.68
C LEU QA 16 35.35 6.14 105.67
N LEU QA 17 36.42 6.91 105.51
CA LEU QA 17 37.55 6.91 106.46
C LEU QA 17 37.18 7.53 107.82
N ASP QA 18 36.38 8.59 107.79
CA ASP QA 18 35.89 9.23 109.02
C ASP QA 18 34.87 8.37 109.78
N ASP QA 19 34.00 7.68 109.05
CA ASP QA 19 32.95 6.84 109.65
C ASP QA 19 33.56 5.59 110.30
N TYR QA 20 34.34 4.84 109.52
CA TYR QA 20 34.89 3.55 109.96
C TYR QA 20 36.37 3.68 110.34
N PRO QA 21 36.75 3.18 111.54
CA PRO QA 21 38.15 3.14 111.94
C PRO QA 21 38.89 1.86 111.52
N LYS QA 22 38.28 1.06 110.64
CA LYS QA 22 38.81 -0.25 110.25
C LYS QA 22 38.50 -0.51 108.77
N CYS QA 23 39.51 -0.92 108.02
CA CYS QA 23 39.40 -1.15 106.58
C CYS QA 23 40.07 -2.45 106.19
N PHE QA 24 39.52 -3.12 105.18
CA PHE QA 24 40.04 -4.40 104.67
C PHE QA 24 40.40 -4.30 103.19
N ILE QA 25 41.70 -4.34 102.91
CA ILE QA 25 42.22 -4.22 101.55
C ILE QA 25 42.09 -5.59 100.89
N VAL QA 26 41.29 -5.67 99.82
CA VAL QA 26 41.05 -6.93 99.11
C VAL QA 26 41.45 -6.79 97.64
N GLY QA 27 42.19 -7.79 97.13
CA GLY QA 27 42.57 -7.83 95.73
C GLY QA 27 41.39 -8.25 94.88
N ALA QA 28 41.09 -7.46 93.84
CA ALA QA 28 39.95 -7.73 92.96
C ALA QA 28 40.21 -8.97 92.10
N ASP QA 29 41.32 -8.95 91.36
CA ASP QA 29 41.73 -10.06 90.47
C ASP QA 29 40.71 -10.27 89.34
N ASN QA 30 40.81 -11.40 88.62
CA ASN QA 30 39.81 -11.75 87.60
C ASN QA 30 38.43 -11.93 88.24
N VAL QA 31 37.65 -10.84 88.24
CA VAL QA 31 36.37 -10.78 88.95
C VAL QA 31 35.26 -10.23 88.04
N GLY QA 32 34.04 -10.72 88.26
CA GLY QA 32 32.86 -10.29 87.50
C GLY QA 32 32.08 -9.20 88.20
N SER QA 33 31.21 -8.51 87.46
CA SER QA 33 30.22 -7.60 88.05
C SER QA 33 29.19 -8.37 88.86
N LYS QA 34 28.83 -9.55 88.37
CA LYS QA 34 27.92 -10.47 89.07
C LYS QA 34 28.47 -10.88 90.44
N GLN QA 35 29.78 -11.15 90.50
CA GLN QA 35 30.47 -11.42 91.78
C GLN QA 35 30.36 -10.24 92.75
N MET QA 36 30.66 -9.04 92.27
CA MET QA 36 30.61 -7.82 93.09
C MET QA 36 29.21 -7.51 93.61
N GLN QA 37 28.19 -7.80 92.81
CA GLN QA 37 26.79 -7.66 93.24
C GLN QA 37 26.42 -8.68 94.33
N GLN QA 38 26.83 -9.93 94.12
CA GLN QA 38 26.63 -11.00 95.14
C GLN QA 38 27.30 -10.67 96.48
N ILE QA 39 28.50 -10.09 96.41
CA ILE QA 39 29.22 -9.65 97.62
C ILE QA 39 28.50 -8.46 98.28
N ARG QA 40 28.00 -7.53 97.46
CA ARG QA 40 27.17 -6.41 97.94
C ARG QA 40 25.92 -6.88 98.68
N MET QA 41 25.23 -7.88 98.11
CA MET QA 41 24.02 -8.45 98.72
C MET QA 41 24.31 -9.18 100.04
N SER QA 42 25.42 -9.91 100.09
CA SER QA 42 25.83 -10.62 101.31
C SER QA 42 26.28 -9.65 102.40
N LEU QA 43 27.21 -8.76 102.05
CA LEU QA 43 27.74 -7.74 102.97
C LEU QA 43 27.04 -6.40 102.75
N ARG QA 44 25.73 -6.37 103.02
CA ARG QA 44 24.91 -5.18 102.83
C ARG QA 44 24.77 -4.39 104.14
N GLY QA 45 24.36 -5.07 105.21
CA GLY QA 45 24.07 -4.43 106.48
C GLY QA 45 25.27 -3.77 107.15
N LYS QA 46 26.36 -4.52 107.27
CA LYS QA 46 27.55 -4.07 108.00
C LYS QA 46 28.55 -3.34 107.09
N ALA QA 47 29.22 -4.10 106.22
CA ALA QA 47 30.36 -3.58 105.46
C ALA QA 47 29.93 -2.78 104.23
N VAL QA 48 30.85 -1.95 103.75
CA VAL QA 48 30.68 -1.16 102.53
C VAL QA 48 31.91 -1.34 101.65
N VAL QA 49 31.73 -1.94 100.47
CA VAL QA 49 32.84 -2.25 99.57
C VAL QA 49 33.08 -1.08 98.61
N LEU QA 50 34.35 -0.87 98.26
CA LEU QA 50 34.76 0.19 97.34
C LEU QA 50 35.91 -0.31 96.45
N MET QA 51 36.04 0.30 95.27
CA MET QA 51 37.08 -0.05 94.30
C MET QA 51 37.69 1.22 93.72
N GLY QA 52 38.97 1.44 93.99
CA GLY QA 52 39.65 2.70 93.70
C GLY QA 52 40.86 2.60 92.78
N LYS QA 53 41.69 3.63 92.87
CA LYS QA 53 42.73 3.90 91.88
C LYS QA 53 43.89 4.65 92.56
N ASN QA 54 44.61 5.53 91.84
CA ASN QA 54 45.59 6.44 92.47
C ASN QA 54 44.99 7.77 92.98
N THR QA 55 43.67 7.81 93.20
CA THR QA 55 43.05 8.78 94.11
C THR QA 55 42.65 8.11 95.44
N MET QA 56 42.97 6.82 95.59
CA MET QA 56 43.15 6.21 96.91
C MET QA 56 44.55 6.57 97.40
N MET QA 57 45.49 6.80 96.46
CA MET QA 57 46.74 7.51 96.76
C MET QA 57 46.38 8.96 97.08
N ARG QA 58 45.89 9.14 98.31
CA ARG QA 58 45.16 10.34 98.74
C ARG QA 58 44.75 10.24 100.23
N LYS QA 59 44.74 9.03 100.80
CA LYS QA 59 44.91 8.82 102.25
C LYS QA 59 45.96 9.75 102.89
N ALA QA 60 46.97 10.14 102.12
CA ALA QA 60 47.87 11.24 102.49
C ALA QA 60 47.12 12.52 102.87
N ILE QA 61 46.18 12.93 102.02
CA ILE QA 61 45.35 14.14 102.25
C ILE QA 61 44.43 13.97 103.49
N ARG QA 62 43.98 12.75 103.77
CA ARG QA 62 43.28 12.44 105.03
C ARG QA 62 44.23 12.59 106.22
N GLY QA 63 45.44 12.04 106.09
CA GLY QA 63 46.49 12.19 107.09
C GLY QA 63 46.97 13.61 107.29
N HIS QA 64 46.92 14.41 106.22
CA HIS QA 64 47.20 15.86 106.28
C HIS QA 64 46.19 16.61 107.16
N LEU QA 65 44.92 16.22 107.07
CA LEU QA 65 43.80 16.93 107.71
C LEU QA 65 43.88 16.98 109.25
N GLU QA 66 44.76 17.87 109.74
CA GLU QA 66 44.91 18.22 111.17
C GLU QA 66 44.60 17.12 112.20
N ASN QA 67 45.01 15.87 111.93
CA ASN QA 67 44.66 14.74 112.79
C ASN QA 67 45.52 13.48 112.62
N ASN QA 68 45.28 12.70 111.57
CA ASN QA 68 45.68 11.29 111.54
C ASN QA 68 47.14 10.97 111.16
N PRO QA 69 47.80 10.11 111.95
CA PRO QA 69 48.93 9.29 111.51
C PRO QA 69 48.41 7.88 111.20
N ALA QA 70 49.28 6.90 111.08
CA ALA QA 70 48.91 5.47 110.89
C ALA QA 70 48.45 5.11 109.47
N LEU QA 71 47.75 6.02 108.79
CA LEU QA 71 47.41 5.87 107.37
C LEU QA 71 48.65 5.95 106.45
N GLU QA 72 49.76 6.46 106.96
CA GLU QA 72 51.06 6.45 106.24
C GLU QA 72 51.57 5.02 105.96
N LYS QA 73 51.21 4.06 106.81
CA LYS QA 73 51.60 2.65 106.63
C LYS QA 73 50.86 1.98 105.45
N LEU QA 74 49.70 2.52 105.08
CA LEU QA 74 48.82 1.92 104.07
C LEU QA 74 49.14 2.32 102.62
N LEU QA 75 50.07 3.25 102.41
CA LEU QA 75 50.35 3.81 101.07
C LEU QA 75 51.03 2.84 100.08
N PRO QA 76 52.02 2.04 100.53
CA PRO QA 76 52.65 1.07 99.61
C PRO QA 76 51.74 -0.08 99.17
N HIS QA 77 50.77 -0.45 100.01
CA HIS QA 77 49.89 -1.61 99.74
C HIS QA 77 48.69 -1.31 98.82
N ILE QA 78 48.57 -0.09 98.33
CA ILE QA 78 47.59 0.23 97.27
C ILE QA 78 48.30 0.08 95.92
N ARG QA 79 48.59 -1.18 95.57
CA ARG QA 79 49.20 -1.53 94.29
C ARG QA 79 48.68 -2.89 93.83
N GLY QA 80 48.69 -3.11 92.52
CA GLY QA 80 47.91 -4.18 91.89
C GLY QA 80 46.48 -3.73 91.70
N ASN QA 81 45.59 -4.68 91.38
CA ASN QA 81 44.16 -4.39 91.23
C ASN QA 81 43.48 -4.42 92.60
N VAL QA 82 43.35 -3.24 93.22
CA VAL QA 82 42.98 -3.10 94.64
C VAL QA 82 41.61 -2.43 94.83
N GLY QA 83 40.86 -2.94 95.81
CA GLY QA 83 39.62 -2.32 96.29
C GLY QA 83 39.51 -2.46 97.81
N PHE QA 84 38.81 -1.52 98.45
CA PHE QA 84 38.66 -1.51 99.92
C PHE QA 84 37.33 -2.07 100.39
N VAL QA 85 37.30 -2.46 101.68
CA VAL QA 85 36.10 -2.93 102.36
C VAL QA 85 36.03 -2.26 103.75
N PHE QA 86 35.30 -1.14 103.82
CA PHE QA 86 35.14 -0.40 105.07
C PHE QA 86 34.03 -1.02 105.94
N THR QA 87 34.28 -1.10 107.24
CA THR QA 87 33.41 -1.84 108.16
C THR QA 87 33.77 -1.60 109.64
N LYS QA 88 32.82 -1.89 110.53
CA LYS QA 88 32.96 -1.63 111.98
C LYS QA 88 32.81 -2.86 112.91
N GLU QA 89 32.54 -4.04 112.35
CA GLU QA 89 32.24 -5.24 113.15
C GLU QA 89 33.49 -5.79 113.87
N ASP QA 90 34.33 -6.52 113.13
CA ASP QA 90 35.51 -7.17 113.70
C ASP QA 90 36.54 -7.42 112.57
N LEU QA 91 37.60 -8.17 112.85
CA LEU QA 91 38.66 -8.43 111.86
C LEU QA 91 38.76 -9.90 111.42
N THR QA 92 38.92 -10.81 112.38
CA THR QA 92 39.06 -12.25 112.08
C THR QA 92 37.76 -12.87 111.57
N GLU QA 93 36.62 -12.36 112.05
CA GLU QA 93 35.30 -12.80 111.58
C GLU QA 93 35.07 -12.39 110.13
N ILE QA 94 35.35 -11.14 109.80
CA ILE QA 94 35.18 -10.61 108.44
C ILE QA 94 36.11 -11.31 107.44
N ARG QA 95 37.33 -11.63 107.87
CA ARG QA 95 38.27 -12.43 107.08
C ARG QA 95 37.67 -13.80 106.71
N ASP QA 96 37.01 -14.44 107.68
CA ASP QA 96 36.32 -15.72 107.45
C ASP QA 96 35.09 -15.57 106.53
N MET QA 97 34.37 -14.46 106.63
CA MET QA 97 33.23 -14.18 105.75
C MET QA 97 33.67 -13.96 104.30
N LEU QA 98 34.79 -13.25 104.11
CA LEU QA 98 35.37 -13.04 102.78
C LEU QA 98 35.88 -14.34 102.15
N LEU QA 99 36.55 -15.17 102.96
CA LEU QA 99 37.03 -16.48 102.52
C LEU QA 99 35.89 -17.44 102.19
N ALA QA 100 34.80 -17.36 102.96
CA ALA QA 100 33.65 -18.27 102.82
C ALA QA 100 32.77 -18.00 101.59
N ASN QA 101 32.70 -16.73 101.14
CA ASN QA 101 31.83 -16.36 100.02
C ASN QA 101 32.33 -16.95 98.68
N LYS QA 102 33.37 -16.35 98.10
CA LYS QA 102 34.02 -16.81 96.84
C LYS QA 102 33.08 -17.14 95.65
N VAL QA 103 33.64 -17.64 94.55
CA VAL QA 103 32.87 -18.06 93.36
C VAL QA 103 33.69 -19.08 92.55
N PRO QA 104 33.00 -19.93 91.74
CA PRO QA 104 33.74 -20.88 90.89
C PRO QA 104 34.62 -20.23 89.82
N ALA QA 105 34.02 -19.70 88.75
CA ALA QA 105 34.73 -19.11 87.59
C ALA QA 105 35.69 -20.09 86.90
N ALA QA 106 35.32 -20.52 85.69
CA ALA QA 106 35.98 -21.65 85.00
C ALA QA 106 37.45 -21.37 84.60
N ALA QA 107 38.11 -22.43 84.12
CA ALA QA 107 39.56 -22.45 83.83
C ALA QA 107 40.09 -21.27 83.01
N ARG QA 108 41.18 -20.66 83.51
CA ARG QA 108 41.96 -19.68 82.76
C ARG QA 108 43.07 -20.44 82.03
N ALA QA 109 43.04 -20.41 80.69
CA ALA QA 109 44.03 -21.10 79.87
C ALA QA 109 45.35 -20.32 79.85
N GLY QA 110 46.39 -20.90 80.46
CA GLY QA 110 47.72 -20.28 80.53
C GLY QA 110 48.21 -20.01 81.94
N ALA QA 111 47.31 -19.59 82.82
CA ALA QA 111 47.65 -19.24 84.20
C ALA QA 111 47.98 -20.45 85.07
N ILE QA 112 48.54 -20.18 86.25
CA ILE QA 112 48.96 -21.25 87.18
C ILE QA 112 47.79 -21.99 87.82
N ALA QA 113 48.08 -23.19 88.32
CA ALA QA 113 47.10 -24.05 88.99
C ALA QA 113 47.31 -23.99 90.51
N PRO QA 114 46.27 -23.58 91.27
CA PRO QA 114 46.42 -23.49 92.73
C PRO QA 114 46.39 -24.84 93.47
N CYS QA 115 45.50 -25.75 93.03
CA CYS QA 115 45.36 -27.08 93.64
C CYS QA 115 45.48 -28.19 92.59
N GLU QA 116 45.64 -29.42 93.06
CA GLU QA 116 45.74 -30.60 92.18
C GLU QA 116 44.37 -30.96 91.59
N VAL QA 117 44.13 -30.51 90.36
CA VAL QA 117 42.85 -30.71 89.69
C VAL QA 117 42.71 -32.14 89.16
N THR QA 118 41.52 -32.70 89.29
CA THR QA 118 41.22 -34.08 88.90
C THR QA 118 40.07 -34.16 87.90
N VAL QA 119 39.91 -35.34 87.30
CA VAL QA 119 38.78 -35.64 86.42
C VAL QA 119 38.15 -36.96 86.89
N PRO QA 120 37.07 -36.88 87.71
CA PRO QA 120 36.37 -38.09 88.18
C PRO QA 120 35.76 -38.94 87.06
N ALA QA 121 35.67 -40.24 87.29
CA ALA QA 121 35.13 -41.19 86.31
C ALA QA 121 33.61 -41.05 86.19
N GLN QA 122 33.16 -40.37 85.13
CA GLN QA 122 31.74 -40.06 84.93
C GLN QA 122 31.45 -39.70 83.46
N ASN QA 123 30.20 -39.89 83.05
CA ASN QA 123 29.73 -39.45 81.72
C ASN QA 123 29.81 -37.93 81.51
N THR QA 124 30.04 -37.53 80.27
CA THR QA 124 30.08 -36.11 79.90
C THR QA 124 28.68 -35.48 79.89
N GLY QA 125 27.72 -36.21 79.31
CA GLY QA 125 26.36 -35.73 79.12
C GLY QA 125 26.16 -35.27 77.68
N LEU QA 126 26.47 -36.16 76.74
CA LEU QA 126 26.43 -35.88 75.30
C LEU QA 126 26.07 -37.15 74.53
N GLY QA 127 25.92 -37.02 73.21
CA GLY QA 127 25.74 -38.17 72.31
C GLY QA 127 27.09 -38.72 71.85
N PRO QA 128 27.10 -39.46 70.71
CA PRO QA 128 28.37 -39.86 70.09
C PRO QA 128 29.16 -38.66 69.54
N GLU QA 129 29.89 -38.00 70.44
CA GLU QA 129 30.66 -36.78 70.14
C GLU QA 129 32.16 -37.08 70.14
N LYS QA 130 32.96 -36.05 69.86
CA LYS QA 130 34.43 -36.16 69.80
C LYS QA 130 35.06 -36.67 71.10
N THR QA 131 35.45 -37.94 71.10
CA THR QA 131 36.32 -38.51 72.14
C THR QA 131 37.78 -38.14 71.91
N SER QA 132 38.13 -37.73 70.68
CA SER QA 132 39.50 -37.37 70.32
C SER QA 132 40.06 -36.14 71.05
N PHE QA 133 39.21 -35.22 71.47
CA PHE QA 133 39.63 -34.07 72.29
C PHE QA 133 40.14 -34.51 73.66
N PHE QA 134 39.48 -35.51 74.26
CA PHE QA 134 39.85 -36.03 75.57
C PHE QA 134 41.09 -36.92 75.51
N GLN QA 135 41.13 -37.81 74.51
CA GLN QA 135 42.24 -38.78 74.36
C GLN QA 135 43.54 -38.23 73.73
N ALA QA 136 43.54 -36.97 73.28
CA ALA QA 136 44.72 -36.36 72.66
C ALA QA 136 45.91 -36.23 73.61
N LEU QA 137 45.65 -35.78 74.85
CA LEU QA 137 46.71 -35.57 75.84
C LEU QA 137 47.10 -36.89 76.50
N GLY QA 138 46.13 -37.54 77.15
CA GLY QA 138 46.36 -38.80 77.85
C GLY QA 138 45.28 -39.13 78.87
N ILE QA 139 44.05 -39.31 78.37
CA ILE QA 139 42.89 -39.67 79.20
C ILE QA 139 42.22 -40.90 78.60
N THR QA 140 41.75 -41.79 79.47
CA THR QA 140 41.04 -43.01 79.06
C THR QA 140 39.54 -42.76 79.04
N THR QA 141 38.98 -42.60 77.84
CA THR QA 141 37.54 -42.34 77.66
C THR QA 141 36.94 -43.32 76.65
N LYS QA 142 35.78 -43.88 77.00
CA LYS QA 142 35.03 -44.81 76.14
C LYS QA 142 33.65 -44.25 75.80
N ILE QA 143 33.09 -44.72 74.68
CA ILE QA 143 31.71 -44.45 74.30
C ILE QA 143 30.86 -45.61 74.82
N SER QA 144 30.59 -45.59 76.12
CA SER QA 144 29.78 -46.63 76.77
C SER QA 144 28.30 -46.37 76.54
N ARG QA 145 27.81 -46.82 75.38
CA ARG QA 145 26.44 -46.58 74.90
C ARG QA 145 26.07 -45.09 74.83
N GLY QA 146 26.49 -44.45 73.74
CA GLY QA 146 26.17 -43.06 73.48
C GLY QA 146 27.06 -42.06 74.20
N THR QA 147 26.90 -42.00 75.54
CA THR QA 147 27.61 -41.01 76.36
C THR QA 147 29.11 -41.30 76.46
N ILE QA 148 29.92 -40.24 76.41
CA ILE QA 148 31.37 -40.34 76.53
C ILE QA 148 31.73 -40.43 78.02
N GLU QA 149 32.02 -41.65 78.48
CA GLU QA 149 32.39 -41.90 79.87
C GLU QA 149 33.90 -41.91 80.06
N ILE QA 150 34.38 -41.20 81.08
CA ILE QA 150 35.78 -41.25 81.48
C ILE QA 150 35.92 -42.44 82.44
N LEU QA 151 36.89 -43.31 82.18
CA LEU QA 151 36.99 -44.63 82.83
C LEU QA 151 37.95 -44.71 84.04
N SER QA 152 38.51 -43.58 84.47
CA SER QA 152 39.42 -43.57 85.61
C SER QA 152 39.57 -42.18 86.24
N ASP QA 153 39.79 -42.15 87.56
CA ASP QA 153 40.04 -40.91 88.30
C ASP QA 153 41.52 -40.54 88.14
N VAL QA 154 41.80 -39.56 87.30
CA VAL QA 154 43.17 -39.18 86.93
C VAL QA 154 43.41 -37.68 87.17
N GLN QA 155 44.63 -37.35 87.60
CA GLN QA 155 45.05 -35.97 87.80
C GLN QA 155 45.66 -35.40 86.52
N LEU QA 156 45.02 -34.39 85.94
CA LEU QA 156 45.54 -33.71 84.75
C LEU QA 156 46.62 -32.69 85.13
N ILE QA 157 46.25 -31.78 86.01
CA ILE QA 157 47.07 -30.60 86.35
C ILE QA 157 47.42 -30.61 87.84
N LYS QA 158 48.70 -30.38 88.16
CA LYS QA 158 49.21 -30.39 89.53
C LYS QA 158 49.44 -28.96 90.04
N THR QA 159 49.83 -28.82 91.31
CA THR QA 159 50.08 -27.51 91.92
C THR QA 159 51.27 -26.78 91.28
N GLY QA 160 51.06 -25.50 90.96
CA GLY QA 160 52.08 -24.68 90.31
C GLY QA 160 52.38 -25.05 88.87
N ASP QA 161 51.41 -25.67 88.19
CA ASP QA 161 51.54 -26.10 86.79
C ASP QA 161 50.71 -25.20 85.89
N LYS QA 162 51.19 -25.00 84.66
CA LYS QA 162 50.50 -24.17 83.67
C LYS QA 162 49.37 -24.98 83.03
N VAL QA 163 48.19 -24.37 82.92
CA VAL QA 163 47.01 -25.03 82.36
C VAL QA 163 47.00 -24.84 80.84
N GLY QA 164 47.04 -25.96 80.11
CA GLY QA 164 46.94 -25.95 78.64
C GLY QA 164 45.56 -25.55 78.14
N ALA QA 165 45.50 -25.20 76.85
CA ALA QA 165 44.27 -24.67 76.24
C ALA QA 165 43.21 -25.74 76.00
N SER QA 166 43.62 -26.86 75.41
CA SER QA 166 42.70 -27.97 75.09
C SER QA 166 42.13 -28.65 76.34
N GLU QA 167 42.98 -28.82 77.36
CA GLU QA 167 42.52 -29.37 78.65
C GLU QA 167 41.62 -28.40 79.43
N ALA QA 168 41.84 -27.09 79.27
CA ALA QA 168 40.98 -26.07 79.88
C ALA QA 168 39.57 -26.07 79.26
N THR QA 169 39.51 -26.20 77.93
CA THR QA 169 38.22 -26.27 77.22
C THR QA 169 37.42 -27.53 77.57
N LEU QA 170 38.10 -28.67 77.75
CA LEU QA 170 37.44 -29.93 78.11
C LEU QA 170 36.84 -29.85 79.52
N LEU QA 171 37.57 -29.22 80.45
CA LEU QA 171 37.07 -28.96 81.80
C LEU QA 171 35.87 -28.01 81.80
N ASN QA 172 35.88 -27.01 80.92
CA ASN QA 172 34.73 -26.11 80.73
C ASN QA 172 33.48 -26.82 80.16
N MET QA 173 33.69 -27.77 79.25
CA MET QA 173 32.60 -28.59 78.72
C MET QA 173 32.03 -29.56 79.77
N LEU QA 174 32.91 -30.11 80.62
CA LEU QA 174 32.50 -30.98 81.74
C LEU QA 174 31.87 -30.23 82.93
N ASN QA 175 32.00 -28.90 82.96
CA ASN QA 175 31.55 -28.06 84.08
C ASN QA 175 32.36 -28.33 85.36
N ILE QA 176 33.69 -28.38 85.20
CA ILE QA 176 34.63 -28.56 86.29
C ILE QA 176 35.36 -27.23 86.48
N SER QA 177 35.15 -26.59 87.62
CA SER QA 177 35.65 -25.23 87.88
C SER QA 177 36.38 -25.11 89.24
N PRO QA 178 37.61 -25.66 89.33
CA PRO QA 178 38.49 -25.45 90.49
C PRO QA 178 39.35 -24.18 90.41
N PHE QA 179 39.63 -23.71 89.19
CA PHE QA 179 40.52 -22.55 88.98
C PHE QA 179 39.83 -21.23 89.33
N SER QA 180 40.61 -20.14 89.29
CA SER QA 180 40.18 -18.82 89.80
C SER QA 180 40.02 -18.88 91.32
N PHE QA 181 39.33 -17.90 91.91
CA PHE QA 181 39.12 -17.88 93.36
C PHE QA 181 37.93 -16.99 93.73
N GLY QA 182 38.03 -15.70 93.43
CA GLY QA 182 36.99 -14.71 93.74
C GLY QA 182 37.61 -13.39 94.10
N LEU QA 183 38.13 -13.31 95.32
CA LEU QA 183 38.97 -12.20 95.76
C LEU QA 183 39.87 -12.61 96.93
N ILE QA 184 41.06 -12.02 96.98
CA ILE QA 184 42.10 -12.36 97.95
C ILE QA 184 42.30 -11.20 98.91
N ILE QA 185 42.75 -11.51 100.13
CA ILE QA 185 43.06 -10.50 101.15
C ILE QA 185 44.58 -10.40 101.30
N GLN QA 186 45.13 -9.21 101.06
CA GLN QA 186 46.58 -8.97 101.12
C GLN QA 186 46.99 -8.38 102.47
N GLN QA 187 46.32 -7.30 102.87
CA GLN QA 187 46.64 -6.58 104.12
C GLN QA 187 45.38 -6.05 104.80
N VAL QA 188 45.52 -5.65 106.07
CA VAL QA 188 44.40 -5.22 106.92
C VAL QA 188 44.74 -3.91 107.64
N PHE QA 189 43.71 -3.13 107.95
CA PHE QA 189 43.82 -1.92 108.78
C PHE QA 189 42.78 -1.99 109.90
N ASP QA 190 43.25 -2.03 111.15
CA ASP QA 190 42.36 -2.18 112.33
C ASP QA 190 42.70 -1.16 113.41
N ASN QA 191 42.04 0.00 113.36
CA ASN QA 191 42.20 1.07 114.35
C ASN QA 191 43.65 1.55 114.55
N GLY QA 192 44.41 1.58 113.46
CA GLY QA 192 45.83 1.97 113.48
C GLY QA 192 46.79 0.81 113.25
N SER QA 193 46.50 -0.34 113.84
CA SER QA 193 47.35 -1.53 113.72
C SER QA 193 47.17 -2.22 112.37
N ILE QA 194 48.28 -2.73 111.83
CA ILE QA 194 48.30 -3.46 110.55
C ILE QA 194 48.55 -4.95 110.83
N TYR QA 195 47.80 -5.80 110.13
CA TYR QA 195 47.99 -7.26 110.17
C TYR QA 195 48.19 -7.79 108.75
N ASN QA 196 48.80 -8.96 108.66
CA ASN QA 196 48.98 -9.68 107.39
C ASN QA 196 48.33 -11.06 107.52
N PRO QA 197 47.13 -11.25 106.92
CA PRO QA 197 46.13 -12.27 107.24
C PRO QA 197 46.46 -13.25 108.38
N GLU QA 198 46.65 -12.71 109.58
CA GLU QA 198 47.00 -13.47 110.78
C GLU QA 198 46.36 -12.84 112.01
N MET RA 1 11.87 -37.45 82.73
CA MET RA 1 12.25 -36.50 81.64
C MET RA 1 13.64 -36.69 80.97
N PRO RA 2 14.63 -37.31 81.66
CA PRO RA 2 15.89 -37.54 80.91
C PRO RA 2 15.89 -38.70 79.88
N PRO RA 3 15.69 -39.96 80.32
CA PRO RA 3 15.95 -41.08 79.38
C PRO RA 3 14.85 -41.36 78.33
N LYS RA 4 13.60 -41.44 78.77
CA LYS RA 4 12.49 -41.86 77.89
C LYS RA 4 11.18 -41.08 78.13
N PHE RA 5 10.63 -41.19 79.34
CA PHE RA 5 9.30 -40.66 79.69
C PHE RA 5 8.98 -41.01 81.15
N ASP RA 6 9.40 -40.15 82.07
CA ASP RA 6 9.27 -40.39 83.52
C ASP RA 6 9.03 -39.09 84.30
N PRO RA 7 7.93 -39.02 85.09
CA PRO RA 7 7.76 -37.94 86.06
C PRO RA 7 8.07 -38.40 87.50
N ASN RA 8 9.23 -37.99 88.02
CA ASN RA 8 9.61 -38.26 89.41
C ASN RA 8 8.88 -37.31 90.37
N GLU RA 9 8.80 -36.04 89.97
CA GLU RA 9 7.99 -35.03 90.67
C GLU RA 9 7.40 -33.97 89.72
N ILE RA 10 8.25 -33.35 88.91
CA ILE RA 10 7.85 -32.33 87.92
C ILE RA 10 7.19 -31.10 88.57
N LYS RA 11 8.02 -30.15 88.98
CA LYS RA 11 7.58 -28.80 89.35
C LYS RA 11 8.39 -27.83 88.48
N VAL RA 12 8.28 -28.03 87.17
CA VAL RA 12 9.15 -27.40 86.19
C VAL RA 12 8.62 -26.02 85.80
N VAL RA 13 9.48 -25.00 85.88
CA VAL RA 13 9.12 -23.61 85.60
C VAL RA 13 9.78 -23.16 84.30
N TYR RA 14 9.04 -22.37 83.51
CA TYR RA 14 9.63 -21.63 82.38
C TYR RA 14 8.86 -20.31 82.15
N LEU RA 15 9.60 -19.28 81.74
CA LEU RA 15 9.08 -17.91 81.70
C LEU RA 15 8.62 -17.50 80.30
N ARG RA 16 7.30 -17.40 80.12
CA ARG RA 16 6.69 -16.73 78.97
C ARG RA 16 6.28 -15.32 79.43
N CYS RA 17 6.28 -14.38 78.49
CA CYS RA 17 5.70 -13.05 78.74
C CYS RA 17 4.70 -12.69 77.64
N THR RA 18 3.90 -11.67 77.93
CA THR RA 18 2.79 -11.19 77.07
C THR RA 18 1.62 -12.18 77.01
N GLY RA 19 0.41 -11.68 77.26
CA GLY RA 19 -0.79 -12.51 77.29
C GLY RA 19 -2.02 -11.76 77.75
N GLY RA 20 -2.47 -10.81 76.94
CA GLY RA 20 -3.70 -10.06 77.21
C GLY RA 20 -4.92 -10.94 77.03
N GLU RA 21 -5.01 -11.57 75.85
CA GLU RA 21 -6.05 -12.55 75.54
C GLU RA 21 -5.43 -13.75 74.83
N VAL RA 22 -6.24 -14.77 74.54
CA VAL RA 22 -5.83 -16.00 73.84
C VAL RA 22 -4.69 -15.84 72.82
N GLY RA 23 -4.80 -14.84 71.94
CA GLY RA 23 -3.83 -14.63 70.86
C GLY RA 23 -3.99 -15.64 69.74
N ALA RA 24 -4.23 -15.15 68.52
CA ALA RA 24 -4.29 -16.01 67.34
C ALA RA 24 -2.90 -16.58 67.04
N THR RA 25 -1.91 -15.71 66.97
CA THR RA 25 -0.51 -16.10 66.75
C THR RA 25 0.14 -16.90 67.89
N SER RA 26 -0.50 -16.91 69.06
CA SER RA 26 -0.19 -17.83 70.17
C SER RA 26 1.31 -17.99 70.49
N ALA RA 27 1.96 -18.95 69.83
CA ALA RA 27 3.34 -19.38 70.16
C ALA RA 27 3.53 -19.81 71.62
N LEU RA 28 2.47 -20.34 72.24
CA LEU RA 28 2.44 -20.62 73.67
C LEU RA 28 3.18 -21.92 73.98
N ALA RA 29 2.68 -23.03 73.45
CA ALA RA 29 3.24 -24.36 73.75
C ALA RA 29 4.53 -24.62 72.93
N PRO RA 30 4.45 -25.41 71.83
CA PRO RA 30 5.53 -26.17 71.19
C PRO RA 30 6.83 -26.38 72.01
N LYS RA 31 7.95 -26.63 71.33
CA LYS RA 31 9.28 -26.77 71.97
C LYS RA 31 9.28 -27.31 73.42
N ILE RA 32 8.85 -26.48 74.36
CA ILE RA 32 8.81 -26.82 75.79
C ILE RA 32 7.50 -27.55 76.16
N GLY RA 33 6.39 -27.15 75.55
CA GLY RA 33 5.06 -27.69 75.85
C GLY RA 33 4.84 -29.19 75.78
N PRO RA 34 4.74 -29.74 74.56
CA PRO RA 34 4.26 -31.13 74.35
C PRO RA 34 5.11 -32.21 75.02
N LEU RA 35 6.43 -32.09 74.91
CA LEU RA 35 7.35 -32.96 75.65
C LEU RA 35 7.44 -32.41 77.07
N GLY RA 36 6.88 -33.16 78.02
CA GLY RA 36 6.58 -32.66 79.36
C GLY RA 36 5.09 -32.67 79.71
N LEU RA 37 4.25 -33.19 78.81
CA LEU RA 37 2.83 -33.52 79.05
C LEU RA 37 1.83 -32.35 79.09
N SER RA 38 2.30 -31.10 79.02
CA SER RA 38 1.40 -29.95 78.87
C SER RA 38 0.96 -29.88 77.40
N PRO RA 39 -0.36 -29.72 77.14
CA PRO RA 39 -0.85 -29.79 75.76
C PRO RA 39 -0.67 -28.46 75.00
N LYS RA 40 -1.74 -27.83 74.47
CA LYS RA 40 -1.62 -26.66 73.60
C LYS RA 40 -2.83 -25.72 73.72
N LYS RA 41 -4.01 -26.20 73.32
CA LYS RA 41 -5.24 -25.43 73.38
C LYS RA 41 -5.76 -25.28 74.81
N VAL RA 42 -5.67 -26.37 75.59
CA VAL RA 42 -6.08 -26.35 77.00
C VAL RA 42 -5.14 -25.46 77.82
N GLY RA 43 -3.85 -25.56 77.55
CA GLY RA 43 -2.84 -24.68 78.17
C GLY RA 43 -3.02 -23.21 77.85
N ASP RA 44 -3.48 -22.92 76.64
CA ASP RA 44 -3.81 -21.55 76.22
C ASP RA 44 -5.07 -21.03 76.95
N ASP RA 45 -6.06 -21.90 77.13
CA ASP RA 45 -7.28 -21.56 77.87
C ASP RA 45 -7.02 -21.30 79.35
N ILE RA 46 -6.13 -22.10 79.95
CA ILE RA 46 -5.72 -21.91 81.35
C ILE RA 46 -4.93 -20.61 81.50
N ALA RA 47 -4.06 -20.32 80.53
CA ALA RA 47 -3.32 -19.06 80.49
C ALA RA 47 -4.23 -17.83 80.33
N LYS RA 48 -5.31 -17.97 79.56
CA LYS RA 48 -6.32 -16.91 79.43
C LYS RA 48 -7.07 -16.68 80.75
N ALA RA 49 -7.41 -17.78 81.43
CA ALA RA 49 -8.18 -17.72 82.69
C ALA RA 49 -7.48 -16.98 83.82
N THR RA 50 -6.18 -17.22 83.97
CA THR RA 50 -5.37 -16.55 84.99
C THR RA 50 -5.13 -15.07 84.65
N GLY RA 51 -4.72 -14.82 83.40
CA GLY RA 51 -4.50 -13.47 82.88
C GLY RA 51 -5.71 -12.95 82.12
N ASP RA 52 -6.87 -12.98 82.77
CA ASP RA 52 -8.13 -12.53 82.20
C ASP RA 52 -8.35 -11.07 82.66
N TRP RA 53 -9.59 -10.69 83.01
CA TRP RA 53 -9.89 -9.47 83.78
C TRP RA 53 -8.70 -8.87 84.55
N LYS RA 54 -7.95 -8.00 83.87
CA LYS RA 54 -6.70 -7.38 84.34
C LYS RA 54 -5.57 -8.41 84.62
N GLY RA 55 -4.44 -8.36 83.91
CA GLY RA 55 -4.12 -7.36 82.90
C GLY RA 55 -4.56 -7.75 81.49
N LEU RA 56 -5.17 -6.81 80.77
CA LEU RA 56 -5.47 -6.94 79.34
C LEU RA 56 -4.57 -6.04 78.47
N ARG RA 57 -3.60 -5.37 79.11
CA ARG RA 57 -2.61 -4.54 78.41
C ARG RA 57 -1.22 -5.11 78.70
N ILE RA 58 -0.99 -6.32 78.20
CA ILE RA 58 0.26 -7.08 78.37
C ILE RA 58 0.43 -7.59 79.81
N THR RA 59 0.93 -8.83 79.93
CA THR RA 59 1.14 -9.50 81.22
C THR RA 59 2.40 -10.37 81.18
N VAL RA 60 2.76 -10.97 82.31
CA VAL RA 60 3.89 -11.90 82.41
C VAL RA 60 3.36 -13.28 82.83
N LYS RA 61 4.01 -14.33 82.35
CA LYS RA 61 3.51 -15.71 82.51
C LYS RA 61 4.59 -16.73 82.90
N LEU RA 62 4.86 -16.85 84.21
CA LEU RA 62 5.67 -17.95 84.72
C LEU RA 62 4.76 -19.18 84.78
N THR RA 63 5.22 -20.29 84.18
CA THR RA 63 4.40 -21.49 84.00
C THR RA 63 4.99 -22.68 84.77
N ILE RA 64 4.54 -22.86 86.01
CA ILE RA 64 4.97 -23.97 86.86
C ILE RA 64 4.15 -25.21 86.53
N GLN RA 65 4.74 -26.14 85.77
CA GLN RA 65 4.06 -27.38 85.38
C GLN RA 65 4.09 -28.40 86.53
N ASN RA 66 2.92 -28.72 87.06
CA ASN RA 66 2.74 -29.86 87.97
C ASN RA 66 2.26 -31.07 87.16
N ARG RA 67 3.21 -31.79 86.60
CA ARG RA 67 2.97 -32.93 85.68
C ARG RA 67 2.16 -32.54 84.44
N GLN RA 68 0.84 -32.38 84.59
CA GLN RA 68 -0.03 -31.88 83.51
C GLN RA 68 -0.79 -30.57 83.83
N ALA RA 69 -0.76 -30.13 85.10
CA ALA RA 69 -1.46 -28.92 85.53
C ALA RA 69 -0.49 -27.74 85.64
N GLN RA 70 -0.66 -26.74 84.78
CA GLN RA 70 0.18 -25.53 84.79
C GLN RA 70 -0.39 -24.50 85.75
N ILE RA 71 0.48 -23.86 86.53
CA ILE RA 71 0.08 -22.82 87.48
C ILE RA 71 0.61 -21.47 86.95
N GLU RA 72 -0.22 -20.77 86.18
CA GLU RA 72 0.12 -19.45 85.65
C GLU RA 72 -0.03 -18.38 86.73
N VAL RA 73 0.96 -17.50 86.83
CA VAL RA 73 0.99 -16.40 87.80
C VAL RA 73 1.37 -15.10 87.07
N VAL RA 74 0.98 -13.96 87.66
CA VAL RA 74 1.31 -12.62 87.14
C VAL RA 74 2.41 -11.98 88.00
N PRO RA 75 3.71 -12.26 87.70
CA PRO RA 75 4.78 -11.54 88.39
C PRO RA 75 4.91 -10.11 87.87
N SER RA 76 4.96 -9.15 88.79
CA SER RA 76 4.82 -7.74 88.44
C SER RA 76 6.05 -7.14 87.78
N ALA RA 77 5.83 -6.49 86.64
CA ALA RA 77 6.78 -5.54 86.05
C ALA RA 77 6.26 -4.13 86.33
N SER RA 78 7.18 -3.19 86.52
CA SER RA 78 6.83 -1.83 86.97
C SER RA 78 5.93 -1.08 85.98
N ALA RA 79 6.30 -1.11 84.71
CA ALA RA 79 5.52 -0.44 83.65
C ALA RA 79 4.15 -1.08 83.40
N LEU RA 80 4.05 -2.39 83.60
CA LEU RA 80 2.77 -3.10 83.44
C LEU RA 80 1.74 -2.68 84.49
N ILE RA 81 2.16 -2.63 85.76
CA ILE RA 81 1.28 -2.20 86.85
C ILE RA 81 0.90 -0.70 86.76
N ILE RA 82 1.78 0.12 86.20
CA ILE RA 82 1.47 1.53 85.88
C ILE RA 82 0.37 1.60 84.80
N LYS RA 83 0.53 0.79 83.76
CA LYS RA 83 -0.48 0.70 82.68
C LYS RA 83 -1.79 0.05 83.13
N ALA RA 84 -1.72 -0.83 84.15
CA ALA RA 84 -2.91 -1.36 84.81
C ALA RA 84 -3.64 -0.29 85.63
N LEU RA 85 -2.87 0.58 86.29
CA LEU RA 85 -3.40 1.68 87.09
C LEU RA 85 -3.42 2.99 86.29
N LYS RA 86 -4.01 2.94 85.10
CA LYS RA 86 -4.07 4.08 84.17
C LYS RA 86 -5.51 4.62 84.20
N GLU RA 87 -6.11 4.96 83.05
CA GLU RA 87 -7.54 5.29 82.96
C GLU RA 87 -8.25 4.15 82.21
N PRO RA 88 -8.54 3.03 82.90
CA PRO RA 88 -9.00 1.83 82.19
C PRO RA 88 -10.52 1.86 81.91
N PRO RA 89 -11.03 0.94 81.06
CA PRO RA 89 -10.25 0.07 80.19
C PRO RA 89 -10.84 0.01 78.77
N ARG RA 90 -10.17 0.67 77.82
CA ARG RA 90 -10.46 0.48 76.39
C ARG RA 90 -9.44 -0.55 75.87
N ASP RA 91 -9.87 -1.81 75.82
CA ASP RA 91 -8.97 -2.96 75.69
C ASP RA 91 -8.28 -3.07 74.32
N ARG RA 92 -9.03 -3.48 73.30
CA ARG RA 92 -8.47 -3.79 71.98
C ARG RA 92 -9.41 -3.30 70.87
N LYS RA 93 -8.82 -3.01 69.71
CA LYS RA 93 -9.53 -2.44 68.55
C LYS RA 93 -10.13 -1.07 68.90
N LYS RA 94 -9.30 -0.04 68.76
CA LYS RA 94 -9.62 1.34 69.11
C LYS RA 94 -9.95 1.56 70.61
N GLN RA 95 -8.97 1.75 71.51
CA GLN RA 95 -7.51 1.64 71.29
C GLN RA 95 -6.95 2.61 70.22
N LYS RA 96 -5.87 2.24 69.52
CA LYS RA 96 -5.49 2.82 68.22
C LYS RA 96 -4.79 4.20 68.24
N ASN RA 97 -5.05 5.03 69.25
CA ASN RA 97 -4.47 6.38 69.32
C ASN RA 97 -4.02 6.86 70.74
N ILE RA 98 -3.12 6.17 71.44
CA ILE RA 98 -2.67 4.79 71.18
C ILE RA 98 -2.81 4.07 72.53
N LYS RA 99 -1.76 4.11 73.36
CA LYS RA 99 -1.83 3.71 74.77
C LYS RA 99 -0.97 4.67 75.63
N HIS RA 100 -0.80 5.91 75.17
CA HIS RA 100 0.15 6.86 75.78
C HIS RA 100 -0.51 8.19 76.17
N SER RA 101 -1.61 8.10 76.93
CA SER RA 101 -2.27 9.28 77.48
C SER RA 101 -1.40 9.88 78.59
N GLY RA 102 -1.20 9.11 79.64
CA GLY RA 102 -0.15 9.39 80.64
C GLY RA 102 -0.31 10.64 81.49
N ASN RA 103 -1.47 10.77 82.13
CA ASN RA 103 -1.72 11.82 83.12
C ASN RA 103 -2.64 11.28 84.22
N ILE RA 104 -2.14 10.29 84.97
CA ILE RA 104 -2.96 9.52 85.92
C ILE RA 104 -2.37 9.51 87.36
N THR RA 105 -1.73 10.61 87.75
CA THR RA 105 -1.34 10.87 89.15
C THR RA 105 -0.41 9.85 89.82
N PHE RA 106 -0.98 8.75 90.31
CA PHE RA 106 -0.33 7.78 91.23
C PHE RA 106 0.81 8.32 92.12
N ASP RA 107 0.45 8.76 93.34
CA ASP RA 107 1.42 9.26 94.32
C ASP RA 107 1.68 8.20 95.40
N GLU RA 108 0.61 7.80 96.09
CA GLU RA 108 0.68 6.76 97.13
C GLU RA 108 0.41 5.35 96.58
N ILE RA 109 0.06 5.24 95.31
CA ILE RA 109 -0.17 3.94 94.67
C ILE RA 109 1.18 3.32 94.28
N VAL RA 110 2.18 4.15 94.02
CA VAL RA 110 3.52 3.67 93.65
C VAL RA 110 4.26 3.16 94.89
N ASN RA 111 3.92 3.67 96.08
CA ASN RA 111 4.37 3.07 97.35
C ASN RA 111 4.11 1.56 97.45
N ILE RA 112 2.94 1.13 96.94
CA ILE RA 112 2.60 -0.29 96.87
C ILE RA 112 3.47 -0.99 95.82
N ALA RA 113 3.73 -0.31 94.71
CA ALA RA 113 4.61 -0.82 93.65
C ALA RA 113 6.05 -1.08 94.14
N ARG RA 114 6.64 -0.11 94.84
CA ARG RA 114 7.98 -0.33 95.45
C ARG RA 114 7.99 -1.40 96.56
N GLN RA 115 6.87 -1.55 97.27
CA GLN RA 115 6.72 -2.63 98.27
C GLN RA 115 6.65 -4.01 97.63
N MET RA 116 5.93 -4.14 96.51
CA MET RA 116 5.75 -5.44 95.84
C MET RA 116 6.97 -5.90 95.02
N ARG RA 117 7.99 -5.05 94.86
CA ARG RA 117 9.26 -5.47 94.25
C ARG RA 117 9.86 -6.61 95.06
N HIS RA 118 10.23 -7.69 94.37
CA HIS RA 118 10.79 -8.90 95.03
C HIS RA 118 12.19 -8.63 95.60
N ARG RA 119 12.22 -7.86 96.69
CA ARG RA 119 13.46 -7.31 97.26
C ARG RA 119 14.27 -6.56 96.19
N SER RA 120 15.26 -7.21 95.56
CA SER RA 120 15.95 -6.70 94.36
C SER RA 120 16.66 -5.34 94.53
N LEU RA 121 17.26 -4.85 93.45
CA LEU RA 121 17.75 -3.46 93.32
C LEU RA 121 19.04 -3.11 94.10
N ALA RA 122 19.47 -3.96 95.04
CA ALA RA 122 20.60 -3.66 95.94
C ALA RA 122 20.44 -2.31 96.64
N ARG RA 123 19.23 -2.06 97.14
CA ARG RA 123 18.81 -0.73 97.57
C ARG RA 123 19.25 -0.35 98.99
N GLU RA 124 19.15 0.94 99.30
CA GLU RA 124 19.16 1.44 100.67
C GLU RA 124 17.72 1.90 100.98
N LEU RA 125 16.83 0.92 101.00
CA LEU RA 125 15.38 1.10 101.20
C LEU RA 125 14.66 2.02 100.19
N SER RA 126 13.34 2.15 100.35
CA SER RA 126 12.46 2.88 99.43
C SER RA 126 12.91 4.27 98.97
N GLY RA 127 13.65 5.00 99.81
CA GLY RA 127 14.22 6.30 99.45
C GLY RA 127 14.87 6.36 98.07
N THR RA 128 15.53 5.27 97.69
CA THR RA 128 16.12 5.10 96.35
C THR RA 128 15.17 4.40 95.35
N ILE RA 129 14.30 3.52 95.85
CA ILE RA 129 13.34 2.78 95.00
C ILE RA 129 12.27 3.73 94.45
N LYS RA 130 11.86 4.71 95.26
CA LYS RA 130 10.96 5.80 94.82
C LYS RA 130 11.48 6.52 93.58
N GLU RA 131 12.80 6.74 93.55
CA GLU RA 131 13.45 7.40 92.42
C GLU RA 131 13.43 6.53 91.16
N ILE RA 132 13.55 5.21 91.35
CA ILE RA 132 13.59 4.25 90.25
C ILE RA 132 12.23 4.12 89.56
N LEU RA 133 11.20 3.79 90.35
CA LEU RA 133 9.85 3.56 89.80
C LEU RA 133 9.14 4.84 89.37
N GLY RA 134 9.55 5.98 89.94
CA GLY RA 134 9.10 7.29 89.46
C GLY RA 134 9.64 7.68 88.09
N THR RA 135 10.67 6.97 87.61
CA THR RA 135 11.23 7.15 86.27
C THR RA 135 10.98 5.97 85.31
N ALA RA 136 10.60 4.81 85.84
CA ALA RA 136 10.23 3.65 85.01
C ALA RA 136 9.08 3.99 84.07
N GLN RA 137 8.08 4.65 84.62
CA GLN RA 137 7.02 5.32 83.86
C GLN RA 137 7.52 6.10 82.63
N SER RA 138 7.38 5.48 81.46
CA SER RA 138 7.55 6.17 80.18
C SER RA 138 6.32 7.02 79.87
N VAL RA 139 5.15 6.55 80.31
CA VAL RA 139 3.85 7.14 79.97
C VAL RA 139 3.36 8.10 81.05
N GLY RA 140 3.26 7.60 82.29
CA GLY RA 140 2.53 8.26 83.39
C GLY RA 140 2.75 9.73 83.70
N CYS RA 141 4.01 10.19 83.62
CA CYS RA 141 4.40 11.58 83.93
C CYS RA 141 4.08 12.07 85.37
N ASN RA 142 4.11 11.14 86.33
CA ASN RA 142 4.09 11.47 87.77
C ASN RA 142 2.78 12.15 88.23
N VAL RA 143 2.84 13.11 89.17
CA VAL RA 143 1.66 13.58 89.91
C VAL RA 143 0.92 14.65 89.11
N ASP RA 144 -0.41 14.61 89.18
CA ASP RA 144 -1.34 15.58 88.54
C ASP RA 144 -0.89 16.14 87.18
N GLY RA 145 0.06 17.06 87.19
CA GLY RA 145 0.63 17.64 85.96
C GLY RA 145 2.10 17.99 86.15
N ARG RA 146 2.87 17.03 86.65
CA ARG RA 146 4.29 17.20 86.96
C ARG RA 146 5.18 16.57 85.89
N HIS RA 147 6.50 16.78 86.03
CA HIS RA 147 7.53 16.07 85.28
C HIS RA 147 8.06 14.95 86.19
N PRO RA 148 8.95 14.08 85.65
CA PRO RA 148 9.66 13.14 86.53
C PRO RA 148 11.01 13.70 87.03
N HIS RA 149 12.03 13.71 86.15
CA HIS RA 149 13.40 14.19 86.43
C HIS RA 149 13.79 14.56 87.89
N ASP RA 150 13.73 15.86 88.24
CA ASP RA 150 14.37 16.40 89.45
C ASP RA 150 13.45 16.66 90.64
N ILE RA 151 12.13 16.45 90.46
CA ILE RA 151 11.16 16.56 91.57
C ILE RA 151 11.38 15.39 92.54
N ILE RA 152 11.82 14.26 91.99
CA ILE RA 152 12.25 13.07 92.75
C ILE RA 152 13.26 13.35 93.87
N ASP RA 153 14.17 14.32 93.67
CA ASP RA 153 15.21 14.64 94.67
C ASP RA 153 14.65 15.05 96.03
N ASP RA 154 13.55 15.80 96.04
CA ASP RA 154 12.92 16.29 97.28
C ASP RA 154 11.70 15.44 97.67
N ILE RA 155 11.96 14.20 98.04
CA ILE RA 155 10.93 13.29 98.59
C ILE RA 155 10.86 13.47 100.11
N ASN RA 156 9.63 13.52 100.63
CA ASN RA 156 9.38 13.72 102.06
C ASN RA 156 8.33 12.73 102.59
N SER RA 157 8.47 11.46 102.24
CA SER RA 157 7.47 10.45 102.59
C SER RA 157 7.96 9.00 102.43
N GLY RA 158 7.35 8.10 103.21
CA GLY RA 158 7.48 6.65 103.05
C GLY RA 158 8.88 6.05 103.11
N ALA RA 159 9.74 6.64 103.92
CA ALA RA 159 11.10 6.11 104.12
C ALA RA 159 11.11 4.89 105.04
N VAL RA 160 10.30 4.95 106.11
CA VAL RA 160 10.26 3.92 107.16
C VAL RA 160 9.07 2.96 107.03
N GLU RA 161 8.12 3.25 106.14
CA GLU RA 161 6.89 2.45 105.98
C GLU RA 161 7.02 1.26 105.00
N CYS RA 162 7.96 1.34 104.06
CA CYS RA 162 8.10 0.33 102.99
C CYS RA 162 8.82 -1.00 103.31
N PRO RA 163 9.61 -1.08 104.41
CA PRO RA 163 10.20 -2.39 104.74
C PRO RA 163 9.18 -3.48 105.07
N GLY SA 1 46.32 19.28 -28.45
CA GLY SA 1 47.07 18.69 -27.31
C GLY SA 1 46.56 17.33 -26.88
N MET SA 2 47.16 16.80 -25.82
CA MET SA 2 46.88 15.43 -25.33
C MET SA 2 45.41 15.28 -24.94
N TRP SA 3 44.81 14.13 -25.25
CA TRP SA 3 43.36 13.95 -25.09
C TRP SA 3 42.89 14.03 -23.63
N ARG SA 4 43.55 13.26 -22.76
CA ARG SA 4 43.20 13.18 -21.33
C ARG SA 4 41.85 12.55 -21.00
N PHE SA 5 40.76 13.31 -21.12
CA PHE SA 5 39.43 12.83 -20.67
C PHE SA 5 38.35 13.07 -21.70
N TYR SA 6 37.28 12.26 -21.62
CA TYR SA 6 36.10 12.46 -22.45
C TYR SA 6 35.29 13.64 -21.95
N THR SA 7 34.49 14.19 -22.85
CA THR SA 7 33.61 15.32 -22.56
C THR SA 7 32.64 15.06 -21.40
N GLU SA 8 32.12 13.84 -21.31
CA GLU SA 8 31.14 13.46 -20.27
C GLU SA 8 31.79 12.76 -19.07
N ASP SA 9 33.13 12.77 -19.00
CA ASP SA 9 33.89 12.21 -17.89
C ASP SA 9 34.13 13.32 -16.86
N SER SA 10 34.66 14.45 -17.33
CA SER SA 10 34.80 15.69 -16.54
C SER SA 10 35.44 15.41 -15.17
N PRO SA 11 36.72 14.99 -15.18
CA PRO SA 11 37.42 14.20 -14.16
C PRO SA 11 36.93 14.28 -12.70
N GLY SA 12 37.17 15.42 -12.06
CA GLY SA 12 37.05 15.52 -10.60
C GLY SA 12 35.63 15.79 -10.16
N LEU SA 13 34.73 14.86 -10.44
CA LEU SA 13 33.30 15.10 -10.27
C LEU SA 13 32.89 15.03 -8.80
N LYS SA 14 32.27 16.11 -8.34
CA LYS SA 14 31.82 16.27 -6.96
C LYS SA 14 30.49 16.99 -7.07
N VAL SA 15 29.44 16.21 -7.26
CA VAL SA 15 28.09 16.74 -7.26
C VAL SA 15 27.65 16.68 -5.81
N SER ZA 1 -95.03 -60.48 -27.93
CA SER ZA 1 -96.10 -59.73 -28.65
C SER ZA 1 -96.90 -60.68 -29.51
N GLY ZA 2 -96.20 -61.36 -30.42
CA GLY ZA 2 -96.79 -62.36 -31.28
C GLY ZA 2 -97.92 -61.80 -32.12
N ALA ZA 3 -97.61 -60.80 -32.94
CA ALA ZA 3 -98.57 -60.27 -33.91
C ALA ZA 3 -98.84 -61.34 -34.97
N LEU ZA 4 -99.62 -62.33 -34.55
CA LEU ZA 4 -99.76 -63.61 -35.24
C LEU ZA 4 -101.16 -63.79 -35.84
N ASP ZA 5 -102.19 -63.36 -35.12
CA ASP ZA 5 -103.54 -63.25 -35.70
C ASP ZA 5 -104.49 -62.36 -34.89
N VAL ZA 6 -104.65 -62.66 -33.61
CA VAL ZA 6 -105.64 -62.01 -32.76
C VAL ZA 6 -105.20 -60.59 -32.48
N LEU ZA 7 -103.99 -60.46 -31.93
CA LEU ZA 7 -103.44 -59.19 -31.49
C LEU ZA 7 -102.45 -58.70 -32.55
N GLN ZA 8 -103.04 -58.33 -33.68
CA GLN ZA 8 -102.35 -57.79 -34.85
C GLN ZA 8 -102.76 -56.32 -34.95
N MET ZA 9 -102.44 -55.67 -36.05
CA MET ZA 9 -102.61 -54.22 -36.19
C MET ZA 9 -104.07 -53.72 -36.19
N LYS ZA 10 -104.80 -54.01 -37.26
CA LYS ZA 10 -106.13 -53.43 -37.55
C LYS ZA 10 -106.04 -51.94 -37.92
N GLU ZA 11 -106.96 -51.50 -38.76
CA GLU ZA 11 -106.93 -50.15 -39.34
C GLU ZA 11 -107.24 -49.06 -38.31
N GLU ZA 12 -108.31 -49.29 -37.55
CA GLU ZA 12 -108.81 -48.32 -36.55
C GLU ZA 12 -107.78 -47.88 -35.50
N ASP ZA 13 -106.86 -48.77 -35.13
CA ASP ZA 13 -105.81 -48.47 -34.16
C ASP ZA 13 -104.71 -47.59 -34.78
N VAL ZA 14 -104.28 -47.92 -35.99
CA VAL ZA 14 -103.25 -47.16 -36.71
C VAL ZA 14 -103.71 -45.72 -36.96
N LEU ZA 15 -104.96 -45.57 -37.38
CA LEU ZA 15 -105.58 -44.27 -37.63
C LEU ZA 15 -105.61 -43.38 -36.37
N LYS ZA 16 -105.78 -44.00 -35.20
CA LYS ZA 16 -105.67 -43.29 -33.91
C LYS ZA 16 -104.23 -42.82 -33.64
N PHE ZA 17 -103.28 -43.74 -33.79
CA PHE ZA 17 -101.83 -43.44 -33.72
C PHE ZA 17 -101.43 -42.27 -34.60
N LEU ZA 18 -101.84 -42.32 -35.86
CA LEU ZA 18 -101.57 -41.26 -36.83
C LEU ZA 18 -102.16 -39.92 -36.44
N ALA ZA 19 -103.35 -39.94 -35.83
CA ALA ZA 19 -104.03 -38.72 -35.40
C ALA ZA 19 -103.28 -38.05 -34.27
N ALA ZA 20 -102.98 -38.83 -33.23
CA ALA ZA 20 -102.13 -38.38 -32.13
C ALA ZA 20 -100.76 -37.96 -32.63
N GLY ZA 21 -100.20 -38.79 -33.53
CA GLY ZA 21 -98.90 -38.56 -34.12
C GLY ZA 21 -97.78 -39.18 -33.30
N THR ZA 22 -97.97 -40.42 -32.88
CA THR ZA 22 -96.96 -41.09 -32.05
C THR ZA 22 -95.79 -41.54 -32.94
N HIS ZA 23 -96.10 -41.79 -34.21
CA HIS ZA 23 -95.07 -41.99 -35.24
C HIS ZA 23 -94.12 -40.81 -35.44
N LEU ZA 24 -94.65 -39.60 -35.41
CA LEU ZA 24 -93.85 -38.40 -35.73
C LEU ZA 24 -92.95 -38.06 -34.53
N GLY ZA 25 -91.72 -38.58 -34.56
CA GLY ZA 25 -90.85 -38.61 -33.39
C GLY ZA 25 -90.15 -37.29 -33.02
N GLY ZA 26 -88.85 -37.21 -33.31
CA GLY ZA 26 -88.05 -36.04 -32.99
C GLY ZA 26 -86.93 -35.78 -33.99
N THR ZA 27 -86.04 -34.85 -33.64
CA THR ZA 27 -84.88 -34.49 -34.46
C THR ZA 27 -83.59 -35.18 -34.01
N ASN ZA 28 -83.54 -35.57 -32.73
CA ASN ZA 28 -82.33 -36.11 -32.12
C ASN ZA 28 -82.48 -37.61 -31.93
N LEU ZA 29 -81.83 -38.40 -32.79
CA LEU ZA 29 -81.88 -39.86 -32.68
C LEU ZA 29 -80.70 -40.38 -31.88
N ASP ZA 30 -81.01 -40.98 -30.74
CA ASP ZA 30 -80.05 -41.73 -29.94
C ASP ZA 30 -79.83 -43.11 -30.58
N PHE ZA 31 -78.56 -43.52 -30.64
CA PHE ZA 31 -78.15 -44.79 -31.26
C PHE ZA 31 -78.77 -46.10 -30.72
N GLN ZA 32 -79.35 -46.05 -29.53
CA GLN ZA 32 -80.14 -47.17 -29.01
C GLN ZA 32 -81.47 -47.33 -29.75
N MET ZA 33 -82.14 -46.20 -29.96
CA MET ZA 33 -83.45 -46.17 -30.60
C MET ZA 33 -83.45 -46.40 -32.12
N GLU ZA 34 -82.32 -46.27 -32.79
CA GLU ZA 34 -82.22 -46.47 -34.26
C GLU ZA 34 -83.06 -47.67 -34.74
N GLN ZA 35 -82.89 -48.78 -34.03
CA GLN ZA 35 -83.74 -49.97 -34.06
C GLN ZA 35 -85.23 -49.75 -34.41
N TYR ZA 36 -85.85 -48.75 -33.78
CA TYR ZA 36 -87.28 -48.47 -33.91
C TYR ZA 36 -87.63 -47.34 -34.89
N ILE ZA 37 -86.96 -47.26 -36.04
CA ILE ZA 37 -87.18 -46.13 -36.95
C ILE ZA 37 -87.27 -46.52 -38.42
N TYR ZA 38 -88.20 -45.87 -39.13
CA TYR ZA 38 -88.29 -45.98 -40.58
C TYR ZA 38 -87.24 -45.07 -41.18
N LYS ZA 39 -87.44 -43.75 -41.03
CA LYS ZA 39 -86.70 -42.75 -41.80
C LYS ZA 39 -86.49 -41.48 -41.02
N ARG ZA 40 -85.84 -40.52 -41.68
CA ARG ZA 40 -85.95 -39.11 -41.35
C ARG ZA 40 -86.54 -38.40 -42.56
N LYS ZA 41 -87.54 -37.56 -42.32
CA LYS ZA 41 -88.22 -36.81 -43.36
C LYS ZA 41 -87.37 -35.63 -43.82
N SER ZA 42 -87.98 -34.74 -44.60
CA SER ZA 42 -87.51 -33.36 -44.72
C SER ZA 42 -87.39 -32.68 -43.35
N ASP ZA 43 -86.94 -31.43 -43.36
CA ASP ZA 43 -86.57 -30.66 -42.14
C ASP ZA 43 -85.62 -31.43 -41.22
N GLY ZA 44 -86.17 -32.41 -40.50
CA GLY ZA 44 -85.38 -33.34 -39.72
C GLY ZA 44 -86.19 -33.94 -38.61
N ILE ZA 45 -87.16 -34.77 -38.97
CA ILE ZA 45 -87.99 -35.45 -37.99
C ILE ZA 45 -88.04 -36.93 -38.34
N TYR ZA 46 -87.57 -37.77 -37.42
CA TYR ZA 46 -87.59 -39.20 -37.62
C TYR ZA 46 -89.01 -39.72 -37.49
N ILE ZA 47 -89.24 -40.90 -38.07
CA ILE ZA 47 -90.54 -41.56 -38.07
C ILE ZA 47 -90.39 -42.94 -37.48
N ILE ZA 48 -91.37 -43.33 -36.67
CA ILE ZA 48 -91.26 -44.48 -35.80
C ILE ZA 48 -92.11 -45.65 -36.30
N ASN ZA 49 -91.42 -46.72 -36.76
CA ASN ZA 49 -92.06 -47.97 -37.20
C ASN ZA 49 -93.20 -48.34 -36.28
N LEU ZA 50 -94.42 -48.08 -36.73
CA LEU ZA 50 -95.60 -48.27 -35.88
C LEU ZA 50 -95.88 -49.75 -35.60
N LYS ZA 51 -95.47 -50.64 -36.49
CA LYS ZA 51 -95.45 -52.07 -36.18
C LYS ZA 51 -94.51 -52.33 -35.01
N ARG ZA 52 -93.30 -51.80 -35.15
CA ARG ZA 52 -92.26 -51.90 -34.12
C ARG ZA 52 -92.74 -51.33 -32.78
N THR ZA 53 -93.44 -50.19 -32.84
CA THR ZA 53 -94.12 -49.62 -31.68
C THR ZA 53 -95.08 -50.63 -31.07
N TRP ZA 54 -95.94 -51.20 -31.90
CA TRP ZA 54 -96.95 -52.15 -31.44
C TRP ZA 54 -96.29 -53.29 -30.70
N GLU ZA 55 -95.34 -53.93 -31.37
CA GLU ZA 55 -94.65 -55.10 -30.83
C GLU ZA 55 -94.11 -54.82 -29.41
N LYS ZA 56 -93.36 -53.73 -29.27
CA LYS ZA 56 -92.85 -53.31 -27.96
C LYS ZA 56 -93.95 -52.98 -26.96
N LEU ZA 57 -95.02 -52.36 -27.44
CA LEU ZA 57 -96.18 -52.05 -26.61
C LEU ZA 57 -96.83 -53.34 -26.08
N LEU ZA 58 -96.97 -54.33 -26.95
CA LEU ZA 58 -97.49 -55.65 -26.56
C LEU ZA 58 -96.61 -56.35 -25.54
N LEU ZA 59 -95.29 -56.28 -25.72
CA LEU ZA 59 -94.33 -56.89 -24.81
C LEU ZA 59 -94.54 -56.37 -23.40
N ALA ZA 60 -94.47 -55.04 -23.27
CA ALA ZA 60 -94.72 -54.34 -22.01
C ALA ZA 60 -95.97 -54.83 -21.31
N ALA ZA 61 -97.03 -55.05 -22.08
CA ALA ZA 61 -98.28 -55.61 -21.56
C ALA ZA 61 -98.04 -56.97 -20.91
N ARG ZA 62 -97.43 -57.88 -21.65
CA ARG ZA 62 -97.13 -59.24 -21.16
C ARG ZA 62 -96.25 -59.24 -19.92
N ALA ZA 63 -95.45 -58.19 -19.74
CA ALA ZA 63 -94.69 -57.98 -18.52
C ALA ZA 63 -95.58 -57.49 -17.37
N ILE ZA 64 -96.45 -56.52 -17.65
CA ILE ZA 64 -97.39 -55.98 -16.64
C ILE ZA 64 -98.44 -57.02 -16.23
N VAL ZA 65 -98.85 -57.85 -17.19
CA VAL ZA 65 -99.79 -58.94 -16.93
C VAL ZA 65 -99.18 -60.03 -16.04
N ALA ZA 66 -97.93 -60.39 -16.30
CA ALA ZA 66 -97.19 -61.35 -15.48
C ALA ZA 66 -97.07 -60.92 -14.02
N ILE ZA 67 -97.04 -59.61 -13.80
CA ILE ZA 67 -97.10 -59.05 -12.45
C ILE ZA 67 -98.45 -59.48 -11.86
N GLU ZA 68 -98.37 -60.36 -10.86
CA GLU ZA 68 -99.52 -61.17 -10.43
C GLU ZA 68 -100.53 -60.41 -9.55
N ASN ZA 69 -100.03 -59.45 -8.77
CA ASN ZA 69 -100.86 -58.44 -8.10
C ASN ZA 69 -100.65 -57.14 -8.88
N PRO ZA 70 -101.69 -56.60 -9.53
CA PRO ZA 70 -101.47 -55.41 -10.35
C PRO ZA 70 -100.95 -54.19 -9.58
N ALA ZA 71 -101.35 -54.05 -8.31
CA ALA ZA 71 -100.95 -52.91 -7.49
C ALA ZA 71 -99.44 -52.72 -7.31
N ASP ZA 72 -98.66 -53.81 -7.42
CA ASP ZA 72 -97.19 -53.70 -7.42
C ASP ZA 72 -96.56 -53.64 -8.83
N VAL ZA 73 -97.29 -53.03 -9.76
CA VAL ZA 73 -96.70 -52.31 -10.88
C VAL ZA 73 -96.81 -50.85 -10.50
N SER ZA 74 -95.71 -50.21 -10.18
CA SER ZA 74 -95.75 -48.75 -10.02
C SER ZA 74 -95.75 -48.10 -11.39
N VAL ZA 75 -96.37 -46.92 -11.47
CA VAL ZA 75 -96.48 -46.19 -12.71
C VAL ZA 75 -96.25 -44.72 -12.39
N ILE ZA 76 -95.38 -44.07 -13.16
CA ILE ZA 76 -94.82 -42.77 -12.78
C ILE ZA 76 -94.87 -41.81 -13.95
N SER ZA 77 -95.33 -40.59 -13.66
CA SER ZA 77 -95.03 -39.43 -14.48
C SER ZA 77 -94.56 -38.30 -13.57
N SER ZA 78 -93.44 -37.70 -13.95
CA SER ZA 78 -92.95 -36.48 -13.35
C SER ZA 78 -93.45 -35.28 -14.16
N ARG ZA 79 -93.60 -35.46 -15.48
CA ARG ZA 79 -94.05 -34.40 -16.36
C ARG ZA 79 -95.56 -34.17 -16.25
N ASN ZA 80 -96.00 -33.02 -16.72
CA ASN ZA 80 -97.42 -32.66 -16.72
C ASN ZA 80 -98.11 -33.01 -18.05
N THR ZA 81 -97.81 -34.20 -18.57
CA THR ZA 81 -98.69 -34.87 -19.51
C THR ZA 81 -99.20 -36.15 -18.86
N GLY ZA 82 -98.26 -37.02 -18.50
CA GLY ZA 82 -98.58 -38.33 -17.92
C GLY ZA 82 -99.30 -38.35 -16.57
N GLN ZA 83 -99.10 -37.33 -15.73
CA GLN ZA 83 -99.72 -37.29 -14.39
C GLN ZA 83 -101.19 -37.71 -14.35
N ARG ZA 84 -101.96 -37.29 -15.36
CA ARG ZA 84 -103.36 -37.67 -15.48
C ARG ZA 84 -103.48 -39.08 -16.09
N ALA ZA 85 -102.74 -39.33 -17.16
CA ALA ZA 85 -102.76 -40.62 -17.87
C ALA ZA 85 -102.34 -41.79 -16.98
N VAL ZA 86 -101.22 -41.63 -16.26
CA VAL ZA 86 -100.74 -42.66 -15.33
C VAL ZA 86 -101.72 -42.92 -14.19
N LEU ZA 87 -102.46 -41.88 -13.81
CA LEU ZA 87 -103.49 -42.00 -12.81
C LEU ZA 87 -104.69 -42.77 -13.34
N LYS ZA 88 -105.06 -42.50 -14.58
CA LYS ZA 88 -106.16 -43.22 -15.24
C LYS ZA 88 -105.75 -44.64 -15.62
N PHE ZA 89 -104.48 -44.83 -15.97
CA PHE ZA 89 -103.93 -46.16 -16.24
C PHE ZA 89 -104.04 -47.03 -15.00
N ALA ZA 90 -103.61 -46.47 -13.87
CA ALA ZA 90 -103.62 -47.17 -12.59
C ALA ZA 90 -105.03 -47.54 -12.16
N ALA ZA 91 -105.99 -46.66 -12.45
CA ALA ZA 91 -107.40 -46.92 -12.22
C ALA ZA 91 -107.89 -48.07 -13.11
N ALA ZA 92 -107.60 -47.96 -14.40
CA ALA ZA 92 -107.98 -48.97 -15.39
C ALA ZA 92 -107.35 -50.33 -15.11
N THR ZA 93 -106.04 -50.31 -14.92
CA THR ZA 93 -105.23 -51.51 -14.76
C THR ZA 93 -105.25 -52.09 -13.35
N GLY ZA 94 -105.42 -51.23 -12.34
CA GLY ZA 94 -105.29 -51.62 -10.93
C GLY ZA 94 -103.87 -51.46 -10.39
N ALA ZA 95 -103.13 -50.54 -10.98
CA ALA ZA 95 -101.73 -50.27 -10.61
C ALA ZA 95 -101.67 -49.26 -9.47
N THR ZA 96 -100.45 -48.89 -9.07
CA THR ZA 96 -100.22 -47.79 -8.12
C THR ZA 96 -99.50 -46.64 -8.83
N PRO ZA 97 -100.12 -45.45 -8.84
CA PRO ZA 97 -99.49 -44.32 -9.52
C PRO ZA 97 -98.56 -43.56 -8.60
N ILE ZA 98 -97.58 -42.89 -9.21
CA ILE ZA 98 -96.77 -41.89 -8.54
C ILE ZA 98 -96.74 -40.66 -9.45
N ALA ZA 99 -97.86 -39.96 -9.47
CA ALA ZA 99 -98.00 -38.76 -10.29
C ALA ZA 99 -97.31 -37.58 -9.59
N GLY ZA 100 -96.32 -37.00 -10.27
CA GLY ZA 100 -95.68 -35.76 -9.83
C GLY ZA 100 -94.67 -35.90 -8.72
N ARG ZA 101 -93.63 -35.06 -8.79
CA ARG ZA 101 -92.55 -34.96 -7.80
C ARG ZA 101 -92.31 -36.25 -7.03
N PHE ZA 102 -91.68 -37.19 -7.73
CA PHE ZA 102 -91.25 -38.47 -7.18
C PHE ZA 102 -90.22 -38.23 -6.09
N THR ZA 103 -90.52 -38.66 -4.86
CA THR ZA 103 -89.63 -38.40 -3.73
C THR ZA 103 -88.39 -39.28 -3.79
N PRO ZA 104 -87.18 -38.66 -3.82
CA PRO ZA 104 -85.96 -39.47 -3.89
C PRO ZA 104 -85.87 -40.48 -2.76
N GLY ZA 105 -85.78 -41.75 -3.14
CA GLY ZA 105 -85.89 -42.84 -2.19
C GLY ZA 105 -87.31 -43.07 -1.70
N THR ZA 106 -88.22 -43.41 -2.63
CA THR ZA 106 -89.42 -44.17 -2.29
C THR ZA 106 -89.11 -45.65 -2.41
N PHE ZA 107 -88.19 -45.99 -3.32
CA PHE ZA 107 -87.70 -47.35 -3.49
C PHE ZA 107 -86.45 -47.64 -2.62
N THR ZA 108 -85.95 -46.62 -1.92
CA THR ZA 108 -84.98 -46.82 -0.82
C THR ZA 108 -85.46 -46.08 0.44
N ASN ZA 109 -84.83 -46.37 1.58
CA ASN ZA 109 -85.34 -46.06 2.92
C ASN ZA 109 -86.44 -47.03 3.32
N GLN ZA 110 -86.06 -48.07 4.04
CA GLN ZA 110 -87.02 -48.84 4.84
C GLN ZA 110 -87.83 -47.85 5.70
N ILE ZA 111 -87.09 -46.93 6.31
CA ILE ZA 111 -87.61 -45.96 7.28
C ILE ZA 111 -88.81 -45.15 6.80
N GLN ZA 112 -88.85 -44.82 5.51
CA GLN ZA 112 -89.66 -43.70 5.04
C GLN ZA 112 -91.16 -43.95 5.15
N ALA ZA 113 -91.93 -42.86 5.13
CA ALA ZA 113 -93.39 -42.92 5.11
C ALA ZA 113 -93.86 -43.56 3.80
N ALA ZA 114 -93.48 -42.93 2.70
CA ALA ZA 114 -93.85 -43.38 1.35
C ALA ZA 114 -92.87 -44.42 0.82
N PHE ZA 115 -92.72 -45.52 1.56
CA PHE ZA 115 -91.88 -46.62 1.14
C PHE ZA 115 -92.71 -47.58 0.33
N ARG ZA 116 -92.15 -48.02 -0.79
CA ARG ZA 116 -92.81 -48.93 -1.71
C ARG ZA 116 -91.75 -49.81 -2.34
N GLU ZA 117 -92.11 -51.05 -2.62
CA GLU ZA 117 -91.17 -52.01 -3.17
C GLU ZA 117 -91.86 -52.80 -4.27
N PRO ZA 118 -92.10 -52.15 -5.42
CA PRO ZA 118 -92.85 -52.76 -6.51
C PRO ZA 118 -92.02 -53.73 -7.34
N ARG ZA 119 -92.69 -54.57 -8.14
CA ARG ZA 119 -92.01 -55.50 -9.05
C ARG ZA 119 -91.82 -54.94 -10.45
N LEU ZA 120 -92.41 -53.78 -10.75
CA LEU ZA 120 -92.21 -53.14 -12.07
C LEU ZA 120 -92.50 -51.65 -12.03
N LEU ZA 121 -91.68 -50.85 -12.72
CA LEU ZA 121 -92.03 -49.45 -12.99
C LEU ZA 121 -92.42 -49.25 -14.45
N VAL ZA 122 -93.28 -48.26 -14.66
CA VAL ZA 122 -93.73 -47.86 -15.98
C VAL ZA 122 -93.61 -46.34 -16.06
N VAL ZA 123 -92.52 -45.90 -16.69
CA VAL ZA 123 -92.10 -44.52 -16.77
C VAL ZA 123 -92.86 -43.90 -17.91
N THR ZA 124 -92.99 -42.57 -17.90
CA THR ZA 124 -93.38 -41.84 -19.10
C THR ZA 124 -92.10 -41.55 -19.88
N ASP ZA 125 -91.44 -40.44 -19.55
CA ASP ZA 125 -90.32 -39.91 -20.31
C ASP ZA 125 -89.08 -40.17 -19.49
N PRO ZA 126 -88.23 -41.13 -19.91
CA PRO ZA 126 -87.10 -41.48 -19.06
C PRO ZA 126 -86.09 -40.36 -18.87
N ARG ZA 127 -86.08 -39.39 -19.79
CA ARG ZA 127 -85.25 -38.19 -19.64
C ARG ZA 127 -85.64 -37.41 -18.38
N ALA ZA 128 -86.93 -37.19 -18.19
CA ALA ZA 128 -87.45 -36.43 -17.03
C ALA ZA 128 -87.63 -37.31 -15.80
N ASP ZA 129 -88.12 -38.52 -16.00
CA ASP ZA 129 -88.45 -39.45 -14.92
C ASP ZA 129 -87.21 -40.30 -14.65
N HIS ZA 130 -86.15 -39.64 -14.20
CA HIS ZA 130 -84.82 -40.22 -14.19
C HIS ZA 130 -84.39 -40.71 -12.79
N GLN ZA 131 -84.79 -39.97 -11.75
CA GLN ZA 131 -84.59 -40.39 -10.35
C GLN ZA 131 -85.20 -41.76 -10.04
N PRO ZA 132 -86.48 -42.00 -10.44
CA PRO ZA 132 -87.05 -43.33 -10.20
C PRO ZA 132 -86.34 -44.42 -10.99
N LEU ZA 133 -85.95 -44.12 -12.22
CA LEU ZA 133 -85.23 -45.09 -13.04
C LEU ZA 133 -83.93 -45.56 -12.40
N THR ZA 134 -83.17 -44.64 -11.80
CA THR ZA 134 -81.92 -44.98 -11.10
C THR ZA 134 -82.21 -45.76 -9.81
N GLU ZA 135 -83.26 -45.38 -9.09
CA GLU ZA 135 -83.69 -46.15 -7.91
C GLU ZA 135 -84.14 -47.55 -8.28
N ALA ZA 136 -84.67 -47.71 -9.49
CA ALA ZA 136 -84.96 -49.03 -10.05
C ALA ZA 136 -83.71 -49.89 -10.34
N SER ZA 137 -82.52 -49.37 -10.09
CA SER ZA 137 -81.27 -50.13 -10.15
C SER ZA 137 -80.61 -50.36 -8.78
N TYR ZA 138 -81.21 -49.85 -7.71
CA TYR ZA 138 -80.78 -50.21 -6.35
C TYR ZA 138 -81.69 -51.34 -5.84
N VAL ZA 139 -82.96 -51.25 -6.17
CA VAL ZA 139 -83.87 -52.38 -6.08
C VAL ZA 139 -83.85 -53.05 -7.45
N ASN ZA 140 -84.22 -54.32 -7.51
CA ASN ZA 140 -84.07 -55.13 -8.73
C ASN ZA 140 -85.29 -54.98 -9.64
N LEU ZA 141 -85.58 -53.73 -9.98
CA LEU ZA 141 -86.87 -53.34 -10.55
C LEU ZA 141 -86.79 -53.16 -12.06
N PRO ZA 142 -87.30 -54.14 -12.83
CA PRO ZA 142 -87.40 -53.91 -14.28
C PRO ZA 142 -88.37 -52.80 -14.60
N THR ZA 143 -88.35 -52.38 -15.86
CA THR ZA 143 -88.93 -51.10 -16.22
C THR ZA 143 -89.56 -51.10 -17.60
N ILE ZA 144 -90.64 -50.35 -17.75
CA ILE ZA 144 -91.20 -49.98 -19.04
C ILE ZA 144 -90.98 -48.47 -19.16
N ALA ZA 145 -90.85 -47.95 -20.39
CA ALA ZA 145 -90.71 -46.50 -20.58
C ALA ZA 145 -91.07 -46.06 -22.00
N LEU ZA 146 -91.87 -44.99 -22.07
CA LEU ZA 146 -92.33 -44.45 -23.36
C LEU ZA 146 -91.24 -43.52 -23.88
N CYS ZA 147 -90.39 -44.06 -24.75
CA CYS ZA 147 -89.17 -43.40 -25.20
C CYS ZA 147 -89.37 -42.72 -26.55
N ASN ZA 148 -88.86 -41.50 -26.69
CA ASN ZA 148 -88.82 -40.80 -27.97
C ASN ZA 148 -87.49 -41.12 -28.62
N THR ZA 149 -87.26 -40.58 -29.82
CA THR ZA 149 -85.97 -40.68 -30.50
C THR ZA 149 -84.78 -40.32 -29.61
N ASP ZA 150 -84.89 -39.21 -28.88
CA ASP ZA 150 -83.79 -38.73 -28.01
C ASP ZA 150 -83.57 -39.63 -26.81
N SER ZA 151 -84.65 -39.99 -26.14
CA SER ZA 151 -84.61 -40.74 -24.88
C SER ZA 151 -83.56 -41.86 -24.85
N PRO ZA 152 -82.54 -41.72 -23.98
CA PRO ZA 152 -81.48 -42.71 -23.89
C PRO ZA 152 -81.91 -43.88 -23.02
N LEU ZA 153 -81.49 -45.08 -23.39
CA LEU ZA 153 -82.08 -46.29 -22.84
C LEU ZA 153 -81.26 -46.92 -21.71
N ARG ZA 154 -80.74 -46.06 -20.85
CA ARG ZA 154 -80.17 -46.46 -19.56
C ARG ZA 154 -81.20 -47.19 -18.75
N TYR ZA 155 -80.83 -48.37 -18.25
CA TYR ZA 155 -81.63 -49.13 -17.29
C TYR ZA 155 -83.00 -49.65 -17.77
N VAL ZA 156 -83.63 -48.98 -18.72
CA VAL ZA 156 -84.94 -49.39 -19.24
C VAL ZA 156 -84.87 -50.76 -19.88
N ASP ZA 157 -85.57 -51.72 -19.29
CA ASP ZA 157 -85.54 -53.10 -19.77
C ASP ZA 157 -86.44 -53.31 -21.01
N ILE ZA 158 -87.47 -52.49 -21.19
CA ILE ZA 158 -88.38 -52.65 -22.32
C ILE ZA 158 -89.00 -51.32 -22.78
N ALA ZA 159 -88.31 -50.70 -23.73
CA ALA ZA 159 -88.67 -49.40 -24.28
C ALA ZA 159 -89.82 -49.45 -25.29
N ILE ZA 160 -90.74 -48.49 -25.16
CA ILE ZA 160 -91.87 -48.33 -26.07
C ILE ZA 160 -91.58 -47.08 -26.90
N PRO ZA 161 -91.34 -47.25 -28.22
CA PRO ZA 161 -90.96 -46.12 -29.06
C PRO ZA 161 -92.16 -45.30 -29.49
N CYS ZA 162 -92.20 -44.04 -29.05
CA CYS ZA 162 -93.39 -43.24 -29.14
C CYS ZA 162 -93.02 -41.80 -29.48
N ASN ZA 163 -94.03 -40.95 -29.43
CA ASN ZA 163 -93.86 -39.54 -29.29
C ASN ZA 163 -94.29 -39.18 -27.88
N ASN ZA 164 -93.36 -39.36 -26.94
CA ASN ZA 164 -93.59 -38.99 -25.55
C ASN ZA 164 -93.61 -37.47 -25.27
N LYS ZA 165 -93.35 -36.66 -26.30
CA LYS ZA 165 -93.39 -35.21 -26.19
C LYS ZA 165 -94.83 -34.71 -26.21
N GLY ZA 166 -95.55 -35.02 -27.29
CA GLY ZA 166 -96.93 -34.55 -27.46
C GLY ZA 166 -97.87 -35.22 -26.49
N ALA ZA 167 -98.70 -34.43 -25.81
CA ALA ZA 167 -99.58 -34.94 -24.74
C ALA ZA 167 -100.61 -35.95 -25.24
N HIS ZA 168 -101.12 -35.70 -26.45
CA HIS ZA 168 -102.02 -36.63 -27.14
C HIS ZA 168 -101.45 -38.03 -27.27
N SER ZA 169 -100.34 -38.14 -27.99
CA SER ZA 169 -99.65 -39.40 -28.20
C SER ZA 169 -99.29 -40.07 -26.88
N VAL ZA 170 -98.85 -39.28 -25.89
CA VAL ZA 170 -98.57 -39.80 -24.55
C VAL ZA 170 -99.82 -40.46 -23.99
N GLY ZA 171 -100.90 -39.69 -23.90
CA GLY ZA 171 -102.18 -40.22 -23.45
C GLY ZA 171 -102.58 -41.49 -24.20
N LEU ZA 172 -102.53 -41.41 -25.53
CA LEU ZA 172 -102.88 -42.52 -26.40
C LEU ZA 172 -102.12 -43.79 -26.06
N MET ZA 173 -100.81 -43.67 -25.90
CA MET ZA 173 -99.97 -44.81 -25.53
C MET ZA 173 -100.37 -45.45 -24.21
N TRP ZA 174 -100.73 -44.62 -23.22
CA TRP ZA 174 -101.13 -45.11 -21.91
C TRP ZA 174 -102.44 -45.88 -21.98
N TRP ZA 175 -103.38 -45.28 -22.68
CA TRP ZA 175 -104.67 -45.88 -22.97
C TRP ZA 175 -104.54 -47.20 -23.75
N MET ZA 176 -103.57 -47.27 -24.66
CA MET ZA 176 -103.26 -48.51 -25.40
C MET ZA 176 -102.67 -49.60 -24.51
N LEU ZA 177 -101.81 -49.18 -23.59
CA LEU ZA 177 -101.16 -50.10 -22.66
C LEU ZA 177 -102.21 -50.66 -21.70
N ALA ZA 178 -103.16 -49.80 -21.34
CA ALA ZA 178 -104.29 -50.18 -20.51
C ALA ZA 178 -105.17 -51.20 -21.21
N ARG ZA 179 -105.54 -50.91 -22.45
CA ARG ZA 179 -106.37 -51.83 -23.22
C ARG ZA 179 -105.82 -53.24 -23.22
N GLU ZA 180 -104.53 -53.36 -23.50
CA GLU ZA 180 -103.94 -54.66 -23.76
C GLU ZA 180 -103.63 -55.43 -22.48
N VAL ZA 181 -103.28 -54.75 -21.39
CA VAL ZA 181 -103.21 -55.44 -20.07
C VAL ZA 181 -104.60 -55.84 -19.59
N LEU ZA 182 -105.62 -55.07 -20.00
CA LEU ZA 182 -106.99 -55.42 -19.72
C LEU ZA 182 -107.42 -56.58 -20.63
N ARG ZA 183 -107.23 -56.43 -21.94
CA ARG ZA 183 -107.60 -57.45 -22.92
C ARG ZA 183 -106.90 -58.78 -22.66
N MET ZA 184 -105.58 -58.74 -22.47
CA MET ZA 184 -104.86 -59.91 -22.00
C MET ZA 184 -105.22 -60.07 -20.53
N ARG ZA 185 -106.06 -61.06 -20.23
CA ARG ZA 185 -106.50 -61.47 -18.88
C ARG ZA 185 -107.98 -61.12 -18.66
N GLY ZA 186 -108.28 -59.84 -18.80
CA GLY ZA 186 -109.42 -59.24 -18.12
C GLY ZA 186 -110.72 -59.21 -18.87
N THR ZA 187 -111.47 -58.14 -18.64
CA THR ZA 187 -112.89 -58.06 -18.97
C THR ZA 187 -113.13 -57.18 -20.21
N ILE ZA 188 -112.45 -57.55 -21.30
CA ILE ZA 188 -112.58 -56.87 -22.58
C ILE ZA 188 -112.58 -57.93 -23.69
N SER ZA 189 -113.30 -57.65 -24.76
CA SER ZA 189 -113.48 -58.58 -25.87
C SER ZA 189 -112.28 -58.66 -26.80
N ARG ZA 190 -111.91 -57.51 -27.38
CA ARG ZA 190 -111.04 -57.36 -28.59
C ARG ZA 190 -111.88 -57.29 -29.87
N GLU ZA 191 -112.94 -58.10 -29.96
CA GLU ZA 191 -113.87 -58.06 -31.09
C GLU ZA 191 -114.70 -56.78 -30.99
N HIS ZA 192 -115.36 -56.61 -29.84
CA HIS ZA 192 -115.98 -55.34 -29.48
C HIS ZA 192 -114.90 -54.28 -29.21
N PRO ZA 193 -115.27 -52.99 -29.36
CA PRO ZA 193 -114.39 -51.90 -28.92
C PRO ZA 193 -114.49 -51.71 -27.40
N TRP ZA 194 -113.80 -50.69 -26.88
CA TRP ZA 194 -113.80 -50.40 -25.46
C TRP ZA 194 -114.61 -49.14 -25.15
N GLU ZA 195 -115.46 -49.24 -24.12
CA GLU ZA 195 -116.28 -48.13 -23.63
C GLU ZA 195 -115.49 -46.86 -23.29
N VAL ZA 196 -114.27 -47.03 -22.77
CA VAL ZA 196 -113.42 -45.90 -22.38
C VAL ZA 196 -112.92 -45.15 -23.60
N MET ZA 197 -113.01 -43.84 -23.54
CA MET ZA 197 -112.54 -42.96 -24.60
C MET ZA 197 -111.07 -42.66 -24.35
N PRO ZA 198 -110.25 -42.57 -25.42
CA PRO ZA 198 -108.85 -42.14 -25.23
C PRO ZA 198 -108.72 -40.67 -24.80
N ASP ZA 199 -109.65 -39.83 -25.23
CA ASP ZA 199 -109.69 -38.43 -24.75
C ASP ZA 199 -109.66 -38.30 -23.24
N LEU ZA 200 -110.19 -39.31 -22.54
CA LEU ZA 200 -110.05 -39.42 -21.09
C LEU ZA 200 -108.62 -39.23 -20.61
N TYR ZA 201 -107.68 -39.89 -21.25
CA TYR ZA 201 -106.29 -39.94 -20.79
C TYR ZA 201 -105.45 -38.68 -21.07
N PHE ZA 202 -105.93 -37.78 -21.93
CA PHE ZA 202 -105.10 -36.64 -22.36
C PHE ZA 202 -105.02 -35.54 -21.31
N TYR ZA 203 -103.88 -34.86 -21.29
CA TYR ZA 203 -103.65 -33.71 -20.42
C TYR ZA 203 -104.45 -32.53 -20.91
N ARG ZA 204 -105.09 -31.81 -19.99
CA ARG ZA 204 -105.83 -30.60 -20.32
C ARG ZA 204 -105.06 -29.34 -19.94
N ASP ZA 205 -104.40 -28.75 -20.95
CA ASP ZA 205 -103.78 -27.42 -20.84
C ASP ZA 205 -104.90 -26.39 -20.58
N PRO ZA 206 -104.90 -25.74 -19.39
CA PRO ZA 206 -105.99 -24.84 -18.94
C PRO ZA 206 -106.75 -24.14 -20.08
N GLU ZA 207 -108.01 -24.56 -20.28
CA GLU ZA 207 -108.79 -24.22 -21.47
C GLU ZA 207 -110.10 -23.50 -21.15
N GLU ZA 208 -110.95 -24.13 -20.33
CA GLU ZA 208 -112.22 -23.49 -19.91
C GLU ZA 208 -111.94 -22.51 -18.77
N VAL AB 1 -52.03 44.22 -26.01
CA VAL AB 1 -51.65 45.11 -27.17
C VAL AB 1 -51.75 44.37 -28.50
N VAL AB 2 -52.30 45.05 -29.51
CA VAL AB 2 -52.53 44.49 -30.86
C VAL AB 2 -53.50 43.30 -30.83
N ASP AB 3 -54.76 43.56 -31.20
CA ASP AB 3 -55.80 42.51 -31.19
C ASP AB 3 -55.50 41.49 -32.30
N PRO AB 4 -55.88 40.22 -32.11
CA PRO AB 4 -55.43 39.15 -33.01
C PRO AB 4 -56.22 39.06 -34.32
N PHE AB 5 -57.53 38.87 -34.20
CA PHE AB 5 -58.41 38.64 -35.34
C PHE AB 5 -58.89 39.96 -35.93
N SER AB 6 -58.62 41.07 -35.23
CA SER AB 6 -58.71 42.42 -35.76
C SER AB 6 -58.45 42.48 -37.26
N LYS AB 7 -57.28 42.00 -37.66
CA LYS AB 7 -56.83 42.06 -39.05
C LYS AB 7 -56.83 40.66 -39.67
N LYS AB 8 -57.95 39.96 -39.55
CA LYS AB 8 -58.13 38.68 -40.21
C LYS AB 8 -59.32 38.74 -41.13
N ASP AB 9 -59.04 38.82 -42.42
CA ASP AB 9 -60.09 38.87 -43.44
C ASP AB 9 -60.50 37.47 -43.87
N TRP AB 10 -61.78 37.35 -44.20
CA TRP AB 10 -62.43 36.06 -44.37
C TRP AB 10 -62.60 35.75 -45.84
N TYR AB 11 -62.90 34.50 -46.13
CA TYR AB 11 -62.91 34.00 -47.49
C TYR AB 11 -63.86 32.81 -47.55
N ASP AB 12 -64.82 32.84 -48.48
CA ASP AB 12 -65.65 31.67 -48.75
C ASP AB 12 -64.84 30.59 -49.45
N VAL AB 13 -65.30 29.35 -49.32
CA VAL AB 13 -64.72 28.20 -50.01
C VAL AB 13 -65.74 27.66 -51.00
N LYS AB 14 -65.54 28.00 -52.27
CA LYS AB 14 -66.35 27.45 -53.35
C LYS AB 14 -65.88 26.02 -53.62
N ALA AB 15 -66.82 25.08 -53.64
CA ALA AB 15 -66.53 23.69 -53.95
C ALA AB 15 -66.71 23.47 -55.44
N PRO AB 16 -66.05 22.43 -56.01
CA PRO AB 16 -66.07 22.26 -57.47
C PRO AB 16 -67.41 21.72 -58.01
N ALA AB 17 -67.64 21.91 -59.30
CA ALA AB 17 -68.98 21.82 -59.89
C ALA AB 17 -69.52 20.41 -60.16
N MET AB 18 -68.65 19.39 -60.09
CA MET AB 18 -69.13 18.00 -60.05
C MET AB 18 -69.87 17.65 -58.73
N PHE AB 19 -69.88 18.57 -57.76
CA PHE AB 19 -70.77 18.52 -56.60
C PHE AB 19 -71.99 19.43 -56.77
N ASN AB 20 -73.09 19.05 -56.13
CA ASN AB 20 -74.35 19.80 -56.18
C ASN AB 20 -74.29 21.10 -55.38
N ILE AB 21 -74.14 21.01 -54.06
CA ILE AB 21 -74.06 22.17 -53.18
C ILE AB 21 -72.66 22.78 -53.25
N ARG AB 22 -72.53 23.92 -53.93
CA ARG AB 22 -71.22 24.55 -54.14
C ARG AB 22 -70.88 25.63 -53.11
N ASN AB 23 -70.73 25.19 -51.87
CA ASN AB 23 -70.10 25.97 -50.82
C ASN AB 23 -69.76 25.04 -49.65
N ILE AB 24 -68.46 24.80 -49.47
CA ILE AB 24 -67.98 24.06 -48.31
C ILE AB 24 -68.21 24.92 -47.07
N GLY AB 25 -67.73 26.16 -47.11
CA GLY AB 25 -67.90 27.08 -46.00
C GLY AB 25 -67.08 28.36 -46.07
N LYS AB 26 -66.38 28.64 -44.97
CA LYS AB 26 -65.63 29.88 -44.80
C LYS AB 26 -64.30 29.70 -44.08
N THR AB 27 -63.20 29.86 -44.81
CA THR AB 27 -61.88 29.94 -44.21
C THR AB 27 -61.64 31.35 -43.74
N LEU AB 28 -60.55 31.56 -43.01
CA LEU AB 28 -60.04 32.90 -42.77
C LEU AB 28 -58.51 32.93 -42.86
N VAL AB 29 -58.00 34.15 -42.94
CA VAL AB 29 -56.56 34.44 -43.07
C VAL AB 29 -56.29 35.78 -42.45
N THR AB 30 -55.04 36.00 -42.07
CA THR AB 30 -54.52 37.34 -41.75
C THR AB 30 -54.23 38.06 -43.05
N ARG AB 31 -54.67 39.32 -43.18
CA ARG AB 31 -54.49 40.04 -44.45
C ARG AB 31 -53.01 40.31 -44.67
N THR AB 32 -52.65 40.52 -45.94
CA THR AB 32 -51.26 40.69 -46.35
C THR AB 32 -50.59 41.88 -45.65
N GLN AB 33 -49.31 41.70 -45.33
CA GLN AB 33 -48.47 42.81 -44.88
C GLN AB 33 -47.00 42.49 -45.13
N GLY AB 34 -46.43 43.18 -46.12
CA GLY AB 34 -45.03 43.00 -46.48
C GLY AB 34 -44.80 41.76 -47.31
N THR AB 35 -44.62 40.65 -46.61
CA THR AB 35 -44.28 39.37 -47.21
C THR AB 35 -45.41 38.40 -46.93
N LYS AB 36 -45.22 37.13 -47.31
CA LYS AB 36 -46.12 36.01 -46.97
C LYS AB 36 -47.40 35.99 -47.82
N ILE AB 37 -48.08 37.14 -47.93
CA ILE AB 37 -49.24 37.37 -48.81
C ILE AB 37 -50.49 36.54 -48.49
N ALA AB 38 -51.65 37.11 -48.79
CA ALA AB 38 -52.93 36.55 -48.34
C ALA AB 38 -53.37 35.34 -49.17
N SER AB 39 -53.28 35.49 -50.48
CA SER AB 39 -53.71 34.43 -51.40
C SER AB 39 -52.91 33.15 -51.19
N ASP AB 40 -51.57 33.26 -51.20
CA ASP AB 40 -50.66 32.12 -51.02
C ASP AB 40 -50.89 31.36 -49.71
N GLY AB 41 -50.96 32.09 -48.59
CA GLY AB 41 -51.25 31.49 -47.28
C GLY AB 41 -52.56 30.72 -47.21
N LEU AB 42 -53.53 31.20 -47.98
CA LEU AB 42 -54.84 30.57 -48.12
C LEU AB 42 -54.90 29.41 -49.16
N LYS AB 43 -53.89 29.34 -50.03
CA LYS AB 43 -53.90 28.45 -51.20
C LYS AB 43 -53.26 27.07 -50.97
N GLY AB 44 -52.91 26.74 -49.72
CA GLY AB 44 -52.33 25.45 -49.38
C GLY AB 44 -53.06 24.82 -48.20
N ARG AB 45 -54.33 24.47 -48.43
CA ARG AB 45 -55.23 24.00 -47.37
C ARG AB 45 -56.07 22.84 -47.86
N VAL AB 46 -56.58 22.05 -46.92
CA VAL AB 46 -57.47 20.90 -47.18
C VAL AB 46 -58.85 21.15 -46.54
N PHE AB 47 -59.90 20.53 -47.06
CA PHE AB 47 -61.25 20.63 -46.50
C PHE AB 47 -62.02 19.30 -46.38
N GLU AB 48 -61.72 18.53 -45.34
CA GLU AB 48 -62.41 17.24 -45.16
C GLU AB 48 -63.90 17.46 -44.88
N VAL AB 49 -64.74 16.96 -45.78
CA VAL AB 49 -66.16 17.34 -45.82
C VAL AB 49 -67.00 16.17 -46.31
N SER AB 50 -68.13 15.92 -45.64
CA SER AB 50 -69.00 14.78 -45.98
C SER AB 50 -69.80 14.99 -47.25
N LEU AB 51 -70.09 13.89 -47.94
CA LEU AB 51 -71.00 13.90 -49.08
C LEU AB 51 -72.32 14.57 -48.69
N ALA AB 52 -72.94 14.05 -47.64
CA ALA AB 52 -74.26 14.51 -47.20
C ALA AB 52 -74.47 16.04 -47.25
N ASP AB 53 -73.43 16.81 -46.91
CA ASP AB 53 -73.47 18.29 -47.00
C ASP AB 53 -72.58 18.83 -48.12
N LEU AB 54 -72.70 18.21 -49.28
CA LEU AB 54 -71.92 18.56 -50.47
C LEU AB 54 -72.64 18.09 -51.74
N GLN AB 55 -72.93 16.81 -51.80
CA GLN AB 55 -73.68 16.22 -52.92
C GLN AB 55 -75.20 16.36 -52.79
N ASN AB 56 -75.72 16.52 -51.56
CA ASN AB 56 -77.16 16.59 -51.30
C ASN AB 56 -77.84 15.21 -51.38
N ASP AB 57 -78.69 14.95 -50.38
CA ASP AB 57 -79.42 13.67 -50.20
C ASP AB 57 -78.58 12.38 -50.41
N GLU AB 58 -77.34 12.41 -49.95
CA GLU AB 58 -76.40 11.30 -50.11
C GLU AB 58 -75.91 10.82 -48.74
N VAL AB 59 -75.19 9.71 -48.73
CA VAL AB 59 -74.74 9.06 -47.49
C VAL AB 59 -73.55 9.75 -46.85
N ALA AB 60 -73.57 9.82 -45.51
CA ALA AB 60 -72.61 10.60 -44.74
C ALA AB 60 -71.27 9.90 -44.53
N PHE AB 61 -71.19 8.60 -44.80
CA PHE AB 61 -69.96 7.83 -44.57
C PHE AB 61 -68.90 8.02 -45.67
N ARG AB 62 -68.73 9.25 -46.13
CA ARG AB 62 -67.92 9.48 -47.33
C ARG AB 62 -67.38 10.90 -47.35
N LYS AB 63 -66.20 11.07 -46.78
CA LYS AB 63 -65.59 12.38 -46.64
C LYS AB 63 -64.71 12.62 -47.86
N PHE AB 64 -64.88 13.78 -48.49
CA PHE AB 64 -64.05 14.18 -49.62
C PHE AB 64 -63.10 15.25 -49.14
N LYS AB 65 -61.97 15.41 -49.83
CA LYS AB 65 -60.84 16.18 -49.30
C LYS AB 65 -60.87 17.66 -49.67
N LEU AB 66 -60.77 17.97 -50.96
CA LEU AB 66 -60.73 19.36 -51.47
C LEU AB 66 -59.56 20.25 -50.97
N ILE AB 67 -58.83 20.85 -51.92
CA ILE AB 67 -57.69 21.73 -51.63
C ILE AB 67 -57.83 23.07 -52.30
N THR AB 68 -57.55 24.15 -51.57
CA THR AB 68 -57.57 25.51 -52.11
C THR AB 68 -56.53 25.66 -53.22
N GLU AB 69 -56.88 25.19 -54.41
CA GLU AB 69 -55.94 25.10 -55.53
C GLU AB 69 -55.63 26.51 -56.12
N ASP AB 70 -56.56 27.45 -55.97
CA ASP AB 70 -56.41 28.82 -56.48
C ASP AB 70 -57.47 29.76 -55.89
N VAL AB 71 -57.13 31.04 -55.71
CA VAL AB 71 -58.05 32.05 -55.14
C VAL AB 71 -58.42 33.13 -56.17
N GLN AB 72 -59.72 33.34 -56.35
CA GLN AB 72 -60.27 34.28 -57.33
C GLN AB 72 -61.18 35.30 -56.66
N GLY AB 73 -60.61 36.10 -55.76
CA GLY AB 73 -61.35 37.14 -55.07
C GLY AB 73 -62.40 36.61 -54.11
N LYS AB 74 -61.99 36.37 -52.86
CA LYS AB 74 -62.87 35.90 -51.79
C LYS AB 74 -63.54 34.52 -52.04
N ASN AB 75 -62.96 33.73 -52.93
CA ASN AB 75 -63.41 32.36 -53.17
C ASN AB 75 -62.21 31.45 -53.25
N CYS AB 76 -62.13 30.46 -52.37
CA CYS AB 76 -61.13 29.42 -52.46
C CYS AB 76 -61.67 28.40 -53.44
N LEU AB 77 -60.94 28.14 -54.52
CA LEU AB 77 -61.42 27.21 -55.54
C LEU AB 77 -60.64 25.92 -55.48
N THR AB 78 -61.37 24.84 -55.26
CA THR AB 78 -60.82 23.56 -54.87
C THR AB 78 -60.97 22.46 -55.92
N ASN AB 79 -60.07 21.49 -55.87
CA ASN AB 79 -60.20 20.22 -56.59
C ASN AB 79 -60.16 19.07 -55.62
N PHE AB 80 -60.59 17.92 -56.11
CA PHE AB 80 -60.52 16.65 -55.40
C PHE AB 80 -59.09 16.29 -54.95
N HIS AB 81 -58.93 16.07 -53.65
CA HIS AB 81 -57.64 15.78 -53.05
C HIS AB 81 -57.58 14.41 -52.35
N GLY AB 82 -58.63 13.60 -52.57
CA GLY AB 82 -58.78 12.30 -51.93
C GLY AB 82 -60.18 12.11 -51.36
N MET AB 83 -60.52 10.87 -51.08
CA MET AB 83 -61.83 10.50 -50.58
C MET AB 83 -61.65 9.48 -49.49
N ASP AB 84 -62.45 9.59 -48.44
CA ASP AB 84 -62.31 8.79 -47.23
C ASP AB 84 -63.65 8.20 -46.82
N LEU AB 85 -63.65 7.38 -45.78
CA LEU AB 85 -64.78 6.52 -45.42
C LEU AB 85 -65.22 6.61 -43.96
N THR AB 86 -64.77 7.64 -43.23
CA THR AB 86 -65.07 7.82 -41.78
C THR AB 86 -64.41 6.78 -40.88
N ARG AB 87 -64.45 7.06 -39.59
CA ARG AB 87 -63.80 6.23 -38.56
C ARG AB 87 -64.85 5.39 -37.87
N ASP AB 88 -65.80 4.88 -38.66
CA ASP AB 88 -67.08 4.45 -38.12
C ASP AB 88 -67.77 3.45 -39.03
N LYS AB 89 -67.93 3.81 -40.29
CA LYS AB 89 -68.46 2.91 -41.29
C LYS AB 89 -67.53 1.73 -41.44
N MET AB 90 -66.24 2.00 -41.63
CA MET AB 90 -65.22 0.94 -41.71
C MET AB 90 -65.13 0.15 -40.40
N CYS AB 91 -65.18 0.86 -39.28
CA CYS AB 91 -65.08 0.25 -37.95
C CYS AB 91 -66.33 -0.56 -37.56
N SER AB 92 -67.48 -0.21 -38.12
CA SER AB 92 -68.71 -1.00 -37.97
C SER AB 92 -68.65 -2.26 -38.81
N MET AB 93 -68.18 -2.12 -40.05
CA MET AB 93 -68.15 -3.22 -41.01
C MET AB 93 -67.37 -4.43 -40.55
N VAL AB 94 -66.23 -4.23 -39.90
CA VAL AB 94 -65.31 -5.33 -39.57
C VAL AB 94 -65.90 -6.18 -38.44
N LYS AB 95 -66.86 -7.01 -38.80
CA LYS AB 95 -67.47 -7.94 -37.84
C LYS AB 95 -66.67 -9.22 -37.91
N LYS AB 96 -66.82 -10.05 -36.89
CA LYS AB 96 -66.10 -11.31 -36.80
C LYS AB 96 -66.81 -12.34 -37.66
N TRP AB 97 -66.16 -13.49 -37.83
CA TRP AB 97 -66.71 -14.62 -38.58
C TRP AB 97 -66.98 -14.23 -40.03
N GLN AB 98 -66.05 -13.47 -40.60
CA GLN AB 98 -66.04 -13.22 -42.02
C GLN AB 98 -64.68 -12.73 -42.46
N THR AB 99 -64.44 -12.81 -43.76
CA THR AB 99 -63.16 -12.52 -44.39
C THR AB 99 -63.13 -11.12 -45.00
N MET AB 100 -62.24 -10.25 -44.48
CA MET AB 100 -61.89 -9.00 -45.15
C MET AB 100 -61.10 -9.32 -46.41
N ILE AB 101 -61.31 -8.50 -47.45
CA ILE AB 101 -60.65 -8.70 -48.74
C ILE AB 101 -60.27 -7.34 -49.32
N GLU AB 102 -59.27 -6.72 -48.69
CA GLU AB 102 -58.76 -5.42 -49.13
C GLU AB 102 -57.82 -5.61 -50.30
N ALA AB 103 -57.74 -4.60 -51.17
CA ALA AB 103 -56.84 -4.64 -52.33
C ALA AB 103 -56.73 -3.25 -52.96
N HIS AB 104 -55.50 -2.85 -53.29
CA HIS AB 104 -55.20 -1.47 -53.66
C HIS AB 104 -54.53 -1.33 -55.02
N VAL AB 105 -54.62 -0.13 -55.57
CA VAL AB 105 -54.36 0.12 -56.98
C VAL AB 105 -53.79 1.51 -57.17
N ASP AB 106 -52.56 1.59 -57.68
CA ASP AB 106 -51.93 2.87 -58.02
C ASP AB 106 -52.15 3.07 -59.52
N VAL AB 107 -53.01 4.02 -59.89
CA VAL AB 107 -53.46 4.18 -61.28
C VAL AB 107 -53.60 5.64 -61.70
N LYS AB 108 -53.29 5.90 -62.96
CA LYS AB 108 -53.29 7.25 -63.53
C LYS AB 108 -54.55 7.48 -64.36
N THR AB 109 -55.01 8.72 -64.35
CA THR AB 109 -56.22 9.13 -65.08
C THR AB 109 -55.88 9.41 -66.55
N THR AB 110 -56.82 10.01 -67.30
CA THR AB 110 -56.55 10.50 -68.65
C THR AB 110 -55.51 11.60 -68.56
N ASP AB 111 -55.83 12.63 -67.77
CA ASP AB 111 -54.86 13.66 -67.38
C ASP AB 111 -53.84 13.10 -66.39
N GLY AB 112 -52.90 13.92 -65.94
CA GLY AB 112 -51.77 13.44 -65.14
C GLY AB 112 -51.99 13.07 -63.68
N TYR AB 113 -53.24 12.85 -63.27
CA TYR AB 113 -53.54 12.56 -61.87
C TYR AB 113 -53.19 11.11 -61.56
N LEU AB 114 -52.49 10.86 -60.45
CA LEU AB 114 -52.10 9.50 -60.03
C LEU AB 114 -52.75 9.14 -58.68
N LEU AB 115 -53.58 8.09 -58.72
CA LEU AB 115 -54.47 7.75 -57.61
C LEU AB 115 -54.17 6.38 -57.01
N ARG AB 116 -53.87 6.36 -55.70
CA ARG AB 116 -53.86 5.12 -54.95
C ARG AB 116 -55.27 4.91 -54.43
N LEU AB 117 -55.87 3.82 -54.89
CA LEU AB 117 -57.30 3.55 -54.69
C LEU AB 117 -57.52 2.29 -53.86
N PHE AB 118 -58.25 2.45 -52.76
CA PHE AB 118 -58.35 1.43 -51.74
C PHE AB 118 -59.75 0.86 -51.71
N CYS AB 119 -59.83 -0.45 -51.86
CA CYS AB 119 -61.07 -1.18 -51.94
C CYS AB 119 -61.12 -2.17 -50.79
N VAL AB 120 -62.28 -2.76 -50.57
CA VAL AB 120 -62.48 -3.64 -49.41
C VAL AB 120 -63.75 -4.46 -49.51
N GLY AB 121 -63.59 -5.69 -49.98
CA GLY AB 121 -64.66 -6.68 -50.01
C GLY AB 121 -64.81 -7.34 -48.66
N PHE AB 122 -65.93 -8.03 -48.48
CA PHE AB 122 -66.37 -8.48 -47.18
C PHE AB 122 -67.32 -9.66 -47.35
N THR AB 123 -66.94 -10.85 -46.88
CA THR AB 123 -67.74 -12.06 -47.12
C THR AB 123 -69.06 -12.07 -46.37
N LYS AB 124 -70.08 -12.62 -47.03
CA LYS AB 124 -71.48 -12.51 -46.61
C LYS AB 124 -72.06 -13.88 -46.24
N LYS AB 125 -72.25 -14.09 -44.95
CA LYS AB 125 -73.08 -15.18 -44.44
C LYS AB 125 -74.39 -15.19 -45.21
N ARG AB 126 -74.65 -16.28 -45.91
CA ARG AB 126 -75.73 -16.33 -46.88
C ARG AB 126 -77.07 -16.56 -46.20
N ASN AB 127 -78.14 -16.26 -46.94
CA ASN AB 127 -79.52 -16.13 -46.41
C ASN AB 127 -79.95 -17.19 -45.39
N ASN AB 128 -79.78 -18.45 -45.77
CA ASN AB 128 -80.23 -19.58 -44.94
C ASN AB 128 -79.06 -20.31 -44.28
N GLN AB 129 -77.94 -19.62 -44.08
CA GLN AB 129 -76.72 -20.27 -43.61
C GLN AB 129 -76.92 -20.75 -42.19
N ILE AB 130 -76.29 -21.88 -41.89
CA ILE AB 130 -76.44 -22.57 -40.62
C ILE AB 130 -75.08 -23.10 -40.20
N ARG AB 131 -74.08 -22.21 -40.22
CA ARG AB 131 -72.68 -22.60 -40.01
C ARG AB 131 -71.72 -21.48 -39.54
N LYS AB 132 -72.26 -20.39 -38.98
CA LYS AB 132 -71.49 -19.36 -38.28
C LYS AB 132 -70.52 -18.53 -39.11
N THR AB 133 -69.48 -19.15 -39.67
CA THR AB 133 -68.41 -18.39 -40.33
C THR AB 133 -68.82 -17.70 -41.64
N SER AB 134 -68.59 -18.36 -42.78
CA SER AB 134 -68.49 -17.69 -44.08
C SER AB 134 -67.08 -17.12 -44.26
N TYR AB 135 -66.15 -18.01 -44.58
CA TYR AB 135 -64.77 -17.65 -44.88
C TYR AB 135 -64.44 -18.04 -46.30
N ALA AB 136 -63.70 -17.18 -46.98
CA ALA AB 136 -63.20 -17.47 -48.32
C ALA AB 136 -61.91 -18.25 -48.21
N GLN AB 137 -61.79 -19.33 -48.96
CA GLN AB 137 -60.49 -19.97 -49.15
C GLN AB 137 -59.51 -18.89 -49.60
N HIS AB 138 -58.24 -19.15 -49.36
CA HIS AB 138 -57.22 -18.16 -49.66
C HIS AB 138 -57.07 -17.92 -51.18
N GLN AB 139 -57.30 -18.94 -52.01
CA GLN AB 139 -57.31 -18.73 -53.48
C GLN AB 139 -58.48 -17.86 -53.95
N GLN AB 140 -59.65 -18.09 -53.39
CA GLN AB 140 -60.85 -17.31 -53.72
C GLN AB 140 -60.62 -15.83 -53.44
N VAL AB 141 -59.99 -15.54 -52.31
CA VAL AB 141 -59.64 -14.18 -51.90
C VAL AB 141 -58.73 -13.53 -52.93
N ARG AB 142 -57.72 -14.26 -53.40
CA ARG AB 142 -56.83 -13.74 -54.44
C ARG AB 142 -57.57 -13.42 -55.74
N GLN AB 143 -58.52 -14.29 -56.10
CA GLN AB 143 -59.38 -14.05 -57.25
C GLN AB 143 -60.21 -12.77 -57.10
N ILE AB 144 -60.73 -12.58 -55.89
CA ILE AB 144 -61.52 -11.40 -55.57
C ILE AB 144 -60.66 -10.13 -55.57
N ARG AB 145 -59.40 -10.22 -55.13
CA ARG AB 145 -58.46 -9.08 -55.20
C ARG AB 145 -58.17 -8.67 -56.63
N LYS AB 146 -57.99 -9.67 -57.49
CA LYS AB 146 -57.63 -9.43 -58.88
C LYS AB 146 -58.76 -8.75 -59.62
N LYS AB 147 -59.97 -9.20 -59.37
CA LYS AB 147 -61.17 -8.65 -59.99
C LYS AB 147 -61.37 -7.22 -59.53
N MET AB 148 -61.26 -7.04 -58.22
CA MET AB 148 -61.27 -5.72 -57.55
C MET AB 148 -60.20 -4.77 -58.12
N MET AB 149 -59.02 -5.31 -58.39
CA MET AB 149 -57.92 -4.56 -59.05
C MET AB 149 -58.28 -4.20 -60.48
N GLU AB 150 -58.73 -5.21 -61.23
CA GLU AB 150 -59.09 -5.06 -62.64
C GLU AB 150 -60.17 -4.00 -62.84
N ILE AB 151 -61.18 -4.01 -61.98
CA ILE AB 151 -62.27 -3.03 -62.06
C ILE AB 151 -61.80 -1.61 -61.72
N MET AB 152 -60.91 -1.49 -60.74
CA MET AB 152 -60.44 -0.17 -60.30
C MET AB 152 -59.55 0.48 -61.36
N THR AB 153 -58.63 -0.30 -61.93
CA THR AB 153 -57.79 0.17 -63.02
C THR AB 153 -58.63 0.48 -64.26
N ARG AB 154 -59.56 -0.41 -64.60
CA ARG AB 154 -60.41 -0.22 -65.77
C ARG AB 154 -61.21 1.09 -65.72
N GLU AB 155 -61.61 1.52 -64.52
CA GLU AB 155 -62.45 2.73 -64.36
C GLU AB 155 -61.67 4.01 -64.00
N VAL AB 156 -60.34 3.95 -64.01
CA VAL AB 156 -59.50 5.14 -63.80
C VAL AB 156 -58.37 5.26 -64.84
N GLN AB 157 -57.76 4.15 -65.27
CA GLN AB 157 -56.83 4.16 -66.40
C GLN AB 157 -57.49 4.81 -67.62
N THR AB 158 -58.76 4.47 -67.84
CA THR AB 158 -59.65 5.22 -68.73
C THR AB 158 -60.30 6.35 -67.94
N ASN AB 159 -60.99 7.24 -68.65
CA ASN AB 159 -61.75 8.37 -68.05
C ASN AB 159 -61.05 9.31 -67.03
N ASP AB 160 -61.47 10.57 -67.05
CA ASP AB 160 -60.75 11.68 -66.42
C ASP AB 160 -61.10 11.91 -64.95
N LEU AB 161 -60.46 12.92 -64.35
CA LEU AB 161 -60.59 13.21 -62.93
C LEU AB 161 -62.02 13.47 -62.50
N LYS AB 162 -62.66 14.43 -63.17
CA LYS AB 162 -64.08 14.71 -62.98
C LYS AB 162 -64.92 13.43 -63.02
N GLU AB 163 -64.76 12.69 -64.12
CA GLU AB 163 -65.51 11.45 -64.37
C GLU AB 163 -65.29 10.41 -63.28
N VAL AB 164 -64.06 10.32 -62.78
CA VAL AB 164 -63.73 9.41 -61.68
C VAL AB 164 -64.46 9.81 -60.40
N VAL AB 165 -64.42 11.10 -60.07
CA VAL AB 165 -65.06 11.64 -58.87
C VAL AB 165 -66.58 11.43 -58.92
N ASN AB 166 -67.16 11.63 -60.10
CA ASN AB 166 -68.57 11.34 -60.35
C ASN AB 166 -68.90 9.89 -59.98
N LYS AB 167 -68.04 8.97 -60.42
CA LYS AB 167 -68.24 7.53 -60.18
C LYS AB 167 -68.11 7.13 -58.70
N LEU AB 168 -67.25 7.84 -57.95
CA LEU AB 168 -67.14 7.61 -56.50
C LEU AB 168 -68.42 7.96 -55.76
N ILE AB 169 -68.92 9.17 -56.01
CA ILE AB 169 -69.94 9.83 -55.19
C ILE AB 169 -71.19 8.97 -54.89
N PRO AB 170 -71.89 8.48 -55.94
CA PRO AB 170 -72.73 7.32 -55.71
C PRO AB 170 -71.93 6.07 -56.07
N ASP AB 171 -71.77 5.17 -55.10
CA ASP AB 171 -70.86 4.02 -55.21
C ASP AB 171 -71.08 3.15 -56.47
N SER AB 172 -70.45 3.56 -57.57
CA SER AB 172 -70.53 2.86 -58.86
C SER AB 172 -69.48 1.77 -58.98
N ILE AB 173 -68.24 2.14 -58.64
CA ILE AB 173 -67.09 1.23 -58.73
C ILE AB 173 -67.25 0.09 -57.73
N GLY AB 174 -67.69 0.42 -56.51
CA GLY AB 174 -67.98 -0.57 -55.50
C GLY AB 174 -69.07 -1.55 -55.90
N LYS AB 175 -70.19 -1.02 -56.42
CA LYS AB 175 -71.32 -1.84 -56.86
C LYS AB 175 -70.91 -2.82 -57.96
N ASP AB 176 -70.21 -2.29 -58.96
CA ASP AB 176 -69.67 -3.08 -60.09
C ASP AB 176 -68.84 -4.28 -59.61
N ILE AB 177 -68.03 -4.05 -58.58
CA ILE AB 177 -67.20 -5.10 -57.98
C ILE AB 177 -68.05 -6.12 -57.21
N GLU AB 178 -69.01 -5.62 -56.43
CA GLU AB 178 -69.93 -6.47 -55.67
C GLU AB 178 -70.64 -7.46 -56.60
N LYS AB 179 -71.09 -6.95 -57.74
CA LYS AB 179 -71.70 -7.76 -58.81
C LYS AB 179 -70.74 -8.82 -59.33
N ALA AB 180 -69.52 -8.38 -59.67
CA ALA AB 180 -68.52 -9.21 -60.33
C ALA AB 180 -68.12 -10.42 -59.51
N CYS AB 181 -67.82 -10.19 -58.23
CA CYS AB 181 -67.24 -11.21 -57.37
C CYS AB 181 -68.22 -12.27 -56.86
N GLN AB 182 -69.53 -11.95 -56.86
CA GLN AB 182 -70.56 -12.85 -56.32
C GLN AB 182 -70.31 -14.32 -56.65
N SER AB 183 -69.99 -14.56 -57.92
CA SER AB 183 -69.71 -15.90 -58.45
C SER AB 183 -68.55 -16.66 -57.76
N ILE AB 184 -67.56 -15.94 -57.25
CA ILE AB 184 -66.39 -16.55 -56.59
C ILE AB 184 -66.74 -16.81 -55.13
N TYR AB 185 -67.18 -15.75 -54.47
CA TYR AB 185 -67.72 -15.81 -53.12
C TYR AB 185 -68.55 -14.54 -52.97
N PRO AB 186 -69.80 -14.66 -52.50
CA PRO AB 186 -70.72 -13.55 -52.32
C PRO AB 186 -70.18 -12.11 -52.21
N LEU AB 187 -69.48 -11.76 -51.13
CA LEU AB 187 -69.11 -10.36 -50.81
C LEU AB 187 -70.36 -9.54 -50.49
N HIS AB 188 -70.21 -8.39 -49.83
CA HIS AB 188 -71.39 -7.53 -49.57
C HIS AB 188 -71.27 -6.05 -49.18
N ASP AB 189 -70.15 -5.61 -48.60
CA ASP AB 189 -70.04 -4.20 -48.24
C ASP AB 189 -68.90 -3.54 -49.01
N VAL AB 190 -68.74 -3.94 -50.28
CA VAL AB 190 -67.62 -3.48 -51.10
C VAL AB 190 -67.71 -2.00 -51.33
N PHE AB 191 -66.79 -1.26 -50.72
CA PHE AB 191 -66.63 0.16 -50.96
C PHE AB 191 -65.26 0.39 -51.54
N VAL AB 192 -64.99 1.64 -51.89
CA VAL AB 192 -63.64 2.15 -51.99
C VAL AB 192 -63.44 2.98 -50.72
N ARG AB 193 -62.60 2.46 -49.82
CA ARG AB 193 -62.45 3.02 -48.49
C ARG AB 193 -61.46 4.18 -48.46
N LYS AB 194 -60.71 4.37 -49.54
CA LYS AB 194 -59.83 5.53 -49.64
C LYS AB 194 -59.44 5.86 -51.08
N VAL AB 195 -59.14 7.13 -51.31
CA VAL AB 195 -58.56 7.59 -52.57
C VAL AB 195 -57.48 8.62 -52.21
N LYS AB 196 -56.43 8.68 -53.02
CA LYS AB 196 -55.23 9.43 -52.63
C LYS AB 196 -54.54 10.08 -53.83
N MET AB 197 -54.07 11.32 -53.65
CA MET AB 197 -53.47 12.10 -54.75
C MET AB 197 -51.96 12.04 -54.68
N LEU AB 198 -51.39 11.16 -55.50
CA LEU AB 198 -49.97 10.86 -55.40
C LEU AB 198 -49.15 11.88 -56.18
N LYS AB 199 -49.49 12.03 -57.45
CA LYS AB 199 -48.80 12.96 -58.34
C LYS AB 199 -49.86 13.72 -59.12
N LYS AB 200 -50.11 14.97 -58.72
CA LYS AB 200 -50.93 15.87 -59.51
C LYS AB 200 -50.01 16.50 -60.56
N PRO AB 201 -50.53 16.74 -61.78
CA PRO AB 201 -49.74 17.40 -62.81
C PRO AB 201 -49.62 18.91 -62.55
N LYS AB 202 -48.85 19.58 -63.40
CA LYS AB 202 -48.59 21.02 -63.27
C LYS AB 202 -49.90 21.79 -63.38
N PHE AB 203 -50.01 22.86 -62.61
CA PHE AB 203 -51.31 23.53 -62.45
C PHE AB 203 -51.81 24.14 -63.76
N GLU AB 204 -53.06 23.82 -64.10
CA GLU AB 204 -53.75 24.38 -65.23
C GLU AB 204 -54.93 25.16 -64.70
N LEU AB 205 -54.88 26.49 -64.84
CA LEU AB 205 -55.99 27.36 -64.42
C LEU AB 205 -57.23 27.04 -65.25
N GLY AB 206 -57.01 26.77 -66.53
CA GLY AB 206 -58.08 26.36 -67.44
C GLY AB 206 -58.86 25.14 -66.99
N LYS AB 207 -58.15 24.15 -66.47
CA LYS AB 207 -58.79 22.94 -65.95
C LYS AB 207 -59.63 23.23 -64.71
N LEU AB 208 -59.07 24.01 -63.79
CA LEU AB 208 -59.80 24.40 -62.58
C LEU AB 208 -61.07 25.20 -62.90
N MET AB 209 -60.96 26.11 -63.87
CA MET AB 209 -62.12 26.86 -64.35
C MET AB 209 -63.13 25.98 -65.09
N GLU AB 210 -62.66 24.90 -65.71
CA GLU AB 210 -63.53 23.85 -66.24
C GLU AB 210 -64.27 23.16 -65.09
N LEU AB 211 -63.55 22.83 -64.01
CA LEU AB 211 -64.12 22.16 -62.84
C LEU AB 211 -65.10 23.00 -62.03
N HIS AB 212 -65.02 24.33 -62.17
CA HIS AB 212 -65.97 25.24 -61.50
C HIS AB 212 -66.89 25.88 -62.54
N GLY AB 213 -66.34 26.76 -63.38
CA GLY AB 213 -67.14 27.48 -64.39
C GLY AB 213 -66.46 28.73 -64.91
N GLU BB 1 -88.60 -57.22 20.02
CA GLU BB 1 -89.53 -57.85 19.02
C GLU BB 1 -89.37 -57.23 17.64
N TRP BB 2 -89.50 -58.06 16.61
CA TRP BB 2 -89.24 -57.65 15.22
C TRP BB 2 -90.55 -57.44 14.45
N LEU BB 3 -90.82 -56.18 14.07
CA LEU BB 3 -91.91 -55.82 13.15
C LEU BB 3 -91.27 -55.47 11.81
N PRO BB 4 -91.11 -56.47 10.92
CA PRO BB 4 -90.41 -56.17 9.66
C PRO BB 4 -91.10 -55.15 8.75
N VAL BB 5 -90.40 -54.03 8.51
CA VAL BB 5 -90.84 -52.97 7.59
C VAL BB 5 -90.30 -53.10 6.18
N THR BB 6 -90.11 -54.33 5.72
CA THR BB 6 -89.75 -54.63 4.34
C THR BB 6 -90.60 -55.81 3.88
N LYS BB 7 -90.56 -56.09 2.59
CA LYS BB 7 -91.26 -57.24 2.02
C LYS BB 7 -90.50 -58.52 2.35
N LEU BB 8 -89.20 -58.51 2.05
CA LEU BB 8 -88.30 -59.64 2.29
C LEU BB 8 -88.38 -60.09 3.74
N GLY BB 9 -88.20 -59.13 4.65
CA GLY BB 9 -88.23 -59.40 6.09
C GLY BB 9 -89.50 -60.07 6.56
N ARG BB 10 -90.63 -59.62 6.03
CA ARG BB 10 -91.93 -60.20 6.38
C ARG BB 10 -91.97 -61.69 6.05
N LEU BB 11 -91.45 -62.05 4.88
CA LEU BB 11 -91.37 -63.45 4.44
C LEU BB 11 -90.52 -64.30 5.37
N VAL BB 12 -89.35 -63.77 5.72
CA VAL BB 12 -88.40 -64.49 6.56
C VAL BB 12 -89.04 -64.77 7.92
N LYS BB 13 -89.70 -63.75 8.48
CA LYS BB 13 -90.43 -63.88 9.73
C LYS BB 13 -91.55 -64.93 9.68
N ASP BB 14 -92.23 -65.02 8.54
CA ASP BB 14 -93.27 -66.03 8.32
C ASP BB 14 -92.73 -67.41 7.89
N VAL BB 15 -91.42 -67.64 8.06
CA VAL BB 15 -90.77 -68.90 7.73
C VAL BB 15 -91.04 -69.35 6.29
N LYS BB 16 -91.17 -68.36 5.40
CA LYS BB 16 -91.60 -68.60 4.03
C LYS BB 16 -90.37 -68.92 3.19
N ILE BB 17 -89.35 -68.07 3.32
CA ILE BB 17 -88.03 -68.33 2.77
C ILE BB 17 -87.29 -69.19 3.78
N LYS BB 18 -86.84 -70.36 3.33
CA LYS BB 18 -86.21 -71.34 4.22
C LYS BB 18 -84.72 -71.12 4.44
N SER BB 19 -84.05 -70.41 3.52
CA SER BB 19 -82.62 -70.14 3.64
C SER BB 19 -82.25 -68.80 3.02
N LEU BB 20 -81.22 -68.15 3.55
CA LEU BB 20 -80.68 -66.95 2.91
C LEU BB 20 -79.95 -67.22 1.59
N GLU BB 21 -79.68 -68.49 1.31
CA GLU BB 21 -79.28 -68.92 -0.03
C GLU BB 21 -80.31 -68.53 -1.09
N GLU BB 22 -81.59 -68.57 -0.72
CA GLU BB 22 -82.68 -68.15 -1.62
C GLU BB 22 -82.66 -66.64 -1.86
N ILE BB 23 -82.34 -65.88 -0.82
CA ILE BB 23 -82.23 -64.42 -0.92
C ILE BB 23 -81.07 -64.02 -1.82
N TYR BB 24 -79.93 -64.69 -1.66
CA TYR BB 24 -78.75 -64.46 -2.51
C TYR BB 24 -79.01 -64.76 -3.97
N LEU BB 25 -79.67 -65.88 -4.25
CA LEU BB 25 -79.95 -66.34 -5.61
C LEU BB 25 -80.55 -65.29 -6.50
N PHE BB 26 -81.47 -64.49 -5.96
CA PHE BB 26 -82.17 -63.49 -6.75
C PHE BB 26 -81.64 -62.09 -6.53
N SER BB 27 -80.49 -62.00 -5.85
CA SER BB 27 -79.82 -60.74 -5.55
C SER BB 27 -80.72 -59.73 -4.83
N LEU BB 28 -81.70 -60.25 -4.10
CA LEU BB 28 -82.60 -59.41 -3.34
C LEU BB 28 -81.78 -58.84 -2.19
N PRO BB 29 -81.72 -57.51 -2.08
CA PRO BB 29 -80.91 -56.93 -1.02
C PRO BB 29 -81.49 -57.17 0.37
N ILE BB 30 -80.64 -57.65 1.28
CA ILE BB 30 -80.98 -57.74 2.70
C ILE BB 30 -80.87 -56.34 3.27
N LYS BB 31 -82.00 -55.80 3.71
CA LYS BB 31 -82.06 -54.46 4.27
C LYS BB 31 -82.14 -54.50 5.80
N GLU BB 32 -82.96 -55.41 6.33
CA GLU BB 32 -83.23 -55.49 7.76
C GLU BB 32 -82.29 -56.48 8.42
N SER BB 33 -81.57 -56.03 9.45
CA SER BB 33 -80.50 -56.80 10.09
C SER BB 33 -80.96 -58.01 10.91
N GLU BB 34 -82.27 -58.14 11.04
CA GLU BB 34 -82.87 -59.23 11.79
C GLU BB 34 -82.85 -60.51 10.95
N ILE BB 35 -83.10 -60.37 9.65
CA ILE BB 35 -83.12 -61.48 8.69
C ILE BB 35 -81.84 -62.31 8.82
N ILE BB 36 -80.72 -61.63 8.68
CA ILE BB 36 -79.38 -62.25 8.74
C ILE BB 36 -79.09 -62.93 10.09
N ASP BB 37 -79.39 -62.26 11.20
CA ASP BB 37 -79.15 -62.85 12.52
C ASP BB 37 -80.00 -64.09 12.70
N PHE BB 38 -81.27 -64.03 12.25
CA PHE BB 38 -82.18 -65.19 12.31
C PHE BB 38 -81.60 -66.41 11.59
N PHE BB 39 -81.22 -66.21 10.32
CA PHE BB 39 -80.69 -67.30 9.50
C PHE BB 39 -79.35 -67.81 10.01
N LEU BB 40 -78.49 -66.90 10.46
CA LEU BB 40 -77.20 -67.26 11.05
C LEU BB 40 -77.21 -67.06 12.57
N GLY BB 41 -78.18 -67.70 13.23
CA GLY BB 41 -78.24 -67.73 14.69
C GLY BB 41 -77.15 -68.63 15.22
N ALA BB 42 -76.27 -68.07 16.07
CA ALA BB 42 -75.00 -68.70 16.45
C ALA BB 42 -74.09 -68.83 15.23
N ALA BB 43 -72.88 -69.35 15.44
CA ALA BB 43 -71.84 -69.44 14.39
C ALA BB 43 -71.34 -68.05 14.00
N LEU BB 44 -72.28 -67.19 13.62
CA LEU BB 44 -72.06 -65.77 13.45
C LEU BB 44 -71.46 -65.12 14.70
N LYS BB 45 -70.22 -64.65 14.54
CA LYS BB 45 -69.43 -64.03 15.61
C LYS BB 45 -68.81 -62.73 15.08
N ASP BB 46 -68.80 -61.70 15.93
CA ASP BB 46 -68.33 -60.37 15.55
C ASP BB 46 -66.98 -60.05 16.18
N GLU BB 47 -65.98 -59.81 15.35
CA GLU BB 47 -64.63 -59.48 15.80
C GLU BB 47 -64.30 -58.08 15.34
N VAL BB 48 -64.06 -57.19 16.30
CA VAL BB 48 -63.74 -55.80 16.00
C VAL BB 48 -62.29 -55.75 15.56
N LEU BB 49 -62.07 -55.61 14.25
CA LEU BB 49 -60.71 -55.60 13.70
C LEU BB 49 -59.92 -54.44 14.26
N LYS BB 50 -60.46 -53.24 14.09
CA LYS BB 50 -59.80 -52.03 14.56
C LYS BB 50 -60.76 -50.92 14.94
N ILE BB 51 -60.31 -50.05 15.83
CA ILE BB 51 -60.98 -48.79 16.10
C ILE BB 51 -60.05 -47.67 15.70
N MET BB 52 -60.22 -47.17 14.49
CA MET BB 52 -59.48 -45.98 14.07
C MET BB 52 -60.27 -44.77 14.57
N PRO BB 53 -59.60 -43.87 15.31
CA PRO BB 53 -60.23 -42.62 15.70
C PRO BB 53 -59.94 -41.56 14.65
N VAL BB 54 -61.00 -41.02 14.05
CA VAL BB 54 -60.85 -39.93 13.11
C VAL BB 54 -61.00 -38.63 13.88
N GLN BB 55 -60.86 -37.52 13.16
CA GLN BB 55 -61.20 -36.22 13.71
C GLN BB 55 -61.27 -35.18 12.62
N LYS BB 56 -61.88 -34.04 12.93
CA LYS BB 56 -61.89 -32.93 12.01
C LYS BB 56 -62.09 -31.61 12.69
N GLN BB 57 -61.57 -30.58 12.04
CA GLN BB 57 -61.22 -29.33 12.68
C GLN BB 57 -62.40 -28.37 12.68
N THR BB 58 -62.68 -27.84 13.86
CA THR BB 58 -63.70 -26.83 14.06
C THR BB 58 -63.00 -25.54 14.36
N ARG BB 59 -63.74 -24.44 14.31
CA ARG BB 59 -63.23 -23.20 14.89
C ARG BB 59 -62.90 -23.49 16.35
N ALA BB 60 -63.79 -24.24 17.00
CA ALA BB 60 -63.65 -24.63 18.39
C ALA BB 60 -62.88 -25.92 18.52
N ALA BB 61 -61.55 -25.83 18.42
CA ALA BB 61 -60.68 -26.99 18.58
C ALA BB 61 -60.89 -28.02 17.49
N GLN BB 62 -61.20 -29.26 17.88
CA GLN BB 62 -61.54 -30.30 16.91
C GLN BB 62 -62.52 -31.37 17.40
N ARG BB 63 -63.38 -31.79 16.48
CA ARG BB 63 -64.33 -32.86 16.67
C ARG BB 63 -63.54 -34.13 16.47
N THR BB 64 -63.71 -35.11 17.36
CA THR BB 64 -63.08 -36.43 17.20
C THR BB 64 -64.13 -37.51 17.41
N ARG BB 65 -64.22 -38.40 16.42
CA ARG BB 65 -65.23 -39.47 16.39
C ARG BB 65 -64.58 -40.75 15.88
N PHE BB 66 -65.11 -41.88 16.34
CA PHE BB 66 -64.43 -43.16 16.18
C PHE BB 66 -65.01 -43.97 15.05
N LYS BB 67 -64.28 -45.00 14.66
CA LYS BB 67 -64.59 -45.76 13.46
C LYS BB 67 -64.26 -47.23 13.65
N ALA BB 68 -65.30 -48.06 13.72
CA ALA BB 68 -65.16 -49.46 14.11
C ALA BB 68 -65.30 -50.41 12.93
N PHE BB 69 -64.19 -51.03 12.55
CA PHE BB 69 -64.18 -52.02 11.49
C PHE BB 69 -64.51 -53.36 12.11
N VAL BB 70 -65.73 -53.82 11.90
CA VAL BB 70 -66.18 -55.10 12.39
C VAL BB 70 -66.19 -56.03 11.21
N ALA BB 71 -65.77 -57.26 11.46
CA ALA BB 71 -66.02 -58.37 10.56
C ALA BB 71 -67.00 -59.27 11.21
N ILE BB 72 -67.63 -60.12 10.41
CA ILE BB 72 -68.55 -61.10 10.96
C ILE BB 72 -68.52 -62.34 10.08
N GLY BB 73 -68.74 -63.50 10.69
CA GLY BB 73 -68.71 -64.74 9.93
C GLY BB 73 -68.97 -66.03 10.68
N ASP BB 74 -69.59 -66.96 9.95
CA ASP BB 74 -69.95 -68.28 10.49
C ASP BB 74 -68.81 -69.29 10.52
N TYR BB 75 -67.60 -68.90 10.10
CA TYR BB 75 -66.47 -69.80 9.89
C TYR BB 75 -66.88 -70.93 8.93
N ASN BB 76 -67.82 -70.62 8.03
CA ASN BB 76 -68.53 -71.65 7.29
C ASN BB 76 -69.36 -71.13 6.12
N GLY BB 77 -68.73 -70.29 5.30
CA GLY BB 77 -69.33 -69.84 4.05
C GLY BB 77 -69.89 -68.43 3.96
N HIS BB 78 -69.88 -67.67 5.05
CA HIS BB 78 -70.46 -66.33 5.06
C HIS BB 78 -69.60 -65.37 5.83
N VAL BB 79 -69.31 -64.21 5.22
CA VAL BB 79 -68.52 -63.16 5.87
C VAL BB 79 -69.04 -61.79 5.54
N GLY BB 80 -68.92 -60.89 6.53
CA GLY BB 80 -69.25 -59.48 6.36
C GLY BB 80 -68.11 -58.63 6.86
N LEU BB 81 -68.10 -57.36 6.48
CA LEU BB 81 -67.06 -56.45 6.93
C LEU BB 81 -67.64 -55.05 7.07
N GLY BB 82 -68.33 -54.84 8.18
CA GLY BB 82 -69.06 -53.61 8.42
C GLY BB 82 -68.15 -52.53 8.94
N VAL BB 83 -68.42 -51.29 8.55
CA VAL BB 83 -67.73 -50.14 9.09
C VAL BB 83 -68.77 -49.11 9.51
N LYS BB 84 -68.49 -48.45 10.62
CA LYS BB 84 -69.42 -47.47 11.17
C LYS BB 84 -68.65 -46.47 12.02
N CYS BB 85 -69.05 -45.20 11.88
CA CYS BB 85 -68.42 -44.10 12.58
C CYS BB 85 -69.40 -43.49 13.56
N SER BB 86 -68.97 -43.31 14.81
CA SER BB 86 -69.82 -42.75 15.85
C SER BB 86 -69.03 -41.86 16.80
N LYS BB 87 -69.76 -41.00 17.51
CA LYS BB 87 -69.17 -40.11 18.50
C LYS BB 87 -68.65 -40.86 19.72
N GLU BB 88 -69.24 -42.02 20.03
CA GLU BB 88 -68.72 -42.89 21.08
C GLU BB 88 -68.63 -44.34 20.61
N VAL BB 89 -67.52 -44.97 20.95
CA VAL BB 89 -67.02 -46.16 20.27
C VAL BB 89 -67.97 -47.37 20.33
N ALA BB 90 -68.68 -47.52 21.43
CA ALA BB 90 -69.59 -48.64 21.61
C ALA BB 90 -70.74 -48.53 20.61
N THR BB 91 -71.21 -47.31 20.40
CA THR BB 91 -72.22 -47.04 19.40
C THR BB 91 -71.71 -47.36 17.98
N ALA BB 92 -70.45 -46.98 17.70
CA ALA BB 92 -69.81 -47.31 16.42
C ALA BB 92 -69.71 -48.82 16.23
N ILE BB 93 -69.38 -49.54 17.29
CA ILE BB 93 -69.25 -50.99 17.25
C ILE BB 93 -70.61 -51.67 17.08
N ARG BB 94 -71.63 -51.20 17.77
CA ARG BB 94 -72.98 -51.78 17.64
C ARG BB 94 -73.50 -51.60 16.21
N GLY BB 95 -73.32 -50.40 15.68
CA GLY BB 95 -73.68 -50.09 14.30
C GLY BB 95 -72.84 -50.83 13.27
N ALA BB 96 -71.53 -50.93 13.54
CA ALA BB 96 -70.61 -51.71 12.70
C ALA BB 96 -71.05 -53.17 12.54
N ILE BB 97 -71.44 -53.78 13.66
CA ILE BB 97 -71.94 -55.15 13.67
C ILE BB 97 -73.18 -55.30 12.79
N ILE BB 98 -74.09 -54.34 12.91
CA ILE BB 98 -75.31 -54.33 12.11
C ILE BB 98 -75.01 -54.14 10.62
N LEU BB 99 -74.01 -53.30 10.31
CA LEU BB 99 -73.61 -53.08 8.93
C LEU BB 99 -72.88 -54.26 8.33
N ALA BB 100 -72.08 -54.96 9.13
CA ALA BB 100 -71.45 -56.21 8.69
C ALA BB 100 -72.54 -57.19 8.31
N LYS BB 101 -73.47 -57.39 9.24
CA LYS BB 101 -74.62 -58.26 9.05
C LYS BB 101 -75.33 -58.02 7.73
N LEU BB 102 -75.57 -56.75 7.40
CA LEU BB 102 -76.21 -56.37 6.14
C LEU BB 102 -75.40 -56.67 4.89
N SER BB 103 -74.07 -56.72 5.02
CA SER BB 103 -73.22 -57.13 3.92
C SER BB 103 -72.42 -58.36 4.27
N ILE BB 104 -73.07 -59.42 4.75
CA ILE BB 104 -72.43 -60.72 4.68
C ILE BB 104 -72.66 -61.23 3.28
N VAL BB 105 -71.77 -62.08 2.81
CA VAL BB 105 -71.84 -62.61 1.44
C VAL BB 105 -71.45 -64.09 1.41
N PRO BB 106 -72.00 -64.84 0.44
CA PRO BB 106 -71.71 -66.26 0.37
C PRO BB 106 -70.37 -66.49 -0.29
N VAL BB 107 -69.36 -66.91 0.47
CA VAL BB 107 -68.05 -67.25 -0.12
C VAL BB 107 -68.10 -68.61 -0.74
N ARG BB 108 -67.66 -68.67 -1.99
CA ARG BB 108 -67.38 -69.93 -2.65
C ARG BB 108 -66.11 -70.46 -2.01
N ARG BB 109 -65.98 -71.77 -2.00
CA ARG BB 109 -64.73 -72.40 -1.67
C ARG BB 109 -64.49 -73.51 -2.65
N GLY BB 110 -63.23 -73.86 -2.81
CA GLY BB 110 -62.79 -74.77 -3.83
C GLY BB 110 -61.87 -75.82 -3.27
N TYR BB 111 -61.42 -76.67 -4.18
CA TYR BB 111 -60.44 -77.70 -3.90
C TYR BB 111 -59.16 -77.24 -4.54
N TRP BB 112 -58.09 -77.97 -4.30
CA TRP BB 112 -56.80 -77.61 -4.84
C TRP BB 112 -56.61 -78.41 -6.13
N GLY BB 113 -56.12 -79.64 -6.03
CA GLY BB 113 -55.90 -80.49 -7.21
C GLY BB 113 -56.90 -81.62 -7.21
N ASN BB 114 -56.54 -82.72 -6.57
CA ASN BB 114 -57.47 -83.81 -6.30
C ASN BB 114 -58.67 -83.26 -5.54
N LYS BB 115 -59.86 -83.54 -6.06
CA LYS BB 115 -61.08 -82.82 -5.71
C LYS BB 115 -61.88 -83.47 -4.58
N ILE BB 116 -61.19 -84.18 -3.68
CA ILE BB 116 -61.85 -85.06 -2.70
C ILE BB 116 -62.17 -84.37 -1.38
N GLY BB 117 -63.22 -84.85 -0.73
CA GLY BB 117 -63.65 -84.34 0.57
C GLY BB 117 -64.64 -83.20 0.44
N LYS BB 118 -64.44 -82.17 1.26
CA LYS BB 118 -65.21 -80.93 1.20
C LYS BB 118 -64.28 -79.81 0.80
N PRO BB 119 -64.78 -78.82 0.03
CA PRO BB 119 -63.91 -77.74 -0.42
C PRO BB 119 -63.34 -76.95 0.75
N HIS BB 120 -62.07 -76.57 0.62
CA HIS BB 120 -61.25 -76.15 1.77
C HIS BB 120 -60.45 -74.88 1.52
N THR BB 121 -59.96 -74.74 0.29
CA THR BB 121 -59.26 -73.54 -0.14
C THR BB 121 -60.22 -72.74 -1.03
N VAL BB 122 -59.66 -71.88 -1.86
CA VAL BB 122 -60.41 -70.91 -2.64
C VAL BB 122 -60.57 -71.61 -4.01
N PRO BB 123 -61.46 -71.09 -4.89
CA PRO BB 123 -61.51 -71.69 -6.23
C PRO BB 123 -60.29 -71.32 -7.10
N CYS BB 124 -60.42 -70.31 -7.96
CA CYS BB 124 -59.33 -69.85 -8.81
C CYS BB 124 -58.65 -68.74 -8.07
N LYS BB 125 -57.53 -68.27 -8.59
CA LYS BB 125 -56.87 -67.13 -7.96
C LYS BB 125 -57.67 -65.88 -8.27
N VAL BB 126 -58.56 -65.57 -7.34
CA VAL BB 126 -59.29 -64.32 -7.34
C VAL BB 126 -58.45 -63.28 -6.62
N THR BB 127 -58.70 -62.04 -7.00
CA THR BB 127 -58.11 -60.91 -6.34
C THR BB 127 -59.19 -59.93 -5.99
N GLY BB 128 -58.80 -58.95 -5.20
CA GLY BB 128 -59.69 -57.88 -4.83
C GLY BB 128 -58.85 -56.75 -4.33
N ARG BB 129 -59.20 -55.55 -4.75
CA ARG BB 129 -58.43 -54.38 -4.41
C ARG BB 129 -59.37 -53.25 -4.05
N CYS BB 130 -58.81 -52.27 -3.36
CA CYS BB 130 -59.54 -51.13 -2.88
C CYS BB 130 -58.58 -50.08 -2.39
N GLY BB 131 -58.50 -48.98 -3.15
CA GLY BB 131 -57.80 -47.78 -2.72
C GLY BB 131 -56.32 -48.00 -2.48
N SER BB 132 -55.65 -48.57 -3.46
CA SER BB 132 -54.22 -48.92 -3.44
C SER BB 132 -53.99 -50.37 -3.02
N VAL BB 133 -54.54 -50.76 -1.88
CA VAL BB 133 -54.25 -52.08 -1.33
C VAL BB 133 -54.90 -53.10 -2.22
N LEU BB 134 -54.06 -53.91 -2.85
CA LEU BB 134 -54.52 -55.02 -3.66
C LEU BB 134 -54.25 -56.27 -2.85
N VAL BB 135 -55.24 -57.15 -2.79
CA VAL BB 135 -55.09 -58.45 -2.16
C VAL BB 135 -55.33 -59.48 -3.24
N ARG BB 136 -54.39 -60.41 -3.36
CA ARG BB 136 -54.53 -61.54 -4.26
C ARG BB 136 -54.61 -62.78 -3.43
N LEU BB 137 -55.72 -63.51 -3.50
CA LEU BB 137 -55.76 -64.85 -2.93
C LEU BB 137 -55.33 -65.88 -3.96
N ILE BB 138 -54.71 -66.94 -3.47
CA ILE BB 138 -54.23 -68.03 -4.29
C ILE BB 138 -54.69 -69.35 -3.65
N PRO BB 139 -55.31 -70.24 -4.44
CA PRO BB 139 -55.72 -71.52 -3.89
C PRO BB 139 -54.53 -72.41 -3.57
N ALA BB 140 -54.56 -72.98 -2.37
CA ALA BB 140 -53.42 -73.64 -1.74
C ALA BB 140 -53.84 -75.01 -1.24
N PRO BB 141 -52.88 -75.95 -1.06
CA PRO BB 141 -53.24 -77.32 -0.71
C PRO BB 141 -53.61 -77.46 0.76
N ARG BB 142 -54.21 -78.60 1.12
CA ARG BB 142 -54.68 -78.82 2.49
C ARG BB 142 -53.57 -78.76 3.53
N GLY BB 143 -53.92 -78.28 4.73
CA GLY BB 143 -52.98 -78.19 5.84
C GLY BB 143 -51.95 -77.07 5.79
N THR BB 144 -51.98 -76.24 4.74
CA THR BB 144 -51.09 -75.10 4.66
C THR BB 144 -51.48 -74.11 5.73
N GLY BB 145 -52.78 -73.90 5.90
CA GLY BB 145 -53.31 -72.82 6.73
C GLY BB 145 -53.49 -71.61 5.84
N ILE BB 146 -53.66 -70.44 6.44
CA ILE BB 146 -53.82 -69.21 5.70
C ILE BB 146 -52.52 -68.46 5.81
N VAL BB 147 -51.70 -68.58 4.77
CA VAL BB 147 -50.43 -67.87 4.70
C VAL BB 147 -50.83 -66.46 4.32
N SER BB 148 -51.02 -65.62 5.33
CA SER BB 148 -51.45 -64.24 5.10
C SER BB 148 -51.17 -63.31 6.26
N ALA BB 149 -51.33 -62.03 5.98
CA ALA BB 149 -51.25 -60.99 7.00
C ALA BB 149 -52.40 -61.16 8.00
N PRO BB 150 -52.22 -60.66 9.23
CA PRO BB 150 -53.25 -60.68 10.26
C PRO BB 150 -54.68 -60.37 9.80
N VAL BB 151 -54.93 -59.20 9.24
CA VAL BB 151 -56.30 -58.78 8.88
C VAL BB 151 -57.01 -59.78 7.96
N PRO BB 152 -56.41 -60.10 6.80
CA PRO BB 152 -57.06 -61.08 5.95
C PRO BB 152 -57.23 -62.41 6.64
N LYS BB 153 -56.22 -62.84 7.39
CA LYS BB 153 -56.27 -64.12 8.10
C LYS BB 153 -57.51 -64.24 8.99
N LYS BB 154 -57.85 -63.14 9.66
CA LYS BB 154 -59.04 -63.09 10.51
C LYS BB 154 -60.34 -63.12 9.71
N LEU BB 155 -60.37 -62.45 8.56
CA LEU BB 155 -61.56 -62.43 7.71
C LEU BB 155 -61.71 -63.74 6.95
N LEU BB 156 -60.61 -64.24 6.40
CA LEU BB 156 -60.62 -65.51 5.68
C LEU BB 156 -61.03 -66.67 6.58
N LEU BB 157 -60.59 -66.64 7.83
CA LEU BB 157 -61.03 -67.63 8.81
C LEU BB 157 -62.56 -67.59 8.87
N MET BB 158 -63.10 -66.41 9.16
CA MET BB 158 -64.55 -66.15 9.20
C MET BB 158 -65.33 -66.61 7.98
N ALA BB 159 -64.73 -66.48 6.81
CA ALA BB 159 -65.31 -67.00 5.57
C ALA BB 159 -65.44 -68.50 5.69
N GLY BB 160 -64.36 -69.13 6.16
CA GLY BB 160 -64.26 -70.56 6.28
C GLY BB 160 -63.46 -71.05 5.09
N ILE BB 161 -62.19 -70.63 5.08
CA ILE BB 161 -61.26 -70.93 4.01
C ILE BB 161 -60.02 -71.42 4.73
N ASP BB 162 -59.92 -72.75 4.86
CA ASP BB 162 -58.89 -73.39 5.67
C ASP BB 162 -57.48 -73.16 5.11
N ASP BB 163 -57.37 -73.05 3.78
CA ASP BB 163 -56.07 -73.01 3.12
C ASP BB 163 -56.01 -71.94 2.05
N CYS BB 164 -55.02 -71.05 2.13
CA CYS BB 164 -54.88 -69.97 1.16
C CYS BB 164 -53.49 -69.32 1.20
N TYR BB 165 -52.87 -69.22 0.03
CA TYR BB 165 -51.65 -68.44 -0.15
C TYR BB 165 -52.12 -67.05 -0.54
N THR BB 166 -51.51 -66.02 0.06
CA THR BB 166 -51.89 -64.64 -0.25
C THR BB 166 -50.73 -63.74 -0.65
N SER BB 167 -51.07 -62.73 -1.45
CA SER BB 167 -50.18 -61.63 -1.77
C SER BB 167 -50.91 -60.33 -1.49
N ALA BB 168 -50.16 -59.27 -1.27
CA ALA BB 168 -50.73 -57.92 -1.34
C ALA BB 168 -49.69 -56.95 -1.87
N TRP BB 169 -50.16 -55.87 -2.50
CA TRP BB 169 -49.35 -54.68 -2.65
C TRP BB 169 -50.17 -53.41 -2.46
N GLY BB 170 -49.48 -52.34 -2.09
CA GLY BB 170 -50.10 -51.07 -1.74
C GLY BB 170 -49.95 -50.80 -0.26
N CYS BB 171 -50.64 -49.76 0.21
CA CYS BB 171 -50.55 -49.34 1.61
C CYS BB 171 -51.45 -50.23 2.49
N THR BB 172 -51.03 -51.49 2.64
CA THR BB 172 -51.75 -52.48 3.43
C THR BB 172 -52.05 -51.95 4.83
N ALA BB 173 -51.10 -51.17 5.35
CA ALA BB 173 -51.25 -50.41 6.58
C ALA BB 173 -52.61 -49.73 6.83
N THR BB 174 -53.30 -49.29 5.78
CA THR BB 174 -54.69 -48.79 5.93
C THR BB 174 -55.65 -49.95 6.18
N LEU BB 175 -55.71 -50.36 7.44
CA LEU BB 175 -56.46 -51.57 7.86
C LEU BB 175 -57.82 -51.68 7.19
N GLY BB 176 -58.56 -50.58 7.22
CA GLY BB 176 -59.86 -50.48 6.55
C GLY BB 176 -59.83 -50.84 5.08
N ASN BB 177 -58.89 -50.24 4.35
CA ASN BB 177 -58.73 -50.53 2.91
C ASN BB 177 -58.24 -51.95 2.63
N PHE BB 178 -57.43 -52.46 3.56
CA PHE BB 178 -56.89 -53.83 3.50
C PHE BB 178 -57.95 -54.89 3.81
N ALA BB 179 -58.82 -54.60 4.77
CA ALA BB 179 -60.01 -55.42 5.01
C ALA BB 179 -60.99 -55.32 3.85
N LYS BB 180 -61.14 -54.12 3.29
CA LYS BB 180 -62.07 -53.91 2.19
C LYS BB 180 -61.60 -54.57 0.90
N ALA BB 181 -60.28 -54.69 0.74
CA ALA BB 181 -59.68 -55.40 -0.39
C ALA BB 181 -59.86 -56.89 -0.24
N THR BB 182 -59.50 -57.40 0.94
CA THR BB 182 -59.68 -58.83 1.20
C THR BB 182 -61.15 -59.21 1.11
N PHE BB 183 -62.05 -58.29 1.43
CA PHE BB 183 -63.47 -58.55 1.29
C PHE BB 183 -63.89 -58.66 -0.17
N ASP BB 184 -63.39 -57.77 -1.01
CA ASP BB 184 -63.68 -57.79 -2.45
C ASP BB 184 -63.14 -59.05 -3.13
N ALA BB 185 -62.05 -59.59 -2.61
CA ALA BB 185 -61.49 -60.84 -3.12
C ALA BB 185 -62.44 -62.00 -2.87
N ILE BB 186 -62.87 -62.17 -1.62
CA ILE BB 186 -63.74 -63.29 -1.25
C ILE BB 186 -65.20 -62.98 -1.61
N SER BB 187 -65.51 -61.73 -1.90
CA SER BB 187 -66.77 -61.42 -2.56
C SER BB 187 -66.80 -62.11 -3.91
N LYS BB 188 -65.74 -61.91 -4.68
CA LYS BB 188 -65.67 -62.37 -6.06
C LYS BB 188 -65.60 -63.88 -6.24
N THR BB 189 -65.27 -64.62 -5.19
CA THR BB 189 -65.08 -66.07 -5.28
C THR BB 189 -66.23 -66.81 -5.93
N TYR BB 190 -67.45 -66.27 -5.80
CA TYR BB 190 -68.61 -66.86 -6.48
C TYR BB 190 -68.77 -66.37 -7.90
N SER BB 191 -68.50 -65.09 -8.13
CA SER BB 191 -68.72 -64.47 -9.43
C SER BB 191 -67.64 -64.76 -10.50
N TYR BB 192 -66.69 -65.65 -10.19
CA TYR BB 192 -65.81 -66.22 -11.22
C TYR BB 192 -66.55 -67.32 -11.97
N LEU BB 193 -66.67 -67.18 -13.29
CA LEU BB 193 -67.52 -68.05 -14.12
C LEU BB 193 -66.73 -69.23 -14.69
N THR BB 194 -66.49 -70.20 -13.83
CA THR BB 194 -65.71 -71.38 -14.17
C THR BB 194 -66.54 -72.33 -15.04
N PRO BB 195 -65.91 -73.35 -15.65
CA PRO BB 195 -66.65 -74.42 -16.35
C PRO BB 195 -67.62 -75.17 -15.45
N ASP BB 196 -67.22 -75.30 -14.18
CA ASP BB 196 -68.08 -75.84 -13.12
C ASP BB 196 -69.51 -75.30 -13.19
N LEU BB 197 -69.66 -74.02 -13.56
CA LEU BB 197 -70.96 -73.42 -13.90
C LEU BB 197 -71.32 -73.81 -15.35
N TRP BB 198 -71.36 -72.86 -16.31
CA TRP BB 198 -71.59 -73.13 -17.76
C TRP BB 198 -72.94 -73.73 -18.18
N LYS BB 199 -73.38 -74.80 -17.52
CA LYS BB 199 -74.78 -75.29 -17.61
C LYS BB 199 -75.78 -74.14 -17.67
N GLU BB 200 -76.67 -74.19 -18.67
CA GLU BB 200 -77.72 -73.18 -18.81
C GLU BB 200 -78.65 -73.21 -17.59
N THR BB 201 -78.96 -72.02 -17.08
CA THR BB 201 -79.72 -71.88 -15.84
C THR BB 201 -81.18 -72.35 -15.96
N VAL BB 202 -81.83 -72.47 -14.81
CA VAL BB 202 -83.22 -72.90 -14.71
C VAL BB 202 -84.17 -71.71 -14.70
N PHE BB 203 -83.96 -70.79 -13.76
CA PHE BB 203 -84.86 -69.67 -13.44
C PHE BB 203 -86.10 -70.15 -12.71
N THR BB 204 -86.27 -69.66 -11.48
CA THR BB 204 -87.39 -70.03 -10.63
C THR BB 204 -88.18 -68.75 -10.31
N LYS BB 205 -89.05 -68.77 -9.29
CA LYS BB 205 -90.08 -67.74 -9.15
C LYS BB 205 -89.63 -66.45 -8.49
N SER BB 206 -88.75 -66.57 -7.49
CA SER BB 206 -88.37 -65.46 -6.59
C SER BB 206 -89.48 -65.19 -5.58
N PRO BB 207 -89.14 -65.14 -4.26
CA PRO BB 207 -90.16 -65.04 -3.21
C PRO BB 207 -91.25 -63.99 -3.40
N TYR BB 208 -90.91 -62.89 -4.07
CA TYR BB 208 -91.87 -61.81 -4.30
C TYR BB 208 -93.00 -62.27 -5.24
N GLN BB 209 -92.69 -63.22 -6.14
CA GLN BB 209 -93.69 -63.83 -7.01
C GLN BB 209 -94.43 -64.96 -6.30
N GLU BB 210 -93.66 -65.93 -5.80
CA GLU BB 210 -94.18 -67.16 -5.20
C GLU BB 210 -95.22 -66.87 -4.15
N PHE BB 211 -94.89 -65.92 -3.28
CA PHE BB 211 -95.71 -65.60 -2.12
C PHE BB 211 -96.36 -64.23 -2.23
N THR BB 212 -96.64 -63.78 -3.46
CA THR BB 212 -97.43 -62.56 -3.68
C THR BB 212 -98.86 -62.63 -3.13
N ASP BB 213 -99.38 -63.85 -3.00
CA ASP BB 213 -100.69 -64.10 -2.38
C ASP BB 213 -100.59 -64.07 -0.85
N HIS BB 214 -99.44 -64.47 -0.30
CA HIS BB 214 -99.15 -64.27 1.11
C HIS BB 214 -98.81 -62.81 1.43
N LEU BB 215 -98.11 -62.13 0.53
CA LEU BB 215 -97.67 -60.75 0.79
C LEU BB 215 -98.82 -59.75 0.75
N VAL BB 216 -99.81 -59.99 -0.12
CA VAL BB 216 -101.15 -59.41 0.08
C VAL BB 216 -101.77 -60.12 1.28
N LYS BB 217 -101.30 -59.70 2.46
CA LYS BB 217 -101.44 -60.48 3.70
C LYS BB 217 -102.88 -60.59 4.19
N THR BB 218 -103.29 -61.82 4.51
CA THR BB 218 -104.68 -62.17 4.78
C THR BB 218 -104.85 -62.57 6.24
N MET CB 1 -91.64 -14.34 72.09
CA MET CB 1 -92.94 -14.67 72.75
C MET CB 1 -94.09 -13.86 72.14
N ALA CB 2 -93.94 -12.54 72.14
CA ALA CB 2 -94.89 -11.61 71.52
C ALA CB 2 -94.18 -10.81 70.44
N VAL CB 3 -93.42 -11.51 69.61
CA VAL CB 3 -92.55 -10.87 68.59
C VAL CB 3 -93.33 -10.41 67.36
N GLN CB 4 -94.11 -11.33 66.76
CA GLN CB 4 -94.69 -11.17 65.42
C GLN CB 4 -93.80 -10.39 64.44
N ILE CB 5 -92.76 -11.07 63.93
CA ILE CB 5 -91.82 -10.48 62.97
C ILE CB 5 -92.46 -10.02 61.67
N SER CB 6 -91.71 -9.24 60.88
CA SER CB 6 -92.20 -8.61 59.66
C SER CB 6 -92.61 -9.65 58.62
N LYS CB 7 -93.73 -9.42 57.94
CA LYS CB 7 -94.16 -10.25 56.82
C LYS CB 7 -93.02 -10.51 55.84
N LYS CB 8 -92.27 -9.45 55.53
CA LYS CB 8 -91.03 -9.54 54.75
C LYS CB 8 -90.06 -10.55 55.35
N ARG CB 9 -89.67 -10.31 56.59
CA ARG CB 9 -88.62 -11.09 57.27
C ARG CB 9 -89.09 -12.51 57.64
N LYS CB 10 -90.40 -12.70 57.78
CA LYS CB 10 -90.98 -14.00 58.11
C LYS CB 10 -90.86 -14.96 56.94
N PHE CB 11 -91.29 -14.51 55.77
CA PHE CB 11 -91.26 -15.35 54.56
C PHE CB 11 -89.85 -15.76 54.16
N VAL CB 12 -88.91 -14.83 54.27
CA VAL CB 12 -87.50 -15.11 54.02
C VAL CB 12 -86.98 -16.18 54.98
N ALA CB 13 -87.25 -16.02 56.28
CA ALA CB 13 -86.81 -16.97 57.30
C ALA CB 13 -87.42 -18.36 57.17
N ASP CB 14 -88.67 -18.41 56.71
CA ASP CB 14 -89.34 -19.67 56.42
C ASP CB 14 -88.63 -20.42 55.29
N GLY CB 15 -88.30 -19.69 54.23
CA GLY CB 15 -87.58 -20.24 53.09
C GLY CB 15 -86.20 -20.74 53.46
N ILE CB 16 -85.45 -19.89 54.18
CA ILE CB 16 -84.16 -20.23 54.75
C ILE CB 16 -84.20 -21.57 55.50
N PHE CB 17 -85.18 -21.68 56.39
CA PHE CB 17 -85.43 -22.91 57.18
C PHE CB 17 -85.60 -24.11 56.27
N LYS CB 18 -86.54 -23.98 55.34
CA LYS CB 18 -86.77 -24.97 54.30
C LYS CB 18 -85.46 -25.33 53.54
N ALA CB 19 -84.67 -24.31 53.19
CA ALA CB 19 -83.39 -24.51 52.48
C ALA CB 19 -82.35 -25.26 53.29
N GLU CB 20 -82.19 -24.86 54.55
CA GLU CB 20 -81.26 -25.53 55.46
C GLU CB 20 -81.64 -26.99 55.69
N LEU CB 21 -82.94 -27.23 55.84
CA LEU CB 21 -83.45 -28.56 56.10
C LEU CB 21 -83.25 -29.45 54.89
N ASN CB 22 -83.62 -28.95 53.71
CA ASN CB 22 -83.40 -29.65 52.44
C ASN CB 22 -81.95 -30.17 52.36
N GLU CB 23 -80.99 -29.30 52.67
CA GLU CB 23 -79.56 -29.63 52.71
C GLU CB 23 -79.22 -30.69 53.75
N PHE CB 24 -79.65 -30.47 55.00
CA PHE CB 24 -79.41 -31.44 56.08
C PHE CB 24 -79.98 -32.83 55.71
N LEU CB 25 -81.18 -32.84 55.15
CA LEU CB 25 -81.80 -34.08 54.69
C LEU CB 25 -81.11 -34.67 53.46
N THR CB 26 -80.63 -33.81 52.56
CA THR CB 26 -79.79 -34.23 51.43
C THR CB 26 -78.54 -34.95 51.94
N ARG CB 27 -77.86 -34.31 52.89
CA ARG CB 27 -76.59 -34.79 53.40
C ARG CB 27 -76.72 -36.06 54.26
N GLU CB 28 -77.80 -36.15 55.04
CA GLU CB 28 -78.02 -37.30 55.94
C GLU CB 28 -78.62 -38.49 55.20
N LEU CB 29 -79.70 -38.26 54.46
CA LEU CB 29 -80.33 -39.30 53.65
C LEU CB 29 -79.78 -39.28 52.22
N ALA CB 30 -78.46 -39.30 52.09
CA ALA CB 30 -77.81 -39.34 50.77
C ALA CB 30 -78.02 -40.72 50.16
N GLU CB 31 -77.39 -41.73 50.75
CA GLU CB 31 -77.45 -43.11 50.22
C GLU CB 31 -78.86 -43.72 50.35
N ASP CB 32 -79.62 -43.26 51.35
CA ASP CB 32 -80.99 -43.74 51.58
C ASP CB 32 -81.94 -43.46 50.42
N GLY CB 33 -81.70 -42.40 49.66
CA GLY CB 33 -82.45 -42.10 48.44
C GLY CB 33 -83.40 -40.92 48.56
N TYR CB 34 -82.87 -39.81 49.08
CA TYR CB 34 -83.65 -38.61 49.36
C TYR CB 34 -84.12 -37.96 48.07
N SER CB 35 -85.39 -37.58 48.06
CA SER CB 35 -86.02 -36.94 46.91
C SER CB 35 -86.74 -35.62 47.20
N GLY CB 36 -86.78 -35.17 48.45
CA GLY CB 36 -87.33 -33.85 48.79
C GLY CB 36 -87.94 -33.74 50.18
N VAL CB 37 -88.25 -32.51 50.57
CA VAL CB 37 -88.98 -32.22 51.80
C VAL CB 37 -90.11 -31.22 51.50
N GLU CB 38 -91.35 -31.62 51.80
CA GLU CB 38 -92.52 -30.80 51.55
C GLU CB 38 -93.17 -30.44 52.90
N VAL CB 39 -92.75 -29.31 53.46
CA VAL CB 39 -93.24 -28.86 54.76
C VAL CB 39 -94.62 -28.21 54.64
N ARG CB 40 -95.43 -28.35 55.70
CA ARG CB 40 -96.64 -27.54 55.84
C ARG CB 40 -96.95 -27.29 57.33
N VAL CB 41 -97.00 -26.00 57.69
CA VAL CB 41 -97.34 -25.58 59.04
C VAL CB 41 -98.86 -25.64 59.23
N THR CB 42 -99.28 -26.00 60.45
CA THR CB 42 -100.69 -26.18 60.77
C THR CB 42 -100.94 -25.66 62.20
N PRO CB 43 -102.20 -25.67 62.66
CA PRO CB 43 -102.49 -25.34 64.07
C PRO CB 43 -101.75 -26.23 65.08
N THR CB 44 -100.83 -25.61 65.83
CA THR CB 44 -100.05 -26.26 66.91
C THR CB 44 -99.33 -27.54 66.45
N ARG CB 45 -98.81 -27.53 65.23
CA ARG CB 45 -98.23 -28.73 64.61
C ARG CB 45 -97.45 -28.32 63.35
N THR CB 46 -96.45 -29.11 62.98
CA THR CB 46 -95.68 -28.89 61.76
C THR CB 46 -95.40 -30.22 61.04
N GLU CB 47 -96.26 -30.59 60.10
CA GLU CB 47 -96.04 -31.78 59.27
C GLU CB 47 -95.00 -31.45 58.21
N ILE CB 48 -93.92 -32.23 58.20
CA ILE CB 48 -92.91 -32.17 57.14
C ILE CB 48 -92.82 -33.56 56.50
N ILE CB 49 -92.89 -33.58 55.16
CA ILE CB 49 -93.03 -34.82 54.39
C ILE CB 49 -91.74 -35.10 53.62
N ILE CB 50 -91.04 -36.18 53.98
CA ILE CB 50 -89.80 -36.57 53.33
C ILE CB 50 -90.17 -37.44 52.13
N LEU CB 51 -89.53 -37.20 51.00
CA LEU CB 51 -89.77 -37.97 49.78
C LEU CB 51 -88.56 -38.84 49.55
N ALA CB 52 -88.74 -40.14 49.35
CA ALA CB 52 -87.61 -41.02 49.03
C ALA CB 52 -88.04 -42.35 48.37
N THR CB 53 -87.05 -43.06 47.84
CA THR CB 53 -87.27 -44.38 47.24
C THR CB 53 -87.39 -45.46 48.32
N ARG CB 54 -86.28 -45.72 49.02
CA ARG CB 54 -86.23 -46.76 50.05
C ARG CB 54 -86.77 -46.21 51.37
N THR CB 55 -88.09 -46.30 51.55
CA THR CB 55 -88.77 -45.72 52.71
C THR CB 55 -88.51 -46.52 54.00
N GLN CB 56 -88.25 -47.82 53.87
CA GLN CB 56 -87.91 -48.68 55.01
C GLN CB 56 -86.55 -48.29 55.61
N ASN CB 57 -85.64 -47.82 54.76
CA ASN CB 57 -84.33 -47.33 55.20
C ASN CB 57 -84.38 -46.00 55.97
N VAL CB 58 -85.25 -45.09 55.55
CA VAL CB 58 -85.31 -43.75 56.19
C VAL CB 58 -86.02 -43.82 57.55
N LEU CB 59 -87.06 -44.66 57.64
CA LEU CB 59 -87.80 -44.86 58.89
C LEU CB 59 -86.94 -45.62 59.89
N GLY CB 60 -86.26 -46.67 59.41
CA GLY CB 60 -85.30 -47.43 60.21
C GLY CB 60 -85.89 -48.71 60.77
N GLU CB 61 -85.24 -49.22 61.81
CA GLU CB 61 -85.64 -50.48 62.44
C GLU CB 61 -86.77 -50.23 63.42
N LYS CB 62 -87.96 -50.73 63.09
CA LYS CB 62 -89.17 -50.64 63.94
C LYS CB 62 -89.80 -49.26 64.12
N GLY CB 63 -89.07 -48.19 63.78
CA GLY CB 63 -89.40 -46.83 64.18
C GLY CB 63 -88.26 -46.26 65.00
N ARG CB 64 -87.14 -45.97 64.32
CA ARG CB 64 -85.94 -45.45 64.97
C ARG CB 64 -85.50 -44.15 64.30
N ARG CB 65 -84.99 -44.24 63.07
CA ARG CB 65 -84.30 -43.12 62.43
C ARG CB 65 -85.17 -41.88 62.30
N ILE CB 66 -86.45 -42.08 61.96
CA ILE CB 66 -87.39 -40.97 61.89
C ILE CB 66 -87.54 -40.27 63.25
N ARG CB 67 -87.53 -41.03 64.33
CA ARG CB 67 -87.61 -40.45 65.68
C ARG CB 67 -86.35 -39.66 66.05
N GLU CB 68 -85.19 -40.11 65.56
CA GLU CB 68 -83.93 -39.38 65.75
C GLU CB 68 -83.93 -38.06 64.99
N LEU CB 69 -84.32 -38.11 63.72
CA LEU CB 69 -84.31 -36.94 62.84
C LEU CB 69 -85.30 -35.87 63.31
N THR CB 70 -86.46 -36.30 63.79
CA THR CB 70 -87.44 -35.37 64.36
C THR CB 70 -86.87 -34.70 65.59
N ALA CB 71 -86.20 -35.50 66.42
CA ALA CB 71 -85.58 -35.01 67.65
C ALA CB 71 -84.44 -34.03 67.37
N VAL CB 72 -83.70 -34.26 66.29
CA VAL CB 72 -82.59 -33.40 65.92
C VAL CB 72 -83.12 -32.09 65.32
N VAL CB 73 -84.13 -32.21 64.45
CA VAL CB 73 -84.85 -31.05 63.91
C VAL CB 73 -85.42 -30.23 65.07
N GLN CB 74 -86.21 -30.90 65.91
CA GLN CB 74 -86.77 -30.32 67.14
C GLN CB 74 -85.73 -29.56 67.95
N LYS CB 75 -84.62 -30.25 68.23
CA LYS CB 75 -83.49 -29.67 68.98
C LYS CB 75 -82.91 -28.43 68.28
N ARG CB 76 -82.76 -28.54 66.97
CA ARG CB 76 -82.02 -27.54 66.19
C ARG CB 76 -82.76 -26.21 66.03
N PHE CB 77 -83.89 -26.25 65.30
CA PHE CB 77 -84.54 -25.02 64.85
C PHE CB 77 -85.32 -24.31 65.96
N GLY CB 78 -85.41 -24.92 67.14
CA GLY CB 78 -86.04 -24.31 68.31
C GLY CB 78 -87.52 -24.57 68.27
N PHE CB 79 -87.87 -25.86 68.25
CA PHE CB 79 -89.26 -26.30 68.12
C PHE CB 79 -89.66 -26.97 69.43
N PRO CB 80 -90.82 -26.59 70.02
CA PRO CB 80 -91.29 -27.30 71.21
C PRO CB 80 -91.65 -28.76 70.94
N GLU CB 81 -91.64 -29.57 72.00
CA GLU CB 81 -91.86 -31.01 71.88
C GLU CB 81 -93.29 -31.28 71.42
N GLY CB 82 -93.44 -32.19 70.44
CA GLY CB 82 -94.74 -32.49 69.85
C GLY CB 82 -95.34 -31.35 69.05
N SER CB 83 -94.49 -30.53 68.44
CA SER CB 83 -94.91 -29.48 67.51
C SER CB 83 -94.47 -29.80 66.08
N VAL CB 84 -93.95 -31.01 65.87
CA VAL CB 84 -93.24 -31.34 64.64
C VAL CB 84 -93.13 -32.87 64.46
N GLU CB 85 -93.11 -33.32 63.20
CA GLU CB 85 -93.17 -34.74 62.86
C GLU CB 85 -92.68 -34.98 61.43
N LEU CB 86 -91.95 -36.09 61.21
CA LEU CB 86 -91.37 -36.40 59.90
C LEU CB 86 -92.12 -37.54 59.22
N TYR CB 87 -92.73 -37.24 58.07
CA TYR CB 87 -93.67 -38.14 57.38
C TYR CB 87 -93.06 -38.68 56.08
N ALA CB 88 -92.45 -39.86 56.15
CA ALA CB 88 -91.69 -40.42 55.03
C ALA CB 88 -92.59 -41.12 54.00
N GLU CB 89 -93.00 -40.37 52.98
CA GLU CB 89 -93.77 -40.93 51.85
C GLU CB 89 -92.86 -41.40 50.72
N LYS CB 90 -93.35 -42.36 49.95
CA LYS CB 90 -92.58 -43.00 48.88
C LYS CB 90 -92.71 -42.23 47.57
N VAL CB 91 -91.60 -42.18 46.81
CA VAL CB 91 -91.56 -41.45 45.54
C VAL CB 91 -92.19 -42.28 44.43
N ALA CB 92 -93.23 -41.73 43.82
CA ALA CB 92 -93.79 -42.28 42.58
C ALA CB 92 -92.88 -41.87 41.42
N THR CB 93 -92.67 -42.81 40.49
CA THR CB 93 -91.73 -42.68 39.36
C THR CB 93 -90.37 -42.02 39.70
N ARG CB 94 -89.59 -42.74 40.51
CA ARG CB 94 -88.18 -42.43 40.78
C ARG CB 94 -87.34 -42.02 39.57
N GLY CB 95 -87.61 -42.62 38.42
CA GLY CB 95 -86.90 -42.30 37.18
C GLY CB 95 -87.21 -40.95 36.56
N LEU CB 96 -88.17 -40.21 37.11
CA LEU CB 96 -88.39 -38.81 36.75
C LEU CB 96 -87.75 -37.85 37.76
N CYS CB 97 -87.59 -38.29 39.01
CA CYS CB 97 -86.85 -37.48 39.97
C CYS CB 97 -85.39 -37.48 39.58
N ALA CB 98 -84.88 -36.29 39.26
CA ALA CB 98 -83.50 -36.13 38.83
C ALA CB 98 -82.55 -36.31 40.00
N ILE CB 99 -82.86 -35.69 41.13
CA ILE CB 99 -81.98 -35.72 42.30
C ILE CB 99 -81.81 -37.12 42.88
N ALA CB 100 -82.87 -37.92 42.77
CA ALA CB 100 -82.80 -39.35 43.08
C ALA CB 100 -81.80 -40.01 42.14
N GLN CB 101 -81.91 -39.69 40.86
CA GLN CB 101 -81.11 -40.32 39.82
C GLN CB 101 -79.67 -39.81 39.73
N ALA CB 102 -79.42 -38.62 40.27
CA ALA CB 102 -78.06 -38.08 40.37
C ALA CB 102 -77.33 -38.74 41.53
N GLU CB 103 -78.04 -38.95 42.64
CA GLU CB 103 -77.53 -39.73 43.75
C GLU CB 103 -77.25 -41.18 43.35
N SER CB 104 -78.15 -41.77 42.56
CA SER CB 104 -77.99 -43.13 42.04
C SER CB 104 -76.78 -43.25 41.12
N LEU CB 105 -76.50 -42.16 40.40
CA LEU CB 105 -75.32 -42.07 39.55
C LEU CB 105 -74.05 -41.85 40.39
N ARG CB 106 -74.13 -41.00 41.40
CA ARG CB 106 -73.07 -40.85 42.42
C ARG CB 106 -72.70 -42.20 43.04
N TYR CB 107 -73.72 -42.93 43.48
CA TYR CB 107 -73.59 -44.25 44.13
C TYR CB 107 -72.82 -45.22 43.25
N LYS CB 108 -73.29 -45.41 42.03
CA LYS CB 108 -72.69 -46.33 41.05
C LYS CB 108 -71.23 -45.98 40.72
N LEU CB 109 -70.95 -44.68 40.66
CA LEU CB 109 -69.59 -44.18 40.43
C LEU CB 109 -68.69 -44.48 41.61
N LEU CB 110 -69.22 -44.25 42.82
CA LEU CB 110 -68.53 -44.62 44.06
C LEU CB 110 -68.32 -46.14 44.12
N GLY CB 111 -69.32 -46.89 43.64
CA GLY CB 111 -69.21 -48.33 43.47
C GLY CB 111 -68.17 -48.86 42.49
N GLY CB 112 -67.46 -47.95 41.81
CA GLY CB 112 -66.32 -48.32 40.97
C GLY CB 112 -66.72 -48.75 39.58
N LEU CB 113 -68.00 -48.63 39.24
CA LEU CB 113 -68.50 -49.01 37.93
C LEU CB 113 -68.03 -47.96 36.92
N ALA CB 114 -67.81 -48.40 35.69
CA ALA CB 114 -67.27 -47.56 34.63
C ALA CB 114 -68.08 -46.28 34.43
N VAL CB 115 -67.37 -45.18 34.21
CA VAL CB 115 -67.97 -43.86 34.08
C VAL CB 115 -69.05 -43.88 33.02
N ARG CB 116 -68.77 -44.59 31.92
CA ARG CB 116 -69.71 -44.71 30.81
C ARG CB 116 -70.91 -45.58 31.19
N ARG CB 117 -70.63 -46.81 31.58
CA ARG CB 117 -71.66 -47.84 31.67
C ARG CB 117 -72.72 -47.57 32.74
N ALA CB 118 -72.29 -47.06 33.89
CA ALA CB 118 -73.21 -46.64 34.96
C ALA CB 118 -74.14 -45.54 34.47
N CYS CB 119 -73.52 -44.51 33.92
CA CYS CB 119 -74.22 -43.33 33.41
C CYS CB 119 -75.16 -43.65 32.26
N TYR CB 120 -74.75 -44.59 31.41
CA TYR CB 120 -75.59 -45.07 30.31
C TYR CB 120 -76.81 -45.81 30.82
N GLY CB 121 -76.62 -46.59 31.88
CA GLY CB 121 -77.72 -47.33 32.53
C GLY CB 121 -78.66 -46.42 33.28
N VAL CB 122 -78.09 -45.41 33.94
CA VAL CB 122 -78.85 -44.35 34.60
C VAL CB 122 -79.78 -43.66 33.57
N LEU CB 123 -79.21 -43.35 32.41
CA LEU CB 123 -79.93 -42.70 31.31
C LEU CB 123 -81.06 -43.57 30.75
N ARG CB 124 -80.79 -44.85 30.55
CA ARG CB 124 -81.78 -45.78 30.00
C ARG CB 124 -82.93 -45.99 30.99
N PHE CB 125 -82.60 -46.00 32.29
CA PHE CB 125 -83.59 -46.16 33.36
C PHE CB 125 -84.59 -45.00 33.40
N ILE CB 126 -84.06 -43.78 33.48
CA ILE CB 126 -84.90 -42.56 33.51
C ILE CB 126 -85.76 -42.42 32.26
N MET CB 127 -85.23 -42.85 31.11
CA MET CB 127 -85.93 -42.75 29.84
C MET CB 127 -87.00 -43.83 29.66
N GLU CB 128 -86.77 -45.02 30.22
CA GLU CB 128 -87.79 -46.07 30.30
C GLU CB 128 -88.91 -45.68 31.27
N SER CB 129 -88.55 -44.93 32.33
CA SER CB 129 -89.52 -44.43 33.31
C SER CB 129 -90.53 -43.42 32.73
N GLY CB 130 -90.26 -42.91 31.53
CA GLY CB 130 -91.24 -42.16 30.75
C GLY CB 130 -91.02 -40.69 30.90
N ALA CB 131 -89.92 -40.21 30.33
CA ALA CB 131 -89.57 -38.79 30.32
C ALA CB 131 -89.42 -38.33 28.87
N LYS CB 132 -89.68 -37.04 28.65
CA LYS CB 132 -89.66 -36.43 27.31
C LYS CB 132 -88.28 -36.54 26.68
N GLY CB 133 -87.26 -36.32 27.51
CA GLY CB 133 -85.87 -36.58 27.17
C GLY CB 133 -85.01 -36.36 28.40
N CYS CB 134 -83.71 -36.45 28.23
CA CYS CB 134 -82.80 -36.29 29.36
C CYS CB 134 -81.41 -35.90 28.91
N GLU CB 135 -80.60 -35.52 29.87
CA GLU CB 135 -79.29 -34.94 29.62
C GLU CB 135 -78.45 -35.25 30.84
N VAL CB 136 -77.44 -36.10 30.67
CA VAL CB 136 -76.55 -36.45 31.77
C VAL CB 136 -75.13 -35.98 31.46
N VAL CB 137 -74.52 -35.36 32.47
CA VAL CB 137 -73.19 -34.79 32.36
C VAL CB 137 -72.37 -35.25 33.56
N VAL CB 138 -71.59 -36.31 33.35
CA VAL CB 138 -70.52 -36.63 34.29
C VAL CB 138 -69.33 -35.89 33.70
N SER CB 139 -68.72 -35.02 34.49
CA SER CB 139 -67.56 -34.23 34.10
C SER CB 139 -66.43 -34.50 35.09
N GLY CB 140 -65.37 -33.69 35.05
CA GLY CB 140 -64.21 -33.93 35.91
C GLY CB 140 -63.35 -35.04 35.34
N LYS CB 141 -62.35 -35.46 36.10
CA LYS CB 141 -61.34 -36.40 35.59
C LYS CB 141 -61.83 -37.84 35.38
N LEU CB 142 -62.19 -38.13 34.12
CA LEU CB 142 -62.62 -39.46 33.68
C LEU CB 142 -61.42 -40.12 32.99
N ARG CB 143 -60.50 -40.64 33.82
CA ARG CB 143 -59.21 -41.22 33.38
C ARG CB 143 -58.19 -40.18 32.92
N GLY CB 144 -56.93 -40.43 33.23
CA GLY CB 144 -55.85 -39.46 33.03
C GLY CB 144 -55.87 -38.42 34.15
N GLN CB 145 -55.36 -37.22 33.84
CA GLN CB 145 -55.40 -36.09 34.78
C GLN CB 145 -55.60 -34.73 34.09
N ARG CB 146 -56.27 -34.73 32.93
CA ARG CB 146 -56.77 -33.49 32.32
C ARG CB 146 -58.28 -33.65 32.31
N ALA CB 147 -58.98 -32.68 32.91
CA ALA CB 147 -60.41 -32.83 33.20
C ALA CB 147 -61.26 -32.95 31.95
N LYS CB 148 -61.54 -34.18 31.56
CA LYS CB 148 -62.39 -34.44 30.40
C LYS CB 148 -63.85 -34.29 30.82
N SER CB 149 -64.77 -34.64 29.92
CA SER CB 149 -66.21 -34.56 30.21
C SER CB 149 -67.04 -35.41 29.26
N MET CB 150 -67.87 -36.29 29.83
CA MET CB 150 -68.86 -37.05 29.07
C MET CB 150 -70.10 -36.18 28.94
N LYS CB 151 -71.05 -36.63 28.12
CA LYS CB 151 -72.31 -35.93 27.94
C LYS CB 151 -73.32 -36.86 27.28
N PHE CB 152 -73.87 -37.76 28.07
CA PHE CB 152 -74.79 -38.78 27.55
C PHE CB 152 -76.15 -38.14 27.48
N VAL CB 153 -76.69 -38.05 26.26
CA VAL CB 153 -77.91 -37.31 26.01
C VAL CB 153 -78.80 -38.14 25.11
N ASP CB 154 -80.10 -38.07 25.36
CA ASP CB 154 -81.11 -38.66 24.48
C ASP CB 154 -82.42 -37.89 24.55
N GLY CB 155 -83.14 -37.88 23.43
CA GLY CB 155 -84.50 -37.39 23.40
C GLY CB 155 -84.67 -35.89 23.54
N LEU CB 156 -85.91 -35.51 23.84
CA LEU CB 156 -86.39 -34.15 23.72
C LEU CB 156 -85.98 -33.31 24.93
N MET CB 157 -85.40 -32.14 24.69
CA MET CB 157 -84.95 -31.23 25.75
C MET CB 157 -85.48 -29.82 25.52
N ILE CB 158 -85.38 -28.97 26.54
CA ILE CB 158 -85.48 -27.52 26.37
C ILE CB 158 -84.50 -26.82 27.30
N HIS CB 159 -83.93 -25.73 26.83
CA HIS CB 159 -83.00 -24.94 27.62
C HIS CB 159 -83.54 -23.53 27.88
N SER CB 160 -84.03 -22.90 26.82
CA SER CB 160 -84.38 -21.50 26.85
C SER CB 160 -85.88 -21.32 26.93
N GLY CB 161 -86.28 -20.25 27.61
CA GLY CB 161 -87.68 -19.94 27.88
C GLY CB 161 -87.99 -20.08 29.36
N ASP CB 162 -89.17 -19.61 29.75
CA ASP CB 162 -89.75 -19.93 31.04
C ASP CB 162 -89.99 -21.43 31.22
N PRO CB 163 -90.63 -22.09 30.22
CA PRO CB 163 -90.96 -23.51 30.32
C PRO CB 163 -89.99 -24.35 31.13
N VAL CB 164 -88.70 -24.21 30.82
CA VAL CB 164 -87.65 -25.00 31.45
C VAL CB 164 -87.76 -25.07 32.98
N ASN CB 165 -88.20 -23.96 33.61
CA ASN CB 165 -88.42 -23.92 35.06
C ASN CB 165 -89.26 -25.08 35.56
N TYR CB 166 -90.46 -25.22 34.99
CA TYR CB 166 -91.43 -26.22 35.41
C TYR CB 166 -91.39 -27.52 34.60
N TYR CB 167 -90.77 -27.49 33.42
CA TYR CB 167 -90.85 -28.61 32.48
C TYR CB 167 -89.62 -29.51 32.48
N VAL CB 168 -88.54 -29.10 33.15
CA VAL CB 168 -87.38 -29.97 33.29
C VAL CB 168 -87.03 -30.12 34.77
N ASP CB 169 -86.59 -31.31 35.15
CA ASP CB 169 -86.13 -31.60 36.50
C ASP CB 169 -84.61 -31.67 36.50
N THR CB 170 -83.97 -30.77 37.25
CA THR CB 170 -82.51 -30.61 37.25
C THR CB 170 -81.92 -31.10 38.57
N ALA CB 171 -80.67 -31.55 38.52
CA ALA CB 171 -80.01 -32.16 39.69
C ALA CB 171 -78.49 -32.22 39.59
N VAL CB 172 -77.81 -31.24 40.20
CA VAL CB 172 -76.34 -31.21 40.24
C VAL CB 172 -75.91 -31.94 41.50
N ARG CB 173 -74.78 -32.65 41.42
CA ARG CB 173 -74.14 -33.26 42.59
C ARG CB 173 -72.63 -33.35 42.42
N HIS CB 174 -71.96 -33.70 43.51
CA HIS CB 174 -70.53 -34.06 43.55
C HIS CB 174 -70.40 -35.54 43.87
N VAL CB 175 -69.17 -36.03 43.80
CA VAL CB 175 -68.86 -37.40 44.20
C VAL CB 175 -67.33 -37.55 44.39
N LEU CB 176 -66.89 -37.50 45.64
CA LEU CB 176 -65.46 -37.37 45.97
C LEU CB 176 -64.72 -38.69 45.83
N LEU CB 177 -64.12 -38.89 44.66
CA LEU CB 177 -63.31 -40.08 44.41
C LEU CB 177 -61.93 -39.93 45.07
N ARG CB 178 -61.26 -41.07 45.24
CA ARG CB 178 -59.85 -41.12 45.65
C ARG CB 178 -58.94 -40.17 44.89
N GLN CB 179 -59.18 -40.00 43.59
CA GLN CB 179 -58.34 -39.19 42.73
C GLN CB 179 -58.71 -37.71 42.77
N GLY CB 180 -59.97 -37.40 42.55
CA GLY CB 180 -60.44 -36.01 42.56
C GLY CB 180 -61.93 -35.91 42.80
N VAL CB 181 -62.60 -35.00 42.09
CA VAL CB 181 -64.05 -34.81 42.21
C VAL CB 181 -64.72 -34.87 40.85
N LEU CB 182 -65.92 -35.42 40.84
CA LEU CB 182 -66.70 -35.57 39.63
C LEU CB 182 -67.95 -34.73 39.74
N GLY CB 183 -68.23 -33.97 38.68
CA GLY CB 183 -69.52 -33.35 38.52
C GLY CB 183 -70.47 -34.40 38.01
N ILE CB 184 -71.66 -34.45 38.59
CA ILE CB 184 -72.80 -35.14 38.01
C ILE CB 184 -73.77 -34.02 37.65
N LYS CB 185 -74.51 -34.22 36.56
CA LYS CB 185 -75.76 -33.51 36.35
C LYS CB 185 -76.71 -34.50 35.71
N VAL CB 186 -77.90 -34.62 36.28
CA VAL CB 186 -78.99 -35.30 35.61
C VAL CB 186 -80.09 -34.27 35.45
N LYS CB 187 -80.53 -34.10 34.21
CA LYS CB 187 -81.30 -32.93 33.80
C LYS CB 187 -82.41 -33.42 32.88
N ILE CB 188 -83.44 -33.98 33.51
CA ILE CB 188 -84.52 -34.68 32.80
C ILE CB 188 -85.53 -33.65 32.32
N MET CB 189 -86.27 -33.97 31.27
CA MET CB 189 -87.45 -33.22 30.87
C MET CB 189 -88.70 -34.05 31.15
N LEU CB 190 -89.61 -33.47 31.94
CA LEU CB 190 -90.82 -34.17 32.36
C LEU CB 190 -91.82 -34.31 31.21
N PRO CB 191 -92.74 -35.29 31.33
CA PRO CB 191 -93.61 -35.64 30.20
C PRO CB 191 -95.01 -35.00 30.17
N TRP CB 192 -95.63 -34.80 31.33
CA TRP CB 192 -97.10 -34.59 31.44
C TRP CB 192 -97.60 -33.40 30.59
N ASP CB 193 -97.68 -33.62 29.28
CA ASP CB 193 -97.89 -32.55 28.28
C ASP CB 193 -99.37 -32.35 27.92
N PRO CB 194 -100.03 -33.33 27.27
CA PRO CB 194 -101.47 -33.17 27.06
C PRO CB 194 -102.29 -33.44 28.32
N SER CB 195 -101.77 -34.30 29.21
CA SER CB 195 -102.42 -34.60 30.49
C SER CB 195 -101.41 -35.01 31.56
N GLY CB 196 -101.91 -35.09 32.79
CA GLY CB 196 -101.12 -35.57 33.92
C GLY CB 196 -102.02 -35.71 35.13
N LYS CB 197 -101.51 -35.33 36.29
CA LYS CB 197 -102.35 -35.15 37.48
C LYS CB 197 -103.17 -33.88 37.18
N ILE CB 198 -102.48 -32.75 37.16
CA ILE CB 198 -102.89 -31.57 36.39
C ILE CB 198 -101.55 -31.01 35.89
N GLY CB 199 -101.01 -31.68 34.87
CA GLY CB 199 -99.61 -31.54 34.43
C GLY CB 199 -98.96 -30.16 34.40
N PRO CB 200 -97.62 -30.10 34.51
CA PRO CB 200 -96.88 -28.83 34.69
C PRO CB 200 -97.28 -27.71 33.71
N LYS CB 201 -98.26 -26.88 34.13
CA LYS CB 201 -98.98 -25.96 33.23
C LYS CB 201 -99.19 -26.65 31.90
N LYS CB 202 -99.91 -27.77 31.98
CA LYS CB 202 -99.80 -28.93 31.09
C LYS CB 202 -98.91 -28.83 29.83
N PRO CB 203 -99.38 -28.13 28.78
CA PRO CB 203 -98.65 -28.20 27.51
C PRO CB 203 -97.36 -27.37 27.46
N LEU CB 204 -96.55 -27.61 26.42
CA LEU CB 204 -95.54 -26.63 26.01
C LEU CB 204 -96.26 -25.48 25.34
N PRO CB 205 -95.63 -24.30 25.30
CA PRO CB 205 -96.25 -23.17 24.61
C PRO CB 205 -96.21 -23.24 23.08
N ASP CB 206 -95.42 -24.15 22.51
CA ASP CB 206 -95.44 -24.40 21.07
C ASP CB 206 -96.69 -25.18 20.70
N HIS CB 207 -96.95 -26.25 21.44
CA HIS CB 207 -97.87 -27.29 21.01
C HIS CB 207 -99.33 -26.83 20.89
N VAL CB 208 -99.74 -26.58 19.65
CA VAL CB 208 -101.14 -26.37 19.31
C VAL CB 208 -101.75 -27.74 19.06
N SER CB 209 -102.77 -28.09 19.84
CA SER CB 209 -103.44 -29.39 19.72
C SER CB 209 -104.87 -29.22 19.18
N ILE CB 210 -105.05 -29.52 17.90
CA ILE CB 210 -106.34 -29.36 17.22
C ILE CB 210 -107.12 -30.67 17.31
N VAL CB 211 -108.43 -30.56 17.52
CA VAL CB 211 -109.32 -31.73 17.59
C VAL CB 211 -109.87 -32.01 16.20
N GLU CB 212 -110.28 -33.26 15.98
CA GLU CB 212 -110.80 -33.69 14.68
C GLU CB 212 -112.29 -33.33 14.62
N PRO CB 213 -112.84 -33.16 13.40
CA PRO CB 213 -114.23 -32.69 13.26
C PRO CB 213 -115.29 -33.73 13.65
N LYS CB 214 -114.91 -35.00 13.79
CA LYS CB 214 -115.76 -36.08 14.29
C LYS CB 214 -116.79 -36.55 13.25
N ASP CB 215 -117.78 -35.71 12.95
CA ASP CB 215 -118.82 -36.03 11.97
C ASP CB 215 -118.67 -35.16 10.72
N GLU CB 216 -119.26 -33.96 10.73
CA GLU CB 216 -119.36 -33.10 9.54
C GLU CB 216 -120.12 -33.80 8.39
N ILE CB 217 -121.22 -34.45 8.75
CA ILE CB 217 -122.02 -35.29 7.85
C ILE CB 217 -123.44 -34.71 7.74
N LEU CB 218 -124.13 -35.07 6.65
CA LEU CB 218 -125.58 -34.83 6.47
C LEU CB 218 -125.92 -33.41 6.03
N PRO CB 219 -125.89 -33.15 4.70
CA PRO CB 219 -126.51 -31.96 4.12
C PRO CB 219 -127.95 -32.23 3.67
N THR CB 220 -128.12 -33.12 2.67
CA THR CB 220 -129.42 -33.72 2.29
C THR CB 220 -130.47 -32.76 1.73
N THR CB 221 -131.63 -33.32 1.37
CA THR CB 221 -132.87 -32.58 1.10
C THR CB 221 -133.34 -31.74 2.33
N PRO CB 222 -134.44 -30.96 2.20
CA PRO CB 222 -134.96 -30.21 3.34
C PRO CB 222 -135.24 -31.01 4.64
N ILE CB 223 -136.34 -31.77 4.72
CA ILE CB 223 -136.75 -32.49 5.95
C ILE CB 223 -137.01 -31.58 7.16
N SER CB 224 -137.95 -31.98 8.00
CA SER CB 224 -138.15 -31.41 9.33
C SER CB 224 -138.22 -32.53 10.36
N GLU CB 225 -138.26 -32.15 11.64
CA GLU CB 225 -138.43 -33.11 12.74
C GLU CB 225 -139.25 -32.46 13.87
N GLN CB 226 -139.83 -33.29 14.73
CA GLN CB 226 -140.74 -32.82 15.77
C GLN CB 226 -140.75 -33.76 16.99
N LYS CB 227 -140.89 -33.17 18.17
CA LYS CB 227 -141.01 -33.93 19.43
C LYS CB 227 -141.98 -33.24 20.37
N ALA DB 1 1.64 -80.47 -8.73
CA ALA DB 1 2.08 -81.86 -9.06
C ALA DB 1 3.47 -81.83 -9.71
N ARG DB 2 4.50 -81.82 -8.86
CA ARG DB 2 5.89 -81.77 -9.32
C ARG DB 2 6.35 -83.02 -10.10
N GLY DB 3 5.68 -84.15 -9.85
CA GLY DB 3 5.87 -85.38 -10.63
C GLY DB 3 4.61 -86.22 -10.59
N PRO DB 4 4.72 -87.54 -10.36
CA PRO DB 4 3.55 -88.40 -10.15
C PRO DB 4 3.02 -88.44 -8.71
N LYS DB 5 1.81 -89.00 -8.56
CA LYS DB 5 1.08 -89.03 -7.30
C LYS DB 5 1.17 -90.42 -6.69
N LYS DB 6 1.41 -90.50 -5.37
CA LYS DB 6 1.66 -91.78 -4.71
C LYS DB 6 0.61 -92.13 -3.65
N HIS DB 7 -0.56 -91.48 -3.72
CA HIS DB 7 -1.59 -91.61 -2.69
C HIS DB 7 -2.95 -91.62 -3.32
N LEU DB 8 -3.97 -91.85 -2.49
CA LEU DB 8 -5.34 -91.75 -2.95
C LEU DB 8 -6.24 -91.57 -1.77
N LYS DB 9 -6.87 -90.40 -1.72
CA LYS DB 9 -7.82 -90.10 -0.67
C LYS DB 9 -9.01 -91.06 -0.81
N ARG DB 10 -9.47 -91.50 0.36
CA ARG DB 10 -10.77 -92.10 0.55
C ARG DB 10 -11.70 -91.03 0.02
N VAL DB 11 -12.91 -91.36 -0.37
CA VAL DB 11 -13.82 -90.34 -0.95
C VAL DB 11 -13.40 -90.06 -2.41
N ALA DB 12 -12.12 -89.73 -2.62
CA ALA DB 12 -11.55 -89.67 -3.97
C ALA DB 12 -11.39 -91.07 -4.56
N ALA DB 13 -11.40 -92.10 -3.72
CA ALA DB 13 -11.42 -93.47 -4.20
C ALA DB 13 -12.66 -93.78 -5.05
N PRO DB 14 -12.56 -94.80 -5.94
CA PRO DB 14 -13.65 -95.38 -6.72
C PRO DB 14 -14.87 -95.70 -5.87
N LYS DB 15 -16.05 -95.37 -6.36
CA LYS DB 15 -17.28 -95.55 -5.57
C LYS DB 15 -17.57 -97.03 -5.31
N HIS DB 16 -17.49 -97.84 -6.36
CA HIS DB 16 -17.72 -99.29 -6.26
C HIS DB 16 -16.79 -100.10 -5.35
N TRP DB 17 -15.83 -99.45 -4.70
CA TRP DB 17 -15.06 -100.10 -3.64
C TRP DB 17 -15.76 -100.16 -2.29
N MET DB 18 -16.91 -99.50 -2.17
CA MET DB 18 -17.75 -99.58 -0.96
C MET DB 18 -17.05 -98.98 0.26
N LEU DB 19 -16.04 -98.15 0.01
CA LEU DB 19 -15.15 -97.69 1.06
C LEU DB 19 -15.86 -96.60 1.84
N ASP DB 20 -15.93 -96.78 3.15
CA ASP DB 20 -16.73 -95.88 4.00
C ASP DB 20 -15.96 -94.64 4.43
N LYS DB 21 -16.69 -93.66 4.95
CA LYS DB 21 -16.18 -92.32 5.25
C LYS DB 21 -15.15 -92.28 6.39
N LEU DB 22 -15.51 -92.89 7.53
CA LEU DB 22 -14.66 -92.89 8.72
C LEU DB 22 -14.04 -94.25 8.97
N THR DB 23 -12.72 -94.27 9.07
CA THR DB 23 -11.88 -95.46 8.99
C THR DB 23 -10.49 -94.95 8.72
N GLY DB 24 -10.41 -94.14 7.67
CA GLY DB 24 -9.18 -93.52 7.26
C GLY DB 24 -9.40 -92.48 6.21
N VAL DB 25 -8.41 -91.62 6.08
CA VAL DB 25 -8.41 -90.51 5.14
C VAL DB 25 -8.13 -91.02 3.73
N PHE DB 26 -7.41 -92.14 3.65
CA PHE DB 26 -6.95 -92.71 2.40
C PHE DB 26 -7.63 -94.03 2.04
N ALA DB 27 -7.50 -94.39 0.76
CA ALA DB 27 -7.80 -95.73 0.25
C ALA DB 27 -6.49 -96.24 -0.30
N PRO DB 28 -6.42 -97.53 -0.69
CA PRO DB 28 -5.10 -98.05 -1.06
C PRO DB 28 -4.45 -97.40 -2.27
N ARG DB 29 -5.19 -97.23 -3.36
CA ARG DB 29 -4.64 -96.81 -4.65
C ARG DB 29 -4.00 -98.05 -5.23
N PRO DB 30 -4.64 -98.62 -6.26
CA PRO DB 30 -4.08 -99.84 -6.80
C PRO DB 30 -2.71 -99.53 -7.35
N SER DB 31 -1.85 -100.53 -7.36
CA SER DB 31 -0.55 -100.39 -7.98
C SER DB 31 -0.82 -100.24 -9.45
N THR DB 32 0.11 -99.59 -10.16
CA THR DB 32 0.13 -99.65 -11.60
C THR DB 32 -0.06 -101.09 -12.03
N GLY DB 33 -0.69 -101.32 -13.18
CA GLY DB 33 -0.97 -102.69 -13.57
C GLY DB 33 -1.69 -102.89 -14.88
N PRO DB 34 -2.26 -104.10 -15.07
CA PRO DB 34 -3.01 -104.38 -16.30
C PRO DB 34 -4.27 -103.55 -16.43
N HIS DB 35 -5.04 -103.42 -15.35
CA HIS DB 35 -6.27 -102.64 -15.36
C HIS DB 35 -6.05 -101.20 -14.91
N LYS DB 36 -7.00 -100.34 -15.28
CA LYS DB 36 -6.92 -98.92 -14.96
C LYS DB 36 -7.36 -98.71 -13.53
N LEU DB 37 -6.54 -98.01 -12.73
CA LEU DB 37 -6.86 -97.68 -11.33
C LEU DB 37 -8.35 -97.58 -11.07
N ARG DB 38 -9.03 -96.74 -11.85
CA ARG DB 38 -10.47 -96.52 -11.69
C ARG DB 38 -11.24 -97.57 -12.50
N GLU DB 39 -10.93 -98.85 -12.24
CA GLU DB 39 -11.54 -100.02 -12.90
C GLU DB 39 -11.10 -101.35 -12.26
N CYS DB 40 -10.87 -101.33 -10.95
CA CYS DB 40 -10.08 -102.36 -10.26
C CYS DB 40 -10.75 -102.83 -8.99
N LEU DB 41 -10.21 -103.91 -8.43
CA LEU DB 41 -10.46 -104.27 -7.05
C LEU DB 41 -9.11 -104.60 -6.42
N PRO DB 42 -8.44 -103.56 -5.85
CA PRO DB 42 -7.19 -103.68 -5.11
C PRO DB 42 -7.22 -104.81 -4.12
N LEU DB 43 -6.38 -105.81 -4.34
CA LEU DB 43 -6.44 -107.10 -3.65
C LEU DB 43 -6.85 -107.00 -2.18
N ILE DB 44 -6.25 -106.04 -1.49
CA ILE DB 44 -6.60 -105.75 -0.09
C ILE DB 44 -8.11 -105.58 0.11
N ILE DB 45 -8.76 -104.77 -0.72
CA ILE DB 45 -10.18 -104.51 -0.56
C ILE DB 45 -10.91 -105.82 -0.81
N PHE DB 46 -10.60 -106.50 -1.92
CA PHE DB 46 -11.24 -107.78 -2.24
C PHE DB 46 -11.23 -108.77 -1.07
N LEU DB 47 -10.16 -108.73 -0.27
CA LEU DB 47 -10.07 -109.53 0.95
C LEU DB 47 -10.80 -108.79 2.07
N ARG DB 48 -10.10 -107.94 2.81
CA ARG DB 48 -10.56 -107.52 4.13
C ARG DB 48 -11.80 -106.60 4.16
N ASN DB 49 -12.27 -106.19 3.00
CA ASN DB 49 -13.58 -105.54 2.91
C ASN DB 49 -14.67 -106.44 2.38
N LYS DB 50 -14.35 -107.34 1.45
CA LYS DB 50 -15.39 -108.13 0.77
C LYS DB 50 -15.44 -109.64 1.02
N LEU DB 51 -14.36 -110.21 1.56
CA LEU DB 51 -14.37 -111.58 2.09
C LEU DB 51 -14.26 -111.64 3.62
N LYS DB 52 -14.02 -110.49 4.26
CA LYS DB 52 -13.76 -110.40 5.71
C LYS DB 52 -12.68 -111.39 6.16
N TYR DB 53 -11.73 -111.63 5.27
CA TYR DB 53 -10.76 -112.71 5.42
C TYR DB 53 -9.59 -112.22 6.26
N ALA DB 54 -9.30 -110.92 6.13
CA ALA DB 54 -8.44 -110.21 7.06
C ALA DB 54 -9.28 -109.17 7.81
N LEU DB 55 -8.70 -108.65 8.88
CA LEU DB 55 -9.30 -107.56 9.67
C LEU DB 55 -8.76 -106.20 9.27
N THR DB 56 -7.43 -106.11 9.18
CA THR DB 56 -6.71 -104.85 9.05
C THR DB 56 -6.05 -104.73 7.67
N GLY DB 57 -5.16 -103.75 7.52
CA GLY DB 57 -4.18 -103.73 6.45
C GLY DB 57 -3.11 -104.78 6.69
N ASP DB 58 -2.66 -104.87 7.94
CA ASP DB 58 -1.60 -105.83 8.35
C ASP DB 58 -1.99 -107.29 8.11
N GLU DB 59 -3.26 -107.63 8.32
CA GLU DB 59 -3.70 -109.01 8.22
C GLU DB 59 -3.77 -109.45 6.76
N VAL DB 60 -4.13 -108.54 5.87
CA VAL DB 60 -4.11 -108.83 4.44
C VAL DB 60 -2.68 -109.09 4.01
N LYS DB 61 -1.77 -108.22 4.44
CA LYS DB 61 -0.34 -108.40 4.19
C LYS DB 61 0.08 -109.83 4.49
N LYS DB 62 -0.23 -110.29 5.71
CA LYS DB 62 0.14 -111.62 6.17
C LYS DB 62 -0.51 -112.75 5.40
N ILE DB 63 -1.74 -112.53 4.93
CA ILE DB 63 -2.41 -113.49 4.04
C ILE DB 63 -1.70 -113.52 2.70
N CYS DB 64 -1.49 -112.34 2.12
CA CYS DB 64 -0.82 -112.22 0.83
C CYS DB 64 0.56 -112.86 0.84
N MET DB 65 1.31 -112.64 1.94
CA MET DB 65 2.74 -112.94 1.94
C MET DB 65 3.12 -114.32 2.50
N GLN DB 66 2.15 -115.21 2.58
CA GLN DB 66 2.41 -116.65 2.63
C GLN DB 66 2.31 -117.26 1.22
N ARG DB 67 2.21 -116.40 0.20
CA ARG DB 67 2.02 -116.80 -1.19
C ARG DB 67 0.75 -117.66 -1.35
N PHE DB 68 -0.33 -117.20 -0.73
CA PHE DB 68 -1.61 -117.90 -0.72
C PHE DB 68 -2.45 -117.49 -1.93
N ILE DB 69 -2.50 -116.18 -2.20
CA ILE DB 69 -3.32 -115.62 -3.26
C ILE DB 69 -2.59 -115.75 -4.61
N LYS DB 70 -3.38 -116.02 -5.65
CA LYS DB 70 -2.86 -116.37 -6.97
C LYS DB 70 -3.74 -115.69 -8.02
N ILE DB 71 -3.31 -114.51 -8.49
CA ILE DB 71 -4.13 -113.65 -9.35
C ILE DB 71 -3.85 -114.03 -10.79
N ASP DB 72 -4.91 -114.27 -11.56
CA ASP DB 72 -4.83 -115.00 -12.85
C ASP DB 72 -3.59 -115.89 -12.96
N GLY DB 73 -3.55 -116.89 -12.07
CA GLY DB 73 -2.56 -117.95 -12.09
C GLY DB 73 -1.11 -117.52 -12.12
N LYS DB 74 -0.61 -117.03 -10.98
CA LYS DB 74 0.81 -116.73 -10.83
C LYS DB 74 1.26 -116.69 -9.37
N VAL DB 75 0.73 -115.72 -8.62
CA VAL DB 75 1.07 -115.37 -7.22
C VAL DB 75 1.48 -113.90 -7.25
N ARG DB 76 0.97 -113.13 -6.29
CA ARG DB 76 1.33 -111.71 -6.17
C ARG DB 76 1.31 -111.25 -4.71
N ALA DB 77 2.43 -110.71 -4.25
CA ALA DB 77 2.61 -110.30 -2.86
C ALA DB 77 2.29 -108.81 -2.64
N ASP DB 78 1.92 -108.11 -3.71
CA ASP DB 78 1.43 -106.74 -3.60
C ASP DB 78 0.00 -106.82 -3.11
N ILE DB 79 -0.32 -106.08 -2.04
CA ILE DB 79 -1.69 -106.00 -1.57
C ILE DB 79 -2.53 -105.10 -2.48
N THR DB 80 -1.87 -104.16 -3.15
CA THR DB 80 -2.56 -103.23 -4.04
C THR DB 80 -2.50 -103.66 -5.51
N TYR DB 81 -2.30 -104.95 -5.78
CA TYR DB 81 -2.31 -105.42 -7.16
C TYR DB 81 -3.72 -105.31 -7.73
N PRO DB 82 -3.89 -104.53 -8.81
CA PRO DB 82 -5.23 -104.37 -9.36
C PRO DB 82 -5.73 -105.61 -10.08
N ALA DB 83 -6.54 -106.39 -9.36
CA ALA DB 83 -7.39 -107.38 -10.00
C ALA DB 83 -8.57 -106.62 -10.59
N GLY DB 84 -9.22 -107.26 -11.55
CA GLY DB 84 -10.36 -106.65 -12.20
C GLY DB 84 -11.11 -107.63 -13.06
N PHE DB 85 -11.65 -107.13 -14.17
CA PHE DB 85 -12.71 -107.83 -14.86
C PHE DB 85 -12.22 -109.08 -15.59
N MET DB 86 -13.01 -110.14 -15.50
CA MET DB 86 -12.68 -111.46 -16.05
C MET DB 86 -11.35 -112.05 -15.60
N ASP DB 87 -10.87 -111.66 -14.42
CA ASP DB 87 -9.66 -112.24 -13.83
C ASP DB 87 -10.07 -113.46 -13.01
N VAL DB 88 -9.32 -113.82 -11.97
CA VAL DB 88 -9.64 -115.01 -11.17
C VAL DB 88 -9.48 -114.78 -9.66
N ILE DB 89 -8.23 -114.67 -9.21
CA ILE DB 89 -7.88 -114.81 -7.80
C ILE DB 89 -8.23 -116.22 -7.33
N SER DB 90 -7.26 -117.13 -7.46
CA SER DB 90 -7.33 -118.46 -6.87
C SER DB 90 -6.60 -118.39 -5.54
N ILE DB 91 -7.24 -118.89 -4.49
CA ILE DB 91 -6.78 -118.69 -3.11
C ILE DB 91 -6.30 -119.99 -2.44
N ASP DB 92 -6.65 -121.14 -3.02
CA ASP DB 92 -5.90 -122.39 -2.85
C ASP DB 92 -6.10 -123.11 -1.51
N LYS DB 93 -5.62 -122.53 -0.42
CA LYS DB 93 -5.76 -123.14 0.91
C LYS DB 93 -7.19 -122.92 1.43
N THR DB 94 -8.12 -123.63 0.80
CA THR DB 94 -9.59 -123.47 0.89
C THR DB 94 -10.21 -123.97 -0.41
N GLY DB 95 -9.60 -123.58 -1.53
CA GLY DB 95 -10.04 -124.01 -2.85
C GLY DB 95 -11.25 -123.21 -3.29
N GLU DB 96 -11.22 -121.91 -3.01
CA GLU DB 96 -12.35 -121.03 -3.25
C GLU DB 96 -12.44 -120.68 -4.73
N ASN DB 97 -11.53 -119.82 -5.19
CA ASN DB 97 -11.49 -119.32 -6.57
C ASN DB 97 -12.72 -118.49 -6.95
N PHE DB 98 -12.45 -117.25 -7.34
CA PHE DB 98 -13.50 -116.27 -7.61
C PHE DB 98 -13.36 -115.89 -9.08
N ARG DB 99 -14.03 -114.83 -9.54
CA ARG DB 99 -13.75 -114.29 -10.88
C ARG DB 99 -13.62 -112.78 -11.05
N LEU DB 100 -14.36 -112.00 -10.26
CA LEU DB 100 -14.51 -110.56 -10.47
C LEU DB 100 -15.27 -110.29 -11.75
N ILE DB 101 -16.56 -110.56 -11.68
CA ILE DB 101 -17.49 -110.21 -12.75
C ILE DB 101 -18.54 -109.28 -12.18
N TYR DB 102 -18.85 -108.23 -12.94
CA TYR DB 102 -19.64 -107.11 -12.46
C TYR DB 102 -21.04 -107.51 -12.02
N ASP DB 103 -21.53 -106.80 -11.01
CA ASP DB 103 -22.92 -106.84 -10.55
C ASP DB 103 -23.76 -105.85 -11.36
N THR DB 104 -25.07 -106.04 -11.35
CA THR DB 104 -26.01 -105.13 -12.05
C THR DB 104 -26.08 -103.72 -11.43
N LYS DB 105 -25.59 -103.55 -10.21
CA LYS DB 105 -25.23 -102.21 -9.73
C LYS DB 105 -23.96 -101.80 -10.46
N GLY DB 106 -22.89 -102.56 -10.22
CA GLY DB 106 -21.58 -102.34 -10.86
C GLY DB 106 -20.47 -102.34 -9.84
N ARG DB 107 -20.28 -103.48 -9.17
CA ARG DB 107 -19.41 -103.54 -7.99
C ARG DB 107 -18.38 -104.68 -7.91
N PHE DB 108 -18.32 -105.54 -8.92
CA PHE DB 108 -17.61 -106.82 -8.85
C PHE DB 108 -18.20 -107.68 -7.74
N ALA DB 109 -19.15 -108.53 -8.10
CA ALA DB 109 -19.74 -109.49 -7.18
C ALA DB 109 -18.67 -110.53 -6.82
N VAL DB 110 -18.54 -110.82 -5.53
CA VAL DB 110 -17.68 -111.92 -5.07
C VAL DB 110 -18.32 -113.21 -5.58
N HIS DB 111 -17.81 -113.65 -6.73
CA HIS DB 111 -18.43 -114.70 -7.51
C HIS DB 111 -17.56 -115.94 -7.43
N ARG DB 112 -17.95 -116.88 -6.55
CA ARG DB 112 -17.26 -118.16 -6.44
C ARG DB 112 -17.41 -118.98 -7.71
N ILE DB 113 -16.33 -119.64 -8.10
CA ILE DB 113 -16.33 -120.54 -9.26
C ILE DB 113 -15.56 -121.82 -9.00
N THR DB 114 -15.81 -122.80 -9.87
CA THR DB 114 -15.21 -124.12 -9.79
C THR DB 114 -13.76 -124.13 -10.28
N PRO DB 115 -12.97 -125.13 -9.82
CA PRO DB 115 -11.54 -125.17 -10.20
C PRO DB 115 -11.30 -125.49 -11.67
N GLU DB 116 -12.17 -126.28 -12.28
CA GLU DB 116 -12.34 -126.24 -13.72
C GLU DB 116 -13.27 -125.08 -13.99
N GLU DB 117 -12.95 -124.28 -15.00
CA GLU DB 117 -13.50 -122.94 -15.27
C GLU DB 117 -12.45 -121.93 -14.83
N ALA DB 118 -11.96 -122.07 -13.59
CA ALA DB 118 -10.83 -121.28 -13.09
C ALA DB 118 -9.52 -121.47 -13.88
N LYS DB 119 -9.46 -122.47 -14.76
CA LYS DB 119 -8.40 -122.54 -15.76
C LYS DB 119 -8.50 -121.33 -16.69
N TYR DB 120 -9.47 -121.33 -17.60
CA TYR DB 120 -9.54 -120.27 -18.61
C TYR DB 120 -10.03 -118.93 -18.06
N LYS DB 121 -9.61 -117.86 -18.74
CA LYS DB 121 -10.22 -116.55 -18.61
C LYS DB 121 -10.75 -116.09 -19.95
N LEU DB 122 -11.35 -114.89 -19.95
CA LEU DB 122 -11.83 -114.27 -21.17
C LEU DB 122 -11.24 -112.86 -21.27
N CYS DB 123 -11.00 -112.42 -22.50
CA CYS DB 123 -10.37 -111.13 -22.78
C CYS DB 123 -10.93 -110.45 -24.01
N LYS DB 124 -11.05 -109.13 -23.96
CA LYS DB 124 -11.36 -108.33 -25.14
C LYS DB 124 -10.07 -108.03 -25.87
N VAL DB 125 -10.05 -108.14 -27.20
CA VAL DB 125 -8.90 -107.62 -27.94
C VAL DB 125 -8.99 -106.10 -28.06
N ARG DB 126 -7.90 -105.43 -27.68
CA ARG DB 126 -7.81 -103.99 -27.76
C ARG DB 126 -7.28 -103.60 -29.12
N LYS DB 127 -6.15 -104.19 -29.50
CA LYS DB 127 -5.57 -103.89 -30.80
C LYS DB 127 -4.69 -104.99 -31.38
N ILE DB 128 -4.91 -105.25 -32.66
CA ILE DB 128 -4.16 -106.20 -33.44
C ILE DB 128 -3.15 -105.34 -34.19
N PHE DB 129 -2.01 -105.95 -34.53
CA PHE DB 129 -0.75 -105.25 -34.56
C PHE DB 129 0.02 -105.36 -35.88
N VAL DB 130 0.57 -106.55 -36.14
CA VAL DB 130 1.78 -106.76 -36.95
C VAL DB 130 3.01 -106.03 -36.42
N GLY DB 131 3.89 -106.80 -35.77
CA GLY DB 131 5.20 -106.34 -35.34
C GLY DB 131 6.24 -106.79 -36.34
N THR DB 132 7.51 -106.82 -35.91
CA THR DB 132 8.64 -107.03 -36.81
C THR DB 132 8.65 -108.41 -37.47
N LYS DB 133 9.27 -108.46 -38.66
CA LYS DB 133 9.32 -109.67 -39.50
C LYS DB 133 7.92 -110.22 -39.84
N GLY DB 134 6.92 -109.35 -39.87
CA GLY DB 134 5.54 -109.73 -40.17
C GLY DB 134 4.74 -110.43 -39.07
N ILE DB 135 5.35 -110.70 -37.91
CA ILE DB 135 4.68 -111.45 -36.85
C ILE DB 135 3.59 -110.59 -36.23
N PRO DB 136 2.32 -111.01 -36.39
CA PRO DB 136 1.23 -110.24 -35.81
C PRO DB 136 1.08 -110.45 -34.30
N HIS DB 137 0.33 -109.56 -33.66
CA HIS DB 137 0.05 -109.63 -32.23
C HIS DB 137 -1.43 -109.38 -31.95
N LEU DB 138 -1.79 -109.59 -30.69
CA LEU DB 138 -2.99 -109.03 -30.12
C LEU DB 138 -2.49 -108.15 -29.01
N VAL DB 139 -3.42 -107.43 -28.41
CA VAL DB 139 -3.26 -107.00 -27.04
C VAL DB 139 -4.62 -107.21 -26.40
N THR DB 140 -4.65 -107.92 -25.29
CA THR DB 140 -5.87 -108.11 -24.54
C THR DB 140 -6.25 -106.82 -23.84
N HIS DB 141 -7.45 -106.82 -23.27
CA HIS DB 141 -7.91 -105.75 -22.39
C HIS DB 141 -7.08 -105.58 -21.12
N ASP DB 142 -6.45 -106.67 -20.68
CA ASP DB 142 -5.68 -106.67 -19.44
C ASP DB 142 -4.18 -106.83 -19.72
N ALA DB 143 -3.71 -106.19 -20.79
CA ALA DB 143 -2.29 -106.09 -21.10
C ALA DB 143 -1.57 -107.44 -21.24
N ARG DB 144 -2.14 -108.33 -22.05
CA ARG DB 144 -1.43 -109.50 -22.56
C ARG DB 144 -1.18 -109.35 -24.04
N THR DB 145 0.03 -108.92 -24.37
CA THR DB 145 0.50 -108.96 -25.73
C THR DB 145 0.63 -110.43 -26.09
N ILE DB 146 -0.39 -110.93 -26.78
CA ILE DB 146 -0.36 -112.26 -27.39
C ILE DB 146 0.33 -112.05 -28.72
N ARG DB 147 1.02 -113.09 -29.20
CA ARG DB 147 1.63 -113.05 -30.52
C ARG DB 147 1.19 -114.27 -31.31
N TYR DB 148 0.99 -114.10 -32.62
CA TYR DB 148 0.36 -115.09 -33.50
C TYR DB 148 -1.09 -115.43 -33.08
N PRO DB 149 -2.04 -114.55 -33.42
CA PRO DB 149 -3.46 -114.89 -33.33
C PRO DB 149 -4.03 -115.61 -34.56
N ASP DB 150 -5.21 -116.21 -34.40
CA ASP DB 150 -5.96 -116.82 -35.51
C ASP DB 150 -6.37 -115.68 -36.46
N PRO DB 151 -5.76 -115.60 -37.66
CA PRO DB 151 -5.93 -114.44 -38.56
C PRO DB 151 -7.39 -114.16 -38.97
N LEU DB 152 -8.12 -113.55 -38.03
CA LEU DB 152 -9.59 -113.44 -38.05
C LEU DB 152 -9.99 -112.53 -36.90
N ILE DB 153 -9.34 -112.71 -35.75
CA ILE DB 153 -9.63 -111.85 -34.64
C ILE DB 153 -9.28 -110.44 -35.07
N LYS DB 154 -10.20 -109.51 -34.81
CA LYS DB 154 -9.93 -108.09 -34.93
C LYS DB 154 -10.90 -107.31 -34.06
N MET DB 155 -10.58 -106.05 -33.81
CA MET DB 155 -10.65 -105.52 -32.46
C MET DB 155 -12.07 -105.54 -31.91
N ASN DB 156 -12.17 -105.91 -30.64
CA ASN DB 156 -13.45 -106.15 -29.94
C ASN DB 156 -13.92 -107.60 -29.86
N ASP DB 157 -13.32 -108.49 -30.64
CA ASP DB 157 -13.53 -109.92 -30.46
C ASP DB 157 -13.02 -110.29 -29.08
N THR DB 158 -13.67 -111.24 -28.43
CA THR DB 158 -13.17 -111.72 -27.16
C THR DB 158 -12.62 -113.10 -27.33
N ILE DB 159 -11.67 -113.41 -26.47
CA ILE DB 159 -10.89 -114.62 -26.58
C ILE DB 159 -11.02 -115.37 -25.27
N GLN DB 160 -10.85 -116.68 -25.35
CA GLN DB 160 -10.70 -117.53 -24.19
C GLN DB 160 -9.22 -117.92 -24.10
N ILE DB 161 -8.47 -117.19 -23.27
CA ILE DB 161 -7.05 -117.45 -23.03
C ILE DB 161 -6.93 -118.58 -22.01
N ASP DB 162 -5.90 -119.42 -22.14
CA ASP DB 162 -5.67 -120.54 -21.19
C ASP DB 162 -5.42 -120.12 -19.74
N LEU DB 163 -4.41 -119.28 -19.53
CA LEU DB 163 -3.83 -118.87 -18.23
C LEU DB 163 -2.41 -119.40 -18.06
N GLU DB 164 -2.28 -120.69 -17.74
CA GLU DB 164 -1.02 -121.24 -17.24
C GLU DB 164 0.01 -121.37 -18.33
N THR DB 165 -0.39 -121.99 -19.44
CA THR DB 165 0.39 -121.93 -20.67
C THR DB 165 0.40 -120.51 -21.24
N GLY DB 166 -0.75 -119.85 -21.16
CA GLY DB 166 -1.02 -118.62 -21.89
C GLY DB 166 -1.57 -119.05 -23.23
N LYS DB 167 -1.58 -118.13 -24.18
CA LYS DB 167 -2.01 -118.40 -25.58
C LYS DB 167 -3.52 -118.63 -25.72
N ILE DB 168 -4.01 -118.31 -26.91
CA ILE DB 168 -5.45 -118.32 -27.21
C ILE DB 168 -5.95 -119.73 -27.49
N THR DB 169 -7.14 -120.04 -26.95
CA THR DB 169 -7.84 -121.29 -27.25
C THR DB 169 -9.27 -120.93 -27.61
N ASP DB 170 -9.46 -120.61 -28.88
CA ASP DB 170 -10.76 -120.24 -29.47
C ASP DB 170 -11.44 -119.02 -28.86
N PHE DB 171 -12.39 -118.47 -29.61
CA PHE DB 171 -12.78 -117.07 -29.47
C PHE DB 171 -14.19 -116.76 -29.98
N ILE DB 172 -14.63 -115.55 -29.69
CA ILE DB 172 -15.93 -115.06 -30.11
C ILE DB 172 -15.74 -113.77 -30.88
N LYS DB 173 -16.53 -113.62 -31.94
CA LYS DB 173 -16.44 -112.45 -32.80
C LYS DB 173 -17.52 -111.47 -32.36
N PHE DB 174 -17.18 -110.18 -32.35
CA PHE DB 174 -18.16 -109.13 -32.06
C PHE DB 174 -19.12 -108.95 -33.23
N ASP DB 175 -20.33 -109.48 -33.06
CA ASP DB 175 -21.42 -109.33 -34.04
C ASP DB 175 -22.76 -109.32 -33.37
N THR DB 176 -23.80 -108.98 -34.11
CA THR DB 176 -25.17 -109.02 -33.61
C THR DB 176 -25.52 -110.47 -33.31
N GLY DB 177 -26.29 -110.68 -32.24
CA GLY DB 177 -26.56 -112.01 -31.75
C GLY DB 177 -25.34 -112.62 -31.09
N ASN DB 178 -24.76 -111.87 -30.14
CA ASN DB 178 -23.72 -112.36 -29.27
C ASN DB 178 -23.92 -111.73 -27.91
N LEU DB 179 -23.68 -112.51 -26.84
CA LEU DB 179 -23.89 -111.99 -25.49
C LEU DB 179 -22.88 -110.94 -25.15
N CYS DB 180 -23.38 -109.80 -24.70
CA CYS DB 180 -22.59 -108.61 -24.50
C CYS DB 180 -22.79 -108.18 -23.06
N MET DB 181 -21.70 -108.19 -22.29
CA MET DB 181 -21.67 -107.48 -21.02
C MET DB 181 -21.14 -106.09 -21.32
N VAL DB 182 -21.59 -105.12 -20.53
CA VAL DB 182 -21.00 -103.79 -20.54
C VAL DB 182 -20.20 -103.58 -19.28
N THR DB 183 -19.05 -102.92 -19.44
CA THR DB 183 -18.07 -102.73 -18.40
C THR DB 183 -17.81 -101.25 -18.18
N GLY DB 184 -18.85 -100.42 -18.23
CA GLY DB 184 -18.66 -99.00 -18.04
C GLY DB 184 -19.89 -98.13 -18.11
N GLY DB 185 -19.84 -97.04 -17.34
CA GLY DB 185 -20.87 -96.03 -17.34
C GLY DB 185 -22.17 -96.46 -16.69
N ALA DB 186 -23.27 -95.97 -17.23
CA ALA DB 186 -24.61 -96.24 -16.69
C ALA DB 186 -24.93 -97.71 -16.63
N ASN DB 187 -24.82 -98.39 -17.78
CA ASN DB 187 -25.26 -99.78 -17.90
C ASN DB 187 -24.18 -100.80 -17.56
N LEU DB 188 -23.48 -100.54 -16.46
CA LEU DB 188 -22.36 -101.36 -16.03
C LEU DB 188 -22.87 -102.66 -15.45
N GLY DB 189 -22.37 -103.78 -15.98
CA GLY DB 189 -22.75 -105.10 -15.49
C GLY DB 189 -24.10 -105.59 -15.95
N ARG DB 190 -24.71 -104.86 -16.90
CA ARG DB 190 -25.85 -105.39 -17.65
C ARG DB 190 -25.37 -106.33 -18.71
N ILE DB 191 -26.26 -107.25 -19.08
CA ILE DB 191 -25.99 -108.25 -20.11
C ILE DB 191 -27.24 -108.48 -20.92
N GLY DB 192 -27.07 -108.38 -22.23
CA GLY DB 192 -28.08 -108.78 -23.19
C GLY DB 192 -27.36 -109.15 -24.48
N VAL DB 193 -28.06 -109.79 -25.41
CA VAL DB 193 -27.49 -109.98 -26.75
C VAL DB 193 -27.51 -108.63 -27.45
N ILE DB 194 -26.76 -108.53 -28.54
CA ILE DB 194 -26.44 -107.22 -29.11
C ILE DB 194 -27.67 -106.55 -29.76
N THR DB 195 -28.09 -106.99 -30.95
CA THR DB 195 -29.14 -106.31 -31.72
C THR DB 195 -28.52 -105.50 -32.83
N ASN DB 196 -27.80 -104.44 -32.47
CA ASN DB 196 -27.47 -103.40 -33.43
C ASN DB 196 -26.27 -102.55 -33.00
N ARG DB 197 -25.40 -102.29 -33.97
CA ARG DB 197 -24.20 -101.47 -33.80
C ARG DB 197 -24.27 -100.35 -34.82
N GLU DB 198 -23.74 -99.18 -34.45
CA GLU DB 198 -23.84 -97.97 -35.28
C GLU DB 198 -22.50 -97.26 -35.36
N ARG DB 199 -21.88 -97.31 -36.54
CA ARG DB 199 -20.57 -96.70 -36.74
C ARG DB 199 -20.76 -95.22 -37.00
N HIS DB 200 -20.15 -94.40 -36.16
CA HIS DB 200 -20.08 -92.95 -36.35
C HIS DB 200 -18.62 -92.62 -36.61
N PRO DB 201 -18.29 -92.18 -37.84
CA PRO DB 201 -16.89 -92.01 -38.22
C PRO DB 201 -16.24 -90.77 -37.58
N GLY DB 202 -15.24 -90.99 -36.74
CA GLY DB 202 -14.58 -89.91 -36.01
C GLY DB 202 -15.06 -89.85 -34.57
N SER DB 203 -16.39 -89.82 -34.40
CA SER DB 203 -17.01 -90.06 -33.09
C SER DB 203 -16.81 -91.53 -32.72
N PHE DB 204 -17.39 -91.98 -31.61
CA PHE DB 204 -17.30 -93.41 -31.30
C PHE DB 204 -18.63 -94.15 -31.23
N ASP DB 205 -18.52 -95.45 -31.50
CA ASP DB 205 -19.59 -96.28 -32.03
C ASP DB 205 -20.59 -96.61 -30.95
N VAL DB 206 -21.84 -96.17 -31.14
CA VAL DB 206 -22.89 -96.50 -30.21
C VAL DB 206 -23.36 -97.93 -30.52
N VAL DB 207 -23.65 -98.68 -29.48
CA VAL DB 207 -24.04 -100.08 -29.59
C VAL DB 207 -25.26 -100.36 -28.73
N HIS DB 208 -26.29 -100.95 -29.33
CA HIS DB 208 -27.51 -101.33 -28.63
C HIS DB 208 -27.38 -102.78 -28.16
N VAL DB 209 -28.08 -103.11 -27.07
CA VAL DB 209 -28.01 -104.42 -26.42
C VAL DB 209 -29.36 -104.71 -25.78
N LYS DB 210 -30.02 -105.78 -26.19
CA LYS DB 210 -31.34 -106.12 -25.68
C LYS DB 210 -31.24 -107.18 -24.60
N ASP DB 211 -31.72 -106.86 -23.40
CA ASP DB 211 -31.74 -107.77 -22.27
C ASP DB 211 -32.72 -108.93 -22.53
N ALA DB 212 -32.44 -110.07 -21.89
CA ALA DB 212 -33.31 -111.25 -21.93
C ALA DB 212 -34.78 -110.92 -21.64
N ASN DB 213 -35.01 -110.10 -20.61
CA ASN DB 213 -36.35 -109.73 -20.16
C ASN DB 213 -36.92 -108.50 -20.89
N GLY DB 214 -36.79 -108.47 -22.21
CA GLY DB 214 -37.42 -107.45 -23.05
C GLY DB 214 -36.84 -106.04 -23.05
N ASN DB 215 -36.00 -105.74 -22.07
CA ASN DB 215 -35.53 -104.37 -21.85
C ASN DB 215 -34.36 -104.13 -22.77
N SER DB 216 -34.16 -102.86 -23.13
CA SER DB 216 -33.12 -102.48 -24.09
C SER DB 216 -32.29 -101.33 -23.58
N PHE DB 217 -31.13 -101.14 -24.18
CA PHE DB 217 -30.24 -100.02 -23.90
C PHE DB 217 -29.15 -99.86 -24.96
N ALA DB 218 -28.40 -98.77 -24.85
CA ALA DB 218 -27.26 -98.51 -25.73
C ALA DB 218 -26.00 -98.21 -24.90
N THR DB 219 -24.86 -98.05 -25.57
CA THR DB 219 -23.58 -97.75 -24.91
C THR DB 219 -22.56 -97.32 -25.97
N ARG DB 220 -21.31 -97.08 -25.58
CA ARG DB 220 -20.23 -96.78 -26.53
C ARG DB 220 -19.24 -97.95 -26.50
N LEU DB 221 -18.93 -98.47 -27.69
CA LEU DB 221 -18.26 -99.78 -27.89
C LEU DB 221 -17.26 -100.19 -26.81
N SER DB 222 -16.36 -99.27 -26.48
CA SER DB 222 -15.30 -99.49 -25.48
C SER DB 222 -15.69 -100.34 -24.27
N ASN DB 223 -16.76 -99.91 -23.59
CA ASN DB 223 -17.24 -100.61 -22.40
C ASN DB 223 -17.73 -102.01 -22.74
N ILE DB 224 -18.38 -102.14 -23.90
CA ILE DB 224 -18.90 -103.44 -24.35
C ILE DB 224 -17.81 -104.50 -24.43
N PHE DB 225 -18.23 -105.74 -24.24
CA PHE DB 225 -17.33 -106.88 -24.11
C PHE DB 225 -18.13 -108.16 -24.22
N VAL DB 226 -17.92 -108.93 -25.30
CA VAL DB 226 -18.78 -110.10 -25.52
C VAL DB 226 -18.35 -111.30 -24.68
N ILE DB 227 -19.29 -112.19 -24.44
CA ILE DB 227 -19.07 -113.35 -23.59
C ILE DB 227 -19.91 -114.51 -24.11
N GLY DB 228 -19.80 -114.75 -25.42
CA GLY DB 228 -20.35 -115.96 -26.03
C GLY DB 228 -21.31 -115.72 -27.17
N LYS DB 229 -21.82 -116.82 -27.70
CA LYS DB 229 -22.78 -116.81 -28.80
C LYS DB 229 -24.20 -117.01 -28.30
N GLY DB 230 -24.93 -115.90 -28.20
CA GLY DB 230 -26.40 -115.88 -28.18
C GLY DB 230 -27.08 -116.65 -27.07
N ASN DB 231 -27.56 -115.92 -26.06
CA ASN DB 231 -28.32 -116.48 -24.93
C ASN DB 231 -27.48 -117.36 -24.01
N LYS DB 232 -26.89 -118.42 -24.57
CA LYS DB 232 -25.85 -119.16 -23.89
C LYS DB 232 -24.56 -118.35 -23.96
N PRO DB 233 -23.92 -118.10 -22.79
CA PRO DB 233 -22.57 -117.54 -22.71
C PRO DB 233 -21.48 -118.57 -22.49
N TRP DB 234 -20.23 -118.12 -22.52
CA TRP DB 234 -19.05 -118.98 -22.35
C TRP DB 234 -18.43 -118.91 -20.95
N ILE DB 235 -19.18 -118.42 -19.96
CA ILE DB 235 -18.71 -118.38 -18.58
C ILE DB 235 -19.88 -118.49 -17.62
N SER DB 236 -19.55 -118.62 -16.33
CA SER DB 236 -20.53 -118.51 -15.25
C SER DB 236 -21.02 -117.07 -15.15
N LEU DB 237 -22.19 -116.89 -14.54
CA LEU DB 237 -22.73 -115.56 -14.31
C LEU DB 237 -23.30 -115.50 -12.90
N PRO DB 238 -23.14 -114.36 -12.21
CA PRO DB 238 -23.62 -114.25 -10.84
C PRO DB 238 -25.14 -114.25 -10.82
N ARG DB 239 -25.71 -114.74 -9.72
CA ARG DB 239 -27.16 -114.78 -9.57
C ARG DB 239 -27.70 -113.35 -9.69
N GLY DB 240 -28.77 -113.20 -10.47
CA GLY DB 240 -29.19 -111.90 -11.00
C GLY DB 240 -29.03 -111.88 -12.51
N LYS DB 241 -27.96 -112.50 -13.01
CA LYS DB 241 -27.72 -112.70 -14.45
C LYS DB 241 -27.47 -111.41 -15.24
N GLY DB 242 -27.17 -110.32 -14.53
CA GLY DB 242 -26.98 -108.99 -15.12
C GLY DB 242 -28.24 -108.48 -15.79
N ILE DB 243 -29.34 -108.41 -15.03
CA ILE DB 243 -30.69 -108.18 -15.61
C ILE DB 243 -31.42 -106.93 -15.15
N ARG DB 244 -31.01 -106.32 -14.04
CA ARG DB 244 -31.35 -104.91 -13.76
C ARG DB 244 -32.84 -104.70 -13.52
N LEU DB 245 -33.24 -105.05 -12.31
CA LEU DB 245 -34.59 -104.78 -11.85
C LEU DB 245 -34.76 -103.28 -11.75
N THR DB 246 -35.98 -102.80 -11.99
CA THR DB 246 -36.33 -101.44 -11.62
C THR DB 246 -36.25 -101.37 -10.10
N ILE DB 247 -36.08 -100.17 -9.57
CA ILE DB 247 -36.02 -99.99 -8.11
C ILE DB 247 -37.30 -100.49 -7.42
N ALA DB 248 -38.43 -100.34 -8.11
CA ALA DB 248 -39.73 -100.86 -7.66
C ALA DB 248 -39.75 -102.38 -7.63
N GLU DB 249 -39.28 -102.98 -8.72
CA GLU DB 249 -39.21 -104.44 -8.85
C GLU DB 249 -38.28 -105.04 -7.81
N GLU DB 250 -37.16 -104.37 -7.55
CA GLU DB 250 -36.22 -104.79 -6.51
C GLU DB 250 -36.86 -104.75 -5.13
N ARG DB 251 -37.56 -103.66 -4.82
CA ARG DB 251 -38.23 -103.50 -3.53
C ARG DB 251 -39.29 -104.59 -3.32
N ASP DB 252 -40.05 -104.89 -4.37
CA ASP DB 252 -41.02 -105.99 -4.36
C ASP DB 252 -40.35 -107.33 -4.09
N LYS DB 253 -39.28 -107.63 -4.83
CA LYS DB 253 -38.51 -108.88 -4.66
C LYS DB 253 -37.89 -108.99 -3.27
N ARG DB 254 -37.50 -107.85 -2.69
CA ARG DB 254 -37.04 -107.80 -1.31
C ARG DB 254 -38.20 -108.07 -0.35
N LEU DB 255 -39.35 -107.45 -0.62
CA LEU DB 255 -40.55 -107.63 0.20
C LEU DB 255 -41.06 -109.09 0.17
N ALA DB 256 -41.03 -109.72 -0.99
CA ALA DB 256 -41.50 -111.11 -1.17
C ALA DB 256 -40.59 -112.14 -0.49
N ALA DB 257 -39.28 -111.90 -0.53
CA ALA DB 257 -38.30 -112.72 0.18
C ALA DB 257 -38.53 -112.69 1.69
N LYS DB 258 -38.83 -111.50 2.21
CA LYS DB 258 -39.15 -111.32 3.63
C LYS DB 258 -40.53 -111.89 3.92
N GLN DB 259 -40.75 -112.29 5.18
CA GLN DB 259 -42.03 -112.80 5.70
C GLN DB 259 -42.34 -114.22 5.21
N SER DB 260 -42.50 -114.39 3.89
CA SER DB 260 -42.86 -115.68 3.29
C SER DB 260 -41.78 -116.75 3.45
N SER DB 261 -40.58 -116.47 2.91
CA SER DB 261 -39.46 -117.42 2.98
C SER DB 261 -38.82 -117.39 4.36
N GLY DB 262 -38.51 -118.58 4.90
CA GLY DB 262 -37.91 -118.69 6.23
C GLY DB 262 -37.81 -120.14 6.71
N THR EB 1 -108.09 35.64 20.09
CA THR EB 1 -107.65 34.27 20.50
C THR EB 1 -108.47 33.07 19.97
N PRO EB 2 -109.82 33.18 19.86
CA PRO EB 2 -110.55 31.99 19.37
C PRO EB 2 -110.47 31.77 17.85
N ASP EB 3 -110.54 32.83 17.07
CA ASP EB 3 -110.50 32.74 15.60
C ASP EB 3 -109.06 32.46 15.13
N ILE EB 4 -108.14 33.30 15.59
CA ILE EB 4 -106.70 33.18 15.29
C ILE EB 4 -105.86 32.91 16.55
N LYS EB 5 -104.79 32.13 16.38
CA LYS EB 5 -103.88 31.80 17.47
C LYS EB 5 -102.67 32.72 17.44
N LEU EB 6 -102.53 33.58 18.44
CA LEU EB 6 -101.33 34.40 18.59
C LEU EB 6 -100.23 33.58 19.26
N PHE EB 7 -99.00 34.07 19.10
CA PHE EB 7 -97.81 33.44 19.67
C PHE EB 7 -97.50 34.17 20.99
N GLY EB 8 -98.44 34.09 21.93
CA GLY EB 8 -98.43 34.99 23.08
C GLY EB 8 -98.88 36.38 22.65
N LYS EB 9 -97.96 37.12 22.03
CA LYS EB 9 -98.22 38.48 21.49
C LYS EB 9 -98.36 38.53 19.96
N TRP EB 10 -97.40 37.94 19.25
CA TRP EB 10 -97.22 38.18 17.81
C TRP EB 10 -98.14 37.33 16.94
N SER EB 11 -98.18 37.64 15.64
CA SER EB 11 -99.11 37.00 14.71
C SER EB 11 -98.49 35.86 13.91
N THR EB 12 -99.35 34.92 13.52
CA THR EB 12 -98.98 33.76 12.69
C THR EB 12 -98.97 34.17 11.23
N ASP EB 13 -100.09 34.76 10.78
CA ASP EB 13 -100.25 35.22 9.39
C ASP EB 13 -99.42 36.47 9.13
N ASP EB 14 -99.32 36.84 7.85
CA ASP EB 14 -98.44 37.92 7.36
C ASP EB 14 -96.98 37.57 7.68
N VAL EB 15 -96.63 36.31 7.41
CA VAL EB 15 -95.26 35.81 7.54
C VAL EB 15 -94.98 35.05 6.24
N GLN EB 16 -94.52 35.80 5.24
CA GLN EB 16 -94.36 35.31 3.87
C GLN EB 16 -92.97 34.69 3.68
N ILE EB 17 -92.92 33.38 3.40
CA ILE EB 17 -91.65 32.70 3.13
C ILE EB 17 -91.20 33.04 1.70
N ASN EB 18 -89.91 33.32 1.57
CA ASN EB 18 -89.30 33.69 0.30
C ASN EB 18 -88.96 32.44 -0.53
N ASP EB 19 -88.10 31.60 0.00
CA ASP EB 19 -87.55 30.46 -0.75
C ASP EB 19 -88.49 29.27 -0.73
N ILE EB 20 -89.26 29.13 -1.82
CA ILE EB 20 -90.00 27.91 -2.15
C ILE EB 20 -89.06 26.68 -2.14
N SER EB 21 -88.96 26.04 -0.98
CA SER EB 21 -88.03 24.94 -0.67
C SER EB 21 -87.80 24.93 0.82
N LEU EB 22 -87.41 26.09 1.36
CA LEU EB 22 -87.44 26.33 2.81
C LEU EB 22 -88.89 26.33 3.29
N GLN EB 23 -89.77 26.91 2.48
CA GLN EB 23 -91.23 26.70 2.62
C GLN EB 23 -91.54 25.21 2.63
N ASP EB 24 -92.58 24.83 3.37
CA ASP EB 24 -93.00 23.43 3.57
C ASP EB 24 -92.26 22.77 4.75
N TYR EB 25 -90.96 23.05 4.89
CA TYR EB 25 -90.21 22.60 6.07
C TYR EB 25 -89.99 23.66 7.13
N ILE EB 26 -90.22 24.93 6.79
CA ILE EB 26 -90.39 25.95 7.83
C ILE EB 26 -91.86 25.96 8.23
N ALA EB 27 -92.15 25.41 9.41
CA ALA EB 27 -93.45 25.52 10.03
C ALA EB 27 -93.47 26.73 10.97
N VAL EB 28 -93.54 27.92 10.38
CA VAL EB 28 -94.01 29.11 11.10
C VAL EB 28 -95.53 29.11 11.02
N LYS EB 29 -96.05 28.53 9.93
CA LYS EB 29 -97.44 28.13 9.85
C LYS EB 29 -97.58 27.07 8.74
N GLU EB 30 -98.44 26.07 8.98
CA GLU EB 30 -99.20 25.45 7.91
C GLU EB 30 -100.45 26.34 7.93
N LYS EB 31 -101.40 25.99 8.78
CA LYS EB 31 -102.07 26.97 9.64
C LYS EB 31 -101.55 26.76 11.07
N TYR EB 32 -101.00 25.57 11.34
CA TYR EB 32 -100.76 25.09 12.69
C TYR EB 32 -99.50 25.68 13.32
N ALA EB 33 -99.72 26.63 14.23
CA ALA EB 33 -98.67 27.26 15.02
C ALA EB 33 -99.28 27.70 16.34
N LYS EB 34 -98.63 27.32 17.44
CA LYS EB 34 -99.25 27.36 18.76
C LYS EB 34 -98.86 28.59 19.58
N TYR EB 35 -99.40 28.69 20.78
CA TYR EB 35 -99.14 29.79 21.71
C TYR EB 35 -97.67 29.83 22.16
N LEU EB 36 -97.13 28.66 22.48
CA LEU EB 36 -95.80 28.52 23.09
C LEU EB 36 -94.85 27.71 22.23
N PRO EB 37 -93.52 27.84 22.47
CA PRO EB 37 -92.55 26.93 21.91
C PRO EB 37 -92.23 25.81 22.92
N HIS EB 38 -93.28 25.25 23.50
CA HIS EB 38 -93.20 24.05 24.33
C HIS EB 38 -94.41 23.20 23.96
N SER EB 39 -94.24 21.89 24.00
CA SER EB 39 -95.25 20.92 23.54
C SER EB 39 -94.65 19.55 23.75
N ALA EB 40 -95.39 18.65 24.42
CA ALA EB 40 -94.92 17.26 24.62
C ALA EB 40 -94.20 16.77 23.37
N GLY EB 41 -94.85 16.95 22.23
CA GLY EB 41 -94.21 16.96 20.91
C GLY EB 41 -93.28 15.81 20.57
N ARG EB 42 -93.81 14.59 20.61
CA ARG EB 42 -93.04 13.40 20.26
C ARG EB 42 -92.87 13.30 18.74
N TYR EB 43 -91.97 14.15 18.23
CA TYR EB 43 -91.68 14.22 16.80
C TYR EB 43 -90.51 13.31 16.41
N ALA EB 44 -89.76 12.83 17.39
CA ALA EB 44 -88.57 12.00 17.14
C ALA EB 44 -88.88 10.58 16.63
N ALA EB 45 -90.12 10.13 16.79
CA ALA EB 45 -90.50 8.74 16.48
C ALA EB 45 -90.34 8.29 15.02
N LYS EB 46 -90.28 9.23 14.09
CA LYS EB 46 -90.24 8.91 12.66
C LYS EB 46 -89.41 9.96 11.91
N ARG EB 47 -89.18 9.72 10.62
CA ARG EB 47 -88.07 10.33 9.89
C ARG EB 47 -88.24 11.82 9.59
N PHE EB 48 -89.30 12.16 8.86
CA PHE EB 48 -89.61 13.55 8.50
C PHE EB 48 -90.63 14.20 9.42
N ARG EB 49 -91.25 13.40 10.28
CA ARG EB 49 -92.03 13.86 11.44
C ARG EB 49 -91.52 15.18 12.02
N LYS EB 50 -90.20 15.25 12.15
CA LYS EB 50 -89.44 16.45 12.53
C LYS EB 50 -89.92 17.77 11.92
N ALA EB 51 -90.17 17.77 10.61
CA ALA EB 51 -90.56 18.98 9.85
C ALA EB 51 -91.81 19.69 10.39
N GLN EB 52 -92.78 18.90 10.82
CA GLN EB 52 -94.07 19.39 11.29
C GLN EB 52 -93.98 20.13 12.63
N CYS EB 53 -92.91 19.90 13.37
CA CYS EB 53 -92.60 20.72 14.54
C CYS EB 53 -92.49 22.18 14.13
N PRO EB 54 -93.19 23.09 14.84
CA PRO EB 54 -93.09 24.51 14.48
C PRO EB 54 -91.69 25.07 14.72
N ILE EB 55 -91.15 25.84 13.78
CA ILE EB 55 -89.74 26.28 13.83
C ILE EB 55 -89.29 26.94 15.13
N VAL EB 56 -90.22 27.60 15.85
CA VAL EB 56 -89.84 28.28 17.08
C VAL EB 56 -89.60 27.28 18.20
N GLU EB 57 -90.42 26.22 18.24
CA GLU EB 57 -90.16 25.10 19.16
C GLU EB 57 -88.81 24.46 18.87
N ARG EB 58 -88.49 24.25 17.59
CA ARG EB 58 -87.17 23.75 17.19
C ARG EB 58 -86.04 24.66 17.64
N LEU EB 59 -86.22 25.97 17.44
CA LEU EB 59 -85.21 26.95 17.85
C LEU EB 59 -85.00 26.94 19.36
N THR EB 60 -86.06 26.84 20.13
CA THR EB 60 -85.90 26.68 21.57
C THR EB 60 -85.11 25.41 21.86
N ASN EB 61 -85.52 24.30 21.26
CA ASN EB 61 -84.85 23.02 21.49
C ASN EB 61 -83.37 23.02 21.14
N SER EB 62 -83.02 23.68 20.05
CA SER EB 62 -81.62 23.84 19.66
C SER EB 62 -80.83 24.79 20.58
N MET EB 63 -81.55 25.54 21.41
CA MET EB 63 -80.96 26.42 22.40
C MET EB 63 -80.65 25.74 23.72
N MET EB 64 -81.17 24.54 23.94
CA MET EB 64 -81.08 23.84 25.21
C MET EB 64 -79.78 23.03 25.26
N MET EB 65 -78.64 23.73 25.21
CA MET EB 65 -77.39 23.10 24.80
C MET EB 65 -76.11 23.55 25.52
N HIS EB 66 -75.11 22.67 25.41
CA HIS EB 66 -73.93 22.57 26.29
C HIS EB 66 -74.41 22.11 27.66
N GLY EB 67 -74.04 20.87 28.03
CA GLY EB 67 -74.55 20.13 29.19
C GLY EB 67 -75.30 20.85 30.29
N ARG EB 68 -74.71 21.94 30.79
CA ARG EB 68 -75.32 22.78 31.84
C ARG EB 68 -76.72 23.32 31.51
N ASN EB 69 -77.08 23.32 30.23
CA ASN EB 69 -78.40 23.70 29.77
C ASN EB 69 -79.17 22.52 29.15
N ASN EB 70 -78.78 21.27 29.44
CA ASN EB 70 -79.42 20.10 28.81
C ASN EB 70 -80.62 19.69 29.65
N GLY EB 71 -81.79 19.62 29.01
CA GLY EB 71 -83.06 19.47 29.72
C GLY EB 71 -83.74 20.77 30.11
N LYS EB 72 -82.99 21.87 30.13
CA LYS EB 72 -83.48 23.15 30.65
C LYS EB 72 -84.28 23.91 29.58
N LYS EB 73 -85.60 23.69 29.56
CA LYS EB 73 -86.43 24.16 28.46
C LYS EB 73 -87.15 25.46 28.75
N LEU EB 74 -87.82 25.54 29.89
CA LEU EB 74 -88.53 26.77 30.28
C LEU EB 74 -87.52 27.92 30.35
N MET EB 75 -86.32 27.57 30.82
CA MET EB 75 -85.10 28.40 30.75
C MET EB 75 -84.86 29.00 29.37
N THR EB 76 -85.12 28.17 28.36
CA THR EB 76 -84.89 28.50 26.97
C THR EB 76 -86.11 29.14 26.28
N VAL EB 77 -87.31 28.79 26.72
CA VAL EB 77 -88.53 29.45 26.26
C VAL EB 77 -88.40 30.94 26.54
N ARG EB 78 -88.04 31.26 27.78
CA ARG EB 78 -87.89 32.65 28.23
C ARG EB 78 -86.88 33.41 27.40
N ILE EB 79 -85.75 32.76 27.11
CA ILE EB 79 -84.71 33.33 26.25
C ILE EB 79 -85.26 33.72 24.87
N VAL EB 80 -86.05 32.84 24.28
CA VAL EB 80 -86.56 33.08 22.94
C VAL EB 80 -87.51 34.27 22.97
N LYS EB 81 -88.47 34.24 23.90
CA LYS EB 81 -89.48 35.31 23.97
C LYS EB 81 -88.86 36.69 24.21
N HIS EB 82 -87.80 36.72 25.01
CA HIS EB 82 -87.02 37.93 25.24
C HIS EB 82 -86.23 38.40 24.03
N ALA EB 83 -85.73 37.44 23.25
CA ALA EB 83 -85.10 37.77 21.98
C ALA EB 83 -86.11 38.33 20.98
N PHE EB 84 -87.27 37.69 20.89
CA PHE EB 84 -88.36 38.17 20.02
C PHE EB 84 -88.79 39.59 20.41
N GLU EB 85 -88.91 39.85 21.71
CA GLU EB 85 -89.14 41.22 22.20
C GLU EB 85 -88.05 42.16 21.71
N ILE EB 86 -86.80 41.76 21.93
CA ILE EB 86 -85.63 42.55 21.52
C ILE EB 86 -85.59 42.77 20.01
N ILE EB 87 -85.94 41.75 19.22
CA ILE EB 87 -86.04 41.91 17.77
C ILE EB 87 -87.17 42.87 17.40
N HIS EB 88 -88.28 42.81 18.14
CA HIS EB 88 -89.41 43.69 17.89
C HIS EB 88 -89.03 45.16 18.07
N LEU EB 89 -88.36 45.47 19.18
CA LEU EB 89 -87.94 46.84 19.45
C LEU EB 89 -86.84 47.30 18.49
N LEU EB 90 -85.87 46.43 18.23
CA LEU EB 90 -84.70 46.80 17.43
C LEU EB 90 -85.09 47.10 15.99
N THR EB 91 -85.61 46.09 15.29
CA THR EB 91 -85.99 46.22 13.90
C THR EB 91 -87.41 46.75 13.78
N GLY EB 92 -88.33 46.03 14.40
CA GLY EB 92 -89.75 46.09 14.03
C GLY EB 92 -90.05 44.87 13.19
N GLU EB 93 -91.29 44.80 12.72
CA GLU EB 93 -91.87 43.61 12.09
C GLU EB 93 -91.96 42.45 13.09
N ASN EB 94 -92.69 41.41 12.70
CA ASN EB 94 -92.82 40.21 13.51
C ASN EB 94 -91.43 39.61 13.70
N PRO EB 95 -91.03 39.30 14.94
CA PRO EB 95 -89.78 38.57 15.12
C PRO EB 95 -89.80 37.18 14.48
N LEU EB 96 -91.01 36.60 14.34
CA LEU EB 96 -91.18 35.29 13.68
C LEU EB 96 -90.68 35.32 12.25
N GLN EB 97 -91.08 36.36 11.51
CA GLN EB 97 -90.61 36.58 10.15
C GLN EB 97 -89.12 36.85 10.12
N VAL EB 98 -88.62 37.64 11.07
CA VAL EB 98 -87.17 37.90 11.21
C VAL EB 98 -86.41 36.59 11.47
N LEU EB 99 -87.01 35.69 12.22
CA LEU EB 99 -86.47 34.34 12.41
C LEU EB 99 -86.55 33.57 11.09
N VAL EB 100 -87.72 33.55 10.47
CA VAL EB 100 -87.92 32.86 9.21
C VAL EB 100 -86.92 33.35 8.16
N ASN EB 101 -86.78 34.67 8.03
CA ASN EB 101 -85.81 35.24 7.09
C ASN EB 101 -84.36 34.95 7.48
N ALA EB 102 -84.07 34.91 8.78
CA ALA EB 102 -82.76 34.51 9.29
C ALA EB 102 -82.43 33.08 8.91
N ILE EB 103 -83.34 32.18 9.25
CA ILE EB 103 -83.28 30.77 8.86
C ILE EB 103 -82.92 30.69 7.38
N ILE EB 104 -83.72 31.38 6.57
CA ILE EB 104 -83.62 31.36 5.11
C ILE EB 104 -82.24 31.77 4.58
N ASN EB 105 -81.63 32.79 5.16
CA ASN EB 105 -80.25 33.19 4.80
C ASN EB 105 -79.29 32.79 5.92
N SER EB 106 -79.05 31.49 6.00
CA SER EB 106 -78.20 30.88 7.03
C SER EB 106 -77.84 29.43 6.72
N GLY EB 107 -78.82 28.64 6.28
CA GLY EB 107 -78.56 27.28 5.83
C GLY EB 107 -77.79 27.27 4.52
N PRO EB 108 -76.77 26.38 4.38
CA PRO EB 108 -76.10 26.24 3.08
C PRO EB 108 -77.04 25.75 1.96
N ARG EB 109 -76.65 25.96 0.71
CA ARG EB 109 -77.40 25.45 -0.46
C ARG EB 109 -76.70 24.25 -1.06
N GLU EB 110 -75.38 24.22 -0.96
CA GLU EB 110 -74.60 23.02 -1.21
C GLU EB 110 -73.47 22.93 -0.21
N ASP EB 111 -73.09 21.69 0.10
CA ASP EB 111 -71.98 21.42 1.01
C ASP EB 111 -71.00 20.51 0.28
N SER EB 112 -70.19 19.76 1.04
CA SER EB 112 -69.10 18.98 0.48
C SER EB 112 -68.94 17.68 1.28
N THR EB 113 -69.43 16.58 0.70
CA THR EB 113 -69.42 15.29 1.38
C THR EB 113 -68.00 14.80 1.45
N ARG EB 114 -67.66 14.17 2.56
CA ARG EB 114 -66.38 13.50 2.66
C ARG EB 114 -66.52 12.11 2.07
N ILE EB 115 -66.21 12.02 0.79
CA ILE EB 115 -66.00 10.75 0.12
C ILE EB 115 -64.57 10.29 0.45
N GLY EB 116 -64.33 8.99 0.38
CA GLY EB 116 -63.02 8.41 0.72
C GLY EB 116 -61.87 8.97 -0.10
N ARG EB 117 -61.95 8.79 -1.42
CA ARG EB 117 -60.97 9.32 -2.38
C ARG EB 117 -59.58 8.70 -2.12
N ALA EB 118 -59.45 7.43 -2.51
CA ALA EB 118 -58.22 6.62 -2.32
C ALA EB 118 -57.90 6.31 -0.85
N GLY EB 119 -57.49 7.31 -0.08
CA GLY EB 119 -57.13 7.13 1.32
C GLY EB 119 -57.00 8.47 2.05
N THR EB 120 -56.12 9.30 1.53
CA THR EB 120 -55.98 10.69 1.94
C THR EB 120 -57.23 11.46 1.50
N VAL EB 121 -57.77 12.30 2.38
CA VAL EB 121 -59.16 12.76 2.26
C VAL EB 121 -59.35 14.00 1.36
N ARG EB 122 -60.05 13.80 0.24
CA ARG EB 122 -60.47 14.88 -0.67
C ARG EB 122 -61.94 14.72 -1.01
N ARG EB 123 -62.71 15.80 -0.83
CA ARG EB 123 -64.16 15.72 -0.92
C ARG EB 123 -64.71 15.78 -2.33
N GLN EB 124 -66.02 15.57 -2.39
CA GLN EB 124 -66.86 15.96 -3.50
C GLN EB 124 -67.87 16.96 -2.96
N ALA EB 125 -68.25 17.93 -3.79
CA ALA EB 125 -69.35 18.85 -3.47
C ALA EB 125 -70.68 18.15 -3.76
N VAL EB 126 -71.59 18.19 -2.79
CA VAL EB 126 -72.95 17.69 -2.97
C VAL EB 126 -73.95 18.70 -2.41
N ASP EB 127 -75.19 18.55 -2.81
CA ASP EB 127 -76.14 19.64 -2.79
C ASP EB 127 -77.25 19.35 -1.78
N VAL EB 128 -77.41 20.25 -0.82
CA VAL EB 128 -78.06 19.90 0.46
C VAL EB 128 -79.58 19.77 0.40
N SER EB 129 -80.08 19.06 1.41
CA SER EB 129 -81.48 18.72 1.53
C SER EB 129 -82.19 19.85 2.24
N PRO EB 130 -83.41 20.19 1.79
CA PRO EB 130 -84.13 21.31 2.40
C PRO EB 130 -84.36 21.18 3.92
N LEU EB 131 -84.63 19.97 4.41
CA LEU EB 131 -84.76 19.75 5.84
C LEU EB 131 -83.43 19.96 6.52
N ARG EB 132 -82.38 19.31 6.01
CA ARG EB 132 -81.01 19.53 6.44
C ARG EB 132 -80.61 21.00 6.39
N ARG EB 133 -81.01 21.70 5.33
CA ARG EB 133 -80.71 23.12 5.16
C ARG EB 133 -81.32 23.95 6.28
N VAL EB 134 -82.56 23.65 6.62
CA VAL EB 134 -83.24 24.33 7.72
C VAL EB 134 -82.56 24.00 9.05
N ASN EB 135 -82.29 22.71 9.25
CA ASN EB 135 -81.66 22.22 10.48
C ASN EB 135 -80.34 22.90 10.78
N GLN EB 136 -79.40 22.82 9.85
CA GLN EB 136 -78.11 23.50 9.96
C GLN EB 136 -78.28 24.99 10.21
N ALA EB 137 -79.25 25.60 9.51
CA ALA EB 137 -79.57 27.01 9.71
C ALA EB 137 -79.95 27.28 11.16
N ILE EB 138 -80.82 26.43 11.71
CA ILE EB 138 -81.26 26.61 13.09
C ILE EB 138 -80.09 26.46 14.06
N TRP EB 139 -79.33 25.38 13.96
CA TRP EB 139 -78.29 25.13 14.94
C TRP EB 139 -77.13 26.11 14.77
N LEU EB 140 -76.60 26.28 13.55
CA LEU EB 140 -75.58 27.32 13.29
C LEU EB 140 -75.83 28.58 14.10
N LEU EB 141 -77.03 29.14 13.94
CA LEU EB 141 -77.34 30.47 14.44
C LEU EB 141 -77.67 30.51 15.91
N CYS EB 142 -78.23 29.42 16.44
CA CYS EB 142 -78.38 29.30 17.87
C CYS EB 142 -77.01 29.20 18.52
N THR EB 143 -76.15 28.38 17.93
CA THR EB 143 -74.76 28.23 18.36
C THR EB 143 -73.98 29.53 18.26
N GLY EB 144 -74.14 30.23 17.14
CA GLY EB 144 -73.55 31.56 16.98
C GLY EB 144 -73.79 32.46 18.17
N ALA EB 145 -75.04 32.51 18.61
CA ALA EB 145 -75.50 33.37 19.70
C ALA EB 145 -74.90 32.99 21.06
N ARG EB 146 -74.94 31.70 21.37
CA ARG EB 146 -74.37 31.14 22.59
C ARG EB 146 -72.93 31.59 22.81
N GLU EB 147 -72.10 31.31 21.81
CA GLU EB 147 -70.67 31.63 21.90
C GLU EB 147 -70.37 33.14 21.94
N ALA EB 148 -71.27 33.96 21.40
CA ALA EB 148 -71.22 35.41 21.60
C ALA EB 148 -71.47 35.78 23.05
N ALA EB 149 -72.45 35.11 23.66
CA ALA EB 149 -73.01 35.53 24.92
C ALA EB 149 -72.34 34.98 26.20
N PHE EB 150 -71.16 34.35 26.09
CA PHE EB 150 -70.41 33.90 27.27
C PHE EB 150 -69.85 35.07 28.09
N ARG EB 151 -68.57 35.39 27.91
CA ARG EB 151 -67.87 36.28 28.82
C ARG EB 151 -67.84 37.69 28.28
N ASN EB 152 -69.03 38.22 28.04
CA ASN EB 152 -69.24 39.65 28.12
C ASN EB 152 -70.59 39.88 28.76
N ILE EB 153 -70.79 41.07 29.32
CA ILE EB 153 -72.07 41.44 29.88
C ILE EB 153 -72.99 41.63 28.68
N LYS EB 154 -73.63 40.55 28.29
CA LYS EB 154 -74.64 40.58 27.26
C LYS EB 154 -75.49 39.33 27.46
N THR EB 155 -76.80 39.53 27.50
CA THR EB 155 -77.73 38.44 27.76
C THR EB 155 -77.79 37.53 26.54
N ILE EB 156 -78.24 36.30 26.76
CA ILE EB 156 -78.36 35.34 25.66
C ILE EB 156 -79.38 35.90 24.70
N ALA EB 157 -80.54 36.26 25.26
CA ALA EB 157 -81.63 36.89 24.51
C ALA EB 157 -81.15 38.01 23.61
N GLU EB 158 -80.37 38.91 24.19
CA GLU EB 158 -79.81 40.06 23.47
C GLU EB 158 -78.90 39.62 22.33
N CYS EB 159 -78.00 38.68 22.63
CA CYS EB 159 -77.11 38.09 21.61
C CYS EB 159 -77.89 37.32 20.54
N LEU EB 160 -78.93 36.61 20.96
CA LEU EB 160 -79.73 35.77 20.08
C LEU EB 160 -80.51 36.63 19.09
N ALA EB 161 -81.05 37.74 19.58
CA ALA EB 161 -81.68 38.73 18.73
C ALA EB 161 -80.70 39.25 17.67
N ASP EB 162 -79.56 39.76 18.16
CA ASP EB 162 -78.56 40.41 17.30
C ASP EB 162 -78.01 39.49 16.21
N GLU EB 163 -77.90 38.20 16.50
CA GLU EB 163 -77.55 37.21 15.47
C GLU EB 163 -78.71 37.04 14.48
N LEU EB 164 -79.92 36.90 14.99
CA LEU EB 164 -81.11 36.73 14.15
C LEU EB 164 -81.34 37.93 13.23
N ILE EB 165 -81.01 39.12 13.72
CA ILE EB 165 -81.08 40.34 12.91
C ILE EB 165 -79.92 40.41 11.92
N ASN EB 166 -78.71 40.11 12.39
CA ASN EB 166 -77.55 40.02 11.50
C ASN EB 166 -77.55 38.78 10.61
N ALA EB 167 -78.56 37.92 10.76
CA ALA EB 167 -78.78 36.81 9.84
C ALA EB 167 -79.82 37.17 8.78
N ALA EB 168 -80.96 37.70 9.22
CA ALA EB 168 -82.05 38.11 8.31
C ALA EB 168 -81.53 39.12 7.29
N LYS EB 169 -80.77 40.09 7.79
CA LYS EB 169 -79.88 40.89 6.96
C LYS EB 169 -78.67 40.00 6.68
N GLY EB 170 -78.32 39.83 5.40
CA GLY EB 170 -77.14 39.04 5.03
C GLY EB 170 -75.86 39.77 5.40
N SER EB 171 -75.59 39.82 6.70
CA SER EB 171 -74.65 40.78 7.27
C SER EB 171 -73.20 40.37 7.12
N SER EB 172 -72.93 39.08 6.97
CA SER EB 172 -71.57 38.52 7.05
C SER EB 172 -70.93 39.05 8.34
N ASN EB 173 -71.65 38.77 9.43
CA ASN EB 173 -71.45 39.42 10.73
C ASN EB 173 -71.95 38.48 11.82
N SER EB 174 -73.16 37.96 11.61
CA SER EB 174 -73.60 36.72 12.26
C SER EB 174 -72.56 35.62 12.06
N TYR EB 175 -72.30 34.88 13.14
CA TYR EB 175 -71.56 33.62 13.03
C TYR EB 175 -72.19 32.74 11.96
N ALA EB 176 -73.51 32.54 12.08
CA ALA EB 176 -74.24 31.59 11.22
C ALA EB 176 -74.10 31.87 9.74
N ILE EB 177 -74.39 33.10 9.35
CA ILE EB 177 -74.33 33.52 7.95
C ILE EB 177 -72.90 33.48 7.40
N LYS EB 178 -71.92 33.80 8.24
CA LYS EB 178 -70.51 33.77 7.85
C LYS EB 178 -69.96 32.35 7.70
N LYS EB 179 -70.21 31.52 8.72
CA LYS EB 179 -69.86 30.10 8.68
C LYS EB 179 -70.47 29.40 7.46
N LYS EB 180 -71.71 29.75 7.13
CA LYS EB 180 -72.39 29.27 5.92
C LYS EB 180 -71.69 29.69 4.64
N ASP EB 181 -71.31 30.97 4.54
CA ASP EB 181 -70.65 31.47 3.33
C ASP EB 181 -69.31 30.77 3.12
N GLU EB 182 -68.60 30.50 4.23
CA GLU EB 182 -67.33 29.78 4.18
C GLU EB 182 -67.54 28.32 3.79
N LEU EB 183 -68.62 27.72 4.29
CA LEU EB 183 -68.99 26.34 3.95
C LEU EB 183 -69.26 26.17 2.45
N GLU EB 184 -69.97 27.14 1.89
CA GLU EB 184 -70.36 27.12 0.48
C GLU EB 184 -69.15 27.38 -0.43
N ARG EB 185 -68.24 28.22 0.03
CA ARG EB 185 -66.97 28.45 -0.65
C ARG EB 185 -66.08 27.22 -0.72
N VAL EB 186 -66.00 26.49 0.39
CA VAL EB 186 -65.25 25.23 0.46
C VAL EB 186 -65.80 24.21 -0.55
N ALA EB 187 -67.13 24.11 -0.63
CA ALA EB 187 -67.79 23.26 -1.61
C ALA EB 187 -67.51 23.70 -3.04
N LYS EB 188 -67.51 25.01 -3.30
CA LYS EB 188 -67.15 25.54 -4.62
C LYS EB 188 -65.74 25.13 -5.02
N SER EB 189 -64.83 25.11 -4.06
CA SER EB 189 -63.45 24.70 -4.32
C SER EB 189 -63.31 23.22 -4.72
N ASN EB 190 -64.37 22.42 -4.54
CA ASN EB 190 -64.42 21.04 -5.05
C ASN EB 190 -65.74 20.71 -5.77
N ARG EB 191 -66.33 21.72 -6.44
CA ARG EB 191 -67.55 21.52 -7.25
C ARG EB 191 -67.19 21.01 -8.63
N MET FB 1 55.84 -74.40 10.63
CA MET FB 1 54.96 -75.43 9.98
C MET FB 1 54.99 -76.74 10.76
N LYS FB 2 53.97 -77.57 10.52
CA LYS FB 2 53.71 -78.76 11.33
C LYS FB 2 53.56 -79.95 10.39
N LEU FB 3 54.68 -80.52 9.97
CA LEU FB 3 54.71 -81.35 8.75
C LEU FB 3 54.28 -82.80 8.96
N ASN FB 4 53.33 -83.25 8.14
CA ASN FB 4 52.92 -84.65 8.10
C ASN FB 4 53.79 -85.38 7.06
N ILE FB 5 54.95 -85.85 7.49
CA ILE FB 5 55.85 -86.60 6.62
C ILE FB 5 55.45 -88.08 6.69
N SER FB 6 55.00 -88.62 5.56
CA SER FB 6 54.63 -90.02 5.47
C SER FB 6 55.66 -90.82 4.70
N PHE FB 7 56.16 -91.90 5.30
CA PHE FB 7 56.88 -92.91 4.52
C PHE FB 7 55.86 -93.98 4.10
N PRO FB 8 55.58 -94.06 2.79
CA PRO FB 8 54.55 -94.95 2.28
C PRO FB 8 54.95 -96.42 2.21
N ALA FB 9 56.15 -96.71 1.70
CA ALA FB 9 56.60 -98.10 1.47
C ALA FB 9 57.02 -98.85 2.75
N THR FB 10 56.69 -98.31 3.92
CA THR FB 10 56.62 -99.06 5.16
C THR FB 10 55.15 -99.13 5.58
N GLY FB 11 54.60 -97.95 5.90
CA GLY FB 11 53.25 -97.81 6.42
C GLY FB 11 53.24 -97.01 7.71
N CYS FB 12 53.82 -95.81 7.67
CA CYS FB 12 53.90 -94.93 8.83
C CYS FB 12 54.22 -93.49 8.42
N GLN FB 13 54.01 -92.57 9.36
CA GLN FB 13 54.17 -91.14 9.09
C GLN FB 13 54.40 -90.37 10.38
N LYS FB 14 55.08 -89.22 10.30
CA LYS FB 14 55.33 -88.37 11.47
C LYS FB 14 54.89 -86.92 11.27
N LEU FB 15 54.77 -86.23 12.40
CA LEU FB 15 54.37 -84.83 12.49
C LEU FB 15 55.58 -83.98 12.96
N ILE FB 16 56.40 -83.55 12.01
CA ILE FB 16 57.67 -82.87 12.30
C ILE FB 16 57.41 -81.37 12.49
N GLU FB 17 57.90 -80.82 13.60
CA GLU FB 17 57.80 -79.39 13.88
C GLU FB 17 58.97 -78.68 13.22
N VAL FB 18 58.67 -77.75 12.30
CA VAL FB 18 59.72 -77.03 11.56
C VAL FB 18 59.51 -75.51 11.66
N ASP FB 19 60.63 -74.80 11.74
CA ASP FB 19 60.67 -73.34 11.59
C ASP FB 19 61.99 -72.95 10.90
N ASP FB 20 62.33 -71.66 10.90
CA ASP FB 20 63.47 -71.12 10.14
C ASP FB 20 63.13 -71.11 8.64
N GLU FB 21 62.91 -69.91 8.10
CA GLU FB 21 62.57 -69.71 6.68
C GLU FB 21 63.46 -70.47 5.70
N ARG FB 22 64.77 -70.46 5.95
CA ARG FB 22 65.75 -71.10 5.05
C ARG FB 22 65.77 -72.63 5.13
N LYS FB 23 65.20 -73.17 6.21
CA LYS FB 23 64.96 -74.61 6.35
C LYS FB 23 63.87 -75.09 5.39
N LEU FB 24 62.83 -74.27 5.22
CA LEU FB 24 61.65 -74.60 4.39
C LEU FB 24 61.65 -73.98 2.99
N ARG FB 25 62.75 -73.33 2.59
CA ARG FB 25 62.78 -72.50 1.38
C ARG FB 25 62.74 -73.34 0.11
N THR FB 26 63.23 -74.58 0.20
CA THR FB 26 63.24 -75.52 -0.93
C THR FB 26 61.83 -75.99 -1.31
N PHE FB 27 60.98 -76.21 -0.31
CA PHE FB 27 59.56 -76.50 -0.52
C PHE FB 27 58.85 -75.32 -1.18
N TYR FB 28 59.07 -74.13 -0.63
CA TYR FB 28 58.31 -72.91 -0.99
C TYR FB 28 58.35 -72.57 -2.48
N GLU FB 29 57.32 -71.85 -2.92
CA GLU FB 29 57.05 -71.51 -4.33
C GLU FB 29 57.32 -72.64 -5.33
N LYS FB 30 56.86 -73.84 -4.97
CA LYS FB 30 56.84 -75.00 -5.87
C LYS FB 30 55.41 -75.52 -5.95
N ARG FB 31 55.18 -76.48 -6.85
CA ARG FB 31 53.85 -77.05 -7.05
C ARG FB 31 53.59 -78.18 -6.05
N MET FB 32 52.36 -78.70 -6.10
CA MET FB 32 52.02 -79.96 -5.46
C MET FB 32 52.53 -81.10 -6.37
N ALA FB 33 52.69 -82.29 -5.81
CA ALA FB 33 53.13 -83.49 -6.55
C ALA FB 33 54.57 -83.42 -7.11
N THR FB 34 55.38 -82.50 -6.58
CA THR FB 34 56.75 -82.27 -7.04
C THR FB 34 57.73 -82.81 -6.01
N GLU FB 35 58.77 -83.50 -6.48
CA GLU FB 35 59.69 -84.24 -5.61
C GLU FB 35 60.89 -83.41 -5.17
N VAL FB 36 60.72 -82.72 -4.05
CA VAL FB 36 61.77 -81.88 -3.47
C VAL FB 36 62.78 -82.81 -2.79
N ALA FB 37 64.06 -82.42 -2.84
CA ALA FB 37 65.10 -83.09 -2.08
C ALA FB 37 65.12 -82.53 -0.66
N ALA FB 38 64.90 -83.39 0.33
CA ALA FB 38 64.90 -82.99 1.74
C ALA FB 38 66.30 -82.89 2.38
N ASP FB 39 67.36 -82.89 1.58
CA ASP FB 39 68.73 -82.70 2.07
C ASP FB 39 68.92 -81.30 2.65
N ALA FB 40 68.40 -80.30 1.95
CA ALA FB 40 68.42 -78.91 2.43
C ALA FB 40 67.68 -78.72 3.77
N LEU FB 41 66.64 -79.53 3.99
CA LEU FB 41 65.90 -79.56 5.26
C LEU FB 41 66.84 -79.93 6.42
N GLY FB 42 67.52 -81.07 6.27
CA GLY FB 42 68.44 -81.56 7.30
C GLY FB 42 69.32 -82.70 6.85
N GLU FB 43 70.35 -82.98 7.65
CA GLU FB 43 71.32 -84.05 7.36
C GLU FB 43 70.90 -85.41 7.94
N GLU FB 44 69.84 -85.42 8.75
CA GLU FB 44 69.10 -86.65 9.04
C GLU FB 44 68.46 -87.19 7.76
N TRP FB 45 67.96 -86.27 6.94
CA TRP FB 45 67.34 -86.59 5.66
C TRP FB 45 68.40 -86.42 4.56
N LYS FB 46 69.48 -87.19 4.66
CA LYS FB 46 70.64 -87.03 3.78
C LYS FB 46 70.35 -87.65 2.41
N GLY FB 47 70.09 -86.79 1.43
CA GLY FB 47 69.73 -87.21 0.08
C GLY FB 47 68.36 -87.87 -0.04
N TYR FB 48 67.43 -87.52 0.87
CA TYR FB 48 66.05 -88.01 0.79
C TYR FB 48 65.31 -87.28 -0.33
N VAL FB 49 64.36 -87.99 -0.93
CA VAL FB 49 63.46 -87.44 -1.95
C VAL FB 49 62.07 -87.47 -1.35
N VAL FB 50 61.42 -86.32 -1.34
CA VAL FB 50 60.10 -86.18 -0.76
C VAL FB 50 59.20 -85.40 -1.74
N ARG FB 51 58.13 -86.06 -2.21
CA ARG FB 51 57.07 -85.39 -2.95
C ARG FB 51 56.29 -84.52 -1.96
N ILE FB 52 55.52 -83.56 -2.47
CA ILE FB 52 54.71 -82.70 -1.62
C ILE FB 52 53.23 -82.76 -2.02
N SER FB 53 52.44 -83.48 -1.23
CA SER FB 53 51.04 -83.78 -1.55
C SER FB 53 50.00 -82.87 -0.88
N GLY FB 54 50.43 -81.98 0.02
CA GLY FB 54 49.61 -80.86 0.49
C GLY FB 54 48.40 -81.18 1.38
N GLY FB 55 48.54 -80.89 2.68
CA GLY FB 55 47.47 -81.14 3.67
C GLY FB 55 46.48 -80.01 3.87
N ASN FB 56 46.83 -79.06 4.73
CA ASN FB 56 45.92 -78.01 5.15
C ASN FB 56 46.58 -76.64 5.31
N ASP FB 57 45.81 -75.59 5.02
CA ASP FB 57 46.22 -74.21 5.27
C ASP FB 57 46.00 -73.86 6.72
N LYS FB 58 46.74 -72.85 7.16
CA LYS FB 58 46.46 -72.14 8.38
C LYS FB 58 45.14 -71.40 8.12
N GLN FB 59 44.18 -71.60 9.04
CA GLN FB 59 42.73 -71.34 8.87
C GLN FB 59 41.99 -72.67 8.64
N GLY FB 60 42.72 -73.71 8.21
CA GLY FB 60 42.19 -75.08 8.08
C GLY FB 60 41.49 -75.40 6.78
N PHE FB 61 41.97 -74.80 5.69
CA PHE FB 61 41.35 -74.91 4.38
C PHE FB 61 42.30 -75.71 3.51
N PRO FB 62 41.88 -76.89 3.04
CA PRO FB 62 42.83 -77.73 2.32
C PRO FB 62 43.34 -77.14 1.02
N MET FB 63 44.48 -77.66 0.57
CA MET FB 63 45.04 -77.34 -0.72
C MET FB 63 44.38 -78.27 -1.73
N LYS FB 64 44.26 -77.78 -2.97
CA LYS FB 64 43.63 -78.53 -4.06
C LYS FB 64 44.46 -78.29 -5.31
N GLN FB 65 44.80 -79.37 -6.02
CA GLN FB 65 45.67 -79.24 -7.19
C GLN FB 65 44.87 -78.82 -8.39
N GLY FB 66 45.39 -77.85 -9.12
CA GLY FB 66 44.70 -77.30 -10.28
C GLY FB 66 44.46 -75.82 -10.12
N VAL FB 67 44.04 -75.40 -8.94
CA VAL FB 67 43.66 -74.00 -8.73
C VAL FB 67 44.80 -72.99 -8.93
N LEU FB 68 46.04 -73.40 -8.64
CA LEU FB 68 47.22 -72.52 -8.66
C LEU FB 68 47.00 -71.29 -7.76
N THR FB 69 47.78 -70.22 -7.97
CA THR FB 69 47.88 -69.11 -7.00
C THR FB 69 48.47 -69.63 -5.70
N HIS FB 70 48.66 -68.75 -4.72
CA HIS FB 70 48.88 -69.18 -3.36
C HIS FB 70 47.82 -68.65 -2.38
N GLY FB 71 46.73 -68.11 -2.92
CA GLY FB 71 45.58 -67.65 -2.12
C GLY FB 71 44.37 -68.55 -2.29
N ARG FB 72 43.37 -68.32 -1.46
CA ARG FB 72 42.15 -69.12 -1.46
C ARG FB 72 41.22 -68.70 -2.59
N VAL FB 73 41.02 -69.62 -3.53
CA VAL FB 73 39.92 -69.53 -4.46
C VAL FB 73 38.78 -70.26 -3.76
N ARG FB 74 37.54 -69.97 -4.16
CA ARG FB 74 36.39 -70.73 -3.70
C ARG FB 74 35.69 -71.34 -4.91
N LEU FB 75 35.44 -72.64 -4.84
CA LEU FB 75 34.99 -73.40 -5.99
C LEU FB 75 33.64 -74.05 -5.77
N LEU FB 76 32.86 -74.08 -6.85
CA LEU FB 76 31.70 -74.95 -6.93
C LEU FB 76 32.26 -76.35 -7.13
N LEU FB 77 31.97 -77.26 -6.20
CA LEU FB 77 32.45 -78.62 -6.30
C LEU FB 77 31.29 -79.59 -6.41
N SER FB 78 31.57 -80.73 -7.00
CA SER FB 78 30.59 -81.74 -7.37
C SER FB 78 31.04 -83.11 -6.88
N LYS FB 79 30.29 -84.15 -7.24
CA LYS FB 79 30.72 -85.53 -7.03
C LYS FB 79 32.03 -85.72 -7.77
N GLY FB 80 33.08 -86.13 -7.06
CA GLY FB 80 34.38 -86.35 -7.65
C GLY FB 80 35.23 -85.10 -7.73
N HIS FB 81 35.35 -84.43 -6.60
CA HIS FB 81 36.39 -83.43 -6.37
C HIS FB 81 36.99 -83.73 -5.01
N SER FB 82 38.15 -83.12 -4.76
CA SER FB 82 38.68 -83.03 -3.40
C SER FB 82 37.94 -81.97 -2.61
N CYS FB 83 38.16 -82.00 -1.29
CA CYS FB 83 37.62 -81.03 -0.33
C CYS FB 83 36.10 -81.15 -0.08
N TYR FB 84 35.40 -81.97 -0.88
CA TYR FB 84 33.95 -81.95 -0.92
C TYR FB 84 33.33 -83.33 -1.10
N ARG FB 85 32.74 -83.84 -0.02
CA ARG FB 85 31.82 -84.95 -0.08
C ARG FB 85 30.42 -84.36 -0.28
N PRO FB 86 29.69 -84.82 -1.31
CA PRO FB 86 28.30 -84.39 -1.47
C PRO FB 86 27.37 -85.19 -0.58
N ARG FB 87 26.41 -84.50 0.06
CA ARG FB 87 25.48 -85.11 1.00
C ARG FB 87 24.16 -85.52 0.37
N ARG FB 88 24.04 -85.32 -0.94
CA ARG FB 88 22.83 -85.65 -1.66
C ARG FB 88 23.18 -86.04 -3.08
N THR FB 89 22.38 -86.92 -3.67
CA THR FB 89 22.59 -87.33 -5.05
C THR FB 89 22.48 -86.12 -5.94
N GLY FB 90 23.56 -85.84 -6.69
CA GLY FB 90 23.63 -84.68 -7.54
C GLY FB 90 23.78 -83.35 -6.81
N GLU FB 91 24.22 -83.39 -5.55
CA GLU FB 91 24.50 -82.16 -4.82
C GLU FB 91 25.75 -81.53 -5.38
N ARG FB 92 25.75 -80.23 -5.34
CA ARG FB 92 26.83 -79.40 -5.79
C ARG FB 92 26.98 -78.39 -4.66
N LYS FB 93 28.16 -77.80 -4.49
CA LYS FB 93 28.33 -76.87 -3.37
C LYS FB 93 29.52 -75.94 -3.52
N ARG FB 94 29.34 -74.71 -3.05
CA ARG FB 94 30.41 -73.73 -3.02
C ARG FB 94 31.25 -73.98 -1.79
N LYS FB 95 32.55 -74.17 -2.00
CA LYS FB 95 33.52 -74.33 -0.94
C LYS FB 95 34.75 -73.53 -1.27
N SER FB 96 35.40 -72.99 -0.24
CA SER FB 96 36.68 -72.35 -0.41
C SER FB 96 37.78 -73.42 -0.32
N VAL FB 97 38.90 -73.15 -0.96
CA VAL FB 97 40.04 -74.08 -1.01
C VAL FB 97 41.32 -73.28 -0.81
N ARG FB 98 42.46 -73.84 -1.23
CA ARG FB 98 43.69 -73.09 -1.34
C ARG FB 98 44.52 -73.56 -2.55
N GLY FB 99 45.26 -72.61 -3.13
CA GLY FB 99 46.23 -72.87 -4.20
C GLY FB 99 47.18 -74.03 -4.02
N CYS FB 100 47.63 -74.60 -5.14
CA CYS FB 100 48.63 -75.67 -5.15
C CYS FB 100 49.97 -75.20 -4.60
N ILE FB 101 50.30 -73.93 -4.86
CA ILE FB 101 51.65 -73.40 -4.64
C ILE FB 101 51.97 -73.30 -3.16
N VAL FB 102 53.19 -73.68 -2.81
CA VAL FB 102 53.63 -73.84 -1.43
C VAL FB 102 54.12 -72.50 -0.89
N ASP FB 103 53.66 -72.14 0.31
CA ASP FB 103 54.12 -70.92 0.99
C ASP FB 103 54.04 -71.06 2.50
N ALA FB 104 54.70 -70.14 3.21
CA ALA FB 104 54.74 -70.14 4.69
C ALA FB 104 53.35 -70.03 5.32
N ASN FB 105 52.45 -69.30 4.66
CA ASN FB 105 51.02 -69.33 4.97
C ASN FB 105 50.44 -70.72 4.69
N LEU FB 106 50.64 -71.63 5.63
CA LEU FB 106 50.20 -73.03 5.52
C LEU FB 106 50.50 -73.67 6.87
N SER FB 107 49.51 -74.33 7.48
CA SER FB 107 49.65 -74.83 8.86
C SER FB 107 50.50 -76.09 8.88
N VAL FB 108 50.12 -77.04 8.01
CA VAL FB 108 50.83 -78.29 7.82
C VAL FB 108 51.41 -78.20 6.41
N LEU FB 109 52.36 -79.08 6.12
CA LEU FB 109 52.63 -79.49 4.74
C LEU FB 109 52.73 -81.00 4.71
N ASN FB 110 52.08 -81.60 3.72
CA ASN FB 110 52.08 -83.05 3.55
C ASN FB 110 53.24 -83.43 2.65
N LEU FB 111 54.14 -84.27 3.17
CA LEU FB 111 55.30 -84.73 2.42
C LEU FB 111 55.30 -86.25 2.36
N VAL FB 112 55.49 -86.77 1.15
CA VAL FB 112 55.49 -88.20 0.90
C VAL FB 112 56.90 -88.60 0.48
N ILE FB 113 57.55 -89.43 1.28
CA ILE FB 113 58.93 -89.82 1.03
C ILE FB 113 58.94 -90.88 -0.07
N VAL FB 114 59.36 -90.50 -1.27
CA VAL FB 114 59.49 -91.45 -2.37
C VAL FB 114 60.75 -92.31 -2.14
N LYS FB 115 61.89 -91.66 -2.06
CA LYS FB 115 63.19 -92.32 -1.96
C LYS FB 115 63.99 -91.79 -0.78
N LYS FB 116 64.18 -92.62 0.25
CA LYS FB 116 65.12 -92.32 1.33
C LYS FB 116 66.54 -92.60 0.84
N GLY FB 117 67.48 -91.76 1.27
CA GLY FB 117 68.89 -91.91 0.89
C GLY FB 117 69.57 -93.02 1.66
N GLU FB 118 70.52 -92.65 2.52
CA GLU FB 118 71.34 -93.61 3.28
C GLU FB 118 70.93 -93.78 4.75
N LYS FB 119 70.53 -92.68 5.40
CA LYS FB 119 70.30 -92.66 6.86
C LYS FB 119 68.97 -93.31 7.21
N ASP FB 120 68.75 -93.52 8.52
CA ASP FB 120 67.52 -94.11 9.04
C ASP FB 120 66.99 -93.25 10.20
N ILE FB 121 65.67 -93.30 10.40
CA ILE FB 121 64.96 -92.50 11.41
C ILE FB 121 64.10 -93.42 12.29
N PRO FB 122 63.80 -93.00 13.54
CA PRO FB 122 63.21 -93.95 14.50
C PRO FB 122 61.71 -94.23 14.33
N GLY FB 123 60.90 -93.20 14.08
CA GLY FB 123 59.44 -93.35 14.01
C GLY FB 123 58.87 -93.33 12.61
N LEU FB 124 59.58 -93.99 11.67
CA LEU FB 124 59.23 -93.88 10.25
C LEU FB 124 59.78 -95.06 9.43
N THR FB 125 61.10 -95.11 9.26
CA THR FB 125 61.75 -96.11 8.41
C THR FB 125 61.94 -97.41 9.19
N ASP FB 126 62.39 -97.27 10.44
CA ASP FB 126 62.47 -98.38 11.40
C ASP FB 126 61.10 -99.03 11.63
N THR FB 127 60.07 -98.20 11.78
CA THR FB 127 58.70 -98.69 11.99
C THR FB 127 58.14 -99.32 10.72
N THR FB 128 57.43 -100.44 10.88
CA THR FB 128 56.89 -101.20 9.75
C THR FB 128 55.65 -101.98 10.19
N VAL FB 129 54.46 -101.42 9.90
CA VAL FB 129 53.19 -102.04 10.23
C VAL FB 129 52.64 -102.54 8.90
N PRO FB 130 52.14 -103.80 8.84
CA PRO FB 130 51.83 -104.40 7.53
C PRO FB 130 50.58 -103.82 6.86
N ARG FB 131 50.34 -104.25 5.62
CA ARG FB 131 49.06 -103.99 4.96
C ARG FB 131 47.98 -104.60 5.84
N ARG FB 132 46.93 -103.81 6.05
CA ARG FB 132 45.95 -104.04 7.12
C ARG FB 132 45.16 -105.32 6.84
N LEU FB 133 44.61 -105.42 5.63
CA LEU FB 133 43.91 -106.63 5.17
C LEU FB 133 44.47 -107.11 3.83
N GLY FB 134 44.25 -108.39 3.54
CA GLY FB 134 44.87 -109.04 2.39
C GLY FB 134 44.02 -108.98 1.14
N PRO FB 135 44.51 -109.55 0.02
CA PRO FB 135 43.64 -109.73 -1.12
C PRO FB 135 42.48 -110.69 -0.86
N LYS FB 136 41.44 -110.52 -1.67
CA LYS FB 136 40.09 -110.99 -1.38
C LYS FB 136 39.31 -111.32 -2.65
N ARG FB 137 39.49 -110.52 -3.70
CA ARG FB 137 39.14 -110.94 -5.06
C ARG FB 137 40.19 -111.98 -5.48
N ALA FB 138 39.75 -113.07 -6.10
CA ALA FB 138 40.60 -114.22 -6.45
C ALA FB 138 41.78 -113.87 -7.36
N SER FB 139 41.52 -113.03 -8.36
CA SER FB 139 42.54 -112.60 -9.31
C SER FB 139 43.69 -111.82 -8.67
N ARG FB 140 43.39 -111.01 -7.65
CA ARG FB 140 44.43 -110.32 -6.89
C ARG FB 140 45.19 -111.28 -5.97
N ILE FB 141 44.49 -112.28 -5.43
CA ILE FB 141 45.14 -113.31 -4.62
C ILE FB 141 46.12 -114.14 -5.45
N ARG FB 142 45.74 -114.52 -6.68
CA ARG FB 142 46.66 -115.24 -7.57
C ARG FB 142 47.89 -114.40 -7.88
N LYS FB 143 47.68 -113.14 -8.21
CA LYS FB 143 48.76 -112.24 -8.62
C LYS FB 143 49.74 -111.91 -7.50
N LEU FB 144 49.28 -112.04 -6.25
CA LEU FB 144 50.18 -112.01 -5.10
C LEU FB 144 51.12 -113.22 -5.10
N PHE FB 145 50.54 -114.41 -5.21
CA PHE FB 145 51.27 -115.68 -5.05
C PHE FB 145 51.74 -116.35 -6.35
N ASN FB 146 51.44 -115.76 -7.52
CA ASN FB 146 51.75 -116.36 -8.83
C ASN FB 146 51.16 -117.77 -8.99
N LEU FB 147 49.92 -117.84 -9.48
CA LEU FB 147 49.18 -119.10 -9.50
C LEU FB 147 48.87 -119.62 -10.91
N SER FB 148 48.14 -118.81 -11.68
CA SER FB 148 47.46 -119.25 -12.93
C SER FB 148 46.14 -119.95 -12.57
N LYS FB 149 45.19 -119.92 -13.50
CA LYS FB 149 43.85 -120.50 -13.30
C LYS FB 149 43.85 -121.95 -12.79
N GLU FB 150 44.88 -122.72 -13.19
CA GLU FB 150 45.11 -124.06 -12.67
C GLU FB 150 46.08 -124.06 -11.48
N ASP FB 151 45.62 -123.59 -10.32
CA ASP FB 151 46.43 -123.68 -9.09
C ASP FB 151 45.71 -123.67 -7.71
N ASP FB 152 44.37 -123.69 -7.68
CA ASP FB 152 43.58 -123.56 -6.43
C ASP FB 152 43.88 -122.30 -5.59
N VAL FB 153 42.98 -121.32 -5.66
CA VAL FB 153 43.14 -120.06 -4.91
C VAL FB 153 42.83 -120.25 -3.43
N ARG FB 154 41.79 -121.05 -3.14
CA ARG FB 154 41.31 -121.27 -1.76
C ARG FB 154 42.41 -121.39 -0.73
N GLN FB 155 43.41 -122.21 -1.05
CA GLN FB 155 44.47 -122.54 -0.09
C GLN FB 155 45.46 -121.39 0.06
N TYR FB 156 45.88 -120.83 -1.07
CA TYR FB 156 46.91 -119.78 -1.09
C TYR FB 156 46.21 -118.44 -0.82
N VAL FB 157 45.69 -118.31 0.40
CA VAL FB 157 44.78 -117.23 0.79
C VAL FB 157 45.32 -116.54 2.04
N VAL FB 158 44.97 -115.27 2.21
CA VAL FB 158 45.37 -114.51 3.39
C VAL FB 158 44.38 -114.84 4.51
N ARG FB 159 44.87 -114.78 5.74
CA ARG FB 159 44.08 -115.14 6.91
C ARG FB 159 44.69 -114.48 8.14
N LYS FB 160 43.83 -114.01 9.06
CA LYS FB 160 44.30 -113.28 10.25
C LYS FB 160 43.74 -113.93 11.52
N PRO FB 161 44.62 -114.26 12.49
CA PRO FB 161 44.13 -114.81 13.75
C PRO FB 161 43.79 -113.72 14.76
N LEU FB 162 42.51 -113.40 14.87
CA LEU FB 162 42.05 -112.40 15.84
C LEU FB 162 42.11 -112.96 17.27
N ASN FB 163 43.29 -112.89 17.87
CA ASN FB 163 43.48 -113.24 19.27
C ASN FB 163 42.97 -112.15 20.21
N LYS FB 164 42.71 -112.55 21.45
CA LYS FB 164 42.02 -111.72 22.45
C LYS FB 164 40.61 -111.32 21.98
N GLU FB 165 39.87 -112.31 21.51
CA GLU FB 165 38.41 -112.24 21.41
C GLU FB 165 37.82 -112.53 22.81
N GLY FB 166 38.58 -113.26 23.62
CA GLY FB 166 38.21 -113.60 24.99
C GLY FB 166 38.55 -115.04 25.27
N LYS FB 167 38.00 -115.93 24.44
CA LYS FB 167 38.13 -117.38 24.62
C LYS FB 167 39.32 -117.93 23.83
N LYS FB 168 39.28 -117.77 22.51
CA LYS FB 168 40.34 -118.28 21.64
C LYS FB 168 40.35 -117.57 20.28
N PRO FB 169 41.47 -117.68 19.53
CA PRO FB 169 41.52 -117.02 18.22
C PRO FB 169 40.90 -117.85 17.11
N ARG FB 170 39.92 -117.28 16.41
CA ARG FB 170 39.48 -117.81 15.13
C ARG FB 170 40.59 -117.49 14.13
N THR FB 171 41.08 -118.51 13.42
CA THR FB 171 41.99 -118.29 12.30
C THR FB 171 41.16 -117.73 11.14
N LYS FB 172 40.83 -116.46 11.26
CA LYS FB 172 39.75 -115.85 10.49
C LYS FB 172 40.20 -115.52 9.05
N ALA FB 173 39.26 -115.68 8.11
CA ALA FB 173 39.48 -115.40 6.68
C ALA FB 173 38.36 -114.51 6.15
N PRO FB 174 38.34 -114.23 4.83
CA PRO FB 174 37.25 -113.46 4.25
C PRO FB 174 36.21 -114.28 3.45
N LYS FB 175 36.07 -114.02 2.15
CA LYS FB 175 35.11 -114.70 1.27
C LYS FB 175 35.57 -114.28 -0.11
N ILE FB 176 36.10 -115.21 -0.89
CA ILE FB 176 36.74 -114.84 -2.16
C ILE FB 176 35.64 -114.50 -3.16
N GLN FB 177 35.73 -113.30 -3.73
CA GLN FB 177 34.81 -112.86 -4.75
C GLN FB 177 35.52 -112.96 -6.10
N ARG FB 178 34.73 -113.08 -7.17
CA ARG FB 178 35.22 -113.39 -8.53
C ARG FB 178 35.85 -114.80 -8.59
N LEU FB 179 35.32 -115.71 -7.77
CA LEU FB 179 35.80 -117.08 -7.65
C LEU FB 179 34.83 -118.03 -8.37
N VAL FB 180 35.37 -118.79 -9.32
CA VAL FB 180 34.57 -119.72 -10.12
C VAL FB 180 34.33 -120.98 -9.29
N THR FB 181 33.12 -121.51 -9.39
CA THR FB 181 32.60 -122.51 -8.45
C THR FB 181 31.31 -123.13 -9.02
N PRO FB 182 30.97 -124.40 -8.64
CA PRO FB 182 29.75 -125.10 -9.08
C PRO FB 182 28.49 -124.25 -9.32
N ARG FB 183 28.16 -123.38 -8.36
CA ARG FB 183 27.03 -122.44 -8.52
C ARG FB 183 27.18 -121.58 -9.76
N VAL FB 184 28.34 -120.95 -9.89
CA VAL FB 184 28.62 -120.02 -10.98
C VAL FB 184 28.55 -120.75 -12.33
N LEU FB 185 29.04 -121.99 -12.35
CA LEU FB 185 28.95 -122.85 -13.54
C LEU FB 185 27.50 -123.23 -13.80
N GLN FB 186 26.75 -123.47 -12.73
CA GLN FB 186 25.32 -123.78 -12.82
C GLN FB 186 24.52 -122.67 -13.48
N HIS FB 187 24.78 -121.42 -13.08
CA HIS FB 187 24.06 -120.29 -13.67
C HIS FB 187 24.43 -120.08 -15.12
N LYS FB 188 25.68 -120.35 -15.48
CA LYS FB 188 26.09 -120.24 -16.87
C LYS FB 188 25.37 -121.26 -17.75
N ARG FB 189 25.12 -122.46 -17.23
CA ARG FB 189 24.28 -123.44 -17.94
C ARG FB 189 22.86 -122.93 -18.06
N ARG FB 190 22.33 -122.42 -16.94
CA ARG FB 190 20.93 -122.04 -16.84
C ARG FB 190 20.56 -121.02 -17.90
N ARG FB 191 21.33 -119.94 -17.98
CA ARG FB 191 21.02 -118.85 -18.91
C ARG FB 191 21.15 -119.25 -20.39
N ILE FB 192 22.07 -120.16 -20.71
CA ILE FB 192 22.11 -120.75 -22.07
C ILE FB 192 20.98 -121.77 -22.24
N ALA FB 193 20.60 -122.43 -21.15
CA ALA FB 193 19.43 -123.31 -21.16
C ALA FB 193 18.14 -122.54 -21.42
N LEU FB 194 18.07 -121.32 -20.90
CA LEU FB 194 16.94 -120.44 -21.17
C LEU FB 194 16.96 -119.88 -22.59
N LYS FB 195 18.16 -119.63 -23.14
CA LYS FB 195 18.29 -119.23 -24.55
C LYS FB 195 17.84 -120.34 -25.49
N LYS FB 196 18.37 -121.54 -25.26
CA LYS FB 196 18.04 -122.71 -26.09
C LYS FB 196 16.52 -122.93 -26.10
N GLN FB 197 15.94 -122.85 -24.92
CA GLN FB 197 14.49 -122.95 -24.75
C GLN FB 197 13.75 -121.90 -25.56
N ARG FB 198 14.20 -120.64 -25.48
CA ARG FB 198 13.53 -119.53 -26.20
C ARG FB 198 13.58 -119.69 -27.71
N THR FB 199 14.74 -120.04 -28.25
CA THR FB 199 14.90 -120.29 -29.68
C THR FB 199 14.03 -121.43 -30.19
N LYS FB 200 13.82 -122.43 -29.35
CA LYS FB 200 12.93 -123.54 -29.69
C LYS FB 200 11.48 -123.07 -29.84
N LYS FB 201 11.03 -122.18 -28.95
CA LYS FB 201 9.64 -121.70 -28.99
C LYS FB 201 9.37 -120.80 -30.21
N ASN FB 202 10.38 -120.01 -30.58
CA ASN FB 202 10.29 -119.15 -31.78
C ASN FB 202 9.90 -119.97 -33.01
N LYS FB 203 10.61 -121.07 -33.21
CA LYS FB 203 10.35 -121.99 -34.31
C LYS FB 203 9.00 -122.70 -34.14
N GLU FB 204 8.70 -123.14 -32.92
CA GLU FB 204 7.46 -123.89 -32.64
C GLU FB 204 6.21 -123.05 -32.85
N GLU FB 205 6.21 -121.83 -32.32
CA GLU FB 205 5.05 -120.95 -32.43
C GLU FB 205 4.86 -120.43 -33.86
N ALA FB 206 5.97 -120.32 -34.60
CA ALA FB 206 5.93 -119.99 -36.03
C ALA FB 206 5.32 -121.13 -36.84
N ALA FB 207 5.84 -122.34 -36.63
CA ALA FB 207 5.39 -123.55 -37.32
C ALA FB 207 3.88 -123.78 -37.19
N GLU FB 208 3.38 -123.63 -35.97
CA GLU FB 208 1.94 -123.70 -35.69
C GLU FB 208 1.19 -122.63 -36.46
N TYR FB 209 1.68 -121.39 -36.40
CA TYR FB 209 1.06 -120.29 -37.14
C TYR FB 209 1.08 -120.56 -38.63
N ALA FB 210 2.21 -121.06 -39.15
CA ALA FB 210 2.32 -121.40 -40.56
C ALA FB 210 1.25 -122.41 -41.00
N LYS FB 211 1.02 -123.43 -40.15
CA LYS FB 211 -0.04 -124.42 -40.40
C LYS FB 211 -1.44 -123.86 -40.18
N LEU FB 212 -1.59 -122.98 -39.18
CA LEU FB 212 -2.85 -122.27 -38.94
C LEU FB 212 -3.17 -121.29 -40.06
N LEU FB 213 -2.17 -120.52 -40.47
CA LEU FB 213 -2.25 -119.64 -41.63
C LEU FB 213 -2.59 -120.45 -42.88
N ALA FB 214 -1.90 -121.57 -43.05
CA ALA FB 214 -2.18 -122.49 -44.15
C ALA FB 214 -3.65 -122.90 -44.16
N LYS FB 215 -4.22 -123.28 -43.01
CA LYS FB 215 -5.63 -123.73 -42.96
C LYS FB 215 -6.69 -122.60 -42.85
N ARG FB 216 -6.26 -121.34 -42.95
CA ARG FB 216 -7.13 -120.24 -43.39
C ARG FB 216 -6.95 -119.99 -44.91
N MET FB 217 -6.20 -120.87 -45.57
CA MET FB 217 -5.90 -120.79 -47.01
C MET FB 217 -5.97 -122.16 -47.73
N LYS FB 218 -5.71 -123.28 -47.03
CA LYS FB 218 -5.65 -124.64 -47.59
C LYS FB 218 -6.97 -125.37 -47.34
N GLU FB 219 -7.39 -125.40 -46.08
CA GLU FB 219 -8.77 -125.70 -45.73
C GLU FB 219 -9.70 -124.57 -46.22
N ALA FB 220 -9.14 -123.37 -46.45
CA ALA FB 220 -9.82 -122.33 -47.22
C ALA FB 220 -9.42 -122.28 -48.71
N LYS FB 221 -8.70 -123.31 -49.20
CA LYS FB 221 -8.60 -123.60 -50.65
C LYS FB 221 -9.78 -124.47 -51.10
N GLU FB 222 -10.40 -125.17 -50.16
CA GLU FB 222 -11.76 -125.68 -50.34
C GLU FB 222 -12.73 -124.50 -50.41
N LYS FB 223 -12.51 -123.49 -49.56
CA LYS FB 223 -13.26 -122.23 -49.60
C LYS FB 223 -12.80 -121.27 -50.71
N ARG FB 224 -11.59 -121.45 -51.24
CA ARG FB 224 -11.08 -120.63 -52.36
C ARG FB 224 -11.82 -121.06 -53.63
N GLN FB 225 -12.12 -122.35 -53.75
CA GLN FB 225 -13.06 -122.86 -54.76
C GLN FB 225 -14.46 -122.24 -54.59
N GLU FB 226 -14.91 -122.09 -53.34
CA GLU FB 226 -16.13 -121.33 -53.03
C GLU FB 226 -15.98 -119.82 -53.28
N GLN FB 227 -14.79 -119.27 -53.03
CA GLN FB 227 -14.49 -117.85 -53.32
C GLN FB 227 -14.43 -117.61 -54.84
N ILE FB 228 -13.87 -118.58 -55.56
CA ILE FB 228 -13.90 -118.60 -57.03
C ILE FB 228 -15.36 -118.77 -57.52
N ALA FB 229 -16.12 -119.62 -56.85
CA ALA FB 229 -17.56 -119.78 -57.12
C ALA FB 229 -18.35 -118.51 -56.82
N LYS FB 230 -17.98 -117.79 -55.77
CA LYS FB 230 -18.53 -116.46 -55.48
C LYS FB 230 -18.19 -115.46 -56.59
N ARG FB 231 -16.93 -115.47 -57.03
CA ARG FB 231 -16.49 -114.65 -58.18
C ARG FB 231 -17.19 -115.04 -59.49
N ARG FB 232 -17.48 -116.33 -59.67
CA ARG FB 232 -18.31 -116.79 -60.78
C ARG FB 232 -19.75 -116.28 -60.65
N ARG FB 233 -20.31 -116.37 -59.44
CA ARG FB 233 -21.66 -115.85 -59.17
C ARG FB 233 -21.72 -114.34 -58.85
N LEU FB 234 -20.63 -113.60 -59.10
CA LEU FB 234 -20.64 -112.13 -59.16
C LEU FB 234 -20.43 -111.65 -60.59
N SER FB 235 -19.38 -112.15 -61.23
CA SER FB 235 -19.07 -111.79 -62.63
C SER FB 235 -20.04 -112.42 -63.63
N SER FB 236 -20.19 -113.74 -63.57
CA SER FB 236 -21.05 -114.49 -64.51
C SER FB 236 -22.51 -114.68 -64.06
N LEU FB 237 -22.91 -114.00 -62.97
CA LEU FB 237 -24.30 -114.03 -62.52
C LEU FB 237 -25.08 -112.86 -63.13
N SER GB 1 -61.77 -93.24 -83.23
CA SER GB 1 -62.52 -94.48 -82.83
C SER GB 1 -62.67 -94.60 -81.32
N ALA GB 2 -61.56 -94.39 -80.60
CA ALA GB 2 -61.53 -94.55 -79.14
C ALA GB 2 -60.31 -93.88 -78.50
N LYS GB 3 -59.12 -94.23 -79.00
CA LYS GB 3 -57.85 -93.68 -78.50
C LYS GB 3 -57.39 -92.41 -79.24
N ILE GB 4 -58.27 -91.80 -80.04
CA ILE GB 4 -57.91 -90.66 -80.90
C ILE GB 4 -57.70 -89.35 -80.12
N VAL GB 5 -58.57 -89.07 -79.14
CA VAL GB 5 -58.53 -87.80 -78.38
C VAL GB 5 -58.54 -88.02 -76.85
N LYS GB 6 -57.69 -88.93 -76.38
CA LYS GB 6 -57.53 -89.18 -74.93
C LYS GB 6 -56.22 -89.89 -74.52
N PRO GB 7 -55.04 -89.30 -74.86
CA PRO GB 7 -53.75 -89.92 -74.55
C PRO GB 7 -53.11 -89.42 -73.24
N ASN GB 8 -52.68 -90.36 -72.40
CA ASN GB 8 -51.85 -90.05 -71.21
C ASN GB 8 -51.11 -91.26 -70.60
N GLY GB 9 -50.84 -92.27 -71.43
CA GLY GB 9 -50.45 -93.60 -70.96
C GLY GB 9 -51.60 -94.50 -70.54
N GLU GB 10 -52.82 -93.96 -70.50
CA GLU GB 10 -53.99 -94.63 -69.93
C GLU GB 10 -54.88 -95.20 -71.06
N LYS GB 11 -54.84 -96.52 -71.22
CA LYS GB 11 -55.68 -97.21 -72.20
C LYS GB 11 -57.18 -97.32 -71.85
N PRO GB 12 -57.55 -97.78 -70.62
CA PRO GB 12 -58.93 -98.14 -70.22
C PRO GB 12 -60.10 -97.53 -70.99
N ASP GB 13 -60.95 -98.41 -71.53
CA ASP GB 13 -62.01 -98.03 -72.47
C ASP GB 13 -63.20 -97.39 -71.75
N GLU GB 14 -63.99 -98.22 -71.08
CA GLU GB 14 -65.32 -97.87 -70.52
C GLU GB 14 -65.92 -96.52 -70.96
N PHE GB 15 -65.69 -95.45 -70.18
CA PHE GB 15 -66.35 -94.16 -70.39
C PHE GB 15 -65.50 -93.15 -71.17
N GLU GB 16 -64.18 -93.25 -71.05
CA GLU GB 16 -63.25 -92.32 -71.72
C GLU GB 16 -63.30 -92.48 -73.23
N SER GB 17 -63.29 -93.73 -73.69
CA SER GB 17 -63.41 -94.03 -75.12
C SER GB 17 -64.75 -93.59 -75.70
N GLY GB 18 -65.82 -93.79 -74.92
CA GLY GB 18 -67.15 -93.28 -75.26
C GLY GB 18 -67.18 -91.77 -75.39
N ILE GB 19 -66.49 -91.09 -74.48
CA ILE GB 19 -66.36 -89.63 -74.53
C ILE GB 19 -65.57 -89.19 -75.75
N SER GB 20 -64.42 -89.81 -75.99
CA SER GB 20 -63.58 -89.51 -77.16
C SER GB 20 -64.32 -89.75 -78.48
N GLN GB 21 -65.10 -90.84 -78.53
CA GLN GB 21 -65.95 -91.14 -79.69
C GLN GB 21 -67.03 -90.07 -79.89
N ALA GB 22 -67.63 -89.63 -78.79
CA ALA GB 22 -68.63 -88.56 -78.83
C ALA GB 22 -68.03 -87.25 -79.32
N LEU GB 23 -66.87 -86.88 -78.77
CA LEU GB 23 -66.10 -85.71 -79.25
C LEU GB 23 -65.75 -85.82 -80.74
N LEU GB 24 -65.33 -87.00 -81.15
CA LEU GB 24 -65.03 -87.27 -82.58
C LEU GB 24 -66.25 -87.06 -83.47
N GLU GB 25 -67.42 -87.45 -82.97
CA GLU GB 25 -68.69 -87.21 -83.68
C GLU GB 25 -69.05 -85.71 -83.73
N LEU GB 26 -68.74 -84.98 -82.66
CA LEU GB 26 -68.94 -83.53 -82.63
C LEU GB 26 -68.03 -82.80 -83.61
N GLU GB 27 -66.82 -83.32 -83.82
CA GLU GB 27 -65.90 -82.77 -84.83
C GLU GB 27 -66.49 -82.84 -86.24
N MET GB 28 -67.12 -83.97 -86.58
CA MET GB 28 -67.83 -84.11 -87.85
C MET GB 28 -69.13 -83.31 -87.83
N ASN GB 29 -68.99 -81.99 -87.95
CA ASN GB 29 -70.11 -81.05 -87.83
C ASN GB 29 -69.69 -79.64 -88.27
N SER GB 30 -70.67 -78.80 -88.60
CA SER GB 30 -70.42 -77.40 -88.95
C SER GB 30 -69.99 -76.58 -87.73
N ASP GB 31 -69.08 -75.63 -87.93
CA ASP GB 31 -68.58 -74.70 -86.89
C ASP GB 31 -67.81 -75.32 -85.70
N LEU GB 32 -68.36 -76.35 -85.06
CA LEU GB 32 -67.74 -77.01 -83.90
C LEU GB 32 -66.61 -77.94 -84.38
N LYS GB 33 -65.51 -77.34 -84.84
CA LYS GB 33 -64.41 -78.05 -85.49
C LYS GB 33 -63.24 -77.11 -85.75
N ALA GB 34 -62.04 -77.68 -85.91
CA ALA GB 34 -60.78 -76.96 -86.22
C ALA GB 34 -60.13 -76.45 -84.95
N GLN GB 35 -60.90 -75.69 -84.18
CA GLN GB 35 -60.58 -75.41 -82.78
C GLN GB 35 -60.61 -76.67 -81.89
N LEU GB 36 -61.49 -77.63 -82.21
CA LEU GB 36 -61.52 -78.92 -81.51
C LEU GB 36 -60.49 -79.93 -82.06
N ARG GB 37 -60.12 -79.81 -83.34
CA ARG GB 37 -59.05 -80.63 -83.93
C ARG GB 37 -57.77 -80.65 -83.08
N GLU GB 38 -57.29 -79.46 -82.74
CA GLU GB 38 -56.09 -79.29 -81.91
C GLU GB 38 -56.31 -79.82 -80.49
N LEU GB 39 -57.50 -79.56 -79.94
CA LEU GB 39 -57.84 -79.95 -78.56
C LEU GB 39 -57.82 -81.45 -78.29
N ASN GB 40 -57.82 -81.77 -77.00
CA ASN GB 40 -57.58 -83.12 -76.50
C ASN GB 40 -58.10 -83.23 -75.08
N ILE GB 41 -58.33 -84.46 -74.61
CA ILE GB 41 -58.57 -84.69 -73.18
C ILE GB 41 -57.50 -85.62 -72.62
N THR GB 42 -57.52 -85.80 -71.31
CA THR GB 42 -56.58 -86.71 -70.63
C THR GB 42 -57.30 -87.88 -69.90
N ALA GB 43 -58.45 -87.60 -69.30
CA ALA GB 43 -59.23 -88.62 -68.62
C ALA GB 43 -60.67 -88.15 -68.42
N ALA GB 44 -61.52 -89.07 -67.97
CA ALA GB 44 -62.90 -88.75 -67.63
C ALA GB 44 -63.50 -89.85 -66.77
N LYS GB 45 -64.27 -89.44 -65.76
CA LYS GB 45 -64.89 -90.38 -64.84
C LYS GB 45 -66.37 -90.06 -64.63
N GLU GB 46 -67.21 -91.08 -64.80
CA GLU GB 46 -68.58 -91.04 -64.34
C GLU GB 46 -68.55 -91.30 -62.84
N ILE GB 47 -69.22 -90.45 -62.06
CA ILE GB 47 -69.22 -90.54 -60.59
C ILE GB 47 -70.60 -90.24 -60.02
N GLU GB 48 -70.93 -90.92 -58.93
CA GLU GB 48 -72.27 -90.86 -58.35
C GLU GB 48 -72.34 -89.74 -57.34
N VAL GB 49 -73.25 -88.79 -57.58
CA VAL GB 49 -73.48 -87.67 -56.67
C VAL GB 49 -74.57 -88.06 -55.65
N GLY GB 50 -74.97 -87.13 -54.79
CA GLY GB 50 -75.94 -87.41 -53.74
C GLY GB 50 -77.33 -87.78 -54.23
N GLY GB 51 -78.02 -86.81 -54.83
CA GLY GB 51 -79.42 -86.96 -55.21
C GLY GB 51 -79.64 -87.66 -56.54
N GLY GB 52 -79.30 -88.95 -56.61
CA GLY GB 52 -79.59 -89.77 -57.77
C GLY GB 52 -78.77 -89.49 -59.02
N ARG GB 53 -79.06 -88.36 -59.67
CA ARG GB 53 -78.51 -88.04 -60.99
C ARG GB 53 -76.99 -87.89 -61.01
N LYS GB 54 -76.32 -89.00 -61.32
CA LYS GB 54 -74.86 -89.03 -61.52
C LYS GB 54 -74.35 -88.10 -62.62
N ALA GB 55 -73.04 -87.82 -62.57
CA ALA GB 55 -72.41 -86.79 -63.38
C ALA GB 55 -71.03 -87.22 -63.85
N ILE GB 56 -70.62 -86.70 -65.01
CA ILE GB 56 -69.36 -87.07 -65.61
C ILE GB 56 -68.32 -85.95 -65.50
N ILE GB 57 -67.18 -86.27 -64.88
CA ILE GB 57 -66.05 -85.34 -64.72
C ILE GB 57 -65.00 -85.66 -65.79
N ILE GB 58 -64.91 -84.80 -66.81
CA ILE GB 58 -63.92 -84.94 -67.87
C ILE GB 58 -62.78 -83.97 -67.60
N PHE GB 59 -61.57 -84.42 -67.92
CA PHE GB 59 -60.36 -83.64 -67.69
C PHE GB 59 -59.81 -83.05 -68.98
N VAL GB 60 -58.87 -82.13 -68.83
CA VAL GB 60 -58.18 -81.49 -69.95
C VAL GB 60 -56.73 -81.32 -69.50
N PRO GB 61 -55.74 -81.40 -70.42
CA PRO GB 61 -54.34 -81.38 -69.96
C PRO GB 61 -53.69 -80.04 -69.53
N VAL GB 62 -54.46 -78.95 -69.39
CA VAL GB 62 -54.09 -77.68 -68.69
C VAL GB 62 -53.90 -76.47 -69.61
N PRO GB 63 -52.88 -76.48 -70.50
CA PRO GB 63 -52.83 -75.35 -71.46
C PRO GB 63 -54.06 -75.33 -72.38
N GLN GB 64 -54.58 -76.52 -72.67
CA GLN GB 64 -55.81 -76.69 -73.43
C GLN GB 64 -57.09 -76.24 -72.72
N LEU GB 65 -57.02 -75.96 -71.41
CA LEU GB 65 -58.19 -75.58 -70.62
C LEU GB 65 -58.82 -74.31 -71.16
N LYS GB 66 -58.00 -73.29 -71.43
CA LYS GB 66 -58.51 -72.03 -71.99
C LYS GB 66 -59.13 -72.21 -73.37
N SER GB 67 -58.53 -73.07 -74.19
CA SER GB 67 -59.12 -73.46 -75.48
C SER GB 67 -60.42 -74.25 -75.31
N PHE GB 68 -60.49 -75.08 -74.27
CA PHE GB 68 -61.75 -75.75 -73.87
C PHE GB 68 -62.81 -74.79 -73.33
N GLN GB 69 -62.37 -73.80 -72.57
CA GLN GB 69 -63.25 -72.75 -72.03
C GLN GB 69 -63.93 -71.94 -73.13
N LYS GB 70 -63.16 -71.55 -74.15
CA LYS GB 70 -63.70 -70.87 -75.34
C LYS GB 70 -64.87 -71.63 -75.99
N ILE GB 71 -64.69 -72.95 -76.16
CA ILE GB 71 -65.67 -73.81 -76.82
C ILE GB 71 -66.66 -74.47 -75.83
N GLN GB 72 -66.56 -74.13 -74.54
CA GLN GB 72 -67.15 -74.96 -73.47
C GLN GB 72 -68.67 -75.12 -73.55
N VAL GB 73 -69.38 -74.00 -73.43
CA VAL GB 73 -70.83 -74.04 -73.19
C VAL GB 73 -71.57 -74.75 -74.32
N ARG GB 74 -71.19 -74.44 -75.56
CA ARG GB 74 -71.71 -75.14 -76.75
C ARG GB 74 -71.40 -76.64 -76.67
N LEU GB 75 -70.15 -76.96 -76.35
CA LEU GB 75 -69.70 -78.35 -76.22
C LEU GB 75 -70.46 -79.09 -75.12
N VAL GB 76 -70.75 -78.40 -74.03
CA VAL GB 76 -71.52 -78.98 -72.93
C VAL GB 76 -72.94 -79.35 -73.40
N ARG GB 77 -73.67 -78.39 -73.97
CA ARG GB 77 -75.01 -78.63 -74.54
C ARG GB 77 -75.06 -79.86 -75.43
N GLU GB 78 -74.09 -79.95 -76.33
CA GLU GB 78 -74.04 -81.02 -77.34
C GLU GB 78 -73.72 -82.41 -76.78
N LEU GB 79 -73.04 -82.49 -75.64
CA LEU GB 79 -72.77 -83.80 -75.01
C LEU GB 79 -73.37 -84.00 -73.62
N GLU GB 80 -74.17 -83.05 -73.14
CA GLU GB 80 -75.14 -83.30 -72.07
C GLU GB 80 -76.46 -83.82 -72.67
N LYS GB 81 -76.67 -83.56 -73.97
CA LYS GB 81 -77.82 -84.04 -74.72
C LYS GB 81 -77.56 -85.44 -75.28
N LYS GB 82 -76.43 -85.58 -75.99
CA LYS GB 82 -76.02 -86.88 -76.57
C LYS GB 82 -75.79 -87.90 -75.47
N PHE GB 83 -74.97 -87.53 -74.49
CA PHE GB 83 -74.77 -88.31 -73.27
C PHE GB 83 -75.87 -87.78 -72.35
N SER GB 84 -77.08 -88.32 -72.53
CA SER GB 84 -78.30 -87.70 -72.03
C SER GB 84 -78.49 -87.83 -70.53
N GLY GB 85 -78.98 -86.76 -69.89
CA GLY GB 85 -79.31 -86.76 -68.47
C GLY GB 85 -78.16 -86.41 -67.53
N LYS GB 86 -76.98 -86.98 -67.80
CA LYS GB 86 -75.85 -86.90 -66.88
C LYS GB 86 -75.17 -85.55 -66.99
N HIS GB 87 -74.81 -84.96 -65.84
CA HIS GB 87 -74.22 -83.62 -65.79
C HIS GB 87 -72.79 -83.61 -66.30
N VAL GB 88 -72.47 -82.59 -67.11
CA VAL GB 88 -71.14 -82.39 -67.65
C VAL GB 88 -70.43 -81.34 -66.83
N VAL GB 89 -69.13 -81.50 -66.62
CA VAL GB 89 -68.30 -80.45 -66.04
C VAL GB 89 -66.84 -80.69 -66.40
N PHE GB 90 -66.29 -79.81 -67.22
CA PHE GB 90 -64.89 -79.93 -67.65
C PHE GB 90 -63.98 -79.29 -66.63
N ILE GB 91 -62.75 -79.79 -66.61
CA ILE GB 91 -61.79 -79.43 -65.58
C ILE GB 91 -60.37 -79.66 -66.12
N ALA GB 92 -59.39 -79.03 -65.49
CA ALA GB 92 -57.99 -79.18 -65.89
C ALA GB 92 -57.35 -80.36 -65.18
N GLN GB 93 -56.14 -80.71 -65.61
CA GLN GB 93 -55.36 -81.79 -65.02
C GLN GB 93 -54.11 -81.25 -64.32
N ARG GB 94 -54.27 -80.84 -63.07
CA ARG GB 94 -53.19 -80.26 -62.27
C ARG GB 94 -52.52 -81.30 -61.39
N ARG GB 95 -51.19 -81.31 -61.41
CA ARG GB 95 -50.37 -82.35 -60.76
C ARG GB 95 -50.54 -82.45 -59.24
N ILE GB 96 -50.25 -81.33 -58.55
CA ILE GB 96 -49.98 -81.31 -57.11
C ILE GB 96 -48.72 -82.12 -56.81
N LEU GB 97 -47.67 -81.43 -56.37
CA LEU GB 97 -46.49 -82.08 -55.84
C LEU GB 97 -46.52 -82.15 -54.33
N PRO GB 98 -45.80 -83.13 -53.75
CA PRO GB 98 -45.65 -83.17 -52.30
C PRO GB 98 -44.80 -82.04 -51.71
N LYS GB 99 -45.26 -81.49 -50.59
CA LYS GB 99 -44.50 -80.55 -49.79
C LYS GB 99 -43.20 -81.22 -49.40
N PRO GB 100 -42.06 -80.58 -49.74
CA PRO GB 100 -40.77 -81.17 -49.43
C PRO GB 100 -40.48 -81.11 -47.93
N THR GB 101 -39.65 -82.02 -47.47
CA THR GB 101 -39.39 -82.19 -46.05
C THR GB 101 -37.92 -82.57 -45.83
N ARG GB 102 -37.53 -82.72 -44.57
CA ARG GB 102 -36.23 -83.31 -44.24
C ARG GB 102 -36.33 -84.82 -44.51
N LYS GB 103 -37.48 -85.39 -44.11
CA LYS GB 103 -37.83 -86.80 -44.35
C LYS GB 103 -37.75 -87.16 -45.85
N SER GB 104 -38.77 -86.77 -46.63
CA SER GB 104 -38.70 -86.86 -48.08
C SER GB 104 -37.76 -85.76 -48.54
N ARG GB 105 -36.47 -86.10 -48.58
CA ARG GB 105 -35.37 -85.14 -48.64
C ARG GB 105 -35.21 -84.45 -50.00
N THR GB 106 -34.16 -83.63 -50.11
CA THR GB 106 -33.69 -83.16 -51.41
C THR GB 106 -33.26 -84.33 -52.31
N LYS GB 107 -33.82 -84.36 -53.51
CA LYS GB 107 -33.48 -85.33 -54.54
C LYS GB 107 -32.19 -84.76 -55.17
N ASN GB 108 -32.27 -84.17 -56.35
CA ASN GB 108 -31.47 -82.99 -56.67
C ASN GB 108 -32.45 -81.82 -56.66
N LYS GB 109 -33.54 -82.00 -57.39
CA LYS GB 109 -34.80 -81.27 -57.19
C LYS GB 109 -34.79 -79.79 -57.52
N GLN GB 110 -36.00 -79.25 -57.60
CA GLN GB 110 -36.25 -77.87 -57.95
C GLN GB 110 -37.37 -77.33 -57.07
N LYS GB 111 -37.43 -76.00 -56.97
CA LYS GB 111 -38.22 -75.32 -55.94
C LYS GB 111 -39.49 -76.06 -55.54
N ARG GB 112 -40.43 -76.16 -56.48
CA ARG GB 112 -41.81 -76.62 -56.26
C ARG GB 112 -42.71 -75.38 -56.23
N PRO GB 113 -43.16 -74.92 -57.41
CA PRO GB 113 -43.90 -73.67 -57.42
C PRO GB 113 -45.33 -73.85 -56.93
N ARG GB 114 -46.00 -72.73 -56.68
CA ARG GB 114 -47.35 -72.74 -56.13
C ARG GB 114 -48.31 -73.43 -57.07
N SER GB 115 -48.18 -73.13 -58.36
CA SER GB 115 -48.82 -73.89 -59.43
C SER GB 115 -49.10 -75.34 -59.00
N ARG GB 116 -48.07 -76.01 -58.47
CA ARG GB 116 -48.17 -77.37 -57.98
C ARG GB 116 -48.09 -77.42 -56.45
N THR GB 117 -49.02 -76.74 -55.80
CA THR GB 117 -49.12 -76.77 -54.34
C THR GB 117 -50.59 -76.88 -53.94
N LEU GB 118 -50.91 -77.96 -53.21
CA LEU GB 118 -52.30 -78.38 -52.90
C LEU GB 118 -53.35 -77.29 -53.02
N THR GB 119 -53.19 -76.25 -52.21
CA THR GB 119 -54.22 -75.22 -52.06
C THR GB 119 -54.47 -74.47 -53.35
N ALA GB 120 -53.37 -74.06 -53.99
CA ALA GB 120 -53.42 -73.40 -55.30
C ALA GB 120 -54.05 -74.28 -56.37
N VAL GB 121 -53.85 -75.58 -56.27
CA VAL GB 121 -54.51 -76.54 -57.13
C VAL GB 121 -55.99 -76.59 -56.80
N HIS GB 122 -56.32 -76.87 -55.54
CA HIS GB 122 -57.72 -77.03 -55.12
C HIS GB 122 -58.61 -75.83 -55.36
N ASP GB 123 -58.04 -74.63 -55.31
CA ASP GB 123 -58.77 -73.41 -55.71
C ASP GB 123 -58.99 -73.36 -57.21
N ALA GB 124 -57.98 -73.77 -57.99
CA ALA GB 124 -58.10 -73.82 -59.45
C ALA GB 124 -59.11 -74.87 -59.93
N ILE GB 125 -59.18 -76.00 -59.24
CA ILE GB 125 -60.22 -77.01 -59.48
C ILE GB 125 -61.61 -76.43 -59.25
N LEU GB 126 -61.75 -75.59 -58.22
CA LEU GB 126 -63.03 -74.95 -57.91
C LEU GB 126 -63.42 -73.87 -58.94
N GLU GB 127 -62.43 -73.17 -59.47
CA GLU GB 127 -62.65 -72.17 -60.52
C GLU GB 127 -62.99 -72.81 -61.87
N ASP GB 128 -62.46 -74.01 -62.10
CA ASP GB 128 -62.74 -74.76 -63.33
C ASP GB 128 -64.16 -75.30 -63.31
N LEU GB 129 -64.56 -75.92 -62.19
CA LEU GB 129 -65.90 -76.45 -61.99
C LEU GB 129 -67.03 -75.62 -62.59
N VAL GB 130 -67.06 -74.36 -62.21
CA VAL GB 130 -68.26 -73.53 -62.36
C VAL GB 130 -68.08 -72.59 -63.55
N PHE GB 131 -67.79 -73.17 -64.71
CA PHE GB 131 -67.27 -72.42 -65.87
C PHE GB 131 -67.85 -71.01 -66.04
N PRO GB 132 -69.18 -70.91 -66.23
CA PRO GB 132 -69.73 -69.60 -66.54
C PRO GB 132 -70.06 -68.76 -65.30
N SER GB 133 -69.75 -69.26 -64.10
CA SER GB 133 -69.97 -68.53 -62.86
C SER GB 133 -69.07 -67.31 -62.73
N GLU GB 134 -67.76 -67.57 -62.62
CA GLU GB 134 -66.79 -66.57 -62.14
C GLU GB 134 -67.10 -66.37 -60.65
N ILE GB 135 -66.50 -67.21 -59.81
CA ILE GB 135 -66.73 -67.20 -58.35
C ILE GB 135 -66.47 -65.81 -57.81
N VAL GB 136 -67.40 -65.27 -57.04
CA VAL GB 136 -67.21 -63.94 -56.46
C VAL GB 136 -66.28 -64.02 -55.26
N GLY GB 137 -66.71 -64.77 -54.24
CA GLY GB 137 -66.02 -64.84 -52.95
C GLY GB 137 -65.99 -66.23 -52.37
N LYS GB 138 -65.41 -66.34 -51.18
CA LYS GB 138 -65.40 -67.58 -50.39
C LYS GB 138 -65.66 -67.23 -48.94
N ARG GB 139 -66.09 -68.24 -48.19
CA ARG GB 139 -66.12 -68.21 -46.72
C ARG GB 139 -65.75 -69.59 -46.24
N ILE GB 140 -65.39 -69.72 -44.96
CA ILE GB 140 -65.16 -71.06 -44.37
C ILE GB 140 -65.59 -71.20 -42.89
N ARG GB 141 -66.81 -71.70 -42.69
CA ARG GB 141 -67.31 -72.09 -41.36
C ARG GB 141 -66.51 -73.27 -40.82
N VAL GB 142 -65.69 -72.99 -39.80
CA VAL GB 142 -65.17 -74.03 -38.92
C VAL GB 142 -66.27 -74.30 -37.93
N LYS GB 143 -67.01 -75.39 -38.15
CA LYS GB 143 -68.12 -75.76 -37.26
C LYS GB 143 -67.60 -76.30 -35.94
N LEU GB 144 -68.49 -76.42 -34.96
CA LEU GB 144 -68.06 -76.67 -33.57
C LEU GB 144 -67.52 -78.08 -33.32
N ASP GB 145 -67.72 -78.99 -34.28
CA ASP GB 145 -66.92 -80.21 -34.38
C ASP GB 145 -65.43 -79.85 -34.53
N GLY GB 146 -65.16 -78.99 -35.51
CA GLY GB 146 -63.80 -78.70 -35.96
C GLY GB 146 -63.69 -78.79 -37.48
N SER GB 147 -64.60 -79.52 -38.11
CA SER GB 147 -64.62 -79.66 -39.57
C SER GB 147 -64.98 -78.34 -40.25
N ARG GB 148 -64.33 -78.09 -41.39
CA ARG GB 148 -64.39 -76.81 -42.10
C ARG GB 148 -65.24 -76.90 -43.36
N LEU GB 149 -66.43 -76.29 -43.28
CA LEU GB 149 -67.35 -76.20 -44.40
C LEU GB 149 -66.97 -74.98 -45.22
N ILE GB 150 -66.89 -75.13 -46.55
CA ILE GB 150 -66.59 -74.03 -47.48
C ILE GB 150 -67.86 -73.54 -48.15
N LYS GB 151 -68.07 -72.23 -48.15
CA LYS GB 151 -69.22 -71.62 -48.80
C LYS GB 151 -68.74 -70.71 -49.93
N VAL GB 152 -69.09 -71.05 -51.17
CA VAL GB 152 -68.69 -70.27 -52.36
C VAL GB 152 -69.83 -69.35 -52.78
N HIS GB 153 -69.45 -68.17 -53.28
CA HIS GB 153 -70.40 -67.16 -53.71
C HIS GB 153 -70.30 -67.01 -55.21
N LEU GB 154 -71.15 -67.74 -55.95
CA LEU GB 154 -71.17 -67.64 -57.41
C LEU GB 154 -71.85 -66.35 -57.82
N ASP GB 155 -71.66 -65.96 -59.08
CA ASP GB 155 -71.94 -64.59 -59.52
C ASP GB 155 -73.43 -64.17 -59.47
N LYS GB 156 -74.13 -64.21 -60.61
CA LYS GB 156 -75.44 -63.56 -60.80
C LYS GB 156 -75.75 -63.64 -62.28
N ALA GB 157 -74.81 -63.15 -63.08
CA ALA GB 157 -74.77 -63.43 -64.50
C ALA GB 157 -74.47 -64.92 -64.65
N GLN GB 158 -75.17 -65.56 -65.58
CA GLN GB 158 -75.09 -67.00 -65.80
C GLN GB 158 -75.45 -67.84 -64.56
N GLN GB 159 -76.35 -67.32 -63.72
CA GLN GB 159 -76.86 -68.06 -62.56
C GLN GB 159 -77.91 -69.07 -63.02
N ASN GB 160 -78.82 -68.65 -63.90
CA ASN GB 160 -79.80 -69.56 -64.50
C ASN GB 160 -79.16 -70.67 -65.34
N ASN GB 161 -77.99 -70.38 -65.92
CA ASN GB 161 -77.22 -71.38 -66.67
C ASN GB 161 -76.59 -72.45 -65.79
N VAL GB 162 -76.22 -72.08 -64.57
CA VAL GB 162 -75.38 -72.89 -63.68
C VAL GB 162 -76.07 -73.44 -62.40
N GLU GB 163 -77.21 -72.86 -62.01
CA GLU GB 163 -77.84 -73.17 -60.70
C GLU GB 163 -78.41 -74.58 -60.53
N HIS GB 164 -78.70 -75.27 -61.63
CA HIS GB 164 -79.21 -76.65 -61.57
C HIS GB 164 -78.12 -77.72 -61.31
N LYS GB 165 -76.85 -77.35 -61.44
CA LYS GB 165 -75.72 -78.26 -61.22
C LYS GB 165 -75.07 -78.14 -59.82
N VAL GB 166 -75.76 -77.48 -58.88
CA VAL GB 166 -75.20 -77.15 -57.56
C VAL GB 166 -74.80 -78.38 -56.76
N GLU GB 167 -75.76 -79.30 -56.58
CA GLU GB 167 -75.51 -80.55 -55.85
C GLU GB 167 -74.43 -81.39 -56.54
N THR GB 168 -74.41 -81.34 -57.87
CA THR GB 168 -73.45 -82.09 -58.68
C THR GB 168 -72.03 -81.51 -58.54
N PHE GB 169 -71.91 -80.18 -58.48
CA PHE GB 169 -70.61 -79.53 -58.24
C PHE GB 169 -70.03 -79.94 -56.90
N SER GB 170 -70.84 -79.77 -55.85
CA SER GB 170 -70.50 -80.19 -54.49
C SER GB 170 -69.99 -81.63 -54.45
N GLY GB 171 -70.68 -82.52 -55.14
CA GLY GB 171 -70.27 -83.91 -55.27
C GLY GB 171 -68.93 -84.06 -55.98
N VAL GB 172 -68.79 -83.38 -57.12
CA VAL GB 172 -67.57 -83.46 -57.93
C VAL GB 172 -66.34 -82.96 -57.19
N TYR GB 173 -66.46 -81.79 -56.56
CA TYR GB 173 -65.37 -81.21 -55.77
C TYR GB 173 -64.98 -82.09 -54.58
N LYS GB 174 -65.97 -82.71 -53.93
CA LYS GB 174 -65.69 -83.64 -52.84
C LYS GB 174 -64.89 -84.83 -53.35
N LYS GB 175 -65.23 -85.36 -54.53
CA LYS GB 175 -64.53 -86.52 -55.08
C LYS GB 175 -63.08 -86.19 -55.45
N LEU GB 176 -62.85 -84.97 -55.92
CA LEU GB 176 -61.52 -84.50 -56.32
C LEU GB 176 -60.64 -84.16 -55.12
N THR GB 177 -61.22 -83.46 -54.14
CA THR GB 177 -60.46 -82.82 -53.03
C THR GB 177 -60.71 -83.46 -51.66
N GLY GB 178 -61.97 -83.74 -51.36
CA GLY GB 178 -62.39 -84.38 -50.11
C GLY GB 178 -62.82 -83.38 -49.07
N LYS GB 179 -63.50 -82.31 -49.50
CA LYS GB 179 -63.82 -81.18 -48.64
C LYS GB 179 -65.22 -80.67 -48.97
N ASP GB 180 -66.02 -80.42 -47.94
CA ASP GB 180 -67.44 -80.16 -48.09
C ASP GB 180 -67.67 -78.72 -48.57
N VAL GB 181 -68.55 -78.55 -49.56
CA VAL GB 181 -68.78 -77.25 -50.20
C VAL GB 181 -70.24 -77.01 -50.52
N ASN GB 182 -70.76 -75.85 -50.11
CA ASN GB 182 -72.05 -75.33 -50.54
C ASN GB 182 -71.82 -74.12 -51.44
N PHE GB 183 -72.84 -73.75 -52.21
CA PHE GB 183 -72.73 -72.67 -53.20
C PHE GB 183 -73.84 -71.64 -53.02
N GLU GB 184 -73.54 -70.38 -53.33
CA GLU GB 184 -74.36 -69.24 -52.92
C GLU GB 184 -74.57 -68.24 -54.07
N PHE GB 185 -75.67 -67.49 -54.01
CA PHE GB 185 -76.03 -66.50 -55.03
C PHE GB 185 -76.65 -65.27 -54.36
N PRO GB 186 -75.82 -64.43 -53.70
CA PRO GB 186 -76.36 -63.39 -52.82
C PRO GB 186 -76.67 -62.04 -53.50
N GLU GB 187 -75.65 -61.29 -53.91
CA GLU GB 187 -75.84 -59.96 -54.53
C GLU GB 187 -74.58 -59.45 -55.24
N PHE GB 188 -74.73 -58.34 -55.96
CA PHE GB 188 -73.59 -57.58 -56.50
C PHE GB 188 -72.95 -56.74 -55.40
N GLN GB 189 -71.71 -56.34 -55.63
CA GLN GB 189 -70.92 -55.57 -54.66
C GLN GB 189 -70.89 -54.09 -55.03
N GLY HB 1 14.91 -70.41 -17.81
CA GLY HB 1 16.07 -70.37 -18.74
C GLY HB 1 15.74 -69.65 -20.03
N ILE HB 2 15.74 -70.41 -21.13
CA ILE HB 2 15.68 -69.87 -22.49
C ILE HB 2 14.47 -70.54 -23.16
N SER HB 3 13.28 -70.11 -22.72
CA SER HB 3 12.09 -70.97 -22.77
C SER HB 3 11.23 -70.91 -24.02
N ARG HB 4 11.00 -72.07 -24.63
CA ARG HB 4 9.89 -72.25 -25.56
C ARG HB 4 8.61 -72.35 -24.78
N ASP HB 5 7.73 -71.35 -24.94
CA ASP HB 5 6.37 -71.42 -24.39
C ASP HB 5 5.58 -70.15 -24.70
N ASN HB 6 4.33 -70.34 -25.11
CA ASN HB 6 3.43 -69.25 -25.48
C ASN HB 6 3.10 -68.27 -24.36
N TRP HB 7 3.12 -68.73 -23.11
CA TRP HB 7 2.80 -67.88 -21.96
C TRP HB 7 3.42 -66.48 -21.98
N HIS HB 8 4.59 -66.34 -22.64
CA HIS HB 8 5.36 -65.09 -22.58
C HIS HB 8 5.02 -64.09 -23.67
N LYS HB 9 4.02 -64.37 -24.51
CA LYS HB 9 3.72 -63.45 -25.58
C LYS HB 9 2.24 -63.17 -25.80
N ARG HB 10 1.97 -62.01 -26.39
CA ARG HB 10 0.63 -61.42 -26.44
C ARG HB 10 -0.40 -62.30 -27.11
N ARG HB 11 -1.67 -62.02 -26.84
CA ARG HB 11 -2.75 -62.79 -27.40
C ARG HB 11 -3.08 -62.33 -28.81
N LYS HB 12 -3.89 -63.14 -29.50
CA LYS HB 12 -4.35 -62.82 -30.85
C LYS HB 12 -4.94 -61.42 -30.96
N THR HB 13 -5.69 -60.99 -29.95
CA THR HB 13 -6.25 -59.64 -29.88
C THR HB 13 -5.20 -58.54 -29.77
N GLY HB 14 -4.06 -58.88 -29.15
CA GLY HB 14 -2.90 -58.00 -29.07
C GLY HB 14 -2.56 -57.59 -27.65
N GLY HB 15 -3.49 -57.77 -26.72
CA GLY HB 15 -3.26 -57.40 -25.32
C GLY HB 15 -2.23 -58.25 -24.62
N LYS HB 16 -1.63 -57.70 -23.57
CA LYS HB 16 -0.60 -58.40 -22.80
C LYS HB 16 -1.19 -59.56 -22.02
N ARG HB 17 -0.44 -60.66 -21.98
CA ARG HB 17 -0.68 -61.74 -21.04
C ARG HB 17 0.05 -61.40 -19.75
N LYS HB 18 -0.27 -62.15 -18.71
CA LYS HB 18 0.37 -62.02 -17.42
C LYS HB 18 1.07 -63.33 -17.13
N PRO HB 19 2.15 -63.30 -16.34
CA PRO HB 19 2.85 -64.51 -15.96
C PRO HB 19 2.15 -65.14 -14.75
N TYR HB 20 1.44 -66.24 -14.95
CA TYR HB 20 0.70 -66.87 -13.83
C TYR HB 20 1.58 -67.82 -13.01
N HIS HB 21 2.74 -68.20 -13.53
CA HIS HB 21 3.76 -68.91 -12.77
C HIS HB 21 5.16 -68.63 -13.32
N LYS HB 22 6.18 -69.23 -12.69
CA LYS HB 22 7.55 -69.12 -13.16
C LYS HB 22 7.86 -70.19 -14.20
N LYS HB 23 9.03 -70.09 -14.82
CA LYS HB 23 9.40 -70.97 -15.95
C LYS HB 23 9.52 -72.42 -15.49
N ARG HB 24 9.41 -73.34 -16.43
CA ARG HB 24 9.29 -74.76 -16.11
C ARG HB 24 10.26 -75.62 -16.87
N LYS HB 25 11.04 -76.46 -16.18
CA LYS HB 25 12.04 -77.28 -16.90
C LYS HB 25 11.37 -78.30 -17.84
N TYR HB 26 10.99 -77.78 -19.00
CA TYR HB 26 10.33 -78.49 -20.10
C TYR HB 26 9.77 -77.40 -21.00
N GLU HB 27 9.21 -76.37 -20.39
CA GLU HB 27 9.06 -75.09 -21.03
C GLU HB 27 10.49 -74.55 -21.07
N LEU HB 28 11.30 -75.12 -21.96
CA LEU HB 28 12.74 -75.02 -21.93
C LEU HB 28 13.24 -74.82 -23.34
N GLY HB 29 14.45 -74.33 -23.47
CA GLY HB 29 15.19 -74.45 -24.70
C GLY HB 29 16.63 -74.74 -24.41
N ARG HB 30 17.43 -74.78 -25.46
CA ARG HB 30 18.86 -74.83 -25.32
C ARG HB 30 19.56 -73.91 -26.32
N PRO HB 31 20.86 -73.65 -26.11
CA PRO HB 31 21.55 -72.84 -27.07
C PRO HB 31 21.87 -73.68 -28.30
N ALA HB 32 21.84 -73.04 -29.47
CA ALA HB 32 21.92 -73.75 -30.74
C ALA HB 32 23.30 -74.37 -30.99
N ALA HB 33 23.28 -75.51 -31.68
CA ALA HB 33 24.48 -76.24 -32.03
C ALA HB 33 25.31 -75.45 -33.01
N ASN HB 34 24.63 -74.97 -34.06
CA ASN HB 34 25.24 -74.30 -35.21
C ASN HB 34 26.53 -74.97 -35.65
N THR HB 35 26.38 -76.26 -36.00
CA THR HB 35 27.51 -77.13 -36.28
C THR HB 35 28.23 -76.72 -37.55
N LYS HB 36 29.56 -76.77 -37.52
CA LYS HB 36 30.39 -76.30 -38.60
C LYS HB 36 30.95 -77.44 -39.43
N ILE HB 37 31.70 -77.05 -40.46
CA ILE HB 37 32.59 -77.96 -41.17
C ILE HB 37 33.91 -78.06 -40.39
N GLY HB 38 34.44 -79.28 -40.32
CA GLY HB 38 35.66 -79.58 -39.57
C GLY HB 38 35.70 -81.03 -39.11
N PRO HB 39 36.85 -81.48 -38.56
CA PRO HB 39 37.00 -82.86 -38.11
C PRO HB 39 36.19 -83.13 -36.83
N ARG HB 40 35.54 -84.29 -36.79
CA ARG HB 40 34.37 -84.53 -35.93
C ARG HB 40 34.51 -84.07 -34.48
N ARG HB 41 33.48 -83.38 -34.01
CA ARG HB 41 33.33 -82.97 -32.61
C ARG HB 41 31.85 -83.01 -32.28
N ILE HB 42 31.46 -83.99 -31.48
CA ILE HB 42 30.06 -84.16 -31.09
C ILE HB 42 29.94 -84.13 -29.58
N HIS HB 43 28.83 -83.57 -29.11
CA HIS HB 43 28.47 -83.58 -27.71
C HIS HB 43 27.11 -84.25 -27.58
N THR HB 44 26.99 -85.15 -26.60
CA THR HB 44 25.70 -85.73 -26.28
C THR HB 44 25.05 -84.87 -25.21
N VAL HB 45 23.71 -84.92 -25.17
CA VAL HB 45 22.92 -84.07 -24.29
C VAL HB 45 21.87 -84.93 -23.65
N ARG HB 46 21.79 -84.88 -22.33
CA ARG HB 46 20.66 -85.46 -21.61
C ARG HB 46 19.41 -84.64 -21.95
N VAL HB 47 18.37 -85.34 -22.38
CA VAL HB 47 17.09 -84.72 -22.69
C VAL HB 47 15.99 -85.19 -21.75
N ARG HB 48 14.77 -84.72 -22.01
CA ARG HB 48 13.59 -85.13 -21.26
C ARG HB 48 13.39 -86.64 -21.30
N GLY HB 49 12.96 -87.20 -20.17
CA GLY HB 49 12.67 -88.62 -20.07
C GLY HB 49 13.88 -89.52 -20.25
N GLY HB 50 15.03 -89.06 -19.78
CA GLY HB 50 16.30 -89.70 -20.10
C GLY HB 50 16.59 -89.45 -21.57
N ASN HB 51 17.15 -90.43 -22.27
CA ASN HB 51 17.50 -90.32 -23.70
C ASN HB 51 18.62 -89.32 -23.98
N LYS HB 52 19.07 -89.30 -25.23
CA LYS HB 52 20.27 -88.57 -25.60
C LYS HB 52 20.09 -87.89 -26.94
N LYS HB 53 20.54 -86.63 -27.01
CA LYS HB 53 20.55 -85.89 -28.26
C LYS HB 53 22.01 -85.69 -28.54
N TYR HB 54 22.44 -86.08 -29.73
CA TYR HB 54 23.86 -86.19 -30.04
C TYR HB 54 24.25 -84.99 -30.89
N ARG HB 55 24.49 -83.88 -30.19
CA ARG HB 55 24.69 -82.56 -30.77
C ARG HB 55 26.00 -82.43 -31.51
N ALA HB 56 25.94 -82.35 -32.83
CA ALA HB 56 27.14 -82.09 -33.63
C ALA HB 56 27.57 -80.64 -33.42
N LEU HB 57 28.85 -80.41 -33.13
CA LEU HB 57 29.41 -79.04 -33.13
C LEU HB 57 30.33 -78.80 -34.30
N ARG HB 58 31.08 -79.83 -34.67
CA ARG HB 58 31.77 -79.88 -35.95
C ARG HB 58 31.32 -81.12 -36.66
N LEU HB 59 31.66 -81.18 -37.94
CA LEU HB 59 31.34 -82.34 -38.76
C LEU HB 59 32.06 -82.22 -40.09
N ASP HB 60 32.26 -83.34 -40.76
CA ASP HB 60 33.04 -83.39 -42.00
C ASP HB 60 32.38 -84.23 -43.08
N VAL HB 61 32.04 -85.46 -42.74
CA VAL HB 61 31.55 -86.44 -43.69
C VAL HB 61 30.02 -86.44 -43.69
N GLY HB 62 29.44 -87.30 -44.50
CA GLY HB 62 28.00 -87.46 -44.50
C GLY HB 62 27.58 -88.56 -45.46
N ASN HB 63 26.40 -89.11 -45.21
CA ASN HB 63 25.89 -90.24 -45.94
C ASN HB 63 24.83 -89.80 -46.95
N PHE HB 64 25.32 -89.30 -48.09
CA PHE HB 64 24.49 -88.68 -49.10
C PHE HB 64 24.02 -89.66 -50.14
N SER HB 65 22.73 -89.64 -50.43
CA SER HB 65 22.13 -90.58 -51.38
C SER HB 65 21.90 -89.94 -52.73
N TRP HB 66 22.64 -90.44 -53.71
CA TRP HB 66 22.33 -90.18 -55.10
C TRP HB 66 21.10 -91.02 -55.40
N GLY HB 67 19.97 -90.35 -55.59
CA GLY HB 67 18.67 -91.00 -55.66
C GLY HB 67 18.45 -91.73 -56.97
N SER HB 68 18.72 -91.05 -58.07
CA SER HB 68 18.41 -91.56 -59.40
C SER HB 68 19.19 -92.83 -59.77
N GLU HB 69 20.46 -92.87 -59.39
CA GLU HB 69 21.28 -94.07 -59.58
C GLU HB 69 21.30 -94.99 -58.34
N CYS HB 70 20.73 -94.52 -57.23
CA CYS HB 70 20.41 -95.33 -56.03
C CYS HB 70 21.59 -95.60 -55.07
N CYS HB 71 22.81 -95.30 -55.50
CA CYS HB 71 23.98 -95.44 -54.63
C CYS HB 71 23.98 -94.33 -53.59
N THR HB 72 24.37 -94.68 -52.37
CA THR HB 72 24.44 -93.73 -51.25
C THR HB 72 25.68 -93.98 -50.41
N ARG HB 73 26.83 -93.69 -51.01
CA ARG HB 73 28.11 -93.79 -50.32
C ARG HB 73 28.31 -92.63 -49.34
N LYS HB 74 29.14 -92.91 -48.34
CA LYS HB 74 29.64 -91.90 -47.42
C LYS HB 74 30.72 -91.10 -48.13
N THR HB 75 30.77 -89.80 -47.83
CA THR HB 75 31.68 -88.89 -48.51
C THR HB 75 32.03 -87.72 -47.63
N ARG HB 76 33.01 -86.92 -48.05
CA ARG HB 76 33.28 -85.62 -47.43
C ARG HB 76 32.16 -84.60 -47.71
N ILE HB 77 31.88 -83.74 -46.72
CA ILE HB 77 31.19 -82.45 -46.95
C ILE HB 77 32.28 -81.40 -47.03
N ILE HB 78 32.77 -81.29 -48.24
CA ILE HB 78 33.71 -80.25 -48.61
C ILE HB 78 33.32 -78.79 -48.17
N ASP HB 79 32.18 -78.24 -48.65
CA ASP HB 79 31.79 -76.84 -48.31
C ASP HB 79 30.28 -76.62 -48.38
N VAL HB 80 29.80 -75.62 -47.62
CA VAL HB 80 28.43 -75.13 -47.73
C VAL HB 80 28.33 -74.01 -48.78
N VAL HB 81 27.33 -74.14 -49.65
CA VAL HB 81 27.20 -73.26 -50.82
C VAL HB 81 26.06 -72.24 -50.71
N TYR HB 82 24.97 -72.63 -50.07
CA TYR HB 82 23.72 -71.86 -50.12
C TYR HB 82 22.78 -72.36 -49.05
N ASN HB 83 22.08 -71.43 -48.41
CA ASN HB 83 21.12 -71.76 -47.37
C ASN HB 83 20.00 -70.72 -47.34
N ALA HB 84 18.81 -71.11 -47.81
CA ALA HB 84 17.70 -70.18 -48.03
C ALA HB 84 17.00 -69.70 -46.75
N SER HB 85 17.45 -70.15 -45.58
CA SER HB 85 17.07 -69.51 -44.33
C SER HB 85 17.74 -68.14 -44.29
N ASN HB 86 19.07 -68.15 -44.31
CA ASN HB 86 19.87 -66.98 -43.94
C ASN HB 86 21.26 -67.09 -44.56
N ASN HB 87 21.69 -66.02 -45.23
CA ASN HB 87 22.98 -65.98 -45.94
C ASN HB 87 24.16 -66.21 -45.01
N GLU HB 88 24.15 -65.55 -43.86
CA GLU HB 88 25.26 -65.63 -42.91
C GLU HB 88 25.66 -67.07 -42.56
N LEU HB 89 24.69 -67.96 -42.57
CA LEU HB 89 24.94 -69.38 -42.28
C LEU HB 89 25.70 -70.10 -43.40
N VAL HB 90 25.67 -69.54 -44.61
CA VAL HB 90 26.55 -69.97 -45.71
C VAL HB 90 27.97 -69.47 -45.45
N ARG HB 91 28.05 -68.21 -45.05
CA ARG HB 91 29.30 -67.51 -44.80
C ARG HB 91 30.09 -68.16 -43.66
N THR HB 92 29.39 -68.53 -42.61
CA THR HB 92 29.96 -69.25 -41.48
C THR HB 92 30.42 -70.66 -41.85
N LYS HB 93 29.71 -71.26 -42.80
CA LYS HB 93 29.71 -72.70 -43.06
C LYS HB 93 29.15 -73.39 -41.84
N THR HB 94 27.87 -73.09 -41.60
CA THR HB 94 27.07 -73.72 -40.57
C THR HB 94 26.17 -74.72 -41.26
N LEU HB 95 26.05 -75.90 -40.66
CA LEU HB 95 25.37 -77.03 -41.29
C LEU HB 95 24.03 -77.29 -40.61
N VAL HB 96 22.99 -77.29 -41.43
CA VAL HB 96 21.63 -77.29 -40.92
C VAL HB 96 20.82 -78.17 -41.84
N LYS HB 97 19.54 -78.33 -41.54
CA LYS HB 97 18.66 -79.06 -42.43
C LYS HB 97 18.39 -78.22 -43.67
N ASN HB 98 18.41 -78.85 -44.84
CA ASN HB 98 18.23 -78.16 -46.13
C ASN HB 98 19.33 -77.13 -46.45
N CYS HB 99 20.54 -77.40 -45.99
CA CYS HB 99 21.72 -76.67 -46.44
C CYS HB 99 22.09 -77.28 -47.78
N ILE HB 100 22.56 -76.44 -48.71
CA ILE HB 100 23.12 -76.96 -49.94
C ILE HB 100 24.60 -76.98 -49.71
N VAL HB 101 25.17 -78.19 -49.69
CA VAL HB 101 26.60 -78.38 -49.54
C VAL HB 101 27.19 -78.91 -50.81
N LEU HB 102 28.51 -79.00 -50.82
CA LEU HB 102 29.23 -79.74 -51.84
C LEU HB 102 29.75 -81.02 -51.22
N ILE HB 103 29.89 -82.04 -52.05
CA ILE HB 103 30.48 -83.31 -51.64
C ILE HB 103 31.35 -83.83 -52.78
N ASP HB 104 32.40 -84.57 -52.43
CA ASP HB 104 33.28 -85.15 -53.44
C ASP HB 104 32.53 -86.20 -54.22
N SER HB 105 32.72 -86.21 -55.52
CA SER HB 105 32.02 -87.16 -56.37
C SER HB 105 32.63 -88.57 -56.34
N THR HB 106 33.79 -88.73 -55.68
CA THR HB 106 34.66 -89.87 -55.94
C THR HB 106 34.04 -91.25 -55.71
N PRO HB 107 33.21 -91.41 -54.66
CA PRO HB 107 32.57 -92.71 -54.48
C PRO HB 107 31.41 -92.96 -55.47
N TYR HB 108 30.78 -91.89 -55.94
CA TYR HB 108 29.73 -92.00 -56.96
C TYR HB 108 30.40 -92.25 -58.29
N ARG HB 109 31.57 -91.63 -58.50
CA ARG HB 109 32.40 -91.89 -59.68
C ARG HB 109 32.81 -93.36 -59.68
N GLN HB 110 33.48 -93.78 -58.60
CA GLN HB 110 33.90 -95.18 -58.44
C GLN HB 110 32.75 -96.14 -58.69
N TRP HB 111 31.58 -95.81 -58.16
CA TRP HB 111 30.41 -96.66 -58.30
C TRP HB 111 29.95 -96.75 -59.74
N TYR HB 112 29.87 -95.60 -60.40
CA TYR HB 112 29.36 -95.54 -61.77
C TYR HB 112 30.28 -96.24 -62.76
N GLU HB 113 31.58 -96.08 -62.56
CA GLU HB 113 32.57 -96.82 -63.34
C GLU HB 113 32.38 -98.32 -63.11
N SER HB 114 32.21 -98.73 -61.86
CA SER HB 114 31.88 -100.13 -61.52
C SER HB 114 30.66 -100.69 -62.25
N HIS HB 115 29.58 -99.89 -62.25
CA HIS HB 115 28.23 -100.39 -62.50
C HIS HB 115 27.89 -100.44 -63.98
N TYR HB 116 28.00 -99.29 -64.63
CA TYR HB 116 27.68 -99.16 -66.04
C TYR HB 116 28.90 -99.46 -66.92
N ALA HB 117 30.06 -99.66 -66.29
CA ALA HB 117 31.32 -99.95 -66.99
C ALA HB 117 31.70 -98.84 -67.99
N LEU HB 118 31.35 -97.60 -67.65
CA LEU HB 118 31.64 -96.43 -68.48
C LEU HB 118 32.58 -95.50 -67.73
N PRO HB 119 33.29 -94.63 -68.46
CA PRO HB 119 34.03 -93.58 -67.78
C PRO HB 119 33.08 -92.47 -67.32
N LEU HB 120 33.39 -91.86 -66.18
CA LEU HB 120 32.67 -90.69 -65.69
C LEU HB 120 33.67 -89.62 -65.28
N GLY HB 121 33.49 -88.41 -65.79
CA GLY HB 121 34.51 -87.35 -65.66
C GLY HB 121 35.54 -87.50 -66.76
N ARG HB 122 35.34 -86.76 -67.86
CA ARG HB 122 36.13 -86.92 -69.10
C ARG HB 122 37.60 -86.53 -68.92
N LYS HB 123 38.47 -87.25 -69.62
CA LYS HB 123 39.92 -87.03 -69.57
C LYS HB 123 40.58 -87.53 -70.87
N LYS HB 124 41.85 -87.20 -71.05
CA LYS HB 124 42.58 -87.53 -72.29
C LYS HB 124 42.93 -89.02 -72.37
N GLY HB 125 43.72 -89.50 -71.42
CA GLY HB 125 44.16 -90.90 -71.39
C GLY HB 125 45.09 -91.21 -70.23
N ALA HB 126 44.59 -90.96 -69.02
CA ALA HB 126 45.33 -91.21 -67.77
C ALA HB 126 44.56 -92.12 -66.81
N LYS HB 127 43.28 -91.81 -66.62
CA LYS HB 127 42.34 -92.70 -65.90
C LYS HB 127 41.87 -93.85 -66.79
N LEU HB 128 41.68 -93.56 -68.09
CA LEU HB 128 41.13 -94.53 -69.04
C LEU HB 128 42.06 -95.71 -69.35
N THR HB 129 43.36 -95.42 -69.47
CA THR HB 129 44.34 -96.41 -69.95
C THR HB 129 44.65 -97.55 -68.94
N PRO HB 130 45.01 -97.21 -67.68
CA PRO HB 130 45.38 -98.25 -66.71
C PRO HB 130 44.20 -98.89 -65.94
N GLU HB 131 43.32 -98.06 -65.39
CA GLU HB 131 42.32 -98.52 -64.41
C GLU HB 131 41.04 -99.03 -65.05
N GLU HB 132 40.44 -98.21 -65.93
CA GLU HB 132 39.18 -98.57 -66.59
C GLU HB 132 39.28 -99.82 -67.47
N GLU HB 133 40.41 -99.96 -68.17
CA GLU HB 133 40.67 -101.16 -68.97
C GLU HB 133 40.74 -102.40 -68.06
N GLU HB 134 41.42 -102.27 -66.92
CA GLU HB 134 41.48 -103.33 -65.91
C GLU HB 134 40.09 -103.65 -65.32
N ILE HB 135 39.28 -102.61 -65.11
CA ILE HB 135 37.88 -102.78 -64.69
C ILE HB 135 37.08 -103.49 -65.79
N LEU HB 136 37.36 -103.16 -67.05
CA LEU HB 136 36.76 -103.85 -68.20
C LEU HB 136 37.51 -105.20 -68.40
N ASN HB 137 38.44 -105.29 -69.36
CA ASN HB 137 39.12 -106.54 -69.74
C ASN HB 137 38.34 -107.84 -69.48
N LYS HB 138 37.47 -108.20 -70.42
CA LYS HB 138 36.52 -109.30 -70.23
C LYS HB 138 37.16 -110.65 -70.57
N LYS HB 139 37.63 -111.34 -69.52
CA LYS HB 139 38.11 -112.73 -69.65
C LYS HB 139 36.96 -113.75 -69.65
N ARG HB 140 35.78 -113.35 -69.18
CA ARG HB 140 34.59 -114.22 -69.22
C ARG HB 140 33.90 -114.13 -70.56
N SER HB 141 33.54 -112.90 -70.96
CA SER HB 141 32.65 -112.64 -72.10
C SER HB 141 31.25 -113.21 -71.84
N LYS HB 142 30.39 -113.16 -72.86
CA LYS HB 142 29.05 -113.76 -72.82
C LYS HB 142 28.12 -113.18 -71.73
N LYS HB 143 28.34 -113.58 -70.47
CA LYS HB 143 27.46 -113.16 -69.36
C LYS HB 143 27.61 -111.68 -68.99
N ILE HB 144 28.81 -111.29 -68.58
CA ILE HB 144 29.06 -109.92 -68.10
C ILE HB 144 28.87 -108.85 -69.18
N GLN HB 145 29.28 -109.16 -70.42
CA GLN HB 145 29.10 -108.22 -71.54
C GLN HB 145 27.64 -108.02 -71.87
N LYS HB 146 26.88 -109.11 -71.91
CA LYS HB 146 25.42 -109.06 -72.07
C LYS HB 146 24.75 -108.21 -70.97
N LYS HB 147 25.22 -108.36 -69.73
CA LYS HB 147 24.75 -107.53 -68.61
C LYS HB 147 24.98 -106.04 -68.85
N TYR HB 148 26.21 -105.69 -69.22
CA TYR HB 148 26.58 -104.28 -69.36
C TYR HB 148 26.20 -103.70 -70.73
N ASP HB 149 25.78 -104.58 -71.64
CA ASP HB 149 25.01 -104.18 -72.83
C ASP HB 149 23.57 -103.84 -72.43
N GLU HB 150 23.00 -104.66 -71.53
CA GLU HB 150 21.68 -104.42 -70.94
C GLU HB 150 21.64 -103.11 -70.12
N ARG HB 151 22.78 -102.70 -69.57
CA ARG HB 151 22.93 -101.37 -68.98
C ARG HB 151 23.06 -100.32 -70.08
N LYS HB 152 21.91 -99.99 -70.65
CA LYS HB 152 21.78 -99.50 -72.01
C LYS HB 152 21.77 -97.97 -72.01
N LYS HB 153 21.02 -97.36 -72.93
CA LYS HB 153 20.53 -95.99 -72.75
C LYS HB 153 19.69 -96.06 -71.47
N ASN HB 154 20.31 -95.59 -70.40
CA ASN HB 154 20.11 -96.09 -69.04
C ASN HB 154 21.27 -95.55 -68.21
N ALA HB 155 22.47 -95.67 -68.79
CA ALA HB 155 23.66 -94.92 -68.37
C ALA HB 155 23.43 -93.42 -68.53
N LYS HB 156 23.05 -93.01 -69.74
CA LYS HB 156 22.81 -91.60 -70.12
C LYS HB 156 22.47 -90.70 -68.93
N ILE HB 157 23.52 -90.25 -68.27
CA ILE HB 157 23.43 -89.44 -67.04
C ILE HB 157 23.05 -88.00 -67.39
N SER HB 158 22.47 -87.29 -66.42
CA SER HB 158 22.14 -85.88 -66.58
C SER HB 158 23.36 -85.02 -66.89
N SER HB 159 23.15 -84.00 -67.72
CA SER HB 159 24.21 -83.10 -68.19
C SER HB 159 24.84 -82.29 -67.05
N LEU HB 160 23.98 -81.75 -66.19
CA LEU HB 160 24.41 -80.89 -65.08
C LEU HB 160 25.23 -81.67 -64.07
N LEU HB 161 24.80 -82.90 -63.82
CA LEU HB 161 25.54 -83.82 -62.96
C LEU HB 161 26.89 -84.14 -63.57
N GLU HB 162 26.89 -84.57 -64.83
CA GLU HB 162 28.14 -84.94 -65.55
C GLU HB 162 29.22 -83.85 -65.46
N GLU HB 163 28.80 -82.60 -65.64
CA GLU HB 163 29.69 -81.46 -65.47
C GLU HB 163 30.26 -81.38 -64.06
N GLN HB 164 29.39 -81.59 -63.07
CA GLN HB 164 29.80 -81.57 -61.67
C GLN HB 164 30.81 -82.66 -61.36
N PHE HB 165 30.62 -83.86 -61.90
CA PHE HB 165 31.58 -84.97 -61.73
C PHE HB 165 32.94 -84.64 -62.31
N GLN HB 166 32.94 -84.05 -63.51
CA GLN HB 166 34.21 -83.72 -64.20
C GLN HB 166 34.90 -82.55 -63.52
N GLN HB 167 34.12 -81.66 -62.91
CA GLN HB 167 34.65 -80.72 -61.93
C GLN HB 167 35.09 -81.62 -60.76
N GLY HB 168 34.12 -82.16 -60.03
CA GLY HB 168 34.33 -83.14 -58.95
C GLY HB 168 33.56 -82.94 -57.66
N LYS HB 169 32.64 -81.96 -57.61
CA LYS HB 169 31.86 -81.66 -56.42
C LYS HB 169 30.39 -81.68 -56.77
N LEU HB 170 29.58 -82.35 -55.95
CA LEU HB 170 28.15 -82.46 -56.20
C LEU HB 170 27.39 -81.61 -55.19
N LEU HB 171 26.40 -80.86 -55.67
CA LEU HB 171 25.53 -80.09 -54.79
C LEU HB 171 24.58 -81.09 -54.13
N ALA HB 172 24.53 -81.05 -52.80
CA ALA HB 172 23.78 -82.02 -52.01
C ALA HB 172 23.00 -81.33 -50.89
N CYS HB 173 21.71 -81.64 -50.81
CA CYS HB 173 20.82 -81.06 -49.81
C CYS HB 173 20.82 -81.92 -48.55
N ILE HB 174 21.10 -81.32 -47.40
CA ILE HB 174 21.11 -82.05 -46.14
C ILE HB 174 19.68 -82.30 -45.69
N ALA HB 175 19.40 -83.55 -45.34
CA ALA HB 175 18.09 -83.97 -44.88
C ALA HB 175 18.06 -84.18 -43.36
N SER HB 176 19.22 -84.45 -42.77
CA SER HB 176 19.30 -84.66 -41.33
C SER HB 176 19.22 -83.33 -40.61
N ARG HB 177 19.16 -83.40 -39.28
CA ARG HB 177 19.16 -82.23 -38.40
C ARG HB 177 20.39 -82.34 -37.50
N PRO HB 178 21.55 -81.93 -38.01
CA PRO HB 178 22.85 -82.14 -37.39
C PRO HB 178 22.95 -81.88 -35.91
N GLY HB 179 22.35 -80.78 -35.46
CA GLY HB 179 22.36 -80.44 -34.04
C GLY HB 179 21.61 -81.42 -33.14
N GLN HB 180 20.58 -82.05 -33.69
CA GLN HB 180 19.78 -83.00 -32.96
C GLN HB 180 20.38 -84.39 -33.03
N CYS HB 181 20.46 -84.93 -34.24
CA CYS HB 181 20.90 -86.31 -34.44
C CYS HB 181 22.41 -86.42 -34.31
N GLY HB 182 23.15 -85.57 -35.03
CA GLY HB 182 24.61 -85.65 -35.08
C GLY HB 182 25.15 -85.83 -36.49
N ARG HB 183 24.41 -86.54 -37.33
CA ARG HB 183 24.86 -86.85 -38.68
C ARG HB 183 24.61 -85.68 -39.63
N ALA HB 184 25.04 -85.83 -40.88
CA ALA HB 184 24.73 -84.87 -41.94
C ALA HB 184 24.37 -85.63 -43.24
N ASP HB 185 23.44 -86.57 -43.09
CA ASP HB 185 23.05 -87.45 -44.18
C ASP HB 185 22.00 -86.75 -45.03
N GLY HB 186 22.29 -86.61 -46.32
CA GLY HB 186 21.44 -85.86 -47.24
C GLY HB 186 21.25 -86.55 -48.58
N TYR HB 187 21.20 -85.75 -49.64
CA TYR HB 187 20.99 -86.27 -50.98
C TYR HB 187 21.42 -85.30 -52.06
N VAL HB 188 21.78 -85.87 -53.22
CA VAL HB 188 22.37 -85.09 -54.31
C VAL HB 188 21.27 -84.34 -55.07
N LEU HB 189 21.54 -83.07 -55.39
CA LEU HB 189 20.59 -82.26 -56.15
C LEU HB 189 20.55 -82.80 -57.57
N GLU HB 190 19.35 -82.89 -58.15
CA GLU HB 190 19.18 -83.61 -59.41
C GLU HB 190 18.08 -82.98 -60.27
N GLY HB 191 18.48 -82.45 -61.41
CA GLY HB 191 17.55 -81.98 -62.43
C GLY HB 191 16.86 -80.69 -62.03
N LYS HB 192 15.58 -80.78 -61.72
CA LYS HB 192 14.71 -79.61 -61.54
C LYS HB 192 15.14 -78.76 -60.36
N GLU HB 193 15.45 -79.41 -59.23
CA GLU HB 193 15.95 -78.71 -58.05
C GLU HB 193 17.33 -78.15 -58.32
N LEU HB 194 18.20 -79.00 -58.84
CA LEU HB 194 19.58 -78.60 -59.16
C LEU HB 194 19.61 -77.36 -60.03
N GLU HB 195 18.90 -77.42 -61.15
CA GLU HB 195 18.72 -76.27 -62.04
C GLU HB 195 18.25 -75.02 -61.28
N PHE HB 196 17.31 -75.20 -60.36
CA PHE HB 196 16.82 -74.10 -59.53
C PHE HB 196 17.90 -73.47 -58.64
N TYR HB 197 18.64 -74.31 -57.92
CA TYR HB 197 19.68 -73.80 -56.99
C TYR HB 197 20.87 -73.25 -57.75
N LEU HB 198 21.26 -73.90 -58.84
CA LEU HB 198 22.31 -73.39 -59.70
C LEU HB 198 22.00 -71.97 -60.15
N ARG HB 199 20.76 -71.74 -60.56
CA ARG HB 199 20.31 -70.41 -60.96
C ARG HB 199 20.39 -69.45 -59.77
N LYS HB 200 19.91 -69.89 -58.61
CA LYS HB 200 19.96 -69.09 -57.38
C LYS HB 200 21.38 -68.75 -56.94
N ILE HB 201 22.30 -69.68 -57.21
CA ILE HB 201 23.72 -69.50 -56.95
C ILE HB 201 24.34 -68.52 -57.94
N LYS HB 202 24.03 -68.68 -59.23
CA LYS HB 202 24.44 -67.72 -60.27
C LYS HB 202 23.97 -66.30 -59.95
N ALA HB 203 22.71 -66.16 -59.55
CA ALA HB 203 22.13 -64.86 -59.17
C ALA HB 203 22.85 -64.22 -57.99
N ARG HB 204 23.20 -65.04 -57.00
CA ARG HB 204 23.97 -64.63 -55.82
C ARG HB 204 25.35 -64.07 -56.22
N LYS HB 205 26.03 -64.74 -57.16
CA LYS HB 205 27.39 -64.36 -57.56
C LYS HB 205 27.39 -63.02 -58.33
N GLY HB 206 26.36 -62.79 -59.14
CA GLY HB 206 26.21 -61.53 -59.87
C GLY HB 206 27.14 -61.45 -61.07
N PRO IB 1 -7.17 -82.55 6.08
CA PRO IB 1 -7.55 -83.93 5.79
C PRO IB 1 -7.65 -84.79 7.05
N VAL IB 2 -8.86 -85.26 7.33
CA VAL IB 2 -9.12 -86.08 8.52
C VAL IB 2 -10.18 -87.11 8.19
N ALA IB 3 -10.59 -87.90 9.18
CA ALA IB 3 -11.78 -88.74 9.06
C ALA IB 3 -13.03 -87.83 9.11
N ARG IB 4 -13.92 -88.05 10.08
CA ARG IB 4 -14.96 -87.09 10.46
C ARG IB 4 -16.05 -86.81 9.42
N SER IB 5 -17.14 -86.22 9.90
CA SER IB 5 -18.37 -86.09 9.15
C SER IB 5 -18.59 -84.66 8.67
N TRP IB 6 -18.78 -83.76 9.64
CA TRP IB 6 -19.28 -82.40 9.41
C TRP IB 6 -20.69 -82.38 8.80
N VAL IB 7 -21.42 -83.49 8.92
CA VAL IB 7 -22.76 -83.61 8.36
C VAL IB 7 -23.69 -83.59 9.56
N CYS IB 8 -24.35 -82.46 9.74
CA CYS IB 8 -25.37 -82.30 10.76
C CYS IB 8 -26.32 -81.23 10.29
N ARG IB 9 -27.58 -81.32 10.72
CA ARG IB 9 -28.58 -80.31 10.37
C ARG IB 9 -29.28 -79.85 11.61
N LYS IB 10 -30.13 -78.86 11.44
CA LYS IB 10 -31.07 -78.47 12.48
C LYS IB 10 -32.35 -79.26 12.27
N THR IB 11 -33.01 -79.53 13.39
CA THR IB 11 -34.21 -80.36 13.41
C THR IB 11 -35.47 -79.54 13.61
N TYR IB 12 -35.35 -78.21 13.55
CA TYR IB 12 -36.50 -77.33 13.77
C TYR IB 12 -36.31 -75.96 13.14
N VAL IB 13 -37.43 -75.29 12.91
CA VAL IB 13 -37.45 -73.95 12.37
C VAL IB 13 -38.29 -73.07 13.28
N THR IB 14 -37.71 -71.95 13.71
CA THR IB 14 -38.38 -70.99 14.57
C THR IB 14 -39.46 -70.25 13.80
N PRO IB 15 -40.46 -69.71 14.52
CA PRO IB 15 -41.51 -68.96 13.86
C PRO IB 15 -41.04 -67.55 13.54
N ARG IB 16 -41.56 -66.99 12.46
CA ARG IB 16 -41.22 -65.62 12.06
C ARG IB 16 -41.84 -64.62 13.05
N ARG IB 17 -43.14 -64.38 12.93
CA ARG IB 17 -43.85 -63.41 13.78
C ARG IB 17 -43.84 -63.90 15.24
N PRO IB 18 -42.88 -63.43 16.05
CA PRO IB 18 -42.47 -64.08 17.28
C PRO IB 18 -43.38 -63.91 18.51
N PHE IB 19 -44.35 -62.98 18.43
CA PHE IB 19 -45.28 -62.74 19.54
C PHE IB 19 -46.77 -62.81 19.15
N GLU IB 20 -47.06 -63.39 17.97
CA GLU IB 20 -48.42 -63.50 17.38
C GLU IB 20 -49.61 -63.54 18.34
N LYS IB 21 -49.44 -64.21 19.49
CA LYS IB 21 -50.41 -64.36 20.58
C LYS IB 21 -51.16 -65.67 20.39
N SER IB 22 -51.85 -65.78 19.27
CA SER IB 22 -52.59 -67.00 18.90
C SER IB 22 -51.65 -68.20 18.76
N ARG IB 23 -50.48 -67.96 18.18
CA ARG IB 23 -49.45 -68.98 18.04
C ARG IB 23 -48.95 -69.43 19.40
N LEU IB 24 -48.57 -68.46 20.24
CA LEU IB 24 -48.12 -68.74 21.60
C LEU IB 24 -49.15 -69.51 22.42
N ASP IB 25 -50.42 -69.17 22.22
CA ASP IB 25 -51.54 -69.85 22.89
C ASP IB 25 -51.59 -71.34 22.54
N GLN IB 26 -51.52 -71.63 21.23
CA GLN IB 26 -51.61 -73.00 20.70
C GLN IB 26 -50.42 -73.88 21.10
N GLU IB 27 -49.22 -73.32 21.02
CA GLU IB 27 -47.99 -74.03 21.37
C GLU IB 27 -47.95 -74.42 22.85
N LEU IB 28 -48.39 -73.52 23.72
CA LEU IB 28 -48.43 -73.78 25.16
C LEU IB 28 -49.48 -74.85 25.49
N LYS IB 29 -50.62 -74.80 24.83
CA LYS IB 29 -51.65 -75.83 24.97
C LYS IB 29 -51.10 -77.20 24.57
N LEU IB 30 -50.27 -77.23 23.53
CA LEU IB 30 -49.60 -78.47 23.11
C LEU IB 30 -48.64 -78.97 24.17
N ILE IB 31 -47.90 -78.03 24.75
CA ILE IB 31 -46.99 -78.34 25.87
C ILE IB 31 -47.73 -78.92 27.07
N GLY IB 32 -48.92 -78.39 27.38
CA GLY IB 32 -49.72 -78.89 28.49
C GLY IB 32 -50.25 -80.29 28.31
N GLU IB 33 -50.88 -80.52 27.15
CA GLU IB 33 -51.50 -81.81 26.83
C GLU IB 33 -50.49 -82.95 26.69
N TYR IB 34 -49.27 -82.62 26.28
CA TYR IB 34 -48.18 -83.57 26.15
C TYR IB 34 -46.99 -82.86 26.78
N GLY IB 35 -46.49 -83.39 27.89
CA GLY IB 35 -45.67 -82.63 28.83
C GLY IB 35 -44.28 -82.25 28.35
N LEU IB 36 -44.23 -81.36 27.36
CA LEU IB 36 -43.00 -81.05 26.65
C LEU IB 36 -42.22 -79.99 27.42
N ARG IB 37 -40.90 -80.04 27.28
CA ARG IB 37 -39.99 -79.42 28.26
C ARG IB 37 -39.62 -77.98 27.90
N ASN IB 38 -40.29 -77.41 26.90
CA ASN IB 38 -39.65 -76.42 26.04
C ASN IB 38 -40.48 -76.21 24.79
N LYS IB 39 -40.48 -74.98 24.28
CA LYS IB 39 -41.30 -74.64 23.12
C LYS IB 39 -40.79 -75.35 21.89
N ARG IB 40 -39.48 -75.27 21.69
CA ARG IB 40 -38.81 -75.81 20.50
C ARG IB 40 -39.08 -77.31 20.27
N GLU IB 41 -39.24 -78.10 21.33
CA GLU IB 41 -39.59 -79.52 21.15
C GLU IB 41 -40.92 -79.66 20.39
N VAL IB 42 -41.83 -78.70 20.55
CA VAL IB 42 -42.99 -78.63 19.69
C VAL IB 42 -42.52 -78.37 18.27
N TRP IB 43 -41.72 -77.31 18.10
CA TRP IB 43 -41.24 -76.90 16.78
C TRP IB 43 -40.43 -77.94 16.03
N ARG IB 44 -39.84 -78.90 16.74
CA ARG IB 44 -39.20 -80.04 16.10
C ARG IB 44 -40.23 -80.96 15.42
N VAL IB 45 -41.37 -81.17 16.07
CA VAL IB 45 -42.42 -82.01 15.48
C VAL IB 45 -43.00 -81.33 14.26
N LYS IB 46 -43.41 -80.08 14.45
CA LYS IB 46 -43.93 -79.24 13.38
C LYS IB 46 -43.06 -79.35 12.14
N PHE IB 47 -41.74 -79.30 12.36
CA PHE IB 47 -40.79 -79.31 11.27
C PHE IB 47 -40.70 -80.67 10.57
N THR IB 48 -40.78 -81.76 11.33
CA THR IB 48 -40.79 -83.12 10.75
C THR IB 48 -42.08 -83.39 9.97
N LEU IB 49 -43.17 -82.77 10.41
CA LEU IB 49 -44.43 -82.75 9.66
C LEU IB 49 -44.25 -81.98 8.36
N ALA IB 50 -43.67 -80.79 8.47
CA ALA IB 50 -43.48 -79.89 7.33
C ALA IB 50 -42.68 -80.53 6.20
N LYS IB 51 -41.56 -81.17 6.55
CA LYS IB 51 -40.77 -81.93 5.60
C LYS IB 51 -41.62 -82.94 4.84
N ILE IB 52 -42.44 -83.68 5.59
CA ILE IB 52 -43.39 -84.64 5.01
C ILE IB 52 -44.34 -83.93 4.06
N ARG IB 53 -44.88 -82.81 4.51
CA ARG IB 53 -45.80 -82.03 3.70
C ARG IB 53 -45.17 -81.55 2.39
N LYS IB 54 -43.93 -81.09 2.46
CA LYS IB 54 -43.17 -80.71 1.25
C LYS IB 54 -42.98 -81.90 0.32
N ALA IB 55 -42.56 -83.02 0.90
CA ALA IB 55 -42.37 -84.26 0.15
C ALA IB 55 -43.66 -84.74 -0.53
N ALA IB 56 -44.78 -84.69 0.20
CA ALA IB 56 -46.07 -85.02 -0.36
C ALA IB 56 -46.42 -84.10 -1.53
N ARG IB 57 -46.39 -82.80 -1.25
CA ARG IB 57 -46.67 -81.78 -2.28
C ARG IB 57 -45.89 -82.11 -3.54
N GLU IB 58 -44.59 -82.29 -3.40
CA GLU IB 58 -43.69 -82.57 -4.53
C GLU IB 58 -44.14 -83.78 -5.34
N LEU IB 59 -44.65 -84.79 -4.68
CA LEU IB 59 -45.14 -85.98 -5.37
C LEU IB 59 -46.44 -85.71 -6.13
N LEU IB 60 -47.32 -84.91 -5.54
CA LEU IB 60 -48.56 -84.51 -6.23
C LEU IB 60 -48.34 -83.66 -7.49
N THR IB 61 -47.19 -82.97 -7.57
CA THR IB 61 -46.83 -82.23 -8.78
C THR IB 61 -46.42 -83.16 -9.92
N LEU IB 62 -45.87 -84.33 -9.59
CA LEU IB 62 -45.56 -85.35 -10.60
C LEU IB 62 -46.87 -85.91 -11.15
N ASP IB 63 -46.87 -86.26 -12.42
CA ASP IB 63 -48.03 -86.87 -13.08
C ASP IB 63 -48.19 -88.28 -12.54
N GLU IB 64 -49.43 -88.74 -12.37
CA GLU IB 64 -49.65 -90.12 -11.88
C GLU IB 64 -49.19 -91.14 -12.93
N LYS IB 65 -48.69 -92.27 -12.44
CA LYS IB 65 -47.96 -93.25 -13.24
C LYS IB 65 -46.63 -92.68 -13.73
N ASP IB 66 -46.01 -91.84 -12.90
CA ASP IB 66 -44.63 -91.40 -13.09
C ASP IB 66 -43.81 -92.20 -12.07
N PRO IB 67 -42.89 -93.08 -12.53
CA PRO IB 67 -42.21 -94.03 -11.64
C PRO IB 67 -41.69 -93.42 -10.34
N ARG IB 68 -41.02 -92.29 -10.47
CA ARG IB 68 -40.45 -91.53 -9.35
C ARG IB 68 -41.54 -91.28 -8.31
N ARG IB 69 -42.73 -90.85 -8.75
CA ARG IB 69 -43.87 -90.61 -7.85
C ARG IB 69 -44.29 -91.89 -7.12
N LEU IB 70 -44.56 -92.94 -7.89
CA LEU IB 70 -45.16 -94.16 -7.35
C LEU IB 70 -44.34 -94.70 -6.20
N PHE IB 71 -43.06 -94.95 -6.47
CA PHE IB 71 -42.12 -95.56 -5.53
C PHE IB 71 -41.92 -94.75 -4.25
N GLU IB 72 -41.65 -93.46 -4.42
CA GLU IB 72 -41.32 -92.57 -3.31
C GLU IB 72 -42.53 -92.24 -2.46
N GLY IB 73 -43.68 -92.03 -3.10
CA GLY IB 73 -44.93 -91.79 -2.39
C GLY IB 73 -45.36 -92.97 -1.54
N ASN IB 74 -45.29 -94.17 -2.13
CA ASN IB 74 -45.58 -95.40 -1.40
C ASN IB 74 -44.68 -95.59 -0.19
N ALA IB 75 -43.39 -95.33 -0.38
CA ALA IB 75 -42.43 -95.44 0.71
C ALA IB 75 -42.74 -94.48 1.86
N LEU IB 76 -43.14 -93.26 1.50
CA LEU IB 76 -43.56 -92.25 2.48
C LEU IB 76 -44.79 -92.70 3.27
N LEU IB 77 -45.78 -93.25 2.56
CA LEU IB 77 -47.00 -93.78 3.20
C LEU IB 77 -46.68 -94.97 4.08
N ARG IB 78 -45.87 -95.88 3.57
CA ARG IB 78 -45.35 -97.00 4.35
C ARG IB 78 -44.62 -96.53 5.61
N ARG IB 79 -43.78 -95.51 5.46
CA ARG IB 79 -43.08 -94.92 6.61
C ARG IB 79 -44.02 -94.32 7.64
N LEU IB 80 -45.09 -93.69 7.16
CA LEU IB 80 -46.02 -92.99 8.03
C LEU IB 80 -46.95 -93.96 8.76
N VAL IB 81 -47.38 -95.02 8.08
CA VAL IB 81 -48.18 -96.08 8.71
C VAL IB 81 -47.39 -96.82 9.79
N ARG IB 82 -46.12 -97.10 9.52
CA ARG IB 82 -45.21 -97.75 10.47
C ARG IB 82 -45.22 -97.14 11.88
N ILE IB 83 -45.38 -95.82 11.97
CA ILE IB 83 -45.36 -95.11 13.26
C ILE IB 83 -46.72 -94.98 13.99
N GLY IB 84 -47.82 -95.19 13.27
CA GLY IB 84 -49.17 -95.13 13.86
C GLY IB 84 -49.75 -93.72 13.76
N VAL IB 85 -50.03 -93.34 12.53
CA VAL IB 85 -50.37 -91.95 12.18
C VAL IB 85 -51.38 -91.95 11.04
N LEU IB 86 -51.11 -92.76 10.02
CA LEU IB 86 -52.03 -93.06 8.94
C LEU IB 86 -52.54 -94.48 9.13
N ASP IB 87 -53.74 -94.76 8.60
CA ASP IB 87 -54.29 -96.12 8.56
C ASP IB 87 -54.14 -96.72 7.16
N GLU IB 88 -53.84 -98.01 7.13
CA GLU IB 88 -53.95 -98.81 5.89
C GLU IB 88 -55.38 -98.72 5.34
N GLY IB 89 -55.48 -98.52 4.03
CA GLY IB 89 -56.74 -98.14 3.38
C GLY IB 89 -56.75 -96.64 3.06
N LYS IB 90 -56.24 -95.85 4.01
CA LYS IB 90 -56.06 -94.40 3.82
C LYS IB 90 -54.77 -94.05 3.04
N MET IB 91 -53.94 -95.06 2.77
CA MET IB 91 -52.69 -94.88 2.04
C MET IB 91 -52.88 -94.46 0.58
N LYS IB 92 -53.00 -93.16 0.32
CA LYS IB 92 -52.74 -92.61 -1.03
C LYS IB 92 -52.52 -91.10 -1.08
N LEU IB 93 -51.62 -90.63 -0.23
CA LEU IB 93 -50.78 -89.45 -0.50
C LEU IB 93 -51.44 -88.08 -0.34
N ASP IB 94 -52.64 -87.93 -0.88
CA ASP IB 94 -53.46 -86.74 -0.64
C ASP IB 94 -53.81 -86.61 0.86
N TYR IB 95 -53.99 -87.76 1.50
CA TYR IB 95 -54.33 -87.85 2.93
C TYR IB 95 -53.19 -87.44 3.86
N ILE IB 96 -51.96 -87.46 3.36
CA ILE IB 96 -50.82 -86.95 4.12
C ILE IB 96 -51.01 -85.48 4.46
N LEU IB 97 -51.47 -84.69 3.49
CA LEU IB 97 -51.54 -83.24 3.68
C LEU IB 97 -52.64 -82.83 4.66
N GLY IB 98 -53.69 -83.63 4.75
CA GLY IB 98 -54.62 -83.58 5.88
C GLY IB 98 -54.14 -84.47 7.02
N LEU IB 99 -53.10 -84.01 7.72
CA LEU IB 99 -52.47 -84.77 8.81
C LEU IB 99 -51.73 -83.79 9.70
N LYS IB 100 -51.99 -83.82 11.01
CA LYS IB 100 -51.62 -82.72 11.90
C LYS IB 100 -50.63 -83.04 13.03
N ILE IB 101 -50.04 -81.98 13.58
CA ILE IB 101 -49.16 -82.00 14.76
C ILE IB 101 -49.50 -83.09 15.74
N GLU IB 102 -50.74 -83.06 16.20
CA GLU IB 102 -51.16 -83.84 17.35
C GLU IB 102 -50.99 -85.34 17.09
N ASP IB 103 -51.28 -85.77 15.87
CA ASP IB 103 -51.03 -87.15 15.43
C ASP IB 103 -49.60 -87.61 15.68
N PHE IB 104 -48.64 -86.71 15.43
CA PHE IB 104 -47.21 -87.02 15.57
C PHE IB 104 -46.72 -86.94 17.01
N LEU IB 105 -47.29 -86.04 17.81
CA LEU IB 105 -47.02 -86.01 19.25
C LEU IB 105 -47.61 -87.23 19.94
N GLU IB 106 -48.76 -87.69 19.45
CA GLU IB 106 -49.47 -88.85 20.02
C GLU IB 106 -48.66 -90.14 20.03
N ARG IB 107 -47.67 -90.26 19.16
CA ARG IB 107 -46.76 -91.41 19.13
C ARG IB 107 -45.39 -91.04 19.64
N ARG IB 108 -45.31 -90.79 20.94
CA ARG IB 108 -44.06 -90.70 21.69
C ARG IB 108 -44.07 -91.72 22.81
N LEU IB 109 -42.90 -92.11 23.28
CA LEU IB 109 -42.83 -93.02 24.42
C LEU IB 109 -43.58 -92.39 25.59
N GLN IB 110 -43.43 -91.07 25.76
CA GLN IB 110 -44.09 -90.33 26.83
C GLN IB 110 -45.61 -90.46 26.77
N THR IB 111 -46.19 -90.42 25.57
CA THR IB 111 -47.62 -90.72 25.41
C THR IB 111 -47.83 -92.20 25.61
N GLN IB 112 -47.19 -93.02 24.77
CA GLN IB 112 -47.43 -94.48 24.81
C GLN IB 112 -46.97 -95.17 26.10
N VAL IB 113 -46.37 -94.43 27.03
CA VAL IB 113 -46.36 -94.80 28.43
C VAL IB 113 -47.70 -94.43 29.03
N PHE IB 114 -47.96 -93.13 29.15
CA PHE IB 114 -49.19 -92.61 29.78
C PHE IB 114 -50.47 -93.14 29.12
N LYS IB 115 -50.41 -93.43 27.83
CA LYS IB 115 -51.50 -94.03 27.09
C LYS IB 115 -51.73 -95.47 27.54
N LEU IB 116 -50.66 -96.22 27.74
CA LEU IB 116 -50.75 -97.63 28.16
C LEU IB 116 -50.91 -97.78 29.68
N GLY IB 117 -51.68 -96.88 30.30
CA GLY IB 117 -51.75 -96.77 31.75
C GLY IB 117 -50.35 -96.49 32.27
N LEU IB 118 -49.81 -97.43 33.04
CA LEU IB 118 -48.38 -97.48 33.38
C LEU IB 118 -47.89 -96.28 34.20
N ALA IB 119 -48.07 -95.07 33.65
CA ALA IB 119 -47.69 -93.85 34.34
C ALA IB 119 -48.57 -93.52 35.55
N LYS IB 120 -49.57 -92.65 35.36
CA LYS IB 120 -50.19 -91.81 36.42
C LYS IB 120 -49.76 -90.36 36.19
N SER IB 121 -50.32 -89.77 35.12
CA SER IB 121 -50.02 -88.41 34.61
C SER IB 121 -48.85 -88.40 33.61
N ILE IB 122 -48.86 -87.40 32.73
CA ILE IB 122 -47.93 -87.36 31.59
C ILE IB 122 -46.54 -86.92 32.05
N HIS IB 123 -46.48 -86.19 33.15
CA HIS IB 123 -45.22 -85.66 33.64
C HIS IB 123 -44.52 -86.77 34.40
N HIS IB 124 -45.29 -87.51 35.19
CA HIS IB 124 -44.83 -88.76 35.75
C HIS IB 124 -44.25 -89.65 34.66
N ALA IB 125 -45.02 -89.84 33.59
CA ALA IB 125 -44.60 -90.65 32.44
C ALA IB 125 -43.25 -90.22 31.90
N ARG IB 126 -43.04 -88.92 31.78
CA ARG IB 126 -41.77 -88.40 31.29
C ARG IB 126 -40.66 -88.66 32.29
N VAL IB 127 -40.96 -88.51 33.58
CA VAL IB 127 -39.96 -88.78 34.62
C VAL IB 127 -39.59 -90.27 34.56
N LEU IB 128 -40.59 -91.16 34.63
CA LEU IB 128 -40.34 -92.61 34.46
C LEU IB 128 -39.31 -92.87 33.38
N ILE IB 129 -39.61 -92.34 32.19
CA ILE IB 129 -38.83 -92.64 31.00
C ILE IB 129 -37.38 -92.31 31.23
N ARG IB 130 -37.13 -91.10 31.72
CA ARG IB 130 -35.77 -90.63 32.01
C ARG IB 130 -35.07 -91.52 33.03
N GLN IB 131 -35.83 -91.95 34.03
CA GLN IB 131 -35.26 -92.67 35.16
C GLN IB 131 -35.13 -94.18 34.90
N ARG IB 132 -35.05 -94.57 33.62
CA ARG IB 132 -34.71 -95.92 33.19
C ARG IB 132 -35.64 -96.98 33.77
N HIS IB 133 -36.89 -96.57 33.98
CA HIS IB 133 -37.89 -97.43 34.58
C HIS IB 133 -38.74 -98.14 33.55
N ILE IB 134 -38.71 -97.70 32.29
CA ILE IB 134 -39.59 -98.27 31.28
C ILE IB 134 -38.74 -98.72 30.08
N ARG IB 135 -38.98 -99.97 29.66
CA ARG IB 135 -38.22 -100.62 28.59
C ARG IB 135 -39.13 -100.90 27.40
N VAL IB 136 -38.70 -100.48 26.22
CA VAL IB 136 -39.36 -100.81 24.98
C VAL IB 136 -38.74 -102.11 24.53
N ARG IB 137 -39.60 -103.10 24.27
CA ARG IB 137 -39.18 -104.39 23.72
C ARG IB 137 -38.18 -105.06 24.67
N LYS IB 138 -36.89 -104.84 24.46
CA LYS IB 138 -35.84 -105.36 25.33
C LYS IB 138 -34.77 -104.33 25.74
N GLN IB 139 -34.89 -103.07 25.34
CA GLN IB 139 -33.94 -102.03 25.74
C GLN IB 139 -34.63 -100.99 26.60
N VAL IB 140 -33.83 -100.35 27.46
CA VAL IB 140 -34.32 -99.32 28.35
C VAL IB 140 -34.25 -98.00 27.60
N VAL IB 141 -35.28 -97.74 26.80
CA VAL IB 141 -35.39 -96.50 26.07
C VAL IB 141 -35.51 -95.35 27.08
N ASN IB 142 -34.36 -94.74 27.34
CA ASN IB 142 -34.24 -93.58 28.21
C ASN IB 142 -34.98 -92.33 27.68
N ILE IB 143 -35.26 -92.27 26.37
CA ILE IB 143 -35.62 -91.01 25.70
C ILE IB 143 -37.13 -90.86 25.39
N PRO IB 144 -37.77 -89.81 25.95
CA PRO IB 144 -39.20 -89.50 25.77
C PRO IB 144 -39.69 -89.47 24.33
N SER IB 145 -38.92 -88.81 23.46
CA SER IB 145 -39.37 -88.49 22.10
C SER IB 145 -39.22 -89.65 21.11
N PHE IB 146 -38.65 -90.76 21.57
CA PHE IB 146 -38.71 -92.07 20.90
C PHE IB 146 -40.08 -92.26 20.25
N ILE IB 147 -40.13 -92.13 18.93
CA ILE IB 147 -41.39 -92.34 18.22
C ILE IB 147 -41.69 -93.81 18.16
N VAL IB 148 -42.84 -94.18 18.73
CA VAL IB 148 -43.17 -95.56 18.99
C VAL IB 148 -43.81 -96.09 17.72
N ARG IB 149 -43.15 -97.06 17.08
CA ARG IB 149 -43.71 -97.73 15.92
C ARG IB 149 -44.99 -98.48 16.29
N LEU IB 150 -45.98 -98.41 15.39
CA LEU IB 150 -47.23 -99.17 15.51
C LEU IB 150 -46.95 -100.67 15.67
N ASP IB 151 -46.03 -101.15 14.83
CA ASP IB 151 -45.37 -102.45 15.00
C ASP IB 151 -44.94 -102.73 16.45
N SER IB 152 -44.28 -101.73 17.07
CA SER IB 152 -43.60 -101.89 18.35
C SER IB 152 -44.36 -101.37 19.59
N GLN IB 153 -45.69 -101.30 19.53
CA GLN IB 153 -46.46 -100.71 20.61
C GLN IB 153 -46.69 -101.67 21.77
N LYS IB 154 -47.14 -102.89 21.45
CA LYS IB 154 -47.52 -103.87 22.47
C LYS IB 154 -46.37 -104.45 23.33
N HIS IB 155 -45.15 -103.97 23.10
CA HIS IB 155 -43.98 -104.44 23.83
C HIS IB 155 -43.42 -103.32 24.72
N ILE IB 156 -44.31 -102.50 25.27
CA ILE IB 156 -43.93 -101.39 26.13
C ILE IB 156 -44.33 -101.76 27.56
N ASP IB 157 -43.36 -101.72 28.47
CA ASP IB 157 -43.60 -101.99 29.90
C ASP IB 157 -42.42 -101.52 30.76
N PHE IB 158 -42.43 -101.88 32.04
CA PHE IB 158 -41.36 -101.50 32.97
C PHE IB 158 -40.09 -102.31 32.74
N SER IB 159 -38.97 -101.72 33.14
CA SER IB 159 -37.64 -102.32 32.94
C SER IB 159 -37.36 -103.33 34.03
N LEU IB 160 -36.93 -104.54 33.61
CA LEU IB 160 -36.78 -105.67 34.51
C LEU IB 160 -35.92 -105.34 35.72
N ARG IB 161 -34.74 -104.78 35.44
CA ARG IB 161 -33.80 -104.41 36.48
C ARG IB 161 -34.20 -103.03 37.04
N SER IB 162 -35.32 -103.02 37.77
CA SER IB 162 -35.86 -101.79 38.37
C SER IB 162 -36.92 -102.09 39.45
N PRO IB 163 -37.09 -101.16 40.42
CA PRO IB 163 -38.12 -101.21 41.48
C PRO IB 163 -39.55 -101.52 41.03
N TYR IB 164 -40.03 -100.82 40.00
CA TYR IB 164 -41.41 -100.99 39.53
C TYR IB 164 -41.61 -102.28 38.74
N GLY IB 165 -40.67 -102.56 37.84
CA GLY IB 165 -40.73 -103.73 36.97
C GLY IB 165 -40.67 -105.08 37.68
N GLY IB 166 -40.09 -105.09 38.89
CA GLY IB 166 -40.01 -106.30 39.71
C GLY IB 166 -38.58 -106.70 39.89
N GLY IB 167 -37.81 -105.81 40.53
CA GLY IB 167 -36.41 -106.04 40.84
C GLY IB 167 -36.04 -105.42 42.17
N ARG IB 168 -34.73 -105.23 42.36
CA ARG IB 168 -34.18 -104.55 43.54
C ARG IB 168 -34.87 -103.20 43.78
N PRO IB 169 -35.24 -102.89 45.04
CA PRO IB 169 -35.86 -101.61 45.35
C PRO IB 169 -34.86 -100.46 45.32
N GLY IB 170 -35.34 -99.25 45.12
CA GLY IB 170 -34.50 -98.06 45.02
C GLY IB 170 -33.82 -97.69 46.32
N ARG IB 171 -32.90 -96.73 46.22
CA ARG IB 171 -32.03 -96.38 47.33
C ARG IB 171 -32.72 -95.68 48.50
N VAL IB 172 -33.90 -95.09 48.25
CA VAL IB 172 -34.66 -94.46 49.33
C VAL IB 172 -35.27 -95.52 50.26
N LYS IB 173 -35.87 -96.56 49.70
CA LYS IB 173 -36.48 -97.63 50.50
C LYS IB 173 -35.43 -98.51 51.17
N ARG IB 174 -34.31 -98.74 50.47
CA ARG IB 174 -33.13 -99.38 51.07
C ARG IB 174 -32.65 -98.65 52.33
N LYS IB 175 -32.56 -97.32 52.24
CA LYS IB 175 -32.23 -96.50 53.42
C LYS IB 175 -33.27 -96.62 54.53
N ASN IB 176 -34.55 -96.56 54.17
CA ASN IB 176 -35.64 -96.66 55.15
C ASN IB 176 -35.82 -98.06 55.72
N ALA IB 177 -35.29 -99.08 55.03
CA ALA IB 177 -35.20 -100.43 55.58
C ALA IB 177 -34.03 -100.56 56.57
N LYS IB 178 -32.90 -99.92 56.27
CA LYS IB 178 -31.74 -99.86 57.18
C LYS IB 178 -32.05 -99.09 58.47
N LYS IB 179 -32.87 -98.04 58.35
CA LYS IB 179 -33.27 -97.21 59.49
C LYS IB 179 -34.19 -97.97 60.44
N GLY IB 180 -35.15 -98.71 59.88
CA GLY IB 180 -36.03 -99.58 60.65
C GLY IB 180 -35.34 -100.77 61.29
N GLN IB 181 -34.28 -101.26 60.65
CA GLN IB 181 -33.55 -102.44 61.12
C GLN IB 181 -32.62 -102.07 62.28
N GLY IB 182 -31.65 -101.19 62.00
CA GLY IB 182 -30.60 -100.82 62.96
C GLY IB 182 -30.99 -99.72 63.93
N GLY IB 183 -31.58 -98.64 63.41
CA GLY IB 183 -31.92 -97.48 64.23
C GLY IB 183 -33.09 -97.70 65.16
N ALA IB 184 -34.25 -98.04 64.59
CA ALA IB 184 -35.49 -98.23 65.36
C ALA IB 184 -35.48 -99.56 66.10
N GLY IB 185 -35.28 -100.64 65.35
CA GLY IB 185 -35.26 -102.00 65.92
C GLY IB 185 -33.97 -102.29 66.66
N MET JB 1 -64.43 -40.09 80.29
CA MET JB 1 -63.38 -40.06 81.36
C MET JB 1 -62.31 -39.01 81.04
N LEU JB 2 -62.60 -37.76 81.36
CA LEU JB 2 -61.77 -36.62 80.92
C LEU JB 2 -62.26 -35.31 81.56
N MET JB 3 -61.34 -34.36 81.77
CA MET JB 3 -61.69 -32.94 81.98
C MET JB 3 -62.52 -32.70 83.28
N PRO JB 4 -63.20 -31.53 83.41
CA PRO JB 4 -64.15 -31.39 84.52
C PRO JB 4 -65.26 -32.45 84.51
N LYS JB 5 -65.46 -33.09 85.66
CA LYS JB 5 -66.34 -34.27 85.77
C LYS JB 5 -67.81 -33.91 85.61
N LYS JB 6 -68.25 -32.89 86.36
CA LYS JB 6 -69.64 -32.41 86.34
C LYS JB 6 -70.13 -32.04 84.94
N ASN JB 7 -69.25 -31.43 84.14
CA ASN JB 7 -69.60 -31.00 82.78
C ASN JB 7 -69.75 -32.18 81.84
N ARG JB 8 -68.69 -32.97 81.67
CA ARG JB 8 -68.69 -34.13 80.77
C ARG JB 8 -69.88 -35.05 81.05
N ILE JB 9 -70.02 -35.43 82.31
CA ILE JB 9 -71.08 -36.38 82.71
C ILE JB 9 -72.51 -35.82 82.53
N ALA JB 10 -72.64 -34.48 82.52
CA ALA JB 10 -73.90 -33.82 82.15
C ALA JB 10 -74.17 -33.85 80.64
N ILE JB 11 -73.11 -33.84 79.82
CA ILE JB 11 -73.24 -33.97 78.35
C ILE JB 11 -73.70 -35.39 78.01
N TYR JB 12 -73.00 -36.37 78.57
CA TYR JB 12 -73.29 -37.79 78.33
C TYR JB 12 -74.71 -38.18 78.74
N GLU JB 13 -75.23 -37.58 79.82
CA GLU JB 13 -76.60 -37.83 80.26
C GLU JB 13 -77.62 -37.16 79.33
N LEU JB 14 -77.28 -35.99 78.78
CA LEU JB 14 -78.11 -35.31 77.79
C LEU JB 14 -78.16 -36.11 76.49
N LEU JB 15 -77.01 -36.61 76.05
CA LEU JB 15 -76.94 -37.50 74.89
C LEU JB 15 -77.69 -38.82 75.10
N PHE JB 16 -77.80 -39.27 76.34
CA PHE JB 16 -78.59 -40.47 76.65
C PHE JB 16 -80.08 -40.14 76.69
N LYS JB 17 -80.42 -39.06 77.42
CA LYS JB 17 -81.81 -38.63 77.57
C LYS JB 17 -82.50 -38.42 76.22
N GLU JB 18 -81.81 -37.76 75.29
CA GLU JB 18 -82.26 -37.65 73.90
C GLU JB 18 -81.35 -38.51 73.04
N GLY JB 19 -81.93 -39.32 72.14
CA GLY JB 19 -81.18 -40.30 71.36
C GLY JB 19 -80.15 -39.66 70.44
N VAL JB 20 -80.45 -38.44 70.02
CA VAL JB 20 -79.59 -37.62 69.19
C VAL JB 20 -79.04 -36.47 70.04
N MET JB 21 -78.09 -35.71 69.51
CA MET JB 21 -77.67 -34.46 70.13
C MET JB 21 -77.03 -33.50 69.11
N VAL JB 22 -77.28 -32.20 69.28
CA VAL JB 22 -76.74 -31.13 68.39
C VAL JB 22 -75.90 -30.11 69.15
N ALA JB 23 -75.14 -29.35 68.39
CA ALA JB 23 -74.50 -28.14 68.90
C ALA JB 23 -74.64 -27.04 67.86
N LYS JB 24 -73.76 -26.05 67.90
CA LYS JB 24 -73.42 -25.26 66.73
C LYS JB 24 -71.91 -25.23 66.67
N LYS JB 25 -71.33 -25.28 65.48
CA LYS JB 25 -69.88 -25.10 65.39
C LYS JB 25 -69.57 -23.64 65.71
N ASP JB 26 -69.38 -23.40 67.01
CA ASP JB 26 -69.02 -22.08 67.50
C ASP JB 26 -68.29 -22.26 68.82
N VAL JB 27 -66.96 -22.10 68.77
CA VAL JB 27 -66.09 -22.30 69.92
C VAL JB 27 -66.41 -21.35 71.09
N HIS JB 28 -67.14 -20.27 70.81
CA HIS JB 28 -67.49 -19.29 71.81
C HIS JB 28 -69.01 -19.23 72.06
N MET JB 29 -69.46 -20.03 73.02
CA MET JB 29 -70.85 -19.98 73.49
C MET JB 29 -70.90 -20.39 74.97
N PRO JB 30 -70.55 -19.46 75.88
CA PRO JB 30 -70.57 -19.72 77.34
C PRO JB 30 -71.95 -20.05 77.94
N LYS JB 31 -72.60 -21.08 77.41
CA LYS JB 31 -73.99 -21.42 77.74
C LYS JB 31 -74.45 -22.74 77.13
N HIS JB 32 -74.26 -22.88 75.81
CA HIS JB 32 -74.77 -24.01 75.00
C HIS JB 32 -76.30 -23.92 74.84
N PRO JB 33 -76.80 -24.14 73.61
CA PRO JB 33 -78.25 -24.11 73.42
C PRO JB 33 -78.88 -25.38 73.98
N GLU JB 34 -79.87 -25.20 74.85
CA GLU JB 34 -80.36 -26.26 75.74
C GLU JB 34 -79.30 -26.49 76.82
N LEU JB 35 -79.47 -27.52 77.65
CA LEU JB 35 -78.56 -27.79 78.77
C LEU JB 35 -78.51 -26.59 79.75
N ALA JB 36 -77.45 -25.77 79.71
CA ALA JB 36 -77.40 -24.49 80.45
C ALA JB 36 -77.56 -24.60 81.98
N ASP JB 37 -77.04 -25.68 82.56
CA ASP JB 37 -77.05 -25.84 84.03
C ASP JB 37 -76.07 -24.88 84.71
N LYS JB 38 -74.85 -24.80 84.17
CA LYS JB 38 -73.82 -23.88 84.68
C LYS JB 38 -72.70 -23.79 83.66
N ASN JB 39 -72.63 -22.67 82.94
CA ASN JB 39 -71.69 -22.47 81.83
C ASN JB 39 -71.81 -23.59 80.78
N VAL JB 40 -71.21 -24.75 81.08
CA VAL JB 40 -71.31 -25.99 80.28
C VAL JB 40 -71.47 -25.69 78.77
N PRO JB 41 -70.46 -25.02 78.20
CA PRO JB 41 -70.64 -24.27 76.97
C PRO JB 41 -70.58 -25.14 75.72
N ASN JB 42 -70.59 -24.49 74.56
CA ASN JB 42 -70.13 -25.12 73.34
C ASN JB 42 -68.61 -25.28 73.48
N LEU JB 43 -68.09 -26.38 72.97
CA LEU JB 43 -66.81 -26.94 73.41
C LEU JB 43 -66.99 -27.47 74.84
N HIS JB 44 -66.29 -28.57 75.14
CA HIS JB 44 -66.70 -29.58 76.14
C HIS JB 44 -67.73 -30.47 75.45
N VAL JB 45 -68.89 -29.91 75.12
CA VAL JB 45 -69.91 -30.61 74.32
C VAL JB 45 -69.31 -31.05 73.00
N MET JB 46 -68.81 -30.07 72.25
CA MET JB 46 -68.25 -30.26 70.92
C MET JB 46 -67.07 -31.22 70.92
N LYS JB 47 -66.22 -31.11 71.94
CA LYS JB 47 -65.01 -31.95 72.08
C LYS JB 47 -65.26 -33.31 72.74
N ALA JB 48 -66.32 -33.44 73.54
CA ALA JB 48 -66.75 -34.75 74.05
C ALA JB 48 -67.33 -35.59 72.92
N MET JB 49 -68.23 -34.98 72.15
CA MET JB 49 -68.86 -35.65 71.01
C MET JB 49 -67.87 -36.15 69.97
N GLN JB 50 -66.81 -35.40 69.75
CA GLN JB 50 -65.75 -35.81 68.82
C GLN JB 50 -64.96 -37.01 69.40
N SER JB 51 -64.83 -37.06 70.73
CA SER JB 51 -64.21 -38.19 71.44
C SER JB 51 -65.01 -39.48 71.32
N LEU JB 52 -66.32 -39.40 71.55
CA LEU JB 52 -67.23 -40.53 71.29
C LEU JB 52 -67.05 -41.08 69.89
N LYS JB 53 -67.09 -40.18 68.91
CA LYS JB 53 -67.11 -40.54 67.48
C LYS JB 53 -65.88 -41.31 67.07
N SER JB 54 -64.72 -40.80 67.48
CA SER JB 54 -63.45 -41.43 67.19
C SER JB 54 -63.36 -42.90 67.66
N ARG JB 55 -63.73 -43.17 68.91
CA ARG JB 55 -63.76 -44.56 69.42
C ARG JB 55 -64.95 -45.39 68.90
N GLY JB 56 -65.92 -44.74 68.23
CA GLY JB 56 -67.02 -45.42 67.53
C GLY JB 56 -68.41 -45.26 68.15
N TYR JB 57 -68.50 -44.46 69.22
CA TYR JB 57 -69.69 -44.38 70.07
C TYR JB 57 -70.60 -43.18 69.79
N VAL JB 58 -70.52 -42.62 68.59
CA VAL JB 58 -71.51 -41.65 68.06
C VAL JB 58 -71.23 -41.40 66.57
N LYS JB 59 -72.26 -41.03 65.80
CA LYS JB 59 -72.13 -40.73 64.36
C LYS JB 59 -72.40 -39.24 64.09
N GLU JB 60 -72.17 -38.81 62.84
CA GLU JB 60 -72.06 -37.38 62.52
C GLU JB 60 -72.71 -36.95 61.20
N GLN JB 61 -73.18 -35.71 61.18
CA GLN JB 61 -73.54 -35.00 59.95
C GLN JB 61 -73.44 -33.50 60.24
N PHE JB 62 -72.87 -32.73 59.31
CA PHE JB 62 -72.53 -31.34 59.62
C PHE JB 62 -73.59 -30.31 59.18
N ALA JB 63 -73.70 -30.07 57.88
CA ALA JB 63 -74.80 -29.26 57.30
C ALA JB 63 -75.03 -27.88 57.93
N TRP JB 64 -74.47 -26.84 57.31
CA TRP JB 64 -74.63 -25.44 57.74
C TRP JB 64 -74.14 -25.22 59.16
N ARG JB 65 -72.82 -25.18 59.32
CA ARG JB 65 -72.17 -24.93 60.61
C ARG JB 65 -73.05 -25.25 61.82
N HIS JB 66 -73.31 -26.53 62.07
CA HIS JB 66 -74.16 -26.91 63.22
C HIS JB 66 -73.90 -28.24 63.96
N PHE JB 67 -73.61 -29.34 63.26
CA PHE JB 67 -73.51 -30.69 63.86
C PHE JB 67 -74.88 -31.31 64.17
N TYR JB 68 -74.93 -32.63 64.01
CA TYR JB 68 -76.10 -33.45 64.36
C TYR JB 68 -75.59 -34.84 64.71
N TRP JB 69 -75.48 -35.15 66.00
CA TRP JB 69 -74.90 -36.44 66.46
C TRP JB 69 -75.93 -37.53 66.74
N TYR JB 70 -76.14 -38.42 65.78
CA TYR JB 70 -76.91 -39.64 65.99
C TYR JB 70 -76.05 -40.64 66.78
N LEU JB 71 -76.65 -41.26 67.80
CA LEU JB 71 -75.97 -42.17 68.72
C LEU JB 71 -76.15 -43.63 68.32
N THR JB 72 -75.05 -44.38 68.33
CA THR JB 72 -75.04 -45.78 67.91
C THR JB 72 -75.64 -46.69 69.00
N ASN JB 73 -75.81 -47.98 68.68
CA ASN JB 73 -76.17 -49.01 69.67
C ASN JB 73 -74.98 -49.37 70.56
N GLU JB 74 -73.81 -49.46 69.94
CA GLU JB 74 -72.56 -49.73 70.65
C GLU JB 74 -72.13 -48.51 71.48
N GLY JB 75 -72.57 -47.32 71.07
CA GLY JB 75 -72.43 -46.12 71.87
C GLY JB 75 -73.31 -46.12 73.11
N ILE JB 76 -74.57 -46.50 72.94
CA ILE JB 76 -75.52 -46.66 74.06
C ILE JB 76 -74.92 -47.49 75.19
N GLN JB 77 -74.40 -48.66 74.84
CA GLN JB 77 -73.81 -49.57 75.82
C GLN JB 77 -72.56 -48.98 76.50
N TYR JB 78 -71.77 -48.20 75.76
CA TYR JB 78 -70.63 -47.50 76.35
C TYR JB 78 -71.09 -46.45 77.37
N LEU JB 79 -72.09 -45.67 77.00
CA LEU JB 79 -72.64 -44.63 77.90
C LEU JB 79 -73.20 -45.25 79.18
N ARG JB 80 -73.90 -46.38 79.05
CA ARG JB 80 -74.51 -47.07 80.19
C ARG JB 80 -73.43 -47.64 81.12
N ASP JB 81 -72.36 -48.17 80.50
CA ASP JB 81 -71.16 -48.61 81.23
C ASP JB 81 -70.48 -47.45 81.95
N TYR JB 82 -70.38 -46.30 81.27
CA TYR JB 82 -69.81 -45.09 81.87
C TYR JB 82 -70.65 -44.59 83.05
N LEU JB 83 -71.97 -44.57 82.86
CA LEU JB 83 -72.90 -44.12 83.89
C LEU JB 83 -73.46 -45.24 84.78
N HIS JB 84 -72.82 -46.43 84.76
CA HIS JB 84 -73.21 -47.58 85.60
C HIS JB 84 -74.72 -47.77 85.75
N LEU JB 85 -75.43 -47.67 84.62
CA LEU JB 85 -76.87 -47.53 84.60
C LEU JB 85 -77.56 -48.91 84.62
N PRO JB 86 -78.87 -48.94 84.97
CA PRO JB 86 -79.60 -50.22 84.89
C PRO JB 86 -79.85 -50.69 83.46
N PRO JB 87 -80.14 -51.99 83.27
CA PRO JB 87 -80.28 -52.57 81.92
C PRO JB 87 -81.57 -52.20 81.18
N GLU JB 88 -82.58 -51.69 81.88
CA GLU JB 88 -83.84 -51.28 81.25
C GLU JB 88 -83.63 -49.92 80.57
N ILE JB 89 -83.35 -48.90 81.38
CA ILE JB 89 -82.90 -47.55 80.95
C ILE JB 89 -83.85 -46.72 80.05
N VAL JB 90 -84.28 -47.28 78.91
CA VAL JB 90 -84.99 -46.57 77.82
C VAL JB 90 -84.35 -45.21 77.43
N PRO JB 91 -83.47 -45.20 76.39
CA PRO JB 91 -82.80 -43.94 76.00
C PRO JB 91 -83.73 -42.85 75.45
N ALA JB 92 -84.47 -43.19 74.38
CA ALA JB 92 -85.27 -42.20 73.64
C ALA JB 92 -86.18 -42.84 72.59
N THR JB 93 -85.63 -43.78 71.80
CA THR JB 93 -86.39 -44.52 70.78
C THR JB 93 -87.34 -45.60 71.36
N LEU JB 94 -88.32 -45.18 72.16
CA LEU JB 94 -89.40 -46.05 72.64
C LEU JB 94 -90.63 -45.75 71.79
N ARG JB 95 -91.13 -44.51 71.89
CA ARG JB 95 -92.10 -43.90 70.96
C ARG JB 95 -93.17 -44.79 70.31
N ARG JB 96 -94.41 -44.68 70.80
CA ARG JB 96 -95.55 -45.37 70.20
C ARG JB 96 -95.81 -44.82 68.79
N SER JB 97 -95.85 -45.71 67.79
CA SER JB 97 -96.01 -45.32 66.39
C SER JB 97 -97.48 -45.12 66.02
N ARG JB 98 -98.27 -46.17 66.20
CA ARG JB 98 -99.68 -46.20 65.80
C ARG JB 98 -100.57 -46.63 66.97
N ALA KB 1 10.07 -70.65 -61.46
CA ALA KB 1 9.00 -69.68 -61.86
C ALA KB 1 7.58 -70.23 -61.59
N ASP KB 2 6.62 -69.31 -61.48
CA ASP KB 2 5.20 -69.62 -61.20
C ASP KB 2 5.02 -70.26 -59.81
N ILE KB 3 5.44 -71.52 -59.68
CA ILE KB 3 5.24 -72.31 -58.45
C ILE KB 3 6.31 -71.96 -57.43
N GLN KB 4 7.58 -71.94 -57.87
CA GLN KB 4 8.68 -71.62 -56.97
C GLN KB 4 8.79 -70.10 -56.83
N THR KB 5 7.97 -69.56 -55.92
CA THR KB 5 7.96 -68.13 -55.61
C THR KB 5 8.70 -67.85 -54.29
N GLU KB 6 9.63 -68.74 -53.95
CA GLU KB 6 10.25 -68.78 -52.63
C GLU KB 6 11.75 -69.00 -52.80
N ARG KB 7 12.47 -68.87 -51.69
CA ARG KB 7 13.93 -68.88 -51.71
C ARG KB 7 14.48 -70.30 -51.81
N ALA KB 8 13.96 -71.16 -50.94
CA ALA KB 8 14.19 -72.60 -51.06
C ALA KB 8 13.26 -73.15 -52.13
N TYR KB 9 13.61 -74.32 -52.66
CA TYR KB 9 12.75 -75.01 -53.62
C TYR KB 9 11.56 -75.61 -52.90
N GLN KB 10 10.36 -75.38 -53.45
CA GLN KB 10 9.12 -75.96 -52.94
C GLN KB 10 8.83 -77.20 -53.77
N LYS KB 11 8.72 -78.35 -53.10
CA LYS KB 11 8.23 -79.56 -53.74
C LYS KB 11 7.29 -80.21 -52.77
N GLN KB 12 6.34 -81.00 -53.27
CA GLN KB 12 5.65 -81.93 -52.39
C GLN KB 12 6.72 -82.88 -51.91
N PRO KB 13 6.62 -83.32 -50.64
CA PRO KB 13 7.47 -84.41 -50.22
C PRO KB 13 6.76 -85.70 -50.67
N THR KB 14 7.35 -86.86 -50.39
CA THR KB 14 6.70 -88.15 -50.69
C THR KB 14 6.67 -88.52 -52.19
N ILE KB 15 7.25 -87.69 -53.05
CA ILE KB 15 7.51 -88.07 -54.44
C ILE KB 15 8.94 -87.69 -54.82
N PHE KB 16 9.52 -88.48 -55.72
CA PHE KB 16 10.90 -88.37 -56.12
C PHE KB 16 10.90 -87.95 -57.57
N GLN KB 17 10.94 -86.65 -57.80
CA GLN KB 17 10.83 -86.09 -59.17
C GLN KB 17 12.14 -86.24 -59.96
N ASN KB 18 12.42 -87.45 -60.42
CA ASN KB 18 13.72 -87.76 -61.05
C ASN KB 18 13.80 -89.01 -61.92
N LYS KB 19 13.47 -90.18 -61.36
CA LYS KB 19 13.67 -91.47 -62.06
C LYS KB 19 13.15 -91.48 -63.51
N LYS KB 20 14.09 -91.40 -64.47
CA LYS KB 20 13.73 -91.28 -65.88
C LYS KB 20 14.90 -91.61 -66.81
N ARG KB 21 14.70 -92.62 -67.66
CA ARG KB 21 15.55 -92.84 -68.84
C ARG KB 21 14.81 -93.73 -69.86
N VAL KB 22 13.85 -93.12 -70.56
CA VAL KB 22 13.08 -93.77 -71.65
C VAL KB 22 12.70 -92.77 -72.74
N LEU KB 23 12.20 -93.28 -73.85
CA LEU KB 23 11.79 -92.45 -75.00
C LEU KB 23 10.47 -91.72 -74.75
N LEU KB 24 10.02 -90.96 -75.76
CA LEU KB 24 8.77 -90.17 -75.71
C LEU KB 24 8.98 -88.91 -74.84
N GLY KB 25 9.99 -88.13 -75.21
CA GLY KB 25 10.30 -86.86 -74.54
C GLY KB 25 10.86 -86.99 -73.14
N GLU KB 26 11.22 -85.84 -72.57
CA GLU KB 26 11.64 -85.76 -71.17
C GLU KB 26 10.40 -85.75 -70.28
N THR KB 27 10.39 -86.63 -69.27
CA THR KB 27 9.23 -86.90 -68.39
C THR KB 27 7.91 -87.27 -69.12
N GLY KB 28 6.84 -87.49 -68.34
CA GLY KB 28 5.55 -87.92 -68.90
C GLY KB 28 4.68 -86.79 -69.44
N LYS KB 29 3.38 -87.06 -69.57
CA LYS KB 29 2.40 -86.06 -69.98
C LYS KB 29 2.00 -85.17 -68.81
N GLU KB 30 1.61 -85.81 -67.70
CA GLU KB 30 1.39 -85.11 -66.42
C GLU KB 30 2.71 -84.60 -65.79
N LYS KB 31 3.83 -85.15 -66.25
CA LYS KB 31 5.18 -84.71 -65.89
C LYS KB 31 5.52 -85.07 -64.44
N LEU KB 32 5.13 -84.23 -63.48
CA LEU KB 32 5.35 -84.55 -62.08
C LEU KB 32 4.19 -85.42 -61.61
N PRO KB 33 4.49 -86.61 -61.06
CA PRO KB 33 3.43 -87.48 -60.55
C PRO KB 33 2.96 -86.96 -59.19
N ARG KB 34 1.81 -86.29 -59.19
CA ARG KB 34 1.37 -85.52 -58.03
C ARG KB 34 0.99 -86.39 -56.84
N TYR KB 35 1.43 -85.97 -55.65
CA TYR KB 35 0.94 -86.54 -54.41
C TYR KB 35 -0.37 -85.86 -54.01
N TYR KB 36 -1.32 -86.68 -53.57
CA TYR KB 36 -2.49 -86.20 -52.84
C TYR KB 36 -3.08 -87.32 -52.00
N LYS KB 37 -3.97 -86.96 -51.11
CA LYS KB 37 -4.70 -87.93 -50.29
C LYS KB 37 -6.11 -87.45 -50.11
N ASN KB 38 -6.98 -88.37 -49.71
CA ASN KB 38 -8.33 -88.00 -49.29
C ASN KB 38 -8.42 -87.91 -47.77
N ILE KB 39 -9.24 -86.95 -47.36
CA ILE KB 39 -9.30 -86.42 -46.00
C ILE KB 39 -10.37 -87.16 -45.19
N GLY KB 40 -11.32 -87.79 -45.87
CA GLY KB 40 -12.32 -88.61 -45.19
C GLY KB 40 -13.46 -87.78 -44.59
N LEU KB 41 -14.27 -88.42 -43.76
CA LEU KB 41 -15.56 -87.89 -43.31
C LEU KB 41 -16.45 -87.48 -44.49
N GLY KB 42 -16.34 -88.20 -45.60
CA GLY KB 42 -17.07 -87.86 -46.82
C GLY KB 42 -16.89 -86.43 -47.28
N PHE KB 43 -15.66 -85.94 -47.23
CA PHE KB 43 -15.29 -84.65 -47.79
C PHE KB 43 -14.61 -84.99 -49.10
N LYS KB 44 -15.11 -84.46 -50.21
CA LYS KB 44 -14.61 -84.84 -51.52
C LYS KB 44 -13.36 -84.03 -51.86
N THR KB 45 -12.24 -84.72 -52.03
CA THR KB 45 -11.00 -84.10 -52.51
C THR KB 45 -11.26 -83.33 -53.80
N PRO KB 46 -10.81 -82.07 -53.86
CA PRO KB 46 -11.17 -81.25 -55.01
C PRO KB 46 -10.32 -81.55 -56.24
N LYS KB 47 -10.78 -81.09 -57.39
CA LYS KB 47 -10.07 -81.27 -58.66
C LYS KB 47 -8.87 -80.34 -58.68
N GLU KB 48 -9.08 -79.13 -58.20
CA GLU KB 48 -8.02 -78.13 -58.04
C GLU KB 48 -6.81 -78.62 -57.23
N ALA KB 49 -7.02 -79.61 -56.37
CA ALA KB 49 -5.91 -80.26 -55.65
C ALA KB 49 -5.15 -81.25 -56.54
N ILE KB 50 -5.88 -82.22 -57.08
CA ILE KB 50 -5.29 -83.39 -57.73
C ILE KB 50 -4.84 -83.06 -59.14
N GLU KB 51 -5.71 -82.37 -59.87
CA GLU KB 51 -5.38 -81.83 -61.18
C GLU KB 51 -4.36 -80.70 -60.99
N GLY KB 52 -4.54 -79.91 -59.94
CA GLY KB 52 -3.71 -78.74 -59.69
C GLY KB 52 -2.25 -79.03 -59.41
N THR KB 53 -1.42 -78.04 -59.72
CA THR KB 53 0.04 -78.14 -59.66
C THR KB 53 0.71 -77.54 -58.42
N TYR KB 54 0.01 -76.65 -57.71
CA TYR KB 54 0.54 -75.94 -56.54
C TYR KB 54 1.06 -76.90 -55.49
N ILE KB 55 1.75 -76.35 -54.49
CA ILE KB 55 2.07 -77.12 -53.29
C ILE KB 55 1.77 -76.29 -52.05
N ASP KB 56 1.43 -76.99 -50.96
CA ASP KB 56 1.16 -76.35 -49.68
C ASP KB 56 1.12 -77.41 -48.58
N LYS KB 57 2.17 -77.44 -47.76
CA LYS KB 57 2.30 -78.40 -46.67
C LYS KB 57 1.11 -78.49 -45.71
N LYS KB 58 0.40 -77.37 -45.54
CA LYS KB 58 -0.77 -77.30 -44.66
C LYS KB 58 -2.10 -77.55 -45.39
N CYS KB 59 -2.06 -77.94 -46.66
CA CYS KB 59 -3.29 -78.31 -47.38
C CYS KB 59 -3.71 -79.69 -46.90
N PRO KB 60 -4.96 -79.83 -46.43
CA PRO KB 60 -5.39 -81.09 -45.85
C PRO KB 60 -5.62 -82.19 -46.88
N PHE KB 61 -5.37 -81.89 -48.15
CA PHE KB 61 -5.41 -82.88 -49.20
C PHE KB 61 -4.00 -83.20 -49.70
N THR KB 62 -3.25 -82.15 -50.02
CA THR KB 62 -1.98 -82.27 -50.72
C THR KB 62 -0.79 -81.93 -49.84
N GLY KB 63 -0.77 -82.46 -48.61
CA GLY KB 63 0.32 -82.16 -47.67
C GLY KB 63 0.13 -82.79 -46.30
N ASN KB 64 1.10 -82.56 -45.42
CA ASN KB 64 1.06 -83.15 -44.08
C ASN KB 64 0.13 -82.36 -43.19
N VAL KB 65 -1.07 -82.89 -42.99
CA VAL KB 65 -2.06 -82.31 -42.07
C VAL KB 65 -3.24 -83.25 -41.96
N SER KB 66 -3.33 -83.94 -40.83
CA SER KB 66 -4.49 -84.79 -40.54
C SER KB 66 -5.63 -83.91 -40.02
N ILE KB 67 -6.86 -84.30 -40.31
CA ILE KB 67 -8.04 -83.61 -39.80
C ILE KB 67 -8.66 -84.51 -38.78
N ARG KB 68 -8.99 -83.92 -37.63
CA ARG KB 68 -9.25 -84.68 -36.41
C ARG KB 68 -9.93 -83.85 -35.33
N GLY KB 69 -11.06 -84.35 -34.85
CA GLY KB 69 -11.69 -83.84 -33.64
C GLY KB 69 -12.94 -83.08 -34.00
N ARG KB 70 -12.88 -81.77 -33.83
CA ARG KB 70 -14.02 -80.91 -34.09
C ARG KB 70 -14.10 -80.46 -35.54
N ILE KB 71 -15.32 -80.45 -36.06
CA ILE KB 71 -15.61 -79.90 -37.37
C ILE KB 71 -16.72 -78.88 -37.17
N LEU KB 72 -16.57 -77.74 -37.84
CA LEU KB 72 -17.49 -76.63 -37.71
C LEU KB 72 -17.73 -75.99 -39.06
N SER KB 73 -18.57 -74.97 -39.04
CA SER KB 73 -18.69 -74.02 -40.13
C SER KB 73 -18.48 -72.63 -39.56
N GLY KB 74 -18.07 -71.72 -40.44
CA GLY KB 74 -18.04 -70.29 -40.15
C GLY KB 74 -18.63 -69.57 -41.35
N VAL KB 75 -18.20 -68.35 -41.55
CA VAL KB 75 -18.49 -67.61 -42.77
C VAL KB 75 -17.32 -66.70 -43.05
N VAL KB 76 -16.82 -66.76 -44.28
CA VAL KB 76 -15.59 -66.06 -44.63
C VAL KB 76 -15.85 -64.57 -44.48
N THR KB 77 -14.95 -63.91 -43.77
CA THR KB 77 -15.12 -62.51 -43.37
C THR KB 77 -13.97 -61.63 -43.85
N LYS KB 78 -12.74 -62.08 -43.64
CA LYS KB 78 -11.56 -61.42 -44.19
C LYS KB 78 -10.68 -62.44 -44.88
N MET KB 79 -10.29 -62.08 -46.10
CA MET KB 79 -9.24 -62.78 -46.82
C MET KB 79 -8.17 -61.75 -47.10
N LYS KB 80 -7.09 -61.80 -46.34
CA LYS KB 80 -5.95 -60.89 -46.53
C LYS KB 80 -4.63 -61.54 -46.16
N MET KB 81 -4.61 -62.22 -45.00
CA MET KB 81 -3.55 -63.17 -44.64
C MET KB 81 -3.29 -64.10 -45.81
N GLN KB 82 -2.02 -64.36 -46.11
CA GLN KB 82 -1.70 -65.24 -47.23
C GLN KB 82 -1.84 -66.70 -46.86
N ARG KB 83 -2.59 -67.42 -47.71
CA ARG KB 83 -3.12 -68.78 -47.49
C ARG KB 83 -4.15 -68.95 -46.36
N THR KB 84 -4.62 -67.85 -45.75
CA THR KB 84 -5.54 -67.97 -44.62
C THR KB 84 -6.67 -66.94 -44.65
N ILE KB 85 -7.73 -67.27 -43.94
CA ILE KB 85 -8.90 -66.43 -43.86
C ILE KB 85 -9.39 -66.42 -42.42
N VAL KB 86 -9.90 -65.27 -41.99
CA VAL KB 86 -10.62 -65.17 -40.75
C VAL KB 86 -12.07 -65.46 -41.08
N ILE KB 87 -12.72 -66.22 -40.21
CA ILE KB 87 -14.13 -66.56 -40.38
C ILE KB 87 -14.89 -66.33 -39.08
N ARG KB 88 -16.15 -65.91 -39.20
CA ARG KB 88 -16.96 -65.53 -38.06
C ARG KB 88 -17.96 -66.63 -37.78
N ARG KB 89 -17.84 -67.23 -36.61
CA ARG KB 89 -18.83 -68.17 -36.11
C ARG KB 89 -19.63 -67.34 -35.14
N ASP KB 90 -20.94 -67.52 -35.18
CA ASP KB 90 -21.88 -66.68 -34.43
C ASP KB 90 -22.76 -67.65 -33.67
N TYR KB 91 -23.21 -67.26 -32.49
CA TYR KB 91 -24.02 -68.16 -31.68
C TYR KB 91 -24.84 -67.45 -30.65
N LEU KB 92 -25.84 -68.16 -30.14
CA LEU KB 92 -26.81 -67.57 -29.23
C LEU KB 92 -26.57 -68.11 -27.84
N HIS KB 93 -26.01 -67.24 -26.99
CA HIS KB 93 -25.61 -67.60 -25.64
C HIS KB 93 -26.74 -67.34 -24.69
N TYR KB 94 -27.07 -68.36 -23.90
CA TYR KB 94 -28.18 -68.29 -22.98
C TYR KB 94 -27.71 -67.70 -21.68
N ILE KB 95 -28.45 -66.71 -21.23
CA ILE KB 95 -28.44 -66.28 -19.84
C ILE KB 95 -29.67 -67.02 -19.32
N ARG KB 96 -29.69 -67.37 -18.03
CA ARG KB 96 -30.84 -68.10 -17.48
C ARG KB 96 -31.79 -67.17 -16.72
N LYS KB 97 -31.24 -66.28 -15.88
CA LYS KB 97 -32.05 -65.37 -15.06
C LYS KB 97 -33.11 -64.71 -15.92
N TYR KB 98 -32.62 -64.09 -16.97
CA TYR KB 98 -33.42 -63.54 -18.05
C TYR KB 98 -33.49 -64.75 -18.95
N ASN KB 99 -34.67 -65.19 -19.33
CA ASN KB 99 -34.75 -66.47 -20.01
C ASN KB 99 -34.60 -66.29 -21.50
N ARG KB 100 -33.52 -65.63 -21.87
CA ARG KB 100 -33.29 -65.12 -23.20
C ARG KB 100 -31.87 -65.46 -23.58
N PHE KB 101 -31.45 -65.04 -24.76
CA PHE KB 101 -30.12 -65.28 -25.27
C PHE KB 101 -29.44 -63.97 -25.63
N GLU KB 102 -28.18 -64.06 -26.04
CA GLU KB 102 -27.48 -62.93 -26.65
C GLU KB 102 -26.58 -63.40 -27.78
N LYS KB 103 -26.45 -62.58 -28.82
CA LYS KB 103 -25.50 -62.86 -29.88
C LYS KB 103 -24.11 -62.82 -29.31
N ARG KB 104 -23.24 -63.63 -29.89
CA ARG KB 104 -21.83 -63.67 -29.51
C ARG KB 104 -21.08 -64.21 -30.71
N HIS KB 105 -19.93 -63.61 -31.02
CA HIS KB 105 -19.21 -63.97 -32.23
C HIS KB 105 -17.72 -64.15 -31.97
N LYS KB 106 -17.29 -65.40 -32.03
CA LYS KB 106 -15.87 -65.73 -32.01
C LYS KB 106 -15.44 -65.80 -33.46
N ASN KB 107 -14.30 -65.18 -33.79
CA ASN KB 107 -13.79 -65.20 -35.17
C ASN KB 107 -12.44 -65.89 -35.26
N MET KB 108 -12.41 -67.04 -35.94
CA MET KB 108 -11.24 -67.91 -35.94
C MET KB 108 -10.40 -67.72 -37.19
N SER KB 109 -9.09 -67.52 -37.00
CA SER KB 109 -8.14 -67.51 -38.11
C SER KB 109 -7.97 -68.95 -38.58
N VAL KB 110 -8.01 -69.13 -39.90
CA VAL KB 110 -8.24 -70.44 -40.49
C VAL KB 110 -7.41 -70.60 -41.75
N HIS KB 111 -6.80 -71.78 -41.91
CA HIS KB 111 -6.00 -72.05 -43.10
C HIS KB 111 -6.88 -72.38 -44.28
N LEU KB 112 -6.56 -71.79 -45.43
CA LEU KB 112 -7.36 -71.95 -46.63
C LEU KB 112 -6.44 -72.34 -47.78
N SER KB 113 -6.36 -73.64 -48.03
CA SER KB 113 -5.51 -74.17 -49.12
C SER KB 113 -5.87 -73.52 -50.44
N PRO KB 114 -4.88 -73.37 -51.33
CA PRO KB 114 -5.13 -72.74 -52.62
C PRO KB 114 -5.86 -73.65 -53.60
N CYS KB 115 -6.10 -74.90 -53.24
CA CYS KB 115 -7.04 -75.73 -53.97
C CYS KB 115 -8.37 -74.98 -54.15
N PHE KB 116 -8.82 -74.29 -53.11
CA PHE KB 116 -10.05 -73.51 -53.21
C PHE KB 116 -9.78 -72.18 -53.91
N ARG KB 117 -10.39 -72.03 -55.09
CA ARG KB 117 -10.52 -70.75 -55.77
C ARG KB 117 -11.97 -70.32 -55.62
N ASP KB 118 -12.27 -69.12 -56.10
CA ASP KB 118 -13.65 -68.58 -56.14
C ASP KB 118 -14.31 -68.49 -54.76
N VAL KB 119 -13.50 -68.43 -53.70
CA VAL KB 119 -13.99 -68.22 -52.36
C VAL KB 119 -14.13 -66.72 -52.25
N GLN KB 120 -15.36 -66.25 -52.38
CA GLN KB 120 -15.67 -64.85 -52.13
C GLN KB 120 -15.63 -64.70 -50.61
N ILE KB 121 -16.00 -63.55 -50.07
CA ILE KB 121 -16.29 -63.48 -48.64
C ILE KB 121 -17.79 -63.67 -48.44
N GLY KB 122 -18.24 -63.69 -47.19
CA GLY KB 122 -19.64 -64.00 -46.87
C GLY KB 122 -20.02 -65.42 -47.21
N ASP KB 123 -19.01 -66.27 -47.33
CA ASP KB 123 -19.15 -67.56 -47.95
C ASP KB 123 -19.05 -68.54 -46.83
N ILE KB 124 -20.13 -69.29 -46.57
CA ILE KB 124 -20.11 -70.27 -45.49
C ILE KB 124 -19.05 -71.29 -45.85
N VAL KB 125 -18.25 -71.66 -44.85
CA VAL KB 125 -17.08 -72.49 -45.08
C VAL KB 125 -16.90 -73.48 -43.95
N THR KB 126 -17.04 -74.76 -44.27
CA THR KB 126 -16.81 -75.79 -43.29
C THR KB 126 -15.32 -75.85 -43.01
N VAL KB 127 -14.99 -75.97 -41.72
CA VAL KB 127 -13.62 -76.19 -41.28
C VAL KB 127 -13.54 -77.42 -40.41
N GLY KB 128 -12.42 -78.14 -40.53
CA GLY KB 128 -12.12 -79.30 -39.70
C GLY KB 128 -10.87 -79.03 -38.89
N GLU KB 129 -10.97 -79.24 -37.58
CA GLU KB 129 -9.85 -79.01 -36.68
C GLU KB 129 -8.66 -79.85 -37.08
N CYS KB 130 -7.47 -79.34 -36.77
CA CYS KB 130 -6.25 -80.09 -36.93
C CYS KB 130 -5.25 -79.73 -35.84
N ARG KB 131 -4.05 -80.30 -35.94
CA ARG KB 131 -2.91 -79.87 -35.14
C ARG KB 131 -2.64 -78.39 -35.46
N PRO KB 132 -2.07 -77.66 -34.49
CA PRO KB 132 -1.82 -76.23 -34.73
C PRO KB 132 -0.80 -76.04 -35.81
N LEU KB 133 -0.86 -74.90 -36.49
CA LEU KB 133 -0.06 -74.68 -37.68
C LEU KB 133 0.15 -73.20 -37.99
N SER KB 134 0.43 -72.47 -36.90
CA SER KB 134 0.48 -71.00 -36.81
C SER KB 134 0.18 -70.70 -35.34
N LYS KB 135 0.56 -69.53 -34.84
CA LYS KB 135 0.28 -69.17 -33.45
C LYS KB 135 -1.19 -69.36 -33.11
N THR KB 136 -2.04 -68.87 -34.01
CA THR KB 136 -3.46 -68.77 -33.77
C THR KB 136 -4.29 -69.82 -34.52
N VAL KB 137 -3.79 -70.30 -35.65
CA VAL KB 137 -4.60 -71.13 -36.53
C VAL KB 137 -4.45 -72.60 -36.18
N ARG KB 138 -5.59 -73.27 -36.06
CA ARG KB 138 -5.66 -74.73 -36.08
C ARG KB 138 -6.57 -75.30 -37.18
N PHE KB 139 -7.58 -74.55 -37.60
CA PHE KB 139 -8.60 -75.07 -38.50
C PHE KB 139 -8.32 -74.82 -39.98
N ASN KB 140 -8.28 -75.91 -40.76
CA ASN KB 140 -8.28 -75.83 -42.20
C ASN KB 140 -9.70 -75.77 -42.72
N VAL KB 141 -9.86 -75.14 -43.88
CA VAL KB 141 -11.11 -75.20 -44.63
C VAL KB 141 -11.12 -76.53 -45.36
N LEU KB 142 -12.28 -77.19 -45.39
CA LEU KB 142 -12.46 -78.52 -45.99
C LEU KB 142 -13.45 -78.56 -47.15
N LYS KB 143 -14.58 -77.87 -46.98
CA LYS KB 143 -15.49 -77.59 -48.09
C LYS KB 143 -16.09 -76.20 -47.95
N VAL KB 144 -16.40 -75.61 -49.11
CA VAL KB 144 -16.85 -74.22 -49.22
C VAL KB 144 -18.21 -74.23 -49.94
N THR KB 145 -19.00 -73.17 -49.75
CA THR KB 145 -20.40 -73.14 -50.26
C THR KB 145 -20.81 -71.93 -51.09
N LYS KB 146 -20.49 -70.72 -50.63
CA LYS KB 146 -20.78 -69.41 -51.29
C LYS KB 146 -22.22 -69.00 -51.65
N ALA KB 147 -23.13 -69.96 -51.84
CA ALA KB 147 -24.41 -69.71 -52.52
C ALA KB 147 -25.46 -68.96 -51.69
N ALA KB 148 -25.21 -68.76 -50.39
CA ALA KB 148 -26.09 -67.96 -49.54
C ALA KB 148 -26.16 -66.51 -50.04
N GLY KB 149 -27.06 -66.28 -51.00
CA GLY KB 149 -27.28 -64.96 -51.59
C GLY KB 149 -26.76 -64.83 -53.01
N THR KB 150 -25.56 -64.30 -53.16
CA THR KB 150 -25.05 -63.80 -54.44
C THR KB 150 -24.40 -64.86 -55.33
N LYS KB 151 -25.18 -65.39 -56.27
CA LYS KB 151 -24.69 -66.09 -57.48
C LYS KB 151 -23.99 -67.43 -57.20
N LYS KB 152 -23.73 -68.15 -58.29
CA LYS KB 152 -23.00 -69.43 -58.23
C LYS KB 152 -21.50 -69.17 -58.34
N GLY LB 1 -79.09 -64.64 97.04
CA GLY LB 1 -77.65 -64.27 96.95
C GLY LB 1 -77.26 -63.05 97.78
N GLY LB 2 -75.98 -62.95 98.12
CA GLY LB 2 -75.46 -61.83 98.90
C GLY LB 2 -75.80 -61.93 100.37
N VAL LB 3 -74.93 -62.61 101.13
CA VAL LB 3 -75.07 -62.78 102.58
C VAL LB 3 -73.80 -62.39 103.39
N MET LB 4 -72.91 -61.60 102.78
CA MET LB 4 -71.67 -61.12 103.41
C MET LB 4 -70.71 -62.24 103.86
N ASP LB 5 -69.80 -62.60 102.96
CA ASP LB 5 -68.77 -63.62 103.22
C ASP LB 5 -67.54 -62.98 103.90
N VAL LB 6 -66.33 -63.39 103.55
CA VAL LB 6 -65.10 -62.84 104.16
C VAL LB 6 -64.78 -61.48 103.55
N ASN LB 7 -64.89 -60.43 104.38
CA ASN LB 7 -64.72 -59.00 104.01
C ASN LB 7 -65.05 -58.56 102.56
N THR LB 8 -66.17 -59.06 102.03
CA THR LB 8 -66.75 -58.55 100.78
C THR LB 8 -67.90 -57.57 101.04
N ALA LB 9 -68.30 -57.44 102.31
CA ALA LB 9 -69.26 -56.42 102.74
C ALA LB 9 -68.72 -55.02 102.49
N LEU LB 10 -67.45 -54.81 102.84
CA LEU LB 10 -66.77 -53.52 102.60
C LEU LB 10 -66.65 -53.24 101.10
N GLN LB 11 -66.38 -54.28 100.32
CA GLN LB 11 -66.32 -54.18 98.85
C GLN LB 11 -67.66 -53.73 98.27
N GLU LB 12 -68.75 -54.30 98.79
CA GLU LB 12 -70.10 -53.93 98.38
C GLU LB 12 -70.42 -52.47 98.73
N VAL LB 13 -69.96 -52.00 99.88
CA VAL LB 13 -70.16 -50.60 100.31
C VAL LB 13 -69.39 -49.62 99.43
N LEU LB 14 -68.17 -49.98 99.03
CA LEU LB 14 -67.37 -49.13 98.13
C LEU LB 14 -67.96 -49.04 96.72
N LYS LB 15 -68.55 -50.13 96.24
CA LYS LB 15 -69.27 -50.15 94.96
C LYS LB 15 -70.50 -49.24 94.96
N THR LB 16 -71.25 -49.25 96.06
CA THR LB 16 -72.45 -48.43 96.20
C THR LB 16 -72.12 -46.94 96.33
N ALA LB 17 -71.07 -46.62 97.06
CA ALA LB 17 -70.57 -45.23 97.18
C ALA LB 17 -70.03 -44.69 95.85
N LEU LB 18 -69.43 -45.58 95.06
CA LEU LB 18 -69.02 -45.26 93.69
C LEU LB 18 -70.24 -44.97 92.83
N ILE LB 19 -71.25 -45.84 92.92
CA ILE LB 19 -72.48 -45.73 92.12
C ILE LB 19 -73.30 -44.48 92.51
N HIS LB 20 -73.28 -44.13 93.79
CA HIS LB 20 -74.01 -42.95 94.28
C HIS LB 20 -73.26 -41.63 94.03
N ASP LB 21 -72.01 -41.72 93.58
CA ASP LB 21 -71.16 -40.57 93.24
C ASP LB 21 -70.83 -39.80 94.52
N GLY LB 22 -70.28 -40.52 95.48
CA GLY LB 22 -69.90 -39.99 96.78
C GLY LB 22 -68.76 -40.81 97.36
N LEU LB 23 -67.61 -40.69 96.72
CA LEU LB 23 -66.38 -41.36 97.14
C LEU LB 23 -65.28 -40.31 97.25
N ALA LB 24 -64.74 -40.14 98.44
CA ALA LB 24 -63.59 -39.27 98.68
C ALA LB 24 -62.39 -40.16 98.97
N ARG LB 25 -61.64 -40.50 97.91
CA ARG LB 25 -60.54 -41.47 98.00
C ARG LB 25 -59.17 -40.81 97.81
N GLY LB 26 -58.14 -41.47 98.35
CA GLY LB 26 -56.80 -40.89 98.47
C GLY LB 26 -56.63 -40.20 99.80
N ILE LB 27 -55.42 -39.72 100.06
CA ILE LB 27 -55.09 -39.08 101.36
C ILE LB 27 -55.81 -37.75 101.60
N ARG LB 28 -55.68 -36.80 100.68
CA ARG LB 28 -56.07 -35.41 100.95
C ARG LB 28 -57.60 -35.25 100.95
N GLU LB 29 -58.27 -35.94 100.02
CA GLU LB 29 -59.74 -36.00 100.01
C GLU LB 29 -60.31 -36.64 101.27
N ALA LB 30 -59.68 -37.73 101.72
CA ALA LB 30 -60.05 -38.39 102.97
C ALA LB 30 -59.88 -37.45 104.17
N ALA LB 31 -58.73 -36.77 104.22
CA ALA LB 31 -58.45 -35.75 105.24
C ALA LB 31 -59.47 -34.60 105.19
N LYS LB 32 -59.82 -34.19 103.97
CA LYS LB 32 -60.85 -33.18 103.74
C LYS LB 32 -62.21 -33.64 104.27
N ALA LB 33 -62.55 -34.90 104.01
CA ALA LB 33 -63.81 -35.49 104.50
C ALA LB 33 -63.83 -35.65 106.01
N LEU LB 34 -62.70 -36.04 106.60
CA LEU LB 34 -62.57 -36.20 108.06
C LEU LB 34 -62.73 -34.88 108.84
N ASP LB 35 -62.17 -33.79 108.30
CA ASP LB 35 -62.32 -32.46 108.91
C ASP LB 35 -63.76 -31.93 108.81
N LYS LB 36 -64.45 -32.26 107.72
CA LYS LB 36 -65.89 -32.01 107.60
C LYS LB 36 -66.67 -33.16 108.24
N ARG LB 37 -67.99 -33.04 108.21
CA ARG LB 37 -68.90 -34.12 108.63
C ARG LB 37 -69.23 -35.09 107.48
N GLN LB 38 -68.64 -34.86 106.29
CA GLN LB 38 -68.87 -35.72 105.12
C GLN LB 38 -68.20 -37.10 105.26
N ALA LB 39 -67.22 -37.22 106.16
CA ALA LB 39 -66.66 -38.53 106.53
C ALA LB 39 -67.75 -39.44 107.11
N HIS LB 40 -67.64 -40.73 106.79
CA HIS LB 40 -68.60 -41.75 107.21
C HIS LB 40 -67.92 -43.09 107.49
N LEU LB 41 -67.35 -43.68 106.44
CA LEU LB 41 -66.74 -45.01 106.51
C LEU LB 41 -65.40 -45.01 105.78
N CYS LB 42 -64.42 -45.69 106.36
CA CYS LB 42 -63.02 -45.65 105.92
C CYS LB 42 -62.40 -47.05 105.88
N VAL LB 43 -61.21 -47.14 105.32
CA VAL LB 43 -60.45 -48.40 105.26
C VAL LB 43 -58.98 -48.10 104.91
N LEU LB 44 -58.06 -48.48 105.79
CA LEU LB 44 -56.62 -48.26 105.60
C LEU LB 44 -55.98 -49.52 105.00
N ALA LB 45 -54.64 -49.58 105.01
CA ALA LB 45 -53.91 -50.78 104.64
C ALA LB 45 -52.74 -51.05 105.58
N SER LB 46 -52.38 -52.32 105.72
CA SER LB 46 -51.29 -52.74 106.59
C SER LB 46 -49.91 -52.44 106.00
N ASN LB 47 -49.74 -52.75 104.71
CA ASN LB 47 -48.49 -52.48 104.00
C ASN LB 47 -48.26 -50.97 103.92
N CYS LB 48 -47.05 -50.52 104.28
CA CYS LB 48 -46.77 -49.10 104.40
C CYS LB 48 -45.28 -48.75 104.36
N ASP LB 49 -44.88 -48.01 103.34
CA ASP LB 49 -43.59 -47.30 103.32
C ASP LB 49 -43.73 -46.04 104.18
N GLU LB 50 -42.68 -45.70 104.90
CA GLU LB 50 -42.64 -44.56 105.86
C GLU LB 50 -43.92 -44.39 106.71
N PRO LB 51 -44.01 -45.07 107.87
CA PRO LB 51 -45.24 -45.03 108.68
C PRO LB 51 -45.45 -43.69 109.40
N MET LB 52 -45.90 -42.70 108.63
CA MET LB 52 -46.22 -41.36 109.11
C MET LB 52 -47.62 -40.97 108.61
N TYR LB 53 -47.83 -41.10 107.30
CA TYR LB 53 -49.14 -41.07 106.66
C TYR LB 53 -50.18 -41.92 107.40
N VAL LB 54 -49.88 -43.21 107.59
CA VAL LB 54 -50.77 -44.13 108.32
C VAL LB 54 -51.07 -43.67 109.75
N LYS LB 55 -50.06 -43.11 110.42
CA LYS LB 55 -50.23 -42.53 111.76
C LYS LB 55 -51.15 -41.31 111.73
N LEU LB 56 -50.96 -40.45 110.73
CA LEU LB 56 -51.76 -39.22 110.57
C LEU LB 56 -53.24 -39.53 110.35
N VAL LB 57 -53.52 -40.56 109.54
CA VAL LB 57 -54.90 -40.97 109.25
C VAL LB 57 -55.56 -41.56 110.50
N GLU LB 58 -54.81 -42.38 111.24
CA GLU LB 58 -55.27 -42.93 112.53
C GLU LB 58 -55.63 -41.85 113.55
N ALA LB 59 -54.86 -40.76 113.56
CA ALA LB 59 -55.16 -39.60 114.38
C ALA LB 59 -56.45 -38.90 113.93
N LEU LB 60 -56.53 -38.65 112.62
CA LEU LB 60 -57.73 -38.05 112.00
C LEU LB 60 -59.00 -38.89 112.19
N CYS LB 61 -58.84 -40.22 112.13
CA CYS LB 61 -59.91 -41.16 112.45
C CYS LB 61 -60.38 -41.05 113.90
N ALA LB 62 -59.43 -40.85 114.81
CA ALA LB 62 -59.72 -40.69 116.25
C ALA LB 62 -60.45 -39.40 116.64
N GLU LB 63 -60.58 -38.45 115.71
CA GLU LB 63 -61.42 -37.25 115.91
C GLU LB 63 -62.89 -37.65 116.05
N HIS LB 64 -63.71 -36.72 116.56
CA HIS LB 64 -65.17 -36.88 116.65
C HIS LB 64 -65.79 -37.51 115.40
N GLN LB 65 -66.86 -38.28 115.61
CA GLN LB 65 -67.39 -39.26 114.65
C GLN LB 65 -66.45 -40.47 114.56
N ILE LB 66 -66.94 -41.63 115.03
CA ILE LB 66 -66.15 -42.87 115.03
C ILE LB 66 -66.00 -43.43 113.61
N ASN LB 67 -64.80 -43.91 113.29
CA ASN LB 67 -64.45 -44.28 111.91
C ASN LB 67 -63.14 -45.07 111.88
N LEU LB 68 -63.17 -46.32 111.37
CA LEU LB 68 -61.93 -47.12 111.21
C LEU LB 68 -62.13 -48.45 110.48
N ILE LB 69 -61.02 -48.98 109.94
CA ILE LB 69 -60.85 -50.38 109.50
C ILE LB 69 -59.35 -50.56 109.18
N LYS LB 70 -58.79 -51.73 109.51
CA LYS LB 70 -57.35 -51.98 109.29
C LYS LB 70 -57.09 -52.47 107.86
N VAL LB 71 -57.55 -53.68 107.52
CA VAL LB 71 -57.46 -54.29 106.17
C VAL LB 71 -56.02 -54.58 105.70
N ASP LB 72 -55.88 -55.66 104.92
CA ASP LB 72 -54.57 -56.19 104.49
C ASP LB 72 -54.13 -55.68 103.11
N ASP LB 73 -52.92 -55.12 103.06
CA ASP LB 73 -52.23 -54.70 101.81
C ASP LB 73 -52.90 -53.59 100.99
N ASN LB 74 -52.13 -53.03 100.06
CA ASN LB 74 -52.58 -52.00 99.14
C ASN LB 74 -53.17 -52.57 97.85
N LYS LB 75 -52.53 -53.62 97.32
CA LYS LB 75 -52.79 -54.10 95.95
C LYS LB 75 -54.17 -54.73 95.76
N LYS LB 76 -54.71 -55.35 96.80
CA LYS LB 76 -56.10 -55.82 96.80
C LYS LB 76 -57.08 -54.65 96.91
N LEU LB 77 -56.72 -53.67 97.73
CA LEU LB 77 -57.60 -52.54 98.09
C LEU LB 77 -58.13 -51.72 96.90
N GLY LB 78 -57.28 -51.52 95.90
CA GLY LB 78 -57.61 -50.68 94.75
C GLY LB 78 -58.77 -51.16 93.90
N GLU LB 79 -58.79 -52.45 93.58
CA GLU LB 79 -59.76 -53.01 92.62
C GLU LB 79 -61.22 -53.05 93.10
N TRP LB 80 -61.43 -52.96 94.42
CA TRP LB 80 -62.80 -52.86 94.98
C TRP LB 80 -63.33 -51.45 94.74
N VAL LB 81 -62.42 -50.47 94.81
CA VAL LB 81 -62.73 -49.06 94.52
C VAL LB 81 -62.71 -48.89 93.00
N GLY LB 82 -63.38 -47.86 92.49
CA GLY LB 82 -63.45 -47.59 91.05
C GLY LB 82 -62.14 -47.20 90.39
N LEU LB 83 -61.54 -48.14 89.67
CA LEU LB 83 -60.34 -47.86 88.85
C LEU LB 83 -60.14 -48.88 87.72
N CYS LB 84 -61.21 -49.11 86.96
CA CYS LB 84 -61.18 -50.02 85.80
C CYS LB 84 -62.30 -49.70 84.80
N LYS LB 85 -62.02 -49.90 83.51
CA LYS LB 85 -62.96 -49.63 82.42
C LYS LB 85 -63.37 -50.89 81.62
N ILE LB 86 -63.35 -52.05 82.29
CA ILE LB 86 -63.76 -53.34 81.72
C ILE LB 86 -63.28 -53.62 80.26
N ASP LB 87 -61.98 -53.40 80.05
CA ASP LB 87 -61.32 -53.79 78.79
C ASP LB 87 -60.77 -55.20 78.99
N ARG LB 88 -61.06 -56.11 78.05
CA ARG LB 88 -60.66 -57.53 78.12
C ARG LB 88 -61.52 -58.29 79.14
N GLU LB 89 -61.96 -59.49 78.77
CA GLU LB 89 -63.01 -60.24 79.50
C GLU LB 89 -62.59 -60.70 80.91
N GLY LB 90 -61.43 -61.34 81.00
CA GLY LB 90 -60.87 -61.82 82.27
C GLY LB 90 -60.53 -60.78 83.34
N LYS LB 91 -60.43 -59.50 82.93
CA LYS LB 91 -60.24 -58.35 83.83
C LYS LB 91 -58.87 -58.38 84.57
N PRO LB 92 -57.78 -58.05 83.85
CA PRO LB 92 -56.50 -57.74 84.47
C PRO LB 92 -56.18 -56.23 84.34
N ARG LB 93 -57.19 -55.39 84.59
CA ARG LB 93 -57.10 -53.96 84.29
C ARG LB 93 -56.31 -53.21 85.37
N LYS LB 94 -55.14 -52.70 84.99
CA LYS LB 94 -54.17 -52.01 85.88
C LYS LB 94 -53.93 -52.72 87.23
N VAL LB 95 -54.85 -52.53 88.19
CA VAL LB 95 -54.73 -53.03 89.55
C VAL LB 95 -53.47 -52.47 90.24
N VAL LB 96 -53.64 -51.33 90.92
CA VAL LB 96 -52.54 -50.66 91.62
C VAL LB 96 -52.85 -50.48 93.10
N GLY LB 97 -51.81 -50.41 93.91
CA GLY LB 97 -51.92 -50.26 95.36
C GLY LB 97 -52.59 -48.98 95.83
N CYS LB 98 -53.86 -49.08 96.19
CA CYS LB 98 -54.61 -47.98 96.80
C CYS LB 98 -54.38 -47.99 98.31
N SER LB 99 -54.12 -46.81 98.88
CA SER LB 99 -53.79 -46.69 100.30
C SER LB 99 -55.05 -46.67 101.17
N CYS LB 100 -55.79 -45.56 101.11
CA CYS LB 100 -56.96 -45.33 101.98
C CYS LB 100 -58.08 -44.60 101.24
N VAL LB 101 -59.31 -44.71 101.76
CA VAL LB 101 -60.48 -44.01 101.20
C VAL LB 101 -61.43 -43.49 102.30
N VAL LB 102 -62.40 -42.67 101.89
CA VAL LB 102 -63.50 -42.21 102.75
C VAL LB 102 -64.80 -42.20 101.95
N VAL LB 103 -65.75 -43.05 102.35
CA VAL LB 103 -67.04 -43.16 101.65
C VAL LB 103 -67.94 -42.01 102.11
N LYS LB 104 -68.85 -41.57 101.23
CA LYS LB 104 -69.82 -40.53 101.53
C LYS LB 104 -71.22 -41.04 101.18
N ASP LB 105 -72.12 -40.98 102.16
CA ASP LB 105 -73.54 -41.39 102.00
C ASP LB 105 -73.77 -42.87 101.65
N TYR LB 106 -72.79 -43.73 101.95
CA TYR LB 106 -72.81 -45.18 101.62
C TYR LB 106 -73.35 -45.57 100.23
N GLY LB 107 -74.65 -45.41 100.02
CA GLY LB 107 -75.27 -45.70 98.73
C GLY LB 107 -76.78 -45.52 98.75
N LYS LB 108 -77.42 -46.22 99.68
CA LYS LB 108 -78.87 -46.16 99.85
C LYS LB 108 -79.25 -46.71 101.24
N GLU LB 109 -79.28 -48.04 101.39
CA GLU LB 109 -79.57 -48.69 102.68
C GLU LB 109 -79.47 -50.23 102.55
N SER LB 110 -79.41 -50.90 103.70
CA SER LB 110 -79.45 -52.38 103.78
C SER LB 110 -78.21 -53.05 103.14
N GLN LB 111 -78.32 -54.35 102.85
CA GLN LB 111 -77.25 -55.14 102.21
C GLN LB 111 -76.00 -55.26 103.10
N ALA LB 112 -74.96 -54.47 102.82
CA ALA LB 112 -73.71 -54.49 103.60
C ALA LB 112 -73.52 -53.27 104.50
N LYS LB 113 -74.41 -52.28 104.37
CA LYS LB 113 -74.28 -51.00 105.09
C LYS LB 113 -74.72 -51.15 106.54
N ASP LB 114 -75.82 -51.88 106.76
CA ASP LB 114 -76.24 -52.29 108.10
C ASP LB 114 -75.25 -53.23 108.79
N VAL LB 115 -74.48 -53.99 108.01
CA VAL LB 115 -73.56 -55.00 108.55
C VAL LB 115 -72.29 -54.38 109.16
N ILE LB 116 -71.47 -53.73 108.33
CA ILE LB 116 -70.07 -53.42 108.71
C ILE LB 116 -69.92 -52.31 109.77
N GLU LB 117 -70.67 -51.22 109.61
CA GLU LB 117 -70.57 -50.08 110.55
C GLU LB 117 -71.20 -50.41 111.91
N GLU LB 118 -72.27 -51.21 111.89
CA GLU LB 118 -72.92 -51.65 113.12
C GLU LB 118 -72.05 -52.63 113.92
N TYR LB 119 -71.37 -53.56 113.24
CA TYR LB 119 -70.48 -54.50 113.92
C TYR LB 119 -69.22 -53.80 114.46
N PHE LB 120 -68.72 -52.80 113.73
CA PHE LB 120 -67.56 -52.01 114.19
C PHE LB 120 -67.90 -51.18 115.44
N LYS LB 121 -69.11 -50.63 115.48
CA LYS LB 121 -69.61 -49.88 116.64
C LYS LB 121 -69.71 -50.74 117.90
N CYS LB 122 -70.15 -52.00 117.72
CA CYS LB 122 -70.28 -52.95 118.83
C CYS LB 122 -69.67 -54.31 118.45
N LYS LB 123 -68.35 -54.40 118.54
CA LYS LB 123 -67.62 -55.65 118.21
C LYS LB 123 -67.77 -56.68 119.33
N LYS LB 124 -68.85 -57.46 119.26
CA LYS LB 124 -69.11 -58.55 120.22
C LYS LB 124 -69.80 -59.72 119.52
N GLY MB 1 -47.07 -45.75 -39.97
CA GLY MB 1 -47.78 -44.57 -40.57
C GLY MB 1 -46.84 -43.48 -41.06
N ARG MB 2 -46.43 -43.59 -42.32
CA ARG MB 2 -45.42 -42.72 -42.97
C ARG MB 2 -44.02 -42.76 -42.35
N MET MB 3 -43.05 -42.82 -43.26
CA MET MB 3 -41.66 -42.99 -42.92
C MET MB 3 -41.05 -41.71 -42.42
N HIS MB 4 -41.33 -40.61 -43.12
CA HIS MB 4 -40.62 -39.36 -42.91
C HIS MB 4 -41.63 -38.23 -42.71
N ALA MB 5 -42.61 -38.50 -41.85
CA ALA MB 5 -43.72 -37.56 -41.59
C ALA MB 5 -44.63 -38.13 -40.50
N PRO MB 6 -45.47 -37.27 -39.90
CA PRO MB 6 -46.37 -37.71 -38.84
C PRO MB 6 -47.71 -38.26 -39.33
N GLY MB 7 -47.97 -38.20 -40.65
CA GLY MB 7 -49.26 -38.63 -41.23
C GLY MB 7 -49.67 -40.06 -40.92
N LYS MB 8 -50.94 -40.35 -41.12
CA LYS MB 8 -51.47 -41.71 -40.97
C LYS MB 8 -52.50 -41.98 -42.08
N GLY MB 9 -52.19 -41.47 -43.26
CA GLY MB 9 -53.15 -41.36 -44.35
C GLY MB 9 -53.52 -42.67 -45.01
N LEU MB 10 -54.75 -43.11 -44.77
CA LEU MB 10 -55.27 -44.36 -45.33
C LEU MB 10 -55.88 -44.08 -46.67
N SER MB 11 -55.19 -44.46 -47.75
CA SER MB 11 -55.61 -44.06 -49.10
C SER MB 11 -54.86 -44.79 -50.19
N GLN MB 12 -55.56 -45.66 -50.91
CA GLN MB 12 -54.93 -46.44 -51.97
C GLN MB 12 -55.90 -47.07 -52.92
N SER MB 13 -55.33 -47.67 -53.95
CA SER MB 13 -55.99 -48.66 -54.75
C SER MB 13 -56.46 -49.82 -53.88
N ALA MB 14 -57.73 -50.16 -54.01
CA ALA MB 14 -58.28 -51.38 -53.45
C ALA MB 14 -58.71 -52.21 -54.64
N LEU MB 15 -58.09 -53.36 -54.82
CA LEU MB 15 -58.40 -54.22 -55.95
C LEU MB 15 -59.72 -54.93 -55.72
N PRO MB 16 -60.29 -55.53 -56.77
CA PRO MB 16 -61.39 -56.45 -56.54
C PRO MB 16 -60.89 -57.82 -56.10
N TYR MB 17 -61.83 -58.64 -55.65
CA TYR MB 17 -61.59 -60.06 -55.49
C TYR MB 17 -61.29 -60.63 -56.87
N ARG MB 18 -62.24 -60.47 -57.80
CA ARG MB 18 -62.17 -61.15 -59.10
C ARG MB 18 -60.94 -60.77 -59.92
N ARG MB 19 -60.01 -61.73 -60.03
CA ARG MB 19 -58.78 -61.55 -60.79
C ARG MB 19 -58.97 -61.75 -62.29
N SER MB 20 -60.10 -62.35 -62.69
CA SER MB 20 -60.39 -62.63 -64.10
C SER MB 20 -60.40 -61.36 -64.94
N VAL MB 21 -59.94 -61.48 -66.19
CA VAL MB 21 -60.16 -60.43 -67.19
C VAL MB 21 -61.67 -60.35 -67.42
N PRO MB 22 -62.18 -59.13 -67.64
CA PRO MB 22 -63.60 -58.87 -67.39
C PRO MB 22 -64.59 -59.54 -68.36
N THR MB 23 -64.43 -59.28 -69.67
CA THR MB 23 -65.38 -59.72 -70.73
C THR MB 23 -65.16 -58.83 -71.95
N TRP MB 24 -65.37 -57.53 -71.75
CA TRP MB 24 -65.35 -56.55 -72.82
C TRP MB 24 -63.97 -56.16 -73.32
N LEU MB 25 -62.93 -56.55 -72.58
CA LEU MB 25 -61.57 -56.33 -73.00
C LEU MB 25 -61.34 -57.24 -74.19
N LYS MB 26 -60.88 -56.66 -75.30
CA LYS MB 26 -60.49 -57.44 -76.45
C LYS MB 26 -58.99 -57.67 -76.28
N LEU MB 27 -58.11 -56.96 -77.01
CA LEU MB 27 -56.68 -56.92 -76.72
C LEU MB 27 -55.99 -58.29 -76.65
N THR MB 28 -56.10 -58.97 -75.50
CA THR MB 28 -55.31 -60.16 -75.15
C THR MB 28 -53.87 -59.76 -74.79
N SER MB 29 -53.08 -60.74 -74.36
CA SER MB 29 -51.76 -60.49 -73.80
C SER MB 29 -50.81 -59.82 -74.78
N ASP MB 30 -50.57 -60.48 -75.92
CA ASP MB 30 -49.59 -59.99 -76.90
C ASP MB 30 -49.90 -58.60 -77.46
N ASP MB 31 -51.18 -58.24 -77.53
CA ASP MB 31 -51.58 -56.88 -77.91
C ASP MB 31 -51.18 -55.85 -76.85
N VAL MB 32 -51.48 -56.16 -75.59
CA VAL MB 32 -51.10 -55.31 -74.45
C VAL MB 32 -49.57 -55.20 -74.34
N LYS MB 33 -48.88 -56.34 -74.49
CA LYS MB 33 -47.41 -56.35 -74.47
C LYS MB 33 -46.82 -55.44 -75.54
N GLU MB 34 -47.36 -55.50 -76.75
CA GLU MB 34 -46.96 -54.58 -77.83
C GLU MB 34 -47.22 -53.13 -77.44
N GLN MB 35 -48.40 -52.88 -76.88
CA GLN MB 35 -48.81 -51.55 -76.44
C GLN MB 35 -47.86 -50.97 -75.40
N ILE MB 36 -47.48 -51.82 -74.45
CA ILE MB 36 -46.54 -51.46 -73.40
C ILE MB 36 -45.17 -51.07 -73.99
N TYR MB 37 -44.60 -51.94 -74.84
CA TYR MB 37 -43.28 -51.67 -75.46
C TYR MB 37 -43.30 -50.33 -76.18
N LYS MB 38 -44.36 -50.10 -76.95
CA LYS MB 38 -44.60 -48.85 -77.67
C LYS MB 38 -44.58 -47.62 -76.76
N LEU MB 39 -45.18 -47.75 -75.58
CA LEU MB 39 -45.15 -46.69 -74.57
C LEU MB 39 -43.78 -46.54 -73.92
N ALA MB 40 -43.15 -47.67 -73.60
CA ALA MB 40 -41.81 -47.70 -73.00
C ALA MB 40 -40.77 -47.08 -73.93
N LYS MB 41 -40.86 -47.43 -75.21
CA LYS MB 41 -40.10 -46.77 -76.28
C LYS MB 41 -40.33 -45.26 -76.20
N LYS MB 42 -41.59 -44.86 -76.35
CA LYS MB 42 -42.01 -43.42 -76.31
C LYS MB 42 -41.48 -42.65 -75.08
N GLY MB 43 -41.09 -43.38 -74.04
CA GLY MB 43 -40.19 -42.88 -73.00
C GLY MB 43 -40.84 -42.81 -71.63
N LEU MB 44 -41.57 -43.86 -71.25
CA LEU MB 44 -42.41 -43.85 -70.07
C LEU MB 44 -41.96 -44.88 -69.04
N THR MB 45 -42.32 -44.60 -67.79
CA THR MB 45 -41.98 -45.42 -66.64
C THR MB 45 -43.10 -46.46 -66.49
N PRO MB 46 -42.79 -47.64 -65.91
CA PRO MB 46 -43.80 -48.67 -65.69
C PRO MB 46 -45.12 -48.14 -65.11
N SER MB 47 -45.01 -47.23 -64.14
CA SER MB 47 -46.16 -46.63 -63.49
C SER MB 47 -46.93 -45.67 -64.40
N GLN MB 48 -46.22 -45.00 -65.31
CA GLN MB 48 -46.89 -44.19 -66.33
C GLN MB 48 -47.61 -45.12 -67.28
N ILE MB 49 -46.89 -46.11 -67.78
CA ILE MB 49 -47.44 -47.09 -68.73
C ILE MB 49 -48.71 -47.71 -68.17
N GLY MB 50 -48.61 -48.22 -66.95
CA GLY MB 50 -49.72 -48.87 -66.26
C GLY MB 50 -50.99 -48.03 -66.21
N VAL MB 51 -50.83 -46.73 -66.02
CA VAL MB 51 -51.98 -45.85 -65.91
C VAL MB 51 -52.54 -45.51 -67.29
N ILE MB 52 -51.66 -45.28 -68.26
CA ILE MB 52 -52.08 -45.00 -69.65
C ILE MB 52 -53.08 -46.08 -70.05
N LEU MB 53 -52.64 -47.33 -69.86
CA LEU MB 53 -53.44 -48.52 -70.15
C LEU MB 53 -54.81 -48.59 -69.47
N ARG MB 54 -54.91 -48.20 -68.20
CA ARG MB 54 -56.18 -48.27 -67.48
C ARG MB 54 -57.09 -47.06 -67.66
N ASP MB 55 -56.86 -46.26 -68.71
CA ASP MB 55 -57.74 -45.14 -69.02
C ASP MB 55 -58.17 -45.12 -70.49
N SER MB 56 -57.22 -45.23 -71.41
CA SER MB 56 -57.51 -45.32 -72.85
C SER MB 56 -57.85 -46.75 -73.29
N HIS MB 57 -57.14 -47.72 -72.73
CA HIS MB 57 -57.17 -49.11 -73.21
C HIS MB 57 -57.97 -50.08 -72.36
N GLY MB 58 -58.46 -49.64 -71.20
CA GLY MB 58 -59.40 -50.45 -70.41
C GLY MB 58 -58.77 -51.50 -69.51
N VAL MB 59 -57.71 -52.15 -69.96
CA VAL MB 59 -56.92 -53.06 -69.12
C VAL MB 59 -56.63 -52.44 -67.73
N ALA MB 60 -57.33 -52.97 -66.73
CA ALA MB 60 -57.28 -52.46 -65.36
C ALA MB 60 -55.94 -52.79 -64.72
N GLN MB 61 -55.58 -54.06 -64.75
CA GLN MB 61 -54.25 -54.50 -64.33
C GLN MB 61 -53.66 -55.45 -65.37
N VAL MB 62 -52.58 -55.00 -65.97
CA VAL MB 62 -51.86 -55.74 -67.02
C VAL MB 62 -51.48 -57.12 -66.51
N ARG MB 63 -51.11 -57.19 -65.23
CA ARG MB 63 -50.75 -58.42 -64.53
C ARG MB 63 -51.84 -59.50 -64.58
N PHE MB 64 -53.11 -59.07 -64.54
CA PHE MB 64 -54.23 -59.97 -64.81
C PHE MB 64 -54.21 -60.42 -66.26
N VAL MB 65 -54.12 -59.43 -67.16
CA VAL MB 65 -54.28 -59.62 -68.61
C VAL MB 65 -53.18 -60.47 -69.23
N THR MB 66 -51.94 -60.18 -68.85
CA THR MB 66 -50.79 -61.01 -69.23
C THR MB 66 -50.48 -61.89 -68.01
N GLY MB 67 -49.35 -62.57 -68.06
CA GLY MB 67 -48.84 -63.31 -66.90
C GLY MB 67 -48.04 -62.40 -65.98
N ASN MB 68 -47.14 -61.63 -66.57
CA ASN MB 68 -46.21 -60.78 -65.82
C ASN MB 68 -46.74 -59.36 -65.57
N LYS MB 69 -46.00 -58.62 -64.76
CA LYS MB 69 -46.25 -57.20 -64.48
C LYS MB 69 -45.32 -56.34 -65.33
N ILE MB 70 -45.69 -55.06 -65.49
CA ILE MB 70 -45.12 -54.24 -66.55
C ILE MB 70 -43.59 -54.15 -66.53
N LEU MB 71 -43.00 -53.97 -65.36
CA LEU MB 71 -41.54 -53.87 -65.25
C LEU MB 71 -40.84 -55.17 -65.66
N ARG MB 72 -41.42 -56.29 -65.25
CA ARG MB 72 -40.92 -57.62 -65.62
C ARG MB 72 -40.99 -57.86 -67.13
N ILE MB 73 -42.04 -57.34 -67.77
CA ILE MB 73 -42.24 -57.43 -69.21
C ILE MB 73 -41.20 -56.59 -69.97
N LEU MB 74 -40.96 -55.38 -69.48
CA LEU MB 74 -39.89 -54.51 -70.00
C LEU MB 74 -38.52 -55.12 -69.83
N LYS MB 75 -38.26 -55.69 -68.65
CA LYS MB 75 -36.98 -56.32 -68.34
C LYS MB 75 -36.67 -57.39 -69.37
N SER MB 76 -37.63 -58.27 -69.62
CA SER MB 76 -37.43 -59.38 -70.57
C SER MB 76 -36.99 -58.87 -71.94
N LYS MB 77 -37.68 -57.85 -72.44
CA LYS MB 77 -37.31 -57.24 -73.74
C LYS MB 77 -36.17 -56.23 -73.67
N GLY MB 78 -35.72 -55.88 -72.46
CA GLY MB 78 -34.55 -55.03 -72.27
C GLY MB 78 -34.84 -53.54 -72.26
N LEU MB 79 -36.07 -53.19 -71.88
CA LEU MB 79 -36.52 -51.80 -71.79
C LEU MB 79 -36.56 -51.29 -70.35
N ALA MB 80 -36.14 -52.13 -69.39
CA ALA MB 80 -35.98 -51.68 -68.02
C ALA MB 80 -34.77 -50.74 -67.95
N PRO MB 81 -34.90 -49.63 -67.20
CA PRO MB 81 -33.79 -48.68 -67.08
C PRO MB 81 -32.69 -49.16 -66.15
N ASP MB 82 -31.56 -48.45 -66.20
CA ASP MB 82 -30.37 -48.75 -65.39
C ASP MB 82 -30.64 -48.94 -63.90
N LEU MB 83 -31.35 -47.97 -63.31
CA LEU MB 83 -31.73 -48.00 -61.90
C LEU MB 83 -33.24 -47.92 -61.81
N PRO MB 84 -33.83 -48.51 -60.77
CA PRO MB 84 -35.28 -48.49 -60.54
C PRO MB 84 -35.88 -47.10 -60.65
N GLU MB 85 -37.05 -47.01 -61.29
CA GLU MB 85 -37.70 -45.71 -61.51
C GLU MB 85 -38.06 -45.02 -60.20
N ASP MB 86 -38.32 -45.80 -59.16
CA ASP MB 86 -38.63 -45.25 -57.84
C ASP MB 86 -37.42 -44.60 -57.18
N LEU MB 87 -36.25 -45.20 -57.38
CA LEU MB 87 -34.99 -44.61 -56.93
C LEU MB 87 -34.60 -43.45 -57.84
N TYR MB 88 -34.77 -43.62 -59.15
CA TYR MB 88 -34.61 -42.54 -60.13
C TYR MB 88 -35.33 -41.30 -59.66
N HIS MB 89 -36.61 -41.46 -59.36
CA HIS MB 89 -37.48 -40.35 -59.01
C HIS MB 89 -37.15 -39.68 -57.69
N LEU MB 90 -36.60 -40.44 -56.76
CA LEU MB 90 -36.14 -39.89 -55.50
C LEU MB 90 -34.97 -38.97 -55.77
N ILE MB 91 -33.90 -39.57 -56.28
CA ILE MB 91 -32.66 -38.86 -56.61
C ILE MB 91 -32.92 -37.58 -57.39
N LYS MB 92 -33.81 -37.67 -58.38
CA LYS MB 92 -34.28 -36.52 -59.12
C LYS MB 92 -34.67 -35.38 -58.17
N LYS MB 93 -35.56 -35.69 -57.23
CA LYS MB 93 -36.04 -34.70 -56.26
C LYS MB 93 -34.92 -34.12 -55.40
N ALA MB 94 -34.01 -34.99 -54.95
CA ALA MB 94 -32.84 -34.56 -54.19
C ALA MB 94 -32.07 -33.50 -54.95
N VAL MB 95 -31.81 -33.79 -56.22
CA VAL MB 95 -30.98 -32.94 -57.05
C VAL MB 95 -31.70 -31.61 -57.29
N ALA MB 96 -33.02 -31.67 -57.48
CA ALA MB 96 -33.85 -30.46 -57.62
C ALA MB 96 -33.87 -29.60 -56.36
N VAL MB 97 -33.92 -30.24 -55.19
CA VAL MB 97 -33.84 -29.51 -53.91
C VAL MB 97 -32.48 -28.88 -53.79
N ARG MB 98 -31.46 -29.72 -53.91
CA ARG MB 98 -30.08 -29.32 -53.71
C ARG MB 98 -29.72 -28.14 -54.60
N LYS MB 99 -30.21 -28.14 -55.83
CA LYS MB 99 -29.99 -27.03 -56.75
C LYS MB 99 -30.58 -25.73 -56.22
N HIS MB 100 -31.79 -25.81 -55.66
CA HIS MB 100 -32.45 -24.63 -55.07
C HIS MB 100 -31.74 -24.18 -53.80
N LEU MB 101 -31.22 -25.14 -53.04
CA LEU MB 101 -30.47 -24.85 -51.82
C LEU MB 101 -29.18 -24.09 -52.15
N GLU MB 102 -28.52 -24.54 -53.22
CA GLU MB 102 -27.30 -23.91 -53.74
C GLU MB 102 -27.50 -22.43 -54.06
N ARG MB 103 -28.69 -22.07 -54.54
CA ARG MB 103 -29.05 -20.67 -54.71
C ARG MB 103 -29.39 -20.04 -53.36
N ASN MB 104 -30.30 -20.69 -52.62
CA ASN MB 104 -30.90 -20.15 -51.39
C ASN MB 104 -30.35 -20.82 -50.12
N ARG MB 105 -29.26 -20.25 -49.59
CA ARG MB 105 -28.54 -20.90 -48.47
C ARG MB 105 -29.24 -20.79 -47.11
N LYS MB 106 -30.07 -19.76 -46.94
CA LYS MB 106 -30.81 -19.54 -45.70
C LYS MB 106 -31.97 -20.52 -45.45
N ASP MB 107 -32.50 -21.09 -46.53
CA ASP MB 107 -33.68 -21.98 -46.46
C ASP MB 107 -33.37 -23.23 -45.65
N LYS MB 108 -33.77 -23.21 -44.38
CA LYS MB 108 -33.53 -24.33 -43.47
C LYS MB 108 -34.58 -25.40 -43.65
N ASP MB 109 -35.83 -25.00 -43.88
CA ASP MB 109 -36.90 -25.97 -44.09
C ASP MB 109 -36.65 -26.82 -45.33
N ALA MB 110 -36.04 -26.22 -46.36
CA ALA MB 110 -35.62 -26.98 -47.54
C ALA MB 110 -34.47 -27.94 -47.25
N LYS MB 111 -33.51 -27.52 -46.43
CA LYS MB 111 -32.39 -28.37 -46.05
C LYS MB 111 -32.87 -29.62 -45.32
N PHE MB 112 -33.72 -29.43 -44.33
CA PHE MB 112 -34.31 -30.54 -43.58
C PHE MB 112 -34.91 -31.58 -44.50
N ARG MB 113 -35.68 -31.12 -45.48
CA ARG MB 113 -36.32 -31.99 -46.46
C ARG MB 113 -35.29 -32.73 -47.30
N LEU MB 114 -34.22 -32.04 -47.67
CA LEU MB 114 -33.14 -32.67 -48.41
C LEU MB 114 -32.55 -33.83 -47.63
N ILE MB 115 -32.26 -33.61 -46.36
CA ILE MB 115 -31.74 -34.65 -45.46
C ILE MB 115 -32.64 -35.88 -45.39
N LEU MB 116 -33.94 -35.66 -45.35
CA LEU MB 116 -34.91 -36.74 -45.43
C LEU MB 116 -34.88 -37.48 -46.77
N ILE MB 117 -34.90 -36.71 -47.86
CA ILE MB 117 -34.86 -37.28 -49.22
C ILE MB 117 -33.63 -38.14 -49.42
N GLU MB 118 -32.47 -37.57 -49.13
CA GLU MB 118 -31.20 -38.26 -49.30
C GLU MB 118 -31.16 -39.53 -48.43
N SER MB 119 -31.86 -39.52 -47.28
CA SER MB 119 -31.95 -40.69 -46.39
C SER MB 119 -32.74 -41.80 -47.04
N ARG MB 120 -33.98 -41.51 -47.45
CA ARG MB 120 -34.77 -42.43 -48.27
C ARG MB 120 -33.92 -43.12 -49.32
N ILE MB 121 -33.24 -42.31 -50.12
CA ILE MB 121 -32.38 -42.81 -51.19
C ILE MB 121 -31.44 -43.87 -50.67
N HIS MB 122 -30.76 -43.59 -49.57
CA HIS MB 122 -29.80 -44.54 -49.01
C HIS MB 122 -30.46 -45.83 -48.55
N ARG MB 123 -31.65 -45.75 -47.96
CA ARG MB 123 -32.41 -46.96 -47.64
C ARG MB 123 -32.73 -47.76 -48.88
N LEU MB 124 -33.34 -47.10 -49.85
CA LEU MB 124 -33.78 -47.74 -51.08
C LEU MB 124 -32.64 -48.42 -51.80
N ALA MB 125 -31.47 -47.77 -51.81
CA ALA MB 125 -30.29 -48.33 -52.43
C ALA MB 125 -29.82 -49.59 -51.71
N ARG MB 126 -29.72 -49.54 -50.38
CA ARG MB 126 -29.28 -50.73 -49.64
C ARG MB 126 -30.32 -51.86 -49.68
N TYR MB 127 -31.56 -51.54 -50.01
CA TYR MB 127 -32.50 -52.56 -50.41
C TYR MB 127 -32.02 -53.14 -51.72
N TYR MB 128 -31.91 -52.30 -52.73
CA TYR MB 128 -31.61 -52.77 -54.07
C TYR MB 128 -30.26 -53.47 -54.17
N LYS MB 129 -29.33 -53.11 -53.29
CA LYS MB 129 -28.05 -53.81 -53.21
C LYS MB 129 -28.16 -55.24 -52.61
N THR MB 130 -29.20 -55.49 -51.80
CA THR MB 130 -29.47 -56.87 -51.34
C THR MB 130 -30.09 -57.68 -52.45
N LYS MB 131 -31.06 -57.08 -53.13
CA LYS MB 131 -31.75 -57.73 -54.24
C LYS MB 131 -31.01 -57.58 -55.57
N ARG MB 132 -29.73 -57.21 -55.51
CA ARG MB 132 -28.76 -57.45 -56.58
C ARG MB 132 -29.09 -56.76 -57.91
N VAL MB 133 -29.89 -55.69 -57.85
CA VAL MB 133 -30.21 -54.92 -59.05
C VAL MB 133 -29.18 -53.83 -59.24
N LEU MB 134 -28.84 -53.13 -58.15
CA LEU MB 134 -27.81 -52.11 -58.16
C LEU MB 134 -26.56 -52.82 -57.65
N PRO MB 135 -25.45 -52.76 -58.40
CA PRO MB 135 -24.23 -53.50 -58.03
C PRO MB 135 -23.69 -53.14 -56.64
N PRO MB 136 -22.93 -54.05 -56.00
CA PRO MB 136 -22.53 -53.92 -54.60
C PRO MB 136 -21.42 -52.88 -54.44
N ASN MB 137 -21.77 -51.65 -54.80
CA ASN MB 137 -20.81 -50.65 -55.29
C ASN MB 137 -21.53 -49.35 -55.56
N TRP MB 138 -22.64 -49.47 -56.30
CA TRP MB 138 -23.50 -48.36 -56.63
C TRP MB 138 -23.69 -47.46 -55.42
N LYS MB 139 -23.54 -46.16 -55.69
CA LYS MB 139 -23.41 -45.16 -54.67
C LYS MB 139 -24.14 -43.91 -55.13
N TYR MB 140 -24.60 -43.13 -54.16
CA TYR MB 140 -25.17 -41.83 -54.43
C TYR MB 140 -24.16 -40.76 -54.01
N GLU MB 141 -23.40 -40.29 -54.99
CA GLU MB 141 -22.32 -39.34 -54.74
C GLU MB 141 -22.81 -37.90 -54.61
N SER MB 142 -23.96 -37.59 -55.23
CA SER MB 142 -24.62 -36.26 -55.15
C SER MB 142 -23.99 -35.23 -56.10
N SER MB 143 -22.69 -35.01 -55.94
CA SER MB 143 -21.89 -34.25 -56.90
C SER MB 143 -22.15 -34.70 -58.33
N THR MB 144 -22.11 -36.01 -58.54
CA THR MB 144 -22.28 -36.62 -59.85
C THR MB 144 -23.74 -36.65 -60.32
N ALA MB 145 -24.63 -36.92 -59.36
CA ALA MB 145 -26.04 -37.32 -59.62
C ALA MB 145 -26.88 -36.49 -60.59
N SER MB 146 -26.55 -35.22 -60.76
CA SER MB 146 -27.25 -34.37 -61.73
C SER MB 146 -27.17 -34.92 -63.17
N ALA MB 147 -26.05 -35.58 -63.48
CA ALA MB 147 -25.88 -36.31 -64.74
C ALA MB 147 -26.83 -37.51 -64.92
N LEU MB 148 -27.53 -37.93 -63.86
CA LEU MB 148 -28.52 -39.00 -63.93
C LEU MB 148 -29.96 -38.49 -64.02
N VAL MB 149 -30.18 -37.46 -64.84
CA VAL MB 149 -31.49 -37.18 -65.41
C VAL MB 149 -31.26 -36.88 -66.88
N ALA MB 150 -30.67 -35.73 -67.12
CA ALA MB 150 -30.32 -35.30 -68.44
C ALA MB 150 -28.89 -34.93 -68.18
N SER NB 1 -66.56 42.71 -38.80
CA SER NB 1 -66.20 41.87 -39.99
C SER NB 1 -65.65 40.51 -39.57
N LEU NB 2 -66.56 39.57 -39.32
CA LEU NB 2 -66.23 38.31 -38.65
C LEU NB 2 -67.09 37.17 -39.24
N GLY NB 3 -66.88 36.88 -40.53
CA GLY NB 3 -67.78 36.00 -41.27
C GLY NB 3 -69.18 36.60 -41.36
N PRO NB 4 -69.30 37.82 -41.92
CA PRO NB 4 -70.53 38.61 -41.85
C PRO NB 4 -71.62 38.25 -42.86
N GLN NB 5 -71.26 37.66 -44.00
CA GLN NB 5 -72.23 37.33 -45.05
C GLN NB 5 -73.16 36.20 -44.59
N VAL NB 6 -74.18 36.60 -43.85
CA VAL NB 6 -75.18 35.68 -43.31
C VAL NB 6 -76.45 36.49 -43.00
N ALA NB 7 -77.61 35.91 -43.33
CA ALA NB 7 -78.90 36.54 -43.07
C ALA NB 7 -79.56 35.99 -41.81
N GLU NB 8 -78.75 35.81 -40.76
CA GLU NB 8 -79.16 35.13 -39.53
C GLU NB 8 -79.84 33.79 -39.82
N GLY NB 9 -79.02 32.83 -40.26
CA GLY NB 9 -79.52 31.53 -40.74
C GLY NB 9 -78.41 30.57 -41.08
N GLU NB 10 -77.56 30.95 -42.03
CA GLU NB 10 -76.40 30.12 -42.42
C GLU NB 10 -75.35 30.07 -41.31
N ASN NB 11 -75.27 28.90 -40.66
CA ASN NB 11 -74.35 28.69 -39.55
C ASN NB 11 -72.92 28.66 -40.03
N VAL NB 12 -72.13 29.65 -39.62
CA VAL NB 12 -70.68 29.62 -39.84
C VAL NB 12 -70.14 28.50 -38.96
N PHE NB 13 -69.88 27.35 -39.58
CA PHE NB 13 -69.30 26.21 -38.88
C PHE NB 13 -67.83 26.43 -38.56
N GLY NB 14 -67.37 25.72 -37.53
CA GLY NB 14 -65.94 25.52 -37.29
C GLY NB 14 -65.72 24.04 -37.12
N VAL NB 15 -64.77 23.68 -36.27
CA VAL NB 15 -64.73 22.35 -35.69
C VAL NB 15 -64.00 22.43 -34.37
N CYS NB 16 -64.48 21.68 -33.38
CA CYS NB 16 -64.09 21.84 -31.97
C CYS NB 16 -63.07 20.83 -31.42
N HIS NB 17 -62.82 19.74 -32.16
CA HIS NB 17 -61.80 18.72 -31.83
C HIS NB 17 -62.00 17.97 -30.49
N ILE NB 18 -61.53 18.54 -29.38
CA ILE NB 18 -61.53 17.88 -28.06
C ILE NB 18 -60.58 16.69 -27.97
N PHE NB 19 -59.36 16.98 -27.51
CA PHE NB 19 -58.41 15.97 -27.06
C PHE NB 19 -58.72 15.73 -25.59
N ALA NB 20 -59.56 14.73 -25.34
CA ALA NB 20 -59.86 14.29 -23.98
C ALA NB 20 -59.05 13.04 -23.69
N SER NB 21 -58.05 13.21 -22.81
CA SER NB 21 -57.31 12.08 -22.24
C SER NB 21 -57.48 12.07 -20.74
N PHE NB 22 -56.95 11.03 -20.13
CA PHE NB 22 -56.70 11.02 -18.70
C PHE NB 22 -55.49 11.92 -18.62
N ASN NB 23 -55.51 12.89 -17.71
CA ASN NB 23 -54.63 14.07 -17.78
C ASN NB 23 -55.04 14.96 -18.98
N ASP NB 24 -55.65 16.10 -18.65
CA ASP NB 24 -56.14 17.11 -19.61
C ASP NB 24 -57.19 16.81 -20.68
N THR NB 25 -58.23 17.63 -20.63
CA THR NB 25 -59.11 17.89 -21.74
C THR NB 25 -58.51 19.10 -22.48
N PHE NB 26 -58.57 19.09 -23.80
CA PHE NB 26 -58.37 20.28 -24.63
C PHE NB 26 -59.72 20.55 -25.28
N VAL NB 27 -59.90 21.77 -25.80
CA VAL NB 27 -61.06 22.09 -26.63
C VAL NB 27 -60.61 23.04 -27.74
N HIS NB 28 -59.99 22.46 -28.77
CA HIS NB 28 -59.35 23.27 -29.79
C HIS NB 28 -60.29 23.52 -30.95
N VAL NB 29 -60.98 24.65 -30.90
CA VAL NB 29 -61.84 25.10 -31.99
C VAL NB 29 -60.98 25.71 -33.08
N THR NB 30 -61.39 25.51 -34.33
CA THR NB 30 -60.65 25.97 -35.50
C THR NB 30 -61.60 26.34 -36.65
N ASP NB 31 -61.00 26.72 -37.77
CA ASP NB 31 -61.70 26.83 -39.06
C ASP NB 31 -62.20 25.47 -39.54
N LEU NB 32 -62.82 25.45 -40.71
CA LEU NB 32 -63.14 24.20 -41.41
C LEU NB 32 -61.89 23.53 -41.96
N SER NB 33 -60.86 24.34 -42.24
CA SER NB 33 -59.59 23.84 -42.74
C SER NB 33 -58.81 23.17 -41.62
N GLY NB 34 -58.54 23.93 -40.56
CA GLY NB 34 -57.67 23.51 -39.47
C GLY NB 34 -56.35 24.28 -39.41
N LYS NB 35 -55.96 24.88 -40.53
CA LYS NB 35 -54.71 25.65 -40.62
C LYS NB 35 -54.82 26.97 -39.86
N GLU NB 36 -56.04 27.48 -39.68
CA GLU NB 36 -56.26 28.55 -38.71
C GLU NB 36 -57.01 28.05 -37.49
N THR NB 37 -56.96 28.87 -36.44
CA THR NB 37 -57.45 28.47 -35.11
C THR NB 37 -57.99 29.61 -34.30
N ILE NB 38 -58.97 29.25 -33.47
CA ILE NB 38 -59.83 30.16 -32.74
C ILE NB 38 -60.13 29.45 -31.42
N CYS NB 39 -59.56 29.91 -30.31
CA CYS NB 39 -59.83 29.31 -28.98
C CYS NB 39 -59.20 27.93 -28.80
N ARG NB 40 -58.50 27.74 -27.70
CA ARG NB 40 -58.03 26.41 -27.29
C ARG NB 40 -58.57 26.03 -25.93
N VAL NB 41 -58.24 26.82 -24.92
CA VAL NB 41 -58.55 26.56 -23.51
C VAL NB 41 -58.54 25.08 -23.10
N THR NB 42 -57.43 24.68 -22.50
CA THR NB 42 -57.29 23.35 -21.97
C THR NB 42 -57.91 23.28 -20.60
N GLY NB 43 -58.16 22.07 -20.14
CA GLY NB 43 -58.69 21.82 -18.79
C GLY NB 43 -57.79 22.36 -17.69
N GLY NB 44 -56.48 22.32 -17.92
CA GLY NB 44 -55.51 22.78 -16.93
C GLY NB 44 -55.33 24.27 -16.80
N MET NB 45 -55.82 25.04 -17.78
CA MET NB 45 -55.96 26.48 -17.62
C MET NB 45 -57.09 26.79 -16.65
N LYS NB 46 -58.23 26.12 -16.85
CA LYS NB 46 -59.43 26.37 -16.05
C LYS NB 46 -59.37 25.89 -14.60
N VAL NB 47 -58.48 24.95 -14.29
CA VAL NB 47 -58.43 24.32 -12.97
C VAL NB 47 -57.01 24.26 -12.44
N LYS NB 48 -56.73 25.05 -11.40
CA LYS NB 48 -55.42 25.09 -10.76
C LYS NB 48 -55.34 24.07 -9.62
N ALA NB 49 -55.11 22.82 -10.01
CA ALA NB 49 -54.76 21.69 -9.13
C ALA NB 49 -54.50 20.44 -9.98
N ASP NB 50 -53.32 20.37 -10.58
CA ASP NB 50 -52.83 19.25 -11.43
C ASP NB 50 -53.59 17.90 -11.43
N ARG NB 51 -54.04 17.43 -10.26
CA ARG NB 51 -54.82 16.18 -10.18
C ARG NB 51 -56.15 16.21 -10.93
N ASP NB 52 -56.78 17.39 -11.01
CA ASP NB 52 -58.03 17.55 -11.77
C ASP NB 52 -57.93 18.62 -12.86
N GLU NB 53 -56.87 18.52 -13.66
CA GLU NB 53 -56.84 19.12 -15.01
C GLU NB 53 -57.91 18.47 -15.90
N SER NB 54 -58.12 17.17 -15.69
CA SER NB 54 -58.90 16.34 -16.60
C SER NB 54 -60.25 15.92 -16.05
N SER NB 55 -60.60 16.41 -14.86
CA SER NB 55 -61.95 16.24 -14.34
C SER NB 55 -63.00 16.80 -15.31
N PRO NB 56 -64.24 16.29 -15.22
CA PRO NB 56 -65.30 16.80 -16.10
C PRO NB 56 -65.63 18.27 -15.86
N TYR NB 57 -65.58 18.69 -14.60
CA TYR NB 57 -65.77 20.10 -14.24
C TYR NB 57 -64.81 21.04 -14.98
N ALA NB 58 -63.57 20.60 -15.16
CA ALA NB 58 -62.59 21.37 -15.93
C ALA NB 58 -63.02 21.48 -17.38
N ALA NB 59 -63.39 20.34 -17.97
CA ALA NB 59 -63.76 20.25 -19.37
C ALA NB 59 -64.93 21.15 -19.71
N MET NB 60 -65.93 21.13 -18.83
CA MET NB 60 -67.03 22.07 -18.87
C MET NB 60 -66.58 23.51 -19.01
N LEU NB 61 -65.76 23.96 -18.07
CA LEU NB 61 -65.35 25.36 -18.00
C LEU NB 61 -64.64 25.76 -19.29
N ALA NB 62 -63.79 24.87 -19.80
CA ALA NB 62 -63.08 25.09 -21.05
C ALA NB 62 -64.04 25.26 -22.22
N ALA NB 63 -64.99 24.35 -22.35
CA ALA NB 63 -66.00 24.44 -23.40
C ALA NB 63 -66.87 25.71 -23.29
N GLN NB 64 -67.11 26.17 -22.07
CA GLN NB 64 -67.81 27.45 -21.86
C GLN NB 64 -66.96 28.62 -22.34
N ASP NB 65 -65.69 28.65 -21.94
CA ASP NB 65 -64.75 29.70 -22.40
C ASP NB 65 -64.51 29.67 -23.91
N VAL NB 66 -64.64 28.49 -24.51
CA VAL NB 66 -64.65 28.36 -25.96
C VAL NB 66 -65.94 28.96 -26.54
N ALA NB 67 -67.09 28.54 -26.02
CA ALA NB 67 -68.39 29.09 -26.46
C ALA NB 67 -68.50 30.60 -26.25
N GLN NB 68 -67.81 31.11 -25.23
CA GLN NB 68 -67.69 32.55 -24.98
C GLN NB 68 -66.91 33.26 -26.08
N ARG NB 69 -65.71 32.75 -26.37
CA ARG NB 69 -64.83 33.37 -27.36
C ARG NB 69 -65.20 32.98 -28.79
N CYS NB 70 -66.00 31.93 -28.96
CA CYS NB 70 -66.49 31.56 -30.29
C CYS NB 70 -67.65 32.46 -30.72
N LYS NB 71 -68.55 32.76 -29.79
CA LYS NB 71 -69.67 33.66 -30.10
C LYS NB 71 -69.19 35.06 -30.47
N GLU NB 72 -68.09 35.51 -29.86
CA GLU NB 72 -67.46 36.76 -30.22
C GLU NB 72 -67.09 36.78 -31.69
N LEU NB 73 -66.37 35.74 -32.13
CA LEU NB 73 -65.78 35.72 -33.47
C LEU NB 73 -66.70 35.25 -34.59
N GLY NB 74 -67.98 35.04 -34.26
CA GLY NB 74 -68.99 34.78 -35.26
C GLY NB 74 -69.01 33.36 -35.79
N ILE NB 75 -68.32 32.44 -35.11
CA ILE NB 75 -68.52 31.03 -35.38
C ILE NB 75 -69.84 30.69 -34.71
N THR NB 76 -70.82 30.38 -35.53
CA THR NB 76 -72.19 30.16 -35.13
C THR NB 76 -72.37 28.77 -34.51
N ALA NB 77 -71.60 27.82 -35.05
CA ALA NB 77 -71.79 26.40 -34.77
C ALA NB 77 -70.48 25.66 -34.87
N LEU NB 78 -70.48 24.39 -34.47
CA LEU NB 78 -69.27 23.57 -34.50
C LEU NB 78 -69.54 22.19 -35.09
N HIS NB 79 -68.56 21.68 -35.83
CA HIS NB 79 -68.42 20.24 -36.04
C HIS NB 79 -67.55 19.72 -34.90
N ILE NB 80 -67.45 18.39 -34.77
CA ILE NB 80 -66.68 17.77 -33.68
C ILE NB 80 -65.78 16.63 -34.18
N LYS NB 81 -64.53 16.64 -33.73
CA LYS NB 81 -63.56 15.62 -34.12
C LYS NB 81 -62.90 15.07 -32.86
N LEU NB 82 -63.71 14.35 -32.09
CA LEU NB 82 -63.32 13.79 -30.79
C LEU NB 82 -62.13 12.82 -30.87
N ARG NB 83 -61.36 12.72 -29.78
CA ARG NB 83 -60.05 12.04 -29.81
C ARG NB 83 -59.52 11.62 -28.43
N ALA NB 84 -58.76 10.52 -28.42
CA ALA NB 84 -58.09 9.98 -27.24
C ALA NB 84 -56.62 9.77 -27.58
N THR NB 85 -55.78 9.66 -26.56
CA THR NB 85 -54.31 9.69 -26.72
C THR NB 85 -53.77 8.73 -27.79
N GLY NB 86 -54.42 7.58 -27.93
CA GLY NB 86 -54.20 6.67 -29.05
C GLY NB 86 -52.78 6.15 -29.21
N GLY NB 87 -52.36 6.01 -30.47
CA GLY NB 87 -51.04 5.49 -30.81
C GLY NB 87 -50.86 4.09 -30.27
N ASN NB 88 -49.83 3.90 -29.46
CA ASN NB 88 -49.64 2.66 -28.74
C ASN NB 88 -50.67 2.54 -27.61
N ARG NB 89 -51.07 3.68 -27.08
CA ARG NB 89 -51.83 3.74 -25.83
C ARG NB 89 -53.29 3.28 -25.93
N THR NB 90 -54.25 4.21 -25.90
CA THR NB 90 -55.57 3.90 -25.31
C THR NB 90 -56.76 3.76 -26.27
N LYS NB 91 -56.89 4.70 -27.19
CA LYS NB 91 -58.11 4.90 -28.00
C LYS NB 91 -59.45 4.67 -27.27
N THR NB 92 -59.52 5.13 -26.03
CA THR NB 92 -60.78 5.32 -25.31
C THR NB 92 -60.74 6.75 -24.78
N PRO NB 93 -61.70 7.60 -25.18
CA PRO NB 93 -61.58 8.99 -24.76
C PRO NB 93 -61.76 9.17 -23.26
N GLY NB 94 -61.09 10.18 -22.72
CA GLY NB 94 -61.08 10.45 -21.30
C GLY NB 94 -62.43 10.92 -20.78
N PRO NB 95 -62.49 11.20 -19.47
CA PRO NB 95 -63.75 11.63 -18.84
C PRO NB 95 -64.22 13.04 -19.25
N GLY NB 96 -63.28 13.87 -19.70
CA GLY NB 96 -63.58 15.20 -20.21
C GLY NB 96 -64.18 15.29 -21.61
N ALA NB 97 -64.29 14.17 -22.32
CA ALA NB 97 -64.97 14.16 -23.61
C ALA NB 97 -66.42 14.59 -23.46
N GLN NB 98 -67.13 13.90 -22.56
CA GLN NB 98 -68.57 14.08 -22.35
C GLN NB 98 -68.96 15.50 -21.98
N SER NB 99 -68.48 15.97 -20.84
CA SER NB 99 -68.92 17.25 -20.27
C SER NB 99 -68.29 18.47 -20.96
N ALA NB 100 -67.23 18.29 -21.75
CA ALA NB 100 -66.80 19.34 -22.68
C ALA NB 100 -67.88 19.48 -23.74
N LEU NB 101 -68.17 18.38 -24.42
CA LEU NB 101 -69.11 18.35 -25.52
C LEU NB 101 -70.48 18.87 -25.09
N ARG NB 102 -71.00 18.32 -23.99
CA ARG NB 102 -72.29 18.73 -23.43
C ARG NB 102 -72.36 20.22 -23.15
N ALA NB 103 -71.28 20.76 -22.58
CA ALA NB 103 -71.21 22.17 -22.16
C ALA NB 103 -71.26 23.16 -23.32
N LEU NB 104 -70.61 22.83 -24.44
CA LEU NB 104 -70.65 23.72 -25.61
C LEU NB 104 -71.94 23.55 -26.42
N ALA NB 105 -72.53 22.36 -26.35
CA ALA NB 105 -73.90 22.16 -26.82
C ALA NB 105 -74.90 23.01 -26.01
N ARG NB 106 -74.71 23.02 -24.69
CA ARG NB 106 -75.60 23.75 -23.78
C ARG NB 106 -75.42 25.26 -23.90
N SER NB 107 -74.17 25.73 -24.03
CA SER NB 107 -73.86 27.16 -24.06
C SER NB 107 -74.47 27.91 -25.25
N GLY NB 108 -74.48 27.26 -26.42
CA GLY NB 108 -75.11 27.82 -27.61
C GLY NB 108 -74.79 27.00 -28.85
N MET NB 109 -73.49 26.90 -29.13
CA MET NB 109 -72.94 26.19 -30.29
C MET NB 109 -73.75 24.98 -30.76
N LYS NB 110 -74.16 25.00 -32.03
CA LYS NB 110 -74.84 23.85 -32.64
C LYS NB 110 -73.81 22.75 -32.90
N ILE NB 111 -74.30 21.55 -33.18
CA ILE NB 111 -73.44 20.36 -33.28
C ILE NB 111 -73.61 19.65 -34.61
N GLY NB 112 -72.78 20.02 -35.59
CA GLY NB 112 -72.83 19.43 -36.92
C GLY NB 112 -71.92 18.22 -37.08
N ARG NB 113 -72.53 17.03 -37.13
CA ARG NB 113 -71.90 15.77 -37.58
C ARG NB 113 -71.27 14.88 -36.48
N ILE NB 114 -70.15 15.27 -35.87
CA ILE NB 114 -69.45 14.47 -34.82
C ILE NB 114 -68.84 13.14 -35.31
N GLU NB 115 -67.57 12.92 -34.99
CA GLU NB 115 -66.89 11.65 -35.28
C GLU NB 115 -65.55 11.56 -34.56
N ASP NB 116 -64.99 10.34 -34.51
CA ASP NB 116 -63.73 10.10 -33.79
C ASP NB 116 -62.53 10.18 -34.71
N VAL NB 117 -61.38 10.51 -34.12
CA VAL NB 117 -60.11 10.57 -34.85
C VAL NB 117 -58.97 10.04 -33.96
N THR NB 118 -59.28 9.07 -33.12
CA THR NB 118 -58.31 8.45 -32.23
C THR NB 118 -57.18 7.90 -33.09
N PRO NB 119 -55.95 8.41 -32.92
CA PRO NB 119 -54.86 8.00 -33.82
C PRO NB 119 -54.55 6.51 -33.67
N ILE NB 120 -55.39 5.71 -34.33
CA ILE NB 120 -55.31 4.28 -34.27
C ILE NB 120 -54.27 3.84 -35.29
N PRO NB 121 -53.35 2.93 -34.87
CA PRO NB 121 -52.33 2.43 -35.77
C PRO NB 121 -52.78 1.16 -36.45
N SER NB 122 -52.35 1.01 -37.71
CA SER NB 122 -52.16 -0.31 -38.25
C SER NB 122 -50.87 -0.77 -37.58
N ASP NB 123 -51.02 -1.48 -36.46
CA ASP NB 123 -49.93 -2.22 -35.82
C ASP NB 123 -48.59 -1.45 -35.65
N SER NB 124 -48.49 -0.67 -34.59
CA SER NB 124 -47.37 0.24 -34.40
C SER NB 124 -46.33 -0.29 -33.43
N THR NB 125 -45.32 0.55 -33.22
CA THR NB 125 -44.26 0.41 -32.22
C THR NB 125 -44.68 -0.09 -30.85
N ARG NB 126 -43.67 -0.48 -30.06
CA ARG NB 126 -43.86 -1.02 -28.73
C ARG NB 126 -44.31 0.05 -27.73
N ARG NB 127 -45.24 -0.31 -26.84
CA ARG NB 127 -45.66 0.59 -25.74
C ARG NB 127 -44.62 0.65 -24.62
N LYS NB 128 -44.53 1.82 -23.98
CA LYS NB 128 -43.82 1.98 -22.72
C LYS NB 128 -44.48 1.17 -21.62
N GLY NB 129 -43.70 0.36 -20.92
CA GLY NB 129 -44.21 -0.41 -19.77
C GLY NB 129 -43.36 -1.63 -19.47
N GLY NB 130 -42.98 -2.31 -20.53
CA GLY NB 130 -41.97 -3.35 -20.48
C GLY NB 130 -42.45 -4.69 -20.00
N ARG NB 131 -43.12 -5.43 -20.88
CA ARG NB 131 -43.28 -6.87 -20.73
C ARG NB 131 -44.14 -7.28 -19.51
N ARG NB 132 -43.63 -7.08 -18.28
CA ARG NB 132 -44.40 -7.36 -17.05
C ARG NB 132 -45.37 -6.24 -16.69
N GLY NB 133 -45.39 -5.17 -17.47
CA GLY NB 133 -46.42 -4.14 -17.38
C GLY NB 133 -46.16 -3.05 -16.37
N ARG NB 134 -47.12 -2.12 -16.28
CA ARG NB 134 -47.13 -1.07 -15.26
C ARG NB 134 -47.56 -1.74 -13.98
N ARG NB 135 -46.61 -2.46 -13.42
CA ARG NB 135 -46.86 -3.48 -12.42
C ARG NB 135 -46.71 -2.71 -11.13
N LEU NB 136 -47.84 -2.22 -10.64
CA LEU NB 136 -47.87 -1.07 -9.76
C LEU NB 136 -48.52 -1.38 -8.41
N VAL OB 1 -38.28 18.75 92.76
CA VAL OB 1 -39.01 19.96 92.28
C VAL OB 1 -39.38 20.87 93.47
N GLU OB 2 -38.50 21.81 93.79
CA GLU OB 2 -38.74 22.81 94.84
C GLU OB 2 -37.82 24.03 94.73
N GLN OB 3 -38.17 25.08 95.48
CA GLN OB 3 -37.40 26.33 95.59
C GLN OB 3 -37.38 27.19 94.32
N LYS OB 4 -36.98 28.46 94.50
CA LYS OB 4 -36.98 29.45 93.41
C LYS OB 4 -35.71 29.38 92.57
N LYS OB 5 -35.85 29.74 91.29
CA LYS OB 5 -34.74 29.80 90.31
C LYS OB 5 -34.02 28.46 89.99
N LYS OB 6 -34.60 27.33 90.39
CA LYS OB 6 -34.07 26.01 90.05
C LYS OB 6 -35.04 25.35 89.07
N ARG OB 7 -34.50 24.56 88.14
CA ARG OB 7 -35.25 23.85 87.08
C ARG OB 7 -36.47 24.60 86.51
N THR OB 8 -36.26 25.88 86.19
CA THR OB 8 -37.33 26.80 85.76
C THR OB 8 -37.04 27.33 84.34
N PHE OB 9 -37.48 28.55 84.03
CA PHE OB 9 -37.34 29.19 82.70
C PHE OB 9 -38.19 28.57 81.57
N ARG OB 10 -39.12 27.68 81.92
CA ARG OB 10 -40.09 27.11 80.98
C ARG OB 10 -41.49 27.74 81.08
N LYS OB 11 -41.76 28.45 82.19
CA LYS OB 11 -43.04 29.14 82.44
C LYS OB 11 -44.28 28.30 82.07
N PHE OB 12 -44.73 28.42 80.82
CA PHE OB 12 -45.82 27.61 80.25
C PHE OB 12 -47.20 27.85 80.87
N THR OB 13 -48.16 28.27 80.05
CA THR OB 13 -49.46 28.73 80.51
C THR OB 13 -50.56 28.19 79.59
N TYR OB 14 -50.62 26.87 79.43
CA TYR OB 14 -51.47 26.28 78.38
C TYR OB 14 -52.96 26.55 78.56
N ARG OB 15 -53.50 27.29 77.58
CA ARG OB 15 -54.83 27.87 77.64
C ARG OB 15 -55.04 28.66 78.93
N GLY OB 16 -54.00 29.40 79.33
CA GLY OB 16 -54.01 30.24 80.54
C GLY OB 16 -53.52 29.55 81.81
N VAL OB 17 -53.76 28.25 81.92
CA VAL OB 17 -53.50 27.50 83.14
C VAL OB 17 -52.09 26.92 83.04
N ASP OB 18 -51.27 27.20 84.06
CA ASP OB 18 -49.86 26.81 84.06
C ASP OB 18 -49.75 25.41 84.65
N LEU OB 19 -48.64 24.73 84.39
CA LEU OB 19 -48.39 23.42 85.00
C LEU OB 19 -48.17 23.56 86.51
N ASP OB 20 -47.69 24.74 86.92
CA ASP OB 20 -47.74 25.22 88.30
C ASP OB 20 -49.16 25.12 88.90
N GLN OB 21 -50.11 25.78 88.24
CA GLN OB 21 -51.53 25.73 88.60
C GLN OB 21 -52.09 24.30 88.49
N LEU OB 22 -51.67 23.60 87.44
CA LEU OB 22 -52.11 22.23 87.17
C LEU OB 22 -51.48 21.27 88.19
N LEU OB 23 -51.75 19.97 88.03
CA LEU OB 23 -51.31 18.91 88.96
C LEU OB 23 -52.19 18.92 90.20
N ASP OB 24 -52.18 20.05 90.92
CA ASP OB 24 -53.09 20.29 92.04
C ASP OB 24 -54.38 20.96 91.55
N MET OB 25 -55.22 20.16 90.87
CA MET OB 25 -56.53 20.63 90.37
C MET OB 25 -57.46 19.43 90.12
N SER OB 26 -58.69 19.72 89.70
CA SER OB 26 -59.68 18.67 89.42
C SER OB 26 -59.55 18.14 87.99
N TYR OB 27 -60.35 17.11 87.70
CA TYR OB 27 -60.43 16.53 86.34
C TYR OB 27 -61.47 17.25 85.50
N GLU OB 28 -62.62 17.56 86.10
CA GLU OB 28 -63.67 18.33 85.41
C GLU OB 28 -63.23 19.75 85.05
N GLN OB 29 -62.35 20.34 85.86
CA GLN OB 29 -61.67 21.59 85.48
C GLN OB 29 -60.82 21.33 84.24
N LEU OB 30 -60.00 20.28 84.29
CA LEU OB 30 -59.11 19.90 83.19
C LEU OB 30 -59.87 19.54 81.91
N MET OB 31 -61.03 18.91 82.06
CA MET OB 31 -61.90 18.62 80.91
C MET OB 31 -62.23 19.92 80.19
N GLN OB 32 -62.83 20.85 80.92
CA GLN OB 32 -63.26 22.15 80.39
C GLN OB 32 -62.12 22.95 79.79
N LEU OB 33 -60.90 22.72 80.27
CA LEU OB 33 -59.72 23.37 79.73
C LEU OB 33 -59.40 22.92 78.31
N TYR OB 34 -59.18 21.61 78.09
CA TYR OB 34 -58.67 21.17 76.77
C TYR OB 34 -59.69 20.62 75.76
N SER OB 35 -59.19 20.03 74.68
CA SER OB 35 -59.91 20.02 73.40
C SER OB 35 -60.91 18.88 73.29
N ALA OB 36 -61.91 19.11 72.43
CA ALA OB 36 -63.17 18.35 72.41
C ALA OB 36 -63.01 16.83 72.44
N ARG OB 37 -62.04 16.32 71.70
CA ARG OB 37 -61.79 14.88 71.64
C ARG OB 37 -61.26 14.37 72.96
N GLN OB 38 -60.32 15.13 73.53
CA GLN OB 38 -59.70 14.76 74.80
C GLN OB 38 -60.76 14.84 75.91
N ARG OB 39 -61.73 15.74 75.73
CA ARG OB 39 -62.91 15.80 76.61
C ARG OB 39 -63.77 14.58 76.42
N ARG OB 40 -64.14 14.33 75.17
CA ARG OB 40 -64.84 13.12 74.75
C ARG OB 40 -64.23 11.90 75.42
N ARG OB 41 -62.91 11.78 75.36
CA ARG OB 41 -62.25 10.55 75.74
C ARG OB 41 -62.27 10.30 77.26
N LEU OB 42 -62.06 11.33 78.09
CA LEU OB 42 -62.13 11.14 79.55
C LEU OB 42 -63.55 11.07 80.10
N SER OB 43 -64.52 11.66 79.40
CA SER OB 43 -65.93 11.44 79.73
C SER OB 43 -66.24 9.96 79.60
N ARG OB 44 -65.82 9.35 78.49
CA ARG OB 44 -65.98 7.91 78.29
C ARG OB 44 -65.18 7.14 79.34
N GLY OB 45 -64.06 7.71 79.79
CA GLY OB 45 -63.36 7.28 81.00
C GLY OB 45 -61.86 7.15 80.79
N LEU OB 46 -61.24 6.24 81.53
CA LEU OB 46 -59.84 5.87 81.29
C LEU OB 46 -59.58 4.37 81.12
N ARG OB 47 -60.30 3.50 81.84
CA ARG OB 47 -60.07 2.03 81.81
C ARG OB 47 -58.76 1.65 82.52
N ARG OB 48 -58.62 0.35 82.81
CA ARG OB 48 -57.57 -0.14 83.72
C ARG OB 48 -56.18 -0.22 83.08
N LYS OB 49 -56.13 -0.35 81.75
CA LYS OB 49 -54.85 -0.39 81.03
C LYS OB 49 -54.14 0.97 81.09
N GLN OB 50 -54.93 2.04 81.09
CA GLN OB 50 -54.43 3.40 81.23
C GLN OB 50 -53.95 3.71 82.64
N HIS OB 51 -54.79 3.36 83.63
CA HIS OB 51 -54.45 3.58 85.05
C HIS OB 51 -53.20 2.81 85.49
N SER OB 52 -53.07 1.57 85.02
CA SER OB 52 -51.87 0.77 85.29
C SER OB 52 -50.61 1.42 84.71
N LEU OB 53 -50.77 2.00 83.52
CA LEU OB 53 -49.70 2.78 82.90
C LEU OB 53 -49.41 4.03 83.73
N LEU OB 54 -50.43 4.83 84.00
CA LEU OB 54 -50.29 6.01 84.90
C LEU OB 54 -49.55 5.69 86.20
N LYS OB 55 -49.96 4.60 86.84
CA LYS OB 55 -49.35 4.14 88.10
C LYS OB 55 -47.86 3.82 87.98
N ARG OB 56 -47.44 3.25 86.84
CA ARG OB 56 -46.02 2.99 86.61
C ARG OB 56 -45.23 4.28 86.37
N LEU OB 57 -45.86 5.26 85.73
CA LEU OB 57 -45.22 6.56 85.49
C LEU OB 57 -45.03 7.37 86.78
N ARG OB 58 -45.94 7.20 87.75
CA ARG OB 58 -45.70 7.71 89.11
C ARG OB 58 -44.48 7.02 89.70
N LYS OB 59 -44.51 5.69 89.71
CA LYS OB 59 -43.47 4.86 90.32
C LYS OB 59 -42.08 5.10 89.72
N ALA OB 60 -42.02 5.37 88.41
CA ALA OB 60 -40.78 5.80 87.76
C ALA OB 60 -40.34 7.19 88.22
N LYS OB 61 -41.31 8.09 88.35
CA LYS OB 61 -41.07 9.45 88.91
C LYS OB 61 -40.60 9.43 90.37
N LYS OB 62 -41.11 8.49 91.16
CA LYS OB 62 -40.76 8.36 92.58
C LYS OB 62 -39.33 7.86 92.75
N GLU OB 63 -38.98 6.82 92.00
CA GLU OB 63 -37.65 6.21 92.05
C GLU OB 63 -36.51 7.14 91.60
N ALA OB 64 -36.85 8.12 90.74
CA ALA OB 64 -35.87 9.06 90.17
C ALA OB 64 -34.98 9.75 91.22
N PRO OB 65 -33.66 9.82 90.95
CA PRO OB 65 -32.76 10.69 91.73
C PRO OB 65 -33.11 12.19 91.58
N PRO OB 66 -32.56 13.06 92.46
CA PRO OB 66 -32.95 14.48 92.46
C PRO OB 66 -32.57 15.23 91.19
N MET OB 67 -31.45 14.86 90.58
CA MET OB 67 -31.07 15.33 89.24
C MET OB 67 -31.31 14.20 88.24
N GLU OB 68 -31.43 14.57 86.97
CA GLU OB 68 -31.66 13.65 85.84
C GLU OB 68 -33.09 13.12 85.74
N LYS OB 69 -33.41 12.58 84.56
CA LYS OB 69 -34.71 12.01 84.24
C LYS OB 69 -34.94 10.62 84.88
N PRO OB 70 -36.21 10.15 84.94
CA PRO OB 70 -36.52 8.80 85.43
C PRO OB 70 -36.02 7.64 84.54
N GLU OB 71 -36.40 6.41 84.88
CA GLU OB 71 -35.85 5.20 84.25
C GLU OB 71 -36.54 4.68 82.96
N VAL OB 72 -37.53 5.42 82.44
CA VAL OB 72 -38.23 5.11 81.18
C VAL OB 72 -39.20 3.93 81.33
N VAL OB 73 -40.41 4.06 80.77
CA VAL OB 73 -41.43 3.01 80.86
C VAL OB 73 -42.02 2.70 79.48
N LYS OB 74 -41.94 1.43 79.09
CA LYS OB 74 -42.42 0.97 77.78
C LYS OB 74 -43.94 0.82 77.76
N THR OB 75 -44.55 1.21 76.65
CA THR OB 75 -46.02 1.17 76.47
C THR OB 75 -46.45 0.77 75.07
N HIS OB 76 -47.58 0.08 75.01
CA HIS OB 76 -48.28 -0.21 73.75
C HIS OB 76 -49.42 0.77 73.52
N LEU OB 77 -49.84 1.47 74.58
CA LEU OB 77 -50.95 2.42 74.50
C LEU OB 77 -50.47 3.68 73.79
N ARG OB 78 -50.47 3.62 72.45
CA ARG OB 78 -50.26 4.80 71.59
C ARG OB 78 -51.37 5.81 71.81
N ASP OB 79 -52.57 5.29 72.10
CA ASP OB 79 -53.78 6.08 72.25
C ASP OB 79 -54.03 6.73 73.62
N MET OB 80 -53.03 6.78 74.52
CA MET OB 80 -53.21 7.52 75.78
C MET OB 80 -53.09 9.03 75.55
N ILE OB 81 -54.10 9.76 76.02
CA ILE OB 81 -54.08 11.22 76.01
C ILE OB 81 -53.07 11.68 77.04
N ILE OB 82 -52.19 12.60 76.65
CA ILE OB 82 -51.16 13.12 77.55
C ILE OB 82 -51.79 14.12 78.49
N LEU OB 83 -51.49 13.93 79.78
CA LEU OB 83 -52.08 14.69 80.85
C LEU OB 83 -50.99 15.53 81.50
N PRO OB 84 -51.36 16.64 82.16
CA PRO OB 84 -50.35 17.38 82.94
C PRO OB 84 -49.68 16.55 84.04
N GLU OB 85 -50.39 15.58 84.62
CA GLU OB 85 -49.79 14.65 85.60
C GLU OB 85 -48.61 13.85 85.02
N MET OB 86 -48.73 13.47 83.75
CA MET OB 86 -47.69 12.71 83.03
C MET OB 86 -46.41 13.51 82.79
N VAL OB 87 -46.59 14.80 82.52
CA VAL OB 87 -45.50 15.69 82.06
C VAL OB 87 -44.28 15.61 82.97
N GLY OB 88 -43.11 15.47 82.34
CA GLY OB 88 -41.88 15.19 83.05
C GLY OB 88 -41.78 13.72 83.36
N SER OB 89 -41.66 12.92 82.30
CA SER OB 89 -41.39 11.49 82.40
C SER OB 89 -40.86 10.96 81.07
N MET OB 90 -40.49 9.68 81.05
CA MET OB 90 -39.92 9.06 79.85
C MET OB 90 -40.75 7.84 79.46
N VAL OB 91 -41.13 7.78 78.18
CA VAL OB 91 -42.02 6.74 77.68
C VAL OB 91 -41.46 6.06 76.42
N GLY OB 92 -41.36 4.73 76.48
CA GLY OB 92 -41.04 3.89 75.33
C GLY OB 92 -42.32 3.56 74.60
N VAL OB 93 -42.55 4.27 73.50
CA VAL OB 93 -43.83 4.22 72.79
C VAL OB 93 -43.70 3.34 71.55
N TYR OB 94 -44.60 2.39 71.40
CA TYR OB 94 -44.49 1.36 70.36
C TYR OB 94 -44.82 1.91 68.97
N ASN OB 95 -44.06 1.45 67.97
CA ASN OB 95 -44.33 1.70 66.56
C ASN OB 95 -44.41 0.38 65.85
N GLY OB 96 -45.23 -0.52 66.36
CA GLY OB 96 -45.36 -1.84 65.77
C GLY OB 96 -44.15 -2.77 65.88
N LYS OB 97 -42.92 -2.23 65.95
CA LYS OB 97 -41.72 -3.07 66.16
C LYS OB 97 -40.58 -2.55 67.05
N THR OB 98 -40.57 -1.26 67.40
CA THR OB 98 -39.68 -0.75 68.46
C THR OB 98 -40.43 0.11 69.44
N PHE OB 99 -39.87 0.22 70.64
CA PHE OB 99 -40.34 1.17 71.64
C PHE OB 99 -39.45 2.41 71.56
N ASN OB 100 -39.99 3.45 70.94
CA ASN OB 100 -39.27 4.72 70.77
C ASN OB 100 -39.33 5.55 72.05
N GLN OB 101 -38.18 6.05 72.49
CA GLN OB 101 -38.10 6.80 73.76
C GLN OB 101 -38.66 8.20 73.53
N VAL OB 102 -39.47 8.66 74.49
CA VAL OB 102 -40.18 9.95 74.36
C VAL OB 102 -40.22 10.66 75.71
N GLU OB 103 -39.63 11.86 75.76
CA GLU OB 103 -39.80 12.76 76.91
C GLU OB 103 -40.99 13.67 76.63
N ILE OB 104 -41.84 13.84 77.64
CA ILE OB 104 -43.17 14.43 77.45
C ILE OB 104 -43.16 15.82 78.10
N LYS OB 105 -42.77 16.81 77.30
CA LYS OB 105 -42.71 18.20 77.73
C LYS OB 105 -44.12 18.79 77.76
N PRO OB 106 -44.35 19.83 78.59
CA PRO OB 106 -45.71 20.40 78.76
C PRO OB 106 -46.42 20.82 77.46
N GLU OB 107 -45.66 21.15 76.43
CA GLU OB 107 -46.20 21.39 75.07
C GLU OB 107 -46.88 20.17 74.42
N MET OB 108 -46.57 18.97 74.91
CA MET OB 108 -47.24 17.74 74.48
C MET OB 108 -48.63 17.56 75.11
N ILE OB 109 -49.00 18.38 76.10
CA ILE OB 109 -50.29 18.25 76.79
C ILE OB 109 -51.43 18.37 75.78
N GLY OB 110 -52.40 17.46 75.88
CA GLY OB 110 -53.51 17.39 74.93
C GLY OB 110 -53.09 16.78 73.61
N HIS OB 111 -52.44 15.61 73.68
CA HIS OB 111 -52.07 14.82 72.49
C HIS OB 111 -52.12 13.34 72.81
N TYR OB 112 -51.89 12.52 71.79
CA TYR OB 112 -51.68 11.08 71.97
C TYR OB 112 -50.20 10.82 71.82
N LEU OB 113 -49.71 9.75 72.45
CA LEU OB 113 -48.28 9.40 72.39
C LEU OB 113 -47.82 9.00 70.99
N GLY OB 114 -48.66 8.22 70.30
CA GLY OB 114 -48.43 7.83 68.91
C GLY OB 114 -48.07 8.96 67.95
N GLU OB 115 -48.61 10.15 68.20
CA GLU OB 115 -48.23 11.35 67.44
C GLU OB 115 -46.74 11.72 67.53
N PHE OB 116 -46.01 11.23 68.53
CA PHE OB 116 -44.59 11.54 68.71
C PHE OB 116 -43.65 10.41 68.37
N SER OB 117 -44.18 9.30 67.83
CA SER OB 117 -43.36 8.24 67.28
C SER OB 117 -43.95 7.80 65.94
N ILE OB 118 -43.22 8.03 64.84
CA ILE OB 118 -43.68 7.60 63.50
C ILE OB 118 -43.61 6.10 63.35
N THR OB 119 -44.72 5.53 62.90
CA THR OB 119 -44.85 4.10 62.72
C THR OB 119 -44.39 3.65 61.32
N TYR OB 120 -44.51 4.52 60.33
CA TYR OB 120 -43.78 4.30 59.06
C TYR OB 120 -42.36 4.82 59.19
N LYS OB 121 -41.51 4.39 58.26
CA LYS OB 121 -40.22 5.02 58.04
C LYS OB 121 -40.39 5.94 56.84
N PRO OB 122 -40.05 7.22 56.98
CA PRO OB 122 -40.34 8.17 55.91
C PRO OB 122 -39.47 7.93 54.69
N VAL OB 123 -39.83 8.55 53.57
CA VAL OB 123 -39.49 8.04 52.23
C VAL OB 123 -38.47 8.86 51.44
N LYS OB 124 -37.67 8.14 50.67
CA LYS OB 124 -36.63 8.72 49.83
C LYS OB 124 -36.60 7.85 48.59
N HIS OB 125 -36.97 8.39 47.43
CA HIS OB 125 -37.22 7.54 46.26
C HIS OB 125 -35.97 7.28 45.43
N GLY OB 126 -35.84 6.05 44.95
CA GLY OB 126 -34.71 5.64 44.11
C GLY OB 126 -33.42 5.44 44.89
N ARG OB 127 -32.43 6.32 44.65
CA ARG OB 127 -31.08 6.23 45.24
C ARG OB 127 -30.35 4.93 44.87
N PRO PB 1 -131.54 15.93 40.71
CA PRO PB 1 -130.43 15.17 40.13
C PRO PB 1 -129.36 16.07 39.51
N LEU PB 2 -128.09 15.84 39.87
CA LEU PB 2 -126.98 16.69 39.43
C LEU PB 2 -126.15 16.04 38.31
N GLN PB 3 -125.55 16.89 37.49
CA GLN PB 3 -124.84 16.47 36.27
C GLN PB 3 -123.34 16.51 36.51
N SER PB 4 -122.82 15.46 37.14
CA SER PB 4 -121.42 15.39 37.56
C SER PB 4 -120.60 14.54 36.60
N VAL PB 5 -119.34 14.92 36.42
CA VAL PB 5 -118.41 14.25 35.50
C VAL PB 5 -117.00 14.32 36.09
N GLN PB 6 -116.47 13.19 36.55
CA GLN PB 6 -115.07 13.11 36.98
C GLN PB 6 -114.23 12.47 35.88
N VAL PB 7 -113.21 13.20 35.42
CA VAL PB 7 -112.41 12.77 34.30
C VAL PB 7 -110.93 12.99 34.60
N PHE PB 8 -110.11 11.99 34.27
CA PHE PB 8 -108.69 12.02 34.61
C PHE PB 8 -107.83 12.50 33.45
N GLY PB 9 -106.56 12.72 33.78
CA GLY PB 9 -105.54 13.05 32.79
C GLY PB 9 -104.15 12.66 33.29
N ARG PB 10 -103.29 12.29 32.36
CA ARG PB 10 -102.02 11.62 32.64
C ARG PB 10 -100.87 12.23 31.88
N LYS PB 11 -99.70 12.17 32.49
CA LYS PB 11 -98.47 12.63 31.88
C LYS PB 11 -97.35 12.15 32.78
N LYS PB 12 -96.69 11.06 32.37
CA LYS PB 12 -95.71 10.36 33.19
C LYS PB 12 -96.33 9.78 34.48
N THR PB 13 -96.20 10.45 35.62
CA THR PB 13 -96.86 10.03 36.85
C THR PB 13 -97.80 11.12 37.39
N ALA PB 14 -98.21 12.03 36.50
CA ALA PB 14 -99.03 13.19 36.86
C ALA PB 14 -100.52 12.90 36.63
N THR PB 15 -101.15 12.33 37.66
CA THR PB 15 -102.60 12.10 37.65
C THR PB 15 -103.33 13.38 37.99
N ALA PB 16 -103.88 14.04 36.98
CA ALA PB 16 -104.78 15.17 37.18
C ALA PB 16 -106.19 14.70 36.91
N VAL PB 17 -107.00 14.64 37.96
CA VAL PB 17 -108.39 14.28 37.83
C VAL PB 17 -109.22 15.55 37.89
N ALA PB 18 -109.79 15.95 36.75
CA ALA PB 18 -110.71 17.08 36.70
C ALA PB 18 -112.08 16.61 37.15
N HIS PB 19 -112.93 17.57 37.45
CA HIS PB 19 -114.30 17.29 37.85
C HIS PB 19 -115.24 18.42 37.45
N CYS PB 20 -115.99 18.18 36.37
CA CYS PB 20 -117.01 19.11 35.88
C CYS PB 20 -118.33 18.90 36.62
N LYS PB 21 -119.17 19.91 36.52
CA LYS PB 21 -120.40 20.00 37.30
C LYS PB 21 -121.21 21.16 36.74
N ARG PB 22 -122.54 21.07 36.83
CA ARG PB 22 -123.41 22.14 36.36
C ARG PB 22 -123.27 23.33 37.31
N GLY PB 23 -122.87 24.48 36.75
CA GLY PB 23 -122.57 25.65 37.58
C GLY PB 23 -122.33 26.91 36.77
N ASN PB 24 -121.20 27.58 37.05
CA ASN PB 24 -120.89 28.89 36.46
C ASN PB 24 -119.47 29.02 35.88
N GLY PB 25 -118.76 27.90 35.70
CA GLY PB 25 -117.50 27.86 34.97
C GLY PB 25 -116.32 28.56 35.61
N LEU PB 26 -116.05 28.24 36.88
CA LEU PB 26 -114.91 28.83 37.62
C LEU PB 26 -113.59 28.30 37.11
N ILE PB 27 -113.44 26.98 37.14
CA ILE PB 27 -112.21 26.28 36.76
C ILE PB 27 -111.07 26.65 37.70
N LYS PB 28 -110.95 25.91 38.80
CA LYS PB 28 -109.76 26.00 39.63
C LYS PB 28 -109.20 24.63 39.92
N VAL PB 29 -107.90 24.61 40.22
CA VAL PB 29 -107.16 23.36 40.30
C VAL PB 29 -106.50 23.26 41.66
N ASN PB 30 -106.66 22.09 42.26
CA ASN PB 30 -106.35 21.82 43.66
C ASN PB 30 -107.20 22.72 44.57
N GLY PB 31 -106.96 24.03 44.54
CA GLY PB 31 -107.89 24.99 45.13
C GLY PB 31 -107.67 26.43 44.75
N ARG PB 32 -107.30 26.68 43.51
CA ARG PB 32 -106.87 28.02 43.07
C ARG PB 32 -107.03 28.15 41.58
N PRO PB 33 -107.38 29.36 41.11
CA PRO PB 33 -107.72 29.52 39.70
C PRO PB 33 -106.52 29.33 38.77
N LEU PB 34 -106.81 29.27 37.48
CA LEU PB 34 -105.81 28.96 36.46
C LEU PB 34 -104.62 29.92 36.36
N GLU PB 35 -104.74 31.10 36.95
CA GLU PB 35 -103.67 32.09 36.87
C GLU PB 35 -102.65 31.96 38.01
N MET PB 36 -102.58 30.78 38.61
CA MET PB 36 -101.38 30.36 39.34
C MET PB 36 -100.91 29.01 38.78
N ILE PB 37 -101.02 27.90 39.52
CA ILE PB 37 -100.30 26.64 39.23
C ILE PB 37 -98.77 26.88 39.28
N GLU PB 38 -98.27 27.85 38.50
CA GLU PB 38 -97.09 28.69 38.84
C GLU PB 38 -95.73 28.35 38.20
N PRO PB 39 -95.67 27.36 37.29
CA PRO PB 39 -94.56 27.40 36.32
C PRO PB 39 -94.67 28.60 35.37
N ARG PB 40 -95.90 29.04 35.10
CA ARG PB 40 -96.22 30.41 34.65
C ARG PB 40 -95.83 30.75 33.20
N THR PB 41 -94.61 30.42 32.78
CA THR PB 41 -94.27 30.39 31.35
C THR PB 41 -95.30 29.56 30.58
N LEU PB 42 -95.65 28.40 31.15
CA LEU PB 42 -96.66 27.50 30.59
C LEU PB 42 -98.07 27.84 31.11
N GLN PB 43 -98.45 29.12 31.03
CA GLN PB 43 -99.80 29.55 31.37
C GLN PB 43 -100.73 29.17 30.23
N TYR PB 44 -100.35 29.58 29.02
CA TYR PB 44 -101.11 29.28 27.80
C TYR PB 44 -101.46 27.83 27.59
N LYS PB 45 -100.64 26.92 28.08
CA LYS PB 45 -100.97 25.48 28.09
C LYS PB 45 -102.26 25.21 28.85
N LEU PB 46 -102.21 25.44 30.15
CA LEU PB 46 -103.40 25.26 31.01
C LEU PB 46 -104.52 26.30 30.78
N LEU PB 47 -104.32 27.20 29.81
CA LEU PB 47 -105.42 27.98 29.23
C LEU PB 47 -105.95 27.37 27.92
N GLU PB 48 -105.08 26.80 27.08
CA GLU PB 48 -105.43 26.35 25.70
C GLU PB 48 -106.88 25.97 25.38
N PRO PB 49 -107.44 24.96 26.07
CA PRO PB 49 -108.86 24.62 25.85
C PRO PB 49 -109.84 25.78 26.08
N VAL PB 50 -109.54 26.61 27.08
CA VAL PB 50 -110.34 27.80 27.41
C VAL PB 50 -110.19 28.89 26.34
N LEU PB 51 -109.00 28.95 25.74
CA LEU PB 51 -108.72 29.89 24.66
C LEU PB 51 -109.34 29.43 23.35
N LEU PB 52 -109.35 28.12 23.13
CA LEU PB 52 -109.77 27.55 21.84
C LEU PB 52 -111.28 27.48 21.77
N LEU PB 53 -111.87 26.78 22.73
CA LEU PB 53 -113.33 26.59 22.78
C LEU PB 53 -114.06 27.85 23.22
N GLY PB 54 -113.37 28.74 23.93
CA GLY PB 54 -113.95 30.01 24.36
C GLY PB 54 -114.81 29.83 25.59
N LYS PB 55 -115.16 30.95 26.21
CA LYS PB 55 -115.94 30.96 27.46
C LYS PB 55 -117.37 30.46 27.28
N GLU PB 56 -117.93 30.58 26.08
CA GLU PB 56 -119.29 30.12 25.76
C GLU PB 56 -119.47 28.62 26.03
N ARG PB 57 -118.58 27.81 25.46
CA ARG PB 57 -118.60 26.36 25.67
C ARG PB 57 -118.47 25.96 27.14
N PHE PB 58 -117.63 26.68 27.87
CA PHE PB 58 -117.43 26.42 29.30
C PHE PB 58 -118.60 26.98 30.11
N ALA PB 59 -118.76 28.30 30.01
CA ALA PB 59 -119.83 29.08 30.65
C ALA PB 59 -120.46 28.48 31.92
N GLY PB 60 -121.39 27.54 31.76
CA GLY PB 60 -122.22 27.06 32.87
C GLY PB 60 -121.79 25.74 33.49
N VAL PB 61 -120.50 25.42 33.41
CA VAL PB 61 -119.97 24.13 33.87
C VAL PB 61 -118.70 24.36 34.70
N ASP PB 62 -118.84 24.34 36.03
CA ASP PB 62 -117.71 24.58 36.94
C ASP PB 62 -116.82 23.34 37.08
N ILE PB 63 -115.52 23.56 37.03
CA ILE PB 63 -114.53 22.50 36.87
C ILE PB 63 -113.49 22.58 37.98
N ARG PB 64 -113.78 21.96 39.13
CA ARG PB 64 -112.73 21.77 40.13
C ARG PB 64 -111.88 20.60 39.65
N VAL PB 65 -110.56 20.74 39.75
CA VAL PB 65 -109.60 19.72 39.36
C VAL PB 65 -108.91 19.26 40.64
N ARG PB 66 -108.29 18.08 40.58
CA ARG PB 66 -107.28 17.71 41.58
C ARG PB 66 -106.10 17.03 40.88
N VAL PB 67 -104.89 17.30 41.38
CA VAL PB 67 -103.67 16.75 40.80
C VAL PB 67 -102.73 16.27 41.88
N LYS PB 68 -102.00 15.21 41.58
CA LYS PB 68 -100.82 14.84 42.36
C LYS PB 68 -99.92 13.93 41.52
N GLY PB 69 -98.68 13.79 41.97
CA GLY PB 69 -97.67 13.02 41.25
C GLY PB 69 -97.14 13.76 40.02
N GLY PB 70 -96.05 13.23 39.46
CA GLY PB 70 -95.35 13.90 38.35
C GLY PB 70 -94.66 15.16 38.81
N GLY PB 71 -93.94 15.82 37.90
CA GLY PB 71 -93.34 17.11 38.19
C GLY PB 71 -94.20 18.26 37.75
N HIS PB 72 -93.64 19.46 37.82
CA HIS PB 72 -94.41 20.70 37.57
C HIS PB 72 -94.88 20.85 36.14
N VAL PB 73 -93.98 20.54 35.20
CA VAL PB 73 -94.38 20.52 33.79
C VAL PB 73 -95.38 19.39 33.55
N ALA PB 74 -95.12 18.24 34.14
CA ALA PB 74 -96.00 17.08 33.97
C ALA PB 74 -97.41 17.37 34.46
N GLN PB 75 -97.51 18.00 35.62
CA GLN PB 75 -98.81 18.30 36.21
C GLN PB 75 -99.63 19.26 35.35
N ILE PB 76 -98.98 20.22 34.70
CA ILE PB 76 -99.69 21.16 33.84
C ILE PB 76 -100.38 20.42 32.69
N TYR PB 77 -99.59 19.72 31.88
CA TYR PB 77 -100.14 18.90 30.79
C TYR PB 77 -101.22 17.94 31.23
N ALA PB 78 -101.08 17.40 32.44
CA ALA PB 78 -102.11 16.54 32.99
C ALA PB 78 -103.44 17.29 33.10
N ILE PB 79 -103.43 18.44 33.77
CA ILE PB 79 -104.69 19.17 33.98
C ILE PB 79 -105.24 19.59 32.62
N ARG PB 80 -104.35 20.09 31.78
CA ARG PB 80 -104.65 20.53 30.42
C ARG PB 80 -105.39 19.43 29.67
N GLN PB 81 -104.90 18.20 29.83
CA GLN PB 81 -105.55 17.01 29.30
C GLN PB 81 -106.88 16.76 30.00
N SER PB 82 -106.84 16.76 31.32
CA SER PB 82 -108.01 16.44 32.13
C SER PB 82 -109.20 17.35 31.85
N ILE PB 83 -108.99 18.67 31.93
CA ILE PB 83 -110.08 19.64 31.75
C ILE PB 83 -110.74 19.54 30.39
N SER PB 84 -109.96 19.30 29.35
CA SER PB 84 -110.49 19.18 27.98
C SER PB 84 -111.18 17.82 27.75
N LYS PB 85 -110.68 16.77 28.40
CA LYS PB 85 -111.35 15.46 28.42
C LYS PB 85 -112.68 15.53 29.18
N ALA PB 86 -112.64 16.18 30.34
CA ALA PB 86 -113.82 16.38 31.21
C ALA PB 86 -114.94 17.08 30.47
N LEU PB 87 -114.58 18.16 29.79
CA LEU PB 87 -115.53 18.92 29.01
C LEU PB 87 -116.22 18.03 27.99
N VAL PB 88 -115.42 17.28 27.24
CA VAL PB 88 -115.93 16.35 26.21
C VAL PB 88 -116.91 15.34 26.84
N ALA PB 89 -116.62 14.89 28.06
CA ALA PB 89 -117.48 13.96 28.79
C ALA PB 89 -118.77 14.57 29.33
N TYR PB 90 -118.75 15.86 29.65
CA TYR PB 90 -119.98 16.57 30.03
C TYR PB 90 -120.92 16.69 28.83
N TYR PB 91 -120.39 17.18 27.72
CA TYR PB 91 -121.17 17.32 26.48
C TYR PB 91 -121.68 16.01 25.94
N GLN PB 92 -120.86 14.95 26.04
CA GLN PB 92 -121.30 13.60 25.65
C GLN PB 92 -122.55 13.16 26.41
N LYS PB 93 -122.57 13.42 27.71
CA LYS PB 93 -123.58 12.88 28.59
C LYS PB 93 -124.78 13.82 28.67
N TYR PB 94 -124.52 15.09 28.95
CA TYR PB 94 -125.55 16.05 29.33
C TYR PB 94 -125.70 17.22 28.37
N VAL PB 95 -125.45 16.97 27.08
CA VAL PB 95 -125.83 17.90 26.01
C VAL PB 95 -126.34 16.99 24.88
N ASP PB 96 -125.48 16.68 23.92
CA ASP PB 96 -125.81 15.92 22.72
C ASP PB 96 -124.51 15.67 21.97
N GLU PB 97 -124.43 14.52 21.31
CA GLU PB 97 -123.17 14.06 20.71
C GLU PB 97 -122.66 14.93 19.54
N ALA PB 98 -123.53 15.75 18.95
CA ALA PB 98 -123.14 16.65 17.85
C ALA PB 98 -122.24 17.79 18.30
N SER PB 99 -122.53 18.38 19.45
CA SER PB 99 -121.70 19.46 20.01
C SER PB 99 -120.34 18.92 20.44
N LYS PB 100 -120.37 17.82 21.19
CA LYS PB 100 -119.15 17.06 21.54
C LYS PB 100 -118.26 16.84 20.33
N LYS PB 101 -118.86 16.35 19.24
CA LYS PB 101 -118.11 16.04 18.03
C LYS PB 101 -117.34 17.25 17.51
N GLU PB 102 -117.99 18.41 17.49
CA GLU PB 102 -117.33 19.64 17.05
C GLU PB 102 -116.26 20.09 18.05
N ILE PB 103 -116.56 19.99 19.35
CA ILE PB 103 -115.59 20.33 20.41
C ILE PB 103 -114.32 19.49 20.24
N LYS PB 104 -114.51 18.18 20.09
CA LYS PB 104 -113.40 17.23 19.98
C LYS PB 104 -112.49 17.55 18.81
N ASP PB 105 -113.10 17.86 17.66
CA ASP PB 105 -112.36 18.24 16.46
C ASP PB 105 -111.53 19.50 16.67
N ILE PB 106 -112.09 20.49 17.36
CA ILE PB 106 -111.41 21.77 17.60
C ILE PB 106 -110.13 21.58 18.42
N LEU PB 107 -110.19 20.69 19.40
CA LEU PB 107 -109.03 20.40 20.25
C LEU PB 107 -107.99 19.52 19.57
N ILE PB 108 -108.43 18.51 18.82
CA ILE PB 108 -107.51 17.56 18.17
C ILE PB 108 -106.64 18.23 17.11
N GLN PB 109 -107.28 18.94 16.18
CA GLN PB 109 -106.54 19.68 15.14
C GLN PB 109 -105.50 20.64 15.74
N TYR PB 110 -105.78 21.18 16.93
CA TYR PB 110 -104.78 21.90 17.70
C TYR PB 110 -103.67 20.94 18.13
N ASP PB 111 -104.03 19.93 18.92
CA ASP PB 111 -103.07 18.94 19.42
C ASP PB 111 -103.78 17.67 19.87
N ARG PB 112 -103.19 16.52 19.54
CA ARG PB 112 -103.75 15.22 19.90
C ARG PB 112 -103.52 14.90 21.39
N THR PB 113 -102.53 15.57 22.00
CA THR PB 113 -102.28 15.54 23.46
C THR PB 113 -103.51 15.79 24.31
N LEU PB 114 -104.35 16.73 23.87
CA LEU PB 114 -105.48 17.25 24.66
C LEU PB 114 -106.37 16.14 25.21
N LEU PB 115 -106.59 15.11 24.39
CA LEU PB 115 -107.45 14.01 24.77
C LEU PB 115 -106.65 12.73 24.92
N VAL PB 116 -105.95 12.35 23.85
CA VAL PB 116 -105.14 11.13 23.84
C VAL PB 116 -103.80 11.43 24.51
N ALA PB 117 -103.54 10.76 25.63
CA ALA PB 117 -102.30 10.94 26.39
C ALA PB 117 -101.11 10.29 25.68
N ASP PB 118 -99.89 10.71 26.06
CA ASP PB 118 -98.68 9.96 25.71
C ASP PB 118 -98.71 8.62 26.43
N PRO PB 119 -98.19 7.57 25.78
CA PRO PB 119 -97.82 6.35 26.48
C PRO PB 119 -96.36 6.41 26.96
N ARG PB 120 -95.56 7.35 26.43
CA ARG PB 120 -94.20 7.61 26.90
C ARG PB 120 -94.07 7.52 28.43
N ARG PB 121 -93.12 6.73 28.89
CA ARG PB 121 -92.88 6.59 30.31
C ARG PB 121 -91.42 6.20 30.54
N CYS PB 122 -90.93 6.41 31.75
CA CYS PB 122 -89.48 6.38 32.01
C CYS PB 122 -88.88 4.97 31.90
N GLU PB 123 -87.89 4.85 31.03
CA GLU PB 123 -87.26 3.60 30.67
C GLU PB 123 -86.25 3.22 31.74
N SER PB 124 -86.20 1.95 32.12
CA SER PB 124 -85.39 1.51 33.26
C SER PB 124 -83.90 1.44 32.93
N LYS PB 125 -83.08 1.81 33.89
CA LYS PB 125 -81.63 1.66 33.79
C LYS PB 125 -81.28 0.20 34.00
N LYS PB 126 -80.37 -0.31 33.17
CA LYS PB 126 -79.79 -1.64 33.38
C LYS PB 126 -78.32 -1.43 33.70
N PHE PB 127 -77.81 -2.24 34.62
CA PHE PB 127 -76.41 -2.20 35.04
C PHE PB 127 -75.41 -2.14 33.89
N GLY PB 128 -74.24 -1.58 34.20
CA GLY PB 128 -73.18 -1.36 33.22
C GLY PB 128 -73.20 0.05 32.65
N GLY PB 129 -74.04 0.90 33.20
CA GLY PB 129 -74.13 2.27 32.75
C GLY PB 129 -75.07 3.09 33.60
N PRO PB 130 -74.92 4.41 33.55
CA PRO PB 130 -75.65 5.30 34.42
C PRO PB 130 -77.13 5.47 34.05
N GLY PB 131 -77.51 5.10 32.84
CA GLY PB 131 -78.89 5.24 32.40
C GLY PB 131 -79.44 3.94 31.86
N ALA PB 132 -80.50 4.07 31.07
CA ALA PB 132 -81.02 2.97 30.28
C ALA PB 132 -79.97 2.58 29.26
N ARG PB 133 -79.67 3.52 28.38
CA ARG PB 133 -78.85 3.24 27.23
C ARG PB 133 -77.38 3.53 27.46
N ALA PB 134 -77.06 4.63 28.13
CA ALA PB 134 -75.67 5.02 28.31
C ALA PB 134 -74.89 3.91 28.98
N ARG PB 135 -73.70 3.62 28.47
CA ARG PB 135 -72.80 2.67 29.10
C ARG PB 135 -71.65 3.38 29.77
N TYR PB 136 -71.14 2.79 30.84
CA TYR PB 136 -69.97 3.32 31.53
C TYR PB 136 -68.76 3.21 30.61
N GLN PB 137 -67.81 4.13 30.78
CA GLN PB 137 -66.72 4.29 29.82
C GLN PB 137 -65.76 3.11 29.81
N LYS PB 138 -65.53 2.54 28.62
CA LYS PB 138 -64.58 1.45 28.44
C LYS PB 138 -63.14 1.97 28.47
N SER PB 139 -62.27 1.28 29.18
CA SER PB 139 -60.89 1.71 29.38
C SER PB 139 -59.99 1.22 28.26
N TYR PB 140 -60.14 -0.05 27.90
CA TYR PB 140 -59.49 -0.66 26.72
C TYR PB 140 -57.99 -0.88 26.94
N ARG PB 141 -57.26 0.22 27.06
CA ARG PB 141 -55.81 0.23 27.22
C ARG PB 141 -55.45 0.43 28.70
N MET QB 1 -91.27 -4.89 8.03
CA MET QB 1 -89.88 -4.97 8.55
C MET QB 1 -89.89 -5.77 9.85
N GLY QB 2 -90.21 -7.06 9.71
CA GLY QB 2 -90.29 -7.97 10.85
C GLY QB 2 -91.23 -9.14 10.67
N ARG QB 3 -92.52 -8.90 10.91
CA ARG QB 3 -93.38 -9.99 11.35
C ARG QB 3 -93.76 -10.96 10.22
N VAL QB 4 -92.91 -11.98 10.10
CA VAL QB 4 -93.21 -13.22 9.40
C VAL QB 4 -93.74 -14.20 10.43
N ARG QB 5 -94.63 -15.10 10.00
CA ARG QB 5 -95.15 -16.14 10.89
C ARG QB 5 -94.24 -17.36 10.89
N THR QB 6 -94.01 -17.95 12.06
CA THR QB 6 -93.12 -19.12 12.18
C THR QB 6 -93.79 -20.33 11.58
N LYS QB 7 -93.04 -21.43 11.47
CA LYS QB 7 -93.62 -22.70 11.01
C LYS QB 7 -94.64 -23.23 12.03
N THR QB 8 -94.43 -22.96 13.31
CA THR QB 8 -95.34 -23.42 14.35
C THR QB 8 -96.71 -22.73 14.32
N VAL QB 9 -96.78 -21.56 13.69
CA VAL QB 9 -98.05 -20.94 13.32
C VAL QB 9 -98.55 -21.60 12.04
N LYS QB 10 -97.77 -21.48 10.98
CA LYS QB 10 -98.20 -21.83 9.62
C LYS QB 10 -98.86 -23.21 9.56
N LYS QB 11 -98.22 -24.18 10.23
CA LYS QB 11 -98.73 -25.56 10.28
C LYS QB 11 -100.11 -25.63 10.92
N ALA QB 12 -100.23 -25.07 12.13
CA ALA QB 12 -101.49 -25.05 12.87
C ALA QB 12 -102.62 -24.44 12.06
N ALA QB 13 -102.32 -23.31 11.43
CA ALA QB 13 -103.26 -22.64 10.53
C ALA QB 13 -103.70 -23.56 9.39
N ARG QB 14 -102.70 -24.16 8.74
CA ARG QB 14 -102.97 -25.07 7.63
C ARG QB 14 -103.87 -26.23 8.09
N VAL QB 15 -103.51 -26.87 9.19
CA VAL QB 15 -104.23 -28.06 9.67
C VAL QB 15 -105.65 -27.73 10.12
N ILE QB 16 -105.82 -26.60 10.82
CA ILE QB 16 -107.15 -26.05 11.16
C ILE QB 16 -108.03 -25.96 9.92
N ILE QB 17 -107.51 -25.30 8.88
CA ILE QB 17 -108.33 -25.00 7.71
C ILE QB 17 -108.74 -26.26 6.95
N GLU QB 18 -107.83 -27.23 6.86
CA GLU QB 18 -108.15 -28.54 6.27
C GLU QB 18 -109.45 -29.09 6.87
N LYS QB 19 -109.53 -29.10 8.20
CA LYS QB 19 -110.64 -29.74 8.91
C LYS QB 19 -111.89 -28.88 8.98
N TYR QB 20 -111.73 -27.64 9.45
CA TYR QB 20 -112.84 -26.75 9.74
C TYR QB 20 -112.96 -25.63 8.73
N TYR QB 21 -112.74 -25.94 7.44
CA TYR QB 21 -112.87 -24.94 6.38
C TYR QB 21 -114.19 -24.16 6.49
N THR QB 22 -115.26 -24.90 6.76
CA THR QB 22 -116.63 -24.38 6.74
C THR QB 22 -116.89 -23.31 7.80
N ARG QB 23 -116.50 -23.60 9.05
CA ARG QB 23 -116.62 -22.65 10.17
C ARG QB 23 -115.92 -21.33 9.89
N LEU QB 24 -114.72 -21.42 9.33
CA LEU QB 24 -113.82 -20.29 9.18
C LEU QB 24 -114.27 -19.41 8.03
N GLY QB 25 -114.07 -18.10 8.18
CA GLY QB 25 -114.48 -17.12 7.18
C GLY QB 25 -113.50 -15.98 7.01
N ASN QB 26 -113.98 -14.89 6.42
CA ASN QB 26 -113.13 -13.75 6.05
C ASN QB 26 -112.78 -12.82 7.22
N ASP QB 27 -113.78 -12.46 8.04
CA ASP QB 27 -113.55 -11.61 9.23
C ASP QB 27 -112.62 -12.31 10.21
N PHE QB 28 -111.79 -11.52 10.90
CA PHE QB 28 -110.73 -12.05 11.76
C PHE QB 28 -111.28 -12.53 13.10
N HIS QB 29 -111.96 -11.63 13.80
CA HIS QB 29 -112.40 -11.87 15.19
C HIS QB 29 -113.41 -13.02 15.28
N THR QB 30 -114.13 -13.23 14.18
CA THR QB 30 -115.03 -14.36 14.07
C THR QB 30 -114.24 -15.66 14.20
N ASN QB 31 -113.30 -15.86 13.29
CA ASN QB 31 -112.49 -17.09 13.29
C ASN QB 31 -111.43 -17.15 14.39
N LYS QB 32 -111.04 -15.98 14.92
CA LYS QB 32 -110.24 -15.87 16.15
C LYS QB 32 -110.86 -16.64 17.30
N ARG QB 33 -112.19 -16.59 17.38
CA ARG QB 33 -112.93 -17.30 18.42
C ARG QB 33 -113.19 -18.76 18.01
N VAL QB 34 -113.27 -19.01 16.70
CA VAL QB 34 -113.31 -20.38 16.16
C VAL QB 34 -112.03 -21.14 16.51
N CYS QB 35 -110.88 -20.50 16.32
CA CYS QB 35 -109.59 -21.10 16.67
C CYS QB 35 -109.51 -21.57 18.14
N GLU QB 36 -110.13 -20.81 19.05
CA GLU QB 36 -110.17 -21.18 20.48
C GLU QB 36 -110.85 -22.52 20.73
N GLU QB 37 -112.02 -22.69 20.14
CA GLU QB 37 -112.87 -23.84 20.43
C GLU QB 37 -112.29 -25.14 19.86
N ILE QB 38 -112.02 -25.13 18.55
CA ILE QB 38 -111.57 -26.35 17.86
C ILE QB 38 -110.13 -26.77 18.15
N ALA QB 39 -109.30 -25.85 18.66
CA ALA QB 39 -107.89 -26.12 18.91
C ALA QB 39 -107.48 -25.70 20.32
N ILE QB 40 -106.75 -26.58 21.00
CA ILE QB 40 -106.18 -26.26 22.30
C ILE QB 40 -104.85 -25.54 22.07
N ILE QB 41 -104.97 -24.25 21.75
CA ILE QB 41 -103.84 -23.36 21.54
C ILE QB 41 -103.52 -22.81 22.93
N PRO QB 42 -102.25 -22.91 23.36
CA PRO QB 42 -101.94 -22.50 24.74
C PRO QB 42 -101.99 -20.98 24.95
N SER QB 43 -101.10 -20.25 24.29
CA SER QB 43 -101.03 -18.80 24.48
C SER QB 43 -102.13 -18.10 23.68
N LYS QB 44 -102.63 -17.01 24.24
CA LYS QB 44 -103.59 -16.13 23.57
C LYS QB 44 -102.94 -15.44 22.39
N LYS QB 45 -101.67 -15.06 22.53
CA LYS QB 45 -100.93 -14.42 21.44
C LYS QB 45 -100.79 -15.35 20.23
N LEU QB 46 -100.43 -16.61 20.50
CA LEU QB 46 -100.30 -17.64 19.47
C LEU QB 46 -101.62 -17.86 18.73
N ARG QB 47 -102.69 -18.09 19.50
CA ARG QB 47 -104.07 -18.13 18.97
C ARG QB 47 -104.34 -17.00 18.01
N ASN QB 48 -104.13 -15.79 18.53
CA ASN QB 48 -104.38 -14.56 17.81
C ASN QB 48 -103.60 -14.52 16.51
N LYS QB 49 -102.38 -15.03 16.58
CA LYS QB 49 -101.51 -15.14 15.42
C LYS QB 49 -101.96 -16.21 14.42
N ILE QB 50 -102.32 -17.40 14.90
CA ILE QB 50 -102.81 -18.48 14.03
C ILE QB 50 -104.03 -18.01 13.25
N ALA QB 51 -105.02 -17.49 13.97
CA ALA QB 51 -106.22 -16.92 13.39
C ALA QB 51 -105.92 -15.93 12.25
N GLY QB 52 -104.98 -15.04 12.53
CA GLY QB 52 -104.59 -13.98 11.61
C GLY QB 52 -104.06 -14.50 10.30
N TYR QB 53 -103.28 -15.58 10.36
CA TYR QB 53 -102.86 -16.27 9.16
C TYR QB 53 -104.03 -17.06 8.57
N VAL QB 54 -104.87 -17.64 9.44
CA VAL QB 54 -106.06 -18.36 9.00
C VAL QB 54 -107.02 -17.50 8.17
N THR QB 55 -107.17 -16.22 8.52
CA THR QB 55 -107.91 -15.31 7.65
C THR QB 55 -107.19 -15.26 6.33
N HIS QB 56 -105.89 -14.99 6.41
CA HIS QB 56 -105.08 -14.73 5.24
C HIS QB 56 -105.08 -15.85 4.21
N LEU QB 57 -105.15 -17.10 4.65
CA LEU QB 57 -105.30 -18.23 3.73
C LEU QB 57 -106.72 -18.32 3.21
N MET QB 58 -107.69 -18.00 4.05
CA MET QB 58 -109.09 -17.95 3.63
C MET QB 58 -109.26 -16.98 2.48
N LYS QB 59 -108.72 -15.78 2.64
CA LYS QB 59 -108.64 -14.81 1.53
C LYS QB 59 -107.98 -15.39 0.26
N ARG QB 60 -106.86 -16.08 0.43
CA ARG QB 60 -106.15 -16.71 -0.70
C ARG QB 60 -106.98 -17.80 -1.38
N ILE QB 61 -107.57 -18.69 -0.57
CA ILE QB 61 -108.44 -19.77 -1.03
C ILE QB 61 -109.64 -19.25 -1.82
N GLN QB 62 -110.16 -18.08 -1.43
CA GLN QB 62 -111.36 -17.51 -2.06
C GLN QB 62 -111.05 -16.87 -3.42
N ARG QB 63 -110.12 -17.47 -4.17
CA ARG QB 63 -109.46 -16.84 -5.31
C ARG QB 63 -108.49 -17.91 -5.86
N GLY QB 64 -109.04 -19.04 -6.29
CA GLY QB 64 -108.25 -20.21 -6.71
C GLY QB 64 -107.73 -21.03 -5.53
N PRO QB 65 -107.18 -22.24 -5.81
CA PRO QB 65 -106.67 -23.11 -4.75
C PRO QB 65 -105.23 -22.82 -4.34
N VAL QB 66 -104.87 -23.31 -3.15
CA VAL QB 66 -103.54 -23.14 -2.56
C VAL QB 66 -102.79 -24.46 -2.67
N ARG QB 67 -101.46 -24.39 -2.78
CA ARG QB 67 -100.62 -25.57 -3.01
C ARG QB 67 -100.60 -26.55 -1.84
N GLY QB 68 -100.32 -26.05 -0.64
CA GLY QB 68 -100.10 -26.90 0.53
C GLY QB 68 -101.32 -27.14 1.41
N ILE QB 69 -102.44 -27.52 0.82
CA ILE QB 69 -103.69 -27.76 1.56
C ILE QB 69 -104.72 -28.56 0.75
N SER QB 70 -105.50 -29.39 1.47
CA SER QB 70 -106.51 -30.26 0.85
C SER QB 70 -107.89 -29.97 1.40
N ILE QB 71 -108.62 -29.09 0.71
CA ILE QB 71 -110.02 -28.83 1.00
C ILE QB 71 -110.82 -29.91 0.25
N LYS QB 72 -111.76 -30.54 0.96
CA LYS QB 72 -112.45 -31.73 0.44
C LYS QB 72 -113.33 -31.43 -0.77
N LEU QB 73 -113.99 -30.27 -0.75
CA LEU QB 73 -114.88 -29.86 -1.85
C LEU QB 73 -114.11 -29.50 -3.11
N GLN QB 74 -112.96 -28.86 -2.94
CA GLN QB 74 -112.08 -28.50 -4.06
C GLN QB 74 -111.52 -29.74 -4.76
N GLU QB 75 -111.13 -30.75 -3.97
CA GLU QB 75 -110.63 -32.02 -4.51
C GLU QB 75 -111.70 -32.78 -5.30
N GLU QB 76 -112.93 -32.79 -4.78
CA GLU QB 76 -114.07 -33.38 -5.49
C GLU QB 76 -114.35 -32.63 -6.80
N GLU QB 77 -114.26 -31.30 -6.76
CA GLU QB 77 -114.35 -30.46 -7.96
C GLU QB 77 -113.24 -30.75 -8.97
N ARG QB 78 -112.04 -31.05 -8.47
CA ARG QB 78 -110.89 -31.36 -9.35
C ARG QB 78 -111.09 -32.72 -10.03
N GLU QB 79 -111.64 -33.69 -9.29
CA GLU QB 79 -111.98 -35.01 -9.80
C GLU QB 79 -113.04 -34.98 -10.92
N ARG QB 80 -114.08 -34.15 -10.73
CA ARG QB 80 -115.11 -33.92 -11.77
C ARG QB 80 -114.57 -33.26 -13.04
N ARG QB 81 -113.56 -32.40 -12.88
CA ARG QB 81 -113.02 -31.60 -13.99
C ARG QB 81 -111.74 -32.16 -14.62
N ASP QB 82 -111.29 -33.33 -14.15
CA ASP QB 82 -110.26 -34.13 -14.82
C ASP QB 82 -110.73 -35.58 -15.08
N ASN QB 83 -112.05 -35.77 -15.18
CA ASN QB 83 -112.62 -36.98 -15.76
C ASN QB 83 -113.65 -36.61 -16.85
N TYR QB 84 -113.30 -35.56 -17.60
CA TYR QB 84 -114.09 -35.06 -18.73
C TYR QB 84 -113.90 -35.93 -19.97
N VAL QB 85 -114.97 -36.07 -20.75
CA VAL QB 85 -114.95 -36.83 -22.01
C VAL QB 85 -115.85 -36.13 -23.05
N PRO QB 86 -115.23 -35.46 -24.04
CA PRO QB 86 -116.01 -34.94 -25.19
C PRO QB 86 -116.24 -36.00 -26.28
N GLU QB 87 -116.79 -35.60 -27.42
CA GLU QB 87 -117.13 -36.52 -28.52
C GLU QB 87 -115.92 -37.07 -29.32
N VAL QB 88 -114.72 -36.62 -28.95
CA VAL QB 88 -113.41 -37.26 -29.25
C VAL QB 88 -112.62 -36.51 -30.33
N SER QB 89 -111.30 -36.40 -30.09
CA SER QB 89 -110.39 -35.65 -30.94
C SER QB 89 -109.37 -36.55 -31.68
N ALA QB 90 -109.09 -37.73 -31.12
CA ALA QB 90 -108.13 -38.66 -31.73
C ALA QB 90 -108.66 -39.40 -32.96
N LEU QB 91 -109.91 -39.15 -33.35
CA LEU QB 91 -110.42 -39.54 -34.68
C LEU QB 91 -110.09 -38.52 -35.76
N ASP QB 92 -110.07 -37.23 -35.38
CA ASP QB 92 -109.63 -36.13 -36.24
C ASP QB 92 -110.38 -36.08 -37.58
N GLN QB 93 -111.69 -35.84 -37.48
CA GLN QB 93 -112.68 -35.99 -38.57
C GLN QB 93 -112.36 -37.12 -39.59
N GLU QB 94 -112.79 -36.98 -40.84
CA GLU QB 94 -112.24 -37.74 -41.95
C GLU QB 94 -111.13 -36.89 -42.55
N ILE QB 95 -110.14 -37.53 -43.16
CA ILE QB 95 -108.93 -36.87 -43.72
C ILE QB 95 -107.94 -36.52 -42.60
N ILE QB 96 -107.02 -37.45 -42.35
CA ILE QB 96 -105.82 -37.19 -41.54
C ILE QB 96 -104.67 -36.88 -42.50
N GLU QB 97 -103.91 -35.84 -42.19
CA GLU QB 97 -102.79 -35.40 -43.02
C GLU QB 97 -101.60 -36.34 -42.81
N VAL QB 98 -100.83 -36.57 -43.87
CA VAL QB 98 -99.76 -37.57 -43.89
C VAL QB 98 -98.66 -37.15 -44.88
N ASP QB 99 -97.45 -37.64 -44.64
CA ASP QB 99 -96.29 -37.42 -45.52
C ASP QB 99 -96.03 -38.69 -46.33
N PRO QB 100 -95.42 -38.58 -47.53
CA PRO QB 100 -94.94 -39.74 -48.27
C PRO QB 100 -94.02 -40.69 -47.50
N ASP QB 101 -93.26 -40.17 -46.54
CA ASP QB 101 -92.42 -40.99 -45.67
C ASP QB 101 -93.27 -41.74 -44.63
N THR QB 102 -94.38 -41.13 -44.21
CA THR QB 102 -95.41 -41.78 -43.38
C THR QB 102 -96.54 -42.47 -44.19
N LYS QB 103 -96.56 -42.29 -45.50
CA LYS QB 103 -97.39 -43.10 -46.38
C LYS QB 103 -96.75 -44.46 -46.52
N GLU QB 104 -95.50 -44.49 -46.95
CA GLU QB 104 -94.75 -45.73 -47.21
C GLU QB 104 -94.69 -46.61 -45.96
N MET QB 105 -94.49 -45.97 -44.81
CA MET QB 105 -94.72 -46.55 -43.48
C MET QB 105 -95.91 -47.51 -43.45
N LEU QB 106 -97.03 -47.02 -44.00
CA LEU QB 106 -98.29 -47.76 -44.03
C LEU QB 106 -98.27 -48.87 -45.09
N LYS QB 107 -97.64 -48.60 -46.24
CA LYS QB 107 -97.43 -49.63 -47.28
C LYS QB 107 -96.60 -50.82 -46.78
N LEU QB 108 -95.65 -50.57 -45.87
CA LEU QB 108 -94.85 -51.63 -45.25
C LEU QB 108 -95.72 -52.50 -44.33
N LEU QB 109 -96.71 -51.86 -43.71
CA LEU QB 109 -97.68 -52.53 -42.84
C LEU QB 109 -98.99 -52.90 -43.57
N ASP QB 110 -99.03 -52.69 -44.89
CA ASP QB 110 -100.21 -52.92 -45.74
C ASP QB 110 -101.45 -52.11 -45.33
N PHE QB 111 -101.55 -50.89 -45.85
CA PHE QB 111 -102.74 -50.03 -45.66
C PHE QB 111 -102.98 -49.10 -46.85
N GLY QB 112 -104.22 -48.62 -46.93
CA GLY QB 112 -104.64 -47.66 -47.95
C GLY QB 112 -105.98 -47.04 -47.56
N SER QB 113 -105.98 -46.37 -46.41
CA SER QB 113 -107.19 -45.80 -45.81
C SER QB 113 -107.38 -44.33 -46.20
N LEU QB 114 -108.36 -43.65 -45.61
CA LEU QB 114 -108.62 -42.23 -45.90
C LEU QB 114 -107.65 -41.32 -45.13
N SER QB 115 -106.56 -40.94 -45.81
CA SER QB 115 -105.52 -40.07 -45.24
C SER QB 115 -104.81 -39.30 -46.35
N ASN QB 116 -104.94 -37.97 -46.35
CA ASN QB 116 -104.34 -37.14 -47.42
C ASN QB 116 -102.83 -37.06 -47.33
N LEU QB 117 -102.18 -37.24 -48.48
CA LEU QB 117 -100.71 -37.25 -48.59
C LEU QB 117 -100.27 -35.89 -49.10
N GLN QB 118 -99.34 -35.23 -48.39
CA GLN QB 118 -98.82 -33.94 -48.83
C GLN QB 118 -97.49 -33.56 -48.17
N VAL QB 119 -96.47 -33.34 -48.99
CA VAL QB 119 -95.26 -32.62 -48.57
C VAL QB 119 -94.75 -31.72 -49.69
N THR QB 120 -93.97 -30.72 -49.28
CA THR QB 120 -93.20 -29.88 -50.20
C THR QB 120 -91.83 -29.58 -49.56
N GLN QB 121 -91.87 -28.89 -48.42
CA GLN QB 121 -90.70 -28.55 -47.58
C GLN QB 121 -89.34 -29.09 -48.05
N PRO QB 122 -88.58 -28.28 -48.81
CA PRO QB 122 -87.16 -28.59 -49.04
C PRO QB 122 -86.32 -28.37 -47.78
N THR QB 123 -85.48 -29.36 -47.42
CA THR QB 123 -84.61 -29.33 -46.23
C THR QB 123 -84.02 -27.94 -46.00
N VAL QB 124 -84.52 -27.26 -44.97
CA VAL QB 124 -84.30 -25.82 -44.81
C VAL QB 124 -82.88 -25.59 -44.27
N GLY QB 125 -82.63 -26.10 -43.08
CA GLY QB 125 -81.38 -25.82 -42.34
C GLY QB 125 -81.75 -25.48 -40.91
N MET QB 126 -81.75 -26.50 -40.05
CA MET QB 126 -82.48 -26.44 -38.79
C MET QB 126 -81.63 -25.78 -37.69
N ASN QB 127 -82.31 -24.96 -36.88
CA ASN QB 127 -81.73 -23.93 -35.97
C ASN QB 127 -80.72 -22.97 -36.64
N PHE QB 128 -79.92 -22.26 -35.86
CA PHE QB 128 -78.70 -21.62 -36.39
C PHE QB 128 -77.56 -21.67 -35.37
N LYS QB 129 -76.35 -21.96 -35.85
CA LYS QB 129 -75.15 -22.03 -35.03
C LYS QB 129 -74.62 -20.61 -34.78
N PRO RB 1 -73.09 58.52 43.71
CA PRO RB 1 -72.66 59.69 44.47
C PRO RB 1 -71.39 59.44 45.31
N GLU RB 2 -71.01 60.44 46.12
CA GLU RB 2 -69.79 60.40 46.95
C GLU RB 2 -68.50 60.32 46.12
N LYS RB 3 -67.79 61.45 46.01
CA LYS RB 3 -66.53 61.54 45.26
C LYS RB 3 -65.36 61.74 46.25
N PHE RB 4 -64.72 60.65 46.65
CA PHE RB 4 -63.66 60.67 47.67
C PHE RB 4 -62.54 59.63 47.47
N GLN RB 5 -62.54 58.55 48.26
CA GLN RB 5 -61.33 57.74 48.49
C GLN RB 5 -61.07 56.82 47.32
N HIS RB 6 -61.90 55.79 47.19
CA HIS RB 6 -61.90 54.87 46.05
C HIS RB 6 -60.51 54.31 45.86
N ILE RB 7 -60.31 53.12 46.43
CA ILE RB 7 -59.07 52.63 47.07
C ILE RB 7 -59.08 53.00 48.56
N LEU RB 8 -58.63 52.06 49.40
CA LEU RB 8 -58.42 52.28 50.82
C LEU RB 8 -57.18 51.52 51.29
N ARG RB 9 -56.62 51.95 52.41
CA ARG RB 9 -55.46 51.28 53.02
C ARG RB 9 -55.75 51.06 54.51
N VAL RB 10 -55.94 49.80 54.89
CA VAL RB 10 -56.37 49.43 56.23
C VAL RB 10 -55.57 48.22 56.69
N LEU RB 11 -54.90 48.35 57.84
CA LEU RB 11 -54.25 47.21 58.51
C LEU RB 11 -53.27 46.49 57.57
N ASN RB 12 -52.34 47.25 57.01
CA ASN RB 12 -51.36 46.78 56.00
C ASN RB 12 -51.91 46.37 54.62
N THR RB 13 -53.24 46.35 54.44
CA THR RB 13 -53.84 45.85 53.21
C THR RB 13 -54.30 46.98 52.32
N ASN RB 14 -54.69 46.65 51.10
CA ASN RB 14 -55.09 47.63 50.10
C ASN RB 14 -56.47 47.30 49.53
N ILE RB 15 -57.50 47.74 50.26
CA ILE RB 15 -58.89 47.42 49.96
C ILE RB 15 -59.36 48.28 48.81
N ASP RB 16 -60.06 47.65 47.87
CA ASP RB 16 -60.60 48.36 46.71
C ASP RB 16 -61.95 48.94 47.11
N GLY RB 17 -61.95 50.22 47.47
CA GLY RB 17 -63.16 51.03 47.53
C GLY RB 17 -64.03 50.97 46.28
N ARG RB 18 -63.44 50.48 45.18
CA ARG RB 18 -64.19 50.09 43.99
C ARG RB 18 -65.23 49.01 44.28
N ARG RB 19 -64.88 48.04 45.13
CA ARG RB 19 -65.79 46.97 45.58
C ARG RB 19 -66.86 47.45 46.57
N LYS RB 20 -67.87 46.60 46.75
CA LYS RB 20 -68.92 46.81 47.74
C LYS RB 20 -68.37 46.40 49.11
N ILE RB 21 -68.76 47.11 50.18
CA ILE RB 21 -68.01 47.07 51.46
C ILE RB 21 -67.96 45.68 52.06
N ALA RB 22 -69.09 44.98 52.04
CA ALA RB 22 -69.21 43.68 52.71
C ALA RB 22 -68.25 42.62 52.14
N PHE RB 23 -67.96 42.70 50.84
CA PHE RB 23 -66.97 41.84 50.17
C PHE RB 23 -65.60 42.50 49.93
N ALA RB 24 -65.52 43.82 50.12
CA ALA RB 24 -64.24 44.54 49.98
C ALA RB 24 -63.27 44.31 51.14
N ILE RB 25 -63.80 44.22 52.36
CA ILE RB 25 -62.99 43.98 53.55
C ILE RB 25 -62.30 42.63 53.48
N THR RB 26 -62.93 41.67 52.80
CA THR RB 26 -62.37 40.33 52.65
C THR RB 26 -61.05 40.30 51.86
N ALA RB 27 -60.67 41.43 51.25
CA ALA RB 27 -59.29 41.67 50.80
C ALA RB 27 -58.24 41.50 51.90
N ILE RB 28 -58.60 41.79 53.15
CA ILE RB 28 -57.74 41.55 54.30
C ILE RB 28 -57.60 40.04 54.56
N LYS RB 29 -56.42 39.62 54.99
CA LYS RB 29 -56.19 38.24 55.43
C LYS RB 29 -56.87 38.08 56.78
N GLY RB 30 -57.82 37.16 56.86
CA GLY RB 30 -58.42 36.74 58.13
C GLY RB 30 -59.85 37.17 58.39
N VAL RB 31 -60.43 37.91 57.45
CA VAL RB 31 -61.83 38.27 57.52
C VAL RB 31 -62.50 37.76 56.24
N GLY RB 32 -63.59 37.03 56.43
CA GLY RB 32 -64.32 36.39 55.35
C GLY RB 32 -65.75 36.89 55.28
N ARG RB 33 -66.42 36.51 54.20
CA ARG RB 33 -67.77 36.98 53.86
C ARG RB 33 -68.72 36.94 55.05
N ARG RB 34 -68.70 35.83 55.77
CA ARG RB 34 -69.42 35.71 57.04
C ARG RB 34 -69.05 36.84 57.99
N TYR RB 35 -67.79 36.84 58.43
CA TYR RB 35 -67.33 37.76 59.45
C TYR RB 35 -67.56 39.22 59.06
N ALA RB 36 -67.11 39.59 57.86
CA ALA RB 36 -67.28 40.95 57.34
C ALA RB 36 -68.73 41.40 57.39
N HIS RB 37 -69.65 40.53 56.98
CA HIS RB 37 -71.08 40.84 57.00
C HIS RB 37 -71.59 41.07 58.43
N VAL RB 38 -71.11 40.26 59.37
CA VAL RB 38 -71.47 40.44 60.78
C VAL RB 38 -70.93 41.78 61.25
N VAL RB 39 -69.64 42.01 61.01
CA VAL RB 39 -68.93 43.22 61.43
C VAL RB 39 -69.66 44.50 60.99
N LEU RB 40 -70.17 44.52 59.77
CA LEU RB 40 -70.93 45.68 59.29
C LEU RB 40 -72.32 45.80 59.89
N ARG RB 41 -72.93 44.68 60.27
CA ARG RB 41 -74.22 44.74 60.96
C ARG RB 41 -74.10 45.29 62.40
N LYS RB 42 -73.02 44.97 63.09
CA LYS RB 42 -72.71 45.59 64.39
C LYS RB 42 -72.27 47.04 64.23
N ALA RB 43 -71.69 47.36 63.07
CA ALA RB 43 -71.38 48.75 62.70
C ALA RB 43 -72.62 49.58 62.37
N ASP RB 44 -73.66 48.93 61.86
CA ASP RB 44 -74.94 49.57 61.55
C ASP RB 44 -74.75 50.58 60.42
N ILE RB 45 -74.35 50.04 59.27
CA ILE RB 45 -74.07 50.80 58.05
C ILE RB 45 -75.06 50.36 56.98
N ASP RB 46 -75.35 51.26 56.04
CA ASP RB 46 -76.00 50.88 54.79
C ASP RB 46 -74.93 50.16 53.96
N LEU RB 47 -74.91 48.83 54.07
CA LEU RB 47 -73.90 47.99 53.40
C LEU RB 47 -74.05 47.85 51.88
N THR RB 48 -75.08 48.47 51.31
CA THR RB 48 -75.20 48.66 49.86
C THR RB 48 -74.05 49.49 49.27
N LYS RB 49 -73.53 50.44 50.06
CA LYS RB 49 -72.46 51.32 49.62
C LYS RB 49 -71.21 50.58 49.20
N ARG RB 50 -70.51 51.17 48.22
CA ARG RB 50 -69.18 50.74 47.84
C ARG RB 50 -68.26 51.21 48.95
N ALA RB 51 -67.18 50.47 49.20
CA ALA RB 51 -66.20 50.86 50.22
C ALA RB 51 -65.50 52.19 49.91
N GLY RB 52 -65.51 52.60 48.63
CA GLY RB 52 -64.94 53.87 48.19
C GLY RB 52 -65.76 55.06 48.64
N GLU RB 53 -67.01 54.80 49.04
CA GLU RB 53 -67.83 55.77 49.77
C GLU RB 53 -67.44 55.63 51.25
N LEU RB 54 -68.37 55.80 52.19
CA LEU RB 54 -68.09 55.68 53.64
C LEU RB 54 -67.25 56.85 54.16
N THR RB 55 -67.63 57.40 55.31
CA THR RB 55 -66.82 58.42 55.97
C THR RB 55 -65.59 57.74 56.58
N GLU RB 56 -64.46 58.43 56.55
CA GLU RB 56 -63.24 57.94 57.22
C GLU RB 56 -63.45 57.57 58.70
N ASP RB 57 -64.41 58.22 59.35
CA ASP RB 57 -64.87 57.80 60.68
C ASP RB 57 -65.51 56.41 60.66
N GLU RB 58 -66.38 56.18 59.67
CA GLU RB 58 -67.04 54.88 59.51
C GLU RB 58 -66.08 53.71 59.28
N VAL RB 59 -65.02 53.92 58.49
CA VAL RB 59 -64.07 52.81 58.24
C VAL RB 59 -63.27 52.49 59.50
N GLU RB 60 -62.92 53.53 60.25
CA GLU RB 60 -62.28 53.36 61.56
C GLU RB 60 -63.24 52.69 62.56
N ARG RB 61 -64.53 53.02 62.46
CA ARG RB 61 -65.58 52.35 63.25
C ARG RB 61 -65.62 50.85 62.92
N VAL RB 62 -65.63 50.53 61.62
CA VAL RB 62 -65.65 49.15 61.14
C VAL RB 62 -64.43 48.36 61.64
N ILE RB 63 -63.26 48.95 61.49
CA ILE RB 63 -61.99 48.33 61.87
C ILE RB 63 -61.98 48.02 63.37
N THR RB 64 -62.35 49.01 64.18
CA THR RB 64 -62.39 48.84 65.65
C THR RB 64 -63.32 47.72 66.11
N ILE RB 65 -64.38 47.46 65.34
CA ILE RB 65 -65.26 46.33 65.58
C ILE RB 65 -64.59 45.03 65.17
N MET RB 66 -63.95 45.06 64.01
CA MET RB 66 -63.18 43.92 63.50
C MET RB 66 -62.08 43.50 64.48
N GLN RB 67 -61.44 44.47 65.12
CA GLN RB 67 -60.31 44.20 66.00
C GLN RB 67 -60.74 43.65 67.36
N ASN RB 68 -61.82 44.20 67.93
CA ASN RB 68 -62.29 43.85 69.28
C ASN RB 68 -63.76 43.38 69.21
N PRO RB 69 -64.02 42.27 68.49
CA PRO RB 69 -65.37 41.87 68.04
C PRO RB 69 -66.36 41.53 69.14
N ARG RB 70 -65.91 40.86 70.19
CA ARG RB 70 -66.81 40.36 71.23
C ARG RB 70 -67.39 41.46 72.13
N GLN RB 71 -66.74 42.62 72.16
CA GLN RB 71 -67.22 43.80 72.87
C GLN RB 71 -68.45 44.44 72.18
N TYR RB 72 -68.61 44.18 70.88
CA TYR RB 72 -69.82 44.57 70.14
C TYR RB 72 -70.68 43.35 69.78
N LYS RB 73 -70.70 42.37 70.69
CA LYS RB 73 -71.59 41.20 70.65
C LYS RB 73 -71.45 40.27 69.43
N ILE RB 74 -70.36 40.38 68.67
CA ILE RB 74 -70.06 39.36 67.66
C ILE RB 74 -69.69 38.15 68.50
N PRO RB 75 -70.54 37.10 68.47
CA PRO RB 75 -70.45 36.02 69.43
C PRO RB 75 -69.19 35.16 69.26
N ASP RB 76 -69.13 34.07 70.01
CA ASP RB 76 -67.88 33.38 70.28
C ASP RB 76 -67.40 32.64 69.03
N TRP RB 77 -68.22 31.72 68.52
CA TRP RB 77 -68.08 31.14 67.17
C TRP RB 77 -67.49 31.96 66.01
N PHE RB 78 -68.08 33.11 65.66
CA PHE RB 78 -67.54 33.97 64.58
C PHE RB 78 -66.20 34.58 64.94
N LEU RB 79 -65.19 33.72 65.08
CA LEU RB 79 -63.86 34.10 65.54
C LEU RB 79 -62.95 32.97 65.12
N ASN RB 80 -61.85 33.30 64.46
CA ASN RB 80 -60.98 32.27 63.89
C ASN RB 80 -60.03 31.64 64.91
N ARG RB 81 -59.60 32.39 65.92
CA ARG RB 81 -58.74 31.85 66.99
C ARG RB 81 -59.46 31.77 68.32
N GLN RB 82 -59.89 30.56 68.65
CA GLN RB 82 -60.66 30.28 69.85
C GLN RB 82 -59.83 29.42 70.77
N LYS RB 83 -60.02 29.60 72.09
CA LYS RB 83 -59.39 28.75 73.11
C LYS RB 83 -57.94 28.41 72.74
N ASP RB 84 -57.16 29.46 72.46
CA ASP RB 84 -56.03 29.38 71.52
C ASP RB 84 -54.65 28.99 72.06
N VAL RB 85 -54.61 28.40 73.26
CA VAL RB 85 -53.41 27.75 73.82
C VAL RB 85 -52.39 28.74 74.42
N LYS RB 86 -51.81 29.63 73.62
CA LYS RB 86 -50.97 30.70 74.14
C LYS RB 86 -51.85 31.72 74.86
N ASP RB 87 -52.14 31.41 76.12
CA ASP RB 87 -53.22 32.03 76.92
C ASP RB 87 -54.58 31.72 76.30
N GLY RB 88 -55.50 31.24 77.13
CA GLY RB 88 -56.75 30.64 76.67
C GLY RB 88 -57.76 31.73 76.36
N LYS RB 89 -57.51 32.46 75.30
CA LYS RB 89 -58.37 33.56 74.87
C LYS RB 89 -59.25 33.04 73.74
N TYR RB 90 -60.16 33.90 73.26
CA TYR RB 90 -61.00 33.57 72.12
C TYR RB 90 -61.32 34.86 71.36
N SER RB 91 -60.79 34.93 70.14
CA SER RB 91 -60.44 36.20 69.50
C SER RB 91 -60.11 36.02 68.03
N GLN RB 92 -60.35 37.03 67.21
CA GLN RB 92 -60.17 36.91 65.76
C GLN RB 92 -58.87 37.52 65.26
N VAL RB 93 -57.96 36.65 64.80
CA VAL RB 93 -56.65 37.09 64.32
C VAL RB 93 -56.79 37.55 62.87
N LEU RB 94 -56.03 38.58 62.56
CA LEU RB 94 -56.18 39.33 61.33
C LEU RB 94 -54.81 39.58 60.75
N ALA RB 95 -54.77 40.07 59.51
CA ALA RB 95 -53.59 40.72 58.98
C ALA RB 95 -52.37 39.79 58.88
N ASN RB 96 -51.18 40.39 58.86
CA ASN RB 96 -49.91 39.70 59.15
C ASN RB 96 -49.84 38.91 60.47
N GLY RB 97 -50.56 39.36 61.49
CA GLY RB 97 -50.63 38.66 62.77
C GLY RB 97 -51.17 37.24 62.64
N LEU RB 98 -52.18 37.07 61.79
CA LEU RB 98 -52.74 35.76 61.46
C LEU RB 98 -51.67 34.83 60.91
N ASP RB 99 -50.91 35.30 59.93
CA ASP RB 99 -49.75 34.56 59.39
C ASP RB 99 -48.74 34.22 60.49
N ASN RB 100 -48.52 35.17 61.40
CA ASN RB 100 -47.60 34.97 62.51
C ASN RB 100 -48.05 33.88 63.49
N LYS RB 101 -49.34 33.85 63.81
CA LYS RB 101 -49.91 32.82 64.70
C LYS RB 101 -49.84 31.43 64.10
N LEU RB 102 -50.22 31.33 62.83
CA LEU RB 102 -50.06 30.11 62.04
C LEU RB 102 -48.64 29.54 62.15
N ARG RB 103 -47.67 30.36 61.77
CA ARG RB 103 -46.26 29.94 61.70
C ARG RB 103 -45.75 29.48 63.06
N GLU RB 104 -46.16 30.20 64.12
CA GLU RB 104 -45.85 29.80 65.49
C GLU RB 104 -46.42 28.44 65.87
N ASP RB 105 -47.66 28.17 65.45
CA ASP RB 105 -48.29 26.87 65.69
C ASP RB 105 -47.61 25.72 64.94
N LEU RB 106 -47.11 26.01 63.73
CA LEU RB 106 -46.33 25.02 63.00
C LEU RB 106 -44.99 24.82 63.68
N GLU RB 107 -44.31 25.92 63.97
CA GLU RB 107 -43.06 25.91 64.74
C GLU RB 107 -43.23 25.20 66.09
N ARG RB 108 -44.41 25.37 66.70
CA ARG RB 108 -44.75 24.70 67.95
C ARG RB 108 -44.73 23.19 67.76
N LEU RB 109 -45.51 22.68 66.80
CA LEU RB 109 -45.51 21.24 66.49
C LEU RB 109 -44.14 20.71 66.07
N LYS RB 110 -43.41 21.53 65.32
CA LYS RB 110 -42.03 21.23 64.89
C LYS RB 110 -41.12 21.05 66.10
N LYS RB 111 -41.19 21.99 67.04
CA LYS RB 111 -40.40 21.98 68.27
C LYS RB 111 -40.72 20.76 69.13
N ILE RB 112 -42.00 20.38 69.15
CA ILE RB 112 -42.44 19.21 69.92
C ILE RB 112 -42.02 17.88 69.27
N ARG RB 113 -41.56 17.92 68.02
CA ARG RB 113 -41.46 16.75 67.12
C ARG RB 113 -42.66 15.83 67.26
N ALA RB 114 -43.78 16.33 66.77
CA ALA RB 114 -45.01 15.58 66.59
C ALA RB 114 -45.11 15.15 65.15
N HIS RB 115 -46.05 14.24 64.89
CA HIS RB 115 -46.26 13.66 63.57
C HIS RB 115 -46.69 14.72 62.57
N ARG RB 116 -47.74 15.44 62.94
CA ARG RB 116 -48.37 16.47 62.12
C ARG RB 116 -47.40 17.58 61.74
N GLY RB 117 -46.51 17.92 62.67
CA GLY RB 117 -45.46 18.89 62.42
C GLY RB 117 -44.42 18.39 61.45
N LEU RB 118 -44.01 17.13 61.60
CA LEU RB 118 -43.05 16.52 60.69
C LEU RB 118 -43.53 16.51 59.25
N ARG RB 119 -44.84 16.36 59.04
CA ARG RB 119 -45.40 16.32 57.69
C ARG RB 119 -45.50 17.70 57.05
N HIS RB 120 -45.88 18.71 57.82
CA HIS RB 120 -45.74 20.11 57.39
C HIS RB 120 -44.29 20.45 57.08
N PHE RB 121 -43.37 19.93 57.90
CA PHE RB 121 -41.94 20.12 57.68
C PHE RB 121 -41.49 19.54 56.34
N TRP RB 122 -41.93 18.32 56.05
CA TRP RB 122 -41.51 17.61 54.84
C TRP RB 122 -42.28 18.04 53.57
N GLY RB 123 -43.28 18.90 53.72
CA GLY RB 123 -44.01 19.44 52.58
C GLY RB 123 -45.01 18.46 52.01
N LEU RB 124 -45.60 17.65 52.89
CA LEU RB 124 -46.55 16.63 52.51
C LEU RB 124 -47.95 17.09 52.88
N ARG RB 125 -48.90 16.17 52.71
CA ARG RB 125 -50.26 16.37 53.15
C ARG RB 125 -50.41 15.90 54.59
N VAL RB 126 -50.92 16.79 55.44
CA VAL RB 126 -51.00 16.56 56.87
C VAL RB 126 -52.34 15.94 57.31
N ARG RB 127 -53.41 16.19 56.55
CA ARG RB 127 -54.76 15.71 56.92
C ARG RB 127 -55.10 14.31 56.37
N GLY RB 128 -54.12 13.42 56.43
CA GLY RB 128 -54.30 11.98 56.18
C GLY RB 128 -54.81 11.57 54.81
N GLN RB 129 -54.60 12.43 53.82
CA GLN RB 129 -55.05 12.12 52.45
C GLN RB 129 -54.01 11.30 51.71
N HIS RB 130 -54.49 10.61 50.69
CA HIS RB 130 -53.69 9.61 49.97
C HIS RB 130 -52.83 10.31 48.93
N THR RB 131 -51.53 10.05 48.94
CA THR RB 131 -50.54 10.83 48.18
C THR RB 131 -49.75 10.08 47.09
N LYS RB 132 -49.90 8.76 47.01
CA LYS RB 132 -49.49 7.94 45.84
C LYS RB 132 -50.00 8.51 44.52
N THR RB 133 -51.17 9.12 44.54
CA THR RB 133 -51.83 9.59 43.34
C THR RB 133 -51.80 11.11 43.13
N THR RB 134 -51.63 11.89 44.19
CA THR RB 134 -51.92 13.33 44.12
C THR RB 134 -50.84 14.25 44.70
N GLY RB 135 -51.03 15.55 44.47
CA GLY RB 135 -50.11 16.57 44.92
C GLY RB 135 -48.78 16.57 44.19
N ARG RB 136 -48.77 16.04 42.96
CA ARG RB 136 -47.50 15.84 42.23
C ARG RB 136 -46.86 17.18 41.84
N ARG RB 137 -46.07 17.71 42.77
CA ARG RB 137 -45.39 19.00 42.64
C ARG RB 137 -43.93 18.88 43.08
N VAL SB 1 -113.07 36.35 49.17
CA VAL SB 1 -111.74 36.05 48.54
C VAL SB 1 -110.72 35.52 49.57
N THR SB 2 -110.17 34.33 49.30
CA THR SB 2 -109.24 33.66 50.20
C THR SB 2 -107.77 33.84 49.74
N VAL SB 3 -106.82 33.20 50.43
CA VAL SB 3 -105.39 33.35 50.11
C VAL SB 3 -105.00 32.54 48.86
N LYS SB 4 -105.56 31.34 48.71
CA LYS SB 4 -105.39 30.53 47.49
C LYS SB 4 -105.76 31.31 46.22
N ASP SB 5 -106.69 32.26 46.36
CA ASP SB 5 -107.08 33.15 45.27
C ASP SB 5 -106.02 34.21 44.87
N VAL SB 6 -104.85 34.21 45.50
CA VAL SB 6 -103.86 35.30 45.35
C VAL SB 6 -102.49 34.73 44.96
N ASN SB 7 -101.68 35.55 44.27
CA ASN SB 7 -100.32 35.19 43.89
C ASN SB 7 -99.41 35.19 45.10
N GLN SB 8 -99.02 34.00 45.55
CA GLN SB 8 -98.43 33.79 46.89
C GLN SB 8 -97.14 34.58 47.14
N GLN SB 9 -96.40 34.90 46.08
CA GLN SB 9 -95.17 35.71 46.22
C GLN SB 9 -95.42 37.09 46.80
N GLU SB 10 -96.38 37.82 46.22
CA GLU SB 10 -96.73 39.16 46.68
C GLU SB 10 -97.61 39.20 47.94
N PHE SB 11 -98.14 38.04 48.33
CA PHE SB 11 -98.86 37.89 49.59
C PHE SB 11 -97.92 38.00 50.80
N VAL SB 12 -96.83 37.24 50.78
CA VAL SB 12 -95.86 37.23 51.89
C VAL SB 12 -95.05 38.53 51.98
N ARG SB 13 -94.94 39.24 50.85
CA ARG SB 13 -94.44 40.63 50.85
C ARG SB 13 -95.26 41.50 51.79
N ALA SB 14 -96.57 41.42 51.67
CA ALA SB 14 -97.49 42.19 52.51
C ALA SB 14 -97.58 41.67 53.94
N LEU SB 15 -97.66 40.35 54.10
CA LEU SB 15 -97.74 39.73 55.43
C LEU SB 15 -96.57 40.13 56.32
N ALA SB 16 -95.37 40.10 55.76
CA ALA SB 16 -94.16 40.52 56.48
C ALA SB 16 -94.27 41.99 56.91
N ALA SB 17 -94.75 42.83 55.99
CA ALA SB 17 -94.99 44.24 56.29
C ALA SB 17 -96.11 44.45 57.30
N PHE SB 18 -97.12 43.58 57.26
CA PHE SB 18 -98.15 43.53 58.30
C PHE SB 18 -97.51 43.18 59.64
N LEU SB 19 -96.60 42.21 59.62
CA LEU SB 19 -95.89 41.78 60.83
C LEU SB 19 -94.91 42.81 61.40
N LYS SB 20 -94.35 43.66 60.53
CA LYS SB 20 -93.56 44.82 60.97
C LYS SB 20 -94.42 45.89 61.63
N LYS SB 21 -95.46 46.33 60.91
CA LYS SB 21 -96.35 47.41 61.36
C LYS SB 21 -96.98 47.15 62.72
N SER SB 22 -97.38 45.91 62.96
CA SER SB 22 -97.94 45.47 64.24
C SER SB 22 -96.96 45.73 65.37
N GLY SB 23 -95.72 45.26 65.19
CA GLY SB 23 -94.65 45.51 66.14
C GLY SB 23 -94.83 44.79 67.45
N LYS SB 24 -95.11 43.49 67.37
CA LYS SB 24 -95.17 42.63 68.56
C LYS SB 24 -95.01 41.17 68.13
N LEU SB 25 -93.79 40.86 67.71
CA LEU SB 25 -93.43 39.54 67.18
C LEU SB 25 -92.52 38.79 68.15
N LYS SB 26 -91.39 39.42 68.49
CA LYS SB 26 -90.25 38.85 69.22
C LYS SB 26 -89.24 38.23 68.25
N VAL SB 27 -88.59 39.10 67.48
CA VAL SB 27 -87.38 38.72 66.76
C VAL SB 27 -86.27 38.53 67.80
N PRO SB 28 -85.60 37.36 67.80
CA PRO SB 28 -84.65 37.10 68.88
C PRO SB 28 -83.34 37.91 68.80
N GLU SB 29 -82.44 37.60 69.72
CA GLU SB 29 -81.12 38.23 69.77
C GLU SB 29 -80.34 38.07 68.47
N TRP SB 30 -80.16 36.82 68.03
CA TRP SB 30 -79.19 36.51 66.95
C TRP SB 30 -79.35 37.32 65.67
N VAL SB 31 -80.45 37.10 64.95
CA VAL SB 31 -80.76 37.72 63.64
C VAL SB 31 -79.55 38.10 62.76
N ASP SB 32 -78.73 39.02 63.25
CA ASP SB 32 -77.55 39.50 62.54
C ASP SB 32 -76.52 38.37 62.37
N THR SB 33 -76.16 37.76 63.49
CA THR SB 33 -75.13 36.73 63.53
C THR SB 33 -75.54 35.43 62.80
N VAL SB 34 -76.79 35.00 62.96
CA VAL SB 34 -77.21 33.64 62.56
C VAL SB 34 -77.13 33.39 61.04
N LYS SB 35 -76.97 32.12 60.68
CA LYS SB 35 -76.78 31.71 59.29
C LYS SB 35 -78.10 31.52 58.55
N LEU SB 36 -78.94 30.61 59.07
CA LEU SB 36 -80.30 30.30 58.57
C LEU SB 36 -80.48 28.82 58.15
N ALA SB 37 -79.37 28.17 57.79
CA ALA SB 37 -79.29 26.72 57.60
C ALA SB 37 -77.89 26.35 57.11
N LYS SB 38 -77.43 25.15 57.43
CA LYS SB 38 -76.06 24.74 57.10
C LYS SB 38 -75.74 24.72 55.59
N HIS SB 39 -76.77 24.65 54.75
CA HIS SB 39 -76.70 25.02 53.34
C HIS SB 39 -75.72 26.13 53.05
N LYS SB 40 -75.91 27.22 53.79
CA LYS SB 40 -75.70 28.56 53.28
C LYS SB 40 -74.26 28.99 53.32
N GLU SB 41 -73.91 29.78 52.32
CA GLU SB 41 -72.69 30.55 52.33
C GLU SB 41 -72.90 31.67 53.34
N LEU SB 42 -73.94 32.47 53.07
CA LEU SB 42 -74.10 33.79 53.64
C LEU SB 42 -75.33 33.96 54.52
N ALA SB 43 -75.37 35.11 55.18
CA ALA SB 43 -76.56 35.55 55.92
C ALA SB 43 -77.54 36.14 54.93
N PRO SB 44 -78.84 36.12 55.26
CA PRO SB 44 -79.83 36.73 54.38
C PRO SB 44 -79.61 38.22 54.07
N TYR SB 45 -79.80 38.60 52.80
CA TYR SB 45 -79.48 39.96 52.33
C TYR SB 45 -80.53 40.95 52.80
N ASP SB 46 -81.77 40.49 52.93
CA ASP SB 46 -82.79 41.23 53.68
C ASP SB 46 -82.41 41.09 55.14
N GLU SB 47 -82.16 42.22 55.79
CA GLU SB 47 -81.75 42.23 57.19
C GLU SB 47 -82.97 42.11 58.11
N ASN SB 48 -84.17 42.36 57.56
CA ASN SB 48 -85.44 42.10 58.26
C ASN SB 48 -86.11 40.86 57.68
N TRP SB 49 -85.43 39.72 57.82
CA TRP SB 49 -85.86 38.44 57.22
C TRP SB 49 -86.79 37.64 58.11
N PHE SB 50 -86.67 37.81 59.42
CA PHE SB 50 -87.47 37.05 60.40
C PHE SB 50 -88.96 37.30 60.24
N TYR SB 51 -89.28 38.53 59.85
CA TYR SB 51 -90.63 38.93 59.52
C TYR SB 51 -91.12 38.20 58.27
N THR SB 52 -90.25 38.13 57.26
CA THR SB 52 -90.56 37.42 56.02
C THR SB 52 -90.77 35.91 56.22
N ARG SB 53 -89.90 35.22 56.95
CA ARG SB 53 -90.05 33.76 57.06
C ARG SB 53 -91.12 33.37 58.09
N ALA SB 54 -91.34 34.20 59.10
CA ALA SB 54 -92.53 34.08 59.97
C ALA SB 54 -93.82 34.18 59.16
N ALA SB 55 -93.83 35.11 58.22
CA ALA SB 55 -94.93 35.27 57.25
C ALA SB 55 -95.07 34.04 56.36
N SER SB 56 -93.96 33.62 55.76
CA SER SB 56 -93.95 32.43 54.90
C SER SB 56 -94.32 31.13 55.64
N THR SB 57 -93.94 31.04 56.92
CA THR SB 57 -94.28 29.90 57.77
C THR SB 57 -95.76 29.85 58.10
N ALA SB 58 -96.31 31.02 58.46
CA ALA SB 58 -97.74 31.12 58.73
C ALA SB 58 -98.54 30.71 57.51
N ARG SB 59 -98.22 31.31 56.37
CA ARG SB 59 -98.99 31.05 55.15
C ARG SB 59 -98.91 29.56 54.79
N HIS SB 60 -97.79 28.91 55.11
CA HIS SB 60 -97.69 27.44 55.00
C HIS SB 60 -98.66 26.77 55.95
N LEU SB 61 -98.68 27.21 57.22
CA LEU SB 61 -99.58 26.63 58.23
C LEU SB 61 -101.06 26.80 57.89
N TYR SB 62 -101.40 27.86 57.16
CA TYR SB 62 -102.75 28.02 56.62
C TYR SB 62 -103.10 26.89 55.66
N LEU SB 63 -102.19 26.61 54.73
CA LEU SB 63 -102.41 25.57 53.72
C LEU SB 63 -102.32 24.17 54.32
N ARG SB 64 -101.14 23.82 54.85
CA ARG SB 64 -100.94 22.51 55.46
C ARG SB 64 -100.95 22.60 56.99
N GLY SB 65 -101.83 21.86 57.64
CA GLY SB 65 -101.96 21.90 59.09
C GLY SB 65 -100.96 21.03 59.81
N GLY SB 66 -101.03 21.05 61.14
CA GLY SB 66 -100.28 20.14 62.02
C GLY SB 66 -98.76 20.10 61.85
N ALA SB 67 -98.19 21.20 61.36
CA ALA SB 67 -96.78 21.21 60.97
C ALA SB 67 -95.88 21.53 62.16
N GLY SB 68 -95.10 20.55 62.58
CA GLY SB 68 -94.09 20.75 63.61
C GLY SB 68 -92.92 21.57 63.09
N VAL SB 69 -91.88 21.69 63.92
CA VAL SB 69 -90.65 22.37 63.52
C VAL SB 69 -89.91 21.49 62.55
N GLY SB 70 -89.88 20.18 62.81
CA GLY SB 70 -89.30 19.20 61.89
C GLY SB 70 -89.91 19.25 60.51
N SER SB 71 -91.21 19.53 60.46
CA SER SB 71 -91.90 19.78 59.21
C SER SB 71 -91.38 21.09 58.59
N MET SB 72 -91.20 22.12 59.41
CA MET SB 72 -90.67 23.41 58.97
C MET SB 72 -89.23 23.40 58.44
N THR SB 73 -88.38 22.52 58.97
CA THR SB 73 -87.01 22.37 58.47
C THR SB 73 -87.02 21.69 57.10
N LYS SB 74 -87.95 20.77 56.92
CA LYS SB 74 -88.10 20.05 55.66
C LYS SB 74 -88.59 20.97 54.55
N ILE SB 75 -89.50 21.90 54.87
CA ILE SB 75 -90.02 22.84 53.87
C ILE SB 75 -88.96 23.84 53.41
N TYR SB 76 -88.07 24.25 54.30
CA TYR SB 76 -87.00 25.17 53.92
C TYR SB 76 -85.65 24.47 53.75
N GLY SB 77 -85.71 23.24 53.22
CA GLY SB 77 -84.53 22.50 52.82
C GLY SB 77 -84.10 22.87 51.42
N GLY SB 78 -83.01 22.28 50.95
CA GLY SB 78 -82.37 22.69 49.69
C GLY SB 78 -81.14 21.88 49.32
N ARG SB 79 -80.41 22.33 48.31
CA ARG SB 79 -79.14 21.71 47.94
C ARG SB 79 -78.05 22.17 48.90
N GLN SB 80 -77.08 21.28 49.13
CA GLN SB 80 -75.89 21.60 49.90
C GLN SB 80 -74.68 21.25 49.07
N ARG SB 81 -73.96 22.26 48.58
CA ARG SB 81 -72.66 21.98 47.98
C ARG SB 81 -71.75 21.47 49.08
N ASN SB 82 -71.33 20.21 48.93
CA ASN SB 82 -70.11 19.74 49.58
C ASN SB 82 -68.90 20.40 48.94
N GLY SB 83 -69.13 21.04 47.78
CA GLY SB 83 -68.16 21.86 47.09
C GLY SB 83 -67.67 21.01 45.95
N VAL SB 84 -66.67 20.19 46.25
CA VAL SB 84 -66.02 19.32 45.27
C VAL SB 84 -66.66 17.93 45.20
N MET SB 85 -67.49 17.60 46.18
CA MET SB 85 -68.31 16.39 46.17
C MET SB 85 -69.74 16.71 45.75
N PRO SB 86 -70.52 15.68 45.37
CA PRO SB 86 -71.86 15.97 44.89
C PRO SB 86 -72.80 16.44 45.99
N SER SB 87 -73.78 17.23 45.57
CA SER SB 87 -74.69 17.92 46.46
C SER SB 87 -75.73 16.98 47.05
N HIS SB 88 -76.25 17.39 48.19
CA HIS SB 88 -77.32 16.66 48.84
C HIS SB 88 -78.29 17.60 49.56
N PHE SB 89 -79.41 17.03 49.99
CA PHE SB 89 -80.46 17.75 50.68
C PHE SB 89 -80.02 17.98 52.12
N SER SB 90 -79.97 19.25 52.53
CA SER SB 90 -79.91 19.61 53.96
C SER SB 90 -81.25 20.21 54.38
N ARG SB 91 -81.70 19.87 55.59
CA ARG SB 91 -82.93 20.44 56.13
C ARG SB 91 -82.64 21.80 56.75
N GLY SB 92 -83.66 22.66 56.77
CA GLY SB 92 -83.57 23.99 57.35
C GLY SB 92 -83.15 24.05 58.81
N SER SB 93 -82.83 25.25 59.28
CA SER SB 93 -82.36 25.46 60.66
C SER SB 93 -83.49 25.20 61.66
N LYS SB 94 -83.20 24.42 62.70
CA LYS SB 94 -84.20 24.06 63.71
C LYS SB 94 -84.61 25.26 64.56
N SER SB 95 -83.64 25.87 65.23
CA SER SB 95 -83.92 26.94 66.20
C SER SB 95 -84.69 28.11 65.60
N VAL SB 96 -84.33 28.53 64.39
CA VAL SB 96 -85.02 29.66 63.73
C VAL SB 96 -86.44 29.34 63.29
N ALA SB 97 -86.70 28.08 62.99
CA ALA SB 97 -88.06 27.61 62.72
C ALA SB 97 -88.86 27.58 64.02
N ARG SB 98 -88.21 27.09 65.07
CA ARG SB 98 -88.79 27.06 66.42
C ARG SB 98 -89.07 28.47 66.94
N ARG SB 99 -88.06 29.34 66.90
CA ARG SB 99 -88.22 30.75 67.28
C ARG SB 99 -89.31 31.50 66.51
N VAL SB 100 -89.58 31.09 65.27
CA VAL SB 100 -90.69 31.65 64.49
C VAL SB 100 -92.02 31.22 65.09
N LEU SB 101 -92.16 29.92 65.30
CA LEU SB 101 -93.43 29.34 65.69
C LEU SB 101 -93.82 29.71 67.13
N GLN SB 102 -92.80 29.95 67.96
CA GLN SB 102 -93.00 30.56 69.28
C GLN SB 102 -93.46 32.01 69.16
N ALA SB 103 -92.95 32.72 68.14
CA ALA SB 103 -93.32 34.11 67.88
C ALA SB 103 -94.76 34.26 67.39
N LEU SB 104 -95.23 33.30 66.58
CA LEU SB 104 -96.63 33.25 66.19
C LEU SB 104 -97.53 32.71 67.31
N GLU SB 105 -96.95 31.91 68.21
CA GLU SB 105 -97.62 31.46 69.44
C GLU SB 105 -97.99 32.66 70.32
N GLY SB 106 -97.00 33.53 70.57
CA GLY SB 106 -97.21 34.76 71.35
C GLY SB 106 -98.13 35.77 70.70
N LEU SB 107 -98.01 35.92 69.38
CA LEU SB 107 -98.94 36.73 68.56
C LEU SB 107 -100.39 36.24 68.59
N LYS SB 108 -100.56 34.95 68.85
CA LYS SB 108 -101.85 34.25 68.74
C LYS SB 108 -102.33 34.22 67.30
N MET SB 109 -101.38 33.97 66.40
CA MET SB 109 -101.67 33.52 65.05
C MET SB 109 -101.89 32.02 65.06
N VAL SB 110 -101.30 31.32 66.04
CA VAL SB 110 -101.30 29.86 66.07
C VAL SB 110 -101.58 29.26 67.46
N GLU SB 111 -101.78 27.94 67.44
CA GLU SB 111 -102.11 27.15 68.62
C GLU SB 111 -101.60 25.72 68.40
N LYS SB 112 -100.92 25.14 69.39
CA LYS SB 112 -100.37 23.80 69.22
C LYS SB 112 -101.45 22.74 69.41
N ASP SB 113 -101.59 21.90 68.39
CA ASP SB 113 -102.77 21.08 68.18
C ASP SB 113 -102.74 19.82 69.01
N GLN SB 114 -103.92 19.19 69.15
CA GLN SB 114 -104.02 17.78 69.51
C GLN SB 114 -103.30 16.94 68.45
N ASP SB 115 -102.73 15.82 68.90
CA ASP SB 115 -101.86 14.96 68.08
C ASP SB 115 -100.55 15.68 67.68
N GLY SB 116 -100.10 16.61 68.52
CA GLY SB 116 -98.85 17.33 68.30
C GLY SB 116 -98.87 18.35 67.17
N GLY SB 117 -97.83 19.18 67.14
CA GLY SB 117 -97.60 20.11 66.03
C GLY SB 117 -98.46 21.35 66.07
N ARG SB 118 -97.99 22.39 65.40
CA ARG SB 118 -98.69 23.68 65.35
C ARG SB 118 -99.80 23.64 64.31
N LYS SB 119 -100.82 24.47 64.54
CA LYS SB 119 -101.78 24.83 63.50
C LYS SB 119 -102.25 26.24 63.80
N LEU SB 120 -102.63 26.98 62.75
CA LEU SB 120 -102.98 28.38 62.94
C LEU SB 120 -104.39 28.53 63.53
N THR SB 121 -104.61 29.66 64.19
CA THR SB 121 -105.81 29.96 64.96
C THR SB 121 -106.68 31.00 64.21
N PRO SB 122 -108.01 31.04 64.47
CA PRO SB 122 -108.93 32.01 63.82
C PRO SB 122 -108.43 33.45 63.75
N GLN SB 123 -107.99 33.98 64.89
CA GLN SB 123 -107.41 35.32 65.00
C GLN SB 123 -106.19 35.51 64.08
N GLY SB 124 -105.51 34.42 63.78
CA GLY SB 124 -104.51 34.36 62.72
C GLY SB 124 -105.17 34.28 61.34
N GLN SB 125 -106.12 33.38 61.19
CA GLN SB 125 -106.93 33.30 59.94
C GLN SB 125 -107.55 34.63 59.55
N ARG SB 126 -107.87 35.46 60.55
CA ARG SB 126 -108.19 36.86 60.34
C ARG SB 126 -107.14 37.49 59.45
N ASP SB 127 -105.92 37.57 59.96
CA ASP SB 127 -104.87 38.40 59.39
C ASP SB 127 -104.52 37.91 57.99
N LEU SB 128 -104.25 36.61 57.88
CA LEU SB 128 -103.88 35.97 56.62
C LEU SB 128 -104.91 36.25 55.52
N ASP SB 129 -106.16 35.91 55.81
CA ASP SB 129 -107.24 36.05 54.83
C ASP SB 129 -107.64 37.52 54.61
N ARG SB 130 -107.46 38.35 55.63
CA ARG SB 130 -107.67 39.79 55.49
C ARG SB 130 -106.70 40.36 54.48
N ILE SB 131 -105.42 40.06 54.65
CA ILE SB 131 -104.38 40.63 53.79
C ILE SB 131 -104.45 40.12 52.34
N ALA SB 132 -104.96 38.91 52.15
CA ALA SB 132 -105.30 38.41 50.81
C ALA SB 132 -106.29 39.35 50.16
N GLY SB 133 -107.37 39.63 50.88
CA GLY SB 133 -108.41 40.57 50.44
C GLY SB 133 -107.88 41.96 50.10
N GLN SB 134 -106.86 42.39 50.84
CA GLN SB 134 -106.15 43.63 50.55
C GLN SB 134 -105.38 43.53 49.23
N VAL SB 135 -104.65 42.42 49.05
CA VAL SB 135 -103.84 42.20 47.84
C VAL SB 135 -104.73 42.10 46.61
N ALA SB 136 -105.77 41.28 46.70
CA ALA SB 136 -106.74 41.10 45.60
C ALA SB 136 -107.31 42.44 45.10
N ALA SB 137 -107.57 43.35 46.04
CA ALA SB 137 -108.07 44.70 45.74
C ALA SB 137 -106.94 45.75 45.64
N ALA SB 138 -105.75 45.35 45.21
CA ALA SB 138 -104.66 46.29 44.94
C ALA SB 138 -104.94 46.96 43.60
N LYS SB 139 -105.04 46.14 42.56
CA LYS SB 139 -105.39 46.57 41.21
C LYS SB 139 -105.62 45.36 40.31
N LYS SB 140 -106.32 45.58 39.19
CA LYS SB 140 -106.50 44.56 38.17
C LYS SB 140 -105.22 44.45 37.34
N LYS SB 141 -104.36 43.50 37.73
CA LYS SB 141 -103.08 43.28 37.06
C LYS SB 141 -102.64 41.82 37.16
CA ALA TB 1 -121.99 -12.17 70.68
C ALA TB 1 -121.25 -12.07 69.34
N ILE TB 2 -121.92 -11.49 68.34
CA ILE TB 2 -121.37 -11.35 67.00
C ILE TB 2 -120.36 -10.20 66.97
N HIS TB 3 -119.22 -10.43 66.32
CA HIS TB 3 -118.10 -9.49 66.33
C HIS TB 3 -117.41 -9.39 64.96
N ARG TB 4 -116.61 -8.33 64.79
CA ARG TB 4 -116.01 -7.97 63.50
C ARG TB 4 -114.69 -8.72 63.27
N ILE TB 5 -114.80 -10.01 62.94
CA ILE TB 5 -113.63 -10.87 62.75
C ILE TB 5 -112.93 -10.60 61.42
N ARG TB 6 -111.59 -10.51 61.46
CA ARG TB 6 -110.76 -10.18 60.30
C ARG TB 6 -109.81 -11.30 59.94
N ILE TB 7 -109.99 -11.87 58.76
CA ILE TB 7 -109.05 -12.85 58.20
C ILE TB 7 -107.93 -12.08 57.54
N THR TB 8 -106.70 -12.61 57.60
CA THR TB 8 -105.55 -12.00 56.94
C THR TB 8 -104.71 -13.06 56.20
N LEU TB 9 -105.03 -13.25 54.92
CA LEU TB 9 -104.28 -14.18 54.07
C LEU TB 9 -103.14 -13.42 53.44
N THR TB 10 -101.93 -13.97 53.57
CA THR TB 10 -100.75 -13.42 52.89
C THR TB 10 -99.96 -14.58 52.31
N SER TB 11 -99.49 -14.46 51.07
CA SER TB 11 -98.74 -15.54 50.46
C SER TB 11 -97.79 -15.08 49.38
N ARG TB 12 -96.85 -15.97 49.05
CA ARG TB 12 -95.89 -15.77 47.99
C ARG TB 12 -96.55 -16.13 46.64
N ASN TB 13 -97.40 -17.15 46.66
CA ASN TB 13 -98.18 -17.58 45.48
C ASN TB 13 -99.42 -16.71 45.28
N VAL TB 14 -99.76 -16.42 44.02
CA VAL TB 14 -100.94 -15.64 43.66
C VAL TB 14 -102.15 -16.54 43.51
N LYS TB 15 -102.08 -17.44 42.53
CA LYS TB 15 -103.19 -18.32 42.14
C LYS TB 15 -103.74 -19.07 43.36
N SER TB 16 -102.83 -19.71 44.08
CA SER TB 16 -103.17 -20.47 45.30
C SER TB 16 -103.84 -19.59 46.35
N LEU TB 17 -103.33 -18.38 46.54
CA LEU TB 17 -103.92 -17.44 47.49
C LEU TB 17 -105.33 -17.04 47.08
N GLU TB 18 -105.54 -16.78 45.79
CA GLU TB 18 -106.86 -16.34 45.32
C GLU TB 18 -107.89 -17.47 45.42
N LYS TB 19 -107.45 -18.72 45.26
CA LYS TB 19 -108.29 -19.89 45.51
C LYS TB 19 -108.76 -19.95 46.97
N VAL TB 20 -107.85 -19.67 47.90
CA VAL TB 20 -108.16 -19.70 49.33
C VAL TB 20 -109.13 -18.59 49.69
N CYS TB 21 -108.81 -17.36 49.29
CA CYS TB 21 -109.70 -16.20 49.41
C CYS TB 21 -111.12 -16.47 48.91
N ALA TB 22 -111.21 -17.03 47.70
CA ALA TB 22 -112.51 -17.39 47.09
C ALA TB 22 -113.25 -18.44 47.90
N ASP TB 23 -112.52 -19.44 48.40
CA ASP TB 23 -113.10 -20.49 49.25
C ASP TB 23 -113.66 -19.94 50.56
N LEU TB 24 -112.98 -18.96 51.15
CA LEU TB 24 -113.45 -18.31 52.38
C LEU TB 24 -114.69 -17.46 52.17
N ILE TB 25 -114.88 -16.93 50.96
CA ILE TB 25 -116.10 -16.22 50.59
C ILE TB 25 -117.25 -17.21 50.41
N ARG TB 26 -116.99 -18.35 49.76
CA ARG TB 26 -118.01 -19.41 49.60
C ARG TB 26 -118.53 -19.94 50.92
N GLY TB 27 -117.62 -20.23 51.85
CA GLY TB 27 -117.98 -20.66 53.20
C GLY TB 27 -118.79 -19.63 53.96
N ALA TB 28 -118.49 -18.35 53.75
CA ALA TB 28 -119.24 -17.25 54.36
C ALA TB 28 -120.63 -17.08 53.74
N LYS TB 29 -120.74 -17.28 52.42
CA LYS TB 29 -122.05 -17.24 51.74
C LYS TB 29 -122.92 -18.47 52.04
N GLU TB 30 -122.28 -19.60 52.33
CA GLU TB 30 -123.00 -20.81 52.74
C GLU TB 30 -123.71 -20.55 54.07
N LYS TB 31 -122.91 -20.21 55.07
CA LYS TB 31 -123.38 -19.86 56.40
C LYS TB 31 -123.55 -18.35 56.43
N ASN TB 32 -124.63 -17.88 55.80
CA ASN TB 32 -124.82 -16.46 55.48
C ASN TB 32 -124.63 -15.48 56.66
N LEU TB 33 -123.80 -14.47 56.44
CA LEU TB 33 -123.61 -13.40 57.42
C LEU TB 33 -123.15 -12.09 56.78
N LYS TB 34 -121.93 -12.09 56.24
CA LYS TB 34 -121.30 -10.87 55.71
C LYS TB 34 -119.97 -11.19 55.04
N VAL TB 35 -119.31 -10.17 54.49
CA VAL TB 35 -118.07 -10.37 53.74
C VAL TB 35 -117.18 -9.13 53.62
N LYS TB 36 -117.70 -8.04 53.02
CA LYS TB 36 -116.88 -6.89 52.61
C LYS TB 36 -115.67 -7.35 51.76
N GLY TB 37 -115.90 -7.45 50.45
CA GLY TB 37 -115.02 -8.16 49.50
C GLY TB 37 -113.51 -8.09 49.69
N PRO TB 38 -112.79 -9.18 49.31
CA PRO TB 38 -111.38 -9.40 49.66
C PRO TB 38 -110.47 -8.26 49.21
N VAL TB 39 -109.72 -7.71 50.15
CA VAL TB 39 -108.93 -6.51 49.91
C VAL TB 39 -107.55 -6.89 49.39
N ARG TB 40 -107.34 -6.71 48.10
CA ARG TB 40 -105.99 -6.79 47.52
C ARG TB 40 -105.13 -5.67 48.09
N MET TB 41 -104.31 -6.00 49.10
CA MET TB 41 -103.30 -5.07 49.59
C MET TB 41 -102.18 -4.97 48.55
N PRO TB 42 -101.49 -3.82 48.49
CA PRO TB 42 -100.45 -3.64 47.49
C PRO TB 42 -99.29 -4.59 47.75
N THR TB 43 -98.93 -5.34 46.71
CA THR TB 43 -97.90 -6.37 46.82
C THR TB 43 -96.52 -5.74 46.98
N LYS TB 44 -95.73 -6.30 47.88
CA LYS TB 44 -94.35 -5.89 48.12
C LYS TB 44 -93.45 -6.78 47.28
N THR TB 45 -92.35 -6.20 46.81
CA THR TB 45 -91.36 -6.94 46.03
C THR TB 45 -90.04 -6.96 46.78
N LEU TB 46 -89.76 -8.08 47.44
CA LEU TB 46 -88.49 -8.29 48.08
C LEU TB 46 -87.45 -8.51 47.00
N ARG TB 47 -86.50 -7.58 46.88
CA ARG TB 47 -85.49 -7.63 45.84
C ARG TB 47 -84.11 -7.77 46.46
N ILE TB 48 -83.28 -8.64 45.87
CA ILE TB 48 -81.86 -8.77 46.22
C ILE TB 48 -81.11 -8.79 44.90
N THR TB 49 -80.22 -7.85 44.66
CA THR TB 49 -79.42 -7.88 43.43
C THR TB 49 -77.94 -8.00 43.77
N THR TB 50 -77.29 -8.94 43.11
CA THR TB 50 -75.91 -9.27 43.35
C THR TB 50 -75.20 -9.44 42.03
N ARG TB 51 -73.88 -9.52 42.10
CA ARG TB 51 -73.06 -9.94 40.98
C ARG TB 51 -73.23 -11.43 40.73
N LYS TB 52 -73.27 -11.81 39.46
CA LYS TB 52 -73.35 -13.20 39.04
C LYS TB 52 -72.13 -14.01 39.42
N THR TB 53 -70.96 -13.36 39.42
CA THR TB 53 -69.71 -14.01 39.75
C THR TB 53 -69.64 -14.30 41.24
N PRO TB 54 -69.08 -15.47 41.60
CA PRO TB 54 -68.20 -15.47 42.75
C PRO TB 54 -66.92 -14.88 42.24
N CYS TB 55 -66.16 -14.20 43.08
CA CYS TB 55 -64.95 -13.47 42.65
C CYS TB 55 -65.30 -12.13 42.05
N GLY TB 56 -64.25 -11.42 41.64
CA GLY TB 56 -64.38 -10.18 40.90
C GLY TB 56 -64.45 -10.36 39.39
N GLU TB 57 -63.66 -11.29 38.85
CA GLU TB 57 -63.27 -11.16 37.43
C GLU TB 57 -63.94 -12.05 36.39
N GLY TB 58 -65.09 -11.56 35.96
CA GLY TB 58 -65.61 -11.74 34.61
C GLY TB 58 -66.04 -10.36 34.13
N SER TB 59 -66.88 -10.30 33.10
CA SER TB 59 -67.64 -9.08 32.80
C SER TB 59 -68.64 -8.82 33.93
N LYS TB 60 -68.89 -7.54 34.22
CA LYS TB 60 -69.63 -7.16 35.44
C LYS TB 60 -71.13 -7.30 35.22
N THR TB 61 -71.63 -8.50 35.53
CA THR TB 61 -72.99 -8.91 35.22
C THR TB 61 -73.72 -9.14 36.52
N TRP TB 62 -75.05 -9.00 36.48
CA TRP TB 62 -75.83 -8.95 37.71
C TRP TB 62 -77.13 -9.74 37.59
N ASP TB 63 -77.41 -10.52 38.63
CA ASP TB 63 -78.72 -11.18 38.79
C ASP TB 63 -79.65 -10.22 39.49
N ARG TB 64 -80.95 -10.37 39.23
CA ARG TB 64 -81.97 -9.60 39.92
C ARG TB 64 -83.04 -10.51 40.49
N PHE TB 65 -82.77 -11.01 41.69
CA PHE TB 65 -83.63 -11.95 42.38
C PHE TB 65 -84.78 -11.22 43.03
N GLN TB 66 -85.97 -11.36 42.47
CA GLN TB 66 -87.19 -10.88 43.12
C GLN TB 66 -87.72 -11.93 44.09
N MET TB 67 -88.65 -11.48 44.93
CA MET TB 67 -89.58 -12.37 45.62
C MET TB 67 -90.78 -11.53 46.03
N ARG TB 68 -91.92 -11.84 45.45
CA ARG TB 68 -93.15 -11.10 45.75
C ARG TB 68 -93.92 -11.74 46.89
N ILE TB 69 -94.96 -11.04 47.31
CA ILE TB 69 -95.71 -11.40 48.51
C ILE TB 69 -96.99 -10.55 48.52
N HIS TB 70 -98.14 -11.21 48.71
CA HIS TB 70 -99.47 -10.57 48.62
C HIS TB 70 -100.22 -10.70 49.92
N LYS TB 71 -101.19 -9.80 50.12
CA LYS TB 71 -102.12 -9.88 51.25
C LYS TB 71 -103.54 -9.66 50.77
N ARG TB 72 -104.36 -10.70 50.88
CA ARG TB 72 -105.80 -10.55 50.84
C ARG TB 72 -106.29 -10.63 52.27
N LEU TB 73 -106.91 -9.55 52.74
CA LEU TB 73 -107.57 -9.55 54.04
C LEU TB 73 -109.07 -9.36 53.85
N ILE TB 74 -109.82 -10.22 54.52
CA ILE TB 74 -111.27 -10.31 54.42
C ILE TB 74 -111.82 -9.96 55.80
N ASP TB 75 -112.92 -9.21 55.83
CA ASP TB 75 -113.64 -8.95 57.08
C ASP TB 75 -114.90 -9.79 57.14
N LEU TB 76 -115.47 -9.90 58.33
CA LEU TB 76 -116.56 -10.83 58.59
C LEU TB 76 -117.27 -10.46 59.89
N HIS TB 77 -118.58 -10.63 59.92
CA HIS TB 77 -119.39 -10.33 61.11
C HIS TB 77 -120.03 -11.62 61.60
N SER TB 78 -119.37 -12.28 62.56
CA SER TB 78 -119.69 -13.66 62.93
C SER TB 78 -119.19 -14.09 64.32
N PRO TB 79 -119.67 -15.26 64.82
CA PRO TB 79 -119.10 -15.91 66.00
C PRO TB 79 -117.83 -16.71 65.70
N SER TB 80 -117.26 -17.32 66.74
CA SER TB 80 -115.96 -18.01 66.64
C SER TB 80 -116.03 -19.39 65.99
N GLU TB 81 -117.04 -20.19 66.32
CA GLU TB 81 -117.16 -21.57 65.83
C GLU TB 81 -117.21 -21.67 64.31
N ILE TB 82 -117.91 -20.73 63.68
CA ILE TB 82 -118.03 -20.67 62.23
C ILE TB 82 -116.69 -20.29 61.59
N VAL TB 83 -115.94 -19.41 62.24
CA VAL TB 83 -114.60 -18.99 61.79
C VAL TB 83 -113.61 -20.16 61.81
N LYS TB 84 -113.66 -20.97 62.87
CA LYS TB 84 -112.77 -22.15 62.98
C LYS TB 84 -113.10 -23.25 61.98
N GLN TB 85 -114.37 -23.37 61.59
CA GLN TB 85 -114.78 -24.31 60.55
C GLN TB 85 -114.30 -23.89 59.16
N ILE TB 86 -114.41 -22.60 58.86
CA ILE TB 86 -114.02 -22.06 57.55
C ILE TB 86 -112.51 -22.08 57.34
N THR TB 87 -111.77 -21.51 58.30
CA THR TB 87 -110.31 -21.37 58.18
C THR TB 87 -109.51 -22.67 58.33
N SER TB 88 -110.10 -23.68 58.97
CA SER TB 88 -109.51 -25.03 59.02
C SER TB 88 -109.50 -25.69 57.63
N ILE TB 89 -110.50 -25.36 56.81
CA ILE TB 89 -110.51 -25.70 55.39
C ILE TB 89 -109.69 -24.63 54.66
N SER TB 90 -109.16 -24.97 53.49
CA SER TB 90 -108.33 -24.07 52.66
C SER TB 90 -106.91 -23.98 53.21
N ILE TB 91 -106.26 -25.14 53.26
CA ILE TB 91 -104.86 -25.26 53.71
C ILE TB 91 -104.17 -26.30 52.83
N GLU TB 92 -102.84 -26.34 52.93
CA GLU TB 92 -101.90 -27.24 52.18
C GLU TB 92 -100.91 -26.44 51.33
N PRO TB 93 -101.36 -25.35 50.66
CA PRO TB 93 -100.38 -24.42 50.05
C PRO TB 93 -99.63 -23.60 51.11
N GLY TB 94 -98.89 -22.59 50.64
CA GLY TB 94 -98.14 -21.68 51.52
C GLY TB 94 -98.86 -20.37 51.80
N VAL TB 95 -100.16 -20.44 52.09
CA VAL TB 95 -100.96 -19.25 52.45
C VAL TB 95 -100.94 -19.09 53.98
N GLU TB 96 -100.28 -18.03 54.44
CA GLU TB 96 -100.18 -17.74 55.86
C GLU TB 96 -101.42 -16.96 56.30
N VAL TB 97 -102.19 -17.55 57.22
CA VAL TB 97 -103.46 -16.99 57.68
C VAL TB 97 -103.33 -16.46 59.10
N GLU TB 98 -103.82 -15.25 59.32
CA GLU TB 98 -103.85 -14.61 60.64
C GLU TB 98 -105.25 -14.04 60.87
N VAL TB 99 -105.98 -14.63 61.82
CA VAL TB 99 -107.37 -14.23 62.09
C VAL TB 99 -107.42 -13.37 63.36
N THR TB 100 -107.58 -12.07 63.18
CA THR TB 100 -107.70 -11.12 64.28
C THR TB 100 -109.13 -11.13 64.83
N ILE TB 101 -109.25 -10.84 66.13
CA ILE TB 101 -110.52 -10.97 66.86
C ILE TB 101 -111.50 -9.85 66.47
N ALA TB 102 -111.13 -8.60 66.76
CA ALA TB 102 -112.00 -7.46 66.53
C ALA TB 102 -111.23 -6.14 66.54
N ASP TB 103 -111.56 -5.25 65.60
CA ASP TB 103 -111.01 -3.89 65.50
C ASP TB 103 -109.49 -3.85 65.27
N ALA TB 104 -108.70 -4.14 66.31
CA ALA TB 104 -107.24 -4.11 66.21
C ALA TB 104 -106.59 -4.87 67.37
N MET UB 1 -69.93 -78.14 -9.92
CA MET UB 1 -69.59 -77.98 -8.46
C MET UB 1 -69.04 -79.25 -7.81
N GLN UB 2 -69.32 -80.40 -8.42
CA GLN UB 2 -69.19 -81.71 -7.76
C GLN UB 2 -67.77 -81.98 -7.30
N ASN UB 3 -67.65 -82.61 -6.14
CA ASN UB 3 -66.37 -83.15 -5.68
C ASN UB 3 -66.01 -84.41 -6.49
N ASP UB 4 -64.87 -85.02 -6.18
CA ASP UB 4 -64.39 -86.18 -6.95
C ASP UB 4 -65.34 -87.39 -6.86
N ALA UB 5 -66.08 -87.50 -5.75
CA ALA UB 5 -67.09 -88.55 -5.56
C ALA UB 5 -68.31 -88.41 -6.48
N GLY UB 6 -68.57 -87.20 -6.98
CA GLY UB 6 -69.79 -86.90 -7.72
C GLY UB 6 -70.86 -86.24 -6.85
N GLU UB 7 -70.54 -86.06 -5.57
CA GLU UB 7 -71.45 -85.43 -4.62
C GLU UB 7 -71.38 -83.91 -4.80
N PHE UB 8 -72.53 -83.32 -5.14
CA PHE UB 8 -72.63 -81.86 -5.29
C PHE UB 8 -72.24 -81.15 -4.01
N VAL UB 9 -71.81 -79.91 -4.17
CA VAL UB 9 -71.28 -79.12 -3.08
C VAL UB 9 -71.63 -77.66 -3.42
N ASP UB 10 -71.06 -76.69 -2.69
CA ASP UB 10 -71.18 -75.26 -3.01
C ASP UB 10 -72.57 -74.75 -2.68
N LEU UB 11 -72.65 -73.82 -1.74
CA LEU UB 11 -73.92 -73.52 -1.04
C LEU UB 11 -75.07 -72.96 -1.93
N TYR UB 12 -74.75 -72.50 -3.15
CA TYR UB 12 -75.77 -72.34 -4.22
C TYR UB 12 -75.15 -72.30 -5.61
N VAL UB 13 -76.00 -72.32 -6.64
CA VAL UB 13 -75.53 -72.17 -8.04
C VAL UB 13 -76.19 -70.96 -8.70
N PRO UB 14 -75.45 -69.83 -8.77
CA PRO UB 14 -75.90 -68.56 -9.31
C PRO UB 14 -76.70 -68.57 -10.59
N ARG UB 15 -77.65 -67.64 -10.67
CA ARG UB 15 -78.26 -67.23 -11.94
C ARG UB 15 -77.17 -66.79 -12.88
N LYS UB 16 -77.54 -66.55 -14.13
CA LYS UB 16 -76.55 -66.21 -15.14
C LYS UB 16 -77.23 -65.54 -16.31
N CYS UB 17 -76.91 -64.26 -16.51
CA CYS UB 17 -77.55 -63.40 -17.49
C CYS UB 17 -77.91 -64.10 -18.79
N SER UB 18 -79.17 -63.96 -19.19
CA SER UB 18 -79.67 -64.55 -20.42
C SER UB 18 -78.98 -63.92 -21.65
N ALA UB 19 -78.56 -62.67 -21.51
CA ALA UB 19 -77.93 -61.91 -22.60
C ALA UB 19 -76.39 -61.81 -22.54
N SER UB 20 -75.73 -62.48 -21.59
CA SER UB 20 -74.25 -62.53 -21.58
C SER UB 20 -73.55 -63.69 -20.84
N ASN UB 21 -74.25 -64.79 -20.54
CA ASN UB 21 -73.68 -65.89 -19.73
C ASN UB 21 -72.88 -65.43 -18.49
N ARG UB 22 -73.15 -64.21 -18.03
CA ARG UB 22 -72.31 -63.52 -17.08
C ARG UB 22 -72.96 -63.68 -15.71
N ILE UB 23 -72.30 -64.38 -14.79
CA ILE UB 23 -73.00 -64.80 -13.57
C ILE UB 23 -73.40 -63.61 -12.71
N ILE UB 24 -74.71 -63.51 -12.50
CA ILE UB 24 -75.34 -62.45 -11.74
C ILE UB 24 -75.04 -62.69 -10.27
N GLY UB 25 -74.32 -61.75 -9.67
CA GLY UB 25 -73.74 -61.94 -8.35
C GLY UB 25 -74.74 -61.96 -7.21
N ALA UB 26 -74.25 -62.40 -6.05
CA ALA UB 26 -75.02 -62.43 -4.81
C ALA UB 26 -75.60 -61.06 -4.48
N LYS UB 27 -74.81 -60.02 -4.74
CA LYS UB 27 -75.24 -58.67 -4.47
C LYS UB 27 -74.99 -57.78 -5.68
N ASP UB 28 -75.66 -58.13 -6.78
CA ASP UB 28 -75.85 -57.25 -7.93
C ASP UB 28 -77.28 -56.73 -7.87
N HIS UB 29 -77.43 -55.56 -7.26
CA HIS UB 29 -78.75 -55.05 -6.95
C HIS UB 29 -79.38 -54.20 -8.06
N ALA UB 30 -78.78 -54.22 -9.25
CA ALA UB 30 -79.40 -53.67 -10.46
C ALA UB 30 -79.78 -54.76 -11.46
N SER UB 31 -80.01 -55.99 -11.00
CA SER UB 31 -80.42 -57.07 -11.91
C SER UB 31 -81.93 -57.11 -12.15
N ILE UB 32 -82.33 -57.94 -13.11
CA ILE UB 32 -83.72 -58.13 -13.50
C ILE UB 32 -83.93 -59.59 -13.90
N PRO UB 33 -84.83 -60.31 -13.20
CA PRO UB 33 -85.58 -61.39 -13.86
C PRO UB 33 -86.95 -60.86 -14.29
N MET UB 34 -87.24 -60.99 -15.59
CA MET UB 34 -88.41 -60.39 -16.21
C MET UB 34 -89.35 -61.48 -16.74
N ASN UB 35 -90.48 -61.66 -16.07
CA ASN UB 35 -91.53 -62.55 -16.55
C ASN UB 35 -92.31 -61.85 -17.67
N VAL UB 36 -92.46 -62.54 -18.79
CA VAL UB 36 -93.23 -62.05 -19.94
C VAL UB 36 -94.30 -63.11 -20.23
N ALA UB 37 -95.56 -62.71 -20.09
CA ALA UB 37 -96.70 -63.62 -20.25
C ALA UB 37 -96.89 -64.16 -21.68
N GLU UB 38 -97.38 -65.41 -21.76
CA GLU UB 38 -97.82 -66.04 -23.00
C GLU UB 38 -99.33 -65.87 -23.19
N VAL UB 39 -99.83 -66.37 -24.31
CA VAL UB 39 -101.26 -66.35 -24.63
C VAL UB 39 -101.73 -67.69 -25.20
N ASP UB 40 -103.04 -67.88 -25.26
CA ASP UB 40 -103.62 -69.15 -25.68
C ASP UB 40 -103.51 -69.41 -27.19
N LYS UB 41 -103.41 -68.32 -27.96
CA LYS UB 41 -103.23 -68.29 -29.43
C LYS UB 41 -104.51 -67.88 -30.17
N VAL UB 42 -105.62 -68.50 -29.80
CA VAL UB 42 -106.91 -68.29 -30.47
C VAL UB 42 -107.59 -67.00 -29.98
N THR UB 43 -107.30 -66.59 -28.74
CA THR UB 43 -108.00 -65.48 -28.09
C THR UB 43 -107.08 -64.37 -27.53
N GLY UB 44 -105.76 -64.52 -27.65
CA GLY UB 44 -104.82 -63.74 -26.86
C GLY UB 44 -104.97 -64.21 -25.42
N ARG UB 45 -105.31 -63.31 -24.51
CA ARG UB 45 -105.75 -63.67 -23.15
C ARG UB 45 -104.73 -64.47 -22.35
N PHE UB 46 -104.00 -63.79 -21.47
CA PHE UB 46 -102.93 -64.40 -20.67
C PHE UB 46 -103.19 -65.84 -20.28
N ASN UB 47 -102.30 -66.73 -20.71
CA ASN UB 47 -102.39 -68.16 -20.43
C ASN UB 47 -101.34 -68.57 -19.41
N GLY UB 48 -101.72 -68.57 -18.14
CA GLY UB 48 -100.94 -69.13 -17.03
C GLY UB 48 -99.42 -69.04 -17.08
N GLN UB 49 -98.81 -69.84 -17.96
CA GLN UB 49 -97.34 -69.98 -18.03
C GLN UB 49 -96.58 -68.77 -18.60
N PHE UB 50 -95.32 -68.65 -18.15
CA PHE UB 50 -94.45 -67.49 -18.40
C PHE UB 50 -93.34 -67.74 -19.41
N LYS UB 51 -92.61 -66.66 -19.70
CA LYS UB 51 -91.28 -66.71 -20.29
C LYS UB 51 -90.39 -65.82 -19.43
N THR UB 52 -89.28 -66.34 -18.93
CA THR UB 52 -88.40 -65.57 -18.02
C THR UB 52 -86.99 -65.36 -18.60
N TYR UB 53 -86.41 -64.21 -18.26
CA TYR UB 53 -85.08 -63.81 -18.69
C TYR UB 53 -84.41 -62.99 -17.60
N ALA UB 54 -83.25 -63.44 -17.11
CA ALA UB 54 -82.43 -62.62 -16.22
C ALA UB 54 -81.43 -61.82 -17.02
N ILE UB 55 -81.05 -60.66 -16.49
CA ILE UB 55 -80.10 -59.76 -17.12
C ILE UB 55 -79.12 -59.31 -16.04
N CYS UB 56 -77.85 -59.19 -16.41
CA CYS UB 56 -76.84 -58.70 -15.49
C CYS UB 56 -77.01 -57.21 -15.24
N GLY UB 57 -76.55 -56.76 -14.07
CA GLY UB 57 -76.59 -55.35 -13.71
C GLY UB 57 -75.81 -54.46 -14.65
N ALA UB 58 -74.75 -55.00 -15.22
CA ALA UB 58 -73.88 -54.29 -16.16
C ALA UB 58 -74.59 -53.89 -17.45
N ILE UB 59 -75.18 -54.88 -18.11
CA ILE UB 59 -75.87 -54.65 -19.38
C ILE UB 59 -76.93 -53.56 -19.26
N ARG UB 60 -77.78 -53.65 -18.25
CA ARG UB 60 -78.77 -52.62 -18.02
C ARG UB 60 -78.16 -51.23 -18.05
N ARG UB 61 -77.21 -50.99 -17.16
CA ARG UB 61 -76.58 -49.66 -17.05
C ARG UB 61 -75.81 -49.28 -18.31
N MET UB 62 -75.33 -50.27 -19.05
CA MET UB 62 -74.76 -50.04 -20.39
C MET UB 62 -75.80 -49.42 -21.33
N GLY UB 63 -77.07 -49.77 -21.11
CA GLY UB 63 -78.19 -49.24 -21.87
C GLY UB 63 -78.60 -50.17 -23.00
N GLU UB 64 -78.32 -51.46 -22.83
CA GLU UB 64 -78.40 -52.44 -23.89
C GLU UB 64 -79.44 -53.50 -23.56
N SER UB 65 -80.27 -53.26 -22.55
CA SER UB 65 -81.16 -54.30 -22.03
C SER UB 65 -82.36 -54.54 -22.95
N ASP UB 66 -82.99 -53.46 -23.40
CA ASP UB 66 -84.19 -53.55 -24.24
C ASP UB 66 -83.98 -54.20 -25.60
N ASP UB 67 -82.81 -53.95 -26.22
CA ASP UB 67 -82.42 -54.63 -27.45
C ASP UB 67 -82.19 -56.11 -27.17
N SER UB 68 -81.46 -56.39 -26.09
CA SER UB 68 -81.18 -57.75 -25.70
C SER UB 68 -82.46 -58.52 -25.33
N ILE UB 69 -83.36 -57.88 -24.61
CA ILE UB 69 -84.67 -58.47 -24.27
C ILE UB 69 -85.46 -58.74 -25.53
N LEU UB 70 -85.60 -57.71 -26.36
CA LEU UB 70 -86.26 -57.83 -27.64
C LEU UB 70 -85.68 -58.96 -28.52
N ARG UB 71 -84.37 -59.16 -28.45
CA ARG UB 71 -83.70 -60.28 -29.15
C ARG UB 71 -84.08 -61.65 -28.56
N LEU UB 72 -84.15 -61.72 -27.23
CA LEU UB 72 -84.51 -62.98 -26.55
C LEU UB 72 -85.94 -63.41 -26.80
N ALA UB 73 -86.86 -62.45 -26.83
CA ALA UB 73 -88.26 -62.71 -27.15
C ALA UB 73 -88.36 -63.38 -28.51
N LYS UB 74 -87.85 -62.67 -29.52
CA LYS UB 74 -88.00 -63.09 -30.90
C LYS UB 74 -87.21 -64.37 -31.27
N ALA UB 75 -86.35 -64.84 -30.36
CA ALA UB 75 -85.84 -66.21 -30.42
C ALA UB 75 -86.91 -67.19 -29.97
N HIS UB 76 -87.52 -66.88 -28.82
CA HIS UB 76 -88.50 -67.76 -28.18
C HIS UB 76 -89.94 -67.62 -28.67
N GLY UB 77 -90.16 -66.85 -29.74
CA GLY UB 77 -91.48 -66.73 -30.34
C GLY UB 77 -92.49 -66.07 -29.44
N ILE UB 78 -92.04 -65.03 -28.74
CA ILE UB 78 -92.94 -64.11 -28.08
C ILE UB 78 -93.21 -63.02 -29.10
N VAL UB 79 -92.13 -62.41 -29.61
CA VAL UB 79 -92.23 -61.32 -30.59
C VAL UB 79 -92.20 -61.91 -32.00
N SER UB 80 -92.69 -61.13 -32.97
CA SER UB 80 -92.93 -61.60 -34.33
C SER UB 80 -92.31 -60.73 -35.41
N GLN UB 81 -91.04 -60.98 -35.70
CA GLN UB 81 -90.36 -60.52 -36.93
C GLN UB 81 -90.61 -59.04 -37.23
N ASN UB 82 -89.94 -58.19 -36.45
CA ASN UB 82 -90.03 -56.72 -36.53
C ASN UB 82 -89.98 -56.12 -37.94
N PHE UB 83 -89.20 -56.74 -38.83
CA PHE UB 83 -89.13 -56.32 -40.24
C PHE UB 83 -90.47 -56.58 -40.94
N VAL VB 1 -45.07 -51.65 -35.20
CA VAL VB 1 -46.03 -51.98 -36.31
C VAL VB 1 -46.90 -53.20 -35.94
N ARG VB 2 -47.72 -53.65 -36.89
CA ARG VB 2 -48.33 -54.99 -36.81
C ARG VB 2 -47.20 -56.01 -36.74
N MET VB 3 -46.79 -56.35 -35.51
CA MET VB 3 -45.54 -57.09 -35.26
C MET VB 3 -45.82 -58.58 -35.06
N ASN VB 4 -46.80 -58.86 -34.20
CA ASN VB 4 -47.30 -60.21 -33.94
C ASN VB 4 -48.80 -60.20 -34.11
N VAL VB 5 -49.29 -61.09 -34.95
CA VAL VB 5 -50.68 -61.09 -35.37
C VAL VB 5 -51.56 -61.72 -34.29
N LEU VB 6 -51.21 -62.95 -33.94
CA LEU VB 6 -51.87 -63.72 -32.87
C LEU VB 6 -52.19 -62.82 -31.70
N ALA VB 7 -51.19 -62.10 -31.23
CA ALA VB 7 -51.28 -61.28 -30.03
C ALA VB 7 -52.32 -60.17 -30.09
N ASP VB 8 -52.57 -59.63 -31.28
CA ASP VB 8 -53.64 -58.65 -31.43
C ASP VB 8 -55.01 -59.30 -31.63
N ALA VB 9 -55.05 -60.44 -32.31
CA ALA VB 9 -56.30 -61.18 -32.46
C ALA VB 9 -56.88 -61.54 -31.12
N LEU VB 10 -56.12 -62.26 -30.31
CA LEU VB 10 -56.60 -62.68 -28.99
C LEU VB 10 -57.00 -61.48 -28.14
N LYS VB 11 -56.23 -60.40 -28.25
CA LYS VB 11 -56.55 -59.13 -27.58
C LYS VB 11 -57.87 -58.54 -28.09
N SER VB 12 -58.13 -58.67 -29.38
CA SER VB 12 -59.39 -58.24 -29.96
C SER VB 12 -60.58 -59.03 -29.41
N ILE VB 13 -60.44 -60.35 -29.26
CA ILE VB 13 -61.56 -61.17 -28.80
C ILE VB 13 -61.76 -61.04 -27.29
N ASN VB 14 -60.68 -60.75 -26.58
CA ASN VB 14 -60.76 -60.48 -25.14
C ASN VB 14 -61.42 -59.15 -24.83
N ASN VB 15 -61.12 -58.14 -25.65
CA ASN VB 15 -61.81 -56.86 -25.56
C ASN VB 15 -63.30 -56.96 -25.86
N ALA VB 16 -63.65 -57.82 -26.82
CA ALA VB 16 -65.04 -58.01 -27.23
C ALA VB 16 -65.82 -58.73 -26.14
N GLU VB 17 -65.31 -59.88 -25.72
CA GLU VB 17 -65.88 -60.60 -24.59
C GLU VB 17 -66.08 -59.73 -23.36
N LYS VB 18 -65.12 -58.84 -23.11
CA LYS VB 18 -65.22 -57.90 -21.98
C LYS VB 18 -66.42 -56.98 -22.10
N ARG VB 19 -66.66 -56.39 -23.28
CA ARG VB 19 -67.80 -55.49 -23.43
C ARG VB 19 -69.12 -56.19 -23.71
N GLY VB 20 -69.11 -57.52 -23.77
CA GLY VB 20 -70.32 -58.30 -23.96
C GLY VB 20 -70.73 -58.15 -25.40
N LYS VB 21 -69.98 -58.78 -26.27
CA LYS VB 21 -70.30 -58.82 -27.68
C LYS VB 21 -70.83 -60.21 -27.96
N ARG VB 22 -71.39 -60.37 -29.15
CA ARG VB 22 -71.87 -61.68 -29.59
C ARG VB 22 -70.98 -62.25 -30.69
N GLN VB 23 -70.52 -61.39 -31.61
CA GLN VB 23 -69.51 -61.79 -32.59
C GLN VB 23 -68.52 -60.68 -32.92
N VAL VB 24 -67.31 -61.07 -33.32
CA VAL VB 24 -66.14 -60.18 -33.34
C VAL VB 24 -65.19 -60.54 -34.48
N LEU VB 25 -64.70 -59.50 -35.18
CA LEU VB 25 -64.05 -59.63 -36.49
C LEU VB 25 -62.57 -59.27 -36.46
N ILE VB 26 -61.72 -60.30 -36.51
CA ILE VB 26 -60.29 -60.16 -36.31
C ILE VB 26 -59.58 -60.20 -37.65
N ARG VB 27 -58.77 -59.17 -37.90
CA ARG VB 27 -58.57 -58.60 -39.24
C ARG VB 27 -57.50 -59.17 -40.16
N PRO VB 28 -56.30 -59.48 -39.63
CA PRO VB 28 -55.22 -59.96 -40.49
C PRO VB 28 -55.14 -61.47 -40.69
N CYS VB 29 -55.52 -62.28 -39.68
CA CYS VB 29 -55.69 -63.74 -39.82
C CYS VB 29 -54.42 -64.56 -40.12
N SER VB 30 -54.51 -65.86 -39.85
CA SER VB 30 -53.39 -66.78 -40.01
C SER VB 30 -53.80 -68.22 -39.73
N LYS VB 31 -52.94 -69.17 -40.14
CA LYS VB 31 -52.99 -70.56 -39.68
C LYS VB 31 -53.02 -70.59 -38.17
N VAL VB 32 -52.02 -69.94 -37.58
CA VAL VB 32 -51.82 -69.94 -36.14
C VAL VB 32 -53.06 -69.47 -35.42
N ILE VB 33 -53.66 -68.40 -35.92
CA ILE VB 33 -54.90 -67.90 -35.35
C ILE VB 33 -55.99 -68.95 -35.44
N VAL VB 34 -56.15 -69.55 -36.61
CA VAL VB 34 -57.19 -70.56 -36.79
C VAL VB 34 -56.92 -71.82 -35.98
N ARG VB 35 -55.66 -72.13 -35.77
CA ARG VB 35 -55.29 -73.26 -34.91
C ARG VB 35 -55.46 -72.95 -33.42
N PHE VB 36 -55.19 -71.72 -33.03
CA PHE VB 36 -55.45 -71.30 -31.66
C PHE VB 36 -56.95 -71.26 -31.37
N LEU VB 37 -57.73 -70.65 -32.27
CA LEU VB 37 -59.17 -70.57 -32.09
C LEU VB 37 -59.84 -71.95 -32.03
N THR VB 38 -59.40 -72.88 -32.88
CA THR VB 38 -59.97 -74.24 -32.85
C THR VB 38 -59.72 -74.94 -31.52
N VAL VB 39 -58.54 -74.71 -30.93
CA VAL VB 39 -58.22 -75.27 -29.61
C VAL VB 39 -59.21 -74.73 -28.56
N MET VB 40 -59.50 -73.44 -28.67
CA MET VB 40 -60.46 -72.79 -27.77
C MET VB 40 -61.88 -73.35 -27.96
N MET VB 41 -62.18 -73.79 -29.18
CA MET VB 41 -63.46 -74.40 -29.53
C MET VB 41 -63.63 -75.79 -28.95
N LYS VB 42 -62.60 -76.62 -29.12
CA LYS VB 42 -62.56 -78.00 -28.57
C LYS VB 42 -62.84 -78.11 -27.07
N HIS VB 43 -62.59 -77.04 -26.33
CA HIS VB 43 -62.93 -76.97 -24.92
C HIS VB 43 -64.06 -75.98 -24.65
N GLY VB 44 -64.89 -75.75 -25.67
CA GLY VB 44 -66.14 -74.98 -25.53
C GLY VB 44 -66.08 -73.52 -25.09
N TYR VB 45 -64.91 -72.90 -25.16
CA TYR VB 45 -64.78 -71.51 -24.71
C TYR VB 45 -65.38 -70.55 -25.73
N ILE VB 46 -65.04 -70.73 -27.02
CA ILE VB 46 -65.67 -69.93 -28.08
C ILE VB 46 -66.39 -70.79 -29.10
N GLY VB 47 -67.49 -70.26 -29.61
CA GLY VB 47 -68.36 -70.99 -30.52
C GLY VB 47 -67.75 -71.10 -31.91
N GLU VB 48 -68.50 -71.74 -32.80
CA GLU VB 48 -68.04 -71.96 -34.17
C GLU VB 48 -67.91 -70.66 -34.97
N PHE VB 49 -66.72 -70.45 -35.55
CA PHE VB 49 -66.36 -69.22 -36.25
C PHE VB 49 -66.31 -69.43 -37.76
N GLU VB 50 -66.09 -68.36 -38.52
CA GLU VB 50 -65.74 -68.50 -39.94
C GLU VB 50 -64.80 -67.45 -40.49
N ILE VB 51 -64.10 -67.86 -41.54
CA ILE VB 51 -62.89 -67.20 -42.02
C ILE VB 51 -63.11 -66.72 -43.46
N ILE VB 52 -63.33 -65.41 -43.56
CA ILE VB 52 -63.74 -64.76 -44.80
C ILE VB 52 -62.49 -64.58 -45.63
N ASP VB 53 -62.48 -65.19 -46.81
CA ASP VB 53 -61.39 -65.00 -47.74
C ASP VB 53 -61.68 -63.77 -48.57
N ASP VB 54 -60.95 -62.69 -48.30
CA ASP VB 54 -60.59 -61.75 -49.35
C ASP VB 54 -59.40 -62.42 -50.00
N HIS VB 55 -59.06 -62.00 -51.21
CA HIS VB 55 -58.02 -62.67 -51.99
C HIS VB 55 -56.62 -62.26 -51.48
N ARG VB 56 -56.47 -62.19 -50.15
CA ARG VB 56 -55.34 -61.54 -49.46
C ARG VB 56 -55.07 -62.25 -48.10
N ALA VB 57 -54.63 -61.51 -47.08
CA ALA VB 57 -54.43 -62.05 -45.73
C ALA VB 57 -55.62 -62.85 -45.22
N GLY VB 58 -56.78 -62.19 -45.22
CA GLY VB 58 -58.02 -62.81 -44.77
C GLY VB 58 -58.53 -62.14 -43.51
N LYS VB 59 -59.76 -62.48 -43.16
CA LYS VB 59 -60.41 -62.01 -41.95
C LYS VB 59 -61.06 -63.22 -41.29
N ILE VB 60 -61.52 -63.04 -40.06
CA ILE VB 60 -62.14 -64.13 -39.30
C ILE VB 60 -63.20 -63.53 -38.40
N VAL VB 61 -64.41 -64.11 -38.42
CA VAL VB 61 -65.48 -63.68 -37.51
C VAL VB 61 -65.89 -64.80 -36.57
N VAL VB 62 -65.86 -64.48 -35.27
CA VAL VB 62 -65.87 -65.45 -34.19
C VAL VB 62 -67.02 -65.19 -33.23
N ASN VB 63 -67.87 -66.21 -33.05
CA ASN VB 63 -69.06 -66.08 -32.22
C ASN VB 63 -68.73 -66.56 -30.81
N LEU VB 64 -69.05 -65.73 -29.81
CA LEU VB 64 -68.37 -65.82 -28.51
C LEU VB 64 -68.93 -66.83 -27.48
N THR VB 65 -70.12 -66.57 -26.94
CA THR VB 65 -70.63 -67.28 -25.74
C THR VB 65 -69.80 -66.85 -24.52
N GLY VB 66 -70.44 -66.18 -23.56
CA GLY VB 66 -69.72 -65.51 -22.48
C GLY VB 66 -69.00 -66.39 -21.48
N ARG VB 67 -68.25 -67.37 -21.97
CA ARG VB 67 -67.52 -68.30 -21.14
C ARG VB 67 -66.05 -67.91 -21.01
N LEU VB 68 -65.56 -67.10 -21.96
CA LEU VB 68 -64.14 -66.80 -22.07
C LEU VB 68 -63.78 -65.59 -21.21
N ASN VB 69 -63.14 -65.83 -20.08
CA ASN VB 69 -62.70 -64.74 -19.20
C ASN VB 69 -61.54 -63.97 -19.83
N LYS VB 70 -60.36 -64.58 -19.90
CA LYS VB 70 -59.21 -63.93 -20.52
C LYS VB 70 -58.48 -64.88 -21.45
N CYS VB 71 -58.15 -64.37 -22.63
CA CYS VB 71 -57.47 -65.12 -23.66
C CYS VB 71 -56.26 -64.31 -24.08
N GLY VB 72 -55.11 -64.65 -23.48
CA GLY VB 72 -53.87 -63.92 -23.72
C GLY VB 72 -52.82 -64.69 -24.51
N VAL VB 73 -51.62 -64.13 -24.49
CA VAL VB 73 -50.56 -64.49 -25.41
C VAL VB 73 -49.22 -64.15 -24.80
N ILE VB 74 -48.29 -65.08 -24.86
CA ILE VB 74 -46.98 -64.89 -24.25
C ILE VB 74 -45.99 -64.62 -25.37
N SER VB 75 -45.57 -63.36 -25.46
CA SER VB 75 -44.40 -62.97 -26.22
C SER VB 75 -43.33 -62.71 -25.17
N PRO VB 76 -42.13 -63.25 -25.33
CA PRO VB 76 -41.74 -64.06 -26.48
C PRO VB 76 -42.31 -65.47 -26.45
N ARG VB 77 -42.23 -66.16 -27.59
CA ARG VB 77 -42.62 -67.57 -27.66
C ARG VB 77 -41.55 -68.44 -27.01
N PHE VB 78 -41.49 -68.42 -25.68
CA PHE VB 78 -40.47 -69.16 -24.95
C PHE VB 78 -40.60 -70.66 -25.19
N ASP VB 79 -39.50 -71.36 -25.02
CA ASP VB 79 -39.40 -72.78 -25.38
C ASP VB 79 -39.49 -73.62 -24.11
N VAL VB 80 -40.67 -74.18 -23.89
CA VAL VB 80 -41.00 -74.88 -22.65
C VAL VB 80 -40.59 -76.34 -22.77
N GLN VB 81 -39.96 -76.85 -21.72
CA GLN VB 81 -39.26 -78.12 -21.75
C GLN VB 81 -39.96 -79.18 -20.89
N LEU VB 82 -41.30 -79.13 -20.83
CA LEU VB 82 -42.12 -80.16 -20.19
C LEU VB 82 -41.91 -80.34 -18.66
N LYS VB 83 -40.65 -80.41 -18.23
CA LYS VB 83 -40.29 -80.18 -16.83
C LYS VB 83 -40.80 -78.82 -16.37
N ASP VB 84 -40.50 -77.80 -17.18
CA ASP VB 84 -40.84 -76.41 -16.85
C ASP VB 84 -42.32 -76.05 -16.97
N LEU VB 85 -43.10 -76.92 -17.62
CA LEU VB 85 -44.49 -76.65 -17.92
C LEU VB 85 -45.35 -76.59 -16.66
N GLU VB 86 -45.00 -77.39 -15.65
CA GLU VB 86 -45.67 -77.30 -14.34
C GLU VB 86 -45.55 -75.91 -13.73
N LYS VB 87 -44.36 -75.32 -13.80
CA LYS VB 87 -44.15 -74.00 -13.22
C LYS VB 87 -45.01 -72.98 -13.93
N TRP VB 88 -44.87 -72.92 -15.25
CA TRP VB 88 -45.73 -72.09 -16.10
C TRP VB 88 -47.19 -72.11 -15.66
N GLN VB 89 -47.81 -73.28 -15.74
CA GLN VB 89 -49.24 -73.44 -15.37
C GLN VB 89 -49.57 -73.09 -13.93
N ASN VB 90 -48.58 -73.13 -13.03
CA ASN VB 90 -48.75 -72.53 -11.71
C ASN VB 90 -48.84 -71.03 -11.82
N ASN VB 91 -47.88 -70.41 -12.50
CA ASN VB 91 -47.82 -68.95 -12.57
C ASN VB 91 -48.29 -68.35 -13.90
N LEU VB 92 -49.51 -68.73 -14.29
CA LEU VB 92 -50.08 -68.34 -15.59
C LEU VB 92 -51.57 -68.67 -15.75
N LEU VB 93 -51.99 -69.85 -15.26
CA LEU VB 93 -53.40 -70.21 -15.18
C LEU VB 93 -53.92 -69.84 -13.80
N PRO VB 94 -55.25 -69.85 -13.61
CA PRO VB 94 -55.82 -69.52 -12.29
C PRO VB 94 -55.99 -70.68 -11.30
N SER VB 95 -55.85 -71.92 -11.76
CA SER VB 95 -56.16 -73.07 -10.90
C SER VB 95 -55.69 -74.36 -11.52
N ARG VB 96 -55.69 -75.42 -10.71
CA ARG VB 96 -55.22 -76.73 -11.15
C ARG VB 96 -56.41 -77.54 -11.66
N GLN VB 97 -57.37 -76.84 -12.28
CA GLN VB 97 -58.73 -77.35 -12.48
C GLN VB 97 -59.30 -76.98 -13.85
N PHE VB 98 -59.13 -75.73 -14.25
CA PHE VB 98 -59.46 -75.27 -15.59
C PHE VB 98 -58.36 -74.35 -16.12
N GLY VB 99 -58.55 -73.84 -17.33
CA GLY VB 99 -57.54 -73.05 -18.02
C GLY VB 99 -56.55 -73.92 -18.79
N PHE VB 100 -55.94 -73.33 -19.81
CA PHE VB 100 -55.05 -74.05 -20.71
C PHE VB 100 -53.87 -73.18 -21.10
N ILE VB 101 -52.77 -73.84 -21.47
CA ILE VB 101 -51.57 -73.16 -21.96
C ILE VB 101 -51.28 -73.77 -23.31
N VAL VB 102 -51.56 -73.02 -24.36
CA VAL VB 102 -51.46 -73.59 -25.70
C VAL VB 102 -50.03 -73.31 -26.15
N LEU VB 103 -49.30 -74.38 -26.40
CA LEU VB 103 -47.92 -74.31 -26.85
C LEU VB 103 -47.75 -75.13 -28.12
N THR VB 104 -47.14 -74.53 -29.14
CA THR VB 104 -46.89 -75.20 -30.41
C THR VB 104 -45.72 -76.16 -30.28
N THR VB 105 -45.82 -77.26 -31.01
CA THR VB 105 -44.91 -78.40 -30.85
C THR VB 105 -44.66 -79.06 -32.21
N SER VB 106 -43.51 -79.73 -32.32
CA SER VB 106 -43.30 -80.78 -33.31
C SER VB 106 -44.59 -81.47 -33.71
N ALA VB 107 -45.29 -81.98 -32.70
CA ALA VB 107 -46.52 -82.73 -32.90
C ALA VB 107 -47.68 -81.85 -33.39
N GLY VB 108 -47.70 -80.60 -32.95
CA GLY VB 108 -48.62 -79.58 -33.49
C GLY VB 108 -48.96 -78.52 -32.47
N ILE VB 109 -49.86 -77.63 -32.82
CA ILE VB 109 -50.43 -76.71 -31.84
C ILE VB 109 -51.41 -77.47 -30.95
N MET VB 110 -51.26 -77.29 -29.64
CA MET VB 110 -52.23 -77.75 -28.67
C MET VB 110 -52.01 -77.15 -27.29
N ASP VB 111 -53.08 -77.19 -26.49
CA ASP VB 111 -53.02 -77.06 -25.02
C ASP VB 111 -51.89 -77.87 -24.37
N HIS VB 112 -51.53 -77.51 -23.14
CA HIS VB 112 -50.48 -78.25 -22.40
C HIS VB 112 -50.84 -79.71 -22.12
N GLU VB 113 -52.13 -79.98 -21.92
CA GLU VB 113 -52.55 -81.31 -21.45
C GLU VB 113 -52.34 -82.36 -22.54
N GLU VB 114 -52.60 -81.97 -23.79
CA GLU VB 114 -52.34 -82.82 -24.95
C GLU VB 114 -50.83 -82.99 -25.16
N ALA VB 115 -50.07 -81.93 -24.92
CA ALA VB 115 -48.62 -81.96 -25.03
C ALA VB 115 -47.98 -82.88 -23.99
N ARG VB 116 -48.52 -82.87 -22.77
CA ARG VB 116 -48.07 -83.75 -21.71
C ARG VB 116 -48.41 -85.20 -22.07
N ARG VB 117 -49.63 -85.43 -22.55
CA ARG VB 117 -50.04 -86.77 -23.02
C ARG VB 117 -49.07 -87.24 -24.09
N LYS VB 118 -49.00 -86.47 -25.17
CA LYS VB 118 -48.12 -86.76 -26.30
C LYS VB 118 -46.64 -86.69 -25.94
N HIS VB 119 -46.33 -86.13 -24.76
CA HIS VB 119 -45.00 -86.12 -24.16
C HIS VB 119 -44.06 -85.39 -25.10
N THR VB 120 -44.38 -84.11 -25.26
CA THR VB 120 -43.86 -83.28 -26.32
C THR VB 120 -43.89 -81.85 -25.83
N GLY VB 121 -42.73 -81.31 -25.47
CA GLY VB 121 -42.62 -79.89 -25.20
C GLY VB 121 -42.73 -79.10 -26.51
N GLY VB 122 -42.20 -77.88 -26.49
CA GLY VB 122 -42.26 -77.00 -27.64
C GLY VB 122 -42.57 -75.60 -27.15
N LYS VB 123 -42.59 -74.66 -28.09
CA LYS VB 123 -42.69 -73.26 -27.72
C LYS VB 123 -44.06 -72.86 -27.24
N ILE VB 124 -44.09 -72.02 -26.22
CA ILE VB 124 -45.31 -71.42 -25.69
C ILE VB 124 -45.90 -70.46 -26.72
N LEU VB 125 -47.16 -70.12 -26.52
CA LEU VB 125 -47.88 -69.21 -27.39
C LEU VB 125 -48.81 -68.33 -26.59
N GLY VB 126 -49.70 -68.97 -25.84
CA GLY VB 126 -50.68 -68.26 -25.04
C GLY VB 126 -51.48 -69.16 -24.12
N PHE VB 127 -52.59 -68.61 -23.67
CA PHE VB 127 -53.35 -69.20 -22.59
C PHE VB 127 -54.75 -68.62 -22.59
N PHE VB 128 -55.71 -69.40 -22.11
CA PHE VB 128 -57.09 -68.96 -22.05
C PHE VB 128 -57.93 -69.69 -21.02
N PHE VB 129 -58.84 -68.94 -20.41
CA PHE VB 129 -59.65 -69.42 -19.29
C PHE VB 129 -60.81 -68.45 -18.99
N GLY WB 1 -41.85 -48.88 -23.09
CA GLY WB 1 -41.72 -49.95 -22.06
C GLY WB 1 -40.40 -50.71 -22.04
N LYS WB 2 -40.51 -52.03 -21.81
CA LYS WB 2 -39.37 -52.89 -21.53
C LYS WB 2 -38.83 -53.52 -22.83
N CYS WB 3 -37.61 -54.04 -22.76
CA CYS WB 3 -36.91 -54.58 -23.93
C CYS WB 3 -37.48 -55.92 -24.36
N ARG WB 4 -37.88 -56.74 -23.40
CA ARG WB 4 -38.94 -57.75 -23.57
C ARG WB 4 -38.69 -58.94 -24.50
N GLY WB 5 -38.22 -58.69 -25.72
CA GLY WB 5 -37.89 -59.72 -26.69
C GLY WB 5 -36.92 -60.81 -26.24
N LEU WB 6 -36.40 -61.56 -27.21
CA LEU WB 6 -35.88 -62.91 -26.95
C LEU WB 6 -34.38 -63.12 -27.07
N ARG WB 7 -33.72 -62.34 -27.91
CA ARG WB 7 -32.26 -62.25 -27.92
C ARG WB 7 -31.79 -60.95 -27.27
N THR WB 8 -32.63 -60.38 -26.40
CA THR WB 8 -32.31 -59.16 -25.66
C THR WB 8 -31.28 -59.35 -24.55
N ALA WB 9 -31.26 -60.53 -23.94
CA ALA WB 9 -30.55 -60.81 -22.65
C ALA WB 9 -29.53 -59.75 -22.25
N ARG WB 10 -28.60 -59.49 -23.16
CA ARG WB 10 -27.57 -58.48 -22.97
C ARG WB 10 -28.11 -57.11 -22.56
N LYS WB 11 -28.96 -56.52 -23.41
CA LYS WB 11 -29.59 -55.22 -23.10
C LYS WB 11 -30.25 -55.24 -21.74
N LEU WB 12 -31.03 -56.30 -21.50
CA LEU WB 12 -31.72 -56.49 -20.22
C LEU WB 12 -30.81 -56.52 -19.02
N ARG WB 13 -29.82 -57.40 -19.09
CA ARG WB 13 -28.94 -57.69 -17.99
C ARG WB 13 -27.95 -56.52 -17.79
N SER WB 14 -27.54 -55.89 -18.90
CA SER WB 14 -26.68 -54.71 -18.84
C SER WB 14 -27.41 -53.47 -18.36
N HIS WB 15 -28.67 -53.29 -18.75
CA HIS WB 15 -29.44 -52.15 -18.23
C HIS WB 15 -29.61 -52.29 -16.72
N ARG WB 16 -29.98 -53.47 -16.25
CA ARG WB 16 -30.06 -53.69 -14.82
C ARG WB 16 -28.72 -53.32 -14.21
N ARG WB 17 -27.65 -53.83 -14.79
CA ARG WB 17 -26.30 -53.59 -14.29
C ARG WB 17 -25.99 -52.11 -14.07
N ASP WB 18 -26.38 -51.28 -15.02
CA ASP WB 18 -26.07 -49.85 -14.96
C ASP WB 18 -26.91 -49.20 -13.89
N GLN WB 19 -28.15 -49.67 -13.72
CA GLN WB 19 -29.05 -49.07 -12.74
C GLN WB 19 -28.77 -49.39 -11.30
N LYS WB 20 -28.34 -50.63 -11.02
CA LYS WB 20 -28.04 -51.08 -9.66
C LYS WB 20 -27.27 -50.03 -8.85
N TRP WB 21 -26.44 -49.25 -9.53
CA TRP WB 21 -25.70 -48.16 -8.91
C TRP WB 21 -26.59 -47.05 -8.34
N HIS WB 22 -27.73 -46.79 -8.98
CA HIS WB 22 -28.70 -45.84 -8.45
C HIS WB 22 -29.34 -46.27 -7.12
N ASP WB 23 -29.24 -47.55 -6.76
CA ASP WB 23 -29.60 -47.99 -5.42
C ASP WB 23 -28.57 -47.47 -4.43
N LYS WB 24 -29.07 -47.10 -3.24
CA LYS WB 24 -28.27 -46.43 -2.23
C LYS WB 24 -27.45 -47.42 -1.42
N GLN WB 25 -28.11 -48.49 -0.99
CA GLN WB 25 -27.48 -49.49 -0.15
C GLN WB 25 -26.37 -50.21 -0.93
N TYR WB 26 -26.62 -50.45 -2.21
CA TYR WB 26 -25.69 -51.17 -3.09
C TYR WB 26 -24.42 -50.36 -3.40
N LYS WB 27 -24.59 -49.08 -3.71
CA LYS WB 27 -23.46 -48.19 -4.00
C LYS WB 27 -22.55 -48.05 -2.76
N LYS WB 28 -23.16 -47.96 -1.58
CA LYS WB 28 -22.46 -48.08 -0.29
C LYS WB 28 -21.53 -49.29 -0.24
N ALA WB 29 -22.07 -50.44 -0.65
CA ALA WB 29 -21.40 -51.72 -0.53
C ALA WB 29 -20.54 -52.15 -1.72
N HIS WB 30 -20.34 -51.27 -2.70
CA HIS WB 30 -19.60 -51.64 -3.92
C HIS WB 30 -18.56 -50.58 -4.37
N LEU WB 31 -18.88 -49.30 -4.25
CA LEU WB 31 -17.84 -48.28 -4.20
C LEU WB 31 -17.15 -48.41 -2.85
N GLY WB 32 -15.83 -48.54 -2.87
CA GLY WB 32 -15.03 -48.70 -1.64
C GLY WB 32 -15.24 -47.59 -0.63
N THR WB 33 -15.36 -46.37 -1.14
CA THR WB 33 -15.85 -45.18 -0.40
C THR WB 33 -16.11 -45.33 1.11
N ALA WB 34 -17.12 -46.11 1.45
CA ALA WB 34 -17.58 -46.22 2.84
C ALA WB 34 -16.66 -47.02 3.73
N LEU WB 35 -16.05 -48.07 3.19
CA LEU WB 35 -15.00 -48.79 3.91
C LEU WB 35 -13.79 -47.90 4.19
N LYS WB 36 -13.55 -46.94 3.30
CA LYS WB 36 -12.52 -45.92 3.53
C LYS WB 36 -12.96 -44.96 4.66
N ALA WB 37 -14.21 -44.52 4.62
CA ALA WB 37 -14.76 -43.63 5.66
C ALA WB 37 -15.02 -44.29 7.01
N ASN WB 38 -15.11 -45.63 7.05
CA ASN WB 38 -15.25 -46.36 8.31
C ASN WB 38 -14.01 -46.21 9.18
N PRO WB 39 -14.18 -45.71 10.41
CA PRO WB 39 -13.05 -45.82 11.32
C PRO WB 39 -12.80 -47.28 11.61
N PHE WB 40 -13.86 -48.02 11.85
CA PHE WB 40 -13.80 -49.46 12.03
C PHE WB 40 -13.62 -50.10 10.67
N GLY WB 41 -12.39 -50.13 10.16
CA GLY WB 41 -12.08 -50.61 8.82
C GLY WB 41 -12.81 -51.90 8.44
N GLY WB 42 -14.11 -51.74 8.12
CA GLY WB 42 -15.03 -52.86 7.92
C GLY WB 42 -14.90 -53.86 9.05
N ALA WB 43 -15.20 -53.39 10.27
CA ALA WB 43 -15.03 -54.20 11.47
C ALA WB 43 -16.23 -54.06 12.40
N SER WB 44 -16.46 -55.12 13.18
CA SER WB 44 -17.57 -55.18 14.12
C SER WB 44 -17.31 -54.32 15.35
N HIS WB 45 -16.06 -54.26 15.81
CA HIS WB 45 -15.68 -53.42 16.96
C HIS WB 45 -14.31 -52.86 16.70
N ALA WB 46 -13.82 -52.02 17.60
CA ALA WB 46 -12.45 -51.54 17.49
C ALA WB 46 -11.91 -51.10 18.84
N LYS WB 47 -10.75 -51.65 19.21
CA LYS WB 47 -10.06 -51.20 20.42
C LYS WB 47 -9.48 -49.84 20.12
N GLY WB 48 -9.52 -48.97 21.13
CA GLY WB 48 -9.00 -47.62 21.00
C GLY WB 48 -8.82 -46.98 22.35
N ILE WB 49 -7.90 -46.01 22.44
CA ILE WB 49 -7.54 -45.41 23.72
C ILE WB 49 -8.28 -44.09 23.94
N VAL WB 50 -8.78 -43.93 25.17
CA VAL WB 50 -9.56 -42.77 25.58
C VAL WB 50 -8.60 -41.60 25.75
N LEU WB 51 -8.94 -40.44 25.22
CA LEU WB 51 -8.10 -39.25 25.38
C LEU WB 51 -8.81 -37.96 25.81
N GLU WB 52 -10.08 -38.05 26.20
CA GLU WB 52 -10.82 -36.94 26.85
C GLU WB 52 -12.29 -37.34 26.98
N LYS WB 53 -12.85 -37.08 28.14
CA LYS WB 53 -14.27 -37.31 28.39
C LYS WB 53 -14.97 -36.04 27.96
N VAL WB 54 -15.87 -36.14 26.99
CA VAL WB 54 -16.49 -34.99 26.36
C VAL WB 54 -18.00 -35.11 26.52
N GLY WB 55 -18.62 -34.09 27.10
CA GLY WB 55 -20.07 -34.02 27.19
C GLY WB 55 -20.66 -33.62 25.85
N VAL WB 56 -21.54 -34.47 25.31
CA VAL WB 56 -22.27 -34.14 24.09
C VAL WB 56 -23.62 -33.60 24.50
N GLU WB 57 -24.13 -32.62 23.75
CA GLU WB 57 -25.43 -32.03 24.03
C GLU WB 57 -26.48 -32.54 23.05
N ALA WB 58 -27.59 -33.02 23.59
CA ALA WB 58 -28.64 -33.69 22.81
C ALA WB 58 -29.40 -32.75 21.89
N LYS WB 59 -30.09 -33.34 20.91
CA LYS WB 59 -30.80 -32.57 19.88
C LYS WB 59 -32.17 -32.09 20.35
N GLN WB 60 -32.54 -30.89 19.90
CA GLN WB 60 -33.43 -29.97 20.62
C GLN WB 60 -34.58 -30.54 21.47
N PRO WB 61 -35.54 -31.26 20.87
CA PRO WB 61 -36.75 -31.65 21.63
C PRO WB 61 -36.45 -32.34 22.98
N ASN WB 62 -35.29 -32.99 23.07
CA ASN WB 62 -34.70 -33.42 24.33
C ASN WB 62 -33.57 -32.50 24.74
N SER WB 63 -33.54 -32.11 26.00
CA SER WB 63 -32.36 -31.40 26.56
C SER WB 63 -31.65 -32.29 27.59
N ALA WB 64 -30.36 -32.55 27.34
CA ALA WB 64 -29.56 -33.48 28.17
C ALA WB 64 -28.13 -33.57 27.65
N ILE WB 65 -27.18 -33.71 28.58
CA ILE WB 65 -25.78 -33.92 28.24
C ILE WB 65 -25.53 -35.42 28.17
N ARG WB 66 -24.74 -35.86 27.18
CA ARG WB 66 -24.63 -37.28 26.81
C ARG WB 66 -23.27 -37.95 27.04
N LYS WB 67 -22.34 -37.26 27.69
CA LYS WB 67 -21.16 -37.89 28.32
C LYS WB 67 -20.50 -38.96 27.46
N CYS WB 68 -19.76 -38.48 26.45
CA CYS WB 68 -19.07 -39.34 25.51
C CYS WB 68 -17.58 -39.38 25.82
N VAL WB 69 -16.89 -40.25 25.10
CA VAL WB 69 -15.49 -40.55 25.30
C VAL WB 69 -14.80 -40.40 23.94
N ARG WB 70 -13.82 -39.50 23.87
CA ARG WB 70 -13.00 -39.33 22.65
C ARG WB 70 -11.97 -40.45 22.58
N VAL WB 71 -12.17 -41.37 21.63
CA VAL WB 71 -11.30 -42.53 21.48
C VAL WB 71 -10.46 -42.35 20.23
N GLN WB 72 -9.16 -42.55 20.36
CA GLN WB 72 -8.30 -42.75 19.20
C GLN WB 72 -8.19 -44.25 18.99
N LEU WB 73 -8.54 -44.71 17.80
CA LEU WB 73 -8.45 -46.12 17.48
C LEU WB 73 -7.00 -46.53 17.31
N ILE WB 74 -6.75 -47.84 17.47
CA ILE WB 74 -5.40 -48.41 17.47
C ILE WB 74 -5.00 -48.85 16.07
N LYS WB 75 -5.90 -49.55 15.41
CA LYS WB 75 -5.67 -50.03 14.05
C LYS WB 75 -5.47 -48.88 13.04
N ASN WB 76 -6.02 -47.71 13.33
CA ASN WB 76 -5.95 -46.57 12.41
C ASN WB 76 -5.11 -45.38 12.86
N GLY WB 77 -5.43 -44.87 14.06
CA GLY WB 77 -5.14 -43.48 14.42
C GLY WB 77 -6.29 -42.59 13.95
N LYS WB 78 -7.47 -43.18 13.78
CA LYS WB 78 -8.68 -42.47 13.38
C LYS WB 78 -9.46 -42.23 14.65
N LYS WB 79 -9.71 -40.96 14.96
CA LYS WB 79 -10.36 -40.61 16.22
C LYS WB 79 -11.88 -40.72 16.13
N ILE WB 80 -12.49 -40.81 17.32
CA ILE WB 80 -13.87 -41.23 17.47
C ILE WB 80 -14.46 -40.51 18.68
N THR WB 81 -15.78 -40.37 18.73
CA THR WB 81 -16.46 -39.78 19.89
C THR WB 81 -17.54 -40.73 20.38
N ALA WB 82 -17.10 -41.83 20.97
CA ALA WB 82 -18.01 -42.90 21.39
C ALA WB 82 -18.78 -42.54 22.66
N PHE WB 83 -19.89 -43.23 22.81
CA PHE WB 83 -20.86 -43.02 23.86
C PHE WB 83 -20.59 -43.98 25.01
N VAL WB 84 -20.67 -43.48 26.24
CA VAL WB 84 -20.57 -44.33 27.42
C VAL WB 84 -22.01 -44.50 27.90
N PRO WB 85 -22.60 -45.66 27.62
CA PRO WB 85 -23.99 -45.83 27.93
C PRO WB 85 -24.22 -46.17 29.40
N ASN WB 86 -25.44 -45.92 29.82
CA ASN WB 86 -25.97 -46.24 31.15
C ASN WB 86 -25.43 -45.35 32.25
N ASP WB 87 -26.16 -45.28 33.35
CA ASP WB 87 -26.04 -44.18 34.28
C ASP WB 87 -24.72 -44.24 35.04
N GLY WB 88 -24.03 -43.09 35.11
CA GLY WB 88 -22.80 -42.93 35.89
C GLY WB 88 -21.64 -43.83 35.47
N CYS WB 89 -21.66 -44.25 34.22
CA CYS WB 89 -20.74 -45.26 33.71
C CYS WB 89 -19.48 -44.57 33.21
N LEU WB 90 -19.64 -43.34 32.72
CA LEU WB 90 -18.54 -42.45 32.41
C LEU WB 90 -17.50 -42.39 33.52
N ASN WB 91 -17.94 -42.53 34.79
CA ASN WB 91 -17.04 -42.59 35.95
C ASN WB 91 -16.11 -43.81 35.97
N PHE WB 92 -16.58 -44.97 35.53
CA PHE WB 92 -15.72 -46.16 35.38
C PHE WB 92 -14.58 -45.87 34.41
N ILE WB 93 -14.89 -45.19 33.31
CA ILE WB 93 -13.87 -44.77 32.34
C ILE WB 93 -13.05 -43.64 32.92
N GLU WB 94 -11.73 -43.83 32.83
CA GLU WB 94 -10.75 -42.88 33.30
C GLU WB 94 -9.72 -42.81 32.19
N GLU WB 95 -9.16 -41.62 31.98
CA GLU WB 95 -8.46 -41.32 30.73
C GLU WB 95 -7.30 -42.28 30.42
N ASN WB 96 -7.09 -42.53 29.13
CA ASN WB 96 -6.03 -43.42 28.60
C ASN WB 96 -6.25 -44.92 28.74
N ASP WB 97 -7.51 -45.37 28.89
CA ASP WB 97 -7.77 -46.78 29.17
C ASP WB 97 -8.60 -47.52 28.12
N GLU WB 98 -7.93 -47.76 26.98
CA GLU WB 98 -7.99 -49.02 26.25
C GLU WB 98 -9.39 -49.61 26.02
N VAL WB 99 -10.36 -48.75 25.74
CA VAL WB 99 -11.72 -49.21 25.52
C VAL WB 99 -11.86 -50.03 24.25
N LEU WB 100 -12.81 -50.97 24.26
CA LEU WB 100 -13.35 -51.54 23.04
C LEU WB 100 -14.57 -50.69 22.71
N VAL WB 101 -14.78 -50.47 21.42
CA VAL WB 101 -15.83 -49.59 20.95
C VAL WB 101 -16.59 -50.37 19.89
N ALA WB 102 -17.92 -50.40 19.98
CA ALA WB 102 -18.75 -51.04 18.96
C ALA WB 102 -19.62 -50.01 18.25
N GLY WB 103 -20.41 -50.48 17.29
CA GLY WB 103 -21.40 -49.64 16.61
C GLY WB 103 -22.59 -49.35 17.50
N PHE WB 104 -23.36 -48.32 17.16
CA PHE WB 104 -24.47 -47.87 17.99
C PHE WB 104 -25.82 -48.45 17.55
N GLY WB 105 -25.79 -49.40 16.61
CA GLY WB 105 -26.97 -50.18 16.22
C GLY WB 105 -27.58 -49.87 14.88
N ARG WB 106 -26.97 -48.96 14.13
CA ARG WB 106 -27.52 -48.47 12.86
C ARG WB 106 -26.57 -48.54 11.67
N LYS WB 107 -25.42 -49.18 11.86
CA LYS WB 107 -24.54 -49.54 10.76
C LYS WB 107 -24.23 -48.29 9.95
N GLY WB 108 -23.78 -47.27 10.67
CA GLY WB 108 -23.61 -45.92 10.16
C GLY WB 108 -24.54 -44.99 10.89
N HIS WB 109 -25.47 -44.38 10.15
CA HIS WB 109 -26.47 -43.43 10.67
C HIS WB 109 -26.46 -43.31 12.19
N ALA WB 110 -26.01 -42.16 12.70
CA ALA WB 110 -26.14 -41.87 14.12
C ALA WB 110 -27.60 -41.99 14.57
N VAL WB 111 -27.75 -42.17 15.87
CA VAL WB 111 -28.98 -42.69 16.45
C VAL WB 111 -29.58 -41.55 17.27
N GLY WB 112 -30.65 -41.86 17.99
CA GLY WB 112 -31.07 -41.13 19.19
C GLY WB 112 -31.20 -39.62 19.14
N ASP WB 113 -31.00 -39.00 20.31
CA ASP WB 113 -30.96 -37.55 20.43
C ASP WB 113 -29.56 -37.05 20.13
N ILE WB 114 -28.56 -37.94 20.17
CA ILE WB 114 -27.15 -37.53 20.03
C ILE WB 114 -26.90 -37.13 18.57
N PRO WB 115 -26.06 -36.10 18.34
CA PRO WB 115 -25.65 -35.81 16.99
C PRO WB 115 -24.28 -36.40 16.68
N GLY WB 116 -24.28 -37.42 15.84
CA GLY WB 116 -23.05 -37.90 15.18
C GLY WB 116 -22.25 -38.96 15.90
N VAL WB 117 -22.67 -39.34 17.11
CA VAL WB 117 -22.00 -40.42 17.81
C VAL WB 117 -22.48 -41.71 17.20
N ARG WB 118 -21.56 -42.38 16.51
CA ARG WB 118 -21.83 -43.60 15.76
C ARG WB 118 -21.49 -44.84 16.56
N PHE WB 119 -20.92 -44.66 17.75
CA PHE WB 119 -20.26 -45.75 18.45
C PHE WB 119 -20.56 -45.74 19.93
N LYS WB 120 -20.52 -46.92 20.53
CA LYS WB 120 -20.67 -47.05 21.96
C LYS WB 120 -19.57 -47.89 22.54
N VAL WB 121 -19.19 -47.56 23.78
CA VAL WB 121 -18.12 -48.27 24.48
C VAL WB 121 -18.69 -49.55 25.07
N VAL WB 122 -17.89 -50.61 25.01
CA VAL WB 122 -18.32 -51.93 25.44
C VAL WB 122 -17.49 -52.39 26.63
N LYS WB 123 -16.17 -52.36 26.49
CA LYS WB 123 -15.28 -52.87 27.49
C LYS WB 123 -14.18 -51.85 27.80
N VAL WB 124 -14.06 -51.47 29.07
CA VAL WB 124 -13.03 -50.55 29.53
C VAL WB 124 -11.98 -51.38 30.24
N ALA WB 125 -10.79 -51.45 29.65
CA ALA WB 125 -9.70 -52.28 30.15
C ALA WB 125 -10.15 -53.74 30.35
N ASN WB 126 -10.53 -54.37 29.25
CA ASN WB 126 -10.76 -55.82 29.15
C ASN WB 126 -11.85 -56.38 30.07
N VAL WB 127 -12.71 -55.51 30.62
CA VAL WB 127 -13.59 -55.87 31.74
C VAL WB 127 -15.06 -56.08 31.36
N SER WB 128 -15.58 -55.23 30.48
CA SER WB 128 -17.00 -55.17 30.10
C SER WB 128 -17.73 -54.23 31.02
N LEU WB 129 -18.43 -53.26 30.42
CA LEU WB 129 -19.06 -52.19 31.17
C LEU WB 129 -20.41 -52.63 31.77
N LEU WB 130 -21.04 -53.65 31.18
CA LEU WB 130 -22.26 -54.22 31.78
C LEU WB 130 -21.97 -54.80 33.15
N ALA WB 131 -20.88 -55.56 33.24
CA ALA WB 131 -20.47 -56.14 34.51
C ALA WB 131 -20.16 -55.10 35.58
N LEU WB 132 -19.56 -53.98 35.18
CA LEU WB 132 -19.29 -52.88 36.13
C LEU WB 132 -20.55 -52.16 36.58
N TYR WB 133 -21.44 -51.89 35.63
CA TYR WB 133 -22.73 -51.30 35.93
C TYR WB 133 -23.51 -52.20 36.89
N LYS WB 134 -23.68 -53.46 36.51
CA LYS WB 134 -24.36 -54.43 37.38
C LYS WB 134 -23.67 -54.61 38.73
N GLY WB 135 -22.35 -54.55 38.74
CA GLY WB 135 -21.56 -54.90 39.91
C GLY WB 135 -21.34 -56.39 39.84
N LYS WB 136 -20.26 -56.76 39.14
CA LYS WB 136 -19.93 -58.17 38.92
C LYS WB 136 -18.41 -58.32 38.86
N LYS WB 137 -17.79 -57.63 37.92
CA LYS WB 137 -16.34 -57.51 37.84
C LYS WB 137 -15.99 -56.11 38.35
N GLU WB 138 -14.69 -55.82 38.46
CA GLU WB 138 -14.23 -54.49 38.90
C GLU WB 138 -12.96 -54.07 38.17
N ARG WB 139 -12.78 -52.76 38.07
CA ARG WB 139 -11.59 -52.15 37.48
C ARG WB 139 -10.37 -52.45 38.36
N PRO WB 140 -9.33 -53.08 37.79
CA PRO WB 140 -8.23 -53.58 38.61
C PRO WB 140 -7.32 -52.47 39.17
N ARG WB 141 -6.63 -52.77 40.27
CA ARG WB 141 -5.70 -51.82 40.87
C ARG WB 141 -4.71 -52.57 41.77
N ASP XB 1 -21.78 -118.92 35.95
CA ASP XB 1 -23.03 -119.67 36.30
C ASP XB 1 -24.24 -119.13 35.52
N THR XB 2 -24.44 -117.82 35.60
CA THR XB 2 -25.63 -117.15 35.05
C THR XB 2 -25.36 -116.16 33.91
N VAL XB 3 -24.11 -116.06 33.43
CA VAL XB 3 -23.81 -115.12 32.33
C VAL XB 3 -24.51 -115.51 31.02
N THR XB 4 -24.17 -116.67 30.45
CA THR XB 4 -24.55 -117.04 29.06
C THR XB 4 -23.58 -116.46 28.02
N ILE XB 5 -23.57 -117.07 26.85
CA ILE XB 5 -22.80 -116.60 25.70
C ILE XB 5 -23.43 -117.11 24.40
N ARG XB 6 -23.13 -116.42 23.31
CA ARG XB 6 -23.44 -116.89 21.95
C ARG XB 6 -22.27 -116.62 21.03
N THR XB 7 -22.28 -117.25 19.86
CA THR XB 7 -21.19 -117.18 18.89
C THR XB 7 -21.75 -116.85 17.51
N ARG XB 8 -21.57 -115.58 17.11
CA ARG XB 8 -22.18 -115.02 15.92
C ARG XB 8 -21.15 -114.92 14.80
N LYS XB 9 -21.61 -115.06 13.56
CA LYS XB 9 -20.82 -114.80 12.35
C LYS XB 9 -19.50 -115.56 12.36
N PHE XB 10 -19.61 -116.86 12.65
CA PHE XB 10 -18.45 -117.72 12.78
C PHE XB 10 -17.84 -117.95 11.42
N MET XB 11 -16.52 -118.09 11.40
CA MET XB 11 -15.79 -118.22 10.16
C MET XB 11 -14.40 -118.80 10.41
N THR XB 12 -13.98 -119.65 9.47
CA THR XB 12 -12.77 -120.43 9.59
C THR XB 12 -11.73 -119.82 8.64
N ASN XB 13 -10.97 -118.85 9.14
CA ASN XB 13 -9.97 -118.17 8.30
C ASN XB 13 -8.73 -119.06 8.19
N ARG XB 14 -8.85 -120.09 7.34
CA ARG XB 14 -7.77 -121.05 7.07
C ARG XB 14 -6.41 -120.40 6.88
N LEU XB 15 -6.39 -119.28 6.15
CA LEU XB 15 -5.15 -118.68 5.68
C LEU XB 15 -4.65 -117.50 6.53
N LEU XB 16 -5.31 -117.23 7.67
CA LEU XB 16 -4.68 -116.56 8.81
C LEU XB 16 -4.36 -117.55 9.95
N GLN XB 17 -4.67 -118.84 9.73
CA GLN XB 17 -4.42 -119.91 10.69
C GLN XB 17 -5.24 -119.68 11.96
N ARG XB 18 -6.57 -119.76 11.84
CA ARG XB 18 -7.48 -119.34 12.92
C ARG XB 18 -8.97 -119.59 12.63
N LYS XB 19 -9.75 -119.71 13.70
CA LYS XB 19 -11.20 -119.56 13.66
C LYS XB 19 -11.44 -118.16 14.18
N GLN XB 20 -12.35 -117.41 13.57
CA GLN XB 20 -12.64 -116.04 14.02
C GLN XB 20 -14.14 -115.75 13.98
N MET XB 21 -14.68 -115.23 15.08
CA MET XB 21 -16.12 -114.95 15.16
C MET XB 21 -16.49 -113.76 16.05
N VAL XB 22 -17.76 -113.39 15.98
CA VAL XB 22 -18.31 -112.31 16.77
C VAL XB 22 -18.92 -112.89 18.04
N ILE XB 23 -18.28 -112.63 19.17
CA ILE XB 23 -18.79 -113.05 20.47
C ILE XB 23 -19.96 -112.15 20.86
N ASP XB 24 -21.01 -112.79 21.36
CA ASP XB 24 -22.14 -112.13 21.95
C ASP XB 24 -22.06 -112.50 23.42
N VAL XB 25 -22.43 -111.60 24.32
CA VAL XB 25 -22.42 -111.90 25.75
C VAL XB 25 -23.66 -111.32 26.41
N LEU XB 26 -24.57 -112.19 26.83
CA LEU XB 26 -25.67 -111.80 27.71
C LEU XB 26 -25.16 -111.97 29.12
N HIS XB 27 -25.61 -111.10 30.03
CA HIS XB 27 -25.08 -111.06 31.41
C HIS XB 27 -25.88 -110.11 32.32
N PRO XB 28 -27.23 -110.25 32.33
CA PRO XB 28 -28.03 -109.20 32.97
C PRO XB 28 -27.76 -109.05 34.47
N GLY XB 29 -27.55 -107.81 34.90
CA GLY XB 29 -27.28 -107.50 36.30
C GLY XB 29 -25.87 -107.79 36.79
N LYS XB 30 -24.90 -107.87 35.87
CA LYS XB 30 -23.49 -107.90 36.25
C LYS XB 30 -22.63 -107.08 35.29
N ALA XB 31 -21.47 -106.67 35.79
CA ALA XB 31 -20.78 -105.46 35.34
C ALA XB 31 -19.78 -105.66 34.22
N THR XB 32 -20.24 -106.24 33.11
CA THR XB 32 -19.40 -106.54 31.94
C THR XB 32 -18.24 -107.44 32.34
N VAL XB 33 -18.42 -108.74 32.13
CA VAL XB 33 -17.39 -109.75 32.45
C VAL XB 33 -16.00 -109.34 31.97
N PRO XB 34 -14.96 -109.55 32.81
CA PRO XB 34 -13.60 -109.40 32.28
C PRO XB 34 -13.30 -110.46 31.22
N LYS XB 35 -12.40 -110.13 30.30
CA LYS XB 35 -12.14 -110.96 29.12
C LYS XB 35 -11.53 -112.31 29.45
N THR XB 36 -10.90 -112.44 30.62
CA THR XB 36 -10.40 -113.71 31.12
C THR XB 36 -11.52 -114.74 31.30
N GLU XB 37 -12.64 -114.27 31.85
CA GLU XB 37 -13.81 -115.13 32.08
C GLU XB 37 -14.50 -115.54 30.77
N ILE XB 38 -14.41 -114.69 29.75
CA ILE XB 38 -14.91 -115.02 28.40
C ILE XB 38 -14.05 -116.11 27.76
N ARG XB 39 -12.73 -116.01 27.96
CA ARG XB 39 -11.77 -116.96 27.39
C ARG XB 39 -11.96 -118.38 27.92
N GLU XB 40 -12.02 -118.51 29.24
CA GLU XB 40 -12.29 -119.80 29.89
C GLU XB 40 -13.66 -120.36 29.53
N LYS XB 41 -14.65 -119.48 29.39
CA LYS XB 41 -15.97 -119.88 28.94
C LYS XB 41 -15.94 -120.33 27.48
N LEU XB 42 -15.17 -119.64 26.65
CA LEU XB 42 -14.99 -120.04 25.24
C LEU XB 42 -14.13 -121.30 25.14
N ALA XB 43 -13.16 -121.44 26.03
CA ALA XB 43 -12.25 -122.60 26.06
C ALA XB 43 -13.00 -123.91 26.27
N LYS XB 44 -13.88 -123.93 27.27
CA LYS XB 44 -14.73 -125.09 27.54
C LYS XB 44 -15.82 -125.32 26.49
N MET XB 45 -16.26 -124.24 25.84
CA MET XB 45 -17.27 -124.32 24.78
C MET XB 45 -16.68 -124.92 23.52
N TYR XB 46 -15.56 -124.34 23.06
CA TYR XB 46 -14.85 -124.81 21.85
C TYR XB 46 -13.74 -125.84 22.12
N LYS XB 47 -13.56 -126.22 23.39
CA LYS XB 47 -12.76 -127.39 23.76
C LYS XB 47 -11.30 -127.31 23.29
N THR XB 48 -10.72 -126.12 23.36
CA THR XB 48 -9.41 -125.86 22.76
C THR XB 48 -8.57 -124.83 23.54
N THR XB 49 -8.61 -124.94 24.88
CA THR XB 49 -7.79 -124.13 25.80
C THR XB 49 -8.17 -122.64 25.78
N PRO XB 50 -7.70 -121.87 26.77
CA PRO XB 50 -7.73 -120.42 26.61
C PRO XB 50 -6.51 -119.90 25.85
N ASP XB 51 -5.38 -120.60 25.93
CA ASP XB 51 -4.08 -120.05 25.52
C ASP XB 51 -3.96 -119.63 24.04
N VAL XB 52 -4.83 -120.15 23.18
CA VAL XB 52 -4.88 -119.73 21.78
C VAL XB 52 -6.03 -118.77 21.47
N ILE XB 53 -6.74 -118.30 22.51
CA ILE XB 53 -7.89 -117.42 22.33
C ILE XB 53 -7.50 -115.98 22.61
N PHE XB 54 -7.98 -115.10 21.74
CA PHE XB 54 -7.76 -113.68 21.85
C PHE XB 54 -9.09 -113.03 21.57
N VAL XB 55 -9.51 -112.16 22.49
CA VAL XB 55 -10.81 -111.52 22.43
C VAL XB 55 -10.63 -110.06 22.80
N PHE XB 56 -11.43 -109.20 22.18
CA PHE XB 56 -11.28 -107.75 22.35
C PHE XB 56 -12.55 -107.02 21.93
N GLY XB 57 -12.49 -105.69 22.01
CA GLY XB 57 -13.46 -104.81 21.39
C GLY XB 57 -14.85 -104.97 21.97
N PHE XB 58 -14.92 -105.31 23.25
CA PHE XB 58 -16.20 -105.57 23.90
C PHE XB 58 -16.90 -104.27 24.22
N ARG XB 59 -18.06 -104.06 23.62
CA ARG XB 59 -18.89 -102.92 23.94
C ARG XB 59 -20.14 -103.43 24.60
N THR XB 60 -20.46 -102.86 25.76
CA THR XB 60 -21.74 -103.09 26.40
C THR XB 60 -22.78 -102.28 25.65
N HIS XB 61 -24.04 -102.66 25.84
CA HIS XB 61 -25.15 -101.88 25.35
C HIS XB 61 -25.70 -101.08 26.50
N PHE XB 62 -26.71 -100.27 26.20
CA PHE XB 62 -27.46 -99.54 27.20
C PHE XB 62 -28.32 -100.53 28.00
N GLY XB 63 -28.83 -100.10 29.16
CA GLY XB 63 -29.64 -100.96 30.02
C GLY XB 63 -28.77 -101.94 30.80
N GLY XB 64 -27.99 -102.73 30.06
CA GLY XB 64 -26.76 -103.30 30.58
C GLY XB 64 -26.78 -104.77 30.96
N GLY XB 65 -27.36 -105.58 30.09
CA GLY XB 65 -27.30 -107.04 30.20
C GLY XB 65 -26.95 -107.69 28.88
N LYS XB 66 -26.18 -106.97 28.05
CA LYS XB 66 -25.70 -107.48 26.79
C LYS XB 66 -24.48 -106.71 26.36
N THR XB 67 -23.32 -107.37 26.38
CA THR XB 67 -22.13 -106.84 25.71
C THR XB 67 -21.99 -107.59 24.39
N THR XB 68 -21.01 -107.17 23.58
CA THR XB 68 -20.73 -107.80 22.30
C THR XB 68 -19.35 -107.36 21.82
N GLY XB 69 -18.55 -108.34 21.39
CA GLY XB 69 -17.20 -108.09 20.89
C GLY XB 69 -16.65 -109.22 20.05
N PHE XB 70 -15.45 -109.02 19.54
CA PHE XB 70 -14.87 -109.91 18.55
C PHE XB 70 -13.83 -110.82 19.17
N GLY XB 71 -13.86 -112.09 18.78
CA GLY XB 71 -12.91 -113.10 19.29
C GLY XB 71 -12.46 -114.08 18.22
N MET XB 72 -11.21 -114.51 18.31
CA MET XB 72 -10.70 -115.57 17.45
C MET XB 72 -9.82 -116.54 18.23
N ILE XB 73 -9.72 -117.75 17.69
CA ILE XB 73 -9.02 -118.87 18.30
C ILE XB 73 -7.97 -119.35 17.30
N TYR XB 74 -6.75 -119.53 17.78
CA TYR XB 74 -5.64 -119.97 16.92
C TYR XB 74 -5.43 -121.48 17.02
N ASP XB 75 -4.68 -122.02 16.07
CA ASP XB 75 -4.45 -123.47 15.97
C ASP XB 75 -3.52 -123.90 17.10
N SER XB 76 -2.43 -123.16 17.23
CA SER XB 76 -1.53 -123.23 18.38
C SER XB 76 -1.04 -121.83 18.70
N LEU XB 77 -0.37 -121.70 19.85
CA LEU XB 77 0.30 -120.45 20.21
C LEU XB 77 1.36 -120.08 19.18
N ASP XB 78 2.15 -121.07 18.75
CA ASP XB 78 3.15 -120.89 17.70
C ASP XB 78 2.61 -120.14 16.49
N TYR XB 79 1.36 -120.43 16.12
CA TYR XB 79 0.65 -119.66 15.11
C TYR XB 79 0.22 -118.28 15.61
N ALA XB 80 -0.33 -118.23 16.82
CA ALA XB 80 -0.77 -116.96 17.42
C ALA XB 80 0.34 -115.95 17.71
N LYS XB 81 1.59 -116.39 17.77
CA LYS XB 81 2.73 -115.48 17.97
C LYS XB 81 3.40 -115.21 16.63
N LYS XB 82 2.61 -114.69 15.70
CA LYS XB 82 3.00 -114.57 14.28
C LYS XB 82 1.90 -113.84 13.52
N ASN XB 83 0.67 -114.35 13.62
CA ASN XB 83 -0.50 -113.80 12.94
C ASN XB 83 -1.39 -113.00 13.90
N GLU XB 84 -0.77 -112.12 14.70
CA GLU XB 84 -1.46 -111.34 15.73
C GLU XB 84 -0.76 -110.02 16.01
N PRO XB 85 -1.52 -108.97 16.37
CA PRO XB 85 -0.86 -107.75 16.82
C PRO XB 85 -0.05 -107.98 18.08
N LYS XB 86 1.13 -107.36 18.13
CA LYS XB 86 2.01 -107.47 19.28
C LYS XB 86 1.32 -107.05 20.57
N HIS XB 87 0.54 -105.96 20.51
CA HIS XB 87 -0.18 -105.47 21.69
C HIS XB 87 -1.14 -106.50 22.26
N ARG XB 88 -1.78 -107.24 21.37
CA ARG XB 88 -2.83 -108.19 21.72
C ARG XB 88 -2.24 -109.42 22.40
N LEU XB 89 -0.96 -109.68 22.17
CA LEU XB 89 -0.26 -110.79 22.81
C LEU XB 89 0.12 -110.44 24.23
N ALA XB 90 0.80 -109.31 24.39
CA ALA XB 90 1.15 -108.77 25.71
C ALA XB 90 -0.06 -108.24 26.49
N ARG XB 91 -1.22 -108.17 25.82
CA ARG XB 91 -2.50 -108.06 26.52
C ARG XB 91 -2.64 -109.17 27.56
N HIS XB 92 -2.18 -110.37 27.22
CA HIS XB 92 -1.88 -111.39 28.23
C HIS XB 92 -0.44 -111.88 28.13
N GLY XB 93 0.47 -111.00 28.56
CA GLY XB 93 1.91 -111.28 28.79
C GLY XB 93 2.58 -112.43 28.06
N LEU XB 94 2.88 -112.22 26.78
CA LEU XB 94 3.70 -113.16 26.01
C LEU XB 94 4.55 -112.59 24.86
N TYR XB 95 4.40 -111.30 24.51
CA TYR XB 95 5.33 -110.61 23.60
C TYR XB 95 5.42 -109.14 23.97
N GLU XB 96 6.08 -108.88 25.10
CA GLU XB 96 6.26 -107.52 25.62
C GLU XB 96 7.29 -106.74 24.80
N LYS XB 97 7.29 -105.43 25.02
CA LYS XB 97 8.04 -104.47 24.21
C LYS XB 97 9.03 -103.63 25.03
N LYS XB 98 9.83 -102.86 24.30
CA LYS XB 98 10.78 -101.92 24.87
C LYS XB 98 10.09 -100.72 25.53
N LYS XB 99 10.85 -99.98 26.33
CA LYS XB 99 10.40 -98.72 26.93
C LYS XB 99 11.42 -97.63 26.60
N THR XB 100 11.51 -97.35 25.30
CA THR XB 100 12.42 -96.34 24.74
C THR XB 100 11.78 -94.95 24.75
N SER XB 101 10.48 -94.91 24.50
CA SER XB 101 9.69 -93.66 24.43
C SER XB 101 10.02 -92.86 23.17
N ARG XB 102 9.34 -93.19 22.07
CA ARG XB 102 9.46 -92.56 20.74
C ARG XB 102 10.34 -91.30 20.65
N LYS XB 103 9.97 -90.26 21.39
CA LYS XB 103 10.70 -88.99 21.39
C LYS XB 103 12.22 -89.16 21.64
N GLN XB 104 12.57 -90.09 22.50
CA GLN XB 104 13.99 -90.41 22.79
C GLN XB 104 14.73 -91.02 21.60
N ARG XB 105 14.06 -91.88 20.83
CA ARG XB 105 14.69 -92.54 19.67
C ARG XB 105 14.93 -91.53 18.53
N LYS XB 106 13.94 -90.67 18.30
CA LYS XB 106 14.05 -89.60 17.31
C LYS XB 106 15.13 -88.57 17.65
N GLU XB 107 15.20 -88.19 18.92
CA GLU XB 107 16.24 -87.27 19.39
C GLU XB 107 17.61 -87.90 19.15
N ARG XB 108 17.74 -89.15 19.59
CA ARG XB 108 18.94 -89.97 19.35
C ARG XB 108 19.35 -89.99 17.89
N LYS XB 109 18.40 -90.21 16.98
CA LYS XB 109 18.69 -90.32 15.54
C LYS XB 109 18.99 -89.02 14.83
N ASN XB 110 18.58 -87.91 15.43
CA ASN XB 110 18.91 -86.58 14.89
C ASN XB 110 20.36 -86.19 15.27
N ARG XB 111 20.82 -86.63 16.44
CA ARG XB 111 22.25 -86.84 16.68
C ARG XB 111 22.53 -88.18 16.02
N MET XB 112 23.72 -88.41 15.50
CA MET XB 112 24.04 -89.57 14.61
C MET XB 112 24.04 -89.12 13.16
N LYS XB 113 22.97 -88.46 12.76
CA LYS XB 113 22.97 -87.68 11.51
C LYS XB 113 24.12 -86.67 11.53
N LYS XB 114 24.48 -86.23 12.73
CA LYS XB 114 25.57 -85.30 12.96
C LYS XB 114 26.99 -85.86 12.72
N VAL XB 115 27.13 -87.19 12.61
CA VAL XB 115 28.43 -87.88 12.71
C VAL XB 115 28.60 -88.92 11.61
N ARG XB 116 29.85 -89.18 11.23
CA ARG XB 116 30.18 -90.17 10.21
C ARG XB 116 30.92 -91.39 10.76
N GLY XB 117 30.57 -92.56 10.23
CA GLY XB 117 31.35 -93.79 10.40
C GLY XB 117 31.40 -94.33 11.80
N THR XB 118 32.31 -93.76 12.59
CA THR XB 118 32.51 -94.07 14.01
C THR XB 118 31.37 -94.85 14.62
N ALA XB 119 31.45 -96.17 14.51
CA ALA XB 119 30.44 -97.08 15.06
C ALA XB 119 30.27 -96.86 16.57
N LYS XB 120 31.36 -96.57 17.27
CA LYS XB 120 31.34 -96.31 18.73
C LYS XB 120 30.58 -95.02 19.07
N ALA XB 121 30.82 -93.97 18.29
CA ALA XB 121 30.12 -92.68 18.46
C ALA XB 121 28.64 -92.82 18.10
N ASN XB 122 28.37 -93.47 16.98
CA ASN XB 122 26.99 -93.79 16.56
C ASN XB 122 26.30 -94.83 17.46
N VAL XB 123 27.08 -95.62 18.20
CA VAL XB 123 26.53 -96.48 19.27
C VAL XB 123 26.18 -95.60 20.48
N GLY XB 124 27.10 -94.71 20.87
CA GLY XB 124 26.89 -93.80 22.00
C GLY XB 124 25.72 -92.85 21.77
N ALA XB 125 26.01 -91.75 21.08
CA ALA XB 125 24.99 -90.76 20.65
C ALA XB 125 24.10 -90.23 21.79
N GLY XB 126 23.09 -91.01 22.19
CA GLY XB 126 22.13 -90.59 23.22
C GLY XB 126 20.76 -91.21 23.03
N ARG YB 1 -56.50 39.94 24.60
CA ARG YB 1 -57.01 41.23 24.01
C ARG YB 1 -57.98 41.95 24.95
N ASP YB 2 -58.97 41.20 25.44
CA ASP YB 2 -60.04 41.76 26.28
C ASP YB 2 -59.54 42.04 27.70
N LYS YB 3 -59.72 43.28 28.15
CA LYS YB 3 -59.45 43.66 29.54
C LYS YB 3 -60.27 44.90 29.89
N LEU YB 4 -61.48 44.66 30.40
CA LEU YB 4 -62.53 45.67 30.49
C LEU YB 4 -62.60 46.29 31.90
N ASN YB 5 -62.37 47.60 31.97
CA ASN YB 5 -62.14 48.33 33.24
C ASN YB 5 -63.18 49.44 33.45
N ASN YB 6 -64.15 49.18 34.35
CA ASN YB 6 -65.40 49.96 34.40
C ASN YB 6 -65.56 50.93 35.58
N LEU YB 7 -66.54 51.82 35.43
CA LEU YB 7 -66.85 52.89 36.39
C LEU YB 7 -67.99 52.49 37.31
N VAL YB 8 -68.00 53.04 38.51
CA VAL YB 8 -69.06 52.79 39.49
C VAL YB 8 -69.50 54.10 40.15
N LEU YB 9 -69.68 55.15 39.33
CA LEU YB 9 -69.85 56.50 39.88
C LEU YB 9 -70.77 57.42 39.08
N PHE YB 10 -71.30 58.40 39.81
CA PHE YB 10 -71.91 59.58 39.24
C PHE YB 10 -70.72 60.46 38.88
N ASP YB 11 -70.17 60.28 37.67
CA ASP YB 11 -68.93 60.96 37.25
C ASP YB 11 -69.16 62.03 36.16
N LYS YB 12 -70.22 62.82 36.35
CA LYS YB 12 -70.48 64.05 35.60
C LYS YB 12 -70.75 63.85 34.11
N ALA YB 13 -69.72 63.53 33.32
CA ALA YB 13 -69.83 63.45 31.87
C ALA YB 13 -70.71 62.28 31.43
N THR YB 14 -70.56 61.14 32.11
CA THR YB 14 -71.35 59.95 31.81
C THR YB 14 -72.82 60.13 32.21
N TYR YB 15 -73.04 60.76 33.37
CA TYR YB 15 -74.40 61.04 33.84
C TYR YB 15 -75.15 61.99 32.91
N ASP YB 16 -74.42 62.96 32.36
CA ASP YB 16 -74.98 63.87 31.35
C ASP YB 16 -75.19 63.17 29.99
N LYS YB 17 -74.32 62.22 29.65
CA LYS YB 17 -74.53 61.38 28.46
C LYS YB 17 -75.79 60.52 28.60
N LEU YB 18 -75.99 59.91 29.77
CA LEU YB 18 -77.20 59.11 30.06
C LEU YB 18 -78.47 59.94 29.91
N CYS YB 19 -78.49 61.12 30.52
CA CYS YB 19 -79.67 62.00 30.48
C CYS YB 19 -80.01 62.53 29.08
N LYS YB 20 -79.01 62.64 28.21
CA LYS YB 20 -79.21 63.05 26.81
C LYS YB 20 -79.50 61.87 25.89
N GLU YB 21 -78.54 60.94 25.82
CA GLU YB 21 -78.48 59.95 24.74
C GLU YB 21 -79.42 58.77 24.96
N VAL YB 22 -79.40 58.22 26.17
CA VAL YB 22 -79.96 56.88 26.43
C VAL YB 22 -81.47 56.76 26.16
N PRO YB 23 -82.29 57.76 26.56
CA PRO YB 23 -83.72 57.77 26.23
C PRO YB 23 -84.13 57.77 24.74
N ASN YB 24 -83.17 57.83 23.81
CA ASN YB 24 -83.45 57.76 22.39
C ASN YB 24 -83.28 56.37 21.78
N TYR YB 25 -82.60 55.47 22.48
CA TYR YB 25 -82.36 54.10 22.00
C TYR YB 25 -83.66 53.28 21.90
N LYS YB 26 -83.61 52.25 21.07
CA LYS YB 26 -84.72 51.29 20.92
C LYS YB 26 -84.53 50.10 21.87
N LEU YB 27 -83.31 49.59 21.92
CA LEU YB 27 -82.90 48.64 22.96
C LEU YB 27 -82.27 49.42 24.09
N ILE YB 28 -82.83 49.31 25.28
CA ILE YB 28 -82.14 49.81 26.47
C ILE YB 28 -82.16 48.68 27.49
N THR YB 29 -80.98 48.12 27.73
CA THR YB 29 -80.76 47.11 28.76
C THR YB 29 -79.46 47.48 29.46
N PRO YB 30 -79.32 47.07 30.74
CA PRO YB 30 -78.11 47.46 31.49
C PRO YB 30 -76.81 47.01 30.82
N ALA YB 31 -76.82 45.80 30.26
CA ALA YB 31 -75.70 45.27 29.47
C ALA YB 31 -75.33 46.20 28.32
N VAL YB 32 -76.33 46.58 27.54
CA VAL YB 32 -76.16 47.47 26.39
C VAL YB 32 -75.61 48.84 26.79
N VAL YB 33 -76.12 49.37 27.89
CA VAL YB 33 -75.63 50.66 28.41
C VAL YB 33 -74.16 50.50 28.85
N SER YB 34 -73.84 49.37 29.46
CA SER YB 34 -72.46 49.04 29.85
C SER YB 34 -71.47 49.10 28.69
N GLU YB 35 -71.82 48.44 27.58
CA GLU YB 35 -70.97 48.43 26.37
C GLU YB 35 -70.94 49.77 25.63
N ARG YB 36 -72.04 50.54 25.68
CA ARG YB 36 -72.08 51.91 25.14
C ARG YB 36 -71.10 52.83 25.86
N LEU YB 37 -71.19 52.82 27.18
CA LEU YB 37 -70.33 53.63 28.05
C LEU YB 37 -69.13 52.74 28.42
N LYS YB 38 -68.52 52.99 29.58
CA LYS YB 38 -67.67 52.00 30.24
C LYS YB 38 -68.17 51.86 31.68
N ILE YB 39 -69.50 51.80 31.81
CA ILE YB 39 -70.17 51.79 33.09
C ILE YB 39 -70.34 50.33 33.51
N ARG YB 40 -70.14 50.07 34.80
CA ARG YB 40 -70.05 48.72 35.39
C ARG YB 40 -71.18 47.76 34.98
N GLY YB 41 -72.38 47.99 35.49
CA GLY YB 41 -73.52 47.09 35.23
C GLY YB 41 -74.57 47.24 36.31
N SER YB 42 -74.14 47.08 37.56
CA SER YB 42 -74.96 47.45 38.71
C SER YB 42 -75.26 48.94 38.66
N LEU YB 43 -74.22 49.71 38.31
CA LEU YB 43 -74.35 51.12 38.00
C LEU YB 43 -75.41 51.31 36.92
N ALA YB 44 -75.25 50.61 35.81
CA ALA YB 44 -76.15 50.69 34.66
C ALA YB 44 -77.59 50.36 35.03
N ARG YB 45 -77.79 49.32 35.83
CA ARG YB 45 -79.13 48.96 36.34
C ARG YB 45 -79.75 50.12 37.10
N ALA YB 46 -79.00 50.63 38.08
CA ALA YB 46 -79.43 51.76 38.89
C ALA YB 46 -79.78 52.99 38.06
N ALA YB 47 -78.95 53.30 37.07
CA ALA YB 47 -79.22 54.40 36.14
C ALA YB 47 -80.55 54.21 35.40
N LEU YB 48 -80.80 52.98 34.96
CA LEU YB 48 -82.02 52.67 34.22
C LEU YB 48 -83.25 52.43 35.08
N GLN YB 49 -83.07 52.29 36.40
CA GLN YB 49 -84.21 52.44 37.34
C GLN YB 49 -84.51 53.90 37.60
N GLU YB 50 -83.47 54.75 37.63
CA GLU YB 50 -83.64 56.18 37.85
C GLU YB 50 -84.34 56.91 36.69
N LEU YB 51 -84.08 56.48 35.45
CA LEU YB 51 -84.71 57.09 34.27
C LEU YB 51 -86.18 56.67 34.09
N LEU YB 52 -86.53 55.47 34.54
CA LEU YB 52 -87.94 55.05 34.64
C LEU YB 52 -88.68 55.94 35.61
N SER YB 53 -88.14 56.02 36.83
CA SER YB 53 -88.72 56.82 37.93
C SER YB 53 -89.00 58.26 37.48
N LYS YB 54 -88.01 58.84 36.81
CA LYS YB 54 -88.14 60.18 36.22
C LYS YB 54 -89.18 60.21 35.10
N GLY YB 55 -89.16 59.18 34.25
CA GLY YB 55 -90.10 59.03 33.15
C GLY YB 55 -89.55 59.50 31.80
N LEU YB 56 -88.28 59.17 31.54
CA LEU YB 56 -87.65 59.39 30.22
C LEU YB 56 -87.48 58.09 29.43
N ILE YB 57 -87.70 56.94 30.05
CA ILE YB 57 -87.66 55.64 29.35
C ILE YB 57 -88.91 54.83 29.64
N LYS YB 58 -89.12 53.79 28.84
CA LYS YB 58 -90.31 52.93 28.92
C LYS YB 58 -89.93 51.53 29.39
N LEU YB 59 -90.79 50.90 30.18
CA LEU YB 59 -90.64 49.51 30.61
C LEU YB 59 -91.33 48.54 29.63
N VAL YB 60 -90.60 47.56 29.14
CA VAL YB 60 -91.15 46.52 28.25
C VAL YB 60 -91.30 45.20 29.00
N SER YB 61 -90.28 44.81 29.78
CA SER YB 61 -90.34 43.62 30.63
C SER YB 61 -89.37 43.75 31.80
N LYS YB 62 -89.75 43.22 32.96
CA LYS YB 62 -88.97 43.38 34.21
C LYS YB 62 -88.60 42.01 34.82
N HIS YB 63 -88.12 41.11 33.96
CA HIS YB 63 -87.88 39.72 34.34
C HIS YB 63 -86.57 39.56 35.12
N ARG YB 64 -86.50 38.52 35.96
CA ARG YB 64 -85.33 38.23 36.84
C ARG YB 64 -83.98 38.45 36.17
N ALA YB 65 -83.71 37.68 35.11
CA ALA YB 65 -82.50 37.83 34.31
C ALA YB 65 -82.45 39.17 33.58
N GLN YB 66 -83.31 39.35 32.57
CA GLN YB 66 -83.24 40.53 31.70
C GLN YB 66 -84.39 41.52 31.88
N VAL YB 67 -84.03 42.78 32.12
CA VAL YB 67 -84.98 43.90 32.02
C VAL YB 67 -84.87 44.50 30.64
N ILE YB 68 -85.99 45.01 30.13
CA ILE YB 68 -86.02 45.65 28.82
C ILE YB 68 -86.65 47.03 28.97
N TYR YB 69 -86.02 48.01 28.33
CA TYR YB 69 -86.46 49.40 28.37
C TYR YB 69 -86.41 49.98 26.97
N THR YB 70 -87.20 51.03 26.72
CA THR YB 70 -87.36 51.61 25.36
C THR YB 70 -87.10 53.12 25.30
N ARG YB 71 -87.11 53.62 24.07
CA ARG YB 71 -87.35 55.02 23.75
C ARG YB 71 -88.49 55.62 24.56
N ASN YB 72 -88.38 56.91 24.90
CA ASN YB 72 -89.40 57.71 25.62
C ASN YB 72 -90.84 57.20 25.64
N THR YB 73 -91.36 56.89 24.43
CA THR YB 73 -92.78 56.73 24.07
C THR YB 73 -93.15 57.98 23.26
N LYS YB 74 -92.44 58.15 22.14
CA LYS YB 74 -92.43 59.42 21.40
C LYS YB 74 -93.71 59.67 20.59
N GLY YB 75 -93.78 60.84 19.97
CA GLY YB 75 -94.89 61.21 19.09
C GLY YB 75 -94.54 62.33 18.14
N THR ZB 1 -52.05 -28.65 -8.69
CA THR ZB 1 -52.98 -29.40 -9.61
C THR ZB 1 -53.38 -28.58 -10.83
N LYS ZB 2 -53.60 -29.28 -11.95
CA LYS ZB 2 -54.01 -28.62 -13.18
C LYS ZB 2 -55.41 -28.06 -12.98
N LYS ZB 3 -55.50 -26.73 -13.03
CA LYS ZB 3 -56.76 -26.03 -12.78
C LYS ZB 3 -57.73 -26.17 -13.93
N ARG ZB 4 -57.21 -26.18 -15.16
CA ARG ZB 4 -58.07 -26.19 -16.35
C ARG ZB 4 -57.54 -27.07 -17.49
N ARG ZB 5 -58.40 -27.94 -18.03
CA ARG ZB 5 -58.10 -28.73 -19.24
C ARG ZB 5 -57.50 -27.84 -20.31
N ASN ZB 6 -58.18 -26.74 -20.55
CA ASN ZB 6 -57.72 -25.69 -21.44
C ASN ZB 6 -56.28 -25.30 -21.18
N ASN ZB 7 -55.94 -25.09 -19.91
CA ASN ZB 7 -54.99 -24.07 -19.48
C ASN ZB 7 -55.61 -22.77 -19.97
N GLY ZB 8 -55.89 -21.84 -19.06
CA GLY ZB 8 -56.72 -20.66 -19.38
C GLY ZB 8 -56.09 -19.84 -20.48
N ARG ZB 9 -56.34 -20.25 -21.72
CA ARG ZB 9 -55.42 -19.99 -22.85
C ARG ZB 9 -55.88 -20.95 -23.94
N ALA ZB 10 -56.83 -20.53 -24.75
CA ALA ZB 10 -57.37 -21.44 -25.78
C ALA ZB 10 -56.41 -21.67 -26.95
N LYS ZB 11 -55.38 -22.49 -26.73
CA LYS ZB 11 -54.34 -22.69 -27.73
C LYS ZB 11 -54.70 -23.88 -28.64
N LYS ZB 12 -54.08 -25.05 -28.43
CA LYS ZB 12 -54.50 -26.31 -29.07
C LYS ZB 12 -54.25 -26.34 -30.58
N GLY ZB 13 -53.09 -26.87 -30.95
CA GLY ZB 13 -52.68 -27.05 -32.34
C GLY ZB 13 -51.90 -25.85 -32.85
N ARG ZB 14 -50.79 -25.56 -32.18
CA ARG ZB 14 -50.00 -24.38 -32.52
C ARG ZB 14 -48.61 -24.36 -31.92
N GLY ZB 15 -48.53 -24.30 -30.61
CA GLY ZB 15 -47.24 -24.14 -29.96
C GLY ZB 15 -46.51 -22.83 -30.22
N HIS ZB 16 -47.27 -21.76 -30.47
CA HIS ZB 16 -46.80 -20.38 -30.30
C HIS ZB 16 -47.88 -19.42 -30.78
N VAL ZB 17 -48.07 -18.32 -30.06
CA VAL ZB 17 -48.96 -17.27 -30.52
C VAL ZB 17 -48.33 -15.88 -30.36
N GLN ZB 18 -48.79 -14.94 -31.16
CA GLN ZB 18 -48.28 -13.56 -31.11
C GLN ZB 18 -48.80 -12.90 -29.83
N PRO ZB 19 -47.97 -12.07 -29.17
CA PRO ZB 19 -48.48 -11.45 -27.94
C PRO ZB 19 -49.44 -10.31 -28.13
N ILE ZB 20 -49.90 -9.78 -27.00
CA ILE ZB 20 -50.74 -8.60 -26.91
C ILE ZB 20 -50.37 -7.82 -25.66
N ARG ZB 21 -50.12 -6.53 -25.82
CA ARG ZB 21 -49.92 -5.64 -24.70
C ARG ZB 21 -51.29 -5.26 -24.15
N CYS ZB 22 -51.48 -5.40 -22.85
CA CYS ZB 22 -52.81 -5.23 -22.26
C CYS ZB 22 -53.25 -3.79 -22.23
N THR ZB 23 -54.54 -3.56 -22.49
CA THR ZB 23 -55.08 -2.21 -22.61
C THR ZB 23 -55.43 -1.63 -21.24
N ASN ZB 24 -54.45 -1.62 -20.34
CA ASN ZB 24 -54.62 -1.17 -18.97
C ASN ZB 24 -53.28 -1.23 -18.24
N CYS ZB 25 -52.79 -2.44 -17.99
CA CYS ZB 25 -51.50 -2.62 -17.34
C CYS ZB 25 -50.34 -2.44 -18.31
N ALA ZB 26 -50.58 -2.63 -19.61
CA ALA ZB 26 -49.53 -2.68 -20.64
C ALA ZB 26 -48.68 -3.95 -20.52
N ARG ZB 27 -49.24 -4.95 -19.85
CA ARG ZB 27 -48.63 -6.24 -19.66
C ARG ZB 27 -48.61 -6.97 -20.99
N CYS ZB 28 -47.65 -7.88 -21.16
CA CYS ZB 28 -47.60 -8.71 -22.34
C CYS ZB 28 -48.43 -9.96 -22.11
N VAL ZB 29 -49.18 -10.38 -23.11
CA VAL ZB 29 -50.03 -11.57 -23.00
C VAL ZB 29 -50.15 -12.29 -24.33
N PRO ZB 30 -50.20 -13.64 -24.32
CA PRO ZB 30 -50.72 -14.32 -25.49
C PRO ZB 30 -52.11 -13.82 -25.91
N LYS ZB 31 -52.30 -13.67 -27.22
CA LYS ZB 31 -53.60 -13.30 -27.79
C LYS ZB 31 -54.65 -14.36 -27.53
N ASP ZB 32 -54.27 -15.64 -27.60
CA ASP ZB 32 -55.23 -16.73 -27.37
C ASP ZB 32 -55.64 -16.81 -25.90
N LYS ZB 33 -54.77 -16.30 -25.03
CA LYS ZB 33 -55.13 -15.95 -23.67
C LYS ZB 33 -55.71 -14.53 -23.70
N ALA ZB 34 -56.07 -14.01 -22.54
CA ALA ZB 34 -56.36 -12.58 -22.36
C ALA ZB 34 -57.82 -12.34 -22.59
N ILE ZB 35 -58.40 -11.60 -21.66
CA ILE ZB 35 -59.82 -11.34 -21.65
C ILE ZB 35 -60.01 -10.27 -22.71
N LYS ZB 36 -61.11 -10.37 -23.45
CA LYS ZB 36 -61.36 -9.48 -24.58
C LYS ZB 36 -62.80 -9.02 -24.63
N LYS ZB 37 -63.02 -7.79 -24.16
CA LYS ZB 37 -64.27 -7.10 -24.43
C LYS ZB 37 -64.13 -6.34 -25.73
N PHE ZB 38 -65.17 -6.44 -26.56
CA PHE ZB 38 -65.40 -5.53 -27.65
C PHE ZB 38 -66.49 -4.59 -27.20
N VAL ZB 39 -66.23 -3.29 -27.34
CA VAL ZB 39 -67.12 -2.29 -26.82
C VAL ZB 39 -67.53 -1.34 -27.94
N ILE ZB 40 -68.72 -1.61 -28.49
CA ILE ZB 40 -69.46 -0.59 -29.23
C ILE ZB 40 -70.15 0.25 -28.16
N ARG ZB 41 -70.21 1.56 -28.35
CA ARG ZB 41 -70.78 2.43 -27.33
C ARG ZB 41 -71.16 3.78 -27.94
N ASN ZB 42 -72.41 4.20 -27.75
CA ASN ZB 42 -72.86 5.55 -28.13
C ASN ZB 42 -71.90 6.63 -27.62
N ILE ZB 43 -71.40 7.48 -28.53
CA ILE ZB 43 -70.43 8.53 -28.15
C ILE ZB 43 -70.91 9.35 -26.95
N VAL ZB 44 -72.08 9.97 -27.12
CA VAL ZB 44 -72.53 11.05 -26.21
C VAL ZB 44 -73.15 10.60 -24.89
N GLU ZB 45 -73.63 9.35 -24.83
CA GLU ZB 45 -74.26 8.76 -23.62
C GLU ZB 45 -75.59 9.39 -23.20
N ALA ZB 46 -76.30 8.67 -22.34
CA ALA ZB 46 -77.67 9.01 -21.88
C ALA ZB 46 -77.92 10.44 -21.42
N ALA ZB 47 -76.91 11.06 -20.82
CA ALA ZB 47 -77.08 12.38 -20.19
C ALA ZB 47 -77.35 13.48 -21.20
N ALA ZB 48 -76.37 13.70 -22.08
CA ALA ZB 48 -76.39 14.82 -23.02
C ALA ZB 48 -77.01 14.47 -24.38
N VAL ZB 49 -77.26 13.19 -24.63
CA VAL ZB 49 -77.83 12.73 -25.90
C VAL ZB 49 -79.02 13.57 -26.37
N ARG ZB 50 -79.91 13.93 -25.45
CA ARG ZB 50 -81.08 14.73 -25.77
C ARG ZB 50 -80.68 16.22 -25.95
N ASP ZB 51 -79.69 16.66 -25.15
CA ASP ZB 51 -79.12 18.01 -25.27
C ASP ZB 51 -78.49 18.25 -26.63
N ILE ZB 52 -77.76 17.25 -27.12
CA ILE ZB 52 -77.13 17.31 -28.44
C ILE ZB 52 -78.14 17.08 -29.58
N SER ZB 53 -79.15 16.24 -29.35
CA SER ZB 53 -80.23 16.07 -30.34
C SER ZB 53 -80.94 17.40 -30.59
N GLU ZB 54 -81.24 18.11 -29.51
CA GLU ZB 54 -81.80 19.45 -29.58
C GLU ZB 54 -80.90 20.33 -30.45
N ALA ZB 55 -79.66 20.49 -30.00
CA ALA ZB 55 -78.72 21.48 -30.57
C ALA ZB 55 -77.79 20.92 -31.66
N SER ZB 56 -78.26 19.93 -32.41
CA SER ZB 56 -77.62 19.56 -33.67
C SER ZB 56 -78.31 20.35 -34.77
N VAL ZB 57 -77.56 20.67 -35.83
CA VAL ZB 57 -78.10 21.37 -36.98
C VAL ZB 57 -78.82 20.34 -37.84
N PHE ZB 58 -78.07 19.30 -38.21
CA PHE ZB 58 -78.53 18.30 -39.15
C PHE ZB 58 -79.81 17.65 -38.63
N ASP ZB 59 -80.86 17.71 -39.44
CA ASP ZB 59 -82.19 17.30 -39.01
C ASP ZB 59 -82.26 15.79 -38.79
N ALA ZB 60 -82.95 15.39 -37.72
CA ALA ZB 60 -82.91 14.03 -37.17
C ALA ZB 60 -81.48 13.64 -36.80
N TYR ZB 61 -80.72 13.07 -37.74
CA TYR ZB 61 -79.33 12.62 -37.55
C TYR ZB 61 -79.14 11.48 -36.53
N VAL ZB 62 -78.35 10.48 -36.92
CA VAL ZB 62 -78.29 9.20 -36.21
C VAL ZB 62 -77.11 9.05 -35.22
N LEU ZB 63 -76.38 10.13 -34.95
CA LEU ZB 63 -75.15 10.12 -34.14
C LEU ZB 63 -74.08 9.17 -34.73
N PRO ZB 64 -72.97 8.96 -34.01
CA PRO ZB 64 -72.05 7.86 -34.25
C PRO ZB 64 -71.96 6.92 -33.06
N LYS ZB 65 -71.10 5.90 -33.20
CA LYS ZB 65 -70.80 4.94 -32.14
C LYS ZB 65 -69.31 4.67 -32.07
N LEU ZB 66 -68.81 4.45 -30.85
CA LEU ZB 66 -67.38 4.32 -30.59
C LEU ZB 66 -67.05 2.85 -30.41
N TYR ZB 67 -66.15 2.35 -31.24
CA TYR ZB 67 -65.87 0.94 -31.38
C TYR ZB 67 -64.46 0.66 -30.90
N VAL ZB 68 -64.33 -0.14 -29.85
CA VAL ZB 68 -63.03 -0.43 -29.24
C VAL ZB 68 -62.95 -1.90 -28.88
N LYS ZB 69 -61.88 -2.56 -29.33
CA LYS ZB 69 -61.57 -3.88 -28.86
C LYS ZB 69 -60.54 -3.71 -27.75
N LEU ZB 70 -60.89 -4.12 -26.54
CA LEU ZB 70 -59.94 -4.16 -25.44
C LEU ZB 70 -59.17 -5.47 -25.46
N HIS ZB 71 -58.15 -5.51 -24.60
CA HIS ZB 71 -57.37 -6.70 -24.38
C HIS ZB 71 -56.93 -6.69 -22.94
N TYR ZB 72 -57.81 -7.18 -22.07
CA TYR ZB 72 -57.52 -7.16 -20.64
C TYR ZB 72 -56.64 -8.37 -20.37
N CYS ZB 73 -55.55 -8.18 -19.63
CA CYS ZB 73 -54.78 -9.32 -19.14
C CYS ZB 73 -55.51 -9.87 -17.93
N VAL ZB 74 -55.08 -11.04 -17.48
CA VAL ZB 74 -55.77 -11.77 -16.40
C VAL ZB 74 -55.79 -10.94 -15.13
N SER ZB 75 -54.61 -10.52 -14.70
CA SER ZB 75 -54.47 -9.72 -13.48
C SER ZB 75 -55.39 -8.53 -13.46
N CYS ZB 76 -55.34 -7.74 -14.53
CA CYS ZB 76 -56.16 -6.55 -14.64
C CYS ZB 76 -57.65 -6.88 -14.83
N ALA ZB 77 -57.97 -7.90 -15.63
CA ALA ZB 77 -59.36 -8.33 -15.85
C ALA ZB 77 -60.12 -8.64 -14.58
N ILE ZB 78 -59.43 -9.29 -13.65
CA ILE ZB 78 -60.00 -9.65 -12.36
C ILE ZB 78 -60.15 -8.43 -11.47
N HIS ZB 79 -59.17 -7.54 -11.55
CA HIS ZB 79 -59.15 -6.35 -10.71
C HIS ZB 79 -60.32 -5.45 -11.03
N SER ZB 80 -60.46 -5.13 -12.31
CA SER ZB 80 -61.58 -4.32 -12.82
C SER ZB 80 -62.92 -5.06 -12.84
N LYS ZB 81 -62.89 -6.37 -12.56
CA LYS ZB 81 -64.07 -7.20 -12.40
C LYS ZB 81 -64.80 -7.34 -13.72
N VAL ZB 82 -64.01 -7.48 -14.79
CA VAL ZB 82 -64.52 -7.91 -16.09
C VAL ZB 82 -64.94 -9.37 -15.92
N VAL ZB 83 -64.13 -10.13 -15.19
CA VAL ZB 83 -64.37 -11.55 -14.91
C VAL ZB 83 -64.23 -11.78 -13.41
N ARG ZB 84 -65.26 -12.35 -12.79
CA ARG ZB 84 -65.13 -12.83 -11.39
C ARG ZB 84 -64.51 -14.23 -11.36
N ASN ZB 85 -64.27 -14.74 -10.16
CA ASN ZB 85 -63.88 -16.14 -9.99
C ASN ZB 85 -65.13 -17.00 -9.98
N ARG ZB 86 -64.94 -18.31 -9.97
CA ARG ZB 86 -66.04 -19.25 -9.95
C ARG ZB 86 -65.72 -20.52 -9.19
N SER ZB 87 -66.79 -21.20 -8.74
CA SER ZB 87 -66.70 -22.51 -8.14
C SER ZB 87 -66.26 -23.53 -9.16
N ARG ZB 88 -65.53 -24.56 -8.72
CA ARG ZB 88 -64.97 -25.57 -9.63
C ARG ZB 88 -65.93 -26.05 -10.74
N GLU ZB 89 -67.23 -26.10 -10.46
CA GLU ZB 89 -68.23 -26.49 -11.46
C GLU ZB 89 -68.52 -25.34 -12.41
N ALA ZB 90 -68.78 -24.17 -11.84
CA ALA ZB 90 -69.16 -22.99 -12.61
C ALA ZB 90 -68.03 -22.42 -13.47
N ARG ZB 91 -66.83 -22.94 -13.26
CA ARG ZB 91 -65.70 -22.62 -14.12
C ARG ZB 91 -65.85 -23.19 -15.53
N LYS ZB 92 -66.56 -24.32 -15.68
CA LYS ZB 92 -66.65 -25.02 -16.95
C LYS ZB 92 -67.89 -24.63 -17.76
N ASP ZB 93 -68.24 -23.34 -17.77
CA ASP ZB 93 -69.43 -22.88 -18.51
C ASP ZB 93 -68.97 -21.78 -19.45
N ARG ZB 94 -68.62 -22.13 -20.68
CA ARG ZB 94 -68.08 -21.13 -21.61
C ARG ZB 94 -69.15 -20.46 -22.52
N THR ZB 95 -70.39 -20.38 -22.02
CA THR ZB 95 -71.38 -19.41 -22.51
C THR ZB 95 -71.12 -18.08 -21.82
N PRO ZB 96 -71.44 -16.97 -22.50
CA PRO ZB 96 -71.27 -15.68 -21.88
C PRO ZB 96 -72.46 -15.37 -20.96
N PRO ZB 97 -72.32 -14.35 -20.09
CA PRO ZB 97 -73.48 -13.84 -19.36
C PRO ZB 97 -74.33 -12.97 -20.30
N PRO ZB 98 -75.63 -12.82 -20.02
CA PRO ZB 98 -76.47 -12.00 -20.90
C PRO ZB 98 -76.63 -10.56 -20.39
N PRO AC 1 -76.35 -52.73 -31.99
CA PRO AC 1 -75.50 -52.89 -30.82
C PRO AC 1 -75.65 -54.25 -30.16
N LEU AC 2 -74.59 -54.73 -29.50
CA LEU AC 2 -74.60 -56.01 -28.77
C LEU AC 2 -74.81 -57.28 -29.62
N ALA AC 3 -74.89 -57.13 -30.94
CA ALA AC 3 -75.34 -58.18 -31.85
C ALA AC 3 -75.47 -57.63 -33.27
N LYS AC 4 -74.47 -57.92 -34.11
CA LYS AC 4 -74.47 -57.49 -35.51
C LYS AC 4 -73.93 -58.60 -36.40
N ASP AC 5 -74.72 -59.02 -37.38
CA ASP AC 5 -74.26 -59.99 -38.39
C ASP AC 5 -73.16 -59.37 -39.26
N LEU AC 6 -71.92 -59.58 -38.81
CA LEU AC 6 -70.73 -59.05 -39.46
C LEU AC 6 -70.46 -59.70 -40.81
N LEU AC 7 -70.95 -60.92 -40.98
CA LEU AC 7 -70.77 -61.73 -42.18
C LEU AC 7 -71.87 -61.53 -43.22
N HIS AC 8 -73.00 -60.95 -42.80
CA HIS AC 8 -74.14 -60.75 -43.67
C HIS AC 8 -74.62 -59.29 -43.60
N PRO AC 9 -73.68 -58.32 -43.74
CA PRO AC 9 -74.07 -56.92 -43.62
C PRO AC 9 -74.90 -56.45 -44.82
N SER AC 10 -75.89 -55.62 -44.55
CA SER AC 10 -76.80 -55.13 -45.59
C SER AC 10 -76.09 -54.14 -46.52
N PRO AC 11 -76.52 -54.09 -47.81
CA PRO AC 11 -75.85 -53.26 -48.81
C PRO AC 11 -76.00 -51.75 -48.59
N GLU AC 12 -77.05 -51.33 -47.89
CA GLU AC 12 -77.18 -49.93 -47.46
C GLU AC 12 -76.08 -49.52 -46.47
N GLU AC 13 -75.55 -50.49 -45.72
CA GLU AC 13 -74.41 -50.27 -44.82
C GLU AC 13 -73.14 -51.07 -45.17
N GLU AC 14 -72.92 -51.25 -46.48
CA GLU AC 14 -71.60 -51.57 -47.03
C GLU AC 14 -71.12 -50.48 -48.00
N LYS AC 15 -72.05 -49.95 -48.81
CA LYS AC 15 -71.75 -48.78 -49.64
C LYS AC 15 -71.36 -47.54 -48.84
N ARG AC 16 -71.94 -47.38 -47.65
CA ARG AC 16 -71.55 -46.26 -46.77
C ARG AC 16 -70.29 -46.53 -45.94
N LYS AC 17 -69.44 -47.47 -46.37
CA LYS AC 17 -68.16 -47.71 -45.74
C LYS AC 17 -67.03 -47.21 -46.63
N HIS AC 18 -65.82 -47.30 -46.07
CA HIS AC 18 -64.60 -47.05 -46.80
C HIS AC 18 -64.25 -48.26 -47.66
N LYS AC 19 -63.69 -48.01 -48.85
CA LYS AC 19 -63.28 -49.06 -49.79
C LYS AC 19 -62.38 -50.16 -49.21
N LYS AC 20 -61.68 -49.87 -48.11
CA LYS AC 20 -60.85 -50.87 -47.43
C LYS AC 20 -61.55 -51.55 -46.26
N LYS AC 21 -62.40 -50.83 -45.56
CA LYS AC 21 -63.00 -51.35 -44.32
C LYS AC 21 -64.21 -52.27 -44.51
N ARG AC 22 -64.60 -52.53 -45.77
CA ARG AC 22 -65.68 -53.47 -46.07
C ARG AC 22 -65.24 -54.90 -45.82
N LEU AC 23 -66.21 -55.82 -45.64
CA LEU AC 23 -65.89 -57.21 -45.24
C LEU AC 23 -64.89 -57.86 -46.17
N VAL AC 24 -65.15 -57.71 -47.47
CA VAL AC 24 -64.14 -57.97 -48.48
C VAL AC 24 -63.90 -56.64 -49.17
N GLN AC 25 -62.71 -56.10 -48.89
CA GLN AC 25 -62.14 -54.95 -49.56
C GLN AC 25 -62.46 -54.94 -51.06
N SER AC 26 -63.32 -54.00 -51.45
CA SER AC 26 -63.72 -53.79 -52.84
C SER AC 26 -63.17 -52.45 -53.33
N PRO AC 27 -63.37 -52.15 -54.63
CA PRO AC 27 -63.21 -50.77 -55.13
C PRO AC 27 -64.54 -50.03 -55.16
N ASN AC 28 -64.43 -48.71 -55.25
CA ASN AC 28 -65.56 -47.78 -55.28
C ASN AC 28 -65.82 -47.25 -56.70
N SER AC 29 -65.00 -47.70 -57.65
CA SER AC 29 -64.88 -47.07 -58.97
C SER AC 29 -65.30 -48.02 -60.08
N TYR AC 30 -65.29 -47.51 -61.32
CA TYR AC 30 -65.80 -48.25 -62.48
C TYR AC 30 -65.20 -47.76 -63.78
N PHE AC 31 -65.22 -48.61 -64.79
CA PHE AC 31 -64.93 -48.18 -66.16
C PHE AC 31 -66.23 -47.83 -66.84
N MET AC 32 -66.16 -46.87 -67.76
CA MET AC 32 -67.33 -46.44 -68.51
C MET AC 32 -67.03 -46.41 -70.00
N ASP AC 33 -68.07 -46.67 -70.78
CA ASP AC 33 -67.95 -46.79 -72.22
C ASP AC 33 -68.52 -45.48 -72.77
N VAL AC 34 -67.62 -44.52 -72.99
CA VAL AC 34 -68.00 -43.16 -73.32
C VAL AC 34 -68.33 -43.04 -74.80
N LYS AC 35 -69.45 -42.37 -75.10
CA LYS AC 35 -69.97 -42.26 -76.47
C LYS AC 35 -69.45 -41.03 -77.21
N CYS AC 36 -69.80 -39.84 -76.72
CA CYS AC 36 -69.51 -38.57 -77.41
C CYS AC 36 -70.39 -38.37 -78.67
N PRO AC 37 -70.52 -37.11 -79.15
CA PRO AC 37 -71.56 -36.79 -80.15
C PRO AC 37 -71.21 -37.06 -81.62
N GLY AC 38 -70.02 -36.63 -82.06
CA GLY AC 38 -69.62 -36.70 -83.48
C GLY AC 38 -68.95 -38.00 -83.87
N CYS AC 39 -67.77 -38.23 -83.31
CA CYS AC 39 -66.98 -39.43 -83.61
C CYS AC 39 -67.68 -40.65 -83.02
N TYR AC 40 -68.07 -41.60 -83.88
CA TYR AC 40 -68.89 -42.74 -83.45
C TYR AC 40 -68.14 -43.80 -82.63
N LYS AC 41 -66.81 -43.79 -82.66
CA LYS AC 41 -65.99 -44.73 -81.88
C LYS AC 41 -66.27 -44.57 -80.38
N ILE AC 42 -66.69 -45.66 -79.74
CA ILE AC 42 -67.01 -45.66 -78.32
C ILE AC 42 -65.71 -45.97 -77.57
N THR AC 43 -65.22 -44.97 -76.84
CA THR AC 43 -64.03 -45.12 -76.01
C THR AC 43 -64.38 -45.93 -74.77
N THR AC 44 -63.36 -46.34 -74.02
CA THR AC 44 -63.54 -47.12 -72.79
C THR AC 44 -62.73 -46.47 -71.67
N VAL AC 45 -63.34 -45.49 -71.02
CA VAL AC 45 -62.68 -44.63 -70.03
C VAL AC 45 -62.83 -45.23 -68.63
N PHE AC 46 -61.92 -44.86 -67.73
CA PHE AC 46 -62.00 -45.25 -66.32
C PHE AC 46 -62.44 -44.05 -65.49
N SER AC 47 -63.51 -44.22 -64.72
CA SER AC 47 -64.10 -43.18 -63.83
C SER AC 47 -63.12 -42.13 -63.28
N HIS AC 48 -62.00 -42.61 -62.75
CA HIS AC 48 -60.94 -41.76 -62.20
C HIS AC 48 -59.79 -41.71 -63.19
N ALA AC 49 -59.96 -40.89 -64.22
CA ALA AC 49 -59.15 -40.97 -65.43
C ALA AC 49 -57.72 -40.52 -65.23
N GLN AC 50 -57.55 -39.36 -64.60
CA GLN AC 50 -56.22 -38.77 -64.38
C GLN AC 50 -55.43 -38.36 -65.64
N THR AC 51 -55.45 -39.18 -66.69
CA THR AC 51 -55.07 -38.72 -68.04
C THR AC 51 -56.19 -37.88 -68.65
N VAL AC 52 -55.81 -36.94 -69.53
CA VAL AC 52 -56.79 -36.24 -70.37
C VAL AC 52 -57.08 -37.10 -71.61
N VAL AC 53 -58.29 -37.66 -71.65
CA VAL AC 53 -58.58 -38.75 -72.58
C VAL AC 53 -59.02 -38.19 -73.93
N LEU AC 54 -58.13 -38.30 -74.91
CA LEU AC 54 -58.42 -37.89 -76.28
C LEU AC 54 -59.04 -39.09 -77.01
N CYS AC 55 -59.89 -38.81 -78.00
CA CYS AC 55 -60.66 -39.85 -78.69
C CYS AC 55 -59.79 -40.79 -79.55
N VAL AC 56 -60.41 -41.82 -80.12
CA VAL AC 56 -59.72 -42.78 -80.98
C VAL AC 56 -59.42 -42.16 -82.35
N GLY AC 57 -60.38 -41.43 -82.89
CA GLY AC 57 -60.16 -40.55 -84.05
C GLY AC 57 -59.27 -39.35 -83.70
N CYS AC 58 -59.22 -39.02 -82.41
CA CYS AC 58 -58.31 -38.03 -81.82
C CYS AC 58 -58.73 -36.58 -82.11
N SER AC 59 -60.01 -36.38 -82.41
CA SER AC 59 -60.55 -35.06 -82.69
C SER AC 59 -60.82 -34.31 -81.37
N THR AC 60 -61.57 -34.97 -80.48
CA THR AC 60 -62.08 -34.34 -79.25
C THR AC 60 -61.28 -34.71 -78.00
N VAL AC 61 -61.65 -34.09 -76.88
CA VAL AC 61 -61.15 -34.44 -75.55
C VAL AC 61 -62.36 -34.87 -74.72
N LEU AC 62 -62.24 -36.00 -74.03
CA LEU AC 62 -63.38 -36.62 -73.35
C LEU AC 62 -63.48 -36.18 -71.90
N CYS AC 63 -62.37 -36.34 -71.18
CA CYS AC 63 -62.33 -36.11 -69.74
C CYS AC 63 -61.27 -35.10 -69.36
N GLN AC 64 -61.66 -34.07 -68.61
CA GLN AC 64 -60.70 -33.22 -67.90
C GLN AC 64 -60.58 -33.80 -66.48
N PRO AC 65 -59.46 -34.49 -66.19
CA PRO AC 65 -59.33 -35.29 -64.95
C PRO AC 65 -59.09 -34.46 -63.70
N THR AC 66 -60.11 -34.38 -62.85
CA THR AC 66 -60.05 -33.58 -61.63
C THR AC 66 -59.41 -34.40 -60.52
N GLY AC 67 -59.56 -33.95 -59.28
CA GLY AC 67 -59.16 -34.72 -58.12
C GLY AC 67 -59.96 -36.00 -58.00
N GLY AC 68 -61.28 -35.88 -58.04
CA GLY AC 68 -62.18 -37.02 -57.91
C GLY AC 68 -62.34 -37.77 -59.21
N LYS AC 69 -63.59 -38.15 -59.50
CA LYS AC 69 -63.93 -38.72 -60.81
C LYS AC 69 -63.66 -37.66 -61.87
N ALA AC 70 -63.28 -38.08 -63.07
CA ALA AC 70 -62.96 -37.14 -64.13
C ALA AC 70 -64.21 -36.44 -64.66
N ARG AC 71 -63.99 -35.23 -65.18
CA ARG AC 71 -65.05 -34.36 -65.67
C ARG AC 71 -65.22 -34.60 -67.18
N LEU AC 72 -66.36 -35.17 -67.57
CA LEU AC 72 -66.62 -35.50 -68.97
C LEU AC 72 -67.06 -34.25 -69.73
N THR AC 73 -66.71 -34.16 -71.01
CA THR AC 73 -66.92 -32.94 -71.81
C THR AC 73 -68.35 -32.77 -72.33
N GLU AC 74 -69.19 -32.15 -71.50
CA GLU AC 74 -70.54 -31.72 -71.87
C GLU AC 74 -71.37 -32.84 -72.52
N GLY AC 75 -71.35 -32.92 -73.86
CA GLY AC 75 -72.16 -33.89 -74.59
C GLY AC 75 -71.39 -35.17 -74.75
N CYS AC 76 -71.32 -35.95 -73.68
CA CYS AC 76 -70.56 -37.19 -73.66
C CYS AC 76 -71.20 -38.17 -72.67
N SER AC 77 -72.20 -38.91 -73.15
CA SER AC 77 -72.90 -39.89 -72.32
C SER AC 77 -72.07 -41.17 -72.17
N PHE AC 78 -72.51 -42.04 -71.26
CA PHE AC 78 -71.69 -43.18 -70.86
C PHE AC 78 -72.49 -44.23 -70.07
N ARG AC 79 -71.98 -45.45 -70.07
CA ARG AC 79 -72.63 -46.58 -69.43
C ARG AC 79 -71.65 -47.35 -68.53
N ARG AC 80 -72.08 -47.59 -67.29
CA ARG AC 80 -71.36 -48.46 -66.37
C ARG AC 80 -71.41 -49.91 -66.80
N LYS AC 81 -72.65 -50.40 -66.94
CA LYS AC 81 -73.02 -51.82 -66.89
C LYS AC 81 -71.91 -52.81 -67.24
N GLN AC 82 -71.18 -53.23 -66.21
CA GLN AC 82 -70.17 -54.26 -66.34
C GLN AC 82 -69.71 -54.77 -64.97
N HIS AC 83 -69.50 -56.09 -64.90
CA HIS AC 83 -68.81 -56.74 -63.79
C HIS AC 83 -69.63 -56.74 -62.49
N PRO BC 1 -76.48 30.80 -11.96
CA PRO BC 1 -77.93 30.77 -11.96
C PRO BC 1 -78.51 29.73 -11.00
N ILE BC 2 -79.02 30.19 -9.86
CA ILE BC 2 -79.49 29.30 -8.80
C ILE BC 2 -80.84 28.71 -9.22
N LYS BC 3 -80.78 27.65 -10.02
CA LYS BC 3 -81.99 26.99 -10.49
C LYS BC 3 -82.58 26.11 -9.42
N LEU BC 4 -83.89 26.19 -9.24
CA LEU BC 4 -84.62 25.28 -8.37
C LEU BC 4 -84.96 24.04 -9.19
N ALA BC 5 -85.10 22.91 -8.50
CA ALA BC 5 -85.41 21.64 -9.16
C ALA BC 5 -86.11 20.71 -8.17
N ARG BC 6 -87.19 20.09 -8.63
CA ARG BC 6 -88.02 19.25 -7.80
C ARG BC 6 -87.59 17.80 -7.94
N VAL BC 7 -87.43 17.11 -6.81
CA VAL BC 7 -87.10 15.69 -6.77
C VAL BC 7 -88.28 14.84 -7.26
N THR BC 8 -88.05 14.04 -8.30
CA THR BC 8 -89.07 13.13 -8.83
C THR BC 8 -88.97 11.72 -8.27
N LYS BC 9 -87.75 11.21 -8.12
CA LYS BC 9 -87.55 9.85 -7.67
C LYS BC 9 -86.22 9.70 -6.96
N VAL BC 10 -86.28 9.42 -5.66
CA VAL BC 10 -85.10 9.12 -4.87
C VAL BC 10 -84.66 7.69 -5.15
N ILE BC 11 -83.41 7.56 -5.59
CA ILE BC 11 -82.91 6.33 -6.20
C ILE BC 11 -82.34 5.39 -5.14
N GLY BC 12 -81.31 5.87 -4.44
CA GLY BC 12 -80.57 5.04 -3.49
C GLY BC 12 -79.41 5.80 -2.89
N LYS BC 13 -79.10 5.47 -1.63
CA LYS BC 13 -78.10 6.21 -0.87
C LYS BC 13 -76.70 5.76 -1.29
N THR BC 14 -76.03 6.60 -2.07
CA THR BC 14 -74.62 6.44 -2.37
C THR BC 14 -73.80 7.00 -1.19
N GLY BC 15 -72.50 7.16 -1.38
CA GLY BC 15 -71.62 7.72 -0.36
C GLY BC 15 -70.73 6.65 0.18
N SER BC 16 -69.61 7.08 0.75
CA SER BC 16 -68.62 6.18 1.35
C SER BC 16 -69.15 5.64 2.66
N GLN BC 17 -69.47 6.56 3.57
CA GLN BC 17 -70.05 6.20 4.86
C GLN BC 17 -71.55 5.97 4.73
N GLY BC 18 -72.17 6.39 3.62
CA GLY BC 18 -73.59 6.27 3.43
C GLY BC 18 -74.24 7.52 3.96
N GLN BC 19 -74.69 8.38 3.06
CA GLN BC 19 -75.14 9.73 3.41
C GLN BC 19 -75.74 10.45 2.20
N CYS BC 20 -75.00 10.45 1.09
CA CYS BC 20 -75.41 11.13 -0.12
C CYS BC 20 -76.44 10.31 -0.87
N THR BC 21 -77.69 10.75 -0.85
CA THR BC 21 -78.76 10.14 -1.64
C THR BC 21 -78.60 10.57 -3.10
N GLN BC 22 -78.69 9.60 -4.00
CA GLN BC 22 -78.70 9.87 -5.44
C GLN BC 22 -80.15 10.11 -5.80
N VAL BC 23 -80.40 11.26 -6.43
CA VAL BC 23 -81.77 11.74 -6.64
C VAL BC 23 -81.93 12.31 -8.04
N ARG BC 24 -83.06 11.97 -8.66
CA ARG BC 24 -83.37 12.36 -10.03
C ARG BC 24 -84.32 13.54 -9.89
N VAL BC 25 -84.05 14.62 -10.63
CA VAL BC 25 -84.71 15.90 -10.35
C VAL BC 25 -85.26 16.64 -11.59
N GLU BC 26 -86.59 16.86 -11.59
CA GLU BC 26 -87.26 17.69 -12.59
C GLU BC 26 -86.87 19.14 -12.35
N PHE BC 27 -86.82 19.92 -13.43
CA PHE BC 27 -86.05 21.17 -13.43
C PHE BC 27 -86.88 22.45 -13.41
N MET BC 28 -88.13 22.37 -12.97
CA MET BC 28 -88.91 23.55 -12.51
C MET BC 28 -89.28 24.55 -13.61
N ASP BC 29 -88.30 25.25 -14.18
CA ASP BC 29 -88.53 26.26 -15.23
C ASP BC 29 -88.99 25.62 -16.53
N ASP BC 30 -88.39 24.49 -16.87
CA ASP BC 30 -88.88 23.62 -17.94
C ASP BC 30 -88.72 22.16 -17.49
N THR BC 31 -89.84 21.50 -17.19
CA THR BC 31 -89.83 20.15 -16.60
C THR BC 31 -89.44 19.01 -17.55
N SER BC 32 -89.22 19.32 -18.83
CA SER BC 32 -88.62 18.36 -19.78
C SER BC 32 -87.21 17.90 -19.38
N HIS BC 33 -86.48 18.77 -18.67
CA HIS BC 33 -85.08 18.50 -18.29
C HIS BC 33 -85.12 17.60 -17.07
N SER BC 34 -84.06 16.81 -16.86
CA SER BC 34 -83.99 15.89 -15.72
C SER BC 34 -82.58 15.34 -15.45
N THR BC 35 -81.84 15.99 -14.56
CA THR BC 35 -80.52 15.51 -14.12
C THR BC 35 -80.66 14.50 -12.98
N ILE BC 36 -79.65 13.66 -12.82
CA ILE BC 36 -79.46 12.87 -11.61
C ILE BC 36 -78.32 13.50 -10.83
N ARG BC 37 -78.53 13.74 -9.54
CA ARG BC 37 -77.48 14.31 -8.70
C ARG BC 37 -77.67 14.08 -7.21
N ASN BC 38 -76.60 14.35 -6.46
CA ASN BC 38 -76.44 13.86 -5.10
C ASN BC 38 -76.90 14.88 -4.05
N VAL BC 39 -77.28 14.37 -2.87
CA VAL BC 39 -77.82 15.22 -1.81
C VAL BC 39 -77.37 14.80 -0.40
N LYS BC 40 -76.83 15.76 0.34
CA LYS BC 40 -76.59 15.60 1.78
C LYS BC 40 -77.87 15.89 2.56
N GLY BC 41 -78.44 14.84 3.13
CA GLY BC 41 -79.51 14.98 4.11
C GLY BC 41 -80.61 13.96 3.94
N PRO BC 42 -81.75 14.17 4.61
CA PRO BC 42 -82.92 13.35 4.42
C PRO BC 42 -83.74 13.90 3.26
N VAL BC 43 -83.83 13.12 2.20
CA VAL BC 43 -84.48 13.53 0.96
C VAL BC 43 -85.70 12.67 0.77
N ARG BC 44 -86.69 13.21 0.07
CA ARG BC 44 -87.88 12.46 -0.26
C ARG BC 44 -88.53 12.96 -1.53
N GLU BC 45 -89.35 12.10 -2.13
CA GLU BC 45 -90.14 12.46 -3.30
C GLU BC 45 -91.01 13.65 -2.90
N GLY BC 46 -90.94 14.71 -3.70
CA GLY BC 46 -91.69 15.93 -3.40
C GLY BC 46 -90.98 16.83 -2.42
N ASP BC 47 -89.84 17.35 -2.85
CA ASP BC 47 -89.22 18.53 -2.26
C ASP BC 47 -88.38 19.21 -3.33
N VAL BC 48 -87.83 20.38 -3.03
CA VAL BC 48 -87.16 21.19 -4.03
C VAL BC 48 -85.71 21.48 -3.64
N LEU BC 49 -84.79 20.98 -4.47
CA LEU BC 49 -83.38 21.33 -4.36
C LEU BC 49 -83.13 22.78 -4.76
N THR BC 50 -81.93 23.24 -4.46
CA THR BC 50 -81.45 24.54 -4.85
C THR BC 50 -80.08 24.35 -5.49
N LEU BC 51 -80.08 23.95 -6.77
CA LEU BC 51 -78.82 23.72 -7.48
C LEU BC 51 -78.23 25.08 -7.81
N LEU BC 52 -76.92 25.22 -7.62
CA LEU BC 52 -76.23 26.44 -7.96
C LEU BC 52 -75.75 26.31 -9.41
N GLU BC 53 -74.75 25.46 -9.63
CA GLU BC 53 -74.53 24.82 -10.92
C GLU BC 53 -75.78 24.13 -11.45
N SER BC 54 -75.85 23.95 -12.77
CA SER BC 54 -76.99 23.29 -13.40
C SER BC 54 -76.59 22.27 -14.47
N GLU BC 55 -75.30 21.92 -14.55
CA GLU BC 55 -74.78 21.15 -15.68
C GLU BC 55 -73.78 20.04 -15.30
N ARG BC 56 -73.74 19.65 -14.02
CA ARG BC 56 -72.67 18.78 -13.52
C ARG BC 56 -73.09 17.32 -13.64
N GLU BC 57 -74.22 16.97 -13.02
CA GLU BC 57 -74.85 15.65 -13.14
C GLU BC 57 -73.93 14.49 -12.72
N ALA BC 58 -73.99 14.12 -11.44
CA ALA BC 58 -73.16 13.04 -10.90
C ALA BC 58 -73.74 11.67 -11.23
N ARG BC 59 -72.95 10.63 -10.95
CA ARG BC 59 -73.36 9.24 -11.10
C ARG BC 59 -72.91 8.41 -9.88
N ARG BC 60 -71.94 7.50 -10.05
CA ARG BC 60 -71.40 6.71 -8.94
C ARG BC 60 -70.43 7.54 -8.10
N LEU BC 61 -70.52 7.40 -6.77
CA LEU BC 61 -69.49 7.92 -5.86
C LEU BC 61 -69.52 7.15 -4.53
N GLN CC 1 -56.32 -16.70 79.75
CA GLN CC 1 -57.56 -17.54 79.89
C GLN CC 1 -58.84 -16.72 79.77
N GLN CC 2 -59.01 -15.73 80.63
CA GLN CC 2 -60.15 -14.80 80.57
C GLN CC 2 -60.09 -13.92 79.30
N LEU CC 3 -58.87 -13.60 78.86
CA LEU CC 3 -58.66 -12.72 77.69
C LEU CC 3 -58.66 -13.39 76.29
N TYR CC 4 -59.17 -14.63 76.22
CA TYR CC 4 -59.00 -15.50 75.04
C TYR CC 4 -59.74 -15.02 73.80
N TRP CC 5 -60.97 -14.59 73.97
CA TRP CC 5 -61.80 -14.08 72.87
C TRP CC 5 -62.05 -12.60 73.11
N SER CC 6 -61.29 -12.00 74.03
CA SER CC 6 -61.77 -10.83 74.75
C SER CC 6 -61.44 -9.56 74.00
N HIS CC 7 -62.23 -9.32 72.97
CA HIS CC 7 -62.12 -8.14 72.14
C HIS CC 7 -63.53 -7.81 71.65
N PRO CC 8 -63.99 -6.55 71.85
CA PRO CC 8 -65.31 -6.09 71.40
C PRO CC 8 -65.73 -6.58 70.01
N ARG CC 9 -66.62 -7.58 70.02
CA ARG CC 9 -67.01 -8.32 68.83
C ARG CC 9 -68.49 -8.08 68.60
N LYS CC 10 -68.92 -6.83 68.74
CA LYS CC 10 -70.35 -6.49 68.76
C LYS CC 10 -70.87 -5.79 67.51
N PHE CC 11 -69.97 -5.33 66.65
CA PHE CC 11 -70.31 -4.46 65.53
C PHE CC 11 -69.20 -4.55 64.48
N GLY CC 12 -69.59 -4.50 63.20
CA GLY CC 12 -68.63 -4.69 62.09
C GLY CC 12 -68.48 -6.16 61.73
N GLN CC 13 -67.84 -6.41 60.59
CA GLN CC 13 -67.77 -7.76 60.02
C GLN CC 13 -66.86 -8.78 60.76
N GLY CC 14 -66.12 -8.33 61.78
CA GLY CC 14 -65.48 -9.25 62.72
C GLY CC 14 -66.48 -10.08 63.50
N SER CC 15 -67.68 -9.53 63.71
CA SER CC 15 -68.78 -10.31 64.26
C SER CC 15 -69.44 -11.14 63.16
N ARG CC 16 -70.16 -10.44 62.31
CA ARG CC 16 -71.22 -11.03 61.50
C ARG CC 16 -70.68 -11.91 60.37
N SER CC 17 -71.11 -13.17 60.40
CA SER CC 17 -70.72 -14.17 59.43
C SER CC 17 -71.92 -14.65 58.65
N CYS CC 18 -71.67 -15.57 57.73
CA CYS CC 18 -72.75 -16.26 57.02
C CYS CC 18 -73.24 -17.42 57.88
N ARG CC 19 -74.48 -17.82 57.61
CA ARG CC 19 -75.11 -18.93 58.29
C ARG CC 19 -74.99 -20.22 57.48
N VAL CC 20 -73.98 -20.29 56.62
CA VAL CC 20 -73.69 -21.47 55.80
C VAL CC 20 -72.17 -21.63 55.67
N CYS CC 21 -71.52 -20.74 54.91
CA CYS CC 21 -70.08 -20.81 54.67
C CYS CC 21 -69.32 -20.28 55.89
N SER CC 22 -69.96 -19.35 56.59
CA SER CC 22 -69.36 -18.58 57.67
C SER CC 22 -68.28 -17.56 57.24
N ASN CC 23 -67.96 -17.46 55.95
CA ASN CC 23 -66.96 -16.49 55.50
C ASN CC 23 -67.60 -15.12 55.65
N ARG CC 24 -66.83 -14.16 56.13
CA ARG CC 24 -67.36 -12.90 56.61
C ARG CC 24 -67.13 -11.75 55.61
N HIS CC 25 -67.52 -12.00 54.36
CA HIS CC 25 -67.38 -11.04 53.26
C HIS CC 25 -68.51 -11.16 52.26
N GLY CC 26 -69.06 -10.01 51.86
CA GLY CC 26 -70.08 -9.95 50.82
C GLY CC 26 -71.41 -10.53 51.26
N LEU CC 27 -71.82 -10.24 52.50
CA LEU CC 27 -73.03 -10.82 53.07
C LEU CC 27 -74.27 -10.08 52.62
N ILE CC 28 -75.29 -10.85 52.28
CA ILE CC 28 -76.63 -10.31 52.15
C ILE CC 28 -77.12 -10.26 53.59
N ARG CC 29 -77.28 -9.05 54.10
CA ARG CC 29 -77.83 -8.82 55.43
C ARG CC 29 -79.28 -8.35 55.39
N LYS CC 30 -79.75 -8.03 54.18
CA LYS CC 30 -81.09 -7.47 53.98
C LYS CC 30 -82.13 -8.56 54.22
N TYR CC 31 -83.22 -8.17 54.89
CA TYR CC 31 -84.27 -9.11 55.31
C TYR CC 31 -83.76 -10.21 56.24
N GLY CC 32 -82.69 -9.92 56.98
CA GLY CC 32 -82.02 -10.91 57.82
C GLY CC 32 -81.60 -12.18 57.10
N LEU CC 33 -81.24 -12.07 55.82
CA LEU CC 33 -80.79 -13.23 55.05
C LEU CC 33 -79.55 -13.81 55.70
N ASN CC 34 -78.58 -12.95 55.96
CA ASN CC 34 -77.33 -13.35 56.60
C ASN CC 34 -76.73 -14.56 55.92
N MET CC 35 -76.26 -14.35 54.71
CA MET CC 35 -75.56 -15.40 53.97
C MET CC 35 -74.63 -14.86 52.88
N CYS CC 36 -73.57 -15.62 52.61
CA CYS CC 36 -72.59 -15.25 51.58
C CYS CC 36 -73.39 -15.02 50.29
N ARG CC 37 -73.06 -13.97 49.54
CA ARG CC 37 -73.73 -13.71 48.24
C ARG CC 37 -73.57 -14.88 47.26
N GLN CC 38 -72.47 -15.62 47.40
CA GLN CC 38 -72.27 -16.87 46.69
C GLN CC 38 -73.24 -17.94 47.20
N CYS CC 39 -73.34 -18.06 48.52
CA CYS CC 39 -74.29 -18.97 49.17
C CYS CC 39 -75.74 -18.55 48.95
N PHE CC 40 -75.97 -17.25 48.79
CA PHE CC 40 -77.31 -16.75 48.50
C PHE CC 40 -77.81 -17.24 47.14
N ARG CC 41 -76.99 -17.05 46.11
CA ARG CC 41 -77.27 -17.61 44.77
C ARG CC 41 -77.35 -19.13 44.77
N GLN CC 42 -76.52 -19.76 45.62
CA GLN CC 42 -76.55 -21.20 45.80
C GLN CC 42 -77.96 -21.68 46.14
N TYR CC 43 -78.58 -21.06 47.15
CA TYR CC 43 -79.86 -21.55 47.69
C TYR CC 43 -81.10 -20.83 47.16
N ALA CC 44 -80.95 -19.54 46.82
CA ALA CC 44 -82.06 -18.61 46.48
C ALA CC 44 -83.42 -19.22 46.13
N LYS CC 45 -83.42 -20.12 45.16
CA LYS CC 45 -84.63 -20.83 44.72
C LYS CC 45 -85.43 -21.41 45.88
N ASP CC 46 -84.73 -22.13 46.76
CA ASP CC 46 -85.34 -22.73 47.96
C ASP CC 46 -85.84 -21.68 48.93
N ILE CC 47 -85.09 -20.59 49.08
CA ILE CC 47 -85.50 -19.48 49.95
C ILE CC 47 -86.79 -18.81 49.45
N GLY CC 48 -87.10 -18.96 48.17
CA GLY CC 48 -88.34 -18.46 47.59
C GLY CC 48 -88.07 -17.40 46.54
N PHE CC 49 -86.87 -16.83 46.58
CA PHE CC 49 -86.44 -15.88 45.55
C PHE CC 49 -86.39 -16.53 44.18
N ILE CC 50 -86.47 -15.69 43.16
CA ILE CC 50 -86.49 -16.15 41.79
C ILE CC 50 -86.12 -15.01 40.86
N LYS CC 51 -85.49 -15.34 39.74
CA LYS CC 51 -85.15 -14.36 38.72
C LYS CC 51 -86.28 -14.36 37.70
N LEU CC 52 -87.01 -13.24 37.65
CA LEU CC 52 -88.11 -13.04 36.70
C LEU CC 52 -87.76 -11.85 35.80
N ASP CC 53 -87.36 -10.76 36.44
CA ASP CC 53 -86.59 -9.69 35.81
C ASP CC 53 -85.30 -9.57 36.61
N HIS DC 1 -21.04 -26.86 25.61
CA HIS DC 1 -21.13 -26.40 27.04
C HIS DC 1 -21.94 -27.35 27.91
N GLY DC 2 -21.82 -27.18 29.22
CA GLY DC 2 -22.42 -28.08 30.21
C GLY DC 2 -21.36 -29.02 30.75
N SER DC 3 -21.35 -29.21 32.07
CA SER DC 3 -20.31 -29.99 32.74
C SER DC 3 -20.46 -31.50 32.52
N LEU DC 4 -19.54 -32.26 33.12
CA LEU DC 4 -19.63 -33.71 33.21
C LEU DC 4 -19.68 -34.12 34.67
N ALA DC 5 -20.41 -33.34 35.47
CA ALA DC 5 -20.44 -33.55 36.91
C ALA DC 5 -21.42 -34.65 37.28
N ARG DC 6 -22.70 -34.37 37.08
CA ARG DC 6 -23.76 -35.12 37.78
C ARG DC 6 -23.71 -36.61 37.56
N VAL DC 7 -23.47 -37.02 36.31
CA VAL DC 7 -23.01 -38.36 35.95
C VAL DC 7 -23.17 -39.42 37.06
N GLY DC 8 -24.23 -40.22 36.97
CA GLY DC 8 -24.54 -41.16 38.05
C GLY DC 8 -25.15 -40.47 39.26
N LYS DC 9 -25.78 -39.31 39.04
CA LYS DC 9 -26.58 -38.64 40.07
C LYS DC 9 -27.64 -39.59 40.60
N VAL DC 10 -28.49 -40.06 39.69
CA VAL DC 10 -29.64 -40.89 40.04
C VAL DC 10 -29.26 -42.30 40.45
N ARG DC 11 -28.29 -42.91 39.76
CA ARG DC 11 -27.77 -44.20 40.17
C ARG DC 11 -27.17 -44.12 41.57
N GLY DC 12 -26.62 -42.96 41.91
CA GLY DC 12 -26.10 -42.69 43.24
C GLY DC 12 -27.18 -42.58 44.31
N GLN DC 13 -28.09 -41.63 44.14
CA GLN DC 13 -28.94 -41.18 45.26
C GLN DC 13 -30.26 -41.95 45.44
N THR DC 14 -30.46 -43.06 44.74
CA THR DC 14 -31.65 -43.88 44.94
C THR DC 14 -31.66 -44.42 46.36
N LEU DC 15 -32.85 -44.71 46.85
CA LEU DC 15 -33.01 -45.30 48.17
C LEU DC 15 -32.70 -46.78 48.02
N LYS DC 16 -31.66 -47.26 48.71
CA LYS DC 16 -31.24 -48.66 48.55
C LYS DC 16 -32.25 -49.59 49.20
N VAL DC 17 -32.39 -50.79 48.63
CA VAL DC 17 -33.41 -51.75 49.06
C VAL DC 17 -32.82 -53.15 48.96
N ALA DC 18 -33.28 -54.04 49.84
CA ALA DC 18 -32.99 -55.48 49.73
C ALA DC 18 -33.72 -56.07 48.55
N LYS DC 19 -33.20 -57.18 48.03
CA LYS DC 19 -33.82 -57.87 46.91
C LYS DC 19 -34.81 -58.97 47.36
N GLN DC 20 -35.31 -58.87 48.60
CA GLN DC 20 -36.26 -59.82 49.18
C GLN DC 20 -35.80 -61.28 49.13
N GLU DC 21 -36.67 -62.19 49.56
CA GLU DC 21 -36.51 -63.61 49.26
C GLU DC 21 -37.88 -64.26 49.19
N LYS DC 22 -38.01 -65.26 48.32
CA LYS DC 22 -39.22 -66.07 48.26
C LYS DC 22 -38.89 -67.56 48.15
N LYS DC 23 -38.59 -68.05 46.95
CA LYS DC 23 -38.48 -69.51 46.73
C LYS DC 23 -37.62 -69.92 45.55
N LYS DC 24 -37.25 -71.19 45.56
CA LYS DC 24 -36.64 -71.88 44.42
C LYS DC 24 -37.74 -72.09 43.38
N LYS DC 25 -37.66 -71.35 42.26
CA LYS DC 25 -38.71 -71.33 41.26
C LYS DC 25 -38.64 -72.57 40.36
N ARG DC 26 -39.81 -72.97 39.86
CA ARG DC 26 -39.90 -74.14 38.99
C ARG DC 26 -39.31 -73.76 37.64
N THR DC 27 -38.40 -74.59 37.15
CA THR DC 27 -37.69 -74.36 35.90
C THR DC 27 -38.05 -75.45 34.91
N GLY DC 28 -37.68 -75.21 33.65
CA GLY DC 28 -37.86 -76.18 32.59
C GLY DC 28 -39.30 -76.58 32.36
N ARG DC 29 -39.53 -77.87 32.12
CA ARG DC 29 -40.85 -78.39 31.83
C ARG DC 29 -41.85 -78.00 32.92
N ALA DC 30 -41.47 -78.25 34.17
CA ALA DC 30 -42.27 -77.88 35.34
C ALA DC 30 -42.84 -76.46 35.27
N LYS DC 31 -42.00 -75.50 34.89
CA LYS DC 31 -42.45 -74.11 34.71
C LYS DC 31 -43.55 -74.03 33.67
N ARG DC 32 -43.29 -74.66 32.53
CA ARG DC 32 -44.21 -74.65 31.40
C ARG DC 32 -45.53 -75.32 31.79
N ARG DC 33 -45.44 -76.41 32.55
CA ARG DC 33 -46.62 -77.04 33.17
C ARG DC 33 -47.41 -75.99 33.92
N MET DC 34 -46.73 -75.36 34.87
CA MET DC 34 -47.36 -74.43 35.80
C MET DC 34 -48.13 -73.35 35.05
N GLN DC 35 -47.50 -72.75 34.03
CA GLN DC 35 -48.12 -71.67 33.28
C GLN DC 35 -49.30 -72.19 32.46
N TYR DC 36 -49.15 -73.33 31.78
CA TYR DC 36 -50.30 -73.94 31.09
C TYR DC 36 -51.45 -74.24 32.04
N ASN DC 37 -51.14 -74.67 33.25
CA ASN DC 37 -52.17 -74.95 34.24
C ASN DC 37 -52.90 -73.65 34.62
N ARG DC 38 -52.16 -72.56 34.82
CA ARG DC 38 -52.79 -71.28 35.18
C ARG DC 38 -53.16 -70.35 34.00
N ARG DC 39 -53.36 -70.91 32.81
CA ARG DC 39 -54.19 -70.25 31.77
C ARG DC 39 -55.29 -71.11 31.14
N PHE DC 40 -55.38 -72.40 31.47
CA PHE DC 40 -56.21 -73.32 30.66
C PHE DC 40 -57.08 -74.34 31.43
N VAL DC 41 -57.20 -74.19 32.75
CA VAL DC 41 -57.94 -75.16 33.58
C VAL DC 41 -58.39 -74.60 34.93
N ASN DC 42 -57.47 -73.97 35.66
CA ASN DC 42 -57.74 -73.46 37.01
C ASN DC 42 -58.81 -72.37 37.03
N VAL DC 43 -58.57 -71.29 36.31
CA VAL DC 43 -59.42 -70.10 36.37
C VAL DC 43 -60.60 -70.29 35.40
N VAL DC 44 -60.34 -70.15 34.10
CA VAL DC 44 -61.37 -70.21 33.03
C VAL DC 44 -62.78 -69.77 33.52
N PRO DC 45 -62.91 -68.50 33.97
CA PRO DC 45 -64.10 -68.05 34.67
C PRO DC 45 -65.13 -67.38 33.76
N THR DC 46 -66.18 -66.85 34.36
CA THR DC 46 -67.14 -65.97 33.67
C THR DC 46 -66.48 -64.61 33.47
N PHE DC 47 -66.45 -64.14 32.22
CA PHE DC 47 -65.72 -62.91 31.85
C PHE DC 47 -66.38 -61.65 32.40
N GLY DC 48 -65.57 -60.61 32.59
CA GLY DC 48 -66.02 -59.30 33.05
C GLY DC 48 -65.25 -58.19 32.36
N LYS DC 49 -65.40 -58.13 31.04
CA LYS DC 49 -64.67 -57.20 30.16
C LYS DC 49 -63.15 -57.38 30.24
N LYS DC 50 -62.68 -58.53 29.75
CA LYS DC 50 -61.26 -58.85 29.52
C LYS DC 50 -60.40 -59.00 30.80
N LYS DC 51 -59.19 -59.52 30.61
CA LYS DC 51 -58.33 -60.00 31.72
C LYS DC 51 -57.10 -59.12 31.93
N GLY DC 52 -56.14 -59.60 32.74
CA GLY DC 52 -54.87 -58.92 32.93
C GLY DC 52 -53.89 -59.71 33.79
N PRO DC 53 -52.82 -60.28 33.18
CA PRO DC 53 -51.94 -61.17 33.94
C PRO DC 53 -50.99 -60.45 34.88
N ASN DC 54 -50.98 -59.12 34.85
CA ASN DC 54 -50.29 -58.34 35.87
C ASN DC 54 -51.08 -57.07 36.22
N ALA DC 55 -52.39 -57.20 36.33
CA ALA DC 55 -53.26 -56.08 36.67
C ALA DC 55 -53.07 -55.65 38.11
N ASN DC 56 -53.56 -54.45 38.40
CA ASN DC 56 -53.45 -53.85 39.74
C ASN DC 56 -54.35 -52.63 39.89
N SER DC 57 -55.47 -52.81 40.58
CA SER DC 57 -56.45 -51.74 40.81
C SER DC 57 -55.97 -50.76 41.89
N LYS EC 1 -36.14 -21.68 59.36
CA LYS EC 1 -36.49 -21.71 60.82
C LYS EC 1 -35.26 -21.49 61.74
N SER EC 2 -34.53 -20.43 61.45
CA SER EC 2 -33.33 -20.06 62.22
C SER EC 2 -33.71 -19.47 63.58
N TYR EC 3 -33.71 -20.31 64.60
CA TYR EC 3 -33.97 -19.89 65.98
C TYR EC 3 -32.75 -19.15 66.52
N THR EC 4 -32.98 -17.96 67.07
CA THR EC 4 -31.90 -17.09 67.55
C THR EC 4 -31.35 -17.63 68.88
N THR EC 5 -30.05 -17.47 69.08
CA THR EC 5 -29.34 -18.04 70.25
C THR EC 5 -29.76 -17.42 71.60
N PRO EC 6 -29.74 -16.08 71.74
CA PRO EC 6 -30.06 -15.49 73.05
C PRO EC 6 -31.55 -15.52 73.44
N LYS EC 7 -32.45 -15.58 72.45
CA LYS EC 7 -33.89 -15.70 72.70
C LYS EC 7 -34.23 -17.05 73.33
N LYS EC 8 -33.82 -18.13 72.64
CA LYS EC 8 -34.03 -19.53 73.06
C LYS EC 8 -35.49 -19.91 73.42
N ASN EC 9 -35.69 -21.14 73.89
CA ASN EC 9 -36.99 -21.58 74.42
C ASN EC 9 -37.33 -20.90 75.76
N LYS EC 10 -38.56 -21.12 76.23
CA LYS EC 10 -38.95 -20.80 77.59
C LYS EC 10 -39.61 -22.03 78.22
N HIS EC 11 -38.80 -22.81 78.93
CA HIS EC 11 -39.24 -23.99 79.68
C HIS EC 11 -40.52 -23.76 80.50
N LYS EC 12 -41.45 -24.71 80.43
CA LYS EC 12 -42.68 -24.70 81.23
C LYS EC 12 -42.42 -25.34 82.60
N ARG EC 13 -43.36 -25.15 83.52
CA ARG EC 13 -43.14 -25.54 84.91
C ARG EC 13 -43.09 -27.04 85.16
N LYS EC 14 -42.57 -27.39 86.34
CA LYS EC 14 -42.56 -28.74 86.86
C LYS EC 14 -42.99 -28.71 88.33
N LYS EC 15 -44.10 -29.38 88.63
CA LYS EC 15 -44.59 -29.49 90.01
C LYS EC 15 -43.71 -30.40 90.85
N VAL EC 16 -43.83 -30.27 92.17
CA VAL EC 16 -43.14 -31.16 93.12
C VAL EC 16 -44.11 -31.52 94.25
N LYS EC 17 -44.86 -32.60 94.06
CA LYS EC 17 -45.73 -33.15 95.10
C LYS EC 17 -44.82 -33.93 96.05
N LEU EC 18 -44.34 -33.24 97.08
CA LEU EC 18 -43.28 -33.76 97.96
C LEU EC 18 -43.87 -34.81 98.91
N ALA EC 19 -44.08 -36.02 98.40
CA ALA EC 19 -44.67 -37.13 99.15
C ALA EC 19 -46.08 -36.79 99.66
N VAL EC 20 -46.53 -37.43 100.75
CA VAL EC 20 -47.78 -37.08 101.41
C VAL EC 20 -47.56 -35.75 102.16
N LEU EC 21 -48.54 -34.87 102.12
CA LEU EC 21 -48.45 -33.54 102.74
C LEU EC 21 -49.13 -33.52 104.11
N LYS EC 22 -48.48 -32.90 105.09
CA LYS EC 22 -48.92 -32.89 106.48
C LYS EC 22 -49.41 -31.51 106.92
N TYR EC 23 -50.56 -31.47 107.59
CA TYR EC 23 -51.14 -30.24 108.15
C TYR EC 23 -51.65 -30.40 109.60
N TYR EC 24 -51.29 -31.50 110.27
CA TYR EC 24 -51.87 -31.86 111.57
C TYR EC 24 -50.81 -32.46 112.50
N LYS EC 25 -51.07 -32.43 113.80
CA LYS EC 25 -50.20 -33.06 114.80
C LYS EC 25 -51.01 -33.83 115.85
N VAL EC 26 -50.39 -34.84 116.44
CA VAL EC 26 -51.03 -35.73 117.41
C VAL EC 26 -50.77 -35.26 118.84
N ASP EC 27 -51.82 -34.75 119.50
CA ASP EC 27 -51.75 -34.29 120.89
C ASP EC 27 -52.48 -35.27 121.81
N GLU EC 28 -51.73 -35.94 122.68
CA GLU EC 28 -52.28 -36.90 123.66
C GLU EC 28 -53.02 -38.09 123.00
N ASN EC 29 -52.57 -38.50 121.82
CA ASN EC 29 -53.13 -39.63 121.04
C ASN EC 29 -54.58 -39.45 120.56
N GLY EC 30 -55.52 -39.18 121.47
CA GLY EC 30 -56.92 -38.94 121.12
C GLY EC 30 -57.16 -37.66 120.33
N LYS EC 31 -56.82 -36.51 120.92
CA LYS EC 31 -57.03 -35.20 120.29
C LYS EC 31 -56.01 -34.91 119.18
N ILE EC 32 -56.30 -33.87 118.39
CA ILE EC 32 -55.44 -33.46 117.26
C ILE EC 32 -55.23 -31.94 117.31
N SER EC 33 -54.04 -31.51 116.89
CA SER EC 33 -53.72 -30.09 116.73
C SER EC 33 -53.54 -29.76 115.24
N ARG EC 34 -54.08 -28.63 114.81
CA ARG EC 34 -54.00 -28.18 113.41
C ARG EC 34 -52.80 -27.24 113.23
N LEU EC 35 -51.97 -27.52 112.22
CA LEU EC 35 -50.77 -26.71 111.98
C LEU EC 35 -51.10 -25.36 111.32
N ARG EC 36 -51.60 -25.41 110.09
CA ARG EC 36 -51.79 -24.21 109.27
C ARG EC 36 -53.21 -23.66 109.35
N ARG EC 37 -53.32 -22.34 109.16
CA ARG EC 37 -54.58 -21.61 109.31
C ARG EC 37 -55.49 -21.83 108.10
N GLU EC 38 -56.79 -21.77 108.34
CA GLU EC 38 -57.80 -22.22 107.38
C GLU EC 38 -58.54 -21.05 106.71
N CYS EC 39 -59.34 -21.38 105.70
CA CYS EC 39 -60.17 -20.40 105.00
C CYS EC 39 -61.38 -19.98 105.86
N PRO EC 40 -61.78 -18.69 105.80
CA PRO EC 40 -63.04 -18.26 106.43
C PRO EC 40 -64.28 -18.41 105.54
N SER EC 41 -64.24 -17.90 104.32
CA SER EC 41 -65.43 -17.80 103.45
C SER EC 41 -65.82 -19.14 102.85
N PHE EC 48 -56.77 -25.03 103.47
CA PHE EC 48 -55.65 -24.47 104.23
C PHE EC 48 -55.02 -23.30 103.48
N MET EC 49 -55.26 -22.09 103.99
CA MET EC 49 -54.61 -20.88 103.50
C MET EC 49 -53.15 -20.93 103.91
N ALA EC 50 -52.25 -20.76 102.93
CA ALA EC 50 -50.83 -21.10 103.10
C ALA EC 50 -50.05 -20.06 103.87
N SER EC 51 -48.89 -20.48 104.37
CA SER EC 51 -47.94 -19.59 105.03
C SER EC 51 -46.97 -19.04 103.99
N HIS EC 52 -47.33 -17.91 103.40
CA HIS EC 52 -46.43 -17.14 102.54
C HIS EC 52 -45.45 -16.44 103.48
N PHE EC 53 -44.23 -16.17 103.01
CA PHE EC 53 -43.16 -15.59 103.86
C PHE EC 53 -43.60 -14.41 104.75
N ASP EC 54 -44.53 -13.61 104.23
CA ASP EC 54 -45.25 -12.59 105.01
C ASP EC 54 -46.78 -12.71 104.89
N ARG EC 55 -47.26 -12.90 103.66
CA ARG EC 55 -48.70 -13.01 103.38
C ARG EC 55 -49.29 -14.34 103.85
N HIS EC 56 -50.61 -14.46 103.69
CA HIS EC 56 -51.34 -15.70 103.95
C HIS EC 56 -52.28 -15.94 102.76
N TYR EC 57 -51.76 -16.63 101.74
CA TYR EC 57 -52.46 -16.81 100.47
C TYR EC 57 -53.34 -18.07 100.46
N CYS EC 58 -54.58 -17.92 99.98
CA CYS EC 58 -55.50 -19.05 99.81
C CYS EC 58 -55.13 -19.90 98.59
N GLY EC 59 -55.62 -21.14 98.58
CA GLY EC 59 -55.39 -22.09 97.48
C GLY EC 59 -56.63 -22.46 96.69
N LYS EC 60 -57.72 -21.70 96.85
CA LYS EC 60 -58.97 -21.94 96.12
C LYS EC 60 -59.76 -20.65 95.85
N CYS EC 61 -60.26 -20.01 96.90
CA CYS EC 61 -61.11 -18.80 96.77
C CYS EC 61 -60.32 -17.49 96.55
N CYS EC 62 -58.98 -17.55 96.60
CA CYS EC 62 -58.10 -16.42 96.30
C CYS EC 62 -58.17 -15.26 97.32
N LEU EC 63 -58.48 -15.59 98.57
CA LEU EC 63 -58.44 -14.63 99.68
C LEU EC 63 -57.01 -14.51 100.21
N THR EC 64 -56.66 -13.32 100.70
CA THR EC 64 -55.30 -13.02 101.16
C THR EC 64 -55.32 -12.20 102.46
N TYR EC 65 -54.28 -12.38 103.28
CA TYR EC 65 -54.17 -11.68 104.57
C TYR EC 65 -52.69 -11.46 104.93
N CYS EC 66 -52.42 -10.42 105.72
CA CYS EC 66 -51.11 -10.21 106.33
C CYS EC 66 -51.20 -9.25 107.50
N PHE EC 67 -50.81 -9.71 108.68
CA PHE EC 67 -50.74 -8.87 109.87
C PHE EC 67 -49.46 -8.04 109.82
N ASN EC 68 -49.60 -6.71 109.87
CA ASN EC 68 -48.47 -5.80 109.76
C ASN EC 68 -47.68 -5.71 111.07
N THR FC 1 -144.39 -4.05 -8.75
CA THR FC 1 -144.25 -2.88 -9.68
C THR FC 1 -143.65 -1.65 -8.99
N GLU FC 2 -142.66 -1.88 -8.13
CA GLU FC 2 -142.07 -0.82 -7.30
C GLU FC 2 -140.62 -1.15 -6.91
N GLN FC 3 -139.79 -0.12 -6.84
CA GLN FC 3 -138.34 -0.27 -6.67
C GLN FC 3 -137.77 0.69 -5.63
N MET FC 4 -136.72 0.24 -4.95
CA MET FC 4 -136.12 0.96 -3.82
C MET FC 4 -135.16 2.05 -4.32
N THR FC 5 -134.62 2.82 -3.39
CA THR FC 5 -133.56 3.79 -3.67
C THR FC 5 -132.91 4.28 -2.38
N LEU FC 6 -131.66 4.73 -2.48
CA LEU FC 6 -131.00 5.36 -1.34
C LEU FC 6 -131.60 6.74 -1.11
N ARG FC 7 -132.34 6.90 0.00
CA ARG FC 7 -132.80 8.21 0.44
C ARG FC 7 -131.66 9.01 1.11
N GLY FC 8 -130.61 8.31 1.52
CA GLY FC 8 -129.46 8.90 2.20
C GLY FC 8 -128.61 7.83 2.88
N THR FC 9 -127.75 8.27 3.79
CA THR FC 9 -126.87 7.38 4.55
C THR FC 9 -126.51 7.99 5.90
N LEU FC 10 -126.37 7.15 6.91
CA LEU FC 10 -126.03 7.59 8.27
C LEU FC 10 -124.56 7.36 8.54
N LYS FC 11 -123.84 8.43 8.89
CA LYS FC 11 -122.41 8.36 9.14
C LYS FC 11 -122.13 7.81 10.56
N GLY FC 12 -121.78 8.65 11.54
CA GLY FC 12 -121.70 8.23 12.94
C GLY FC 12 -120.56 7.30 13.32
N HIS FC 13 -120.73 6.01 13.00
CA HIS FC 13 -119.93 4.94 13.62
C HIS FC 13 -118.46 4.89 13.26
N ASN FC 14 -117.70 4.24 14.14
CA ASN FC 14 -116.28 3.98 13.95
C ASN FC 14 -115.99 2.55 13.46
N GLY FC 15 -116.68 1.57 14.03
CA GLY FC 15 -116.59 0.16 13.62
C GLY FC 15 -117.91 -0.33 13.05
N TRP FC 16 -117.90 -1.46 12.35
CA TRP FC 16 -119.11 -1.86 11.58
C TRP FC 16 -120.31 -2.30 12.42
N VAL FC 17 -121.47 -2.26 11.77
CA VAL FC 17 -122.74 -2.19 12.46
C VAL FC 17 -123.35 -3.59 12.57
N THR FC 18 -123.14 -4.20 13.73
CA THR FC 18 -123.56 -5.57 14.00
C THR FC 18 -125.08 -5.78 14.01
N GLN FC 19 -125.83 -4.74 14.38
CA GLN FC 19 -127.29 -4.81 14.40
C GLN FC 19 -127.88 -3.40 14.40
N ILE FC 20 -129.13 -3.31 13.96
CA ILE FC 20 -129.88 -2.07 13.98
C ILE FC 20 -131.30 -2.40 14.43
N ALA FC 21 -131.87 -1.53 15.26
CA ALA FC 21 -133.17 -1.78 15.91
C ALA FC 21 -134.08 -0.54 15.85
N THR FC 22 -135.28 -0.74 15.28
CA THR FC 22 -136.33 0.28 15.28
C THR FC 22 -137.27 0.08 16.46
N THR FC 23 -138.23 0.99 16.58
CA THR FC 23 -139.41 0.81 17.42
C THR FC 23 -140.56 1.62 16.80
N PRO FC 24 -141.80 1.12 16.86
CA PRO FC 24 -142.94 1.85 16.27
C PRO FC 24 -143.32 3.15 16.98
N GLN FC 25 -143.11 3.20 18.30
CA GLN FC 25 -143.50 4.34 19.14
C GLN FC 25 -142.89 5.65 18.65
N PHE FC 26 -141.56 5.71 18.60
CA PHE FC 26 -140.84 6.85 18.05
C PHE FC 26 -140.52 6.57 16.58
N PRO FC 27 -141.20 7.28 15.65
CA PRO FC 27 -141.03 6.96 14.23
C PRO FC 27 -139.73 7.46 13.60
N ASP FC 28 -139.32 8.69 13.92
CA ASP FC 28 -138.09 9.28 13.35
C ASP FC 28 -136.99 9.22 14.42
N MET FC 29 -136.62 7.98 14.74
CA MET FC 29 -135.56 7.64 15.70
C MET FC 29 -135.14 6.22 15.37
N ILE FC 30 -133.83 5.96 15.40
CA ILE FC 30 -133.31 4.60 15.19
C ILE FC 30 -132.13 4.36 16.15
N LEU FC 31 -132.07 3.15 16.71
CA LEU FC 31 -130.98 2.72 17.57
C LEU FC 31 -130.11 1.72 16.80
N SER FC 32 -128.78 1.85 16.91
CA SER FC 32 -127.86 1.02 16.12
C SER FC 32 -126.61 0.61 16.90
N ALA FC 33 -126.47 -0.70 17.11
CA ALA FC 33 -125.31 -1.27 17.81
C ALA FC 33 -124.14 -1.43 16.84
N SER FC 34 -122.98 -1.75 17.40
CA SER FC 34 -121.73 -1.59 16.67
C SER FC 34 -120.60 -2.50 17.12
N ARG FC 35 -119.59 -2.56 16.27
CA ARG FC 35 -118.29 -3.14 16.61
C ARG FC 35 -117.53 -2.31 17.63
N ASP FC 36 -117.55 -0.99 17.50
CA ASP FC 36 -116.76 -0.10 18.37
C ASP FC 36 -117.32 0.08 19.80
N LYS FC 37 -118.23 -0.81 20.23
CA LYS FC 37 -118.73 -0.90 21.63
C LYS FC 37 -119.86 0.08 21.95
N THR FC 38 -119.92 1.20 21.22
CA THR FC 38 -121.02 2.15 21.35
C THR FC 38 -122.27 1.64 20.65
N ILE FC 39 -123.42 2.04 21.17
CA ILE FC 39 -124.71 1.80 20.52
C ILE FC 39 -125.29 3.19 20.33
N ILE FC 40 -125.55 3.57 19.08
CA ILE FC 40 -125.95 4.92 18.75
C ILE FC 40 -127.46 5.03 18.66
N MET FC 41 -128.02 5.95 19.45
CA MET FC 41 -129.40 6.38 19.32
C MET FC 41 -129.39 7.58 18.39
N TRP FC 42 -130.00 7.43 17.22
CA TRP FC 42 -129.99 8.47 16.19
C TRP FC 42 -131.14 9.47 16.38
N LYS FC 43 -131.02 10.60 15.69
CA LYS FC 43 -132.13 11.54 15.50
C LYS FC 43 -132.28 11.70 14.00
N LEU FC 44 -133.49 11.45 13.51
CA LEU FC 44 -133.73 11.34 12.07
C LEU FC 44 -134.41 12.62 11.57
N THR FC 45 -133.57 13.59 11.20
CA THR FC 45 -134.03 14.89 10.70
C THR FC 45 -134.62 14.82 9.30
N ARG FC 46 -134.17 13.84 8.51
CA ARG FC 46 -134.67 13.55 7.16
C ARG FC 46 -134.31 14.60 6.09
N ASP FC 47 -133.36 15.48 6.39
CA ASP FC 47 -133.01 16.60 5.53
C ASP FC 47 -132.20 16.12 4.32
N GLU FC 48 -132.18 16.91 3.26
CA GLU FC 48 -131.44 16.58 2.02
C GLU FC 48 -129.92 16.42 2.18
N THR FC 49 -129.34 17.02 3.23
CA THR FC 49 -127.93 16.79 3.58
C THR FC 49 -127.70 15.36 4.07
N ASN FC 50 -128.53 14.93 5.03
CA ASN FC 50 -128.44 13.59 5.60
C ASN FC 50 -129.74 13.18 6.30
N TYR FC 51 -130.05 11.88 6.25
CA TYR FC 51 -131.28 11.36 6.85
C TYR FC 51 -131.27 11.34 8.38
N GLY FC 52 -130.08 11.37 9.00
CA GLY FC 52 -130.00 11.39 10.47
C GLY FC 52 -128.66 11.75 11.09
N ILE FC 53 -128.74 12.14 12.37
CA ILE FC 53 -127.61 12.63 13.15
C ILE FC 53 -127.60 11.87 14.48
N PRO FC 54 -126.43 11.38 14.94
CA PRO FC 54 -126.38 10.58 16.17
C PRO FC 54 -126.60 11.41 17.43
N GLN FC 55 -127.71 11.19 18.12
CA GLN FC 55 -128.10 11.97 19.29
C GLN FC 55 -127.29 11.56 20.51
N ARG FC 56 -127.41 10.29 20.88
CA ARG FC 56 -126.77 9.74 22.08
C ARG FC 56 -125.92 8.52 21.74
N ALA FC 57 -125.09 8.13 22.70
CA ALA FC 57 -124.28 6.94 22.61
C ALA FC 57 -124.30 6.22 23.95
N LEU FC 58 -124.57 4.92 23.92
CA LEU FC 58 -124.54 4.07 25.10
C LEU FC 58 -123.19 3.37 25.12
N ARG FC 59 -122.32 3.77 26.05
CA ARG FC 59 -120.92 3.30 26.06
C ARG FC 59 -120.78 1.89 26.66
N GLY FC 60 -120.96 1.77 27.97
CA GLY FC 60 -121.19 0.48 28.64
C GLY FC 60 -120.24 -0.70 28.45
N HIS FC 61 -120.35 -1.36 27.30
CA HIS FC 61 -119.74 -2.68 27.12
C HIS FC 61 -118.23 -2.69 26.92
N SER FC 62 -117.67 -3.88 27.07
CA SER FC 62 -116.27 -4.15 26.79
C SER FC 62 -116.03 -4.35 25.29
N HIS FC 63 -116.97 -5.04 24.63
CA HIS FC 63 -116.80 -5.49 23.24
C HIS FC 63 -117.87 -4.96 22.29
N PHE FC 64 -117.72 -5.36 21.02
CA PHE FC 64 -118.77 -5.30 19.99
C PHE FC 64 -120.12 -5.64 20.60
N VAL FC 65 -121.10 -4.76 20.41
CA VAL FC 65 -122.44 -5.01 20.87
C VAL FC 65 -123.16 -5.68 19.70
N SER FC 66 -123.20 -7.00 19.74
CA SER FC 66 -123.67 -7.82 18.63
C SER FC 66 -125.13 -7.62 18.24
N ASP FC 67 -126.01 -7.63 19.23
CA ASP FC 67 -127.44 -7.56 19.02
C ASP FC 67 -128.02 -6.51 19.95
N VAL FC 68 -128.89 -5.66 19.41
CA VAL FC 68 -129.65 -4.71 20.21
C VAL FC 68 -131.13 -4.80 19.87
N VAL FC 69 -131.97 -4.58 20.88
CA VAL FC 69 -133.41 -4.66 20.75
C VAL FC 69 -134.06 -3.63 21.67
N ILE FC 70 -135.10 -2.97 21.17
CA ILE FC 70 -135.84 -1.98 21.95
C ILE FC 70 -137.19 -2.56 22.30
N SER FC 71 -137.70 -2.16 23.46
CA SER FC 71 -139.05 -2.51 23.89
C SER FC 71 -140.09 -1.83 23.00
N SER FC 72 -141.25 -2.47 22.85
CA SER FC 72 -142.42 -1.83 22.24
C SER FC 72 -142.82 -0.59 23.05
N ASP FC 73 -142.60 -0.67 24.36
CA ASP FC 73 -142.67 0.46 25.29
C ASP FC 73 -142.01 1.73 24.77
N GLY FC 74 -140.83 1.60 24.15
CA GLY FC 74 -140.10 2.73 23.57
C GLY FC 74 -139.46 3.55 24.67
N GLN FC 75 -138.67 2.86 25.50
CA GLN FC 75 -138.16 3.42 26.76
C GLN FC 75 -136.84 2.74 27.16
N PHE FC 76 -136.90 1.42 27.36
CA PHE FC 76 -135.75 0.63 27.77
C PHE FC 76 -135.26 -0.26 26.63
N ALA FC 77 -134.08 0.06 26.10
CA ALA FC 77 -133.44 -0.74 25.04
C ALA FC 77 -132.45 -1.74 25.63
N LEU FC 78 -132.56 -3.01 25.25
CA LEU FC 78 -131.61 -4.04 25.68
C LEU FC 78 -130.61 -4.31 24.56
N SER FC 79 -129.33 -4.18 24.88
CA SER FC 79 -128.24 -4.53 23.96
C SER FC 79 -127.39 -5.66 24.55
N GLY FC 80 -126.82 -6.48 23.67
CA GLY FC 80 -126.02 -7.64 24.06
C GLY FC 80 -124.69 -7.64 23.32
N SER FC 81 -123.62 -7.97 24.04
CA SER FC 81 -122.26 -7.85 23.53
C SER FC 81 -121.43 -9.10 23.75
N TRP FC 82 -120.28 -9.14 23.07
CA TRP FC 82 -119.36 -10.28 23.11
C TRP FC 82 -118.66 -10.46 24.45
N ASP FC 83 -118.65 -9.42 25.27
CA ASP FC 83 -118.17 -9.52 26.67
C ASP FC 83 -118.81 -10.66 27.48
N GLY FC 84 -120.09 -10.92 27.21
CA GLY FC 84 -120.88 -11.86 28.00
C GLY FC 84 -121.84 -11.15 28.94
N THR FC 85 -122.26 -9.94 28.56
CA THR FC 85 -123.18 -9.15 29.36
C THR FC 85 -124.21 -8.52 28.44
N LEU FC 86 -125.44 -8.40 28.94
CA LEU FC 86 -126.52 -7.74 28.24
C LEU FC 86 -126.88 -6.60 29.20
N ARG FC 87 -127.23 -5.44 28.66
CA ARG FC 87 -127.59 -4.30 29.49
C ARG FC 87 -128.93 -3.73 29.06
N LEU FC 88 -129.87 -3.66 30.01
CA LEU FC 88 -131.11 -2.92 29.79
C LEU FC 88 -130.82 -1.44 30.01
N TRP FC 89 -130.74 -0.72 28.89
CA TRP FC 89 -130.42 0.71 28.88
C TRP FC 89 -131.67 1.54 29.04
N ASP FC 90 -131.71 2.41 30.05
CA ASP FC 90 -132.74 3.45 30.10
C ASP FC 90 -132.37 4.49 29.04
N LEU FC 91 -133.03 4.39 27.89
CA LEU FC 91 -132.67 5.18 26.71
C LEU FC 91 -132.95 6.68 26.87
N THR FC 92 -133.79 7.07 27.83
CA THR FC 92 -134.10 8.47 28.10
C THR FC 92 -132.93 9.19 28.77
N THR FC 93 -132.49 8.66 29.91
CA THR FC 93 -131.35 9.22 30.65
C THR FC 93 -130.01 8.91 29.97
N GLY FC 94 -129.97 7.82 29.20
CA GLY FC 94 -128.76 7.34 28.57
C GLY FC 94 -128.29 6.10 29.30
N THR FC 95 -127.90 6.26 30.56
CA THR FC 95 -127.21 5.21 31.33
C THR FC 95 -128.03 3.93 31.56
N THR FC 96 -127.31 2.90 31.99
CA THR FC 96 -127.88 1.57 32.26
C THR FC 96 -128.66 1.57 33.57
N THR FC 97 -129.67 0.71 33.65
CA THR FC 97 -130.35 0.37 34.91
C THR FC 97 -129.78 -0.94 35.45
N ARG FC 98 -129.98 -2.01 34.67
CA ARG FC 98 -129.53 -3.35 35.05
C ARG FC 98 -128.62 -3.98 34.00
N ARG FC 99 -127.74 -4.86 34.47
CA ARG FC 99 -126.86 -5.65 33.60
C ARG FC 99 -127.09 -7.13 33.88
N PHE FC 100 -126.89 -7.94 32.86
CA PHE FC 100 -127.36 -9.33 32.85
C PHE FC 100 -126.15 -10.26 32.81
N VAL FC 101 -125.67 -10.60 34.00
CA VAL FC 101 -124.51 -11.47 34.15
C VAL FC 101 -124.97 -12.91 34.18
N GLY FC 102 -124.29 -13.77 33.43
CA GLY FC 102 -124.58 -15.21 33.46
C GLY FC 102 -123.78 -16.04 32.48
N HIS FC 103 -123.77 -15.62 31.22
CA HIS FC 103 -123.02 -16.33 30.18
C HIS FC 103 -121.51 -16.17 30.40
N THR FC 104 -120.75 -17.15 29.92
CA THR FC 104 -119.29 -17.11 29.94
C THR FC 104 -118.77 -16.42 28.69
N LYS FC 105 -119.14 -16.97 27.54
CA LYS FC 105 -118.60 -16.56 26.25
C LYS FC 105 -119.44 -15.42 25.64
N ASP FC 106 -119.35 -15.24 24.33
CA ASP FC 106 -119.90 -14.08 23.63
C ASP FC 106 -121.38 -14.24 23.37
N VAL FC 107 -122.17 -13.27 23.83
CA VAL FC 107 -123.62 -13.30 23.63
C VAL FC 107 -123.94 -12.69 22.27
N LEU FC 108 -124.41 -13.53 21.37
CA LEU FC 108 -124.60 -13.15 19.97
C LEU FC 108 -126.01 -12.70 19.64
N SER FC 109 -126.97 -13.02 20.51
CA SER FC 109 -128.29 -12.40 20.41
C SER FC 109 -129.09 -12.44 21.70
N VAL FC 110 -129.88 -11.39 21.89
CA VAL FC 110 -130.82 -11.29 22.99
C VAL FC 110 -132.20 -11.01 22.41
N ALA FC 111 -133.21 -11.61 23.02
CA ALA FC 111 -134.59 -11.55 22.53
C ALA FC 111 -135.47 -10.99 23.62
N PHE FC 112 -135.94 -9.77 23.37
CA PHE FC 112 -136.81 -9.08 24.30
C PHE FC 112 -138.24 -9.52 23.97
N SER FC 113 -138.96 -10.06 24.95
CA SER FC 113 -140.28 -10.64 24.71
C SER FC 113 -141.34 -9.63 24.25
N SER FC 114 -142.40 -10.14 23.64
CA SER FC 114 -143.58 -9.35 23.28
C SER FC 114 -144.25 -8.71 24.51
N ASP FC 115 -144.13 -9.38 25.66
CA ASP FC 115 -144.62 -8.87 26.93
C ASP FC 115 -143.80 -7.68 27.49
N ASN FC 116 -142.53 -7.57 27.07
CA ASN FC 116 -141.50 -6.76 27.76
C ASN FC 116 -141.33 -7.22 29.23
N ARG FC 117 -141.68 -8.48 29.49
CA ARG FC 117 -141.73 -9.07 30.82
C ARG FC 117 -140.79 -10.28 30.94
N GLN FC 118 -140.04 -10.57 29.88
CA GLN FC 118 -139.19 -11.75 29.80
C GLN FC 118 -138.10 -11.49 28.74
N ILE FC 119 -136.91 -12.03 28.98
CA ILE FC 119 -135.75 -11.84 28.10
C ILE FC 119 -135.11 -13.20 27.87
N VAL FC 120 -134.60 -13.41 26.65
CA VAL FC 120 -133.99 -14.69 26.28
C VAL FC 120 -132.75 -14.39 25.45
N SER FC 121 -131.59 -14.90 25.86
CA SER FC 121 -130.33 -14.63 25.18
C SER FC 121 -129.57 -15.90 24.79
N GLY FC 122 -128.84 -15.82 23.67
CA GLY FC 122 -128.07 -16.94 23.13
C GLY FC 122 -126.61 -16.56 22.91
N SER FC 123 -125.70 -17.45 23.31
CA SER FC 123 -124.27 -17.15 23.39
C SER FC 123 -123.39 -18.32 22.94
N ARG FC 124 -122.10 -18.02 22.74
CA ARG FC 124 -121.11 -19.02 22.33
C ARG FC 124 -120.78 -20.07 23.39
N ASP FC 125 -121.29 -19.90 24.61
CA ASP FC 125 -121.31 -20.98 25.61
C ASP FC 125 -122.11 -22.22 25.19
N LYS FC 126 -122.89 -22.10 24.09
CA LYS FC 126 -123.70 -23.18 23.54
C LYS FC 126 -124.91 -23.47 24.43
N THR FC 127 -125.41 -22.40 25.08
CA THR FC 127 -126.62 -22.46 25.88
C THR FC 127 -127.44 -21.20 25.59
N ILE FC 128 -128.75 -21.36 25.54
CA ILE FC 128 -129.68 -20.23 25.59
C ILE FC 128 -129.89 -19.96 27.08
N LYS FC 129 -130.27 -18.73 27.41
CA LYS FC 129 -130.63 -18.38 28.78
C LYS FC 129 -131.87 -17.50 28.75
N LEU FC 130 -132.58 -17.49 29.88
CA LEU FC 130 -133.88 -16.82 30.01
C LEU FC 130 -133.88 -16.02 31.31
N TRP FC 131 -134.39 -14.79 31.25
CA TRP FC 131 -134.17 -13.78 32.31
C TRP FC 131 -135.44 -13.03 32.73
N ASN FC 132 -135.32 -12.30 33.83
CA ASN FC 132 -136.37 -11.39 34.31
C ASN FC 132 -136.11 -10.00 33.74
N THR FC 133 -137.01 -9.06 34.01
CA THR FC 133 -136.72 -7.63 33.79
C THR FC 133 -135.82 -7.06 34.90
N LEU FC 134 -135.75 -7.77 36.02
CA LEU FC 134 -134.79 -7.48 37.10
C LEU FC 134 -133.34 -7.59 36.63
N GLY FC 135 -133.06 -8.59 35.80
CA GLY FC 135 -131.70 -8.91 35.35
C GLY FC 135 -131.17 -10.25 35.81
N VAL FC 136 -131.94 -10.96 36.63
CA VAL FC 136 -131.52 -12.24 37.21
C VAL FC 136 -131.85 -13.36 36.20
N CYS FC 137 -130.95 -14.34 36.10
CA CYS FC 137 -131.16 -15.48 35.21
C CYS FC 137 -132.21 -16.44 35.79
N LYS FC 138 -133.32 -16.59 35.08
CA LYS FC 138 -134.45 -17.39 35.54
C LYS FC 138 -134.17 -18.88 35.32
N TYR FC 139 -134.15 -19.30 34.06
CA TYR FC 139 -134.00 -20.71 33.72
C TYR FC 139 -133.03 -20.89 32.55
N THR FC 140 -131.87 -21.47 32.85
CA THR FC 140 -130.85 -21.75 31.84
C THR FC 140 -131.29 -22.96 31.00
N VAL FC 141 -131.16 -22.83 29.68
CA VAL FC 141 -131.64 -23.84 28.74
C VAL FC 141 -130.57 -24.92 28.52
N GLN FC 142 -130.70 -26.04 29.24
CA GLN FC 142 -129.88 -27.23 28.99
C GLN FC 142 -130.66 -28.21 28.10
N ASP FC 143 -130.21 -29.46 28.02
CA ASP FC 143 -130.83 -30.53 27.21
C ASP FC 143 -130.69 -30.25 25.71
N GLU FC 144 -129.44 -30.35 25.24
CA GLU FC 144 -129.10 -30.18 23.83
C GLU FC 144 -129.66 -28.87 23.27
N SER FC 145 -129.21 -27.76 23.86
CA SER FC 145 -129.59 -26.42 23.41
C SER FC 145 -129.17 -26.28 21.95
N HIS FC 146 -127.86 -26.25 21.73
CA HIS FC 146 -127.27 -26.52 20.43
C HIS FC 146 -125.94 -27.25 20.68
N SER FC 147 -125.56 -28.13 19.78
CA SER FC 147 -124.28 -28.86 19.87
C SER FC 147 -123.07 -27.94 19.71
N GLU FC 148 -123.24 -26.87 18.92
CA GLU FC 148 -122.21 -25.84 18.71
C GLU FC 148 -122.78 -24.50 19.23
N TRP FC 149 -122.32 -23.37 18.69
CA TRP FC 149 -122.70 -22.05 19.21
C TRP FC 149 -124.19 -21.75 19.00
N VAL FC 150 -124.72 -20.87 19.84
CA VAL FC 150 -126.05 -20.31 19.66
C VAL FC 150 -125.87 -18.93 19.02
N SER FC 151 -126.34 -18.80 17.79
CA SER FC 151 -126.08 -17.63 16.96
C SER FC 151 -127.17 -16.59 17.08
N CYS FC 152 -128.41 -17.05 17.23
CA CYS FC 152 -129.55 -16.15 17.39
C CYS FC 152 -130.68 -16.80 18.16
N VAL FC 153 -131.46 -15.95 18.82
CA VAL FC 153 -132.69 -16.34 19.51
C VAL FC 153 -133.70 -15.23 19.24
N ARG FC 154 -134.96 -15.60 19.02
CA ARG FC 154 -136.00 -14.63 18.71
C ARG FC 154 -137.32 -15.04 19.35
N PHE FC 155 -138.20 -14.04 19.49
CA PHE FC 155 -139.46 -14.18 20.22
C PHE FC 155 -140.59 -14.00 19.23
N SER FC 156 -141.50 -14.98 19.18
CA SER FC 156 -142.63 -14.95 18.25
C SER FC 156 -143.70 -13.94 18.70
N PRO FC 157 -144.50 -13.41 17.75
CA PRO FC 157 -145.74 -12.71 18.12
C PRO FC 157 -146.70 -13.64 18.87
N ASN FC 158 -147.40 -13.09 19.86
CA ASN FC 158 -148.14 -13.90 20.84
C ASN FC 158 -149.35 -14.66 20.28
N SER FC 159 -149.92 -14.20 19.16
CA SER FC 159 -151.08 -14.85 18.54
C SER FC 159 -150.71 -16.18 17.86
N SER FC 160 -150.43 -17.18 18.69
CA SER FC 160 -150.04 -18.53 18.27
C SER FC 160 -149.80 -19.37 19.53
N ASN FC 161 -148.69 -19.09 20.22
CA ASN FC 161 -148.31 -19.75 21.47
C ASN FC 161 -147.04 -19.08 22.02
N PRO FC 162 -146.83 -19.13 23.35
CA PRO FC 162 -145.52 -18.76 23.89
C PRO FC 162 -144.39 -19.65 23.34
N ILE FC 163 -143.76 -19.18 22.27
CA ILE FC 163 -142.71 -19.91 21.56
C ILE FC 163 -141.53 -18.98 21.24
N ILE FC 164 -140.31 -19.54 21.26
CA ILE FC 164 -139.07 -18.78 21.01
C ILE FC 164 -138.13 -19.59 20.11
N VAL FC 165 -137.83 -19.04 18.94
CA VAL FC 165 -137.03 -19.74 17.93
C VAL FC 165 -135.56 -19.38 18.14
N SER FC 166 -134.67 -20.30 17.78
CA SER FC 166 -133.23 -20.11 17.99
C SER FC 166 -132.37 -21.09 17.19
N CYS FC 167 -131.53 -20.57 16.29
CA CYS FC 167 -130.62 -21.38 15.48
C CYS FC 167 -129.21 -21.35 16.07
N GLY FC 168 -128.29 -22.02 15.39
CA GLY FC 168 -126.89 -22.06 15.83
C GLY FC 168 -125.88 -22.27 14.72
N TRP FC 169 -124.67 -22.61 15.13
CA TRP FC 169 -123.57 -22.92 14.21
C TRP FC 169 -123.39 -24.44 14.14
N ASP FC 170 -124.51 -25.15 14.21
CA ASP FC 170 -124.56 -26.60 14.12
C ASP FC 170 -125.60 -27.08 13.10
N LYS FC 171 -126.00 -26.19 12.19
CA LYS FC 171 -126.96 -26.50 11.10
C LYS FC 171 -128.46 -26.53 11.48
N LEU FC 172 -128.79 -26.70 12.77
CA LEU FC 172 -130.18 -26.89 13.20
C LEU FC 172 -130.85 -25.57 13.57
N VAL FC 173 -132.09 -25.37 13.11
CA VAL FC 173 -132.93 -24.24 13.52
C VAL FC 173 -133.93 -24.72 14.55
N LYS FC 174 -133.62 -24.54 15.82
CA LYS FC 174 -134.47 -25.07 16.89
C LYS FC 174 -135.58 -24.09 17.28
N VAL FC 175 -136.74 -24.66 17.64
CA VAL FC 175 -137.87 -23.91 18.19
C VAL FC 175 -138.10 -24.43 19.61
N TRP FC 176 -138.50 -23.53 20.50
CA TRP FC 176 -138.63 -23.83 21.93
C TRP FC 176 -139.96 -23.34 22.48
N ASN FC 177 -140.53 -24.11 23.40
CA ASN FC 177 -141.80 -23.77 24.04
C ASN FC 177 -141.53 -23.14 25.41
N LEU FC 178 -142.06 -21.92 25.62
CA LEU FC 178 -141.75 -21.13 26.82
C LEU FC 178 -142.33 -21.67 28.13
N ALA FC 179 -143.42 -22.44 28.05
CA ALA FC 179 -144.08 -22.94 29.25
C ALA FC 179 -143.19 -23.91 30.02
N ASN FC 180 -142.75 -24.97 29.33
CA ASN FC 180 -141.91 -26.00 29.91
C ASN FC 180 -140.41 -25.78 29.71
N CYS FC 181 -140.05 -24.84 28.81
CA CYS FC 181 -138.65 -24.55 28.45
C CYS FC 181 -137.93 -25.79 27.90
N LYS FC 182 -138.52 -26.38 26.87
CA LYS FC 182 -137.86 -27.44 26.09
C LYS FC 182 -138.26 -27.35 24.62
N LEU FC 183 -137.49 -28.06 23.79
CA LEU FC 183 -137.68 -28.06 22.34
C LEU FC 183 -139.06 -28.57 21.91
N LYS FC 184 -139.66 -27.85 20.96
CA LYS FC 184 -140.95 -28.23 20.37
C LYS FC 184 -140.77 -28.92 19.01
N THR FC 185 -139.88 -28.38 18.18
CA THR FC 185 -139.55 -28.96 16.87
C THR FC 185 -138.13 -28.62 16.38
N ASN FC 186 -137.44 -29.66 15.86
CA ASN FC 186 -136.07 -29.58 15.38
C ASN FC 186 -136.09 -29.55 13.86
N HIS FC 187 -135.67 -28.44 13.27
CA HIS FC 187 -135.71 -28.26 11.82
C HIS FC 187 -134.33 -28.53 11.23
N ILE FC 188 -134.14 -29.80 10.89
CA ILE FC 188 -132.85 -30.34 10.45
C ILE FC 188 -132.87 -30.36 8.92
N GLY FC 189 -132.07 -29.51 8.30
CA GLY FC 189 -132.13 -29.35 6.84
C GLY FC 189 -131.05 -28.56 6.12
N HIS FC 190 -130.57 -27.48 6.73
CA HIS FC 190 -129.56 -26.61 6.13
C HIS FC 190 -128.20 -27.28 5.86
N THR FC 191 -127.28 -26.48 5.33
CA THR FC 191 -125.86 -26.84 5.25
C THR FC 191 -125.05 -25.64 5.76
N GLY FC 192 -124.03 -25.92 6.57
CA GLY FC 192 -123.22 -24.86 7.19
C GLY FC 192 -123.94 -24.17 8.33
N TYR FC 193 -123.27 -23.20 8.96
CA TYR FC 193 -123.84 -22.49 10.11
C TYR FC 193 -125.00 -21.59 9.71
N LEU FC 194 -125.72 -21.10 10.73
CA LEU FC 194 -126.85 -20.21 10.53
C LEU FC 194 -126.63 -18.90 11.28
N ASN FC 195 -126.54 -17.80 10.55
CA ASN FC 195 -126.36 -16.46 11.13
C ASN FC 195 -127.58 -16.02 11.92
N THR FC 196 -128.73 -16.08 11.23
CA THR FC 196 -129.96 -15.48 11.71
C THR FC 196 -131.18 -16.35 11.43
N VAL FC 197 -132.08 -16.36 12.40
CA VAL FC 197 -133.47 -16.67 12.16
C VAL FC 197 -134.15 -15.32 12.19
N THR FC 198 -135.21 -15.17 11.38
CA THR FC 198 -136.19 -14.12 11.59
C THR FC 198 -137.55 -14.79 11.55
N VAL FC 199 -138.54 -14.13 12.17
CA VAL FC 199 -139.89 -14.65 12.23
C VAL FC 199 -140.82 -13.62 11.60
N SER FC 200 -141.91 -14.12 10.99
CA SER FC 200 -142.88 -13.28 10.29
C SER FC 200 -143.62 -12.31 11.22
N PRO FC 201 -144.23 -11.25 10.66
CA PRO FC 201 -145.11 -10.41 11.47
C PRO FC 201 -146.35 -11.17 11.94
N ASP FC 202 -146.86 -12.04 11.07
CA ASP FC 202 -148.05 -12.83 11.36
C ASP FC 202 -147.80 -13.96 12.38
N GLY FC 203 -146.55 -14.43 12.48
CA GLY FC 203 -146.20 -15.48 13.42
C GLY FC 203 -146.52 -16.85 12.82
N SER FC 204 -145.71 -17.23 11.85
CA SER FC 204 -145.89 -18.48 11.11
C SER FC 204 -144.65 -18.84 10.29
N LEU FC 205 -144.28 -17.95 9.37
CA LEU FC 205 -143.15 -18.15 8.48
C LEU FC 205 -141.84 -17.79 9.18
N CYS FC 206 -141.12 -18.81 9.64
CA CYS FC 206 -139.83 -18.62 10.30
C CYS FC 206 -138.71 -18.83 9.28
N ALA FC 207 -138.22 -17.72 8.72
CA ALA FC 207 -137.09 -17.77 7.80
C ALA FC 207 -135.81 -18.07 8.58
N SER FC 208 -134.82 -18.65 7.90
CA SER FC 208 -133.56 -19.03 8.52
C SER FC 208 -132.42 -18.97 7.50
N GLY FC 209 -131.47 -18.07 7.72
CA GLY FC 209 -130.37 -17.84 6.80
C GLY FC 209 -129.05 -18.35 7.33
N GLY FC 210 -128.17 -18.76 6.42
CA GLY FC 210 -126.89 -19.35 6.79
C GLY FC 210 -125.76 -19.03 5.84
N LYS FC 211 -124.71 -19.86 5.89
CA LYS FC 211 -123.52 -19.69 5.08
C LYS FC 211 -123.75 -20.04 3.61
N ASP FC 212 -124.62 -21.03 3.36
CA ASP FC 212 -124.81 -21.54 1.99
C ASP FC 212 -125.54 -20.56 1.05
N GLY FC 213 -126.33 -19.64 1.61
CA GLY FC 213 -127.12 -18.68 0.84
C GLY FC 213 -128.58 -19.08 0.71
N GLN FC 214 -128.96 -20.19 1.34
CA GLN FC 214 -130.32 -20.74 1.24
C GLN FC 214 -131.17 -20.27 2.41
N ALA FC 215 -132.26 -19.56 2.11
CA ALA FC 215 -133.18 -19.03 3.13
C ALA FC 215 -134.42 -19.90 3.21
N MET FC 216 -134.48 -20.78 4.22
CA MET FC 216 -135.57 -21.75 4.35
C MET FC 216 -136.67 -21.26 5.29
N LEU FC 217 -137.88 -21.15 4.74
CA LEU FC 217 -139.07 -20.80 5.51
C LEU FC 217 -139.58 -22.09 6.15
N TRP FC 218 -139.63 -22.13 7.48
CA TRP FC 218 -140.27 -23.22 8.20
C TRP FC 218 -141.62 -22.73 8.70
N ASP FC 219 -142.50 -23.67 9.03
CA ASP FC 219 -143.84 -23.37 9.51
C ASP FC 219 -143.90 -23.55 11.03
N LEU FC 220 -144.12 -22.43 11.73
CA LEU FC 220 -144.25 -22.45 13.19
C LEU FC 220 -145.57 -23.04 13.66
N ASN FC 221 -146.59 -22.97 12.80
CA ASN FC 221 -147.94 -23.42 13.14
C ASN FC 221 -148.02 -24.96 13.22
N GLU FC 222 -147.65 -25.63 12.12
CA GLU FC 222 -147.64 -27.09 12.07
C GLU FC 222 -146.35 -27.65 12.69
N GLY FC 223 -145.22 -27.23 12.12
CA GLY FC 223 -143.90 -27.77 12.48
C GLY FC 223 -143.30 -28.52 11.30
N LYS FC 224 -143.09 -27.79 10.20
CA LYS FC 224 -142.67 -28.37 8.93
C LYS FC 224 -142.07 -27.32 7.99
N HIS FC 225 -141.22 -27.76 7.07
CA HIS FC 225 -140.63 -26.89 6.04
C HIS FC 225 -141.68 -26.36 5.07
N LEU FC 226 -141.39 -25.24 4.42
CA LEU FC 226 -142.25 -24.68 3.39
C LEU FC 226 -141.52 -24.51 2.05
N TYR FC 227 -140.57 -23.58 1.97
CA TYR FC 227 -139.85 -23.28 0.72
C TYR FC 227 -138.53 -22.54 0.90
N THR FC 228 -137.65 -22.69 -0.10
CA THR FC 228 -136.23 -22.29 0.00
C THR FC 228 -135.83 -21.35 -1.16
N LEU FC 229 -135.13 -20.26 -0.82
CA LEU FC 229 -134.74 -19.23 -1.78
C LEU FC 229 -133.24 -18.98 -1.75
N ASP FC 230 -132.65 -18.76 -2.92
CA ASP FC 230 -131.19 -18.58 -3.06
C ASP FC 230 -130.79 -17.10 -3.07
N GLY FC 231 -129.80 -16.76 -2.24
CA GLY FC 231 -129.14 -15.46 -2.28
C GLY FC 231 -127.92 -15.48 -3.19
N GLY FC 232 -127.17 -16.58 -3.11
CA GLY FC 232 -125.92 -16.75 -3.87
C GLY FC 232 -124.77 -16.91 -2.91
N ASP FC 233 -124.60 -15.92 -2.04
CA ASP FC 233 -123.58 -15.91 -0.99
C ASP FC 233 -124.25 -15.93 0.37
N ILE FC 234 -123.43 -16.00 1.43
CA ILE FC 234 -123.87 -15.99 2.84
C ILE FC 234 -125.04 -15.04 3.15
N ILE FC 235 -126.00 -15.55 3.93
CA ILE FC 235 -127.11 -14.76 4.42
C ILE FC 235 -126.72 -14.18 5.77
N ASN FC 236 -126.24 -12.94 5.75
CA ASN FC 236 -125.89 -12.23 6.98
C ASN FC 236 -127.11 -11.94 7.85
N ALA FC 237 -128.18 -11.46 7.22
CA ALA FC 237 -129.40 -11.08 7.92
C ALA FC 237 -130.65 -11.41 7.09
N LEU FC 238 -131.79 -11.42 7.78
CA LEU FC 238 -133.08 -11.68 7.17
C LEU FC 238 -134.11 -10.85 7.90
N CYS FC 239 -135.07 -10.28 7.18
CA CYS FC 239 -136.15 -9.52 7.82
C CYS FC 239 -137.37 -9.40 6.90
N PHE FC 240 -138.53 -9.80 7.41
CA PHE FC 240 -139.78 -9.57 6.72
C PHE FC 240 -140.14 -8.09 6.86
N SER FC 241 -140.58 -7.48 5.75
CA SER FC 241 -141.21 -6.17 5.82
C SER FC 241 -142.57 -6.40 6.50
N PRO FC 242 -142.87 -5.64 7.57
CA PRO FC 242 -144.09 -5.92 8.34
C PRO FC 242 -145.36 -5.82 7.51
N ASN FC 243 -145.49 -4.72 6.77
CA ASN FC 243 -146.71 -4.40 6.01
C ASN FC 243 -146.94 -5.23 4.74
N ARG FC 244 -145.88 -5.49 3.98
CA ARG FC 244 -145.96 -6.32 2.77
C ARG FC 244 -145.67 -7.78 3.06
N TYR FC 245 -145.88 -8.62 2.04
CA TYR FC 245 -145.45 -10.02 2.04
C TYR FC 245 -144.10 -10.08 1.35
N TRP FC 246 -143.11 -9.49 2.01
CA TRP FC 246 -141.73 -9.44 1.53
C TRP FC 246 -140.87 -10.12 2.58
N LEU FC 247 -139.84 -10.83 2.13
CA LEU FC 247 -138.77 -11.32 3.00
C LEU FC 247 -137.46 -10.75 2.48
N CYS FC 248 -136.97 -9.71 3.14
CA CYS FC 248 -135.69 -9.13 2.81
C CYS FC 248 -134.57 -10.02 3.32
N ALA FC 249 -133.41 -9.91 2.69
CA ALA FC 249 -132.25 -10.73 3.02
C ALA FC 249 -130.97 -9.99 2.68
N ALA FC 250 -130.21 -9.64 3.72
CA ALA FC 250 -128.88 -9.08 3.53
C ALA FC 250 -127.95 -10.21 3.07
N THR FC 251 -127.62 -10.22 1.78
CA THR FC 251 -126.69 -11.19 1.21
C THR FC 251 -125.24 -10.82 1.57
N GLY FC 252 -124.32 -11.70 1.21
CA GLY FC 252 -122.90 -11.52 1.52
C GLY FC 252 -122.20 -10.28 0.96
N PRO FC 253 -122.81 -9.60 -0.04
CA PRO FC 253 -122.48 -8.21 -0.35
C PRO FC 253 -123.66 -7.23 -0.32
N SER FC 254 -124.65 -7.45 -1.18
CA SER FC 254 -125.76 -6.53 -1.39
C SER FC 254 -126.96 -6.94 -0.54
N ILE FC 255 -128.14 -6.39 -0.84
CA ILE FC 255 -129.39 -6.82 -0.23
C ILE FC 255 -130.36 -7.30 -1.31
N LYS FC 256 -131.14 -8.32 -0.97
CA LYS FC 256 -132.17 -8.89 -1.83
C LYS FC 256 -133.52 -8.75 -1.14
N ILE FC 257 -134.60 -8.67 -1.91
CA ILE FC 257 -135.96 -8.74 -1.37
C ILE FC 257 -136.83 -9.70 -2.18
N TRP FC 258 -137.38 -10.70 -1.49
CA TRP FC 258 -138.21 -11.75 -2.11
C TRP FC 258 -139.65 -11.59 -1.70
N ASP FC 259 -140.56 -11.73 -2.67
CA ASP FC 259 -142.00 -11.75 -2.41
C ASP FC 259 -142.37 -13.14 -1.90
N LEU FC 260 -143.30 -13.22 -0.94
CA LEU FC 260 -143.65 -14.50 -0.30
C LEU FC 260 -144.69 -15.31 -1.07
N GLU FC 261 -145.74 -14.65 -1.54
CA GLU FC 261 -146.84 -15.32 -2.24
C GLU FC 261 -146.36 -15.92 -3.56
N GLY FC 262 -145.77 -15.09 -4.41
CA GLY FC 262 -145.06 -15.55 -5.61
C GLY FC 262 -143.58 -15.61 -5.25
N LYS FC 263 -143.04 -16.83 -5.17
CA LYS FC 263 -141.67 -17.03 -4.66
C LYS FC 263 -140.65 -16.58 -5.71
N ILE FC 264 -140.31 -15.30 -5.67
CA ILE FC 264 -139.47 -14.67 -6.71
C ILE FC 264 -138.73 -13.46 -6.16
N ILE FC 265 -137.53 -13.21 -6.69
CA ILE FC 265 -136.81 -11.96 -6.46
C ILE FC 265 -137.60 -10.77 -7.00
N VAL FC 266 -137.63 -9.71 -6.20
CA VAL FC 266 -138.31 -8.47 -6.54
C VAL FC 266 -137.27 -7.45 -7.02
N ASP FC 267 -136.28 -7.17 -6.16
CA ASP FC 267 -135.22 -6.18 -6.41
C ASP FC 267 -133.92 -6.58 -5.69
N GLU FC 268 -132.78 -6.17 -6.26
CA GLU FC 268 -131.47 -6.34 -5.63
C GLU FC 268 -130.82 -4.96 -5.42
N LEU FC 269 -130.38 -4.69 -4.18
CA LEU FC 269 -129.91 -3.35 -3.78
C LEU FC 269 -128.38 -3.21 -3.84
N LYS FC 270 -127.85 -3.31 -5.05
CA LYS FC 270 -126.41 -3.19 -5.29
C LYS FC 270 -125.99 -1.73 -5.44
N GLN FC 271 -125.41 -1.18 -4.37
CA GLN FC 271 -124.74 0.12 -4.45
C GLN FC 271 -123.42 -0.06 -5.20
N GLU FC 272 -123.14 0.83 -6.15
CA GLU FC 272 -121.95 0.71 -7.02
C GLU FC 272 -120.85 1.65 -6.55
N VAL FC 273 -119.61 1.16 -6.57
CA VAL FC 273 -118.43 1.98 -6.30
C VAL FC 273 -118.08 2.79 -7.56
N ILE FC 274 -118.07 4.12 -7.43
CA ILE FC 274 -117.74 5.02 -8.54
C ILE FC 274 -116.25 5.36 -8.53
N SER FC 275 -115.67 5.54 -9.71
CA SER FC 275 -114.26 5.96 -9.90
C SER FC 275 -113.22 4.89 -9.53
N THR FC 276 -113.19 4.47 -8.26
CA THR FC 276 -112.21 3.48 -7.75
C THR FC 276 -112.35 2.12 -8.46
N SER FC 277 -111.20 1.49 -8.71
CA SER FC 277 -111.15 0.20 -9.43
C SER FC 277 -111.59 -0.96 -8.55
N SER FC 278 -112.11 -2.01 -9.19
CA SER FC 278 -112.66 -3.17 -8.49
C SER FC 278 -111.64 -4.28 -8.28
N LYS FC 279 -110.91 -4.19 -7.16
CA LYS FC 279 -110.08 -5.28 -6.64
C LYS FC 279 -110.23 -5.30 -5.12
N ALA FC 280 -110.46 -6.49 -4.56
CA ALA FC 280 -111.07 -6.64 -3.23
C ALA FC 280 -112.43 -5.91 -3.29
N GLU FC 281 -112.77 -5.08 -2.29
CA GLU FC 281 -113.72 -3.93 -2.42
C GLU FC 281 -115.07 -4.03 -1.67
N PRO FC 282 -115.95 -5.00 -2.04
CA PRO FC 282 -117.36 -4.89 -1.64
C PRO FC 282 -117.61 -5.02 -0.13
N PRO FC 283 -118.21 -3.98 0.49
CA PRO FC 283 -118.51 -4.07 1.91
C PRO FC 283 -119.79 -4.90 2.12
N GLN FC 284 -119.65 -6.01 2.82
CA GLN FC 284 -120.80 -6.88 3.11
C GLN FC 284 -121.75 -6.25 4.13
N CYS FC 285 -123.05 -6.51 3.95
CA CYS FC 285 -124.09 -5.98 4.83
C CYS FC 285 -124.45 -7.01 5.88
N THR FC 286 -123.98 -6.80 7.11
CA THR FC 286 -124.16 -7.77 8.20
C THR FC 286 -125.55 -7.76 8.87
N SER FC 287 -126.21 -6.59 8.87
CA SER FC 287 -127.50 -6.43 9.54
C SER FC 287 -128.42 -5.51 8.74
N LEU FC 288 -129.72 -5.58 9.03
CA LEU FC 288 -130.69 -4.61 8.50
C LEU FC 288 -131.95 -4.55 9.35
N ALA FC 289 -132.78 -3.55 9.08
CA ALA FC 289 -133.98 -3.28 9.87
C ALA FC 289 -134.97 -2.42 9.11
N TRP FC 290 -136.15 -2.98 8.83
CA TRP FC 290 -137.29 -2.21 8.32
C TRP FC 290 -137.73 -1.18 9.36
N SER FC 291 -138.23 -0.04 8.86
CA SER FC 291 -138.98 0.90 9.69
C SER FC 291 -140.33 0.26 10.03
N ALA FC 292 -140.96 0.78 11.09
CA ALA FC 292 -142.26 0.26 11.54
C ALA FC 292 -143.37 0.40 10.49
N ASP FC 293 -143.28 1.48 9.70
CA ASP FC 293 -144.20 1.71 8.57
C ASP FC 293 -144.24 0.54 7.59
N GLY FC 294 -143.07 0.01 7.26
CA GLY FC 294 -142.92 -0.89 6.12
C GLY FC 294 -142.84 0.01 4.90
N GLN FC 295 -141.73 0.74 4.81
CA GLN FC 295 -141.61 1.88 3.91
C GLN FC 295 -140.13 2.27 3.76
N THR FC 296 -139.47 2.52 4.88
CA THR FC 296 -138.01 2.74 4.93
C THR FC 296 -137.35 1.52 5.56
N LEU FC 297 -136.12 1.20 5.13
CA LEU FC 297 -135.33 0.15 5.79
C LEU FC 297 -133.87 0.58 5.93
N PHE FC 298 -133.32 0.33 7.13
CA PHE FC 298 -131.95 0.70 7.49
C PHE FC 298 -131.08 -0.53 7.50
N ALA FC 299 -130.05 -0.52 6.65
CA ALA FC 299 -129.16 -1.66 6.46
C ALA FC 299 -127.77 -1.33 7.00
N GLY FC 300 -127.14 -2.33 7.62
CA GLY FC 300 -125.90 -2.17 8.37
C GLY FC 300 -124.72 -2.81 7.67
N TYR FC 301 -123.76 -1.98 7.25
CA TYR FC 301 -122.67 -2.41 6.38
C TYR FC 301 -121.30 -2.45 7.07
N THR FC 302 -120.39 -3.20 6.44
CA THR FC 302 -119.03 -3.38 6.95
C THR FC 302 -118.09 -2.19 6.73
N ASP FC 303 -118.56 -1.14 6.07
CA ASP FC 303 -117.81 0.14 5.99
C ASP FC 303 -118.15 1.12 7.14
N ASN FC 304 -118.66 0.58 8.26
CA ASN FC 304 -118.95 1.36 9.48
C ASN FC 304 -119.96 2.46 9.18
N LEU FC 305 -121.02 2.06 8.50
CA LEU FC 305 -121.96 2.99 7.88
C LEU FC 305 -123.32 2.31 7.76
N VAL FC 306 -124.37 3.00 8.22
CA VAL FC 306 -125.75 2.52 8.10
C VAL FC 306 -126.41 3.21 6.91
N ARG FC 307 -126.81 2.43 5.91
CA ARG FC 307 -127.52 2.94 4.74
C ARG FC 307 -129.03 2.87 4.96
N VAL FC 308 -129.77 3.67 4.20
CA VAL FC 308 -131.24 3.73 4.28
C VAL FC 308 -131.82 3.42 2.90
N TRP FC 309 -133.02 2.83 2.87
CA TRP FC 309 -133.72 2.53 1.61
C TRP FC 309 -135.23 2.74 1.73
N GLN FC 310 -135.76 3.74 1.03
CA GLN FC 310 -137.21 4.00 1.01
C GLN FC 310 -137.89 3.32 -0.17
N VAL FC 311 -139.18 3.01 0.00
CA VAL FC 311 -139.99 2.38 -1.04
C VAL FC 311 -140.64 3.46 -1.91
N THR FC 312 -140.48 3.31 -3.23
CA THR FC 312 -141.12 4.20 -4.20
C THR FC 312 -141.62 3.39 -5.40
N ILE FC 313 -142.70 3.86 -6.02
CA ILE FC 313 -143.34 3.15 -7.14
C ILE FC 313 -142.81 3.62 -8.49
N SER HC 1 -7.69 3.67 49.09
CA SER HC 1 -6.83 2.83 49.99
C SER HC 1 -6.85 1.35 49.60
N ALA HC 2 -5.80 0.64 50.02
CA ALA HC 2 -5.66 -0.80 49.72
C ALA HC 2 -6.55 -1.66 50.61
N ALA HC 3 -6.62 -1.32 51.91
CA ALA HC 3 -7.46 -2.05 52.87
C ALA HC 3 -8.95 -1.92 52.58
N ASP HC 4 -9.39 -0.72 52.17
CA ASP HC 4 -10.78 -0.47 51.79
C ASP HC 4 -11.17 -1.23 50.51
N ARG HC 5 -10.23 -1.38 49.58
CA ARG HC 5 -10.43 -2.19 48.37
C ARG HC 5 -10.65 -3.66 48.75
N ASN HC 6 -9.77 -4.21 49.59
CA ASN HC 6 -9.88 -5.60 50.07
C ASN HC 6 -11.20 -5.92 50.79
N VAL HC 7 -11.74 -4.94 51.51
CA VAL HC 7 -13.05 -5.07 52.18
C VAL HC 7 -14.18 -5.06 51.14
N GLU HC 8 -14.10 -4.17 50.15
CA GLU HC 8 -15.05 -4.12 49.02
C GLU HC 8 -15.04 -5.41 48.19
N ILE HC 9 -13.87 -6.01 48.02
CA ILE HC 9 -13.73 -7.29 47.33
C ILE HC 9 -14.40 -8.40 48.14
N TRP HC 10 -14.14 -8.42 49.45
CA TRP HC 10 -14.71 -9.42 50.34
C TRP HC 10 -16.23 -9.31 50.46
N LYS HC 11 -16.72 -8.07 50.50
CA LYS HC 11 -18.17 -7.78 50.44
C LYS HC 11 -18.83 -8.41 49.22
N ILE HC 12 -18.22 -8.22 48.05
CA ILE HC 12 -18.74 -8.77 46.80
C ILE HC 12 -18.58 -10.29 46.74
N LYS HC 13 -17.46 -10.82 47.25
CA LYS HC 13 -17.25 -12.28 47.37
C LYS HC 13 -18.34 -12.95 48.22
N LYS HC 14 -18.67 -12.33 49.35
CA LYS HC 14 -19.77 -12.80 50.21
C LYS HC 14 -21.11 -12.75 49.50
N LEU HC 15 -21.41 -11.59 48.88
CA LEU HC 15 -22.65 -11.38 48.14
C LEU HC 15 -22.80 -12.43 47.04
N ILE HC 16 -21.75 -12.60 46.24
CA ILE HC 16 -21.72 -13.60 45.18
C ILE HC 16 -22.05 -15.00 45.68
N LYS HC 17 -21.46 -15.39 46.80
CA LYS HC 17 -21.73 -16.71 47.40
C LYS HC 17 -23.21 -16.89 47.74
N SER HC 18 -23.84 -15.85 48.30
CA SER HC 18 -25.27 -15.90 48.65
C SER HC 18 -26.18 -15.96 47.41
N LEU HC 19 -25.77 -15.34 46.31
CA LEU HC 19 -26.56 -15.35 45.08
C LEU HC 19 -26.50 -16.68 44.32
N GLU HC 20 -25.36 -17.35 44.36
CA GLU HC 20 -25.25 -18.67 43.71
C GLU HC 20 -26.09 -19.74 44.41
N ALA HC 21 -26.22 -19.64 45.74
CA ALA HC 21 -27.09 -20.53 46.51
C ALA HC 21 -28.59 -20.30 46.27
N ALA HC 22 -28.97 -19.09 45.85
CA ALA HC 22 -30.37 -18.63 45.75
C ALA HC 22 -31.43 -19.68 45.36
N ARG HC 23 -31.43 -20.09 44.09
CA ARG HC 23 -32.42 -21.01 43.50
C ARG HC 23 -33.86 -20.49 43.45
N GLY HC 24 -34.56 -20.84 42.37
CA GLY HC 24 -35.91 -20.34 42.09
C GLY HC 24 -36.61 -21.17 41.02
N ASN HC 25 -37.78 -20.70 40.58
CA ASN HC 25 -38.70 -21.51 39.76
C ASN HC 25 -38.59 -21.32 38.25
N GLY HC 26 -38.63 -22.45 37.52
CA GLY HC 26 -38.69 -22.46 36.04
C GLY HC 26 -37.55 -21.71 35.37
N THR HC 27 -37.79 -20.43 35.13
CA THR HC 27 -36.74 -19.50 34.71
C THR HC 27 -37.09 -18.06 35.13
N SER HC 28 -37.56 -17.94 36.37
CA SER HC 28 -38.02 -16.67 36.94
C SER HC 28 -36.88 -15.67 37.20
N MET HC 29 -35.68 -16.20 37.42
CA MET HC 29 -34.51 -15.36 37.72
C MET HC 29 -34.06 -14.61 36.48
N ILE HC 30 -33.26 -13.59 36.71
CA ILE HC 30 -32.53 -12.89 35.68
C ILE HC 30 -31.08 -12.83 36.11
N SER HC 31 -30.18 -13.09 35.18
CA SER HC 31 -28.78 -12.75 35.32
C SER HC 31 -28.50 -11.79 34.15
N LEU HC 32 -28.25 -10.53 34.48
CA LEU HC 32 -27.97 -9.49 33.49
C LEU HC 32 -26.63 -8.83 33.83
N ILE HC 33 -25.84 -8.53 32.79
CA ILE HC 33 -24.52 -7.89 32.96
C ILE HC 33 -24.26 -6.89 31.82
N ILE HC 34 -23.73 -5.72 32.17
CA ILE HC 34 -23.57 -4.60 31.24
C ILE HC 34 -22.11 -4.12 31.29
N PRO HC 35 -21.41 -4.06 30.14
CA PRO HC 35 -20.06 -3.45 30.10
C PRO HC 35 -20.06 -1.92 30.23
N PRO HC 36 -18.91 -1.30 30.58
CA PRO HC 36 -18.84 0.13 30.93
C PRO HC 36 -19.11 1.10 29.79
N LYS HC 37 -18.68 0.72 28.58
CA LYS HC 37 -18.94 1.51 27.37
C LYS HC 37 -20.43 1.56 26.98
N ASP HC 38 -21.18 0.51 27.36
CA ASP HC 38 -22.56 0.31 26.94
C ASP HC 38 -23.47 1.48 27.31
N GLN HC 39 -24.52 1.66 26.50
CA GLN HC 39 -25.58 2.64 26.74
C GLN HC 39 -26.72 1.94 27.46
N ILE HC 40 -27.33 2.63 28.42
CA ILE HC 40 -28.45 2.07 29.19
C ILE HC 40 -29.74 2.02 28.38
N SER HC 41 -29.94 2.97 27.47
CA SER HC 41 -31.16 3.00 26.65
C SER HC 41 -31.29 1.73 25.79
N ARG HC 42 -30.18 1.30 25.21
CA ARG HC 42 -30.12 0.06 24.42
C ARG HC 42 -30.49 -1.16 25.25
N VAL HC 43 -30.02 -1.20 26.50
CA VAL HC 43 -30.35 -2.26 27.44
C VAL HC 43 -31.83 -2.18 27.83
N ALA HC 44 -32.29 -0.97 28.13
CA ALA HC 44 -33.71 -0.72 28.44
C ALA HC 44 -34.63 -1.04 27.26
N LYS HC 45 -34.10 -0.93 26.05
CA LYS HC 45 -34.81 -1.39 24.85
C LYS HC 45 -34.87 -2.92 24.84
N MET HC 46 -33.74 -3.56 25.09
CA MET HC 46 -33.64 -5.04 25.11
C MET HC 46 -34.63 -5.67 26.08
N LEU HC 47 -34.71 -5.10 27.29
CA LEU HC 47 -35.64 -5.59 28.31
C LEU HC 47 -37.11 -5.36 27.92
N ALA HC 48 -37.37 -4.29 27.18
CA ALA HC 48 -38.74 -3.99 26.71
C ALA HC 48 -39.24 -4.99 25.67
N ASP HC 49 -38.33 -5.50 24.83
CA ASP HC 49 -38.68 -6.58 23.89
C ASP HC 49 -38.82 -7.91 24.63
N GLU HC 50 -37.84 -8.22 25.49
CA GLU HC 50 -37.91 -9.40 26.37
C GLU HC 50 -39.16 -9.42 27.26
N PHE HC 51 -39.65 -8.23 27.63
CA PHE HC 51 -40.93 -8.09 28.33
C PHE HC 51 -42.07 -8.47 27.40
N GLY HC 52 -42.05 -7.92 26.19
CA GLY HC 52 -43.06 -8.22 25.17
C GLY HC 52 -43.17 -9.69 24.81
N THR HC 53 -42.04 -10.34 24.58
CA THR HC 53 -42.00 -11.78 24.28
C THR HC 53 -42.46 -12.62 25.47
N ALA HC 54 -42.12 -12.18 26.67
CA ALA HC 54 -42.52 -12.86 27.90
C ALA HC 54 -44.04 -12.87 28.11
N SER HC 55 -44.74 -11.87 27.56
CA SER HC 55 -46.19 -11.82 27.60
C SER HC 55 -46.89 -13.03 26.98
N ASN HC 56 -46.20 -13.77 26.10
CA ASN HC 56 -46.75 -14.99 25.51
C ASN HC 56 -46.12 -16.30 26.05
N ILE HC 57 -45.67 -16.28 27.31
CA ILE HC 57 -45.26 -17.48 28.05
C ILE HC 57 -46.53 -18.21 28.52
N LYS HC 58 -46.65 -19.48 28.17
CA LYS HC 58 -47.90 -20.24 28.40
C LYS HC 58 -48.15 -20.57 29.86
N SER HC 59 -47.15 -21.15 30.52
CA SER HC 59 -47.25 -21.52 31.93
C SER HC 59 -47.40 -20.28 32.81
N ARG HC 60 -48.27 -20.36 33.81
CA ARG HC 60 -48.63 -19.19 34.62
C ARG HC 60 -47.46 -18.73 35.49
N VAL HC 61 -47.06 -19.59 36.42
CA VAL HC 61 -46.19 -19.20 37.54
C VAL HC 61 -44.97 -18.46 37.02
N ASN HC 62 -44.29 -19.11 36.09
CA ASN HC 62 -43.11 -18.56 35.43
C ASN HC 62 -43.35 -17.17 34.83
N ARG HC 63 -44.39 -17.06 34.00
CA ARG HC 63 -44.68 -15.84 33.23
C ARG HC 63 -44.74 -14.59 34.09
N LEU HC 64 -45.60 -14.63 35.10
CA LEU HC 64 -45.87 -13.46 35.93
C LEU HC 64 -44.66 -13.07 36.77
N SER HC 65 -43.86 -14.06 37.16
CA SER HC 65 -42.63 -13.81 37.91
C SER HC 65 -41.57 -13.17 37.02
N VAL HC 66 -41.49 -13.61 35.77
CA VAL HC 66 -40.55 -13.06 34.79
C VAL HC 66 -40.82 -11.60 34.51
N LEU HC 67 -42.07 -11.28 34.19
CA LEU HC 67 -42.46 -9.93 33.78
C LEU HC 67 -42.19 -8.91 34.88
N GLY HC 68 -42.54 -9.28 36.12
CA GLY HC 68 -42.25 -8.46 37.30
C GLY HC 68 -40.75 -8.28 37.54
N ALA HC 69 -39.99 -9.33 37.27
CA ALA HC 69 -38.52 -9.25 37.30
C ALA HC 69 -37.97 -8.33 36.23
N ILE HC 70 -38.55 -8.38 35.02
CA ILE HC 70 -38.16 -7.50 33.92
C ILE HC 70 -38.55 -6.04 34.18
N THR HC 71 -39.69 -5.83 34.85
CA THR HC 71 -40.12 -4.46 35.22
C THR HC 71 -39.21 -3.85 36.29
N SER HC 72 -38.81 -4.64 37.27
CA SER HC 72 -37.92 -4.19 38.35
C SER HC 72 -36.57 -3.71 37.81
N VAL HC 73 -35.91 -4.57 37.04
CA VAL HC 73 -34.64 -4.21 36.38
C VAL HC 73 -34.78 -2.99 35.48
N GLN HC 74 -35.91 -2.88 34.78
CA GLN HC 74 -36.18 -1.69 33.97
C GLN HC 74 -36.20 -0.43 34.83
N GLN HC 75 -36.84 -0.51 36.00
CA GLN HC 75 -36.93 0.64 36.92
C GLN HC 75 -35.59 0.94 37.61
N ARG HC 76 -34.81 -0.09 37.96
CA ARG HC 76 -33.46 0.12 38.51
C ARG HC 76 -32.56 0.87 37.51
N LEU HC 77 -32.68 0.50 36.24
CA LEU HC 77 -31.92 1.12 35.15
C LEU HC 77 -32.35 2.56 34.84
N LYS HC 78 -33.59 2.93 35.19
CA LYS HC 78 -34.04 4.33 35.08
C LYS HC 78 -33.30 5.29 36.02
N LEU HC 79 -32.81 4.77 37.16
CA LEU HC 79 -32.10 5.58 38.14
C LEU HC 79 -30.75 6.05 37.61
N TYR HC 80 -30.00 5.13 37.00
CA TYR HC 80 -28.76 5.48 36.31
C TYR HC 80 -29.09 6.16 34.98
N ASN HC 81 -28.35 7.21 34.64
CA ASN HC 81 -28.44 7.83 33.32
C ASN HC 81 -27.38 7.32 32.35
N LYS HC 82 -26.23 6.90 32.88
CA LYS HC 82 -25.17 6.21 32.13
C LYS HC 82 -24.82 4.90 32.81
N VAL HC 83 -24.27 3.96 32.04
CA VAL HC 83 -23.69 2.75 32.62
C VAL HC 83 -22.37 3.21 33.22
N PRO HC 84 -22.13 2.90 34.52
CA PRO HC 84 -20.94 3.47 35.13
C PRO HC 84 -19.68 2.78 34.61
N PRO HC 85 -18.49 3.31 34.96
CA PRO HC 85 -17.29 2.52 34.68
C PRO HC 85 -17.36 1.21 35.44
N ASN HC 86 -16.51 0.26 35.09
CA ASN HC 86 -16.60 -1.10 35.63
C ASN HC 86 -17.87 -1.89 35.28
N GLY HC 87 -18.75 -1.34 34.45
CA GLY HC 87 -19.97 -2.02 34.06
C GLY HC 87 -20.99 -2.06 35.16
N LEU HC 88 -22.04 -2.86 34.94
CA LEU HC 88 -23.12 -3.05 35.89
C LEU HC 88 -23.57 -4.50 35.84
N VAL HC 89 -24.03 -5.01 36.98
CA VAL HC 89 -24.37 -6.42 37.14
C VAL HC 89 -25.70 -6.48 37.86
N VAL HC 90 -26.78 -6.80 37.13
CA VAL HC 90 -28.12 -6.75 37.70
C VAL HC 90 -28.69 -8.17 37.87
N TYR HC 91 -29.12 -8.46 39.09
CA TYR HC 91 -29.52 -9.79 39.51
C TYR HC 91 -30.89 -9.74 40.15
N CYS HC 92 -31.91 -9.99 39.33
CA CYS HC 92 -33.32 -9.93 39.75
C CYS HC 92 -33.88 -11.33 39.87
N GLY HC 93 -35.08 -11.41 40.42
CA GLY HC 93 -35.80 -12.69 40.51
C GLY HC 93 -36.79 -12.73 41.64
N THR HC 94 -37.29 -13.93 41.92
CA THR HC 94 -38.12 -14.18 43.09
C THR HC 94 -37.70 -15.53 43.66
N ILE HC 95 -36.81 -15.49 44.66
CA ILE HC 95 -36.16 -16.69 45.19
C ILE HC 95 -37.07 -17.46 46.14
N VAL HC 96 -37.05 -18.79 46.02
CA VAL HC 96 -37.67 -19.67 47.01
C VAL HC 96 -36.63 -19.97 48.08
N THR HC 97 -37.09 -20.18 49.32
CA THR HC 97 -36.20 -20.46 50.44
C THR HC 97 -36.97 -21.13 51.58
N GLU HC 98 -36.29 -21.42 52.69
CA GLU HC 98 -36.94 -21.98 53.88
C GLU HC 98 -38.01 -21.04 54.45
N GLU HC 99 -38.96 -21.62 55.19
CA GLU HC 99 -40.18 -20.97 55.65
C GLU HC 99 -41.21 -20.71 54.52
N GLY HC 100 -41.04 -21.37 53.37
CA GLY HC 100 -41.90 -21.15 52.19
C GLY HC 100 -41.99 -19.70 51.79
N LYS HC 101 -40.84 -19.03 51.72
CA LYS HC 101 -40.77 -17.57 51.64
C LYS HC 101 -40.36 -17.12 50.23
N GLU HC 102 -41.32 -17.20 49.31
CA GLU HC 102 -41.11 -16.79 47.92
C GLU HC 102 -40.99 -15.26 47.84
N LYS HC 103 -39.76 -14.77 48.01
CA LYS HC 103 -39.47 -13.34 48.15
C LYS HC 103 -38.80 -12.77 46.90
N LYS HC 104 -39.17 -11.55 46.54
CA LYS HC 104 -38.54 -10.83 45.42
C LYS HC 104 -37.18 -10.27 45.85
N VAL HC 105 -36.26 -10.20 44.90
CA VAL HC 105 -34.87 -9.80 45.14
C VAL HC 105 -34.31 -9.02 43.95
N ASN HC 106 -33.54 -7.96 44.23
CA ASN HC 106 -32.85 -7.17 43.22
C ASN HC 106 -31.49 -6.72 43.75
N ILE HC 107 -30.42 -7.07 43.03
CA ILE HC 107 -29.07 -6.58 43.35
C ILE HC 107 -28.39 -6.08 42.08
N ASP HC 108 -28.48 -4.76 41.88
CA ASP HC 108 -27.63 -4.08 40.92
C ASP HC 108 -26.40 -3.59 41.68
N PHE HC 109 -25.22 -3.79 41.09
CA PHE HC 109 -24.02 -3.14 41.59
C PHE HC 109 -22.97 -2.97 40.49
N GLU HC 110 -22.30 -1.82 40.52
CA GLU HC 110 -21.06 -1.64 39.79
C GLU HC 110 -20.00 -2.45 40.53
N PRO HC 111 -19.41 -3.45 39.86
CA PRO HC 111 -18.40 -4.26 40.54
C PRO HC 111 -17.06 -3.54 40.70
N PHE HC 112 -16.23 -4.05 41.60
CA PHE HC 112 -14.83 -3.65 41.65
C PHE HC 112 -14.15 -4.32 40.46
N LYS HC 113 -13.09 -3.69 39.96
CA LYS HC 113 -12.49 -3.98 38.65
C LYS HC 113 -13.44 -3.66 37.50
N PRO HC 114 -12.88 -3.34 36.32
CA PRO HC 114 -13.76 -3.20 35.18
C PRO HC 114 -14.06 -4.55 34.55
N ILE HC 115 -15.31 -4.74 34.12
CA ILE HC 115 -15.70 -5.99 33.48
C ILE HC 115 -16.02 -5.75 32.00
N ASN HC 116 -15.50 -6.64 31.16
CA ASN HC 116 -15.69 -6.56 29.72
C ASN HC 116 -16.68 -7.64 29.24
N THR HC 117 -17.52 -8.14 30.14
CA THR HC 117 -18.43 -9.24 29.84
C THR HC 117 -19.87 -8.73 29.79
N SER HC 118 -20.55 -9.02 28.69
CA SER HC 118 -22.01 -8.86 28.60
C SER HC 118 -22.64 -10.22 28.83
N LEU HC 119 -23.87 -10.20 29.33
CA LEU HC 119 -24.64 -11.42 29.58
C LEU HC 119 -26.10 -11.05 29.82
N TYR HC 120 -27.01 -11.64 29.04
CA TYR HC 120 -28.43 -11.69 29.39
C TYR HC 120 -28.78 -13.15 29.53
N LEU HC 121 -29.46 -13.44 30.63
CA LEU HC 121 -29.90 -14.77 30.96
C LEU HC 121 -31.16 -14.66 31.77
N CYS HC 122 -32.01 -15.66 31.62
CA CYS HC 122 -32.98 -15.99 32.65
C CYS HC 122 -32.73 -17.45 32.97
N ASP HC 123 -32.94 -17.85 34.22
CA ASP HC 123 -32.88 -19.27 34.58
C ASP HC 123 -33.52 -19.54 35.93
N ASN HC 124 -33.51 -20.81 36.35
CA ASN HC 124 -34.00 -21.20 37.68
C ASN HC 124 -33.11 -20.70 38.80
N LYS HC 125 -31.82 -20.54 38.49
CA LYS HC 125 -30.83 -20.02 39.43
C LYS HC 125 -30.11 -18.82 38.80
N PHE HC 126 -29.34 -18.13 39.63
CA PHE HC 126 -28.53 -17.00 39.16
C PHE HC 126 -27.24 -17.55 38.56
N HIS HC 127 -26.57 -16.73 37.74
CA HIS HC 127 -25.33 -17.12 37.07
C HIS HC 127 -24.21 -16.11 37.32
N THR HC 128 -23.43 -16.33 38.39
CA THR HC 128 -22.28 -15.47 38.73
C THR HC 128 -20.94 -16.09 38.30
N GLU HC 129 -20.94 -16.86 37.21
CA GLU HC 129 -19.72 -17.49 36.69
C GLU HC 129 -18.77 -16.43 36.13
N ALA HC 130 -19.33 -15.37 35.56
CA ALA HC 130 -18.54 -14.24 35.06
C ALA HC 130 -17.79 -13.54 36.19
N LEU HC 131 -18.49 -13.25 37.28
CA LEU HC 131 -17.92 -12.49 38.40
C LEU HC 131 -16.84 -13.27 39.13
N THR HC 132 -17.13 -14.52 39.49
CA THR HC 132 -16.15 -15.39 40.16
C THR HC 132 -14.93 -15.68 39.28
N ALA HC 133 -15.14 -15.83 37.97
CA ALA HC 133 -14.05 -16.02 37.00
C ALA HC 133 -13.15 -14.79 36.92
N LEU HC 134 -13.75 -13.61 37.01
CA LEU HC 134 -12.99 -12.38 37.18
C LEU HC 134 -12.19 -12.41 38.47
N LEU HC 135 -12.87 -12.60 39.61
CA LEU HC 135 -12.24 -12.51 40.95
C LEU HC 135 -10.98 -13.37 41.09
N SER HC 136 -10.97 -14.53 40.43
CA SER HC 136 -9.79 -15.40 40.38
C SER HC 136 -8.63 -14.73 39.65
N ASP HC 137 -8.88 -14.29 38.43
CA ASP HC 137 -7.86 -13.69 37.57
C ASP HC 137 -7.77 -12.16 37.79
N ASP HC 138 -7.10 -11.79 38.87
CA ASP HC 138 -6.68 -10.40 39.11
C ASP HC 138 -5.41 -10.03 38.32
N SER HC 139 -4.70 -11.05 37.81
CA SER HC 139 -3.42 -10.86 37.12
C SER HC 139 -3.49 -9.92 35.92
N LYS HC 140 -2.89 -8.74 36.10
CA LYS HC 140 -2.72 -7.78 35.01
C LYS HC 140 -1.43 -8.08 34.25
N PHE HC 141 -1.50 -7.91 32.93
CA PHE HC 141 -0.33 -7.94 32.06
C PHE HC 141 -0.25 -6.60 31.33
N GLY HC 142 0.97 -6.19 30.98
CA GLY HC 142 1.20 -4.96 30.22
C GLY HC 142 1.38 -5.23 28.74
N PHE HC 143 1.07 -4.23 27.92
CA PHE HC 143 1.25 -4.31 26.47
C PHE HC 143 1.86 -3.03 25.92
N ILE HC 144 3.16 -3.10 25.63
CA ILE HC 144 3.82 -2.04 24.87
C ILE HC 144 3.74 -2.44 23.41
N VAL HC 145 3.34 -1.49 22.57
CA VAL HC 145 3.13 -1.73 21.15
C VAL HC 145 3.93 -0.67 20.39
N ILE HC 146 5.06 -1.07 19.84
CA ILE HC 146 5.96 -0.16 19.12
C ILE HC 146 5.59 -0.18 17.65
N ASP HC 147 5.82 0.94 16.98
CA ASP HC 147 5.70 1.03 15.53
C ASP HC 147 6.47 2.26 15.07
N GLY HC 148 7.03 2.18 13.86
CA GLY HC 148 7.73 3.32 13.26
C GLY HC 148 6.86 4.57 13.16
N SER HC 149 5.55 4.39 13.02
CA SER HC 149 4.58 5.49 13.12
C SER HC 149 4.55 6.06 14.53
N GLY HC 150 4.33 5.20 15.50
CA GLY HC 150 4.17 5.63 16.90
C GLY HC 150 3.76 4.53 17.84
N ALA HC 151 4.09 4.71 19.13
CA ALA HC 151 3.94 3.66 20.13
C ALA HC 151 2.54 3.58 20.73
N LEU HC 152 2.34 2.58 21.60
CA LEU HC 152 1.12 2.44 22.39
C LEU HC 152 1.41 1.61 23.65
N PHE HC 153 0.78 2.01 24.75
CA PHE HC 153 0.90 1.32 26.04
C PHE HC 153 -0.49 1.00 26.55
N GLY HC 154 -0.70 -0.25 27.00
CA GLY HC 154 -1.97 -0.65 27.58
C GLY HC 154 -1.87 -1.92 28.40
N THR HC 155 -2.93 -2.19 29.17
CA THR HC 155 -2.94 -3.32 30.11
C THR HC 155 -4.15 -4.21 29.89
N LEU HC 156 -4.07 -5.41 30.46
CA LEU HC 156 -4.92 -6.51 30.04
C LEU HC 156 -5.22 -7.47 31.19
N GLN HC 157 -6.33 -7.25 31.89
CA GLN HC 157 -6.90 -8.24 32.81
C GLN HC 157 -7.48 -9.40 32.01
N GLY HC 158 -7.71 -10.52 32.68
CA GLY HC 158 -8.35 -11.70 32.08
C GLY HC 158 -9.51 -11.36 31.17
N ASN HC 159 -10.31 -10.38 31.60
CA ASN HC 159 -11.36 -9.81 30.77
C ASN HC 159 -10.90 -8.53 30.07
N THR HC 160 -10.58 -7.51 30.86
CA THR HC 160 -10.65 -6.13 30.41
C THR HC 160 -9.41 -5.64 29.66
N ARG HC 161 -9.68 -4.86 28.61
CA ARG HC 161 -8.68 -4.40 27.65
C ARG HC 161 -8.54 -2.88 27.76
N GLU HC 162 -7.46 -2.43 28.40
CA GLU HC 162 -7.23 -1.00 28.71
C GLU HC 162 -6.27 -0.34 27.72
N VAL HC 163 -6.34 0.99 27.67
CA VAL HC 163 -5.35 1.81 26.99
C VAL HC 163 -4.82 2.81 28.01
N LEU HC 164 -3.51 2.79 28.21
CA LEU HC 164 -2.84 3.62 29.20
C LEU HC 164 -2.39 4.93 28.56
N HIS HC 165 -1.62 4.81 27.49
CA HIS HC 165 -1.06 5.95 26.77
C HIS HC 165 -0.61 5.57 25.37
N LYS HC 166 -0.52 6.56 24.47
CA LYS HC 166 0.07 6.37 23.15
C LYS HC 166 0.53 7.68 22.54
N PHE HC 167 1.54 7.61 21.68
CA PHE HC 167 2.01 8.77 20.91
C PHE HC 167 2.41 8.38 19.48
N THR HC 168 2.49 9.40 18.62
CA THR HC 168 2.88 9.25 17.22
C THR HC 168 4.07 10.16 16.95
N VAL HC 169 4.95 9.75 16.02
CA VAL HC 169 6.22 10.45 15.81
C VAL HC 169 6.53 10.79 14.36
N ASP HC 170 7.25 11.91 14.19
CA ASP HC 170 7.61 12.45 12.89
C ASP HC 170 9.01 11.93 12.55
N LEU HC 171 9.09 10.64 12.25
CA LEU HC 171 10.38 10.00 11.97
C LEU HC 171 10.90 10.37 10.57
N PRO HC 172 12.23 10.37 10.39
CA PRO HC 172 12.85 10.72 9.11
C PRO HC 172 12.71 9.63 8.03
N LYS HC 173 13.32 9.89 6.87
CA LYS HC 173 13.22 9.01 5.71
C LYS HC 173 14.30 7.93 5.76
N LYS HC 174 14.16 6.91 4.91
CA LYS HC 174 15.14 5.80 4.89
C LYS HC 174 16.45 6.26 4.26
N HIS HC 175 16.37 6.94 3.10
CA HIS HC 175 17.56 7.25 2.31
C HIS HC 175 18.01 8.70 2.25
N GLY HC 176 19.32 8.86 2.00
CA GLY HC 176 19.98 10.14 1.77
C GLY HC 176 20.69 10.14 0.43
N ARG HC 177 20.17 10.95 -0.49
CA ARG HC 177 20.65 11.06 -1.88
C ARG HC 177 21.99 11.81 -2.14
N ALA HC 178 22.86 11.95 -1.13
CA ALA HC 178 24.25 12.39 -1.32
C ALA HC 178 25.20 11.26 -0.95
N ALA HC 179 26.39 11.25 -1.56
CA ALA HC 179 27.38 10.20 -1.28
C ALA HC 179 28.00 10.33 0.10
N GLN HC 180 28.44 11.55 0.41
CA GLN HC 180 29.17 11.83 1.66
C GLN HC 180 28.20 11.90 2.81
N SER HC 181 27.09 12.60 2.57
CA SER HC 181 26.07 12.83 3.56
C SER HC 181 25.22 11.59 3.85
N ALA HC 182 25.17 10.64 2.91
CA ALA HC 182 24.47 9.35 3.12
C ALA HC 182 24.81 8.72 4.46
N LEU HC 183 26.11 8.63 4.73
CA LEU HC 183 26.61 8.00 5.96
C LEU HC 183 26.26 8.81 7.21
N ARG HC 184 26.52 10.11 7.16
CA ARG HC 184 26.17 11.03 8.26
C ARG HC 184 24.66 11.04 8.53
N PHE HC 185 23.85 11.16 7.48
CA PHE HC 185 22.38 11.13 7.63
C PHE HC 185 21.87 9.79 8.12
N ALA HC 186 22.55 8.71 7.75
CA ALA HC 186 22.21 7.36 8.23
C ALA HC 186 22.51 7.17 9.71
N ARG HC 187 23.63 7.71 10.18
CA ARG HC 187 23.93 7.78 11.62
C ARG HC 187 22.88 8.63 12.34
N LEU HC 188 22.64 9.82 11.79
CA LEU HC 188 21.63 10.74 12.31
C LEU HC 188 20.23 10.11 12.41
N ARG HC 189 19.85 9.35 11.38
CA ARG HC 189 18.59 8.60 11.36
C ARG HC 189 18.55 7.56 12.47
N MET HC 190 19.67 6.85 12.67
CA MET HC 190 19.77 5.82 13.73
C MET HC 190 19.76 6.41 15.15
N GLU HC 191 20.21 7.66 15.31
CA GLU HC 191 20.20 8.35 16.60
C GLU HC 191 18.80 8.85 16.98
N LYS HC 192 18.07 9.39 16.00
CA LYS HC 192 16.64 9.71 16.17
C LYS HC 192 15.84 8.47 16.55
N ARG HC 193 16.15 7.37 15.88
CA ARG HC 193 15.48 6.09 16.09
C ARG HC 193 15.76 5.50 17.47
N HIS HC 194 16.97 5.69 17.98
CA HIS HC 194 17.32 5.23 19.33
C HIS HC 194 16.66 6.08 20.41
N ASN HC 195 16.63 7.40 20.21
CA ASN HC 195 15.92 8.33 21.11
C ASN HC 195 14.43 7.99 21.26
N TYR HC 196 13.83 7.47 20.19
CA TYR HC 196 12.45 7.00 20.22
C TYR HC 196 12.28 5.77 21.14
N VAL HC 197 13.23 4.84 21.08
CA VAL HC 197 13.21 3.66 21.95
C VAL HC 197 13.36 4.08 23.42
N ARG HC 198 14.29 5.00 23.65
CA ARG HC 198 14.51 5.59 24.98
C ARG HC 198 13.23 6.18 25.56
N LYS HC 199 12.54 7.00 24.77
CA LYS HC 199 11.28 7.62 25.19
C LYS HC 199 10.24 6.57 25.54
N VAL HC 200 10.12 5.54 24.70
CA VAL HC 200 9.19 4.43 24.95
C VAL HC 200 9.56 3.68 26.23
N ALA HC 201 10.85 3.43 26.42
CA ALA HC 201 11.35 2.78 27.64
C ALA HC 201 11.16 3.64 28.87
N GLU HC 202 11.33 4.95 28.71
CA GLU HC 202 11.13 5.90 29.82
C GLU HC 202 9.65 5.95 30.20
N THR HC 203 8.79 6.18 29.21
CA THR HC 203 7.34 6.15 29.40
C THR HC 203 6.87 4.81 29.99
N ALA HC 204 7.51 3.72 29.59
CA ALA HC 204 7.22 2.39 30.13
C ALA HC 204 7.55 2.29 31.61
N VAL HC 205 8.66 2.89 32.04
CA VAL HC 205 9.00 2.97 33.46
C VAL HC 205 8.01 3.90 34.18
N GLN HC 206 7.63 5.01 33.53
CA GLN HC 206 6.58 5.89 34.05
C GLN HC 206 5.25 5.18 34.33
N LEU HC 207 4.85 4.30 33.42
CA LEU HC 207 3.50 3.69 33.45
C LEU HC 207 3.44 2.41 34.29
N PHE HC 208 4.31 1.46 33.95
CA PHE HC 208 4.19 0.09 34.46
C PHE HC 208 4.80 -0.15 35.83
N ILE HC 209 5.72 0.71 36.27
CA ILE HC 209 6.27 0.61 37.63
C ILE HC 209 5.31 1.23 38.66
N SER HC 210 5.42 0.79 39.90
CA SER HC 210 4.61 1.34 41.00
C SER HC 210 5.30 1.14 42.36
N GLY HC 211 5.89 2.21 42.87
CA GLY HC 211 6.67 2.17 44.10
C GLY HC 211 7.98 1.43 43.91
N ASP HC 212 8.63 1.67 42.78
CA ASP HC 212 9.85 0.96 42.36
C ASP HC 212 9.69 -0.58 42.31
N LYS HC 213 8.49 -1.03 41.95
CA LYS HC 213 8.20 -2.46 41.81
C LYS HC 213 6.96 -2.62 40.92
N VAL HC 214 7.16 -3.16 39.72
CA VAL HC 214 6.13 -3.11 38.66
C VAL HC 214 4.83 -3.84 39.03
N ASN HC 215 3.70 -3.19 38.75
CA ASN HC 215 2.38 -3.75 39.03
C ASN HC 215 2.00 -4.92 38.11
N VAL HC 216 2.37 -4.80 36.83
CA VAL HC 216 2.10 -5.85 35.83
C VAL HC 216 2.92 -7.13 36.08
N ALA HC 217 2.21 -8.25 36.22
CA ALA HC 217 2.82 -9.57 36.46
C ALA HC 217 3.70 -10.03 35.30
N GLY HC 218 3.41 -9.49 34.12
CA GLY HC 218 4.28 -9.60 32.96
C GLY HC 218 4.38 -8.26 32.25
N LEU HC 219 4.31 -8.32 30.92
CA LEU HC 219 4.60 -7.22 30.01
C LEU HC 219 4.78 -7.89 28.64
N VAL HC 220 4.24 -7.28 27.59
CA VAL HC 220 4.38 -7.80 26.23
C VAL HC 220 4.80 -6.65 25.33
N LEU HC 221 5.76 -6.91 24.45
CA LEU HC 221 6.08 -6.02 23.35
C LEU HC 221 5.41 -6.64 22.13
N ALA HC 222 4.91 -5.80 21.25
CA ALA HC 222 4.23 -6.27 20.03
C ALA HC 222 4.49 -5.30 18.89
N GLY HC 223 5.14 -5.78 17.84
CA GLY HC 223 5.46 -4.93 16.71
C GLY HC 223 5.98 -5.66 15.50
N SER HC 224 6.76 -4.96 14.70
CA SER HC 224 7.33 -5.46 13.45
C SER HC 224 8.65 -4.76 13.23
N ALA HC 225 9.35 -5.13 12.16
CA ALA HC 225 10.57 -4.44 11.74
C ALA HC 225 11.73 -4.46 12.75
N ASP HC 226 11.69 -5.43 13.68
CA ASP HC 226 12.67 -5.53 14.76
C ASP HC 226 12.82 -4.22 15.57
N PHE HC 227 11.68 -3.62 15.92
CA PHE HC 227 11.64 -2.42 16.75
C PHE HC 227 11.39 -2.81 18.21
N LYS HC 228 10.50 -3.78 18.43
CA LYS HC 228 10.35 -4.43 19.74
C LYS HC 228 11.66 -5.08 20.20
N THR HC 229 12.40 -5.67 19.25
CA THR HC 229 13.69 -6.29 19.50
C THR HC 229 14.74 -5.24 19.91
N GLU HC 230 14.66 -4.04 19.33
CA GLU HC 230 15.48 -2.90 19.75
C GLU HC 230 15.24 -2.56 21.22
N LEU HC 231 13.97 -2.52 21.62
CA LEU HC 231 13.59 -2.20 23.01
C LEU HC 231 13.89 -3.32 23.99
N SER HC 232 13.50 -4.53 23.64
CA SER HC 232 13.64 -5.72 24.51
C SER HC 232 15.05 -5.90 25.04
N GLN HC 233 16.02 -6.02 24.14
CA GLN HC 233 17.40 -6.35 24.49
C GLN HC 233 18.31 -5.15 24.82
N SER HC 234 17.80 -3.93 24.71
CA SER HC 234 18.61 -2.72 24.96
C SER HC 234 18.91 -2.52 26.45
N ASP HC 235 20.07 -1.93 26.72
CA ASP HC 235 20.47 -1.55 28.08
C ASP HC 235 19.69 -0.32 28.57
N MET HC 236 19.11 0.45 27.64
CA MET HC 236 18.19 1.54 27.97
C MET HC 236 17.00 1.03 28.79
N PHE HC 237 16.43 -0.12 28.37
CA PHE HC 237 15.28 -0.73 29.03
C PHE HC 237 15.67 -1.14 30.45
N ASP HC 238 14.88 -0.69 31.43
CA ASP HC 238 15.20 -0.95 32.84
C ASP HC 238 14.97 -2.43 33.12
N GLN HC 239 15.92 -3.04 33.83
CA GLN HC 239 15.96 -4.51 34.00
C GLN HC 239 14.79 -5.08 34.83
N ARG HC 240 14.34 -4.30 35.81
CA ARG HC 240 13.10 -4.62 36.55
C ARG HC 240 11.85 -4.69 35.65
N LEU HC 241 11.86 -3.91 34.57
CA LEU HC 241 10.81 -3.99 33.54
C LEU HC 241 11.12 -5.10 32.52
N GLN HC 242 12.40 -5.20 32.13
CA GLN HC 242 12.89 -6.17 31.12
C GLN HC 242 12.77 -7.63 31.54
N SER HC 243 12.92 -7.90 32.84
CA SER HC 243 12.86 -9.27 33.37
C SER HC 243 11.45 -9.88 33.36
N LYS HC 244 10.43 -9.05 33.15
CA LYS HC 244 9.05 -9.52 33.01
C LYS HC 244 8.56 -9.52 31.54
N VAL HC 245 9.50 -9.38 30.59
CA VAL HC 245 9.18 -9.44 29.17
C VAL HC 245 9.06 -10.90 28.77
N LEU HC 246 7.83 -11.34 28.52
CA LEU HC 246 7.54 -12.75 28.24
C LEU HC 246 7.38 -13.03 26.75
N LYS HC 247 6.72 -12.14 26.02
CA LYS HC 247 6.54 -12.27 24.57
C LYS HC 247 6.98 -11.03 23.80
N LEU HC 248 7.58 -11.27 22.63
CA LEU HC 248 7.82 -10.24 21.64
C LEU HC 248 6.98 -10.62 20.42
N VAL HC 249 5.79 -10.03 20.31
CA VAL HC 249 4.80 -10.46 19.32
C VAL HC 249 5.08 -9.80 17.97
N ASP HC 250 4.91 -10.59 16.90
CA ASP HC 250 4.96 -10.08 15.53
C ASP HC 250 3.53 -9.84 15.01
N ILE HC 251 3.17 -8.57 14.84
CA ILE HC 251 1.79 -8.19 14.47
C ILE HC 251 1.75 -7.42 13.15
N SER HC 252 0.69 -7.67 12.37
CA SER HC 252 0.29 -6.75 11.30
C SER HC 252 -0.53 -5.65 11.96
N TYR HC 253 -0.61 -4.50 11.29
CA TYR HC 253 -1.22 -3.28 11.86
C TYR HC 253 -0.51 -2.79 13.12
N GLY HC 254 -0.86 -1.58 13.54
CA GLY HC 254 -0.26 -0.94 14.70
C GLY HC 254 -1.26 -0.19 15.54
N GLY HC 255 -0.86 0.15 16.77
CA GLY HC 255 -1.72 0.85 17.69
C GLY HC 255 -2.83 -0.05 18.24
N GLU HC 256 -4.00 0.54 18.44
CA GLU HC 256 -5.10 -0.14 19.13
C GLU HC 256 -5.77 -1.23 18.29
N ASN HC 257 -5.67 -1.11 16.96
CA ASN HC 257 -6.12 -2.18 16.05
C ASN HC 257 -5.10 -3.34 16.00
N GLY HC 258 -3.84 -3.04 16.28
CA GLY HC 258 -2.79 -4.05 16.49
C GLY HC 258 -2.78 -4.65 17.89
N PHE HC 259 -3.16 -3.83 18.88
CA PHE HC 259 -3.30 -4.25 20.28
C PHE HC 259 -4.04 -5.59 20.42
N ASN HC 260 -5.30 -5.61 20.00
CA ASN HC 260 -6.14 -6.81 20.13
C ASN HC 260 -5.69 -7.97 19.24
N GLN HC 261 -4.88 -7.68 18.23
CA GLN HC 261 -4.17 -8.71 17.51
C GLN HC 261 -3.06 -9.29 18.39
N ALA HC 262 -2.30 -8.41 19.05
CA ALA HC 262 -1.24 -8.85 19.99
C ALA HC 262 -1.76 -9.73 21.13
N ILE HC 263 -2.98 -9.46 21.60
CA ILE HC 263 -3.59 -10.25 22.68
C ILE HC 263 -3.93 -11.66 22.21
N GLU HC 264 -4.58 -11.75 21.05
CA GLU HC 264 -4.98 -13.04 20.46
C GLU HC 264 -3.78 -13.99 20.26
N LEU HC 265 -2.67 -13.44 19.77
CA LEU HC 265 -1.42 -14.21 19.59
C LEU HC 265 -0.78 -14.60 20.92
N SER HC 266 -0.86 -13.69 21.90
CA SER HC 266 -0.18 -13.84 23.18
C SER HC 266 -0.97 -14.64 24.24
N THR HC 267 -2.01 -15.36 23.82
CA THR HC 267 -2.97 -15.92 24.77
C THR HC 267 -2.39 -17.07 25.58
N GLU HC 268 -1.89 -18.10 24.90
CA GLU HC 268 -1.31 -19.28 25.57
C GLU HC 268 -0.21 -18.91 26.57
N VAL HC 269 0.66 -17.99 26.18
CA VAL HC 269 1.78 -17.57 27.02
C VAL HC 269 1.31 -16.78 28.23
N LEU HC 270 0.30 -15.93 28.06
CA LEU HC 270 -0.30 -15.17 29.16
C LEU HC 270 -1.12 -16.04 30.13
N SER HC 271 -1.67 -17.14 29.64
CA SER HC 271 -2.33 -18.14 30.49
C SER HC 271 -1.33 -18.96 31.30
N ASN HC 272 -0.17 -19.23 30.72
CA ASN HC 272 0.86 -20.09 31.33
C ASN HC 272 1.60 -19.47 32.53
N VAL HC 273 1.45 -18.15 32.74
CA VAL HC 273 2.18 -17.45 33.81
C VAL HC 273 1.79 -17.95 35.21
N LYS HC 274 0.50 -18.17 35.42
CA LYS HC 274 -0.02 -18.73 36.68
C LYS HC 274 0.53 -20.14 36.95
N PHE HC 275 0.56 -20.94 35.89
CA PHE HC 275 1.15 -22.29 35.92
C PHE HC 275 2.65 -22.27 36.22
N ILE HC 276 3.37 -21.27 35.70
CA ILE HC 276 4.81 -21.10 35.95
C ILE HC 276 5.10 -20.67 37.40
N GLN HC 277 4.32 -19.71 37.92
CA GLN HC 277 4.45 -19.26 39.31
C GLN HC 277 4.12 -20.37 40.32
N GLU HC 278 3.14 -21.19 40.00
CA GLU HC 278 2.83 -22.41 40.76
C GLU HC 278 4.07 -23.32 40.86
N LYS HC 279 4.59 -23.72 39.70
CA LYS HC 279 5.78 -24.59 39.61
C LYS HC 279 6.96 -24.08 40.44
N LYS HC 280 7.22 -22.78 40.32
CA LYS HC 280 8.32 -22.12 41.03
C LYS HC 280 8.20 -22.23 42.55
N LEU HC 281 6.98 -22.07 43.05
CA LEU HC 281 6.71 -22.11 44.49
C LEU HC 281 6.77 -23.52 45.06
N ILE HC 282 6.01 -24.43 44.47
CA ILE HC 282 5.96 -25.83 44.92
C ILE HC 282 7.33 -26.50 44.68
N GLY HC 283 8.02 -26.09 43.62
CA GLY HC 283 9.42 -26.46 43.41
C GLY HC 283 10.33 -26.02 44.55
N ARG HC 284 10.12 -24.80 45.04
CA ARG HC 284 10.82 -24.28 46.23
C ARG HC 284 10.44 -25.04 47.52
N TYR HC 285 9.17 -25.41 47.66
CA TYR HC 285 8.71 -26.24 48.79
C TYR HC 285 9.36 -27.63 48.77
N PHE HC 286 9.37 -28.26 47.59
CA PHE HC 286 9.90 -29.62 47.43
C PHE HC 286 11.41 -29.78 47.63
N ASP HC 287 12.18 -28.71 47.38
CA ASP HC 287 13.62 -28.74 47.64
C ASP HC 287 13.95 -28.95 49.11
N GLU HC 288 13.09 -28.42 49.99
CA GLU HC 288 13.27 -28.56 51.44
C GLU HC 288 13.03 -30.02 51.89
N ILE HC 289 12.09 -30.68 51.22
CA ILE HC 289 11.85 -32.12 51.42
C ILE HC 289 12.99 -32.97 50.82
N SER HC 290 13.50 -32.54 49.66
CA SER HC 290 14.60 -33.24 48.98
C SER HC 290 15.89 -33.25 49.81
N GLN HC 291 16.19 -32.12 50.45
CA GLN HC 291 17.29 -32.01 51.41
C GLN HC 291 16.75 -32.37 52.80
N ASP HC 292 17.63 -32.33 53.80
CA ASP HC 292 17.21 -32.48 55.20
C ASP HC 292 16.43 -31.23 55.62
N THR HC 293 17.15 -30.12 55.77
CA THR HC 293 16.59 -28.79 56.09
C THR HC 293 15.56 -28.78 57.23
N GLY HC 294 14.33 -29.19 56.93
CA GLY HC 294 13.24 -29.21 57.91
C GLY HC 294 12.52 -27.88 58.09
N LYS HC 295 12.45 -27.08 57.02
CA LYS HC 295 11.72 -25.82 57.03
C LYS HC 295 10.42 -26.00 56.23
N TYR HC 296 9.65 -27.04 56.60
CA TYR HC 296 8.41 -27.38 55.91
C TYR HC 296 7.40 -28.04 56.84
N CYS HC 297 6.17 -28.16 56.34
CA CYS HC 297 5.06 -28.77 57.06
C CYS HC 297 4.07 -29.37 56.07
N PHE HC 298 3.20 -30.25 56.55
CA PHE HC 298 2.15 -30.84 55.71
C PHE HC 298 1.09 -31.58 56.52
N GLY HC 299 -0.16 -31.45 56.07
CA GLY HC 299 -1.33 -31.98 56.78
C GLY HC 299 -1.94 -30.92 57.69
N VAL HC 300 -3.27 -30.87 57.76
CA VAL HC 300 -3.97 -29.93 58.66
C VAL HC 300 -3.65 -30.14 60.14
N GLU HC 301 -3.27 -31.36 60.51
CA GLU HC 301 -2.78 -31.66 61.87
C GLU HC 301 -1.47 -30.91 62.20
N ASP HC 302 -0.60 -30.77 61.20
CA ASP HC 302 0.73 -30.16 61.36
C ASP HC 302 0.75 -28.71 60.88
N THR HC 303 0.38 -28.49 59.63
CA THR HC 303 0.44 -27.18 58.96
C THR HC 303 -0.24 -26.06 59.75
N LEU HC 304 -1.38 -26.38 60.38
CA LEU HC 304 -2.11 -25.43 61.21
C LEU HC 304 -1.37 -25.18 62.52
N LYS HC 305 -0.98 -26.26 63.20
CA LYS HC 305 -0.18 -26.18 64.42
C LYS HC 305 1.08 -25.33 64.23
N ALA HC 306 1.76 -25.53 63.09
CA ALA HC 306 2.90 -24.70 62.68
C ALA HC 306 2.53 -23.22 62.52
N LEU HC 307 1.38 -22.98 61.91
CA LEU HC 307 0.83 -21.63 61.76
C LEU HC 307 0.47 -21.00 63.11
N GLU HC 308 -0.13 -21.80 63.99
CA GLU HC 308 -0.46 -21.35 65.36
C GLU HC 308 0.82 -20.91 66.07
N MET HC 309 1.83 -21.78 66.06
CA MET HC 309 3.10 -21.54 66.75
C MET HC 309 3.99 -20.56 65.99
N GLY HC 310 5.30 -20.60 66.28
CA GLY HC 310 6.33 -20.03 65.41
C GLY HC 310 5.94 -20.14 63.94
N ALA HC 311 5.37 -19.06 63.44
CA ALA HC 311 4.52 -19.10 62.25
C ALA HC 311 5.26 -19.47 60.97
N VAL HC 312 4.46 -19.85 59.96
CA VAL HC 312 4.97 -20.14 58.62
C VAL HC 312 5.39 -18.85 57.92
N GLU HC 313 6.11 -18.99 56.82
CA GLU HC 313 6.39 -17.87 55.92
C GLU HC 313 5.46 -17.90 54.72
N ILE HC 314 5.21 -19.11 54.18
CA ILE HC 314 4.25 -19.31 53.08
C ILE HC 314 3.35 -20.52 53.38
N LEU HC 315 2.07 -20.40 53.03
CA LEU HC 315 1.04 -21.40 53.34
C LEU HC 315 0.39 -21.89 52.04
N ILE HC 316 0.92 -22.99 51.51
CA ILE HC 316 0.48 -23.51 50.21
C ILE HC 316 -0.83 -24.27 50.42
N VAL HC 317 -1.76 -24.11 49.47
CA VAL HC 317 -3.09 -24.69 49.56
C VAL HC 317 -3.58 -25.13 48.19
N TYR HC 318 -4.22 -26.30 48.12
CA TYR HC 318 -4.93 -26.73 46.92
C TYR HC 318 -6.39 -26.28 46.99
N GLU HC 319 -6.95 -25.88 45.85
CA GLU HC 319 -8.24 -25.22 45.83
C GLU HC 319 -9.25 -26.20 46.40
N ASN HC 320 -9.10 -27.46 46.05
CA ASN HC 320 -10.22 -28.39 46.00
C ASN HC 320 -10.42 -29.11 47.33
N LEU HC 321 -9.60 -28.78 48.32
CA LEU HC 321 -9.13 -29.75 49.30
C LEU HC 321 -10.32 -30.31 50.07
N ASP HC 322 -11.28 -29.43 50.38
CA ASP HC 322 -12.58 -29.84 50.89
C ASP HC 322 -12.58 -30.05 52.40
N ILE HC 323 -11.43 -29.83 53.03
CA ILE HC 323 -11.36 -30.12 54.46
C ILE HC 323 -12.03 -28.92 55.13
N MET HC 324 -12.76 -29.14 56.22
CA MET HC 324 -13.65 -28.11 56.76
C MET HC 324 -13.60 -27.95 58.29
N ARG HC 325 -13.81 -26.72 58.73
CA ARG HC 325 -13.72 -26.32 60.14
C ARG HC 325 -15.12 -26.29 60.77
N TYR HC 326 -15.45 -27.35 61.52
CA TYR HC 326 -16.70 -27.41 62.29
C TYR HC 326 -16.48 -26.88 63.70
N VAL HC 327 -17.58 -26.51 64.36
CA VAL HC 327 -17.57 -26.01 65.75
C VAL HC 327 -18.51 -26.88 66.59
N LEU HC 328 -17.94 -27.78 67.39
CA LEU HC 328 -18.70 -28.75 68.16
C LEU HC 328 -19.09 -28.16 69.51
N HIS HC 329 -20.27 -28.51 70.00
CA HIS HC 329 -20.87 -27.88 71.19
C HIS HC 329 -21.60 -28.90 72.07
N CYS HC 330 -21.56 -28.68 73.39
CA CYS HC 330 -22.18 -29.57 74.37
C CYS HC 330 -23.54 -29.05 74.83
N GLN HC 331 -24.44 -29.97 75.16
CA GLN HC 331 -25.81 -29.62 75.57
C GLN HC 331 -25.87 -29.04 76.98
N GLY HC 332 -25.28 -29.75 77.94
CA GLY HC 332 -25.37 -29.40 79.36
C GLY HC 332 -24.24 -28.52 79.88
N THR HC 333 -23.01 -29.01 79.81
CA THR HC 333 -21.85 -28.35 80.43
C THR HC 333 -21.32 -27.11 79.71
N GLU HC 334 -21.74 -26.89 78.45
CA GLU HC 334 -21.33 -25.73 77.65
C GLU HC 334 -19.84 -25.77 77.23
N GLU HC 335 -19.28 -26.98 77.13
CA GLU HC 335 -17.92 -27.18 76.62
C GLU HC 335 -17.95 -27.26 75.10
N GLU HC 336 -16.89 -26.77 74.45
CA GLU HC 336 -16.81 -26.73 72.99
C GLU HC 336 -15.40 -27.03 72.46
N LYS HC 337 -15.33 -27.41 71.19
CA LYS HC 337 -14.07 -27.68 70.50
C LYS HC 337 -14.23 -27.57 68.98
N ILE HC 338 -13.20 -27.03 68.31
CA ILE HC 338 -13.19 -26.90 66.85
C ILE HC 338 -12.16 -27.86 66.25
N LEU HC 339 -12.53 -28.51 65.15
CA LEU HC 339 -11.68 -29.51 64.49
C LEU HC 339 -11.76 -29.35 62.98
N TYR HC 340 -10.69 -29.76 62.30
CA TYR HC 340 -10.57 -29.64 60.84
C TYR HC 340 -10.69 -31.03 60.19
N LEU HC 341 -11.85 -31.28 59.59
CA LEU HC 341 -12.30 -32.65 59.22
C LEU HC 341 -12.34 -32.90 57.71
N THR HC 342 -12.15 -34.17 57.35
CA THR HC 342 -12.20 -34.62 55.96
C THR HC 342 -13.66 -34.82 55.52
N PRO HC 343 -13.92 -35.01 54.19
CA PRO HC 343 -15.30 -35.19 53.68
C PRO HC 343 -16.13 -36.33 54.29
N GLU HC 344 -15.48 -37.43 54.68
CA GLU HC 344 -16.16 -38.58 55.29
C GLU HC 344 -16.24 -38.47 56.81
N GLN HC 345 -15.20 -37.90 57.43
CA GLN HC 345 -15.18 -37.65 58.88
C GLN HC 345 -16.09 -36.48 59.32
N GLU HC 346 -16.54 -35.66 58.37
CA GLU HC 346 -17.48 -34.56 58.64
C GLU HC 346 -18.95 -34.90 58.36
N LYS HC 347 -19.21 -35.72 57.34
CA LYS HC 347 -20.57 -36.06 56.91
C LYS HC 347 -21.31 -36.92 57.93
N ASP HC 348 -20.65 -37.97 58.42
CA ASP HC 348 -21.20 -38.84 59.46
C ASP HC 348 -20.06 -39.31 60.38
N LYS HC 349 -20.22 -39.10 61.68
CA LYS HC 349 -19.14 -39.34 62.64
C LYS HC 349 -19.71 -39.56 64.06
N SER HC 350 -19.57 -40.79 64.56
CA SER HC 350 -20.02 -41.16 65.90
C SER HC 350 -19.05 -40.79 67.03
N HIS HC 351 -17.86 -40.30 66.66
CA HIS HC 351 -16.88 -39.74 67.61
C HIS HC 351 -17.50 -38.72 68.59
N PHE HC 352 -18.37 -37.85 68.09
CA PHE HC 352 -18.80 -36.65 68.83
C PHE HC 352 -19.95 -36.90 69.84
N THR HC 353 -19.71 -37.87 70.72
CA THR HC 353 -20.35 -37.92 72.03
C THR HC 353 -19.32 -37.39 73.01
N ASP HC 354 -19.76 -36.71 74.06
CA ASP HC 354 -18.85 -36.03 74.99
C ASP HC 354 -18.04 -37.01 75.87
N LYS HC 355 -18.55 -38.23 76.06
CA LYS HC 355 -17.83 -39.35 76.70
C LYS HC 355 -17.52 -39.17 78.19
N GLU HC 356 -16.67 -38.20 78.52
CA GLU HC 356 -16.31 -37.90 79.92
C GLU HC 356 -17.54 -37.62 80.80
N THR HC 357 -18.41 -36.73 80.32
CA THR HC 357 -19.67 -36.42 81.00
C THR HC 357 -20.76 -37.45 80.69
N GLY HC 358 -20.90 -37.78 79.40
CA GLY HC 358 -21.86 -38.77 78.92
C GLY HC 358 -23.07 -38.14 78.27
N GLN HC 359 -22.82 -37.33 77.23
CA GLN HC 359 -23.87 -36.66 76.47
C GLN HC 359 -23.55 -36.66 74.97
N GLU HC 360 -24.52 -36.26 74.16
CA GLU HC 360 -24.34 -36.13 72.71
C GLU HC 360 -23.77 -34.74 72.40
N HIS HC 361 -22.61 -34.70 71.76
CA HIS HC 361 -21.88 -33.47 71.48
C HIS HC 361 -22.23 -33.00 70.07
N GLU HC 362 -23.16 -32.06 69.98
CA GLU HC 362 -23.73 -31.64 68.69
C GLU HC 362 -22.74 -30.80 67.87
N LEU HC 363 -22.56 -31.18 66.61
CA LEU HC 363 -21.63 -30.49 65.71
C LEU HC 363 -22.34 -29.32 65.02
N ILE HC 364 -22.16 -28.12 65.57
CA ILE HC 364 -22.75 -26.90 65.01
C ILE HC 364 -21.99 -26.55 63.72
N GLU HC 365 -22.70 -25.99 62.74
CA GLU HC 365 -22.28 -25.97 61.34
C GLU HC 365 -20.94 -25.27 61.03
N SER HC 366 -20.40 -25.61 59.85
CA SER HC 366 -19.02 -25.35 59.50
C SER HC 366 -18.76 -24.04 58.77
N MET HC 367 -17.48 -23.78 58.49
CA MET HC 367 -17.03 -23.21 57.22
C MET HC 367 -15.74 -23.87 56.70
N PRO HC 368 -15.50 -23.78 55.34
CA PRO HC 368 -14.58 -24.80 54.81
C PRO HC 368 -13.26 -24.21 54.30
N LEU HC 369 -12.14 -24.89 54.59
CA LEU HC 369 -10.92 -24.24 55.07
C LEU HC 369 -10.20 -23.24 54.13
N LEU HC 370 -10.04 -23.54 52.85
CA LEU HC 370 -9.54 -22.48 51.95
C LEU HC 370 -10.08 -21.09 52.30
N GLU HC 371 -11.37 -21.02 52.61
CA GLU HC 371 -12.00 -19.77 53.02
C GLU HC 371 -11.44 -19.28 54.37
N TRP HC 372 -11.27 -20.20 55.33
CA TRP HC 372 -10.71 -19.87 56.65
C TRP HC 372 -9.28 -19.36 56.55
N PHE HC 373 -8.48 -19.97 55.67
CA PHE HC 373 -7.11 -19.52 55.44
C PHE HC 373 -7.08 -18.05 55.02
N ALA HC 374 -7.89 -17.74 54.00
CA ALA HC 374 -8.04 -16.38 53.49
C ALA HC 374 -8.53 -15.36 54.53
N ASN HC 375 -9.39 -15.81 55.45
CA ASN HC 375 -9.94 -14.94 56.49
C ASN HC 375 -8.89 -14.28 57.39
N ASN HC 376 -7.87 -15.05 57.79
CA ASN HC 376 -6.91 -14.57 58.79
C ASN HC 376 -5.48 -15.10 58.65
N TYR HC 377 -5.00 -15.27 57.42
CA TYR HC 377 -3.55 -15.48 57.19
C TYR HC 377 -2.75 -14.23 57.56
N LYS HC 378 -3.37 -13.05 57.38
CA LYS HC 378 -2.78 -11.77 57.80
C LYS HC 378 -2.47 -11.70 59.29
N LYS HC 379 -3.29 -12.39 60.10
CA LYS HC 379 -3.08 -12.49 61.55
C LYS HC 379 -2.34 -13.80 61.91
N PHE HC 380 -1.27 -14.10 61.18
CA PHE HC 380 -0.46 -15.30 61.43
C PHE HC 380 0.98 -15.17 60.92
N GLY HC 381 1.13 -15.19 59.60
CA GLY HC 381 2.44 -15.37 58.95
C GLY HC 381 2.39 -15.08 57.46
N ALA HC 382 1.32 -15.54 56.82
CA ALA HC 382 0.80 -14.97 55.56
C ALA HC 382 1.37 -15.59 54.27
N THR HC 383 1.17 -14.90 53.14
CA THR HC 383 1.34 -15.44 51.78
C THR HC 383 0.57 -16.75 51.61
N LEU HC 384 -0.75 -16.62 51.60
CA LEU HC 384 -1.65 -17.72 51.27
C LEU HC 384 -1.57 -17.96 49.77
N GLU HC 385 -0.81 -18.98 49.37
CA GLU HC 385 -0.58 -19.28 47.96
C GLU HC 385 -1.47 -20.41 47.47
N ILE HC 386 -2.51 -20.06 46.74
CA ILE HC 386 -3.39 -21.02 46.09
C ILE HC 386 -2.63 -21.63 44.90
N VAL HC 387 -2.62 -22.95 44.83
CA VAL HC 387 -2.06 -23.68 43.70
C VAL HC 387 -3.07 -24.67 43.15
N THR HC 388 -2.83 -25.10 41.92
CA THR HC 388 -3.70 -26.02 41.20
C THR HC 388 -3.07 -27.42 41.19
N ASP HC 389 -3.72 -28.38 40.52
CA ASP HC 389 -3.20 -29.74 40.36
C ASP HC 389 -2.59 -30.01 38.96
N LYS HC 390 -2.30 -28.95 38.21
CA LYS HC 390 -1.95 -29.06 36.79
C LYS HC 390 -0.48 -29.44 36.60
N SER HC 391 0.42 -28.76 37.31
CA SER HC 391 1.86 -28.98 37.20
C SER HC 391 2.28 -30.34 37.78
N GLN HC 392 3.44 -30.82 37.37
CA GLN HC 392 3.97 -32.10 37.85
C GLN HC 392 4.34 -32.05 39.33
N GLU HC 393 4.84 -30.89 39.78
CA GLU HC 393 5.11 -30.66 41.20
C GLU HC 393 3.80 -30.42 41.96
N GLY HC 394 2.87 -29.69 41.35
CA GLY HC 394 1.54 -29.48 41.93
C GLY HC 394 0.74 -30.76 42.07
N SER HC 395 0.72 -31.58 41.03
CA SER HC 395 0.05 -32.87 41.04
C SER HC 395 0.48 -33.74 42.23
N GLN HC 396 1.79 -33.79 42.48
CA GLN HC 396 2.33 -34.46 43.67
C GLN HC 396 1.81 -33.86 44.98
N PHE HC 397 1.81 -32.53 45.04
CA PHE HC 397 1.34 -31.79 46.22
C PHE HC 397 -0.14 -32.04 46.54
N VAL HC 398 -0.96 -32.15 45.49
CA VAL HC 398 -2.39 -32.42 45.63
C VAL HC 398 -2.66 -33.89 45.97
N LYS HC 399 -2.21 -34.77 45.08
CA LYS HC 399 -2.50 -36.21 45.17
C LYS HC 399 -1.73 -36.87 46.32
N GLY HC 400 -0.44 -36.59 46.42
CA GLY HC 400 0.41 -37.15 47.46
C GLY HC 400 0.26 -36.49 48.82
N PHE HC 401 0.54 -35.19 48.88
CA PHE HC 401 0.64 -34.45 50.16
C PHE HC 401 -0.69 -33.96 50.74
N GLY HC 402 -1.81 -34.28 50.10
CA GLY HC 402 -3.12 -33.84 50.57
C GLY HC 402 -3.47 -32.40 50.25
N GLY HC 403 -2.74 -31.79 49.31
CA GLY HC 403 -3.02 -30.42 48.86
C GLY HC 403 -2.88 -29.32 49.90
N ILE HC 404 -2.09 -29.57 50.95
CA ILE HC 404 -1.85 -28.56 51.99
C ILE HC 404 -0.42 -28.72 52.53
N GLY HC 405 0.25 -27.59 52.68
CA GLY HC 405 1.62 -27.56 53.17
C GLY HC 405 2.04 -26.14 53.49
N GLY HC 406 3.35 -25.94 53.65
CA GLY HC 406 3.87 -24.61 53.89
C GLY HC 406 5.38 -24.54 53.94
N ILE HC 407 5.91 -23.37 53.60
CA ILE HC 407 7.33 -23.05 53.74
C ILE HC 407 7.47 -22.20 55.00
N LEU HC 408 8.24 -22.70 55.96
CA LEU HC 408 8.28 -22.13 57.32
C LEU HC 408 9.30 -21.01 57.46
N ARG HC 409 9.12 -20.19 58.50
CA ARG HC 409 10.06 -19.09 58.81
C ARG HC 409 11.43 -19.59 59.31
N TYR HC 410 11.43 -20.75 59.97
CA TYR HC 410 12.68 -21.42 60.42
C TYR HC 410 12.47 -22.93 60.52
N ARG HC 411 13.49 -23.64 61.02
CA ARG HC 411 13.37 -25.07 61.31
C ARG HC 411 12.38 -25.31 62.45
N VAL HC 412 11.62 -26.39 62.34
CA VAL HC 412 10.63 -26.79 63.36
C VAL HC 412 10.67 -28.31 63.57
N ASP HC 413 10.54 -28.72 64.83
CA ASP HC 413 10.46 -30.14 65.21
C ASP HC 413 9.00 -30.56 65.35
N PHE HC 414 8.71 -31.82 65.03
CA PHE HC 414 7.37 -32.39 65.19
C PHE HC 414 7.42 -33.82 65.70
N GLN HC 415 6.40 -34.18 66.49
CA GLN HC 415 6.31 -35.48 67.16
C GLN HC 415 4.86 -35.98 67.17
N GLY HC 416 4.71 -37.31 67.15
CA GLY HC 416 3.39 -37.94 67.17
C GLY HC 416 2.65 -37.83 65.85
N LYS IC 1 7.23 -44.14 31.62
CA LYS IC 1 7.09 -45.55 32.09
C LYS IC 1 8.13 -45.89 33.17
N LEU IC 2 7.80 -45.58 34.42
CA LEU IC 2 8.65 -45.90 35.58
C LEU IC 2 7.78 -46.16 36.81
N THR IC 3 8.21 -47.10 37.66
CA THR IC 3 7.55 -47.35 38.95
C THR IC 3 8.53 -47.60 40.10
N ARG IC 4 8.08 -47.27 41.31
CA ARG IC 4 8.86 -47.50 42.54
C ARG IC 4 8.91 -48.96 42.99
N ILE IC 5 9.94 -49.29 43.75
CA ILE IC 5 10.02 -50.55 44.49
C ILE IC 5 10.36 -50.19 45.93
N ALA IC 6 9.49 -50.59 46.86
CA ALA IC 6 9.73 -50.42 48.29
C ALA IC 6 10.58 -51.60 48.78
N ILE IC 7 11.53 -51.32 49.67
CA ILE IC 7 12.39 -52.34 50.29
C ILE IC 7 12.60 -52.02 51.77
N VAL IC 8 12.57 -53.08 52.59
CA VAL IC 8 12.93 -53.02 54.01
C VAL IC 8 14.01 -54.07 54.25
N ASN IC 9 15.13 -53.65 54.83
CA ASN IC 9 16.20 -54.57 55.24
C ASN IC 9 15.84 -55.19 56.58
N HIS IC 10 15.43 -56.46 56.57
CA HIS IC 10 14.86 -57.12 57.76
C HIS IC 10 15.86 -57.34 58.90
N ASP IC 11 17.14 -57.36 58.59
CA ASP IC 11 18.16 -57.41 59.64
C ASP IC 11 18.12 -56.18 60.52
N LYS IC 12 17.96 -55.02 59.90
CA LYS IC 12 17.96 -53.73 60.61
C LYS IC 12 16.58 -53.33 61.16
N CYS IC 13 15.51 -53.65 60.44
CA CYS IC 13 14.15 -53.23 60.81
C CYS IC 13 13.64 -53.88 62.10
N LYS IC 14 13.78 -53.15 63.20
CA LYS IC 14 13.18 -53.50 64.49
C LYS IC 14 12.04 -52.51 64.78
N PRO IC 15 10.77 -52.96 64.70
CA PRO IC 15 9.64 -52.07 65.00
C PRO IC 15 9.50 -51.57 66.45
N LYS IC 16 10.09 -52.29 67.42
CA LYS IC 16 9.84 -52.01 68.84
C LYS IC 16 10.65 -50.84 69.42
N LYS IC 17 11.93 -50.76 69.09
CA LYS IC 17 12.82 -49.72 69.63
C LYS IC 17 12.48 -48.33 69.08
N CYS IC 18 12.27 -48.25 67.77
CA CYS IC 18 12.03 -46.98 67.09
C CYS IC 18 10.62 -46.38 67.26
N ARG IC 19 9.65 -47.21 67.69
CA ARG IC 19 8.21 -46.88 67.65
C ARG IC 19 7.72 -47.03 66.20
N GLN IC 20 6.97 -46.06 65.66
CA GLN IC 20 6.50 -46.13 64.26
C GLN IC 20 7.44 -45.34 63.34
N GLU IC 21 7.62 -44.06 63.64
CA GLU IC 21 8.44 -43.10 62.84
C GLU IC 21 7.96 -42.88 61.40
N CYS IC 22 8.07 -43.91 60.57
CA CYS IC 22 7.65 -43.86 59.16
C CYS IC 22 6.24 -43.30 58.99
N LYS IC 23 5.31 -43.84 59.77
CA LYS IC 23 3.91 -43.37 59.78
C LYS IC 23 3.81 -41.88 60.10
N LYS IC 24 4.55 -41.46 61.13
CA LYS IC 24 4.54 -40.07 61.60
C LYS IC 24 5.14 -39.07 60.60
N SER IC 25 6.03 -39.55 59.73
CA SER IC 25 6.68 -38.72 58.71
C SER IC 25 6.08 -38.83 57.30
N CYS IC 26 5.21 -39.82 57.08
CA CYS IC 26 4.68 -40.06 55.74
C CYS IC 26 3.55 -39.10 55.39
N PRO IC 27 3.68 -38.37 54.27
CA PRO IC 27 2.60 -37.48 53.82
C PRO IC 27 1.42 -38.23 53.21
N VAL IC 28 1.60 -39.51 52.88
CA VAL IC 28 0.49 -40.36 52.44
C VAL IC 28 -0.34 -40.74 53.68
N VAL IC 29 0.33 -41.07 54.78
CA VAL IC 29 -0.34 -41.51 56.01
C VAL IC 29 -0.78 -40.34 56.90
N ARG IC 30 -0.03 -39.23 56.89
CA ARG IC 30 -0.48 -37.99 57.55
C ARG IC 30 -1.76 -37.43 56.90
N MET IC 31 -1.96 -37.73 55.61
CA MET IC 31 -3.24 -37.49 54.96
C MET IC 31 -4.25 -38.49 55.53
N GLY IC 32 -3.92 -39.77 55.42
CA GLY IC 32 -4.72 -40.86 56.01
C GLY IC 32 -5.05 -41.97 55.03
N LYS IC 33 -4.02 -42.63 54.50
CA LYS IC 33 -4.15 -43.79 53.63
C LYS IC 33 -3.21 -44.91 54.08
N LEU IC 34 -3.47 -46.13 53.63
CA LEU IC 34 -2.75 -47.33 54.10
C LEU IC 34 -1.46 -47.57 53.31
N CYS IC 35 -0.59 -46.57 53.33
CA CYS IC 35 0.68 -46.60 52.61
C CYS IC 35 1.67 -47.46 53.38
N ILE IC 36 1.89 -47.08 54.63
CA ILE IC 36 2.84 -47.74 55.52
C ILE IC 36 2.07 -48.36 56.69
N GLU IC 37 2.46 -49.57 57.08
CA GLU IC 37 1.79 -50.31 58.14
C GLU IC 37 2.86 -51.01 58.98
N VAL IC 38 2.81 -50.80 60.29
CA VAL IC 38 3.79 -51.34 61.24
C VAL IC 38 3.09 -51.80 62.51
N THR IC 39 2.46 -50.83 63.21
CA THR IC 39 1.91 -51.01 64.56
C THR IC 39 3.06 -51.13 65.59
N PRO IC 40 2.77 -50.92 66.90
CA PRO IC 40 3.83 -51.10 67.91
C PRO IC 40 4.40 -52.53 67.92
N GLN IC 41 3.52 -53.52 67.79
CA GLN IC 41 3.90 -54.93 67.70
C GLN IC 41 3.97 -55.35 66.22
N SER IC 42 4.39 -56.60 65.99
CA SER IC 42 4.51 -57.21 64.64
C SER IC 42 5.78 -56.76 63.89
N LYS IC 43 6.60 -57.74 63.50
CA LYS IC 43 7.90 -57.49 62.86
C LYS IC 43 7.79 -57.06 61.39
N ILE IC 44 8.84 -56.40 60.90
CA ILE IC 44 8.97 -55.90 59.51
C ILE IC 44 7.96 -54.80 59.19
N ALA IC 45 8.46 -53.58 59.02
CA ALA IC 45 7.61 -52.43 58.69
C ALA IC 45 7.16 -52.47 57.22
N TRP IC 46 5.91 -52.80 57.01
CA TRP IC 46 5.35 -52.97 55.66
C TRP IC 46 5.05 -51.63 54.98
N ILE IC 47 5.27 -51.58 53.67
CA ILE IC 47 4.90 -50.45 52.80
C ILE IC 47 4.12 -51.01 51.60
N SER IC 48 3.20 -50.20 51.06
CA SER IC 48 2.67 -50.40 49.72
C SER IC 48 3.38 -49.43 48.78
N GLU IC 49 3.96 -49.98 47.73
CA GLU IC 49 4.63 -49.18 46.70
C GLU IC 49 3.63 -48.53 45.73
N THR IC 50 2.39 -49.01 45.74
CA THR IC 50 1.28 -48.39 45.00
C THR IC 50 0.95 -47.04 45.62
N LEU IC 51 0.57 -47.08 46.90
CA LEU IC 51 0.12 -45.89 47.64
C LEU IC 51 1.25 -44.91 47.94
N CYS IC 52 2.48 -45.43 48.04
CA CYS IC 52 3.67 -44.59 48.20
C CYS IC 52 3.89 -43.64 47.02
N ILE IC 53 4.41 -42.46 47.34
CA ILE IC 53 4.71 -41.41 46.37
C ILE IC 53 6.13 -41.57 45.81
N GLY IC 54 7.05 -42.00 46.68
CA GLY IC 54 8.49 -42.03 46.37
C GLY IC 54 9.13 -40.70 46.70
N CYS IC 55 8.80 -40.16 47.87
CA CYS IC 55 9.31 -38.86 48.31
C CYS IC 55 10.60 -38.98 49.13
N GLY IC 56 10.89 -40.17 49.64
CA GLY IC 56 12.12 -40.42 50.39
C GLY IC 56 12.19 -39.77 51.76
N ILE IC 57 11.03 -39.48 52.35
CA ILE IC 57 10.96 -38.90 53.68
C ILE IC 57 11.18 -39.99 54.72
N CYS IC 58 10.48 -41.12 54.55
CA CYS IC 58 10.52 -42.21 55.53
C CYS IC 58 11.90 -42.85 55.63
N ILE IC 59 12.59 -42.95 54.50
CA ILE IC 59 13.95 -43.51 54.46
C ILE IC 59 14.92 -42.69 55.31
N LYS IC 60 14.84 -41.36 55.19
CA LYS IC 60 15.65 -40.46 56.01
C LYS IC 60 15.29 -40.54 57.49
N LYS IC 61 14.00 -40.75 57.78
CA LYS IC 61 13.51 -40.81 59.16
C LYS IC 61 13.86 -42.08 59.92
N CYS IC 62 13.64 -43.25 59.31
CA CYS IC 62 13.91 -44.55 59.96
C CYS IC 62 15.30 -44.53 60.62
N PRO IC 63 15.36 -44.78 61.95
CA PRO IC 63 16.57 -44.44 62.71
C PRO IC 63 17.77 -45.38 62.48
N PHE IC 64 17.49 -46.61 62.08
CA PHE IC 64 18.52 -47.61 61.79
C PHE IC 64 18.96 -47.47 60.33
N GLY IC 65 18.07 -46.95 59.48
CA GLY IC 65 18.29 -46.85 58.04
C GLY IC 65 17.83 -48.09 57.32
N ALA IC 66 16.74 -48.69 57.80
CA ALA IC 66 16.26 -49.97 57.31
C ALA IC 66 15.66 -49.92 55.89
N LEU IC 67 15.14 -48.76 55.50
CA LEU IC 67 14.31 -48.63 54.31
C LEU IC 67 15.07 -48.22 53.05
N SER IC 68 14.46 -48.51 51.89
CA SER IC 68 14.93 -48.02 50.60
C SER IC 68 13.79 -48.00 49.56
N ILE IC 69 13.78 -46.96 48.74
CA ILE IC 69 12.82 -46.76 47.65
C ILE IC 69 13.65 -46.50 46.39
N VAL IC 70 13.79 -47.53 45.57
CA VAL IC 70 14.49 -47.43 44.28
C VAL IC 70 13.47 -47.55 43.16
N ASN IC 71 13.70 -46.79 42.08
CA ASN IC 71 12.80 -46.80 40.93
C ASN IC 71 13.30 -47.75 39.85
N LEU IC 72 12.35 -48.47 39.25
CA LEU IC 72 12.63 -49.41 38.17
C LEU IC 72 11.74 -49.05 36.97
N PRO IC 73 12.19 -49.37 35.74
CA PRO IC 73 11.31 -49.18 34.58
C PRO IC 73 10.05 -50.04 34.65
N SER IC 74 8.91 -49.45 34.27
CA SER IC 74 7.61 -50.13 34.32
C SER IC 74 7.47 -51.27 33.30
N ASN IC 75 8.41 -51.32 32.35
CA ASN IC 75 8.57 -52.48 31.45
C ASN IC 75 8.78 -53.79 32.20
N LEU IC 76 9.58 -53.72 33.27
CA LEU IC 76 10.03 -54.89 34.02
C LEU IC 76 8.93 -55.56 34.87
N GLU IC 77 7.92 -54.80 35.30
CA GLU IC 77 6.78 -55.35 36.08
C GLU IC 77 6.11 -56.56 35.43
N LYS IC 78 6.03 -56.56 34.10
CA LYS IC 78 5.47 -57.69 33.35
C LYS IC 78 6.30 -58.96 33.52
N GLU IC 79 7.62 -58.78 33.55
CA GLU IC 79 8.57 -59.87 33.46
C GLU IC 79 9.20 -60.17 34.83
N THR IC 80 8.39 -60.53 35.82
CA THR IC 80 8.91 -60.97 37.12
C THR IC 80 8.99 -62.50 37.16
N THR IC 81 10.14 -63.02 37.57
CA THR IC 81 10.31 -64.46 37.83
C THR IC 81 10.27 -64.79 39.33
N HIS IC 82 10.81 -63.89 40.17
CA HIS IC 82 10.76 -64.11 41.62
C HIS IC 82 10.83 -62.81 42.45
N ARG IC 83 9.84 -62.64 43.32
CA ARG IC 83 9.87 -61.66 44.41
C ARG IC 83 9.40 -62.38 45.68
N TYR IC 84 10.27 -62.48 46.67
CA TYR IC 84 10.06 -63.36 47.82
C TYR IC 84 8.96 -62.86 48.77
N CYS IC 85 9.02 -61.57 49.10
CA CYS IC 85 8.02 -60.90 49.94
C CYS IC 85 7.74 -59.48 49.44
N ALA IC 86 6.74 -58.84 50.02
CA ALA IC 86 6.51 -57.40 49.83
C ALA IC 86 7.57 -56.66 50.65
N ASN IC 87 8.12 -55.59 50.08
CA ASN IC 87 9.29 -54.89 50.63
C ASN IC 87 10.49 -55.83 50.72
N ALA IC 88 10.86 -56.36 49.56
CA ALA IC 88 11.93 -57.36 49.43
C ALA IC 88 12.58 -57.28 48.06
N PHE IC 89 13.53 -58.18 47.82
CA PHE IC 89 14.19 -58.27 46.51
C PHE IC 89 13.24 -58.81 45.45
N LYS IC 90 13.43 -58.34 44.21
CA LYS IC 90 12.55 -58.65 43.09
C LYS IC 90 13.37 -59.01 41.85
N LEU IC 91 13.65 -60.30 41.65
CA LEU IC 91 14.30 -60.78 40.41
C LEU IC 91 13.29 -60.71 39.28
N HIS IC 92 13.79 -60.39 38.09
CA HIS IC 92 12.94 -60.25 36.91
C HIS IC 92 13.17 -61.26 35.80
N ARG IC 93 14.36 -61.85 35.70
CA ARG IC 93 14.59 -62.86 34.67
C ARG IC 93 15.45 -64.00 35.20
N LEU IC 94 15.51 -65.08 34.42
CA LEU IC 94 16.46 -66.15 34.65
C LEU IC 94 17.31 -66.24 33.39
N PRO IC 95 18.54 -66.80 33.50
CA PRO IC 95 19.28 -67.07 32.28
C PRO IC 95 18.60 -68.19 31.49
N ILE IC 96 19.09 -68.46 30.29
CA ILE IC 96 18.43 -69.34 29.34
C ILE IC 96 19.33 -70.58 29.15
N PRO IC 97 19.32 -71.51 30.13
CA PRO IC 97 20.29 -72.62 30.09
C PRO IC 97 20.22 -73.47 28.81
N ARG IC 98 21.39 -73.82 28.27
CA ARG IC 98 21.50 -74.65 27.06
C ARG IC 98 22.25 -75.94 27.37
N PRO IC 99 21.80 -77.08 26.78
CA PRO IC 99 22.32 -78.38 27.18
C PRO IC 99 23.65 -78.70 26.50
N GLY IC 100 24.66 -79.05 27.30
CA GLY IC 100 26.01 -79.24 26.80
C GLY IC 100 26.66 -77.96 26.28
N GLU IC 101 26.36 -76.85 26.97
CA GLU IC 101 26.91 -75.54 26.64
C GLU IC 101 27.01 -74.71 27.93
N VAL IC 102 28.26 -74.47 28.36
CA VAL IC 102 28.55 -73.86 29.66
C VAL IC 102 28.00 -72.43 29.75
N LEU IC 103 27.04 -72.23 30.65
CA LEU IC 103 26.30 -70.98 30.79
C LEU IC 103 27.13 -70.00 31.62
N GLY IC 104 27.40 -68.83 31.05
CA GLY IC 104 28.27 -67.83 31.69
C GLY IC 104 27.51 -66.69 32.32
N LEU IC 105 27.27 -66.80 33.63
CA LEU IC 105 26.63 -65.71 34.37
C LEU IC 105 27.70 -64.75 34.85
N VAL IC 106 27.48 -63.46 34.60
CA VAL IC 106 28.42 -62.40 35.00
C VAL IC 106 27.65 -61.13 35.35
N GLY IC 107 28.05 -60.49 36.45
CA GLY IC 107 27.30 -59.37 37.03
C GLY IC 107 27.47 -59.36 38.53
N THR IC 108 27.39 -58.16 39.12
CA THR IC 108 27.64 -57.97 40.55
C THR IC 108 26.65 -58.70 41.45
N ASN IC 109 27.10 -59.05 42.65
CA ASN IC 109 26.31 -59.85 43.60
C ASN IC 109 25.31 -58.97 44.33
N GLY IC 110 24.28 -59.62 44.89
CA GLY IC 110 23.12 -58.93 45.45
C GLY IC 110 22.10 -58.51 44.39
N ILE IC 111 22.30 -58.97 43.14
CA ILE IC 111 21.37 -58.70 42.04
C ILE IC 111 20.80 -60.05 41.61
N GLY IC 112 20.10 -60.69 42.56
CA GLY IC 112 19.35 -61.93 42.33
C GLY IC 112 20.12 -63.08 41.71
N LYS IC 113 21.42 -63.12 41.96
CA LYS IC 113 22.30 -64.09 41.33
C LYS IC 113 22.12 -65.46 41.97
N SER IC 114 22.14 -65.50 43.30
CA SER IC 114 21.94 -66.75 44.05
C SER IC 114 20.52 -67.30 43.90
N THR IC 115 19.53 -66.41 43.87
CA THR IC 115 18.12 -66.80 43.69
C THR IC 115 17.93 -67.51 42.36
N ALA IC 116 18.52 -66.92 41.31
CA ALA IC 116 18.48 -67.50 39.96
C ALA IC 116 19.04 -68.92 39.94
N LEU IC 117 20.20 -69.11 40.53
CA LEU IC 117 20.86 -70.41 40.59
C LEU IC 117 20.05 -71.43 41.39
N LYS IC 118 19.40 -70.97 42.46
CA LYS IC 118 18.53 -71.81 43.28
C LYS IC 118 17.27 -72.25 42.52
N ILE IC 119 16.70 -71.34 41.74
CA ILE IC 119 15.55 -71.62 40.88
C ILE IC 119 15.91 -72.59 39.76
N LEU IC 120 17.05 -72.37 39.11
CA LEU IC 120 17.54 -73.28 38.07
C LEU IC 120 17.94 -74.64 38.65
N ALA IC 121 18.52 -74.64 39.85
CA ALA IC 121 18.79 -75.87 40.58
C ALA IC 121 17.51 -76.65 40.91
N GLY IC 122 16.43 -75.92 41.17
CA GLY IC 122 15.13 -76.52 41.44
C GLY IC 122 14.82 -76.65 42.91
N LYS IC 123 15.44 -75.80 43.73
CA LYS IC 123 15.09 -75.66 45.15
C LYS IC 123 13.89 -74.74 45.25
N GLN IC 124 13.99 -73.59 44.59
CA GLN IC 124 12.97 -72.55 44.63
C GLN IC 124 12.02 -72.72 43.44
N LYS IC 125 10.73 -72.54 43.68
CA LYS IC 125 9.72 -72.46 42.63
C LYS IC 125 9.60 -70.98 42.24
N PRO IC 126 9.67 -70.66 40.93
CA PRO IC 126 9.35 -69.31 40.47
C PRO IC 126 7.94 -68.87 40.90
N ASN IC 127 7.87 -68.14 42.01
CA ASN IC 127 6.61 -67.55 42.47
C ASN IC 127 6.11 -66.46 41.51
N LEU IC 128 7.01 -65.95 40.67
CA LEU IC 128 6.63 -65.24 39.44
C LEU IC 128 5.98 -63.89 39.76
N GLY IC 129 6.33 -63.32 40.92
CA GLY IC 129 5.75 -62.08 41.42
C GLY IC 129 4.49 -62.21 42.26
N LYS IC 130 3.97 -63.43 42.45
CA LYS IC 130 2.70 -63.64 43.16
C LYS IC 130 2.87 -63.56 44.67
N TYR IC 131 3.66 -64.49 45.23
CA TYR IC 131 3.87 -64.64 46.69
C TYR IC 131 2.63 -64.42 47.56
N ASP IC 136 1.88 -75.09 41.18
CA ASP IC 136 1.74 -74.01 40.21
C ASP IC 136 2.55 -74.27 38.93
N TRP IC 137 3.02 -75.50 38.73
CA TRP IC 137 4.06 -75.77 37.71
C TRP IC 137 3.61 -75.67 36.25
N GLN IC 138 2.34 -75.97 35.98
CA GLN IC 138 1.78 -75.78 34.64
C GLN IC 138 1.68 -74.29 34.31
N GLU IC 139 1.33 -73.47 35.30
CA GLU IC 139 1.25 -72.00 35.15
C GLU IC 139 2.62 -71.35 34.95
N ILE IC 140 3.64 -71.95 35.56
CA ILE IC 140 5.02 -71.50 35.42
C ILE IC 140 5.58 -71.83 34.03
N LEU IC 141 5.36 -73.07 33.59
CA LEU IC 141 5.76 -73.50 32.23
C LEU IC 141 5.07 -72.66 31.13
N THR IC 142 3.80 -72.36 31.33
CA THR IC 142 3.04 -71.51 30.38
C THR IC 142 3.58 -70.08 30.33
N TYR IC 143 4.05 -69.56 31.48
CA TYR IC 143 4.73 -68.27 31.51
C TYR IC 143 6.02 -68.30 30.71
N PHE IC 144 6.80 -69.39 30.86
CA PHE IC 144 8.11 -69.52 30.20
C PHE IC 144 8.08 -70.20 28.81
N ARG IC 145 6.98 -70.09 28.06
CA ARG IC 145 6.89 -70.75 26.73
C ARG IC 145 7.57 -69.99 25.60
N GLY IC 146 7.81 -70.73 24.52
CA GLY IC 146 8.57 -70.23 23.37
C GLY IC 146 10.03 -69.99 23.71
N SER IC 147 10.48 -70.60 24.80
CA SER IC 147 11.78 -70.31 25.40
C SER IC 147 12.34 -71.57 26.03
N GLU IC 148 13.65 -71.56 26.24
CA GLU IC 148 14.38 -72.76 26.66
C GLU IC 148 14.17 -73.10 28.14
N LEU IC 149 13.51 -72.22 28.90
CA LEU IC 149 13.11 -72.51 30.27
C LEU IC 149 12.01 -73.57 30.35
N GLN IC 150 11.05 -73.55 29.42
CA GLN IC 150 9.98 -74.57 29.42
C GLN IC 150 10.55 -75.95 29.06
N ASN IC 151 11.56 -75.95 28.18
CA ASN IC 151 12.35 -77.16 27.90
C ASN IC 151 13.13 -77.62 29.13
N TYR IC 152 13.76 -76.67 29.81
CA TYR IC 152 14.54 -76.90 31.03
C TYR IC 152 13.69 -77.35 32.23
N PHE IC 153 12.52 -76.73 32.40
CA PHE IC 153 11.63 -77.04 33.53
C PHE IC 153 10.81 -78.31 33.33
N THR IC 154 10.33 -78.56 32.12
CA THR IC 154 9.71 -79.85 31.81
C THR IC 154 10.66 -80.95 32.22
N LYS IC 155 11.87 -80.90 31.67
CA LYS IC 155 12.95 -81.84 32.04
C LYS IC 155 13.08 -82.01 33.55
N ILE IC 156 13.11 -80.91 34.29
CA ILE IC 156 13.21 -80.95 35.76
C ILE IC 156 12.08 -81.74 36.43
N LEU IC 157 10.84 -81.51 36.00
CA LEU IC 157 9.65 -81.89 36.78
C LEU IC 157 9.12 -83.31 36.61
N GLU IC 158 9.60 -84.04 35.60
CA GLU IC 158 9.28 -85.48 35.46
C GLU IC 158 10.57 -86.31 35.55
N ASP IC 159 11.57 -85.96 34.74
CA ASP IC 159 12.91 -86.52 34.88
C ASP IC 159 13.60 -85.73 36.01
N ASP IC 160 13.73 -86.34 37.18
CA ASP IC 160 14.33 -85.65 38.33
C ASP IC 160 15.83 -85.44 38.13
N LEU IC 161 16.19 -84.30 37.54
CA LEU IC 161 17.59 -83.93 37.31
C LEU IC 161 18.29 -83.61 38.63
N LYS IC 162 19.52 -84.07 38.76
CA LYS IC 162 20.27 -83.98 40.02
C LYS IC 162 20.93 -82.62 40.17
N ALA IC 163 20.47 -81.83 41.14
CA ALA IC 163 20.96 -80.47 41.36
C ALA IC 163 22.15 -80.48 42.30
N ILE IC 164 23.32 -80.10 41.77
CA ILE IC 164 24.56 -80.02 42.55
C ILE IC 164 25.22 -78.67 42.29
N ILE IC 165 25.67 -78.02 43.38
CA ILE IC 165 26.18 -76.66 43.35
C ILE IC 165 27.56 -76.58 43.99
N LYS IC 166 28.53 -76.11 43.21
CA LYS IC 166 29.84 -75.67 43.72
C LYS IC 166 29.59 -74.39 44.53
N PRO IC 167 29.83 -74.42 45.85
CA PRO IC 167 29.41 -73.30 46.70
C PRO IC 167 30.29 -72.06 46.59
N GLN IC 168 29.76 -70.93 47.05
CA GLN IC 168 30.49 -69.66 47.09
C GLN IC 168 31.48 -69.69 48.24
N TYR IC 169 30.98 -69.91 49.45
CA TYR IC 169 31.80 -69.96 50.66
C TYR IC 169 32.56 -71.28 50.75
N VAL IC 170 33.86 -71.24 50.52
CA VAL IC 170 34.71 -72.45 50.54
C VAL IC 170 35.21 -72.75 51.95
N ASP IC 171 35.37 -71.71 52.77
CA ASP IC 171 35.89 -71.85 54.14
C ASP IC 171 34.90 -72.49 55.13
N GLN IC 172 33.63 -72.64 54.74
CA GLN IC 172 32.62 -73.32 55.56
C GLN IC 172 32.59 -74.85 55.40
N ILE IC 173 33.22 -75.38 54.34
CA ILE IC 173 33.22 -76.83 54.06
C ILE IC 173 34.10 -77.65 55.02
N PRO IC 174 35.32 -77.16 55.37
CA PRO IC 174 36.16 -77.88 56.33
C PRO IC 174 35.50 -78.21 57.68
N LYS IC 175 34.65 -77.32 58.17
CA LYS IC 175 33.91 -77.52 59.42
C LYS IC 175 32.54 -78.17 59.15
N ALA IC 176 32.59 -79.37 58.58
CA ALA IC 176 31.39 -80.13 58.21
C ALA IC 176 31.76 -81.57 57.82
N ALA IC 177 32.60 -81.71 56.79
CA ALA IC 177 33.12 -83.01 56.36
C ALA IC 177 34.42 -83.32 57.10
N LYS IC 178 34.72 -84.61 57.23
CA LYS IC 178 35.90 -85.09 57.95
C LYS IC 178 36.62 -86.21 57.20
N GLY IC 179 37.82 -86.55 57.67
CA GLY IC 179 38.66 -87.57 57.06
C GLY IC 179 39.63 -86.97 56.05
N THR IC 180 40.31 -87.85 55.31
CA THR IC 180 41.30 -87.41 54.32
C THR IC 180 40.63 -86.92 53.03
N VAL IC 181 41.44 -86.34 52.16
CA VAL IC 181 40.99 -85.92 50.82
C VAL IC 181 40.65 -87.15 49.97
N GLY IC 182 41.51 -88.17 50.03
CA GLY IC 182 41.28 -89.43 49.32
C GLY IC 182 40.06 -90.22 49.76
N SER IC 183 39.72 -90.14 51.05
CA SER IC 183 38.57 -90.86 51.61
C SER IC 183 37.22 -90.32 51.14
N ILE IC 184 37.10 -89.00 51.04
CA ILE IC 184 35.85 -88.34 50.64
C ILE IC 184 35.55 -88.57 49.16
N LEU IC 185 36.59 -88.51 48.31
CA LEU IC 185 36.45 -88.77 46.87
C LEU IC 185 36.01 -90.22 46.59
N ASP IC 186 36.57 -91.17 47.34
CA ASP IC 186 36.16 -92.58 47.28
C ASP IC 186 34.69 -92.80 47.66
N ARG IC 187 34.22 -92.08 48.68
CA ARG IC 187 32.83 -92.16 49.13
C ARG IC 187 31.82 -91.65 48.10
N LYS IC 188 32.15 -90.55 47.42
CA LYS IC 188 31.26 -89.89 46.46
C LYS IC 188 31.40 -90.38 44.99
N ASP IC 189 32.14 -91.48 44.77
CA ASP IC 189 32.30 -92.07 43.43
C ASP IC 189 30.99 -92.59 42.84
N GLU IC 190 30.61 -92.00 41.71
CA GLU IC 190 29.53 -92.52 40.84
C GLU IC 190 30.09 -92.84 39.45
N THR IC 191 30.77 -91.87 38.85
CA THR IC 191 31.50 -92.07 37.60
C THR IC 191 32.69 -93.05 37.71
N LYS IC 192 33.31 -93.09 38.88
CA LYS IC 192 34.57 -93.81 39.12
C LYS IC 192 35.73 -93.21 38.30
N THR IC 193 35.83 -91.88 38.34
CA THR IC 193 36.90 -91.13 37.66
C THR IC 193 37.63 -90.28 38.70
N GLN IC 194 38.33 -90.96 39.60
CA GLN IC 194 39.12 -90.31 40.64
C GLN IC 194 40.41 -89.79 40.03
N ALA IC 195 41.16 -90.71 39.41
CA ALA IC 195 42.53 -90.45 38.94
C ALA IC 195 42.62 -89.35 37.88
N ILE IC 196 41.77 -89.44 36.85
CA ILE IC 196 41.82 -88.49 35.71
C ILE IC 196 41.44 -87.07 36.17
N VAL IC 197 40.42 -86.97 37.02
CA VAL IC 197 40.03 -85.69 37.63
C VAL IC 197 41.11 -85.17 38.57
N CYS IC 198 41.73 -86.07 39.33
CA CYS IC 198 42.85 -85.70 40.22
C CYS IC 198 44.10 -85.25 39.47
N GLN IC 199 44.43 -85.92 38.36
CA GLN IC 199 45.57 -85.52 37.51
C GLN IC 199 45.34 -84.20 36.79
N GLN IC 200 44.10 -83.92 36.40
CA GLN IC 200 43.73 -82.63 35.80
C GLN IC 200 43.85 -81.47 36.80
N LEU IC 201 43.39 -81.69 38.03
CA LEU IC 201 43.45 -80.66 39.09
C LEU IC 201 44.63 -80.83 40.08
N ASP IC 202 45.55 -81.75 39.79
CA ASP IC 202 46.73 -82.05 40.64
C ASP IC 202 46.36 -82.31 42.10
N LEU IC 203 45.85 -83.52 42.37
CA LEU IC 203 45.52 -83.97 43.72
C LEU IC 203 46.32 -85.24 44.11
N THR IC 204 47.51 -85.41 43.52
CA THR IC 204 48.38 -86.55 43.83
C THR IC 204 49.02 -86.40 45.21
N HIS IC 205 49.50 -85.20 45.51
CA HIS IC 205 50.06 -84.87 46.83
C HIS IC 205 48.96 -84.75 47.89
N LEU IC 206 47.82 -84.20 47.50
CA LEU IC 206 46.78 -83.77 48.46
C LEU IC 206 45.91 -84.90 49.02
N LYS IC 207 45.82 -86.03 48.32
CA LYS IC 207 45.04 -87.21 48.76
C LYS IC 207 45.25 -87.62 50.23
N GLU IC 208 46.50 -87.52 50.70
CA GLU IC 208 46.86 -87.91 52.07
C GLU IC 208 46.31 -86.99 53.16
N ARG IC 209 46.27 -85.68 52.88
CA ARG IC 209 45.95 -84.66 53.89
C ARG IC 209 44.49 -84.68 54.32
N ASN IC 210 44.23 -84.12 55.51
CA ASN IC 210 42.86 -83.86 55.99
C ASN IC 210 42.30 -82.60 55.34
N VAL IC 211 41.00 -82.35 55.54
CA VAL IC 211 40.31 -81.23 54.90
C VAL IC 211 40.68 -79.89 55.55
N GLU IC 212 40.83 -79.90 56.88
CA GLU IC 212 41.18 -78.68 57.64
C GLU IC 212 42.57 -78.12 57.28
N ASP IC 213 43.51 -79.01 56.95
CA ASP IC 213 44.88 -78.61 56.57
C ASP IC 213 44.99 -77.98 55.18
N LEU IC 214 43.98 -78.17 54.33
CA LEU IC 214 43.97 -77.59 52.98
C LEU IC 214 43.86 -76.07 53.03
N SER IC 215 44.57 -75.39 52.12
CA SER IC 215 44.46 -73.94 51.95
C SER IC 215 43.26 -73.60 51.06
N GLY IC 216 43.12 -72.32 50.70
CA GLY IC 216 42.01 -71.85 49.86
C GLY IC 216 42.03 -72.43 48.46
N GLY IC 217 43.17 -72.28 47.78
CA GLY IC 217 43.37 -72.85 46.44
C GLY IC 217 43.32 -74.37 46.39
N GLU IC 218 43.70 -75.02 47.49
CA GLU IC 218 43.62 -76.48 47.62
C GLU IC 218 42.17 -76.94 47.84
N LEU IC 219 41.40 -76.14 48.59
CA LEU IC 219 39.97 -76.40 48.83
C LEU IC 219 39.09 -76.26 47.58
N GLN IC 220 39.38 -75.28 46.74
CA GLN IC 220 38.65 -75.09 45.47
C GLN IC 220 38.82 -76.30 44.58
N ARG IC 221 40.07 -76.67 44.34
CA ARG IC 221 40.44 -77.90 43.60
C ARG IC 221 39.62 -79.11 44.05
N PHE IC 222 39.53 -79.29 45.36
CA PHE IC 222 38.83 -80.42 45.97
C PHE IC 222 37.33 -80.41 45.66
N ALA IC 223 36.67 -79.27 45.88
CA ALA IC 223 35.23 -79.15 45.66
C ALA IC 223 34.81 -79.30 44.19
N CYS IC 224 35.65 -78.77 43.28
CA CYS IC 224 35.44 -78.94 41.83
C CYS IC 224 35.55 -80.40 41.40
N ALA IC 225 36.59 -81.08 41.89
CA ALA IC 225 36.78 -82.52 41.64
C ALA IC 225 35.65 -83.38 42.18
N VAL IC 226 35.12 -82.99 43.34
CA VAL IC 226 33.93 -83.63 43.93
C VAL IC 226 32.70 -83.48 43.02
N VAL IC 227 32.52 -82.30 42.44
CA VAL IC 227 31.42 -82.05 41.51
C VAL IC 227 31.61 -82.84 40.20
N CYS IC 228 32.83 -82.86 39.69
CA CYS IC 228 33.17 -83.60 38.46
C CYS IC 228 32.97 -85.12 38.58
N ILE IC 229 33.28 -85.67 39.76
CA ILE IC 229 33.05 -87.10 40.04
C ILE IC 229 31.55 -87.42 40.17
N GLN IC 230 30.82 -86.57 40.89
CA GLN IC 230 29.37 -86.78 41.10
C GLN IC 230 28.59 -86.76 39.79
N LYS IC 231 27.89 -87.86 39.50
CA LYS IC 231 27.06 -87.97 38.30
C LYS IC 231 25.79 -87.15 38.46
N ALA IC 232 25.61 -86.16 37.58
CA ALA IC 232 24.47 -85.25 37.65
C ALA IC 232 24.33 -84.41 36.38
N ASP IC 233 23.16 -83.79 36.25
CA ASP IC 233 22.92 -82.73 35.27
C ASP IC 233 23.01 -81.39 36.02
N ILE IC 234 22.60 -80.30 35.36
CA ILE IC 234 22.45 -78.97 35.96
C ILE IC 234 23.52 -78.59 36.99
N PHE IC 235 24.78 -78.75 36.59
CA PHE IC 235 25.92 -78.38 37.44
C PHE IC 235 25.98 -76.86 37.57
N MET IC 236 25.71 -76.38 38.78
CA MET IC 236 25.83 -74.97 39.10
C MET IC 236 27.25 -74.78 39.61
N PHE IC 237 27.97 -73.80 39.07
CA PHE IC 237 29.35 -73.52 39.48
C PHE IC 237 29.50 -72.05 39.87
N ASP IC 238 29.46 -71.77 41.17
CA ASP IC 238 29.59 -70.41 41.70
C ASP IC 238 31.02 -70.15 42.14
N GLU IC 239 31.72 -69.31 41.37
CA GLU IC 239 33.06 -68.84 41.70
C GLU IC 239 34.08 -69.96 41.93
N PRO IC 240 34.46 -70.68 40.85
CA PRO IC 240 35.56 -71.65 40.99
C PRO IC 240 36.93 -71.03 41.30
N SER IC 241 37.15 -69.77 40.87
CA SER IC 241 38.46 -69.12 41.06
C SER IC 241 38.73 -68.77 42.52
N SER IC 242 38.13 -67.67 43.00
CA SER IC 242 38.49 -67.01 44.28
C SER IC 242 39.97 -67.14 44.72
N TYR IC 243 40.33 -68.26 45.35
CA TYR IC 243 41.69 -68.49 45.87
C TYR IC 243 42.61 -69.26 44.91
N LEU IC 244 42.17 -69.53 43.68
CA LEU IC 244 42.95 -70.34 42.75
C LEU IC 244 44.11 -69.57 42.12
N ASP IC 245 45.09 -70.33 41.64
CA ASP IC 245 46.28 -69.80 40.97
C ASP IC 245 46.10 -69.95 39.45
N VAL IC 246 46.83 -69.12 38.70
CA VAL IC 246 46.73 -69.00 37.23
C VAL IC 246 46.47 -70.30 36.48
N LYS IC 247 47.42 -71.23 36.53
CA LYS IC 247 47.29 -72.50 35.80
C LYS IC 247 46.27 -73.47 36.41
N GLN IC 248 45.92 -73.27 37.68
CA GLN IC 248 44.95 -74.12 38.38
C GLN IC 248 43.52 -73.78 37.97
N ARG IC 249 43.22 -72.48 37.91
CA ARG IC 249 41.93 -71.99 37.41
C ARG IC 249 41.66 -72.30 35.92
N LEU IC 250 42.71 -72.34 35.10
CA LEU IC 250 42.59 -72.80 33.71
C LEU IC 250 42.33 -74.30 33.63
N LYS IC 251 43.02 -75.08 34.47
CA LYS IC 251 42.76 -76.52 34.58
C LYS IC 251 41.33 -76.81 35.03
N ALA IC 252 40.85 -76.06 36.02
CA ALA IC 252 39.46 -76.16 36.50
C ALA IC 252 38.43 -75.80 35.43
N ALA IC 253 38.76 -74.82 34.59
CA ALA IC 253 37.94 -74.48 33.42
C ALA IC 253 37.93 -75.59 32.38
N ILE IC 254 39.09 -76.23 32.17
CA ILE IC 254 39.21 -77.37 31.25
C ILE IC 254 38.43 -78.59 31.73
N THR IC 255 38.41 -78.84 33.04
CA THR IC 255 37.64 -79.94 33.62
C THR IC 255 36.13 -79.72 33.42
N ILE IC 256 35.67 -78.50 33.72
CA ILE IC 256 34.28 -78.10 33.50
C ILE IC 256 33.90 -78.18 32.02
N ARG IC 257 34.82 -77.78 31.14
CA ARG IC 257 34.59 -77.87 29.68
C ARG IC 257 34.60 -79.32 29.19
N SER IC 258 35.38 -80.18 29.85
CA SER IC 258 35.38 -81.62 29.56
C SER IC 258 34.11 -82.33 30.05
N LEU IC 259 33.50 -81.83 31.12
CA LEU IC 259 32.25 -82.43 31.65
C LEU IC 259 31.09 -82.46 30.66
N ILE IC 260 31.04 -81.50 29.74
CA ILE IC 260 29.96 -81.37 28.76
C ILE IC 260 29.58 -82.69 28.06
N ASN IC 261 28.40 -83.18 28.40
CA ASN IC 261 27.62 -84.08 27.53
C ASN IC 261 26.47 -83.23 26.99
N PRO IC 262 25.83 -83.67 25.88
CA PRO IC 262 24.57 -83.03 25.46
C PRO IC 262 23.42 -83.22 26.47
N ASP IC 263 23.53 -84.26 27.31
CA ASP IC 263 22.68 -84.42 28.49
C ASP IC 263 22.84 -83.26 29.49
N ARG IC 264 24.05 -83.09 30.00
CA ARG IC 264 24.34 -82.16 31.11
C ARG IC 264 24.12 -80.69 30.77
N TYR IC 265 23.36 -80.03 31.63
CA TYR IC 265 23.37 -78.57 31.72
C TYR IC 265 24.48 -78.16 32.70
N ILE IC 266 25.25 -77.13 32.33
CA ILE IC 266 26.29 -76.55 33.20
C ILE IC 266 26.12 -75.04 33.24
N ILE IC 267 26.25 -74.47 34.44
CA ILE IC 267 26.02 -73.03 34.68
C ILE IC 267 27.17 -72.48 35.54
N VAL IC 268 28.26 -72.12 34.87
CA VAL IC 268 29.47 -71.59 35.52
C VAL IC 268 29.33 -70.11 35.83
N VAL IC 269 30.03 -69.66 36.87
CA VAL IC 269 30.03 -68.25 37.28
C VAL IC 269 31.43 -67.83 37.68
N GLU IC 270 32.02 -66.92 36.92
CA GLU IC 270 33.41 -66.50 37.11
C GLU IC 270 33.55 -64.99 36.98
N HIS IC 271 34.01 -64.34 38.05
CA HIS IC 271 34.25 -62.91 38.03
C HIS IC 271 35.63 -62.53 37.48
N ASP IC 272 36.53 -63.51 37.29
CA ASP IC 272 37.67 -63.31 36.41
C ASP IC 272 37.15 -63.46 34.99
N LEU IC 273 37.23 -62.38 34.22
CA LEU IC 273 36.55 -62.28 32.94
C LEU IC 273 37.31 -62.99 31.81
N SER IC 274 38.64 -63.10 31.95
CA SER IC 274 39.44 -63.91 31.05
C SER IC 274 39.17 -65.42 31.23
N VAL IC 275 38.92 -65.84 32.47
CA VAL IC 275 38.65 -67.25 32.78
C VAL IC 275 37.26 -67.63 32.27
N LEU IC 276 36.27 -66.86 32.70
CA LEU IC 276 34.87 -66.98 32.24
C LEU IC 276 34.78 -67.17 30.73
N ASP IC 277 35.56 -66.36 30.00
CA ASP IC 277 35.63 -66.42 28.54
C ASP IC 277 36.09 -67.80 28.05
N TYR IC 278 37.13 -68.34 28.68
CA TYR IC 278 37.64 -69.67 28.33
C TYR IC 278 36.69 -70.79 28.72
N LEU IC 279 36.02 -70.63 29.87
CA LEU IC 279 34.98 -71.56 30.31
C LEU IC 279 33.81 -71.60 29.35
N SER IC 280 33.20 -70.44 29.16
CA SER IC 280 31.86 -70.34 28.60
C SER IC 280 31.82 -70.47 27.09
N ASP IC 281 30.59 -70.59 26.59
CA ASP IC 281 30.25 -70.51 25.17
C ASP IC 281 29.02 -69.63 24.94
N PHE IC 282 28.58 -68.94 26.00
CA PHE IC 282 27.19 -68.55 26.14
C PHE IC 282 27.00 -67.75 27.43
N ILE IC 283 26.97 -66.42 27.32
CA ILE IC 283 26.91 -65.53 28.49
C ILE IC 283 25.59 -64.77 28.61
N CYS IC 284 25.02 -64.79 29.82
CA CYS IC 284 23.90 -63.93 30.20
C CYS IC 284 24.41 -62.93 31.23
N CYS IC 285 24.15 -61.65 31.00
CA CYS IC 285 24.53 -60.58 31.94
C CYS IC 285 23.47 -60.40 33.01
N LEU IC 286 23.78 -59.58 34.00
CA LEU IC 286 22.90 -59.33 35.14
C LEU IC 286 23.03 -57.90 35.61
N TYR IC 287 21.92 -57.14 35.51
CA TYR IC 287 21.89 -55.73 35.88
C TYR IC 287 20.74 -55.41 36.81
N GLY IC 288 20.91 -54.36 37.61
CA GLY IC 288 19.88 -53.89 38.54
C GLY IC 288 20.46 -53.13 39.72
N VAL IC 289 19.59 -52.76 40.64
CA VAL IC 289 19.96 -52.03 41.86
C VAL IC 289 19.87 -53.01 43.03
N PRO IC 290 21.03 -53.38 43.61
CA PRO IC 290 21.13 -54.54 44.50
C PRO IC 290 20.42 -54.39 45.83
N SER IC 291 20.13 -55.54 46.46
CA SER IC 291 19.26 -55.66 47.64
C SER IC 291 17.79 -55.27 47.40
N ALA IC 292 17.41 -55.01 46.14
CA ALA IC 292 16.10 -54.42 45.80
C ALA IC 292 15.53 -55.00 44.51
N TYR IC 293 16.21 -54.78 43.39
CA TYR IC 293 15.77 -55.29 42.11
C TYR IC 293 16.95 -55.76 41.26
N GLY IC 294 16.72 -56.81 40.49
CA GLY IC 294 17.72 -57.37 39.61
C GLY IC 294 17.12 -58.02 38.38
N VAL IC 295 17.87 -57.98 37.29
CA VAL IC 295 17.42 -58.45 35.98
C VAL IC 295 18.49 -59.40 35.43
N VAL IC 296 18.12 -60.19 34.43
CA VAL IC 296 19.07 -61.04 33.69
C VAL IC 296 18.82 -60.93 32.18
N THR IC 297 19.78 -60.35 31.47
CA THR IC 297 19.67 -60.09 30.03
C THR IC 297 19.41 -61.34 29.17
N MET IC 298 19.04 -61.10 27.91
CA MET IC 298 18.95 -62.15 26.90
C MET IC 298 20.35 -62.74 26.66
N PRO IC 299 20.40 -64.02 26.22
CA PRO IC 299 21.69 -64.71 26.20
C PRO IC 299 22.56 -64.30 25.02
N PHE IC 300 23.62 -63.57 25.32
CA PHE IC 300 24.55 -63.11 24.30
C PHE IC 300 25.62 -64.17 24.11
N SER IC 301 26.54 -63.93 23.18
CA SER IC 301 27.73 -64.75 23.04
C SER IC 301 28.63 -64.51 24.25
N VAL IC 302 29.74 -65.24 24.31
CA VAL IC 302 30.77 -64.98 25.32
C VAL IC 302 31.28 -63.56 25.12
N ARG IC 303 31.71 -63.27 23.89
CA ARG IC 303 32.33 -62.00 23.54
C ARG IC 303 31.36 -60.83 23.72
N GLU IC 304 30.18 -60.94 23.11
CA GLU IC 304 29.14 -59.90 23.17
C GLU IC 304 28.66 -59.63 24.59
N GLY IC 305 28.47 -60.71 25.35
CA GLY IC 305 27.99 -60.63 26.72
C GLY IC 305 28.90 -59.86 27.66
N ILE IC 306 30.19 -60.15 27.61
CA ILE IC 306 31.16 -59.48 28.49
C ILE IC 306 31.33 -58.02 28.07
N ASN IC 307 31.36 -57.75 26.76
CA ASN IC 307 31.40 -56.38 26.24
C ASN IC 307 30.24 -55.53 26.76
N ILE IC 308 29.04 -56.09 26.74
CA ILE IC 308 27.85 -55.44 27.31
C ILE IC 308 28.02 -55.18 28.80
N PHE IC 309 28.58 -56.17 29.51
CA PHE IC 309 28.91 -56.02 30.93
C PHE IC 309 29.99 -54.96 31.16
N LEU IC 310 30.98 -54.89 30.28
CA LEU IC 310 32.04 -53.88 30.37
C LEU IC 310 31.55 -52.48 29.95
N ASP IC 311 30.66 -52.43 28.95
CA ASP IC 311 30.00 -51.18 28.56
C ASP IC 311 29.05 -50.67 29.64
N GLY IC 312 28.27 -51.59 30.20
CA GLY IC 312 27.15 -51.25 31.05
C GLY IC 312 25.94 -50.80 30.25
N TYR IC 313 25.93 -51.13 28.95
CA TYR IC 313 24.94 -50.63 28.00
C TYR IC 313 24.35 -51.80 27.22
N VAL IC 314 23.20 -52.28 27.69
CA VAL IC 314 22.45 -53.32 26.99
C VAL IC 314 21.88 -52.63 25.75
N PRO IC 315 22.31 -53.05 24.55
CA PRO IC 315 21.90 -52.34 23.32
C PRO IC 315 20.44 -52.54 22.93
N THR IC 316 19.91 -53.74 23.12
CA THR IC 316 18.54 -54.08 22.72
C THR IC 316 17.52 -53.46 23.67
N GLU IC 317 17.72 -53.70 24.97
CA GLU IC 317 16.92 -53.04 26.02
C GLU IC 317 17.13 -51.51 26.02
N ASN IC 318 18.31 -51.06 25.60
CA ASN IC 318 18.70 -49.64 25.57
C ASN IC 318 18.83 -49.06 26.99
N LEU IC 319 19.12 -49.94 27.95
CA LEU IC 319 19.19 -49.58 29.36
C LEU IC 319 20.65 -49.50 29.76
N ARG IC 320 21.18 -48.27 29.79
CA ARG IC 320 22.51 -48.04 30.35
C ARG IC 320 22.38 -48.19 31.87
N PHE IC 321 22.86 -49.31 32.38
CA PHE IC 321 22.65 -49.69 33.80
C PHE IC 321 23.78 -49.21 34.70
N ARG IC 322 25.02 -49.27 34.20
CA ARG IC 322 26.16 -48.61 34.83
C ARG IC 322 26.44 -47.29 34.13
N ASP IC 323 26.85 -46.28 34.90
CA ASP IC 323 27.06 -44.93 34.36
C ASP IC 323 28.29 -44.89 33.44
N ALA IC 324 29.42 -45.35 33.96
CA ALA IC 324 30.66 -45.46 33.19
C ALA IC 324 30.81 -46.86 32.60
N SER IC 325 31.64 -46.96 31.56
CA SER IC 325 31.99 -48.23 30.92
C SER IC 325 33.38 -48.65 31.38
N LEU IC 326 33.46 -49.73 32.16
CA LEU IC 326 34.72 -50.21 32.71
C LEU IC 326 35.58 -50.85 31.62
N VAL IC 327 36.44 -50.05 31.01
CA VAL IC 327 37.34 -50.49 29.94
C VAL IC 327 38.80 -50.16 30.29
N PHE IC 328 39.71 -50.95 29.72
CA PHE IC 328 41.13 -50.87 30.05
C PHE IC 328 41.89 -50.08 29.00
N MET IC 342 62.49 -42.76 44.82
CA MET IC 342 63.86 -43.17 45.14
C MET IC 342 63.89 -44.55 45.78
N CYS IC 343 65.05 -45.20 45.70
CA CYS IC 343 65.23 -46.56 46.21
C CYS IC 343 65.21 -46.59 47.74
N MET IC 344 64.24 -47.31 48.31
CA MET IC 344 64.13 -47.44 49.77
C MET IC 344 65.21 -48.38 50.29
N TYR IC 345 65.19 -49.62 49.80
CA TYR IC 345 66.12 -50.67 50.25
C TYR IC 345 66.51 -51.61 49.10
N LYS IC 346 67.50 -52.46 49.37
CA LYS IC 346 67.95 -53.47 48.42
C LYS IC 346 68.29 -54.76 49.16
N TYR IC 347 67.52 -55.82 48.92
CA TYR IC 347 67.86 -57.15 49.43
C TYR IC 347 69.00 -57.73 48.58
N PRO IC 348 70.06 -58.26 49.22
CA PRO IC 348 71.17 -58.86 48.47
C PRO IC 348 70.84 -60.27 47.95
N GLY IC 349 71.84 -60.94 47.37
CA GLY IC 349 71.67 -62.31 46.87
C GLY IC 349 71.48 -63.32 47.99
N MET IC 350 70.28 -63.36 48.56
CA MET IC 350 69.96 -64.23 49.69
C MET IC 350 69.56 -65.63 49.22
N LYS IC 351 69.87 -66.62 50.05
CA LYS IC 351 69.48 -68.02 49.81
C LYS IC 351 69.03 -68.64 51.13
N LYS IC 352 67.94 -69.42 51.07
CA LYS IC 352 67.33 -70.02 52.25
C LYS IC 352 67.04 -71.50 52.03
N LYS IC 353 67.92 -72.35 52.54
CA LYS IC 353 67.81 -73.80 52.39
C LYS IC 353 67.18 -74.42 53.64
N MET IC 354 66.05 -75.10 53.46
CA MET IC 354 65.38 -75.83 54.55
C MET IC 354 66.17 -77.09 54.91
N GLY IC 355 66.62 -77.81 53.89
CA GLY IC 355 67.39 -79.06 54.06
C GLY IC 355 67.29 -79.87 52.79
N GLU IC 356 66.06 -80.21 52.42
CA GLU IC 356 65.73 -80.79 51.12
C GLU IC 356 65.37 -79.72 50.10
N PHE IC 357 64.71 -78.64 50.56
CA PHE IC 357 64.21 -77.58 49.68
C PHE IC 357 65.17 -76.38 49.67
N GLU IC 358 65.20 -75.65 48.54
CA GLU IC 358 66.15 -74.55 48.34
C GLU IC 358 65.49 -73.31 47.72
N LEU IC 359 65.19 -72.31 48.55
CA LEU IC 359 64.70 -71.01 48.09
C LEU IC 359 65.89 -70.09 47.80
N ALA IC 360 65.76 -69.25 46.78
CA ALA IC 360 66.83 -68.32 46.38
C ALA IC 360 66.24 -66.97 45.95
N ILE IC 361 66.88 -65.88 46.38
CA ILE IC 361 66.39 -64.52 46.14
C ILE IC 361 67.45 -63.71 45.41
N VAL IC 362 67.16 -63.32 44.16
CA VAL IC 362 68.05 -62.49 43.35
C VAL IC 362 67.89 -61.03 43.77
N ALA IC 363 68.97 -60.26 43.66
CA ALA IC 363 69.00 -58.85 44.13
C ALA IC 363 68.07 -57.94 43.35
N GLY IC 364 67.53 -56.93 44.04
CA GLY IC 364 66.53 -56.05 43.44
C GLY IC 364 66.21 -54.78 44.23
N GLU IC 365 65.71 -53.77 43.52
CA GLU IC 365 65.37 -52.47 44.10
C GLU IC 365 63.89 -52.40 44.49
N PHE IC 366 63.61 -51.59 45.50
CA PHE IC 366 62.25 -51.35 45.99
C PHE IC 366 62.01 -49.85 46.10
N THR IC 367 61.68 -49.23 44.97
CA THR IC 367 61.44 -47.79 44.93
C THR IC 367 60.15 -47.43 45.65
N ASP IC 368 60.14 -46.27 46.29
CA ASP IC 368 58.93 -45.76 46.97
C ASP IC 368 57.78 -45.53 45.98
N SER IC 369 56.55 -45.57 46.51
CA SER IC 369 55.32 -45.46 45.70
C SER IC 369 55.23 -46.56 44.64
N GLU IC 370 55.17 -47.82 45.10
CA GLU IC 370 55.24 -48.99 44.23
C GLU IC 370 54.38 -50.15 44.72
N ILE IC 371 53.90 -50.95 43.76
CA ILE IC 371 53.07 -52.12 44.03
C ILE IC 371 53.73 -53.32 43.33
N MET IC 372 54.65 -53.97 44.04
CA MET IC 372 55.44 -55.08 43.49
C MET IC 372 54.57 -56.33 43.33
N VAL IC 373 54.20 -56.63 42.08
CA VAL IC 373 53.32 -57.75 41.80
C VAL IC 373 54.15 -59.04 41.78
N MET IC 374 53.60 -60.09 42.41
CA MET IC 374 54.33 -61.33 42.67
C MET IC 374 53.76 -62.46 41.82
N LEU IC 375 54.43 -62.75 40.71
CA LEU IC 375 53.98 -63.76 39.76
C LEU IC 375 54.52 -65.13 40.13
N GLY IC 376 53.69 -66.16 39.97
CA GLY IC 376 54.06 -67.53 40.32
C GLY IC 376 52.86 -68.44 40.49
N GLU IC 377 52.95 -69.34 41.48
CA GLU IC 377 51.93 -70.37 41.71
C GLU IC 377 51.59 -70.52 43.19
N ASN IC 378 50.55 -71.32 43.47
CA ASN IC 378 50.24 -71.78 44.83
C ASN IC 378 51.07 -73.05 45.06
N GLY IC 379 52.31 -72.85 45.47
CA GLY IC 379 53.32 -73.91 45.52
C GLY IC 379 54.73 -73.36 45.52
N THR IC 380 54.98 -72.35 44.69
CA THR IC 380 56.28 -71.65 44.67
C THR IC 380 56.50 -70.73 45.90
N GLY IC 381 55.55 -70.71 46.84
CA GLY IC 381 55.79 -70.16 48.17
C GLY IC 381 55.76 -68.66 48.22
N LYS IC 382 54.74 -68.06 47.61
CA LYS IC 382 54.51 -66.61 47.70
C LYS IC 382 54.17 -66.23 49.13
N THR IC 383 53.27 -67.00 49.73
CA THR IC 383 52.88 -66.82 51.13
C THR IC 383 54.04 -67.03 52.11
N THR IC 384 54.92 -68.00 51.81
CA THR IC 384 56.08 -68.28 52.66
C THR IC 384 57.14 -67.16 52.59
N PHE IC 385 57.36 -66.62 51.39
CA PHE IC 385 58.20 -65.41 51.22
C PHE IC 385 57.64 -64.21 51.98
N ILE IC 386 56.33 -64.03 51.88
CA ILE IC 386 55.62 -62.93 52.57
C ILE IC 386 55.75 -63.03 54.09
N ARG IC 387 55.56 -64.23 54.63
CA ARG IC 387 55.75 -64.49 56.06
C ARG IC 387 57.21 -64.29 56.48
N MET IC 388 58.15 -64.68 55.62
CA MET IC 388 59.58 -64.46 55.86
C MET IC 388 59.96 -62.98 55.88
N LEU IC 389 59.45 -62.23 54.91
CA LEU IC 389 59.63 -60.77 54.84
C LEU IC 389 59.04 -60.06 56.07
N ALA IC 390 57.90 -60.54 56.54
CA ALA IC 390 57.22 -59.99 57.72
C ALA IC 390 58.00 -60.21 59.02
N GLY IC 391 58.43 -61.45 59.25
CA GLY IC 391 58.93 -61.89 60.55
C GLY IC 391 58.05 -62.98 61.16
N ARG IC 392 56.85 -63.16 60.62
CA ARG IC 392 55.94 -64.26 61.02
C ARG IC 392 56.53 -65.66 60.76
N LEU IC 393 57.45 -65.78 59.80
CA LEU IC 393 58.27 -66.98 59.60
C LEU IC 393 59.74 -66.63 59.84
N LYS IC 394 60.45 -67.53 60.52
CA LYS IC 394 61.87 -67.32 60.87
C LYS IC 394 62.78 -68.02 59.86
N PRO IC 395 64.02 -67.50 59.68
CA PRO IC 395 64.91 -68.03 58.63
C PRO IC 395 65.72 -69.25 59.08
N ASP IC 396 65.83 -70.25 58.20
CA ASP IC 396 66.74 -71.38 58.42
C ASP IC 396 68.17 -70.93 58.15
N GLU IC 397 68.36 -70.28 57.00
CA GLU IC 397 69.61 -69.59 56.66
C GLU IC 397 69.30 -68.16 56.23
N GLY IC 398 70.34 -67.33 56.15
CA GLY IC 398 70.18 -65.91 55.81
C GLY IC 398 69.73 -65.10 57.01
N GLY IC 399 68.65 -64.33 56.84
CA GLY IC 399 68.11 -63.49 57.91
C GLY IC 399 67.50 -62.19 57.42
N GLU IC 400 66.24 -62.24 57.00
CA GLU IC 400 65.49 -61.03 56.65
C GLU IC 400 64.90 -60.40 57.92
N VAL IC 401 65.63 -59.43 58.46
CA VAL IC 401 65.23 -58.71 59.67
C VAL IC 401 65.27 -57.19 59.37
N PRO IC 402 64.25 -56.68 58.65
CA PRO IC 402 64.16 -55.25 58.40
C PRO IC 402 63.56 -54.50 59.60
N VAL IC 403 64.15 -53.35 59.95
CA VAL IC 403 63.61 -52.49 61.00
C VAL IC 403 62.52 -51.63 60.36
N LEU IC 404 61.36 -52.25 60.13
CA LEU IC 404 60.24 -51.65 59.41
C LEU IC 404 58.91 -52.19 59.91
N ASN IC 405 57.93 -51.30 60.06
CA ASN IC 405 56.54 -51.71 60.28
C ASN IC 405 55.97 -52.26 58.97
N VAL IC 406 55.15 -53.30 59.08
CA VAL IC 406 54.61 -54.02 57.91
C VAL IC 406 53.14 -54.38 58.15
N SER IC 407 52.38 -54.50 57.07
CA SER IC 407 50.96 -54.89 57.12
C SER IC 407 50.67 -56.04 56.16
N TYR IC 408 49.75 -56.92 56.56
CA TYR IC 408 49.60 -58.26 55.97
C TYR IC 408 48.13 -58.61 55.74
N LYS IC 409 47.69 -58.55 54.48
CA LYS IC 409 46.31 -58.94 54.10
C LYS IC 409 46.30 -60.43 53.79
N PRO IC 410 45.66 -61.26 54.63
CA PRO IC 410 45.75 -62.71 54.46
C PRO IC 410 44.81 -63.28 53.39
N GLN IC 411 45.00 -64.56 53.07
CA GLN IC 411 44.16 -65.27 52.10
C GLN IC 411 42.82 -65.65 52.72
N LYS IC 412 42.89 -66.42 53.81
CA LYS IC 412 41.71 -67.03 54.42
C LYS IC 412 41.05 -66.06 55.41
N ILE IC 413 39.90 -65.51 55.01
CA ILE IC 413 39.14 -64.56 55.83
C ILE IC 413 37.65 -64.86 55.72
N SER IC 414 38.71 -65.85 59.11
CA SER IC 414 37.30 -65.94 59.47
C SER IC 414 36.92 -64.83 60.47
N PRO IC 415 35.61 -64.54 60.59
CA PRO IC 415 35.15 -63.56 61.59
C PRO IC 415 34.88 -64.21 62.95
N LYS IC 416 35.86 -64.13 63.85
CA LYS IC 416 35.73 -64.61 65.23
C LYS IC 416 36.23 -63.56 66.22
N SER IC 417 35.71 -62.35 66.08
CA SER IC 417 35.91 -61.26 67.03
C SER IC 417 34.56 -60.57 67.20
N THR IC 418 33.72 -61.19 68.04
CA THR IC 418 32.29 -60.85 68.15
C THR IC 418 32.03 -59.37 68.42
N GLY IC 419 31.72 -58.64 67.36
CA GLY IC 419 31.38 -57.22 67.45
C GLY IC 419 30.91 -56.65 66.13
N SER IC 420 30.85 -55.31 66.05
CA SER IC 420 30.53 -54.59 64.83
C SER IC 420 31.81 -54.22 64.08
N VAL IC 421 31.67 -53.81 62.82
CA VAL IC 421 32.79 -53.33 62.02
C VAL IC 421 33.31 -52.01 62.57
N ARG IC 422 32.40 -51.14 63.02
CA ARG IC 422 32.76 -49.92 63.75
C ARG IC 422 33.79 -50.19 64.84
N GLN IC 423 33.52 -51.22 65.66
CA GLN IC 423 34.44 -51.63 66.71
C GLN IC 423 35.79 -52.06 66.16
N LEU IC 424 35.76 -52.96 65.17
CA LEU IC 424 36.99 -53.43 64.48
C LEU IC 424 37.85 -52.30 63.92
N LEU IC 425 37.20 -51.37 63.23
CA LEU IC 425 37.89 -50.25 62.59
C LEU IC 425 38.51 -49.28 63.59
N HIS IC 426 37.81 -49.01 64.71
CA HIS IC 426 38.37 -48.15 65.77
C HIS IC 426 39.35 -48.89 66.71
N GLU IC 427 39.11 -50.18 66.96
CA GLU IC 427 40.01 -50.97 67.82
C GLU IC 427 41.41 -51.11 67.23
N LYS IC 428 41.47 -51.44 65.95
CA LYS IC 428 42.75 -51.53 65.23
C LYS IC 428 43.43 -50.15 65.06
N ILE IC 429 42.67 -49.20 64.53
CA ILE IC 429 43.22 -47.90 64.10
C ILE IC 429 42.15 -46.80 64.03
N ARG IC 430 42.10 -45.94 65.04
CA ARG IC 430 41.14 -44.83 65.07
C ARG IC 430 41.48 -43.70 64.11
N ASP IC 431 42.76 -43.35 64.02
CA ASP IC 431 43.20 -42.18 63.26
C ASP IC 431 42.95 -42.30 61.75
N ALA IC 432 43.15 -43.49 61.20
CA ALA IC 432 42.89 -43.76 59.78
C ALA IC 432 41.40 -43.70 59.44
N TYR IC 433 40.61 -44.43 60.23
CA TYR IC 433 39.13 -44.49 60.10
C TYR IC 433 38.42 -43.12 60.07
N THR IC 434 38.97 -42.13 60.78
CA THR IC 434 38.47 -40.74 60.71
C THR IC 434 39.04 -39.96 59.52
N HIS IC 435 40.34 -40.12 59.28
CA HIS IC 435 41.13 -39.35 58.30
C HIS IC 435 40.44 -39.17 56.94
N PRO IC 436 40.35 -37.92 56.43
CA PRO IC 436 39.70 -37.72 55.13
C PRO IC 436 40.47 -38.35 53.95
N GLN IC 437 41.79 -38.22 53.96
CA GLN IC 437 42.68 -38.90 52.97
C GLN IC 437 42.53 -40.38 52.89
N PHE IC 438 42.28 -40.97 54.04
CA PHE IC 438 42.05 -42.39 54.12
C PHE IC 438 40.63 -42.70 53.66
N VAL IC 439 39.67 -42.00 54.26
CA VAL IC 439 38.24 -42.22 53.99
C VAL IC 439 37.94 -42.19 52.50
N THR IC 440 38.42 -41.14 51.83
CA THR IC 440 38.10 -40.91 50.43
C THR IC 440 38.83 -41.86 49.48
N ASP IC 441 39.96 -42.43 49.93
CA ASP IC 441 40.71 -43.42 49.14
C ASP IC 441 40.48 -44.88 49.54
N VAL IC 442 39.87 -45.13 50.70
CA VAL IC 442 39.53 -46.49 51.12
C VAL IC 442 38.05 -46.62 51.50
N MET IC 443 37.59 -45.81 52.45
CA MET IC 443 36.23 -45.95 53.00
C MET IC 443 35.12 -45.70 51.98
N LYS IC 444 35.27 -44.66 51.17
CA LYS IC 444 34.31 -44.36 50.10
C LYS IC 444 34.30 -45.40 48.96
N PRO IC 445 35.48 -45.71 48.35
CA PRO IC 445 35.48 -46.69 47.24
C PRO IC 445 35.13 -48.13 47.62
N LEU IC 446 35.63 -48.61 48.75
CA LEU IC 446 35.31 -49.98 49.21
C LEU IC 446 34.05 -50.07 50.09
N GLN IC 447 33.10 -49.15 49.89
CA GLN IC 447 31.74 -49.29 50.43
C GLN IC 447 31.71 -49.62 51.94
N ILE IC 448 32.68 -49.08 52.67
CA ILE IC 448 32.87 -49.44 54.08
C ILE IC 448 31.90 -48.64 54.96
N GLU IC 449 31.42 -47.51 54.43
CA GLU IC 449 30.35 -46.75 55.08
C GLU IC 449 28.99 -47.46 55.06
N ASN IC 450 28.85 -48.50 54.21
CA ASN IC 450 27.69 -49.40 54.23
C ASN IC 450 27.81 -50.45 55.33
N ILE IC 451 29.01 -51.00 55.47
CA ILE IC 451 29.26 -52.18 56.31
C ILE IC 451 29.25 -51.79 57.79
N ILE IC 452 29.98 -50.72 58.10
CA ILE IC 452 30.05 -50.06 59.43
C ILE IC 452 28.94 -50.45 60.45
N ASP IC 453 27.68 -50.37 60.05
CA ASP IC 453 26.54 -50.71 60.91
C ASP IC 453 26.41 -52.21 61.20
N GLN IC 454 26.66 -53.03 60.17
CA GLN IC 454 26.49 -54.48 60.25
C GLN IC 454 27.50 -55.15 61.18
N GLU IC 455 27.17 -56.38 61.58
CA GLU IC 455 28.03 -57.18 62.46
C GLU IC 455 29.18 -57.83 61.68
N VAL IC 456 30.24 -58.18 62.40
CA VAL IC 456 31.37 -58.93 61.83
C VAL IC 456 30.96 -60.39 61.58
N GLN IC 457 30.10 -60.91 62.45
CA GLN IC 457 29.52 -62.25 62.29
C GLN IC 457 28.78 -62.43 60.96
N THR IC 458 28.01 -61.41 60.57
CA THR IC 458 27.15 -61.46 59.39
C THR IC 458 27.76 -60.83 58.11
N LEU IC 459 29.09 -60.70 58.06
CA LEU IC 459 29.78 -60.24 56.84
C LEU IC 459 29.73 -61.32 55.76
N SER IC 460 29.58 -60.88 54.51
CA SER IC 460 29.70 -61.78 53.35
C SER IC 460 31.18 -61.91 52.97
N GLY IC 461 31.44 -62.68 51.92
CA GLY IC 461 32.82 -62.93 51.47
C GLY IC 461 33.47 -61.70 50.87
N GLY IC 462 32.72 -60.99 50.02
CA GLY IC 462 33.18 -59.75 49.41
C GLY IC 462 33.44 -58.65 50.43
N GLU IC 463 32.51 -58.46 51.35
CA GLU IC 463 32.60 -57.41 52.37
C GLU IC 463 33.78 -57.63 53.32
N LEU IC 464 34.03 -58.88 53.69
CA LEU IC 464 35.21 -59.24 54.51
C LEU IC 464 36.53 -58.88 53.81
N GLN IC 465 36.61 -59.12 52.51
CA GLN IC 465 37.80 -58.80 51.72
C GLN IC 465 38.01 -57.29 51.60
N ARG IC 466 36.91 -56.52 51.54
CA ARG IC 466 36.98 -55.04 51.54
C ARG IC 466 37.49 -54.51 52.88
N VAL IC 467 37.02 -55.12 53.96
CA VAL IC 467 37.48 -54.81 55.32
C VAL IC 467 38.97 -55.15 55.46
N ALA IC 468 39.37 -56.32 54.97
CA ALA IC 468 40.76 -56.78 55.02
C ALA IC 468 41.75 -55.87 54.27
N LEU IC 469 41.32 -55.38 53.10
CA LEU IC 469 42.06 -54.34 52.38
C LEU IC 469 42.18 -53.08 53.23
N ALA IC 470 41.08 -52.69 53.86
CA ALA IC 470 41.02 -51.46 54.66
C ALA IC 470 41.87 -51.47 55.95
N LEU IC 471 41.80 -52.56 56.70
CA LEU IC 471 42.54 -52.69 57.97
C LEU IC 471 44.05 -52.56 57.79
N CYS IC 472 44.56 -53.29 56.81
CA CYS IC 472 45.99 -53.32 56.52
C CYS IC 472 46.50 -52.04 55.86
N LEU IC 473 45.69 -51.42 55.00
CA LEU IC 473 46.01 -50.09 54.44
C LEU IC 473 46.15 -49.05 55.56
N GLY IC 474 45.24 -49.09 56.54
CA GLY IC 474 45.29 -48.17 57.66
C GLY IC 474 46.37 -48.42 58.68
N LYS IC 475 46.87 -49.66 58.77
CA LYS IC 475 48.03 -49.97 59.62
C LYS IC 475 49.29 -49.29 59.07
N PRO IC 476 49.90 -48.38 59.85
CA PRO IC 476 51.05 -47.62 59.35
C PRO IC 476 52.29 -48.50 59.16
N ALA IC 477 52.99 -48.32 58.05
CA ALA IC 477 54.05 -49.24 57.61
C ALA IC 477 54.84 -48.69 56.43
N ASP IC 478 55.85 -49.44 56.01
CA ASP IC 478 56.55 -49.22 54.74
C ASP IC 478 56.04 -50.24 53.71
N VAL IC 479 56.05 -51.52 54.07
CA VAL IC 479 55.62 -52.60 53.18
C VAL IC 479 54.18 -53.03 53.49
N TYR IC 480 53.43 -53.27 52.41
CA TYR IC 480 52.01 -53.61 52.47
C TYR IC 480 51.75 -54.87 51.63
N LEU IC 481 51.67 -56.02 52.30
CA LEU IC 481 51.50 -57.31 51.63
C LEU IC 481 50.02 -57.56 51.36
N ILE IC 482 49.72 -58.07 50.16
CA ILE IC 482 48.34 -58.25 49.70
C ILE IC 482 48.17 -59.65 49.10
N ASP IC 483 47.67 -60.59 49.91
CA ASP IC 483 47.45 -61.98 49.47
C ASP IC 483 46.02 -62.19 48.97
N GLU IC 484 45.87 -62.27 47.65
CA GLU IC 484 44.58 -62.51 46.98
C GLU IC 484 43.49 -61.49 47.39
N PRO IC 485 43.61 -60.24 46.89
CA PRO IC 485 42.61 -59.20 47.12
C PRO IC 485 41.37 -59.32 46.22
N SER IC 486 41.57 -59.78 44.99
CA SER IC 486 40.47 -59.96 44.03
C SER IC 486 39.53 -61.12 44.39
N ALA IC 487 40.06 -62.11 45.11
CA ALA IC 487 39.27 -63.25 45.62
C ALA IC 487 37.94 -62.79 46.25
N TYR IC 488 36.84 -63.39 45.77
CA TYR IC 488 35.46 -63.06 46.18
C TYR IC 488 34.88 -61.73 45.69
N LEU IC 489 35.71 -60.76 45.31
CA LEU IC 489 35.23 -59.47 44.83
C LEU IC 489 34.66 -59.60 43.42
N ASP IC 490 33.62 -58.82 43.15
CA ASP IC 490 33.03 -58.70 41.81
C ASP IC 490 34.00 -57.93 40.92
N SER IC 491 34.08 -58.31 39.64
CA SER IC 491 34.97 -57.63 38.67
C SER IC 491 34.94 -56.09 38.74
N GLU IC 492 33.80 -55.53 39.15
CA GLU IC 492 33.70 -54.11 39.48
C GLU IC 492 34.43 -53.81 40.80
N GLN IC 493 34.00 -54.46 41.89
CA GLN IC 493 34.64 -54.34 43.22
C GLN IC 493 36.14 -54.64 43.21
N ARG IC 494 36.56 -55.56 42.33
CA ARG IC 494 37.96 -55.89 42.12
C ARG IC 494 38.74 -54.69 41.62
N LEU IC 495 38.28 -54.10 40.51
CA LEU IC 495 38.93 -52.93 39.92
C LEU IC 495 38.82 -51.67 40.79
N MET IC 496 37.87 -51.65 41.73
CA MET IC 496 37.83 -50.64 42.80
C MET IC 496 38.97 -50.86 43.80
N ALA IC 497 39.07 -52.08 44.32
CA ALA IC 497 40.13 -52.46 45.28
C ALA IC 497 41.55 -52.23 44.74
N ALA IC 498 41.73 -52.46 43.44
CA ALA IC 498 43.00 -52.15 42.76
C ALA IC 498 43.27 -50.65 42.67
N ARG IC 499 42.23 -49.85 42.42
CA ARG IC 499 42.33 -48.39 42.44
C ARG IC 499 42.59 -47.85 43.86
N VAL IC 500 41.95 -48.46 44.85
CA VAL IC 500 42.19 -48.14 46.26
C VAL IC 500 43.66 -48.33 46.62
N VAL IC 501 44.16 -49.52 46.35
CA VAL IC 501 45.58 -49.86 46.60
C VAL IC 501 46.50 -48.88 45.87
N LYS IC 502 46.23 -48.62 44.60
CA LYS IC 502 47.06 -47.72 43.80
C LYS IC 502 47.27 -46.35 44.44
N ARG IC 503 46.17 -45.71 44.83
CA ARG IC 503 46.22 -44.33 45.31
C ARG IC 503 46.77 -44.19 46.70
N PHE IC 504 46.51 -45.17 47.56
CA PHE IC 504 47.02 -45.13 48.92
C PHE IC 504 48.54 -45.18 48.94
N ILE IC 505 49.11 -46.02 48.09
CA ILE IC 505 50.56 -46.11 47.90
C ILE IC 505 51.11 -44.83 47.24
N LEU IC 506 50.39 -44.30 46.26
CA LEU IC 506 50.77 -43.04 45.60
C LEU IC 506 50.85 -41.86 46.58
N HIS IC 507 49.84 -41.73 47.43
CA HIS IC 507 49.79 -40.66 48.43
C HIS IC 507 50.81 -40.86 49.56
N ALA IC 508 50.92 -42.10 50.05
CA ALA IC 508 51.73 -42.39 51.25
C ALA IC 508 53.23 -42.67 51.01
N LYS IC 509 53.59 -43.10 49.80
CA LYS IC 509 54.98 -43.48 49.43
C LYS IC 509 55.49 -44.73 50.14
N LYS IC 510 54.58 -45.68 50.34
CA LYS IC 510 54.84 -46.90 51.07
C LYS IC 510 54.66 -48.06 50.10
N THR IC 511 55.70 -48.87 49.91
CA THR IC 511 55.68 -49.95 48.90
C THR IC 511 54.66 -51.03 49.24
N ALA IC 512 54.29 -51.83 48.24
CA ALA IC 512 53.36 -52.94 48.43
C ALA IC 512 53.77 -54.19 47.66
N PHE IC 513 53.28 -55.33 48.14
CA PHE IC 513 53.48 -56.63 47.50
C PHE IC 513 52.10 -57.23 47.26
N VAL IC 514 51.85 -57.69 46.03
CA VAL IC 514 50.55 -58.19 45.63
C VAL IC 514 50.66 -59.60 45.09
N VAL IC 515 50.09 -60.56 45.82
CA VAL IC 515 49.88 -61.91 45.30
C VAL IC 515 48.51 -61.94 44.64
N GLU IC 516 48.53 -61.88 43.31
CA GLU IC 516 47.32 -62.01 42.50
C GLU IC 516 47.55 -63.03 41.40
N HIS IC 517 46.48 -63.72 41.05
CA HIS IC 517 46.49 -64.75 40.02
C HIS IC 517 45.47 -64.39 38.92
N ASP IC 518 45.13 -63.11 38.83
CA ASP IC 518 44.15 -62.58 37.88
C ASP IC 518 44.90 -61.67 36.92
N PHE IC 519 44.92 -62.03 35.63
CA PHE IC 519 45.69 -61.29 34.63
C PHE IC 519 45.18 -59.90 34.31
N ILE IC 520 43.91 -59.63 34.62
CA ILE IC 520 43.35 -58.28 34.55
C ILE IC 520 43.99 -57.44 35.65
N MET IC 521 43.97 -57.97 36.86
CA MET IC 521 44.37 -57.23 38.06
C MET IC 521 45.88 -57.03 38.16
N ALA IC 522 46.63 -58.09 37.86
CA ALA IC 522 48.10 -58.05 37.93
C ALA IC 522 48.72 -57.09 36.91
N THR IC 523 48.13 -57.01 35.73
CA THR IC 523 48.50 -55.99 34.75
C THR IC 523 48.12 -54.60 35.26
N TYR IC 524 46.93 -54.50 35.84
CA TYR IC 524 46.40 -53.22 36.34
C TYR IC 524 47.30 -52.57 37.40
N LEU IC 525 47.84 -53.39 38.31
CA LEU IC 525 48.61 -52.91 39.46
C LEU IC 525 50.12 -52.82 39.26
N ALA IC 526 50.64 -53.44 38.20
CA ALA IC 526 52.09 -53.61 38.04
C ALA IC 526 52.84 -52.32 37.70
N ASP IC 527 53.63 -51.85 38.66
CA ASP IC 527 54.63 -50.80 38.43
C ASP IC 527 56.00 -51.46 38.23
N ARG IC 528 56.33 -52.39 39.11
CA ARG IC 528 57.38 -53.39 38.87
C ARG IC 528 56.89 -54.76 39.34
N VAL IC 529 57.59 -55.81 38.91
CA VAL IC 529 57.06 -57.17 38.98
C VAL IC 529 58.15 -58.20 39.34
N ILE IC 530 57.90 -59.00 40.37
CA ILE IC 530 58.76 -60.14 40.74
C ILE IC 530 58.13 -61.42 40.20
N VAL IC 531 58.98 -62.29 39.65
CA VAL IC 531 58.56 -63.54 39.04
C VAL IC 531 59.20 -64.71 39.78
N PHE IC 532 58.39 -65.71 40.15
CA PHE IC 532 58.89 -66.93 40.79
C PHE IC 532 58.83 -68.10 39.80
N ASP IC 533 59.77 -69.03 39.95
CA ASP IC 533 59.85 -70.22 39.09
C ASP IC 533 60.52 -71.39 39.82
N GLY IC 534 60.05 -72.60 39.52
CA GLY IC 534 60.60 -73.82 40.12
C GLY IC 534 59.52 -74.86 40.35
N VAL IC 535 59.85 -75.85 41.19
CA VAL IC 535 58.94 -76.94 41.53
C VAL IC 535 58.11 -76.53 42.74
N PRO IC 536 56.78 -76.79 42.72
CA PRO IC 536 55.94 -76.42 43.88
C PRO IC 536 56.23 -77.26 45.12
N SER IC 537 56.11 -76.62 46.29
CA SER IC 537 56.44 -77.20 47.60
C SER IC 537 57.91 -77.63 47.74
N LYS IC 538 58.80 -77.01 46.95
CA LYS IC 538 60.22 -77.39 46.90
C LYS IC 538 61.11 -76.16 46.65
N ASN IC 539 61.76 -76.06 45.48
CA ASN IC 539 62.78 -75.05 45.23
C ASN IC 539 62.19 -73.87 44.46
N THR IC 540 62.74 -72.67 44.69
CA THR IC 540 62.28 -71.44 44.02
C THR IC 540 63.44 -70.65 43.45
N VAL IC 541 63.14 -69.86 42.41
CA VAL IC 541 64.09 -68.95 41.80
C VAL IC 541 63.43 -67.58 41.69
N ALA IC 542 63.56 -66.78 42.76
CA ALA IC 542 62.96 -65.45 42.79
C ALA IC 542 63.83 -64.45 42.03
N ASN IC 543 63.37 -64.08 40.83
CA ASN IC 543 64.08 -63.12 39.98
C ASN IC 543 64.15 -61.72 40.56
N SER IC 544 64.97 -60.89 39.92
CA SER IC 544 65.02 -59.46 40.19
C SER IC 544 63.73 -58.80 39.68
N PRO IC 545 63.41 -57.58 40.18
CA PRO IC 545 62.23 -56.89 39.65
C PRO IC 545 62.44 -56.43 38.22
N GLN IC 546 61.61 -56.95 37.31
CA GLN IC 546 61.68 -56.61 35.89
C GLN IC 546 60.70 -55.45 35.64
N THR IC 547 59.82 -55.57 34.64
CA THR IC 547 58.76 -54.59 34.39
C THR IC 547 57.46 -55.37 34.25
N LEU IC 548 56.41 -54.74 33.72
CA LEU IC 548 55.20 -55.44 33.35
C LEU IC 548 55.49 -56.33 32.12
N LEU IC 549 56.08 -55.73 31.09
CA LEU IC 549 56.28 -56.42 29.79
C LEU IC 549 57.21 -57.62 29.88
N ALA IC 550 58.38 -57.45 30.49
CA ALA IC 550 59.35 -58.54 30.64
C ALA IC 550 58.93 -59.58 31.67
N GLY IC 551 58.40 -59.11 32.81
CA GLY IC 551 58.03 -59.97 33.93
C GLY IC 551 56.82 -60.86 33.69
N MET IC 552 55.78 -60.29 33.08
CA MET IC 552 54.57 -61.07 32.74
C MET IC 552 54.82 -62.07 31.62
N ASN IC 553 55.51 -61.63 30.57
CA ASN IC 553 55.83 -62.52 29.43
C ASN IC 553 56.60 -63.77 29.85
N LYS IC 554 57.59 -63.60 30.74
CA LYS IC 554 58.33 -64.72 31.32
C LYS IC 554 57.40 -65.63 32.13
N PHE IC 555 56.52 -65.02 32.91
CA PHE IC 555 55.52 -65.76 33.69
C PHE IC 555 54.56 -66.55 32.79
N LEU IC 556 54.18 -65.94 31.66
CA LEU IC 556 53.34 -66.61 30.67
C LEU IC 556 54.08 -67.76 29.96
N SER IC 557 55.34 -67.52 29.58
CA SER IC 557 56.15 -68.56 28.92
C SER IC 557 56.48 -69.75 29.83
N GLN IC 558 56.50 -69.51 31.15
CA GLN IC 558 56.60 -70.59 32.13
C GLN IC 558 55.31 -71.43 32.16
N LEU IC 559 54.17 -70.76 32.26
CA LEU IC 559 52.86 -71.42 32.34
C LEU IC 559 52.17 -71.66 30.98
N GLU IC 560 52.84 -71.28 29.89
CA GLU IC 560 52.44 -71.66 28.52
C GLU IC 560 51.04 -71.14 28.12
N ILE IC 561 50.94 -69.82 28.01
CA ILE IC 561 49.69 -69.14 27.63
C ILE IC 561 50.03 -67.91 26.78
N THR IC 562 49.09 -67.50 25.91
CA THR IC 562 49.13 -66.16 25.30
C THR IC 562 47.73 -65.55 25.27
N PHE IC 563 47.66 -64.21 25.35
CA PHE IC 563 46.39 -63.48 25.31
C PHE IC 563 46.30 -62.60 24.07
N ARG IC 564 45.16 -61.91 23.95
CA ARG IC 564 44.96 -60.87 22.96
C ARG IC 564 43.93 -59.89 23.47
N ARG IC 565 43.73 -58.79 22.75
CA ARG IC 565 42.86 -57.72 23.18
C ARG IC 565 41.83 -57.38 22.12
N ASP IC 566 40.54 -57.49 22.48
CA ASP IC 566 39.44 -57.04 21.62
C ASP IC 566 39.53 -55.51 21.53
N PRO IC 567 39.63 -54.95 20.29
CA PRO IC 567 39.95 -53.52 20.13
C PRO IC 567 39.03 -52.48 20.80
N ASN IC 568 37.80 -52.86 21.15
CA ASN IC 568 36.88 -51.92 21.83
C ASN IC 568 37.24 -51.69 23.29
N ASN IC 569 37.39 -52.79 24.04
CA ASN IC 569 37.69 -52.74 25.49
C ASN IC 569 39.14 -53.11 25.89
N TYR IC 570 39.86 -53.78 24.98
CA TYR IC 570 41.21 -54.28 25.21
C TYR IC 570 41.30 -55.30 26.35
N ARG IC 571 40.36 -56.24 26.36
CA ARG IC 571 40.22 -57.22 27.42
C ARG IC 571 40.98 -58.50 27.02
N PRO IC 572 41.80 -59.06 27.94
CA PRO IC 572 42.60 -60.25 27.62
C PRO IC 572 41.78 -61.52 27.41
N ARG IC 573 41.63 -61.92 26.15
CA ARG IC 573 40.99 -63.19 25.78
C ARG IC 573 42.06 -64.28 25.70
N ILE IC 574 41.74 -65.47 26.20
CA ILE IC 574 42.72 -66.56 26.32
C ILE IC 574 42.71 -67.43 25.05
N ASN IC 575 43.89 -67.92 24.68
CA ASN IC 575 44.09 -68.72 23.46
C ASN IC 575 44.03 -70.23 23.70
N LYS IC 576 44.00 -70.97 22.60
CA LYS IC 576 44.11 -72.43 22.60
C LYS IC 576 45.52 -72.86 22.23
N LEU IC 577 45.87 -74.09 22.61
CA LEU IC 577 47.18 -74.65 22.34
C LEU IC 577 47.24 -75.10 20.88
N ASN IC 578 48.41 -74.89 20.25
CA ASN IC 578 48.60 -75.10 18.80
C ASN IC 578 47.76 -74.21 17.87
N SER IC 579 47.10 -73.18 18.42
CA SER IC 579 46.34 -72.23 17.61
C SER IC 579 47.32 -71.24 16.99
N ILE IC 580 47.00 -70.74 15.81
CA ILE IC 580 47.93 -69.92 15.02
C ILE IC 580 48.28 -68.61 15.73
N LYS IC 581 47.27 -67.97 16.32
CA LYS IC 581 47.46 -66.72 17.08
C LYS IC 581 48.33 -66.90 18.32
N ASP IC 582 48.21 -68.06 18.98
CA ASP IC 582 49.09 -68.42 20.10
C ASP IC 582 50.54 -68.62 19.63
N VAL IC 583 50.71 -69.35 18.54
CA VAL IC 583 52.04 -69.67 18.00
C VAL IC 583 52.75 -68.40 17.48
N GLU IC 584 52.02 -67.53 16.78
CA GLU IC 584 52.59 -66.24 16.33
C GLU IC 584 53.06 -65.36 17.49
N GLN IC 585 52.31 -65.39 18.59
CA GLN IC 585 52.66 -64.62 19.80
C GLN IC 585 53.87 -65.19 20.54
N LYS IC 586 54.02 -66.51 20.57
CA LYS IC 586 55.17 -67.15 21.23
C LYS IC 586 56.49 -66.93 20.50
N LYS IC 587 56.48 -67.05 19.17
CA LYS IC 587 57.67 -66.75 18.35
C LYS IC 587 58.05 -65.27 18.39
N SER IC 588 57.05 -64.39 18.51
CA SER IC 588 57.30 -62.94 18.59
C SER IC 588 57.93 -62.51 19.91
N GLY IC 589 57.45 -63.06 21.02
CA GLY IC 589 57.85 -62.66 22.37
C GLY IC 589 56.80 -61.82 23.09
N ASN IC 590 55.77 -61.40 22.36
CA ASN IC 590 54.69 -60.57 22.90
C ASN IC 590 53.51 -61.47 23.27
N TYR IC 591 53.56 -62.05 24.47
CA TYR IC 591 52.60 -63.08 24.88
C TYR IC 591 51.23 -62.47 25.19
N PHE IC 592 51.24 -61.17 25.49
CA PHE IC 592 50.05 -60.32 25.46
C PHE IC 592 50.52 -58.97 24.89
N PHE IC 593 49.69 -57.93 24.96
CA PHE IC 593 50.05 -56.61 24.42
C PHE IC 593 49.92 -55.50 25.46
MG MG JC . 63.18 -37.54 -8.36
MG MG KC . 51.34 45.72 -37.62
MG MG LC . 25.09 36.96 27.52
MG MG MC . 51.88 6.94 -33.71
MG MG NC . 36.85 -12.89 2.79
ZN ZN OC . -5.72 -13.94 -81.34
MG MG PC . 7.97 -15.84 -92.85
ZN ZN QC . 32.29 31.11 -60.81
ZN ZN RC . 43.93 1.47 47.61
ZN ZN SC . -16.63 85.14 -1.53
ZN ZN TC . -13.83 -18.83 -69.36
MG MG UC . 25.85 47.68 -17.77
MG MG VC . 21.25 48.35 -21.08
MG MG WC . 13.92 50.54 -29.54
MG MG XC . 18.25 61.29 -34.69
MG MG YC . 25.99 50.36 -47.53
MG MG ZC . 26.15 49.08 -65.44
MG MG AD . 23.49 67.74 -62.62
MG MG BD . 17.66 68.92 -62.70
MG MG CD . 27.50 80.08 -27.45
MG MG DD . 18.48 81.12 -48.11
MG MG ED . 32.64 87.70 -55.04
MG MG FD . 10.22 78.07 -79.05
MG MG GD . 1.84 75.51 -80.00
MG MG HD . 78.65 68.29 -64.85
MG MG ID . 77.41 64.51 -55.09
MG MG JD . 78.43 59.33 -52.57
MG MG KD . 2.08 65.80 -53.06
MG MG LD . -2.89 50.57 -36.00
MG MG MD . 12.72 58.37 -34.99
MG MG ND . 16.89 58.15 -35.25
MG MG OD . -1.41 80.60 -35.05
MG MG PD . 9.99 75.47 -59.60
MG MG QD . 56.86 57.65 -33.71
MG MG RD . 55.91 42.61 -41.77
MG MG SD . 80.18 48.98 -46.00
MG MG TD . 86.11 42.19 -40.91
MG MG UD . 82.87 39.96 -41.73
MG MG VD . 78.16 36.03 -40.61
MG MG WD . 82.60 28.01 -20.60
MG MG XD . 89.47 21.51 -13.42
MG MG YD . 60.07 58.51 4.35
MG MG ZD . 53.07 53.89 -4.10
MG MG AE . 52.09 -1.51 -36.49
MG MG BE . 55.37 -12.21 -36.36
MG MG CE . 45.06 -20.01 -41.03
MG MG DE . 47.54 -5.83 -62.19
MG MG EE . 58.30 2.04 -61.14
MG MG FE . 65.95 6.23 -42.28
MG MG GE . 20.85 14.46 -72.50
MG MG HE . 24.34 1.11 -70.33
MG MG IE . -3.37 -34.59 -79.09
MG MG JE . 43.84 0.01 -68.86
MG MG KE . 52.99 -2.05 -43.54
MG MG LE . 46.42 10.62 -49.92
MG MG ME . 43.47 10.92 -37.97
MG MG NE . 40.45 -27.81 -9.51
MG MG OE . 29.36 -15.49 -19.27
MG MG PE . 10.70 -24.61 -21.92
MG MG QE . 1.19 -11.15 -10.75
MG MG RE . 9.98 -5.59 -27.88
MG MG SE . 25.91 5.64 -28.39
MG MG TE . -17.89 21.49 -19.59
MG MG UE . -7.76 9.83 -26.44
MG MG VE . -2.35 15.92 -13.67
MG MG WE . -11.01 -1.43 -4.60
MG MG XE . 4.76 -10.52 -3.46
MG MG YE . -13.10 5.70 -18.10
MG MG ZE . 62.47 0.96 -19.06
MG MG AF . 49.18 24.90 4.59
MG MG BF . 23.16 44.14 -7.73
MG MG CF . 20.19 37.54 -2.69
MG MG DF . 19.96 42.93 -20.14
MG MG EF . 17.02 36.11 -22.25
MG MG FF . 8.63 33.72 -25.34
MG MG GF . 5.38 24.53 -27.90
MG MG HF . -1.16 37.06 -20.93
MG MG IF . 19.19 40.40 -27.11
MG MG JF . 19.04 54.19 30.53
MG MG KF . 27.77 56.73 27.89
MG MG LF . -7.64 66.42 24.16
MG MG MF . -10.94 81.28 35.45
MG MG NF . -11.45 74.68 33.48
MG MG OF . -1.99 84.93 14.29
MG MG PF . 15.23 15.18 -17.21
MG MG QF . 15.53 14.65 -22.66
MG MG RF . 11.96 11.50 -25.37
MG MG SF . 19.45 9.43 -15.57
MG MG TF . 41.95 33.09 -9.70
MG MG UF . 36.20 30.67 3.58
MG MG VF . 39.53 35.05 2.22
MG MG WF . 33.52 20.56 9.95
MG MG XF . 17.48 -1.30 52.68
MG MG YF . 33.03 36.97 9.81
MG MG ZF . 45.99 13.87 -4.96
MG MG AG . 44.55 16.84 -9.71
MG MG BG . 36.39 -20.87 41.05
MG MG CG . 31.59 -13.39 1.19
MG MG DG . 27.68 -15.84 -1.50
MG MG EG . 20.79 -16.02 -2.38
MG MG FG . 41.01 5.63 -11.22
MG MG GG . 38.81 8.44 2.90
MG MG HG . 41.22 -4.30 15.31
MG MG IG . 44.33 0.51 31.18
MG MG JG . 46.23 6.85 -3.84
MG MG KG . 38.16 -3.51 -15.22
MG MG LG . 25.71 1.73 -11.51
MG MG MG . -1.84 7.64 -13.54
MG MG NG . 37.10 -1.35 -21.33
MG MG OG . 49.56 2.64 -21.20
MG MG PG . 63.03 -12.33 37.19
MG MG QG . 64.20 -9.50 42.83
MG MG RG . 56.62 -2.94 46.96
MG MG SG . 52.81 -44.85 -43.57
MG MG TG . 105.95 30.85 14.36
MG MG UG . 53.88 48.49 23.93
MG MG VG . 37.72 40.27 -5.80
MG MG WG . 35.37 46.81 -2.30
MG MG XG . 45.55 45.76 -10.07
MG MG YG . -4.19 85.29 -39.43
MG MG ZG . 71.67 37.91 -41.49
MG MG AH . 64.08 36.56 -38.96
MG MG BH . 61.93 39.44 -42.73
MG MG CH . 70.31 40.91 -40.02
MG MG DH . 61.27 45.34 -24.65
MG MG EH . 52.40 26.71 -13.69
MG MG FH . 55.35 21.89 -1.16
MG MG GH . 51.95 8.95 -6.01
MG MG HH . 64.57 1.11 -24.86
MG MG IH . 44.31 45.42 2.11
MG MG JH . 36.73 68.42 -11.26
MG MG KH . -5.76 7.54 -11.86
MG MG LH . 36.18 29.41 -11.83
MG MG MH . 42.81 -6.43 -56.34
MG MG NH . 61.13 -8.66 -40.69
MG MG OH . 63.40 39.85 -39.94
MG MG PH . 75.42 43.88 -44.51
MG MG QH . 21.30 29.97 -30.25
MG MG RH . 29.55 44.67 -8.46
MG MG SH . 31.09 47.32 4.82
MG MG TH . 21.86 47.10 39.56
MG MG UH . 26.94 14.75 27.71
MG MG VH . 70.17 -5.54 18.73
MG MG WH . 44.48 58.61 -9.63
MG MG XH . 36.55 53.24 -7.28
MG MG YH . 40.06 57.31 -21.35
MG MG ZH . 43.21 79.94 -16.50
MG MG AI . 39.93 46.96 -25.36
MG MG BI . 35.81 40.88 -27.35
MG MG CI . 53.40 36.47 -1.82
MG MG DI . 50.92 42.54 3.24
MG MG EI . 26.28 0.15 -26.36
MG MG FI . 17.33 18.76 -10.62
MG MG GI . 33.83 28.18 -17.00
MG MG HI . 55.83 60.40 7.53
MG MG II . 51.87 67.71 3.20
MG MG JI . 60.75 39.47 -21.13
MG MG KI . -28.56 80.25 53.10
MG MG LI . -12.08 75.61 69.63
MG MG MI . -12.85 78.66 65.84
MG MG NI . 8.88 62.98 64.49
MG MG OI . 51.34 47.47 29.24
MG MG PI . 67.41 42.60 -38.10
MG MG QI . 71.46 54.93 -33.32
MG MG RI . -48.98 -35.84 15.12
MG MG SI . -41.52 -48.27 -6.68
MG MG TI . -33.68 -53.79 8.01
MG MG UI . -12.85 -67.84 18.26
MG MG VI . 7.34 -66.73 6.56
MG MG WI . 10.25 -75.36 6.55
MG MG XI . 1.53 -81.65 -2.35
MG MG YI . -5.59 -78.52 -2.51
MG MG ZI . -0.08 -91.83 -21.41
MG MG AJ . -6.84 -57.46 -4.11
MG MG BJ . -1.43 -82.90 11.02
MG MG CJ . 7.17 -75.39 -6.80
MG MG DJ . 13.32 -72.88 -6.25
MG MG EJ . -25.94 -75.09 20.43
MG MG FJ . -29.40 -76.66 38.77
MG MG GJ . -42.61 -52.91 23.16
MG MG HJ . -32.26 -57.81 0.47
MG MG IJ . -40.81 -61.62 -2.96
MG MG JJ . -46.98 -54.73 -15.55
MG MG KJ . -48.49 -43.11 -17.10
MG MG LJ . -42.22 -34.34 -10.48
MG MG MJ . -43.39 -29.78 -8.51
MG MG NJ . -32.20 -39.67 -4.19
MG MG OJ . -40.82 -33.94 -24.34
MG MG PJ . -34.00 -29.34 -20.37
MG MG QJ . -38.29 -44.19 -38.83
MG MG RJ . -44.16 -64.52 -40.42
MG MG SJ . -53.28 -5.92 -41.99
MG MG TJ . -43.36 -22.74 -26.80
MG MG UJ . -27.12 -39.23 -29.36
MG MG VJ . -32.01 -15.92 -30.58
MG MG WJ . -29.39 -10.81 -29.50
MG MG XJ . -23.50 -6.02 -33.20
MG MG YJ . -37.32 2.78 -13.53
MG MG ZJ . -35.45 -67.05 -14.54
ZN ZN AK . -53.21 -6.15 -17.81
ZN ZN BK . -72.21 -20.54 52.19
ZN ZN CK . -61.48 -19.04 100.94
MG MG DK . -35.39 -14.52 23.64
FE1 SF4 EK . 5.40 -41.95 52.51
FE2 SF4 EK . 6.39 -43.30 49.88
FE3 SF4 EK . 8.19 -43.40 52.44
FE4 SF4 EK . 7.81 -40.70 50.91
S1 SF4 EK . 8.37 -42.71 50.42
S2 SF4 EK . 7.44 -41.44 52.89
S3 SF4 EK . 5.81 -41.36 50.51
S4 SF4 EK . 6.17 -43.86 51.92
FE1 SF4 FK . 9.78 -47.73 60.33
FE2 SF4 FK . 11.16 -48.56 62.99
FE3 SF4 FK . 12.88 -48.32 60.37
FE4 SF4 FK . 10.79 -50.65 60.73
S1 SF4 FK . 12.43 -49.83 61.82
S2 SF4 FK . 11.15 -49.07 59.36
S3 SF4 FK . 9.55 -49.27 61.79
S4 SF4 FK . 11.49 -47.11 61.45
PB ADP GK . 50.44 -72.10 50.71
O1B ADP GK . 49.33 -71.25 51.28
O2B ADP GK . 51.07 -71.54 49.45
O3B ADP GK . 50.14 -73.57 50.65
PA ADP GK . 51.38 -72.18 53.39
O1A ADP GK . 51.50 -70.84 54.06
O2A ADP GK . 50.14 -73.02 53.60
O3A ADP GK . 51.63 -71.99 51.80
O5' ADP GK . 52.65 -73.07 53.84
C5' ADP GK . 53.08 -74.21 53.09
C4' ADP GK . 53.39 -75.39 54.01
O4' ADP GK . 54.29 -74.99 55.06
C3' ADP GK . 52.15 -75.97 54.68
O3' ADP GK . 51.81 -77.24 54.11
C2' ADP GK . 52.48 -76.07 56.17
O2' ADP GK . 52.31 -77.39 56.67
C1' ADP GK . 53.94 -75.63 56.29
N9 ADP GK . 54.13 -74.72 57.44
C8 ADP GK . 53.89 -73.39 57.45
N7 ADP GK . 54.16 -72.86 58.67
C5 ADP GK . 54.58 -73.86 59.47
C6 ADP GK . 55.03 -73.99 60.89
N6 ADP GK . 55.08 -72.91 61.71
N1 ADP GK . 55.38 -75.23 61.33
C2 ADP GK . 55.33 -76.31 60.53
N3 ADP GK . 54.93 -76.25 59.24
C4 ADP GK . 54.55 -75.09 58.66
PB ADP HK . 21.14 -62.40 45.68
O1B ADP HK . 22.64 -62.48 45.84
O2B ADP HK . 20.62 -61.06 45.23
O3B ADP HK . 20.54 -63.57 44.93
PA ADP HK . 19.03 -62.77 47.53
O1A ADP HK . 18.86 -64.23 47.89
O2A ADP HK . 18.18 -62.17 46.44
O3A ADP HK . 20.59 -62.54 47.19
O5' ADP HK . 18.82 -61.90 48.88
C5' ADP HK . 18.83 -60.48 48.87
C4' ADP HK . 18.05 -59.93 50.07
O4' ADP HK . 16.83 -60.67 50.26
C3' ADP HK . 18.85 -60.02 51.37
O3' ADP HK . 19.41 -58.74 51.70
C2' ADP HK . 17.86 -60.50 52.42
O2' ADP HK . 17.57 -59.50 53.39
C1' ADP HK . 16.59 -60.89 51.66
N9 ADP HK . 16.23 -62.32 51.89
C8 ADP HK . 16.92 -63.39 51.45
N7 ADP HK . 16.33 -64.55 51.83
C5 ADP HK . 15.22 -64.23 52.53
C6 ADP HK . 14.13 -64.97 53.22
N6 ADP HK . 14.10 -66.33 53.23
N1 ADP HK . 13.16 -64.24 53.84
C2 ADP HK . 13.16 -62.89 53.83
N3 ADP HK . 14.13 -62.15 53.22
C4 ADP HK . 15.16 -62.75 52.57
#